data_4V4D
#
_entry.id   4V4D
#
_cell.length_a   172.473
_cell.length_b   178.140
_cell.length_c   179.050
_cell.angle_alpha   64.11
_cell.angle_beta   64.45
_cell.angle_gamma   65.11
#
_symmetry.space_group_name_H-M   'P 1'
#
loop_
_entity.id
_entity.type
_entity.pdbx_description
1 polymer 'Pyrogallol hydroxytransferase large subunit'
2 polymer 'Pyrogallol hydroxytransferase small subunit'
3 non-polymer 'CALCIUM ION'
4 non-polymer '2-AMINO-5,6-DIMERCAPTO-7-METHYL-3,7,8A,9-TETRAHYDRO-8-OXA-1,3,9,10-TETRAAZA-ANTHRACEN-4-ONE GUANOSINE DINUCLEOTIDE'
5 non-polymer 'MOLYBDENUM(IV) ION'
6 non-polymer BENZENE-1,2,3-TRIOL
7 non-polymer 'IRON/SULFUR CLUSTER'
8 water water
#
loop_
_entity_poly.entity_id
_entity_poly.type
_entity_poly.pdbx_seq_one_letter_code
_entity_poly.pdbx_strand_id
1 'polypeptide(L)'
;MGEVVRLTNSSTGGPVFVYVKDGKIIRMTPMDFDDAVDAPSWKIEARGKTFTPPRKTSIAPYTAGFKSMIYSDLRIPYPM
KRKSFDPNGERNPQLRGAGLSKQDPWSDYERISWDEATDIVVAEINRIKHAYGPSAILSTPSSHHMWGNVGYRHSTYFRF
MNMMGFTYADHNPDSWEGWHWGGMHMWGFSWRLGNPEQYDLLEDGLKHAEMIVFWSSDPETNSGIYAGFESNIRRQWLKD
LGVDFVFIDPHMNHTARLVADKWFSPKIGTDHALSFAIAYTWLKEDSYDKEYVAANAHGFEEWADYVLGKTDGTPKTCEW
AEEESGVPACEIRALARQWAKKNTYLAAGGLGGWGGACRASHGIEWARGMIALATMQGMGKPGSNMWSTTQGVPLDYEFY
FPGYAEGGISGDCENSAAGFKFAWRMFDGKTTFPSPSNLNTSAGQHIPRLKIPECIMGGKFQWSGKGFAGGDISHQLHQY
EYPAPGYSKIKMFWKYGGPHLGTMTATNRYAKMYTHDSLEFVVSQSIWFEGEVPFADIILPACTNFERWDISEFANCSGY
IPDNYQLCNHRVISLQAKCIEPVGESMSDYEIYRLFAKKLNIEEMFSEGKDELAWCEQYFNATDMPKYMTWDEFFKKGYF
VVPDNPNRKKTVALRWFAEGREKDTPDWGPRLNNQVCRKGLQTTTGKVEFIATSLKNFEEQGYIDEHRPSMHTYVPAWES
QKHSPLAVKYPLGMLSPHPRFSMHTMGDGKNSYMNYIKDHRVEVDGYKYWIMRVNSIDAEARGIKNGDLIRAYNDRGSVI
LAAQVTECLQPGTVHSYESCAVYDPLGTAGKSADRGGCINILTPDRYISKYACGMANNTALVEIEKWDGDKYEIY
;
A,C,E,G,I,K,M,O,Q,S,U,W
2 'polypeptide(L)'
;MEQYYMVIDVAKCQDCNNCFMGCMDEHELNEWPGYTASMQRGHRWMNIERRERGTYPRNDINYRPTPCMHCENAPCVAKG
NGAVYQREDGIVLIDPEKAKGKKELLDTCPYGVMYWNEEENVAQKCTMCAHLLDDESWAPKMPRCAHNCGSFVYEFLKTT
PEAMAKKVEEEGLEVIKPELGTKPRVYYKNLYRFEKNYVTAGILVQGDCFEGAKVVLKSGGKEVASAETNFFGEFKFDAL
DNGEYTVEIDADGKSYSDTVVIDDKSVDLGFIKL
;
B,D,F,H,J,L,N,P,R,T,V,X
#
# COMPACT_ATOMS: atom_id res chain seq x y z
N MET A 1 29.45 -6.21 75.55
CA MET A 1 29.98 -5.96 76.92
C MET A 1 31.07 -4.89 76.90
N GLY A 2 31.63 -4.61 75.72
CA GLY A 2 32.68 -3.62 75.61
C GLY A 2 32.90 -3.00 74.24
N GLU A 3 33.98 -2.24 74.12
CA GLU A 3 34.31 -1.55 72.88
C GLU A 3 35.34 -2.33 72.06
N VAL A 4 35.63 -1.82 70.87
CA VAL A 4 36.61 -2.43 70.00
C VAL A 4 38.01 -1.93 70.38
N VAL A 5 38.94 -2.85 70.51
CA VAL A 5 40.31 -2.53 70.87
C VAL A 5 41.24 -2.98 69.75
N ARG A 6 42.21 -2.13 69.41
CA ARG A 6 43.19 -2.45 68.36
C ARG A 6 44.41 -3.07 69.02
N LEU A 7 44.72 -4.31 68.66
CA LEU A 7 45.87 -5.01 69.21
C LEU A 7 46.85 -5.32 68.08
N THR A 8 47.99 -5.89 68.46
CA THR A 8 49.02 -6.26 67.49
C THR A 8 49.36 -7.74 67.57
N ASN A 9 49.79 -8.27 66.43
CA ASN A 9 50.22 -9.66 66.32
C ASN A 9 50.91 -9.74 64.97
N SER A 10 51.33 -10.93 64.58
CA SER A 10 52.01 -11.07 63.30
C SER A 10 51.75 -12.45 62.73
N SER A 11 52.48 -12.80 61.66
CA SER A 11 52.30 -14.08 61.00
C SER A 11 53.36 -14.29 59.93
N THR A 12 53.27 -15.43 59.25
CA THR A 12 54.20 -15.76 58.17
C THR A 12 53.85 -14.91 56.95
N GLY A 13 52.77 -14.13 57.06
CA GLY A 13 52.36 -13.28 55.96
C GLY A 13 52.47 -11.81 56.34
N GLY A 14 53.19 -11.52 57.42
CA GLY A 14 53.37 -10.15 57.85
C GLY A 14 52.65 -9.74 59.12
N PRO A 15 53.13 -8.69 59.79
CA PRO A 15 52.56 -8.17 61.04
C PRO A 15 51.14 -7.67 60.79
N VAL A 16 50.30 -7.63 61.82
CA VAL A 16 48.94 -7.15 61.64
C VAL A 16 48.38 -6.44 62.86
N PHE A 17 47.42 -5.56 62.60
CA PHE A 17 46.72 -4.86 63.67
C PHE A 17 45.48 -5.74 63.80
N VAL A 18 45.11 -6.07 65.03
CA VAL A 18 43.96 -6.93 65.25
C VAL A 18 42.89 -6.20 66.07
N TYR A 19 41.71 -6.06 65.47
CA TYR A 19 40.61 -5.40 66.15
C TYR A 19 39.76 -6.43 66.89
N VAL A 20 39.73 -6.32 68.21
CA VAL A 20 39.00 -7.25 69.05
C VAL A 20 37.87 -6.57 69.83
N LYS A 21 36.74 -7.26 69.92
CA LYS A 21 35.58 -6.76 70.66
C LYS A 21 34.89 -7.93 71.37
N ASP A 22 34.62 -7.75 72.66
CA ASP A 22 33.95 -8.78 73.47
C ASP A 22 34.56 -10.16 73.27
N GLY A 23 35.88 -10.24 73.31
CA GLY A 23 36.56 -11.52 73.15
C GLY A 23 36.53 -12.15 71.78
N LYS A 24 36.19 -11.38 70.75
CA LYS A 24 36.13 -11.90 69.39
C LYS A 24 36.92 -11.04 68.41
N ILE A 25 37.67 -11.69 67.52
CA ILE A 25 38.44 -10.95 66.52
C ILE A 25 37.49 -10.49 65.42
N ILE A 26 37.46 -9.18 65.19
CA ILE A 26 36.58 -8.60 64.17
C ILE A 26 37.27 -8.52 62.80
N ARG A 27 38.54 -8.13 62.78
CA ARG A 27 39.27 -8.01 61.53
C ARG A 27 40.77 -7.97 61.79
N MET A 28 41.55 -8.21 60.73
CA MET A 28 43.01 -8.18 60.78
C MET A 28 43.47 -7.34 59.59
N THR A 29 44.32 -6.35 59.82
CA THR A 29 44.77 -5.49 58.73
C THR A 29 46.27 -5.23 58.71
N PRO A 30 46.77 -4.67 57.60
CA PRO A 30 48.20 -4.34 57.49
C PRO A 30 48.41 -3.20 58.47
N MET A 31 49.66 -2.87 58.78
CA MET A 31 49.92 -1.81 59.75
C MET A 31 50.24 -0.44 59.17
N ASP A 32 49.53 0.55 59.69
CA ASP A 32 49.76 1.92 59.37
C ASP A 32 50.73 2.57 60.34
N PHE A 33 51.73 3.25 59.88
CA PHE A 33 52.67 3.85 60.81
C PHE A 33 52.13 5.20 61.30
N ASP A 34 52.53 5.60 62.50
CA ASP A 34 52.12 6.88 63.07
C ASP A 34 53.39 7.73 63.16
N ASP A 35 53.56 8.64 62.21
CA ASP A 35 54.75 9.49 62.17
C ASP A 35 55.02 10.30 63.42
N ALA A 36 54.07 10.32 64.35
CA ALA A 36 54.26 11.05 65.59
C ALA A 36 55.08 10.23 66.57
N VAL A 37 55.04 8.90 66.43
CA VAL A 37 55.79 8.01 67.33
C VAL A 37 56.69 6.99 66.60
N ASP A 38 56.53 6.82 65.31
CA ASP A 38 57.36 5.87 64.57
C ASP A 38 58.43 6.56 63.74
N ALA A 39 59.69 6.18 63.99
CA ALA A 39 60.83 6.76 63.31
C ALA A 39 60.67 6.84 61.78
N PRO A 40 61.31 7.84 61.16
CA PRO A 40 61.27 8.07 59.71
C PRO A 40 61.91 6.92 58.93
N SER A 41 61.53 6.77 57.66
CA SER A 41 62.05 5.71 56.82
C SER A 41 63.38 6.10 56.16
N TRP A 42 64.04 5.12 55.56
CA TRP A 42 65.29 5.36 54.84
C TRP A 42 64.98 6.02 53.51
N LYS A 43 66.01 6.62 52.90
CA LYS A 43 65.86 7.27 51.60
C LYS A 43 67.03 6.85 50.73
N ILE A 44 66.77 6.67 49.45
CA ILE A 44 67.82 6.31 48.52
C ILE A 44 67.75 7.28 47.34
N GLU A 45 68.82 8.04 47.13
CA GLU A 45 68.87 8.96 46.00
C GLU A 45 69.53 8.17 44.89
N ALA A 46 68.87 8.08 43.75
CA ALA A 46 69.44 7.32 42.65
C ALA A 46 68.91 7.83 41.32
N ARG A 47 69.80 7.87 40.33
CA ARG A 47 69.47 8.33 39.00
C ARG A 47 68.47 9.47 38.95
N GLY A 48 68.78 10.55 39.67
CA GLY A 48 67.95 11.74 39.69
C GLY A 48 66.65 11.69 40.48
N LYS A 49 66.39 10.60 41.19
CA LYS A 49 65.16 10.48 41.97
C LYS A 49 65.43 10.14 43.43
N THR A 50 64.44 10.38 44.27
CA THR A 50 64.55 10.07 45.68
C THR A 50 63.55 8.96 46.01
N PHE A 51 64.07 7.80 46.40
CA PHE A 51 63.21 6.67 46.73
C PHE A 51 63.08 6.44 48.22
N THR A 52 61.83 6.41 48.69
CA THR A 52 61.54 6.16 50.09
C THR A 52 60.29 5.26 50.12
N PRO A 53 60.25 4.30 51.06
CA PRO A 53 59.13 3.36 51.17
C PRO A 53 57.82 3.92 51.73
N PRO A 54 56.72 3.18 51.53
CA PRO A 54 55.44 3.64 52.06
C PRO A 54 55.50 3.54 53.57
N ARG A 55 54.80 4.45 54.26
CA ARG A 55 54.77 4.47 55.72
C ARG A 55 53.80 3.39 56.20
N LYS A 56 54.01 2.16 55.76
CA LYS A 56 53.09 1.09 56.12
C LYS A 56 53.68 -0.30 55.81
N THR A 57 53.13 -1.34 56.43
CA THR A 57 53.58 -2.70 56.17
C THR A 57 52.57 -3.29 55.20
N SER A 58 52.78 -4.54 54.80
CA SER A 58 51.86 -5.22 53.88
C SER A 58 51.71 -6.68 54.29
N ILE A 59 50.65 -7.33 53.82
CA ILE A 59 50.42 -8.72 54.19
C ILE A 59 50.15 -9.62 53.00
N ALA A 60 50.34 -10.92 53.22
CA ALA A 60 50.09 -11.91 52.19
C ALA A 60 48.61 -12.31 52.23
N PRO A 61 48.11 -12.93 51.15
CA PRO A 61 46.72 -13.38 51.03
C PRO A 61 46.27 -14.26 52.20
N TYR A 62 47.06 -15.28 52.48
CA TYR A 62 46.76 -16.22 53.56
C TYR A 62 46.73 -15.58 54.93
N THR A 63 47.32 -14.39 55.05
CA THR A 63 47.28 -13.69 56.33
C THR A 63 46.02 -12.84 56.33
N ALA A 64 45.68 -12.30 55.16
CA ALA A 64 44.48 -11.47 55.05
C ALA A 64 43.23 -12.27 55.44
N GLY A 65 43.24 -13.56 55.14
CA GLY A 65 42.10 -14.40 55.48
C GLY A 65 42.37 -15.33 56.64
N PHE A 66 43.46 -15.07 57.37
CA PHE A 66 43.85 -15.91 58.48
C PHE A 66 42.78 -16.10 59.55
N LYS A 67 41.89 -15.13 59.72
CA LYS A 67 40.86 -15.25 60.74
C LYS A 67 40.04 -16.52 60.52
N SER A 68 39.79 -16.88 59.25
CA SER A 68 39.01 -18.07 58.94
C SER A 68 39.75 -19.35 59.34
N MET A 69 41.05 -19.24 59.58
CA MET A 69 41.84 -20.40 60.01
C MET A 69 41.72 -20.56 61.53
N ILE A 70 41.67 -19.42 62.23
CA ILE A 70 41.55 -19.44 63.69
C ILE A 70 40.20 -20.03 64.11
N TYR A 71 39.14 -19.61 63.43
CA TYR A 71 37.79 -20.07 63.74
C TYR A 71 37.33 -21.20 62.82
N SER A 72 38.29 -21.94 62.27
CA SER A 72 38.01 -23.05 61.37
C SER A 72 37.25 -24.17 62.05
N ASP A 73 36.28 -24.76 61.35
CA ASP A 73 35.55 -25.87 61.95
C ASP A 73 36.37 -27.16 61.89
N LEU A 74 37.56 -27.09 61.28
CA LEU A 74 38.44 -28.25 61.20
C LEU A 74 39.55 -28.10 62.24
N ARG A 75 39.37 -27.09 63.08
CA ARG A 75 40.29 -26.80 64.17
C ARG A 75 40.13 -28.00 65.14
N ILE A 76 41.21 -28.53 65.67
CA ILE A 76 41.08 -29.66 66.60
C ILE A 76 40.34 -29.14 67.85
N PRO A 77 39.12 -29.64 68.09
CA PRO A 77 38.20 -29.32 69.18
C PRO A 77 38.69 -29.56 70.60
N TYR A 78 39.29 -30.73 70.80
CA TYR A 78 39.77 -31.13 72.12
C TYR A 78 40.63 -32.37 71.96
N PRO A 79 41.20 -32.86 73.07
CA PRO A 79 42.03 -34.06 72.96
C PRO A 79 41.21 -35.20 72.37
N MET A 80 41.80 -35.95 71.45
CA MET A 80 41.10 -37.04 70.79
C MET A 80 41.89 -38.34 70.86
N LYS A 81 41.17 -39.45 70.94
CA LYS A 81 41.79 -40.77 71.00
C LYS A 81 41.19 -41.70 69.96
N ARG A 82 42.05 -42.48 69.31
CA ARG A 82 41.60 -43.42 68.30
C ARG A 82 40.85 -44.54 69.03
N LYS A 83 39.59 -44.73 68.65
CA LYS A 83 38.73 -45.74 69.27
C LYS A 83 39.36 -47.13 69.27
N SER A 84 39.91 -47.54 68.14
CA SER A 84 40.51 -48.86 68.01
C SER A 84 41.89 -49.02 68.66
N PHE A 85 42.32 -48.02 69.42
CA PHE A 85 43.62 -48.09 70.08
C PHE A 85 43.50 -48.35 71.57
N ASP A 86 44.06 -49.47 72.03
CA ASP A 86 44.03 -49.82 73.44
C ASP A 86 45.45 -49.98 74.01
N PRO A 87 45.92 -48.96 74.75
CA PRO A 87 47.28 -49.01 75.33
C PRO A 87 47.56 -50.32 76.07
N ASN A 88 46.56 -50.83 76.78
CA ASN A 88 46.72 -52.07 77.53
C ASN A 88 46.05 -53.28 76.89
N GLY A 89 45.85 -53.24 75.57
CA GLY A 89 45.22 -54.34 74.88
C GLY A 89 45.61 -54.35 73.41
N GLU A 90 44.61 -54.47 72.54
CA GLU A 90 44.84 -54.47 71.09
C GLU A 90 45.15 -53.05 70.64
N ARG A 91 46.33 -52.84 70.09
CA ARG A 91 46.70 -51.50 69.62
C ARG A 91 46.25 -51.29 68.18
N ASN A 92 45.99 -52.41 67.50
CA ASN A 92 45.53 -52.38 66.12
C ASN A 92 46.24 -51.34 65.26
N PRO A 93 47.58 -51.44 65.15
CA PRO A 93 48.32 -50.47 64.35
C PRO A 93 47.77 -50.45 62.92
N GLN A 94 47.29 -51.60 62.46
CA GLN A 94 46.77 -51.72 61.11
C GLN A 94 45.50 -50.91 60.87
N LEU A 95 44.91 -50.37 61.93
CA LEU A 95 43.68 -49.60 61.78
C LEU A 95 43.90 -48.10 61.84
N ARG A 96 45.14 -47.67 61.78
CA ARG A 96 45.43 -46.25 61.80
C ARG A 96 45.06 -45.72 60.42
N GLY A 97 44.19 -44.71 60.38
CA GLY A 97 43.78 -44.16 59.11
C GLY A 97 42.61 -44.93 58.50
N ALA A 98 42.03 -45.84 59.28
CA ALA A 98 40.91 -46.63 58.79
C ALA A 98 39.76 -45.71 58.41
N GLY A 99 39.46 -44.73 59.26
CA GLY A 99 38.39 -43.79 58.97
C GLY A 99 38.65 -43.12 57.63
N LEU A 100 39.88 -42.68 57.45
CA LEU A 100 40.32 -42.02 56.23
C LEU A 100 40.06 -42.95 55.04
N SER A 101 40.32 -44.24 55.24
CA SER A 101 40.13 -45.23 54.18
C SER A 101 38.66 -45.44 53.82
N LYS A 102 37.76 -45.00 54.70
CA LYS A 102 36.34 -45.12 54.42
C LYS A 102 35.74 -43.72 54.33
N GLN A 103 36.61 -42.77 54.01
CA GLN A 103 36.21 -41.38 53.84
C GLN A 103 35.45 -40.80 55.03
N ASP A 104 35.83 -41.20 56.24
CA ASP A 104 35.18 -40.71 57.45
C ASP A 104 36.22 -40.59 58.58
N PRO A 105 37.19 -39.68 58.42
CA PRO A 105 38.27 -39.43 59.37
C PRO A 105 37.83 -39.27 60.82
N TRP A 106 36.97 -38.29 61.08
CA TRP A 106 36.50 -38.02 62.43
C TRP A 106 35.93 -39.22 63.18
N SER A 107 35.19 -40.08 62.50
CA SER A 107 34.58 -41.24 63.16
C SER A 107 35.60 -42.19 63.77
N ASP A 108 36.87 -42.00 63.44
CA ASP A 108 37.93 -42.84 63.98
C ASP A 108 38.25 -42.46 65.42
N TYR A 109 37.87 -41.24 65.81
CA TYR A 109 38.20 -40.76 67.15
C TYR A 109 37.07 -40.47 68.12
N GLU A 110 37.43 -40.49 69.40
CA GLU A 110 36.53 -40.23 70.50
C GLU A 110 37.17 -39.15 71.36
N ARG A 111 36.34 -38.33 72.00
CA ARG A 111 36.85 -37.26 72.83
C ARG A 111 37.36 -37.76 74.18
N ILE A 112 38.43 -37.15 74.66
CA ILE A 112 39.01 -37.50 75.96
C ILE A 112 39.57 -36.22 76.57
N SER A 113 39.75 -36.23 77.89
CA SER A 113 40.26 -35.07 78.60
C SER A 113 41.77 -34.88 78.43
N TRP A 114 42.25 -33.68 78.71
CA TRP A 114 43.68 -33.38 78.62
C TRP A 114 44.41 -34.26 79.62
N ASP A 115 43.82 -34.42 80.80
CA ASP A 115 44.42 -35.22 81.86
C ASP A 115 44.63 -36.67 81.43
N GLU A 116 43.63 -37.27 80.78
CA GLU A 116 43.77 -38.65 80.36
C GLU A 116 44.67 -38.78 79.14
N ALA A 117 44.59 -37.79 78.24
CA ALA A 117 45.40 -37.78 77.03
C ALA A 117 46.88 -37.76 77.39
N THR A 118 47.25 -36.83 78.26
CA THR A 118 48.64 -36.70 78.67
C THR A 118 49.10 -37.90 79.51
N ASP A 119 48.21 -38.44 80.34
CA ASP A 119 48.55 -39.60 81.16
C ASP A 119 48.89 -40.77 80.25
N ILE A 120 48.14 -40.91 79.15
CA ILE A 120 48.37 -41.99 78.22
C ILE A 120 49.73 -41.81 77.51
N VAL A 121 49.99 -40.60 77.03
CA VAL A 121 51.26 -40.33 76.36
C VAL A 121 52.43 -40.56 77.32
N VAL A 122 52.29 -40.07 78.55
CA VAL A 122 53.34 -40.23 79.56
C VAL A 122 53.62 -41.71 79.86
N ALA A 123 52.56 -42.52 79.96
CA ALA A 123 52.76 -43.94 80.22
C ALA A 123 53.61 -44.53 79.09
N GLU A 124 53.28 -44.16 77.86
CA GLU A 124 54.02 -44.65 76.70
C GLU A 124 55.47 -44.17 76.71
N ILE A 125 55.67 -42.90 77.03
CA ILE A 125 57.02 -42.34 77.08
C ILE A 125 57.91 -43.07 78.08
N ASN A 126 57.41 -43.26 79.30
CA ASN A 126 58.20 -43.93 80.31
C ASN A 126 58.43 -45.42 80.02
N ARG A 127 57.43 -46.10 79.48
CA ARG A 127 57.59 -47.51 79.16
C ARG A 127 58.71 -47.65 78.15
N ILE A 128 58.59 -46.91 77.05
CA ILE A 128 59.58 -46.96 75.98
C ILE A 128 60.99 -46.52 76.39
N LYS A 129 61.10 -45.52 77.25
CA LYS A 129 62.41 -45.07 77.68
C LYS A 129 63.13 -46.12 78.54
N HIS A 130 62.38 -46.81 79.38
CA HIS A 130 62.97 -47.84 80.25
C HIS A 130 63.19 -49.18 79.55
N ALA A 131 62.54 -49.38 78.41
CA ALA A 131 62.69 -50.64 77.70
C ALA A 131 63.67 -50.50 76.54
N TYR A 132 63.56 -49.39 75.82
CA TYR A 132 64.41 -49.15 74.66
C TYR A 132 65.29 -47.92 74.73
N GLY A 133 64.92 -46.96 75.58
CA GLY A 133 65.71 -45.75 75.70
C GLY A 133 65.04 -44.58 74.99
N PRO A 134 65.45 -43.34 75.30
CA PRO A 134 64.85 -42.15 74.67
C PRO A 134 64.95 -42.13 73.15
N SER A 135 65.94 -42.81 72.59
CA SER A 135 66.12 -42.82 71.15
C SER A 135 64.98 -43.55 70.43
N ALA A 136 64.22 -44.35 71.17
CA ALA A 136 63.11 -45.10 70.56
C ALA A 136 61.91 -44.19 70.35
N ILE A 137 62.01 -42.95 70.82
CA ILE A 137 60.93 -41.99 70.65
C ILE A 137 61.26 -41.04 69.51
N LEU A 138 60.61 -41.25 68.38
CA LEU A 138 60.81 -40.42 67.20
C LEU A 138 59.91 -39.20 67.29
N SER A 139 60.40 -38.08 66.78
CA SER A 139 59.61 -36.86 66.77
C SER A 139 60.12 -35.83 65.78
N THR A 140 59.18 -35.09 65.21
CA THR A 140 59.53 -34.05 64.27
C THR A 140 58.34 -33.16 63.94
N PRO A 141 58.59 -31.85 63.85
CA PRO A 141 57.54 -30.88 63.51
C PRO A 141 57.77 -30.82 62.02
N SER A 142 57.89 -29.63 61.47
CA SER A 142 58.19 -29.51 60.06
C SER A 142 58.83 -28.17 59.82
N SER A 143 59.15 -27.86 58.56
CA SER A 143 59.82 -26.61 58.24
C SER A 143 59.18 -25.35 58.78
N HIS A 144 57.88 -25.16 58.61
CA HIS A 144 57.30 -23.92 59.11
C HIS A 144 56.35 -23.96 60.28
N HIS A 145 56.12 -22.80 60.86
CA HIS A 145 55.37 -22.70 62.09
C HIS A 145 54.62 -21.38 62.21
N MET A 146 53.64 -21.34 63.11
CA MET A 146 52.89 -20.13 63.38
C MET A 146 53.94 -19.13 63.83
N TRP A 147 53.81 -17.87 63.41
CA TRP A 147 54.79 -16.85 63.76
C TRP A 147 54.85 -16.59 65.27
N GLY A 148 56.05 -16.26 65.76
CA GLY A 148 56.26 -16.01 67.17
C GLY A 148 57.58 -16.66 67.57
N ASN A 149 58.56 -15.85 67.98
CA ASN A 149 59.88 -16.38 68.33
C ASN A 149 59.91 -17.30 69.55
N VAL A 150 59.27 -16.90 70.65
CA VAL A 150 59.28 -17.73 71.84
C VAL A 150 58.61 -19.08 71.62
N GLY A 151 57.47 -19.07 70.94
CA GLY A 151 56.75 -20.31 70.68
C GLY A 151 57.19 -21.09 69.46
N TYR A 152 58.18 -20.59 68.73
CA TYR A 152 58.65 -21.28 67.53
C TYR A 152 59.28 -22.63 67.87
N ARG A 153 59.24 -23.57 66.92
CA ARG A 153 59.80 -24.90 67.13
C ARG A 153 61.26 -24.93 67.58
N HIS A 154 62.08 -23.99 67.11
CA HIS A 154 63.49 -23.95 67.51
C HIS A 154 63.61 -23.57 68.98
N SER A 155 62.53 -23.01 69.52
CA SER A 155 62.50 -22.53 70.90
C SER A 155 61.74 -23.42 71.91
N THR A 156 60.42 -23.39 71.84
CA THR A 156 59.61 -24.19 72.76
C THR A 156 59.72 -25.69 72.50
N TYR A 157 59.47 -26.11 71.26
CA TYR A 157 59.55 -27.53 70.91
C TYR A 157 60.88 -28.15 71.38
N PHE A 158 62.00 -27.59 70.92
CA PHE A 158 63.31 -28.10 71.29
C PHE A 158 63.58 -28.06 72.80
N ARG A 159 63.22 -26.96 73.46
CA ARG A 159 63.47 -26.88 74.89
C ARG A 159 62.81 -28.05 75.62
N PHE A 160 61.58 -28.39 75.26
CA PHE A 160 60.90 -29.50 75.92
C PHE A 160 61.41 -30.85 75.48
N MET A 161 61.44 -31.08 74.17
CA MET A 161 61.88 -32.37 73.64
C MET A 161 63.29 -32.75 74.08
N ASN A 162 64.19 -31.79 74.13
CA ASN A 162 65.57 -32.09 74.55
C ASN A 162 65.62 -32.63 75.97
N MET A 163 64.59 -32.31 76.77
CA MET A 163 64.50 -32.76 78.15
C MET A 163 63.72 -34.06 78.28
N MET A 164 63.10 -34.49 77.19
CA MET A 164 62.28 -35.69 77.20
C MET A 164 62.90 -36.89 76.49
N GLY A 165 63.15 -36.75 75.18
CA GLY A 165 63.74 -37.84 74.40
C GLY A 165 65.13 -37.50 73.90
N PHE A 166 65.40 -37.70 72.60
CA PHE A 166 64.46 -38.23 71.61
C PHE A 166 65.24 -38.40 70.31
N THR A 167 64.64 -39.07 69.33
CA THR A 167 65.30 -39.20 68.04
C THR A 167 64.60 -38.22 67.11
N TYR A 168 65.36 -37.25 66.63
CA TYR A 168 64.84 -36.23 65.75
C TYR A 168 64.91 -36.67 64.30
N ALA A 169 63.84 -36.39 63.56
CA ALA A 169 63.87 -36.68 62.13
C ALA A 169 64.32 -35.31 61.59
N ASP A 170 65.63 -35.09 61.58
CA ASP A 170 66.19 -33.82 61.12
C ASP A 170 65.73 -33.48 59.71
N HIS A 171 65.39 -32.22 59.48
CA HIS A 171 64.90 -31.78 58.17
C HIS A 171 65.96 -31.60 57.09
N ASN A 172 65.65 -32.08 55.89
CA ASN A 172 66.54 -31.92 54.76
C ASN A 172 66.48 -30.42 54.42
N PRO A 173 67.55 -29.85 53.86
CA PRO A 173 67.55 -28.42 53.51
C PRO A 173 66.65 -28.16 52.30
N ASP A 174 65.38 -28.52 52.44
CA ASP A 174 64.37 -28.37 51.39
C ASP A 174 64.49 -27.09 50.58
N SER A 175 64.45 -25.97 51.28
CA SER A 175 64.54 -24.64 50.68
C SER A 175 65.81 -24.43 49.83
N TRP A 176 66.92 -25.03 50.24
CA TRP A 176 68.22 -24.86 49.58
C TRP A 176 68.81 -26.00 48.76
N GLU A 177 68.18 -27.18 48.77
CA GLU A 177 68.72 -28.36 48.07
C GLU A 177 69.88 -28.13 47.09
N GLY A 178 69.56 -27.62 45.90
CA GLY A 178 70.59 -27.39 44.91
C GLY A 178 71.79 -26.59 45.39
N TRP A 179 71.52 -25.50 46.10
CA TRP A 179 72.57 -24.64 46.62
C TRP A 179 73.35 -25.31 47.74
N HIS A 180 72.63 -26.05 48.58
CA HIS A 180 73.21 -26.75 49.72
C HIS A 180 74.12 -27.92 49.34
N TRP A 181 73.58 -28.92 48.65
CA TRP A 181 74.37 -30.08 48.25
C TRP A 181 75.23 -29.83 47.02
N GLY A 182 75.00 -28.70 46.34
CA GLY A 182 75.76 -28.40 45.15
C GLY A 182 76.57 -27.11 45.20
N GLY A 183 75.89 -25.97 45.14
CA GLY A 183 76.57 -24.70 45.16
C GLY A 183 77.61 -24.53 46.26
N MET A 184 77.32 -25.04 47.44
CA MET A 184 78.21 -24.93 48.59
C MET A 184 79.63 -25.39 48.26
N HIS A 185 79.74 -26.44 47.47
CA HIS A 185 81.05 -26.98 47.10
C HIS A 185 81.77 -26.07 46.12
N MET A 186 81.00 -25.24 45.43
CA MET A 186 81.54 -24.33 44.44
C MET A 186 81.92 -22.94 44.98
N TRP A 187 81.18 -22.41 45.95
CA TRP A 187 81.52 -21.09 46.50
C TRP A 187 81.38 -20.94 48.00
N GLY A 188 81.07 -22.03 48.70
CA GLY A 188 80.94 -21.98 50.14
C GLY A 188 79.60 -21.50 50.63
N PHE A 189 79.61 -20.47 51.47
CA PHE A 189 78.38 -19.93 52.05
C PHE A 189 77.62 -21.02 52.79
N SER A 190 78.35 -21.89 53.49
CA SER A 190 77.70 -22.98 54.22
C SER A 190 76.75 -22.44 55.28
N TRP A 191 77.12 -21.34 55.93
CA TRP A 191 76.28 -20.72 56.96
C TRP A 191 74.96 -20.20 56.38
N ARG A 192 74.85 -20.19 55.05
CA ARG A 192 73.62 -19.76 54.39
C ARG A 192 73.14 -20.94 53.56
N LEU A 193 73.70 -22.10 53.84
CA LEU A 193 73.37 -23.33 53.16
C LEU A 193 73.46 -23.19 51.63
N GLY A 194 74.45 -22.44 51.16
CA GLY A 194 74.62 -22.25 49.74
C GLY A 194 74.17 -20.94 49.12
N ASN A 195 73.29 -20.20 49.79
CA ASN A 195 72.79 -18.93 49.27
C ASN A 195 73.78 -17.78 49.53
N PRO A 196 73.74 -16.74 48.69
CA PRO A 196 74.62 -15.59 48.83
C PRO A 196 74.09 -14.52 49.77
N GLU A 197 75.00 -13.72 50.32
CA GLU A 197 74.61 -12.62 51.20
C GLU A 197 73.95 -11.59 50.27
N GLN A 198 73.19 -10.64 50.82
CA GLN A 198 72.52 -9.65 49.96
C GLN A 198 72.62 -8.20 50.43
N TYR A 199 73.37 -7.97 51.49
CA TYR A 199 73.52 -6.62 52.06
C TYR A 199 73.67 -5.45 51.09
N ASP A 200 72.97 -4.37 51.41
CA ASP A 200 72.99 -3.11 50.65
C ASP A 200 72.85 -3.20 49.13
N LEU A 201 72.12 -4.18 48.63
CA LEU A 201 71.95 -4.32 47.18
C LEU A 201 70.85 -3.47 46.55
N LEU A 202 69.89 -3.00 47.34
CA LEU A 202 68.79 -2.19 46.78
C LEU A 202 69.32 -0.88 46.19
N GLU A 203 70.09 -0.13 46.97
CA GLU A 203 70.63 1.13 46.47
C GLU A 203 71.55 0.87 45.29
N ASP A 204 72.38 -0.17 45.36
CA ASP A 204 73.30 -0.48 44.27
C ASP A 204 72.51 -0.76 42.99
N GLY A 205 71.39 -1.45 43.14
CA GLY A 205 70.57 -1.76 41.98
C GLY A 205 69.85 -0.55 41.43
N LEU A 206 69.32 0.30 42.30
CA LEU A 206 68.61 1.50 41.86
C LEU A 206 69.55 2.43 41.12
N LYS A 207 70.80 2.47 41.54
CA LYS A 207 71.79 3.31 40.90
C LYS A 207 72.36 2.75 39.61
N HIS A 208 72.63 1.44 39.59
CA HIS A 208 73.27 0.83 38.42
C HIS A 208 72.52 -0.17 37.56
N ALA A 209 71.46 -0.79 38.08
CA ALA A 209 70.72 -1.78 37.30
C ALA A 209 70.17 -1.31 35.96
N GLU A 210 70.38 -2.12 34.93
CA GLU A 210 69.88 -1.86 33.60
C GLU A 210 69.01 -3.05 33.20
N MET A 211 69.26 -4.20 33.81
CA MET A 211 68.48 -5.40 33.53
C MET A 211 68.58 -6.41 34.66
N ILE A 212 67.50 -7.14 34.86
CA ILE A 212 67.43 -8.16 35.89
C ILE A 212 66.85 -9.44 35.29
N VAL A 213 67.57 -10.54 35.49
CA VAL A 213 67.12 -11.83 34.99
C VAL A 213 66.56 -12.65 36.16
N PHE A 214 65.24 -12.76 36.20
CA PHE A 214 64.56 -13.53 37.23
C PHE A 214 64.53 -14.98 36.75
N TRP A 215 65.39 -15.80 37.33
CA TRP A 215 65.50 -17.21 36.96
C TRP A 215 64.92 -18.05 38.10
N SER A 216 63.83 -18.76 37.82
CA SER A 216 63.18 -19.57 38.86
C SER A 216 62.86 -18.62 40.01
N SER A 217 62.41 -17.41 39.66
CA SER A 217 62.11 -16.39 40.66
C SER A 217 60.74 -15.73 40.46
N ASP A 218 59.94 -15.74 41.52
CA ASP A 218 58.60 -15.15 41.54
C ASP A 218 58.51 -14.37 42.86
N PRO A 219 59.22 -13.23 42.96
CA PRO A 219 59.26 -12.38 44.15
C PRO A 219 57.89 -12.00 44.71
N GLU A 220 56.92 -11.76 43.83
CA GLU A 220 55.59 -11.38 44.28
C GLU A 220 55.00 -12.52 45.11
N THR A 221 54.92 -13.69 44.51
CA THR A 221 54.37 -14.85 45.18
C THR A 221 55.09 -15.25 46.47
N ASN A 222 56.40 -15.40 46.39
CA ASN A 222 57.20 -15.83 47.53
C ASN A 222 57.65 -14.75 48.51
N SER A 223 57.92 -13.56 47.99
CA SER A 223 58.37 -12.39 48.78
C SER A 223 59.71 -12.65 49.45
N GLY A 224 60.42 -13.68 48.99
CA GLY A 224 61.66 -14.07 49.63
C GLY A 224 61.05 -15.05 50.61
N ILE A 225 60.52 -14.52 51.71
CA ILE A 225 59.82 -15.31 52.73
C ILE A 225 59.35 -14.42 53.87
N TYR A 226 58.12 -14.66 54.32
CA TYR A 226 57.53 -13.90 55.43
C TYR A 226 57.39 -12.39 55.19
N ALA A 227 57.63 -11.91 53.98
CA ALA A 227 57.58 -10.48 53.74
C ALA A 227 56.39 -9.89 52.98
N GLY A 228 55.22 -10.53 53.06
CA GLY A 228 54.05 -10.02 52.36
C GLY A 228 54.33 -9.55 50.94
N PHE A 229 54.16 -8.25 50.69
CA PHE A 229 54.43 -7.68 49.37
C PHE A 229 55.28 -6.43 49.53
N GLU A 230 56.24 -6.51 50.44
CA GLU A 230 57.13 -5.38 50.71
C GLU A 230 57.97 -4.89 49.53
N SER A 231 58.38 -5.79 48.66
CA SER A 231 59.24 -5.41 47.54
C SER A 231 58.54 -4.95 46.27
N ASN A 232 57.22 -5.08 46.21
CA ASN A 232 56.51 -4.70 45.00
C ASN A 232 56.85 -3.29 44.48
N ILE A 233 56.90 -2.31 45.37
CA ILE A 233 57.20 -0.94 44.96
C ILE A 233 58.64 -0.77 44.47
N ARG A 234 59.54 -1.63 44.93
CA ARG A 234 60.94 -1.55 44.52
C ARG A 234 61.12 -1.92 43.06
N ARG A 235 60.41 -2.94 42.60
CA ARG A 235 60.51 -3.31 41.20
C ARG A 235 59.78 -2.27 40.37
N GLN A 236 58.79 -1.61 40.98
CA GLN A 236 58.05 -0.56 40.29
C GLN A 236 59.06 0.55 40.00
N TRP A 237 59.88 0.86 41.01
CA TRP A 237 60.91 1.89 40.87
C TRP A 237 61.87 1.52 39.74
N LEU A 238 62.37 0.30 39.78
CA LEU A 238 63.29 -0.20 38.76
C LEU A 238 62.66 -0.12 37.38
N LYS A 239 61.42 -0.57 37.29
CA LYS A 239 60.69 -0.55 36.02
C LYS A 239 60.65 0.89 35.49
N ASP A 240 60.18 1.81 36.34
CA ASP A 240 60.08 3.21 35.95
C ASP A 240 61.45 3.82 35.61
N LEU A 241 62.52 3.17 36.06
CA LEU A 241 63.87 3.64 35.77
C LEU A 241 64.35 3.13 34.41
N GLY A 242 63.56 2.25 33.79
CA GLY A 242 63.94 1.72 32.50
C GLY A 242 64.62 0.35 32.51
N VAL A 243 64.64 -0.30 33.67
CA VAL A 243 65.26 -1.62 33.80
C VAL A 243 64.40 -2.73 33.22
N ASP A 244 64.97 -3.51 32.29
CA ASP A 244 64.23 -4.61 31.68
C ASP A 244 64.19 -5.80 32.63
N PHE A 245 63.10 -6.56 32.56
CA PHE A 245 62.87 -7.74 33.39
C PHE A 245 62.64 -8.96 32.51
N VAL A 246 63.48 -9.96 32.64
CA VAL A 246 63.33 -11.18 31.87
C VAL A 246 63.07 -12.33 32.85
N PHE A 247 62.06 -13.14 32.55
CA PHE A 247 61.72 -14.26 33.42
C PHE A 247 61.91 -15.61 32.75
N ILE A 248 62.66 -16.49 33.41
CA ILE A 248 62.93 -17.83 32.91
C ILE A 248 62.28 -18.76 33.94
N ASP A 249 61.16 -19.34 33.53
CA ASP A 249 60.37 -20.18 34.42
C ASP A 249 59.43 -21.03 33.56
N PRO A 250 59.36 -22.35 33.79
CA PRO A 250 58.46 -23.19 33.00
C PRO A 250 57.07 -22.56 33.01
N HIS A 251 56.70 -22.02 34.17
CA HIS A 251 55.40 -21.37 34.33
C HIS A 251 55.58 -19.85 34.31
N MET A 252 54.68 -19.14 33.63
CA MET A 252 54.74 -17.68 33.60
C MET A 252 54.21 -17.29 34.98
N ASN A 253 55.11 -17.21 35.96
CA ASN A 253 54.72 -16.89 37.32
C ASN A 253 54.07 -15.52 37.50
N HIS A 254 53.56 -15.30 38.70
CA HIS A 254 52.84 -14.08 39.04
C HIS A 254 53.62 -12.78 38.92
N THR A 255 54.92 -12.80 39.17
CA THR A 255 55.71 -11.60 39.04
C THR A 255 55.84 -11.35 37.52
N ALA A 256 56.11 -12.41 36.78
CA ALA A 256 56.23 -12.30 35.33
C ALA A 256 54.92 -11.79 34.72
N ARG A 257 53.80 -12.32 35.19
CA ARG A 257 52.49 -11.93 34.69
C ARG A 257 52.25 -10.44 34.88
N LEU A 258 52.92 -9.86 35.88
CA LEU A 258 52.77 -8.44 36.20
C LEU A 258 53.73 -7.48 35.48
N VAL A 259 55.03 -7.78 35.52
CA VAL A 259 55.99 -6.86 34.91
C VAL A 259 57.01 -7.43 33.94
N ALA A 260 56.75 -8.60 33.37
CA ALA A 260 57.71 -9.19 32.46
C ALA A 260 57.88 -8.43 31.16
N ASP A 261 59.12 -8.34 30.69
CA ASP A 261 59.43 -7.71 29.42
C ASP A 261 59.63 -8.84 28.43
N LYS A 262 59.94 -10.02 28.97
CA LYS A 262 60.15 -11.23 28.16
C LYS A 262 60.11 -12.46 29.07
N TRP A 263 59.49 -13.53 28.58
CA TRP A 263 59.38 -14.76 29.36
C TRP A 263 59.89 -16.01 28.60
N PHE A 264 60.70 -16.81 29.27
CA PHE A 264 61.25 -18.06 28.73
C PHE A 264 60.58 -19.19 29.51
N SER A 265 60.18 -20.25 28.83
CA SER A 265 59.55 -21.39 29.51
C SER A 265 60.31 -22.67 29.17
N PRO A 266 61.40 -22.95 29.89
CA PRO A 266 62.19 -24.16 29.63
C PRO A 266 61.52 -25.42 30.16
N LYS A 267 61.66 -26.52 29.44
CA LYS A 267 61.10 -27.79 29.86
C LYS A 267 61.66 -28.09 31.25
N ILE A 268 60.94 -28.86 32.06
CA ILE A 268 61.42 -29.16 33.40
C ILE A 268 62.80 -29.81 33.36
N GLY A 269 63.62 -29.46 34.34
CA GLY A 269 64.97 -29.99 34.44
C GLY A 269 65.96 -29.63 33.33
N THR A 270 65.73 -28.52 32.63
CA THR A 270 66.64 -28.15 31.55
C THR A 270 67.30 -26.79 31.65
N ASP A 271 67.14 -26.12 32.79
CA ASP A 271 67.72 -24.80 32.97
C ASP A 271 69.23 -24.70 32.75
N HIS A 272 69.99 -25.67 33.23
CA HIS A 272 71.44 -25.61 33.06
C HIS A 272 71.89 -25.69 31.61
N ALA A 273 70.99 -26.12 30.73
CA ALA A 273 71.32 -26.16 29.31
C ALA A 273 71.37 -24.69 28.83
N LEU A 274 70.52 -23.85 29.42
CA LEU A 274 70.50 -22.44 29.07
C LEU A 274 71.74 -21.74 29.63
N SER A 275 72.04 -22.01 30.90
CA SER A 275 73.20 -21.39 31.52
C SER A 275 74.46 -21.79 30.76
N PHE A 276 74.54 -23.04 30.33
CA PHE A 276 75.71 -23.48 29.57
C PHE A 276 75.79 -22.80 28.19
N ALA A 277 74.66 -22.56 27.55
CA ALA A 277 74.64 -21.91 26.24
C ALA A 277 74.97 -20.42 26.36
N ILE A 278 74.63 -19.83 27.50
CA ILE A 278 74.91 -18.42 27.72
C ILE A 278 76.44 -18.28 27.96
N ALA A 279 77.00 -19.22 28.72
CA ALA A 279 78.43 -19.20 28.98
C ALA A 279 79.20 -19.43 27.68
N TYR A 280 78.76 -20.41 26.90
CA TYR A 280 79.38 -20.72 25.61
C TYR A 280 79.46 -19.45 24.75
N THR A 281 78.38 -18.67 24.75
CA THR A 281 78.31 -17.44 23.97
C THR A 281 79.31 -16.40 24.46
N TRP A 282 79.43 -16.26 25.77
CA TRP A 282 80.36 -15.30 26.35
C TRP A 282 81.81 -15.68 26.06
N LEU A 283 82.08 -16.99 26.02
CA LEU A 283 83.43 -17.48 25.73
C LEU A 283 83.76 -17.29 24.25
N LYS A 284 82.78 -17.55 23.38
CA LYS A 284 82.97 -17.40 21.94
C LYS A 284 83.05 -15.94 21.50
N GLU A 285 82.46 -15.05 22.28
CA GLU A 285 82.44 -13.63 21.95
C GLU A 285 83.28 -12.75 22.87
N ASP A 286 84.04 -13.38 23.77
CA ASP A 286 84.88 -12.66 24.72
C ASP A 286 84.07 -11.59 25.44
N SER A 287 82.81 -11.90 25.72
CA SER A 287 81.94 -10.94 26.40
C SER A 287 81.73 -11.23 27.89
N TYR A 288 82.83 -11.29 28.63
CA TYR A 288 82.73 -11.51 30.07
C TYR A 288 83.92 -10.85 30.78
N ASP A 289 83.87 -10.83 32.11
CA ASP A 289 84.92 -10.20 32.90
C ASP A 289 86.13 -11.12 33.11
N LYS A 290 87.00 -11.19 32.10
CA LYS A 290 88.19 -12.03 32.19
C LYS A 290 89.09 -11.72 33.38
N GLU A 291 89.36 -10.43 33.60
CA GLU A 291 90.20 -10.02 34.71
C GLU A 291 89.62 -10.56 36.01
N TYR A 292 88.31 -10.41 36.16
CA TYR A 292 87.61 -10.89 37.35
C TYR A 292 87.82 -12.39 37.50
N VAL A 293 87.47 -13.14 36.46
CA VAL A 293 87.60 -14.59 36.46
C VAL A 293 89.03 -15.07 36.70
N ALA A 294 90.00 -14.38 36.10
CA ALA A 294 91.40 -14.75 36.26
C ALA A 294 91.84 -14.67 37.72
N ALA A 295 91.19 -13.79 38.49
CA ALA A 295 91.54 -13.62 39.89
C ALA A 295 90.66 -14.38 40.87
N ASN A 296 89.39 -14.54 40.54
CA ASN A 296 88.46 -15.17 41.47
C ASN A 296 87.90 -16.55 41.14
N ALA A 297 88.41 -17.19 40.09
CA ALA A 297 87.91 -18.51 39.72
C ALA A 297 89.01 -19.58 39.76
N HIS A 298 88.58 -20.81 40.00
CA HIS A 298 89.49 -21.95 40.07
C HIS A 298 88.98 -23.01 39.09
N GLY A 299 89.89 -23.58 38.30
CA GLY A 299 89.51 -24.60 37.35
C GLY A 299 88.62 -24.10 36.22
N PHE A 300 88.68 -22.80 35.94
CA PHE A 300 87.85 -22.22 34.89
C PHE A 300 88.32 -22.64 33.49
N GLU A 301 89.64 -22.79 33.33
CA GLU A 301 90.20 -23.19 32.05
C GLU A 301 89.64 -24.56 31.62
N GLU A 302 89.66 -25.51 32.54
CA GLU A 302 89.15 -26.85 32.23
C GLU A 302 87.64 -26.77 31.96
N TRP A 303 86.96 -25.98 32.77
CA TRP A 303 85.51 -25.82 32.63
C TRP A 303 85.20 -25.21 31.26
N ALA A 304 86.00 -24.22 30.86
CA ALA A 304 85.82 -23.55 29.57
C ALA A 304 85.87 -24.58 28.43
N ASP A 305 86.85 -25.46 28.46
CA ASP A 305 86.97 -26.48 27.43
C ASP A 305 85.76 -27.40 27.41
N TYR A 306 85.13 -27.58 28.57
CA TYR A 306 83.94 -28.43 28.61
C TYR A 306 82.79 -27.70 27.95
N VAL A 307 82.60 -26.45 28.35
CA VAL A 307 81.54 -25.63 27.78
C VAL A 307 81.70 -25.55 26.26
N LEU A 308 82.95 -25.44 25.81
CA LEU A 308 83.23 -25.35 24.38
C LEU A 308 83.11 -26.70 23.67
N GLY A 309 82.89 -27.76 24.45
CA GLY A 309 82.72 -29.08 23.88
C GLY A 309 83.97 -29.79 23.41
N LYS A 310 85.14 -29.32 23.85
CA LYS A 310 86.39 -29.95 23.45
C LYS A 310 86.56 -31.35 24.06
N THR A 311 86.29 -31.47 25.35
CA THR A 311 86.47 -32.74 26.02
C THR A 311 85.38 -33.78 25.89
N ASP A 312 84.13 -33.36 25.64
CA ASP A 312 83.05 -34.31 25.49
C ASP A 312 82.57 -34.38 24.05
N GLY A 313 83.06 -33.45 23.22
CA GLY A 313 82.67 -33.42 21.82
C GLY A 313 81.34 -32.77 21.51
N THR A 314 80.75 -32.08 22.47
CA THR A 314 79.46 -31.43 22.24
C THR A 314 79.47 -29.96 22.65
N PRO A 315 79.73 -29.05 21.68
CA PRO A 315 79.75 -27.61 22.00
C PRO A 315 78.38 -27.24 22.56
N LYS A 316 78.36 -26.54 23.68
CA LYS A 316 77.11 -26.15 24.31
C LYS A 316 76.50 -24.91 23.66
N THR A 317 76.03 -25.08 22.42
CA THR A 317 75.43 -23.98 21.67
C THR A 317 73.98 -23.70 22.07
N CYS A 318 73.52 -22.50 21.73
CA CYS A 318 72.13 -22.11 22.01
C CYS A 318 71.20 -23.08 21.28
N GLU A 319 71.62 -23.59 20.12
CA GLU A 319 70.81 -24.54 19.36
C GLU A 319 70.72 -25.85 20.13
N TRP A 320 71.86 -26.28 20.67
CA TRP A 320 71.92 -27.50 21.46
C TRP A 320 70.99 -27.31 22.65
N ALA A 321 71.03 -26.12 23.24
CA ALA A 321 70.19 -25.79 24.39
C ALA A 321 68.72 -25.68 24.04
N GLU A 322 68.42 -25.30 22.80
CA GLU A 322 67.02 -25.21 22.38
C GLU A 322 66.45 -26.62 22.28
N GLU A 323 67.24 -27.52 21.72
CA GLU A 323 66.78 -28.89 21.57
C GLU A 323 66.51 -29.55 22.92
N GLU A 324 67.23 -29.11 23.95
CA GLU A 324 67.06 -29.65 25.30
C GLU A 324 65.88 -29.04 26.04
N SER A 325 65.78 -27.71 26.00
CA SER A 325 64.76 -26.95 26.73
C SER A 325 63.52 -26.48 26.01
N GLY A 326 63.58 -26.37 24.68
CA GLY A 326 62.42 -25.88 23.96
C GLY A 326 62.45 -24.36 23.83
N VAL A 327 63.41 -23.72 24.48
CA VAL A 327 63.54 -22.26 24.41
C VAL A 327 64.33 -21.91 23.16
N PRO A 328 63.80 -21.02 22.31
CA PRO A 328 64.46 -20.58 21.07
C PRO A 328 65.92 -20.18 21.22
N ALA A 329 66.76 -20.74 20.35
CA ALA A 329 68.18 -20.47 20.36
C ALA A 329 68.48 -18.98 20.27
N CYS A 330 67.90 -18.31 19.27
CA CYS A 330 68.11 -16.88 19.08
C CYS A 330 67.80 -16.08 20.35
N GLU A 331 66.72 -16.43 21.05
CA GLU A 331 66.36 -15.71 22.26
C GLU A 331 67.38 -15.96 23.37
N ILE A 332 67.88 -17.19 23.44
CA ILE A 332 68.89 -17.52 24.44
C ILE A 332 70.13 -16.70 24.18
N ARG A 333 70.51 -16.59 22.90
CA ARG A 333 71.70 -15.84 22.52
C ARG A 333 71.52 -14.33 22.70
N ALA A 334 70.33 -13.83 22.41
CA ALA A 334 70.06 -12.40 22.55
C ALA A 334 70.15 -12.02 24.02
N LEU A 335 69.65 -12.89 24.89
CA LEU A 335 69.71 -12.62 26.33
C LEU A 335 71.16 -12.64 26.78
N ALA A 336 71.95 -13.54 26.19
CA ALA A 336 73.37 -13.65 26.54
C ALA A 336 74.13 -12.38 26.17
N ARG A 337 73.82 -11.84 24.99
CA ARG A 337 74.49 -10.63 24.53
C ARG A 337 74.07 -9.39 25.31
N GLN A 338 72.80 -9.33 25.68
CA GLN A 338 72.31 -8.19 26.46
C GLN A 338 72.89 -8.24 27.86
N TRP A 339 72.90 -9.45 28.44
CA TRP A 339 73.42 -9.69 29.79
C TRP A 339 74.88 -9.22 29.88
N ALA A 340 75.67 -9.63 28.90
CA ALA A 340 77.08 -9.26 28.87
C ALA A 340 77.32 -7.75 28.82
N LYS A 341 76.61 -7.04 27.94
CA LYS A 341 76.83 -5.61 27.81
C LYS A 341 76.08 -4.65 28.72
N LYS A 342 75.11 -5.14 29.49
CA LYS A 342 74.36 -4.27 30.39
C LYS A 342 74.67 -4.62 31.83
N ASN A 343 74.37 -3.71 32.76
CA ASN A 343 74.58 -3.98 34.17
C ASN A 343 73.40 -4.87 34.54
N THR A 344 73.66 -6.17 34.59
CA THR A 344 72.63 -7.17 34.85
C THR A 344 72.77 -7.88 36.19
N TYR A 345 71.66 -7.93 36.94
CA TYR A 345 71.64 -8.63 38.20
C TYR A 345 70.93 -9.94 37.97
N LEU A 346 71.49 -11.02 38.52
CA LEU A 346 70.87 -12.33 38.36
C LEU A 346 69.96 -12.61 39.54
N ALA A 347 68.67 -12.66 39.29
CA ALA A 347 67.72 -12.96 40.35
C ALA A 347 67.44 -14.45 40.36
N ALA A 348 68.40 -15.23 40.84
CA ALA A 348 68.24 -16.68 40.93
C ALA A 348 67.37 -16.92 42.16
N GLY A 349 66.15 -17.41 41.94
CA GLY A 349 65.24 -17.65 43.06
C GLY A 349 64.61 -16.36 43.54
N GLY A 350 63.63 -16.47 44.43
CA GLY A 350 62.97 -15.28 44.95
C GLY A 350 63.63 -14.62 46.14
N LEU A 351 64.59 -15.29 46.75
CA LEU A 351 65.27 -14.76 47.92
C LEU A 351 66.65 -14.18 47.66
N GLY A 352 67.31 -14.71 46.64
CA GLY A 352 68.69 -14.35 46.36
C GLY A 352 69.20 -15.69 46.83
N GLY A 353 69.01 -16.67 45.96
CA GLY A 353 69.35 -18.03 46.30
C GLY A 353 67.98 -18.71 46.24
N TRP A 354 67.88 -19.96 46.69
CA TRP A 354 66.61 -20.67 46.63
C TRP A 354 66.18 -20.82 45.17
N GLY A 355 64.89 -20.97 44.93
CA GLY A 355 64.42 -21.18 43.56
C GLY A 355 63.95 -22.63 43.49
N GLY A 356 62.72 -22.84 43.02
CA GLY A 356 62.18 -24.19 42.93
C GLY A 356 63.07 -25.04 42.06
N ALA A 357 63.81 -24.37 41.19
CA ALA A 357 64.74 -25.04 40.29
C ALA A 357 65.83 -25.77 41.08
N CYS A 358 66.10 -25.31 42.30
CA CYS A 358 67.14 -25.94 43.11
C CYS A 358 66.72 -27.26 43.76
N ARG A 359 65.42 -27.51 43.88
CA ARG A 359 64.99 -28.77 44.46
C ARG A 359 64.24 -29.55 43.38
N ALA A 360 65.06 -30.07 42.46
CA ALA A 360 64.63 -30.85 41.30
C ALA A 360 65.82 -31.73 40.94
N SER A 361 65.62 -32.70 40.05
CA SER A 361 66.72 -33.60 39.69
C SER A 361 67.94 -32.90 39.07
N HIS A 362 67.77 -31.70 38.55
CA HIS A 362 68.89 -30.95 37.96
C HIS A 362 69.30 -29.83 38.91
N GLY A 363 68.74 -29.87 40.12
CA GLY A 363 69.02 -28.86 41.13
C GLY A 363 70.45 -28.43 41.38
N ILE A 364 71.37 -29.38 41.40
CA ILE A 364 72.78 -29.09 41.65
C ILE A 364 73.41 -28.27 40.53
N GLU A 365 73.20 -28.68 39.29
CA GLU A 365 73.77 -27.98 38.15
C GLU A 365 73.07 -26.64 37.89
N TRP A 366 71.82 -26.50 38.29
CA TRP A 366 71.16 -25.22 38.09
C TRP A 366 71.84 -24.21 39.02
N ALA A 367 71.96 -24.61 40.29
CA ALA A 367 72.59 -23.76 41.29
C ALA A 367 74.01 -23.36 40.90
N ARG A 368 74.79 -24.32 40.41
CA ARG A 368 76.15 -24.05 40.01
C ARG A 368 76.17 -23.25 38.72
N GLY A 369 75.14 -23.44 37.90
CA GLY A 369 75.05 -22.69 36.66
C GLY A 369 74.83 -21.22 36.94
N MET A 370 74.05 -20.93 37.99
CA MET A 370 73.75 -19.55 38.37
C MET A 370 75.01 -18.88 38.92
N ILE A 371 75.75 -19.62 39.72
CA ILE A 371 76.99 -19.11 40.31
C ILE A 371 77.99 -18.87 39.17
N ALA A 372 78.03 -19.81 38.23
CA ALA A 372 78.93 -19.71 37.08
C ALA A 372 78.68 -18.44 36.28
N LEU A 373 77.42 -18.20 35.93
CA LEU A 373 77.04 -17.02 35.15
C LEU A 373 77.35 -15.72 35.89
N ALA A 374 76.89 -15.62 37.14
CA ALA A 374 77.12 -14.42 37.93
C ALA A 374 78.60 -14.18 38.16
N THR A 375 79.37 -15.26 38.22
CA THR A 375 80.81 -15.16 38.42
C THR A 375 81.47 -14.57 37.17
N MET A 376 81.12 -15.12 36.01
CA MET A 376 81.67 -14.66 34.74
C MET A 376 81.41 -13.18 34.47
N GLN A 377 80.34 -12.63 35.05
CA GLN A 377 80.02 -11.22 34.85
C GLN A 377 80.51 -10.36 36.01
N GLY A 378 81.39 -10.93 36.83
CA GLY A 378 81.96 -10.20 37.95
C GLY A 378 81.05 -9.78 39.09
N MET A 379 80.28 -10.71 39.65
CA MET A 379 79.38 -10.39 40.74
C MET A 379 80.12 -9.67 41.86
N GLY A 380 79.52 -8.60 42.38
CA GLY A 380 80.13 -7.84 43.45
C GLY A 380 80.53 -6.44 43.01
N LYS A 381 80.84 -6.28 41.73
CA LYS A 381 81.20 -4.95 41.25
C LYS A 381 79.92 -4.16 41.00
N PRO A 382 80.02 -2.82 40.93
CA PRO A 382 78.84 -1.99 40.71
C PRO A 382 78.06 -2.40 39.46
N GLY A 383 76.76 -2.64 39.61
CA GLY A 383 75.93 -3.01 38.49
C GLY A 383 75.94 -4.46 38.04
N SER A 384 76.57 -5.33 38.82
CA SER A 384 76.63 -6.75 38.48
C SER A 384 76.68 -7.59 39.76
N ASN A 385 75.69 -8.46 39.93
CA ASN A 385 75.61 -9.27 41.13
C ASN A 385 74.43 -10.23 41.06
N MET A 386 74.32 -11.06 42.08
CA MET A 386 73.19 -11.97 42.17
C MET A 386 72.31 -11.21 43.15
N TRP A 387 71.13 -10.79 42.68
CA TRP A 387 70.18 -10.05 43.50
C TRP A 387 68.80 -10.35 42.95
N SER A 388 67.86 -10.69 43.83
CA SER A 388 66.51 -11.03 43.38
C SER A 388 65.50 -9.94 43.69
N THR A 389 66.00 -8.76 44.03
CA THR A 389 65.22 -7.56 44.34
C THR A 389 64.41 -7.62 45.62
N THR A 390 64.41 -8.75 46.32
CA THR A 390 63.64 -8.85 47.57
C THR A 390 64.45 -8.45 48.82
N GLN A 391 65.77 -8.62 48.79
CA GLN A 391 66.60 -8.24 49.94
C GLN A 391 67.46 -7.03 49.55
N GLY A 392 68.42 -6.67 50.41
CA GLY A 392 69.29 -5.55 50.13
C GLY A 392 68.79 -4.20 50.61
N VAL A 393 67.67 -4.20 51.32
CA VAL A 393 67.08 -2.97 51.85
C VAL A 393 68.01 -2.39 52.92
N PRO A 394 68.35 -1.10 52.81
CA PRO A 394 69.25 -0.35 53.71
C PRO A 394 68.87 -0.26 55.18
N LEU A 395 68.28 -1.30 55.75
CA LEU A 395 67.89 -1.29 57.16
C LEU A 395 69.14 -1.27 58.05
N ASP A 396 68.97 -0.90 59.32
CA ASP A 396 70.10 -0.85 60.23
C ASP A 396 70.62 -2.22 60.66
N TYR A 397 71.54 -2.76 59.88
CA TYR A 397 72.13 -4.07 60.16
C TYR A 397 72.84 -4.09 61.51
N GLU A 398 73.13 -2.92 62.06
CA GLU A 398 73.83 -2.81 63.34
C GLU A 398 72.91 -3.03 64.54
N PHE A 399 71.62 -2.86 64.35
CA PHE A 399 70.67 -3.06 65.44
C PHE A 399 70.46 -4.56 65.57
N TYR A 400 70.52 -5.07 66.79
CA TYR A 400 70.34 -6.49 66.99
C TYR A 400 69.02 -6.95 67.57
N PHE A 401 68.35 -7.82 66.82
CA PHE A 401 67.11 -8.43 67.26
C PHE A 401 67.09 -9.82 66.64
N PRO A 402 66.95 -10.84 67.49
CA PRO A 402 66.92 -12.28 67.15
C PRO A 402 65.83 -12.73 66.17
N GLY A 403 66.20 -13.60 65.24
CA GLY A 403 65.25 -14.18 64.31
C GLY A 403 64.82 -15.46 65.02
N TYR A 404 63.73 -16.11 64.61
CA TYR A 404 63.30 -17.32 65.31
C TYR A 404 64.34 -18.44 65.28
N ALA A 405 65.14 -18.49 64.22
CA ALA A 405 66.15 -19.53 64.07
C ALA A 405 67.24 -19.50 65.14
N GLU A 406 67.37 -18.38 65.86
CA GLU A 406 68.39 -18.30 66.89
C GLU A 406 68.03 -19.04 68.19
N GLY A 407 66.97 -19.84 68.14
CA GLY A 407 66.62 -20.66 69.29
C GLY A 407 65.72 -20.22 70.42
N GLY A 408 65.47 -18.93 70.58
CA GLY A 408 64.61 -18.48 71.66
C GLY A 408 64.96 -19.01 73.05
N ILE A 409 64.02 -19.70 73.67
CA ILE A 409 64.23 -20.23 75.02
C ILE A 409 64.92 -21.59 75.13
N SER A 410 65.27 -22.20 74.01
CA SER A 410 65.93 -23.50 74.06
C SER A 410 67.43 -23.35 74.26
N GLY A 411 68.03 -22.38 73.57
CA GLY A 411 69.47 -22.18 73.69
C GLY A 411 70.23 -23.37 73.12
N ASP A 412 69.56 -24.13 72.25
CA ASP A 412 70.17 -25.30 71.61
C ASP A 412 71.24 -24.85 70.61
N CYS A 413 72.50 -24.89 71.03
CA CYS A 413 73.61 -24.45 70.18
C CYS A 413 73.91 -25.29 68.96
N GLU A 414 73.32 -26.49 68.86
CA GLU A 414 73.58 -27.32 67.71
C GLU A 414 72.40 -27.42 66.75
N ASN A 415 71.19 -27.27 67.27
CA ASN A 415 70.00 -27.37 66.42
C ASN A 415 69.29 -26.04 66.13
N SER A 416 69.94 -24.94 66.49
CA SER A 416 69.44 -23.58 66.27
C SER A 416 70.69 -22.72 66.20
N ALA A 417 70.56 -21.47 65.81
CA ALA A 417 71.72 -20.59 65.70
C ALA A 417 71.99 -19.80 66.99
N ALA A 418 71.54 -20.33 68.11
CA ALA A 418 71.73 -19.68 69.40
C ALA A 418 73.20 -19.42 69.72
N GLY A 419 74.06 -20.29 69.22
CA GLY A 419 75.48 -20.16 69.47
C GLY A 419 76.15 -18.93 68.90
N PHE A 420 75.56 -18.35 67.86
CA PHE A 420 76.16 -17.17 67.25
C PHE A 420 76.18 -15.97 68.18
N LYS A 421 75.03 -15.66 68.78
CA LYS A 421 74.96 -14.51 69.65
C LYS A 421 73.85 -14.55 70.70
N PHE A 422 72.67 -15.04 70.32
CA PHE A 422 71.54 -15.04 71.25
C PHE A 422 71.73 -15.79 72.56
N ALA A 423 72.26 -17.01 72.48
CA ALA A 423 72.46 -17.81 73.67
C ALA A 423 73.24 -17.06 74.74
N TRP A 424 74.28 -16.35 74.31
CA TRP A 424 75.13 -15.59 75.21
C TRP A 424 74.40 -14.44 75.87
N ARG A 425 73.36 -13.95 75.19
CA ARG A 425 72.57 -12.84 75.71
C ARG A 425 71.39 -13.33 76.55
N MET A 426 70.76 -14.40 76.09
CA MET A 426 69.60 -14.96 76.77
C MET A 426 69.88 -15.67 78.10
N PHE A 427 71.01 -16.36 78.21
CA PHE A 427 71.32 -17.07 79.44
C PHE A 427 72.53 -16.54 80.18
N ASP A 428 72.54 -16.70 81.50
CA ASP A 428 73.62 -16.18 82.33
C ASP A 428 74.40 -17.21 83.13
N GLY A 429 74.10 -18.48 82.96
CA GLY A 429 74.81 -19.51 83.71
C GLY A 429 74.65 -19.33 85.20
N LYS A 430 73.56 -18.65 85.60
CA LYS A 430 73.27 -18.38 87.01
C LYS A 430 71.80 -18.58 87.38
N THR A 431 70.91 -17.93 86.64
CA THR A 431 69.48 -17.99 86.95
C THR A 431 68.58 -18.62 85.90
N THR A 432 69.05 -18.70 84.66
CA THR A 432 68.27 -19.26 83.57
C THR A 432 69.21 -20.10 82.72
N PHE A 433 68.76 -21.29 82.33
CA PHE A 433 69.61 -22.18 81.56
C PHE A 433 68.97 -22.76 80.30
N PRO A 434 69.81 -23.11 79.31
CA PRO A 434 69.40 -23.68 78.02
C PRO A 434 69.04 -25.15 78.19
N SER A 435 68.47 -25.75 77.15
CA SER A 435 68.07 -27.15 77.17
C SER A 435 68.77 -27.85 76.00
N PRO A 436 69.99 -28.38 76.24
CA PRO A 436 70.73 -29.07 75.18
C PRO A 436 70.26 -30.50 74.97
N SER A 437 70.62 -31.06 73.81
CA SER A 437 70.26 -32.42 73.47
C SER A 437 71.52 -33.25 73.21
N ASN A 438 71.64 -34.36 73.91
CA ASN A 438 72.79 -35.23 73.73
C ASN A 438 72.41 -36.36 72.78
N LEU A 439 71.24 -36.24 72.16
CA LEU A 439 70.80 -37.25 71.20
C LEU A 439 70.70 -36.65 69.80
N ASN A 440 70.11 -35.46 69.69
CA ASN A 440 69.98 -34.81 68.40
C ASN A 440 71.31 -34.14 68.08
N THR A 441 72.30 -34.99 67.80
CA THR A 441 73.65 -34.56 67.50
C THR A 441 74.25 -35.64 66.60
N SER A 442 75.32 -35.32 65.87
CA SER A 442 75.92 -36.29 64.97
C SER A 442 76.29 -37.62 65.63
N ALA A 443 76.86 -37.57 66.83
CA ALA A 443 77.26 -38.78 67.54
C ALA A 443 76.08 -39.52 68.17
N GLY A 444 74.89 -38.93 68.09
CA GLY A 444 73.71 -39.56 68.65
C GLY A 444 72.94 -40.25 67.55
N GLN A 445 71.62 -40.03 67.51
CA GLN A 445 70.81 -40.63 66.48
C GLN A 445 69.70 -39.71 65.99
N HIS A 446 69.59 -39.62 64.67
CA HIS A 446 68.55 -38.84 64.01
C HIS A 446 68.28 -39.62 62.74
N ILE A 447 67.21 -39.28 62.03
CA ILE A 447 66.93 -39.94 60.75
C ILE A 447 66.50 -38.84 59.79
N PRO A 448 66.62 -39.10 58.48
CA PRO A 448 66.24 -38.08 57.49
C PRO A 448 64.73 -37.93 57.40
N ARG A 449 64.24 -36.69 57.40
CA ARG A 449 62.81 -36.45 57.27
C ARG A 449 62.30 -37.11 56.00
N LEU A 450 63.06 -36.98 54.91
CA LEU A 450 62.68 -37.55 53.62
C LEU A 450 62.62 -39.08 53.61
N LYS A 451 63.22 -39.72 54.60
CA LYS A 451 63.22 -41.18 54.63
C LYS A 451 62.64 -41.79 55.89
N ILE A 452 61.71 -41.07 56.53
CA ILE A 452 61.07 -41.60 57.74
C ILE A 452 60.34 -42.90 57.41
N PRO A 453 59.58 -42.93 56.29
CA PRO A 453 58.85 -44.15 55.93
C PRO A 453 59.72 -45.39 55.83
N GLU A 454 60.89 -45.24 55.19
CA GLU A 454 61.82 -46.35 55.01
C GLU A 454 62.43 -46.81 56.33
N CYS A 455 62.70 -45.87 57.22
CA CYS A 455 63.28 -46.20 58.51
C CYS A 455 62.26 -46.98 59.35
N ILE A 456 61.00 -46.55 59.31
CA ILE A 456 59.96 -47.20 60.07
C ILE A 456 59.58 -48.57 59.50
N MET A 457 59.28 -48.60 58.21
CA MET A 457 58.87 -49.85 57.57
C MET A 457 60.03 -50.79 57.26
N GLY A 458 61.21 -50.24 56.99
CA GLY A 458 62.35 -51.07 56.66
C GLY A 458 63.22 -51.39 57.85
N GLY A 459 63.16 -50.55 58.88
CA GLY A 459 63.95 -50.77 60.08
C GLY A 459 65.42 -50.45 59.89
N LYS A 460 65.78 -49.90 58.73
CA LYS A 460 67.18 -49.58 58.47
C LYS A 460 67.40 -48.56 57.35
N PHE A 461 68.49 -47.81 57.43
CA PHE A 461 68.83 -46.85 56.40
C PHE A 461 70.24 -46.28 56.60
N GLN A 462 70.82 -45.79 55.51
CA GLN A 462 72.17 -45.22 55.54
C GLN A 462 72.16 -44.01 54.59
N TRP A 463 72.70 -42.88 55.02
CA TRP A 463 72.68 -41.68 54.19
C TRP A 463 73.83 -40.72 54.47
N SER A 464 73.79 -39.57 53.82
CA SER A 464 74.83 -38.57 53.98
C SER A 464 74.32 -37.29 54.64
N GLY A 465 75.09 -36.79 55.61
CA GLY A 465 74.73 -35.56 56.29
C GLY A 465 73.58 -35.62 57.28
N LYS A 466 73.59 -34.67 58.21
CA LYS A 466 72.56 -34.56 59.22
C LYS A 466 71.84 -33.23 59.08
N GLY A 467 70.60 -33.27 58.59
CA GLY A 467 69.81 -32.06 58.43
C GLY A 467 70.46 -30.95 57.63
N PHE A 468 70.47 -29.74 58.19
CA PHE A 468 71.08 -28.57 57.55
C PHE A 468 72.57 -28.63 57.93
N ALA A 469 73.41 -29.06 56.99
CA ALA A 469 74.83 -29.17 57.27
C ALA A 469 75.58 -27.88 56.95
N GLY A 470 75.21 -26.81 57.64
CA GLY A 470 75.81 -25.52 57.41
C GLY A 470 77.10 -25.23 58.15
N GLY A 471 77.59 -26.20 58.92
CA GLY A 471 78.81 -25.99 59.67
C GLY A 471 79.98 -25.67 58.76
N ASP A 472 80.22 -26.55 57.80
CA ASP A 472 81.31 -26.37 56.84
C ASP A 472 80.93 -27.07 55.55
N ILE A 473 81.63 -26.73 54.47
CA ILE A 473 81.35 -27.32 53.18
C ILE A 473 81.22 -28.85 53.17
N SER A 474 82.10 -29.54 53.88
CA SER A 474 82.10 -31.02 53.89
C SER A 474 81.22 -31.74 54.91
N HIS A 475 80.54 -31.00 55.79
CA HIS A 475 79.71 -31.64 56.80
C HIS A 475 78.59 -32.52 56.23
N GLN A 476 78.08 -32.14 55.07
CA GLN A 476 77.01 -32.90 54.40
C GLN A 476 77.52 -34.23 53.88
N LEU A 477 78.83 -34.38 53.79
CA LEU A 477 79.43 -35.61 53.27
C LEU A 477 79.61 -36.68 54.32
N HIS A 478 79.39 -36.33 55.58
CA HIS A 478 79.55 -37.29 56.66
C HIS A 478 78.52 -38.41 56.51
N GLN A 479 78.92 -39.63 56.83
CA GLN A 479 78.03 -40.78 56.69
C GLN A 479 77.33 -41.20 57.98
N TYR A 480 76.02 -41.45 57.88
CA TYR A 480 75.23 -41.85 59.04
C TYR A 480 74.44 -43.12 58.73
N GLU A 481 73.87 -43.72 59.77
CA GLU A 481 73.09 -44.95 59.61
C GLU A 481 71.98 -45.04 60.65
N TYR A 482 70.92 -45.77 60.31
CA TYR A 482 69.79 -45.99 61.21
C TYR A 482 69.49 -47.48 61.27
N PRO A 483 69.42 -48.05 62.48
CA PRO A 483 69.62 -47.34 63.74
C PRO A 483 71.09 -46.99 63.95
N ALA A 484 71.37 -45.92 64.67
CA ALA A 484 72.75 -45.49 64.93
C ALA A 484 73.37 -46.47 65.92
N PRO A 485 74.70 -46.68 65.83
CA PRO A 485 75.41 -47.60 66.72
C PRO A 485 75.00 -47.48 68.17
N GLY A 486 74.54 -48.60 68.74
CA GLY A 486 74.14 -48.60 70.12
C GLY A 486 72.74 -48.08 70.40
N TYR A 487 72.16 -47.35 69.45
CA TYR A 487 70.81 -46.82 69.66
C TYR A 487 69.70 -47.76 69.21
N SER A 488 68.49 -47.45 69.66
CA SER A 488 67.31 -48.28 69.36
C SER A 488 66.43 -47.79 68.22
N LYS A 489 65.74 -48.74 67.58
CA LYS A 489 64.82 -48.42 66.50
C LYS A 489 63.60 -47.71 67.10
N ILE A 490 62.91 -46.93 66.28
CA ILE A 490 61.73 -46.19 66.71
C ILE A 490 60.55 -47.09 67.14
N LYS A 491 59.93 -46.73 68.26
CA LYS A 491 58.78 -47.47 68.79
C LYS A 491 57.58 -46.53 68.89
N MET A 492 57.88 -45.25 69.09
CA MET A 492 56.86 -44.22 69.24
C MET A 492 57.18 -43.04 68.32
N PHE A 493 56.13 -42.37 67.86
CA PHE A 493 56.29 -41.23 66.97
C PHE A 493 55.45 -40.05 67.48
N TRP A 494 56.13 -39.01 67.94
CA TRP A 494 55.45 -37.82 68.45
C TRP A 494 55.46 -36.78 67.33
N LYS A 495 54.38 -36.69 66.58
CA LYS A 495 54.30 -35.72 65.50
C LYS A 495 53.79 -34.36 65.93
N TYR A 496 54.38 -33.33 65.34
CA TYR A 496 54.03 -31.94 65.61
C TYR A 496 53.55 -31.50 64.23
N GLY A 497 52.24 -31.33 64.07
CA GLY A 497 51.70 -30.97 62.78
C GLY A 497 51.59 -32.27 61.98
N GLY A 498 51.11 -32.20 60.74
CA GLY A 498 51.00 -33.39 59.91
C GLY A 498 50.83 -32.99 58.44
N PRO A 499 51.83 -32.31 57.86
CA PRO A 499 51.81 -31.84 56.47
C PRO A 499 52.54 -32.68 55.42
N HIS A 500 53.34 -33.64 55.86
CA HIS A 500 54.15 -34.43 54.94
C HIS A 500 53.51 -35.07 53.72
N LEU A 501 52.24 -35.45 53.80
CA LEU A 501 51.57 -36.06 52.66
C LEU A 501 51.49 -35.07 51.49
N GLY A 502 51.48 -33.78 51.80
CA GLY A 502 51.41 -32.80 50.72
C GLY A 502 52.70 -32.04 50.50
N THR A 503 53.70 -32.30 51.33
CA THR A 503 54.96 -31.57 51.20
C THR A 503 56.26 -32.32 50.95
N MET A 504 56.25 -33.63 51.17
CA MET A 504 57.45 -34.42 50.94
C MET A 504 57.43 -35.04 49.53
N THR A 505 57.98 -36.23 49.37
CA THR A 505 58.02 -36.87 48.04
C THR A 505 57.34 -38.24 47.97
N ALA A 506 56.77 -38.58 46.81
CA ALA A 506 56.09 -39.86 46.61
C ALA A 506 55.43 -40.20 47.94
N THR A 507 54.67 -39.23 48.43
CA THR A 507 54.03 -39.31 49.73
C THR A 507 53.09 -40.45 50.12
N ASN A 508 52.62 -41.26 49.19
CA ASN A 508 51.75 -42.36 49.62
C ASN A 508 52.47 -43.20 50.69
N ARG A 509 53.80 -43.22 50.63
CA ARG A 509 54.61 -43.96 51.59
C ARG A 509 54.49 -43.42 53.02
N TYR A 510 54.21 -42.12 53.16
CA TYR A 510 54.06 -41.56 54.49
C TYR A 510 52.75 -42.05 55.10
N ALA A 511 51.77 -42.34 54.26
CA ALA A 511 50.49 -42.85 54.76
C ALA A 511 50.67 -44.32 55.13
N LYS A 512 51.42 -45.05 54.31
CA LYS A 512 51.65 -46.47 54.54
C LYS A 512 52.38 -46.80 55.84
N MET A 513 53.40 -46.00 56.15
CA MET A 513 54.21 -46.23 57.36
C MET A 513 53.44 -46.29 58.67
N TYR A 514 52.35 -45.54 58.77
CA TYR A 514 51.57 -45.50 60.00
C TYR A 514 50.96 -46.82 60.47
N THR A 515 50.71 -47.74 59.55
CA THR A 515 50.11 -49.01 59.92
C THR A 515 51.10 -50.13 60.17
N HIS A 516 52.39 -49.85 60.02
CA HIS A 516 53.41 -50.86 60.25
C HIS A 516 53.35 -51.25 61.74
N ASP A 517 53.39 -52.55 62.03
CA ASP A 517 53.29 -53.01 63.41
C ASP A 517 54.47 -52.63 64.31
N SER A 518 55.56 -52.14 63.72
CA SER A 518 56.72 -51.75 64.52
C SER A 518 56.39 -50.46 65.27
N LEU A 519 55.43 -49.69 64.75
CA LEU A 519 55.00 -48.42 65.34
C LEU A 519 54.01 -48.67 66.47
N GLU A 520 54.50 -48.61 67.71
CA GLU A 520 53.65 -48.87 68.87
C GLU A 520 52.76 -47.72 69.32
N PHE A 521 53.15 -46.48 69.03
CA PHE A 521 52.36 -45.34 69.46
C PHE A 521 52.65 -44.08 68.65
N VAL A 522 51.58 -43.41 68.22
CA VAL A 522 51.70 -42.18 67.44
C VAL A 522 50.88 -41.07 68.08
N VAL A 523 51.53 -39.99 68.49
CA VAL A 523 50.85 -38.86 69.09
C VAL A 523 50.95 -37.71 68.11
N SER A 524 49.88 -36.93 67.99
CA SER A 524 49.87 -35.79 67.09
C SER A 524 49.53 -34.52 67.85
N GLN A 525 50.48 -33.61 67.91
CA GLN A 525 50.30 -32.33 68.58
C GLN A 525 50.16 -31.31 67.44
N SER A 526 48.91 -30.96 67.13
CA SER A 526 48.65 -30.04 66.02
C SER A 526 47.51 -29.05 66.27
N ILE A 527 47.26 -28.20 65.27
CA ILE A 527 46.23 -27.20 65.36
C ILE A 527 44.95 -27.62 64.62
N TRP A 528 45.11 -28.07 63.39
CA TRP A 528 43.97 -28.48 62.57
C TRP A 528 43.91 -29.99 62.30
N PHE A 529 42.68 -30.50 62.24
CA PHE A 529 42.46 -31.92 61.97
C PHE A 529 42.52 -32.07 60.45
N GLU A 530 43.72 -32.34 59.94
CA GLU A 530 43.92 -32.48 58.49
C GLU A 530 45.18 -33.29 58.19
N GLY A 531 45.43 -33.51 56.91
CA GLY A 531 46.61 -34.24 56.49
C GLY A 531 46.90 -35.56 57.17
N GLU A 532 48.01 -35.59 57.92
CA GLU A 532 48.47 -36.78 58.64
C GLU A 532 47.83 -37.01 60.00
N VAL A 533 47.18 -36.00 60.54
CA VAL A 533 46.57 -36.12 61.86
C VAL A 533 45.63 -37.32 62.06
N PRO A 534 44.80 -37.65 61.05
CA PRO A 534 43.89 -38.79 61.24
C PRO A 534 44.54 -40.19 61.25
N PHE A 535 45.85 -40.25 61.51
CA PHE A 535 46.56 -41.54 61.59
C PHE A 535 47.06 -41.78 63.02
N ALA A 536 47.00 -40.74 63.85
CA ALA A 536 47.48 -40.82 65.22
C ALA A 536 46.58 -41.62 66.16
N ASP A 537 47.14 -41.98 67.31
CA ASP A 537 46.42 -42.72 68.34
C ASP A 537 45.85 -41.71 69.32
N ILE A 538 46.64 -40.66 69.58
CA ILE A 538 46.26 -39.58 70.48
C ILE A 538 46.52 -38.24 69.76
N ILE A 539 45.55 -37.33 69.85
CA ILE A 539 45.67 -36.02 69.21
C ILE A 539 45.52 -34.91 70.28
N LEU A 540 46.47 -33.99 70.31
CA LEU A 540 46.45 -32.88 71.29
C LEU A 540 46.30 -31.55 70.55
N PRO A 541 45.28 -30.77 70.90
CA PRO A 541 44.99 -29.47 70.28
C PRO A 541 45.87 -28.31 70.70
N ALA A 542 46.61 -27.76 69.74
CA ALA A 542 47.46 -26.61 69.99
C ALA A 542 46.69 -25.41 69.42
N CYS A 543 47.05 -24.19 69.83
CA CYS A 543 46.37 -22.99 69.36
C CYS A 543 47.25 -22.13 68.46
N THR A 544 46.64 -21.23 67.69
CA THR A 544 47.40 -20.35 66.81
C THR A 544 48.09 -19.28 67.66
N ASN A 545 48.98 -18.51 67.04
CA ASN A 545 49.69 -17.46 67.76
C ASN A 545 48.79 -16.28 68.16
N PHE A 546 47.55 -16.29 67.70
CA PHE A 546 46.63 -15.21 68.05
C PHE A 546 45.94 -15.48 69.40
N GLU A 547 46.17 -16.68 69.93
CA GLU A 547 45.56 -17.10 71.18
C GLU A 547 46.57 -17.29 72.32
N ARG A 548 47.76 -16.74 72.14
CA ARG A 548 48.82 -16.83 73.14
C ARG A 548 49.76 -15.63 73.03
N TRP A 549 50.55 -15.37 74.06
CA TRP A 549 51.49 -14.24 74.06
C TRP A 549 52.85 -14.59 73.47
N ASP A 550 53.33 -13.75 72.55
CA ASP A 550 54.63 -13.99 71.95
C ASP A 550 55.25 -12.67 71.50
N ILE A 551 56.38 -12.75 70.80
CA ILE A 551 57.08 -11.57 70.33
C ILE A 551 57.88 -11.93 69.08
N SER A 552 58.03 -10.97 68.15
CA SER A 552 58.75 -11.26 66.93
C SER A 552 59.05 -10.03 66.08
N GLU A 553 59.84 -10.23 65.04
CA GLU A 553 60.20 -9.17 64.11
C GLU A 553 59.76 -9.57 62.71
N PHE A 554 59.24 -8.60 61.97
CA PHE A 554 58.76 -8.80 60.61
C PHE A 554 59.74 -9.63 59.77
N ALA A 555 59.31 -10.84 59.41
CA ALA A 555 60.09 -11.76 58.58
C ALA A 555 61.48 -12.15 59.09
N ASN A 556 61.75 -11.95 60.37
CA ASN A 556 63.08 -12.28 60.87
C ASN A 556 63.29 -13.75 61.25
N CYS A 557 63.96 -14.48 60.35
CA CYS A 557 64.31 -15.89 60.53
C CYS A 557 65.72 -15.93 61.13
N SER A 558 66.63 -15.23 60.47
CA SER A 558 68.04 -15.17 60.88
C SER A 558 68.67 -16.55 60.71
N GLY A 559 69.60 -16.90 61.60
CA GLY A 559 70.25 -18.19 61.52
C GLY A 559 70.85 -18.47 60.16
N TYR A 560 70.26 -19.40 59.42
CA TYR A 560 70.77 -19.74 58.10
C TYR A 560 70.44 -18.70 57.05
N ILE A 561 69.83 -17.61 57.49
CA ILE A 561 69.52 -16.48 56.61
C ILE A 561 69.76 -15.24 57.47
N PRO A 562 71.03 -14.99 57.83
CA PRO A 562 71.42 -13.84 58.66
C PRO A 562 70.82 -12.51 58.16
N ASP A 563 70.23 -11.76 59.08
CA ASP A 563 69.62 -10.46 58.76
C ASP A 563 68.65 -10.46 57.57
N ASN A 564 67.79 -11.47 57.50
CA ASN A 564 66.84 -11.54 56.38
C ASN A 564 65.66 -10.59 56.55
N TYR A 565 65.69 -9.78 57.62
CA TYR A 565 64.63 -8.79 57.85
C TYR A 565 64.78 -7.71 56.78
N GLN A 566 65.90 -7.74 56.07
CA GLN A 566 66.17 -6.78 55.01
C GLN A 566 65.27 -7.04 53.80
N LEU A 567 64.31 -7.93 53.99
CA LEU A 567 63.34 -8.25 52.94
C LEU A 567 62.23 -7.22 52.98
N CYS A 568 62.08 -6.59 54.15
CA CYS A 568 61.04 -5.60 54.39
C CYS A 568 61.50 -4.15 54.15
N ASN A 569 60.54 -3.24 54.09
CA ASN A 569 60.86 -1.83 53.88
C ASN A 569 61.24 -1.18 55.21
N HIS A 570 60.89 -1.84 56.31
CA HIS A 570 61.22 -1.35 57.65
C HIS A 570 61.39 -2.55 58.59
N ARG A 571 62.16 -2.37 59.65
CA ARG A 571 62.33 -3.42 60.63
C ARG A 571 61.20 -3.16 61.62
N VAL A 572 60.24 -4.07 61.66
CA VAL A 572 59.10 -3.92 62.57
C VAL A 572 59.10 -5.00 63.63
N ILE A 573 59.29 -4.57 64.87
CA ILE A 573 59.30 -5.48 66.00
C ILE A 573 57.97 -5.33 66.71
N SER A 574 57.21 -6.40 66.80
CA SER A 574 55.92 -6.28 67.45
C SER A 574 55.62 -7.28 68.55
N LEU A 575 54.72 -6.87 69.43
CA LEU A 575 54.28 -7.71 70.51
C LEU A 575 53.13 -8.54 69.94
N GLN A 576 53.22 -9.86 70.04
CA GLN A 576 52.14 -10.68 69.54
C GLN A 576 51.18 -10.89 70.69
N ALA A 577 50.24 -9.97 70.81
CA ALA A 577 49.25 -9.98 71.88
C ALA A 577 48.29 -11.13 71.81
N LYS A 578 47.96 -11.69 72.97
CA LYS A 578 46.99 -12.76 73.03
C LYS A 578 45.68 -12.04 72.74
N CYS A 579 45.21 -12.13 71.50
CA CYS A 579 43.98 -11.45 71.10
C CYS A 579 42.70 -12.08 71.62
N ILE A 580 42.68 -13.40 71.74
CA ILE A 580 41.51 -14.11 72.23
C ILE A 580 41.93 -15.33 73.01
N GLU A 581 41.00 -15.87 73.80
CA GLU A 581 41.28 -17.06 74.58
C GLU A 581 41.40 -18.21 73.58
N PRO A 582 42.20 -19.24 73.91
CA PRO A 582 42.35 -20.37 73.00
C PRO A 582 41.00 -20.90 72.54
N VAL A 583 40.92 -21.30 71.28
CA VAL A 583 39.67 -21.81 70.71
C VAL A 583 39.40 -23.26 71.15
N GLY A 584 38.17 -23.52 71.56
CA GLY A 584 37.80 -24.85 72.00
C GLY A 584 38.62 -25.25 73.21
N GLU A 585 39.11 -26.49 73.22
CA GLU A 585 39.93 -26.96 74.34
C GLU A 585 41.42 -26.97 74.05
N SER A 586 41.84 -26.20 73.05
CA SER A 586 43.26 -26.15 72.72
C SER A 586 44.04 -25.27 73.70
N MET A 587 45.36 -25.40 73.66
CA MET A 587 46.22 -24.58 74.50
C MET A 587 47.52 -24.36 73.76
N SER A 588 48.33 -23.42 74.21
CA SER A 588 49.59 -23.14 73.54
C SER A 588 50.51 -24.35 73.68
N ASP A 589 51.41 -24.50 72.71
CA ASP A 589 52.36 -25.61 72.74
C ASP A 589 53.14 -25.58 74.05
N TYR A 590 53.55 -24.40 74.48
CA TYR A 590 54.31 -24.26 75.72
C TYR A 590 53.52 -24.78 76.93
N GLU A 591 52.23 -24.48 76.98
CA GLU A 591 51.41 -24.96 78.08
C GLU A 591 51.25 -26.48 78.02
N ILE A 592 51.17 -27.01 76.81
CA ILE A 592 51.04 -28.45 76.63
C ILE A 592 52.30 -29.09 77.21
N TYR A 593 53.45 -28.57 76.79
CA TYR A 593 54.73 -29.08 77.25
C TYR A 593 54.93 -28.88 78.75
N ARG A 594 54.40 -27.79 79.27
CA ARG A 594 54.52 -27.51 80.70
C ARG A 594 53.75 -28.58 81.47
N LEU A 595 52.60 -28.97 80.91
CA LEU A 595 51.76 -29.98 81.54
C LEU A 595 52.52 -31.31 81.53
N PHE A 596 53.18 -31.61 80.41
CA PHE A 596 53.95 -32.84 80.30
C PHE A 596 55.14 -32.77 81.25
N ALA A 597 55.80 -31.63 81.31
CA ALA A 597 56.95 -31.45 82.19
C ALA A 597 56.55 -31.77 83.62
N LYS A 598 55.37 -31.30 84.02
CA LYS A 598 54.86 -31.53 85.37
C LYS A 598 54.67 -33.01 85.65
N LYS A 599 54.13 -33.74 84.68
CA LYS A 599 53.88 -35.17 84.83
C LYS A 599 55.14 -36.01 84.64
N LEU A 600 56.17 -35.40 84.07
CA LEU A 600 57.43 -36.09 83.84
C LEU A 600 58.40 -35.72 84.96
N ASN A 601 57.90 -34.96 85.93
CA ASN A 601 58.64 -34.52 87.09
C ASN A 601 59.83 -33.62 86.75
N ILE A 602 59.69 -32.81 85.71
CA ILE A 602 60.75 -31.89 85.29
C ILE A 602 60.21 -30.48 85.05
N GLU A 603 59.09 -30.16 85.70
CA GLU A 603 58.46 -28.84 85.52
C GLU A 603 59.38 -27.66 85.80
N GLU A 604 60.00 -27.64 86.98
CA GLU A 604 60.91 -26.57 87.36
C GLU A 604 61.99 -26.34 86.29
N MET A 605 62.66 -27.42 85.89
CA MET A 605 63.72 -27.34 84.88
C MET A 605 63.22 -26.82 83.55
N PHE A 606 62.05 -27.29 83.13
CA PHE A 606 61.50 -26.85 81.87
C PHE A 606 61.03 -25.40 81.85
N SER A 607 60.12 -25.07 82.75
CA SER A 607 59.54 -23.72 82.82
C SER A 607 60.32 -22.67 83.60
N GLU A 608 61.13 -23.09 84.56
CA GLU A 608 61.88 -22.15 85.40
C GLU A 608 60.88 -21.19 86.05
N GLY A 609 59.65 -21.68 86.22
CA GLY A 609 58.59 -20.91 86.84
C GLY A 609 58.03 -19.78 86.01
N LYS A 610 58.33 -19.77 84.71
CA LYS A 610 57.87 -18.72 83.82
C LYS A 610 56.75 -19.14 82.88
N ASP A 611 55.82 -18.23 82.61
CA ASP A 611 54.77 -18.51 81.65
C ASP A 611 55.27 -17.86 80.36
N GLU A 612 54.49 -17.98 79.29
CA GLU A 612 54.90 -17.42 78.00
C GLU A 612 55.26 -15.93 78.05
N LEU A 613 54.45 -15.14 78.73
CA LEU A 613 54.69 -13.72 78.83
C LEU A 613 55.99 -13.45 79.61
N ALA A 614 56.27 -14.26 80.62
CA ALA A 614 57.48 -14.11 81.41
C ALA A 614 58.69 -14.33 80.51
N TRP A 615 58.65 -15.40 79.72
CA TRP A 615 59.74 -15.70 78.80
C TRP A 615 59.89 -14.58 77.77
N CYS A 616 58.79 -13.94 77.41
CA CYS A 616 58.82 -12.85 76.43
C CYS A 616 59.61 -11.65 76.93
N GLU A 617 59.39 -11.29 78.20
CA GLU A 617 60.10 -10.15 78.79
C GLU A 617 61.60 -10.44 78.86
N GLN A 618 61.95 -11.66 79.26
CA GLN A 618 63.36 -12.05 79.36
C GLN A 618 63.97 -12.03 77.95
N TYR A 619 63.19 -12.47 76.96
CA TYR A 619 63.61 -12.50 75.57
C TYR A 619 63.88 -11.06 75.14
N PHE A 620 62.93 -10.18 75.46
CA PHE A 620 63.02 -8.77 75.12
C PHE A 620 64.32 -8.15 75.64
N ASN A 621 64.62 -8.39 76.92
CA ASN A 621 65.83 -7.83 77.53
C ASN A 621 67.14 -8.37 76.96
N ALA A 622 67.09 -9.45 76.19
CA ALA A 622 68.29 -10.04 75.60
C ALA A 622 68.55 -9.51 74.19
N THR A 623 67.82 -8.47 73.81
CA THR A 623 67.98 -7.87 72.48
C THR A 623 68.44 -6.45 72.67
N ASP A 624 68.46 -5.67 71.59
CA ASP A 624 68.88 -4.27 71.69
C ASP A 624 67.70 -3.35 71.98
N MET A 625 66.48 -3.91 72.01
CA MET A 625 65.30 -3.11 72.27
C MET A 625 65.40 -2.21 73.50
N PRO A 626 65.95 -2.73 74.61
CA PRO A 626 66.06 -1.89 75.81
C PRO A 626 66.76 -0.55 75.56
N LYS A 627 67.54 -0.48 74.48
CA LYS A 627 68.21 0.77 74.15
C LYS A 627 67.21 1.85 73.77
N TYR A 628 66.04 1.42 73.30
CA TYR A 628 65.01 2.36 72.87
C TYR A 628 63.80 2.41 73.77
N MET A 629 63.45 1.29 74.40
CA MET A 629 62.31 1.29 75.29
C MET A 629 62.25 0.09 76.23
N THR A 630 61.64 0.30 77.38
CA THR A 630 61.50 -0.76 78.38
C THR A 630 60.45 -1.74 77.94
N TRP A 631 60.38 -2.87 78.62
CA TRP A 631 59.40 -3.89 78.31
C TRP A 631 57.99 -3.29 78.44
N ASP A 632 57.73 -2.65 79.56
CA ASP A 632 56.41 -2.05 79.79
C ASP A 632 55.99 -1.10 78.67
N GLU A 633 56.88 -0.19 78.29
CA GLU A 633 56.58 0.76 77.22
C GLU A 633 56.31 0.01 75.92
N PHE A 634 57.12 -1.02 75.65
CA PHE A 634 56.95 -1.80 74.44
C PHE A 634 55.64 -2.58 74.47
N PHE A 635 55.37 -3.23 75.59
CA PHE A 635 54.14 -4.02 75.74
C PHE A 635 52.92 -3.14 75.47
N LYS A 636 52.99 -1.90 75.93
CA LYS A 636 51.92 -0.93 75.77
C LYS A 636 51.77 -0.47 74.32
N LYS A 637 52.88 -0.06 73.71
CA LYS A 637 52.82 0.41 72.32
C LYS A 637 52.40 -0.72 71.39
N GLY A 638 52.95 -1.91 71.61
CA GLY A 638 52.59 -3.05 70.77
C GLY A 638 53.52 -3.35 69.61
N TYR A 639 54.20 -2.32 69.10
CA TYR A 639 55.12 -2.52 67.99
C TYR A 639 56.14 -1.40 67.97
N PHE A 640 57.29 -1.66 67.35
CA PHE A 640 58.35 -0.66 67.27
C PHE A 640 58.99 -0.66 65.90
N VAL A 641 59.12 0.54 65.32
CA VAL A 641 59.74 0.70 64.02
C VAL A 641 61.20 1.10 64.28
N VAL A 642 62.12 0.19 64.02
CA VAL A 642 63.53 0.49 64.23
C VAL A 642 63.95 1.69 63.41
N PRO A 643 64.62 2.67 64.04
CA PRO A 643 65.06 3.87 63.34
C PRO A 643 66.07 3.54 62.26
N ASP A 644 66.14 4.41 61.25
CA ASP A 644 67.08 4.27 60.14
C ASP A 644 68.49 4.58 60.66
N ASN A 645 69.51 4.05 60.00
CA ASN A 645 70.91 4.31 60.37
C ASN A 645 71.54 4.93 59.12
N PRO A 646 71.26 6.22 58.86
CA PRO A 646 71.75 6.97 57.72
C PRO A 646 73.26 7.00 57.50
N ASN A 647 74.01 7.17 58.58
CA ASN A 647 75.47 7.28 58.48
C ASN A 647 76.33 6.02 58.38
N ARG A 648 75.75 4.83 58.49
CA ARG A 648 76.59 3.65 58.41
C ARG A 648 77.13 3.51 56.99
N LYS A 649 78.34 2.97 56.88
CA LYS A 649 78.95 2.79 55.57
C LYS A 649 78.28 1.59 54.91
N LYS A 650 78.08 1.68 53.60
CA LYS A 650 77.45 0.60 52.88
C LYS A 650 78.46 -0.46 52.49
N THR A 651 78.08 -1.72 52.64
CA THR A 651 78.93 -2.84 52.28
C THR A 651 78.12 -3.77 51.39
N VAL A 652 78.22 -3.56 50.08
CA VAL A 652 77.47 -4.38 49.14
C VAL A 652 77.93 -5.83 49.11
N ALA A 653 76.97 -6.74 49.05
CA ALA A 653 77.21 -8.17 49.02
C ALA A 653 78.26 -8.56 47.99
N LEU A 654 79.23 -9.35 48.44
CA LEU A 654 80.31 -9.85 47.59
C LEU A 654 81.27 -8.83 46.94
N ARG A 655 81.11 -7.55 47.23
CA ARG A 655 82.01 -6.58 46.62
C ARG A 655 83.43 -6.82 47.16
N TRP A 656 83.52 -7.14 48.44
CA TRP A 656 84.81 -7.41 49.06
C TRP A 656 85.52 -8.55 48.34
N PHE A 657 84.75 -9.55 47.93
CA PHE A 657 85.29 -10.71 47.21
C PHE A 657 85.66 -10.30 45.79
N ALA A 658 84.79 -9.51 45.17
CA ALA A 658 85.05 -9.04 43.81
C ALA A 658 86.36 -8.28 43.79
N GLU A 659 86.57 -7.46 44.82
CA GLU A 659 87.76 -6.63 44.91
C GLU A 659 88.97 -7.26 45.61
N GLY A 660 88.88 -8.57 45.89
CA GLY A 660 89.97 -9.28 46.52
C GLY A 660 90.45 -8.75 47.86
N ARG A 661 89.54 -8.18 48.66
CA ARG A 661 89.92 -7.65 49.96
C ARG A 661 89.17 -8.35 51.09
N GLU A 662 89.45 -7.96 52.33
CA GLU A 662 88.80 -8.58 53.49
C GLU A 662 87.29 -8.45 53.56
N LYS A 663 86.63 -9.53 53.97
CA LYS A 663 85.18 -9.58 54.11
C LYS A 663 84.80 -8.42 55.03
N ASP A 664 83.85 -7.60 54.59
CA ASP A 664 83.45 -6.42 55.35
C ASP A 664 81.97 -6.25 55.62
N THR A 665 81.16 -7.21 55.18
CA THR A 665 79.72 -7.15 55.41
C THR A 665 79.41 -7.70 56.78
N PRO A 666 78.12 -7.68 57.19
CA PRO A 666 77.76 -8.21 58.50
C PRO A 666 77.48 -9.72 58.45
N ASP A 667 77.83 -10.36 57.34
CA ASP A 667 77.58 -11.79 57.19
C ASP A 667 78.18 -12.64 58.30
N TRP A 668 77.55 -13.78 58.56
CA TRP A 668 78.01 -14.69 59.62
C TRP A 668 79.12 -15.64 59.17
N GLY A 669 79.72 -15.35 58.01
CA GLY A 669 80.80 -16.18 57.51
C GLY A 669 81.48 -15.47 56.36
N PRO A 670 82.57 -16.05 55.82
CA PRO A 670 83.14 -17.32 56.25
C PRO A 670 83.86 -17.21 57.58
N ARG A 671 83.96 -18.32 58.30
CA ARG A 671 84.65 -18.32 59.58
C ARG A 671 86.12 -18.02 59.32
N LEU A 672 86.76 -17.33 60.26
CA LEU A 672 88.15 -16.95 60.11
C LEU A 672 89.08 -18.07 59.65
N ASN A 673 88.87 -19.28 60.14
CA ASN A 673 89.72 -20.42 59.78
C ASN A 673 89.52 -20.92 58.36
N ASN A 674 88.43 -20.50 57.71
CA ASN A 674 88.16 -20.92 56.34
C ASN A 674 88.66 -19.85 55.35
N GLN A 675 89.47 -18.93 55.85
CA GLN A 675 90.03 -17.89 55.00
C GLN A 675 91.49 -17.65 55.35
N VAL A 676 92.21 -17.10 54.38
CA VAL A 676 93.61 -16.75 54.61
C VAL A 676 93.56 -15.25 54.78
N CYS A 677 93.88 -14.78 55.99
CA CYS A 677 93.89 -13.35 56.30
C CYS A 677 92.52 -12.70 56.01
N ARG A 678 91.48 -13.48 56.28
CA ARG A 678 90.07 -13.13 56.08
C ARG A 678 89.70 -12.55 54.73
N LYS A 679 90.25 -13.14 53.69
CA LYS A 679 89.96 -12.76 52.32
C LYS A 679 89.49 -14.03 51.64
N GLY A 680 88.73 -13.90 50.57
CA GLY A 680 88.26 -15.06 49.85
C GLY A 680 87.07 -15.81 50.41
N LEU A 681 86.50 -16.66 49.57
CA LEU A 681 85.36 -17.47 49.97
C LEU A 681 85.80 -18.55 50.95
N GLN A 682 84.81 -19.25 51.50
CA GLN A 682 85.03 -20.34 52.44
C GLN A 682 85.71 -21.54 51.77
N THR A 683 85.69 -21.56 50.44
CA THR A 683 86.31 -22.65 49.72
C THR A 683 87.82 -22.69 50.00
N THR A 684 88.41 -23.87 49.81
CA THR A 684 89.84 -24.07 50.04
C THR A 684 90.70 -23.02 49.33
N THR A 685 90.47 -22.84 48.04
CA THR A 685 91.25 -21.87 47.27
C THR A 685 90.82 -20.43 47.54
N GLY A 686 89.61 -20.27 48.07
CA GLY A 686 89.10 -18.95 48.35
C GLY A 686 88.46 -18.35 47.11
N LYS A 687 88.35 -19.17 46.07
CA LYS A 687 87.76 -18.72 44.81
C LYS A 687 86.52 -19.53 44.46
N VAL A 688 85.91 -19.18 43.33
CA VAL A 688 84.74 -19.90 42.86
C VAL A 688 85.34 -21.13 42.18
N GLU A 689 85.03 -22.31 42.71
CA GLU A 689 85.59 -23.53 42.17
C GLU A 689 84.67 -24.25 41.19
N PHE A 690 84.97 -24.10 39.90
CA PHE A 690 84.18 -24.75 38.85
C PHE A 690 84.40 -26.25 38.93
N ILE A 691 85.54 -26.62 39.51
CA ILE A 691 85.92 -28.00 39.76
C ILE A 691 86.09 -27.92 41.28
N ALA A 692 85.06 -28.32 42.01
CA ALA A 692 85.08 -28.25 43.46
C ALA A 692 86.10 -29.17 44.11
N THR A 693 87.05 -28.57 44.82
CA THR A 693 88.09 -29.35 45.49
C THR A 693 87.48 -30.29 46.55
N SER A 694 86.47 -29.82 47.27
CA SER A 694 85.86 -30.67 48.29
C SER A 694 85.27 -31.95 47.68
N LEU A 695 84.52 -31.82 46.58
CA LEU A 695 83.92 -32.98 45.92
C LEU A 695 84.98 -33.85 45.26
N LYS A 696 86.03 -33.22 44.74
CA LYS A 696 87.09 -33.98 44.10
C LYS A 696 87.74 -34.89 45.15
N ASN A 697 87.82 -34.39 46.39
CA ASN A 697 88.38 -35.17 47.48
C ASN A 697 87.43 -36.32 47.80
N PHE A 698 86.15 -35.99 47.88
CA PHE A 698 85.11 -36.98 48.17
C PHE A 698 85.17 -38.12 47.16
N GLU A 699 85.19 -37.79 45.87
CA GLU A 699 85.23 -38.82 44.85
C GLU A 699 86.55 -39.60 44.83
N GLU A 700 87.65 -38.94 45.20
CA GLU A 700 88.94 -39.61 45.22
C GLU A 700 89.03 -40.54 46.42
N GLN A 701 88.20 -40.27 47.42
CA GLN A 701 88.17 -41.10 48.63
C GLN A 701 87.33 -42.35 48.37
N GLY A 702 86.75 -42.43 47.18
CA GLY A 702 85.95 -43.59 46.83
C GLY A 702 84.45 -43.42 46.76
N TYR A 703 83.95 -42.22 47.04
CA TYR A 703 82.51 -42.00 46.98
C TYR A 703 82.10 -41.54 45.59
N ILE A 704 82.02 -42.50 44.67
CA ILE A 704 81.66 -42.23 43.29
C ILE A 704 80.18 -41.85 43.15
N ASP A 705 79.93 -40.66 42.61
CA ASP A 705 78.57 -40.15 42.44
C ASP A 705 78.41 -39.43 41.11
N GLU A 706 78.00 -40.18 40.10
CA GLU A 706 77.81 -39.69 38.74
C GLU A 706 76.91 -38.45 38.63
N HIS A 707 75.91 -38.32 39.50
CA HIS A 707 75.01 -37.18 39.42
C HIS A 707 75.43 -35.97 40.24
N ARG A 708 76.67 -35.97 40.67
CA ARG A 708 77.21 -34.86 41.44
C ARG A 708 78.71 -34.81 41.18
N PRO A 709 79.11 -34.58 39.91
CA PRO A 709 80.52 -34.52 39.53
C PRO A 709 81.19 -33.30 40.15
N SER A 710 82.49 -33.39 40.42
CA SER A 710 83.21 -32.29 41.01
C SER A 710 83.19 -31.08 40.09
N MET A 711 83.15 -31.33 38.79
CA MET A 711 83.10 -30.24 37.82
C MET A 711 81.67 -29.98 37.34
N HIS A 712 81.25 -28.72 37.43
CA HIS A 712 79.93 -28.33 36.99
C HIS A 712 79.83 -28.65 35.49
N THR A 713 79.01 -29.64 35.16
CA THR A 713 78.82 -30.08 33.77
C THR A 713 77.34 -30.28 33.48
N TYR A 714 77.01 -30.64 32.25
CA TYR A 714 75.61 -30.86 31.93
C TYR A 714 75.18 -32.27 32.26
N VAL A 715 74.83 -32.51 33.52
CA VAL A 715 74.37 -33.82 33.92
C VAL A 715 72.89 -33.86 33.56
N PRO A 716 72.50 -34.72 32.61
CA PRO A 716 71.08 -34.78 32.23
C PRO A 716 70.21 -35.07 33.44
N ALA A 717 69.13 -34.30 33.62
CA ALA A 717 68.24 -34.50 34.77
C ALA A 717 67.66 -35.93 34.74
N TRP A 718 67.85 -36.69 35.81
CA TRP A 718 67.36 -38.07 35.80
C TRP A 718 65.84 -38.23 35.69
N GLU A 719 65.09 -37.15 35.90
CA GLU A 719 63.64 -37.21 35.72
C GLU A 719 63.21 -36.02 34.85
N SER A 720 63.53 -36.13 33.56
CA SER A 720 63.19 -35.11 32.58
C SER A 720 62.49 -35.83 31.45
N GLN A 721 61.98 -35.08 30.48
CA GLN A 721 61.26 -35.68 29.37
C GLN A 721 62.10 -36.43 28.36
N LYS A 722 63.30 -35.97 28.07
CA LYS A 722 64.09 -36.69 27.08
C LYS A 722 65.18 -37.59 27.64
N HIS A 723 65.36 -37.62 28.96
CA HIS A 723 66.41 -38.47 29.52
C HIS A 723 65.93 -39.62 30.42
N SER A 724 64.64 -39.68 30.71
CA SER A 724 64.10 -40.74 31.55
C SER A 724 63.18 -41.69 30.81
N PRO A 725 63.35 -43.02 31.00
CA PRO A 725 62.52 -44.03 30.34
C PRO A 725 61.05 -43.84 30.69
N LEU A 726 60.80 -43.23 31.84
CA LEU A 726 59.44 -42.96 32.32
C LEU A 726 58.64 -42.06 31.40
N ALA A 727 59.32 -41.20 30.65
CA ALA A 727 58.64 -40.28 29.74
C ALA A 727 57.77 -41.00 28.70
N VAL A 728 58.01 -42.29 28.50
CA VAL A 728 57.20 -43.01 27.53
C VAL A 728 55.77 -43.11 28.04
N LYS A 729 55.62 -43.47 29.31
CA LYS A 729 54.29 -43.58 29.91
C LYS A 729 53.77 -42.22 30.36
N TYR A 730 54.68 -41.41 30.90
CA TYR A 730 54.33 -40.10 31.45
C TYR A 730 55.13 -39.01 30.74
N PRO A 731 54.63 -38.56 29.58
CA PRO A 731 55.21 -37.53 28.71
C PRO A 731 55.19 -36.08 29.19
N LEU A 732 54.32 -35.77 30.13
CA LEU A 732 54.19 -34.41 30.64
C LEU A 732 55.15 -34.07 31.77
N GLY A 733 55.79 -32.92 31.65
CA GLY A 733 56.72 -32.46 32.67
C GLY A 733 56.02 -31.58 33.67
N MET A 734 56.01 -32.01 34.93
CA MET A 734 55.33 -31.26 35.97
C MET A 734 56.26 -30.62 36.99
N LEU A 735 56.00 -29.36 37.30
CA LEU A 735 56.75 -28.64 38.32
C LEU A 735 55.68 -28.27 39.34
N SER A 736 56.02 -28.28 40.62
CA SER A 736 55.05 -27.97 41.67
C SER A 736 55.62 -27.06 42.75
N PRO A 737 55.73 -25.76 42.43
CA PRO A 737 56.25 -24.68 43.28
C PRO A 737 55.39 -24.44 44.52
N HIS A 738 55.73 -23.42 45.30
CA HIS A 738 54.99 -23.13 46.52
C HIS A 738 53.65 -22.45 46.22
N PRO A 739 52.60 -22.81 46.97
CA PRO A 739 51.25 -22.25 46.77
C PRO A 739 51.19 -20.73 46.86
N ARG A 740 50.52 -20.13 45.88
CA ARG A 740 50.35 -18.70 45.80
C ARG A 740 49.49 -18.15 46.95
N PHE A 741 48.42 -18.86 47.26
CA PHE A 741 47.51 -18.40 48.30
C PHE A 741 47.58 -19.07 49.66
N SER A 742 48.74 -19.61 50.00
CA SER A 742 48.90 -20.28 51.30
C SER A 742 50.38 -20.39 51.68
N MET A 743 50.68 -20.32 52.98
CA MET A 743 52.08 -20.47 53.42
C MET A 743 52.17 -21.98 53.57
N HIS A 744 52.51 -22.65 52.48
CA HIS A 744 52.55 -24.10 52.44
C HIS A 744 51.19 -24.61 52.88
N THR A 745 51.11 -25.54 53.83
CA THR A 745 49.80 -26.05 54.23
C THR A 745 48.98 -25.08 55.07
N MET A 746 49.63 -24.04 55.60
CA MET A 746 48.94 -23.08 56.45
C MET A 746 48.21 -21.98 55.68
N GLY A 747 47.01 -22.32 55.21
CA GLY A 747 46.20 -21.40 54.44
C GLY A 747 45.16 -22.19 53.68
N ASP A 748 45.62 -23.19 52.95
CA ASP A 748 44.75 -24.04 52.18
C ASP A 748 43.85 -24.85 53.11
N GLY A 749 42.78 -25.42 52.56
CA GLY A 749 41.85 -26.22 53.34
C GLY A 749 41.33 -25.51 54.57
N LYS A 750 41.08 -26.30 55.62
CA LYS A 750 40.58 -25.78 56.89
C LYS A 750 39.28 -24.99 56.74
N ASN A 751 38.65 -25.12 55.57
CA ASN A 751 37.42 -24.40 55.30
C ASN A 751 37.69 -22.89 55.43
N SER A 752 38.92 -22.49 55.11
CA SER A 752 39.32 -21.08 55.18
C SER A 752 38.79 -20.28 54.00
N TYR A 753 38.86 -18.95 54.10
CA TYR A 753 38.38 -18.09 53.03
C TYR A 753 39.23 -18.25 51.76
N MET A 754 40.49 -18.63 51.94
CA MET A 754 41.38 -18.80 50.80
C MET A 754 40.89 -19.81 49.78
N ASN A 755 40.05 -20.74 50.23
CA ASN A 755 39.52 -21.76 49.33
C ASN A 755 38.53 -21.21 48.31
N TYR A 756 38.06 -19.98 48.52
CA TYR A 756 37.11 -19.39 47.59
C TYR A 756 37.81 -18.57 46.50
N ILE A 757 39.13 -18.45 46.61
CA ILE A 757 39.90 -17.71 45.62
C ILE A 757 39.86 -18.48 44.31
N LYS A 758 39.54 -17.78 43.23
CA LYS A 758 39.42 -18.40 41.91
C LYS A 758 40.62 -19.24 41.46
N ASP A 759 41.82 -18.74 41.68
CA ASP A 759 43.03 -19.45 41.25
C ASP A 759 43.68 -20.32 42.32
N HIS A 760 42.91 -20.68 43.34
CA HIS A 760 43.43 -21.55 44.40
C HIS A 760 42.75 -22.91 44.33
N ARG A 761 41.42 -22.92 44.37
CA ARG A 761 40.65 -24.16 44.28
C ARG A 761 39.39 -23.90 43.46
N VAL A 762 38.95 -24.91 42.73
CA VAL A 762 37.76 -24.81 41.89
C VAL A 762 36.66 -25.75 42.38
N GLU A 763 35.51 -25.18 42.73
CA GLU A 763 34.41 -26.00 43.22
C GLU A 763 33.75 -26.75 42.07
N VAL A 764 33.56 -28.04 42.26
CA VAL A 764 32.92 -28.88 41.27
C VAL A 764 31.99 -29.81 42.00
N ASP A 765 30.69 -29.62 41.79
CA ASP A 765 29.66 -30.41 42.42
C ASP A 765 29.81 -30.50 43.94
N GLY A 766 30.05 -29.34 44.56
CA GLY A 766 30.17 -29.29 46.01
C GLY A 766 31.55 -29.46 46.63
N TYR A 767 32.51 -29.96 45.86
CA TYR A 767 33.86 -30.16 46.38
C TYR A 767 34.84 -29.20 45.69
N LYS A 768 35.68 -28.54 46.48
CA LYS A 768 36.66 -27.61 45.93
C LYS A 768 37.96 -28.35 45.63
N TYR A 769 38.21 -28.58 44.35
CA TYR A 769 39.40 -29.30 43.92
C TYR A 769 40.65 -28.45 43.72
N TRP A 770 41.80 -29.08 43.93
CA TRP A 770 43.10 -28.43 43.75
C TRP A 770 43.26 -28.20 42.25
N ILE A 771 44.04 -27.20 41.88
CA ILE A 771 44.23 -26.86 40.47
C ILE A 771 45.52 -27.34 39.81
N MET A 772 45.40 -27.72 38.53
CA MET A 772 46.56 -28.11 37.73
C MET A 772 46.41 -27.34 36.44
N ARG A 773 47.44 -26.57 36.11
CA ARG A 773 47.45 -25.76 34.91
C ARG A 773 47.99 -26.57 33.74
N VAL A 774 47.25 -26.54 32.64
CA VAL A 774 47.61 -27.30 31.46
C VAL A 774 47.58 -26.42 30.22
N ASN A 775 48.59 -26.55 29.37
CA ASN A 775 48.65 -25.77 28.16
C ASN A 775 47.53 -26.25 27.23
N SER A 776 46.81 -25.29 26.65
CA SER A 776 45.69 -25.57 25.75
C SER A 776 45.92 -26.71 24.76
N ILE A 777 47.14 -26.79 24.20
CA ILE A 777 47.47 -27.83 23.25
C ILE A 777 47.44 -29.25 23.85
N ASP A 778 47.89 -29.39 25.09
CA ASP A 778 47.89 -30.70 25.75
C ASP A 778 46.50 -31.04 26.24
N ALA A 779 45.73 -30.02 26.61
CA ALA A 779 44.37 -30.23 27.09
C ALA A 779 43.54 -30.69 25.90
N GLU A 780 43.65 -29.95 24.81
CA GLU A 780 42.92 -30.23 23.58
C GLU A 780 43.18 -31.68 23.14
N ALA A 781 44.45 -32.07 23.16
CA ALA A 781 44.83 -33.42 22.75
C ALA A 781 44.23 -34.52 23.62
N ARG A 782 43.81 -34.18 24.83
CA ARG A 782 43.23 -35.17 25.74
C ARG A 782 41.74 -34.99 25.92
N GLY A 783 41.15 -34.07 25.16
CA GLY A 783 39.72 -33.83 25.27
C GLY A 783 39.38 -33.15 26.57
N ILE A 784 40.38 -32.46 27.15
CA ILE A 784 40.20 -31.77 28.42
C ILE A 784 39.84 -30.31 28.24
N LYS A 785 38.81 -29.87 28.98
CA LYS A 785 38.37 -28.49 28.93
C LYS A 785 38.51 -27.84 30.30
N ASN A 786 38.60 -26.52 30.29
CA ASN A 786 38.75 -25.75 31.51
C ASN A 786 37.66 -26.12 32.51
N GLY A 787 38.06 -26.47 33.73
CA GLY A 787 37.11 -26.83 34.76
C GLY A 787 36.85 -28.32 34.90
N ASP A 788 37.34 -29.11 33.95
CA ASP A 788 37.14 -30.56 34.02
C ASP A 788 37.96 -31.18 35.13
N LEU A 789 37.43 -32.26 35.71
CA LEU A 789 38.15 -32.98 36.76
C LEU A 789 39.08 -33.93 36.01
N ILE A 790 40.37 -33.85 36.32
CA ILE A 790 41.35 -34.69 35.66
C ILE A 790 42.10 -35.54 36.67
N ARG A 791 42.76 -36.57 36.16
CA ARG A 791 43.54 -37.47 36.98
C ARG A 791 45.00 -37.36 36.57
N ALA A 792 45.84 -36.88 37.49
CA ALA A 792 47.27 -36.77 37.22
C ALA A 792 47.85 -38.04 37.82
N TYR A 793 48.66 -38.77 37.07
CA TYR A 793 49.20 -40.02 37.59
C TYR A 793 50.51 -40.50 36.98
N ASN A 794 51.18 -41.38 37.73
CA ASN A 794 52.42 -42.03 37.32
C ASN A 794 52.55 -43.25 38.23
N ASP A 795 53.71 -43.90 38.23
CA ASP A 795 53.86 -45.10 39.06
C ASP A 795 53.66 -44.89 40.55
N ARG A 796 53.72 -43.65 41.01
CA ARG A 796 53.62 -43.34 42.43
C ARG A 796 52.22 -43.13 42.99
N GLY A 797 51.25 -42.88 42.12
CA GLY A 797 49.90 -42.67 42.60
C GLY A 797 49.02 -41.89 41.62
N SER A 798 47.86 -41.49 42.12
CA SER A 798 46.90 -40.72 41.34
C SER A 798 46.36 -39.60 42.21
N VAL A 799 46.10 -38.47 41.57
CA VAL A 799 45.55 -37.30 42.24
C VAL A 799 44.49 -36.69 41.33
N ILE A 800 43.30 -36.43 41.87
CA ILE A 800 42.22 -35.85 41.08
C ILE A 800 42.32 -34.33 41.20
N LEU A 801 42.26 -33.65 40.06
CA LEU A 801 42.42 -32.21 40.05
C LEU A 801 41.49 -31.49 39.09
N ALA A 802 41.30 -30.19 39.33
CA ALA A 802 40.46 -29.38 38.45
C ALA A 802 41.45 -28.81 37.45
N ALA A 803 41.14 -28.98 36.16
CA ALA A 803 42.01 -28.49 35.12
C ALA A 803 41.83 -26.99 34.81
N GLN A 804 42.94 -26.30 34.63
CA GLN A 804 42.93 -24.88 34.28
C GLN A 804 43.74 -24.78 33.00
N VAL A 805 43.05 -24.62 31.87
CA VAL A 805 43.70 -24.51 30.57
C VAL A 805 44.30 -23.11 30.47
N THR A 806 45.56 -23.04 30.08
CA THR A 806 46.26 -21.76 30.02
C THR A 806 47.33 -21.72 28.94
N GLU A 807 47.92 -20.54 28.75
CA GLU A 807 48.99 -20.36 27.77
C GLU A 807 50.28 -20.09 28.54
N CYS A 808 50.17 -20.07 29.87
CA CYS A 808 51.30 -19.78 30.73
C CYS A 808 52.27 -20.94 30.97
N LEU A 809 52.29 -21.90 30.05
CA LEU A 809 53.17 -23.06 30.15
C LEU A 809 53.53 -23.50 28.75
N GLN A 810 54.79 -23.89 28.53
CA GLN A 810 55.18 -24.38 27.21
C GLN A 810 54.46 -25.71 27.03
N PRO A 811 53.95 -25.97 25.82
CA PRO A 811 53.25 -27.25 25.62
C PRO A 811 54.13 -28.40 26.13
N GLY A 812 53.51 -29.37 26.78
CA GLY A 812 54.26 -30.50 27.32
C GLY A 812 54.59 -30.32 28.79
N THR A 813 54.32 -29.13 29.31
CA THR A 813 54.59 -28.83 30.71
C THR A 813 53.31 -28.54 31.50
N VAL A 814 53.19 -29.13 32.69
CA VAL A 814 52.03 -28.90 33.54
C VAL A 814 52.48 -28.32 34.86
N HIS A 815 51.59 -27.58 35.51
CA HIS A 815 51.92 -26.91 36.76
C HIS A 815 50.83 -27.07 37.81
N SER A 816 51.25 -27.42 39.03
CA SER A 816 50.31 -27.58 40.12
C SER A 816 51.07 -27.36 41.44
N TYR A 817 50.69 -26.32 42.17
CA TYR A 817 51.36 -26.02 43.42
C TYR A 817 51.37 -27.22 44.36
N GLU A 818 52.33 -27.19 45.29
CA GLU A 818 52.47 -28.24 46.29
C GLU A 818 51.86 -27.69 47.56
N SER A 819 52.10 -28.40 48.65
CA SER A 819 51.65 -27.98 49.97
C SER A 819 50.17 -28.08 50.29
N CYS A 820 49.45 -28.90 49.54
CA CYS A 820 48.03 -29.11 49.79
C CYS A 820 47.87 -29.58 51.24
N ALA A 821 46.94 -28.99 51.97
CA ALA A 821 46.70 -29.35 53.37
C ALA A 821 45.70 -30.50 53.51
N VAL A 822 44.97 -30.78 52.43
CA VAL A 822 43.94 -31.80 52.46
C VAL A 822 44.32 -33.15 51.86
N TYR A 823 44.32 -34.20 52.69
CA TYR A 823 44.59 -35.54 52.17
C TYR A 823 43.23 -36.21 52.24
N ASP A 824 42.69 -36.54 51.07
CA ASP A 824 41.36 -37.14 50.99
C ASP A 824 41.32 -38.29 49.98
N PRO A 825 41.80 -39.48 50.40
CA PRO A 825 41.84 -40.70 49.60
C PRO A 825 40.45 -41.12 49.19
N LEU A 826 40.29 -41.57 47.96
CA LEU A 826 39.00 -42.03 47.48
C LEU A 826 38.82 -43.50 47.86
N GLY A 827 39.91 -44.14 48.29
CA GLY A 827 39.87 -45.53 48.68
C GLY A 827 40.71 -45.75 49.94
N THR A 828 41.45 -46.85 49.98
CA THR A 828 42.30 -47.13 51.14
C THR A 828 43.41 -46.08 51.21
N ALA A 829 43.69 -45.58 52.41
CA ALA A 829 44.73 -44.58 52.61
C ALA A 829 46.08 -45.07 52.09
N GLY A 830 46.72 -44.24 51.30
CA GLY A 830 48.03 -44.58 50.75
C GLY A 830 48.03 -45.59 49.61
N LYS A 831 46.85 -46.04 49.18
CA LYS A 831 46.74 -47.01 48.11
C LYS A 831 45.76 -46.60 47.01
N SER A 832 45.18 -45.42 47.14
CA SER A 832 44.21 -44.93 46.16
C SER A 832 44.41 -43.47 45.77
N ALA A 833 43.71 -43.07 44.71
CA ALA A 833 43.79 -41.70 44.23
C ALA A 833 43.29 -40.74 45.30
N ASP A 834 43.99 -39.62 45.44
CA ASP A 834 43.64 -38.59 46.40
C ASP A 834 42.96 -37.47 45.63
N ARG A 835 41.90 -36.90 46.20
CA ARG A 835 41.20 -35.80 45.56
C ARG A 835 41.40 -34.54 46.38
N GLY A 836 42.17 -34.66 47.45
CA GLY A 836 42.45 -33.51 48.28
C GLY A 836 43.33 -32.55 47.49
N GLY A 837 44.22 -33.12 46.67
CA GLY A 837 45.10 -32.32 45.86
C GLY A 837 46.58 -32.47 46.20
N CYS A 838 46.95 -33.55 46.89
CA CYS A 838 48.34 -33.78 47.28
C CYS A 838 49.25 -34.18 46.11
N ILE A 839 49.60 -33.19 45.29
CA ILE A 839 50.47 -33.38 44.14
C ILE A 839 51.78 -34.09 44.46
N ASN A 840 52.26 -33.94 45.69
CA ASN A 840 53.51 -34.59 46.06
C ASN A 840 53.43 -36.11 46.13
N ILE A 841 52.25 -36.65 45.83
CA ILE A 841 52.07 -38.09 45.80
C ILE A 841 52.78 -38.54 44.52
N LEU A 842 52.91 -37.61 43.57
CA LEU A 842 53.51 -37.89 42.28
C LEU A 842 54.98 -37.53 42.07
N THR A 843 55.58 -36.83 43.03
CA THR A 843 56.97 -36.43 42.87
C THR A 843 57.96 -37.54 43.24
N PRO A 844 59.14 -37.54 42.59
CA PRO A 844 60.18 -38.56 42.83
C PRO A 844 60.82 -38.53 44.21
N ASP A 845 60.86 -39.68 44.88
CA ASP A 845 61.48 -39.75 46.19
C ASP A 845 62.96 -40.09 46.12
N ARG A 846 63.47 -40.30 44.91
CA ARG A 846 64.88 -40.59 44.72
C ARG A 846 65.68 -39.33 45.06
N TYR A 847 66.78 -39.51 45.78
CA TYR A 847 67.63 -38.39 46.17
C TYR A 847 68.19 -37.69 44.94
N ILE A 848 68.50 -36.40 45.07
CA ILE A 848 69.02 -35.65 43.94
C ILE A 848 70.19 -36.41 43.32
N SER A 849 71.08 -36.91 44.18
CA SER A 849 72.22 -37.71 43.71
C SER A 849 72.45 -38.80 44.75
N LYS A 850 73.38 -39.72 44.49
CA LYS A 850 73.63 -40.79 45.44
C LYS A 850 73.97 -40.28 46.84
N TYR A 851 74.74 -39.19 46.91
CA TYR A 851 75.13 -38.62 48.20
C TYR A 851 74.50 -37.28 48.54
N ALA A 852 73.89 -36.61 47.56
CA ALA A 852 73.22 -35.34 47.78
C ALA A 852 71.81 -35.77 48.21
N CYS A 853 71.64 -36.00 49.51
CA CYS A 853 70.36 -36.48 50.04
C CYS A 853 69.27 -35.43 50.21
N GLY A 854 68.93 -34.75 49.12
CA GLY A 854 67.90 -33.73 49.13
C GLY A 854 66.73 -34.12 48.23
N MET A 855 65.61 -33.41 48.36
CA MET A 855 64.42 -33.69 47.57
C MET A 855 64.51 -33.09 46.17
N ALA A 856 64.04 -33.84 45.16
CA ALA A 856 64.09 -33.42 43.76
C ALA A 856 62.70 -33.24 43.15
N ASN A 857 61.76 -32.80 43.97
CA ASN A 857 60.37 -32.62 43.58
C ASN A 857 59.98 -31.91 42.28
N ASN A 858 60.61 -30.78 41.98
CA ASN A 858 60.21 -30.04 40.79
C ASN A 858 60.48 -30.56 39.39
N THR A 859 60.89 -31.83 39.29
CA THR A 859 61.06 -32.48 38.00
C THR A 859 60.35 -33.82 38.16
N ALA A 860 59.09 -33.85 37.77
CA ALA A 860 58.30 -35.06 37.89
C ALA A 860 57.56 -35.31 36.59
N LEU A 861 57.60 -36.54 36.10
CA LEU A 861 56.91 -36.91 34.87
C LEU A 861 55.55 -37.49 35.20
N VAL A 862 54.52 -36.94 34.58
CA VAL A 862 53.15 -37.42 34.82
C VAL A 862 52.37 -37.51 33.52
N GLU A 863 51.20 -38.12 33.62
CA GLU A 863 50.28 -38.24 32.50
C GLU A 863 48.97 -37.81 33.11
N ILE A 864 48.11 -37.17 32.31
CA ILE A 864 46.81 -36.73 32.80
C ILE A 864 45.74 -37.15 31.80
N GLU A 865 44.51 -37.21 32.29
CA GLU A 865 43.36 -37.60 31.49
C GLU A 865 42.11 -37.14 32.23
N LYS A 866 40.97 -37.14 31.55
CA LYS A 866 39.73 -36.76 32.21
C LYS A 866 39.46 -37.90 33.18
N TRP A 867 39.09 -37.57 34.41
CA TRP A 867 38.83 -38.58 35.43
C TRP A 867 37.53 -39.34 35.15
N ASP A 868 37.62 -40.67 35.08
CA ASP A 868 36.46 -41.49 34.82
C ASP A 868 35.70 -41.81 36.10
N GLY A 869 36.12 -41.19 37.20
CA GLY A 869 35.43 -41.41 38.47
C GLY A 869 35.93 -42.56 39.31
N ASP A 870 36.82 -43.39 38.76
CA ASP A 870 37.34 -44.53 39.51
C ASP A 870 38.19 -44.04 40.69
N LYS A 871 38.40 -44.91 41.68
CA LYS A 871 39.19 -44.57 42.86
C LYS A 871 40.65 -45.02 42.77
N TYR A 872 40.97 -45.78 41.72
CA TYR A 872 42.32 -46.27 41.49
C TYR A 872 43.06 -46.81 42.72
N GLU A 873 42.54 -47.89 43.28
CA GLU A 873 43.16 -48.52 44.43
C GLU A 873 44.20 -49.49 43.91
N ILE A 874 45.27 -48.96 43.34
CA ILE A 874 46.32 -49.77 42.76
C ILE A 874 47.73 -49.49 43.29
N TYR A 875 47.83 -48.74 44.38
CA TYR A 875 49.14 -48.41 44.94
C TYR A 875 49.36 -49.05 46.31
N MET B 1 28.84 19.17 49.06
CA MET B 1 28.37 17.76 49.09
C MET B 1 29.36 16.88 48.33
N GLU B 2 30.44 16.53 49.04
CA GLU B 2 31.52 15.72 48.50
C GLU B 2 31.12 14.25 48.34
N GLN B 3 31.55 13.63 47.25
CA GLN B 3 31.23 12.23 46.98
C GLN B 3 32.47 11.33 46.97
N TYR B 4 32.24 10.03 47.11
CA TYR B 4 33.33 9.04 47.11
C TYR B 4 33.56 8.51 45.70
N TYR B 5 34.82 8.23 45.39
CA TYR B 5 35.19 7.67 44.10
C TYR B 5 36.34 6.71 44.32
N MET B 6 36.47 5.73 43.43
CA MET B 6 37.55 4.77 43.54
C MET B 6 38.15 4.59 42.15
N VAL B 7 39.47 4.47 42.11
CA VAL B 7 40.17 4.28 40.84
C VAL B 7 41.04 3.03 40.92
N ILE B 8 40.82 2.12 39.98
CA ILE B 8 41.55 0.87 39.94
C ILE B 8 42.48 0.81 38.74
N ASP B 9 43.77 0.58 39.00
CA ASP B 9 44.77 0.48 37.94
C ASP B 9 44.97 -0.98 37.56
N VAL B 10 44.34 -1.38 36.47
CA VAL B 10 44.45 -2.75 35.97
C VAL B 10 45.90 -3.18 35.75
N ALA B 11 46.71 -2.29 35.21
CA ALA B 11 48.11 -2.59 34.93
C ALA B 11 48.86 -3.05 36.17
N LYS B 12 48.32 -2.75 37.34
CA LYS B 12 48.98 -3.14 38.58
C LYS B 12 48.40 -4.35 39.33
N CYS B 13 47.28 -4.93 38.87
CA CYS B 13 46.71 -6.10 39.56
C CYS B 13 47.54 -7.35 39.37
N GLN B 14 47.82 -8.07 40.45
CA GLN B 14 48.55 -9.34 40.35
C GLN B 14 47.68 -10.50 40.81
N ASP B 15 46.42 -10.22 41.14
CA ASP B 15 45.49 -11.26 41.58
C ASP B 15 45.93 -12.01 42.86
N CYS B 16 46.54 -11.32 43.83
CA CYS B 16 46.96 -11.97 45.09
C CYS B 16 45.72 -12.21 45.92
N ASN B 17 44.64 -11.51 45.59
CA ASN B 17 43.37 -11.64 46.28
C ASN B 17 43.30 -11.06 47.69
N ASN B 18 44.09 -10.03 47.97
CA ASN B 18 44.05 -9.39 49.27
C ASN B 18 42.70 -8.66 49.50
N CYS B 19 42.11 -8.14 48.42
CA CYS B 19 40.80 -7.43 48.47
C CYS B 19 39.80 -8.38 49.03
N PHE B 20 39.52 -9.36 48.17
CA PHE B 20 38.57 -10.40 48.40
C PHE B 20 38.71 -10.93 49.80
N MET B 21 39.93 -11.24 50.21
CA MET B 21 40.11 -11.75 51.55
C MET B 21 39.78 -10.65 52.56
N GLY B 22 39.93 -9.41 52.12
CA GLY B 22 39.59 -8.29 52.96
C GLY B 22 38.09 -8.17 53.23
N CYS B 23 37.23 -8.40 52.24
CA CYS B 23 35.78 -8.32 52.50
C CYS B 23 35.41 -9.41 53.45
N MET B 24 35.76 -10.62 53.04
CA MET B 24 35.46 -11.80 53.81
C MET B 24 35.83 -11.54 55.26
N ASP B 25 37.04 -11.04 55.49
CA ASP B 25 37.49 -10.75 56.84
C ASP B 25 36.54 -9.77 57.52
N GLU B 26 36.05 -8.82 56.75
CA GLU B 26 35.17 -7.78 57.26
C GLU B 26 33.69 -8.16 57.32
N HIS B 27 33.23 -9.01 56.40
CA HIS B 27 31.81 -9.36 56.33
C HIS B 27 31.32 -10.79 56.57
N GLU B 28 32.19 -11.80 56.42
CA GLU B 28 31.73 -13.18 56.58
C GLU B 28 31.32 -13.58 57.99
N LEU B 29 32.11 -13.16 58.98
CA LEU B 29 31.82 -13.48 60.38
C LEU B 29 31.23 -12.30 61.15
N ASN B 30 31.05 -11.17 60.50
CA ASN B 30 30.50 -9.98 61.15
C ASN B 30 29.18 -9.54 60.57
N GLU B 31 28.35 -8.92 61.41
CA GLU B 31 27.07 -8.39 61.00
C GLU B 31 27.12 -6.89 61.26
N TRP B 32 26.69 -6.10 60.28
CA TRP B 32 26.72 -4.66 60.43
C TRP B 32 25.32 -4.06 60.32
N PRO B 33 24.63 -3.93 61.47
CA PRO B 33 23.28 -3.38 61.53
C PRO B 33 23.15 -2.04 60.82
N GLY B 34 22.20 -1.97 59.88
CA GLY B 34 21.99 -0.75 59.13
C GLY B 34 22.66 -0.83 57.78
N TYR B 35 23.61 -1.75 57.66
CA TYR B 35 24.34 -1.91 56.41
C TYR B 35 24.19 -3.26 55.72
N THR B 36 24.44 -4.34 56.45
CA THR B 36 24.34 -5.66 55.86
C THR B 36 24.49 -6.78 56.87
N ALA B 37 23.90 -7.92 56.56
CA ALA B 37 24.00 -9.10 57.42
C ALA B 37 25.36 -9.69 57.05
N SER B 38 25.73 -10.83 57.65
CA SER B 38 27.00 -11.45 57.33
C SER B 38 27.01 -11.93 55.88
N MET B 39 28.19 -11.92 55.27
CA MET B 39 28.37 -12.36 53.90
C MET B 39 28.24 -13.87 53.79
N GLN B 40 27.81 -14.35 52.62
CA GLN B 40 27.66 -15.79 52.38
C GLN B 40 28.92 -16.30 51.69
N ARG B 41 29.44 -17.43 52.18
CA ARG B 41 30.64 -18.04 51.60
C ARG B 41 30.43 -18.34 50.13
N GLY B 42 31.36 -17.89 49.30
CA GLY B 42 31.25 -18.13 47.87
C GLY B 42 30.82 -16.89 47.10
N HIS B 43 30.33 -15.88 47.81
CA HIS B 43 29.90 -14.64 47.17
C HIS B 43 31.13 -13.85 46.75
N ARG B 44 30.95 -12.96 45.77
CA ARG B 44 32.06 -12.15 45.29
C ARG B 44 31.69 -10.67 45.20
N TRP B 45 31.42 -10.03 46.34
CA TRP B 45 31.08 -8.62 46.38
C TRP B 45 32.22 -7.95 45.62
N MET B 46 33.42 -8.49 45.82
CA MET B 46 34.62 -8.05 45.13
C MET B 46 34.93 -9.21 44.19
N ASN B 47 34.70 -9.00 42.90
CA ASN B 47 34.94 -10.05 41.92
C ASN B 47 36.14 -9.69 41.05
N ILE B 48 37.24 -10.42 41.23
CA ILE B 48 38.45 -10.17 40.45
C ILE B 48 38.43 -10.98 39.16
N GLU B 49 38.06 -10.32 38.07
CA GLU B 49 38.00 -10.97 36.77
C GLU B 49 39.41 -11.25 36.27
N ARG B 50 39.55 -12.38 35.58
CA ARG B 50 40.83 -12.81 35.04
C ARG B 50 40.72 -13.01 33.54
N ARG B 51 41.67 -12.47 32.78
CA ARG B 51 41.62 -12.64 31.34
C ARG B 51 42.98 -12.83 30.67
N GLU B 52 43.21 -14.04 30.17
CA GLU B 52 44.45 -14.33 29.47
C GLU B 52 44.28 -13.86 28.01
N ARG B 53 45.37 -13.44 27.39
CA ARG B 53 45.32 -12.98 26.01
C ARG B 53 46.46 -13.58 25.19
N GLY B 54 46.23 -13.76 23.90
CA GLY B 54 47.26 -14.32 23.03
C GLY B 54 47.50 -15.82 23.21
N THR B 55 48.61 -16.29 22.67
CA THR B 55 48.98 -17.70 22.74
C THR B 55 50.48 -17.87 23.01
N TYR B 56 50.84 -18.97 23.66
CA TYR B 56 52.25 -19.24 23.96
C TYR B 56 53.04 -19.11 22.66
N PRO B 57 54.24 -18.50 22.71
CA PRO B 57 54.96 -17.93 23.86
C PRO B 57 54.81 -16.42 24.07
N ARG B 58 53.96 -15.76 23.30
CA ARG B 58 53.82 -14.31 23.48
C ARG B 58 52.48 -13.89 24.06
N ASN B 59 52.03 -14.67 25.03
CA ASN B 59 50.76 -14.44 25.70
C ASN B 59 50.96 -13.58 26.93
N ASP B 60 49.85 -13.14 27.53
CA ASP B 60 49.90 -12.36 28.76
C ASP B 60 48.55 -12.50 29.46
N ILE B 61 48.40 -11.86 30.61
CA ILE B 61 47.16 -11.94 31.36
C ILE B 61 46.98 -10.69 32.20
N ASN B 62 45.73 -10.26 32.37
CA ASN B 62 45.43 -9.08 33.18
C ASN B 62 44.20 -9.34 34.02
N TYR B 63 44.07 -8.58 35.11
CA TYR B 63 42.95 -8.76 36.02
C TYR B 63 42.15 -7.49 36.24
N ARG B 64 40.87 -7.65 36.51
CA ARG B 64 40.01 -6.50 36.74
C ARG B 64 39.21 -6.62 38.02
N PRO B 65 39.73 -6.07 39.13
CA PRO B 65 38.97 -6.16 40.38
C PRO B 65 37.65 -5.46 40.11
N THR B 66 36.53 -6.14 40.38
CA THR B 66 35.23 -5.57 40.11
C THR B 66 34.28 -5.57 41.31
N PRO B 67 34.21 -4.44 42.04
CA PRO B 67 33.33 -4.31 43.20
C PRO B 67 32.02 -3.75 42.70
N CYS B 68 31.30 -3.05 43.57
CA CYS B 68 30.06 -2.42 43.15
C CYS B 68 30.44 -1.11 42.48
N MET B 69 29.79 -0.78 41.37
CA MET B 69 30.11 0.47 40.69
C MET B 69 29.49 1.67 41.40
N HIS B 70 28.52 1.40 42.29
CA HIS B 70 27.82 2.47 43.01
C HIS B 70 27.55 3.61 42.04
N CYS B 71 27.11 3.27 40.84
CA CYS B 71 26.85 4.26 39.80
C CYS B 71 25.89 5.39 40.19
N GLU B 72 26.18 6.57 39.67
CA GLU B 72 25.40 7.77 39.94
C GLU B 72 23.95 7.67 39.50
N ASN B 73 23.72 6.93 38.42
CA ASN B 73 22.39 6.73 37.86
C ASN B 73 22.03 5.25 38.01
N ALA B 74 21.96 4.82 39.27
CA ALA B 74 21.70 3.42 39.64
C ALA B 74 20.37 2.78 39.29
N PRO B 75 20.40 1.73 38.45
CA PRO B 75 19.21 1.00 38.01
C PRO B 75 18.46 0.31 39.15
N CYS B 76 19.17 -0.24 40.13
CA CYS B 76 18.45 -0.90 41.22
C CYS B 76 17.82 0.05 42.22
N VAL B 77 18.20 1.31 42.18
CA VAL B 77 17.57 2.26 43.09
C VAL B 77 16.26 2.58 42.39
N ALA B 78 16.35 2.81 41.08
CA ALA B 78 15.19 3.11 40.26
C ALA B 78 14.17 1.98 40.21
N LYS B 79 14.65 0.74 40.11
CA LYS B 79 13.75 -0.40 40.04
C LYS B 79 13.77 -1.28 41.28
N GLY B 80 14.29 -0.74 42.39
CA GLY B 80 14.36 -1.50 43.63
C GLY B 80 13.15 -1.38 44.53
N ASN B 81 12.20 -0.54 44.13
CA ASN B 81 10.98 -0.34 44.90
C ASN B 81 11.25 0.08 46.35
N GLY B 82 12.33 0.82 46.55
CA GLY B 82 12.65 1.28 47.89
C GLY B 82 13.55 0.37 48.71
N ALA B 83 13.90 -0.79 48.17
CA ALA B 83 14.75 -1.74 48.88
C ALA B 83 16.22 -1.37 48.72
N VAL B 84 16.48 -0.41 47.83
CA VAL B 84 17.84 0.06 47.58
C VAL B 84 17.81 1.59 47.55
N TYR B 85 18.76 2.23 48.22
CA TYR B 85 18.79 3.68 48.23
C TYR B 85 20.18 4.24 47.93
N GLN B 86 20.22 5.52 47.56
CA GLN B 86 21.46 6.20 47.23
C GLN B 86 21.74 7.31 48.23
N ARG B 87 22.94 7.30 48.80
CA ARG B 87 23.32 8.33 49.78
C ARG B 87 23.86 9.57 49.08
N GLU B 88 23.95 10.68 49.82
CA GLU B 88 24.44 11.94 49.27
C GLU B 88 25.89 11.85 48.82
N ASP B 89 26.67 10.99 49.49
CA ASP B 89 28.08 10.83 49.16
C ASP B 89 28.32 9.88 48.01
N GLY B 90 27.24 9.46 47.35
CA GLY B 90 27.37 8.56 46.22
C GLY B 90 27.24 7.08 46.49
N ILE B 91 27.40 6.65 47.74
CA ILE B 91 27.29 5.22 48.05
C ILE B 91 25.87 4.69 47.82
N VAL B 92 25.78 3.56 47.12
CA VAL B 92 24.49 2.93 46.85
C VAL B 92 24.39 1.71 47.79
N LEU B 93 23.37 1.71 48.65
CA LEU B 93 23.20 0.64 49.62
C LEU B 93 21.85 -0.06 49.56
N ILE B 94 21.86 -1.34 49.89
CA ILE B 94 20.65 -2.15 49.92
C ILE B 94 20.13 -2.09 51.35
N ASP B 95 18.82 -1.96 51.53
CA ASP B 95 18.30 -1.96 52.88
C ASP B 95 18.26 -3.44 53.24
N PRO B 96 19.08 -3.85 54.22
CA PRO B 96 19.20 -5.24 54.69
C PRO B 96 17.86 -5.91 55.02
N GLU B 97 16.92 -5.13 55.52
CA GLU B 97 15.61 -5.68 55.89
C GLU B 97 14.55 -5.58 54.77
N LYS B 98 14.43 -4.42 54.15
CA LYS B 98 13.45 -4.26 53.08
C LYS B 98 13.72 -5.19 51.91
N ALA B 99 14.98 -5.54 51.70
CA ALA B 99 15.35 -6.41 50.59
C ALA B 99 15.05 -7.89 50.77
N LYS B 100 14.87 -8.34 52.01
CA LYS B 100 14.59 -9.75 52.25
C LYS B 100 13.40 -10.26 51.43
N GLY B 101 13.49 -11.51 50.98
CA GLY B 101 12.44 -12.12 50.20
C GLY B 101 12.35 -11.68 48.76
N LYS B 102 13.31 -10.87 48.30
CA LYS B 102 13.27 -10.37 46.93
C LYS B 102 14.48 -10.70 46.06
N LYS B 103 14.47 -11.89 45.46
CA LYS B 103 15.56 -12.33 44.59
C LYS B 103 15.56 -11.53 43.30
N GLU B 104 14.47 -10.83 43.02
CA GLU B 104 14.35 -10.03 41.79
C GLU B 104 15.38 -8.92 41.73
N LEU B 105 15.81 -8.44 42.90
CA LEU B 105 16.78 -7.35 42.95
C LEU B 105 18.02 -7.63 42.12
N LEU B 106 18.53 -8.86 42.22
CA LEU B 106 19.73 -9.24 41.49
C LEU B 106 19.65 -8.88 40.01
N ASP B 107 18.47 -9.03 39.42
CA ASP B 107 18.29 -8.74 38.00
C ASP B 107 18.28 -7.26 37.61
N THR B 108 18.10 -6.39 38.59
CA THR B 108 18.08 -4.96 38.31
C THR B 108 19.51 -4.47 38.11
N CYS B 109 20.46 -5.39 38.20
CA CYS B 109 21.88 -5.05 38.07
C CYS B 109 22.52 -5.35 36.74
N PRO B 110 22.89 -4.33 35.96
CA PRO B 110 23.53 -4.63 34.68
C PRO B 110 24.91 -5.25 34.87
N TYR B 111 25.53 -4.98 36.02
CA TYR B 111 26.86 -5.52 36.29
C TYR B 111 26.87 -6.85 37.04
N GLY B 112 25.71 -7.27 37.53
CA GLY B 112 25.61 -8.53 38.26
C GLY B 112 26.49 -8.62 39.49
N VAL B 113 26.63 -7.52 40.21
CA VAL B 113 27.46 -7.49 41.40
C VAL B 113 26.77 -7.97 42.68
N MET B 114 25.47 -8.16 42.67
CA MET B 114 24.81 -8.63 43.89
C MET B 114 24.57 -10.13 43.90
N TYR B 115 24.69 -10.71 45.09
CA TYR B 115 24.53 -12.14 45.28
C TYR B 115 23.42 -12.46 46.29
N TRP B 116 22.74 -13.58 46.06
CA TRP B 116 21.66 -13.99 46.94
C TRP B 116 22.20 -14.81 48.12
N ASN B 117 21.89 -14.35 49.32
CA ASN B 117 22.31 -15.02 50.55
C ASN B 117 21.18 -15.97 50.96
N GLU B 118 21.44 -17.27 50.90
CA GLU B 118 20.46 -18.30 51.25
C GLU B 118 19.95 -18.22 52.69
N GLU B 119 20.87 -18.18 53.65
CA GLU B 119 20.54 -18.11 55.06
C GLU B 119 19.76 -16.85 55.42
N GLU B 120 20.09 -15.74 54.77
CA GLU B 120 19.42 -14.48 55.05
C GLU B 120 18.27 -14.16 54.10
N ASN B 121 18.10 -14.98 53.07
CA ASN B 121 17.04 -14.78 52.09
C ASN B 121 17.00 -13.32 51.65
N VAL B 122 18.14 -12.83 51.17
CA VAL B 122 18.22 -11.44 50.74
C VAL B 122 19.41 -11.24 49.80
N ALA B 123 19.30 -10.23 48.94
CA ALA B 123 20.37 -9.92 48.03
C ALA B 123 21.42 -9.17 48.85
N GLN B 124 22.68 -9.38 48.53
CA GLN B 124 23.76 -8.70 49.23
C GLN B 124 24.77 -8.29 48.20
N LYS B 125 25.62 -7.37 48.60
CA LYS B 125 26.67 -6.93 47.70
C LYS B 125 27.54 -5.87 48.31
N CYS B 126 28.39 -5.33 47.47
CA CYS B 126 29.31 -4.29 47.84
C CYS B 126 28.67 -3.11 48.57
N THR B 127 29.20 -2.78 49.75
CA THR B 127 28.67 -1.66 50.51
C THR B 127 29.70 -0.53 50.60
N MET B 128 30.86 -0.76 50.00
CA MET B 128 31.99 0.18 50.05
C MET B 128 32.24 0.47 51.53
N CYS B 129 32.19 -0.61 52.34
CA CYS B 129 32.34 -0.54 53.81
C CYS B 129 31.88 0.78 54.37
N ALA B 130 30.66 1.13 53.99
CA ALA B 130 30.04 2.37 54.44
C ALA B 130 30.11 2.42 55.96
N HIS B 131 30.03 1.27 56.62
CA HIS B 131 30.08 1.25 58.07
C HIS B 131 31.43 1.74 58.55
N LEU B 132 32.48 1.40 57.82
CA LEU B 132 33.83 1.84 58.18
C LEU B 132 34.02 3.30 57.78
N LEU B 133 33.49 3.68 56.62
CA LEU B 133 33.62 5.05 56.15
C LEU B 133 32.84 6.03 57.03
N ASP B 134 31.79 5.53 57.68
CA ASP B 134 30.97 6.36 58.56
C ASP B 134 31.50 6.41 59.98
N ASP B 135 32.62 5.73 60.25
CA ASP B 135 33.19 5.72 61.60
C ASP B 135 34.57 6.34 61.65
N GLU B 136 34.68 7.46 62.36
CA GLU B 136 35.95 8.17 62.52
C GLU B 136 37.06 7.27 63.02
N SER B 137 36.72 6.35 63.90
CA SER B 137 37.69 5.43 64.48
C SER B 137 38.49 4.65 63.45
N TRP B 138 37.89 4.37 62.30
CA TRP B 138 38.59 3.66 61.23
C TRP B 138 39.59 4.65 60.64
N ALA B 139 40.80 4.67 61.23
CA ALA B 139 41.84 5.58 60.81
C ALA B 139 42.14 5.64 59.31
N PRO B 140 42.25 4.47 58.65
CA PRO B 140 42.54 4.45 57.21
C PRO B 140 41.58 5.25 56.34
N LYS B 141 40.32 5.34 56.75
CA LYS B 141 39.30 6.09 56.01
C LYS B 141 39.16 5.64 54.55
N MET B 142 39.23 4.33 54.34
CA MET B 142 39.10 3.76 53.02
C MET B 142 38.59 2.33 53.19
N PRO B 143 38.01 1.73 52.13
CA PRO B 143 37.50 0.35 52.18
C PRO B 143 38.59 -0.69 52.47
N ARG B 144 38.19 -1.91 52.77
CA ARG B 144 39.16 -2.98 53.06
C ARG B 144 40.00 -3.42 51.84
N CYS B 145 39.42 -3.47 50.64
CA CYS B 145 40.19 -3.87 49.45
C CYS B 145 41.41 -3.01 49.36
N ALA B 146 41.11 -1.74 49.10
CA ALA B 146 42.09 -0.69 48.93
C ALA B 146 43.11 -0.70 50.05
N HIS B 147 42.63 -0.89 51.28
CA HIS B 147 43.55 -0.89 52.40
C HIS B 147 44.41 -2.15 52.46
N ASN B 148 43.87 -3.27 51.97
CA ASN B 148 44.60 -4.54 51.97
C ASN B 148 45.59 -4.66 50.80
N CYS B 149 45.42 -3.83 49.76
CA CYS B 149 46.35 -3.88 48.62
C CYS B 149 47.79 -3.67 49.01
N GLY B 150 48.67 -4.39 48.33
CA GLY B 150 50.09 -4.24 48.55
C GLY B 150 50.69 -3.92 47.19
N SER B 151 49.81 -3.75 46.19
CA SER B 151 50.23 -3.47 44.83
C SER B 151 49.91 -2.06 44.31
N PHE B 152 49.46 -1.19 45.19
CA PHE B 152 49.13 0.18 44.82
C PHE B 152 48.15 0.29 43.67
N VAL B 153 47.15 -0.59 43.68
CA VAL B 153 46.12 -0.63 42.65
C VAL B 153 45.02 0.40 42.90
N TYR B 154 44.61 0.52 44.16
CA TYR B 154 43.53 1.41 44.51
C TYR B 154 43.87 2.84 44.91
N GLU B 155 43.00 3.73 44.47
CA GLU B 155 43.09 5.15 44.76
C GLU B 155 41.69 5.53 45.25
N PHE B 156 41.54 5.67 46.56
CA PHE B 156 40.25 6.03 47.13
C PHE B 156 40.22 7.50 47.46
N LEU B 157 39.16 8.18 47.06
CA LEU B 157 39.06 9.61 47.34
C LEU B 157 37.65 10.11 47.54
N LYS B 158 37.56 11.26 48.20
CA LYS B 158 36.27 11.88 48.44
C LYS B 158 36.45 13.32 47.98
N THR B 159 35.91 13.62 46.82
CA THR B 159 36.05 14.96 46.26
C THR B 159 34.79 15.40 45.53
N THR B 160 34.89 16.56 44.87
CA THR B 160 33.77 17.10 44.11
C THR B 160 33.71 16.46 42.74
N PRO B 161 32.53 16.47 42.11
CA PRO B 161 32.35 15.89 40.78
C PRO B 161 33.30 16.55 39.77
N GLU B 162 33.51 17.85 39.95
CA GLU B 162 34.38 18.63 39.09
C GLU B 162 35.82 18.11 39.14
N ALA B 163 36.35 17.98 40.35
CA ALA B 163 37.71 17.50 40.56
C ALA B 163 37.89 16.08 39.98
N MET B 164 36.88 15.24 40.15
CA MET B 164 36.94 13.87 39.64
C MET B 164 36.91 13.89 38.12
N ALA B 165 36.06 14.74 37.56
CA ALA B 165 35.96 14.87 36.11
C ALA B 165 37.30 15.31 35.55
N LYS B 166 37.98 16.21 36.26
CA LYS B 166 39.28 16.69 35.83
C LYS B 166 40.29 15.55 35.84
N LYS B 167 40.25 14.75 36.89
CA LYS B 167 41.15 13.60 37.04
C LYS B 167 40.92 12.59 35.93
N VAL B 168 39.65 12.35 35.62
CA VAL B 168 39.29 11.39 34.58
C VAL B 168 39.95 11.74 33.23
N GLU B 169 39.88 13.01 32.86
CA GLU B 169 40.46 13.46 31.59
C GLU B 169 41.98 13.48 31.56
N GLU B 170 42.61 13.75 32.70
CA GLU B 170 44.07 13.79 32.78
C GLU B 170 44.66 12.40 32.72
N GLU B 171 44.02 11.45 33.39
CA GLU B 171 44.50 10.09 33.45
C GLU B 171 43.84 9.15 32.45
N GLY B 172 42.83 9.64 31.75
CA GLY B 172 42.14 8.82 30.78
C GLY B 172 41.42 7.66 31.46
N LEU B 173 40.79 7.94 32.59
CA LEU B 173 40.08 6.92 33.34
C LEU B 173 38.83 6.51 32.56
N GLU B 174 38.45 5.24 32.68
CA GLU B 174 37.29 4.70 31.99
C GLU B 174 36.42 3.88 32.94
N VAL B 175 35.20 3.57 32.50
CA VAL B 175 34.28 2.78 33.31
C VAL B 175 33.81 1.59 32.50
N ILE B 176 33.24 0.60 33.18
CA ILE B 176 32.74 -0.59 32.53
C ILE B 176 31.35 -0.29 31.96
N LYS B 177 31.10 -0.75 30.74
CA LYS B 177 29.81 -0.55 30.09
C LYS B 177 29.29 0.88 30.16
N PRO B 178 30.07 1.84 29.62
CA PRO B 178 29.67 3.26 29.65
C PRO B 178 28.34 3.47 28.93
N GLU B 179 28.15 2.74 27.82
CA GLU B 179 26.96 2.85 27.00
C GLU B 179 25.63 2.66 27.73
N LEU B 180 25.66 2.02 28.89
CA LEU B 180 24.43 1.80 29.63
C LEU B 180 23.97 3.06 30.37
N GLY B 181 24.90 4.02 30.53
CA GLY B 181 24.57 5.27 31.18
C GLY B 181 24.28 5.26 32.66
N THR B 182 24.80 4.28 33.40
CA THR B 182 24.57 4.23 34.84
C THR B 182 25.56 5.15 35.55
N LYS B 183 26.63 5.49 34.83
CA LYS B 183 27.68 6.36 35.35
C LYS B 183 28.33 5.89 36.63
N PRO B 184 29.15 4.82 36.54
CA PRO B 184 29.86 4.24 37.68
C PRO B 184 30.77 5.28 38.34
N ARG B 185 31.01 5.15 39.65
CA ARG B 185 31.90 6.08 40.33
C ARG B 185 33.19 5.34 40.64
N VAL B 186 33.29 4.13 40.11
CA VAL B 186 34.47 3.29 40.26
C VAL B 186 35.14 3.33 38.88
N TYR B 187 36.29 3.97 38.80
CA TYR B 187 36.98 4.08 37.53
C TYR B 187 38.16 3.13 37.39
N TYR B 188 38.52 2.84 36.14
CA TYR B 188 39.62 1.96 35.81
C TYR B 188 40.69 2.67 34.99
N LYS B 189 41.94 2.39 35.35
CA LYS B 189 43.10 2.97 34.69
C LYS B 189 43.74 1.82 33.92
N ASN B 190 44.13 2.08 32.67
CA ASN B 190 44.74 1.06 31.82
C ASN B 190 43.77 -0.08 31.57
N LEU B 191 42.51 0.28 31.38
CA LEU B 191 41.47 -0.71 31.13
C LEU B 191 41.67 -1.46 29.83
N TYR B 192 42.47 -0.91 28.92
CA TYR B 192 42.73 -1.56 27.64
C TYR B 192 43.36 -2.94 27.81
N ARG B 193 44.09 -3.12 28.92
CA ARG B 193 44.75 -4.39 29.21
C ARG B 193 43.72 -5.52 29.28
N PHE B 194 42.56 -5.21 29.87
CA PHE B 194 41.51 -6.18 30.06
C PHE B 194 40.46 -6.20 28.93
N GLU B 195 40.15 -5.04 28.37
CA GLU B 195 39.13 -4.97 27.32
C GLU B 195 39.62 -5.00 25.88
N LYS B 196 40.85 -4.57 25.63
CA LYS B 196 41.33 -4.57 24.25
C LYS B 196 42.34 -5.68 23.95
N ASN B 197 42.88 -5.66 22.74
CA ASN B 197 43.83 -6.67 22.32
C ASN B 197 45.09 -6.10 21.69
N TYR B 198 46.00 -6.99 21.33
CA TYR B 198 47.27 -6.58 20.74
C TYR B 198 47.75 -7.54 19.67
N VAL B 199 48.81 -7.14 18.99
CA VAL B 199 49.46 -7.95 17.95
C VAL B 199 50.94 -7.85 18.30
N THR B 200 51.64 -8.97 18.25
CA THR B 200 53.06 -8.99 18.58
C THR B 200 53.82 -9.95 17.67
N ALA B 201 55.14 -9.92 17.75
CA ALA B 201 55.97 -10.80 16.93
C ALA B 201 57.44 -10.67 17.30
N GLY B 202 58.25 -11.54 16.70
CA GLY B 202 59.68 -11.51 16.96
C GLY B 202 60.38 -11.45 15.62
N ILE B 203 61.12 -10.38 15.39
CA ILE B 203 61.84 -10.21 14.11
C ILE B 203 63.26 -10.75 14.19
N LEU B 204 63.61 -11.59 13.21
CA LEU B 204 64.94 -12.17 13.12
C LEU B 204 65.63 -11.73 11.83
N VAL B 205 66.94 -11.53 11.91
CA VAL B 205 67.75 -11.15 10.76
C VAL B 205 68.96 -12.08 10.81
N GLN B 206 69.13 -12.89 9.76
CA GLN B 206 70.24 -13.82 9.70
C GLN B 206 70.26 -14.78 10.90
N GLY B 207 69.06 -15.12 11.38
CA GLY B 207 68.95 -16.04 12.50
C GLY B 207 69.04 -15.47 13.90
N ASP B 208 69.25 -14.16 14.02
CA ASP B 208 69.34 -13.55 15.33
C ASP B 208 68.27 -12.49 15.54
N CYS B 209 67.86 -12.32 16.79
CA CYS B 209 66.86 -11.33 17.12
C CYS B 209 67.38 -9.98 16.67
N PHE B 210 66.57 -9.25 15.90
CA PHE B 210 66.98 -7.94 15.40
C PHE B 210 66.45 -6.78 16.22
N GLU B 211 67.35 -5.94 16.70
CA GLU B 211 66.98 -4.78 17.50
C GLU B 211 66.96 -3.52 16.62
N GLY B 212 65.99 -2.65 16.86
CA GLY B 212 65.92 -1.43 16.08
C GLY B 212 65.17 -1.52 14.77
N ALA B 213 64.47 -2.63 14.54
CA ALA B 213 63.68 -2.74 13.31
C ALA B 213 62.51 -1.79 13.52
N LYS B 214 62.09 -1.09 12.47
CA LYS B 214 60.98 -0.16 12.58
C LYS B 214 59.68 -0.84 12.23
N VAL B 215 58.72 -0.77 13.14
CA VAL B 215 57.43 -1.41 12.95
C VAL B 215 56.31 -0.39 12.98
N VAL B 216 55.39 -0.52 12.03
CA VAL B 216 54.26 0.38 11.96
C VAL B 216 52.95 -0.38 11.83
N LEU B 217 51.93 0.08 12.55
CA LEU B 217 50.62 -0.55 12.49
C LEU B 217 49.69 0.39 11.74
N LYS B 218 48.90 -0.17 10.82
CA LYS B 218 47.97 0.61 10.03
C LYS B 218 46.57 0.00 9.98
N SER B 219 45.58 0.87 9.87
CA SER B 219 44.19 0.47 9.74
C SER B 219 43.64 1.41 8.68
N GLY B 220 43.14 0.84 7.59
CA GLY B 220 42.61 1.66 6.52
C GLY B 220 43.71 2.37 5.76
N GLY B 221 44.95 1.99 6.02
CA GLY B 221 46.07 2.60 5.34
C GLY B 221 46.78 3.68 6.13
N LYS B 222 46.19 4.15 7.22
CA LYS B 222 46.81 5.19 8.02
C LYS B 222 47.43 4.67 9.32
N GLU B 223 48.63 5.16 9.62
CA GLU B 223 49.36 4.73 10.81
C GLU B 223 48.57 4.88 12.10
N VAL B 224 48.49 3.78 12.84
CA VAL B 224 47.78 3.74 14.12
C VAL B 224 48.78 3.67 15.26
N ALA B 225 49.96 3.13 14.98
CA ALA B 225 51.00 3.01 16.00
C ALA B 225 52.33 2.68 15.34
N SER B 226 53.40 2.80 16.11
CA SER B 226 54.72 2.51 15.61
C SER B 226 55.69 2.29 16.76
N ALA B 227 56.79 1.60 16.47
CA ALA B 227 57.80 1.32 17.48
C ALA B 227 58.99 0.65 16.84
N GLU B 228 60.05 0.49 17.62
CA GLU B 228 61.24 -0.19 17.14
C GLU B 228 61.35 -1.45 17.98
N THR B 229 61.79 -2.55 17.38
CA THR B 229 61.92 -3.81 18.10
C THR B 229 63.00 -3.76 19.18
N ASN B 230 62.75 -4.41 20.31
CA ASN B 230 63.72 -4.46 21.40
C ASN B 230 64.80 -5.48 21.09
N PHE B 231 65.70 -5.73 22.03
CA PHE B 231 66.79 -6.68 21.80
C PHE B 231 66.34 -8.12 21.59
N PHE B 232 65.06 -8.39 21.79
CA PHE B 232 64.53 -9.73 21.55
C PHE B 232 63.82 -9.68 20.20
N GLY B 233 63.97 -8.54 19.53
CA GLY B 233 63.37 -8.33 18.22
C GLY B 233 61.87 -8.22 18.27
N GLU B 234 61.33 -7.92 19.45
CA GLU B 234 59.89 -7.84 19.57
C GLU B 234 59.32 -6.44 19.64
N PHE B 235 58.03 -6.37 19.35
CA PHE B 235 57.25 -5.15 19.39
C PHE B 235 55.88 -5.63 19.88
N LYS B 236 55.08 -4.72 20.42
CA LYS B 236 53.75 -5.08 20.90
C LYS B 236 52.82 -3.88 20.87
N PHE B 237 51.81 -3.95 20.02
CA PHE B 237 50.83 -2.87 19.88
C PHE B 237 49.54 -3.28 20.59
N ASP B 238 49.29 -2.68 21.75
CA ASP B 238 48.10 -2.98 22.55
C ASP B 238 46.99 -1.96 22.35
N ALA B 239 45.91 -2.11 23.12
CA ALA B 239 44.77 -1.21 23.06
C ALA B 239 44.12 -1.14 21.66
N LEU B 240 44.08 -2.27 20.97
CA LEU B 240 43.50 -2.33 19.64
C LEU B 240 42.03 -2.76 19.67
N ASP B 241 41.20 -2.06 18.90
CA ASP B 241 39.78 -2.40 18.80
C ASP B 241 39.70 -3.50 17.77
N ASN B 242 38.62 -4.26 17.77
CA ASN B 242 38.48 -5.31 16.79
C ASN B 242 38.51 -4.72 15.39
N GLY B 243 39.06 -5.48 14.45
CA GLY B 243 39.15 -5.02 13.08
C GLY B 243 40.36 -5.61 12.39
N GLU B 244 40.62 -5.16 11.18
CA GLU B 244 41.77 -5.64 10.43
C GLU B 244 42.86 -4.59 10.45
N TYR B 245 44.11 -5.03 10.53
CA TYR B 245 45.24 -4.12 10.55
C TYR B 245 46.35 -4.68 9.68
N THR B 246 47.29 -3.81 9.34
CA THR B 246 48.43 -4.22 8.54
C THR B 246 49.68 -3.85 9.32
N VAL B 247 50.62 -4.79 9.39
CA VAL B 247 51.87 -4.55 10.08
C VAL B 247 52.96 -4.44 9.03
N GLU B 248 53.75 -3.38 9.11
CA GLU B 248 54.84 -3.18 8.16
C GLU B 248 56.12 -3.12 8.95
N ILE B 249 57.12 -3.82 8.44
CA ILE B 249 58.41 -3.90 9.11
C ILE B 249 59.57 -3.58 8.20
N ASP B 250 60.48 -2.75 8.70
CA ASP B 250 61.67 -2.39 7.95
C ASP B 250 62.90 -2.58 8.82
N ALA B 251 63.77 -3.51 8.40
CA ALA B 251 64.99 -3.81 9.13
C ALA B 251 66.14 -3.96 8.16
N ASP B 252 67.19 -3.14 8.32
CA ASP B 252 68.34 -3.21 7.44
C ASP B 252 67.90 -2.99 5.99
N GLY B 253 66.87 -2.18 5.80
CA GLY B 253 66.37 -1.92 4.46
C GLY B 253 65.48 -3.03 3.94
N LYS B 254 65.39 -4.13 4.69
CA LYS B 254 64.54 -5.25 4.31
C LYS B 254 63.15 -5.06 4.87
N SER B 255 62.15 -5.09 4.00
CA SER B 255 60.76 -4.88 4.42
C SER B 255 59.92 -6.15 4.46
N TYR B 256 58.87 -6.10 5.26
CA TYR B 256 57.95 -7.22 5.42
C TYR B 256 56.62 -6.64 5.89
N SER B 257 55.52 -7.19 5.38
CA SER B 257 54.21 -6.71 5.79
C SER B 257 53.21 -7.83 5.68
N ASP B 258 52.25 -7.83 6.59
CA ASP B 258 51.21 -8.84 6.59
C ASP B 258 49.99 -8.27 7.30
N THR B 259 48.84 -8.86 7.06
CA THR B 259 47.61 -8.39 7.67
C THR B 259 47.32 -9.15 8.96
N VAL B 260 46.54 -8.54 9.82
CA VAL B 260 46.19 -9.18 11.08
C VAL B 260 44.72 -8.88 11.41
N VAL B 261 44.00 -9.91 11.81
CA VAL B 261 42.60 -9.74 12.16
C VAL B 261 42.45 -9.85 13.68
N ILE B 262 41.96 -8.78 14.29
CA ILE B 262 41.73 -8.74 15.73
C ILE B 262 40.24 -8.92 15.97
N ASP B 263 39.88 -10.02 16.64
CA ASP B 263 38.48 -10.32 16.93
C ASP B 263 38.36 -10.79 18.37
N ASP B 264 38.45 -9.84 19.30
CA ASP B 264 38.38 -10.11 20.73
C ASP B 264 39.47 -11.10 21.14
N LYS B 265 40.56 -11.08 20.39
CA LYS B 265 41.71 -11.93 20.65
C LYS B 265 42.97 -11.19 20.25
N SER B 266 44.08 -11.53 20.90
CA SER B 266 45.34 -10.90 20.58
C SER B 266 46.10 -11.89 19.72
N VAL B 267 46.89 -11.38 18.77
CA VAL B 267 47.61 -12.23 17.85
C VAL B 267 49.14 -12.21 17.94
N ASP B 268 49.73 -13.41 17.88
CA ASP B 268 51.17 -13.57 17.90
C ASP B 268 51.52 -14.01 16.47
N LEU B 269 52.26 -13.16 15.76
CA LEU B 269 52.63 -13.48 14.39
C LEU B 269 53.80 -14.46 14.34
N GLY B 270 54.40 -14.73 15.50
CA GLY B 270 55.53 -15.65 15.57
C GLY B 270 56.82 -14.98 15.11
N PHE B 271 57.80 -15.80 14.73
CA PHE B 271 59.08 -15.31 14.25
C PHE B 271 58.98 -14.86 12.81
N ILE B 272 59.49 -13.66 12.53
CA ILE B 272 59.50 -13.13 11.18
C ILE B 272 60.96 -13.13 10.76
N LYS B 273 61.31 -14.13 9.95
CA LYS B 273 62.69 -14.29 9.48
C LYS B 273 63.04 -13.42 8.29
N LEU B 274 63.84 -12.38 8.53
CA LEU B 274 64.27 -11.48 7.47
C LEU B 274 65.76 -11.69 7.18
N MET C 1 -70.04 -50.14 -28.38
CA MET C 1 -69.15 -51.33 -28.28
C MET C 1 -69.75 -52.56 -28.96
N GLY C 2 -71.06 -52.77 -28.77
CA GLY C 2 -71.69 -53.95 -29.37
C GLY C 2 -73.02 -53.74 -30.06
N GLU C 3 -73.74 -54.85 -30.22
CA GLU C 3 -75.04 -54.86 -30.87
C GLU C 3 -76.20 -54.60 -29.92
N VAL C 4 -77.36 -54.29 -30.48
CA VAL C 4 -78.55 -54.02 -29.70
C VAL C 4 -79.21 -55.34 -29.35
N VAL C 5 -79.44 -55.58 -28.07
CA VAL C 5 -80.08 -56.81 -27.62
C VAL C 5 -81.48 -56.51 -27.11
N ARG C 6 -82.43 -57.40 -27.41
CA ARG C 6 -83.81 -57.23 -26.98
C ARG C 6 -84.06 -58.11 -25.76
N LEU C 7 -84.24 -57.46 -24.61
CA LEU C 7 -84.50 -58.17 -23.37
C LEU C 7 -85.95 -57.95 -22.93
N THR C 8 -86.36 -58.61 -21.86
CA THR C 8 -87.71 -58.46 -21.36
C THR C 8 -87.71 -57.95 -19.93
N ASN C 9 -88.78 -57.25 -19.56
CA ASN C 9 -88.97 -56.74 -18.21
C ASN C 9 -90.43 -56.32 -18.16
N SER C 10 -90.85 -55.70 -17.07
CA SER C 10 -92.25 -55.30 -16.97
C SER C 10 -92.43 -54.11 -16.04
N SER C 11 -93.68 -53.71 -15.84
CA SER C 11 -93.98 -52.56 -14.98
C SER C 11 -95.43 -52.57 -14.51
N THR C 12 -95.80 -51.53 -13.78
CA THR C 12 -97.18 -51.40 -13.30
C THR C 12 -98.03 -50.93 -14.46
N GLY C 13 -97.38 -50.76 -15.61
CA GLY C 13 -98.06 -50.31 -16.81
C GLY C 13 -98.09 -51.36 -17.90
N GLY C 14 -97.66 -52.57 -17.58
CA GLY C 14 -97.64 -53.65 -18.56
C GLY C 14 -96.25 -54.11 -18.96
N PRO C 15 -96.12 -55.33 -19.50
CA PRO C 15 -94.82 -55.88 -19.91
C PRO C 15 -94.20 -55.04 -21.03
N VAL C 16 -92.90 -55.18 -21.23
CA VAL C 16 -92.21 -54.42 -22.27
C VAL C 16 -90.96 -55.12 -22.79
N PHE C 17 -90.64 -54.85 -24.05
CA PHE C 17 -89.44 -55.39 -24.67
C PHE C 17 -88.44 -54.25 -24.44
N VAL C 18 -87.27 -54.58 -23.92
CA VAL C 18 -86.26 -53.56 -23.65
C VAL C 18 -85.02 -53.71 -24.52
N TYR C 19 -84.84 -52.78 -25.45
CA TYR C 19 -83.69 -52.79 -26.34
C TYR C 19 -82.51 -52.11 -25.66
N VAL C 20 -81.43 -52.86 -25.47
CA VAL C 20 -80.25 -52.34 -24.81
C VAL C 20 -79.00 -52.45 -25.69
N LYS C 21 -78.09 -51.50 -25.51
CA LYS C 21 -76.85 -51.47 -26.26
C LYS C 21 -75.76 -50.81 -25.41
N ASP C 22 -74.63 -51.49 -25.31
CA ASP C 22 -73.50 -50.99 -24.53
C ASP C 22 -73.92 -50.55 -23.14
N GLY C 23 -74.64 -51.44 -22.45
CA GLY C 23 -75.08 -51.16 -21.09
C GLY C 23 -76.09 -50.04 -20.94
N LYS C 24 -76.62 -49.55 -22.05
CA LYS C 24 -77.61 -48.46 -22.01
C LYS C 24 -78.95 -48.88 -22.60
N ILE C 25 -80.03 -48.36 -22.03
CA ILE C 25 -81.36 -48.65 -22.54
C ILE C 25 -81.67 -47.69 -23.67
N ILE C 26 -82.04 -48.24 -24.83
CA ILE C 26 -82.36 -47.41 -25.98
C ILE C 26 -83.84 -47.11 -26.05
N ARG C 27 -84.68 -48.12 -25.80
CA ARG C 27 -86.12 -47.93 -25.85
C ARG C 27 -86.89 -49.04 -25.14
N MET C 28 -88.16 -48.78 -24.88
CA MET C 28 -89.07 -49.73 -24.24
C MET C 28 -90.33 -49.72 -25.07
N THR C 29 -90.85 -50.89 -25.41
CA THR C 29 -92.04 -50.97 -26.24
C THR C 29 -92.99 -52.07 -25.79
N PRO C 30 -94.24 -52.04 -26.30
CA PRO C 30 -95.23 -53.06 -25.95
C PRO C 30 -94.71 -54.36 -26.56
N MET C 31 -95.31 -55.49 -26.22
CA MET C 31 -94.86 -56.77 -26.75
C MET C 31 -95.74 -57.40 -27.81
N ASP C 32 -95.15 -57.76 -28.92
CA ASP C 32 -95.84 -58.46 -29.95
C ASP C 32 -95.50 -59.94 -29.96
N PHE C 33 -96.48 -60.78 -30.09
CA PHE C 33 -96.26 -62.20 -30.03
C PHE C 33 -95.68 -62.79 -31.31
N ASP C 34 -95.04 -63.94 -31.18
CA ASP C 34 -94.45 -64.65 -32.30
C ASP C 34 -95.31 -65.90 -32.40
N ASP C 35 -96.22 -65.92 -33.37
CA ASP C 35 -97.12 -67.06 -33.53
C ASP C 35 -96.42 -68.40 -33.77
N ALA C 36 -95.10 -68.34 -33.97
CA ALA C 36 -94.32 -69.56 -34.18
C ALA C 36 -94.01 -70.22 -32.85
N VAL C 37 -93.93 -69.42 -31.78
CA VAL C 37 -93.62 -69.94 -30.45
C VAL C 37 -94.59 -69.55 -29.34
N ASP C 38 -95.51 -68.62 -29.62
CA ASP C 38 -96.48 -68.18 -28.61
C ASP C 38 -97.87 -68.74 -28.89
N ALA C 39 -98.43 -69.45 -27.92
CA ALA C 39 -99.75 -70.07 -28.04
C ALA C 39 -100.81 -69.14 -28.61
N PRO C 40 -101.82 -69.72 -29.28
CA PRO C 40 -102.91 -68.94 -29.88
C PRO C 40 -103.80 -68.34 -28.79
N SER C 41 -104.54 -67.30 -29.15
CA SER C 41 -105.43 -66.63 -28.22
C SER C 41 -106.80 -67.29 -28.12
N TRP C 42 -107.59 -66.87 -27.15
CA TRP C 42 -108.94 -67.39 -26.95
C TRP C 42 -109.85 -66.75 -28.00
N LYS C 43 -111.06 -67.30 -28.11
CA LYS C 43 -112.06 -66.79 -29.04
C LYS C 43 -113.41 -66.79 -28.36
N ILE C 44 -114.26 -65.86 -28.76
CA ILE C 44 -115.60 -65.76 -28.19
C ILE C 44 -116.63 -65.58 -29.29
N GLU C 45 -117.55 -66.53 -29.39
CA GLU C 45 -118.62 -66.45 -30.38
C GLU C 45 -119.81 -65.80 -29.69
N ALA C 46 -120.24 -64.67 -30.21
CA ALA C 46 -121.37 -63.97 -29.62
C ALA C 46 -122.12 -63.15 -30.65
N ARG C 47 -123.42 -63.42 -30.77
CA ARG C 47 -124.28 -62.72 -31.70
C ARG C 47 -123.77 -62.76 -33.13
N GLY C 48 -123.59 -63.97 -33.64
CA GLY C 48 -123.12 -64.15 -35.01
C GLY C 48 -121.75 -63.62 -35.34
N LYS C 49 -121.02 -63.18 -34.33
CA LYS C 49 -119.68 -62.65 -34.55
C LYS C 49 -118.64 -63.48 -33.79
N THR C 50 -117.37 -63.24 -34.11
CA THR C 50 -116.27 -63.94 -33.47
C THR C 50 -115.29 -62.90 -32.96
N PHE C 51 -115.10 -62.86 -31.64
CA PHE C 51 -114.18 -61.89 -31.05
C PHE C 51 -112.91 -62.57 -30.55
N THR C 52 -111.77 -62.04 -31.00
CA THR C 52 -110.47 -62.56 -30.60
C THR C 52 -109.55 -61.36 -30.36
N PRO C 53 -108.73 -61.42 -29.31
CA PRO C 53 -107.82 -60.31 -28.97
C PRO C 53 -106.62 -60.16 -29.89
N PRO C 54 -106.01 -58.97 -29.88
CA PRO C 54 -104.84 -58.66 -30.71
C PRO C 54 -103.65 -59.49 -30.22
N ARG C 55 -102.81 -59.94 -31.14
CA ARG C 55 -101.63 -60.72 -30.78
C ARG C 55 -100.56 -59.74 -30.30
N LYS C 56 -100.86 -59.02 -29.22
CA LYS C 56 -99.95 -58.03 -28.69
C LYS C 56 -100.40 -57.57 -27.31
N THR C 57 -99.49 -56.95 -26.56
CA THR C 57 -99.82 -56.43 -25.25
C THR C 57 -99.87 -54.91 -25.38
N SER C 58 -100.36 -54.22 -24.35
CA SER C 58 -100.44 -52.77 -24.37
C SER C 58 -99.78 -52.20 -23.13
N ILE C 59 -99.45 -50.90 -23.15
CA ILE C 59 -98.82 -50.25 -22.02
C ILE C 59 -99.46 -48.91 -21.69
N ALA C 60 -99.28 -48.46 -20.47
CA ALA C 60 -99.84 -47.19 -20.03
C ALA C 60 -98.85 -46.07 -20.34
N PRO C 61 -99.31 -44.81 -20.33
CA PRO C 61 -98.46 -43.66 -20.61
C PRO C 61 -97.19 -43.60 -19.76
N TYR C 62 -97.35 -43.78 -18.45
CA TYR C 62 -96.22 -43.72 -17.52
C TYR C 62 -95.15 -44.77 -17.75
N THR C 63 -95.51 -45.87 -18.40
CA THR C 63 -94.53 -46.92 -18.70
C THR C 63 -93.84 -46.57 -20.01
N ALA C 64 -94.59 -46.03 -20.96
CA ALA C 64 -94.04 -45.63 -22.25
C ALA C 64 -92.83 -44.72 -22.05
N GLY C 65 -92.92 -43.83 -21.06
CA GLY C 65 -91.81 -42.92 -20.81
C GLY C 65 -91.09 -43.26 -19.52
N PHE C 66 -91.11 -44.53 -19.14
CA PHE C 66 -90.46 -44.96 -17.89
C PHE C 66 -88.95 -44.79 -17.91
N LYS C 67 -88.35 -44.80 -19.10
CA LYS C 67 -86.91 -44.64 -19.22
C LYS C 67 -86.42 -43.33 -18.61
N SER C 68 -87.22 -42.29 -18.72
CA SER C 68 -86.85 -40.98 -18.16
C SER C 68 -86.89 -40.99 -16.64
N MET C 69 -87.53 -42.01 -16.06
CA MET C 69 -87.59 -42.13 -14.60
C MET C 69 -86.35 -42.85 -14.10
N ILE C 70 -85.90 -43.83 -14.87
CA ILE C 70 -84.70 -44.61 -14.52
C ILE C 70 -83.47 -43.71 -14.50
N TYR C 71 -83.28 -42.96 -15.60
CA TYR C 71 -82.16 -42.05 -15.73
C TYR C 71 -82.50 -40.66 -15.23
N SER C 72 -83.50 -40.58 -14.35
CA SER C 72 -83.93 -39.32 -13.77
C SER C 72 -82.78 -38.66 -13.00
N ASP C 73 -82.65 -37.35 -13.11
CA ASP C 73 -81.59 -36.67 -12.38
C ASP C 73 -82.00 -36.44 -10.93
N LEU C 74 -83.24 -36.83 -10.59
CA LEU C 74 -83.73 -36.69 -9.22
C LEU C 74 -83.61 -38.04 -8.54
N ARG C 75 -82.98 -38.97 -9.25
CA ARG C 75 -82.74 -40.31 -8.77
C ARG C 75 -81.78 -40.14 -7.60
N ILE C 76 -81.97 -40.88 -6.51
CA ILE C 76 -81.05 -40.76 -5.37
C ILE C 76 -79.70 -41.31 -5.85
N PRO C 77 -78.67 -40.45 -5.87
CA PRO C 77 -77.29 -40.73 -6.31
C PRO C 77 -76.47 -41.74 -5.52
N TYR C 78 -76.57 -41.67 -4.20
CA TYR C 78 -75.79 -42.53 -3.32
C TYR C 78 -76.31 -42.30 -1.91
N PRO C 79 -75.81 -43.08 -0.94
CA PRO C 79 -76.28 -42.88 0.43
C PRO C 79 -76.08 -41.42 0.85
N MET C 80 -77.06 -40.88 1.58
CA MET C 80 -76.99 -39.49 2.03
C MET C 80 -77.34 -39.39 3.51
N LYS C 81 -76.75 -38.38 4.15
CA LYS C 81 -76.99 -38.12 5.57
C LYS C 81 -77.31 -36.65 5.79
N ARG C 82 -78.26 -36.39 6.68
CA ARG C 82 -78.63 -35.01 7.00
C ARG C 82 -77.47 -34.39 7.76
N LYS C 83 -76.88 -33.34 7.19
CA LYS C 83 -75.74 -32.66 7.80
C LYS C 83 -75.95 -32.33 9.27
N SER C 84 -77.13 -31.79 9.59
CA SER C 84 -77.45 -31.39 10.96
C SER C 84 -77.76 -32.53 11.93
N PHE C 85 -77.73 -33.77 11.45
CA PHE C 85 -78.02 -34.93 12.30
C PHE C 85 -76.74 -35.60 12.82
N ASP C 86 -76.59 -35.61 14.14
CA ASP C 86 -75.44 -36.25 14.76
C ASP C 86 -75.91 -37.33 15.74
N PRO C 87 -75.71 -38.61 15.40
CA PRO C 87 -76.12 -39.75 16.22
C PRO C 87 -75.60 -39.69 17.64
N ASN C 88 -74.37 -39.20 17.79
CA ASN C 88 -73.74 -39.11 19.10
C ASN C 88 -73.70 -37.69 19.67
N GLY C 89 -74.55 -36.82 19.15
CA GLY C 89 -74.60 -35.46 19.62
C GLY C 89 -75.99 -34.90 19.43
N GLU C 90 -76.08 -33.69 18.89
CA GLU C 90 -77.37 -33.07 18.65
C GLU C 90 -77.97 -33.67 17.39
N ARG C 91 -79.13 -34.30 17.55
CA ARG C 91 -79.83 -34.93 16.44
C ARG C 91 -80.72 -33.93 15.73
N ASN C 92 -80.95 -32.78 16.37
CA ASN C 92 -81.77 -31.73 15.81
C ASN C 92 -82.99 -32.25 15.04
N PRO C 93 -83.96 -32.83 15.75
CA PRO C 93 -85.16 -33.36 15.09
C PRO C 93 -85.92 -32.22 14.43
N GLN C 94 -85.89 -31.05 15.08
CA GLN C 94 -86.59 -29.88 14.59
C GLN C 94 -86.04 -29.33 13.28
N LEU C 95 -84.93 -29.89 12.81
CA LEU C 95 -84.33 -29.42 11.56
C LEU C 95 -84.60 -30.33 10.38
N ARG C 96 -85.42 -31.36 10.58
CA ARG C 96 -85.74 -32.25 9.48
C ARG C 96 -86.60 -31.46 8.51
N GLY C 97 -86.21 -31.46 7.23
CA GLY C 97 -86.98 -30.73 6.24
C GLY C 97 -86.69 -29.25 6.23
N ALA C 98 -85.66 -28.83 6.95
CA ALA C 98 -85.28 -27.42 7.00
C ALA C 98 -84.92 -26.95 5.59
N GLY C 99 -84.17 -27.77 4.87
CA GLY C 99 -83.78 -27.41 3.52
C GLY C 99 -85.03 -27.14 2.69
N LEU C 100 -85.96 -28.08 2.78
CA LEU C 100 -87.23 -27.99 2.08
C LEU C 100 -87.92 -26.66 2.45
N SER C 101 -87.80 -26.27 3.72
CA SER C 101 -88.43 -25.04 4.21
C SER C 101 -87.76 -23.76 3.67
N LYS C 102 -86.57 -23.89 3.12
CA LYS C 102 -85.88 -22.74 2.55
C LYS C 102 -85.76 -22.97 1.04
N GLN C 103 -86.57 -23.91 0.56
CA GLN C 103 -86.64 -24.27 -0.86
C GLN C 103 -85.33 -24.81 -1.43
N ASP C 104 -84.55 -25.50 -0.60
CA ASP C 104 -83.28 -26.08 -1.03
C ASP C 104 -83.11 -27.47 -0.38
N PRO C 105 -83.91 -28.44 -0.81
CA PRO C 105 -83.88 -29.82 -0.29
C PRO C 105 -82.51 -30.49 -0.18
N TRP C 106 -81.79 -30.55 -1.30
CA TRP C 106 -80.47 -31.18 -1.34
C TRP C 106 -79.43 -30.60 -0.39
N SER C 107 -79.50 -29.30 -0.13
CA SER C 107 -78.53 -28.64 0.75
C SER C 107 -78.54 -29.14 2.19
N ASP C 108 -79.52 -29.98 2.52
CA ASP C 108 -79.61 -30.53 3.87
C ASP C 108 -78.74 -31.77 3.99
N TYR C 109 -78.38 -32.36 2.85
CA TYR C 109 -77.61 -33.59 2.87
C TYR C 109 -76.19 -33.59 2.32
N GLU C 110 -75.42 -34.55 2.82
CA GLU C 110 -74.04 -34.76 2.43
C GLU C 110 -73.93 -36.24 2.06
N ARG C 111 -73.00 -36.55 1.15
CA ARG C 111 -72.79 -37.92 0.70
C ARG C 111 -72.00 -38.76 1.71
N ILE C 112 -72.33 -40.05 1.78
CA ILE C 112 -71.66 -40.99 2.66
C ILE C 112 -71.63 -42.37 2.00
N SER C 113 -70.79 -43.26 2.50
CA SER C 113 -70.68 -44.60 1.93
C SER C 113 -71.78 -45.52 2.43
N TRP C 114 -72.03 -46.59 1.69
CA TRP C 114 -73.04 -47.56 2.11
C TRP C 114 -72.60 -48.17 3.43
N ASP C 115 -71.29 -48.31 3.59
CA ASP C 115 -70.74 -48.90 4.80
C ASP C 115 -71.02 -48.04 6.02
N GLU C 116 -70.82 -46.73 5.90
CA GLU C 116 -71.07 -45.84 7.02
C GLU C 116 -72.57 -45.67 7.25
N ALA C 117 -73.32 -45.54 6.17
CA ALA C 117 -74.77 -45.36 6.26
C ALA C 117 -75.43 -46.54 6.96
N THR C 118 -75.07 -47.75 6.54
CA THR C 118 -75.63 -48.97 7.12
C THR C 118 -75.11 -49.19 8.54
N ASP C 119 -73.91 -48.69 8.81
CA ASP C 119 -73.32 -48.80 10.15
C ASP C 119 -74.16 -47.96 11.11
N ILE C 120 -74.52 -46.75 10.67
CA ILE C 120 -75.31 -45.84 11.48
C ILE C 120 -76.71 -46.40 11.74
N VAL C 121 -77.36 -46.91 10.70
CA VAL C 121 -78.70 -47.48 10.84
C VAL C 121 -78.68 -48.64 11.84
N VAL C 122 -77.70 -49.51 11.69
CA VAL C 122 -77.55 -50.67 12.57
C VAL C 122 -77.37 -50.28 14.03
N ALA C 123 -76.54 -49.27 14.30
CA ALA C 123 -76.33 -48.84 15.68
C ALA C 123 -77.63 -48.38 16.33
N GLU C 124 -78.47 -47.71 15.53
CA GLU C 124 -79.75 -47.21 15.99
C GLU C 124 -80.71 -48.36 16.24
N ILE C 125 -80.76 -49.29 15.30
CA ILE C 125 -81.62 -50.45 15.42
C ILE C 125 -81.34 -51.23 16.71
N ASN C 126 -80.07 -51.54 16.94
CA ASN C 126 -79.70 -52.29 18.14
C ASN C 126 -79.86 -51.49 19.42
N ARG C 127 -79.52 -50.20 19.40
CA ARG C 127 -79.67 -49.38 20.60
C ARG C 127 -81.14 -49.32 21.01
N ILE C 128 -82.01 -49.19 20.01
CA ILE C 128 -83.44 -49.10 20.26
C ILE C 128 -84.08 -50.43 20.62
N LYS C 129 -83.55 -51.53 20.07
CA LYS C 129 -84.11 -52.84 20.40
C LYS C 129 -83.77 -53.25 21.83
N HIS C 130 -82.60 -52.86 22.30
CA HIS C 130 -82.21 -53.21 23.67
C HIS C 130 -82.73 -52.24 24.71
N ALA C 131 -83.14 -51.05 24.27
CA ALA C 131 -83.65 -50.05 25.19
C ALA C 131 -85.18 -50.05 25.24
N TYR C 132 -85.82 -50.25 24.09
CA TYR C 132 -87.28 -50.23 24.01
C TYR C 132 -87.94 -51.45 23.37
N GLY C 133 -87.17 -52.21 22.59
CA GLY C 133 -87.74 -53.38 21.95
C GLY C 133 -87.99 -53.14 20.47
N PRO C 134 -88.15 -54.20 19.67
CA PRO C 134 -88.40 -54.11 18.23
C PRO C 134 -89.60 -53.25 17.84
N SER C 135 -90.61 -53.20 18.71
CA SER C 135 -91.81 -52.44 18.41
C SER C 135 -91.57 -50.92 18.36
N ALA C 136 -90.44 -50.47 18.91
CA ALA C 136 -90.13 -49.05 18.88
C ALA C 136 -89.66 -48.62 17.50
N ILE C 137 -89.44 -49.59 16.62
CA ILE C 137 -89.00 -49.29 15.26
C ILE C 137 -90.18 -49.33 14.32
N LEU C 138 -90.66 -48.16 13.93
CA LEU C 138 -91.78 -48.04 13.02
C LEU C 138 -91.26 -48.17 11.59
N SER C 139 -92.09 -48.70 10.70
CA SER C 139 -91.71 -48.85 9.32
C SER C 139 -92.93 -49.12 8.47
N THR C 140 -92.83 -48.73 7.21
CA THR C 140 -93.91 -48.95 6.27
C THR C 140 -93.54 -48.46 4.89
N PRO C 141 -93.88 -49.22 3.86
CA PRO C 141 -93.56 -48.78 2.50
C PRO C 141 -94.87 -48.09 2.17
N SER C 142 -95.44 -48.40 1.03
CA SER C 142 -96.73 -47.83 0.69
C SER C 142 -97.47 -48.81 -0.21
N SER C 143 -98.67 -48.45 -0.62
CA SER C 143 -99.48 -49.37 -1.42
C SER C 143 -98.78 -49.92 -2.66
N HIS C 144 -98.27 -49.05 -3.53
CA HIS C 144 -97.65 -49.59 -4.72
C HIS C 144 -96.15 -49.65 -4.79
N HIS C 145 -95.66 -50.38 -5.78
CA HIS C 145 -94.24 -50.66 -5.86
C HIS C 145 -93.81 -51.00 -7.29
N MET C 146 -92.50 -50.93 -7.55
CA MET C 146 -91.99 -51.28 -8.86
C MET C 146 -92.43 -52.72 -9.09
N TRP C 147 -92.74 -53.07 -10.34
CA TRP C 147 -93.19 -54.43 -10.66
C TRP C 147 -92.06 -55.46 -10.47
N GLY C 148 -92.44 -56.64 -10.00
CA GLY C 148 -91.49 -57.71 -9.74
C GLY C 148 -91.96 -58.48 -8.53
N ASN C 149 -92.23 -59.77 -8.68
CA ASN C 149 -92.73 -60.57 -7.56
C ASN C 149 -91.74 -60.88 -6.45
N VAL C 150 -90.49 -61.19 -6.78
CA VAL C 150 -89.52 -61.48 -5.74
C VAL C 150 -89.17 -60.22 -4.95
N GLY C 151 -88.94 -59.12 -5.67
CA GLY C 151 -88.58 -57.87 -5.02
C GLY C 151 -89.73 -57.05 -4.45
N TYR C 152 -90.97 -57.45 -4.72
CA TYR C 152 -92.13 -56.71 -4.23
C TYR C 152 -92.15 -56.61 -2.71
N ARG C 153 -92.73 -55.53 -2.19
CA ARG C 153 -92.80 -55.29 -0.75
C ARG C 153 -93.36 -56.46 0.08
N HIS C 154 -94.28 -57.24 -0.48
CA HIS C 154 -94.86 -58.36 0.25
C HIS C 154 -93.84 -59.48 0.39
N SER C 155 -92.81 -59.44 -0.44
CA SER C 155 -91.78 -60.47 -0.46
C SER C 155 -90.47 -60.06 0.23
N THR C 156 -89.66 -59.28 -0.47
CA THR C 156 -88.38 -58.82 0.05
C THR C 156 -88.50 -57.99 1.31
N TYR C 157 -89.27 -56.91 1.25
CA TYR C 157 -89.45 -56.04 2.40
C TYR C 157 -89.83 -56.83 3.65
N PHE C 158 -90.91 -57.61 3.57
CA PHE C 158 -91.36 -58.39 4.72
C PHE C 158 -90.38 -59.43 5.22
N ARG C 159 -89.80 -60.22 4.31
CA ARG C 159 -88.86 -61.25 4.73
C ARG C 159 -87.79 -60.67 5.64
N PHE C 160 -87.30 -59.49 5.31
CA PHE C 160 -86.29 -58.83 6.11
C PHE C 160 -86.86 -58.20 7.37
N MET C 161 -87.82 -57.28 7.19
CA MET C 161 -88.41 -56.60 8.32
C MET C 161 -88.91 -57.55 9.40
N ASN C 162 -89.50 -58.67 9.00
CA ASN C 162 -90.01 -59.65 9.96
C ASN C 162 -88.89 -60.23 10.81
N MET C 163 -87.67 -60.19 10.29
CA MET C 163 -86.50 -60.71 11.01
C MET C 163 -85.77 -59.63 11.78
N MET C 164 -86.12 -58.37 11.54
CA MET C 164 -85.46 -57.25 12.19
C MET C 164 -86.27 -56.63 13.32
N GLY C 165 -87.46 -56.10 13.00
CA GLY C 165 -88.29 -55.48 14.01
C GLY C 165 -89.58 -56.23 14.27
N PHE C 166 -90.73 -55.54 14.23
CA PHE C 166 -90.85 -54.11 13.94
C PHE C 166 -92.34 -53.76 14.08
N THR C 167 -92.65 -52.47 14.20
CA THR C 167 -94.05 -52.04 14.27
C THR C 167 -94.45 -51.56 12.89
N TYR C 168 -95.38 -52.28 12.27
CA TYR C 168 -95.85 -51.93 10.95
C TYR C 168 -96.98 -50.92 10.95
N ALA C 169 -96.93 -49.97 10.03
CA ALA C 169 -97.99 -48.98 9.90
C ALA C 169 -98.85 -49.64 8.81
N ASP C 170 -99.70 -50.58 9.22
CA ASP C 170 -100.54 -51.29 8.27
C ASP C 170 -101.39 -50.34 7.45
N HIS C 171 -101.53 -50.65 6.17
CA HIS C 171 -102.28 -49.81 5.25
C HIS C 171 -103.80 -49.99 5.35
N ASN C 172 -104.51 -48.86 5.26
CA ASN C 172 -105.97 -48.86 5.27
C ASN C 172 -106.30 -49.39 3.88
N PRO C 173 -107.46 -50.04 3.72
CA PRO C 173 -107.81 -50.55 2.39
C PRO C 173 -108.22 -49.43 1.44
N ASP C 174 -107.32 -48.47 1.21
CA ASP C 174 -107.56 -47.32 0.34
C ASP C 174 -108.39 -47.60 -0.93
N SER C 175 -107.93 -48.54 -1.74
CA SER C 175 -108.59 -48.91 -2.98
C SER C 175 -110.07 -49.34 -2.78
N TRP C 176 -110.34 -50.04 -1.68
CA TRP C 176 -111.67 -50.58 -1.37
C TRP C 176 -112.57 -49.84 -0.36
N GLU C 177 -112.00 -48.92 0.42
CA GLU C 177 -112.75 -48.21 1.47
C GLU C 177 -114.24 -48.49 1.58
N GLY C 178 -115.04 -47.84 0.74
CA GLY C 178 -116.47 -48.03 0.79
C GLY C 178 -116.94 -49.48 0.80
N TRP C 179 -116.36 -50.30 -0.08
CA TRP C 179 -116.74 -51.71 -0.18
C TRP C 179 -116.21 -52.50 1.01
N HIS C 180 -115.08 -52.07 1.53
CA HIS C 180 -114.46 -52.76 2.65
C HIS C 180 -115.17 -52.53 3.97
N TRP C 181 -115.38 -51.26 4.32
CA TRP C 181 -116.04 -50.93 5.58
C TRP C 181 -117.56 -50.92 5.48
N GLY C 182 -118.08 -50.95 4.25
CA GLY C 182 -119.52 -50.92 4.05
C GLY C 182 -120.13 -52.10 3.29
N GLY C 183 -119.75 -52.26 2.04
CA GLY C 183 -120.30 -53.36 1.26
C GLY C 183 -120.11 -54.73 1.87
N MET C 184 -118.96 -54.96 2.48
CA MET C 184 -118.63 -56.25 3.09
C MET C 184 -119.74 -56.73 4.02
N HIS C 185 -120.35 -55.81 4.75
CA HIS C 185 -121.42 -56.14 5.68
C HIS C 185 -122.72 -56.50 4.98
N MET C 186 -122.87 -56.01 3.76
CA MET C 186 -124.07 -56.25 2.97
C MET C 186 -124.04 -57.53 2.14
N TRP C 187 -122.91 -57.85 1.51
CA TRP C 187 -122.84 -59.06 0.71
C TRP C 187 -121.60 -59.94 0.90
N GLY C 188 -120.75 -59.59 1.86
CA GLY C 188 -119.56 -60.38 2.11
C GLY C 188 -118.35 -60.09 1.24
N PHE C 189 -117.79 -61.12 0.62
CA PHE C 189 -116.60 -60.97 -0.22
C PHE C 189 -115.47 -60.34 0.57
N SER C 190 -115.31 -60.74 1.83
CA SER C 190 -114.25 -60.19 2.66
C SER C 190 -112.89 -60.46 2.03
N TRP C 191 -112.74 -61.64 1.44
CA TRP C 191 -111.49 -62.03 0.80
C TRP C 191 -111.14 -61.16 -0.39
N ARG C 192 -112.10 -60.35 -0.82
CA ARG C 192 -111.89 -59.42 -1.94
C ARG C 192 -112.10 -58.01 -1.42
N LEU C 193 -112.06 -57.90 -0.10
CA LEU C 193 -112.23 -56.62 0.59
C LEU C 193 -113.49 -55.86 0.14
N GLY C 194 -114.53 -56.62 -0.20
CA GLY C 194 -115.78 -55.99 -0.62
C GLY C 194 -116.12 -56.04 -2.09
N ASN C 195 -115.12 -56.26 -2.94
CA ASN C 195 -115.38 -56.32 -4.37
C ASN C 195 -115.97 -57.67 -4.77
N PRO C 196 -116.63 -57.72 -5.93
CA PRO C 196 -117.23 -58.96 -6.40
C PRO C 196 -116.29 -59.72 -7.32
N GLU C 197 -116.49 -61.03 -7.43
CA GLU C 197 -115.67 -61.83 -8.33
C GLU C 197 -116.14 -61.38 -9.73
N GLN C 198 -115.38 -61.66 -10.77
CA GLN C 198 -115.72 -61.23 -12.12
C GLN C 198 -115.52 -62.27 -13.21
N TYR C 199 -115.27 -63.51 -12.78
CA TYR C 199 -115.01 -64.61 -13.70
C TYR C 199 -115.95 -64.76 -14.90
N ASP C 200 -115.34 -65.02 -16.06
CA ASP C 200 -116.05 -65.25 -17.31
C ASP C 200 -117.16 -64.28 -17.72
N LEU C 201 -117.07 -63.02 -17.31
CA LEU C 201 -118.11 -62.06 -17.66
C LEU C 201 -118.03 -61.50 -19.08
N LEU C 202 -116.83 -61.44 -19.66
CA LEU C 202 -116.68 -60.90 -21.01
C LEU C 202 -117.60 -61.59 -22.01
N GLU C 203 -117.51 -62.90 -22.12
CA GLU C 203 -118.35 -63.62 -23.05
C GLU C 203 -119.83 -63.40 -22.70
N ASP C 204 -120.14 -63.37 -21.41
CA ASP C 204 -121.50 -63.16 -20.98
C ASP C 204 -122.04 -61.81 -21.46
N GLY C 205 -121.23 -60.77 -21.29
CA GLY C 205 -121.63 -59.45 -21.71
C GLY C 205 -121.71 -59.31 -23.23
N LEU C 206 -120.76 -59.92 -23.94
CA LEU C 206 -120.78 -59.84 -25.39
C LEU C 206 -122.05 -60.49 -25.95
N LYS C 207 -122.52 -61.52 -25.25
CA LYS C 207 -123.72 -62.23 -25.67
C LYS C 207 -125.03 -61.58 -25.28
N HIS C 208 -125.08 -60.95 -24.11
CA HIS C 208 -126.33 -60.39 -23.61
C HIS C 208 -126.47 -58.89 -23.33
N ALA C 209 -125.35 -58.20 -23.12
CA ALA C 209 -125.40 -56.78 -22.80
C ALA C 209 -126.12 -55.86 -23.79
N GLU C 210 -126.99 -55.01 -23.26
CA GLU C 210 -127.73 -54.04 -24.05
C GLU C 210 -127.32 -52.65 -23.55
N MET C 211 -126.89 -52.60 -22.30
CA MET C 211 -126.47 -51.34 -21.71
C MET C 211 -125.50 -51.58 -20.57
N ILE C 212 -124.57 -50.65 -20.39
CA ILE C 212 -123.59 -50.72 -19.31
C ILE C 212 -123.56 -49.36 -18.65
N VAL C 213 -123.68 -49.35 -17.33
CA VAL C 213 -123.65 -48.11 -16.57
C VAL C 213 -122.34 -47.99 -15.83
N PHE C 214 -121.49 -47.08 -16.30
CA PHE C 214 -120.18 -46.85 -15.69
C PHE C 214 -120.33 -45.80 -14.59
N TRP C 215 -120.43 -46.28 -13.36
CA TRP C 215 -120.60 -45.41 -12.20
C TRP C 215 -119.24 -45.27 -11.53
N SER C 216 -118.72 -44.05 -11.45
CA SER C 216 -117.41 -43.81 -10.83
C SER C 216 -116.45 -44.77 -11.49
N SER C 217 -116.57 -44.91 -12.80
CA SER C 217 -115.73 -45.84 -13.56
C SER C 217 -115.05 -45.22 -14.78
N ASP C 218 -113.73 -45.32 -14.81
CA ASP C 218 -112.94 -44.78 -15.92
C ASP C 218 -111.98 -45.88 -16.37
N PRO C 219 -112.52 -46.94 -17.02
CA PRO C 219 -111.73 -48.08 -17.51
C PRO C 219 -110.44 -47.71 -18.25
N GLU C 220 -110.52 -46.76 -19.17
CA GLU C 220 -109.35 -46.36 -19.94
C GLU C 220 -108.22 -45.90 -19.02
N THR C 221 -108.51 -44.96 -18.14
CA THR C 221 -107.50 -44.43 -17.23
C THR C 221 -106.90 -45.46 -16.28
N ASN C 222 -107.75 -46.14 -15.52
CA ASN C 222 -107.29 -47.10 -14.53
C ASN C 222 -107.01 -48.51 -15.02
N SER C 223 -107.77 -48.94 -16.03
CA SER C 223 -107.61 -50.27 -16.63
C SER C 223 -107.86 -51.37 -15.59
N GLY C 224 -108.43 -50.98 -14.46
CA GLY C 224 -108.64 -51.92 -13.37
C GLY C 224 -107.38 -51.63 -12.57
N ILE C 225 -106.26 -52.17 -13.04
CA ILE C 225 -104.96 -51.93 -12.43
C ILE C 225 -103.86 -52.72 -13.13
N TYR C 226 -102.75 -52.06 -13.44
CA TYR C 226 -101.59 -52.69 -14.08
C TYR C 226 -101.83 -53.25 -15.49
N ALA C 227 -102.98 -52.98 -16.09
CA ALA C 227 -103.28 -53.56 -17.40
C ALA C 227 -103.23 -52.68 -18.65
N GLY C 228 -102.41 -51.64 -18.63
CA GLY C 228 -102.29 -50.75 -19.78
C GLY C 228 -103.62 -50.35 -20.42
N PHE C 229 -103.87 -50.80 -21.64
CA PHE C 229 -105.12 -50.50 -22.35
C PHE C 229 -105.70 -51.78 -22.97
N GLU C 230 -105.54 -52.89 -22.25
CA GLU C 230 -106.01 -54.18 -22.71
C GLU C 230 -107.50 -54.27 -23.05
N SER C 231 -108.33 -53.60 -22.26
CA SER C 231 -109.78 -53.66 -22.48
C SER C 231 -110.36 -52.76 -23.59
N ASN C 232 -109.60 -51.76 -24.03
CA ASN C 232 -110.10 -50.85 -25.06
C ASN C 232 -110.86 -51.53 -26.21
N ILE C 233 -110.28 -52.56 -26.81
CA ILE C 233 -110.94 -53.23 -27.94
C ILE C 233 -112.23 -53.93 -27.52
N ARG C 234 -112.34 -54.29 -26.24
CA ARG C 234 -113.53 -54.96 -25.74
C ARG C 234 -114.73 -54.03 -25.71
N ARG C 235 -114.52 -52.80 -25.25
CA ARG C 235 -115.62 -51.84 -25.21
C ARG C 235 -115.95 -51.44 -26.65
N GLN C 236 -114.96 -51.53 -27.53
CA GLN C 236 -115.19 -51.22 -28.93
C GLN C 236 -116.15 -52.29 -29.44
N TRP C 237 -115.91 -53.54 -29.06
CA TRP C 237 -116.76 -54.65 -29.48
C TRP C 237 -118.20 -54.41 -29.02
N LEU C 238 -118.35 -54.09 -27.74
CA LEU C 238 -119.68 -53.82 -27.17
C LEU C 238 -120.33 -52.64 -27.87
N LYS C 239 -119.56 -51.57 -28.04
CA LYS C 239 -120.08 -50.38 -28.71
C LYS C 239 -120.60 -50.73 -30.09
N ASP C 240 -119.82 -51.51 -30.84
CA ASP C 240 -120.21 -51.90 -32.19
C ASP C 240 -121.33 -52.93 -32.23
N LEU C 241 -121.70 -53.46 -31.07
CA LEU C 241 -122.79 -54.43 -30.99
C LEU C 241 -124.08 -53.68 -30.66
N GLY C 242 -123.95 -52.37 -30.48
CA GLY C 242 -125.11 -51.56 -30.17
C GLY C 242 -125.38 -51.32 -28.69
N VAL C 243 -124.40 -51.60 -27.84
CA VAL C 243 -124.57 -51.40 -26.40
C VAL C 243 -124.42 -49.94 -26.01
N ASP C 244 -125.36 -49.43 -25.22
CA ASP C 244 -125.30 -48.03 -24.78
C ASP C 244 -124.40 -47.89 -23.56
N PHE C 245 -123.63 -46.80 -23.55
CA PHE C 245 -122.70 -46.52 -22.47
C PHE C 245 -123.13 -45.26 -21.73
N VAL C 246 -123.48 -45.41 -20.46
CA VAL C 246 -123.88 -44.27 -19.65
C VAL C 246 -122.82 -44.07 -18.57
N PHE C 247 -122.37 -42.84 -18.40
CA PHE C 247 -121.34 -42.55 -17.41
C PHE C 247 -121.81 -41.59 -16.31
N ILE C 248 -121.70 -42.02 -15.06
CA ILE C 248 -122.09 -41.20 -13.92
C ILE C 248 -120.78 -40.88 -13.20
N ASP C 249 -120.34 -39.63 -13.34
CA ASP C 249 -119.07 -39.20 -12.77
C ASP C 249 -119.03 -37.69 -12.73
N PRO C 250 -118.63 -37.09 -11.60
CA PRO C 250 -118.57 -35.63 -11.51
C PRO C 250 -117.72 -35.08 -12.66
N HIS C 251 -116.65 -35.79 -12.96
CA HIS C 251 -115.76 -35.39 -14.05
C HIS C 251 -116.04 -36.27 -15.27
N MET C 252 -116.15 -35.65 -16.44
CA MET C 252 -116.39 -36.43 -17.65
C MET C 252 -115.04 -37.08 -17.95
N ASN C 253 -114.80 -38.23 -17.31
CA ASN C 253 -113.55 -38.95 -17.45
C ASN C 253 -113.17 -39.38 -18.86
N HIS C 254 -111.93 -39.83 -19.00
CA HIS C 254 -111.38 -40.22 -20.29
C HIS C 254 -112.11 -41.34 -21.03
N THR C 255 -112.77 -42.23 -20.31
CA THR C 255 -113.51 -43.28 -20.98
C THR C 255 -114.77 -42.61 -21.52
N ALA C 256 -115.37 -41.76 -20.71
CA ALA C 256 -116.59 -41.05 -21.11
C ALA C 256 -116.32 -40.11 -22.29
N ARG C 257 -115.18 -39.44 -22.26
CA ARG C 257 -114.83 -38.52 -23.34
C ARG C 257 -114.68 -39.28 -24.65
N LEU C 258 -114.50 -40.59 -24.56
CA LEU C 258 -114.31 -41.43 -25.73
C LEU C 258 -115.57 -42.13 -26.24
N VAL C 259 -116.23 -42.91 -25.37
CA VAL C 259 -117.40 -43.66 -25.80
C VAL C 259 -118.71 -43.41 -25.06
N ALA C 260 -118.83 -42.27 -24.38
CA ALA C 260 -120.06 -41.96 -23.65
C ALA C 260 -121.25 -41.70 -24.57
N ASP C 261 -122.41 -42.23 -24.20
CA ASP C 261 -123.64 -42.02 -24.94
C ASP C 261 -124.43 -40.99 -24.16
N LYS C 262 -124.08 -40.87 -22.88
CA LYS C 262 -124.70 -39.91 -21.97
C LYS C 262 -123.81 -39.83 -20.74
N TRP C 263 -123.66 -38.61 -20.23
CA TRP C 263 -122.83 -38.36 -19.05
C TRP C 263 -123.58 -37.61 -17.97
N PHE C 264 -123.57 -38.16 -16.76
CA PHE C 264 -124.22 -37.55 -15.60
C PHE C 264 -123.11 -37.03 -14.72
N SER C 265 -123.24 -35.79 -14.25
CA SER C 265 -122.21 -35.23 -13.38
C SER C 265 -122.80 -34.85 -12.03
N PRO C 266 -122.86 -35.81 -11.09
CA PRO C 266 -123.42 -35.54 -9.77
C PRO C 266 -122.43 -34.76 -8.88
N LYS C 267 -122.97 -33.92 -8.00
CA LYS C 267 -122.14 -33.15 -7.09
C LYS C 267 -121.39 -34.13 -6.21
N ILE C 268 -120.25 -33.72 -5.68
CA ILE C 268 -119.48 -34.63 -4.84
C ILE C 268 -120.34 -35.17 -3.69
N GLY C 269 -120.09 -36.42 -3.32
CA GLY C 269 -120.80 -37.06 -2.24
C GLY C 269 -122.32 -37.18 -2.37
N THR C 270 -122.83 -37.26 -3.60
CA THR C 270 -124.29 -37.35 -3.79
C THR C 270 -124.78 -38.55 -4.61
N ASP C 271 -123.87 -39.44 -4.98
CA ASP C 271 -124.22 -40.61 -5.79
C ASP C 271 -125.36 -41.47 -5.27
N HIS C 272 -125.34 -41.80 -3.98
CA HIS C 272 -126.38 -42.65 -3.42
C HIS C 272 -127.77 -42.05 -3.53
N ALA C 273 -127.84 -40.74 -3.75
CA ALA C 273 -129.14 -40.10 -3.91
C ALA C 273 -129.73 -40.61 -5.23
N LEU C 274 -128.87 -40.76 -6.24
CA LEU C 274 -129.31 -41.25 -7.54
C LEU C 274 -129.68 -42.73 -7.45
N SER C 275 -128.86 -43.51 -6.74
CA SER C 275 -129.14 -44.93 -6.61
C SER C 275 -130.45 -45.14 -5.88
N PHE C 276 -130.77 -44.28 -4.91
CA PHE C 276 -132.02 -44.41 -4.19
C PHE C 276 -133.21 -44.05 -5.08
N ALA C 277 -133.05 -42.98 -5.87
CA ALA C 277 -134.12 -42.55 -6.78
C ALA C 277 -134.37 -43.61 -7.84
N ILE C 278 -133.30 -44.30 -8.24
CA ILE C 278 -133.45 -45.35 -9.24
C ILE C 278 -134.22 -46.50 -8.59
N ALA C 279 -133.86 -46.87 -7.37
CA ALA C 279 -134.54 -47.95 -6.66
C ALA C 279 -136.00 -47.53 -6.42
N TYR C 280 -136.19 -46.27 -6.06
CA TYR C 280 -137.52 -45.71 -5.83
C TYR C 280 -138.37 -45.91 -7.09
N THR C 281 -137.81 -45.58 -8.24
CA THR C 281 -138.54 -45.72 -9.50
C THR C 281 -138.94 -47.17 -9.73
N TRP C 282 -138.00 -48.09 -9.48
CA TRP C 282 -138.27 -49.50 -9.69
C TRP C 282 -139.36 -50.00 -8.75
N LEU C 283 -139.30 -49.60 -7.49
CA LEU C 283 -140.30 -50.02 -6.51
C LEU C 283 -141.67 -49.49 -6.90
N LYS C 284 -141.71 -48.23 -7.33
CA LYS C 284 -142.96 -47.59 -7.73
C LYS C 284 -143.57 -48.19 -8.98
N GLU C 285 -142.71 -48.67 -9.89
CA GLU C 285 -143.17 -49.24 -11.14
C GLU C 285 -143.03 -50.76 -11.23
N ASP C 286 -142.72 -51.39 -10.11
CA ASP C 286 -142.56 -52.84 -10.04
C ASP C 286 -141.60 -53.34 -11.13
N SER C 287 -140.61 -52.52 -11.48
CA SER C 287 -139.67 -52.92 -12.52
C SER C 287 -138.35 -53.49 -12.02
N TYR C 288 -138.40 -54.68 -11.41
CA TYR C 288 -137.19 -55.34 -10.94
C TYR C 288 -137.47 -56.83 -10.74
N ASP C 289 -136.44 -57.60 -10.45
CA ASP C 289 -136.57 -59.04 -10.26
C ASP C 289 -137.08 -59.38 -8.85
N LYS C 290 -138.40 -59.33 -8.69
CA LYS C 290 -139.02 -59.63 -7.41
C LYS C 290 -138.70 -61.03 -6.90
N GLU C 291 -138.61 -62.00 -7.81
CA GLU C 291 -138.30 -63.39 -7.43
C GLU C 291 -136.89 -63.49 -6.84
N TYR C 292 -135.94 -62.84 -7.51
CA TYR C 292 -134.56 -62.85 -7.07
C TYR C 292 -134.43 -62.24 -5.68
N VAL C 293 -135.06 -61.09 -5.49
CA VAL C 293 -135.01 -60.40 -4.20
C VAL C 293 -135.71 -61.20 -3.10
N ALA C 294 -136.87 -61.77 -3.43
CA ALA C 294 -137.61 -62.56 -2.46
C ALA C 294 -136.76 -63.72 -1.96
N ALA C 295 -135.90 -64.22 -2.84
CA ALA C 295 -135.05 -65.35 -2.50
C ALA C 295 -133.67 -65.00 -1.97
N ASN C 296 -133.07 -63.91 -2.45
CA ASN C 296 -131.70 -63.59 -2.03
C ASN C 296 -131.40 -62.31 -1.24
N ALA C 297 -132.41 -61.66 -0.68
CA ALA C 297 -132.19 -60.44 0.10
C ALA C 297 -132.76 -60.56 1.51
N HIS C 298 -132.14 -59.86 2.44
CA HIS C 298 -132.58 -59.85 3.83
C HIS C 298 -132.87 -58.40 4.24
N GLY C 299 -133.98 -58.19 4.94
CA GLY C 299 -134.37 -56.87 5.39
C GLY C 299 -134.84 -55.97 4.24
N PHE C 300 -135.17 -56.56 3.10
CA PHE C 300 -135.61 -55.78 1.95
C PHE C 300 -136.94 -55.06 2.15
N GLU C 301 -137.89 -55.71 2.80
CA GLU C 301 -139.19 -55.09 3.04
C GLU C 301 -139.04 -53.76 3.77
N GLU C 302 -138.23 -53.76 4.82
CA GLU C 302 -138.00 -52.56 5.62
C GLU C 302 -137.23 -51.52 4.81
N TRP C 303 -136.33 -52.00 3.96
CA TRP C 303 -135.53 -51.10 3.14
C TRP C 303 -136.45 -50.39 2.15
N ALA C 304 -137.33 -51.17 1.50
CA ALA C 304 -138.25 -50.62 0.53
C ALA C 304 -139.05 -49.49 1.18
N ASP C 305 -139.55 -49.74 2.39
CA ASP C 305 -140.32 -48.73 3.11
C ASP C 305 -139.49 -47.45 3.28
N TYR C 306 -138.21 -47.60 3.60
CA TYR C 306 -137.36 -46.44 3.80
C TYR C 306 -137.25 -45.64 2.50
N VAL C 307 -137.01 -46.35 1.38
CA VAL C 307 -136.88 -45.69 0.08
C VAL C 307 -138.17 -44.97 -0.29
N LEU C 308 -139.30 -45.58 0.06
CA LEU C 308 -140.60 -44.99 -0.23
C LEU C 308 -140.89 -43.77 0.65
N GLY C 309 -140.07 -43.59 1.68
CA GLY C 309 -140.23 -42.45 2.57
C GLY C 309 -141.14 -42.66 3.77
N LYS C 310 -141.67 -43.87 3.92
CA LYS C 310 -142.57 -44.20 5.00
C LYS C 310 -141.96 -44.04 6.38
N THR C 311 -140.62 -44.09 6.46
CA THR C 311 -139.97 -43.98 7.76
C THR C 311 -139.34 -42.64 8.09
N ASP C 312 -138.90 -41.89 7.08
CA ASP C 312 -138.29 -40.59 7.34
C ASP C 312 -139.08 -39.42 6.76
N GLY C 313 -140.24 -39.72 6.17
CA GLY C 313 -141.08 -38.69 5.59
C GLY C 313 -140.54 -38.07 4.31
N THR C 314 -139.54 -38.73 3.73
CA THR C 314 -138.92 -38.21 2.53
C THR C 314 -138.83 -39.22 1.40
N PRO C 315 -139.84 -39.26 0.51
CA PRO C 315 -139.79 -40.22 -0.60
C PRO C 315 -138.52 -39.92 -1.40
N LYS C 316 -137.76 -40.95 -1.75
CA LYS C 316 -136.52 -40.76 -2.49
C LYS C 316 -136.76 -40.63 -4.00
N THR C 317 -137.55 -39.63 -4.36
CA THR C 317 -137.91 -39.35 -5.74
C THR C 317 -136.71 -38.88 -6.57
N CYS C 318 -136.92 -38.77 -7.89
CA CYS C 318 -135.88 -38.29 -8.78
C CYS C 318 -135.73 -36.78 -8.59
N GLU C 319 -136.82 -36.10 -8.21
CA GLU C 319 -136.78 -34.66 -7.96
C GLU C 319 -135.91 -34.43 -6.72
N TRP C 320 -136.12 -35.27 -5.71
CA TRP C 320 -135.36 -35.20 -4.47
C TRP C 320 -133.88 -35.44 -4.79
N ALA C 321 -133.61 -36.39 -5.68
CA ALA C 321 -132.24 -36.70 -6.08
C ALA C 321 -131.61 -35.54 -6.86
N GLU C 322 -132.41 -34.86 -7.68
CA GLU C 322 -131.89 -33.74 -8.46
C GLU C 322 -131.47 -32.63 -7.49
N GLU C 323 -132.28 -32.41 -6.47
CA GLU C 323 -132.02 -31.39 -5.47
C GLU C 323 -130.68 -31.66 -4.78
N GLU C 324 -130.37 -32.94 -4.59
CA GLU C 324 -129.14 -33.35 -3.94
C GLU C 324 -127.92 -33.33 -4.84
N SER C 325 -128.07 -33.93 -6.03
CA SER C 325 -126.99 -34.09 -6.99
C SER C 325 -126.81 -33.05 -8.10
N GLY C 326 -127.88 -32.36 -8.46
CA GLY C 326 -127.78 -31.39 -9.53
C GLY C 326 -128.08 -32.05 -10.85
N VAL C 327 -128.28 -33.38 -10.83
CA VAL C 327 -128.59 -34.14 -12.02
C VAL C 327 -130.10 -34.07 -12.27
N PRO C 328 -130.51 -33.68 -13.50
CA PRO C 328 -131.92 -33.55 -13.88
C PRO C 328 -132.77 -34.76 -13.48
N ALA C 329 -133.88 -34.49 -12.79
CA ALA C 329 -134.78 -35.54 -12.34
C ALA C 329 -135.24 -36.44 -13.48
N CYS C 330 -135.53 -35.84 -14.63
CA CYS C 330 -135.99 -36.61 -15.79
C CYS C 330 -134.94 -37.58 -16.33
N GLU C 331 -133.68 -37.16 -16.36
CA GLU C 331 -132.61 -38.02 -16.85
C GLU C 331 -132.37 -39.19 -15.90
N ILE C 332 -132.49 -38.93 -14.61
CA ILE C 332 -132.30 -39.98 -13.60
C ILE C 332 -133.38 -41.05 -13.80
N ARG C 333 -134.60 -40.59 -14.03
CA ARG C 333 -135.73 -41.49 -14.23
C ARG C 333 -135.60 -42.24 -15.56
N ALA C 334 -135.18 -41.55 -16.60
CA ALA C 334 -135.02 -42.18 -17.92
C ALA C 334 -134.07 -43.37 -17.80
N LEU C 335 -132.96 -43.16 -17.11
CA LEU C 335 -131.96 -44.21 -16.91
C LEU C 335 -132.55 -45.38 -16.13
N ALA C 336 -133.25 -45.08 -15.05
CA ALA C 336 -133.86 -46.10 -14.21
C ALA C 336 -134.79 -47.00 -15.01
N ARG C 337 -135.67 -46.38 -15.79
CA ARG C 337 -136.61 -47.13 -16.61
C ARG C 337 -135.88 -47.96 -17.66
N GLN C 338 -134.88 -47.36 -18.30
CA GLN C 338 -134.11 -48.05 -19.34
C GLN C 338 -133.36 -49.21 -18.69
N TRP C 339 -132.71 -48.93 -17.57
CA TRP C 339 -131.95 -49.92 -16.82
C TRP C 339 -132.81 -51.15 -16.51
N ALA C 340 -134.07 -50.91 -16.15
CA ALA C 340 -134.96 -52.00 -15.81
C ALA C 340 -135.33 -52.89 -16.99
N LYS C 341 -135.67 -52.29 -18.13
CA LYS C 341 -136.07 -53.10 -19.28
C LYS C 341 -134.98 -53.71 -20.15
N LYS C 342 -133.75 -53.23 -20.03
CA LYS C 342 -132.65 -53.75 -20.84
C LYS C 342 -131.68 -54.63 -20.02
N ASN C 343 -130.93 -55.48 -20.71
CA ASN C 343 -129.94 -56.30 -20.00
C ASN C 343 -128.86 -55.30 -19.67
N THR C 344 -128.85 -54.83 -18.43
CA THR C 344 -127.89 -53.83 -18.00
C THR C 344 -126.87 -54.33 -17.01
N TYR C 345 -125.60 -54.08 -17.30
CA TYR C 345 -124.49 -54.45 -16.42
C TYR C 345 -124.04 -53.18 -15.70
N LEU C 346 -123.82 -53.28 -14.40
CA LEU C 346 -123.39 -52.13 -13.63
C LEU C 346 -121.88 -52.11 -13.48
N ALA C 347 -121.25 -51.14 -14.13
CA ALA C 347 -119.80 -50.98 -14.08
C ALA C 347 -119.43 -50.04 -12.94
N ALA C 348 -119.52 -50.52 -11.72
CA ALA C 348 -119.18 -49.72 -10.56
C ALA C 348 -117.66 -49.76 -10.40
N GLY C 349 -117.00 -48.62 -10.54
CA GLY C 349 -115.55 -48.60 -10.42
C GLY C 349 -114.91 -49.15 -11.68
N GLY C 350 -113.60 -48.96 -11.82
CA GLY C 350 -112.93 -49.44 -13.02
C GLY C 350 -112.52 -50.90 -13.01
N LEU C 351 -112.56 -51.52 -11.84
CA LEU C 351 -112.17 -52.92 -11.72
C LEU C 351 -113.33 -53.90 -11.66
N GLY C 352 -114.44 -53.42 -11.11
CA GLY C 352 -115.58 -54.27 -10.89
C GLY C 352 -115.43 -54.20 -9.39
N GLY C 353 -115.87 -53.07 -8.86
CA GLY C 353 -115.69 -52.79 -7.45
C GLY C 353 -114.76 -51.59 -7.51
N TRP C 354 -114.23 -51.14 -6.39
CA TRP C 354 -113.37 -49.96 -6.37
C TRP C 354 -114.22 -48.76 -6.85
N GLY C 355 -113.53 -47.72 -7.32
CA GLY C 355 -114.18 -46.50 -7.77
C GLY C 355 -113.86 -45.40 -6.78
N GLY C 356 -113.53 -44.22 -7.28
CA GLY C 356 -113.21 -43.10 -6.41
C GLY C 356 -114.32 -42.77 -5.44
N ALA C 357 -115.56 -43.06 -5.83
CA ALA C 357 -116.72 -42.79 -5.00
C ALA C 357 -116.67 -43.57 -3.71
N CYS C 358 -115.96 -44.70 -3.73
CA CYS C 358 -115.89 -45.53 -2.53
C CYS C 358 -114.96 -44.99 -1.46
N ARG C 359 -114.04 -44.10 -1.82
CA ARG C 359 -113.16 -43.52 -0.80
C ARG C 359 -113.47 -42.03 -0.74
N ALA C 360 -114.60 -41.74 -0.09
CA ALA C 360 -115.13 -40.40 0.07
C ALA C 360 -116.12 -40.49 1.23
N SER C 361 -116.49 -39.35 1.81
CA SER C 361 -117.40 -39.35 2.94
C SER C 361 -118.68 -40.17 2.77
N HIS C 362 -119.09 -40.40 1.51
CA HIS C 362 -120.31 -41.16 1.26
C HIS C 362 -119.99 -42.53 0.67
N GLY C 363 -118.72 -42.92 0.73
CA GLY C 363 -118.31 -44.20 0.17
C GLY C 363 -119.08 -45.43 0.62
N ILE C 364 -119.43 -45.50 1.90
CA ILE C 364 -120.18 -46.65 2.39
C ILE C 364 -121.51 -46.82 1.69
N GLU C 365 -122.30 -45.75 1.63
CA GLU C 365 -123.61 -45.80 1.00
C GLU C 365 -123.56 -45.88 -0.52
N TRP C 366 -122.46 -45.44 -1.12
CA TRP C 366 -122.35 -45.54 -2.57
C TRP C 366 -122.20 -47.01 -2.93
N ALA C 367 -121.28 -47.69 -2.24
CA ALA C 367 -121.04 -49.10 -2.50
C ALA C 367 -122.30 -49.91 -2.22
N ARG C 368 -122.92 -49.68 -1.05
CA ARG C 368 -124.12 -50.42 -0.74
C ARG C 368 -125.24 -50.12 -1.72
N GLY C 369 -125.21 -48.93 -2.31
CA GLY C 369 -126.22 -48.56 -3.29
C GLY C 369 -126.03 -49.33 -4.57
N MET C 370 -124.78 -49.54 -4.95
CA MET C 370 -124.46 -50.28 -6.17
C MET C 370 -124.89 -51.74 -5.96
N ILE C 371 -124.63 -52.26 -4.77
CA ILE C 371 -124.99 -53.63 -4.47
C ILE C 371 -126.52 -53.71 -4.47
N ALA C 372 -127.14 -52.70 -3.86
CA ALA C 372 -128.59 -52.65 -3.79
C ALA C 372 -129.16 -52.74 -5.20
N LEU C 373 -128.70 -51.84 -6.07
CA LEU C 373 -129.15 -51.80 -7.46
C LEU C 373 -128.90 -53.09 -8.24
N ALA C 374 -127.67 -53.58 -8.23
CA ALA C 374 -127.34 -54.79 -8.96
C ALA C 374 -128.17 -55.96 -8.46
N THR C 375 -128.48 -55.95 -7.16
CA THR C 375 -129.29 -57.00 -6.54
C THR C 375 -130.72 -56.99 -7.06
N MET C 376 -131.37 -55.82 -7.02
CA MET C 376 -132.74 -55.71 -7.47
C MET C 376 -132.93 -56.17 -8.92
N GLN C 377 -131.85 -56.10 -9.71
CA GLN C 377 -131.91 -56.52 -11.10
C GLN C 377 -131.43 -57.97 -11.27
N GLY C 378 -131.32 -58.68 -10.14
CA GLY C 378 -130.91 -60.07 -10.16
C GLY C 378 -129.54 -60.33 -10.76
N MET C 379 -128.50 -59.78 -10.14
CA MET C 379 -127.15 -59.97 -10.62
C MET C 379 -126.72 -61.44 -10.64
N GLY C 380 -126.04 -61.84 -11.71
CA GLY C 380 -125.59 -63.21 -11.82
C GLY C 380 -126.24 -63.96 -12.96
N LYS C 381 -127.46 -63.57 -13.31
CA LYS C 381 -128.17 -64.23 -14.40
C LYS C 381 -127.72 -63.60 -15.71
N PRO C 382 -127.97 -64.28 -16.84
CA PRO C 382 -127.58 -63.76 -18.16
C PRO C 382 -128.09 -62.34 -18.41
N GLY C 383 -127.19 -61.45 -18.83
CA GLY C 383 -127.57 -60.08 -19.11
C GLY C 383 -127.65 -59.11 -17.95
N SER C 384 -127.53 -59.60 -16.72
CA SER C 384 -127.61 -58.72 -15.57
C SER C 384 -126.53 -59.06 -14.54
N ASN C 385 -125.66 -58.09 -14.26
CA ASN C 385 -124.60 -58.33 -13.31
C ASN C 385 -123.81 -57.06 -13.07
N MET C 386 -122.82 -57.17 -12.18
CA MET C 386 -121.94 -56.04 -11.89
C MET C 386 -120.67 -56.41 -12.66
N TRP C 387 -120.37 -55.63 -13.69
CA TRP C 387 -119.20 -55.88 -14.52
C TRP C 387 -118.71 -54.54 -15.06
N SER C 388 -117.42 -54.27 -14.89
CA SER C 388 -116.84 -53.01 -15.34
C SER C 388 -116.18 -53.10 -16.71
N THR C 389 -116.27 -54.28 -17.31
CA THR C 389 -115.72 -54.57 -18.63
C THR C 389 -114.19 -54.68 -18.70
N THR C 390 -113.53 -54.74 -17.54
CA THR C 390 -112.08 -54.87 -17.52
C THR C 390 -111.67 -56.31 -17.21
N GLN C 391 -112.43 -56.96 -16.34
CA GLN C 391 -112.13 -58.34 -15.98
C GLN C 391 -113.09 -59.25 -16.74
N GLY C 392 -113.05 -60.54 -16.44
CA GLY C 392 -113.95 -61.48 -17.10
C GLY C 392 -113.39 -62.17 -18.32
N VAL C 393 -112.18 -61.80 -18.75
CA VAL C 393 -111.57 -62.40 -19.92
C VAL C 393 -111.41 -63.91 -19.68
N PRO C 394 -111.76 -64.74 -20.68
CA PRO C 394 -111.72 -66.21 -20.68
C PRO C 394 -110.35 -66.87 -20.55
N LEU C 395 -109.44 -66.28 -19.78
CA LEU C 395 -108.12 -66.88 -19.60
C LEU C 395 -108.23 -68.21 -18.85
N ASP C 396 -107.15 -68.99 -18.84
CA ASP C 396 -107.15 -70.28 -18.15
C ASP C 396 -106.98 -70.13 -16.65
N TYR C 397 -108.11 -70.04 -15.94
CA TYR C 397 -108.12 -69.88 -14.50
C TYR C 397 -107.53 -71.11 -13.81
N GLU C 398 -107.42 -72.21 -14.54
CA GLU C 398 -106.87 -73.45 -13.98
C GLU C 398 -105.35 -73.45 -13.90
N PHE C 399 -104.69 -72.63 -14.70
CA PHE C 399 -103.24 -72.54 -14.68
C PHE C 399 -102.85 -71.70 -13.47
N TYR C 400 -101.87 -72.17 -12.70
CA TYR C 400 -101.46 -71.44 -11.51
C TYR C 400 -100.12 -70.72 -11.58
N PHE C 401 -100.17 -69.41 -11.36
CA PHE C 401 -98.97 -68.58 -11.29
C PHE C 401 -99.27 -67.49 -10.27
N PRO C 402 -98.45 -67.40 -9.22
CA PRO C 402 -98.53 -66.46 -8.10
C PRO C 402 -98.57 -64.98 -8.46
N GLY C 403 -99.35 -64.22 -7.70
CA GLY C 403 -99.43 -62.79 -7.89
C GLY C 403 -98.49 -62.24 -6.82
N TYR C 404 -98.05 -61.00 -6.94
CA TYR C 404 -97.13 -60.45 -5.95
C TYR C 404 -97.70 -60.48 -4.53
N ALA C 405 -99.02 -60.32 -4.42
CA ALA C 405 -99.68 -60.29 -3.12
C ALA C 405 -99.58 -61.62 -2.37
N GLU C 406 -99.15 -62.68 -3.06
CA GLU C 406 -99.06 -63.97 -2.40
C GLU C 406 -97.80 -64.18 -1.56
N GLY C 407 -97.06 -63.10 -1.34
CA GLY C 407 -95.89 -63.17 -0.47
C GLY C 407 -94.50 -63.43 -1.01
N GLY C 408 -94.40 -63.96 -2.22
CA GLY C 408 -93.08 -64.24 -2.78
C GLY C 408 -92.19 -65.03 -1.83
N ILE C 409 -91.02 -64.46 -1.52
CA ILE C 409 -90.06 -65.13 -0.64
C ILE C 409 -90.24 -64.91 0.86
N SER C 410 -91.28 -64.20 1.27
CA SER C 410 -91.47 -63.97 2.71
C SER C 410 -92.26 -65.11 3.35
N GLY C 411 -93.24 -65.63 2.63
CA GLY C 411 -94.05 -66.71 3.16
C GLY C 411 -94.81 -66.30 4.40
N ASP C 412 -95.07 -64.99 4.51
CA ASP C 412 -95.80 -64.42 5.65
C ASP C 412 -97.28 -64.74 5.49
N CYS C 413 -97.79 -65.70 6.28
CA CYS C 413 -99.18 -66.11 6.18
C CYS C 413 -100.24 -65.13 6.65
N GLU C 414 -99.83 -64.09 7.37
CA GLU C 414 -100.80 -63.12 7.87
C GLU C 414 -100.81 -61.77 7.16
N ASN C 415 -99.67 -61.39 6.59
CA ASN C 415 -99.58 -60.11 5.92
C ASN C 415 -99.47 -60.18 4.40
N SER C 416 -99.61 -61.40 3.87
CA SER C 416 -99.58 -61.63 2.44
C SER C 416 -100.56 -62.77 2.22
N ALA C 417 -100.85 -63.08 0.96
CA ALA C 417 -101.80 -64.16 0.65
C ALA C 417 -101.10 -65.51 0.50
N ALA C 418 -99.86 -65.60 0.99
CA ALA C 418 -99.08 -66.83 0.89
C ALA C 418 -99.84 -68.06 1.41
N GLY C 419 -100.54 -67.89 2.52
CA GLY C 419 -101.28 -68.98 3.11
C GLY C 419 -102.30 -69.70 2.27
N PHE C 420 -102.70 -69.11 1.14
CA PHE C 420 -103.70 -69.75 0.31
C PHE C 420 -103.14 -70.91 -0.49
N LYS C 421 -101.99 -70.70 -1.13
CA LYS C 421 -101.40 -71.76 -1.93
C LYS C 421 -99.88 -71.67 -2.11
N PHE C 422 -99.39 -70.49 -2.49
CA PHE C 422 -97.96 -70.31 -2.74
C PHE C 422 -97.00 -70.75 -1.66
N ALA C 423 -97.29 -70.40 -0.40
CA ALA C 423 -96.42 -70.77 0.71
C ALA C 423 -96.22 -72.28 0.74
N TRP C 424 -97.29 -73.02 0.49
CA TRP C 424 -97.26 -74.47 0.51
C TRP C 424 -96.46 -75.04 -0.65
N ARG C 425 -96.29 -74.22 -1.68
CA ARG C 425 -95.53 -74.63 -2.86
C ARG C 425 -94.09 -74.15 -2.81
N MET C 426 -93.89 -72.96 -2.22
CA MET C 426 -92.57 -72.33 -2.14
C MET C 426 -91.62 -72.90 -1.09
N PHE C 427 -92.16 -73.31 0.06
CA PHE C 427 -91.33 -73.84 1.13
C PHE C 427 -91.63 -75.30 1.41
N ASP C 428 -90.58 -76.04 1.77
CA ASP C 428 -90.67 -77.47 2.04
C ASP C 428 -90.52 -77.87 3.50
N GLY C 429 -90.07 -76.95 4.33
CA GLY C 429 -89.89 -77.27 5.74
C GLY C 429 -88.66 -78.16 5.88
N LYS C 430 -87.77 -78.07 4.89
CA LYS C 430 -86.55 -78.85 4.88
C LYS C 430 -85.31 -78.02 4.52
N THR C 431 -85.33 -77.41 3.33
CA THR C 431 -84.19 -76.63 2.85
C THR C 431 -84.40 -75.12 2.75
N THR C 432 -85.65 -74.69 2.65
CA THR C 432 -85.95 -73.27 2.54
C THR C 432 -87.09 -72.92 3.50
N PHE C 433 -86.94 -71.83 4.24
CA PHE C 433 -87.95 -71.45 5.23
C PHE C 433 -88.52 -70.03 5.12
N PRO C 434 -89.76 -69.84 5.59
CA PRO C 434 -90.48 -68.56 5.59
C PRO C 434 -89.97 -67.62 6.68
N SER C 435 -90.45 -66.39 6.67
CA SER C 435 -90.04 -65.40 7.67
C SER C 435 -91.29 -64.78 8.30
N PRO C 436 -91.79 -65.42 9.37
CA PRO C 436 -92.99 -64.98 10.10
C PRO C 436 -92.73 -63.76 10.95
N SER C 437 -93.79 -63.07 11.34
CA SER C 437 -93.68 -61.89 12.21
C SER C 437 -94.58 -62.02 13.42
N ASN C 438 -93.98 -62.04 14.60
CA ASN C 438 -94.75 -62.14 15.83
C ASN C 438 -95.17 -60.75 16.35
N LEU C 439 -94.90 -59.71 15.56
CA LEU C 439 -95.28 -58.35 15.95
C LEU C 439 -96.35 -57.78 15.02
N ASN C 440 -96.21 -58.02 13.72
CA ASN C 440 -97.19 -57.53 12.75
C ASN C 440 -98.38 -58.48 12.75
N THR C 441 -99.06 -58.54 13.89
CA THR C 441 -100.20 -59.41 14.07
C THR C 441 -101.16 -58.72 15.04
N SER C 442 -102.44 -59.09 15.00
CA SER C 442 -103.44 -58.47 15.87
C SER C 442 -103.00 -58.35 17.32
N ALA C 443 -102.42 -59.41 17.88
CA ALA C 443 -101.98 -59.42 19.27
C ALA C 443 -100.67 -58.69 19.48
N GLY C 444 -100.06 -58.22 18.39
CA GLY C 444 -98.80 -57.51 18.49
C GLY C 444 -99.08 -56.03 18.48
N GLN C 445 -98.31 -55.28 17.70
CA GLN C 445 -98.53 -53.85 17.57
C GLN C 445 -98.37 -53.33 16.17
N HIS C 446 -99.34 -52.54 15.74
CA HIS C 446 -99.33 -51.90 14.43
C HIS C 446 -100.07 -50.58 14.63
N ILE C 447 -99.94 -49.67 13.68
CA ILE C 447 -100.65 -48.41 13.76
C ILE C 447 -101.23 -48.15 12.39
N PRO C 448 -102.32 -47.37 12.32
CA PRO C 448 -102.95 -47.07 11.03
C PRO C 448 -102.10 -46.11 10.19
N ARG C 449 -101.93 -46.43 8.91
CA ARG C 449 -101.16 -45.58 8.02
C ARG C 449 -101.74 -44.18 7.96
N LEU C 450 -103.06 -44.10 8.00
CA LEU C 450 -103.77 -42.82 7.94
C LEU C 450 -103.59 -41.97 9.19
N LYS C 451 -103.15 -42.58 10.28
CA LYS C 451 -102.99 -41.85 11.53
C LYS C 451 -101.58 -41.94 12.13
N ILE C 452 -100.58 -42.13 11.28
CA ILE C 452 -99.21 -42.18 11.76
C ILE C 452 -98.84 -40.87 12.47
N PRO C 453 -99.20 -39.71 11.88
CA PRO C 453 -98.88 -38.41 12.49
C PRO C 453 -99.40 -38.24 13.90
N GLU C 454 -100.66 -38.62 14.12
CA GLU C 454 -101.25 -38.50 15.43
C GLU C 454 -100.53 -39.41 16.43
N CYS C 455 -100.17 -40.61 15.98
CA CYS C 455 -99.46 -41.54 16.85
C CYS C 455 -98.11 -40.95 17.24
N ILE C 456 -97.38 -40.40 16.27
CA ILE C 456 -96.08 -39.82 16.56
C ILE C 456 -96.16 -38.57 17.43
N MET C 457 -96.92 -37.57 16.99
CA MET C 457 -97.05 -36.32 17.72
C MET C 457 -97.91 -36.40 18.98
N GLY C 458 -98.95 -37.21 18.93
CA GLY C 458 -99.83 -37.35 20.08
C GLY C 458 -99.40 -38.44 21.04
N GLY C 459 -98.68 -39.43 20.54
CA GLY C 459 -98.20 -40.51 21.38
C GLY C 459 -99.24 -41.54 21.78
N LYS C 460 -100.44 -41.42 21.21
CA LYS C 460 -101.51 -42.36 21.54
C LYS C 460 -102.60 -42.34 20.47
N PHE C 461 -103.30 -43.47 20.34
CA PHE C 461 -104.41 -43.57 19.40
C PHE C 461 -105.21 -44.86 19.61
N GLN C 462 -106.45 -44.83 19.14
CA GLN C 462 -107.33 -45.99 19.27
C GLN C 462 -108.16 -46.04 18.00
N TRP C 463 -108.34 -47.25 17.45
CA TRP C 463 -109.09 -47.39 16.21
C TRP C 463 -109.73 -48.77 16.06
N SER C 464 -110.35 -48.98 14.91
CA SER C 464 -111.02 -50.24 14.59
C SER C 464 -110.33 -50.95 13.43
N GLY C 465 -110.13 -52.26 13.56
CA GLY C 465 -109.52 -53.05 12.50
C GLY C 465 -108.03 -52.91 12.26
N LYS C 466 -107.44 -53.96 11.67
CA LYS C 466 -106.02 -53.96 11.35
C LYS C 466 -105.83 -54.04 9.84
N GLY C 467 -105.31 -52.96 9.26
CA GLY C 467 -105.07 -52.92 7.82
C GLY C 467 -106.19 -53.51 7.01
N PHE C 468 -105.86 -54.38 6.05
CA PHE C 468 -106.85 -55.03 5.21
C PHE C 468 -107.51 -56.15 6.03
N ALA C 469 -108.72 -55.92 6.50
CA ALA C 469 -109.41 -56.92 7.33
C ALA C 469 -110.28 -57.86 6.51
N GLY C 470 -109.67 -58.60 5.60
CA GLY C 470 -110.43 -59.50 4.74
C GLY C 470 -110.65 -60.92 5.24
N GLY C 471 -110.29 -61.21 6.48
CA GLY C 471 -110.46 -62.56 6.98
C GLY C 471 -111.93 -62.96 7.08
N ASP C 472 -112.72 -62.08 7.68
CA ASP C 472 -114.16 -62.30 7.87
C ASP C 472 -114.81 -60.92 7.92
N ILE C 473 -116.12 -60.88 7.73
CA ILE C 473 -116.84 -59.62 7.75
C ILE C 473 -116.56 -58.75 8.98
N SER C 474 -116.63 -59.36 10.16
CA SER C 474 -116.42 -58.61 11.39
C SER C 474 -114.99 -58.33 11.85
N HIS C 475 -113.99 -58.80 11.13
CA HIS C 475 -112.61 -58.54 11.56
C HIS C 475 -112.29 -57.05 11.71
N GLN C 476 -112.82 -56.24 10.79
CA GLN C 476 -112.60 -54.80 10.82
C GLN C 476 -113.19 -54.11 12.06
N LEU C 477 -114.04 -54.83 12.80
CA LEU C 477 -114.69 -54.27 13.98
C LEU C 477 -113.84 -54.38 15.24
N HIS C 478 -112.86 -55.27 15.21
CA HIS C 478 -111.99 -55.49 16.36
C HIS C 478 -111.32 -54.16 16.75
N GLN C 479 -111.17 -53.94 18.05
CA GLN C 479 -110.59 -52.71 18.57
C GLN C 479 -109.11 -52.82 18.91
N TYR C 480 -108.35 -51.78 18.53
CA TYR C 480 -106.91 -51.72 18.78
C TYR C 480 -106.51 -50.39 19.40
N GLU C 481 -105.35 -50.38 20.06
CA GLU C 481 -104.85 -49.16 20.70
C GLU C 481 -103.35 -48.98 20.44
N TYR C 482 -102.88 -47.75 20.60
CA TYR C 482 -101.46 -47.42 20.43
C TYR C 482 -101.03 -46.50 21.56
N PRO C 483 -99.96 -46.88 22.27
CA PRO C 483 -99.21 -48.11 22.03
C PRO C 483 -100.00 -49.34 22.46
N ALA C 484 -99.73 -50.48 21.82
CA ALA C 484 -100.43 -51.72 22.16
C ALA C 484 -99.96 -52.20 23.53
N PRO C 485 -100.86 -52.82 24.31
CA PRO C 485 -100.53 -53.32 25.65
C PRO C 485 -99.13 -53.96 25.76
N GLY C 486 -98.31 -53.41 26.65
CA GLY C 486 -96.97 -53.93 26.84
C GLY C 486 -95.91 -53.46 25.86
N TYR C 487 -96.32 -53.06 24.66
CA TYR C 487 -95.38 -52.60 23.65
C TYR C 487 -94.90 -51.17 23.82
N SER C 488 -93.98 -50.76 22.96
CA SER C 488 -93.40 -49.43 23.06
C SER C 488 -93.78 -48.41 22.00
N LYS C 489 -93.75 -47.14 22.38
CA LYS C 489 -94.04 -46.07 21.45
C LYS C 489 -92.91 -46.04 20.43
N ILE C 490 -93.18 -45.43 19.27
CA ILE C 490 -92.20 -45.33 18.20
C ILE C 490 -91.03 -44.41 18.55
N LYS C 491 -89.82 -44.86 18.21
CA LYS C 491 -88.60 -44.08 18.46
C LYS C 491 -87.86 -43.88 17.15
N MET C 492 -88.08 -44.81 16.22
CA MET C 492 -87.42 -44.80 14.91
C MET C 492 -88.43 -45.07 13.80
N PHE C 493 -88.22 -44.42 12.66
CA PHE C 493 -89.10 -44.62 11.51
C PHE C 493 -88.29 -44.97 10.28
N TRP C 494 -88.45 -46.20 9.81
CA TRP C 494 -87.76 -46.67 8.61
C TRP C 494 -88.76 -46.61 7.47
N LYS C 495 -88.72 -45.53 6.70
CA LYS C 495 -89.65 -45.40 5.59
C LYS C 495 -89.10 -46.04 4.33
N TYR C 496 -90.01 -46.57 3.54
CA TYR C 496 -89.70 -47.21 2.27
C TYR C 496 -90.51 -46.34 1.31
N GLY C 497 -89.82 -45.48 0.55
CA GLY C 497 -90.50 -44.57 -0.36
C GLY C 497 -90.94 -43.37 0.45
N GLY C 498 -91.56 -42.37 -0.18
CA GLY C 498 -92.02 -41.19 0.54
C GLY C 498 -93.09 -40.42 -0.21
N PRO C 499 -94.23 -41.06 -0.54
CA PRO C 499 -95.37 -40.48 -1.26
C PRO C 499 -96.53 -39.90 -0.47
N HIS C 500 -96.57 -40.17 0.83
CA HIS C 500 -97.69 -39.72 1.65
C HIS C 500 -98.17 -38.27 1.59
N LEU C 501 -97.27 -37.33 1.30
CA LEU C 501 -97.70 -35.95 1.21
C LEU C 501 -98.62 -35.75 0.01
N GLY C 502 -98.58 -36.68 -0.93
CA GLY C 502 -99.43 -36.57 -2.10
C GLY C 502 -100.48 -37.65 -2.24
N THR C 503 -100.44 -38.66 -1.36
CA THR C 503 -101.38 -39.77 -1.44
C THR C 503 -102.30 -40.01 -0.24
N MET C 504 -101.98 -39.40 0.90
CA MET C 504 -102.80 -39.59 2.09
C MET C 504 -103.84 -38.48 2.28
N THR C 505 -104.18 -38.14 3.53
CA THR C 505 -105.19 -37.11 3.79
C THR C 505 -104.69 -35.94 4.65
N ALA C 506 -105.24 -34.74 4.39
CA ALA C 506 -104.84 -33.53 5.12
C ALA C 506 -103.35 -33.67 5.41
N THR C 507 -102.61 -33.99 4.37
CA THR C 507 -101.19 -34.28 4.44
C THR C 507 -100.18 -33.33 5.08
N ASN C 508 -100.54 -32.07 5.31
CA ASN C 508 -99.58 -31.17 5.95
C ASN C 508 -99.10 -31.79 7.26
N ARG C 509 -99.98 -32.57 7.90
CA ARG C 509 -99.66 -33.21 9.16
C ARG C 509 -98.54 -34.25 9.05
N TYR C 510 -98.32 -34.79 7.85
CA TYR C 510 -97.25 -35.76 7.67
C TYR C 510 -95.90 -35.04 7.64
N ALA C 511 -95.92 -33.78 7.21
CA ALA C 511 -94.71 -32.97 7.15
C ALA C 511 -94.36 -32.55 8.57
N LYS C 512 -95.39 -32.21 9.34
CA LYS C 512 -95.21 -31.77 10.71
C LYS C 512 -94.66 -32.84 11.67
N MET C 513 -95.06 -34.08 11.47
CA MET C 513 -94.62 -35.17 12.35
C MET C 513 -93.12 -35.39 12.40
N TYR C 514 -92.45 -35.21 11.26
CA TYR C 514 -91.02 -35.43 11.17
C TYR C 514 -90.15 -34.66 12.14
N THR C 515 -90.60 -33.48 12.56
CA THR C 515 -89.79 -32.68 13.47
C THR C 515 -90.13 -32.89 14.94
N HIS C 516 -91.01 -33.83 15.24
CA HIS C 516 -91.38 -34.10 16.63
C HIS C 516 -90.16 -34.67 17.34
N ASP C 517 -89.92 -34.25 18.57
CA ASP C 517 -88.74 -34.71 19.29
C ASP C 517 -88.77 -36.15 19.79
N SER C 518 -89.90 -36.83 19.65
CA SER C 518 -89.97 -38.22 20.10
C SER C 518 -89.33 -39.11 19.04
N LEU C 519 -89.21 -38.59 17.82
CA LEU C 519 -88.59 -39.32 16.71
C LEU C 519 -87.07 -39.19 16.75
N GLU C 520 -86.40 -40.17 17.34
CA GLU C 520 -84.95 -40.14 17.46
C GLU C 520 -84.21 -40.43 16.16
N PHE C 521 -84.84 -41.16 15.25
CA PHE C 521 -84.16 -41.50 14.00
C PHE C 521 -85.13 -41.77 12.86
N VAL C 522 -84.74 -41.36 11.66
CA VAL C 522 -85.55 -41.55 10.45
C VAL C 522 -84.70 -41.97 9.28
N VAL C 523 -84.99 -43.14 8.72
CA VAL C 523 -84.25 -43.66 7.57
C VAL C 523 -85.21 -43.74 6.38
N SER C 524 -84.72 -43.40 5.20
CA SER C 524 -85.55 -43.45 4.00
C SER C 524 -84.88 -44.33 2.95
N GLN C 525 -85.50 -45.47 2.65
CA GLN C 525 -84.97 -46.40 1.66
C GLN C 525 -85.87 -46.24 0.43
N SER C 526 -85.48 -45.34 -0.46
CA SER C 526 -86.28 -45.07 -1.65
C SER C 526 -85.45 -45.02 -2.93
N ILE C 527 -86.13 -44.74 -4.03
CA ILE C 527 -85.47 -44.65 -5.32
C ILE C 527 -85.21 -43.20 -5.74
N TRP C 528 -86.23 -42.35 -5.63
CA TRP C 528 -86.10 -40.94 -6.01
C TRP C 528 -86.08 -39.96 -4.84
N PHE C 529 -85.38 -38.84 -5.02
CA PHE C 529 -85.28 -37.81 -4.00
C PHE C 529 -86.48 -36.88 -4.19
N GLU C 530 -87.58 -37.22 -3.52
CA GLU C 530 -88.82 -36.47 -3.64
C GLU C 530 -89.73 -36.72 -2.44
N GLY C 531 -90.91 -36.10 -2.45
CA GLY C 531 -91.88 -36.27 -1.39
C GLY C 531 -91.36 -36.13 0.03
N GLU C 532 -91.39 -37.22 0.78
CA GLU C 532 -90.96 -37.24 2.17
C GLU C 532 -89.48 -37.50 2.36
N VAL C 533 -88.79 -37.93 1.31
CA VAL C 533 -87.38 -38.22 1.41
C VAL C 533 -86.55 -37.10 2.06
N PRO C 534 -86.79 -35.83 1.68
CA PRO C 534 -86.04 -34.72 2.26
C PRO C 534 -86.23 -34.44 3.75
N PHE C 535 -86.90 -35.34 4.46
CA PHE C 535 -87.09 -35.17 5.90
C PHE C 535 -86.25 -36.19 6.68
N ALA C 536 -85.72 -37.18 5.97
CA ALA C 536 -84.93 -38.24 6.61
C ALA C 536 -83.52 -37.87 7.07
N ASP C 537 -83.01 -38.65 8.02
CA ASP C 537 -81.67 -38.45 8.57
C ASP C 537 -80.66 -39.17 7.69
N ILE C 538 -81.06 -40.34 7.21
CA ILE C 538 -80.23 -41.18 6.35
C ILE C 538 -81.07 -41.69 5.17
N ILE C 539 -80.55 -41.51 3.96
CA ILE C 539 -81.25 -41.93 2.75
C ILE C 539 -80.49 -43.06 2.05
N LEU C 540 -81.20 -44.12 1.68
CA LEU C 540 -80.58 -45.25 1.01
C LEU C 540 -81.16 -45.40 -0.39
N PRO C 541 -80.30 -45.34 -1.44
CA PRO C 541 -80.67 -45.45 -2.85
C PRO C 541 -81.02 -46.85 -3.33
N ALA C 542 -82.28 -47.06 -3.69
CA ALA C 542 -82.73 -48.33 -4.21
C ALA C 542 -82.85 -48.17 -5.73
N CYS C 543 -82.73 -49.26 -6.47
CA CYS C 543 -82.83 -49.21 -7.93
C CYS C 543 -84.20 -49.65 -8.41
N THR C 544 -84.47 -49.42 -9.70
CA THR C 544 -85.76 -49.82 -10.27
C THR C 544 -85.66 -51.29 -10.66
N ASN C 545 -86.77 -51.88 -11.08
CA ASN C 545 -86.77 -53.28 -11.47
C ASN C 545 -86.02 -53.50 -12.78
N PHE C 546 -85.64 -52.42 -13.46
CA PHE C 546 -84.90 -52.55 -14.70
C PHE C 546 -83.40 -52.68 -14.43
N GLU C 547 -83.04 -52.67 -13.16
CA GLU C 547 -81.64 -52.77 -12.74
C GLU C 547 -81.37 -53.98 -11.84
N ARG C 548 -82.27 -54.96 -11.88
CA ARG C 548 -82.12 -56.15 -11.06
C ARG C 548 -82.94 -57.29 -11.67
N TRP C 549 -82.74 -58.49 -11.14
CA TRP C 549 -83.44 -59.66 -11.65
C TRP C 549 -84.74 -59.95 -10.90
N ASP C 550 -85.77 -60.31 -11.65
CA ASP C 550 -87.06 -60.64 -11.06
C ASP C 550 -87.95 -61.37 -12.07
N ILE C 551 -89.13 -61.78 -11.62
CA ILE C 551 -90.09 -62.48 -12.47
C ILE C 551 -91.47 -61.98 -12.05
N SER C 552 -92.41 -61.95 -12.99
CA SER C 552 -93.76 -61.48 -12.69
C SER C 552 -94.75 -61.86 -13.79
N GLU C 553 -96.03 -61.58 -13.54
CA GLU C 553 -97.06 -61.86 -14.54
C GLU C 553 -97.80 -60.57 -14.82
N PHE C 554 -98.21 -60.40 -16.07
CA PHE C 554 -98.92 -59.22 -16.51
C PHE C 554 -100.11 -58.91 -15.58
N ALA C 555 -99.97 -57.81 -14.84
CA ALA C 555 -101.01 -57.34 -13.92
C ALA C 555 -101.47 -58.32 -12.85
N ASN C 556 -100.71 -59.38 -12.59
CA ASN C 556 -101.12 -60.35 -11.58
C ASN C 556 -100.84 -59.93 -10.14
N CYS C 557 -101.89 -59.49 -9.45
CA CYS C 557 -101.82 -59.08 -8.04
C CYS C 557 -102.20 -60.27 -7.17
N SER C 558 -103.36 -60.85 -7.47
CA SER C 558 -103.88 -61.98 -6.72
C SER C 558 -104.14 -61.55 -5.28
N GLY C 559 -104.11 -62.49 -4.33
CA GLY C 559 -104.36 -62.14 -2.95
C GLY C 559 -105.78 -61.65 -2.77
N TYR C 560 -105.94 -60.37 -2.45
CA TYR C 560 -107.27 -59.81 -2.27
C TYR C 560 -107.98 -59.48 -3.58
N ILE C 561 -107.35 -59.88 -4.68
CA ILE C 561 -107.94 -59.71 -6.01
C ILE C 561 -107.60 -60.99 -6.78
N PRO C 562 -108.07 -62.14 -6.29
CA PRO C 562 -107.81 -63.43 -6.92
C PRO C 562 -108.01 -63.45 -8.42
N ASP C 563 -107.04 -64.02 -9.12
CA ASP C 563 -107.08 -64.14 -10.57
C ASP C 563 -107.39 -62.85 -11.33
N ASN C 564 -106.82 -61.74 -10.87
CA ASN C 564 -107.05 -60.46 -11.53
C ASN C 564 -106.23 -60.31 -12.82
N TYR C 565 -105.53 -61.37 -13.22
CA TYR C 565 -104.77 -61.31 -14.46
C TYR C 565 -105.77 -61.31 -15.62
N GLN C 566 -107.02 -61.65 -15.30
CA GLN C 566 -108.09 -61.67 -16.29
C GLN C 566 -108.42 -60.27 -16.79
N LEU C 567 -107.63 -59.30 -16.32
CA LEU C 567 -107.77 -57.90 -16.72
C LEU C 567 -107.17 -57.75 -18.11
N CYS C 568 -106.25 -58.66 -18.43
CA CYS C 568 -105.53 -58.64 -19.69
C CYS C 568 -106.12 -59.59 -20.72
N ASN C 569 -105.68 -59.44 -21.97
CA ASN C 569 -106.15 -60.29 -23.05
C ASN C 569 -105.45 -61.65 -23.07
N HIS C 570 -104.27 -61.71 -22.44
CA HIS C 570 -103.51 -62.95 -22.36
C HIS C 570 -102.77 -63.02 -21.02
N ARG C 571 -102.39 -64.22 -20.62
CA ARG C 571 -101.61 -64.38 -19.41
C ARG C 571 -100.16 -64.38 -19.86
N VAL C 572 -99.49 -63.24 -19.71
CA VAL C 572 -98.10 -63.13 -20.10
C VAL C 572 -97.20 -63.14 -18.88
N ILE C 573 -96.39 -64.19 -18.80
CA ILE C 573 -95.46 -64.37 -17.71
C ILE C 573 -94.08 -64.02 -18.26
N SER C 574 -93.41 -63.05 -17.65
CA SER C 574 -92.11 -62.67 -18.17
C SER C 574 -90.99 -62.56 -17.15
N LEU C 575 -89.78 -62.74 -17.65
CA LEU C 575 -88.58 -62.64 -16.84
C LEU C 575 -88.20 -61.17 -16.88
N GLN C 576 -88.04 -60.55 -15.71
CA GLN C 576 -87.64 -59.16 -15.67
C GLN C 576 -86.12 -59.15 -15.61
N ALA C 577 -85.51 -59.13 -16.80
CA ALA C 577 -84.07 -59.15 -16.92
C ALA C 577 -83.40 -57.88 -16.42
N LYS C 578 -82.21 -58.04 -15.83
CA LYS C 578 -81.46 -56.90 -15.35
C LYS C 578 -80.91 -56.29 -16.64
N CYS C 579 -81.65 -55.34 -17.20
CA CYS C 579 -81.28 -54.68 -18.43
C CYS C 579 -80.03 -53.84 -18.37
N ILE C 580 -79.81 -53.18 -17.23
CA ILE C 580 -78.64 -52.34 -17.04
C ILE C 580 -78.13 -52.44 -15.61
N GLU C 581 -76.93 -51.90 -15.38
CA GLU C 581 -76.35 -51.92 -14.06
C GLU C 581 -77.04 -50.82 -13.24
N PRO C 582 -77.18 -51.02 -11.93
CA PRO C 582 -77.82 -50.02 -11.08
C PRO C 582 -77.24 -48.63 -11.34
N VAL C 583 -78.10 -47.63 -11.48
CA VAL C 583 -77.67 -46.25 -11.73
C VAL C 583 -77.09 -45.62 -10.47
N GLY C 584 -76.03 -44.85 -10.64
CA GLY C 584 -75.39 -44.22 -9.51
C GLY C 584 -74.90 -45.28 -8.55
N GLU C 585 -75.04 -45.03 -7.25
CA GLU C 585 -74.59 -45.97 -6.24
C GLU C 585 -75.78 -46.71 -5.63
N SER C 586 -76.86 -46.83 -6.40
CA SER C 586 -78.06 -47.50 -5.92
C SER C 586 -77.89 -49.00 -6.00
N MET C 587 -78.81 -49.72 -5.38
CA MET C 587 -78.79 -51.17 -5.41
C MET C 587 -80.16 -51.70 -5.03
N SER C 588 -80.45 -52.93 -5.47
CA SER C 588 -81.72 -53.57 -5.20
C SER C 588 -82.02 -53.60 -3.71
N ASP C 589 -83.31 -53.53 -3.39
CA ASP C 589 -83.74 -53.56 -2.00
C ASP C 589 -83.27 -54.87 -1.36
N TYR C 590 -83.25 -55.94 -2.14
CA TYR C 590 -82.82 -57.22 -1.61
C TYR C 590 -81.37 -57.17 -1.17
N GLU C 591 -80.50 -56.63 -2.02
CA GLU C 591 -79.09 -56.53 -1.66
C GLU C 591 -78.89 -55.60 -0.48
N ILE C 592 -79.71 -54.56 -0.38
CA ILE C 592 -79.61 -53.63 0.74
C ILE C 592 -79.90 -54.38 2.04
N TYR C 593 -80.99 -55.15 2.03
CA TYR C 593 -81.37 -55.93 3.20
C TYR C 593 -80.35 -57.04 3.45
N ARG C 594 -79.74 -57.52 2.38
CA ARG C 594 -78.73 -58.57 2.52
C ARG C 594 -77.51 -58.00 3.23
N LEU C 595 -77.20 -56.74 2.93
CA LEU C 595 -76.09 -56.04 3.54
C LEU C 595 -76.40 -55.85 5.03
N PHE C 596 -77.63 -55.43 5.31
CA PHE C 596 -78.07 -55.24 6.70
C PHE C 596 -78.09 -56.58 7.44
N ALA C 597 -78.60 -57.62 6.80
CA ALA C 597 -78.68 -58.94 7.44
C ALA C 597 -77.28 -59.35 7.89
N LYS C 598 -76.30 -59.17 7.01
CA LYS C 598 -74.93 -59.50 7.33
C LYS C 598 -74.50 -58.77 8.60
N LYS C 599 -74.76 -57.47 8.65
CA LYS C 599 -74.38 -56.66 9.81
C LYS C 599 -75.24 -56.91 11.05
N LEU C 600 -76.42 -57.50 10.86
CA LEU C 600 -77.30 -57.82 11.98
C LEU C 600 -77.07 -59.27 12.37
N ASN C 601 -76.07 -59.89 11.75
CA ASN C 601 -75.68 -61.27 12.01
C ASN C 601 -76.79 -62.28 11.74
N ILE C 602 -77.54 -62.06 10.66
CA ILE C 602 -78.61 -62.97 10.28
C ILE C 602 -78.63 -63.20 8.78
N GLU C 603 -77.48 -63.00 8.14
CA GLU C 603 -77.37 -63.17 6.70
C GLU C 603 -77.89 -64.51 6.19
N GLU C 604 -77.43 -65.59 6.80
CA GLU C 604 -77.84 -66.94 6.42
C GLU C 604 -79.36 -67.10 6.41
N MET C 605 -79.98 -66.84 7.55
CA MET C 605 -81.43 -66.98 7.70
C MET C 605 -82.20 -66.19 6.66
N PHE C 606 -81.78 -64.95 6.42
CA PHE C 606 -82.45 -64.09 5.45
C PHE C 606 -82.26 -64.49 3.99
N SER C 607 -81.02 -64.68 3.57
CA SER C 607 -80.75 -64.99 2.17
C SER C 607 -80.73 -66.46 1.80
N GLU C 608 -80.50 -67.33 2.77
CA GLU C 608 -80.41 -68.77 2.51
C GLU C 608 -79.35 -68.96 1.42
N GLY C 609 -78.39 -68.03 1.39
CA GLY C 609 -77.32 -68.08 0.42
C GLY C 609 -77.71 -67.84 -1.03
N LYS C 610 -78.86 -67.23 -1.24
CA LYS C 610 -79.33 -66.97 -2.61
C LYS C 610 -79.38 -65.50 -2.99
N ASP C 611 -79.01 -65.18 -4.22
CA ASP C 611 -79.11 -63.81 -4.67
C ASP C 611 -80.51 -63.74 -5.27
N GLU C 612 -80.87 -62.59 -5.84
CA GLU C 612 -82.20 -62.43 -6.41
C GLU C 612 -82.53 -63.45 -7.49
N LEU C 613 -81.60 -63.67 -8.41
CA LEU C 613 -81.82 -64.61 -9.49
C LEU C 613 -82.03 -66.04 -8.99
N ALA C 614 -81.33 -66.40 -7.92
CA ALA C 614 -81.44 -67.73 -7.34
C ALA C 614 -82.84 -67.88 -6.76
N TRP C 615 -83.34 -66.83 -6.13
CA TRP C 615 -84.68 -66.86 -5.56
C TRP C 615 -85.71 -67.01 -6.68
N CYS C 616 -85.48 -66.30 -7.78
CA CYS C 616 -86.38 -66.35 -8.93
C CYS C 616 -86.57 -67.78 -9.43
N GLU C 617 -85.48 -68.52 -9.53
CA GLU C 617 -85.53 -69.90 -10.00
C GLU C 617 -86.38 -70.75 -9.07
N GLN C 618 -86.16 -70.59 -7.77
CA GLN C 618 -86.91 -71.34 -6.77
C GLN C 618 -88.38 -70.93 -6.86
N TYR C 619 -88.61 -69.65 -7.13
CA TYR C 619 -89.95 -69.09 -7.26
C TYR C 619 -90.63 -69.77 -8.46
N PHE C 620 -89.97 -69.71 -9.61
CA PHE C 620 -90.43 -70.30 -10.86
C PHE C 620 -90.89 -71.75 -10.68
N ASN C 621 -90.04 -72.54 -10.03
CA ASN C 621 -90.37 -73.95 -9.82
C ASN C 621 -91.52 -74.19 -8.85
N ALA C 622 -91.98 -73.12 -8.20
CA ALA C 622 -93.08 -73.22 -7.25
C ALA C 622 -94.40 -72.88 -7.95
N THR C 623 -94.33 -72.62 -9.25
CA THR C 623 -95.50 -72.27 -10.03
C THR C 623 -95.82 -73.43 -10.97
N ASP C 624 -96.80 -73.24 -11.85
CA ASP C 624 -97.18 -74.28 -12.79
C ASP C 624 -96.32 -74.18 -14.06
N MET C 625 -95.50 -73.15 -14.15
CA MET C 625 -94.66 -72.96 -15.32
C MET C 625 -93.91 -74.22 -15.75
N PRO C 626 -93.33 -74.97 -14.79
CA PRO C 626 -92.61 -76.18 -15.16
C PRO C 626 -93.40 -77.09 -16.10
N LYS C 627 -94.72 -77.07 -15.98
CA LYS C 627 -95.57 -77.90 -16.84
C LYS C 627 -95.31 -77.62 -18.31
N TYR C 628 -94.93 -76.39 -18.63
CA TYR C 628 -94.68 -76.01 -20.02
C TYR C 628 -93.20 -75.85 -20.37
N MET C 629 -92.41 -75.35 -19.42
CA MET C 629 -90.98 -75.18 -19.70
C MET C 629 -90.12 -75.03 -18.45
N THR C 630 -88.85 -75.40 -18.55
CA THR C 630 -87.92 -75.32 -17.44
C THR C 630 -87.45 -73.90 -17.22
N TRP C 631 -86.76 -73.67 -16.11
CA TRP C 631 -86.23 -72.36 -15.78
C TRP C 631 -85.31 -71.80 -16.87
N ASP C 632 -84.34 -72.61 -17.29
CA ASP C 632 -83.39 -72.19 -18.32
C ASP C 632 -84.08 -71.84 -19.63
N GLU C 633 -85.06 -72.63 -20.04
CA GLU C 633 -85.78 -72.36 -21.28
C GLU C 633 -86.54 -71.04 -21.14
N PHE C 634 -87.17 -70.85 -19.99
CA PHE C 634 -87.92 -69.63 -19.71
C PHE C 634 -86.97 -68.43 -19.64
N PHE C 635 -85.91 -68.58 -18.85
CA PHE C 635 -84.93 -67.52 -18.69
C PHE C 635 -84.40 -67.10 -20.06
N LYS C 636 -84.27 -68.07 -20.95
CA LYS C 636 -83.78 -67.85 -22.30
C LYS C 636 -84.79 -67.12 -23.20
N LYS C 637 -86.03 -67.59 -23.20
CA LYS C 637 -87.07 -66.98 -24.04
C LYS C 637 -87.46 -65.58 -23.54
N GLY C 638 -87.41 -65.39 -22.23
CA GLY C 638 -87.74 -64.10 -21.66
C GLY C 638 -89.19 -63.92 -21.26
N TYR C 639 -90.11 -64.54 -21.99
CA TYR C 639 -91.53 -64.41 -21.67
C TYR C 639 -92.31 -65.64 -22.14
N PHE C 640 -93.50 -65.82 -21.56
CA PHE C 640 -94.35 -66.95 -21.90
C PHE C 640 -95.81 -66.53 -21.96
N VAL C 641 -96.49 -66.90 -23.04
CA VAL C 641 -97.90 -66.59 -23.21
C VAL C 641 -98.63 -67.89 -22.88
N VAL C 642 -99.30 -67.92 -21.74
CA VAL C 642 -100.01 -69.12 -21.33
C VAL C 642 -101.04 -69.56 -22.36
N PRO C 643 -101.09 -70.87 -22.64
CA PRO C 643 -102.03 -71.41 -23.62
C PRO C 643 -103.48 -71.21 -23.20
N ASP C 644 -104.37 -71.25 -24.17
CA ASP C 644 -105.79 -71.10 -23.92
C ASP C 644 -106.33 -72.43 -23.40
N ASN C 645 -107.41 -72.37 -22.63
CA ASN C 645 -108.06 -73.57 -22.10
C ASN C 645 -109.50 -73.46 -22.59
N PRO C 646 -109.71 -73.60 -23.90
CA PRO C 646 -111.00 -73.52 -24.59
C PRO C 646 -112.15 -74.34 -24.02
N ASN C 647 -111.85 -75.57 -23.61
CA ASN C 647 -112.89 -76.46 -23.11
C ASN C 647 -113.24 -76.40 -21.63
N ARG C 648 -112.53 -75.59 -20.85
CA ARG C 648 -112.84 -75.53 -19.42
C ARG C 648 -114.25 -74.96 -19.22
N LYS C 649 -114.89 -75.38 -18.14
CA LYS C 649 -116.23 -74.91 -17.82
C LYS C 649 -116.27 -73.41 -17.53
N LYS C 650 -117.23 -72.72 -18.12
CA LYS C 650 -117.37 -71.29 -17.90
C LYS C 650 -118.24 -71.12 -16.66
N THR C 651 -117.75 -70.38 -15.68
CA THR C 651 -118.52 -70.14 -14.45
C THR C 651 -118.61 -68.63 -14.25
N VAL C 652 -119.71 -68.06 -14.72
CA VAL C 652 -119.92 -66.62 -14.63
C VAL C 652 -120.12 -66.13 -13.20
N ALA C 653 -119.45 -65.04 -12.89
CA ALA C 653 -119.49 -64.42 -11.58
C ALA C 653 -120.88 -64.37 -10.95
N LEU C 654 -120.98 -64.94 -9.75
CA LEU C 654 -122.22 -64.98 -8.97
C LEU C 654 -123.41 -65.71 -9.60
N ARG C 655 -123.21 -66.39 -10.72
CA ARG C 655 -124.34 -67.09 -11.33
C ARG C 655 -124.78 -68.22 -10.40
N TRP C 656 -123.82 -68.81 -9.70
CA TRP C 656 -124.14 -69.88 -8.76
C TRP C 656 -125.10 -69.35 -7.70
N PHE C 657 -124.90 -68.10 -7.31
CA PHE C 657 -125.73 -67.44 -6.31
C PHE C 657 -127.12 -67.13 -6.86
N ALA C 658 -127.16 -66.60 -8.07
CA ALA C 658 -128.44 -66.26 -8.70
C ALA C 658 -129.32 -67.49 -8.90
N GLU C 659 -128.70 -68.64 -9.11
CA GLU C 659 -129.46 -69.87 -9.31
C GLU C 659 -129.58 -70.70 -8.05
N GLY C 660 -129.20 -70.11 -6.92
CA GLY C 660 -129.28 -70.78 -5.63
C GLY C 660 -128.56 -72.12 -5.49
N ARG C 661 -127.40 -72.27 -6.12
CA ARG C 661 -126.65 -73.52 -6.01
C ARG C 661 -125.25 -73.29 -5.43
N GLU C 662 -124.48 -74.37 -5.31
CA GLU C 662 -123.13 -74.27 -4.74
C GLU C 662 -122.17 -73.39 -5.51
N LYS C 663 -121.38 -72.60 -4.79
CA LYS C 663 -120.37 -71.73 -5.38
C LYS C 663 -119.53 -72.64 -6.29
N ASP C 664 -119.34 -72.23 -7.54
CA ASP C 664 -118.59 -73.05 -8.48
C ASP C 664 -117.49 -72.33 -9.26
N THR C 665 -117.15 -71.11 -8.86
CA THR C 665 -116.11 -70.38 -9.55
C THR C 665 -114.77 -70.61 -8.86
N PRO C 666 -113.68 -70.04 -9.39
CA PRO C 666 -112.38 -70.24 -8.74
C PRO C 666 -112.15 -69.31 -7.55
N ASP C 667 -113.10 -68.41 -7.30
CA ASP C 667 -112.96 -67.45 -6.22
C ASP C 667 -112.43 -68.07 -4.94
N TRP C 668 -111.75 -67.26 -4.13
CA TRP C 668 -111.14 -67.70 -2.89
C TRP C 668 -112.10 -67.63 -1.71
N GLY C 669 -113.39 -67.65 -2.00
CA GLY C 669 -114.38 -67.60 -0.96
C GLY C 669 -115.78 -67.71 -1.52
N PRO C 670 -116.80 -67.80 -0.65
CA PRO C 670 -116.59 -67.77 0.80
C PRO C 670 -116.00 -69.06 1.36
N ARG C 671 -115.49 -68.98 2.57
CA ARG C 671 -114.93 -70.16 3.23
C ARG C 671 -116.11 -71.04 3.63
N LEU C 672 -115.92 -72.35 3.50
CA LEU C 672 -116.97 -73.31 3.81
C LEU C 672 -117.72 -73.04 5.12
N ASN C 673 -117.02 -72.59 6.14
CA ASN C 673 -117.66 -72.33 7.42
C ASN C 673 -118.59 -71.12 7.39
N ASN C 674 -118.48 -70.29 6.37
CA ASN C 674 -119.32 -69.10 6.23
C ASN C 674 -120.51 -69.36 5.32
N GLN C 675 -120.84 -70.64 5.12
CA GLN C 675 -121.96 -71.03 4.28
C GLN C 675 -122.65 -72.26 4.84
N VAL C 676 -123.83 -72.55 4.31
CA VAL C 676 -124.59 -73.72 4.68
C VAL C 676 -124.56 -74.56 3.41
N CYS C 677 -123.90 -75.72 3.47
CA CYS C 677 -123.78 -76.61 2.33
C CYS C 677 -123.24 -75.84 1.13
N ARG C 678 -122.28 -74.97 1.43
CA ARG C 678 -121.61 -74.11 0.48
C ARG C 678 -122.48 -73.46 -0.59
N LYS C 679 -123.55 -72.81 -0.13
CA LYS C 679 -124.48 -72.08 -0.98
C LYS C 679 -124.68 -70.75 -0.28
N GLY C 680 -125.01 -69.71 -1.04
CA GLY C 680 -125.23 -68.40 -0.44
C GLY C 680 -123.97 -67.60 -0.19
N LEU C 681 -124.14 -66.32 0.17
CA LEU C 681 -123.03 -65.43 0.45
C LEU C 681 -122.43 -65.69 1.82
N GLN C 682 -121.28 -65.07 2.09
CA GLN C 682 -120.57 -65.20 3.36
C GLN C 682 -121.34 -64.60 4.53
N THR C 683 -122.30 -63.73 4.23
CA THR C 683 -123.12 -63.10 5.26
C THR C 683 -123.85 -64.18 6.07
N THR C 684 -124.24 -63.83 7.30
CA THR C 684 -124.95 -64.75 8.17
C THR C 684 -126.10 -65.46 7.47
N THR C 685 -127.00 -64.70 6.84
CA THR C 685 -128.15 -65.30 6.16
C THR C 685 -127.78 -65.90 4.80
N GLY C 686 -126.61 -65.51 4.30
CA GLY C 686 -126.17 -66.01 3.01
C GLY C 686 -126.84 -65.20 1.92
N LYS C 687 -127.55 -64.15 2.34
CA LYS C 687 -128.27 -63.26 1.42
C LYS C 687 -127.67 -61.84 1.40
N VAL C 688 -128.16 -61.01 0.48
CA VAL C 688 -127.71 -59.62 0.40
C VAL C 688 -128.48 -58.95 1.52
N GLU C 689 -127.76 -58.55 2.56
CA GLU C 689 -128.37 -57.94 3.73
C GLU C 689 -128.48 -56.41 3.69
N PHE C 690 -129.65 -55.92 3.29
CA PHE C 690 -129.91 -54.48 3.21
C PHE C 690 -129.87 -53.87 4.60
N ILE C 691 -129.99 -54.75 5.59
CA ILE C 691 -129.87 -54.39 7.01
C ILE C 691 -128.82 -55.40 7.45
N ALA C 692 -127.58 -54.96 7.49
CA ALA C 692 -126.46 -55.82 7.86
C ALA C 692 -126.57 -56.43 9.25
N THR C 693 -126.59 -57.77 9.32
CA THR C 693 -126.68 -58.41 10.62
C THR C 693 -125.41 -58.13 11.44
N SER C 694 -124.26 -58.19 10.76
CA SER C 694 -123.00 -57.91 11.44
C SER C 694 -123.05 -56.53 12.11
N LEU C 695 -123.44 -55.51 11.35
CA LEU C 695 -123.53 -54.16 11.89
C LEU C 695 -124.61 -54.03 12.94
N LYS C 696 -125.68 -54.81 12.81
CA LYS C 696 -126.73 -54.74 13.80
C LYS C 696 -126.18 -55.21 15.14
N ASN C 697 -125.40 -56.30 15.12
CA ASN C 697 -124.80 -56.80 16.35
C ASN C 697 -123.90 -55.71 16.95
N PHE C 698 -123.01 -55.18 16.11
CA PHE C 698 -122.07 -54.14 16.51
C PHE C 698 -122.77 -52.99 17.23
N GLU C 699 -123.84 -52.46 16.64
CA GLU C 699 -124.55 -51.37 17.28
C GLU C 699 -125.33 -51.81 18.53
N GLU C 700 -125.79 -53.06 18.55
CA GLU C 700 -126.51 -53.52 19.72
C GLU C 700 -125.52 -53.75 20.85
N GLN C 701 -124.25 -53.91 20.48
CA GLN C 701 -123.19 -54.08 21.46
C GLN C 701 -122.79 -52.72 22.00
N GLY C 702 -123.44 -51.68 21.49
CA GLY C 702 -123.17 -50.32 21.96
C GLY C 702 -122.31 -49.43 21.09
N TYR C 703 -121.81 -49.94 19.97
CA TYR C 703 -120.98 -49.11 19.09
C TYR C 703 -121.83 -48.30 18.13
N ILE C 704 -122.43 -47.23 18.65
CA ILE C 704 -123.30 -46.38 17.86
C ILE C 704 -122.50 -45.51 16.89
N ASP C 705 -122.77 -45.68 15.60
CA ASP C 705 -122.06 -44.95 14.56
C ASP C 705 -123.05 -44.38 13.54
N GLU C 706 -123.40 -43.12 13.72
CA GLU C 706 -124.34 -42.44 12.85
C GLU C 706 -124.04 -42.51 11.34
N HIS C 707 -122.77 -42.37 10.96
CA HIS C 707 -122.44 -42.42 9.54
C HIS C 707 -122.23 -43.81 8.95
N ARG C 708 -122.63 -44.83 9.70
CA ARG C 708 -122.52 -46.20 9.22
C ARG C 708 -123.64 -47.04 9.85
N PRO C 709 -124.90 -46.76 9.49
CA PRO C 709 -126.06 -47.49 10.03
C PRO C 709 -126.12 -48.92 9.48
N SER C 710 -126.71 -49.82 10.25
CA SER C 710 -126.82 -51.21 9.80
C SER C 710 -127.66 -51.31 8.53
N MET C 711 -128.59 -50.37 8.35
CA MET C 711 -129.42 -50.38 7.14
C MET C 711 -128.87 -49.38 6.15
N HIS C 712 -128.80 -49.77 4.87
CA HIS C 712 -128.33 -48.89 3.82
C HIS C 712 -129.35 -47.76 3.66
N THR C 713 -128.96 -46.56 4.07
CA THR C 713 -129.84 -45.41 4.01
C THR C 713 -129.14 -44.20 3.40
N TYR C 714 -129.85 -43.10 3.23
CA TYR C 714 -129.23 -41.90 2.67
C TYR C 714 -128.55 -41.09 3.75
N VAL C 715 -127.35 -41.50 4.14
CA VAL C 715 -126.61 -40.75 5.13
C VAL C 715 -125.95 -39.60 4.40
N PRO C 716 -126.32 -38.36 4.73
CA PRO C 716 -125.75 -37.19 4.08
C PRO C 716 -124.22 -37.19 4.22
N ALA C 717 -123.52 -37.06 3.10
CA ALA C 717 -122.06 -37.04 3.13
C ALA C 717 -121.60 -35.93 4.06
N TRP C 718 -120.79 -36.26 5.06
CA TRP C 718 -120.34 -35.23 5.99
C TRP C 718 -119.43 -34.15 5.41
N GLU C 719 -119.06 -34.29 4.14
CA GLU C 719 -118.25 -33.27 3.48
C GLU C 719 -118.81 -33.08 2.08
N SER C 720 -120.05 -32.61 2.02
CA SER C 720 -120.73 -32.36 0.76
C SER C 720 -121.18 -30.90 0.79
N GLN C 721 -121.53 -30.35 -0.35
CA GLN C 721 -121.92 -28.96 -0.40
C GLN C 721 -123.17 -28.52 0.36
N LYS C 722 -124.25 -29.30 0.31
CA LYS C 722 -125.44 -28.84 1.02
C LYS C 722 -125.62 -29.28 2.46
N HIS C 723 -124.87 -30.29 2.90
CA HIS C 723 -125.00 -30.78 4.26
C HIS C 723 -123.86 -30.42 5.20
N SER C 724 -122.71 -30.07 4.65
CA SER C 724 -121.55 -29.75 5.47
C SER C 724 -121.43 -28.27 5.87
N PRO C 725 -121.22 -28.01 7.17
CA PRO C 725 -121.07 -26.64 7.68
C PRO C 725 -119.93 -25.89 6.99
N LEU C 726 -118.96 -26.62 6.48
CA LEU C 726 -117.80 -26.02 5.80
C LEU C 726 -118.17 -25.42 4.44
N ALA C 727 -119.21 -25.94 3.81
CA ALA C 727 -119.63 -25.46 2.49
C ALA C 727 -119.89 -23.96 2.43
N VAL C 728 -120.31 -23.38 3.55
CA VAL C 728 -120.60 -21.94 3.59
C VAL C 728 -119.36 -21.11 3.27
N LYS C 729 -118.19 -21.64 3.64
CA LYS C 729 -116.93 -20.96 3.40
C LYS C 729 -116.23 -21.49 2.16
N TYR C 730 -116.30 -22.81 1.99
CA TYR C 730 -115.66 -23.47 0.85
C TYR C 730 -116.77 -24.12 0.04
N PRO C 731 -117.37 -23.36 -0.88
CA PRO C 731 -118.46 -23.77 -1.76
C PRO C 731 -118.16 -24.75 -2.87
N LEU C 732 -116.90 -24.83 -3.31
CA LEU C 732 -116.55 -25.73 -4.39
C LEU C 732 -116.31 -27.17 -3.95
N GLY C 733 -116.91 -28.11 -4.66
CA GLY C 733 -116.75 -29.51 -4.34
C GLY C 733 -115.64 -30.14 -5.16
N MET C 734 -114.61 -30.65 -4.49
CA MET C 734 -113.50 -31.25 -5.21
C MET C 734 -113.38 -32.77 -5.06
N LEU C 735 -113.09 -33.45 -6.18
CA LEU C 735 -112.85 -34.89 -6.20
C LEU C 735 -111.43 -34.99 -6.78
N SER C 736 -110.63 -35.92 -6.27
CA SER C 736 -109.26 -36.05 -6.75
C SER C 736 -108.86 -37.49 -7.02
N PRO C 737 -109.37 -38.07 -8.12
CA PRO C 737 -109.12 -39.44 -8.57
C PRO C 737 -107.65 -39.70 -8.84
N HIS C 738 -107.35 -40.93 -9.27
CA HIS C 738 -105.98 -41.31 -9.59
C HIS C 738 -105.48 -40.65 -10.86
N PRO C 739 -104.21 -40.24 -10.88
CA PRO C 739 -103.55 -39.57 -12.00
C PRO C 739 -103.60 -40.33 -13.32
N ARG C 740 -104.00 -39.62 -14.36
CA ARG C 740 -104.13 -40.19 -15.68
C ARG C 740 -102.78 -40.63 -16.28
N PHE C 741 -101.78 -39.76 -16.20
CA PHE C 741 -100.48 -40.08 -16.78
C PHE C 741 -99.40 -40.51 -15.80
N SER C 742 -99.78 -41.24 -14.76
CA SER C 742 -98.82 -41.72 -13.77
C SER C 742 -99.46 -42.76 -12.85
N MET C 743 -98.67 -43.76 -12.43
CA MET C 743 -99.17 -44.78 -11.50
C MET C 743 -98.85 -44.17 -10.14
N HIS C 744 -99.80 -43.39 -9.64
CA HIS C 744 -99.64 -42.67 -8.38
C HIS C 744 -98.38 -41.82 -8.48
N THR C 745 -97.51 -41.84 -7.48
CA THR C 745 -96.31 -41.00 -7.56
C THR C 745 -95.31 -41.47 -8.60
N MET C 746 -95.41 -42.72 -9.01
CA MET C 746 -94.49 -43.31 -9.99
C MET C 746 -94.78 -42.91 -11.43
N GLY C 747 -94.33 -41.72 -11.80
CA GLY C 747 -94.54 -41.21 -13.13
C GLY C 747 -94.39 -39.70 -13.14
N ASP C 748 -95.01 -39.05 -12.16
CA ASP C 748 -94.94 -37.60 -12.04
C ASP C 748 -93.58 -37.18 -11.50
N GLY C 749 -93.22 -35.92 -11.73
CA GLY C 749 -91.95 -35.38 -11.26
C GLY C 749 -90.75 -36.13 -11.79
N LYS C 750 -89.65 -36.11 -11.03
CA LYS C 750 -88.44 -36.82 -11.42
C LYS C 750 -87.89 -36.31 -12.75
N ASN C 751 -88.39 -35.15 -13.19
CA ASN C 751 -87.97 -34.58 -14.46
C ASN C 751 -88.24 -35.60 -15.57
N SER C 752 -89.27 -36.42 -15.37
CA SER C 752 -89.63 -37.43 -16.36
C SER C 752 -90.28 -36.78 -17.56
N TYR C 753 -90.44 -37.55 -18.64
CA TYR C 753 -91.07 -37.04 -19.85
C TYR C 753 -92.56 -36.74 -19.63
N MET C 754 -93.21 -37.52 -18.78
CA MET C 754 -94.63 -37.33 -18.52
C MET C 754 -94.98 -35.91 -18.09
N ASN C 755 -94.00 -35.19 -17.54
CA ASN C 755 -94.23 -33.81 -17.11
C ASN C 755 -94.45 -32.86 -18.28
N TYR C 756 -94.22 -33.31 -19.51
CA TYR C 756 -94.41 -32.46 -20.67
C TYR C 756 -95.78 -32.69 -21.30
N ILE C 757 -96.48 -33.71 -20.83
CA ILE C 757 -97.82 -34.01 -21.33
C ILE C 757 -98.72 -32.83 -21.01
N LYS C 758 -99.36 -32.29 -22.05
CA LYS C 758 -100.24 -31.13 -21.91
C LYS C 758 -101.26 -31.20 -20.78
N ASP C 759 -101.95 -32.33 -20.67
CA ASP C 759 -102.97 -32.47 -19.65
C ASP C 759 -102.48 -33.09 -18.35
N HIS C 760 -101.16 -33.02 -18.11
CA HIS C 760 -100.61 -33.54 -16.87
C HIS C 760 -100.14 -32.35 -16.02
N ARG C 761 -99.18 -31.60 -16.55
CA ARG C 761 -98.68 -30.41 -15.86
C ARG C 761 -98.57 -29.28 -16.88
N VAL C 762 -98.69 -28.04 -16.40
CA VAL C 762 -98.62 -26.88 -17.27
C VAL C 762 -97.48 -25.97 -16.85
N GLU C 763 -96.57 -25.69 -17.78
CA GLU C 763 -95.44 -24.82 -17.48
C GLU C 763 -95.84 -23.36 -17.49
N VAL C 764 -95.73 -22.72 -16.34
CA VAL C 764 -96.06 -21.31 -16.20
C VAL C 764 -94.88 -20.61 -15.53
N ASP C 765 -94.36 -19.58 -16.18
CA ASP C 765 -93.22 -18.82 -15.68
C ASP C 765 -92.04 -19.70 -15.29
N GLY C 766 -91.73 -20.68 -16.13
CA GLY C 766 -90.61 -21.57 -15.86
C GLY C 766 -90.85 -22.79 -14.97
N TYR C 767 -92.06 -22.91 -14.42
CA TYR C 767 -92.38 -24.04 -13.54
C TYR C 767 -93.58 -24.84 -14.05
N LYS C 768 -93.48 -26.16 -13.99
CA LYS C 768 -94.56 -27.04 -14.43
C LYS C 768 -95.51 -27.28 -13.28
N TYR C 769 -96.65 -26.57 -13.29
CA TYR C 769 -97.65 -26.70 -12.23
C TYR C 769 -98.66 -27.82 -12.42
N TRP C 770 -99.13 -28.37 -11.31
CA TRP C 770 -100.14 -29.43 -11.33
C TRP C 770 -101.43 -28.79 -11.81
N ILE C 771 -102.27 -29.57 -12.45
CA ILE C 771 -103.52 -29.07 -13.01
C ILE C 771 -104.79 -29.23 -12.19
N MET C 772 -105.61 -28.18 -12.15
CA MET C 772 -106.90 -28.26 -11.51
C MET C 772 -107.89 -27.84 -12.57
N ARG C 773 -108.88 -28.69 -12.81
CA ARG C 773 -109.90 -28.42 -13.82
C ARG C 773 -111.05 -27.69 -13.17
N VAL C 774 -111.45 -26.58 -13.79
CA VAL C 774 -112.53 -25.74 -13.27
C VAL C 774 -113.58 -25.45 -14.34
N ASN C 775 -114.85 -25.49 -13.95
CA ASN C 775 -115.93 -25.22 -14.88
C ASN C 775 -115.92 -23.73 -15.26
N SER C 776 -116.05 -23.47 -16.56
CA SER C 776 -116.05 -22.10 -17.08
C SER C 776 -116.84 -21.10 -16.23
N ILE C 777 -118.03 -21.49 -15.78
CA ILE C 777 -118.87 -20.61 -14.98
C ILE C 777 -118.23 -20.21 -13.64
N ASP C 778 -117.57 -21.16 -12.99
CA ASP C 778 -116.92 -20.88 -11.71
C ASP C 778 -115.63 -20.09 -11.96
N ALA C 779 -114.98 -20.39 -13.09
CA ALA C 779 -113.75 -19.71 -13.45
C ALA C 779 -114.02 -18.23 -13.74
N GLU C 780 -114.99 -17.97 -14.60
CA GLU C 780 -115.35 -16.61 -14.97
C GLU C 780 -115.81 -15.82 -13.75
N ALA C 781 -116.57 -16.47 -12.87
CA ALA C 781 -117.06 -15.83 -11.65
C ALA C 781 -115.91 -15.36 -10.75
N ARG C 782 -114.71 -15.91 -10.97
CA ARG C 782 -113.56 -15.54 -10.17
C ARG C 782 -112.46 -14.82 -10.96
N GLY C 783 -112.80 -14.42 -12.19
CA GLY C 783 -111.83 -13.72 -13.03
C GLY C 783 -110.73 -14.67 -13.44
N ILE C 784 -110.98 -15.97 -13.32
CA ILE C 784 -110.00 -16.99 -13.66
C ILE C 784 -110.08 -17.41 -15.12
N LYS C 785 -108.92 -17.53 -15.75
CA LYS C 785 -108.85 -17.94 -17.15
C LYS C 785 -107.87 -19.09 -17.36
N ASN C 786 -108.07 -19.81 -18.46
CA ASN C 786 -107.24 -20.95 -18.79
C ASN C 786 -105.76 -20.64 -18.67
N GLY C 787 -105.05 -21.47 -17.91
CA GLY C 787 -103.62 -21.28 -17.74
C GLY C 787 -103.20 -20.42 -16.57
N ASP C 788 -104.15 -19.79 -15.89
CA ASP C 788 -103.82 -18.94 -14.74
C ASP C 788 -103.34 -19.77 -13.56
N LEU C 789 -102.55 -19.14 -12.69
CA LEU C 789 -102.07 -19.79 -11.49
C LEU C 789 -103.11 -19.47 -10.44
N ILE C 790 -103.67 -20.50 -9.82
CA ILE C 790 -104.68 -20.32 -8.80
C ILE C 790 -104.28 -20.98 -7.51
N ARG C 791 -104.92 -20.55 -6.44
CA ARG C 791 -104.66 -21.09 -5.12
C ARG C 791 -105.93 -21.78 -4.63
N ALA C 792 -105.85 -23.09 -4.44
CA ALA C 792 -107.00 -23.86 -3.95
C ALA C 792 -106.77 -24.00 -2.44
N TYR C 793 -107.78 -23.70 -1.64
CA TYR C 793 -107.59 -23.79 -0.21
C TYR C 793 -108.82 -24.06 0.65
N ASN C 794 -108.54 -24.40 1.91
CA ASN C 794 -109.55 -24.64 2.93
C ASN C 794 -108.81 -24.59 4.26
N ASP C 795 -109.40 -25.10 5.35
CA ASP C 795 -108.71 -25.02 6.64
C ASP C 795 -107.41 -25.79 6.71
N ARG C 796 -107.31 -26.85 5.92
CA ARG C 796 -106.14 -27.72 5.94
C ARG C 796 -104.88 -27.25 5.22
N GLY C 797 -105.01 -26.28 4.33
CA GLY C 797 -103.84 -25.77 3.63
C GLY C 797 -104.13 -25.04 2.33
N SER C 798 -103.08 -24.83 1.55
CA SER C 798 -103.18 -24.17 0.25
C SER C 798 -102.26 -24.86 -0.74
N VAL C 799 -102.74 -24.97 -1.98
CA VAL C 799 -101.99 -25.61 -3.04
C VAL C 799 -102.10 -24.71 -4.27
N ILE C 800 -100.97 -24.39 -4.88
CA ILE C 800 -100.97 -23.55 -6.07
C ILE C 800 -101.07 -24.47 -7.27
N LEU C 801 -102.00 -24.17 -8.18
CA LEU C 801 -102.19 -25.00 -9.35
C LEU C 801 -102.39 -24.14 -10.61
N ALA C 802 -102.32 -24.80 -11.76
CA ALA C 802 -102.56 -24.13 -13.04
C ALA C 802 -104.00 -24.52 -13.37
N ALA C 803 -104.82 -23.52 -13.68
CA ALA C 803 -106.22 -23.79 -14.00
C ALA C 803 -106.47 -24.20 -15.44
N GLN C 804 -107.36 -25.17 -15.60
CA GLN C 804 -107.74 -25.65 -16.93
C GLN C 804 -109.25 -25.45 -16.99
N VAL C 805 -109.68 -24.35 -17.60
CA VAL C 805 -111.11 -24.08 -17.70
C VAL C 805 -111.69 -25.13 -18.63
N THR C 806 -112.76 -25.79 -18.19
CA THR C 806 -113.38 -26.86 -18.96
C THR C 806 -114.91 -26.89 -18.82
N GLU C 807 -115.54 -27.80 -19.54
CA GLU C 807 -116.99 -27.98 -19.48
C GLU C 807 -117.29 -29.37 -18.92
N CYS C 808 -116.23 -30.13 -18.65
CA CYS C 808 -116.37 -31.51 -18.16
C CYS C 808 -116.62 -31.66 -16.66
N LEU C 809 -117.24 -30.66 -16.05
CA LEU C 809 -117.56 -30.68 -14.63
C LEU C 809 -118.80 -29.82 -14.43
N GLN C 810 -119.75 -30.30 -13.62
CA GLN C 810 -120.93 -29.49 -13.37
C GLN C 810 -120.49 -28.26 -12.59
N PRO C 811 -121.04 -27.09 -12.93
CA PRO C 811 -120.65 -25.87 -12.20
C PRO C 811 -120.70 -26.11 -10.69
N GLY C 812 -119.64 -25.68 -9.99
CA GLY C 812 -119.58 -25.87 -8.55
C GLY C 812 -118.65 -27.00 -8.16
N THR C 813 -118.20 -27.75 -9.16
CA THR C 813 -117.31 -28.89 -8.93
C THR C 813 -115.94 -28.69 -9.58
N VAL C 814 -114.90 -28.94 -8.81
CA VAL C 814 -113.54 -28.82 -9.34
C VAL C 814 -112.91 -30.21 -9.31
N HIS C 815 -111.89 -30.40 -10.13
CA HIS C 815 -111.22 -31.69 -10.23
C HIS C 815 -109.71 -31.52 -10.32
N SER C 816 -108.99 -32.37 -9.62
CA SER C 816 -107.52 -32.34 -9.62
C SER C 816 -107.02 -33.69 -9.14
N TYR C 817 -106.31 -34.39 -10.01
CA TYR C 817 -105.78 -35.70 -9.67
C TYR C 817 -104.88 -35.69 -8.44
N GLU C 818 -104.87 -36.81 -7.72
CA GLU C 818 -104.05 -36.94 -6.53
C GLU C 818 -102.74 -37.62 -6.91
N SER C 819 -101.97 -38.02 -5.91
CA SER C 819 -100.71 -38.71 -6.11
C SER C 819 -99.55 -37.86 -6.62
N CYS C 820 -99.69 -36.54 -6.54
CA CYS C 820 -98.61 -35.67 -6.96
C CYS C 820 -97.33 -36.14 -6.24
N ALA C 821 -96.26 -36.36 -7.01
CA ALA C 821 -95.00 -36.82 -6.43
C ALA C 821 -94.11 -35.68 -5.93
N VAL C 822 -94.45 -34.44 -6.29
CA VAL C 822 -93.64 -33.29 -5.89
C VAL C 822 -94.19 -32.50 -4.71
N TYR C 823 -93.41 -32.42 -3.63
CA TYR C 823 -93.82 -31.62 -2.49
C TYR C 823 -92.84 -30.45 -2.45
N ASP C 824 -93.34 -29.27 -2.80
CA ASP C 824 -92.52 -28.07 -2.89
C ASP C 824 -93.17 -26.89 -2.16
N PRO C 825 -93.01 -26.81 -0.83
CA PRO C 825 -93.57 -25.73 0.00
C PRO C 825 -92.94 -24.39 -0.32
N LEU C 826 -93.76 -23.34 -0.36
CA LEU C 826 -93.25 -22.01 -0.64
C LEU C 826 -92.66 -21.41 0.64
N GLY C 827 -93.03 -22.00 1.78
CA GLY C 827 -92.53 -21.53 3.07
C GLY C 827 -92.08 -22.71 3.91
N THR C 828 -92.32 -22.65 5.21
CA THR C 828 -91.93 -23.74 6.10
C THR C 828 -92.74 -24.99 5.77
N ALA C 829 -92.06 -26.13 5.69
CA ALA C 829 -92.72 -27.39 5.37
C ALA C 829 -93.85 -27.68 6.33
N GLY C 830 -94.99 -28.11 5.78
CA GLY C 830 -96.16 -28.44 6.59
C GLY C 830 -96.88 -27.23 7.16
N LYS C 831 -96.44 -26.02 6.83
CA LYS C 831 -97.09 -24.82 7.36
C LYS C 831 -97.41 -23.76 6.32
N SER C 832 -97.09 -24.02 5.06
CA SER C 832 -97.33 -23.04 4.02
C SER C 832 -97.88 -23.67 2.76
N ALA C 833 -98.15 -22.84 1.77
CA ALA C 833 -98.70 -23.30 0.50
C ALA C 833 -97.67 -24.13 -0.25
N ASP C 834 -98.16 -25.15 -0.94
CA ASP C 834 -97.30 -26.01 -1.74
C ASP C 834 -97.60 -25.71 -3.20
N ARG C 835 -96.58 -25.80 -4.05
CA ARG C 835 -96.79 -25.57 -5.47
C ARG C 835 -96.43 -26.82 -6.25
N GLY C 836 -96.09 -27.89 -5.55
CA GLY C 836 -95.75 -29.13 -6.21
C GLY C 836 -97.02 -29.72 -6.81
N GLY C 837 -98.13 -29.50 -6.12
CA GLY C 837 -99.42 -30.00 -6.58
C GLY C 837 -100.03 -31.06 -5.68
N CYS C 838 -99.66 -31.07 -4.41
CA CYS C 838 -100.18 -32.06 -3.47
C CYS C 838 -101.61 -31.76 -3.00
N ILE C 839 -102.58 -32.09 -3.85
CA ILE C 839 -103.99 -31.85 -3.57
C ILE C 839 -104.47 -32.50 -2.27
N ASN C 840 -103.85 -33.62 -1.88
CA ASN C 840 -104.28 -34.29 -0.66
C ASN C 840 -104.00 -33.47 0.60
N ILE C 841 -103.49 -32.27 0.40
CA ILE C 841 -103.22 -31.37 1.52
C ILE C 841 -104.60 -30.83 1.94
N LEU C 842 -105.50 -30.78 0.96
CA LEU C 842 -106.85 -30.26 1.15
C LEU C 842 -107.94 -31.29 1.49
N THR C 843 -107.65 -32.58 1.29
CA THR C 843 -108.64 -33.62 1.56
C THR C 843 -108.84 -33.90 3.05
N PRO C 844 -110.09 -34.22 3.45
CA PRO C 844 -110.41 -34.50 4.85
C PRO C 844 -109.70 -35.74 5.40
N ASP C 845 -109.09 -35.58 6.58
CA ASP C 845 -108.39 -36.69 7.22
C ASP C 845 -109.33 -37.38 8.21
N ARG C 846 -110.56 -36.89 8.29
CA ARG C 846 -111.57 -37.48 9.17
C ARG C 846 -112.01 -38.82 8.60
N TYR C 847 -112.09 -39.83 9.45
CA TYR C 847 -112.50 -41.17 9.03
C TYR C 847 -113.90 -41.18 8.42
N ILE C 848 -114.11 -42.06 7.45
CA ILE C 848 -115.41 -42.17 6.79
C ILE C 848 -116.53 -42.20 7.83
N SER C 849 -116.31 -42.91 8.93
CA SER C 849 -117.30 -42.96 10.01
C SER C 849 -116.52 -43.09 11.31
N LYS C 850 -117.23 -43.18 12.43
CA LYS C 850 -116.56 -43.30 13.71
C LYS C 850 -115.73 -44.58 13.78
N TYR C 851 -116.27 -45.67 13.24
CA TYR C 851 -115.58 -46.95 13.26
C TYR C 851 -115.09 -47.44 11.90
N ALA C 852 -115.57 -46.82 10.82
CA ALA C 852 -115.11 -47.19 9.48
C ALA C 852 -113.86 -46.35 9.26
N CYS C 853 -112.73 -46.86 9.75
CA CYS C 853 -111.46 -46.15 9.68
C CYS C 853 -110.78 -46.12 8.32
N GLY C 854 -111.52 -45.64 7.31
CA GLY C 854 -111.00 -45.55 5.97
C GLY C 854 -110.86 -44.09 5.58
N MET C 855 -110.23 -43.82 4.44
CA MET C 855 -110.03 -42.45 3.96
C MET C 855 -111.21 -41.99 3.11
N ALA C 856 -111.63 -40.74 3.31
CA ALA C 856 -112.76 -40.16 2.57
C ALA C 856 -112.32 -38.99 1.68
N ASN C 857 -111.19 -39.16 1.01
CA ASN C 857 -110.60 -38.14 0.15
C ASN C 857 -111.45 -37.46 -0.93
N ASN C 858 -112.11 -38.26 -1.76
CA ASN C 858 -112.86 -37.69 -2.87
C ASN C 858 -114.08 -36.79 -2.62
N THR C 859 -114.23 -36.33 -1.38
CA THR C 859 -115.28 -35.37 -1.04
C THR C 859 -114.55 -34.35 -0.20
N ALA C 860 -114.14 -33.26 -0.83
CA ALA C 860 -113.42 -32.20 -0.15
C ALA C 860 -113.93 -30.84 -0.60
N LEU C 861 -114.28 -30.01 0.37
CA LEU C 861 -114.79 -28.68 0.08
C LEU C 861 -113.64 -27.69 0.06
N VAL C 862 -113.61 -26.87 -0.99
CA VAL C 862 -112.56 -25.88 -1.13
C VAL C 862 -113.07 -24.62 -1.81
N GLU C 863 -112.22 -23.61 -1.82
CA GLU C 863 -112.49 -22.34 -2.47
C GLU C 863 -111.24 -22.10 -3.30
N ILE C 864 -111.38 -21.43 -4.44
CA ILE C 864 -110.23 -21.15 -5.27
C ILE C 864 -110.21 -19.68 -5.68
N GLU C 865 -109.02 -19.18 -5.98
CA GLU C 865 -108.86 -17.79 -6.38
C GLU C 865 -107.58 -17.64 -7.16
N LYS C 866 -107.47 -16.57 -7.94
CA LYS C 866 -106.24 -16.35 -8.68
C LYS C 866 -105.19 -16.17 -7.58
N TRP C 867 -104.01 -16.74 -7.77
CA TRP C 867 -102.94 -16.65 -6.78
C TRP C 867 -102.21 -15.30 -6.77
N ASP C 868 -102.21 -14.64 -5.61
CA ASP C 868 -101.56 -13.34 -5.47
C ASP C 868 -100.05 -13.42 -5.26
N GLY C 869 -99.49 -14.61 -5.40
CA GLY C 869 -98.05 -14.76 -5.23
C GLY C 869 -97.59 -14.84 -3.79
N ASP C 870 -98.53 -14.94 -2.85
CA ASP C 870 -98.20 -15.02 -1.43
C ASP C 870 -97.89 -16.47 -1.03
N LYS C 871 -97.12 -16.66 0.04
CA LYS C 871 -96.73 -17.99 0.49
C LYS C 871 -97.72 -18.66 1.46
N TYR C 872 -98.62 -17.87 2.03
CA TYR C 872 -99.62 -18.36 2.97
C TYR C 872 -99.11 -19.31 4.05
N GLU C 873 -98.14 -18.86 4.83
CA GLU C 873 -97.61 -19.69 5.91
C GLU C 873 -98.51 -19.48 7.13
N ILE C 874 -99.70 -20.07 7.08
CA ILE C 874 -100.67 -19.94 8.17
C ILE C 874 -101.23 -21.28 8.65
N TYR C 875 -100.62 -22.39 8.23
CA TYR C 875 -101.11 -23.71 8.62
C TYR C 875 -100.21 -24.39 9.64
N MET D 1 -92.59 -47.78 -57.09
CA MET D 1 -92.08 -46.86 -56.03
C MET D 1 -93.10 -46.72 -54.92
N GLU D 2 -93.25 -47.78 -54.13
CA GLU D 2 -94.17 -47.83 -53.01
C GLU D 2 -93.88 -46.73 -51.99
N GLN D 3 -94.90 -46.07 -51.48
CA GLN D 3 -94.71 -44.99 -50.51
C GLN D 3 -95.34 -45.26 -49.16
N TYR D 4 -94.95 -44.44 -48.17
CA TYR D 4 -95.47 -44.55 -46.82
C TYR D 4 -96.63 -43.60 -46.57
N TYR D 5 -97.62 -44.07 -45.82
CA TYR D 5 -98.78 -43.25 -45.46
C TYR D 5 -99.20 -43.59 -44.04
N MET D 6 -99.95 -42.69 -43.42
CA MET D 6 -100.42 -42.91 -42.07
C MET D 6 -101.85 -42.39 -41.94
N VAL D 7 -102.73 -43.24 -41.42
CA VAL D 7 -104.11 -42.85 -41.23
C VAL D 7 -104.38 -42.82 -39.72
N ILE D 8 -104.87 -41.68 -39.25
CA ILE D 8 -105.15 -41.47 -37.84
C ILE D 8 -106.65 -41.27 -37.61
N ASP D 9 -107.26 -42.15 -36.83
CA ASP D 9 -108.69 -42.08 -36.53
C ASP D 9 -108.93 -41.21 -35.30
N VAL D 10 -109.41 -39.99 -35.53
CA VAL D 10 -109.67 -39.04 -34.45
C VAL D 10 -110.67 -39.58 -33.43
N ALA D 11 -111.75 -40.20 -33.92
CA ALA D 11 -112.80 -40.74 -33.06
C ALA D 11 -112.26 -41.71 -32.02
N LYS D 12 -111.03 -42.15 -32.19
CA LYS D 12 -110.42 -43.08 -31.26
C LYS D 12 -109.31 -42.52 -30.37
N CYS D 13 -108.98 -41.23 -30.48
CA CYS D 13 -107.94 -40.67 -29.61
C CYS D 13 -108.49 -40.40 -28.22
N GLN D 14 -107.80 -40.91 -27.21
CA GLN D 14 -108.22 -40.66 -25.83
C GLN D 14 -107.20 -39.76 -25.11
N ASP D 15 -106.18 -39.32 -25.85
CA ASP D 15 -105.15 -38.43 -25.32
C ASP D 15 -104.33 -39.03 -24.16
N CYS D 16 -104.06 -40.33 -24.19
CA CYS D 16 -103.27 -40.97 -23.13
C CYS D 16 -101.81 -40.60 -23.33
N ASN D 17 -101.48 -40.18 -24.55
CA ASN D 17 -100.13 -39.75 -24.92
C ASN D 17 -99.06 -40.84 -25.08
N ASN D 18 -99.47 -42.04 -25.46
CA ASN D 18 -98.49 -43.11 -25.67
C ASN D 18 -97.54 -42.74 -26.84
N CYS D 19 -98.04 -41.97 -27.82
CA CYS D 19 -97.24 -41.54 -28.99
C CYS D 19 -96.07 -40.72 -28.54
N PHE D 20 -96.45 -39.56 -28.01
CA PHE D 20 -95.55 -38.54 -27.51
C PHE D 20 -94.50 -39.15 -26.63
N MET D 21 -94.93 -39.98 -25.68
CA MET D 21 -93.98 -40.64 -24.78
C MET D 21 -93.08 -41.51 -25.64
N GLY D 22 -93.64 -41.97 -26.76
CA GLY D 22 -92.88 -42.80 -27.69
C GLY D 22 -91.71 -42.11 -28.36
N CYS D 23 -91.90 -40.90 -28.90
CA CYS D 23 -90.77 -40.20 -29.55
C CYS D 23 -89.68 -39.93 -28.56
N MET D 24 -90.06 -39.27 -27.48
CA MET D 24 -89.10 -38.91 -26.45
C MET D 24 -88.30 -40.14 -26.09
N ASP D 25 -88.98 -41.27 -25.96
CA ASP D 25 -88.31 -42.53 -25.64
C ASP D 25 -87.29 -42.87 -26.73
N GLU D 26 -87.68 -42.63 -27.98
CA GLU D 26 -86.81 -42.94 -29.11
C GLU D 26 -85.83 -41.83 -29.50
N HIS D 27 -86.13 -40.58 -29.15
CA HIS D 27 -85.28 -39.47 -29.56
C HIS D 27 -84.62 -38.60 -28.49
N GLU D 28 -85.30 -38.35 -27.37
CA GLU D 28 -84.76 -37.50 -26.32
C GLU D 28 -83.36 -37.92 -25.82
N LEU D 29 -83.14 -39.21 -25.63
CA LEU D 29 -81.84 -39.72 -25.15
C LEU D 29 -81.01 -40.41 -26.23
N ASN D 30 -81.51 -40.47 -27.45
CA ASN D 30 -80.77 -41.10 -28.53
C ASN D 30 -80.53 -40.17 -29.70
N GLU D 31 -79.45 -40.42 -30.41
CA GLU D 31 -79.10 -39.65 -31.60
C GLU D 31 -79.00 -40.66 -32.72
N TRP D 32 -79.49 -40.30 -33.90
CA TRP D 32 -79.43 -41.21 -35.03
C TRP D 32 -78.71 -40.54 -36.19
N PRO D 33 -77.42 -40.86 -36.36
CA PRO D 33 -76.57 -40.31 -37.43
C PRO D 33 -77.25 -40.33 -38.79
N GLY D 34 -77.34 -39.17 -39.42
CA GLY D 34 -77.95 -39.08 -40.73
C GLY D 34 -79.44 -38.77 -40.69
N TYR D 35 -80.05 -38.94 -39.52
CA TYR D 35 -81.47 -38.65 -39.38
C TYR D 35 -81.73 -37.48 -38.46
N THR D 36 -81.23 -37.56 -37.23
CA THR D 36 -81.43 -36.48 -36.28
C THR D 36 -80.62 -36.64 -35.01
N ALA D 37 -80.33 -35.52 -34.36
CA ALA D 37 -79.61 -35.54 -33.10
C ALA D 37 -80.71 -35.74 -32.06
N SER D 38 -80.36 -35.85 -30.79
CA SER D 38 -81.38 -36.06 -29.77
C SER D 38 -82.39 -34.93 -29.77
N MET D 39 -83.62 -35.27 -29.38
CA MET D 39 -84.72 -34.32 -29.31
C MET D 39 -84.58 -33.45 -28.07
N GLN D 40 -85.04 -32.20 -28.16
CA GLN D 40 -84.97 -31.29 -27.02
C GLN D 40 -86.26 -31.36 -26.20
N ARG D 41 -86.11 -31.52 -24.90
CA ARG D 41 -87.25 -31.59 -24.00
C ARG D 41 -88.12 -30.36 -24.23
N GLY D 42 -89.43 -30.57 -24.30
CA GLY D 42 -90.34 -29.47 -24.51
C GLY D 42 -90.90 -29.42 -25.92
N HIS D 43 -90.14 -29.97 -26.87
CA HIS D 43 -90.57 -29.99 -28.25
C HIS D 43 -91.65 -31.04 -28.46
N ARG D 44 -92.49 -30.83 -29.46
CA ARG D 44 -93.57 -31.76 -29.75
C ARG D 44 -93.60 -32.18 -31.22
N TRP D 45 -92.64 -33.02 -31.62
CA TRP D 45 -92.60 -33.51 -32.99
C TRP D 45 -93.98 -34.12 -33.24
N MET D 46 -94.52 -34.70 -32.16
CA MET D 46 -95.85 -35.28 -32.15
C MET D 46 -96.64 -34.30 -31.27
N ASN D 47 -97.54 -33.56 -31.90
CA ASN D 47 -98.33 -32.58 -31.17
C ASN D 47 -99.80 -33.00 -31.14
N ILE D 48 -100.25 -33.46 -29.98
CA ILE D 48 -101.63 -33.90 -29.82
C ILE D 48 -102.50 -32.70 -29.46
N GLU D 49 -103.23 -32.17 -30.45
CA GLU D 49 -104.11 -31.03 -30.21
C GLU D 49 -105.36 -31.49 -29.47
N ARG D 50 -105.89 -30.61 -28.63
CA ARG D 50 -107.09 -30.91 -27.85
C ARG D 50 -108.15 -29.84 -28.06
N ARG D 51 -109.40 -30.25 -28.26
CA ARG D 51 -110.49 -29.30 -28.47
C ARG D 51 -111.83 -29.71 -27.88
N GLU D 52 -112.31 -28.92 -26.92
CA GLU D 52 -113.60 -29.17 -26.30
C GLU D 52 -114.69 -28.49 -27.12
N ARG D 53 -115.86 -29.11 -27.21
CA ARG D 53 -116.97 -28.55 -27.96
C ARG D 53 -118.24 -28.46 -27.09
N GLY D 54 -119.09 -27.49 -27.38
CA GLY D 54 -120.32 -27.33 -26.64
C GLY D 54 -120.16 -26.76 -25.24
N THR D 55 -121.20 -26.94 -24.43
CA THR D 55 -121.21 -26.44 -23.06
C THR D 55 -121.94 -27.43 -22.15
N TYR D 56 -121.46 -27.57 -20.93
CA TYR D 56 -122.08 -28.47 -19.95
C TYR D 56 -123.59 -28.24 -20.02
N PRO D 57 -124.39 -29.31 -19.94
CA PRO D 57 -124.00 -30.72 -19.79
C PRO D 57 -123.95 -31.56 -21.07
N ARG D 58 -124.04 -30.92 -22.24
CA ARG D 58 -124.01 -31.66 -23.50
C ARG D 58 -122.74 -31.36 -24.31
N ASN D 59 -121.64 -31.24 -23.60
CA ASN D 59 -120.34 -30.95 -24.18
C ASN D 59 -119.58 -32.21 -24.52
N ASP D 60 -118.50 -32.07 -25.27
CA ASP D 60 -117.66 -33.20 -25.63
C ASP D 60 -116.25 -32.71 -25.93
N ILE D 61 -115.35 -33.65 -26.19
CA ILE D 61 -113.97 -33.29 -26.48
C ILE D 61 -113.37 -34.31 -27.43
N ASN D 62 -112.51 -33.83 -28.32
CA ASN D 62 -111.85 -34.69 -29.29
C ASN D 62 -110.39 -34.25 -29.44
N TYR D 63 -109.52 -35.20 -29.78
CA TYR D 63 -108.11 -34.93 -29.94
C TYR D 63 -107.60 -35.24 -31.34
N ARG D 64 -106.54 -34.56 -31.74
CA ARG D 64 -105.96 -34.75 -33.06
C ARG D 64 -104.45 -34.93 -33.03
N PRO D 65 -103.97 -36.18 -33.02
CA PRO D 65 -102.53 -36.40 -32.99
C PRO D 65 -101.93 -35.78 -34.26
N THR D 66 -101.06 -34.81 -34.09
CA THR D 66 -100.47 -34.16 -35.23
C THR D 66 -98.94 -34.29 -35.33
N PRO D 67 -98.46 -35.23 -36.13
CA PRO D 67 -97.01 -35.39 -36.27
C PRO D 67 -96.63 -34.45 -37.40
N CYS D 68 -95.68 -34.86 -38.22
CA CYS D 68 -95.29 -34.07 -39.36
C CYS D 68 -96.17 -34.59 -40.49
N MET D 69 -96.56 -33.71 -41.41
CA MET D 69 -97.42 -34.13 -42.51
C MET D 69 -96.67 -34.86 -43.62
N HIS D 70 -95.37 -34.61 -43.75
CA HIS D 70 -94.56 -35.23 -44.80
C HIS D 70 -95.32 -35.08 -46.10
N CYS D 71 -95.89 -33.89 -46.32
CA CYS D 71 -96.66 -33.61 -47.52
C CYS D 71 -95.88 -33.74 -48.83
N GLU D 72 -96.57 -34.22 -49.86
CA GLU D 72 -95.99 -34.44 -51.19
C GLU D 72 -95.50 -33.15 -51.83
N ASN D 73 -96.06 -32.04 -51.40
CA ASN D 73 -95.68 -30.73 -51.93
C ASN D 73 -95.08 -29.97 -50.76
N ALA D 74 -94.03 -30.55 -50.17
CA ALA D 74 -93.35 -29.98 -49.01
C ALA D 74 -92.82 -28.55 -49.18
N PRO D 75 -93.50 -27.56 -48.58
CA PRO D 75 -93.16 -26.14 -48.62
C PRO D 75 -91.73 -25.86 -48.20
N CYS D 76 -91.21 -26.68 -47.29
CA CYS D 76 -89.84 -26.45 -46.81
C CYS D 76 -88.74 -27.13 -47.61
N VAL D 77 -89.10 -28.07 -48.49
CA VAL D 77 -88.08 -28.69 -49.33
C VAL D 77 -87.86 -27.61 -50.40
N ALA D 78 -88.96 -26.96 -50.78
CA ALA D 78 -88.94 -25.90 -51.77
C ALA D 78 -88.20 -24.66 -51.30
N LYS D 79 -88.45 -24.26 -50.05
CA LYS D 79 -87.81 -23.09 -49.49
C LYS D 79 -86.65 -23.47 -48.56
N GLY D 80 -86.27 -24.75 -48.57
CA GLY D 80 -85.20 -25.22 -47.71
C GLY D 80 -83.80 -25.09 -48.28
N ASN D 81 -83.70 -24.81 -49.58
CA ASN D 81 -82.42 -24.66 -50.25
C ASN D 81 -81.46 -25.81 -49.94
N GLY D 82 -81.98 -27.03 -50.01
CA GLY D 82 -81.15 -28.20 -49.74
C GLY D 82 -81.08 -28.66 -48.29
N ALA D 83 -81.56 -27.82 -47.38
CA ALA D 83 -81.54 -28.17 -45.96
C ALA D 83 -82.51 -29.31 -45.66
N VAL D 84 -83.59 -29.38 -46.43
CA VAL D 84 -84.59 -30.42 -46.26
C VAL D 84 -84.80 -31.14 -47.60
N TYR D 85 -84.93 -32.45 -47.54
CA TYR D 85 -85.13 -33.24 -48.76
C TYR D 85 -86.29 -34.22 -48.65
N GLN D 86 -86.63 -34.83 -49.78
CA GLN D 86 -87.72 -35.78 -49.85
C GLN D 86 -87.22 -37.10 -50.43
N ARG D 87 -87.51 -38.21 -49.74
CA ARG D 87 -87.08 -39.52 -50.20
C ARG D 87 -88.13 -40.09 -51.14
N GLU D 88 -87.76 -41.12 -51.90
CA GLU D 88 -88.68 -41.72 -52.85
C GLU D 88 -89.91 -42.34 -52.17
N ASP D 89 -89.75 -42.78 -50.93
CA ASP D 89 -90.86 -43.39 -50.20
C ASP D 89 -91.77 -42.33 -49.60
N GLY D 90 -91.51 -41.07 -49.94
CA GLY D 90 -92.34 -39.98 -49.46
C GLY D 90 -91.98 -39.32 -48.15
N ILE D 91 -91.05 -39.92 -47.39
CA ILE D 91 -90.65 -39.34 -46.11
C ILE D 91 -89.80 -38.09 -46.30
N VAL D 92 -90.22 -36.99 -45.67
CA VAL D 92 -89.50 -35.72 -45.75
C VAL D 92 -88.58 -35.62 -44.54
N LEU D 93 -87.31 -35.34 -44.78
CA LEU D 93 -86.35 -35.25 -43.69
C LEU D 93 -85.50 -33.98 -43.75
N ILE D 94 -85.10 -33.51 -42.57
CA ILE D 94 -84.24 -32.35 -42.45
C ILE D 94 -82.84 -32.94 -42.50
N ASP D 95 -81.91 -32.24 -43.15
CA ASP D 95 -80.54 -32.73 -43.19
C ASP D 95 -79.88 -32.21 -41.92
N PRO D 96 -79.59 -33.12 -40.97
CA PRO D 96 -78.96 -32.80 -39.68
C PRO D 96 -77.75 -31.87 -39.75
N GLU D 97 -77.01 -31.94 -40.86
CA GLU D 97 -75.82 -31.11 -41.02
C GLU D 97 -76.09 -29.84 -41.81
N LYS D 98 -76.61 -30.00 -43.02
CA LYS D 98 -76.91 -28.87 -43.89
C LYS D 98 -77.85 -27.83 -43.29
N ALA D 99 -78.69 -28.27 -42.35
CA ALA D 99 -79.66 -27.39 -41.72
C ALA D 99 -79.12 -26.57 -40.54
N LYS D 100 -77.96 -26.95 -40.02
CA LYS D 100 -77.38 -26.25 -38.87
C LYS D 100 -77.26 -24.74 -39.02
N GLY D 101 -77.72 -24.03 -37.99
CA GLY D 101 -77.67 -22.58 -37.98
C GLY D 101 -78.79 -21.88 -38.73
N LYS D 102 -79.76 -22.63 -39.22
CA LYS D 102 -80.86 -22.04 -39.99
C LYS D 102 -82.22 -22.06 -39.32
N LYS D 103 -82.46 -21.10 -38.42
CA LYS D 103 -83.74 -21.00 -37.72
C LYS D 103 -84.90 -20.67 -38.68
N GLU D 104 -84.58 -19.96 -39.76
CA GLU D 104 -85.59 -19.57 -40.74
C GLU D 104 -86.37 -20.76 -41.29
N LEU D 105 -85.79 -21.95 -41.21
CA LEU D 105 -86.46 -23.14 -41.72
C LEU D 105 -87.83 -23.31 -41.07
N LEU D 106 -87.91 -23.00 -39.78
CA LEU D 106 -89.17 -23.12 -39.05
C LEU D 106 -90.26 -22.31 -39.73
N ASP D 107 -89.89 -21.15 -40.27
CA ASP D 107 -90.85 -20.27 -40.93
C ASP D 107 -91.40 -20.83 -42.24
N THR D 108 -90.74 -21.82 -42.80
CA THR D 108 -91.18 -22.41 -44.06
C THR D 108 -92.26 -23.46 -43.86
N CYS D 109 -92.68 -23.67 -42.62
CA CYS D 109 -93.70 -24.66 -42.32
C CYS D 109 -95.09 -24.10 -42.02
N PRO D 110 -96.07 -24.36 -42.90
CA PRO D 110 -97.43 -23.87 -42.69
C PRO D 110 -98.08 -24.52 -41.47
N TYR D 111 -97.64 -25.74 -41.14
CA TYR D 111 -98.19 -26.45 -40.00
C TYR D 111 -97.40 -26.24 -38.70
N GLY D 112 -96.24 -25.58 -38.80
CA GLY D 112 -95.43 -25.32 -37.62
C GLY D 112 -95.06 -26.55 -36.82
N VAL D 113 -94.82 -27.67 -37.51
CA VAL D 113 -94.47 -28.92 -36.83
C VAL D 113 -93.01 -29.03 -36.41
N MET D 114 -92.14 -28.18 -36.95
CA MET D 114 -90.75 -28.28 -36.55
C MET D 114 -90.37 -27.29 -35.47
N TYR D 115 -89.39 -27.68 -34.65
CA TYR D 115 -88.93 -26.85 -33.55
C TYR D 115 -87.43 -26.60 -33.60
N TRP D 116 -86.99 -25.52 -32.98
CA TRP D 116 -85.57 -25.18 -32.96
C TRP D 116 -84.84 -25.72 -31.73
N ASN D 117 -83.90 -26.63 -31.95
CA ASN D 117 -83.13 -27.22 -30.85
C ASN D 117 -81.96 -26.31 -30.48
N GLU D 118 -82.12 -25.58 -29.38
CA GLU D 118 -81.12 -24.64 -28.87
C GLU D 118 -79.76 -25.29 -28.63
N GLU D 119 -79.76 -26.54 -28.18
CA GLU D 119 -78.53 -27.26 -27.86
C GLU D 119 -77.76 -27.81 -29.04
N GLU D 120 -78.45 -28.07 -30.15
CA GLU D 120 -77.80 -28.60 -31.34
C GLU D 120 -77.82 -27.55 -32.45
N ASN D 121 -78.39 -26.39 -32.12
CA ASN D 121 -78.53 -25.30 -33.07
C ASN D 121 -78.89 -25.77 -34.47
N VAL D 122 -80.07 -26.34 -34.56
CA VAL D 122 -80.59 -26.85 -35.81
C VAL D 122 -82.08 -27.09 -35.61
N ALA D 123 -82.85 -26.96 -36.69
CA ALA D 123 -84.28 -27.19 -36.62
C ALA D 123 -84.48 -28.70 -36.59
N GLN D 124 -85.40 -29.15 -35.76
CA GLN D 124 -85.70 -30.56 -35.65
C GLN D 124 -87.19 -30.79 -35.78
N LYS D 125 -87.56 -32.00 -36.15
CA LYS D 125 -88.96 -32.35 -36.27
C LYS D 125 -89.16 -33.81 -36.60
N CYS D 126 -90.43 -34.12 -36.78
CA CYS D 126 -90.84 -35.48 -37.08
C CYS D 126 -90.10 -36.13 -38.25
N THR D 127 -89.60 -37.35 -38.02
CA THR D 127 -88.87 -38.08 -39.05
C THR D 127 -89.53 -39.39 -39.45
N MET D 128 -90.69 -39.68 -38.85
CA MET D 128 -91.42 -40.91 -39.10
C MET D 128 -90.49 -42.10 -38.82
N CYS D 129 -89.59 -41.90 -37.85
CA CYS D 129 -88.56 -42.89 -37.46
C CYS D 129 -88.05 -43.64 -38.65
N ALA D 130 -87.58 -42.88 -39.62
CA ALA D 130 -87.03 -43.44 -40.84
C ALA D 130 -85.91 -44.40 -40.45
N HIS D 131 -85.19 -44.06 -39.38
CA HIS D 131 -84.10 -44.91 -38.93
C HIS D 131 -84.62 -46.29 -38.55
N LEU D 132 -85.83 -46.33 -38.00
CA LEU D 132 -86.44 -47.59 -37.61
C LEU D 132 -87.00 -48.27 -38.86
N LEU D 133 -87.64 -47.47 -39.71
CA LEU D 133 -88.22 -47.98 -40.95
C LEU D 133 -87.13 -48.51 -41.88
N ASP D 134 -85.94 -47.93 -41.80
CA ASP D 134 -84.81 -48.36 -42.65
C ASP D 134 -84.06 -49.56 -42.08
N ASP D 135 -84.55 -50.10 -40.97
CA ASP D 135 -83.89 -51.25 -40.35
C ASP D 135 -84.83 -52.45 -40.20
N GLU D 136 -84.54 -53.52 -40.93
CA GLU D 136 -85.37 -54.73 -40.88
C GLU D 136 -85.44 -55.35 -39.49
N SER D 137 -84.44 -55.07 -38.66
CA SER D 137 -84.41 -55.61 -37.30
C SER D 137 -85.66 -55.18 -36.54
N TRP D 138 -86.10 -53.95 -36.77
CA TRP D 138 -87.30 -53.41 -36.13
C TRP D 138 -88.51 -54.14 -36.72
N ALA D 139 -88.86 -55.27 -36.10
CA ALA D 139 -89.98 -56.09 -36.57
C ALA D 139 -91.30 -55.34 -36.82
N PRO D 140 -91.72 -54.49 -35.87
CA PRO D 140 -92.97 -53.73 -36.04
C PRO D 140 -93.10 -53.05 -37.39
N LYS D 141 -91.99 -52.56 -37.92
CA LYS D 141 -91.97 -51.86 -39.20
C LYS D 141 -92.95 -50.69 -39.23
N MET D 142 -92.99 -49.94 -38.13
CA MET D 142 -93.88 -48.79 -38.03
C MET D 142 -93.32 -47.79 -37.03
N PRO D 143 -93.76 -46.52 -37.11
CA PRO D 143 -93.30 -45.47 -36.21
C PRO D 143 -93.59 -45.78 -34.74
N ARG D 144 -92.90 -45.12 -33.85
CA ARG D 144 -93.10 -45.37 -32.43
C ARG D 144 -94.53 -45.06 -31.94
N CYS D 145 -95.12 -43.93 -32.34
CA CYS D 145 -96.48 -43.65 -31.88
C CYS D 145 -97.42 -44.78 -32.27
N ALA D 146 -97.52 -45.02 -33.57
CA ALA D 146 -98.37 -46.05 -34.11
C ALA D 146 -98.20 -47.37 -33.38
N HIS D 147 -96.97 -47.71 -33.01
CA HIS D 147 -96.71 -48.95 -32.32
C HIS D 147 -97.07 -48.90 -30.84
N ASN D 148 -96.96 -47.72 -30.24
CA ASN D 148 -97.27 -47.54 -28.83
C ASN D 148 -98.78 -47.43 -28.56
N CYS D 149 -99.59 -47.22 -29.60
CA CYS D 149 -101.04 -47.13 -29.39
C CYS D 149 -101.66 -48.36 -28.80
N GLY D 150 -102.63 -48.11 -27.92
CA GLY D 150 -103.39 -49.18 -27.29
C GLY D 150 -104.85 -48.89 -27.63
N SER D 151 -105.07 -47.80 -28.37
CA SER D 151 -106.41 -47.38 -28.74
C SER D 151 -106.76 -47.60 -30.22
N PHE D 152 -105.87 -48.28 -30.95
CA PHE D 152 -106.09 -48.58 -32.36
C PHE D 152 -106.39 -47.34 -33.20
N VAL D 153 -105.66 -46.26 -32.96
CA VAL D 153 -105.87 -45.02 -33.69
C VAL D 153 -105.13 -44.98 -35.03
N TYR D 154 -103.93 -45.58 -35.06
CA TYR D 154 -103.10 -45.58 -36.25
C TYR D 154 -103.24 -46.72 -37.24
N GLU D 155 -103.03 -46.37 -38.50
CA GLU D 155 -103.08 -47.30 -39.61
C GLU D 155 -101.85 -46.91 -40.43
N PHE D 156 -100.73 -47.56 -40.16
CA PHE D 156 -99.49 -47.26 -40.87
C PHE D 156 -99.29 -48.23 -42.02
N LEU D 157 -99.07 -47.70 -43.21
CA LEU D 157 -98.87 -48.56 -44.36
C LEU D 157 -97.96 -47.99 -45.44
N LYS D 158 -97.50 -48.89 -46.32
CA LYS D 158 -96.65 -48.52 -47.44
C LYS D 158 -97.23 -49.19 -48.67
N THR D 159 -97.79 -48.39 -49.57
CA THR D 159 -98.39 -48.91 -50.78
C THR D 159 -98.30 -47.90 -51.91
N THR D 160 -98.96 -48.21 -53.03
CA THR D 160 -98.97 -47.34 -54.19
C THR D 160 -99.93 -46.17 -53.98
N PRO D 161 -99.73 -45.06 -54.70
CA PRO D 161 -100.59 -43.89 -54.58
C PRO D 161 -102.05 -44.19 -54.93
N GLU D 162 -102.25 -45.13 -55.85
CA GLU D 162 -103.61 -45.51 -56.26
C GLU D 162 -104.35 -46.20 -55.12
N ALA D 163 -103.66 -47.11 -54.45
CA ALA D 163 -104.23 -47.85 -53.33
C ALA D 163 -104.66 -46.90 -52.21
N MET D 164 -103.86 -45.87 -51.99
CA MET D 164 -104.14 -44.88 -50.96
C MET D 164 -105.30 -44.01 -51.41
N ALA D 165 -105.26 -43.56 -52.66
CA ALA D 165 -106.31 -42.71 -53.22
C ALA D 165 -107.69 -43.35 -53.10
N LYS D 166 -107.75 -44.66 -53.35
CA LYS D 166 -109.01 -45.39 -53.25
C LYS D 166 -109.43 -45.43 -51.79
N LYS D 167 -108.49 -45.77 -50.92
CA LYS D 167 -108.76 -45.85 -49.49
C LYS D 167 -109.30 -44.51 -48.99
N VAL D 168 -108.76 -43.42 -49.52
CA VAL D 168 -109.18 -42.08 -49.12
C VAL D 168 -110.65 -41.87 -49.47
N GLU D 169 -111.04 -42.26 -50.68
CA GLU D 169 -112.42 -42.10 -51.12
C GLU D 169 -113.39 -43.00 -50.37
N GLU D 170 -113.04 -44.28 -50.26
CA GLU D 170 -113.89 -45.25 -49.57
C GLU D 170 -114.10 -44.96 -48.10
N GLU D 171 -113.06 -44.43 -47.45
CA GLU D 171 -113.14 -44.14 -46.02
C GLU D 171 -113.33 -42.65 -45.72
N GLY D 172 -113.46 -41.85 -46.76
CA GLY D 172 -113.65 -40.42 -46.59
C GLY D 172 -112.54 -39.78 -45.76
N LEU D 173 -111.31 -40.15 -46.05
CA LEU D 173 -110.16 -39.61 -45.32
C LEU D 173 -109.94 -38.16 -45.68
N GLU D 174 -109.43 -37.38 -44.72
CA GLU D 174 -109.19 -35.95 -44.95
C GLU D 174 -107.81 -35.54 -44.43
N VAL D 175 -107.37 -34.34 -44.82
CA VAL D 175 -106.08 -33.83 -44.41
C VAL D 175 -106.25 -32.44 -43.79
N ILE D 176 -105.28 -32.05 -42.95
CA ILE D 176 -105.32 -30.74 -42.30
C ILE D 176 -104.97 -29.65 -43.29
N LYS D 177 -105.72 -28.55 -43.24
CA LYS D 177 -105.50 -27.42 -44.12
C LYS D 177 -105.32 -27.86 -45.57
N PRO D 178 -106.36 -28.48 -46.16
CA PRO D 178 -106.32 -28.96 -47.54
C PRO D 178 -106.05 -27.86 -48.56
N GLU D 179 -106.63 -26.69 -48.32
CA GLU D 179 -106.50 -25.55 -49.22
C GLU D 179 -105.09 -24.97 -49.33
N LEU D 180 -104.10 -25.74 -48.92
CA LEU D 180 -102.71 -25.30 -49.01
C LEU D 180 -102.00 -26.08 -50.10
N GLY D 181 -102.62 -27.17 -50.54
CA GLY D 181 -102.06 -27.99 -51.59
C GLY D 181 -100.70 -28.62 -51.34
N THR D 182 -100.30 -28.77 -50.08
CA THR D 182 -99.00 -29.39 -49.78
C THR D 182 -99.17 -30.91 -49.89
N LYS D 183 -100.43 -31.35 -49.88
CA LYS D 183 -100.78 -32.76 -49.97
C LYS D 183 -100.12 -33.67 -48.94
N PRO D 184 -100.56 -33.57 -47.68
CA PRO D 184 -100.01 -34.39 -46.58
C PRO D 184 -100.24 -35.88 -46.80
N ARG D 185 -99.30 -36.71 -46.35
CA ARG D 185 -99.44 -38.16 -46.49
C ARG D 185 -99.99 -38.73 -45.18
N VAL D 186 -100.33 -37.83 -44.27
CA VAL D 186 -100.91 -38.21 -42.99
C VAL D 186 -102.39 -37.87 -43.09
N TYR D 187 -103.24 -38.90 -43.09
CA TYR D 187 -104.68 -38.69 -43.20
C TYR D 187 -105.42 -38.85 -41.88
N TYR D 188 -106.58 -38.21 -41.80
CA TYR D 188 -107.42 -38.28 -40.61
C TYR D 188 -108.80 -38.84 -40.91
N LYS D 189 -109.21 -39.77 -40.05
CA LYS D 189 -110.52 -40.41 -40.16
C LYS D 189 -111.42 -39.78 -39.11
N ASN D 190 -112.62 -39.37 -39.52
CA ASN D 190 -113.58 -38.74 -38.61
C ASN D 190 -113.06 -37.38 -38.11
N LEU D 191 -112.34 -36.68 -38.98
CA LEU D 191 -111.78 -35.37 -38.64
C LEU D 191 -112.87 -34.35 -38.27
N TYR D 192 -114.11 -34.63 -38.64
CA TYR D 192 -115.22 -33.71 -38.34
C TYR D 192 -115.34 -33.52 -36.83
N ARG D 193 -114.94 -34.53 -36.07
CA ARG D 193 -114.97 -34.49 -34.61
C ARG D 193 -114.15 -33.31 -34.10
N PHE D 194 -113.03 -33.06 -34.78
CA PHE D 194 -112.13 -31.99 -34.37
C PHE D 194 -112.35 -30.65 -35.09
N GLU D 195 -112.65 -30.70 -36.38
CA GLU D 195 -112.84 -29.48 -37.16
C GLU D 195 -114.25 -28.95 -37.29
N LYS D 196 -115.24 -29.83 -37.17
CA LYS D 196 -116.63 -29.40 -37.31
C LYS D 196 -117.35 -29.19 -35.99
N ASN D 197 -118.67 -28.95 -36.08
CA ASN D 197 -119.48 -28.71 -34.90
C ASN D 197 -120.83 -29.41 -34.97
N TYR D 198 -121.58 -29.35 -33.88
CA TYR D 198 -122.88 -30.00 -33.82
C TYR D 198 -123.91 -29.19 -33.04
N VAL D 199 -125.13 -29.70 -33.06
CA VAL D 199 -126.23 -29.10 -32.33
C VAL D 199 -126.94 -30.26 -31.65
N THR D 200 -127.25 -30.09 -30.38
CA THR D 200 -127.90 -31.15 -29.63
C THR D 200 -128.92 -30.57 -28.67
N ALA D 201 -129.74 -31.43 -28.09
CA ALA D 201 -130.76 -30.98 -27.16
C ALA D 201 -131.48 -32.17 -26.51
N GLY D 202 -132.27 -31.88 -25.49
CA GLY D 202 -133.02 -32.91 -24.80
C GLY D 202 -134.51 -32.60 -24.92
N ILE D 203 -135.24 -33.51 -25.54
CA ILE D 203 -136.67 -33.35 -25.74
C ILE D 203 -137.48 -33.99 -24.61
N LEU D 204 -138.32 -33.19 -23.96
CA LEU D 204 -139.15 -33.68 -22.87
C LEU D 204 -140.63 -33.52 -23.20
N VAL D 205 -141.44 -34.51 -22.85
CA VAL D 205 -142.89 -34.45 -23.07
C VAL D 205 -143.54 -34.63 -21.70
N GLN D 206 -144.19 -33.56 -21.23
CA GLN D 206 -144.84 -33.58 -19.93
C GLN D 206 -143.84 -33.87 -18.81
N GLY D 207 -142.65 -33.26 -18.92
CA GLY D 207 -141.64 -33.43 -17.91
C GLY D 207 -140.66 -34.59 -18.00
N ASP D 208 -140.88 -35.52 -18.92
CA ASP D 208 -139.97 -36.66 -19.05
C ASP D 208 -139.32 -36.78 -20.42
N CYS D 209 -138.11 -37.35 -20.44
CA CYS D 209 -137.36 -37.55 -21.67
C CYS D 209 -138.18 -38.40 -22.63
N PHE D 210 -138.54 -37.81 -23.77
CA PHE D 210 -139.33 -38.50 -24.76
C PHE D 210 -138.47 -39.24 -25.78
N GLU D 211 -138.81 -40.50 -26.04
CA GLU D 211 -138.07 -41.32 -27.00
C GLU D 211 -138.87 -41.49 -28.28
N GLY D 212 -138.18 -41.45 -29.42
CA GLY D 212 -138.86 -41.63 -30.69
C GLY D 212 -139.31 -40.35 -31.37
N ALA D 213 -139.03 -39.20 -30.76
CA ALA D 213 -139.41 -37.93 -31.36
C ALA D 213 -138.63 -37.78 -32.65
N LYS D 214 -139.30 -37.34 -33.71
CA LYS D 214 -138.64 -37.15 -35.00
C LYS D 214 -138.02 -35.78 -35.11
N VAL D 215 -136.72 -35.74 -35.37
CA VAL D 215 -135.99 -34.49 -35.48
C VAL D 215 -135.35 -34.34 -36.85
N VAL D 216 -135.45 -33.14 -37.42
CA VAL D 216 -134.88 -32.87 -38.73
C VAL D 216 -134.09 -31.57 -38.71
N LEU D 217 -132.95 -31.56 -39.39
CA LEU D 217 -132.11 -30.37 -39.46
C LEU D 217 -132.15 -29.84 -40.90
N LYS D 218 -132.63 -28.61 -41.06
CA LYS D 218 -132.71 -28.01 -42.38
C LYS D 218 -131.83 -26.78 -42.50
N SER D 219 -131.43 -26.49 -43.73
CA SER D 219 -130.60 -25.32 -44.03
C SER D 219 -131.17 -24.72 -45.31
N GLY D 220 -131.45 -23.42 -45.29
CA GLY D 220 -132.01 -22.79 -46.46
C GLY D 220 -133.34 -23.39 -46.84
N GLY D 221 -133.90 -24.21 -45.96
CA GLY D 221 -135.19 -24.82 -46.22
C GLY D 221 -135.17 -26.30 -46.53
N LYS D 222 -134.01 -26.85 -46.86
CA LYS D 222 -133.93 -28.27 -47.17
C LYS D 222 -133.29 -29.10 -46.06
N GLU D 223 -133.71 -30.37 -45.98
CA GLU D 223 -133.22 -31.28 -44.95
C GLU D 223 -131.74 -31.57 -45.08
N VAL D 224 -131.03 -31.44 -43.97
CA VAL D 224 -129.60 -31.69 -43.92
C VAL D 224 -129.35 -33.00 -43.18
N ALA D 225 -130.15 -33.24 -42.14
CA ALA D 225 -130.04 -34.45 -41.34
C ALA D 225 -131.34 -34.72 -40.59
N SER D 226 -131.52 -35.96 -40.16
CA SER D 226 -132.71 -36.34 -39.41
C SER D 226 -132.36 -37.46 -38.46
N ALA D 227 -133.08 -37.52 -37.34
CA ALA D 227 -132.85 -38.55 -36.34
C ALA D 227 -134.03 -38.61 -35.39
N GLU D 228 -134.05 -39.65 -34.56
CA GLU D 228 -135.10 -39.81 -33.57
C GLU D 228 -134.43 -39.86 -32.20
N THR D 229 -135.05 -39.20 -31.23
CA THR D 229 -134.50 -39.14 -29.88
C THR D 229 -134.35 -40.49 -29.18
N ASN D 230 -133.27 -40.63 -28.42
CA ASN D 230 -133.02 -41.88 -27.68
C ASN D 230 -133.84 -41.80 -26.40
N PHE D 231 -133.64 -42.75 -25.48
CA PHE D 231 -134.43 -42.74 -24.25
C PHE D 231 -134.14 -41.54 -23.34
N PHE D 232 -133.10 -40.77 -23.64
CA PHE D 232 -132.79 -39.58 -22.86
C PHE D 232 -133.40 -38.40 -23.63
N GLY D 233 -134.16 -38.72 -24.65
CA GLY D 233 -134.81 -37.71 -25.47
C GLY D 233 -133.84 -36.81 -26.22
N GLU D 234 -132.59 -37.23 -26.34
CA GLU D 234 -131.60 -36.41 -27.02
C GLU D 234 -131.33 -36.81 -28.46
N PHE D 235 -130.74 -35.87 -29.20
CA PHE D 235 -130.35 -36.06 -30.59
C PHE D 235 -129.06 -35.26 -30.75
N LYS D 236 -128.23 -35.63 -31.72
CA LYS D 236 -126.99 -34.91 -31.94
C LYS D 236 -126.58 -34.92 -33.41
N PHE D 237 -126.58 -33.74 -34.01
CA PHE D 237 -126.21 -33.60 -35.42
C PHE D 237 -124.79 -33.06 -35.51
N ASP D 238 -123.83 -33.94 -35.78
CA ASP D 238 -122.43 -33.53 -35.87
C ASP D 238 -121.99 -33.26 -37.31
N ALA D 239 -120.71 -32.91 -37.47
CA ALA D 239 -120.15 -32.61 -38.78
C ALA D 239 -120.88 -31.46 -39.47
N LEU D 240 -121.24 -30.43 -38.70
CA LEU D 240 -121.93 -29.29 -39.25
C LEU D 240 -120.97 -28.17 -39.62
N ASP D 241 -121.12 -27.62 -40.83
CA ASP D 241 -120.28 -26.51 -41.26
C ASP D 241 -120.88 -25.28 -40.62
N ASN D 242 -120.16 -24.17 -40.64
CA ASN D 242 -120.71 -22.96 -40.06
C ASN D 242 -121.88 -22.52 -40.92
N GLY D 243 -122.87 -21.90 -40.29
CA GLY D 243 -124.04 -21.44 -41.02
C GLY D 243 -125.28 -21.42 -40.15
N GLU D 244 -126.41 -21.05 -40.75
CA GLU D 244 -127.67 -20.99 -40.02
C GLU D 244 -128.55 -22.17 -40.40
N TYR D 245 -129.11 -22.82 -39.40
CA TYR D 245 -129.99 -23.96 -39.62
C TYR D 245 -131.31 -23.82 -38.90
N THR D 246 -132.22 -24.74 -39.21
CA THR D 246 -133.53 -24.77 -38.59
C THR D 246 -133.75 -26.18 -38.09
N VAL D 247 -134.08 -26.31 -36.81
CA VAL D 247 -134.33 -27.62 -36.23
C VAL D 247 -135.84 -27.79 -36.10
N GLU D 248 -136.34 -28.92 -36.58
CA GLU D 248 -137.77 -29.19 -36.50
C GLU D 248 -137.99 -30.48 -35.71
N ILE D 249 -138.82 -30.37 -34.68
CA ILE D 249 -139.13 -31.51 -33.81
C ILE D 249 -140.61 -31.83 -33.81
N ASP D 250 -140.93 -33.12 -33.88
CA ASP D 250 -142.31 -33.57 -33.85
C ASP D 250 -142.44 -34.77 -32.91
N ALA D 251 -143.27 -34.62 -31.89
CA ALA D 251 -143.49 -35.67 -30.91
C ALA D 251 -144.93 -35.65 -30.41
N ASP D 252 -145.64 -36.76 -30.55
CA ASP D 252 -147.04 -36.85 -30.13
C ASP D 252 -147.88 -35.77 -30.80
N GLY D 253 -147.67 -35.57 -32.09
CA GLY D 253 -148.42 -34.56 -32.80
C GLY D 253 -147.99 -33.15 -32.41
N LYS D 254 -147.27 -33.06 -31.30
CA LYS D 254 -146.78 -31.79 -30.79
C LYS D 254 -145.48 -31.44 -31.51
N SER D 255 -145.50 -30.37 -32.30
CA SER D 255 -144.33 -29.96 -33.04
C SER D 255 -143.64 -28.75 -32.40
N TYR D 256 -142.36 -28.59 -32.72
CA TYR D 256 -141.55 -27.50 -32.21
C TYR D 256 -140.47 -27.23 -33.24
N SER D 257 -140.04 -25.98 -33.34
CA SER D 257 -138.98 -25.62 -34.28
C SER D 257 -138.26 -24.37 -33.82
N ASP D 258 -137.04 -24.21 -34.30
CA ASP D 258 -136.24 -23.06 -33.91
C ASP D 258 -135.01 -22.98 -34.81
N THR D 259 -134.43 -21.79 -34.92
CA THR D 259 -133.26 -21.59 -35.76
C THR D 259 -131.98 -21.59 -34.91
N VAL D 260 -130.94 -22.23 -35.42
CA VAL D 260 -129.67 -22.31 -34.70
C VAL D 260 -128.51 -21.88 -35.59
N VAL D 261 -127.60 -21.08 -35.02
CA VAL D 261 -126.44 -20.62 -35.78
C VAL D 261 -125.17 -21.33 -35.34
N ILE D 262 -124.49 -21.93 -36.31
CA ILE D 262 -123.25 -22.63 -36.03
C ILE D 262 -122.09 -21.76 -36.51
N ASP D 263 -121.35 -21.19 -35.57
CA ASP D 263 -120.22 -20.35 -35.91
C ASP D 263 -118.98 -20.75 -35.12
N ASP D 264 -118.32 -21.80 -35.57
CA ASP D 264 -117.12 -22.33 -34.94
C ASP D 264 -117.38 -22.87 -33.53
N LYS D 265 -118.65 -23.10 -33.22
CA LYS D 265 -119.03 -23.62 -31.91
C LYS D 265 -120.17 -24.62 -32.03
N SER D 266 -120.28 -25.51 -31.06
CA SER D 266 -121.36 -26.49 -31.04
C SER D 266 -122.39 -25.94 -30.08
N VAL D 267 -123.66 -26.21 -30.35
CA VAL D 267 -124.73 -25.67 -29.53
C VAL D 267 -125.62 -26.69 -28.85
N ASP D 268 -125.92 -26.40 -27.58
CA ASP D 268 -126.82 -27.23 -26.80
C ASP D 268 -128.05 -26.38 -26.58
N LEU D 269 -129.15 -26.78 -27.22
CA LEU D 269 -130.41 -26.04 -27.09
C LEU D 269 -131.06 -26.27 -25.73
N GLY D 270 -130.47 -27.15 -24.92
CA GLY D 270 -131.01 -27.43 -23.60
C GLY D 270 -132.28 -28.27 -23.65
N PHE D 271 -133.11 -28.16 -22.62
CA PHE D 271 -134.36 -28.91 -22.57
C PHE D 271 -135.45 -28.24 -23.39
N ILE D 272 -136.02 -29.00 -24.32
CA ILE D 272 -137.10 -28.51 -25.15
C ILE D 272 -138.37 -29.20 -24.62
N LYS D 273 -139.13 -28.45 -23.83
CA LYS D 273 -140.34 -28.95 -23.19
C LYS D 273 -141.60 -28.92 -24.04
N LEU D 274 -142.17 -30.09 -24.28
CA LEU D 274 -143.38 -30.21 -25.08
C LEU D 274 -144.53 -30.84 -24.28
N MET E 1 78.58 69.00 32.03
CA MET E 1 78.49 69.99 33.15
C MET E 1 77.07 70.51 33.35
N GLY E 2 76.19 70.24 32.38
CA GLY E 2 74.81 70.70 32.49
C GLY E 2 73.74 69.87 31.78
N GLU E 3 72.57 70.48 31.60
CA GLU E 3 71.43 69.83 30.96
C GLU E 3 71.22 70.24 29.51
N VAL E 4 70.32 69.53 28.83
CA VAL E 4 69.98 69.82 27.44
C VAL E 4 69.02 70.99 27.35
N VAL E 5 69.37 71.98 26.54
CA VAL E 5 68.53 73.16 26.36
C VAL E 5 68.07 73.27 24.92
N ARG E 6 66.77 73.50 24.73
CA ARG E 6 66.22 73.65 23.39
C ARG E 6 66.29 75.12 22.99
N LEU E 7 67.04 75.41 21.92
CA LEU E 7 67.18 76.79 21.44
C LEU E 7 66.62 76.94 20.03
N THR E 8 66.67 78.16 19.50
CA THR E 8 66.17 78.41 18.15
C THR E 8 67.22 79.05 17.25
N ASN E 9 67.13 78.73 15.96
CA ASN E 9 68.00 79.29 14.95
C ASN E 9 67.31 78.97 13.64
N SER E 10 67.95 79.27 12.51
CA SER E 10 67.34 79.01 11.23
C SER E 10 68.38 78.78 10.16
N SER E 11 67.93 78.69 8.91
CA SER E 11 68.85 78.43 7.81
C SER E 11 68.14 78.59 6.48
N THR E 12 68.92 78.41 5.41
CA THR E 12 68.41 78.50 4.05
C THR E 12 67.50 77.29 3.80
N GLY E 13 67.46 76.38 4.77
CA GLY E 13 66.62 75.20 4.62
C GLY E 13 65.45 75.18 5.58
N GLY E 14 65.23 76.30 6.28
CA GLY E 14 64.13 76.39 7.22
C GLY E 14 64.58 76.62 8.65
N PRO E 15 63.69 77.11 9.52
CA PRO E 15 64.01 77.37 10.93
C PRO E 15 64.18 76.04 11.65
N VAL E 16 64.93 76.05 12.75
CA VAL E 16 65.13 74.82 13.50
C VAL E 16 65.19 75.00 15.00
N PHE E 17 64.87 73.93 15.71
CA PHE E 17 64.97 73.90 17.15
C PHE E 17 66.34 73.25 17.31
N VAL E 18 67.18 73.82 18.15
CA VAL E 18 68.52 73.29 18.35
C VAL E 18 68.70 72.86 19.80
N TYR E 19 68.97 71.57 20.00
CA TYR E 19 69.18 71.07 21.34
C TYR E 19 70.68 71.11 21.62
N VAL E 20 71.03 71.81 22.69
CA VAL E 20 72.42 71.98 23.08
C VAL E 20 72.70 71.50 24.51
N LYS E 21 73.87 70.90 24.70
CA LYS E 21 74.28 70.41 26.00
C LYS E 21 75.78 70.59 26.18
N ASP E 22 76.15 71.29 27.25
CA ASP E 22 77.56 71.53 27.55
C ASP E 22 78.30 72.11 26.35
N GLY E 23 77.76 73.19 25.79
CA GLY E 23 78.37 73.85 24.65
C GLY E 23 78.44 73.08 23.35
N LYS E 24 77.75 71.94 23.27
CA LYS E 24 77.75 71.13 22.06
C LYS E 24 76.36 70.92 21.49
N ILE E 25 76.25 71.02 20.17
CA ILE E 25 74.96 70.80 19.51
C ILE E 25 74.68 69.31 19.46
N ILE E 26 73.54 68.91 19.99
CA ILE E 26 73.15 67.50 20.00
C ILE E 26 72.34 67.15 18.74
N ARG E 27 71.39 68.02 18.39
CA ARG E 27 70.56 67.77 17.21
C ARG E 27 69.83 69.04 16.77
N MET E 28 69.31 69.00 15.54
CA MET E 28 68.54 70.11 14.97
C MET E 28 67.29 69.49 14.37
N THR E 29 66.13 70.05 14.66
CA THR E 29 64.89 69.48 14.14
C THR E 29 63.91 70.54 13.64
N PRO E 30 62.88 70.12 12.89
CA PRO E 30 61.89 71.07 12.39
C PRO E 30 61.19 71.56 13.66
N MET E 31 60.29 72.54 13.52
CA MET E 31 59.60 73.07 14.69
C MET E 31 58.10 72.75 14.77
N ASP E 32 57.69 72.10 15.85
CA ASP E 32 56.30 71.94 16.10
C ASP E 32 55.72 73.11 16.87
N PHE E 33 54.58 73.58 16.56
CA PHE E 33 54.05 74.74 17.26
C PHE E 33 53.40 74.32 18.58
N ASP E 34 53.27 75.27 19.49
CA ASP E 34 52.64 75.05 20.79
C ASP E 34 51.34 75.84 20.75
N ASP E 35 50.24 75.16 20.43
CA ASP E 35 48.93 75.79 20.32
C ASP E 35 48.51 76.67 21.48
N ALA E 36 49.19 76.57 22.60
CA ALA E 36 48.85 77.40 23.76
C ALA E 36 49.50 78.78 23.64
N VAL E 37 50.62 78.86 22.93
CA VAL E 37 51.30 80.13 22.79
C VAL E 37 51.39 80.63 21.34
N ASP E 38 51.24 79.72 20.38
CA ASP E 38 51.34 80.09 18.98
C ASP E 38 49.98 80.28 18.32
N ALA E 39 49.82 81.39 17.62
CA ALA E 39 48.57 81.73 16.96
C ALA E 39 48.06 80.66 16.00
N PRO E 40 46.72 80.58 15.83
CA PRO E 40 46.04 79.62 14.96
C PRO E 40 46.39 79.87 13.49
N SER E 41 46.33 78.81 12.69
CA SER E 41 46.66 78.89 11.26
C SER E 41 45.51 79.44 10.43
N TRP E 42 45.81 79.70 9.16
CA TRP E 42 44.81 80.18 8.23
C TRP E 42 44.02 78.95 7.78
N LYS E 43 42.85 79.18 7.20
CA LYS E 43 42.02 78.10 6.70
C LYS E 43 41.45 78.54 5.38
N ILE E 44 41.35 77.61 4.45
CA ILE E 44 40.76 77.91 3.15
C ILE E 44 39.62 76.94 2.91
N GLU E 45 38.45 77.47 2.59
CA GLU E 45 37.30 76.64 2.28
C GLU E 45 37.23 76.63 0.76
N ALA E 46 37.18 75.44 0.18
CA ALA E 46 37.12 75.32 -1.26
C ALA E 46 36.52 73.98 -1.67
N ARG E 47 35.66 74.00 -2.67
CA ARG E 47 35.01 72.80 -3.17
C ARG E 47 34.50 71.90 -2.05
N GLY E 48 33.84 72.50 -1.07
CA GLY E 48 33.29 71.75 0.04
C GLY E 48 34.26 71.36 1.13
N LYS E 49 35.54 71.28 0.81
CA LYS E 49 36.54 70.90 1.78
C LYS E 49 37.19 72.09 2.49
N THR E 50 37.75 71.83 3.67
CA THR E 50 38.44 72.86 4.44
C THR E 50 39.91 72.47 4.47
N PHE E 51 40.76 73.40 4.06
CA PHE E 51 42.20 73.14 4.04
C PHE E 51 42.96 74.02 5.01
N THR E 52 43.75 73.39 5.85
CA THR E 52 44.55 74.10 6.85
C THR E 52 45.90 73.40 6.92
N PRO E 53 46.99 74.17 7.11
CA PRO E 53 48.33 73.58 7.17
C PRO E 53 48.65 72.86 8.47
N PRO E 54 49.71 72.05 8.46
CA PRO E 54 50.12 71.30 9.65
C PRO E 54 50.67 72.31 10.65
N ARG E 55 50.46 72.06 11.94
CA ARG E 55 50.94 72.93 13.00
C ARG E 55 52.45 72.71 13.14
N LYS E 56 53.19 72.88 12.05
CA LYS E 56 54.62 72.63 12.08
C LYS E 56 55.36 73.21 10.87
N THR E 57 56.68 73.33 10.99
CA THR E 57 57.50 73.80 9.87
C THR E 57 58.18 72.57 9.30
N SER E 58 58.91 72.74 8.20
CA SER E 58 59.62 71.63 7.57
C SER E 58 61.01 72.12 7.18
N ILE E 59 61.92 71.20 6.92
CA ILE E 59 63.28 71.58 6.54
C ILE E 59 63.78 70.86 5.29
N ALA E 60 64.88 71.35 4.74
CA ALA E 60 65.48 70.74 3.56
C ALA E 60 66.53 69.73 4.00
N PRO E 61 66.90 68.80 3.11
CA PRO E 61 67.91 67.77 3.44
C PRO E 61 69.21 68.37 3.98
N TYR E 62 69.72 69.40 3.30
CA TYR E 62 70.96 70.05 3.71
C TYR E 62 70.91 70.71 5.08
N THR E 63 69.71 71.01 5.57
CA THR E 63 69.59 71.60 6.90
C THR E 63 69.54 70.45 7.91
N ALA E 64 68.85 69.37 7.54
CA ALA E 64 68.75 68.21 8.43
C ALA E 64 70.13 67.70 8.83
N GLY E 65 71.09 67.85 7.93
CA GLY E 65 72.44 67.38 8.24
C GLY E 65 73.43 68.53 8.41
N PHE E 66 72.91 69.73 8.62
CA PHE E 66 73.76 70.91 8.76
C PHE E 66 74.77 70.83 9.89
N LYS E 67 74.48 70.05 10.93
CA LYS E 67 75.41 69.95 12.04
C LYS E 67 76.77 69.46 11.58
N SER E 68 76.79 68.60 10.56
CA SER E 68 78.05 68.07 10.06
C SER E 68 78.85 69.13 9.30
N MET E 69 78.20 70.26 9.01
CA MET E 69 78.87 71.35 8.31
C MET E 69 79.49 72.30 9.35
N ILE E 70 78.83 72.41 10.50
CA ILE E 70 79.32 73.25 11.59
C ILE E 70 80.61 72.61 12.13
N TYR E 71 80.54 71.31 12.39
CA TYR E 71 81.68 70.57 12.93
C TYR E 71 82.53 69.90 11.86
N SER E 72 82.44 70.42 10.64
CA SER E 72 83.22 69.91 9.53
C SER E 72 84.73 70.03 9.77
N ASP E 73 85.49 69.04 9.32
CA ASP E 73 86.93 69.07 9.49
C ASP E 73 87.59 69.86 8.35
N LEU E 74 86.77 70.36 7.43
CA LEU E 74 87.26 71.16 6.31
C LEU E 74 86.96 72.61 6.64
N ARG E 75 86.52 72.82 7.87
CA ARG E 75 86.21 74.13 8.40
C ARG E 75 87.56 74.86 8.51
N ILE E 76 87.61 76.14 8.17
CA ILE E 76 88.87 76.88 8.28
C ILE E 76 89.18 77.00 9.76
N PRO E 77 90.29 76.38 10.19
CA PRO E 77 90.77 76.34 11.58
C PRO E 77 91.15 77.65 12.23
N TYR E 78 91.88 78.48 11.48
CA TYR E 78 92.38 79.73 12.02
C TYR E 78 92.93 80.56 10.86
N PRO E 79 93.37 81.79 11.14
CA PRO E 79 93.91 82.60 10.04
C PRO E 79 95.06 81.83 9.37
N MET E 80 95.08 81.84 8.06
CA MET E 80 96.11 81.12 7.31
C MET E 80 96.80 82.04 6.32
N LYS E 81 98.07 81.75 6.04
CA LYS E 81 98.85 82.54 5.10
C LYS E 81 99.58 81.63 4.12
N ARG E 82 99.58 82.01 2.86
CA ARG E 82 100.27 81.26 1.81
C ARG E 82 101.77 81.43 2.07
N LYS E 83 102.46 80.31 2.30
CA LYS E 83 103.89 80.32 2.59
C LYS E 83 104.70 81.10 1.55
N SER E 84 104.41 80.84 0.28
CA SER E 84 105.11 81.48 -0.82
C SER E 84 104.76 82.96 -1.06
N PHE E 85 103.93 83.53 -0.20
CA PHE E 85 103.54 84.93 -0.32
C PHE E 85 104.27 85.81 0.68
N ASP E 86 105.04 86.77 0.18
CA ASP E 86 105.77 87.70 1.04
C ASP E 86 105.44 89.13 0.64
N PRO E 87 104.71 89.86 1.49
CA PRO E 87 104.31 91.25 1.25
C PRO E 87 105.47 92.17 0.90
N ASN E 88 106.56 92.05 1.63
CA ASN E 88 107.73 92.90 1.39
C ASN E 88 108.82 92.30 0.52
N GLY E 89 108.49 91.22 -0.19
CA GLY E 89 109.47 90.57 -1.06
C GLY E 89 108.81 89.93 -2.27
N GLU E 90 109.11 88.67 -2.50
CA GLU E 90 108.53 87.94 -3.62
C GLU E 90 107.10 87.55 -3.30
N ARG E 91 106.15 88.06 -4.08
CA ARG E 91 104.75 87.75 -3.84
C ARG E 91 104.35 86.45 -4.53
N ASN E 92 105.17 86.02 -5.48
CA ASN E 92 104.95 84.79 -6.21
C ASN E 92 103.49 84.51 -6.57
N PRO E 93 102.87 85.43 -7.32
CA PRO E 93 101.47 85.27 -7.73
C PRO E 93 101.26 83.97 -8.49
N GLN E 94 102.27 83.60 -9.28
CA GLN E 94 102.20 82.38 -10.08
C GLN E 94 102.07 81.12 -9.22
N LEU E 95 102.33 81.26 -7.93
CA LEU E 95 102.25 80.10 -7.05
C LEU E 95 100.93 79.96 -6.29
N ARG E 96 99.94 80.78 -6.65
CA ARG E 96 98.64 80.67 -6.00
C ARG E 96 97.99 79.39 -6.53
N GLY E 97 97.57 78.50 -5.63
CA GLY E 97 96.94 77.27 -6.05
C GLY E 97 97.91 76.17 -6.42
N ALA E 98 99.20 76.37 -6.16
CA ALA E 98 100.21 75.36 -6.47
C ALA E 98 99.87 74.08 -5.70
N GLY E 99 99.46 74.24 -4.44
CA GLY E 99 99.11 73.09 -3.63
C GLY E 99 98.01 72.29 -4.30
N LEU E 100 97.03 73.00 -4.83
CA LEU E 100 95.91 72.39 -5.52
C LEU E 100 96.46 71.65 -6.76
N SER E 101 97.45 72.25 -7.41
CA SER E 101 98.06 71.67 -8.60
C SER E 101 98.85 70.40 -8.29
N LYS E 102 99.16 70.17 -7.03
CA LYS E 102 99.87 68.96 -6.65
C LYS E 102 99.00 68.13 -5.70
N GLN E 103 97.70 68.38 -5.76
CA GLN E 103 96.72 67.67 -4.94
C GLN E 103 97.04 67.71 -3.46
N ASP E 104 97.50 68.87 -3.00
CA ASP E 104 97.83 69.05 -1.59
C ASP E 104 97.55 70.52 -1.24
N PRO E 105 96.27 70.92 -1.26
CA PRO E 105 95.81 72.28 -0.96
C PRO E 105 96.38 72.87 0.32
N TRP E 106 96.23 72.14 1.43
CA TRP E 106 96.70 72.62 2.73
C TRP E 106 98.20 72.91 2.82
N SER E 107 99.02 72.14 2.11
CA SER E 107 100.47 72.33 2.18
C SER E 107 100.90 73.75 1.82
N ASP E 108 100.06 74.46 1.08
CA ASP E 108 100.35 75.84 0.67
C ASP E 108 100.25 76.84 1.81
N TYR E 109 99.57 76.48 2.88
CA TYR E 109 99.36 77.42 3.97
C TYR E 109 99.98 77.13 5.33
N GLU E 110 100.22 78.22 6.06
CA GLU E 110 100.79 78.16 7.40
C GLU E 110 99.87 78.95 8.30
N ARG E 111 99.90 78.64 9.59
CA ARG E 111 99.06 79.32 10.56
C ARG E 111 99.63 80.65 11.04
N ILE E 112 98.74 81.62 11.24
CA ILE E 112 99.12 82.94 11.74
C ILE E 112 97.99 83.45 12.63
N SER E 113 98.31 84.41 13.50
CA SER E 113 97.31 84.96 14.41
C SER E 113 96.38 85.95 13.72
N TRP E 114 95.26 86.23 14.37
CA TRP E 114 94.30 87.19 13.84
C TRP E 114 94.97 88.56 13.75
N ASP E 115 95.78 88.87 14.77
CA ASP E 115 96.46 90.15 14.81
C ASP E 115 97.38 90.36 13.60
N GLU E 116 98.17 89.35 13.26
CA GLU E 116 99.08 89.48 12.12
C GLU E 116 98.35 89.41 10.78
N ALA E 117 97.38 88.52 10.68
CA ALA E 117 96.60 88.37 9.45
C ALA E 117 95.92 89.69 9.10
N THR E 118 95.28 90.31 10.08
CA THR E 118 94.59 91.57 9.85
C THR E 118 95.56 92.72 9.58
N ASP E 119 96.72 92.71 10.26
CA ASP E 119 97.74 93.74 10.06
C ASP E 119 98.23 93.68 8.61
N ILE E 120 98.39 92.47 8.09
CA ILE E 120 98.86 92.29 6.72
C ILE E 120 97.82 92.80 5.72
N VAL E 121 96.55 92.54 6.00
CA VAL E 121 95.48 92.97 5.11
C VAL E 121 95.33 94.50 5.11
N VAL E 122 95.33 95.09 6.30
CA VAL E 122 95.22 96.54 6.43
C VAL E 122 96.35 97.23 5.68
N ALA E 123 97.56 96.70 5.79
CA ALA E 123 98.72 97.27 5.11
C ALA E 123 98.52 97.29 3.60
N GLU E 124 97.89 96.25 3.08
CA GLU E 124 97.63 96.16 1.64
C GLU E 124 96.57 97.18 1.24
N ILE E 125 95.51 97.25 2.04
CA ILE E 125 94.41 98.17 1.79
C ILE E 125 94.89 99.61 1.74
N ASN E 126 95.65 100.03 2.75
CA ASN E 126 96.15 101.40 2.80
C ASN E 126 97.16 101.74 1.72
N ARG E 127 98.05 100.80 1.41
CA ARG E 127 99.05 101.02 0.36
C ARG E 127 98.33 101.23 -0.97
N ILE E 128 97.46 100.29 -1.31
CA ILE E 128 96.70 100.33 -2.55
C ILE E 128 95.82 101.58 -2.68
N LYS E 129 95.09 101.93 -1.62
CA LYS E 129 94.23 103.11 -1.67
C LYS E 129 94.98 104.41 -1.90
N HIS E 130 96.12 104.58 -1.22
CA HIS E 130 96.89 105.81 -1.39
C HIS E 130 97.64 105.88 -2.71
N ALA E 131 97.87 104.73 -3.32
CA ALA E 131 98.58 104.71 -4.59
C ALA E 131 97.64 104.55 -5.78
N TYR E 132 96.52 103.86 -5.56
CA TYR E 132 95.58 103.62 -6.64
C TYR E 132 94.15 104.05 -6.38
N GLY E 133 93.78 104.16 -5.10
CA GLY E 133 92.42 104.55 -4.76
C GLY E 133 91.59 103.33 -4.39
N PRO E 134 90.48 103.52 -3.66
CA PRO E 134 89.59 102.43 -3.22
C PRO E 134 89.11 101.53 -4.34
N SER E 135 88.94 102.07 -5.53
CA SER E 135 88.46 101.28 -6.66
C SER E 135 89.40 100.14 -7.04
N ALA E 136 90.66 100.25 -6.62
CA ALA E 136 91.66 99.22 -6.92
C ALA E 136 91.43 97.97 -6.07
N ILE E 137 90.59 98.11 -5.05
CA ILE E 137 90.28 97.00 -4.16
C ILE E 137 88.99 96.33 -4.60
N LEU E 138 89.14 95.21 -5.31
CA LEU E 138 87.98 94.45 -5.78
C LEU E 138 87.48 93.51 -4.69
N SER E 139 86.18 93.30 -4.65
CA SER E 139 85.59 92.42 -3.66
C SER E 139 84.21 91.93 -4.07
N THR E 140 83.85 90.76 -3.58
CA THR E 140 82.54 90.20 -3.87
C THR E 140 82.29 88.93 -3.11
N PRO E 141 81.07 88.76 -2.60
CA PRO E 141 80.70 87.56 -1.86
C PRO E 141 80.06 86.74 -2.99
N SER E 142 78.84 86.28 -2.77
CA SER E 142 78.15 85.56 -3.82
C SER E 142 76.66 85.59 -3.57
N SER E 143 75.89 85.03 -4.49
CA SER E 143 74.43 85.06 -4.37
C SER E 143 73.89 84.69 -3.00
N HIS E 144 74.33 83.57 -2.44
CA HIS E 144 73.77 83.21 -1.15
C HIS E 144 74.66 83.26 0.06
N HIS E 145 74.06 83.06 1.22
CA HIS E 145 74.79 83.25 2.47
C HIS E 145 74.07 82.54 3.63
N MET E 146 74.77 82.39 4.75
CA MET E 146 74.18 81.77 5.93
C MET E 146 72.98 82.62 6.33
N TRP E 147 71.89 81.97 6.75
CA TRP E 147 70.69 82.70 7.12
C TRP E 147 70.95 83.65 8.28
N GLY E 148 70.21 84.74 8.33
CA GLY E 148 70.38 85.73 9.37
C GLY E 148 70.38 87.10 8.72
N ASN E 149 69.36 87.89 9.01
CA ASN E 149 69.21 89.21 8.42
C ASN E 149 70.30 90.23 8.76
N VAL E 150 70.69 90.31 10.03
CA VAL E 150 71.71 91.27 10.41
C VAL E 150 73.09 90.96 9.84
N GLY E 151 73.48 89.68 9.90
CA GLY E 151 74.78 89.29 9.40
C GLY E 151 74.86 89.06 7.91
N TYR E 152 73.71 89.03 7.24
CA TYR E 152 73.66 88.79 5.80
C TYR E 152 74.56 89.77 5.04
N ARG E 153 74.95 89.39 3.83
CA ARG E 153 75.85 90.23 3.02
C ARG E 153 75.27 91.61 2.68
N HIS E 154 73.96 91.70 2.52
CA HIS E 154 73.32 92.98 2.21
C HIS E 154 73.39 93.91 3.41
N SER E 155 73.69 93.33 4.58
CA SER E 155 73.74 94.08 5.83
C SER E 155 75.15 94.34 6.34
N THR E 156 75.77 93.34 6.98
CA THR E 156 77.11 93.49 7.54
C THR E 156 78.21 93.74 6.49
N TYR E 157 78.27 92.89 5.48
CA TYR E 157 79.26 93.04 4.40
C TYR E 157 79.25 94.46 3.85
N PHE E 158 78.13 94.86 3.26
CA PHE E 158 78.01 96.21 2.68
C PHE E 158 78.32 97.34 3.65
N ARG E 159 77.84 97.24 4.89
CA ARG E 159 78.09 98.31 5.85
C ARG E 159 79.58 98.57 6.03
N PHE E 160 80.37 97.50 6.13
CA PHE E 160 81.82 97.66 6.30
C PHE E 160 82.52 98.04 5.00
N MET E 161 82.26 97.28 3.95
CA MET E 161 82.90 97.52 2.66
C MET E 161 82.66 98.93 2.14
N ASN E 162 81.45 99.44 2.28
CA ASN E 162 81.12 100.77 1.80
C ASN E 162 81.94 101.85 2.50
N MET E 163 82.47 101.55 3.68
CA MET E 163 83.28 102.51 4.43
C MET E 163 84.77 102.27 4.19
N MET E 164 85.09 101.20 3.48
CA MET E 164 86.48 100.82 3.22
C MET E 164 86.94 101.06 1.77
N GLY E 165 86.30 100.38 0.82
CA GLY E 165 86.67 100.51 -0.59
C GLY E 165 85.58 101.17 -1.42
N PHE E 166 85.22 100.62 -2.57
CA PHE E 166 85.79 99.39 -3.14
C PHE E 166 85.10 99.15 -4.48
N THR E 167 85.62 98.22 -5.28
CA THR E 167 84.99 97.90 -6.55
C THR E 167 84.25 96.58 -6.39
N TYR E 168 82.94 96.65 -6.48
CA TYR E 168 82.10 95.48 -6.34
C TYR E 168 81.93 94.73 -7.65
N ALA E 169 82.03 93.41 -7.58
CA ALA E 169 81.80 92.60 -8.77
C ALA E 169 80.32 92.31 -8.62
N ASP E 170 79.50 93.25 -9.08
CA ASP E 170 78.05 93.10 -8.93
C ASP E 170 77.55 91.81 -9.58
N HIS E 171 76.62 91.14 -8.89
CA HIS E 171 76.08 89.87 -9.36
C HIS E 171 75.09 89.97 -10.49
N ASN E 172 75.24 89.08 -11.47
CA ASN E 172 74.34 88.99 -12.59
C ASN E 172 73.06 88.39 -11.99
N PRO E 173 71.87 88.73 -12.53
CA PRO E 173 70.63 88.16 -11.99
C PRO E 173 70.49 86.69 -12.36
N ASP E 174 71.45 85.89 -11.90
CA ASP E 174 71.49 84.45 -12.17
C ASP E 174 70.15 83.73 -12.11
N SER E 175 69.49 83.87 -10.97
CA SER E 175 68.19 83.26 -10.72
C SER E 175 67.15 83.64 -11.79
N TRP E 176 67.19 84.89 -12.24
CA TRP E 176 66.23 85.44 -13.20
C TRP E 176 66.59 85.55 -14.68
N GLU E 177 67.87 85.56 -15.03
CA GLU E 177 68.34 85.75 -16.42
C GLU E 177 67.25 85.96 -17.50
N GLY E 178 66.63 84.88 -17.96
CA GLY E 178 65.62 84.99 -19.00
C GLY E 178 64.48 85.97 -18.73
N TRP E 179 63.96 85.97 -17.50
CA TRP E 179 62.87 86.87 -17.14
C TRP E 179 63.37 88.31 -17.05
N HIS E 180 64.62 88.44 -16.57
CA HIS E 180 65.25 89.75 -16.39
C HIS E 180 65.67 90.42 -17.69
N TRP E 181 66.46 89.74 -18.51
CA TRP E 181 66.91 90.33 -19.78
C TRP E 181 65.91 90.15 -20.90
N GLY E 182 64.89 89.32 -20.67
CA GLY E 182 63.89 89.08 -21.70
C GLY E 182 62.48 89.44 -21.32
N GLY E 183 61.91 88.71 -20.36
CA GLY E 183 60.55 88.96 -19.92
C GLY E 183 60.23 90.38 -19.50
N MET E 184 61.17 91.02 -18.81
CA MET E 184 60.99 92.38 -18.33
C MET E 184 60.52 93.32 -19.44
N HIS E 185 61.10 93.19 -20.62
CA HIS E 185 60.75 94.02 -21.77
C HIS E 185 59.34 93.71 -22.28
N MET E 186 58.84 92.53 -21.94
CA MET E 186 57.53 92.09 -22.39
C MET E 186 56.38 92.45 -21.44
N TRP E 187 56.63 92.43 -20.14
CA TRP E 187 55.56 92.76 -19.19
C TRP E 187 56.01 93.54 -17.96
N GLY E 188 57.26 93.98 -17.97
CA GLY E 188 57.75 94.76 -16.84
C GLY E 188 58.19 93.95 -15.65
N PHE E 189 57.64 94.26 -14.48
CA PHE E 189 57.99 93.59 -13.23
C PHE E 189 59.49 93.74 -12.98
N SER E 190 60.04 94.90 -13.30
CA SER E 190 61.48 95.11 -13.10
C SER E 190 61.84 94.95 -11.63
N TRP E 191 60.97 95.39 -10.73
CA TRP E 191 61.20 95.31 -9.29
C TRP E 191 61.23 93.85 -8.79
N ARG E 192 60.85 92.92 -9.67
CA ARG E 192 60.86 91.50 -9.36
C ARG E 192 61.77 90.82 -10.37
N LEU E 193 62.59 91.65 -11.02
CA LEU E 193 63.54 91.23 -12.04
C LEU E 193 62.93 90.34 -13.11
N GLY E 194 61.70 90.66 -13.49
CA GLY E 194 61.01 89.89 -14.51
C GLY E 194 60.05 88.82 -14.04
N ASN E 195 60.05 88.51 -12.74
CA ASN E 195 59.14 87.49 -12.21
C ASN E 195 57.75 88.02 -11.89
N PRO E 196 56.74 87.15 -11.92
CA PRO E 196 55.38 87.59 -11.62
C PRO E 196 55.03 87.65 -10.15
N GLU E 197 54.02 88.47 -9.89
CA GLU E 197 53.43 88.68 -8.58
C GLU E 197 52.72 87.34 -8.28
N GLN E 198 52.52 86.99 -7.02
CA GLN E 198 51.87 85.71 -6.71
C GLN E 198 50.86 85.72 -5.55
N TYR E 199 50.57 86.90 -5.01
CA TYR E 199 49.66 87.01 -3.88
C TYR E 199 48.33 86.27 -3.99
N ASP E 200 47.92 85.69 -2.86
CA ASP E 200 46.64 84.98 -2.74
C ASP E 200 46.25 83.96 -3.80
N LEU E 201 47.23 83.37 -4.48
CA LEU E 201 46.92 82.37 -5.50
C LEU E 201 46.57 80.98 -4.97
N LEU E 202 47.01 80.65 -3.75
CA LEU E 202 46.70 79.33 -3.19
C LEU E 202 45.19 79.08 -3.13
N GLU E 203 44.44 79.98 -2.52
CA GLU E 203 43.00 79.81 -2.42
C GLU E 203 42.35 79.78 -3.81
N ASP E 204 42.85 80.62 -4.71
CA ASP E 204 42.31 80.68 -6.06
C ASP E 204 42.49 79.32 -6.74
N GLY E 205 43.67 78.76 -6.60
CA GLY E 205 43.97 77.46 -7.19
C GLY E 205 43.13 76.32 -6.62
N LEU E 206 42.97 76.29 -5.30
CA LEU E 206 42.20 75.23 -4.66
C LEU E 206 40.76 75.27 -5.15
N LYS E 207 40.23 76.47 -5.30
CA LYS E 207 38.86 76.64 -5.76
C LYS E 207 38.63 76.37 -7.24
N HIS E 208 39.54 76.83 -8.09
CA HIS E 208 39.34 76.69 -9.53
C HIS E 208 40.29 75.84 -10.37
N ALA E 209 41.40 75.38 -9.81
CA ALA E 209 42.35 74.58 -10.59
C ALA E 209 41.82 73.26 -11.10
N GLU E 210 42.14 72.94 -12.35
CA GLU E 210 41.74 71.67 -12.96
C GLU E 210 43.01 71.01 -13.52
N MET E 211 44.03 71.82 -13.73
CA MET E 211 45.31 71.34 -14.24
C MET E 211 46.43 72.35 -14.02
N ILE E 212 47.62 71.82 -13.75
CA ILE E 212 48.79 72.66 -13.55
C ILE E 212 49.91 72.12 -14.43
N VAL E 213 50.56 73.01 -15.16
CA VAL E 213 51.65 72.65 -16.04
C VAL E 213 52.96 73.14 -15.42
N PHE E 214 53.73 72.20 -14.88
CA PHE E 214 55.00 72.50 -14.27
C PHE E 214 56.03 72.49 -15.38
N TRP E 215 56.42 73.69 -15.83
CA TRP E 215 57.40 73.84 -16.91
C TRP E 215 58.73 74.28 -16.29
N SER E 216 59.74 73.42 -16.38
CA SER E 216 61.05 73.71 -15.78
C SER E 216 60.80 74.01 -14.31
N SER E 217 59.89 73.23 -13.71
CA SER E 217 59.52 73.42 -12.31
C SER E 217 59.64 72.16 -11.47
N ASP E 218 60.35 72.27 -10.36
CA ASP E 218 60.56 71.16 -9.43
C ASP E 218 60.38 71.76 -8.04
N PRO E 219 59.13 72.05 -7.66
CA PRO E 219 58.74 72.64 -6.37
C PRO E 219 59.33 71.92 -5.16
N GLU E 220 59.27 70.59 -5.16
CA GLU E 220 59.79 69.81 -4.05
C GLU E 220 61.27 70.11 -3.83
N THR E 221 62.04 69.96 -4.90
CA THR E 221 63.48 70.19 -4.83
C THR E 221 63.85 71.62 -4.43
N ASN E 222 63.34 72.59 -5.17
CA ASN E 222 63.66 74.01 -4.92
C ASN E 222 62.83 74.71 -3.86
N SER E 223 61.57 74.30 -3.70
CA SER E 223 60.67 74.90 -2.72
C SER E 223 60.43 76.37 -2.99
N GLY E 224 60.83 76.83 -4.17
CA GLY E 224 60.75 78.23 -4.49
C GLY E 224 62.14 78.62 -4.04
N ILE E 225 62.30 78.77 -2.73
CA ILE E 225 63.59 79.06 -2.12
C ILE E 225 63.44 79.21 -0.60
N TYR E 226 64.40 78.65 0.13
CA TYR E 226 64.42 78.73 1.59
C TYR E 226 63.20 78.17 2.32
N ALA E 227 62.32 77.45 1.63
CA ALA E 227 61.10 76.95 2.28
C ALA E 227 60.97 75.44 2.55
N GLY E 228 62.08 74.75 2.76
CA GLY E 228 62.04 73.31 3.04
C GLY E 228 61.09 72.50 2.18
N PHE E 229 60.01 71.99 2.78
CA PHE E 229 59.02 71.21 2.04
C PHE E 229 57.62 71.70 2.42
N GLU E 230 57.50 73.02 2.57
CA GLU E 230 56.25 73.65 2.96
C GLU E 230 55.07 73.40 2.03
N SER E 231 55.31 73.43 0.72
CA SER E 231 54.24 73.26 -0.25
C SER E 231 53.81 71.83 -0.58
N ASN E 232 54.53 70.83 -0.08
CA ASN E 232 54.19 69.45 -0.39
C ASN E 232 52.72 69.09 -0.16
N ILE E 233 52.18 69.51 0.98
CA ILE E 233 50.78 69.18 1.30
C ILE E 233 49.78 69.91 0.41
N ARG E 234 50.13 71.11 -0.06
CA ARG E 234 49.24 71.88 -0.93
C ARG E 234 49.01 71.15 -2.24
N ARG E 235 50.07 70.55 -2.79
CA ARG E 235 49.94 69.81 -4.04
C ARG E 235 49.20 68.50 -3.78
N GLN E 236 49.28 68.00 -2.55
CA GLN E 236 48.56 66.77 -2.20
C GLN E 236 47.07 67.10 -2.30
N TRP E 237 46.69 68.26 -1.76
CA TRP E 237 45.29 68.69 -1.80
C TRP E 237 44.82 68.80 -3.25
N LEU E 238 45.63 69.48 -4.07
CA LEU E 238 45.29 69.64 -5.47
C LEU E 238 45.13 68.27 -6.11
N LYS E 239 46.10 67.40 -5.86
CA LYS E 239 46.05 66.04 -6.41
C LYS E 239 44.76 65.33 -6.01
N ASP E 240 44.40 65.42 -4.74
CA ASP E 240 43.19 64.74 -4.29
C ASP E 240 41.90 65.40 -4.76
N LEU E 241 42.00 66.63 -5.26
CA LEU E 241 40.85 67.34 -5.79
C LEU E 241 40.67 66.97 -7.26
N GLY E 242 41.56 66.13 -7.77
CA GLY E 242 41.48 65.72 -9.16
C GLY E 242 42.26 66.58 -10.14
N VAL E 243 43.11 67.48 -9.63
CA VAL E 243 43.90 68.35 -10.50
C VAL E 243 45.03 67.58 -11.18
N ASP E 244 45.09 67.65 -12.51
CA ASP E 244 46.14 66.96 -13.26
C ASP E 244 47.47 67.70 -13.21
N PHE E 245 48.57 66.95 -13.16
CA PHE E 245 49.92 67.52 -13.11
C PHE E 245 50.77 67.10 -14.31
N VAL E 246 51.13 68.07 -15.14
CA VAL E 246 51.97 67.77 -16.30
C VAL E 246 53.32 68.45 -16.12
N PHE E 247 54.40 67.70 -16.30
CA PHE E 247 55.73 68.24 -16.15
C PHE E 247 56.51 68.25 -17.46
N ILE E 248 57.06 69.43 -17.77
CA ILE E 248 57.87 69.60 -18.98
C ILE E 248 59.27 69.92 -18.46
N ASP E 249 60.16 68.93 -18.57
CA ASP E 249 61.53 69.05 -18.05
C ASP E 249 62.39 67.96 -18.69
N PRO E 250 63.58 68.31 -19.21
CA PRO E 250 64.44 67.31 -19.83
C PRO E 250 64.68 66.16 -18.86
N HIS E 251 64.75 66.50 -17.57
CA HIS E 251 64.95 65.54 -16.50
C HIS E 251 63.63 65.29 -15.78
N MET E 252 63.29 64.04 -15.51
CA MET E 252 62.07 63.73 -14.78
C MET E 252 62.41 64.12 -13.35
N ASN E 253 62.24 65.40 -13.04
CA ASN E 253 62.58 65.93 -11.72
C ASN E 253 61.85 65.27 -10.57
N HIS E 254 62.29 65.57 -9.36
CA HIS E 254 61.75 64.97 -8.16
C HIS E 254 60.27 65.19 -7.91
N THR E 255 59.74 66.33 -8.32
CA THR E 255 58.32 66.57 -8.10
C THR E 255 57.59 65.66 -9.09
N ALA E 256 58.13 65.56 -10.31
CA ALA E 256 57.53 64.73 -11.34
C ALA E 256 57.59 63.25 -10.94
N ARG E 257 58.66 62.86 -10.25
CA ARG E 257 58.81 61.46 -9.83
C ARG E 257 57.76 61.11 -8.79
N LEU E 258 57.26 62.13 -8.11
CA LEU E 258 56.27 61.95 -7.06
C LEU E 258 54.80 62.03 -7.48
N VAL E 259 54.43 63.11 -8.17
CA VAL E 259 53.04 63.32 -8.56
C VAL E 259 52.70 63.58 -10.02
N ALA E 260 53.61 63.30 -10.94
CA ALA E 260 53.33 63.54 -12.35
C ALA E 260 52.29 62.64 -12.99
N ASP E 261 51.39 63.24 -13.76
CA ASP E 261 50.37 62.48 -14.47
C ASP E 261 50.93 62.23 -15.87
N LYS E 262 51.88 63.07 -16.26
CA LYS E 262 52.54 62.97 -17.57
C LYS E 262 53.81 63.79 -17.55
N TRP E 263 54.83 63.30 -18.24
CA TRP E 263 56.12 63.96 -18.30
C TRP E 263 56.65 64.12 -19.73
N PHE E 264 57.05 65.35 -20.07
CA PHE E 264 57.61 65.69 -21.38
C PHE E 264 59.11 65.92 -21.15
N SER E 265 59.95 65.40 -22.03
CA SER E 265 61.40 65.58 -21.91
C SER E 265 61.97 66.24 -23.16
N PRO E 266 61.85 67.58 -23.27
CA PRO E 266 62.38 68.27 -24.45
C PRO E 266 63.89 68.34 -24.46
N LYS E 267 64.49 68.25 -25.64
CA LYS E 267 65.95 68.34 -25.74
C LYS E 267 66.34 69.71 -25.20
N ILE E 268 67.59 69.87 -24.75
CA ILE E 268 67.99 71.15 -24.19
C ILE E 268 67.84 72.29 -25.20
N GLY E 269 67.47 73.47 -24.69
CA GLY E 269 67.29 74.63 -25.54
C GLY E 269 66.14 74.59 -26.54
N THR E 270 65.16 73.71 -26.34
CA THR E 270 64.04 73.63 -27.29
C THR E 270 62.64 73.87 -26.69
N ASP E 271 62.58 74.39 -25.47
CA ASP E 271 61.29 74.62 -24.83
C ASP E 271 60.37 75.58 -25.59
N HIS E 272 60.93 76.67 -26.11
CA HIS E 272 60.11 77.62 -26.84
C HIS E 272 59.54 77.05 -28.13
N ALA E 273 59.97 75.85 -28.49
CA ALA E 273 59.42 75.22 -29.68
C ALA E 273 58.05 74.67 -29.30
N LEU E 274 57.93 74.22 -28.04
CA LEU E 274 56.67 73.70 -27.55
C LEU E 274 55.68 74.83 -27.30
N SER E 275 56.15 75.93 -26.70
CA SER E 275 55.26 77.06 -26.43
C SER E 275 54.70 77.62 -27.74
N PHE E 276 55.55 77.71 -28.77
CA PHE E 276 55.09 78.21 -30.06
C PHE E 276 54.07 77.25 -30.68
N ALA E 277 54.30 75.94 -30.54
CA ALA E 277 53.38 74.96 -31.10
C ALA E 277 52.05 74.97 -30.33
N ILE E 278 52.12 75.30 -29.05
CA ILE E 278 50.91 75.37 -28.25
C ILE E 278 50.14 76.61 -28.68
N ALA E 279 50.84 77.73 -28.82
CA ALA E 279 50.20 78.97 -29.27
C ALA E 279 49.58 78.74 -30.64
N TYR E 280 50.31 78.06 -31.51
CA TYR E 280 49.83 77.75 -32.85
C TYR E 280 48.50 77.02 -32.79
N THR E 281 48.44 75.99 -31.95
CA THR E 281 47.22 75.21 -31.79
C THR E 281 46.04 76.08 -31.37
N TRP E 282 46.26 76.94 -30.38
CA TRP E 282 45.20 77.82 -29.89
C TRP E 282 44.76 78.79 -30.98
N LEU E 283 45.70 79.31 -31.76
CA LEU E 283 45.36 80.23 -32.82
C LEU E 283 44.54 79.49 -33.88
N LYS E 284 45.04 78.34 -34.32
CA LYS E 284 44.35 77.54 -35.32
C LYS E 284 42.98 77.05 -34.87
N GLU E 285 42.80 76.88 -33.57
CA GLU E 285 41.53 76.38 -33.06
C GLU E 285 40.73 77.42 -32.27
N ASP E 286 41.09 78.68 -32.42
CA ASP E 286 40.42 79.78 -31.72
C ASP E 286 40.18 79.43 -30.27
N SER E 287 41.09 78.70 -29.66
CA SER E 287 40.91 78.29 -28.27
C SER E 287 41.70 79.08 -27.24
N TYR E 288 41.43 80.37 -27.15
CA TYR E 288 42.06 81.23 -26.15
C TYR E 288 41.17 82.42 -25.81
N ASP E 289 41.58 83.23 -24.83
CA ASP E 289 40.79 84.38 -24.41
C ASP E 289 41.03 85.58 -25.33
N LYS E 290 40.31 85.64 -26.45
CA LYS E 290 40.46 86.72 -27.41
C LYS E 290 40.13 88.11 -26.86
N GLU E 291 39.12 88.22 -26.01
CA GLU E 291 38.76 89.50 -25.42
C GLU E 291 39.93 90.04 -24.61
N TYR E 292 40.53 89.13 -23.84
CA TYR E 292 41.67 89.48 -22.98
C TYR E 292 42.83 89.99 -23.82
N VAL E 293 43.23 89.20 -24.81
CA VAL E 293 44.34 89.57 -25.67
C VAL E 293 44.11 90.91 -26.38
N ALA E 294 42.91 91.08 -26.94
CA ALA E 294 42.58 92.31 -27.64
C ALA E 294 42.72 93.54 -26.75
N ALA E 295 42.52 93.37 -25.45
CA ALA E 295 42.61 94.49 -24.52
C ALA E 295 43.95 94.63 -23.80
N ASN E 296 44.63 93.52 -23.55
CA ASN E 296 45.88 93.56 -22.81
C ASN E 296 47.16 93.20 -23.55
N ALA E 297 47.09 92.95 -24.85
CA ALA E 297 48.29 92.60 -25.59
C ALA E 297 48.67 93.67 -26.61
N HIS E 298 49.96 93.81 -26.87
CA HIS E 298 50.48 94.77 -27.84
C HIS E 298 51.31 94.05 -28.89
N GLY E 299 51.00 94.30 -30.16
CA GLY E 299 51.72 93.66 -31.24
C GLY E 299 51.38 92.18 -31.40
N PHE E 300 50.21 91.78 -30.89
CA PHE E 300 49.82 90.38 -30.96
C PHE E 300 49.50 89.94 -32.39
N GLU E 301 48.92 90.85 -33.19
CA GLU E 301 48.57 90.52 -34.56
C GLU E 301 49.80 90.09 -35.36
N GLU E 302 50.89 90.84 -35.22
CA GLU E 302 52.11 90.52 -35.94
C GLU E 302 52.70 89.21 -35.42
N TRP E 303 52.70 89.05 -34.12
CA TRP E 303 53.22 87.84 -33.51
C TRP E 303 52.48 86.63 -34.07
N ALA E 304 51.15 86.71 -34.06
CA ALA E 304 50.30 85.62 -34.56
C ALA E 304 50.68 85.22 -35.98
N ASP E 305 50.96 86.20 -36.83
CA ASP E 305 51.35 85.90 -38.22
C ASP E 305 52.65 85.12 -38.24
N TYR E 306 53.51 85.38 -37.27
CA TYR E 306 54.78 84.69 -37.18
C TYR E 306 54.54 83.25 -36.73
N VAL E 307 53.78 83.10 -35.66
CA VAL E 307 53.48 81.76 -35.14
C VAL E 307 52.81 80.91 -36.23
N LEU E 308 51.97 81.55 -37.04
CA LEU E 308 51.28 80.87 -38.12
C LEU E 308 52.19 80.64 -39.32
N GLY E 309 53.42 81.14 -39.22
CA GLY E 309 54.39 80.95 -40.28
C GLY E 309 54.21 81.79 -41.54
N LYS E 310 53.31 82.77 -41.50
CA LYS E 310 53.08 83.61 -42.67
C LYS E 310 54.33 84.41 -43.06
N THR E 311 54.97 85.03 -42.07
CA THR E 311 56.13 85.86 -42.33
C THR E 311 57.48 85.16 -42.55
N ASP E 312 57.66 83.97 -42.00
CA ASP E 312 58.94 83.27 -42.18
C ASP E 312 58.82 81.97 -42.97
N GLY E 313 57.60 81.61 -43.36
CA GLY E 313 57.38 80.40 -44.13
C GLY E 313 57.40 79.09 -43.35
N THR E 314 57.36 79.16 -42.02
CA THR E 314 57.38 77.94 -41.22
C THR E 314 56.33 77.92 -40.12
N PRO E 315 55.15 77.34 -40.42
CA PRO E 315 54.09 77.27 -39.40
C PRO E 315 54.65 76.50 -38.21
N LYS E 316 54.49 77.06 -37.02
CA LYS E 316 54.98 76.43 -35.80
C LYS E 316 54.05 75.31 -35.32
N THR E 317 53.98 74.23 -36.09
CA THR E 317 53.12 73.10 -35.75
C THR E 317 53.72 72.21 -34.66
N CYS E 318 52.90 71.32 -34.13
CA CYS E 318 53.35 70.38 -33.10
C CYS E 318 54.38 69.41 -33.70
N GLU E 319 54.23 69.11 -35.00
CA GLU E 319 55.19 68.22 -35.65
C GLU E 319 56.52 68.96 -35.77
N TRP E 320 56.45 70.23 -36.13
CA TRP E 320 57.66 71.05 -36.24
C TRP E 320 58.35 71.07 -34.88
N ALA E 321 57.56 71.25 -33.83
CA ALA E 321 58.07 71.27 -32.48
C ALA E 321 58.68 69.92 -32.10
N GLU E 322 58.09 68.84 -32.61
CA GLU E 322 58.61 67.51 -32.30
C GLU E 322 60.01 67.33 -32.88
N GLU E 323 60.19 67.70 -34.15
CA GLU E 323 61.49 67.56 -34.80
C GLU E 323 62.56 68.35 -34.06
N GLU E 324 62.16 69.44 -33.41
CA GLU E 324 63.10 70.27 -32.65
C GLU E 324 63.38 69.73 -31.25
N SER E 325 62.32 69.36 -30.54
CA SER E 325 62.43 68.89 -29.14
C SER E 325 62.45 67.39 -28.87
N GLY E 326 61.87 66.60 -29.76
CA GLY E 326 61.86 65.17 -29.53
C GLY E 326 60.60 64.75 -28.78
N VAL E 327 59.80 65.73 -28.37
CA VAL E 327 58.55 65.44 -27.68
C VAL E 327 57.45 65.20 -28.73
N PRO E 328 56.74 64.06 -28.63
CA PRO E 328 55.68 63.69 -29.57
C PRO E 328 54.69 64.81 -29.91
N ALA E 329 54.47 65.01 -31.21
CA ALA E 329 53.54 66.04 -31.67
C ALA E 329 52.15 65.85 -31.06
N CYS E 330 51.63 64.63 -31.12
CA CYS E 330 50.30 64.35 -30.58
C CYS E 330 50.18 64.72 -29.11
N GLU E 331 51.22 64.46 -28.32
CA GLU E 331 51.19 64.79 -26.90
C GLU E 331 51.22 66.30 -26.68
N ILE E 332 51.94 67.02 -27.54
CA ILE E 332 52.00 68.47 -27.43
C ILE E 332 50.62 69.04 -27.72
N ARG E 333 50.00 68.56 -28.80
CA ARG E 333 48.67 69.04 -29.18
C ARG E 333 47.63 68.67 -28.12
N ALA E 334 47.77 67.48 -27.54
CA ALA E 334 46.84 67.04 -26.52
C ALA E 334 46.91 68.02 -25.34
N LEU E 335 48.14 68.37 -24.95
CA LEU E 335 48.33 69.31 -23.86
C LEU E 335 47.71 70.66 -24.21
N ALA E 336 48.03 71.18 -25.40
CA ALA E 336 47.50 72.46 -25.83
C ALA E 336 45.98 72.49 -25.73
N ARG E 337 45.33 71.46 -26.26
CA ARG E 337 43.87 71.37 -26.23
C ARG E 337 43.32 71.29 -24.82
N GLN E 338 43.94 70.47 -23.97
CA GLN E 338 43.48 70.33 -22.59
C GLN E 338 43.70 71.65 -21.84
N TRP E 339 44.85 72.26 -22.08
CA TRP E 339 45.22 73.53 -21.46
C TRP E 339 44.16 74.58 -21.77
N ALA E 340 43.70 74.60 -23.02
CA ALA E 340 42.70 75.57 -23.45
C ALA E 340 41.33 75.38 -22.81
N LYS E 341 40.84 74.15 -22.74
CA LYS E 341 39.53 73.91 -22.16
C LYS E 341 39.42 73.75 -20.64
N LYS E 342 40.54 73.59 -19.95
CA LYS E 342 40.51 73.44 -18.50
C LYS E 342 41.10 74.66 -17.79
N ASN E 343 40.76 74.84 -16.51
CA ASN E 343 41.32 75.94 -15.74
C ASN E 343 42.76 75.52 -15.47
N THR E 344 43.67 76.04 -16.28
CA THR E 344 45.08 75.68 -16.18
C THR E 344 46.01 76.77 -15.66
N TYR E 345 46.78 76.43 -14.64
CA TYR E 345 47.75 77.35 -14.08
C TYR E 345 49.12 76.97 -14.63
N LEU E 346 49.86 77.96 -15.11
CA LEU E 346 51.19 77.71 -15.64
C LEU E 346 52.23 77.86 -14.53
N ALA E 347 52.78 76.73 -14.10
CA ALA E 347 53.80 76.73 -13.07
C ALA E 347 55.16 76.85 -13.75
N ALA E 348 55.51 78.07 -14.15
CA ALA E 348 56.79 78.34 -14.81
C ALA E 348 57.84 78.52 -13.72
N GLY E 349 58.76 77.56 -13.63
CA GLY E 349 59.79 77.64 -12.61
C GLY E 349 59.23 77.12 -11.30
N GLY E 350 60.07 76.99 -10.27
CA GLY E 350 59.58 76.50 -9.00
C GLY E 350 59.01 77.57 -8.09
N LEU E 351 59.36 78.82 -8.36
CA LEU E 351 58.91 79.96 -7.54
C LEU E 351 57.70 80.71 -8.08
N GLY E 352 57.46 80.58 -9.38
CA GLY E 352 56.41 81.33 -10.02
C GLY E 352 57.36 82.32 -10.63
N GLY E 353 58.00 81.90 -11.70
CA GLY E 353 59.02 82.70 -12.33
C GLY E 353 60.25 81.83 -12.13
N TRP E 354 61.42 82.33 -12.52
CA TRP E 354 62.65 81.55 -12.41
C TRP E 354 62.50 80.32 -13.30
N GLY E 355 63.28 79.27 -13.00
CA GLY E 355 63.27 78.04 -13.79
C GLY E 355 64.62 77.89 -14.49
N GLY E 356 65.22 76.71 -14.39
CA GLY E 356 66.52 76.49 -15.01
C GLY E 356 66.51 76.88 -16.47
N ALA E 357 65.37 76.71 -17.13
CA ALA E 357 65.24 77.04 -18.55
C ALA E 357 65.52 78.52 -18.82
N CYS E 358 65.39 79.35 -17.79
CA CYS E 358 65.60 80.77 -17.95
C CYS E 358 67.07 81.19 -18.00
N ARG E 359 67.97 80.34 -17.52
CA ARG E 359 69.39 80.65 -17.59
C ARG E 359 70.04 79.58 -18.45
N ALA E 360 69.81 79.75 -19.75
CA ALA E 360 70.29 78.86 -20.80
C ALA E 360 70.34 79.74 -22.04
N SER E 361 70.85 79.23 -23.14
CA SER E 361 70.95 80.05 -24.34
C SER E 361 69.59 80.43 -24.92
N HIS E 362 68.54 79.71 -24.54
CA HIS E 362 67.20 80.00 -25.04
C HIS E 362 66.33 80.65 -23.96
N GLY E 363 66.96 80.98 -22.84
CA GLY E 363 66.27 81.58 -21.70
C GLY E 363 65.31 82.72 -21.96
N ILE E 364 65.71 83.66 -22.81
CA ILE E 364 64.87 84.82 -23.13
C ILE E 364 63.57 84.38 -23.80
N GLU E 365 63.67 83.53 -24.81
CA GLU E 365 62.47 83.09 -25.50
C GLU E 365 61.62 82.14 -24.67
N TRP E 366 62.23 81.39 -23.75
CA TRP E 366 61.43 80.51 -22.91
C TRP E 366 60.57 81.35 -21.97
N ALA E 367 61.17 82.36 -21.38
CA ALA E 367 60.45 83.24 -20.47
C ALA E 367 59.34 84.00 -21.20
N ARG E 368 59.65 84.50 -22.40
CA ARG E 368 58.65 85.24 -23.16
C ARG E 368 57.56 84.28 -23.61
N GLY E 369 57.94 83.04 -23.86
CA GLY E 369 56.98 82.03 -24.28
C GLY E 369 55.98 81.72 -23.18
N MET E 370 56.45 81.71 -21.93
CA MET E 370 55.57 81.43 -20.79
C MET E 370 54.58 82.58 -20.61
N ILE E 371 55.08 83.81 -20.75
CA ILE E 371 54.23 84.99 -20.62
C ILE E 371 53.20 84.97 -21.75
N ALA E 372 53.66 84.64 -22.95
CA ALA E 372 52.81 84.58 -24.12
C ALA E 372 51.64 83.61 -23.90
N LEU E 373 51.96 82.39 -23.46
CA LEU E 373 50.93 81.38 -23.22
C LEU E 373 49.99 81.80 -22.09
N ALA E 374 50.55 82.24 -20.98
CA ALA E 374 49.77 82.68 -19.84
C ALA E 374 48.88 83.88 -20.19
N THR E 375 49.30 84.68 -21.17
CA THR E 375 48.53 85.85 -21.60
C THR E 375 47.36 85.42 -22.48
N MET E 376 47.63 84.53 -23.41
CA MET E 376 46.59 84.05 -24.31
C MET E 376 45.44 83.38 -23.55
N GLN E 377 45.72 82.91 -22.34
CA GLN E 377 44.70 82.25 -21.52
C GLN E 377 44.11 83.18 -20.46
N GLY E 378 44.40 84.47 -20.57
CA GLY E 378 43.87 85.45 -19.64
C GLY E 378 44.32 85.35 -18.19
N MET E 379 45.63 85.35 -17.96
CA MET E 379 46.16 85.26 -16.62
C MET E 379 45.60 86.37 -15.74
N GLY E 380 45.17 85.99 -14.54
CA GLY E 380 44.60 86.96 -13.62
C GLY E 380 43.16 86.61 -13.27
N LYS E 381 42.45 85.99 -14.20
CA LYS E 381 41.07 85.61 -13.96
C LYS E 381 41.05 84.29 -13.19
N PRO E 382 39.96 84.03 -12.44
CA PRO E 382 39.84 82.79 -11.66
C PRO E 382 40.10 81.55 -12.51
N GLY E 383 40.96 80.67 -12.01
CA GLY E 383 41.26 79.45 -12.73
C GLY E 383 42.28 79.57 -13.86
N SER E 384 42.88 80.74 -14.02
CA SER E 384 43.87 80.92 -15.06
C SER E 384 44.92 81.95 -14.65
N ASN E 385 46.16 81.49 -14.51
CA ASN E 385 47.23 82.38 -14.10
C ASN E 385 48.55 81.62 -14.11
N MET E 386 49.63 82.36 -13.89
CA MET E 386 50.95 81.74 -13.80
C MET E 386 51.11 81.52 -12.29
N TRP E 387 51.29 80.27 -11.89
CA TRP E 387 51.42 79.92 -10.48
C TRP E 387 52.18 78.60 -10.37
N SER E 388 53.19 78.55 -9.52
CA SER E 388 53.98 77.33 -9.37
C SER E 388 53.60 76.47 -8.18
N THR E 389 52.55 76.87 -7.47
CA THR E 389 52.03 76.19 -6.28
C THR E 389 52.88 76.37 -5.04
N THR E 390 53.94 77.16 -5.14
CA THR E 390 54.81 77.39 -3.98
C THR E 390 54.46 78.67 -3.22
N GLN E 391 54.03 79.70 -3.94
CA GLN E 391 53.65 80.95 -3.27
C GLN E 391 52.13 81.10 -3.27
N GLY E 392 51.64 82.25 -2.81
CA GLY E 392 50.21 82.48 -2.78
C GLY E 392 49.49 82.10 -1.49
N VAL E 393 50.23 81.70 -0.47
CA VAL E 393 49.62 81.33 0.81
C VAL E 393 48.98 82.60 1.38
N PRO E 394 47.77 82.48 1.96
CA PRO E 394 47.01 83.59 2.55
C PRO E 394 47.55 84.18 3.84
N LEU E 395 48.86 84.39 3.92
CA LEU E 395 49.46 84.95 5.14
C LEU E 395 49.13 86.44 5.24
N ASP E 396 49.38 87.05 6.39
CA ASP E 396 49.08 88.47 6.56
C ASP E 396 50.10 89.38 5.88
N TYR E 397 49.80 89.77 4.65
CA TYR E 397 50.69 90.65 3.89
C TYR E 397 50.79 92.03 4.53
N GLU E 398 49.82 92.36 5.38
CA GLU E 398 49.79 93.66 6.06
C GLU E 398 50.81 93.79 7.18
N PHE E 399 51.18 92.66 7.78
CA PHE E 399 52.17 92.68 8.86
C PHE E 399 53.50 92.95 8.19
N TYR E 400 54.33 93.79 8.80
CA TYR E 400 55.61 94.10 8.20
C TYR E 400 56.84 93.58 8.93
N PHE E 401 57.60 92.75 8.23
CA PHE E 401 58.86 92.24 8.77
C PHE E 401 59.79 92.17 7.57
N PRO E 402 60.98 92.76 7.70
CA PRO E 402 62.05 92.85 6.70
C PRO E 402 62.70 91.53 6.24
N GLY E 403 62.95 91.44 4.93
CA GLY E 403 63.62 90.29 4.38
C GLY E 403 65.09 90.70 4.41
N TYR E 404 66.02 89.75 4.30
CA TYR E 404 67.43 90.12 4.36
C TYR E 404 67.83 91.10 3.25
N ALA E 405 67.16 91.01 2.10
CA ALA E 405 67.48 91.87 0.98
C ALA E 405 67.20 93.35 1.24
N GLU E 406 66.49 93.65 2.32
CA GLU E 406 66.19 95.04 2.63
C GLU E 406 67.35 95.80 3.29
N GLY E 407 68.54 95.21 3.28
CA GLY E 407 69.70 95.90 3.81
C GLY E 407 70.17 95.80 5.25
N GLY E 408 69.30 95.39 6.17
CA GLY E 408 69.71 95.29 7.56
C GLY E 408 70.38 96.53 8.13
N ILE E 409 71.60 96.39 8.63
CA ILE E 409 72.31 97.52 9.22
C ILE E 409 73.09 98.39 8.23
N SER E 410 73.07 98.04 6.96
CA SER E 410 73.82 98.84 5.98
C SER E 410 73.03 100.09 5.58
N GLY E 411 71.75 99.91 5.29
CA GLY E 411 70.93 101.04 4.88
C GLY E 411 71.35 101.51 3.51
N ASP E 412 71.98 100.60 2.76
CA ASP E 412 72.45 100.90 1.40
C ASP E 412 71.25 100.96 0.46
N CYS E 413 70.79 102.18 0.19
CA CYS E 413 69.64 102.39 -0.69
C CYS E 413 69.80 101.96 -2.14
N GLU E 414 71.04 101.88 -2.62
CA GLU E 414 71.24 101.48 -4.00
C GLU E 414 71.60 100.01 -4.23
N ASN E 415 72.19 99.37 -3.23
CA ASN E 415 72.58 97.97 -3.38
C ASN E 415 71.77 97.00 -2.53
N SER E 416 70.68 97.51 -1.96
CA SER E 416 69.76 96.70 -1.15
C SER E 416 68.42 97.42 -1.25
N ALA E 417 67.33 96.71 -0.99
CA ALA E 417 66.00 97.30 -1.06
C ALA E 417 65.67 98.09 0.20
N ALA E 418 66.69 98.61 0.87
CA ALA E 418 66.49 99.38 2.09
C ALA E 418 65.66 100.64 1.84
N GLY E 419 65.84 101.25 0.67
CA GLY E 419 65.10 102.45 0.35
C GLY E 419 63.60 102.30 0.26
N PHE E 420 63.11 101.07 0.22
CA PHE E 420 61.68 100.86 0.12
C PHE E 420 60.94 101.18 1.41
N LYS E 421 61.46 100.69 2.53
CA LYS E 421 60.80 100.92 3.81
C LYS E 421 61.70 100.79 5.03
N PHE E 422 62.50 99.74 5.08
CA PHE E 422 63.35 99.49 6.24
C PHE E 422 64.27 100.63 6.63
N ALA E 423 64.98 101.19 5.65
CA ALA E 423 65.91 102.27 5.92
C ALA E 423 65.23 103.36 6.73
N TRP E 424 64.03 103.74 6.31
CA TRP E 424 63.26 104.79 6.96
C TRP E 424 62.86 104.40 8.38
N ARG E 425 62.74 103.11 8.62
CA ARG E 425 62.38 102.59 9.94
C ARG E 425 63.61 102.35 10.83
N MET E 426 64.68 101.87 10.23
CA MET E 426 65.90 101.56 10.96
C MET E 426 66.77 102.75 11.36
N PHE E 427 66.81 103.78 10.51
CA PHE E 427 67.62 104.95 10.82
C PHE E 427 66.80 106.20 11.08
N ASP E 428 67.30 107.04 11.99
CA ASP E 428 66.60 108.26 12.40
C ASP E 428 67.26 109.59 12.04
N GLY E 429 68.44 109.55 11.44
CA GLY E 429 69.12 110.79 11.09
C GLY E 429 69.56 111.56 12.32
N LYS E 430 69.58 110.88 13.47
CA LYS E 430 69.98 111.51 14.72
C LYS E 430 71.00 110.71 15.52
N THR E 431 70.72 109.43 15.74
CA THR E 431 71.60 108.58 16.54
C THR E 431 72.27 107.42 15.81
N THR E 432 71.60 106.86 14.82
CA THR E 432 72.15 105.74 14.06
C THR E 432 72.12 106.12 12.58
N PHE E 433 73.16 105.77 11.83
CA PHE E 433 73.22 106.15 10.42
C PHE E 433 73.60 105.03 9.46
N PRO E 434 73.14 105.14 8.21
CA PRO E 434 73.41 104.16 7.16
C PRO E 434 74.87 104.24 6.70
N SER E 435 75.24 103.32 5.81
CA SER E 435 76.61 103.26 5.29
C SER E 435 76.51 103.22 3.77
N PRO E 436 76.50 104.39 3.11
CA PRO E 436 76.40 104.51 1.65
C PRO E 436 77.73 104.27 0.96
N SER E 437 77.66 103.97 -0.33
CA SER E 437 78.86 103.75 -1.13
C SER E 437 78.82 104.66 -2.35
N ASN E 438 79.83 105.50 -2.50
CA ASN E 438 79.89 106.39 -3.64
C ASN E 438 80.68 105.73 -4.77
N LEU E 439 80.97 104.44 -4.61
CA LEU E 439 81.69 103.69 -5.63
C LEU E 439 80.83 102.58 -6.22
N ASN E 440 80.07 101.89 -5.37
CA ASN E 440 79.21 100.81 -5.86
C ASN E 440 77.93 101.46 -6.38
N THR E 441 78.09 102.23 -7.46
CA THR E 441 77.00 102.95 -8.08
C THR E 441 77.31 103.07 -9.57
N SER E 442 76.30 103.37 -10.39
CA SER E 442 76.49 103.46 -11.83
C SER E 442 77.56 104.43 -12.33
N ALA E 443 77.72 105.57 -11.67
CA ALA E 443 78.70 106.55 -12.08
C ALA E 443 80.04 106.24 -11.40
N GLY E 444 80.07 105.12 -10.68
CA GLY E 444 81.29 104.70 -10.00
C GLY E 444 81.91 103.58 -10.82
N GLN E 445 82.37 102.53 -10.14
CA GLN E 445 82.96 101.40 -10.85
C GLN E 445 82.54 100.06 -10.25
N HIS E 446 82.21 99.13 -11.13
CA HIS E 446 81.83 97.78 -10.74
C HIS E 446 82.18 96.92 -11.94
N ILE E 447 82.26 95.62 -11.74
CA ILE E 447 82.52 94.73 -12.85
C ILE E 447 81.51 93.60 -12.75
N PRO E 448 81.26 92.89 -13.86
CA PRO E 448 80.30 91.78 -13.86
C PRO E 448 80.90 90.55 -13.19
N ARG E 449 80.14 89.93 -12.29
CA ARG E 449 80.64 88.72 -11.63
C ARG E 449 81.06 87.70 -12.68
N LEU E 450 80.26 87.55 -13.73
CA LEU E 450 80.51 86.60 -14.80
C LEU E 450 81.79 86.82 -15.58
N LYS E 451 82.37 88.02 -15.50
CA LYS E 451 83.58 88.32 -16.26
C LYS E 451 84.76 88.82 -15.44
N ILE E 452 84.75 88.51 -14.14
CA ILE E 452 85.85 88.90 -13.28
C ILE E 452 87.17 88.42 -13.89
N PRO E 453 87.23 87.16 -14.34
CA PRO E 453 88.45 86.61 -14.93
C PRO E 453 88.97 87.44 -16.10
N GLU E 454 88.07 87.87 -16.98
CA GLU E 454 88.46 88.67 -18.14
C GLU E 454 89.00 90.03 -17.74
N CYS E 455 88.38 90.62 -16.72
CA CYS E 455 88.81 91.92 -16.23
C CYS E 455 90.20 91.84 -15.63
N ILE E 456 90.44 90.85 -14.76
CA ILE E 456 91.73 90.67 -14.13
C ILE E 456 92.83 90.34 -15.14
N MET E 457 92.60 89.33 -15.97
CA MET E 457 93.59 88.90 -16.95
C MET E 457 93.69 89.78 -18.19
N GLY E 458 92.55 90.28 -18.66
CA GLY E 458 92.55 91.12 -19.85
C GLY E 458 92.73 92.59 -19.54
N GLY E 459 92.40 92.97 -18.32
CA GLY E 459 92.55 94.36 -17.91
C GLY E 459 91.55 95.29 -18.52
N LYS E 460 90.51 94.74 -19.15
CA LYS E 460 89.50 95.57 -19.79
C LYS E 460 88.21 94.82 -20.11
N PHE E 461 87.10 95.55 -20.15
CA PHE E 461 85.82 94.94 -20.49
C PHE E 461 84.74 96.00 -20.67
N GLN E 462 83.69 95.62 -21.40
CA GLN E 462 82.58 96.53 -21.67
C GLN E 462 81.33 95.66 -21.71
N TRP E 463 80.28 96.11 -21.03
CA TRP E 463 79.04 95.33 -20.96
C TRP E 463 77.79 96.19 -20.76
N SER E 464 76.66 95.51 -20.62
CA SER E 464 75.38 96.16 -20.42
C SER E 464 74.82 95.91 -19.02
N GLY E 465 74.33 96.99 -18.40
CA GLY E 465 73.73 96.91 -17.09
C GLY E 465 74.63 96.68 -15.88
N LYS E 466 74.17 97.12 -14.73
CA LYS E 466 74.90 96.95 -13.47
C LYS E 466 74.13 95.99 -12.58
N GLY E 467 74.63 94.76 -12.47
CA GLY E 467 74.00 93.76 -11.62
C GLY E 467 72.52 93.53 -11.85
N PHE E 468 71.75 93.59 -10.77
CA PHE E 468 70.30 93.43 -10.81
C PHE E 468 69.72 94.77 -11.27
N ALA E 469 69.33 94.88 -12.52
CA ALA E 469 68.78 96.14 -13.01
C ALA E 469 67.27 96.19 -12.82
N GLY E 470 66.83 96.24 -11.55
CA GLY E 470 65.41 96.25 -11.25
C GLY E 470 64.69 97.58 -11.16
N GLY E 471 65.42 98.69 -11.28
CA GLY E 471 64.79 100.01 -11.19
C GLY E 471 63.75 100.29 -12.26
N ASP E 472 64.10 100.04 -13.52
CA ASP E 472 63.18 100.26 -14.63
C ASP E 472 63.56 99.30 -15.75
N ILE E 473 62.61 99.03 -16.64
CA ILE E 473 62.85 98.12 -17.76
C ILE E 473 64.15 98.34 -18.52
N SER E 474 64.43 99.58 -18.90
CA SER E 474 65.63 99.90 -19.68
C SER E 474 66.94 100.09 -18.92
N HIS E 475 66.93 99.94 -17.60
CA HIS E 475 68.17 100.13 -16.83
C HIS E 475 69.29 99.16 -17.26
N GLN E 476 68.91 97.92 -17.54
CA GLN E 476 69.85 96.89 -17.95
C GLN E 476 70.53 97.19 -19.28
N LEU E 477 70.00 98.16 -20.02
CA LEU E 477 70.54 98.51 -21.32
C LEU E 477 71.68 99.52 -21.24
N HIS E 478 71.83 100.14 -20.09
CA HIS E 478 72.88 101.14 -19.90
C HIS E 478 74.23 100.49 -20.14
N GLN E 479 75.17 101.24 -20.71
CA GLN E 479 76.49 100.70 -21.02
C GLN E 479 77.56 101.06 -20.02
N TYR E 480 78.40 100.08 -19.68
CA TYR E 480 79.47 100.28 -18.73
C TYR E 480 80.81 99.77 -19.28
N GLU E 481 81.89 100.20 -18.65
CA GLU E 481 83.22 99.77 -19.06
C GLU E 481 84.16 99.61 -17.87
N TYR E 482 85.21 98.83 -18.07
CA TYR E 482 86.22 98.60 -17.06
C TYR E 482 87.61 98.70 -17.72
N PRO E 483 88.51 99.50 -17.14
CA PRO E 483 88.23 100.27 -15.92
C PRO E 483 87.26 101.40 -16.23
N ALA E 484 86.48 101.82 -15.22
CA ALA E 484 85.53 102.89 -15.40
C ALA E 484 86.29 104.22 -15.53
N PRO E 485 85.75 105.17 -16.32
CA PRO E 485 86.38 106.48 -16.52
C PRO E 485 86.91 107.10 -15.24
N GLY E 486 88.23 107.30 -15.19
CA GLY E 486 88.85 107.90 -14.02
C GLY E 486 89.24 106.94 -12.92
N TYR E 487 88.67 105.74 -12.93
CA TYR E 487 89.00 104.76 -11.90
C TYR E 487 90.18 103.86 -12.24
N SER E 488 90.65 103.14 -11.23
CA SER E 488 91.79 102.25 -11.37
C SER E 488 91.43 100.78 -11.59
N LYS E 489 92.36 100.04 -12.21
CA LYS E 489 92.15 98.63 -12.43
C LYS E 489 92.37 97.92 -11.11
N ILE E 490 91.95 96.67 -11.02
CA ILE E 490 92.08 95.88 -9.80
C ILE E 490 93.52 95.51 -9.42
N LYS E 491 93.86 95.71 -8.15
CA LYS E 491 95.20 95.38 -7.65
C LYS E 491 95.05 94.37 -6.52
N MET E 492 93.86 94.37 -5.91
CA MET E 492 93.56 93.50 -4.78
C MET E 492 92.19 92.84 -4.92
N PHE E 493 92.06 91.64 -4.36
CA PHE E 493 90.79 90.94 -4.43
C PHE E 493 90.41 90.36 -3.06
N TRP E 494 89.37 90.93 -2.47
CA TRP E 494 88.89 90.48 -1.17
C TRP E 494 87.70 89.58 -1.39
N LYS E 495 87.94 88.28 -1.47
CA LYS E 495 86.84 87.36 -1.67
C LYS E 495 86.14 86.98 -0.38
N TYR E 496 84.82 86.84 -0.49
CA TYR E 496 83.95 86.48 0.60
C TYR E 496 83.36 85.18 0.08
N GLY E 497 83.83 84.06 0.63
CA GLY E 497 83.39 82.75 0.16
C GLY E 497 84.24 82.43 -1.07
N GLY E 498 84.01 81.28 -1.70
CA GLY E 498 84.78 80.94 -2.89
C GLY E 498 84.12 79.81 -3.64
N PRO E 499 82.89 80.01 -4.12
CA PRO E 499 82.10 79.01 -4.85
C PRO E 499 82.12 79.03 -6.37
N HIS E 500 82.63 80.11 -6.95
CA HIS E 500 82.61 80.27 -8.40
C HIS E 500 83.07 79.16 -9.32
N LEU E 501 84.03 78.35 -8.90
CA LEU E 501 84.50 77.26 -9.74
C LEU E 501 83.37 76.24 -10.00
N GLY E 502 82.38 76.22 -9.10
CA GLY E 502 81.28 75.30 -9.28
C GLY E 502 79.95 75.96 -9.62
N THR E 503 79.89 77.28 -9.53
CA THR E 503 78.64 78.00 -9.77
C THR E 503 78.57 78.98 -10.95
N MET E 504 79.70 79.34 -11.53
CA MET E 504 79.68 80.26 -12.66
C MET E 504 79.71 79.53 -14.00
N THR E 505 80.38 80.11 -15.00
CA THR E 505 80.44 79.47 -16.32
C THR E 505 81.87 79.25 -16.84
N ALA E 506 82.07 78.13 -17.55
CA ALA E 506 83.40 77.77 -18.10
C ALA E 506 84.41 78.20 -17.04
N THR E 507 84.16 77.72 -15.82
CA THR E 507 84.94 78.07 -14.65
C THR E 507 86.46 77.82 -14.55
N ASN E 508 87.06 77.14 -15.53
CA ASN E 508 88.49 76.96 -15.45
C ASN E 508 89.18 78.32 -15.47
N ARG E 509 88.54 79.29 -16.13
CA ARG E 509 89.09 80.64 -16.22
C ARG E 509 89.16 81.31 -14.84
N TYR E 510 88.24 80.97 -13.95
CA TYR E 510 88.27 81.56 -12.61
C TYR E 510 89.52 81.08 -11.87
N ALA E 511 89.95 79.85 -12.17
CA ALA E 511 91.15 79.31 -11.55
C ALA E 511 92.39 79.98 -12.17
N LYS E 512 92.32 80.23 -13.48
CA LYS E 512 93.43 80.85 -14.18
C LYS E 512 93.72 82.30 -13.79
N MET E 513 92.68 83.03 -13.40
CA MET E 513 92.84 84.43 -13.01
C MET E 513 93.72 84.68 -11.78
N TYR E 514 93.68 83.78 -10.81
CA TYR E 514 94.45 83.96 -9.58
C TYR E 514 95.97 84.04 -9.71
N THR E 515 96.53 83.51 -10.79
CA THR E 515 97.98 83.58 -10.96
C THR E 515 98.46 84.76 -11.79
N HIS E 516 97.53 85.56 -12.31
CA HIS E 516 97.89 86.71 -13.12
C HIS E 516 98.69 87.71 -12.29
N ASP E 517 99.85 88.14 -12.79
CA ASP E 517 100.70 89.06 -12.04
C ASP E 517 100.12 90.43 -11.73
N SER E 518 98.94 90.74 -12.26
CA SER E 518 98.32 92.04 -11.97
C SER E 518 97.70 92.00 -10.57
N LEU E 519 97.40 90.80 -10.10
CA LEU E 519 96.80 90.61 -8.77
C LEU E 519 97.87 90.61 -7.69
N GLU E 520 98.03 91.75 -7.04
CA GLU E 520 99.04 91.89 -6.00
C GLU E 520 98.67 91.20 -4.70
N PHE E 521 97.37 91.15 -4.39
CA PHE E 521 96.93 90.56 -3.14
C PHE E 521 95.54 89.94 -3.22
N VAL E 522 95.35 88.82 -2.52
CA VAL E 522 94.05 88.14 -2.49
C VAL E 522 93.71 87.64 -1.09
N VAL E 523 92.60 88.12 -0.56
CA VAL E 523 92.15 87.69 0.76
C VAL E 523 90.85 86.92 0.58
N SER E 524 90.68 85.87 1.36
CA SER E 524 89.45 85.08 1.31
C SER E 524 88.90 85.01 2.72
N GLN E 525 87.69 85.53 2.89
CA GLN E 525 87.01 85.53 4.18
C GLN E 525 85.89 84.51 4.03
N SER E 526 86.17 83.27 4.43
CA SER E 526 85.21 82.19 4.29
C SER E 526 85.06 81.31 5.53
N ILE E 527 84.19 80.32 5.42
CA ILE E 527 83.94 79.39 6.51
C ILE E 527 84.66 78.07 6.28
N TRP E 528 84.52 77.51 5.09
CA TRP E 528 85.15 76.23 4.74
C TRP E 528 86.31 76.35 3.76
N PHE E 529 87.34 75.54 3.99
CA PHE E 529 88.53 75.53 3.14
C PHE E 529 88.18 74.66 1.93
N GLU E 530 87.62 75.29 0.90
CA GLU E 530 87.20 74.56 -0.29
C GLU E 530 87.13 75.50 -1.48
N GLY E 531 86.69 74.95 -2.62
CA GLY E 531 86.56 75.73 -3.84
C GLY E 531 87.73 76.65 -4.15
N GLU E 532 87.46 77.96 -4.15
CA GLU E 532 88.46 78.98 -4.46
C GLU E 532 89.41 79.39 -3.34
N VAL E 533 89.01 79.13 -2.09
CA VAL E 533 89.82 79.53 -0.94
C VAL E 533 91.33 79.23 -1.05
N PRO E 534 91.70 78.03 -1.52
CA PRO E 534 93.12 77.66 -1.66
C PRO E 534 93.96 78.46 -2.66
N PHE E 535 93.43 79.54 -3.21
CA PHE E 535 94.17 80.38 -4.15
C PHE E 535 94.56 81.68 -3.46
N ALA E 536 94.01 81.90 -2.27
CA ALA E 536 94.25 83.12 -1.50
C ALA E 536 95.62 83.23 -0.84
N ASP E 537 96.02 84.46 -0.54
CA ASP E 537 97.29 84.74 0.13
C ASP E 537 97.05 84.74 1.64
N ILE E 538 95.88 85.24 2.04
CA ILE E 538 95.47 85.30 3.45
C ILE E 538 94.06 84.74 3.54
N ILE E 539 93.81 83.89 4.53
CA ILE E 539 92.49 83.31 4.71
C ILE E 539 91.97 83.64 6.12
N LEU E 540 90.77 84.19 6.17
CA LEU E 540 90.16 84.57 7.45
C LEU E 540 88.94 83.69 7.68
N PRO E 541 88.89 82.97 8.82
CA PRO E 541 87.78 82.07 9.18
C PRO E 541 86.57 82.78 9.77
N ALA E 542 85.43 82.62 9.11
CA ALA E 542 84.17 83.18 9.57
C ALA E 542 83.39 82.01 10.13
N CYS E 543 82.44 82.26 11.02
CA CYS E 543 81.64 81.18 11.61
C CYS E 543 80.24 81.09 11.00
N THR E 544 79.56 79.97 11.23
CA THR E 544 78.20 79.80 10.70
C THR E 544 77.24 80.61 11.58
N ASN E 545 75.97 80.66 11.18
CA ASN E 545 74.97 81.40 11.94
C ASN E 545 74.61 80.75 13.28
N PHE E 546 75.04 79.51 13.48
CA PHE E 546 74.75 78.83 14.74
C PHE E 546 75.76 79.22 15.82
N GLU E 547 76.78 79.97 15.40
CA GLU E 547 77.85 80.42 16.30
C GLU E 547 77.80 81.92 16.56
N ARG E 548 76.68 82.56 16.22
CA ARG E 548 76.54 84.00 16.46
C ARG E 548 75.07 84.38 16.64
N TRP E 549 74.84 85.61 17.06
CA TRP E 549 73.48 86.12 17.28
C TRP E 549 72.90 86.85 16.06
N ASP E 550 71.68 86.48 15.69
CA ASP E 550 71.02 87.15 14.57
C ASP E 550 69.52 86.98 14.71
N ILE E 551 68.80 87.40 13.68
CA ILE E 551 67.35 87.32 13.67
C ILE E 551 66.88 87.25 12.21
N SER E 552 65.76 86.57 11.98
CA SER E 552 65.25 86.45 10.62
C SER E 552 63.86 85.86 10.57
N GLU E 553 63.35 85.74 9.35
CA GLU E 553 62.02 85.15 9.13
C GLU E 553 62.13 84.05 8.08
N PHE E 554 61.43 82.96 8.36
CA PHE E 554 61.39 81.79 7.50
C PHE E 554 61.26 82.19 6.02
N ALA E 555 62.29 81.91 5.24
CA ALA E 555 62.31 82.19 3.80
C ALA E 555 62.11 83.64 3.38
N ASN E 556 62.19 84.60 4.30
CA ASN E 556 61.97 85.99 3.92
C ASN E 556 63.19 86.67 3.27
N CYS E 557 63.12 86.81 1.94
CA CYS E 557 64.16 87.46 1.17
C CYS E 557 63.75 88.91 0.94
N SER E 558 62.54 89.08 0.42
CA SER E 558 61.97 90.40 0.12
C SER E 558 62.81 91.10 -0.96
N GLY E 559 62.76 92.42 -1.00
CA GLY E 559 63.53 93.14 -1.99
C GLY E 559 63.05 92.78 -3.39
N TYR E 560 63.86 92.07 -4.15
CA TYR E 560 63.48 91.69 -5.50
C TYR E 560 62.46 90.55 -5.55
N ILE E 561 62.01 90.12 -4.37
CA ILE E 561 60.98 89.10 -4.25
C ILE E 561 60.12 89.52 -3.06
N PRO E 562 59.39 90.65 -3.21
CA PRO E 562 58.53 91.17 -2.15
C PRO E 562 57.58 90.13 -1.56
N ASP E 563 57.53 90.08 -0.23
CA ASP E 563 56.64 89.18 0.49
C ASP E 563 56.76 87.70 0.09
N ASN E 564 57.97 87.25 -0.19
CA ASN E 564 58.15 85.85 -0.58
C ASN E 564 57.98 84.87 0.58
N TYR E 565 57.69 85.39 1.77
CA TYR E 565 57.47 84.50 2.91
C TYR E 565 56.19 83.71 2.64
N GLN E 566 55.42 84.16 1.65
CA GLN E 566 54.18 83.48 1.30
C GLN E 566 54.50 82.10 0.71
N LEU E 567 55.76 81.73 0.80
CA LEU E 567 56.23 80.42 0.32
C LEU E 567 55.97 79.38 1.42
N CYS E 568 55.88 79.85 2.66
CA CYS E 568 55.67 79.00 3.82
C CYS E 568 54.21 78.92 4.26
N ASN E 569 53.88 77.90 5.06
CA ASN E 569 52.54 77.72 5.57
C ASN E 569 52.24 78.69 6.71
N HIS E 570 53.29 79.23 7.31
CA HIS E 570 53.14 80.19 8.41
C HIS E 570 54.29 81.18 8.35
N ARG E 571 54.04 82.40 8.80
CA ARG E 571 55.10 83.39 8.86
C ARG E 571 55.73 83.11 10.21
N VAL E 572 57.00 82.72 10.20
CA VAL E 572 57.71 82.40 11.44
C VAL E 572 58.94 83.29 11.62
N ILE E 573 58.88 84.13 12.65
CA ILE E 573 59.98 85.02 12.96
C ILE E 573 60.76 84.40 14.10
N SER E 574 62.04 84.09 13.87
CA SER E 574 62.81 83.48 14.93
C SER E 574 64.12 84.16 15.29
N LEU E 575 64.48 84.01 16.55
CA LEU E 575 65.72 84.55 17.06
C LEU E 575 66.76 83.51 16.67
N GLN E 576 67.85 83.95 16.07
CA GLN E 576 68.90 83.00 15.72
C GLN E 576 69.89 83.09 16.86
N ALA E 577 69.72 82.22 17.84
CA ALA E 577 70.56 82.22 19.02
C ALA E 577 71.94 81.65 18.77
N LYS E 578 72.91 82.21 19.46
CA LYS E 578 74.29 81.74 19.38
C LYS E 578 74.26 80.44 20.17
N CYS E 579 74.10 79.33 19.46
CA CYS E 579 74.01 78.02 20.10
C CYS E 579 75.30 77.51 20.73
N ILE E 580 76.42 77.74 20.06
CA ILE E 580 77.73 77.31 20.55
C ILE E 580 78.77 78.39 20.27
N GLU E 581 79.90 78.29 20.95
CA GLU E 581 80.99 79.24 20.74
C GLU E 581 81.52 78.98 19.34
N PRO E 582 82.10 80.01 18.70
CA PRO E 582 82.63 79.81 17.35
C PRO E 582 83.63 78.64 17.31
N VAL E 583 83.53 77.81 16.28
CA VAL E 583 84.41 76.65 16.14
C VAL E 583 85.81 77.07 15.72
N GLY E 584 86.82 76.52 16.39
CA GLY E 584 88.19 76.85 16.07
C GLY E 584 88.45 78.31 16.40
N GLU E 585 89.28 78.97 15.58
CA GLU E 585 89.58 80.37 15.80
C GLU E 585 88.73 81.27 14.91
N SER E 586 87.60 80.74 14.46
CA SER E 586 86.73 81.50 13.58
C SER E 586 85.96 82.54 14.39
N MET E 587 85.46 83.55 13.71
CA MET E 587 84.66 84.58 14.36
C MET E 587 83.63 85.09 13.38
N SER E 588 82.64 85.81 13.89
CA SER E 588 81.57 86.33 13.05
C SER E 588 82.09 87.35 12.06
N ASP E 589 81.52 87.35 10.86
CA ASP E 589 81.91 88.31 9.83
C ASP E 589 81.85 89.71 10.43
N TYR E 590 80.82 89.95 11.24
CA TYR E 590 80.66 91.26 11.87
C TYR E 590 81.84 91.62 12.76
N GLU E 591 82.29 90.65 13.56
CA GLU E 591 83.43 90.90 14.44
C GLU E 591 84.71 91.03 13.62
N ILE E 592 84.77 90.35 12.48
CA ILE E 592 85.95 90.43 11.63
C ILE E 592 86.06 91.86 11.11
N TYR E 593 84.93 92.40 10.66
CA TYR E 593 84.90 93.76 10.16
C TYR E 593 85.12 94.79 11.27
N ARG E 594 84.63 94.47 12.46
CA ARG E 594 84.79 95.36 13.59
C ARG E 594 86.27 95.49 13.93
N LEU E 595 86.98 94.37 13.82
CA LEU E 595 88.42 94.34 14.10
C LEU E 595 89.13 95.20 13.05
N PHE E 596 88.76 95.03 11.79
CA PHE E 596 89.35 95.81 10.71
C PHE E 596 89.01 97.29 10.90
N ALA E 597 87.75 97.56 11.21
CA ALA E 597 87.31 98.94 11.43
C ALA E 597 88.20 99.59 12.47
N LYS E 598 88.49 98.86 13.55
CA LYS E 598 89.34 99.39 14.60
C LYS E 598 90.71 99.78 14.05
N LYS E 599 91.32 98.88 13.26
CA LYS E 599 92.63 99.13 12.69
C LYS E 599 92.62 100.09 11.50
N LEU E 600 91.43 100.39 10.99
CA LEU E 600 91.30 101.33 9.87
C LEU E 600 90.84 102.67 10.43
N ASN E 601 90.77 102.75 11.75
CA ASN E 601 90.38 103.95 12.49
C ASN E 601 88.94 104.43 12.23
N ILE E 602 88.02 103.50 11.98
CA ILE E 602 86.62 103.84 11.74
C ILE E 602 85.64 102.97 12.53
N GLU E 603 86.11 102.36 13.62
CA GLU E 603 85.26 101.50 14.43
C GLU E 603 83.97 102.17 14.90
N GLU E 604 84.10 103.36 15.47
CA GLU E 604 82.95 104.12 15.95
C GLU E 604 81.89 104.21 14.86
N MET E 605 82.27 104.70 13.69
CA MET E 605 81.35 104.86 12.57
C MET E 605 80.74 103.54 12.13
N PHE E 606 81.54 102.48 12.11
CA PHE E 606 81.05 101.18 11.68
C PHE E 606 80.12 100.53 12.70
N SER E 607 80.64 100.30 13.91
CA SER E 607 79.89 99.63 14.96
C SER E 607 78.90 100.50 15.74
N GLU E 608 79.15 101.80 15.74
CA GLU E 608 78.31 102.72 16.51
C GLU E 608 78.25 102.20 17.95
N GLY E 609 79.29 101.47 18.33
CA GLY E 609 79.37 100.91 19.67
C GLY E 609 78.40 99.79 19.96
N LYS E 610 77.95 99.10 18.90
CA LYS E 610 76.99 98.02 19.04
C LYS E 610 77.56 96.68 18.62
N ASP E 611 77.21 95.62 19.35
CA ASP E 611 77.65 94.29 18.98
C ASP E 611 76.48 93.70 18.22
N GLU E 612 76.62 92.49 17.70
CA GLU E 612 75.55 91.87 16.94
C GLU E 612 74.20 91.84 17.67
N LEU E 613 74.22 91.54 18.95
CA LEU E 613 73.00 91.47 19.74
C LEU E 613 72.33 92.84 19.83
N ALA E 614 73.14 93.88 19.99
CA ALA E 614 72.61 95.25 20.06
C ALA E 614 71.92 95.59 18.74
N TRP E 615 72.58 95.29 17.63
CA TRP E 615 71.99 95.58 16.31
C TRP E 615 70.70 94.80 16.11
N CYS E 616 70.64 93.59 16.65
CA CYS E 616 69.43 92.77 16.53
C CYS E 616 68.24 93.45 17.18
N GLU E 617 68.45 94.04 18.35
CA GLU E 617 67.37 94.72 19.05
C GLU E 617 66.89 95.93 18.25
N GLN E 618 67.82 96.77 17.80
CA GLN E 618 67.45 97.94 17.00
C GLN E 618 66.66 97.47 15.78
N TYR E 619 67.16 96.42 15.14
CA TYR E 619 66.53 95.84 13.96
C TYR E 619 65.08 95.47 14.33
N PHE E 620 64.95 94.71 15.41
CA PHE E 620 63.65 94.26 15.92
C PHE E 620 62.68 95.44 16.09
N ASN E 621 63.14 96.50 16.74
CA ASN E 621 62.28 97.65 16.98
C ASN E 621 61.86 98.39 15.71
N ALA E 622 62.52 98.10 14.59
CA ALA E 622 62.18 98.75 13.32
C ALA E 622 61.17 97.93 12.52
N THR E 623 60.62 96.89 13.12
CA THR E 623 59.63 96.06 12.44
C THR E 623 58.28 96.23 13.13
N ASP E 624 57.29 95.43 12.74
CA ASP E 624 55.97 95.52 13.36
C ASP E 624 55.92 94.62 14.60
N MET E 625 56.97 93.83 14.82
CA MET E 625 57.02 92.94 15.98
C MET E 625 56.61 93.59 17.29
N PRO E 626 57.12 94.79 17.59
CA PRO E 626 56.78 95.48 18.84
C PRO E 626 55.27 95.57 19.10
N LYS E 627 54.46 95.34 18.08
CA LYS E 627 53.02 95.41 18.23
C LYS E 627 52.47 94.17 18.93
N TYR E 628 53.25 93.09 18.93
CA TYR E 628 52.83 91.85 19.59
C TYR E 628 53.68 91.53 20.82
N MET E 629 54.96 91.86 20.77
CA MET E 629 55.83 91.61 21.91
C MET E 629 57.09 92.47 21.93
N THR E 630 57.65 92.66 23.12
CA THR E 630 58.84 93.46 23.27
C THR E 630 60.04 92.60 22.87
N TRP E 631 61.20 93.24 22.75
CA TRP E 631 62.42 92.52 22.38
C TRP E 631 62.73 91.40 23.39
N ASP E 632 62.70 91.75 24.68
CA ASP E 632 62.98 90.78 25.74
C ASP E 632 62.07 89.56 25.65
N GLU E 633 60.77 89.80 25.50
CA GLU E 633 59.80 88.72 25.41
C GLU E 633 60.16 87.82 24.23
N PHE E 634 60.46 88.44 23.09
CA PHE E 634 60.83 87.71 21.88
C PHE E 634 62.09 86.88 22.11
N PHE E 635 63.07 87.49 22.76
CA PHE E 635 64.33 86.81 23.06
C PHE E 635 64.08 85.56 23.87
N LYS E 636 63.23 85.67 24.90
CA LYS E 636 62.94 84.54 25.76
C LYS E 636 62.17 83.44 25.02
N LYS E 637 61.21 83.83 24.17
CA LYS E 637 60.44 82.82 23.44
C LYS E 637 61.26 82.19 22.32
N GLY E 638 62.03 83.01 21.62
CA GLY E 638 62.86 82.50 20.55
C GLY E 638 62.24 82.49 19.16
N TYR E 639 60.91 82.46 19.10
CA TYR E 639 60.23 82.45 17.82
C TYR E 639 58.80 82.95 17.98
N PHE E 640 58.26 83.48 16.89
CA PHE E 640 56.90 84.00 16.91
C PHE E 640 56.17 83.61 15.64
N VAL E 641 54.98 83.03 15.80
CA VAL E 641 54.17 82.65 14.65
C VAL E 641 53.18 83.81 14.45
N VAL E 642 53.34 84.54 13.35
CA VAL E 642 52.47 85.67 13.06
C VAL E 642 51.02 85.24 12.95
N PRO E 643 50.12 85.93 13.66
CA PRO E 643 48.70 85.61 13.62
C PRO E 643 48.13 85.72 12.22
N ASP E 644 47.06 84.97 11.96
CA ASP E 644 46.42 85.01 10.66
C ASP E 644 45.59 86.29 10.59
N ASN E 645 45.35 86.79 9.38
CA ASN E 645 44.54 87.98 9.17
C ASN E 645 43.38 87.48 8.32
N PRO E 646 42.36 86.88 8.96
CA PRO E 646 41.17 86.33 8.31
C PRO E 646 40.38 87.32 7.46
N ASN E 647 40.39 88.57 7.87
CA ASN E 647 39.62 89.58 7.18
C ASN E 647 40.27 90.39 6.06
N ARG E 648 41.59 90.50 6.05
CA ARG E 648 42.22 91.30 5.00
C ARG E 648 41.63 90.92 3.65
N LYS E 649 41.52 91.90 2.75
CA LYS E 649 40.95 91.61 1.44
C LYS E 649 41.93 90.83 0.60
N LYS E 650 41.40 89.85 -0.12
CA LYS E 650 42.22 89.01 -0.98
C LYS E 650 42.37 89.71 -2.33
N THR E 651 43.61 89.80 -2.79
CA THR E 651 43.89 90.41 -4.08
C THR E 651 44.78 89.46 -4.86
N VAL E 652 44.15 88.63 -5.68
CA VAL E 652 44.86 87.64 -6.48
C VAL E 652 45.79 88.30 -7.47
N ALA E 653 46.98 87.73 -7.60
CA ALA E 653 48.00 88.22 -8.52
C ALA E 653 47.45 88.52 -9.91
N LEU E 654 47.78 89.71 -10.41
CA LEU E 654 47.38 90.15 -11.75
C LEU E 654 45.89 90.26 -12.08
N ARG E 655 45.00 90.03 -11.10
CA ARG E 655 43.58 90.13 -11.40
C ARG E 655 43.22 91.58 -11.73
N TRP E 656 43.89 92.52 -11.08
CA TRP E 656 43.64 93.93 -11.36
C TRP E 656 43.95 94.20 -12.83
N PHE E 657 44.97 93.52 -13.34
CA PHE E 657 45.38 93.67 -14.73
C PHE E 657 44.39 93.02 -15.67
N ALA E 658 44.01 91.78 -15.36
CA ALA E 658 43.05 91.05 -16.17
C ALA E 658 41.73 91.81 -16.28
N GLU E 659 41.41 92.57 -15.24
CA GLU E 659 40.16 93.32 -15.22
C GLU E 659 40.31 94.78 -15.65
N GLY E 660 41.53 95.18 -16.00
CA GLY E 660 41.78 96.54 -16.46
C GLY E 660 41.50 97.65 -15.46
N ARG E 661 41.77 97.39 -14.18
CA ARG E 661 41.54 98.40 -13.16
C ARG E 661 42.85 98.73 -12.45
N GLU E 662 42.78 99.56 -11.41
CA GLU E 662 43.99 99.94 -10.68
C GLU E 662 44.60 98.79 -9.90
N LYS E 663 45.93 98.77 -9.88
CA LYS E 663 46.70 97.76 -9.16
C LYS E 663 46.29 97.82 -7.70
N ASP E 664 45.90 96.68 -7.14
CA ASP E 664 45.43 96.64 -5.75
C ASP E 664 46.14 95.65 -4.83
N THR E 665 47.19 95.02 -5.32
CA THR E 665 47.92 94.05 -4.51
C THR E 665 49.00 94.78 -3.71
N PRO E 666 49.71 94.05 -2.84
CA PRO E 666 50.77 94.66 -2.01
C PRO E 666 52.10 94.81 -2.76
N ASP E 667 52.12 94.45 -4.04
CA ASP E 667 53.35 94.50 -4.84
C ASP E 667 54.09 95.83 -4.80
N TRP E 668 55.40 95.76 -4.98
CA TRP E 668 56.27 96.94 -4.94
C TRP E 668 56.30 97.70 -6.26
N GLY E 669 55.38 97.35 -7.15
CA GLY E 669 55.32 98.03 -8.43
C GLY E 669 54.07 97.65 -9.18
N PRO E 670 53.84 98.25 -10.35
CA PRO E 670 54.76 99.24 -10.93
C PRO E 670 54.71 100.59 -10.25
N ARG E 671 55.78 101.36 -10.38
CA ARG E 671 55.82 102.67 -9.78
C ARG E 671 54.77 103.53 -10.47
N LEU E 672 54.23 104.49 -9.74
CA LEU E 672 53.18 105.38 -10.28
C LEU E 672 53.48 106.00 -11.64
N ASN E 673 54.71 106.48 -11.83
CA ASN E 673 55.08 107.13 -13.09
C ASN E 673 55.15 106.16 -14.27
N ASN E 674 55.17 104.86 -13.98
CA ASN E 674 55.23 103.84 -15.02
C ASN E 674 53.84 103.36 -15.39
N GLN E 675 52.83 104.10 -14.92
CA GLN E 675 51.43 103.78 -15.19
C GLN E 675 50.65 105.06 -15.48
N VAL E 676 49.52 104.89 -16.16
CA VAL E 676 48.63 105.99 -16.44
C VAL E 676 47.46 105.71 -15.50
N CYS E 677 47.22 106.62 -14.57
CA CYS E 677 46.14 106.49 -13.59
C CYS E 677 46.25 105.13 -12.90
N ARG E 678 47.49 104.74 -12.64
CA ARG E 678 47.88 103.48 -12.02
C ARG E 678 47.14 102.21 -12.45
N LYS E 679 47.08 102.02 -13.76
CA LYS E 679 46.48 100.85 -14.38
C LYS E 679 47.49 100.33 -15.40
N GLY E 680 47.45 99.04 -15.68
CA GLY E 680 48.36 98.48 -16.66
C GLY E 680 49.73 98.14 -16.11
N LEU E 681 50.50 97.42 -16.92
CA LEU E 681 51.85 97.01 -16.54
C LEU E 681 52.83 98.18 -16.67
N GLN E 682 54.06 97.94 -16.21
CA GLN E 682 55.12 98.94 -16.24
C GLN E 682 55.56 99.32 -17.66
N THR E 683 55.22 98.47 -18.62
CA THR E 683 55.59 98.72 -20.02
C THR E 683 54.96 100.02 -20.52
N THR E 684 55.57 100.63 -21.53
CA THR E 684 55.06 101.87 -22.09
C THR E 684 53.56 101.82 -22.35
N THR E 685 53.11 100.80 -23.10
CA THR E 685 51.69 100.65 -23.42
C THR E 685 50.85 100.16 -22.25
N GLY E 686 51.51 99.65 -21.22
CA GLY E 686 50.80 99.13 -20.07
C GLY E 686 50.24 97.74 -20.35
N LYS E 687 50.60 97.20 -21.51
CA LYS E 687 50.13 95.87 -21.92
C LYS E 687 51.29 94.89 -22.12
N VAL E 688 50.94 93.62 -22.34
CA VAL E 688 51.97 92.60 -22.59
C VAL E 688 52.44 92.85 -24.02
N GLU E 689 53.71 93.22 -24.16
CA GLU E 689 54.26 93.55 -25.47
C GLU E 689 55.00 92.43 -26.19
N PHE E 690 54.28 91.70 -27.05
CA PHE E 690 54.88 90.60 -27.81
C PHE E 690 55.99 91.18 -28.70
N ILE E 691 55.93 92.48 -28.91
CA ILE E 691 56.92 93.23 -29.66
C ILE E 691 57.26 94.32 -28.64
N ALA E 692 58.34 94.12 -27.90
CA ALA E 692 58.75 95.04 -26.86
C ALA E 692 59.15 96.42 -27.37
N THR E 693 58.49 97.46 -26.86
CA THR E 693 58.80 98.83 -27.28
C THR E 693 60.17 99.29 -26.79
N SER E 694 60.59 98.76 -25.64
CA SER E 694 61.89 99.13 -25.08
C SER E 694 63.02 98.56 -25.95
N LEU E 695 62.89 97.30 -26.35
CA LEU E 695 63.90 96.66 -27.18
C LEU E 695 63.86 97.24 -28.60
N LYS E 696 62.67 97.58 -29.06
CA LYS E 696 62.55 98.16 -30.40
C LYS E 696 63.28 99.50 -30.40
N ASN E 697 63.17 100.26 -29.31
CA ASN E 697 63.86 101.55 -29.19
C ASN E 697 65.35 101.27 -29.20
N PHE E 698 65.75 100.27 -28.40
CA PHE E 698 67.14 99.85 -28.28
C PHE E 698 67.75 99.53 -29.63
N GLU E 699 67.12 98.63 -30.38
CA GLU E 699 67.65 98.27 -31.68
C GLU E 699 67.68 99.43 -32.68
N GLU E 700 66.72 100.35 -32.59
CA GLU E 700 66.70 101.48 -33.50
C GLU E 700 67.73 102.52 -33.10
N GLN E 701 68.34 102.32 -31.94
CA GLN E 701 69.37 103.23 -31.46
C GLN E 701 70.73 102.70 -31.91
N GLY E 702 70.71 101.61 -32.67
CA GLY E 702 71.94 101.03 -33.16
C GLY E 702 72.42 99.76 -32.47
N TYR E 703 71.77 99.39 -31.38
CA TYR E 703 72.18 98.19 -30.65
C TYR E 703 71.53 96.92 -31.20
N ILE E 704 72.14 96.41 -32.27
CA ILE E 704 71.66 95.21 -32.95
C ILE E 704 72.04 93.96 -32.16
N ASP E 705 71.08 93.06 -31.98
CA ASP E 705 71.31 91.84 -31.22
C ASP E 705 70.34 90.78 -31.70
N GLU E 706 70.78 89.98 -32.66
CA GLU E 706 69.97 88.94 -33.24
C GLU E 706 69.41 87.92 -32.23
N HIS E 707 70.09 87.75 -31.09
CA HIS E 707 69.61 86.78 -30.10
C HIS E 707 68.72 87.37 -29.02
N ARG E 708 68.22 88.57 -29.26
CA ARG E 708 67.33 89.24 -28.34
C ARG E 708 66.49 90.20 -29.17
N PRO E 709 65.76 89.67 -30.17
CA PRO E 709 64.92 90.48 -31.04
C PRO E 709 63.78 91.13 -30.28
N SER E 710 63.28 92.25 -30.78
CA SER E 710 62.19 92.95 -30.10
C SER E 710 60.93 92.08 -30.06
N MET E 711 60.73 91.24 -31.07
CA MET E 711 59.58 90.37 -31.08
C MET E 711 59.96 88.98 -30.56
N HIS E 712 59.09 88.39 -29.75
CA HIS E 712 59.34 87.05 -29.22
C HIS E 712 59.19 86.12 -30.42
N THR E 713 60.29 85.46 -30.79
CA THR E 713 60.29 84.55 -31.93
C THR E 713 61.12 83.31 -31.61
N TYR E 714 61.13 82.32 -32.51
CA TYR E 714 61.89 81.11 -32.27
C TYR E 714 63.36 81.26 -32.62
N VAL E 715 64.11 81.88 -31.74
CA VAL E 715 65.54 82.06 -31.94
C VAL E 715 66.18 80.73 -31.55
N PRO E 716 66.77 80.01 -32.51
CA PRO E 716 67.40 78.73 -32.17
C PRO E 716 68.48 78.94 -31.11
N ALA E 717 68.46 78.11 -30.06
CA ALA E 717 69.45 78.23 -28.97
C ALA E 717 70.85 78.05 -29.53
N TRP E 718 71.75 79.01 -29.28
CA TRP E 718 73.10 78.90 -29.80
C TRP E 718 73.89 77.70 -29.28
N GLU E 719 73.44 77.10 -28.18
CA GLU E 719 74.09 75.90 -27.69
C GLU E 719 73.03 74.82 -27.55
N SER E 720 72.64 74.25 -28.68
CA SER E 720 71.65 73.18 -28.74
C SER E 720 72.20 72.11 -29.67
N GLN E 721 71.69 70.89 -29.56
CA GLN E 721 72.16 69.78 -30.37
C GLN E 721 72.03 69.90 -31.88
N LYS E 722 71.01 70.61 -32.36
CA LYS E 722 70.87 70.71 -33.81
C LYS E 722 71.19 72.09 -34.38
N HIS E 723 71.56 73.04 -33.53
CA HIS E 723 71.85 74.39 -34.03
C HIS E 723 73.29 74.86 -33.74
N SER E 724 74.08 74.02 -33.09
CA SER E 724 75.46 74.37 -32.79
C SER E 724 76.44 73.43 -33.48
N PRO E 725 77.48 74.00 -34.13
CA PRO E 725 78.51 73.24 -34.83
C PRO E 725 79.23 72.30 -33.86
N LEU E 726 79.23 72.67 -32.59
CA LEU E 726 79.87 71.90 -31.53
C LEU E 726 79.21 70.52 -31.34
N ALA E 727 77.94 70.42 -31.71
CA ALA E 727 77.20 69.16 -31.56
C ALA E 727 77.92 67.99 -32.20
N VAL E 728 78.74 68.26 -33.19
CA VAL E 728 79.47 67.20 -33.89
C VAL E 728 80.40 66.46 -32.94
N LYS E 729 81.22 67.22 -32.22
CA LYS E 729 82.16 66.65 -31.26
C LYS E 729 81.46 66.30 -29.96
N TYR E 730 80.50 67.14 -29.56
CA TYR E 730 79.79 66.96 -28.30
C TYR E 730 78.28 66.84 -28.54
N PRO E 731 77.80 65.65 -28.89
CA PRO E 731 76.40 65.30 -29.19
C PRO E 731 75.42 65.20 -28.02
N LEU E 732 75.91 65.18 -26.79
CA LEU E 732 75.02 65.06 -25.64
C LEU E 732 74.65 66.41 -25.06
N GLY E 733 73.34 66.63 -24.91
CA GLY E 733 72.85 67.88 -24.36
C GLY E 733 72.79 67.80 -22.85
N MET E 734 73.49 68.71 -22.18
CA MET E 734 73.51 68.70 -20.73
C MET E 734 72.86 69.89 -20.05
N LEU E 735 72.05 69.58 -19.04
CA LEU E 735 71.40 70.61 -18.24
C LEU E 735 72.01 70.37 -16.87
N SER E 736 72.21 71.43 -16.10
CA SER E 736 72.81 71.30 -14.78
C SER E 736 72.13 72.19 -13.74
N PRO E 737 70.92 71.80 -13.32
CA PRO E 737 70.10 72.54 -12.33
C PRO E 737 70.69 72.56 -10.92
N HIS E 738 69.94 73.16 -9.99
CA HIS E 738 70.39 73.27 -8.62
C HIS E 738 70.40 71.94 -7.87
N PRO E 739 71.46 71.69 -7.08
CA PRO E 739 71.63 70.47 -6.30
C PRO E 739 70.45 70.13 -5.40
N ARG E 740 69.97 68.91 -5.54
CA ARG E 740 68.85 68.39 -4.77
C ARG E 740 69.14 68.34 -3.27
N PHE E 741 70.34 67.87 -2.92
CA PHE E 741 70.69 67.75 -1.50
C PHE E 741 71.64 68.80 -0.95
N SER E 742 71.63 69.99 -1.53
CA SER E 742 72.50 71.06 -1.06
C SER E 742 72.02 72.43 -1.53
N MET E 743 72.21 73.44 -0.69
CA MET E 743 71.82 74.81 -1.05
C MET E 743 73.08 75.32 -1.74
N HIS E 744 73.14 75.08 -3.06
CA HIS E 744 74.29 75.43 -3.85
C HIS E 744 75.53 74.78 -3.20
N THR E 745 76.59 75.53 -2.95
CA THR E 745 77.79 74.91 -2.35
C THR E 745 77.62 74.59 -0.88
N MET E 746 76.62 75.20 -0.25
CA MET E 746 76.38 74.99 1.17
C MET E 746 75.60 73.72 1.49
N GLY E 747 76.32 72.60 1.51
CA GLY E 747 75.74 71.31 1.78
C GLY E 747 76.67 70.23 1.28
N ASP E 748 77.18 70.43 0.06
CA ASP E 748 78.10 69.48 -0.56
C ASP E 748 79.47 69.53 0.10
N GLY E 749 80.25 68.46 -0.11
CA GLY E 749 81.59 68.39 0.45
C GLY E 749 81.64 68.64 1.94
N LYS E 750 82.74 69.23 2.40
CA LYS E 750 82.94 69.56 3.81
C LYS E 750 82.83 68.32 4.70
N ASN E 751 82.89 67.15 4.07
CA ASN E 751 82.78 65.89 4.79
C ASN E 751 81.45 65.88 5.56
N SER E 752 80.43 66.48 4.94
CA SER E 752 79.09 66.55 5.52
C SER E 752 78.35 65.23 5.35
N TYR E 753 77.28 65.05 6.11
CA TYR E 753 76.51 63.82 6.03
C TYR E 753 75.84 63.65 4.67
N MET E 754 75.53 64.76 4.02
CA MET E 754 74.87 64.73 2.72
C MET E 754 75.66 63.96 1.66
N ASN E 755 76.97 63.85 1.84
CA ASN E 755 77.79 63.13 0.88
C ASN E 755 77.51 61.63 0.87
N TYR E 756 76.80 61.15 1.88
CA TYR E 756 76.49 59.72 1.95
C TYR E 756 75.14 59.41 1.32
N ILE E 757 74.42 60.45 0.91
CA ILE E 757 73.13 60.25 0.28
C ILE E 757 73.36 59.56 -1.06
N LYS E 758 72.66 58.46 -1.28
CA LYS E 758 72.81 57.68 -2.50
C LYS E 758 72.79 58.51 -3.79
N ASP E 759 71.82 59.41 -3.91
CA ASP E 759 71.68 60.21 -5.12
C ASP E 759 72.45 61.54 -5.11
N HIS E 760 73.40 61.69 -4.20
CA HIS E 760 74.19 62.92 -4.16
C HIS E 760 75.59 62.67 -4.70
N ARG E 761 76.29 61.70 -4.11
CA ARG E 761 77.63 61.31 -4.54
C ARG E 761 77.76 59.80 -4.47
N VAL E 762 78.55 59.23 -5.37
CA VAL E 762 78.78 57.79 -5.39
C VAL E 762 80.24 57.53 -5.06
N GLU E 763 80.50 56.71 -4.06
CA GLU E 763 81.88 56.42 -3.69
C GLU E 763 82.48 55.29 -4.51
N VAL E 764 83.66 55.55 -5.06
CA VAL E 764 84.39 54.58 -5.85
C VAL E 764 85.84 54.58 -5.38
N ASP E 765 86.27 53.43 -4.86
CA ASP E 765 87.63 53.26 -4.36
C ASP E 765 88.05 54.36 -3.39
N GLY E 766 87.24 54.57 -2.35
CA GLY E 766 87.56 55.57 -1.34
C GLY E 766 87.32 57.03 -1.64
N TYR E 767 86.73 57.34 -2.79
CA TYR E 767 86.45 58.72 -3.14
C TYR E 767 84.99 58.89 -3.57
N LYS E 768 84.34 59.95 -3.10
CA LYS E 768 82.95 60.17 -3.44
C LYS E 768 82.82 61.09 -4.64
N TYR E 769 82.51 60.51 -5.79
CA TYR E 769 82.37 61.27 -7.03
C TYR E 769 80.97 61.86 -7.23
N TRP E 770 80.94 63.02 -7.89
CA TRP E 770 79.71 63.72 -8.21
C TRP E 770 79.00 62.86 -9.26
N ILE E 771 77.68 62.99 -9.35
CA ILE E 771 76.90 62.17 -10.28
C ILE E 771 76.42 62.81 -11.57
N MET E 772 76.44 62.03 -12.64
CA MET E 772 75.91 62.46 -13.93
C MET E 772 74.95 61.35 -14.35
N ARG E 773 73.71 61.74 -14.62
CA ARG E 773 72.68 60.80 -15.04
C ARG E 773 72.73 60.66 -16.55
N VAL E 774 72.62 59.42 -17.01
CA VAL E 774 72.71 59.11 -18.42
C VAL E 774 71.65 58.08 -18.83
N ASN E 775 70.98 58.33 -19.95
CA ASN E 775 69.97 57.41 -20.43
C ASN E 775 70.63 56.09 -20.84
N SER E 776 70.01 54.98 -20.44
CA SER E 776 70.54 53.66 -20.74
C SER E 776 71.02 53.48 -22.18
N ILE E 777 70.29 54.07 -23.13
CA ILE E 777 70.66 53.97 -24.53
C ILE E 777 72.03 54.61 -24.80
N ASP E 778 72.25 55.79 -24.22
CA ASP E 778 73.52 56.50 -24.41
C ASP E 778 74.65 55.80 -23.66
N ALA E 779 74.34 55.26 -22.49
CA ALA E 779 75.33 54.56 -21.67
C ALA E 779 75.79 53.29 -22.39
N GLU E 780 74.83 52.46 -22.80
CA GLU E 780 75.11 51.22 -23.49
C GLU E 780 75.90 51.46 -24.77
N ALA E 781 75.62 52.58 -25.43
CA ALA E 781 76.32 52.91 -26.66
C ALA E 781 77.79 53.25 -26.42
N ARG E 782 78.12 53.61 -25.20
CA ARG E 782 79.49 53.96 -24.84
C ARG E 782 80.11 52.92 -23.91
N GLY E 783 79.41 51.81 -23.71
CA GLY E 783 79.92 50.76 -22.83
C GLY E 783 80.00 51.21 -21.39
N ILE E 784 79.17 52.18 -21.03
CA ILE E 784 79.14 52.72 -19.67
C ILE E 784 78.10 51.99 -18.81
N LYS E 785 78.52 51.59 -17.62
CA LYS E 785 77.61 50.90 -16.70
C LYS E 785 77.39 51.70 -15.44
N ASN E 786 76.22 51.50 -14.83
CA ASN E 786 75.85 52.17 -13.60
C ASN E 786 77.00 52.06 -12.60
N GLY E 787 77.45 53.20 -12.08
CA GLY E 787 78.55 53.19 -11.12
C GLY E 787 79.92 53.45 -11.73
N ASP E 788 80.03 53.33 -13.04
CA ASP E 788 81.30 53.56 -13.73
C ASP E 788 81.76 55.01 -13.58
N LEU E 789 83.08 55.21 -13.59
CA LEU E 789 83.64 56.55 -13.51
C LEU E 789 83.77 56.97 -14.97
N ILE E 790 83.19 58.11 -15.29
CA ILE E 790 83.24 58.60 -16.67
C ILE E 790 83.88 59.98 -16.74
N ARG E 791 84.15 60.42 -17.96
CA ARG E 791 84.76 61.72 -18.20
C ARG E 791 83.82 62.55 -19.08
N ALA E 792 83.29 63.62 -18.53
CA ALA E 792 82.40 64.53 -19.27
C ALA E 792 83.30 65.66 -19.75
N TYR E 793 83.25 65.98 -21.04
CA TYR E 793 84.14 67.01 -21.56
C TYR E 793 83.69 67.74 -22.83
N ASN E 794 84.37 68.84 -23.10
CA ASN E 794 84.18 69.65 -24.30
C ASN E 794 85.40 70.57 -24.38
N ASP E 795 85.36 71.57 -25.24
CA ASP E 795 86.52 72.45 -25.37
C ASP E 795 86.87 73.19 -24.08
N ARG E 796 85.90 73.35 -23.20
CA ARG E 796 86.11 74.08 -21.96
C ARG E 796 86.84 73.31 -20.86
N GLY E 797 86.75 71.99 -20.87
CA GLY E 797 87.43 71.20 -19.85
C GLY E 797 86.94 69.77 -19.72
N SER E 798 87.40 69.10 -18.67
CA SER E 798 87.03 67.71 -18.38
C SER E 798 86.63 67.59 -16.92
N VAL E 799 85.65 66.74 -16.64
CA VAL E 799 85.17 66.50 -15.28
C VAL E 799 84.97 65.00 -15.09
N ILE E 800 85.56 64.45 -14.03
CA ILE E 800 85.42 63.03 -13.75
C ILE E 800 84.21 62.85 -12.85
N LEU E 801 83.26 62.04 -13.30
CA LEU E 801 82.02 61.82 -12.58
C LEU E 801 81.65 60.33 -12.46
N ALA E 802 80.65 60.05 -11.64
CA ALA E 802 80.13 58.69 -11.45
C ALA E 802 78.83 58.60 -12.24
N ALA E 803 78.75 57.65 -13.15
CA ALA E 803 77.55 57.50 -13.97
C ALA E 803 76.37 56.84 -13.28
N GLN E 804 75.18 57.37 -13.55
CA GLN E 804 73.93 56.82 -13.02
C GLN E 804 73.05 56.55 -14.23
N VAL E 805 72.92 55.27 -14.60
CA VAL E 805 72.10 54.88 -15.75
C VAL E 805 70.64 55.01 -15.34
N THR E 806 69.86 55.73 -16.14
CA THR E 806 68.46 55.98 -15.81
C THR E 806 67.59 56.11 -17.05
N GLU E 807 66.27 56.13 -16.83
CA GLU E 807 65.30 56.29 -17.91
C GLU E 807 64.69 57.68 -17.80
N CYS E 808 65.06 58.39 -16.74
CA CYS E 808 64.55 59.73 -16.47
C CYS E 808 65.09 60.86 -17.34
N LEU E 809 65.55 60.52 -18.54
CA LEU E 809 66.08 61.51 -19.48
C LEU E 809 65.85 61.00 -20.88
N GLN E 810 65.51 61.88 -21.81
CA GLN E 810 65.33 61.46 -23.19
C GLN E 810 66.72 61.09 -23.73
N PRO E 811 66.81 60.01 -24.51
CA PRO E 811 68.12 59.64 -25.06
C PRO E 811 68.81 60.85 -25.71
N GLY E 812 70.10 60.98 -25.49
CA GLY E 812 70.84 62.11 -26.04
C GLY E 812 70.97 63.24 -25.05
N THR E 813 70.31 63.09 -23.90
CA THR E 813 70.35 64.11 -22.85
C THR E 813 70.98 63.58 -21.57
N VAL E 814 71.87 64.38 -20.97
CA VAL E 814 72.54 64.02 -19.73
C VAL E 814 72.27 65.12 -18.69
N HIS E 815 72.32 64.74 -17.42
CA HIS E 815 72.03 65.67 -16.33
C HIS E 815 73.00 65.54 -15.15
N SER E 816 73.48 66.68 -14.67
CA SER E 816 74.38 66.69 -13.53
C SER E 816 74.19 68.04 -12.83
N TYR E 817 73.86 68.00 -11.54
CA TYR E 817 73.64 69.23 -10.80
C TYR E 817 74.87 70.11 -10.74
N GLU E 818 74.65 71.42 -10.58
CA GLU E 818 75.74 72.36 -10.49
C GLU E 818 75.97 72.62 -9.03
N SER E 819 76.79 73.62 -8.72
CA SER E 819 77.08 74.01 -7.35
C SER E 819 78.02 73.11 -6.56
N CYS E 820 78.74 72.22 -7.23
CA CYS E 820 79.68 71.35 -6.53
C CYS E 820 80.58 72.28 -5.70
N ALA E 821 80.77 71.94 -4.43
CA ALA E 821 81.60 72.76 -3.54
C ALA E 821 83.06 72.33 -3.54
N VAL E 822 83.33 71.19 -4.16
CA VAL E 822 84.67 70.61 -4.22
C VAL E 822 85.40 70.79 -5.55
N TYR E 823 86.56 71.46 -5.49
CA TYR E 823 87.38 71.63 -6.68
C TYR E 823 88.63 70.82 -6.39
N ASP E 824 88.75 69.68 -7.04
CA ASP E 824 89.87 68.79 -6.83
C ASP E 824 90.52 68.39 -8.16
N PRO E 825 91.37 69.28 -8.70
CA PRO E 825 92.11 69.13 -9.97
C PRO E 825 93.02 67.92 -9.95
N LEU E 826 92.97 67.11 -11.00
CA LEU E 826 93.83 65.93 -11.06
C LEU E 826 95.23 66.37 -11.51
N GLY E 827 95.29 67.56 -12.09
CA GLY E 827 96.55 68.10 -12.56
C GLY E 827 96.68 69.55 -12.16
N THR E 828 97.34 70.34 -12.99
CA THR E 828 97.53 71.76 -12.72
C THR E 828 96.17 72.46 -12.62
N ALA E 829 96.02 73.30 -11.59
CA ALA E 829 94.77 74.03 -11.38
C ALA E 829 94.37 74.80 -12.63
N GLY E 830 93.09 74.69 -13.00
CA GLY E 830 92.57 75.38 -14.16
C GLY E 830 93.04 74.87 -15.51
N LYS E 831 93.87 73.82 -15.51
CA LYS E 831 94.39 73.27 -16.77
C LYS E 831 94.18 71.77 -16.92
N SER E 832 93.55 71.14 -15.93
CA SER E 832 93.33 69.70 -16.01
C SER E 832 91.92 69.27 -15.63
N ALA E 833 91.65 67.97 -15.77
CA ALA E 833 90.34 67.44 -15.43
C ALA E 833 90.11 67.60 -13.93
N ASP E 834 88.86 67.81 -13.55
CA ASP E 834 88.49 67.96 -12.14
C ASP E 834 87.72 66.74 -11.69
N ARG E 835 88.04 66.21 -10.52
CA ARG E 835 87.29 65.05 -10.03
C ARG E 835 86.36 65.45 -8.88
N GLY E 836 86.36 66.74 -8.54
CA GLY E 836 85.49 67.23 -7.49
C GLY E 836 84.04 67.14 -7.92
N GLY E 837 83.78 67.52 -9.18
CA GLY E 837 82.43 67.47 -9.72
C GLY E 837 81.91 68.81 -10.20
N CYS E 838 82.82 69.74 -10.53
CA CYS E 838 82.43 71.06 -10.99
C CYS E 838 81.99 71.08 -12.45
N ILE E 839 80.73 70.68 -12.65
CA ILE E 839 80.11 70.63 -13.97
C ILE E 839 80.18 71.98 -14.69
N ASN E 840 80.17 73.07 -13.93
CA ASN E 840 80.21 74.39 -14.56
C ASN E 840 81.53 74.69 -15.26
N ILE E 841 82.41 73.69 -15.31
CA ILE E 841 83.68 73.83 -16.01
C ILE E 841 83.32 73.67 -17.48
N LEU E 842 82.22 72.95 -17.74
CA LEU E 842 81.75 72.66 -19.09
C LEU E 842 80.69 73.59 -19.68
N THR E 843 80.10 74.44 -18.84
CA THR E 843 79.06 75.34 -19.33
C THR E 843 79.60 76.55 -20.08
N PRO E 844 78.85 77.02 -21.10
CA PRO E 844 79.24 78.17 -21.92
C PRO E 844 79.31 79.47 -21.15
N ASP E 845 80.38 80.23 -21.35
CA ASP E 845 80.52 81.52 -20.67
C ASP E 845 80.05 82.65 -21.58
N ARG E 846 79.63 82.30 -22.79
CA ARG E 846 79.11 83.30 -23.73
C ARG E 846 77.79 83.80 -23.16
N TYR E 847 77.61 85.12 -23.18
CA TYR E 847 76.39 85.76 -22.69
C TYR E 847 75.19 85.23 -23.47
N ILE E 848 74.01 85.25 -22.84
CA ILE E 848 72.80 84.78 -23.49
C ILE E 848 72.59 85.48 -24.84
N SER E 849 72.87 86.79 -24.89
CA SER E 849 72.78 87.56 -26.12
C SER E 849 73.90 88.61 -26.09
N LYS E 850 74.04 89.38 -27.16
CA LYS E 850 75.10 90.38 -27.22
C LYS E 850 75.01 91.39 -26.09
N TYR E 851 73.78 91.74 -25.70
CA TYR E 851 73.58 92.71 -24.63
C TYR E 851 72.88 92.13 -23.41
N ALA E 852 72.34 90.92 -23.54
CA ALA E 852 71.69 90.25 -22.41
C ALA E 852 72.84 89.57 -21.69
N CYS E 853 73.50 90.33 -20.81
CA CYS E 853 74.66 89.83 -20.09
C CYS E 853 74.37 88.88 -18.93
N GLY E 854 73.70 87.77 -19.26
CA GLY E 854 73.36 86.77 -18.26
C GLY E 854 73.97 85.41 -18.59
N MET E 855 74.00 84.53 -17.59
CA MET E 855 74.59 83.19 -17.76
C MET E 855 73.62 82.24 -18.47
N ALA E 856 74.15 81.47 -19.43
CA ALA E 856 73.35 80.54 -20.22
C ALA E 856 73.74 79.09 -19.95
N ASN E 857 74.00 78.81 -18.68
CA ASN E 857 74.45 77.49 -18.22
C ASN E 857 73.69 76.24 -18.62
N ASN E 858 72.37 76.24 -18.48
CA ASN E 858 71.61 75.04 -18.74
C ASN E 858 71.45 74.50 -20.15
N THR E 859 72.27 75.00 -21.07
CA THR E 859 72.32 74.49 -22.42
C THR E 859 73.81 74.35 -22.67
N ALA E 860 74.32 73.13 -22.54
CA ALA E 860 75.74 72.85 -22.74
C ALA E 860 75.94 71.52 -23.44
N LEU E 861 76.78 71.54 -24.47
CA LEU E 861 77.05 70.33 -25.23
C LEU E 861 78.32 69.65 -24.73
N VAL E 862 78.21 68.35 -24.48
CA VAL E 862 79.33 67.57 -24.00
C VAL E 862 79.33 66.18 -24.62
N GLU E 863 80.39 65.45 -24.34
CA GLU E 863 80.54 64.08 -24.78
C GLU E 863 81.02 63.38 -23.53
N ILE E 864 80.69 62.11 -23.39
CA ILE E 864 81.14 61.37 -22.22
C ILE E 864 81.71 60.04 -22.67
N GLU E 865 82.52 59.45 -21.79
CA GLU E 865 83.18 58.18 -22.05
C GLU E 865 83.69 57.65 -20.72
N LYS E 866 83.94 56.34 -20.66
CA LYS E 866 84.48 55.76 -19.44
C LYS E 866 85.83 56.45 -19.27
N TRP E 867 86.18 56.76 -18.03
CA TRP E 867 87.43 57.43 -17.77
C TRP E 867 88.61 56.46 -17.79
N ASP E 868 89.64 56.82 -18.58
CA ASP E 868 90.83 55.99 -18.70
C ASP E 868 91.83 56.21 -17.56
N GLY E 869 91.51 57.15 -16.68
CA GLY E 869 92.39 57.44 -15.57
C GLY E 869 93.41 58.54 -15.84
N ASP E 870 93.34 59.15 -17.01
CA ASP E 870 94.27 60.22 -17.34
C ASP E 870 93.85 61.51 -16.64
N LYS E 871 94.79 62.44 -16.48
CA LYS E 871 94.51 63.71 -15.82
C LYS E 871 94.10 64.80 -16.81
N TYR E 872 94.33 64.55 -18.09
CA TYR E 872 93.98 65.49 -19.15
C TYR E 872 94.42 66.94 -18.96
N GLU E 873 95.73 67.15 -18.80
CA GLU E 873 96.24 68.50 -18.63
C GLU E 873 96.37 69.12 -20.02
N ILE E 874 95.23 69.46 -20.61
CA ILE E 874 95.19 70.03 -21.95
C ILE E 874 94.41 71.34 -22.02
N TYR E 875 94.03 71.88 -20.87
CA TYR E 875 93.26 73.12 -20.86
C TYR E 875 94.08 74.33 -20.38
N MET F 1 50.36 45.30 27.40
CA MET F 1 51.54 46.10 26.95
C MET F 1 51.40 46.61 25.53
N GLU F 2 51.28 47.94 25.43
CA GLU F 2 51.13 48.63 24.15
C GLU F 2 52.46 48.55 23.40
N GLN F 3 52.41 48.25 22.11
CA GLN F 3 53.61 48.13 21.29
C GLN F 3 53.72 49.23 20.24
N TYR F 4 54.96 49.46 19.79
CA TYR F 4 55.22 50.47 18.76
C TYR F 4 55.10 49.84 17.38
N TYR F 5 54.63 50.63 16.43
CA TYR F 5 54.50 50.19 15.04
C TYR F 5 54.75 51.40 14.15
N MET F 6 55.26 51.15 12.95
CA MET F 6 55.53 52.22 12.01
C MET F 6 54.93 51.84 10.67
N VAL F 7 54.34 52.83 10.00
CA VAL F 7 53.74 52.60 8.69
C VAL F 7 54.38 53.57 7.70
N ILE F 8 54.86 53.02 6.58
CA ILE F 8 55.51 53.83 5.57
C ILE F 8 54.76 53.79 4.24
N ASP F 9 54.37 54.98 3.76
CA ASP F 9 53.64 55.08 2.50
C ASP F 9 54.61 55.27 1.34
N VAL F 10 54.93 54.17 0.66
CA VAL F 10 55.83 54.19 -0.47
C VAL F 10 55.45 55.25 -1.51
N ALA F 11 54.15 55.39 -1.76
CA ALA F 11 53.67 56.35 -2.74
C ALA F 11 53.98 57.80 -2.38
N LYS F 12 54.44 58.03 -1.15
CA LYS F 12 54.76 59.39 -0.76
C LYS F 12 56.25 59.69 -0.59
N CYS F 13 57.12 58.68 -0.82
CA CYS F 13 58.57 58.93 -0.69
C CYS F 13 59.09 59.71 -1.88
N GLN F 14 59.86 60.76 -1.63
CA GLN F 14 60.46 61.53 -2.72
C GLN F 14 61.98 61.42 -2.64
N ASP F 15 62.46 60.61 -1.70
CA ASP F 15 63.91 60.39 -1.53
C ASP F 15 64.69 61.69 -1.25
N CYS F 16 64.17 62.58 -0.40
CA CYS F 16 64.89 63.83 -0.10
C CYS F 16 65.97 63.53 0.93
N ASN F 17 65.84 62.36 1.57
CA ASN F 17 66.80 61.91 2.58
C ASN F 17 66.79 62.63 3.92
N ASN F 18 65.64 63.19 4.30
CA ASN F 18 65.54 63.85 5.59
C ASN F 18 65.64 62.82 6.74
N CYS F 19 65.15 61.59 6.52
CA CYS F 19 65.22 60.51 7.54
C CYS F 19 66.64 60.31 7.89
N PHE F 20 67.33 59.80 6.88
CA PHE F 20 68.73 59.45 6.89
C PHE F 20 69.56 60.54 7.55
N MET F 21 69.37 61.79 7.12
CA MET F 21 70.13 62.86 7.73
C MET F 21 69.74 62.98 9.19
N GLY F 22 68.53 62.53 9.50
CA GLY F 22 68.05 62.54 10.86
C GLY F 22 68.82 61.55 11.73
N CYS F 23 69.03 60.32 11.27
CA CYS F 23 69.81 59.37 12.09
C CYS F 23 71.18 59.91 12.33
N MET F 24 71.81 60.30 11.22
CA MET F 24 73.15 60.83 11.25
C MET F 24 73.18 61.89 12.33
N ASP F 25 72.28 62.85 12.21
CA ASP F 25 72.19 63.94 13.17
C ASP F 25 72.08 63.44 14.59
N GLU F 26 71.29 62.38 14.76
CA GLU F 26 71.06 61.81 16.08
C GLU F 26 72.16 60.87 16.58
N HIS F 27 72.78 60.13 15.67
CA HIS F 27 73.77 59.11 16.04
C HIS F 27 75.25 59.24 15.65
N GLU F 28 75.54 59.90 14.55
CA GLU F 28 76.93 60.02 14.10
C GLU F 28 77.88 60.71 15.09
N LEU F 29 77.43 61.82 15.67
CA LEU F 29 78.25 62.58 16.61
C LEU F 29 77.88 62.36 18.08
N ASN F 30 76.82 61.61 18.33
CA ASN F 30 76.38 61.35 19.70
C ASN F 30 76.51 59.90 20.11
N GLU F 31 76.70 59.68 21.41
CA GLU F 31 76.79 58.34 21.98
C GLU F 31 75.64 58.22 22.97
N TRP F 32 74.91 57.12 22.90
CA TRP F 32 73.78 56.91 23.80
C TRP F 32 73.97 55.68 24.68
N PRO F 33 74.63 55.87 25.83
CA PRO F 33 74.88 54.77 26.76
C PRO F 33 73.63 53.92 27.00
N GLY F 34 73.79 52.60 26.84
CA GLY F 34 72.68 51.71 27.04
C GLY F 34 71.98 51.38 25.75
N TYR F 35 72.10 52.27 24.76
CA TYR F 35 71.43 52.07 23.48
C TYR F 35 72.39 51.78 22.32
N THR F 36 73.38 52.64 22.13
CA THR F 36 74.32 52.45 21.04
C THR F 36 75.46 53.45 21.06
N ALA F 37 76.57 53.07 20.43
CA ALA F 37 77.72 53.94 20.33
C ALA F 37 77.44 54.82 19.12
N SER F 38 78.33 55.74 18.82
CA SER F 38 78.12 56.63 17.69
C SER F 38 78.15 55.81 16.41
N MET F 39 77.29 56.19 15.47
CA MET F 39 77.16 55.54 14.17
C MET F 39 78.42 55.76 13.33
N GLN F 40 78.72 54.80 12.44
CA GLN F 40 79.86 54.92 11.55
C GLN F 40 79.44 55.56 10.23
N ARG F 41 80.21 56.52 9.76
CA ARG F 41 79.91 57.19 8.50
C ARG F 41 79.83 56.17 7.37
N GLY F 42 78.77 56.24 6.59
CA GLY F 42 78.60 55.32 5.49
C GLY F 42 77.54 54.26 5.76
N HIS F 43 77.25 54.04 7.04
CA HIS F 43 76.23 53.05 7.43
C HIS F 43 74.83 53.53 7.03
N ARG F 44 73.89 52.60 6.92
CA ARG F 44 72.53 52.97 6.55
C ARG F 44 71.46 52.33 7.42
N TRP F 45 71.41 52.71 8.71
CA TRP F 45 70.39 52.15 9.61
C TRP F 45 69.05 52.35 8.92
N MET F 46 68.93 53.52 8.28
CA MET F 46 67.75 53.88 7.51
C MET F 46 68.29 53.77 6.08
N ASN F 47 67.85 52.72 5.39
CA ASN F 47 68.30 52.47 4.02
C ASN F 47 67.15 52.76 3.08
N ILE F 48 67.28 53.84 2.30
CA ILE F 48 66.25 54.22 1.35
C ILE F 48 66.53 53.58 0.00
N GLU F 49 65.80 52.51 -0.29
CA GLU F 49 65.95 51.78 -1.54
C GLU F 49 65.30 52.52 -2.69
N ARG F 50 65.96 52.50 -3.85
CA ARG F 50 65.46 53.20 -5.03
C ARG F 50 65.27 52.23 -6.17
N ARG F 51 64.11 52.30 -6.83
CA ARG F 51 63.84 51.41 -7.94
C ARG F 51 63.08 52.06 -9.10
N GLU F 52 63.74 52.11 -10.25
CA GLU F 52 63.12 52.68 -11.44
C GLU F 52 62.42 51.54 -12.17
N ARG F 53 61.28 51.83 -12.78
CA ARG F 53 60.54 50.82 -13.52
C ARG F 53 60.24 51.30 -14.92
N GLY F 54 60.22 50.36 -15.87
CA GLY F 54 59.92 50.71 -17.24
C GLY F 54 61.02 51.38 -18.03
N THR F 55 60.66 51.89 -19.19
CA THR F 55 61.61 52.54 -20.07
C THR F 55 61.07 53.87 -20.61
N TYR F 56 61.97 54.83 -20.80
CA TYR F 56 61.60 56.15 -21.32
C TYR F 56 60.70 55.94 -22.55
N PRO F 57 59.64 56.75 -22.70
CA PRO F 57 59.18 57.87 -21.86
C PRO F 57 58.09 57.56 -20.84
N ARG F 58 57.66 56.31 -20.72
CA ARG F 58 56.60 55.97 -19.77
C ARG F 58 57.13 55.20 -18.57
N ASN F 59 58.27 55.65 -18.07
CA ASN F 59 58.94 55.04 -16.93
C ASN F 59 58.53 55.76 -15.66
N ASP F 60 58.98 55.24 -14.53
CA ASP F 60 58.72 55.85 -13.24
C ASP F 60 59.74 55.33 -12.24
N ILE F 61 59.61 55.78 -11.00
CA ILE F 61 60.53 55.36 -9.97
C ILE F 61 59.86 55.52 -8.62
N ASN F 62 60.16 54.60 -7.71
CA ASN F 62 59.60 54.63 -6.37
C ASN F 62 60.68 54.32 -5.35
N TYR F 63 60.45 54.77 -4.11
CA TYR F 63 61.42 54.60 -3.04
C TYR F 63 60.87 53.87 -1.82
N ARG F 64 61.72 53.07 -1.18
CA ARG F 64 61.30 52.33 0.01
C ARG F 64 62.19 52.56 1.23
N PRO F 65 61.83 53.52 2.09
CA PRO F 65 62.63 53.77 3.28
C PRO F 65 62.68 52.44 4.03
N THR F 66 63.88 51.97 4.34
CA THR F 66 64.03 50.69 5.02
C THR F 66 64.87 50.74 6.29
N PRO F 67 64.21 50.85 7.45
CA PRO F 67 64.92 50.90 8.73
C PRO F 67 64.93 49.47 9.25
N CYS F 68 65.03 49.32 10.57
CA CYS F 68 64.99 47.99 11.13
C CYS F 68 63.52 47.59 11.11
N MET F 69 63.25 46.29 10.95
CA MET F 69 61.87 45.83 10.93
C MET F 69 61.37 45.53 12.35
N HIS F 70 62.30 45.44 13.31
CA HIS F 70 61.96 45.11 14.70
C HIS F 70 60.87 44.04 14.72
N CYS F 71 61.03 43.04 13.86
CA CYS F 71 60.04 41.99 13.74
C CYS F 71 59.71 41.29 15.06
N GLU F 72 58.46 40.87 15.18
CA GLU F 72 57.95 40.21 16.37
C GLU F 72 58.64 38.89 16.68
N ASN F 73 59.10 38.21 15.64
CA ASN F 73 59.79 36.94 15.76
C ASN F 73 61.19 37.17 15.20
N ALA F 74 61.99 37.94 15.93
CA ALA F 74 63.34 38.31 15.49
C ALA F 74 64.40 37.22 15.43
N PRO F 75 64.93 36.94 14.24
CA PRO F 75 65.97 35.93 14.01
C PRO F 75 67.25 36.24 14.78
N CYS F 76 67.70 37.49 14.75
CA CYS F 76 68.94 37.78 15.48
C CYS F 76 68.83 37.65 16.98
N VAL F 77 67.62 37.80 17.52
CA VAL F 77 67.48 37.62 18.95
C VAL F 77 67.60 36.12 19.22
N ALA F 78 66.97 35.30 18.38
CA ALA F 78 67.00 33.84 18.53
C ALA F 78 68.40 33.25 18.34
N LYS F 79 69.21 33.91 17.52
CA LYS F 79 70.56 33.43 17.28
C LYS F 79 71.66 34.41 17.64
N GLY F 80 71.32 35.42 18.45
CA GLY F 80 72.30 36.41 18.85
C GLY F 80 73.04 36.03 20.11
N ASN F 81 72.66 34.89 20.68
CA ASN F 81 73.28 34.37 21.90
C ASN F 81 73.36 35.42 23.01
N GLY F 82 72.24 36.08 23.27
CA GLY F 82 72.18 37.07 24.33
C GLY F 82 72.68 38.47 24.00
N ALA F 83 73.27 38.67 22.83
CA ALA F 83 73.79 39.99 22.45
C ALA F 83 72.71 40.89 21.87
N VAL F 84 71.54 40.31 21.61
CA VAL F 84 70.41 41.07 21.07
C VAL F 84 69.16 40.69 21.86
N TYR F 85 68.37 41.68 22.26
CA TYR F 85 67.16 41.40 23.02
C TYR F 85 65.94 42.14 22.46
N GLN F 86 64.77 41.69 22.89
CA GLN F 86 63.50 42.25 22.46
C GLN F 86 62.76 42.83 23.66
N ARG F 87 62.32 44.09 23.55
CA ARG F 87 61.61 44.73 24.65
C ARG F 87 60.11 44.45 24.57
N GLU F 88 59.42 44.70 25.68
CA GLU F 88 57.98 44.50 25.77
C GLU F 88 57.22 45.39 24.78
N ASP F 89 57.75 46.57 24.48
CA ASP F 89 57.10 47.49 23.55
C ASP F 89 57.41 47.13 22.10
N GLY F 90 58.06 45.98 21.90
CA GLY F 90 58.38 45.51 20.57
C GLY F 90 59.70 45.94 19.97
N ILE F 91 60.37 46.93 20.56
CA ILE F 91 61.64 47.39 20.04
C ILE F 91 62.75 46.35 20.22
N VAL F 92 63.45 46.04 19.14
CA VAL F 92 64.56 45.09 19.15
C VAL F 92 65.86 45.90 19.22
N LEU F 93 66.71 45.58 20.19
CA LEU F 93 67.96 46.31 20.35
C LEU F 93 69.18 45.44 20.56
N ILE F 94 70.30 45.88 19.97
CA ILE F 94 71.57 45.18 20.10
C ILE F 94 72.21 45.70 21.40
N ASP F 95 72.75 44.79 22.20
CA ASP F 95 73.42 45.20 23.43
C ASP F 95 74.78 45.74 22.96
N PRO F 96 74.96 47.07 23.01
CA PRO F 96 76.19 47.76 22.60
C PRO F 96 77.51 47.16 23.05
N GLU F 97 77.54 46.57 24.25
CA GLU F 97 78.77 45.99 24.77
C GLU F 97 78.87 44.48 24.54
N LYS F 98 77.80 43.75 24.81
CA LYS F 98 77.79 42.31 24.60
C LYS F 98 78.10 41.93 23.17
N ALA F 99 77.62 42.75 22.22
CA ALA F 99 77.81 42.49 20.80
C ALA F 99 79.20 42.75 20.24
N LYS F 100 80.01 43.53 20.96
CA LYS F 100 81.36 43.83 20.51
C LYS F 100 82.18 42.61 20.12
N GLY F 101 82.90 42.72 19.01
CA GLY F 101 83.72 41.62 18.52
C GLY F 101 82.99 40.49 17.84
N LYS F 102 81.76 40.72 17.40
CA LYS F 102 80.98 39.67 16.75
C LYS F 102 80.36 40.03 15.40
N LYS F 103 81.17 40.00 14.34
CA LYS F 103 80.68 40.33 13.01
C LYS F 103 79.58 39.36 12.57
N GLU F 104 79.57 38.18 13.17
CA GLU F 104 78.59 37.15 12.83
C GLU F 104 77.16 37.62 12.99
N LEU F 105 76.91 38.48 13.98
CA LEU F 105 75.57 38.99 14.21
C LEU F 105 74.87 39.46 12.94
N LEU F 106 75.62 40.16 12.07
CA LEU F 106 75.05 40.67 10.83
C LEU F 106 74.39 39.58 9.99
N ASP F 107 74.97 38.38 10.01
CA ASP F 107 74.44 37.28 9.23
C ASP F 107 73.10 36.74 9.72
N THR F 108 72.76 37.02 10.98
CA THR F 108 71.50 36.53 11.53
C THR F 108 70.32 37.34 11.03
N CYS F 109 70.60 38.38 10.24
CA CYS F 109 69.56 39.26 9.71
C CYS F 109 69.16 38.98 8.27
N PRO F 110 67.93 38.52 8.05
CA PRO F 110 67.53 38.25 6.65
C PRO F 110 67.32 39.57 5.91
N TYR F 111 67.19 40.66 6.65
CA TYR F 111 66.98 41.96 6.02
C TYR F 111 68.25 42.77 5.76
N GLY F 112 69.35 42.38 6.40
CA GLY F 112 70.61 43.08 6.22
C GLY F 112 70.53 44.53 6.63
N VAL F 113 69.94 44.79 7.79
CA VAL F 113 69.81 46.15 8.31
C VAL F 113 70.93 46.44 9.30
N MET F 114 71.75 45.44 9.58
CA MET F 114 72.85 45.62 10.50
C MET F 114 74.13 46.01 9.77
N TYR F 115 74.93 46.84 10.41
CA TYR F 115 76.19 47.30 9.83
C TYR F 115 77.31 47.20 10.85
N TRP F 116 78.48 46.80 10.39
CA TRP F 116 79.64 46.65 11.26
C TRP F 116 80.40 47.96 11.42
N ASN F 117 80.53 48.39 12.67
CA ASN F 117 81.24 49.62 12.98
C ASN F 117 82.69 49.25 13.26
N GLU F 118 83.58 49.60 12.33
CA GLU F 118 85.01 49.32 12.45
C GLU F 118 85.61 49.78 13.77
N GLU F 119 85.49 51.08 14.04
CA GLU F 119 86.04 51.67 15.24
C GLU F 119 85.57 51.04 16.54
N GLU F 120 84.26 50.77 16.62
CA GLU F 120 83.69 50.18 17.84
C GLU F 120 83.69 48.66 17.81
N ASN F 121 84.11 48.07 16.69
CA ASN F 121 84.15 46.62 16.55
C ASN F 121 82.86 45.98 17.06
N VAL F 122 81.74 46.42 16.51
CA VAL F 122 80.45 45.91 16.92
C VAL F 122 79.39 46.18 15.88
N ALA F 123 78.36 45.33 15.86
CA ALA F 123 77.27 45.51 14.92
C ALA F 123 76.41 46.65 15.42
N GLN F 124 75.85 47.42 14.49
CA GLN F 124 75.00 48.53 14.84
C GLN F 124 73.82 48.51 13.89
N LYS F 125 72.72 49.12 14.33
CA LYS F 125 71.57 49.22 13.48
C LYS F 125 70.49 50.05 14.11
N CYS F 126 69.36 50.06 13.42
CA CYS F 126 68.20 50.77 13.87
C CYS F 126 67.85 50.48 15.31
N THR F 127 67.66 51.53 16.10
CA THR F 127 67.29 51.35 17.50
C THR F 127 65.90 51.94 17.70
N MET F 128 65.39 52.58 16.65
CA MET F 128 64.08 53.25 16.64
C MET F 128 64.12 54.38 17.67
N CYS F 129 65.31 54.98 17.83
CA CYS F 129 65.61 56.04 18.81
C CYS F 129 64.89 55.79 20.11
N ALA F 130 65.09 54.58 20.64
CA ALA F 130 64.50 54.17 21.89
C ALA F 130 64.88 55.15 22.99
N HIS F 131 66.07 55.71 22.91
CA HIS F 131 66.52 56.66 23.92
C HIS F 131 65.61 57.88 23.90
N LEU F 132 65.08 58.20 22.72
CA LEU F 132 64.18 59.34 22.58
C LEU F 132 62.78 58.94 23.04
N LEU F 133 62.33 57.78 22.57
CA LEU F 133 61.01 57.28 22.95
C LEU F 133 60.95 57.06 24.45
N ASP F 134 62.10 56.76 25.05
CA ASP F 134 62.17 56.52 26.49
C ASP F 134 62.33 57.80 27.30
N ASP F 135 62.39 58.95 26.62
CA ASP F 135 62.54 60.20 27.33
C ASP F 135 61.31 61.09 27.11
N GLU F 136 60.65 61.43 28.20
CA GLU F 136 59.45 62.28 28.16
C GLU F 136 59.74 63.64 27.55
N SER F 137 60.93 64.16 27.79
CA SER F 137 61.33 65.47 27.27
C SER F 137 61.24 65.56 25.76
N TRP F 138 61.38 64.44 25.07
CA TRP F 138 61.28 64.44 23.62
C TRP F 138 59.80 64.61 23.31
N ALA F 139 59.37 65.86 23.16
CA ALA F 139 57.97 66.20 22.90
C ALA F 139 57.33 65.46 21.73
N PRO F 140 58.03 65.36 20.59
CA PRO F 140 57.47 64.67 19.42
C PRO F 140 57.05 63.22 19.68
N LYS F 141 57.75 62.56 20.58
CA LYS F 141 57.45 61.17 20.93
C LYS F 141 57.42 60.27 19.70
N MET F 142 58.38 60.48 18.80
CA MET F 142 58.48 59.70 17.58
C MET F 142 59.94 59.73 17.11
N PRO F 143 60.36 58.73 16.33
CA PRO F 143 61.73 58.65 15.81
C PRO F 143 62.13 59.85 14.97
N ARG F 144 63.43 60.04 14.75
CA ARG F 144 63.88 61.16 13.94
C ARG F 144 63.38 61.10 12.47
N CYS F 145 63.34 59.91 11.86
CA CYS F 145 62.87 59.80 10.46
C CYS F 145 61.55 60.50 10.35
N ALA F 146 60.58 59.85 10.99
CA ALA F 146 59.20 60.27 11.03
C ALA F 146 59.05 61.74 11.37
N HIS F 147 59.87 62.23 12.30
CA HIS F 147 59.75 63.62 12.68
C HIS F 147 60.37 64.56 11.65
N ASN F 148 61.39 64.08 10.94
CA ASN F 148 62.05 64.88 9.92
C ASN F 148 61.33 64.91 8.58
N CYS F 149 60.41 63.97 8.35
CA CYS F 149 59.65 63.97 7.09
C CYS F 149 58.95 65.27 6.83
N GLY F 150 58.88 65.62 5.56
CA GLY F 150 58.17 66.82 5.15
C GLY F 150 57.19 66.34 4.09
N SER F 151 57.15 65.02 3.88
CA SER F 151 56.29 64.41 2.87
C SER F 151 55.13 63.53 3.35
N PHE F 152 54.93 63.50 4.67
CA PHE F 152 53.84 62.73 5.26
C PHE F 152 53.90 61.23 4.97
N VAL F 153 55.10 60.69 4.92
CA VAL F 153 55.31 59.28 4.64
C VAL F 153 55.09 58.40 5.86
N TYR F 154 55.53 58.87 7.02
CA TYR F 154 55.44 58.08 8.25
C TYR F 154 54.23 58.24 9.14
N GLU F 155 53.88 57.13 9.76
CA GLU F 155 52.81 57.09 10.72
C GLU F 155 53.40 56.21 11.82
N PHE F 156 53.77 56.85 12.92
CA PHE F 156 54.36 56.15 14.04
C PHE F 156 53.32 56.05 15.14
N LEU F 157 53.04 54.83 15.59
CA LEU F 157 52.04 54.68 16.63
C LEU F 157 52.40 53.66 17.69
N LYS F 158 51.74 53.79 18.83
CA LYS F 158 51.94 52.88 19.94
C LYS F 158 50.53 52.45 20.31
N THR F 159 50.22 51.19 20.02
CA THR F 159 48.89 50.66 20.31
C THR F 159 48.93 49.15 20.50
N THR F 160 47.75 48.56 20.65
CA THR F 160 47.62 47.12 20.85
C THR F 160 47.72 46.38 19.53
N PRO F 161 48.06 45.08 19.58
CA PRO F 161 48.19 44.26 18.38
C PRO F 161 46.87 44.23 17.62
N GLU F 162 45.77 44.19 18.36
CA GLU F 162 44.44 44.16 17.77
C GLU F 162 44.24 45.38 16.88
N ALA F 163 44.53 46.55 17.44
CA ALA F 163 44.37 47.81 16.71
C ALA F 163 45.19 47.83 15.42
N MET F 164 46.45 47.40 15.51
CA MET F 164 47.31 47.40 14.34
C MET F 164 46.74 46.43 13.30
N ALA F 165 46.31 45.26 13.77
CA ALA F 165 45.74 44.24 12.91
C ALA F 165 44.56 44.80 12.13
N LYS F 166 43.72 45.59 12.81
CA LYS F 166 42.57 46.20 12.17
C LYS F 166 43.06 47.18 11.12
N LYS F 167 44.06 47.99 11.48
CA LYS F 167 44.62 48.97 10.58
C LYS F 167 45.23 48.29 9.36
N VAL F 168 46.03 47.26 9.61
CA VAL F 168 46.67 46.51 8.53
C VAL F 168 45.65 46.00 7.54
N GLU F 169 44.56 45.43 8.05
CA GLU F 169 43.51 44.91 7.19
C GLU F 169 42.78 46.00 6.43
N GLU F 170 42.37 47.06 7.14
CA GLU F 170 41.66 48.17 6.51
C GLU F 170 42.46 48.81 5.40
N GLU F 171 43.72 49.14 5.70
CA GLU F 171 44.60 49.81 4.76
C GLU F 171 45.43 48.91 3.84
N GLY F 172 45.24 47.60 3.94
CA GLY F 172 45.99 46.69 3.10
C GLY F 172 47.51 46.78 3.25
N LEU F 173 47.95 47.13 4.46
CA LEU F 173 49.38 47.25 4.74
C LEU F 173 50.10 45.92 4.51
N GLU F 174 51.35 45.99 4.09
CA GLU F 174 52.16 44.80 3.82
C GLU F 174 53.53 44.92 4.48
N VAL F 175 54.25 43.80 4.52
CA VAL F 175 55.59 43.79 5.10
C VAL F 175 56.54 43.21 4.06
N ILE F 176 57.84 43.42 4.29
CA ILE F 176 58.86 42.91 3.38
C ILE F 176 59.16 41.46 3.74
N LYS F 177 59.26 40.60 2.74
CA LYS F 177 59.56 39.18 2.95
C LYS F 177 58.63 38.51 3.98
N PRO F 178 57.31 38.60 3.76
CA PRO F 178 56.34 37.98 4.67
C PRO F 178 56.62 36.50 4.90
N GLU F 179 56.92 35.79 3.81
CA GLU F 179 57.19 34.36 3.84
C GLU F 179 58.21 33.91 4.90
N LEU F 180 59.11 34.79 5.31
CA LEU F 180 60.12 34.41 6.29
C LEU F 180 59.55 34.19 7.69
N GLY F 181 58.42 34.83 7.98
CA GLY F 181 57.78 34.67 9.28
C GLY F 181 58.37 35.46 10.45
N THR F 182 59.19 36.46 10.16
CA THR F 182 59.79 37.26 11.23
C THR F 182 58.74 38.22 11.80
N LYS F 183 57.74 38.54 10.99
CA LYS F 183 56.66 39.44 11.38
C LYS F 183 57.15 40.85 11.76
N PRO F 184 57.60 41.62 10.76
CA PRO F 184 58.08 42.99 10.96
C PRO F 184 57.00 43.86 11.58
N ARG F 185 57.39 44.87 12.37
CA ARG F 185 56.39 45.76 12.95
C ARG F 185 56.41 47.08 12.20
N VAL F 186 57.17 47.09 11.09
CA VAL F 186 57.25 48.26 10.22
C VAL F 186 56.46 47.83 8.99
N TYR F 187 55.36 48.56 8.72
CA TYR F 187 54.51 48.23 7.59
C TYR F 187 54.62 49.20 6.44
N TYR F 188 54.21 48.73 5.27
CA TYR F 188 54.27 49.53 4.07
C TYR F 188 52.90 49.68 3.39
N LYS F 189 52.63 50.90 2.96
CA LYS F 189 51.39 51.23 2.29
C LYS F 189 51.79 51.44 0.83
N ASN F 190 50.98 50.94 -0.11
CA ASN F 190 51.28 51.08 -1.52
C ASN F 190 52.62 50.46 -1.88
N LEU F 191 52.92 49.31 -1.29
CA LEU F 191 54.19 48.64 -1.53
C LEU F 191 54.30 48.11 -2.96
N TYR F 192 53.16 47.92 -3.62
CA TYR F 192 53.17 47.43 -4.99
C TYR F 192 54.01 48.34 -5.88
N ARG F 193 54.03 49.64 -5.54
CA ARG F 193 54.79 50.63 -6.30
C ARG F 193 56.24 50.20 -6.43
N PHE F 194 56.76 49.60 -5.35
CA PHE F 194 58.14 49.16 -5.30
C PHE F 194 58.38 47.70 -5.70
N GLU F 195 57.54 46.79 -5.20
CA GLU F 195 57.71 45.37 -5.47
C GLU F 195 57.05 44.81 -6.72
N LYS F 196 56.04 45.49 -7.25
CA LYS F 196 55.36 44.99 -8.44
C LYS F 196 55.69 45.77 -9.69
N ASN F 197 54.97 45.48 -10.77
CA ASN F 197 55.21 46.13 -12.04
C ASN F 197 53.92 46.52 -12.75
N TYR F 198 54.08 47.25 -13.85
CA TYR F 198 52.93 47.71 -14.61
C TYR F 198 53.12 47.57 -16.12
N VAL F 199 52.03 47.81 -16.84
CA VAL F 199 52.04 47.80 -18.29
C VAL F 199 51.33 49.10 -18.66
N THR F 200 51.86 49.81 -19.65
CA THR F 200 51.28 51.09 -20.04
C THR F 200 51.45 51.32 -21.54
N ALA F 201 50.75 52.32 -22.05
CA ALA F 201 50.83 52.65 -23.46
C ALA F 201 50.03 53.92 -23.75
N GLY F 202 50.11 54.39 -24.99
CA GLY F 202 49.39 55.57 -25.40
C GLY F 202 48.60 55.22 -26.64
N ILE F 203 47.28 55.39 -26.57
CA ILE F 203 46.44 55.07 -27.72
C ILE F 203 46.14 56.29 -28.57
N LEU F 204 46.35 56.15 -29.87
CA LEU F 204 46.09 57.22 -30.81
C LEU F 204 45.03 56.79 -31.81
N VAL F 205 44.20 57.74 -32.22
CA VAL F 205 43.18 57.50 -33.21
C VAL F 205 43.40 58.61 -34.22
N GLN F 206 43.76 58.21 -35.44
CA GLN F 206 44.02 59.15 -36.52
C GLN F 206 45.02 60.23 -36.14
N GLY F 207 46.15 59.81 -35.57
CA GLY F 207 47.21 60.74 -35.22
C GLY F 207 47.11 61.53 -33.93
N ASP F 208 45.98 61.44 -33.22
CA ASP F 208 45.85 62.19 -31.97
C ASP F 208 45.57 61.30 -30.77
N CYS F 209 45.98 61.76 -29.59
CA CYS F 209 45.77 61.00 -28.37
C CYS F 209 44.27 60.82 -28.18
N PHE F 210 43.84 59.58 -28.00
CA PHE F 210 42.41 59.30 -27.83
C PHE F 210 42.00 59.09 -26.37
N GLU F 211 41.06 59.91 -25.93
CA GLU F 211 40.55 59.86 -24.57
C GLU F 211 39.31 58.97 -24.48
N GLY F 212 39.16 58.28 -23.35
CA GLY F 212 37.99 57.44 -23.14
C GLY F 212 38.01 56.07 -23.80
N ALA F 213 39.16 55.65 -24.33
CA ALA F 213 39.26 54.34 -24.94
C ALA F 213 39.17 53.31 -23.82
N LYS F 214 38.36 52.28 -24.01
CA LYS F 214 38.21 51.25 -22.99
C LYS F 214 39.32 50.22 -23.09
N VAL F 215 40.04 50.06 -21.98
CA VAL F 215 41.15 49.13 -21.92
C VAL F 215 40.90 48.09 -20.83
N VAL F 216 41.15 46.83 -21.14
CA VAL F 216 40.95 45.74 -20.21
C VAL F 216 42.20 44.86 -20.14
N LEU F 217 42.59 44.48 -18.93
CA LEU F 217 43.76 43.63 -18.74
C LEU F 217 43.26 42.24 -18.34
N LYS F 218 43.73 41.22 -19.04
CA LYS F 218 43.34 39.85 -18.75
C LYS F 218 44.53 38.91 -18.56
N SER F 219 44.33 37.89 -17.73
CA SER F 219 45.35 36.88 -17.49
C SER F 219 44.62 35.56 -17.42
N GLY F 220 45.00 34.62 -18.28
CA GLY F 220 44.35 33.34 -18.30
C GLY F 220 42.99 33.44 -18.97
N GLY F 221 42.62 34.67 -19.33
CA GLY F 221 41.34 34.89 -19.98
C GLY F 221 40.35 35.69 -19.15
N LYS F 222 40.62 35.83 -17.86
CA LYS F 222 39.74 36.58 -16.98
C LYS F 222 40.21 38.00 -16.72
N GLU F 223 39.29 38.96 -16.77
CA GLU F 223 39.62 40.35 -16.54
C GLU F 223 40.27 40.55 -15.18
N VAL F 224 41.45 41.18 -15.19
CA VAL F 224 42.21 41.45 -13.98
C VAL F 224 42.13 42.93 -13.62
N ALA F 225 41.95 43.77 -14.63
CA ALA F 225 41.85 45.21 -14.42
C ALA F 225 41.24 45.85 -15.65
N SER F 226 40.76 47.07 -15.50
CA SER F 226 40.15 47.79 -16.61
C SER F 226 40.26 49.28 -16.35
N ALA F 227 40.31 50.05 -17.43
CA ALA F 227 40.40 51.50 -17.30
C ALA F 227 40.08 52.17 -18.61
N GLU F 228 39.94 53.50 -18.56
CA GLU F 228 39.67 54.28 -19.75
C GLU F 228 40.82 55.28 -19.87
N THR F 229 41.34 55.40 -21.09
CA THR F 229 42.47 56.31 -21.35
C THR F 229 42.18 57.76 -21.02
N ASN F 230 43.21 58.47 -20.53
CA ASN F 230 43.09 59.89 -20.19
C ASN F 230 43.28 60.73 -21.45
N PHE F 231 43.38 62.04 -21.32
CA PHE F 231 43.51 62.88 -22.52
C PHE F 231 44.85 62.75 -23.26
N PHE F 232 45.76 61.97 -22.71
CA PHE F 232 47.05 61.72 -23.37
C PHE F 232 46.94 60.33 -24.00
N GLY F 233 45.73 59.76 -23.93
CA GLY F 233 45.45 58.45 -24.48
C GLY F 233 46.13 57.32 -23.72
N GLU F 234 46.53 57.60 -22.49
CA GLU F 234 47.24 56.59 -21.71
C GLU F 234 46.44 55.88 -20.64
N PHE F 235 46.92 54.69 -20.29
CA PHE F 235 46.33 53.86 -19.25
C PHE F 235 47.54 53.22 -18.58
N LYS F 236 47.39 52.79 -17.34
CA LYS F 236 48.50 52.17 -16.63
C LYS F 236 47.98 51.18 -15.60
N PHE F 237 48.25 49.90 -15.83
CA PHE F 237 47.82 48.84 -14.90
C PHE F 237 49.00 48.47 -14.02
N ASP F 238 48.99 48.92 -12.77
CA ASP F 238 50.08 48.64 -11.83
C ASP F 238 49.78 47.44 -10.94
N ALA F 239 50.69 47.16 -10.00
CA ALA F 239 50.55 46.06 -9.05
C ALA F 239 50.39 44.69 -9.70
N LEU F 240 51.11 44.46 -10.80
CA LEU F 240 51.04 43.19 -11.51
C LEU F 240 52.14 42.23 -11.08
N ASP F 241 51.77 40.97 -10.88
CA ASP F 241 52.74 39.94 -10.50
C ASP F 241 53.31 39.43 -11.81
N ASN F 242 54.42 38.70 -11.75
CA ASN F 242 55.03 38.17 -12.94
C ASN F 242 54.08 37.22 -13.66
N GLY F 243 54.22 37.13 -14.97
CA GLY F 243 53.37 36.26 -15.75
C GLY F 243 53.01 36.93 -17.06
N GLU F 244 52.16 36.26 -17.83
CA GLU F 244 51.71 36.79 -19.12
C GLU F 244 50.31 37.38 -19.02
N TYR F 245 50.07 38.44 -19.79
CA TYR F 245 48.79 39.10 -19.80
C TYR F 245 48.40 39.50 -21.21
N THR F 246 47.12 39.83 -21.39
CA THR F 246 46.61 40.26 -22.67
C THR F 246 45.91 41.60 -22.45
N VAL F 247 46.28 42.58 -23.24
CA VAL F 247 45.67 43.91 -23.14
C VAL F 247 44.69 44.05 -24.29
N GLU F 248 43.44 44.32 -23.97
CA GLU F 248 42.42 44.49 -25.00
C GLU F 248 41.98 45.94 -24.97
N ILE F 249 41.97 46.56 -26.14
CA ILE F 249 41.59 47.96 -26.27
C ILE F 249 40.43 48.19 -27.25
N ASP F 250 39.54 49.10 -26.89
CA ASP F 250 38.41 49.41 -27.75
C ASP F 250 38.14 50.91 -27.82
N ALA F 251 38.36 51.49 -29.00
CA ALA F 251 38.16 52.91 -29.23
C ALA F 251 37.49 53.10 -30.58
N ASP F 252 36.45 53.92 -30.62
CA ASP F 252 35.73 54.18 -31.88
C ASP F 252 35.23 52.87 -32.48
N GLY F 253 35.03 51.86 -31.65
CA GLY F 253 34.57 50.58 -32.16
C GLY F 253 35.72 49.80 -32.75
N LYS F 254 36.88 50.44 -32.80
CA LYS F 254 38.10 49.81 -33.33
C LYS F 254 38.78 49.08 -32.18
N SER F 255 39.14 47.82 -32.41
CA SER F 255 39.76 47.02 -31.37
C SER F 255 41.23 46.68 -31.61
N TYR F 256 41.93 46.42 -30.52
CA TYR F 256 43.34 46.09 -30.53
C TYR F 256 43.63 45.19 -29.34
N SER F 257 44.48 44.19 -29.52
CA SER F 257 44.84 43.29 -28.44
C SER F 257 46.26 42.79 -28.66
N ASP F 258 46.97 42.57 -27.57
CA ASP F 258 48.34 42.08 -27.64
C ASP F 258 48.76 41.50 -26.29
N THR F 259 49.75 40.63 -26.32
CA THR F 259 50.24 40.00 -25.10
C THR F 259 51.37 40.81 -24.49
N VAL F 260 51.65 40.55 -23.21
CA VAL F 260 52.71 41.25 -22.52
C VAL F 260 53.24 40.37 -21.40
N VAL F 261 54.55 40.18 -21.37
CA VAL F 261 55.18 39.36 -20.34
C VAL F 261 55.78 40.25 -19.26
N ILE F 262 55.35 40.03 -18.02
CA ILE F 262 55.85 40.81 -16.89
C ILE F 262 56.80 39.91 -16.11
N ASP F 263 58.09 40.22 -16.17
CA ASP F 263 59.11 39.44 -15.49
C ASP F 263 60.02 40.33 -14.65
N ASP F 264 59.48 40.81 -13.53
CA ASP F 264 60.19 41.70 -12.63
C ASP F 264 60.55 42.99 -13.36
N LYS F 265 59.73 43.34 -14.33
CA LYS F 265 59.92 44.56 -15.11
C LYS F 265 58.57 45.11 -15.56
N SER F 266 58.49 46.43 -15.72
CA SER F 266 57.27 47.06 -16.18
C SER F 266 57.45 47.27 -17.68
N VAL F 267 56.36 47.22 -18.43
CA VAL F 267 56.42 47.34 -19.89
C VAL F 267 55.67 48.51 -20.51
N ASP F 268 56.32 49.18 -21.46
CA ASP F 268 55.70 50.28 -22.18
C ASP F 268 55.41 49.79 -23.58
N LEU F 269 54.14 49.61 -23.91
CA LEU F 269 53.77 49.12 -25.23
C LEU F 269 53.96 50.22 -26.29
N GLY F 270 54.26 51.43 -25.84
CA GLY F 270 54.46 52.54 -26.76
C GLY F 270 53.15 53.03 -27.35
N PHE F 271 53.24 53.73 -28.48
CA PHE F 271 52.06 54.26 -29.16
C PHE F 271 51.28 53.17 -29.91
N ILE F 272 50.02 53.00 -29.57
CA ILE F 272 49.17 52.03 -30.26
C ILE F 272 48.31 52.86 -31.21
N LYS F 273 48.71 52.85 -32.48
CA LYS F 273 48.06 53.64 -33.51
C LYS F 273 46.82 52.98 -34.11
N LEU F 274 45.65 53.44 -33.67
CA LEU F 274 44.38 52.92 -34.14
C LEU F 274 43.71 53.92 -35.09
N MET G 1 85.77 23.95 -52.63
CA MET G 1 86.40 23.05 -53.64
C MET G 1 85.94 21.60 -53.51
N GLY G 2 85.43 21.23 -52.33
CA GLY G 2 84.98 19.86 -52.12
C GLY G 2 84.02 19.63 -50.96
N GLU G 3 83.83 18.35 -50.62
CA GLU G 3 82.93 17.94 -49.55
C GLU G 3 83.62 17.80 -48.20
N VAL G 4 82.82 17.56 -47.16
CA VAL G 4 83.36 17.38 -45.81
C VAL G 4 83.82 15.93 -45.68
N VAL G 5 84.98 15.74 -45.06
CA VAL G 5 85.52 14.41 -44.86
C VAL G 5 85.86 14.23 -43.39
N ARG G 6 85.44 13.09 -42.83
CA ARG G 6 85.71 12.79 -41.43
C ARG G 6 87.04 12.05 -41.31
N LEU G 7 87.98 12.65 -40.59
CA LEU G 7 89.29 12.06 -40.37
C LEU G 7 89.49 11.73 -38.90
N THR G 8 90.63 11.11 -38.59
CA THR G 8 90.94 10.77 -37.21
C THR G 8 92.25 11.41 -36.77
N ASN G 9 92.34 11.72 -35.49
CA ASN G 9 93.55 12.26 -34.90
C ASN G 9 93.34 12.08 -33.41
N SER G 10 94.25 12.60 -32.60
CA SER G 10 94.09 12.43 -31.16
C SER G 10 94.77 13.57 -30.44
N SER G 11 94.83 13.46 -29.11
CA SER G 11 95.43 14.50 -28.29
C SER G 11 95.57 14.10 -26.84
N THR G 12 96.17 15.00 -26.08
CA THR G 12 96.38 14.81 -24.65
C THR G 12 95.02 14.85 -23.95
N GLY G 13 93.97 15.11 -24.73
CA GLY G 13 92.63 15.16 -24.16
C GLY G 13 91.72 14.10 -24.75
N GLY G 14 92.31 13.12 -25.43
CA GLY G 14 91.52 12.05 -26.02
C GLY G 14 91.48 12.05 -27.54
N PRO G 15 91.15 10.90 -28.13
CA PRO G 15 91.06 10.74 -29.59
C PRO G 15 89.93 11.60 -30.12
N VAL G 16 89.96 11.92 -31.41
CA VAL G 16 88.89 12.72 -32.01
C VAL G 16 88.63 12.38 -33.46
N PHE G 17 87.44 12.74 -33.90
CA PHE G 17 87.02 12.58 -35.29
C PHE G 17 87.14 14.04 -35.74
N VAL G 18 87.81 14.27 -36.85
CA VAL G 18 87.97 15.63 -37.34
C VAL G 18 87.29 15.77 -38.70
N TYR G 19 86.38 16.72 -38.81
CA TYR G 19 85.68 16.95 -40.06
C TYR G 19 86.40 18.05 -40.80
N VAL G 20 86.90 17.71 -41.99
CA VAL G 20 87.65 18.65 -42.80
C VAL G 20 86.98 18.96 -44.13
N LYS G 21 87.03 20.22 -44.54
CA LYS G 21 86.47 20.65 -45.81
C LYS G 21 87.38 21.69 -46.44
N ASP G 22 87.70 21.50 -47.70
CA ASP G 22 88.55 22.43 -48.42
C ASP G 22 89.81 22.82 -47.65
N GLY G 23 90.47 21.83 -47.07
CA GLY G 23 91.69 22.06 -46.32
C GLY G 23 91.53 22.82 -45.03
N LYS G 24 90.31 22.87 -44.51
CA LYS G 24 90.05 23.57 -43.26
C LYS G 24 89.33 22.66 -42.28
N ILE G 25 89.70 22.76 -41.00
CA ILE G 25 89.06 21.97 -39.97
C ILE G 25 87.75 22.65 -39.60
N ILE G 26 86.66 21.89 -39.65
CA ILE G 26 85.34 22.42 -39.31
C ILE G 26 85.01 22.18 -37.85
N ARG G 27 85.26 20.97 -37.38
CA ARG G 27 84.97 20.63 -35.98
C ARG G 27 85.75 19.39 -35.56
N MET G 28 85.84 19.19 -34.25
CA MET G 28 86.52 18.02 -33.67
C MET G 28 85.55 17.48 -32.63
N THR G 29 85.29 16.18 -32.66
CA THR G 29 84.34 15.59 -31.73
C THR G 29 84.82 14.29 -31.10
N PRO G 30 84.15 13.85 -30.03
CA PRO G 30 84.55 12.59 -29.38
C PRO G 30 84.19 11.53 -30.41
N MET G 31 84.64 10.30 -30.23
CA MET G 31 84.36 9.27 -31.20
C MET G 31 83.28 8.27 -30.79
N ASP G 32 82.30 8.06 -31.67
CA ASP G 32 81.32 7.05 -31.48
C ASP G 32 81.70 5.77 -32.20
N PHE G 33 81.60 4.64 -31.58
CA PHE G 33 82.00 3.39 -32.21
C PHE G 33 80.90 2.94 -33.18
N ASP G 34 81.29 2.08 -34.12
CA ASP G 34 80.37 1.51 -35.10
C ASP G 34 80.35 0.03 -34.78
N ASP G 35 79.29 -0.43 -34.14
CA ASP G 35 79.18 -1.83 -33.74
C ASP G 35 79.31 -2.83 -34.89
N ALA G 36 79.18 -2.38 -36.12
CA ALA G 36 79.30 -3.28 -37.26
C ALA G 36 80.76 -3.57 -37.58
N VAL G 37 81.68 -2.75 -37.08
CA VAL G 37 83.10 -2.96 -37.34
C VAL G 37 83.99 -2.89 -36.10
N ASP G 38 83.47 -2.32 -35.02
CA ASP G 38 84.26 -2.20 -33.80
C ASP G 38 83.85 -3.25 -32.77
N ALA G 39 84.81 -4.06 -32.35
CA ALA G 39 84.60 -5.12 -31.37
C ALA G 39 83.78 -4.69 -30.15
N PRO G 40 83.03 -5.64 -29.55
CA PRO G 40 82.20 -5.39 -28.38
C PRO G 40 83.01 -4.98 -27.15
N SER G 41 82.38 -4.26 -26.24
CA SER G 41 83.06 -3.80 -25.02
C SER G 41 83.10 -4.94 -23.99
N TRP G 42 83.78 -4.69 -22.88
CA TRP G 42 83.86 -5.66 -21.80
C TRP G 42 82.63 -5.47 -20.93
N LYS G 43 82.36 -6.44 -20.06
CA LYS G 43 81.23 -6.35 -19.15
C LYS G 43 81.69 -6.84 -17.80
N ILE G 44 81.17 -6.23 -16.74
CA ILE G 44 81.52 -6.67 -15.40
C ILE G 44 80.22 -6.84 -14.62
N GLU G 45 79.97 -8.06 -14.16
CA GLU G 45 78.78 -8.33 -13.37
C GLU G 45 79.20 -8.26 -11.91
N ALA G 46 78.45 -7.50 -11.12
CA ALA G 46 78.77 -7.34 -9.71
C ALA G 46 77.56 -6.86 -8.94
N ARG G 47 77.42 -7.37 -7.72
CA ARG G 47 76.32 -7.01 -6.84
C ARG G 47 74.97 -6.87 -7.53
N GLY G 48 74.56 -7.91 -8.26
CA GLY G 48 73.28 -7.89 -8.93
C GLY G 48 73.12 -7.05 -10.18
N LYS G 49 74.20 -6.43 -10.65
CA LYS G 49 74.12 -5.60 -11.85
C LYS G 49 75.17 -5.96 -12.89
N THR G 50 74.97 -5.48 -14.10
CA THR G 50 75.90 -5.71 -15.20
C THR G 50 76.41 -4.35 -15.66
N PHE G 51 77.73 -4.15 -15.57
CA PHE G 51 78.31 -2.87 -15.97
C PHE G 51 79.09 -2.96 -17.27
N THR G 52 78.72 -2.10 -18.22
CA THR G 52 79.39 -2.04 -19.50
C THR G 52 79.50 -0.57 -19.88
N PRO G 53 80.66 -0.14 -20.43
CA PRO G 53 80.90 1.24 -20.84
C PRO G 53 80.16 1.71 -22.08
N PRO G 54 80.13 3.03 -22.31
CA PRO G 54 79.46 3.59 -23.49
C PRO G 54 80.25 3.21 -24.72
N ARG G 55 79.57 3.01 -25.84
CA ARG G 55 80.25 2.66 -27.09
C ARG G 55 80.76 3.97 -27.68
N LYS G 56 81.54 4.70 -26.88
CA LYS G 56 82.03 6.00 -27.29
C LYS G 56 83.22 6.43 -26.44
N THR G 57 84.03 7.35 -26.98
CA THR G 57 85.18 7.87 -26.24
C THR G 57 84.76 9.24 -25.71
N SER G 58 85.60 9.85 -24.88
CA SER G 58 85.31 11.17 -24.33
C SER G 58 86.54 12.05 -24.46
N ILE G 59 86.33 13.37 -24.36
CA ILE G 59 87.44 14.32 -24.49
C ILE G 59 87.46 15.34 -23.36
N ALA G 60 88.62 15.97 -23.18
CA ALA G 60 88.77 17.00 -22.15
C ALA G 60 88.40 18.35 -22.77
N PRO G 61 88.08 19.36 -21.93
CA PRO G 61 87.70 20.70 -22.40
C PRO G 61 88.72 21.31 -23.36
N TYR G 62 89.99 21.23 -23.00
CA TYR G 62 91.05 21.80 -23.83
C TYR G 62 91.18 21.11 -25.19
N THR G 63 90.62 19.92 -25.32
CA THR G 63 90.66 19.24 -26.60
C THR G 63 89.41 19.66 -27.37
N ALA G 64 88.30 19.87 -26.64
CA ALA G 64 87.06 20.28 -27.28
C ALA G 64 87.25 21.58 -28.06
N GLY G 65 88.07 22.48 -27.51
CA GLY G 65 88.31 23.73 -28.20
C GLY G 65 89.71 23.85 -28.79
N PHE G 66 90.35 22.70 -29.01
CA PHE G 66 91.71 22.68 -29.55
C PHE G 66 91.85 23.40 -30.89
N LYS G 67 90.79 23.42 -31.68
CA LYS G 67 90.84 24.07 -32.98
C LYS G 67 91.30 25.53 -32.85
N SER G 68 90.91 26.20 -31.77
CA SER G 68 91.31 27.60 -31.59
C SER G 68 92.80 27.72 -31.31
N MET G 69 93.44 26.61 -30.95
CA MET G 69 94.88 26.62 -30.68
C MET G 69 95.64 26.42 -31.99
N ILE G 70 95.08 25.58 -32.87
CA ILE G 70 95.69 25.34 -34.16
C ILE G 70 95.75 26.65 -34.96
N TYR G 71 94.62 27.36 -35.00
CA TYR G 71 94.53 28.61 -35.75
C TYR G 71 94.72 29.86 -34.90
N SER G 72 95.49 29.73 -33.83
CA SER G 72 95.75 30.84 -32.91
C SER G 72 96.57 31.94 -33.59
N ASP G 73 96.29 33.19 -33.26
CA ASP G 73 97.06 34.28 -33.86
C ASP G 73 98.37 34.47 -33.09
N LEU G 74 98.57 33.67 -32.03
CA LEU G 74 99.79 33.72 -31.23
C LEU G 74 100.67 32.56 -31.68
N ARG G 75 100.22 31.92 -32.75
CA ARG G 75 100.92 30.82 -33.38
C ARG G 75 102.19 31.43 -33.99
N ILE G 76 103.34 30.77 -33.87
CA ILE G 76 104.55 31.34 -34.45
C ILE G 76 104.37 31.26 -35.97
N PRO G 77 104.34 32.43 -36.64
CA PRO G 77 104.16 32.65 -38.08
C PRO G 77 105.20 32.08 -39.02
N TYR G 78 106.46 32.30 -38.68
CA TYR G 78 107.57 31.86 -39.52
C TYR G 78 108.85 31.99 -38.69
N PRO G 79 110.00 31.59 -39.25
CA PRO G 79 111.25 31.69 -38.50
C PRO G 79 111.48 33.16 -38.10
N MET G 80 111.89 33.37 -36.86
CA MET G 80 112.11 34.73 -36.36
C MET G 80 113.50 34.90 -35.75
N LYS G 81 114.03 36.11 -35.86
CA LYS G 81 115.34 36.43 -35.32
C LYS G 81 115.28 37.70 -34.48
N ARG G 82 115.97 37.70 -33.35
CA ARG G 82 116.02 38.85 -32.48
C ARG G 82 116.83 39.92 -33.21
N LYS G 83 116.23 41.09 -33.45
CA LYS G 83 116.89 42.18 -34.15
C LYS G 83 118.22 42.55 -33.52
N SER G 84 118.25 42.62 -32.20
CA SER G 84 119.45 43.00 -31.46
C SER G 84 120.52 41.92 -31.41
N PHE G 85 120.22 40.74 -31.95
CA PHE G 85 121.20 39.66 -31.95
C PHE G 85 121.97 39.56 -33.27
N ASP G 86 123.29 39.63 -33.19
CA ASP G 86 124.15 39.54 -34.36
C ASP G 86 125.25 38.50 -34.15
N PRO G 87 125.11 37.33 -34.78
CA PRO G 87 126.07 36.23 -34.68
C PRO G 87 127.52 36.69 -34.90
N ASN G 88 127.73 37.53 -35.89
CA ASN G 88 129.07 38.00 -36.21
C ASN G 88 129.46 39.34 -35.59
N GLY G 89 128.72 39.79 -34.59
CA GLY G 89 129.03 41.05 -33.95
C GLY G 89 128.52 41.11 -32.52
N GLU G 90 127.74 42.15 -32.22
CA GLU G 90 127.19 42.29 -30.87
C GLU G 90 126.02 41.33 -30.68
N ARG G 91 126.18 40.38 -29.77
CA ARG G 91 125.11 39.42 -29.51
C ARG G 91 124.10 40.01 -28.53
N ASN G 92 124.53 41.01 -27.77
CA ASN G 92 123.66 41.67 -26.80
C ASN G 92 122.85 40.69 -25.96
N PRO G 93 123.51 39.90 -25.10
CA PRO G 93 122.81 38.93 -24.26
C PRO G 93 121.80 39.64 -23.37
N GLN G 94 122.24 40.76 -22.81
CA GLN G 94 121.42 41.55 -21.90
C GLN G 94 120.13 42.11 -22.50
N LEU G 95 119.96 41.97 -23.81
CA LEU G 95 118.75 42.48 -24.44
C LEU G 95 117.70 41.42 -24.75
N ARG G 96 117.93 40.19 -24.29
CA ARG G 96 116.95 39.14 -24.52
C ARG G 96 115.76 39.48 -23.63
N GLY G 97 114.57 39.46 -24.21
CA GLY G 97 113.38 39.77 -23.44
C GLY G 97 113.17 41.26 -23.22
N ALA G 98 113.91 42.09 -23.96
CA ALA G 98 113.76 43.54 -23.82
C ALA G 98 112.35 43.92 -24.24
N GLY G 99 111.88 43.31 -25.32
CA GLY G 99 110.53 43.58 -25.80
C GLY G 99 109.54 43.29 -24.69
N LEU G 100 109.75 42.19 -23.98
CA LEU G 100 108.87 41.78 -22.89
C LEU G 100 108.96 42.84 -21.79
N SER G 101 110.15 43.38 -21.56
CA SER G 101 110.36 44.38 -20.54
C SER G 101 109.59 45.68 -20.83
N LYS G 102 109.23 45.89 -22.09
CA LYS G 102 108.47 47.09 -22.44
C LYS G 102 107.11 46.69 -23.00
N GLN G 103 106.58 45.58 -22.50
CA GLN G 103 105.29 45.06 -22.89
C GLN G 103 105.02 45.04 -24.40
N ASP G 104 106.05 44.73 -25.18
CA ASP G 104 105.94 44.65 -26.63
C ASP G 104 106.88 43.53 -27.11
N PRO G 105 106.50 42.27 -26.82
CA PRO G 105 107.28 41.08 -27.19
C PRO G 105 107.63 40.97 -28.67
N TRP G 106 106.63 41.05 -29.55
CA TRP G 106 106.86 40.92 -30.98
C TRP G 106 107.84 41.93 -31.58
N SER G 107 107.92 43.13 -31.00
CA SER G 107 108.81 44.15 -31.56
C SER G 107 110.29 43.75 -31.52
N ASP G 108 110.63 42.77 -30.68
CA ASP G 108 112.01 42.29 -30.55
C ASP G 108 112.44 41.44 -31.74
N TYR G 109 111.49 40.99 -32.54
CA TYR G 109 111.84 40.11 -33.65
C TYR G 109 111.50 40.55 -35.06
N GLU G 110 112.21 39.94 -35.99
CA GLU G 110 112.03 40.20 -37.41
C GLU G 110 111.95 38.86 -38.11
N ARG G 111 111.35 38.86 -39.28
CA ARG G 111 111.20 37.64 -40.07
C ARG G 111 112.45 37.28 -40.84
N ILE G 112 112.73 35.98 -40.91
CA ILE G 112 113.85 35.45 -41.67
C ILE G 112 113.39 34.12 -42.26
N SER G 113 114.08 33.65 -43.29
CA SER G 113 113.70 32.38 -43.92
C SER G 113 114.20 31.18 -43.14
N TRP G 114 113.66 30.02 -43.48
CA TRP G 114 114.06 28.77 -42.86
C TRP G 114 115.52 28.47 -43.17
N ASP G 115 115.93 28.79 -44.38
CA ASP G 115 117.30 28.55 -44.80
C ASP G 115 118.30 29.34 -43.97
N GLU G 116 118.06 30.64 -43.82
CA GLU G 116 118.97 31.46 -43.03
C GLU G 116 118.91 31.11 -41.55
N ALA G 117 117.70 30.88 -41.04
CA ALA G 117 117.53 30.53 -39.63
C ALA G 117 118.34 29.29 -39.26
N THR G 118 118.22 28.25 -40.08
CA THR G 118 118.94 27.00 -39.82
C THR G 118 120.43 27.13 -40.09
N ASP G 119 120.80 28.05 -40.99
CA ASP G 119 122.21 28.29 -41.31
C ASP G 119 122.87 28.92 -40.09
N ILE G 120 122.16 29.84 -39.44
CA ILE G 120 122.66 30.53 -38.26
C ILE G 120 122.79 29.58 -37.09
N VAL G 121 121.83 28.67 -36.95
CA VAL G 121 121.87 27.71 -35.86
C VAL G 121 123.01 26.72 -36.10
N VAL G 122 123.11 26.24 -37.33
CA VAL G 122 124.18 25.30 -37.69
C VAL G 122 125.58 25.89 -37.46
N ALA G 123 125.77 27.16 -37.82
CA ALA G 123 127.06 27.79 -37.63
C ALA G 123 127.38 27.90 -36.13
N GLU G 124 126.33 27.99 -35.32
CA GLU G 124 126.52 28.07 -33.87
C GLU G 124 126.84 26.71 -33.29
N ILE G 125 126.12 25.69 -33.76
CA ILE G 125 126.34 24.33 -33.29
C ILE G 125 127.77 23.88 -33.56
N ASN G 126 128.20 24.02 -34.81
CA ASN G 126 129.54 23.59 -35.19
C ASN G 126 130.66 24.38 -34.51
N ARG G 127 130.50 25.69 -34.35
CA ARG G 127 131.53 26.48 -33.70
C ARG G 127 131.70 26.01 -32.25
N ILE G 128 130.58 25.90 -31.56
CA ILE G 128 130.59 25.46 -30.17
C ILE G 128 131.14 24.05 -30.00
N LYS G 129 130.80 23.13 -30.89
CA LYS G 129 131.29 21.76 -30.79
C LYS G 129 132.79 21.65 -31.00
N HIS G 130 133.34 22.44 -31.92
CA HIS G 130 134.77 22.38 -32.18
C HIS G 130 135.61 23.18 -31.20
N ALA G 131 134.98 24.03 -30.41
CA ALA G 131 135.72 24.83 -29.44
C ALA G 131 135.46 24.36 -28.01
N TYR G 132 134.25 23.89 -27.74
CA TYR G 132 133.91 23.45 -26.39
C TYR G 132 133.43 22.01 -26.32
N GLY G 133 132.84 21.52 -27.41
CA GLY G 133 132.34 20.16 -27.46
C GLY G 133 130.83 20.07 -27.36
N PRO G 134 130.24 18.93 -27.76
CA PRO G 134 128.79 18.71 -27.73
C PRO G 134 128.16 19.04 -26.39
N SER G 135 128.89 18.79 -25.30
CA SER G 135 128.35 19.06 -23.97
C SER G 135 128.01 20.53 -23.75
N ALA G 136 128.64 21.43 -24.49
CA ALA G 136 128.39 22.87 -24.33
C ALA G 136 127.02 23.30 -24.91
N ILE G 137 126.36 22.39 -25.60
CA ILE G 137 125.05 22.68 -26.17
C ILE G 137 123.97 22.12 -25.26
N LEU G 138 123.30 23.02 -24.53
CA LEU G 138 122.23 22.63 -23.62
C LEU G 138 120.90 22.54 -24.37
N SER G 139 120.03 21.66 -23.93
CA SER G 139 118.73 21.52 -24.57
C SER G 139 117.72 20.76 -23.74
N THR G 140 116.46 21.13 -23.90
CA THR G 140 115.40 20.46 -23.19
C THR G 140 114.02 20.90 -23.64
N PRO G 141 113.08 19.95 -23.73
CA PRO G 141 111.71 20.22 -24.12
C PRO G 141 111.12 20.34 -22.73
N SER G 142 109.94 19.77 -22.50
CA SER G 142 109.39 19.78 -21.17
C SER G 142 108.55 18.52 -20.99
N SER G 143 107.99 18.31 -19.80
CA SER G 143 107.22 17.10 -19.52
C SER G 143 106.22 16.65 -20.56
N HIS G 144 105.38 17.56 -21.05
CA HIS G 144 104.40 17.13 -22.02
C HIS G 144 104.53 17.65 -23.43
N HIS G 145 103.77 17.02 -24.31
CA HIS G 145 103.92 17.28 -25.73
C HIS G 145 102.63 16.99 -26.50
N MET G 146 102.55 17.49 -27.73
CA MET G 146 101.41 17.23 -28.60
C MET G 146 101.34 15.71 -28.76
N TRP G 147 100.14 15.16 -28.74
CA TRP G 147 99.98 13.71 -28.87
C TRP G 147 100.53 13.18 -30.20
N GLY G 148 101.11 11.99 -30.16
CA GLY G 148 101.69 11.38 -31.34
C GLY G 148 102.93 10.61 -30.92
N ASN G 149 102.91 9.29 -31.10
CA ASN G 149 104.05 8.49 -30.68
C ASN G 149 105.33 8.69 -31.47
N VAL G 150 105.23 8.77 -32.79
CA VAL G 150 106.44 8.97 -33.60
C VAL G 150 107.05 10.34 -33.43
N GLY G 151 106.20 11.37 -33.33
CA GLY G 151 106.70 12.72 -33.20
C GLY G 151 106.96 13.18 -31.77
N TYR G 152 106.66 12.32 -30.81
CA TYR G 152 106.84 12.64 -29.40
C TYR G 152 108.31 12.88 -29.05
N ARG G 153 108.56 13.72 -28.06
CA ARG G 153 109.91 14.07 -27.66
C ARG G 153 110.80 12.85 -27.37
N HIS G 154 110.24 11.78 -26.82
CA HIS G 154 111.02 10.57 -26.53
C HIS G 154 111.44 9.89 -27.82
N SER G 155 110.83 10.31 -28.92
CA SER G 155 111.08 9.71 -30.23
C SER G 155 111.86 10.57 -31.23
N THR G 156 111.20 11.58 -31.79
CA THR G 156 111.83 12.45 -32.77
C THR G 156 112.92 13.34 -32.17
N TYR G 157 112.58 14.08 -31.12
CA TYR G 157 113.52 14.96 -30.44
C TYR G 157 114.81 14.21 -30.10
N PHE G 158 114.68 13.08 -29.39
CA PHE G 158 115.83 12.29 -28.97
C PHE G 158 116.65 11.70 -30.12
N ARG G 159 115.99 11.18 -31.15
CA ARG G 159 116.73 10.60 -32.25
C ARG G 159 117.68 11.61 -32.90
N PHE G 160 117.24 12.86 -33.04
CA PHE G 160 118.08 13.87 -33.64
C PHE G 160 119.15 14.40 -32.67
N MET G 161 118.71 14.89 -31.51
CA MET G 161 119.62 15.43 -30.52
C MET G 161 120.75 14.48 -30.15
N ASN G 162 120.41 13.20 -29.98
CA ASN G 162 121.41 12.20 -29.63
C ASN G 162 122.49 12.11 -30.70
N MET G 163 122.12 12.54 -31.90
CA MET G 163 122.99 12.53 -33.07
C MET G 163 123.73 13.87 -33.23
N MET G 164 123.24 14.89 -32.53
CA MET G 164 123.79 16.24 -32.62
C MET G 164 124.65 16.69 -31.44
N GLY G 165 124.08 16.74 -30.24
CA GLY G 165 124.82 17.17 -29.07
C GLY G 165 125.05 16.04 -28.07
N PHE G 166 124.76 16.24 -26.79
CA PHE G 166 124.23 17.49 -26.22
C PHE G 166 124.10 17.28 -24.72
N THR G 167 123.92 18.36 -23.96
CA THR G 167 123.71 18.24 -22.53
C THR G 167 122.21 18.40 -22.28
N TYR G 168 121.60 17.36 -21.72
CA TYR G 168 120.18 17.36 -21.46
C TYR G 168 119.88 17.87 -20.07
N ALA G 169 118.89 18.75 -19.97
CA ALA G 169 118.45 19.22 -18.66
C ALA G 169 117.39 18.17 -18.34
N ASP G 170 117.83 17.05 -17.78
CA ASP G 170 116.92 15.96 -17.48
C ASP G 170 115.82 16.39 -16.54
N HIS G 171 114.60 15.89 -16.79
CA HIS G 171 113.43 16.25 -16.00
C HIS G 171 113.36 15.60 -14.62
N ASN G 172 112.99 16.42 -13.65
CA ASN G 172 112.80 15.95 -12.29
C ASN G 172 111.47 15.21 -12.38
N PRO G 173 111.27 14.13 -11.60
CA PRO G 173 109.99 13.41 -11.68
C PRO G 173 108.84 14.22 -11.07
N ASP G 174 108.57 15.39 -11.64
CA ASP G 174 107.52 16.30 -11.18
C ASP G 174 106.22 15.62 -10.74
N SER G 175 105.64 14.85 -11.64
CA SER G 175 104.41 14.13 -11.41
C SER G 175 104.47 13.24 -10.16
N TRP G 176 105.63 12.65 -9.91
CA TRP G 176 105.86 11.70 -8.81
C TRP G 176 106.58 12.14 -7.53
N GLU G 177 107.28 13.27 -7.59
CA GLU G 177 108.09 13.74 -6.46
C GLU G 177 108.01 12.90 -5.16
N GLY G 178 106.97 13.09 -4.37
CA GLY G 178 106.85 12.36 -3.10
C GLY G 178 106.99 10.85 -3.16
N TRP G 179 106.33 10.21 -4.13
CA TRP G 179 106.40 8.77 -4.26
C TRP G 179 107.78 8.36 -4.77
N HIS G 180 108.35 9.19 -5.62
CA HIS G 180 109.67 8.92 -6.19
C HIS G 180 110.79 9.08 -5.18
N TRP G 181 110.94 10.27 -4.59
CA TRP G 181 112.00 10.51 -3.62
C TRP G 181 111.65 9.97 -2.23
N GLY G 182 110.40 9.57 -2.02
CA GLY G 182 110.00 9.08 -0.72
C GLY G 182 109.43 7.67 -0.70
N GLY G 183 108.26 7.49 -1.31
CA GLY G 183 107.62 6.19 -1.31
C GLY G 183 108.44 5.04 -1.84
N MET G 184 109.30 5.31 -2.81
CA MET G 184 110.13 4.27 -3.41
C MET G 184 110.95 3.51 -2.38
N HIS G 185 111.50 4.24 -1.40
CA HIS G 185 112.31 3.64 -0.34
C HIS G 185 111.46 2.77 0.59
N MET G 186 110.16 3.06 0.63
CA MET G 186 109.27 2.31 1.51
C MET G 186 108.70 1.03 0.89
N TRP G 187 108.33 1.07 -0.39
CA TRP G 187 107.76 -0.12 -1.01
C TRP G 187 108.26 -0.45 -2.42
N GLY G 188 109.27 0.28 -2.88
CA GLY G 188 109.82 0.02 -4.20
C GLY G 188 109.07 0.65 -5.36
N PHE G 189 108.66 -0.18 -6.33
CA PHE G 189 107.95 0.32 -7.50
C PHE G 189 108.75 1.42 -8.23
N SER G 190 110.06 1.24 -8.31
CA SER G 190 110.91 2.25 -8.96
C SER G 190 110.53 2.43 -10.43
N TRP G 191 110.20 1.32 -11.10
CA TRP G 191 109.82 1.35 -12.51
C TRP G 191 108.53 2.14 -12.73
N ARG G 192 107.88 2.51 -11.62
CA ARG G 192 106.65 3.30 -11.68
C ARG G 192 106.90 4.60 -10.91
N LEU G 193 108.18 4.84 -10.60
CA LEU G 193 108.62 6.01 -9.88
C LEU G 193 107.88 6.19 -8.55
N GLY G 194 107.56 5.06 -7.91
CA GLY G 194 106.88 5.12 -6.63
C GLY G 194 105.38 4.86 -6.62
N ASN G 195 104.75 4.84 -7.79
CA ASN G 195 103.31 4.60 -7.86
C ASN G 195 103.00 3.10 -7.91
N PRO G 196 101.84 2.69 -7.37
CA PRO G 196 101.44 1.28 -7.38
C PRO G 196 100.82 0.84 -8.70
N GLU G 197 100.90 -0.47 -8.96
CA GLU G 197 100.29 -1.03 -10.16
C GLU G 197 98.80 -0.93 -9.91
N GLN G 198 97.97 -1.06 -10.94
CA GLN G 198 96.52 -0.93 -10.76
C GLN G 198 95.66 -1.94 -11.51
N TYR G 199 96.31 -2.94 -12.11
CA TYR G 199 95.60 -3.96 -12.89
C TYR G 199 94.37 -4.56 -12.23
N ASP G 200 93.32 -4.73 -13.04
CA ASP G 200 92.05 -5.34 -12.65
C ASP G 200 91.36 -4.86 -11.37
N LEU G 201 91.56 -3.60 -11.00
CA LEU G 201 90.94 -3.09 -9.79
C LEU G 201 89.46 -2.71 -9.94
N LEU G 202 89.03 -2.33 -11.14
CA LEU G 202 87.63 -1.95 -11.36
C LEU G 202 86.66 -3.05 -10.89
N GLU G 203 86.80 -4.25 -11.44
CA GLU G 203 85.93 -5.35 -11.04
C GLU G 203 86.01 -5.55 -9.52
N ASP G 204 87.23 -5.60 -9.00
CA ASP G 204 87.42 -5.77 -7.56
C ASP G 204 86.60 -4.70 -6.82
N GLY G 205 86.70 -3.46 -7.28
CA GLY G 205 85.98 -2.38 -6.64
C GLY G 205 84.46 -2.46 -6.75
N LEU G 206 83.96 -2.76 -7.95
CA LEU G 206 82.51 -2.86 -8.15
C LEU G 206 81.93 -3.99 -7.31
N LYS G 207 82.72 -5.03 -7.06
CA LYS G 207 82.25 -6.16 -6.27
C LYS G 207 82.39 -5.98 -4.76
N HIS G 208 83.43 -5.27 -4.33
CA HIS G 208 83.68 -5.12 -2.89
C HIS G 208 83.67 -3.73 -2.26
N ALA G 209 83.89 -2.69 -3.06
CA ALA G 209 83.93 -1.34 -2.50
C ALA G 209 82.71 -0.90 -1.70
N GLU G 210 82.97 -0.29 -0.54
CA GLU G 210 81.92 0.24 0.31
C GLU G 210 82.22 1.73 0.52
N MET G 211 83.50 2.06 0.49
CA MET G 211 83.92 3.44 0.65
C MET G 211 85.23 3.70 -0.09
N ILE G 212 85.39 4.92 -0.58
CA ILE G 212 86.61 5.31 -1.27
C ILE G 212 87.04 6.65 -0.71
N VAL G 213 88.31 6.73 -0.30
CA VAL G 213 88.83 7.97 0.24
C VAL G 213 89.72 8.64 -0.81
N PHE G 214 89.20 9.72 -1.41
CA PHE G 214 89.93 10.47 -2.43
C PHE G 214 90.82 11.48 -1.70
N TRP G 215 92.12 11.18 -1.61
CA TRP G 215 93.07 12.03 -0.91
C TRP G 215 93.95 12.70 -1.96
N SER G 216 93.84 14.02 -2.10
CA SER G 216 94.60 14.77 -3.09
C SER G 216 94.22 14.16 -4.44
N SER G 217 92.93 13.89 -4.61
CA SER G 217 92.45 13.25 -5.82
C SER G 217 91.24 13.95 -6.44
N ASP G 218 91.39 14.34 -7.71
CA ASP G 218 90.32 14.99 -8.48
C ASP G 218 90.29 14.29 -9.84
N PRO G 219 89.78 13.06 -9.88
CA PRO G 219 89.66 12.20 -11.07
C PRO G 219 89.03 12.86 -12.30
N GLU G 220 88.01 13.69 -12.07
CA GLU G 220 87.34 14.37 -13.16
C GLU G 220 88.27 15.36 -13.86
N THR G 221 88.97 16.16 -13.06
CA THR G 221 89.88 17.16 -13.61
C THR G 221 91.08 16.54 -14.31
N ASN G 222 91.82 15.70 -13.58
CA ASN G 222 93.02 15.06 -14.11
C ASN G 222 92.80 13.79 -14.93
N SER G 223 91.76 13.02 -14.60
CA SER G 223 91.44 11.77 -15.31
C SER G 223 92.60 10.78 -15.23
N GLY G 224 93.50 11.00 -14.29
CA GLY G 224 94.69 10.16 -14.23
C GLY G 224 95.56 10.99 -15.16
N ILE G 225 95.39 10.78 -16.46
CA ILE G 225 96.11 11.56 -17.47
C ILE G 225 95.73 11.13 -18.89
N TYR G 226 95.49 12.12 -19.75
CA TYR G 226 95.16 11.88 -21.16
C TYR G 226 93.85 11.12 -21.42
N ALA G 227 93.05 10.89 -20.39
CA ALA G 227 91.82 10.11 -20.58
C ALA G 227 90.48 10.85 -20.52
N GLY G 228 90.46 12.11 -20.94
CA GLY G 228 89.23 12.88 -20.94
C GLY G 228 88.34 12.69 -19.73
N PHE G 229 87.18 12.06 -19.93
CA PHE G 229 86.24 11.79 -18.85
C PHE G 229 85.79 10.34 -18.92
N GLU G 230 86.73 9.45 -19.16
CA GLU G 230 86.43 8.03 -19.28
C GLU G 230 85.91 7.39 -18.01
N SER G 231 86.39 7.84 -16.86
CA SER G 231 86.00 7.23 -15.59
C SER G 231 84.74 7.76 -14.93
N ASN G 232 84.16 8.84 -15.45
CA ASN G 232 82.97 9.42 -14.84
C ASN G 232 81.84 8.44 -14.58
N ILE G 233 81.54 7.57 -15.54
CA ILE G 233 80.45 6.61 -15.35
C ILE G 233 80.78 5.53 -14.32
N ARG G 234 82.07 5.24 -14.16
CA ARG G 234 82.51 4.23 -13.20
C ARG G 234 82.19 4.66 -11.77
N ARG G 235 82.44 5.92 -11.44
CA ARG G 235 82.13 6.39 -10.11
C ARG G 235 80.61 6.51 -9.95
N GLN G 236 79.92 6.74 -11.07
CA GLN G 236 78.46 6.81 -11.04
C GLN G 236 77.96 5.45 -10.58
N TRP G 237 78.52 4.40 -11.18
CA TRP G 237 78.15 3.02 -10.83
C TRP G 237 78.36 2.76 -9.35
N LEU G 238 79.55 3.10 -8.86
CA LEU G 238 79.88 2.91 -7.45
C LEU G 238 78.90 3.67 -6.59
N LYS G 239 78.71 4.94 -6.93
CA LYS G 239 77.80 5.81 -6.21
C LYS G 239 76.44 5.15 -6.15
N ASP G 240 75.94 4.69 -7.29
CA ASP G 240 74.64 4.05 -7.34
C ASP G 240 74.62 2.68 -6.66
N LEU G 241 75.78 2.26 -6.15
CA LEU G 241 75.90 0.98 -5.45
C LEU G 241 75.94 1.22 -3.95
N GLY G 242 75.91 2.49 -3.56
CA GLY G 242 75.94 2.84 -2.15
C GLY G 242 77.32 3.13 -1.59
N VAL G 243 78.33 3.20 -2.46
CA VAL G 243 79.69 3.47 -2.01
C VAL G 243 79.82 4.93 -1.57
N ASP G 244 80.35 5.15 -0.37
CA ASP G 244 80.55 6.51 0.13
C ASP G 244 81.84 7.11 -0.42
N PHE G 245 81.78 8.40 -0.75
CA PHE G 245 82.92 9.12 -1.30
C PHE G 245 83.39 10.20 -0.34
N VAL G 246 84.62 10.10 0.13
CA VAL G 246 85.17 11.11 1.04
C VAL G 246 86.36 11.80 0.35
N PHE G 247 86.37 13.13 0.38
CA PHE G 247 87.43 13.91 -0.24
C PHE G 247 88.25 14.72 0.74
N ILE G 248 89.56 14.51 0.70
CA ILE G 248 90.50 15.24 1.57
C ILE G 248 91.34 16.09 0.62
N ASP G 249 91.05 17.38 0.58
CA ASP G 249 91.71 18.30 -0.33
C ASP G 249 91.50 19.73 0.16
N PRO G 250 92.58 20.52 0.27
CA PRO G 250 92.44 21.91 0.74
C PRO G 250 91.34 22.63 -0.04
N HIS G 251 91.24 22.31 -1.33
CA HIS G 251 90.24 22.90 -2.22
C HIS G 251 89.15 21.86 -2.50
N MET G 252 87.89 22.27 -2.46
CA MET G 252 86.80 21.34 -2.76
C MET G 252 86.90 21.14 -4.27
N ASN G 253 87.73 20.20 -4.70
CA ASN G 253 87.92 19.97 -6.12
C ASN G 253 86.67 19.57 -6.89
N HIS G 254 86.77 19.62 -8.21
CA HIS G 254 85.63 19.34 -9.09
C HIS G 254 84.96 17.97 -8.98
N THR G 255 85.72 16.93 -8.63
CA THR G 255 85.10 15.62 -8.47
C THR G 255 84.27 15.69 -7.19
N ALA G 256 84.82 16.36 -6.18
CA ALA G 256 84.14 16.52 -4.89
C ALA G 256 82.90 17.39 -5.04
N ARG G 257 82.98 18.45 -5.83
CA ARG G 257 81.85 19.34 -6.04
C ARG G 257 80.70 18.57 -6.70
N LEU G 258 81.05 17.45 -7.32
CA LEU G 258 80.07 16.61 -8.02
C LEU G 258 79.48 15.43 -7.25
N VAL G 259 80.33 14.64 -6.59
CA VAL G 259 79.84 13.45 -5.88
C VAL G 259 80.30 13.22 -4.44
N ALA G 260 80.91 14.23 -3.81
CA ALA G 260 81.39 14.05 -2.45
C ALA G 260 80.31 13.82 -1.39
N ASP G 261 80.61 12.93 -0.43
CA ASP G 261 79.69 12.66 0.67
C ASP G 261 80.17 13.48 1.87
N LYS G 262 81.46 13.82 1.86
CA LYS G 262 82.06 14.62 2.92
C LYS G 262 83.35 15.22 2.39
N TRP G 263 83.67 16.42 2.85
CA TRP G 263 84.87 17.09 2.41
C TRP G 263 85.71 17.60 3.58
N PHE G 264 87.00 17.29 3.55
CA PHE G 264 87.98 17.73 4.55
C PHE G 264 88.90 18.71 3.84
N SER G 265 89.20 19.85 4.46
CA SER G 265 90.09 20.83 3.84
C SER G 265 91.27 21.10 4.77
N PRO G 266 92.27 20.20 4.76
CA PRO G 266 93.44 20.40 5.62
C PRO G 266 94.29 21.56 5.13
N LYS G 267 94.93 22.27 6.05
CA LYS G 267 95.80 23.39 5.68
C LYS G 267 96.94 22.83 4.83
N ILE G 268 97.52 23.66 3.96
CA ILE G 268 98.61 23.17 3.11
C ILE G 268 99.73 22.55 3.94
N GLY G 269 100.33 21.49 3.39
CA GLY G 269 101.42 20.80 4.05
C GLY G 269 101.06 20.09 5.35
N THR G 270 99.79 19.78 5.57
CA THR G 270 99.43 19.11 6.82
C THR G 270 98.73 17.75 6.68
N ASP G 271 98.69 17.20 5.47
CA ASP G 271 98.03 15.92 5.28
C ASP G 271 98.55 14.77 6.13
N HIS G 272 99.87 14.67 6.28
CA HIS G 272 100.44 13.58 7.06
C HIS G 272 100.08 13.63 8.54
N ALA G 273 99.52 14.74 8.99
CA ALA G 273 99.10 14.81 10.38
C ALA G 273 97.83 13.96 10.48
N LEU G 274 97.02 13.99 9.42
CA LEU G 274 95.78 13.22 9.42
C LEU G 274 96.07 11.72 9.31
N SER G 275 96.94 11.35 8.37
CA SER G 275 97.28 9.96 8.19
C SER G 275 97.83 9.38 9.49
N PHE G 276 98.69 10.13 10.19
CA PHE G 276 99.23 9.65 11.45
C PHE G 276 98.10 9.48 12.48
N ALA G 277 97.19 10.45 12.53
CA ALA G 277 96.07 10.40 13.48
C ALA G 277 95.16 9.20 13.17
N ILE G 278 94.98 8.89 11.89
CA ILE G 278 94.15 7.76 11.49
C ILE G 278 94.85 6.47 11.92
N ALA G 279 96.16 6.43 11.74
CA ALA G 279 96.93 5.26 12.12
C ALA G 279 96.84 5.11 13.64
N TYR G 280 96.93 6.25 14.33
CA TYR G 280 96.85 6.27 15.79
C TYR G 280 95.58 5.59 16.28
N THR G 281 94.44 5.95 15.68
CA THR G 281 93.16 5.39 16.07
C THR G 281 93.13 3.88 15.84
N TRP G 282 93.68 3.44 14.71
CA TRP G 282 93.70 2.01 14.40
C TRP G 282 94.56 1.25 15.39
N LEU G 283 95.66 1.84 15.80
CA LEU G 283 96.54 1.18 16.76
C LEU G 283 95.85 1.13 18.12
N LYS G 284 95.23 2.23 18.51
CA LYS G 284 94.54 2.29 19.79
C LYS G 284 93.32 1.40 19.87
N GLU G 285 92.66 1.19 18.72
CA GLU G 285 91.46 0.37 18.69
C GLU G 285 91.66 -0.99 18.03
N ASP G 286 92.92 -1.37 17.81
CA ASP G 286 93.24 -2.65 17.18
C ASP G 286 92.40 -2.85 15.94
N SER G 287 92.12 -1.76 15.24
CA SER G 287 91.29 -1.83 14.04
C SER G 287 92.07 -1.82 12.74
N TYR G 288 92.93 -2.80 12.55
CA TYR G 288 93.69 -2.94 11.31
C TYR G 288 94.10 -4.39 11.10
N ASP G 289 94.59 -4.70 9.90
CA ASP G 289 94.98 -6.07 9.58
C ASP G 289 96.32 -6.47 10.18
N LYS G 290 96.29 -6.85 11.46
CA LYS G 290 97.49 -7.27 12.16
C LYS G 290 98.28 -8.41 11.51
N GLU G 291 97.58 -9.44 11.03
CA GLU G 291 98.24 -10.57 10.39
C GLU G 291 99.00 -10.11 9.16
N TYR G 292 98.34 -9.29 8.36
CA TYR G 292 98.94 -8.76 7.14
C TYR G 292 100.22 -8.00 7.45
N VAL G 293 100.16 -7.11 8.43
CA VAL G 293 101.30 -6.30 8.82
C VAL G 293 102.43 -7.15 9.38
N ALA G 294 102.11 -8.15 10.19
CA ALA G 294 103.11 -9.03 10.77
C ALA G 294 103.91 -9.74 9.67
N ALA G 295 103.27 -9.94 8.52
CA ALA G 295 103.92 -10.64 7.41
C ALA G 295 104.51 -9.78 6.29
N ASN G 296 103.93 -8.61 6.03
CA ASN G 296 104.41 -7.76 4.94
C ASN G 296 105.02 -6.40 5.30
N ALA G 297 105.21 -6.14 6.59
CA ALA G 297 105.77 -4.87 7.01
C ALA G 297 107.12 -5.05 7.69
N HIS G 298 107.89 -3.96 7.74
CA HIS G 298 109.22 -3.97 8.35
C HIS G 298 109.40 -2.69 9.16
N GLY G 299 109.91 -2.84 10.38
CA GLY G 299 110.13 -1.69 11.24
C GLY G 299 108.83 -1.12 11.74
N PHE G 300 107.74 -1.89 11.63
CA PHE G 300 106.44 -1.43 12.06
C PHE G 300 106.32 -1.20 13.57
N GLU G 301 106.91 -2.09 14.35
CA GLU G 301 106.86 -1.95 15.82
C GLU G 301 107.41 -0.59 16.23
N GLU G 302 108.60 -0.26 15.73
CA GLU G 302 109.22 1.01 16.04
C GLU G 302 108.32 2.15 15.56
N TRP G 303 107.84 2.05 14.34
CA TRP G 303 106.96 3.07 13.78
C TRP G 303 105.74 3.25 14.68
N ALA G 304 105.22 2.14 15.20
CA ALA G 304 104.05 2.17 16.08
C ALA G 304 104.33 2.95 17.38
N ASP G 305 105.53 2.80 17.93
CA ASP G 305 105.85 3.53 19.16
C ASP G 305 105.88 5.03 18.88
N TYR G 306 106.32 5.41 17.67
CA TYR G 306 106.36 6.81 17.29
C TYR G 306 104.95 7.36 17.13
N VAL G 307 104.09 6.63 16.44
CA VAL G 307 102.71 7.07 16.24
C VAL G 307 102.03 7.26 17.61
N LEU G 308 102.30 6.33 18.52
CA LEU G 308 101.73 6.40 19.86
C LEU G 308 102.41 7.47 20.70
N GLY G 309 103.43 8.11 20.14
CA GLY G 309 104.15 9.16 20.84
C GLY G 309 105.05 8.74 21.99
N LYS G 310 105.41 7.45 22.06
CA LYS G 310 106.27 6.98 23.13
C LYS G 310 107.69 7.54 23.03
N THR G 311 108.23 7.52 21.82
CA THR G 311 109.58 7.99 21.59
C THR G 311 109.82 9.49 21.49
N ASP G 312 108.84 10.24 20.98
CA ASP G 312 108.99 11.69 20.86
C ASP G 312 108.17 12.44 21.89
N GLY G 313 107.31 11.72 22.60
CA GLY G 313 106.48 12.32 23.63
C GLY G 313 105.21 13.00 23.15
N THR G 314 104.86 12.82 21.88
CA THR G 314 103.65 13.44 21.34
C THR G 314 102.75 12.45 20.60
N PRO G 315 101.75 11.91 21.30
CA PRO G 315 100.83 10.95 20.67
C PRO G 315 100.12 11.66 19.52
N LYS G 316 100.08 11.01 18.36
CA LYS G 316 99.44 11.58 17.18
C LYS G 316 97.92 11.42 17.18
N THR G 317 97.27 12.07 18.16
CA THR G 317 95.81 12.02 18.30
C THR G 317 95.09 12.86 17.22
N CYS G 318 93.80 12.61 17.07
CA CYS G 318 93.00 13.37 16.09
C CYS G 318 92.96 14.85 16.50
N GLU G 319 93.04 15.11 17.80
CA GLU G 319 93.03 16.48 18.30
C GLU G 319 94.35 17.13 17.91
N TRP G 320 95.44 16.39 18.02
CA TRP G 320 96.75 16.89 17.65
C TRP G 320 96.71 17.20 16.16
N ALA G 321 96.07 16.30 15.41
CA ALA G 321 95.94 16.45 13.96
C ALA G 321 95.05 17.65 13.61
N GLU G 322 94.04 17.90 14.44
CA GLU G 322 93.15 19.02 14.20
C GLU G 322 93.90 20.33 14.40
N GLU G 323 94.72 20.37 15.44
CA GLU G 323 95.47 21.59 15.71
C GLU G 323 96.46 21.90 14.60
N GLU G 324 96.93 20.87 13.91
CA GLU G 324 97.88 21.06 12.82
C GLU G 324 97.20 21.42 11.49
N SER G 325 96.08 20.78 11.21
CA SER G 325 95.37 20.96 9.93
C SER G 325 94.10 21.79 9.88
N GLY G 326 93.40 21.90 11.01
CA GLY G 326 92.15 22.65 11.00
C GLY G 326 90.96 21.74 10.74
N VAL G 327 91.23 20.47 10.45
CA VAL G 327 90.16 19.50 10.21
C VAL G 327 89.69 18.96 11.55
N PRO G 328 88.37 19.01 11.82
CA PRO G 328 87.80 18.53 13.08
C PRO G 328 88.27 17.17 13.55
N ALA G 329 88.69 17.10 14.82
CA ALA G 329 89.17 15.85 15.41
C ALA G 329 88.14 14.74 15.26
N CYS G 330 86.89 15.04 15.60
CA CYS G 330 85.82 14.05 15.52
C CYS G 330 85.65 13.52 14.10
N GLU G 331 85.75 14.39 13.10
CA GLU G 331 85.60 13.95 11.71
C GLU G 331 86.76 13.06 11.29
N ILE G 332 87.95 13.37 11.81
CA ILE G 332 89.13 12.55 11.50
C ILE G 332 88.94 11.15 12.08
N ARG G 333 88.51 11.08 13.34
CA ARG G 333 88.30 9.81 14.01
C ARG G 333 87.16 9.02 13.35
N ALA G 334 86.09 9.72 13.01
CA ALA G 334 84.94 9.07 12.36
C ALA G 334 85.37 8.41 11.05
N LEU G 335 86.22 9.10 10.28
CA LEU G 335 86.69 8.54 9.02
C LEU G 335 87.58 7.33 9.29
N ALA G 336 88.42 7.42 10.32
CA ALA G 336 89.32 6.34 10.68
C ALA G 336 88.54 5.07 11.03
N ARG G 337 87.52 5.22 11.87
CA ARG G 337 86.72 4.08 12.30
C ARG G 337 85.95 3.46 11.14
N GLN G 338 85.37 4.31 10.28
CA GLN G 338 84.62 3.80 9.15
C GLN G 338 85.57 3.09 8.18
N TRP G 339 86.71 3.72 7.93
CA TRP G 339 87.74 3.19 7.04
C TRP G 339 88.15 1.76 7.47
N ALA G 340 88.29 1.56 8.77
CA ALA G 340 88.67 0.26 9.30
C ALA G 340 87.57 -0.79 9.09
N LYS G 341 86.33 -0.46 9.45
CA LYS G 341 85.26 -1.45 9.30
C LYS G 341 84.68 -1.69 7.91
N LYS G 342 84.80 -0.73 7.00
CA LYS G 342 84.26 -0.92 5.65
C LYS G 342 85.35 -1.29 4.65
N ASN G 343 84.96 -1.91 3.53
CA ASN G 343 85.91 -2.23 2.48
C ASN G 343 86.21 -0.87 1.86
N THR G 344 87.35 -0.30 2.25
CA THR G 344 87.74 1.02 1.79
C THR G 344 88.94 1.02 0.85
N TYR G 345 88.80 1.72 -0.27
CA TYR G 345 89.89 1.85 -1.20
C TYR G 345 90.43 3.25 -1.00
N LEU G 346 91.76 3.36 -0.99
CA LEU G 346 92.41 4.66 -0.82
C LEU G 346 92.75 5.25 -2.17
N ALA G 347 92.05 6.31 -2.55
CA ALA G 347 92.30 6.98 -3.82
C ALA G 347 93.33 8.08 -3.61
N ALA G 348 94.60 7.70 -3.49
CA ALA G 348 95.68 8.66 -3.30
C ALA G 348 96.05 9.18 -4.69
N GLY G 349 95.81 10.47 -4.94
CA GLY G 349 96.11 11.03 -6.24
C GLY G 349 95.04 10.63 -7.24
N GLY G 350 95.00 11.30 -8.38
CA GLY G 350 93.99 11.00 -9.38
C GLY G 350 94.31 9.82 -10.29
N LEU G 351 95.52 9.28 -10.16
CA LEU G 351 95.96 8.15 -10.99
C LEU G 351 96.12 6.82 -10.28
N GLY G 352 96.32 6.88 -8.97
CA GLY G 352 96.61 5.67 -8.20
C GLY G 352 98.08 6.01 -8.05
N GLY G 353 98.33 6.93 -7.13
CA GLY G 353 99.68 7.44 -6.95
C GLY G 353 99.54 8.87 -7.45
N TRP G 354 100.63 9.62 -7.47
CA TRP G 354 100.60 11.02 -7.88
C TRP G 354 99.88 11.82 -6.80
N GLY G 355 99.18 12.88 -7.19
CA GLY G 355 98.53 13.70 -6.19
C GLY G 355 99.38 14.95 -5.98
N GLY G 356 98.76 16.12 -6.02
CA GLY G 356 99.48 17.38 -5.83
C GLY G 356 100.18 17.44 -4.48
N ALA G 357 99.65 16.67 -3.54
CA ALA G 357 100.22 16.59 -2.21
C ALA G 357 101.62 16.00 -2.28
N CYS G 358 101.91 15.21 -3.31
CA CYS G 358 103.24 14.60 -3.40
C CYS G 358 104.35 15.55 -3.85
N ARG G 359 104.00 16.66 -4.50
CA ARG G 359 105.02 17.63 -4.90
C ARG G 359 104.79 18.89 -4.10
N ALA G 360 105.13 18.79 -2.81
CA ALA G 360 104.98 19.85 -1.84
C ALA G 360 106.05 19.61 -0.79
N SER G 361 106.26 20.57 0.11
CA SER G 361 107.29 20.40 1.13
C SER G 361 107.05 19.22 2.05
N HIS G 362 105.84 18.68 2.04
CA HIS G 362 105.52 17.52 2.89
C HIS G 362 105.24 16.29 2.04
N GLY G 363 105.60 16.38 0.75
CA GLY G 363 105.36 15.30 -0.18
C GLY G 363 105.84 13.91 0.17
N ILE G 364 107.02 13.81 0.78
CA ILE G 364 107.56 12.51 1.14
C ILE G 364 106.75 11.81 2.22
N GLU G 365 106.39 12.54 3.27
CA GLU G 365 105.61 11.94 4.34
C GLU G 365 104.16 11.69 3.91
N TRP G 366 103.63 12.51 3.00
CA TRP G 366 102.26 12.27 2.56
C TRP G 366 102.20 10.95 1.83
N ALA G 367 103.09 10.76 0.86
CA ALA G 367 103.14 9.54 0.08
C ALA G 367 103.37 8.33 0.99
N ARG G 368 104.35 8.43 1.89
CA ARG G 368 104.65 7.34 2.82
C ARG G 368 103.46 7.11 3.76
N GLY G 369 102.75 8.20 4.05
CA GLY G 369 101.58 8.11 4.92
C GLY G 369 100.48 7.32 4.22
N MET G 370 100.32 7.55 2.92
CA MET G 370 99.30 6.85 2.16
C MET G 370 99.63 5.36 2.09
N ILE G 371 100.91 5.06 1.92
CA ILE G 371 101.37 3.67 1.87
C ILE G 371 101.14 3.04 3.25
N ALA G 372 101.49 3.78 4.30
CA ALA G 372 101.31 3.30 5.67
C ALA G 372 99.86 2.87 5.89
N LEU G 373 98.94 3.76 5.57
CA LEU G 373 97.51 3.50 5.73
C LEU G 373 97.01 2.32 4.91
N ALA G 374 97.32 2.33 3.61
CA ALA G 374 96.89 1.25 2.72
C ALA G 374 97.45 -0.08 3.21
N THR G 375 98.68 -0.05 3.69
CA THR G 375 99.35 -1.26 4.19
C THR G 375 98.65 -1.82 5.42
N MET G 376 98.39 -0.95 6.41
CA MET G 376 97.75 -1.38 7.66
C MET G 376 96.39 -2.04 7.42
N GLN G 377 95.72 -1.64 6.34
CA GLN G 377 94.41 -2.19 6.00
C GLN G 377 94.49 -3.36 5.04
N GLY G 378 95.71 -3.86 4.81
CA GLY G 378 95.90 -5.01 3.93
C GLY G 378 95.64 -4.83 2.44
N MET G 379 96.29 -3.84 1.83
CA MET G 379 96.10 -3.61 0.39
C MET G 379 96.39 -4.88 -0.40
N GLY G 380 95.58 -5.13 -1.42
CA GLY G 380 95.77 -6.33 -2.22
C GLY G 380 94.67 -7.36 -1.99
N LYS G 381 94.08 -7.35 -0.80
CA LYS G 381 93.01 -8.28 -0.51
C LYS G 381 91.70 -7.69 -1.03
N PRO G 382 90.69 -8.54 -1.24
CA PRO G 382 89.38 -8.09 -1.74
C PRO G 382 88.76 -6.93 -0.96
N GLY G 383 88.46 -5.84 -1.66
CA GLY G 383 87.84 -4.69 -1.01
C GLY G 383 88.77 -3.79 -0.24
N SER G 384 90.08 -3.99 -0.38
CA SER G 384 91.06 -3.16 0.32
C SER G 384 92.28 -2.97 -0.56
N ASN G 385 92.58 -1.72 -0.91
CA ASN G 385 93.71 -1.45 -1.78
C ASN G 385 93.82 0.05 -2.05
N MET G 386 94.88 0.43 -2.75
CA MET G 386 95.07 1.80 -3.14
C MET G 386 94.50 1.78 -4.55
N TRP G 387 93.45 2.58 -4.78
CA TRP G 387 92.80 2.64 -6.08
C TRP G 387 92.13 3.99 -6.21
N SER G 388 92.34 4.67 -7.33
CA SER G 388 91.77 5.99 -7.51
C SER G 388 90.57 6.04 -8.46
N THR G 389 90.05 4.86 -8.81
CA THR G 389 88.90 4.69 -9.69
C THR G 389 89.16 5.12 -11.14
N THR G 390 90.41 5.44 -11.46
CA THR G 390 90.75 5.83 -12.83
C THR G 390 91.33 4.68 -13.63
N GLN G 391 92.10 3.81 -12.99
CA GLN G 391 92.69 2.67 -13.69
C GLN G 391 92.00 1.39 -13.28
N GLY G 392 92.54 0.25 -13.72
CA GLY G 392 91.95 -1.03 -13.36
C GLY G 392 90.92 -1.58 -14.33
N VAL G 393 90.65 -0.86 -15.41
CA VAL G 393 89.68 -1.31 -16.41
C VAL G 393 90.18 -2.63 -17.01
N PRO G 394 89.30 -3.64 -17.12
CA PRO G 394 89.57 -4.98 -17.65
C PRO G 394 89.96 -5.06 -19.12
N LEU G 395 90.78 -4.13 -19.58
CA LEU G 395 91.21 -4.15 -20.98
C LEU G 395 92.21 -5.29 -21.16
N ASP G 396 92.45 -5.68 -22.42
CA ASP G 396 93.37 -6.78 -22.71
C ASP G 396 94.85 -6.43 -22.57
N TYR G 397 95.39 -6.63 -21.38
CA TYR G 397 96.80 -6.36 -21.10
C TYR G 397 97.73 -7.25 -21.93
N GLU G 398 97.18 -8.30 -22.52
CA GLU G 398 97.97 -9.23 -23.33
C GLU G 398 98.26 -8.65 -24.71
N PHE G 399 97.41 -7.74 -25.18
CA PHE G 399 97.64 -7.14 -26.49
C PHE G 399 98.75 -6.11 -26.33
N TYR G 400 99.70 -6.11 -27.23
CA TYR G 400 100.80 -5.17 -27.12
C TYR G 400 100.85 -4.02 -28.12
N PHE G 401 100.79 -2.80 -27.59
CA PHE G 401 100.94 -1.61 -28.41
C PHE G 401 101.74 -0.60 -27.57
N PRO G 402 102.82 -0.08 -28.14
CA PRO G 402 103.73 0.88 -27.51
C PRO G 402 103.11 2.20 -27.05
N GLY G 403 103.58 2.68 -25.91
CA GLY G 403 103.14 3.96 -25.38
C GLY G 403 104.21 4.94 -25.86
N TYR G 404 103.93 6.24 -25.85
CA TYR G 404 104.92 7.20 -26.32
C TYR G 404 106.26 7.11 -25.58
N ALA G 405 106.21 6.80 -24.29
CA ALA G 405 107.41 6.72 -23.48
C ALA G 405 108.37 5.60 -23.88
N GLU G 406 107.92 4.68 -24.75
CA GLU G 406 108.80 3.59 -25.16
C GLU G 406 109.82 3.98 -26.23
N GLY G 407 109.98 5.27 -26.48
CA GLY G 407 110.97 5.75 -27.43
C GLY G 407 110.71 5.88 -28.91
N GLY G 408 109.66 5.25 -29.41
CA GLY G 408 109.35 5.35 -30.83
C GLY G 408 110.54 5.11 -31.76
N ILE G 409 110.86 6.10 -32.59
CA ILE G 409 111.96 5.95 -33.55
C ILE G 409 113.36 6.22 -33.02
N SER G 410 113.49 6.60 -31.76
CA SER G 410 114.82 6.87 -31.21
C SER G 410 115.54 5.59 -30.76
N GLY G 411 114.80 4.65 -30.19
CA GLY G 411 115.43 3.42 -29.73
C GLY G 411 116.40 3.72 -28.60
N ASP G 412 116.23 4.87 -27.96
CA ASP G 412 117.10 5.28 -26.85
C ASP G 412 116.80 4.42 -25.63
N CYS G 413 117.66 3.44 -25.36
CA CYS G 413 117.47 2.53 -24.24
C CYS G 413 117.64 3.11 -22.83
N GLU G 414 118.28 4.26 -22.71
CA GLU G 414 118.48 4.84 -21.39
C GLU G 414 117.53 6.00 -21.06
N ASN G 415 117.12 6.75 -22.08
CA ASN G 415 116.25 7.88 -21.86
C ASN G 415 114.79 7.69 -22.26
N SER G 416 114.39 6.43 -22.40
CA SER G 416 113.03 6.03 -22.73
C SER G 416 112.95 4.55 -22.39
N ALA G 417 111.72 4.02 -22.33
CA ALA G 417 111.53 2.61 -21.99
C ALA G 417 111.66 1.66 -23.16
N ALA G 418 112.33 2.10 -24.22
CA ALA G 418 112.52 1.30 -25.43
C ALA G 418 113.14 -0.08 -25.15
N GLY G 419 114.05 -0.13 -24.19
CA GLY G 419 114.72 -1.37 -23.85
C GLY G 419 113.85 -2.50 -23.31
N PHE G 420 112.66 -2.16 -22.84
CA PHE G 420 111.78 -3.18 -22.29
C PHE G 420 111.21 -4.11 -23.35
N LYS G 421 110.84 -3.56 -24.49
CA LYS G 421 110.26 -4.39 -25.52
C LYS G 421 110.26 -3.80 -26.94
N PHE G 422 109.82 -2.55 -27.07
CA PHE G 422 109.73 -1.92 -28.37
C PHE G 422 111.02 -1.88 -29.18
N ALA G 423 112.13 -1.56 -28.53
CA ALA G 423 113.41 -1.48 -29.22
C ALA G 423 113.71 -2.77 -29.98
N TRP G 424 113.49 -3.91 -29.34
CA TRP G 424 113.76 -5.21 -29.94
C TRP G 424 112.83 -5.51 -31.12
N ARG G 425 111.65 -4.92 -31.11
CA ARG G 425 110.67 -5.13 -32.18
C ARG G 425 110.86 -4.13 -33.31
N MET G 426 111.20 -2.90 -32.97
CA MET G 426 111.38 -1.85 -33.95
C MET G 426 112.67 -1.91 -34.76
N PHE G 427 113.76 -2.34 -34.13
CA PHE G 427 115.02 -2.41 -34.85
C PHE G 427 115.52 -3.83 -35.10
N ASP G 428 116.26 -4.01 -36.18
CA ASP G 428 116.74 -5.33 -36.58
C ASP G 428 118.24 -5.47 -36.79
N GLY G 429 119.01 -4.46 -36.39
CA GLY G 429 120.45 -4.53 -36.58
C GLY G 429 120.86 -4.87 -38.00
N LYS G 430 119.99 -4.53 -38.96
CA LYS G 430 120.26 -4.80 -40.37
C LYS G 430 119.91 -3.64 -41.29
N THR G 431 118.67 -3.18 -41.24
CA THR G 431 118.23 -2.09 -42.11
C THR G 431 117.80 -0.82 -41.40
N THR G 432 117.45 -0.93 -40.13
CA THR G 432 117.02 0.23 -39.36
C THR G 432 117.79 0.23 -38.03
N PHE G 433 118.23 1.42 -37.60
CA PHE G 433 119.02 1.50 -36.38
C PHE G 433 118.60 2.59 -35.39
N PRO G 434 118.84 2.33 -34.09
CA PRO G 434 118.53 3.24 -32.98
C PRO G 434 119.49 4.42 -32.98
N SER G 435 119.22 5.40 -32.13
CA SER G 435 120.05 6.59 -32.01
C SER G 435 120.40 6.77 -30.54
N PRO G 436 121.50 6.15 -30.09
CA PRO G 436 121.99 6.21 -28.71
C PRO G 436 122.69 7.52 -28.39
N SER G 437 122.76 7.85 -27.10
CA SER G 437 123.43 9.07 -26.69
C SER G 437 124.50 8.72 -25.67
N ASN G 438 125.74 9.09 -25.95
CA ASN G 438 126.84 8.81 -25.05
C ASN G 438 127.10 10.00 -24.11
N LEU G 439 126.16 10.95 -24.10
CA LEU G 439 126.26 12.11 -23.23
C LEU G 439 125.10 12.15 -22.24
N ASN G 440 123.90 11.86 -22.71
CA ASN G 440 122.73 11.85 -21.85
C ASN G 440 122.72 10.50 -21.13
N THR G 441 123.71 10.31 -20.28
CA THR G 441 123.89 9.10 -19.52
C THR G 441 124.58 9.53 -18.22
N SER G 442 124.53 8.71 -17.19
CA SER G 442 125.13 9.06 -15.90
C SER G 442 126.61 9.45 -15.93
N ALA G 443 127.41 8.76 -16.73
CA ALA G 443 128.84 9.06 -16.81
C ALA G 443 129.10 10.25 -17.72
N GLY G 444 128.05 10.80 -18.31
CA GLY G 444 128.19 11.94 -19.20
C GLY G 444 127.83 13.23 -18.47
N GLN G 445 127.04 14.08 -19.13
CA GLN G 445 126.62 15.32 -18.50
C GLN G 445 125.18 15.68 -18.77
N HIS G 446 124.51 16.09 -17.70
CA HIS G 446 123.12 16.50 -17.75
C HIS G 446 123.01 17.45 -16.56
N ILE G 447 122.02 18.32 -16.57
CA ILE G 447 121.81 19.21 -15.44
C ILE G 447 120.34 19.05 -15.07
N PRO G 448 119.98 19.41 -13.82
CA PRO G 448 118.58 19.29 -13.39
C PRO G 448 117.71 20.37 -14.00
N ARG G 449 116.54 19.99 -14.50
CA ARG G 449 115.62 20.98 -15.08
C ARG G 449 115.27 22.06 -14.05
N LEU G 450 115.05 21.65 -12.82
CA LEU G 450 114.69 22.57 -11.74
C LEU G 450 115.78 23.58 -11.38
N LYS G 451 116.98 23.34 -11.88
CA LYS G 451 118.09 24.21 -11.55
C LYS G 451 118.84 24.76 -12.75
N ILE G 452 118.19 24.80 -13.90
CA ILE G 452 118.82 25.32 -15.11
C ILE G 452 119.38 26.73 -14.84
N PRO G 453 118.56 27.60 -14.21
CA PRO G 453 118.99 28.97 -13.90
C PRO G 453 120.28 29.07 -13.10
N GLU G 454 120.42 28.26 -12.05
CA GLU G 454 121.61 28.27 -11.21
C GLU G 454 122.84 27.80 -11.98
N CYS G 455 122.65 26.83 -12.85
CA CYS G 455 123.76 26.32 -13.66
C CYS G 455 124.28 27.39 -14.62
N ILE G 456 123.36 28.01 -15.36
CA ILE G 456 123.72 29.04 -16.32
C ILE G 456 124.33 30.27 -15.66
N MET G 457 123.64 30.83 -14.68
CA MET G 457 124.09 32.02 -13.99
C MET G 457 125.21 31.81 -12.98
N GLY G 458 125.14 30.70 -12.24
CA GLY G 458 126.16 30.42 -11.24
C GLY G 458 127.35 29.69 -11.81
N GLY G 459 127.14 28.99 -12.93
CA GLY G 459 128.20 28.25 -13.57
C GLY G 459 128.60 26.97 -12.85
N LYS G 460 127.84 26.62 -11.80
CA LYS G 460 128.16 25.41 -11.05
C LYS G 460 126.96 24.86 -10.26
N PHE G 461 126.99 23.56 -9.99
CA PHE G 461 125.92 22.92 -9.22
C PHE G 461 126.23 21.45 -8.88
N GLN G 462 125.66 20.98 -7.78
CA GLN G 462 125.86 19.60 -7.32
C GLN G 462 124.50 19.13 -6.81
N TRP G 463 124.12 17.91 -7.17
CA TRP G 463 122.82 17.39 -6.75
C TRP G 463 122.78 15.86 -6.70
N SER G 464 121.60 15.32 -6.45
CA SER G 464 121.40 13.87 -6.37
C SER G 464 120.46 13.36 -7.45
N GLY G 465 120.84 12.24 -8.07
CA GLY G 465 120.02 11.62 -9.09
C GLY G 465 120.00 12.25 -10.47
N LYS G 466 119.71 11.44 -11.47
CA LYS G 466 119.62 11.93 -12.84
C LYS G 466 118.20 11.71 -13.34
N GLY G 467 117.46 12.80 -13.49
CA GLY G 467 116.09 12.73 -13.97
C GLY G 467 115.20 11.74 -13.24
N PHE G 468 114.54 10.88 -14.00
CA PHE G 468 113.67 9.84 -13.45
C PHE G 468 114.53 8.65 -13.07
N ALA G 469 114.90 8.54 -11.80
CA ALA G 469 115.74 7.44 -11.36
C ALA G 469 114.91 6.19 -11.08
N GLY G 470 114.37 5.58 -12.13
CA GLY G 470 113.53 4.41 -11.95
C GLY G 470 114.18 3.05 -12.11
N GLY G 471 115.49 3.02 -12.32
CA GLY G 471 116.18 1.75 -12.48
C GLY G 471 116.12 0.92 -11.22
N ASP G 472 116.44 1.55 -10.08
CA ASP G 472 116.41 0.86 -8.79
C ASP G 472 116.19 1.90 -7.71
N ILE G 473 115.76 1.44 -6.53
CA ILE G 473 115.50 2.32 -5.41
C ILE G 473 116.60 3.36 -5.12
N SER G 474 117.86 2.90 -5.08
CA SER G 474 118.98 3.78 -4.76
C SER G 474 119.59 4.62 -5.88
N HIS G 475 119.12 4.44 -7.11
CA HIS G 475 119.68 5.21 -8.23
C HIS G 475 119.62 6.71 -8.02
N GLN G 476 118.54 7.18 -7.42
CA GLN G 476 118.32 8.59 -7.14
C GLN G 476 119.30 9.14 -6.11
N LEU G 477 120.01 8.25 -5.42
CA LEU G 477 120.95 8.67 -4.39
C LEU G 477 122.33 8.99 -4.96
N HIS G 478 122.56 8.61 -6.21
CA HIS G 478 123.84 8.85 -6.87
C HIS G 478 124.11 10.36 -6.95
N GLN G 479 125.36 10.77 -6.75
CA GLN G 479 125.72 12.18 -6.77
C GLN G 479 126.28 12.68 -8.10
N TYR G 480 125.78 13.81 -8.56
CA TYR G 480 126.24 14.40 -9.82
C TYR G 480 126.68 15.85 -9.64
N GLU G 481 127.47 16.34 -10.58
CA GLU G 481 127.96 17.71 -10.54
C GLU G 481 127.99 18.35 -11.92
N TYR G 482 127.97 19.69 -11.94
CA TYR G 482 128.01 20.46 -13.17
C TYR G 482 129.00 21.62 -13.01
N PRO G 483 129.93 21.78 -13.96
CA PRO G 483 130.06 20.90 -15.12
C PRO G 483 130.53 19.51 -14.70
N ALA G 484 130.14 18.49 -15.45
CA ALA G 484 130.55 17.12 -15.14
C ALA G 484 132.05 17.02 -15.41
N PRO G 485 132.76 16.12 -14.71
CA PRO G 485 134.20 15.98 -14.92
C PRO G 485 134.59 15.87 -16.40
N GLY G 486 135.43 16.81 -16.83
CA GLY G 486 135.90 16.81 -18.20
C GLY G 486 135.00 17.47 -19.22
N TYR G 487 133.74 17.67 -18.88
CA TYR G 487 132.81 18.29 -19.81
C TYR G 487 132.78 19.81 -19.71
N SER G 488 132.16 20.44 -20.69
CA SER G 488 132.11 21.90 -20.75
C SER G 488 130.84 22.56 -20.23
N LYS G 489 130.99 23.80 -19.78
CA LYS G 489 129.85 24.59 -19.30
C LYS G 489 128.99 24.93 -20.51
N ILE G 490 127.74 25.28 -20.27
CA ILE G 490 126.81 25.61 -21.34
C ILE G 490 127.10 26.93 -22.08
N LYS G 491 127.14 26.85 -23.40
CA LYS G 491 127.39 28.02 -24.24
C LYS G 491 126.14 28.31 -25.08
N MET G 492 125.37 27.26 -25.36
CA MET G 492 124.16 27.37 -26.17
C MET G 492 122.97 26.66 -25.53
N PHE G 493 121.78 27.20 -25.76
CA PHE G 493 120.55 26.61 -25.22
C PHE G 493 119.51 26.44 -26.31
N TRP G 494 119.22 25.18 -26.65
CA TRP G 494 118.25 24.87 -27.68
C TRP G 494 116.96 24.44 -26.98
N LYS G 495 116.05 25.40 -26.79
CA LYS G 495 114.80 25.09 -26.13
C LYS G 495 113.72 24.55 -27.07
N TYR G 496 112.94 23.63 -26.54
CA TYR G 496 111.84 22.99 -27.26
C TYR G 496 110.66 23.39 -26.39
N GLY G 497 109.87 24.35 -26.88
CA GLY G 497 108.74 24.85 -26.10
C GLY G 497 109.30 25.88 -25.13
N GLY G 498 108.45 26.50 -24.33
CA GLY G 498 108.91 27.49 -23.36
C GLY G 498 107.87 27.71 -22.26
N PRO G 499 107.52 26.64 -21.52
CA PRO G 499 106.53 26.68 -20.44
C PRO G 499 107.00 26.93 -19.02
N HIS G 500 108.32 26.89 -18.80
CA HIS G 500 108.86 26.98 -17.45
C HIS G 500 108.54 28.15 -16.52
N LEU G 501 108.22 29.32 -17.08
CA LEU G 501 107.89 30.45 -16.22
C LEU G 501 106.59 30.19 -15.46
N GLY G 502 105.71 29.38 -16.05
CA GLY G 502 104.46 29.09 -15.40
C GLY G 502 104.41 27.70 -14.79
N THR G 503 105.45 26.89 -15.01
CA THR G 503 105.45 25.52 -14.52
C THR G 503 106.54 25.03 -13.57
N MET G 504 107.65 25.75 -13.44
CA MET G 504 108.70 25.32 -12.52
C MET G 504 108.52 25.98 -11.15
N THR G 505 109.60 26.43 -10.51
CA THR G 505 109.48 27.07 -9.19
C THR G 505 110.18 28.43 -9.13
N ALA G 506 109.66 29.33 -8.31
CA ALA G 506 110.21 30.69 -8.16
C ALA G 506 110.75 31.07 -9.52
N THR G 507 109.88 30.92 -10.52
CA THR G 507 110.24 31.14 -11.91
C THR G 507 110.83 32.46 -12.40
N ASN G 508 110.86 33.50 -11.56
CA ASN G 508 111.46 34.74 -12.04
C ASN G 508 112.91 34.47 -12.42
N ARG G 509 113.52 33.49 -11.77
CA ARG G 509 114.91 33.13 -12.06
C ARG G 509 115.08 32.57 -13.49
N TYR G 510 114.03 31.96 -14.04
CA TYR G 510 114.13 31.44 -15.40
C TYR G 510 114.14 32.59 -16.41
N ALA G 511 113.56 33.73 -16.02
CA ALA G 511 113.55 34.90 -16.89
C ALA G 511 114.92 35.57 -16.78
N LYS G 512 115.44 35.66 -15.56
CA LYS G 512 116.74 36.28 -15.33
C LYS G 512 117.90 35.60 -16.05
N MET G 513 117.86 34.28 -16.12
CA MET G 513 118.94 33.51 -16.74
C MET G 513 119.22 33.81 -18.21
N TYR G 514 118.19 34.17 -18.97
CA TYR G 514 118.40 34.43 -20.39
C TYR G 514 119.35 35.57 -20.75
N THR G 515 119.48 36.56 -19.86
CA THR G 515 120.36 37.67 -20.17
C THR G 515 121.81 37.50 -19.70
N HIS G 516 122.10 36.38 -19.04
CA HIS G 516 123.45 36.12 -18.56
C HIS G 516 124.38 36.07 -19.76
N ASP G 517 125.52 36.74 -19.68
CA ASP G 517 126.43 36.77 -20.82
C ASP G 517 127.21 35.49 -21.08
N SER G 518 127.00 34.46 -20.26
CA SER G 518 127.68 33.19 -20.49
C SER G 518 126.92 32.47 -21.59
N LEU G 519 125.67 32.88 -21.81
CA LEU G 519 124.83 32.29 -22.84
C LEU G 519 125.07 33.00 -24.17
N GLU G 520 125.77 32.34 -25.08
CA GLU G 520 126.09 32.92 -26.37
C GLU G 520 124.99 32.78 -27.43
N PHE G 521 124.09 31.82 -27.25
CA PHE G 521 123.04 31.60 -28.24
C PHE G 521 121.83 30.85 -27.68
N VAL G 522 120.64 31.32 -28.04
CA VAL G 522 119.40 30.68 -27.59
C VAL G 522 118.43 30.45 -28.74
N VAL G 523 118.07 29.19 -28.95
CA VAL G 523 117.12 28.84 -30.01
C VAL G 523 115.88 28.28 -29.36
N SER G 524 114.71 28.63 -29.90
CA SER G 524 113.45 28.12 -29.38
C SER G 524 112.69 27.47 -30.51
N GLN G 525 112.49 26.16 -30.39
CA GLN G 525 111.75 25.40 -31.38
C GLN G 525 110.41 25.13 -30.72
N SER G 526 109.43 25.96 -31.04
CA SER G 526 108.11 25.85 -30.43
C SER G 526 106.96 26.07 -31.41
N ILE G 527 105.73 25.98 -30.88
CA ILE G 527 104.53 26.15 -31.67
C ILE G 527 103.93 27.55 -31.48
N TRP G 528 103.76 27.96 -30.22
CA TRP G 528 103.18 29.28 -29.91
C TRP G 528 104.18 30.28 -29.35
N PHE G 529 104.01 31.53 -29.75
CA PHE G 529 104.85 32.64 -29.30
C PHE G 529 104.26 33.05 -27.96
N GLU G 530 104.79 32.49 -26.89
CA GLU G 530 104.30 32.75 -25.53
C GLU G 530 105.35 32.32 -24.51
N GLY G 531 105.08 32.62 -23.24
CA GLY G 531 105.99 32.22 -22.18
C GLY G 531 107.44 32.62 -22.41
N GLU G 532 108.33 31.62 -22.43
CA GLU G 532 109.77 31.82 -22.61
C GLU G 532 110.24 32.12 -24.03
N VAL G 533 109.41 31.85 -25.01
CA VAL G 533 109.80 32.05 -26.40
C VAL G 533 110.39 33.44 -26.72
N PRO G 534 109.81 34.54 -26.18
CA PRO G 534 110.33 35.88 -26.48
C PRO G 534 111.71 36.23 -25.90
N PHE G 535 112.47 35.22 -25.44
CA PHE G 535 113.80 35.48 -24.91
C PHE G 535 114.86 34.92 -25.86
N ALA G 536 114.41 34.12 -26.82
CA ALA G 536 115.31 33.48 -27.78
C ALA G 536 115.93 34.40 -28.83
N ASP G 537 117.01 33.91 -29.44
CA ASP G 537 117.69 34.66 -30.50
C ASP G 537 117.12 34.23 -31.83
N ILE G 538 116.81 32.94 -31.94
CA ILE G 538 116.23 32.37 -33.15
C ILE G 538 115.00 31.57 -32.75
N ILE G 539 113.92 31.73 -33.51
CA ILE G 539 112.68 31.01 -33.22
C ILE G 539 112.25 30.21 -34.44
N LEU G 540 112.01 28.92 -34.23
CA LEU G 540 111.59 28.01 -35.29
C LEU G 540 110.17 27.52 -35.02
N PRO G 541 109.26 27.73 -36.00
CA PRO G 541 107.85 27.33 -35.91
C PRO G 541 107.57 25.85 -36.12
N ALA G 542 107.08 25.19 -35.08
CA ALA G 542 106.73 23.77 -35.19
C ALA G 542 105.21 23.75 -35.37
N CYS G 543 104.67 22.66 -35.90
CA CYS G 543 103.23 22.57 -36.09
C CYS G 543 102.59 21.62 -35.09
N THR G 544 101.26 21.70 -34.95
CA THR G 544 100.53 20.83 -34.04
C THR G 544 100.39 19.45 -34.70
N ASN G 545 99.93 18.45 -33.93
CA ASN G 545 99.78 17.11 -34.48
C ASN G 545 98.66 16.98 -35.53
N PHE G 546 97.89 18.04 -35.72
CA PHE G 546 96.83 18.00 -36.72
C PHE G 546 97.36 18.38 -38.09
N GLU G 547 98.64 18.77 -38.14
CA GLU G 547 99.30 19.19 -39.38
C GLU G 547 100.41 18.24 -39.84
N ARG G 548 100.45 17.05 -39.28
CA ARG G 548 101.47 16.06 -39.63
C ARG G 548 100.92 14.65 -39.38
N TRP G 549 101.60 13.64 -39.90
CA TRP G 549 101.17 12.26 -39.73
C TRP G 549 101.82 11.62 -38.51
N ASP G 550 101.03 10.82 -37.79
CA ASP G 550 101.54 10.10 -36.63
C ASP G 550 100.61 8.94 -36.29
N ILE G 551 100.90 8.24 -35.20
CA ILE G 551 100.10 7.11 -34.78
C ILE G 551 100.18 7.07 -33.25
N SER G 552 99.09 6.65 -32.60
CA SER G 552 99.07 6.59 -31.14
C SER G 552 97.89 5.80 -30.61
N GLU G 553 97.90 5.60 -29.29
CA GLU G 553 96.82 4.89 -28.60
C GLU G 553 96.26 5.78 -27.50
N PHE G 554 94.94 5.80 -27.39
CA PHE G 554 94.23 6.61 -26.41
C PHE G 554 94.89 6.54 -25.02
N ALA G 555 95.49 7.65 -24.61
CA ALA G 555 96.14 7.79 -23.30
C ALA G 555 97.31 6.84 -23.01
N ASN G 556 97.87 6.19 -24.02
CA ASN G 556 98.98 5.27 -23.74
C ASN G 556 100.37 5.90 -23.62
N CYS G 557 100.79 6.09 -22.38
CA CYS G 557 102.10 6.65 -22.06
C CYS G 557 103.12 5.51 -21.95
N SER G 558 102.78 4.53 -21.12
CA SER G 558 103.60 3.35 -20.87
C SER G 558 104.89 3.76 -20.14
N GLY G 559 105.96 2.99 -20.34
CA GLY G 559 107.21 3.32 -19.68
C GLY G 559 107.07 3.32 -18.16
N TYR G 560 107.15 4.50 -17.57
CA TYR G 560 107.03 4.61 -16.12
C TYR G 560 105.60 4.49 -15.61
N ILE G 561 104.69 4.17 -16.53
CA ILE G 561 103.29 3.94 -16.19
C ILE G 561 102.85 2.81 -17.11
N PRO G 562 103.40 1.61 -16.91
CA PRO G 562 103.08 0.44 -17.72
C PRO G 562 101.57 0.21 -17.85
N ASP G 563 101.13 -0.02 -19.08
CA ASP G 563 99.73 -0.29 -19.38
C ASP G 563 98.76 0.73 -18.80
N ASN G 564 99.11 2.02 -18.87
CA ASN G 564 98.21 3.01 -18.33
C ASN G 564 97.03 3.28 -19.24
N TYR G 565 96.95 2.57 -20.37
CA TYR G 565 95.82 2.74 -21.27
C TYR G 565 94.57 2.25 -20.54
N GLN G 566 94.78 1.55 -19.43
CA GLN G 566 93.68 1.04 -18.64
C GLN G 566 92.90 2.15 -17.96
N LEU G 567 93.25 3.39 -18.32
CA LEU G 567 92.56 4.58 -17.80
C LEU G 567 91.29 4.77 -18.61
N CYS G 568 91.25 4.14 -19.78
CA CYS G 568 90.11 4.26 -20.70
C CYS G 568 89.15 3.08 -20.66
N ASN G 569 87.96 3.29 -21.20
CA ASN G 569 86.93 2.25 -21.23
C ASN G 569 87.20 1.27 -22.36
N HIS G 570 88.04 1.68 -23.31
CA HIS G 570 88.40 0.82 -24.43
C HIS G 570 89.80 1.17 -24.87
N ARG G 571 90.51 0.22 -25.45
CA ARG G 571 91.84 0.50 -25.96
C ARG G 571 91.56 0.95 -27.38
N VAL G 572 91.88 2.22 -27.67
CA VAL G 572 91.65 2.77 -28.99
C VAL G 572 92.95 3.18 -29.64
N ILE G 573 93.28 2.51 -30.74
CA ILE G 573 94.49 2.81 -31.48
C ILE G 573 94.05 3.59 -32.71
N SER G 574 94.52 4.83 -32.83
CA SER G 574 94.12 5.61 -33.98
C SER G 574 95.25 6.21 -34.79
N LEU G 575 94.99 6.38 -36.08
CA LEU G 575 95.95 6.99 -36.98
C LEU G 575 95.72 8.48 -36.82
N GLN G 576 96.79 9.23 -36.62
CA GLN G 576 96.66 10.67 -36.50
C GLN G 576 96.89 11.21 -37.90
N ALA G 577 95.80 11.44 -38.61
CA ALA G 577 95.88 11.94 -39.98
C ALA G 577 96.32 13.39 -40.08
N LYS G 578 97.01 13.71 -41.15
CA LYS G 578 97.44 15.09 -41.37
C LYS G 578 96.14 15.71 -41.89
N CYS G 579 95.41 16.37 -40.99
CA CYS G 579 94.13 16.97 -41.34
C CYS G 579 94.21 18.20 -42.22
N ILE G 580 95.24 19.02 -41.99
CA ILE G 580 95.45 20.24 -42.78
C ILE G 580 96.93 20.49 -42.94
N GLU G 581 97.29 21.30 -43.94
CA GLU G 581 98.69 21.65 -44.18
C GLU G 581 99.16 22.46 -42.98
N PRO G 582 100.47 22.42 -42.70
CA PRO G 582 100.99 23.18 -41.56
C PRO G 582 100.58 24.65 -41.67
N VAL G 583 100.21 25.25 -40.54
CA VAL G 583 99.78 26.64 -40.52
C VAL G 583 100.96 27.60 -40.70
N GLY G 584 100.78 28.59 -41.56
CA GLY G 584 101.82 29.56 -41.82
C GLY G 584 103.06 28.89 -42.38
N GLU G 585 104.23 29.26 -41.87
CA GLU G 585 105.47 28.66 -42.35
C GLU G 585 106.00 27.62 -41.37
N SER G 586 105.15 27.11 -40.49
CA SER G 586 105.57 26.11 -39.54
C SER G 586 105.78 24.76 -40.21
N MET G 587 106.47 23.86 -39.54
CA MET G 587 106.69 22.53 -40.06
C MET G 587 106.88 21.55 -38.91
N SER G 588 106.72 20.27 -39.18
CA SER G 588 106.86 19.26 -38.15
C SER G 588 108.27 19.22 -37.59
N ASP G 589 108.38 18.95 -36.29
CA ASP G 589 109.66 18.86 -35.60
C ASP G 589 110.58 17.91 -36.36
N TYR G 590 110.02 16.79 -36.82
CA TYR G 590 110.79 15.82 -37.55
C TYR G 590 111.41 16.44 -38.82
N GLU G 591 110.62 17.21 -39.56
CA GLU G 591 111.13 17.83 -40.77
C GLU G 591 112.13 18.94 -40.45
N ILE G 592 111.97 19.57 -39.29
CA ILE G 592 112.90 20.61 -38.87
C ILE G 592 114.24 19.92 -38.61
N TYR G 593 114.19 18.82 -37.86
CA TYR G 593 115.41 18.08 -37.57
C TYR G 593 116.00 17.46 -38.83
N ARG G 594 115.14 17.05 -39.75
CA ARG G 594 115.61 16.47 -41.00
C ARG G 594 116.37 17.54 -41.80
N LEU G 595 115.87 18.77 -41.77
CA LEU G 595 116.54 19.86 -42.48
C LEU G 595 117.89 20.11 -41.80
N PHE G 596 117.91 20.04 -40.48
CA PHE G 596 119.16 20.22 -39.73
C PHE G 596 120.11 19.07 -40.03
N ALA G 597 119.60 17.85 -40.03
CA ALA G 597 120.44 16.68 -40.30
C ALA G 597 121.12 16.82 -41.65
N LYS G 598 120.41 17.34 -42.64
CA LYS G 598 120.96 17.53 -43.96
C LYS G 598 122.13 18.51 -43.90
N LYS G 599 121.93 19.63 -43.20
CA LYS G 599 122.96 20.64 -43.08
C LYS G 599 124.09 20.24 -42.15
N LEU G 600 123.87 19.17 -41.37
CA LEU G 600 124.89 18.68 -40.45
C LEU G 600 125.55 17.45 -41.04
N ASN G 601 125.20 17.16 -42.29
CA ASN G 601 125.74 16.02 -43.04
C ASN G 601 125.43 14.66 -42.43
N ILE G 602 124.24 14.54 -41.82
CA ILE G 602 123.81 13.30 -41.20
C ILE G 602 122.36 12.97 -41.51
N GLU G 603 121.82 13.55 -42.59
CA GLU G 603 120.43 13.30 -42.96
C GLU G 603 120.14 11.81 -43.09
N GLU G 604 120.99 11.13 -43.84
CA GLU G 604 120.87 9.70 -44.08
C GLU G 604 120.70 8.91 -42.78
N MET G 605 121.61 9.13 -41.82
CA MET G 605 121.55 8.43 -40.55
C MET G 605 120.31 8.77 -39.73
N PHE G 606 119.87 10.03 -39.79
CA PHE G 606 118.70 10.46 -39.05
C PHE G 606 117.39 9.94 -39.60
N SER G 607 117.12 10.22 -40.87
CA SER G 607 115.87 9.83 -41.51
C SER G 607 115.81 8.41 -42.03
N GLU G 608 116.96 7.83 -42.37
CA GLU G 608 117.00 6.49 -42.93
C GLU G 608 116.14 6.51 -44.20
N GLY G 609 116.00 7.70 -44.78
CA GLY G 609 115.23 7.89 -45.99
C GLY G 609 113.73 7.81 -45.85
N LYS G 610 113.21 7.98 -44.64
CA LYS G 610 111.77 7.90 -44.43
C LYS G 610 111.14 9.20 -43.97
N ASP G 611 109.90 9.43 -44.37
CA ASP G 611 109.19 10.61 -43.90
C ASP G 611 108.32 10.09 -42.76
N GLU G 612 107.72 10.99 -42.01
CA GLU G 612 106.88 10.60 -40.88
C GLU G 612 105.91 9.45 -41.16
N LEU G 613 105.25 9.46 -42.31
CA LEU G 613 104.31 8.41 -42.63
C LEU G 613 105.02 7.06 -42.77
N ALA G 614 106.22 7.09 -43.34
CA ALA G 614 107.02 5.89 -43.51
C ALA G 614 107.42 5.32 -42.15
N TRP G 615 107.82 6.19 -41.23
CA TRP G 615 108.18 5.74 -39.90
C TRP G 615 106.94 5.17 -39.20
N CYS G 616 105.79 5.76 -39.45
CA CYS G 616 104.54 5.30 -38.85
C CYS G 616 104.24 3.86 -39.21
N GLU G 617 104.45 3.51 -40.47
CA GLU G 617 104.20 2.16 -40.94
C GLU G 617 105.18 1.17 -40.30
N GLN G 618 106.44 1.57 -40.16
CA GLN G 618 107.44 0.69 -39.56
C GLN G 618 107.04 0.49 -38.09
N TYR G 619 106.62 1.58 -37.45
CA TYR G 619 106.20 1.58 -36.06
C TYR G 619 105.05 0.59 -35.89
N PHE G 620 104.07 0.71 -36.78
CA PHE G 620 102.87 -0.14 -36.78
C PHE G 620 103.21 -1.64 -36.81
N ASN G 621 104.14 -2.02 -37.69
CA ASN G 621 104.51 -3.43 -37.80
C ASN G 621 105.34 -3.97 -36.64
N ALA G 622 105.76 -3.07 -35.76
CA ALA G 622 106.56 -3.46 -34.59
C ALA G 622 105.64 -3.63 -33.37
N THR G 623 104.33 -3.67 -33.62
CA THR G 623 103.34 -3.84 -32.56
C THR G 623 102.49 -5.06 -32.91
N ASP G 624 101.49 -5.35 -32.09
CA ASP G 624 100.62 -6.49 -32.36
C ASP G 624 99.49 -6.20 -33.35
N MET G 625 99.42 -4.95 -33.83
CA MET G 625 98.37 -4.57 -34.78
C MET G 625 98.31 -5.47 -36.02
N PRO G 626 99.47 -5.87 -36.55
CA PRO G 626 99.45 -6.75 -37.73
C PRO G 626 98.67 -8.05 -37.53
N LYS G 627 98.40 -8.39 -36.27
CA LYS G 627 97.65 -9.60 -35.97
C LYS G 627 96.18 -9.42 -36.32
N TYR G 628 95.71 -8.18 -36.32
CA TYR G 628 94.32 -7.88 -36.64
C TYR G 628 94.11 -7.21 -37.99
N MET G 629 95.06 -6.38 -38.41
CA MET G 629 94.92 -5.73 -39.70
C MET G 629 96.20 -5.16 -40.27
N THR G 630 96.29 -5.15 -41.60
CA THR G 630 97.46 -4.64 -42.30
C THR G 630 97.53 -3.14 -42.17
N TRP G 631 98.69 -2.57 -42.49
CA TRP G 631 98.88 -1.14 -42.41
C TRP G 631 97.86 -0.44 -43.31
N ASP G 632 97.72 -0.92 -44.54
CA ASP G 632 96.78 -0.32 -45.48
C ASP G 632 95.34 -0.31 -44.93
N GLU G 633 94.92 -1.42 -44.34
CA GLU G 633 93.57 -1.49 -43.78
C GLU G 633 93.39 -0.53 -42.62
N PHE G 634 94.42 -0.45 -41.76
CA PHE G 634 94.38 0.44 -40.61
C PHE G 634 94.38 1.91 -41.04
N PHE G 635 95.26 2.24 -41.99
CA PHE G 635 95.36 3.62 -42.47
C PHE G 635 93.99 4.08 -42.98
N LYS G 636 93.35 3.22 -43.75
CA LYS G 636 92.05 3.53 -44.32
C LYS G 636 90.95 3.68 -43.27
N LYS G 637 90.93 2.81 -42.26
CA LYS G 637 89.91 2.88 -41.24
C LYS G 637 90.11 4.07 -40.29
N GLY G 638 91.36 4.35 -39.94
CA GLY G 638 91.66 5.47 -39.07
C GLY G 638 91.76 5.20 -37.59
N TYR G 639 91.06 4.17 -37.11
CA TYR G 639 91.11 3.81 -35.69
C TYR G 639 90.72 2.35 -35.48
N PHE G 640 91.25 1.75 -34.43
CA PHE G 640 90.96 0.36 -34.11
C PHE G 640 90.62 0.20 -32.64
N VAL G 641 89.52 -0.50 -32.37
CA VAL G 641 89.12 -0.75 -30.99
C VAL G 641 89.59 -2.16 -30.66
N VAL G 642 90.54 -2.24 -29.74
CA VAL G 642 91.11 -3.53 -29.34
C VAL G 642 90.02 -4.41 -28.74
N PRO G 643 89.87 -5.63 -29.27
CA PRO G 643 88.86 -6.57 -28.78
C PRO G 643 89.08 -6.85 -27.31
N ASP G 644 88.02 -7.36 -26.66
CA ASP G 644 88.07 -7.70 -25.25
C ASP G 644 88.74 -9.08 -25.16
N ASN G 645 89.29 -9.40 -24.00
CA ASN G 645 89.93 -10.69 -23.77
C ASN G 645 89.24 -11.28 -22.54
N PRO G 646 87.96 -11.64 -22.69
CA PRO G 646 87.11 -12.21 -21.64
C PRO G 646 87.71 -13.32 -20.79
N ASN G 647 88.51 -14.18 -21.41
CA ASN G 647 89.06 -15.32 -20.69
C ASN G 647 90.42 -15.17 -20.01
N ARG G 648 91.12 -14.07 -20.21
CA ARG G 648 92.42 -13.93 -19.56
C ARG G 648 92.16 -13.96 -18.06
N LYS G 649 93.12 -14.48 -17.29
CA LYS G 649 92.93 -14.53 -15.85
C LYS G 649 93.15 -13.17 -15.22
N LYS G 650 92.25 -12.80 -14.31
CA LYS G 650 92.32 -11.53 -13.63
C LYS G 650 93.44 -11.59 -12.59
N THR G 651 94.24 -10.53 -12.52
CA THR G 651 95.32 -10.46 -11.56
C THR G 651 95.26 -9.10 -10.87
N VAL G 652 94.55 -9.02 -9.76
CA VAL G 652 94.40 -7.77 -9.05
C VAL G 652 95.72 -7.24 -8.50
N ALA G 653 95.89 -5.93 -8.63
CA ALA G 653 97.09 -5.25 -8.16
C ALA G 653 97.44 -5.63 -6.73
N LEU G 654 98.71 -5.93 -6.53
CA LEU G 654 99.25 -6.30 -5.22
C LEU G 654 98.61 -7.48 -4.49
N ARG G 655 97.65 -8.18 -5.11
CA ARG G 655 97.06 -9.31 -4.41
C ARG G 655 98.15 -10.35 -4.18
N TRP G 656 98.99 -10.57 -5.19
CA TRP G 656 100.08 -11.52 -5.06
C TRP G 656 100.92 -11.17 -3.83
N PHE G 657 101.13 -9.87 -3.62
CA PHE G 657 101.91 -9.40 -2.48
C PHE G 657 101.19 -9.65 -1.15
N ALA G 658 99.89 -9.38 -1.13
CA ALA G 658 99.09 -9.59 0.07
C ALA G 658 99.09 -11.07 0.48
N GLU G 659 99.10 -11.95 -0.51
CA GLU G 659 99.08 -13.38 -0.26
C GLU G 659 100.48 -14.01 -0.19
N GLY G 660 101.50 -13.17 -0.17
CA GLY G 660 102.87 -13.65 -0.08
C GLY G 660 103.30 -14.68 -1.12
N ARG G 661 102.86 -14.51 -2.37
CA ARG G 661 103.23 -15.44 -3.42
C ARG G 661 103.96 -14.72 -4.54
N GLU G 662 104.26 -15.42 -5.63
CA GLU G 662 104.97 -14.81 -6.75
C GLU G 662 104.16 -13.78 -7.52
N LYS G 663 104.81 -12.67 -7.88
CA LYS G 663 104.18 -11.61 -8.64
C LYS G 663 103.57 -12.24 -9.89
N ASP G 664 102.27 -12.02 -10.10
CA ASP G 664 101.60 -12.62 -11.24
C ASP G 664 100.94 -11.61 -12.18
N THR G 665 101.15 -10.31 -11.93
CA THR G 665 100.56 -9.29 -12.78
C THR G 665 101.47 -8.98 -13.97
N PRO G 666 100.97 -8.17 -14.93
CA PRO G 666 101.76 -7.81 -16.13
C PRO G 666 102.75 -6.67 -15.83
N ASP G 667 102.82 -6.25 -14.57
CA ASP G 667 103.71 -5.16 -14.21
C ASP G 667 105.15 -5.38 -14.66
N TRP G 668 105.81 -4.27 -14.98
CA TRP G 668 107.18 -4.27 -15.46
C TRP G 668 108.21 -4.47 -14.35
N GLY G 669 107.74 -4.84 -13.17
CA GLY G 669 108.64 -5.07 -12.06
C GLY G 669 107.92 -5.76 -10.92
N PRO G 670 108.64 -6.09 -9.83
CA PRO G 670 110.07 -5.82 -9.70
C PRO G 670 110.93 -6.74 -10.57
N ARG G 671 112.19 -6.37 -10.75
CA ARG G 671 113.09 -7.21 -11.54
C ARG G 671 113.43 -8.42 -10.69
N LEU G 672 113.65 -9.56 -11.35
CA LEU G 672 113.95 -10.80 -10.65
C LEU G 672 115.06 -10.70 -9.61
N ASN G 673 116.12 -9.95 -9.92
CA ASN G 673 117.24 -9.83 -8.99
C ASN G 673 116.88 -9.05 -7.73
N ASN G 674 115.75 -8.34 -7.76
CA ASN G 674 115.30 -7.57 -6.59
C ASN G 674 114.28 -8.35 -5.76
N GLN G 675 114.19 -9.65 -6.01
CA GLN G 675 113.28 -10.51 -5.28
C GLN G 675 113.96 -11.83 -4.96
N VAL G 676 113.38 -12.56 -4.02
CA VAL G 676 113.85 -13.88 -3.65
C VAL G 676 112.75 -14.80 -4.18
N CYS G 677 113.09 -15.64 -5.17
CA CYS G 677 112.13 -16.56 -5.76
C CYS G 677 110.92 -15.80 -6.28
N ARG G 678 111.22 -14.61 -6.82
CA ARG G 678 110.25 -13.68 -7.36
C ARG G 678 108.98 -13.46 -6.53
N LYS G 679 109.18 -13.24 -5.24
CA LYS G 679 108.13 -12.96 -4.27
C LYS G 679 108.56 -11.69 -3.55
N GLY G 680 107.59 -10.91 -3.07
CA GLY G 680 107.91 -9.69 -2.34
C GLY G 680 108.19 -8.45 -3.19
N LEU G 681 108.20 -7.30 -2.52
CA LEU G 681 108.45 -6.03 -3.19
C LEU G 681 109.94 -5.90 -3.53
N GLN G 682 110.27 -4.89 -4.32
CA GLN G 682 111.64 -4.61 -4.74
C GLN G 682 112.56 -4.25 -3.56
N THR G 683 111.98 -3.79 -2.46
CA THR G 683 112.77 -3.44 -1.30
C THR G 683 113.62 -4.63 -0.85
N THR G 684 114.71 -4.34 -0.14
CA THR G 684 115.62 -5.37 0.35
C THR G 684 114.89 -6.50 1.09
N THR G 685 114.05 -6.15 2.06
CA THR G 685 113.31 -7.13 2.84
C THR G 685 112.15 -7.75 2.08
N GLY G 686 111.76 -7.10 0.99
CA GLY G 686 110.63 -7.58 0.20
C GLY G 686 109.32 -7.14 0.82
N LYS G 687 109.39 -6.38 1.91
CA LYS G 687 108.21 -5.89 2.61
C LYS G 687 108.10 -4.36 2.55
N VAL G 688 107.03 -3.83 3.14
CA VAL G 688 106.82 -2.38 3.21
C VAL G 688 107.68 -1.91 4.38
N GLU G 689 108.72 -1.14 4.08
CA GLU G 689 109.65 -0.68 5.11
C GLU G 689 109.36 0.68 5.73
N PHE G 690 108.71 0.66 6.89
CA PHE G 690 108.37 1.89 7.59
C PHE G 690 109.64 2.63 7.99
N ILE G 691 110.73 1.87 8.05
CA ILE G 691 112.07 2.39 8.33
C ILE G 691 112.76 1.86 7.07
N ALA G 692 112.95 2.74 6.09
CA ALA G 692 113.55 2.37 4.81
C ALA G 692 115.01 1.98 4.91
N THR G 693 115.32 0.74 4.54
CA THR G 693 116.70 0.25 4.61
C THR G 693 117.63 1.01 3.66
N SER G 694 117.10 1.43 2.52
CA SER G 694 117.91 2.18 1.56
C SER G 694 118.34 3.51 2.18
N LEU G 695 117.38 4.24 2.74
CA LEU G 695 117.70 5.52 3.36
C LEU G 695 118.58 5.33 4.58
N LYS G 696 118.34 4.25 5.32
CA LYS G 696 119.14 3.98 6.51
C LYS G 696 120.60 3.81 6.09
N ASN G 697 120.83 3.12 4.97
CA ASN G 697 122.19 2.93 4.48
C ASN G 697 122.75 4.30 4.11
N PHE G 698 121.94 5.05 3.37
CA PHE G 698 122.31 6.39 2.90
C PHE G 698 122.76 7.29 4.04
N GLU G 699 121.97 7.36 5.10
CA GLU G 699 122.34 8.22 6.22
C GLU G 699 123.54 7.72 7.01
N GLU G 700 123.70 6.39 7.10
CA GLU G 700 124.84 5.83 7.82
C GLU G 700 126.10 5.99 6.97
N GLN G 701 125.91 6.30 5.69
CA GLN G 701 127.03 6.52 4.79
C GLN G 701 127.51 7.97 4.92
N GLY G 702 126.80 8.74 5.73
CA GLY G 702 127.17 10.13 5.95
C GLY G 702 126.23 11.17 5.37
N TYR G 703 125.24 10.74 4.58
CA TYR G 703 124.32 11.70 3.99
C TYR G 703 123.15 12.04 4.89
N ILE G 704 123.40 12.93 5.84
CA ILE G 704 122.39 13.36 6.80
C ILE G 704 121.36 14.25 6.10
N ASP G 705 120.08 13.95 6.30
CA ASP G 705 119.02 14.72 5.67
C ASP G 705 117.77 14.70 6.55
N GLU G 706 117.66 15.71 7.37
CA GLU G 706 116.57 15.89 8.33
C GLU G 706 115.18 15.81 7.74
N HIS G 707 114.99 16.34 6.53
CA HIS G 707 113.68 16.31 5.92
C HIS G 707 113.36 15.07 5.11
N ARG G 708 114.20 14.05 5.26
CA ARG G 708 113.98 12.79 4.58
C ARG G 708 114.51 11.69 5.48
N PRO G 709 113.95 11.55 6.68
CA PRO G 709 114.36 10.53 7.65
C PRO G 709 114.10 9.13 7.12
N SER G 710 114.90 8.15 7.58
CA SER G 710 114.71 6.78 7.12
C SER G 710 113.34 6.28 7.58
N MET G 711 112.89 6.74 8.75
CA MET G 711 111.59 6.35 9.27
C MET G 711 110.51 7.39 8.96
N HIS G 712 109.37 6.92 8.45
CA HIS G 712 108.23 7.80 8.14
C HIS G 712 107.78 8.42 9.45
N THR G 713 107.94 9.73 9.57
CA THR G 713 107.56 10.45 10.77
C THR G 713 106.87 11.77 10.41
N TYR G 714 106.43 12.52 11.41
CA TYR G 714 105.78 13.79 11.13
C TYR G 714 106.79 14.92 11.01
N VAL G 715 107.45 14.99 9.87
CA VAL G 715 108.42 16.07 9.62
C VAL G 715 107.58 17.29 9.25
N PRO G 716 107.56 18.31 10.11
CA PRO G 716 106.78 19.52 9.80
C PRO G 716 107.17 20.09 8.43
N ALA G 717 106.18 20.38 7.59
CA ALA G 717 106.44 20.93 6.25
C ALA G 717 107.24 22.22 6.39
N TRP G 718 108.36 22.32 5.67
CA TRP G 718 109.17 23.53 5.78
C TRP G 718 108.52 24.81 5.25
N GLU G 719 107.43 24.67 4.50
CA GLU G 719 106.70 25.84 4.02
C GLU G 719 105.22 25.63 4.34
N SER G 720 104.89 25.80 5.62
CA SER G 720 103.52 25.65 6.10
C SER G 720 103.24 26.89 6.93
N GLN G 721 101.97 27.11 7.28
CA GLN G 721 101.60 28.29 8.04
C GLN G 721 102.07 28.34 9.48
N LYS G 722 102.21 27.18 10.13
CA LYS G 722 102.66 27.22 11.51
C LYS G 722 104.12 26.84 11.72
N HIS G 723 104.78 26.35 10.68
CA HIS G 723 106.17 25.94 10.81
C HIS G 723 107.20 26.80 10.06
N SER G 724 106.73 27.81 9.33
CA SER G 724 107.63 28.67 8.58
C SER G 724 107.65 30.12 9.06
N PRO G 725 108.86 30.69 9.23
CA PRO G 725 109.01 32.09 9.68
C PRO G 725 108.36 33.04 8.68
N LEU G 726 108.18 32.55 7.46
CA LEU G 726 107.57 33.31 6.37
C LEU G 726 106.09 33.59 6.61
N ALA G 727 105.44 32.73 7.40
CA ALA G 727 104.02 32.87 7.68
C ALA G 727 103.66 34.23 8.27
N VAL G 728 104.62 34.88 8.93
CA VAL G 728 104.34 36.17 9.52
C VAL G 728 103.95 37.18 8.44
N LYS G 729 104.79 37.31 7.42
CA LYS G 729 104.50 38.25 6.34
C LYS G 729 103.47 37.72 5.36
N TYR G 730 103.47 36.40 5.19
CA TYR G 730 102.55 35.75 4.25
C TYR G 730 101.80 34.64 4.97
N PRO G 731 100.67 34.99 5.61
CA PRO G 731 99.80 34.08 6.38
C PRO G 731 98.92 33.14 5.57
N LEU G 732 98.79 33.37 4.26
CA LEU G 732 97.93 32.53 3.46
C LEU G 732 98.66 31.35 2.83
N GLY G 733 98.08 30.16 2.99
CA GLY G 733 98.67 28.96 2.42
C GLY G 733 98.12 28.72 1.03
N MET G 734 98.98 28.74 0.03
CA MET G 734 98.54 28.52 -1.34
C MET G 734 98.93 27.18 -1.91
N LEU G 735 97.97 26.56 -2.62
CA LEU G 735 98.22 25.30 -3.30
C LEU G 735 97.90 25.66 -4.75
N SER G 736 98.66 25.10 -5.69
CA SER G 736 98.47 25.40 -7.10
C SER G 736 98.53 24.17 -7.99
N PRO G 737 97.45 23.36 -7.99
CA PRO G 737 97.26 22.12 -8.76
C PRO G 737 97.26 22.32 -10.27
N HIS G 738 97.02 21.23 -11.01
CA HIS G 738 97.00 21.30 -12.47
C HIS G 738 95.74 21.98 -12.97
N PRO G 739 95.89 22.85 -13.98
CA PRO G 739 94.76 23.59 -14.57
C PRO G 739 93.58 22.71 -14.98
N ARG G 740 92.39 23.13 -14.58
CA ARG G 740 91.16 22.41 -14.87
C ARG G 740 90.80 22.45 -16.36
N PHE G 741 91.03 23.58 -17.01
CA PHE G 741 90.68 23.72 -18.42
C PHE G 741 91.86 23.77 -19.41
N SER G 742 92.96 23.12 -19.07
CA SER G 742 94.13 23.10 -19.95
C SER G 742 95.10 21.97 -19.58
N MET G 743 95.76 21.39 -20.57
CA MET G 743 96.75 20.35 -20.31
C MET G 743 97.99 21.21 -20.08
N HIS G 744 98.17 21.63 -18.83
CA HIS G 744 99.25 22.52 -18.46
C HIS G 744 99.18 23.77 -19.33
N THR G 745 100.25 24.14 -20.03
CA THR G 745 100.20 25.35 -20.84
C THR G 745 99.45 25.16 -22.16
N MET G 746 99.23 23.92 -22.56
CA MET G 746 98.54 23.63 -23.81
C MET G 746 97.01 23.70 -23.67
N GLY G 747 96.50 24.93 -23.73
CA GLY G 747 95.08 25.17 -23.62
C GLY G 747 94.87 26.62 -23.25
N ASP G 748 95.60 27.08 -22.23
CA ASP G 748 95.53 28.46 -21.77
C ASP G 748 96.15 29.41 -22.79
N GLY G 749 95.76 30.67 -22.73
CA GLY G 749 96.29 31.67 -23.65
C GLY G 749 96.07 31.35 -25.13
N LYS G 750 96.99 31.82 -25.96
CA LYS G 750 96.94 31.58 -27.40
C LYS G 750 95.62 32.09 -27.99
N ASN G 751 94.96 32.98 -27.26
CA ASN G 751 93.67 33.52 -27.70
C ASN G 751 92.71 32.36 -28.00
N SER G 752 92.88 31.26 -27.26
CA SER G 752 92.04 30.07 -27.43
C SER G 752 90.65 30.28 -26.86
N TYR G 753 89.74 29.38 -27.20
CA TYR G 753 88.37 29.46 -26.71
C TYR G 753 88.28 29.22 -25.20
N MET G 754 89.20 28.42 -24.68
CA MET G 754 89.19 28.12 -23.25
C MET G 754 89.27 29.36 -22.38
N ASN G 755 89.82 30.44 -22.92
CA ASN G 755 89.95 31.69 -22.18
C ASN G 755 88.62 32.36 -21.87
N TYR G 756 87.55 31.91 -22.52
CA TYR G 756 86.23 32.49 -22.27
C TYR G 756 85.46 31.69 -21.21
N ILE G 757 86.06 30.60 -20.75
CA ILE G 757 85.42 29.78 -19.73
C ILE G 757 85.38 30.59 -18.43
N LYS G 758 84.18 30.72 -17.87
CA LYS G 758 83.97 31.49 -16.65
C LYS G 758 84.98 31.22 -15.55
N ASP G 759 85.23 29.95 -15.28
CA ASP G 759 86.13 29.55 -14.22
C ASP G 759 87.58 29.33 -14.64
N HIS G 760 87.96 29.89 -15.79
CA HIS G 760 89.34 29.77 -16.27
C HIS G 760 90.05 31.12 -16.13
N ARG G 761 89.46 32.16 -16.71
CA ARG G 761 90.00 33.51 -16.64
C ARG G 761 88.84 34.48 -16.55
N VAL G 762 89.08 35.64 -15.94
CA VAL G 762 88.06 36.66 -15.79
C VAL G 762 88.47 37.93 -16.52
N GLU G 763 87.62 38.40 -17.43
CA GLU G 763 87.94 39.60 -18.17
C GLU G 763 87.66 40.85 -17.35
N VAL G 764 88.66 41.72 -17.27
CA VAL G 764 88.56 42.97 -16.54
C VAL G 764 89.20 44.07 -17.38
N ASP G 765 88.36 44.94 -17.93
CA ASP G 765 88.83 46.04 -18.77
C ASP G 765 89.67 45.59 -19.95
N GLY G 766 89.13 44.65 -20.73
CA GLY G 766 89.84 44.16 -21.89
C GLY G 766 90.90 43.09 -21.68
N TYR G 767 91.30 42.85 -20.44
CA TYR G 767 92.33 41.83 -20.18
C TYR G 767 91.75 40.67 -19.37
N LYS G 768 91.98 39.45 -19.84
CA LYS G 768 91.49 38.26 -19.14
C LYS G 768 92.54 37.81 -18.14
N TYR G 769 92.23 37.96 -16.85
CA TYR G 769 93.17 37.58 -15.79
C TYR G 769 92.99 36.17 -15.26
N TRP G 770 94.08 35.61 -14.76
CA TRP G 770 94.10 34.27 -14.18
C TRP G 770 93.40 34.39 -12.84
N ILE G 771 92.77 33.31 -12.41
CA ILE G 771 92.00 33.28 -11.18
C ILE G 771 92.66 32.75 -9.91
N MET G 772 92.35 33.38 -8.79
CA MET G 772 92.82 32.92 -7.49
C MET G 772 91.57 32.83 -6.63
N ARG G 773 91.34 31.66 -6.05
CA ARG G 773 90.19 31.45 -5.20
C ARG G 773 90.51 31.82 -3.77
N VAL G 774 89.65 32.62 -3.17
CA VAL G 774 89.84 33.11 -1.81
C VAL G 774 88.60 32.85 -0.96
N ASN G 775 88.81 32.44 0.27
CA ASN G 775 87.68 32.19 1.15
C ASN G 775 87.05 33.52 1.56
N SER G 776 85.72 33.55 1.54
CA SER G 776 84.93 34.73 1.89
C SER G 776 85.48 35.51 3.10
N ILE G 777 85.88 34.78 4.14
CA ILE G 777 86.41 35.41 5.36
C ILE G 777 87.72 36.14 5.11
N ASP G 778 88.59 35.56 4.30
CA ASP G 778 89.87 36.19 4.00
C ASP G 778 89.70 37.37 3.06
N ALA G 779 88.80 37.22 2.10
CA ALA G 779 88.54 38.29 1.13
C ALA G 779 87.97 39.48 1.87
N GLU G 780 86.94 39.23 2.68
CA GLU G 780 86.29 40.26 3.45
C GLU G 780 87.28 41.01 4.34
N ALA G 781 88.22 40.28 4.93
CA ALA G 781 89.20 40.89 5.82
C ALA G 781 90.17 41.82 5.08
N ARG G 782 90.21 41.71 3.75
CA ARG G 782 91.09 42.55 2.95
C ARG G 782 90.31 43.47 2.03
N GLY G 783 89.01 43.58 2.26
CA GLY G 783 88.20 44.45 1.42
C GLY G 783 88.18 43.97 -0.03
N ILE G 784 88.41 42.67 -0.22
CA ILE G 784 88.42 42.09 -1.55
C ILE G 784 87.07 41.50 -1.91
N LYS G 785 86.56 41.88 -3.07
CA LYS G 785 85.26 41.39 -3.54
C LYS G 785 85.43 40.56 -4.79
N ASN G 786 84.48 39.67 -5.00
CA ASN G 786 84.48 38.80 -6.16
C ASN G 786 84.73 39.62 -7.42
N GLY G 787 85.74 39.22 -8.20
CA GLY G 787 86.03 39.93 -9.43
C GLY G 787 87.08 41.04 -9.30
N ASP G 788 87.52 41.34 -8.08
CA ASP G 788 88.54 42.37 -7.88
C ASP G 788 89.90 41.91 -8.39
N LEU G 789 90.73 42.86 -8.81
CA LEU G 789 92.08 42.53 -9.26
C LEU G 789 92.91 42.56 -7.99
N ILE G 790 93.58 41.45 -7.70
CA ILE G 790 94.40 41.37 -6.51
C ILE G 790 95.84 41.06 -6.87
N ARG G 791 96.72 41.30 -5.91
CA ARG G 791 98.14 41.06 -6.08
C ARG G 791 98.57 40.00 -5.08
N ALA G 792 98.97 38.83 -5.58
CA ALA G 792 99.45 37.76 -4.72
C ALA G 792 100.98 37.90 -4.68
N TYR G 793 101.57 37.91 -3.49
CA TYR G 793 103.01 38.09 -3.40
C TYR G 793 103.71 37.53 -2.17
N ASN G 794 105.02 37.41 -2.31
CA ASN G 794 105.92 36.95 -1.25
C ASN G 794 107.33 37.40 -1.68
N ASP G 795 108.36 36.85 -1.06
CA ASP G 795 109.72 37.26 -1.42
C ASP G 795 110.13 36.99 -2.86
N ARG G 796 109.48 36.02 -3.49
CA ARG G 796 109.81 35.62 -4.85
C ARG G 796 109.25 36.47 -5.97
N GLY G 797 108.20 37.24 -5.70
CA GLY G 797 107.61 38.07 -6.73
C GLY G 797 106.17 38.47 -6.49
N SER G 798 105.58 39.06 -7.53
CA SER G 798 104.19 39.50 -7.48
C SER G 798 103.46 39.02 -8.71
N VAL G 799 102.19 38.67 -8.52
CA VAL G 799 101.34 38.22 -9.62
C VAL G 799 99.99 38.87 -9.43
N ILE G 800 99.45 39.44 -10.51
CA ILE G 800 98.15 40.09 -10.46
C ILE G 800 97.10 39.11 -10.96
N LEU G 801 96.06 38.93 -10.17
CA LEU G 801 95.02 37.97 -10.49
C LEU G 801 93.62 38.52 -10.25
N ALA G 802 92.62 37.78 -10.74
CA ALA G 802 91.23 38.16 -10.54
C ALA G 802 90.74 37.28 -9.40
N ALA G 803 90.16 37.90 -8.38
CA ALA G 803 89.68 37.14 -7.23
C ALA G 803 88.32 36.48 -7.40
N GLN G 804 88.22 35.23 -6.97
CA GLN G 804 86.98 34.48 -7.00
C GLN G 804 86.71 34.14 -5.54
N VAL G 805 85.74 34.83 -4.94
CA VAL G 805 85.38 34.59 -3.55
C VAL G 805 84.56 33.30 -3.46
N THR G 806 85.03 32.37 -2.64
CA THR G 806 84.38 31.06 -2.52
C THR G 806 84.37 30.51 -1.09
N GLU G 807 83.64 29.41 -0.91
CA GLU G 807 83.57 28.72 0.38
C GLU G 807 84.28 27.37 0.22
N CYS G 808 84.80 27.12 -0.98
CA CYS G 808 85.48 25.85 -1.28
C CYS G 808 86.93 25.78 -0.80
N LEU G 809 87.22 26.50 0.27
CA LEU G 809 88.55 26.53 0.86
C LEU G 809 88.42 26.87 2.33
N GLN G 810 89.19 26.22 3.18
CA GLN G 810 89.17 26.54 4.60
C GLN G 810 89.75 27.94 4.73
N PRO G 811 89.19 28.78 5.60
CA PRO G 811 89.74 30.13 5.76
C PRO G 811 91.25 30.05 5.99
N GLY G 812 91.99 30.95 5.36
CA GLY G 812 93.44 30.94 5.50
C GLY G 812 94.12 30.26 4.33
N THR G 813 93.32 29.63 3.47
CA THR G 813 93.86 28.93 2.30
C THR G 813 93.38 29.55 0.98
N VAL G 814 94.30 29.70 0.03
CA VAL G 814 93.97 30.24 -1.29
C VAL G 814 94.37 29.20 -2.33
N HIS G 815 93.72 29.24 -3.48
CA HIS G 815 93.98 28.30 -4.55
C HIS G 815 94.07 28.99 -5.90
N SER G 816 95.03 28.56 -6.71
CA SER G 816 95.21 29.12 -8.03
C SER G 816 96.01 28.12 -8.86
N TYR G 817 95.39 27.62 -9.93
CA TYR G 817 96.04 26.65 -10.79
C TYR G 817 97.35 27.15 -11.37
N GLU G 818 98.25 26.21 -11.65
CA GLU G 818 99.53 26.54 -12.24
C GLU G 818 99.43 26.28 -13.74
N SER G 819 100.57 26.33 -14.42
CA SER G 819 100.63 26.09 -15.86
C SER G 819 100.16 27.22 -16.76
N CYS G 820 100.03 28.41 -16.20
CA CYS G 820 99.63 29.57 -17.00
C CYS G 820 100.61 29.61 -18.17
N ALA G 821 100.09 29.81 -19.37
CA ALA G 821 100.92 29.85 -20.57
C ALA G 821 101.38 31.26 -20.93
N VAL G 822 100.80 32.25 -20.26
CA VAL G 822 101.10 33.65 -20.53
C VAL G 822 102.03 34.29 -19.51
N TYR G 823 103.17 34.78 -19.99
CA TYR G 823 104.09 35.49 -19.11
C TYR G 823 104.05 36.93 -19.62
N ASP G 824 103.43 37.82 -18.84
CA ASP G 824 103.26 39.20 -19.23
C ASP G 824 103.62 40.19 -18.11
N PRO G 825 104.92 40.48 -17.94
CA PRO G 825 105.49 41.39 -16.94
C PRO G 825 104.99 42.83 -17.12
N LEU G 826 104.69 43.50 -16.01
CA LEU G 826 104.22 44.88 -16.07
C LEU G 826 105.42 45.83 -16.14
N GLY G 827 106.59 45.28 -15.87
CA GLY G 827 107.82 46.07 -15.93
C GLY G 827 108.91 45.19 -16.51
N THR G 828 110.15 45.36 -16.03
CA THR G 828 111.27 44.57 -16.52
C THR G 828 111.04 43.08 -16.33
N ALA G 829 111.35 42.30 -17.37
CA ALA G 829 111.18 40.85 -17.31
C ALA G 829 111.92 40.24 -16.13
N GLY G 830 111.24 39.37 -15.38
CA GLY G 830 111.85 38.73 -14.24
C GLY G 830 112.11 39.62 -13.03
N LYS G 831 111.68 40.88 -13.10
CA LYS G 831 111.89 41.81 -12.00
C LYS G 831 110.63 42.54 -11.56
N SER G 832 109.53 42.30 -12.27
CA SER G 832 108.28 42.96 -11.94
C SER G 832 107.10 42.02 -11.84
N ALA G 833 105.99 42.53 -11.32
CA ALA G 833 104.77 41.76 -11.18
C ALA G 833 104.28 41.29 -12.54
N ASP G 834 103.77 40.07 -12.56
CA ASP G 834 103.25 39.49 -13.80
C ASP G 834 101.72 39.47 -13.76
N ARG G 835 101.08 39.87 -14.84
CA ARG G 835 99.63 39.85 -14.88
C ARG G 835 99.15 38.71 -15.78
N GLY G 836 100.10 38.00 -16.38
CA GLY G 836 99.75 36.87 -17.23
C GLY G 836 99.07 35.80 -16.38
N GLY G 837 99.57 35.60 -15.17
CA GLY G 837 99.00 34.61 -14.27
C GLY G 837 99.95 33.50 -13.86
N CYS G 838 101.25 33.79 -13.88
CA CYS G 838 102.27 32.80 -13.53
C CYS G 838 102.48 32.62 -12.03
N ILE G 839 101.58 31.86 -11.42
CA ILE G 839 101.60 31.58 -9.99
C ILE G 839 102.89 30.92 -9.50
N ASN G 840 103.57 30.19 -10.38
CA ASN G 840 104.81 29.54 -9.99
C ASN G 840 105.97 30.50 -9.78
N ILE G 841 105.66 31.78 -9.88
CA ILE G 841 106.65 32.82 -9.63
C ILE G 841 106.74 32.86 -8.12
N LEU G 842 105.65 32.45 -7.46
CA LEU G 842 105.55 32.47 -6.00
C LEU G 842 105.89 31.18 -5.26
N THR G 843 105.90 30.05 -5.96
CA THR G 843 106.21 28.78 -5.33
C THR G 843 107.69 28.64 -4.94
N PRO G 844 107.98 27.89 -3.86
CA PRO G 844 109.34 27.68 -3.38
C PRO G 844 110.23 26.86 -4.30
N ASP G 845 111.46 27.33 -4.54
CA ASP G 845 112.38 26.59 -5.38
C ASP G 845 113.30 25.65 -4.58
N ARG G 846 113.20 25.73 -3.26
CA ARG G 846 113.99 24.85 -2.40
C ARG G 846 113.57 23.41 -2.63
N TYR G 847 114.54 22.50 -2.71
CA TYR G 847 114.27 21.08 -2.92
C TYR G 847 113.46 20.50 -1.76
N ILE G 848 112.59 19.54 -2.04
CA ILE G 848 111.78 18.91 -0.99
C ILE G 848 112.64 18.61 0.24
N SER G 849 113.83 18.04 0.02
CA SER G 849 114.76 17.76 1.11
C SER G 849 116.17 17.98 0.55
N LYS G 850 117.17 17.92 1.41
CA LYS G 850 118.55 18.14 0.96
C LYS G 850 118.96 17.26 -0.21
N TYR G 851 118.50 16.02 -0.22
CA TYR G 851 118.86 15.08 -1.28
C TYR G 851 117.67 14.65 -2.16
N ALA G 852 116.45 14.98 -1.72
CA ALA G 852 115.27 14.67 -2.51
C ALA G 852 115.14 15.89 -3.42
N CYS G 853 115.80 15.82 -4.58
CA CYS G 853 115.82 16.93 -5.52
C CYS G 853 114.60 17.08 -6.42
N GLY G 854 113.45 17.26 -5.78
CA GLY G 854 112.20 17.44 -6.49
C GLY G 854 111.55 18.76 -6.14
N MET G 855 110.52 19.14 -6.89
CA MET G 855 109.82 20.39 -6.68
C MET G 855 108.76 20.27 -5.58
N ALA G 856 108.69 21.27 -4.71
CA ALA G 856 107.73 21.28 -3.59
C ALA G 856 106.69 22.40 -3.75
N ASN G 857 106.29 22.65 -4.99
CA ASN G 857 105.34 23.72 -5.32
C ASN G 857 104.04 23.88 -4.54
N ASN G 858 103.35 22.79 -4.27
CA ASN G 858 102.05 22.89 -3.62
C ASN G 858 101.91 23.32 -2.16
N THR G 859 103.00 23.83 -1.59
CA THR G 859 102.98 24.39 -0.24
C THR G 859 103.72 25.70 -0.44
N ALA G 860 102.96 26.79 -0.61
CA ALA G 860 103.55 28.11 -0.81
C ALA G 860 102.83 29.13 0.04
N LEU G 861 103.59 29.93 0.79
CA LEU G 861 103.01 30.96 1.62
C LEU G 861 102.97 32.28 0.86
N VAL G 862 101.83 32.96 0.92
CA VAL G 862 101.67 34.24 0.24
C VAL G 862 100.75 35.17 1.02
N GLU G 863 100.61 36.38 0.50
CA GLU G 863 99.73 37.39 1.07
C GLU G 863 99.05 38.01 -0.14
N ILE G 864 97.82 38.47 0.02
CA ILE G 864 97.12 39.08 -1.09
C ILE G 864 96.51 40.39 -0.62
N GLU G 865 96.27 41.28 -1.59
CA GLU G 865 95.68 42.58 -1.33
C GLU G 865 95.10 43.06 -2.65
N LYS G 866 94.23 44.06 -2.59
CA LYS G 866 93.67 44.60 -3.82
C LYS G 866 94.86 45.23 -4.53
N TRP G 867 94.94 45.04 -5.84
CA TRP G 867 96.04 45.59 -6.60
C TRP G 867 95.90 47.10 -6.73
N ASP G 868 96.97 47.83 -6.38
CA ASP G 868 96.95 49.28 -6.47
C ASP G 868 97.33 49.77 -7.87
N GLY G 869 97.64 48.84 -8.76
CA GLY G 869 98.03 49.22 -10.11
C GLY G 869 99.53 49.33 -10.33
N ASP G 870 100.30 49.36 -9.24
CA ASP G 870 101.75 49.47 -9.32
C ASP G 870 102.35 48.27 -10.06
N LYS G 871 103.50 48.46 -10.70
CA LYS G 871 104.14 47.38 -11.44
C LYS G 871 105.05 46.52 -10.57
N TYR G 872 105.33 47.02 -9.37
CA TYR G 872 106.17 46.31 -8.41
C TYR G 872 107.49 45.78 -8.97
N GLU G 873 108.27 46.66 -9.59
CA GLU G 873 109.55 46.25 -10.13
C GLU G 873 110.53 46.28 -8.96
N ILE G 874 110.57 45.16 -8.23
CA ILE G 874 111.42 45.07 -7.05
C ILE G 874 112.06 43.69 -6.87
N TYR G 875 112.07 42.86 -7.90
CA TYR G 875 112.66 41.53 -7.77
C TYR G 875 113.91 41.32 -8.61
N MET H 1 54.11 15.21 -36.97
CA MET H 1 54.92 16.39 -36.55
C MET H 1 55.59 16.11 -35.21
N GLU H 2 56.76 15.49 -35.28
CA GLU H 2 57.53 15.15 -34.09
C GLU H 2 58.39 16.36 -33.70
N GLN H 3 58.52 16.61 -32.40
CA GLN H 3 59.29 17.76 -31.92
C GLN H 3 60.51 17.39 -31.10
N TYR H 4 61.46 18.33 -31.03
CA TYR H 4 62.68 18.14 -30.26
C TYR H 4 62.52 18.62 -28.83
N TYR H 5 63.20 17.93 -27.93
CA TYR H 5 63.17 18.27 -26.51
C TYR H 5 64.55 17.95 -25.95
N MET H 6 64.96 18.70 -24.92
CA MET H 6 66.24 18.47 -24.28
C MET H 6 66.04 18.42 -22.78
N VAL H 7 66.71 17.48 -22.12
CA VAL H 7 66.62 17.36 -20.67
C VAL H 7 68.02 17.45 -20.07
N ILE H 8 68.18 18.36 -19.13
CA ILE H 8 69.47 18.58 -18.49
C ILE H 8 69.43 18.19 -17.02
N ASP H 9 70.35 17.32 -16.61
CA ASP H 9 70.43 16.86 -15.24
C ASP H 9 71.43 17.72 -14.46
N VAL H 10 70.91 18.66 -13.68
CA VAL H 10 71.75 19.54 -12.88
C VAL H 10 72.67 18.75 -11.95
N ALA H 11 72.13 17.70 -11.35
CA ALA H 11 72.90 16.88 -10.42
C ALA H 11 74.16 16.30 -11.06
N LYS H 12 74.23 16.30 -12.39
CA LYS H 12 75.40 15.76 -13.06
C LYS H 12 76.36 16.76 -13.72
N CYS H 13 76.07 18.06 -13.64
CA CYS H 13 76.99 19.03 -14.24
C CYS H 13 78.26 19.17 -13.42
N GLN H 14 79.41 19.16 -14.09
CA GLN H 14 80.66 19.38 -13.36
C GLN H 14 81.36 20.65 -13.87
N ASP H 15 80.70 21.35 -14.80
CA ASP H 15 81.22 22.60 -15.35
C ASP H 15 82.58 22.42 -16.07
N CYS H 16 82.79 21.30 -16.77
CA CYS H 16 84.05 21.10 -17.50
C CYS H 16 84.03 22.00 -18.71
N ASN H 17 82.82 22.43 -19.09
CA ASN H 17 82.63 23.31 -20.23
C ASN H 17 82.79 22.68 -21.61
N ASN H 18 82.60 21.37 -21.71
CA ASN H 18 82.71 20.74 -23.02
C ASN H 18 81.64 21.32 -23.96
N CYS H 19 80.47 21.68 -23.41
CA CYS H 19 79.34 22.27 -24.17
C CYS H 19 79.86 23.45 -24.91
N PHE H 20 80.06 24.46 -24.08
CA PHE H 20 80.53 25.77 -24.46
C PHE H 20 81.59 25.60 -25.52
N MET H 21 82.60 24.79 -25.22
CA MET H 21 83.68 24.60 -26.16
C MET H 21 83.15 23.96 -27.43
N GLY H 22 82.05 23.23 -27.29
CA GLY H 22 81.42 22.62 -28.44
C GLY H 22 80.77 23.64 -29.38
N CYS H 23 80.07 24.66 -28.86
CA CYS H 23 79.47 25.66 -29.77
C CYS H 23 80.57 26.37 -30.48
N MET H 24 81.43 26.98 -29.67
CA MET H 24 82.55 27.72 -30.20
C MET H 24 83.17 26.94 -31.34
N ASP H 25 83.46 25.67 -31.08
CA ASP H 25 84.06 24.83 -32.11
C ASP H 25 83.20 24.84 -33.36
N GLU H 26 81.90 24.75 -33.16
CA GLU H 26 80.95 24.70 -34.25
C GLU H 26 80.58 26.05 -34.88
N HIS H 27 80.55 27.10 -34.08
CA HIS H 27 80.10 28.40 -34.56
C HIS H 27 81.07 29.57 -34.66
N GLU H 28 82.13 29.57 -33.85
CA GLU H 28 83.10 30.67 -33.87
C GLU H 28 83.81 30.90 -35.21
N LEU H 29 84.35 29.83 -35.79
CA LEU H 29 85.07 29.92 -37.05
C LEU H 29 84.25 29.46 -38.26
N ASN H 30 82.98 29.13 -38.05
CA ASN H 30 82.12 28.68 -39.12
C ASN H 30 80.91 29.57 -39.33
N GLU H 31 80.43 29.60 -40.56
CA GLU H 31 79.25 30.37 -40.92
C GLU H 31 78.27 29.38 -41.52
N TRP H 32 77.03 29.40 -41.05
CA TRP H 32 76.03 28.47 -41.55
C TRP H 32 74.85 29.16 -42.20
N PRO H 33 74.94 29.40 -43.51
CA PRO H 33 73.89 30.06 -44.31
C PRO H 33 72.51 29.50 -44.04
N GLY H 34 71.57 30.38 -43.70
CA GLY H 34 70.22 29.95 -43.43
C GLY H 34 70.00 29.71 -41.94
N TYR H 35 71.07 29.74 -41.17
CA TYR H 35 70.96 29.52 -39.74
C TYR H 35 71.62 30.61 -38.91
N THR H 36 72.88 30.91 -39.21
CA THR H 36 73.60 31.91 -38.43
C THR H 36 74.96 32.24 -38.99
N ALA H 37 75.42 33.45 -38.70
CA ALA H 37 76.74 33.90 -39.11
C ALA H 37 77.64 33.37 -38.00
N SER H 38 78.96 33.44 -38.20
CA SER H 38 79.87 32.93 -37.17
C SER H 38 79.58 33.62 -35.84
N MET H 39 79.84 32.89 -34.76
CA MET H 39 79.63 33.38 -33.41
C MET H 39 80.71 34.41 -33.01
N GLN H 40 80.35 35.38 -32.17
CA GLN H 40 81.30 36.38 -31.71
C GLN H 40 81.95 35.90 -30.41
N ARG H 41 83.27 36.01 -30.31
CA ARG H 41 84.00 35.58 -29.12
C ARG H 41 83.44 36.30 -27.90
N GLY H 42 83.18 35.56 -26.83
CA GLY H 42 82.65 36.18 -25.62
C GLY H 42 81.17 35.92 -25.40
N HIS H 43 80.46 35.56 -26.46
CA HIS H 43 79.04 35.27 -26.35
C HIS H 43 78.85 33.94 -25.62
N ARG H 44 77.64 33.70 -25.12
CA ARG H 44 77.34 32.46 -24.43
C ARG H 44 76.00 31.87 -24.84
N TRP H 45 75.90 31.40 -26.09
CA TRP H 45 74.65 30.79 -26.55
C TRP H 45 74.35 29.69 -25.54
N MET H 46 75.42 29.08 -25.03
CA MET H 46 75.35 28.06 -24.01
C MET H 46 75.97 28.74 -22.80
N ASN H 47 75.13 29.14 -21.85
CA ASN H 47 75.60 29.83 -20.66
C ASN H 47 75.49 28.88 -19.47
N ILE H 48 76.63 28.47 -18.93
CA ILE H 48 76.65 27.55 -17.80
C ILE H 48 76.66 28.35 -16.49
N GLU H 49 75.49 28.48 -15.87
CA GLU H 49 75.36 29.22 -14.63
C GLU H 49 75.99 28.46 -13.47
N ARG H 50 76.61 29.18 -12.55
CA ARG H 50 77.27 28.58 -11.40
C ARG H 50 76.69 29.16 -10.13
N ARG H 51 76.38 28.30 -9.17
CA ARG H 51 75.83 28.79 -7.91
C ARG H 51 76.32 28.02 -6.69
N GLU H 52 77.07 28.69 -5.84
CA GLU H 52 77.56 28.11 -4.60
C GLU H 52 76.49 28.30 -3.54
N ARG H 53 76.33 27.31 -2.67
CA ARG H 53 75.35 27.39 -1.58
C ARG H 53 76.02 27.11 -0.24
N GLY H 54 75.44 27.63 0.83
CA GLY H 54 75.99 27.40 2.16
C GLY H 54 77.30 28.08 2.48
N THR H 55 77.94 27.63 3.55
CA THR H 55 79.20 28.19 4.01
C THR H 55 80.15 27.08 4.47
N TYR H 56 81.45 27.34 4.35
CA TYR H 56 82.46 26.38 4.77
C TYR H 56 82.12 25.95 6.21
N PRO H 57 82.26 24.65 6.52
CA PRO H 57 82.69 23.51 5.71
C PRO H 57 81.58 22.64 5.11
N ARG H 58 80.33 23.05 5.25
CA ARG H 58 79.23 22.25 4.71
C ARG H 58 78.54 22.93 3.55
N ASN H 59 79.35 23.57 2.71
CA ASN H 59 78.90 24.28 1.53
C ASN H 59 78.87 23.31 0.37
N ASP H 60 78.34 23.75 -0.76
CA ASP H 60 78.32 22.93 -1.97
C ASP H 60 78.12 23.86 -3.16
N ILE H 61 78.07 23.29 -4.35
CA ILE H 61 77.89 24.10 -5.55
C ILE H 61 77.23 23.29 -6.65
N ASN H 62 76.47 23.95 -7.50
CA ASN H 62 75.79 23.28 -8.59
C ASN H 62 75.80 24.18 -9.82
N TYR H 63 75.65 23.59 -11.00
CA TYR H 63 75.67 24.37 -12.23
C TYR H 63 74.44 24.12 -13.09
N ARG H 64 74.09 25.11 -13.90
CA ARG H 64 72.93 24.98 -14.78
C ARG H 64 73.24 25.34 -16.22
N PRO H 65 73.49 24.33 -17.06
CA PRO H 65 73.78 24.67 -18.47
C PRO H 65 72.51 25.34 -19.00
N THR H 66 72.66 26.53 -19.56
CA THR H 66 71.52 27.28 -20.07
C THR H 66 71.65 27.70 -21.53
N PRO H 67 71.02 26.94 -22.44
CA PRO H 67 71.04 27.25 -23.87
C PRO H 67 69.76 28.03 -24.14
N CYS H 68 69.29 27.99 -25.38
CA CYS H 68 68.04 28.65 -25.68
C CYS H 68 66.96 27.70 -25.17
N MET H 69 65.84 28.23 -24.70
CA MET H 69 64.78 27.37 -24.20
C MET H 69 63.88 26.90 -25.36
N HIS H 70 63.98 27.58 -26.49
CA HIS H 70 63.16 27.26 -27.66
C HIS H 70 61.74 26.99 -27.21
N CYS H 71 61.22 27.88 -26.35
CA CYS H 71 59.89 27.71 -25.81
C CYS H 71 58.76 27.68 -26.84
N GLU H 72 57.74 26.87 -26.54
CA GLU H 72 56.58 26.67 -27.41
C GLU H 72 55.78 27.94 -27.65
N ASN H 73 55.80 28.83 -26.67
CA ASN H 73 55.09 30.10 -26.75
C ASN H 73 56.15 31.18 -26.60
N ALA H 74 56.98 31.31 -27.63
CA ALA H 74 58.09 32.25 -27.64
C ALA H 74 57.78 33.74 -27.77
N PRO H 75 58.15 34.53 -26.76
CA PRO H 75 57.93 35.98 -26.76
C PRO H 75 58.60 36.65 -27.95
N CYS H 76 59.85 36.29 -28.23
CA CYS H 76 60.51 36.95 -29.36
C CYS H 76 60.01 36.59 -30.74
N VAL H 77 59.24 35.50 -30.86
CA VAL H 77 58.69 35.18 -32.15
C VAL H 77 57.48 36.13 -32.23
N ALA H 78 56.75 36.24 -31.12
CA ALA H 78 55.57 37.10 -31.03
C ALA H 78 55.89 38.59 -31.23
N LYS H 79 57.02 39.02 -30.69
CA LYS H 79 57.39 40.41 -30.83
C LYS H 79 58.67 40.60 -31.61
N GLY H 80 58.91 39.70 -32.56
CA GLY H 80 60.11 39.77 -33.38
C GLY H 80 59.86 40.34 -34.75
N ASN H 81 58.59 40.70 -35.01
CA ASN H 81 58.19 41.27 -36.28
C ASN H 81 58.74 40.52 -37.48
N GLY H 82 58.73 39.19 -37.40
CA GLY H 82 59.21 38.38 -38.50
C GLY H 82 60.70 38.10 -38.51
N ALA H 83 61.43 38.66 -37.55
CA ALA H 83 62.87 38.46 -37.48
C ALA H 83 63.22 37.12 -36.81
N VAL H 84 62.23 36.52 -36.16
CA VAL H 84 62.41 35.24 -35.49
C VAL H 84 61.23 34.34 -35.83
N TYR H 85 61.49 33.06 -36.12
CA TYR H 85 60.41 32.14 -36.44
C TYR H 85 60.48 30.84 -35.66
N GLN H 86 59.39 30.08 -35.72
CA GLN H 86 59.30 28.81 -35.00
C GLN H 86 59.02 27.70 -36.00
N ARG H 87 59.83 26.65 -35.98
CA ARG H 87 59.65 25.54 -36.91
C ARG H 87 58.69 24.50 -36.33
N GLU H 88 58.15 23.65 -37.20
CA GLU H 88 57.21 22.62 -36.77
C GLU H 88 57.83 21.70 -35.73
N ASP H 89 59.13 21.43 -35.87
CA ASP H 89 59.83 20.56 -34.92
C ASP H 89 60.12 21.22 -33.58
N GLY H 90 59.63 22.45 -33.41
CA GLY H 90 59.83 23.16 -32.15
C GLY H 90 61.01 24.09 -32.04
N ILE H 91 61.99 23.94 -32.92
CA ILE H 91 63.17 24.80 -32.88
C ILE H 91 62.85 26.25 -33.25
N VAL H 92 63.25 27.18 -32.38
CA VAL H 92 63.04 28.60 -32.61
C VAL H 92 64.34 29.17 -33.20
N LEU H 93 64.24 29.81 -34.36
CA LEU H 93 65.42 30.37 -35.02
C LEU H 93 65.29 31.81 -35.45
N ILE H 94 66.36 32.57 -35.21
CA ILE H 94 66.41 33.95 -35.61
C ILE H 94 66.76 33.92 -37.10
N ASP H 95 66.17 34.83 -37.88
CA ASP H 95 66.50 34.90 -39.29
C ASP H 95 67.78 35.75 -39.33
N PRO H 96 68.91 35.14 -39.73
CA PRO H 96 70.23 35.79 -39.81
C PRO H 96 70.25 37.12 -40.56
N GLU H 97 69.41 37.26 -41.59
CA GLU H 97 69.39 38.47 -42.38
C GLU H 97 68.34 39.48 -41.93
N LYS H 98 67.11 39.02 -41.70
CA LYS H 98 66.03 39.92 -41.28
C LYS H 98 66.35 40.63 -39.96
N ALA H 99 67.03 39.92 -39.06
CA ALA H 99 67.36 40.45 -37.75
C ALA H 99 68.48 41.50 -37.72
N LYS H 100 69.25 41.60 -38.80
CA LYS H 100 70.33 42.57 -38.83
C LYS H 100 69.85 43.98 -38.50
N GLY H 101 70.66 44.70 -37.71
CA GLY H 101 70.33 46.06 -37.33
C GLY H 101 69.27 46.26 -36.26
N LYS H 102 68.92 45.20 -35.52
CA LYS H 102 67.89 45.32 -34.51
C LYS H 102 68.26 44.83 -33.11
N LYS H 103 69.08 45.60 -32.40
CA LYS H 103 69.49 45.23 -31.05
C LYS H 103 68.29 44.98 -30.16
N GLU H 104 67.19 45.65 -30.47
CA GLU H 104 65.94 45.55 -29.70
C GLU H 104 65.49 44.10 -29.51
N LEU H 105 65.78 43.25 -30.48
CA LEU H 105 65.40 41.85 -30.39
C LEU H 105 65.79 41.21 -29.06
N LEU H 106 66.98 41.53 -28.57
CA LEU H 106 67.46 40.96 -27.31
C LEU H 106 66.49 41.13 -26.16
N ASP H 107 65.82 42.28 -26.11
CA ASP H 107 64.87 42.57 -25.03
C ASP H 107 63.55 41.83 -25.07
N THR H 108 63.30 41.07 -26.13
CA THR H 108 62.06 40.32 -26.23
C THR H 108 62.22 38.99 -25.50
N CYS H 109 63.42 38.77 -24.96
CA CYS H 109 63.76 37.54 -24.24
C CYS H 109 63.75 37.62 -22.74
N PRO H 110 62.83 36.91 -22.09
CA PRO H 110 62.83 36.99 -20.62
C PRO H 110 64.03 36.21 -20.08
N TYR H 111 64.59 35.33 -20.91
CA TYR H 111 65.73 34.52 -20.48
C TYR H 111 67.11 35.12 -20.75
N GLY H 112 67.17 36.13 -21.62
CA GLY H 112 68.44 36.77 -21.93
C GLY H 112 69.45 35.87 -22.62
N VAL H 113 68.97 34.93 -23.43
CA VAL H 113 69.86 34.02 -24.14
C VAL H 113 70.37 34.58 -25.47
N MET H 114 69.91 35.78 -25.83
CA MET H 114 70.35 36.39 -27.09
C MET H 114 71.57 37.29 -26.85
N TYR H 115 72.46 37.34 -27.83
CA TYR H 115 73.67 38.15 -27.74
C TYR H 115 73.86 38.94 -29.01
N TRP H 116 74.24 40.21 -28.84
CA TRP H 116 74.46 41.09 -29.98
C TRP H 116 75.84 40.89 -30.58
N ASN H 117 75.88 40.62 -31.88
CA ASN H 117 77.13 40.43 -32.60
C ASN H 117 77.51 41.75 -33.27
N GLU H 118 78.58 42.38 -32.79
CA GLU H 118 79.05 43.67 -33.31
C GLU H 118 79.40 43.66 -34.81
N GLU H 119 80.31 42.79 -35.21
CA GLU H 119 80.75 42.71 -36.59
C GLU H 119 79.63 42.41 -37.59
N GLU H 120 78.64 41.66 -37.14
CA GLU H 120 77.52 41.30 -38.00
C GLU H 120 76.30 42.20 -37.75
N ASN H 121 76.36 42.99 -36.67
CA ASN H 121 75.24 43.87 -36.32
C ASN H 121 73.95 43.06 -36.38
N VAL H 122 73.88 42.04 -35.53
CA VAL H 122 72.71 41.18 -35.48
C VAL H 122 72.70 40.38 -34.18
N ALA H 123 71.51 40.07 -33.72
CA ALA H 123 71.36 39.28 -32.51
C ALA H 123 71.66 37.84 -32.89
N GLN H 124 72.27 37.12 -31.96
CA GLN H 124 72.58 35.72 -32.18
C GLN H 124 72.25 34.94 -30.94
N LYS H 125 72.07 33.65 -31.10
CA LYS H 125 71.78 32.80 -29.98
C LYS H 125 71.65 31.35 -30.39
N CYS H 126 71.31 30.56 -29.39
CA CYS H 126 71.13 29.14 -29.58
C CYS H 126 70.27 28.74 -30.77
N THR H 127 70.79 27.88 -31.63
CA THR H 127 70.01 27.41 -32.78
C THR H 127 69.73 25.92 -32.63
N MET H 128 70.23 25.32 -31.56
CA MET H 128 70.10 23.88 -31.30
C MET H 128 70.72 23.13 -32.49
N CYS H 129 71.80 23.68 -33.04
CA CYS H 129 72.51 23.17 -34.24
C CYS H 129 71.56 22.55 -35.22
N ALA H 130 70.58 23.35 -35.58
CA ALA H 130 69.57 22.94 -36.54
C ALA H 130 70.23 22.53 -37.85
N HIS H 131 71.38 23.13 -38.15
CA HIS H 131 72.09 22.79 -39.40
C HIS H 131 72.62 21.38 -39.31
N LEU H 132 72.95 20.95 -38.10
CA LEU H 132 73.43 19.59 -37.88
C LEU H 132 72.24 18.64 -37.82
N LEU H 133 71.18 19.07 -37.14
CA LEU H 133 69.98 18.24 -37.02
C LEU H 133 69.27 18.07 -38.37
N ASP H 134 69.50 19.00 -39.29
CA ASP H 134 68.86 18.89 -40.60
C ASP H 134 69.73 18.10 -41.57
N ASP H 135 70.90 17.66 -41.11
CA ASP H 135 71.80 16.88 -41.96
C ASP H 135 71.94 15.43 -41.52
N GLU H 136 71.53 14.51 -42.39
CA GLU H 136 71.60 13.08 -42.14
C GLU H 136 73.02 12.62 -41.86
N SER H 137 73.97 13.24 -42.55
CA SER H 137 75.38 12.91 -42.42
C SER H 137 75.89 13.00 -40.98
N TRP H 138 75.33 13.93 -40.20
CA TRP H 138 75.73 14.07 -38.80
C TRP H 138 75.14 12.88 -38.07
N ALA H 139 75.91 11.80 -38.00
CA ALA H 139 75.50 10.55 -37.35
C ALA H 139 74.93 10.69 -35.94
N PRO H 140 75.60 11.44 -35.06
CA PRO H 140 75.12 11.60 -33.68
C PRO H 140 73.67 12.06 -33.57
N LYS H 141 73.23 12.90 -34.51
CA LYS H 141 71.87 13.42 -34.54
C LYS H 141 71.44 14.07 -33.22
N MET H 142 72.31 14.93 -32.70
CA MET H 142 72.04 15.65 -31.46
C MET H 142 72.96 16.86 -31.47
N PRO H 143 72.61 17.92 -30.71
CA PRO H 143 73.44 19.13 -30.66
C PRO H 143 74.88 18.86 -30.20
N ARG H 144 75.75 19.84 -30.37
CA ARG H 144 77.15 19.68 -29.98
C ARG H 144 77.39 19.59 -28.45
N CYS H 145 76.67 20.36 -27.64
CA CYS H 145 76.89 20.24 -26.18
C CYS H 145 76.59 18.84 -25.75
N ALA H 146 75.38 18.38 -26.08
CA ALA H 146 74.92 17.04 -25.73
C ALA H 146 75.94 16.01 -26.20
N HIS H 147 76.45 16.19 -27.40
CA HIS H 147 77.42 15.24 -27.92
C HIS H 147 78.80 15.36 -27.27
N ASN H 148 79.20 16.56 -26.87
CA ASN H 148 80.50 16.74 -26.24
C ASN H 148 80.52 16.33 -24.76
N CYS H 149 79.36 16.24 -24.13
CA CYS H 149 79.29 15.82 -22.72
C CYS H 149 80.00 14.52 -22.45
N GLY H 150 80.68 14.47 -21.31
CA GLY H 150 81.34 13.25 -20.89
C GLY H 150 80.78 12.92 -19.51
N SER H 151 79.76 13.66 -19.10
CA SER H 151 79.15 13.47 -17.79
C SER H 151 77.70 13.02 -17.80
N PHE H 152 77.21 12.64 -18.97
CA PHE H 152 75.85 12.15 -19.14
C PHE H 152 74.79 13.11 -18.59
N VAL H 153 74.98 14.40 -18.84
CA VAL H 153 74.04 15.41 -18.38
C VAL H 153 72.84 15.54 -19.33
N TYR H 154 73.11 15.43 -20.62
CA TYR H 154 72.07 15.61 -21.62
C TYR H 154 71.29 14.40 -22.12
N GLU H 155 70.05 14.68 -22.48
CA GLU H 155 69.14 13.68 -23.01
C GLU H 155 68.44 14.46 -24.13
N PHE H 156 68.78 14.14 -25.37
CA PHE H 156 68.18 14.83 -26.51
C PHE H 156 67.13 13.95 -27.16
N LEU H 157 65.90 14.44 -27.23
CA LEU H 157 64.83 13.66 -27.81
C LEU H 157 64.05 14.37 -28.91
N LYS H 158 63.30 13.57 -29.66
CA LYS H 158 62.43 14.05 -30.71
C LYS H 158 61.26 13.10 -30.61
N THR H 159 60.17 13.58 -30.02
CA THR H 159 59.00 12.75 -29.84
C THR H 159 57.74 13.59 -29.75
N THR H 160 56.61 12.93 -29.50
CA THR H 160 55.33 13.59 -29.39
C THR H 160 55.23 14.33 -28.06
N PRO H 161 54.35 15.34 -27.98
CA PRO H 161 54.20 16.09 -26.74
C PRO H 161 53.67 15.20 -25.61
N GLU H 162 52.87 14.20 -25.97
CA GLU H 162 52.32 13.28 -24.99
C GLU H 162 53.44 12.50 -24.32
N ALA H 163 54.36 11.98 -25.14
CA ALA H 163 55.49 11.21 -24.63
C ALA H 163 56.38 12.06 -23.73
N MET H 164 56.63 13.30 -24.14
CA MET H 164 57.45 14.20 -23.36
C MET H 164 56.76 14.52 -22.04
N ALA H 165 55.46 14.84 -22.12
CA ALA H 165 54.69 15.16 -20.93
C ALA H 165 54.77 14.01 -19.92
N LYS H 166 54.60 12.79 -20.40
CA LYS H 166 54.66 11.63 -19.51
C LYS H 166 56.01 11.59 -18.82
N LYS H 167 57.08 11.81 -19.60
CA LYS H 167 58.43 11.81 -19.06
C LYS H 167 58.54 12.90 -18.01
N VAL H 168 58.04 14.09 -18.34
CA VAL H 168 58.09 15.23 -17.41
C VAL H 168 57.53 14.84 -16.05
N GLU H 169 56.43 14.08 -16.06
CA GLU H 169 55.78 13.64 -14.82
C GLU H 169 56.55 12.53 -14.13
N GLU H 170 56.93 11.51 -14.88
CA GLU H 170 57.67 10.38 -14.32
C GLU H 170 58.98 10.81 -13.67
N GLU H 171 59.57 11.89 -14.15
CA GLU H 171 60.85 12.35 -13.61
C GLU H 171 60.81 13.70 -12.91
N GLY H 172 59.63 14.28 -12.79
CA GLY H 172 59.51 15.58 -12.14
C GLY H 172 60.38 16.63 -12.79
N LEU H 173 60.45 16.62 -14.11
CA LEU H 173 61.27 17.59 -14.83
C LEU H 173 60.63 18.97 -14.66
N GLU H 174 61.46 20.01 -14.71
CA GLU H 174 60.98 21.38 -14.55
C GLU H 174 61.62 22.30 -15.56
N VAL H 175 61.09 23.52 -15.66
CA VAL H 175 61.65 24.51 -16.55
C VAL H 175 61.97 25.74 -15.73
N ILE H 176 62.71 26.67 -16.32
CA ILE H 176 63.06 27.91 -15.64
C ILE H 176 61.93 28.90 -15.90
N LYS H 177 61.63 29.73 -14.92
CA LYS H 177 60.57 30.73 -15.02
C LYS H 177 59.26 30.22 -15.63
N PRO H 178 58.67 29.17 -15.01
CA PRO H 178 57.41 28.57 -15.47
C PRO H 178 56.26 29.57 -15.45
N GLU H 179 56.27 30.45 -14.45
CA GLU H 179 55.24 31.47 -14.30
C GLU H 179 55.05 32.38 -15.52
N LEU H 180 56.07 32.47 -16.37
CA LEU H 180 55.99 33.34 -17.54
C LEU H 180 55.17 32.78 -18.69
N GLY H 181 54.89 31.48 -18.65
CA GLY H 181 54.09 30.84 -19.68
C GLY H 181 54.66 30.65 -21.08
N THR H 182 55.98 30.80 -21.23
CA THR H 182 56.58 30.64 -22.54
C THR H 182 56.70 29.17 -22.95
N LYS H 183 56.60 28.28 -21.97
CA LYS H 183 56.69 26.84 -22.19
C LYS H 183 57.97 26.34 -22.85
N PRO H 184 59.09 26.42 -22.12
CA PRO H 184 60.39 25.97 -22.62
C PRO H 184 60.34 24.50 -23.01
N ARG H 185 61.14 24.09 -24.00
CA ARG H 185 61.18 22.69 -24.39
C ARG H 185 62.50 22.09 -23.90
N VAL H 186 63.19 22.87 -23.08
CA VAL H 186 64.45 22.47 -22.46
C VAL H 186 64.11 22.24 -21.00
N TYR H 187 64.08 20.97 -20.59
CA TYR H 187 63.74 20.65 -19.21
C TYR H 187 64.95 20.35 -18.33
N TYR H 188 64.76 20.55 -17.03
CA TYR H 188 65.80 20.30 -16.05
C TYR H 188 65.40 19.27 -15.01
N LYS H 189 66.33 18.35 -14.73
CA LYS H 189 66.13 17.29 -13.75
C LYS H 189 66.97 17.68 -12.55
N ASN H 190 66.42 17.53 -11.35
CA ASN H 190 67.13 17.89 -10.12
C ASN H 190 67.42 19.38 -10.08
N LEU H 191 66.49 20.19 -10.58
CA LEU H 191 66.66 21.64 -10.65
C LEU H 191 66.71 22.28 -9.27
N TYR H 192 66.26 21.55 -8.26
CA TYR H 192 66.26 22.07 -6.90
C TYR H 192 67.68 22.37 -6.45
N ARG H 193 68.65 21.63 -7.00
CA ARG H 193 70.06 21.81 -6.67
C ARG H 193 70.48 23.26 -6.91
N PHE H 194 69.95 23.85 -7.96
CA PHE H 194 70.28 25.21 -8.35
C PHE H 194 69.37 26.28 -7.76
N GLU H 195 68.07 26.06 -7.83
CA GLU H 195 67.09 27.04 -7.36
C GLU H 195 66.69 27.01 -5.88
N LYS H 196 66.76 25.84 -5.24
CA LYS H 196 66.37 25.76 -3.85
C LYS H 196 67.56 25.75 -2.90
N ASN H 197 67.28 25.55 -1.62
CA ASN H 197 68.33 25.53 -0.62
C ASN H 197 68.19 24.38 0.36
N TYR H 198 69.13 24.29 1.29
CA TYR H 198 69.13 23.22 2.27
C TYR H 198 69.60 23.69 3.63
N VAL H 199 69.38 22.82 4.61
CA VAL H 199 69.82 23.06 5.98
C VAL H 199 70.58 21.79 6.31
N THR H 200 71.71 21.93 6.98
CA THR H 200 72.55 20.78 7.31
C THR H 200 73.26 21.03 8.64
N ALA H 201 73.84 19.98 9.21
CA ALA H 201 74.56 20.09 10.49
C ALA H 201 75.26 18.79 10.83
N GLY H 202 76.11 18.83 11.85
CA GLY H 202 76.82 17.65 12.28
C GLY H 202 76.53 17.39 13.74
N ILE H 203 75.95 16.23 14.03
CA ILE H 203 75.59 15.88 15.39
C ILE H 203 76.69 15.11 16.13
N LEU H 204 76.97 15.56 17.35
CA LEU H 204 77.98 14.94 18.19
C LEU H 204 77.38 14.49 19.53
N VAL H 205 77.85 13.34 20.01
CA VAL H 205 77.43 12.81 21.29
C VAL H 205 78.73 12.49 22.02
N GLN H 206 78.94 13.11 23.17
CA GLN H 206 80.16 12.92 23.93
C GLN H 206 81.42 13.22 23.12
N GLY H 207 81.30 14.14 22.17
CA GLY H 207 82.46 14.52 21.37
C GLY H 207 82.76 13.73 20.11
N ASP H 208 81.90 12.80 19.74
CA ASP H 208 82.12 12.01 18.53
C ASP H 208 80.90 12.03 17.61
N CYS H 209 81.18 12.00 16.31
CA CYS H 209 80.11 12.01 15.31
C CYS H 209 79.15 10.86 15.64
N PHE H 210 77.89 11.20 15.85
CA PHE H 210 76.88 10.19 16.19
C PHE H 210 76.08 9.77 14.97
N GLU H 211 76.11 8.48 14.68
CA GLU H 211 75.40 7.93 13.54
C GLU H 211 74.11 7.25 13.99
N GLY H 212 73.03 7.48 13.25
CA GLY H 212 71.76 6.87 13.60
C GLY H 212 70.80 7.81 14.29
N ALA H 213 71.23 9.05 14.54
CA ALA H 213 70.36 10.02 15.19
C ALA H 213 69.21 10.34 14.23
N LYS H 214 68.01 10.45 14.78
CA LYS H 214 66.85 10.76 13.97
C LYS H 214 66.62 12.26 13.88
N VAL H 215 66.53 12.76 12.65
CA VAL H 215 66.34 14.19 12.42
C VAL H 215 65.06 14.40 11.64
N VAL H 216 64.29 15.39 12.07
CA VAL H 216 63.03 15.72 11.42
C VAL H 216 62.97 17.21 11.13
N LEU H 217 62.51 17.57 9.94
CA LEU H 217 62.39 18.97 9.56
C LEU H 217 60.90 19.30 9.53
N LYS H 218 60.52 20.38 10.20
CA LYS H 218 59.13 20.80 10.21
C LYS H 218 58.97 22.23 9.76
N SER H 219 57.78 22.54 9.24
CA SER H 219 57.45 23.87 8.78
C SER H 219 56.05 24.14 9.32
N GLY H 220 55.93 25.15 10.18
CA GLY H 220 54.65 25.46 10.77
C GLY H 220 54.40 24.54 11.95
N GLY H 221 54.56 23.24 11.72
CA GLY H 221 54.36 22.27 12.76
C GLY H 221 54.29 20.86 12.20
N LYS H 222 54.11 20.75 10.89
CA LYS H 222 54.03 19.45 10.25
C LYS H 222 55.35 19.01 9.63
N GLU H 223 55.64 17.73 9.76
CA GLU H 223 56.86 17.15 9.23
C GLU H 223 57.00 17.40 7.72
N VAL H 224 58.14 17.93 7.33
CA VAL H 224 58.43 18.23 5.93
C VAL H 224 59.41 17.22 5.36
N ALA H 225 60.31 16.72 6.21
CA ALA H 225 61.32 15.75 5.81
C ALA H 225 61.95 15.11 7.03
N SER H 226 62.65 14.01 6.83
CA SER H 226 63.29 13.31 7.93
C SER H 226 64.42 12.41 7.45
N ALA H 227 65.35 12.12 8.34
CA ALA H 227 66.48 11.26 8.01
C ALA H 227 67.23 10.88 9.27
N GLU H 228 68.22 10.02 9.11
CA GLU H 228 69.06 9.60 10.23
C GLU H 228 70.47 10.02 9.86
N THR H 229 71.21 10.54 10.82
CA THR H 229 72.57 11.00 10.56
C THR H 229 73.50 9.88 10.08
N ASN H 230 74.43 10.21 9.19
CA ASN H 230 75.38 9.21 8.70
C ASN H 230 76.53 9.10 9.70
N PHE H 231 77.59 8.39 9.32
CA PHE H 231 78.72 8.19 10.23
C PHE H 231 79.55 9.44 10.54
N PHE H 232 79.18 10.57 9.94
CA PHE H 232 79.86 11.83 10.20
C PHE H 232 78.91 12.68 11.07
N GLY H 233 77.80 12.05 11.48
CA GLY H 233 76.82 12.73 12.31
C GLY H 233 76.04 13.77 11.55
N GLU H 234 76.11 13.71 10.21
CA GLU H 234 75.44 14.68 9.38
C GLU H 234 74.14 14.26 8.72
N PHE H 235 73.34 15.28 8.39
CA PHE H 235 72.07 15.12 7.69
C PHE H 235 72.01 16.34 6.77
N LYS H 236 71.18 16.28 5.74
CA LYS H 236 71.04 17.40 4.82
C LYS H 236 69.67 17.41 4.14
N PHE H 237 68.85 18.40 4.48
CA PHE H 237 67.51 18.55 3.92
C PHE H 237 67.56 19.58 2.79
N ASP H 238 67.53 19.10 1.54
CA ASP H 238 67.59 19.99 0.38
C ASP H 238 66.21 20.25 -0.21
N ALA H 239 66.18 21.00 -1.32
CA ALA H 239 64.93 21.33 -2.01
C ALA H 239 63.95 22.12 -1.15
N LEU H 240 64.48 22.97 -0.27
CA LEU H 240 63.63 23.76 0.60
C LEU H 240 63.29 25.12 0.00
N ASP H 241 62.05 25.54 0.17
CA ASP H 241 61.62 26.85 -0.32
C ASP H 241 61.91 27.83 0.80
N ASN H 242 61.96 29.12 0.49
CA ASN H 242 62.22 30.10 1.53
C ASN H 242 61.15 30.04 2.60
N GLY H 243 61.55 30.30 3.84
CA GLY H 243 60.61 30.26 4.94
C GLY H 243 61.32 29.90 6.23
N GLU H 244 60.55 29.64 7.28
CA GLU H 244 61.09 29.27 8.57
C GLU H 244 60.80 27.78 8.85
N TYR H 245 61.81 27.06 9.33
CA TYR H 245 61.65 25.65 9.65
C TYR H 245 62.16 25.34 11.04
N THR H 246 61.82 24.15 11.51
CA THR H 246 62.24 23.67 12.80
C THR H 246 62.92 22.33 12.60
N VAL H 247 64.15 22.23 13.10
CA VAL H 247 64.91 21.01 13.01
C VAL H 247 64.83 20.34 14.37
N GLU H 248 64.36 19.10 14.39
CA GLU H 248 64.24 18.38 15.65
C GLU H 248 65.11 17.15 15.58
N ILE H 249 65.99 17.00 16.58
CA ILE H 249 66.92 15.89 16.60
C ILE H 249 66.74 15.00 17.83
N ASP H 250 66.86 13.70 17.61
CA ASP H 250 66.74 12.71 18.67
C ASP H 250 67.90 11.72 18.57
N ALA H 251 68.79 11.73 19.56
CA ALA H 251 69.94 10.83 19.57
C ALA H 251 70.19 10.26 20.96
N ASP H 252 70.29 8.94 21.06
CA ASP H 252 70.54 8.29 22.35
C ASP H 252 69.46 8.63 23.36
N GLY H 253 68.40 9.28 22.88
CA GLY H 253 67.33 9.68 23.78
C GLY H 253 67.43 11.15 24.10
N LYS H 254 68.58 11.74 23.75
CA LYS H 254 68.82 13.16 23.96
C LYS H 254 68.19 13.93 22.82
N SER H 255 67.42 14.96 23.14
CA SER H 255 66.75 15.75 22.12
C SER H 255 67.30 17.15 21.95
N TYR H 256 67.14 17.68 20.74
CA TYR H 256 67.60 19.02 20.40
C TYR H 256 66.66 19.58 19.34
N SER H 257 66.43 20.89 19.39
CA SER H 257 65.56 21.53 18.40
C SER H 257 65.95 22.98 18.24
N ASP H 258 65.86 23.46 17.01
CA ASP H 258 66.22 24.83 16.72
C ASP H 258 65.53 25.26 15.43
N THR H 259 65.33 26.55 15.27
CA THR H 259 64.67 27.06 14.08
C THR H 259 65.70 27.43 13.02
N VAL H 260 65.24 27.57 11.78
CA VAL H 260 66.11 27.92 10.69
C VAL H 260 65.35 28.75 9.66
N VAL H 261 65.93 29.87 9.26
CA VAL H 261 65.32 30.73 8.26
C VAL H 261 66.03 30.56 6.92
N ILE H 262 65.27 30.16 5.92
CA ILE H 262 65.78 29.95 4.57
C ILE H 262 65.36 31.14 3.71
N ASP H 263 66.32 31.98 3.35
CA ASP H 263 66.05 33.15 2.53
C ASP H 263 67.05 33.20 1.37
N ASP H 264 66.77 32.41 0.35
CA ASP H 264 67.61 32.30 -0.84
C ASP H 264 69.03 31.89 -0.47
N LYS H 265 69.18 31.23 0.67
CA LYS H 265 70.47 30.76 1.14
C LYS H 265 70.32 29.42 1.86
N SER H 266 71.41 28.66 1.88
CA SER H 266 71.40 27.39 2.57
C SER H 266 72.10 27.59 3.90
N VAL H 267 71.69 26.85 4.91
CA VAL H 267 72.27 27.04 6.23
C VAL H 267 72.99 25.86 6.86
N ASP H 268 74.14 26.16 7.45
CA ASP H 268 74.95 25.16 8.14
C ASP H 268 74.78 25.50 9.62
N LEU H 269 74.20 24.58 10.38
CA LEU H 269 73.97 24.80 11.80
C LEU H 269 75.22 24.49 12.61
N GLY H 270 76.26 24.00 11.92
CA GLY H 270 77.49 23.66 12.61
C GLY H 270 77.33 22.42 13.47
N PHE H 271 78.26 22.22 14.39
CA PHE H 271 78.23 21.07 15.29
C PHE H 271 77.19 21.22 16.40
N ILE H 272 76.37 20.20 16.57
CA ILE H 272 75.36 20.19 17.62
C ILE H 272 75.89 19.18 18.65
N LYS H 273 76.37 19.70 19.77
CA LYS H 273 76.94 18.86 20.81
C LYS H 273 75.90 18.35 21.81
N LEU H 274 75.61 17.06 21.74
CA LEU H 274 74.65 16.43 22.64
C LEU H 274 75.37 15.49 23.60
N MET I 1 -13.21 26.10 -56.93
CA MET I 1 -13.05 25.84 -58.40
C MET I 1 -11.63 26.12 -58.87
N GLY I 2 -10.72 26.41 -57.92
CA GLY I 2 -9.34 26.70 -58.29
C GLY I 2 -8.33 26.67 -57.17
N GLU I 3 -7.12 27.14 -57.48
CA GLU I 3 -6.02 27.16 -56.53
C GLU I 3 -5.77 28.56 -55.97
N VAL I 4 -4.90 28.63 -54.97
CA VAL I 4 -4.56 29.91 -54.36
C VAL I 4 -3.60 30.65 -55.28
N VAL I 5 -3.87 31.94 -55.51
CA VAL I 5 -3.02 32.78 -56.34
C VAL I 5 -2.56 33.99 -55.54
N ARG I 6 -1.26 34.25 -55.54
CA ARG I 6 -0.74 35.39 -54.81
C ARG I 6 -0.79 36.64 -55.70
N LEU I 7 -1.55 37.64 -55.28
CA LEU I 7 -1.66 38.88 -56.05
C LEU I 7 -1.00 40.02 -55.28
N THR I 8 -1.07 41.21 -55.86
CA THR I 8 -0.50 42.40 -55.22
C THR I 8 -1.52 43.52 -55.13
N ASN I 9 -1.32 44.38 -54.13
CA ASN I 9 -2.16 45.54 -53.94
C ASN I 9 -1.49 46.39 -52.87
N SER I 10 -2.15 47.46 -52.45
CA SER I 10 -1.54 48.31 -51.44
C SER I 10 -2.57 49.03 -50.58
N SER I 11 -2.08 49.94 -49.75
CA SER I 11 -2.96 50.68 -48.87
C SER I 11 -2.21 51.80 -48.16
N THR I 12 -2.96 52.55 -47.34
CA THR I 12 -2.41 53.64 -46.58
C THR I 12 -1.56 53.05 -45.46
N GLY I 13 -1.57 51.72 -45.39
CA GLY I 13 -0.80 51.02 -44.38
C GLY I 13 0.33 50.22 -45.01
N GLY I 14 0.60 50.48 -46.28
CA GLY I 14 1.68 49.78 -46.98
C GLY I 14 1.25 48.75 -48.00
N PRO I 15 2.17 48.34 -48.89
CA PRO I 15 1.93 47.34 -49.94
C PRO I 15 1.68 45.97 -49.32
N VAL I 16 1.00 45.10 -50.04
CA VAL I 16 0.71 43.77 -49.54
C VAL I 16 0.60 42.73 -50.65
N PHE I 17 0.79 41.48 -50.26
CA PHE I 17 0.65 40.34 -51.15
C PHE I 17 -0.73 39.83 -50.75
N VAL I 18 -1.62 39.65 -51.72
CA VAL I 18 -2.97 39.18 -51.42
C VAL I 18 -3.19 37.77 -51.97
N TYR I 19 -3.50 36.83 -51.09
CA TYR I 19 -3.74 35.45 -51.51
C TYR I 19 -5.22 35.25 -51.78
N VAL I 20 -5.54 34.92 -53.03
CA VAL I 20 -6.91 34.72 -53.45
C VAL I 20 -7.20 33.31 -53.97
N LYS I 21 -8.41 32.83 -53.70
CA LYS I 21 -8.83 31.52 -54.15
C LYS I 21 -10.34 31.51 -54.39
N ASP I 22 -10.75 31.07 -55.56
CA ASP I 22 -12.16 31.02 -55.93
C ASP I 22 -12.87 32.35 -55.68
N GLY I 23 -12.28 33.45 -56.16
CA GLY I 23 -12.86 34.77 -56.00
C GLY I 23 -12.96 35.30 -54.59
N LYS I 24 -12.22 34.71 -53.66
CA LYS I 24 -12.24 35.14 -52.27
C LYS I 24 -10.86 35.41 -51.72
N ILE I 25 -10.70 36.55 -51.05
CA ILE I 25 -9.42 36.92 -50.44
C ILE I 25 -9.19 36.02 -49.23
N ILE I 26 -8.09 35.30 -49.21
CA ILE I 26 -7.78 34.42 -48.10
C ILE I 26 -6.96 35.14 -47.01
N ARG I 27 -5.99 35.94 -47.43
CA ARG I 27 -5.14 36.68 -46.49
C ARG I 27 -4.38 37.80 -47.19
N MET I 28 -3.78 38.68 -46.39
CA MET I 28 -2.98 39.79 -46.88
C MET I 28 -1.75 39.88 -46.00
N THR I 29 -0.57 39.96 -46.61
CA THR I 29 0.66 40.00 -45.83
C THR I 29 1.66 41.05 -46.32
N PRO I 30 2.70 41.31 -45.52
CA PRO I 30 3.72 42.29 -45.92
C PRO I 30 4.44 41.62 -47.08
N MET I 31 5.28 42.34 -47.80
CA MET I 31 5.97 41.75 -48.95
C MET I 31 7.43 41.38 -48.77
N ASP I 32 7.73 40.11 -49.00
CA ASP I 32 9.08 39.63 -49.00
C ASP I 32 9.74 39.83 -50.35
N PHE I 33 10.95 40.27 -50.40
CA PHE I 33 11.60 40.49 -51.69
C PHE I 33 12.22 39.18 -52.16
N ASP I 34 12.31 39.02 -53.48
CA ASP I 34 12.92 37.85 -54.09
C ASP I 34 14.23 38.36 -54.69
N ASP I 35 15.33 38.08 -54.00
CA ASP I 35 16.64 38.53 -54.44
C ASP I 35 17.08 38.09 -55.83
N ALA I 36 16.28 37.24 -56.47
CA ALA I 36 16.63 36.78 -57.81
C ALA I 36 16.13 37.77 -58.84
N VAL I 37 15.06 38.49 -58.51
CA VAL I 37 14.49 39.46 -59.43
C VAL I 37 14.40 40.88 -58.89
N ASP I 38 14.52 41.04 -57.57
CA ASP I 38 14.43 42.37 -56.98
C ASP I 38 15.80 42.97 -56.69
N ALA I 39 16.02 44.18 -57.20
CA ALA I 39 17.28 44.88 -57.03
C ALA I 39 17.77 45.03 -55.59
N PRO I 40 19.10 45.00 -55.39
CA PRO I 40 19.75 45.13 -54.09
C PRO I 40 19.38 46.44 -53.39
N SER I 41 19.47 46.44 -52.07
CA SER I 41 19.12 47.61 -51.27
C SER I 41 20.31 48.54 -51.06
N TRP I 42 20.03 49.77 -50.64
CA TRP I 42 21.10 50.71 -50.36
C TRP I 42 21.82 50.26 -49.11
N LYS I 43 22.99 50.83 -48.89
CA LYS I 43 23.81 50.53 -47.72
C LYS I 43 24.37 51.85 -47.23
N ILE I 44 24.47 52.02 -45.93
CA ILE I 44 25.03 53.24 -45.39
C ILE I 44 26.19 52.86 -44.48
N GLU I 45 27.35 53.44 -44.75
CA GLU I 45 28.53 53.18 -43.93
C GLU I 45 28.72 54.36 -42.98
N ALA I 46 28.65 54.07 -41.69
CA ALA I 46 28.81 55.10 -40.67
C ALA I 46 29.45 54.49 -39.43
N ARG I 47 30.36 55.24 -38.81
CA ARG I 47 31.06 54.82 -37.59
C ARG I 47 31.56 53.38 -37.64
N GLY I 48 32.13 52.98 -38.77
CA GLY I 48 32.67 51.64 -38.90
C GLY I 48 31.66 50.52 -39.06
N LYS I 49 30.37 50.85 -39.09
CA LYS I 49 29.35 49.82 -39.27
C LYS I 49 28.66 49.98 -40.62
N THR I 50 28.04 48.91 -41.08
CA THR I 50 27.33 48.94 -42.35
C THR I 50 25.85 48.76 -42.10
N PHE I 51 25.06 49.75 -42.50
CA PHE I 51 23.63 49.69 -42.31
C PHE I 51 22.89 49.44 -43.61
N THR I 52 22.10 48.37 -43.62
CA THR I 52 21.30 48.04 -44.79
C THR I 52 19.96 47.53 -44.25
N PRO I 53 18.85 47.95 -44.90
CA PRO I 53 17.49 47.56 -44.50
C PRO I 53 17.12 46.11 -44.76
N PRO I 54 16.01 45.65 -44.17
CA PRO I 54 15.53 44.28 -44.36
C PRO I 54 15.01 44.15 -45.77
N ARG I 55 15.17 42.97 -46.37
CA ARG I 55 14.69 42.72 -47.72
C ARG I 55 13.20 42.44 -47.66
N LYS I 56 12.45 43.35 -47.04
CA LYS I 56 11.02 43.17 -46.87
C LYS I 56 10.33 44.51 -46.63
N THR I 57 9.01 44.55 -46.78
CA THR I 57 8.26 45.78 -46.53
C THR I 57 7.52 45.56 -45.21
N SER I 58 6.79 46.57 -44.75
CA SER I 58 6.05 46.44 -43.50
C SER I 58 4.69 47.12 -43.61
N ILE I 59 3.73 46.66 -42.82
CA ILE I 59 2.38 47.22 -42.84
C ILE I 59 1.91 47.70 -41.48
N ALA I 60 0.83 48.48 -41.49
CA ALA I 60 0.24 49.02 -40.27
C ALA I 60 -0.88 48.09 -39.78
N PRO I 61 -1.25 48.20 -38.51
CA PRO I 61 -2.31 47.37 -37.90
C PRO I 61 -3.59 47.33 -38.73
N TYR I 62 -4.08 48.51 -39.09
CA TYR I 62 -5.32 48.62 -39.86
C TYR I 62 -5.23 48.00 -41.24
N THR I 63 -4.02 47.87 -41.77
CA THR I 63 -3.88 47.24 -43.08
C THR I 63 -3.88 45.72 -42.86
N ALA I 64 -3.28 45.28 -41.76
CA ALA I 64 -3.21 43.86 -41.45
C ALA I 64 -4.61 43.26 -41.29
N GLY I 65 -5.55 44.07 -40.81
CA GLY I 65 -6.90 43.59 -40.63
C GLY I 65 -7.87 44.14 -41.64
N PHE I 66 -7.33 44.77 -42.68
CA PHE I 66 -8.14 45.37 -43.73
C PHE I 66 -9.18 44.43 -44.35
N LYS I 67 -8.90 43.15 -44.39
CA LYS I 67 -9.86 42.21 -44.99
C LYS I 67 -11.23 42.31 -44.34
N SER I 68 -11.27 42.55 -43.02
CA SER I 68 -12.53 42.65 -42.31
C SER I 68 -13.27 43.95 -42.66
N MET I 69 -12.59 44.85 -43.37
CA MET I 69 -13.19 46.10 -43.78
C MET I 69 -13.81 45.90 -45.16
N ILE I 70 -13.18 45.03 -45.95
CA ILE I 70 -13.67 44.73 -47.29
C ILE I 70 -14.98 43.93 -47.17
N TYR I 71 -14.98 42.95 -46.27
CA TYR I 71 -16.15 42.12 -46.08
C TYR I 71 -16.99 42.53 -44.87
N SER I 72 -16.95 43.82 -44.55
CA SER I 72 -17.70 44.36 -43.44
C SER I 72 -19.20 44.32 -43.71
N ASP I 73 -20.01 44.11 -42.68
CA ASP I 73 -21.45 44.09 -42.88
C ASP I 73 -22.04 45.49 -42.75
N LEU I 74 -21.16 46.49 -42.60
CA LEU I 74 -21.57 47.88 -42.51
C LEU I 74 -21.24 48.54 -43.84
N ARG I 75 -20.68 47.72 -44.72
CA ARG I 75 -20.33 48.11 -46.07
C ARG I 75 -21.67 48.43 -46.75
N ILE I 76 -21.75 49.52 -47.53
CA ILE I 76 -23.00 49.86 -48.22
C ILE I 76 -23.28 48.76 -49.26
N PRO I 77 -24.42 48.06 -49.13
CA PRO I 77 -24.87 46.98 -49.99
C PRO I 77 -25.29 47.34 -51.41
N TYR I 78 -26.09 48.39 -51.53
CA TYR I 78 -26.62 48.79 -52.82
C TYR I 78 -27.07 50.25 -52.75
N PRO I 79 -27.47 50.83 -53.89
CA PRO I 79 -27.93 52.22 -53.85
C PRO I 79 -29.08 52.32 -52.85
N MET I 80 -29.09 53.38 -52.05
CA MET I 80 -30.14 53.56 -51.05
C MET I 80 -30.81 54.92 -51.16
N LYS I 81 -32.07 54.98 -50.75
CA LYS I 81 -32.85 56.20 -50.78
C LYS I 81 -33.61 56.42 -49.48
N ARG I 82 -33.53 57.65 -48.96
CA ARG I 82 -34.23 58.00 -47.73
C ARG I 82 -35.72 57.94 -48.00
N LYS I 83 -36.42 57.08 -47.28
CA LYS I 83 -37.86 56.90 -47.44
C LYS I 83 -38.64 58.21 -47.42
N SER I 84 -38.37 59.02 -46.40
CA SER I 84 -39.05 60.30 -46.23
C SER I 84 -38.71 61.36 -47.28
N PHE I 85 -37.82 61.03 -48.22
CA PHE I 85 -37.44 62.00 -49.25
C PHE I 85 -38.14 61.79 -50.59
N ASP I 86 -38.95 62.76 -50.99
CA ASP I 86 -39.66 62.69 -52.27
C ASP I 86 -39.18 63.84 -53.16
N PRO I 87 -38.38 63.53 -54.19
CA PRO I 87 -37.84 64.53 -55.12
C PRO I 87 -38.93 65.42 -55.69
N ASN I 88 -40.09 64.84 -56.01
CA ASN I 88 -41.19 65.58 -56.58
C ASN I 88 -42.32 65.97 -55.63
N GLY I 89 -42.05 65.89 -54.34
CA GLY I 89 -43.08 66.25 -53.36
C GLY I 89 -42.44 66.78 -52.10
N GLU I 90 -42.80 66.17 -50.97
CA GLU I 90 -42.25 66.58 -49.68
C GLU I 90 -40.82 66.02 -49.56
N ARG I 91 -39.85 66.92 -49.45
CA ARG I 91 -38.46 66.48 -49.33
C ARG I 91 -38.10 66.24 -47.87
N ASN I 92 -38.89 66.81 -46.97
CA ASN I 92 -38.68 66.64 -45.53
C ASN I 92 -37.21 66.72 -45.12
N PRO I 93 -36.58 67.89 -45.33
CA PRO I 93 -35.17 68.12 -44.98
C PRO I 93 -34.96 67.88 -43.49
N GLN I 94 -35.96 68.22 -42.70
CA GLN I 94 -35.89 68.08 -41.25
C GLN I 94 -35.83 66.62 -40.78
N LEU I 95 -36.02 65.68 -41.71
CA LEU I 95 -35.99 64.27 -41.35
C LEU I 95 -34.70 63.55 -41.71
N ARG I 96 -33.69 64.31 -42.16
CA ARG I 96 -32.40 63.73 -42.48
C ARG I 96 -31.77 63.34 -41.16
N GLY I 97 -31.42 62.06 -41.02
CA GLY I 97 -30.80 61.60 -39.80
C GLY I 97 -31.81 61.21 -38.73
N ALA I 98 -33.09 61.16 -39.10
CA ALA I 98 -34.15 60.80 -38.15
C ALA I 98 -33.91 59.41 -37.57
N GLY I 99 -33.42 58.49 -38.39
CA GLY I 99 -33.16 57.14 -37.91
C GLY I 99 -32.11 57.21 -36.82
N LEU I 100 -31.04 57.94 -37.12
CA LEU I 100 -29.92 58.13 -36.20
C LEU I 100 -30.47 58.68 -34.87
N SER I 101 -31.46 59.56 -34.98
CA SER I 101 -32.09 60.17 -33.82
C SER I 101 -32.92 59.17 -33.01
N LYS I 102 -33.26 58.05 -33.62
CA LYS I 102 -34.01 57.02 -32.91
C LYS I 102 -33.16 55.76 -32.84
N GLN I 103 -31.85 55.95 -32.96
CA GLN I 103 -30.88 54.86 -32.89
C GLN I 103 -31.17 53.70 -33.84
N ASP I 104 -31.70 54.02 -35.02
CA ASP I 104 -32.02 53.00 -36.03
C ASP I 104 -31.80 53.64 -37.40
N PRO I 105 -30.52 53.89 -37.75
CA PRO I 105 -30.12 54.50 -39.02
C PRO I 105 -30.62 53.78 -40.27
N TRP I 106 -30.42 52.47 -40.32
CA TRP I 106 -30.84 51.70 -41.48
C TRP I 106 -32.33 51.82 -41.79
N SER I 107 -33.15 51.94 -40.75
CA SER I 107 -34.60 52.04 -40.95
C SER I 107 -35.00 53.25 -41.77
N ASP I 108 -34.09 54.21 -41.91
CA ASP I 108 -34.36 55.42 -42.67
C ASP I 108 -34.33 55.19 -44.18
N TYR I 109 -33.62 54.15 -44.61
CA TYR I 109 -33.49 53.91 -46.04
C TYR I 109 -34.16 52.71 -46.66
N GLU I 110 -34.30 52.78 -47.98
CA GLU I 110 -34.91 51.72 -48.76
C GLU I 110 -33.98 51.47 -49.94
N ARG I 111 -34.03 50.26 -50.48
CA ARG I 111 -33.18 49.89 -51.60
C ARG I 111 -33.74 50.40 -52.92
N ILE I 112 -32.84 50.76 -53.84
CA ILE I 112 -33.20 51.22 -55.18
C ILE I 112 -32.07 50.81 -56.14
N SER I 113 -32.40 50.74 -57.42
CA SER I 113 -31.42 50.36 -58.43
C SER I 113 -30.46 51.50 -58.72
N TRP I 114 -29.34 51.16 -59.37
CA TRP I 114 -28.34 52.15 -59.73
C TRP I 114 -28.91 53.10 -60.77
N ASP I 115 -29.68 52.54 -61.69
CA ASP I 115 -30.29 53.31 -62.75
C ASP I 115 -31.16 54.41 -62.16
N GLU I 116 -32.03 54.04 -61.23
CA GLU I 116 -32.90 55.02 -60.60
C GLU I 116 -32.15 55.97 -59.69
N ALA I 117 -31.25 55.44 -58.89
CA ALA I 117 -30.47 56.26 -57.97
C ALA I 117 -29.78 57.37 -58.75
N THR I 118 -29.16 57.00 -59.87
CA THR I 118 -28.45 57.98 -60.69
C THR I 118 -29.40 58.94 -61.40
N ASP I 119 -30.56 58.44 -61.82
CA ASP I 119 -31.54 59.30 -62.49
C ASP I 119 -31.98 60.42 -61.54
N ILE I 120 -32.23 60.07 -60.29
CA ILE I 120 -32.66 61.03 -59.29
C ILE I 120 -31.59 62.10 -59.05
N VAL I 121 -30.34 61.68 -58.94
CA VAL I 121 -29.25 62.63 -58.74
C VAL I 121 -29.07 63.52 -59.98
N VAL I 122 -29.11 62.92 -61.16
CA VAL I 122 -28.96 63.67 -62.40
C VAL I 122 -30.02 64.77 -62.52
N ALA I 123 -31.27 64.44 -62.21
CA ALA I 123 -32.35 65.41 -62.30
C ALA I 123 -32.09 66.60 -61.37
N GLU I 124 -31.54 66.30 -60.19
CA GLU I 124 -31.22 67.34 -59.22
C GLU I 124 -30.10 68.25 -59.72
N ILE I 125 -29.08 67.63 -60.30
CA ILE I 125 -27.93 68.35 -60.84
C ILE I 125 -28.37 69.34 -61.93
N ASN I 126 -29.14 68.85 -62.89
CA ASN I 126 -29.60 69.67 -64.01
C ASN I 126 -30.59 70.75 -63.59
N ARG I 127 -31.48 70.44 -62.65
CA ARG I 127 -32.45 71.43 -62.19
C ARG I 127 -31.67 72.57 -61.52
N ILE I 128 -30.82 72.21 -60.58
CA ILE I 128 -30.04 73.19 -59.85
C ILE I 128 -29.12 74.01 -60.75
N LYS I 129 -28.44 73.37 -61.70
CA LYS I 129 -27.54 74.11 -62.58
C LYS I 129 -28.27 75.17 -63.42
N HIS I 130 -29.40 74.81 -63.99
CA HIS I 130 -30.16 75.74 -64.82
C HIS I 130 -30.93 76.81 -64.04
N ALA I 131 -31.11 76.59 -62.73
CA ALA I 131 -31.82 77.56 -61.92
C ALA I 131 -30.90 78.39 -61.03
N TYR I 132 -29.76 77.82 -60.64
CA TYR I 132 -28.84 78.54 -59.76
C TYR I 132 -27.42 78.54 -60.29
N GLY I 133 -27.08 77.56 -61.11
CA GLY I 133 -25.73 77.48 -61.65
C GLY I 133 -24.92 76.39 -60.97
N PRO I 134 -23.80 75.99 -61.59
CA PRO I 134 -22.91 74.94 -61.06
C PRO I 134 -22.49 75.19 -59.61
N SER I 135 -22.26 76.46 -59.26
CA SER I 135 -21.81 76.80 -57.92
C SER I 135 -22.77 76.39 -56.81
N ALA I 136 -24.02 76.12 -57.15
CA ALA I 136 -25.02 75.73 -56.15
C ALA I 136 -24.83 74.28 -55.74
N ILE I 137 -23.98 73.55 -56.47
CA ILE I 137 -23.73 72.17 -56.12
C ILE I 137 -22.46 72.10 -55.29
N LEU I 138 -22.63 71.90 -53.98
CA LEU I 138 -21.50 71.80 -53.07
C LEU I 138 -21.04 70.35 -53.06
N SER I 139 -19.75 70.15 -52.92
CA SER I 139 -19.21 68.80 -52.87
C SER I 139 -17.83 68.78 -52.26
N THR I 140 -17.50 67.68 -51.60
CA THR I 140 -16.20 67.52 -51.00
C THR I 140 -16.00 66.12 -50.44
N PRO I 141 -14.80 65.57 -50.65
CA PRO I 141 -14.50 64.23 -50.14
C PRO I 141 -13.86 64.63 -48.82
N SER I 142 -12.71 64.05 -48.52
CA SER I 142 -12.03 64.44 -47.31
C SER I 142 -10.54 64.22 -47.48
N SER I 143 -9.75 64.53 -46.47
CA SER I 143 -8.30 64.41 -46.58
C SER I 143 -7.77 63.09 -47.11
N HIS I 144 -8.17 61.97 -46.55
CA HIS I 144 -7.64 60.71 -47.03
C HIS I 144 -8.55 59.79 -47.81
N HIS I 145 -7.93 58.82 -48.48
CA HIS I 145 -8.67 57.97 -49.40
C HIS I 145 -8.03 56.59 -49.54
N MET I 146 -8.76 55.66 -50.15
CA MET I 146 -8.24 54.31 -50.39
C MET I 146 -7.02 54.49 -51.29
N TRP I 147 -5.96 53.73 -51.03
CA TRP I 147 -4.74 53.84 -51.82
C TRP I 147 -4.99 53.52 -53.29
N GLY I 148 -4.20 54.13 -54.17
CA GLY I 148 -4.35 53.93 -55.60
C GLY I 148 -4.30 55.29 -56.28
N ASN I 149 -3.28 55.51 -57.10
CA ASN I 149 -3.11 56.81 -57.76
C ASN I 149 -4.16 57.23 -58.79
N VAL I 150 -4.67 56.27 -59.56
CA VAL I 150 -5.67 56.60 -60.57
C VAL I 150 -7.03 56.91 -59.96
N GLY I 151 -7.43 56.11 -58.99
CA GLY I 151 -8.72 56.31 -58.35
C GLY I 151 -8.75 57.32 -57.22
N TYR I 152 -7.59 57.87 -56.85
CA TYR I 152 -7.52 58.84 -55.77
C TYR I 152 -8.35 60.08 -56.06
N ARG I 153 -8.79 60.77 -55.01
CA ARG I 153 -9.61 61.97 -55.16
C ARG I 153 -8.99 63.09 -55.98
N HIS I 154 -7.66 63.18 -56.01
CA HIS I 154 -7.01 64.22 -56.79
C HIS I 154 -7.10 63.87 -58.27
N SER I 155 -7.38 62.62 -58.56
CA SER I 155 -7.45 62.12 -59.93
C SER I 155 -8.86 61.86 -60.47
N THR I 156 -9.50 60.78 -60.02
CA THR I 156 -10.85 60.45 -60.49
C THR I 156 -11.93 61.45 -60.08
N TYR I 157 -12.04 61.71 -58.78
CA TYR I 157 -13.04 62.66 -58.27
C TYR I 157 -12.96 64.03 -58.98
N PHE I 158 -11.78 64.62 -59.01
CA PHE I 158 -11.61 65.93 -59.65
C PHE I 158 -11.88 65.90 -61.16
N ARG I 159 -11.43 64.84 -61.85
CA ARG I 159 -11.64 64.79 -63.29
C ARG I 159 -13.13 64.82 -63.62
N PHE I 160 -13.93 64.14 -62.80
CA PHE I 160 -15.37 64.12 -63.03
C PHE I 160 -16.03 65.41 -62.55
N MET I 161 -15.85 65.72 -61.27
CA MET I 161 -16.47 66.91 -60.68
C MET I 161 -16.15 68.18 -61.47
N ASN I 162 -14.94 68.28 -62.00
CA ASN I 162 -14.55 69.46 -62.75
C ASN I 162 -15.39 69.66 -64.01
N MET I 163 -15.93 68.58 -64.56
CA MET I 163 -16.77 68.67 -65.77
C MET I 163 -18.24 68.71 -65.42
N MET I 164 -18.58 68.67 -64.12
CA MET I 164 -19.98 68.66 -63.70
C MET I 164 -20.42 69.96 -62.99
N GLY I 165 -19.85 70.23 -61.82
CA GLY I 165 -20.20 71.42 -61.07
C GLY I 165 -19.06 72.44 -61.10
N PHE I 166 -18.67 73.01 -59.96
CA PHE I 166 -19.25 72.74 -58.64
C PHE I 166 -18.54 73.64 -57.64
N THR I 167 -19.07 73.72 -56.42
CA THR I 167 -18.43 74.52 -55.37
C THR I 167 -17.71 73.52 -54.47
N TYR I 168 -16.40 73.69 -54.34
CA TYR I 168 -15.61 72.78 -53.52
C TYR I 168 -15.41 73.32 -52.13
N ALA I 169 -15.59 72.45 -51.14
CA ALA I 169 -15.35 72.84 -49.76
C ALA I 169 -13.87 72.46 -49.63
N ASP I 170 -13.00 73.37 -50.08
CA ASP I 170 -11.57 73.13 -50.04
C ASP I 170 -11.09 72.80 -48.62
N HIS I 171 -10.18 71.84 -48.53
CA HIS I 171 -9.68 71.40 -47.24
C HIS I 171 -8.65 72.33 -46.60
N ASN I 172 -8.79 72.53 -45.30
CA ASN I 172 -7.85 73.35 -44.55
C ASN I 172 -6.62 72.46 -44.41
N PRO I 173 -5.42 73.06 -44.38
CA PRO I 173 -4.20 72.23 -44.26
C PRO I 173 -4.10 71.59 -42.88
N ASP I 174 -5.10 70.77 -42.54
CA ASP I 174 -5.18 70.08 -41.25
C ASP I 174 -3.84 69.56 -40.72
N SER I 175 -3.19 68.76 -41.54
CA SER I 175 -1.90 68.15 -41.22
C SER I 175 -0.84 69.20 -40.84
N TRP I 176 -0.88 70.36 -41.51
CA TRP I 176 0.11 71.44 -41.31
C TRP I 176 -0.21 72.69 -40.49
N GLU I 177 -1.48 72.98 -40.24
CA GLU I 177 -1.91 74.19 -39.56
C GLU I 177 -0.79 75.13 -39.04
N GLY I 178 -0.24 74.85 -37.88
CA GLY I 178 0.81 75.69 -37.32
C GLY I 178 1.95 76.04 -38.26
N TRP I 179 2.46 75.04 -39.00
CA TRP I 179 3.55 75.28 -39.93
C TRP I 179 3.08 76.12 -41.10
N HIS I 180 1.86 75.85 -41.54
CA HIS I 180 1.25 76.53 -42.67
C HIS I 180 0.87 77.98 -42.39
N TRP I 181 0.04 78.21 -41.37
CA TRP I 181 -0.37 79.57 -41.05
C TRP I 181 0.66 80.33 -40.21
N GLY I 182 1.67 79.60 -39.70
CA GLY I 182 2.66 80.26 -38.87
C GLY I 182 4.10 80.14 -39.33
N GLY I 183 4.65 78.93 -39.31
CA GLY I 183 6.02 78.71 -39.73
C GLY I 183 6.35 79.25 -41.11
N MET I 184 5.42 79.11 -42.04
CA MET I 184 5.62 79.58 -43.40
C MET I 184 6.09 81.04 -43.48
N HIS I 185 5.58 81.87 -42.59
CA HIS I 185 5.95 83.28 -42.58
C HIS I 185 7.35 83.49 -42.01
N MET I 186 7.80 82.49 -41.26
CA MET I 186 9.10 82.54 -40.63
C MET I 186 10.24 82.01 -41.50
N TRP I 187 10.01 80.93 -42.22
CA TRP I 187 11.06 80.36 -43.08
C TRP I 187 10.66 79.93 -44.49
N GLY I 188 9.40 80.18 -44.86
CA GLY I 188 8.96 79.81 -46.20
C GLY I 188 8.46 78.38 -46.31
N PHE I 189 9.00 77.63 -47.27
CA PHE I 189 8.59 76.25 -47.50
C PHE I 189 7.11 76.15 -47.82
N SER I 190 6.58 77.16 -48.52
CA SER I 190 5.16 77.17 -48.88
C SER I 190 4.76 75.90 -49.62
N TRP I 191 5.60 75.47 -50.55
CA TRP I 191 5.33 74.27 -51.35
C TRP I 191 5.25 73.00 -50.50
N ARG I 192 5.63 73.11 -49.23
CA ARG I 192 5.56 71.96 -48.31
C ARG I 192 4.61 72.35 -47.18
N LEU I 193 3.87 73.43 -47.41
CA LEU I 193 2.92 73.97 -46.44
C LEU I 193 3.56 74.22 -45.08
N GLY I 194 4.80 74.70 -45.10
CA GLY I 194 5.49 75.01 -43.86
C GLY I 194 6.53 74.02 -43.34
N ASN I 195 6.45 72.76 -43.78
CA ASN I 195 7.41 71.73 -43.35
C ASN I 195 8.74 71.82 -44.10
N PRO I 196 9.82 71.32 -43.48
CA PRO I 196 11.16 71.33 -44.07
C PRO I 196 11.45 70.13 -44.97
N GLU I 197 12.41 70.28 -45.87
CA GLU I 197 12.80 69.18 -46.74
C GLU I 197 13.56 68.21 -45.82
N GLN I 198 13.67 66.94 -46.22
CA GLN I 198 14.34 65.94 -45.39
C GLN I 198 15.38 65.09 -46.13
N TYR I 199 15.73 65.50 -47.34
CA TYR I 199 16.68 64.75 -48.16
C TYR I 199 17.98 64.29 -47.51
N ASP I 200 18.31 63.03 -47.77
CA ASP I 200 19.54 62.41 -47.30
C ASP I 200 19.92 62.61 -45.83
N LEU I 201 18.93 62.67 -44.95
CA LEU I 201 19.22 62.89 -43.54
C LEU I 201 19.60 61.63 -42.74
N LEU I 202 19.20 60.46 -43.21
CA LEU I 202 19.50 59.23 -42.48
C LEU I 202 21.00 58.95 -42.32
N GLU I 203 21.76 59.08 -43.40
CA GLU I 203 23.20 58.85 -43.31
C GLU I 203 23.84 59.91 -42.43
N ASP I 204 23.31 61.13 -42.49
CA ASP I 204 23.84 62.23 -41.68
C ASP I 204 23.65 61.94 -40.20
N GLY I 205 22.48 61.43 -39.84
CA GLY I 205 22.20 61.12 -38.45
C GLY I 205 23.00 59.94 -37.94
N LEU I 206 23.12 58.90 -38.77
CA LEU I 206 23.88 57.71 -38.40
C LEU I 206 25.34 58.08 -38.17
N LYS I 207 25.84 59.01 -38.96
CA LYS I 207 27.22 59.45 -38.85
C LYS I 207 27.48 60.43 -37.72
N HIS I 208 26.52 61.32 -37.46
CA HIS I 208 26.74 62.35 -36.45
C HIS I 208 25.80 62.48 -35.25
N ALA I 209 24.65 61.82 -35.29
CA ALA I 209 23.71 61.95 -34.18
C ALA I 209 24.24 61.52 -32.81
N GLU I 210 23.90 62.30 -31.79
CA GLU I 210 24.27 61.99 -30.41
C GLU I 210 22.98 62.05 -29.59
N MET I 211 21.99 62.77 -30.10
CA MET I 211 20.70 62.89 -29.43
C MET I 211 19.60 63.33 -30.39
N ILE I 212 18.38 62.90 -30.10
CA ILE I 212 17.23 63.27 -30.91
C ILE I 212 16.10 63.64 -29.96
N VAL I 213 15.54 64.83 -30.18
CA VAL I 213 14.43 65.32 -29.36
C VAL I 213 13.11 65.17 -30.14
N PHE I 214 12.35 64.14 -29.81
CA PHE I 214 11.07 63.88 -30.45
C PHE I 214 10.05 64.79 -29.77
N TRP I 215 9.70 65.88 -30.44
CA TRP I 215 8.75 66.85 -29.90
C TRP I 215 7.41 66.68 -30.63
N SER I 216 6.38 66.28 -29.90
CA SER I 216 5.06 66.03 -30.50
C SER I 216 5.28 65.06 -31.65
N SER I 217 6.12 64.06 -31.40
CA SER I 217 6.46 63.07 -32.42
C SER I 217 6.31 61.63 -31.94
N ASP I 218 5.52 60.85 -32.69
CA ASP I 218 5.31 59.44 -32.38
C ASP I 218 5.46 58.67 -33.70
N PRO I 219 6.70 58.54 -34.19
CA PRO I 219 7.08 57.87 -35.44
C PRO I 219 6.52 56.46 -35.63
N GLU I 220 6.49 55.65 -34.58
CA GLU I 220 5.96 54.29 -34.70
C GLU I 220 4.49 54.35 -35.11
N THR I 221 3.70 55.07 -34.32
CA THR I 221 2.27 55.21 -34.57
C THR I 221 1.94 55.83 -35.93
N ASN I 222 2.50 57.00 -36.21
CA ASN I 222 2.24 57.72 -37.45
C ASN I 222 3.05 57.31 -38.66
N SER I 223 4.28 56.85 -38.43
CA SER I 223 5.18 56.42 -39.49
C SER I 223 5.45 57.57 -40.46
N GLY I 224 5.07 58.77 -40.07
CA GLY I 224 5.21 59.91 -40.95
C GLY I 224 3.84 59.86 -41.62
N ILE I 225 3.65 58.86 -42.47
CA ILE I 225 2.38 58.61 -43.15
C ILE I 225 2.51 57.56 -44.25
N TYR I 226 1.57 56.61 -44.25
CA TYR I 226 1.51 55.53 -45.24
C TYR I 226 2.70 54.56 -45.23
N ALA I 227 3.56 54.65 -44.22
CA ALA I 227 4.75 53.80 -44.20
C ALA I 227 4.86 52.69 -43.17
N GLY I 228 3.73 52.05 -42.82
CA GLY I 228 3.75 50.96 -41.86
C GLY I 228 4.74 51.12 -40.71
N PHE I 229 5.77 50.28 -40.69
CA PHE I 229 6.79 50.39 -39.64
C PHE I 229 8.19 50.37 -40.25
N GLU I 230 8.34 51.04 -41.39
CA GLU I 230 9.62 51.10 -42.08
C GLU I 230 10.77 51.68 -41.27
N SER I 231 10.51 52.73 -40.50
CA SER I 231 11.57 53.38 -39.74
C SER I 231 11.99 52.72 -38.44
N ASN I 232 11.25 51.72 -37.99
CA ASN I 232 11.58 51.06 -36.73
C ASN I 232 13.05 50.62 -36.59
N ILE I 233 13.60 50.00 -37.63
CA ILE I 233 14.98 49.52 -37.57
C ILE I 233 16.00 50.66 -37.56
N ARG I 234 15.61 51.82 -38.10
CA ARG I 234 16.52 52.96 -38.14
C ARG I 234 16.76 53.53 -36.74
N ARG I 235 15.71 53.58 -35.92
CA ARG I 235 15.86 54.08 -34.57
C ARG I 235 16.57 53.02 -33.75
N GLN I 236 16.45 51.77 -34.16
CA GLN I 236 17.14 50.69 -33.47
C GLN I 236 18.64 50.89 -33.70
N TRP I 237 19.02 51.21 -34.93
CA TRP I 237 20.42 51.45 -35.26
C TRP I 237 20.94 52.62 -34.43
N LEU I 238 20.19 53.72 -34.45
CA LEU I 238 20.58 54.92 -33.69
C LEU I 238 20.70 54.60 -32.21
N LYS I 239 19.69 53.90 -31.69
CA LYS I 239 19.67 53.52 -30.29
C LYS I 239 20.95 52.76 -29.95
N ASP I 240 21.27 51.76 -30.78
CA ASP I 240 22.46 50.95 -30.56
C ASP I 240 23.77 51.73 -30.71
N LEU I 241 23.73 52.86 -31.40
CA LEU I 241 24.92 53.69 -31.58
C LEU I 241 25.09 54.61 -30.38
N GLY I 242 24.21 54.47 -29.39
CA GLY I 242 24.29 55.29 -28.20
C GLY I 242 23.56 56.62 -28.26
N VAL I 243 22.73 56.81 -29.28
CA VAL I 243 21.98 58.06 -29.43
C VAL I 243 20.83 58.17 -28.44
N ASP I 244 20.82 59.24 -27.64
CA ASP I 244 19.75 59.43 -26.66
C ASP I 244 18.45 59.91 -27.28
N PHE I 245 17.34 59.40 -26.75
CA PHE I 245 16.00 59.75 -27.22
C PHE I 245 15.19 60.45 -26.14
N VAL I 246 14.81 61.70 -26.37
CA VAL I 246 14.00 62.43 -25.41
C VAL I 246 12.64 62.72 -26.06
N PHE I 247 11.56 62.47 -25.33
CA PHE I 247 10.22 62.69 -25.87
C PHE I 247 9.43 63.73 -25.12
N ILE I 248 8.97 64.75 -25.84
CA ILE I 248 8.17 65.83 -25.25
C ILE I 248 6.79 65.67 -25.84
N ASP I 249 5.85 65.21 -25.02
CA ASP I 249 4.50 64.93 -25.47
C ASP I 249 3.61 64.78 -24.23
N PRO I 250 2.44 65.44 -24.20
CA PRO I 250 1.56 65.32 -23.03
C PRO I 250 1.27 63.86 -22.73
N HIS I 251 1.27 63.04 -23.78
CA HIS I 251 1.02 61.62 -23.65
C HIS I 251 2.31 60.86 -23.94
N MET I 252 2.63 59.88 -23.09
CA MET I 252 3.83 59.07 -23.31
C MET I 252 3.43 58.18 -24.50
N ASN I 253 3.71 58.66 -25.72
CA ASN I 253 3.33 57.94 -26.93
C ASN I 253 4.00 56.59 -27.14
N HIS I 254 3.55 55.90 -28.18
CA HIS I 254 4.04 54.57 -28.50
C HIS I 254 5.51 54.46 -28.85
N THR I 255 6.08 55.49 -29.44
CA THR I 255 7.50 55.43 -29.75
C THR I 255 8.24 55.60 -28.41
N ALA I 256 7.74 56.52 -27.59
CA ALA I 256 8.34 56.79 -26.29
C ALA I 256 8.24 55.56 -25.38
N ARG I 257 7.11 54.88 -25.44
CA ARG I 257 6.89 53.69 -24.61
C ARG I 257 7.88 52.60 -24.97
N LEU I 258 8.39 52.67 -26.21
CA LEU I 258 9.34 51.69 -26.70
C LEU I 258 10.82 52.00 -26.49
N VAL I 259 11.21 53.24 -26.76
CA VAL I 259 12.63 53.60 -26.64
C VAL I 259 12.98 54.96 -26.04
N ALA I 260 12.14 55.52 -25.17
CA ALA I 260 12.45 56.82 -24.58
C ALA I 260 13.48 56.73 -23.46
N ASP I 261 14.40 57.67 -23.44
CA ASP I 261 15.40 57.72 -22.38
C ASP I 261 14.86 58.68 -21.32
N LYS I 262 14.00 59.59 -21.75
CA LYS I 262 13.37 60.56 -20.87
C LYS I 262 12.09 61.06 -21.52
N TRP I 263 11.07 61.31 -20.70
CA TRP I 263 9.79 61.78 -21.20
C TRP I 263 9.29 63.03 -20.48
N PHE I 264 8.81 64.01 -21.24
CA PHE I 264 8.25 65.25 -20.69
C PHE I 264 6.78 65.31 -21.09
N SER I 265 5.91 65.62 -20.13
CA SER I 265 4.48 65.73 -20.42
C SER I 265 3.98 67.14 -20.10
N PRO I 266 4.16 68.09 -21.04
CA PRO I 266 3.71 69.47 -20.84
C PRO I 266 2.20 69.58 -20.93
N LYS I 267 1.61 70.49 -20.16
CA LYS I 267 0.17 70.69 -20.21
C LYS I 267 -0.21 71.10 -21.62
N ILE I 268 -1.44 70.80 -22.05
CA ILE I 268 -1.85 71.16 -23.40
C ILE I 268 -1.62 72.66 -23.67
N GLY I 269 -1.18 72.98 -24.88
CA GLY I 269 -0.94 74.35 -25.27
C GLY I 269 0.18 75.12 -24.58
N THR I 270 1.12 74.41 -23.98
CA THR I 270 2.22 75.10 -23.30
C THR I 270 3.62 74.80 -23.86
N ASP I 271 3.68 74.09 -24.98
CA ASP I 271 4.97 73.74 -25.58
C ASP I 271 5.91 74.90 -25.83
N HIS I 272 5.39 75.99 -26.38
CA HIS I 272 6.23 77.13 -26.68
C HIS I 272 6.86 77.75 -25.44
N ALA I 273 6.35 77.38 -24.26
CA ALA I 273 6.93 77.90 -23.04
C ALA I 273 8.28 77.20 -22.86
N LEU I 274 8.32 75.92 -23.21
CA LEU I 274 9.57 75.16 -23.10
C LEU I 274 10.59 75.64 -24.12
N SER I 275 10.16 75.80 -25.37
CA SER I 275 11.08 76.25 -26.40
C SER I 275 11.68 77.61 -26.03
N PHE I 276 10.85 78.50 -25.47
CA PHE I 276 11.32 79.82 -25.06
C PHE I 276 12.32 79.72 -23.91
N ALA I 277 12.06 78.81 -22.96
CA ALA I 277 12.98 78.64 -21.82
C ALA I 277 14.28 78.03 -22.33
N ILE I 278 14.19 77.19 -23.35
CA ILE I 278 15.38 76.58 -23.93
C ILE I 278 16.21 77.64 -24.65
N ALA I 279 15.53 78.50 -25.42
CA ALA I 279 16.22 79.57 -26.13
C ALA I 279 16.86 80.50 -25.10
N TYR I 280 16.13 80.77 -24.02
CA TYR I 280 16.60 81.62 -22.94
C TYR I 280 17.92 81.10 -22.38
N THR I 281 17.94 79.82 -22.04
CA THR I 281 19.14 79.19 -21.49
C THR I 281 20.31 79.38 -22.44
N TRP I 282 20.08 79.15 -23.72
CA TRP I 282 21.14 79.29 -24.73
C TRP I 282 21.65 80.73 -24.82
N LEU I 283 20.73 81.70 -24.76
CA LEU I 283 21.11 83.10 -24.80
C LEU I 283 21.95 83.44 -23.57
N LYS I 284 21.45 83.09 -22.40
CA LYS I 284 22.16 83.36 -21.16
C LYS I 284 23.51 82.66 -21.05
N GLU I 285 23.65 81.51 -21.70
CA GLU I 285 24.90 80.77 -21.64
C GLU I 285 25.74 80.80 -22.92
N ASP I 286 25.36 81.65 -23.86
CA ASP I 286 26.07 81.78 -25.14
C ASP I 286 26.32 80.43 -25.78
N SER I 287 25.39 79.50 -25.56
CA SER I 287 25.51 78.15 -26.08
C SER I 287 24.71 77.89 -27.34
N TYR I 288 25.08 78.57 -28.43
CA TYR I 288 24.43 78.37 -29.71
C TYR I 288 25.34 78.84 -30.84
N ASP I 289 24.92 78.59 -32.08
CA ASP I 289 25.71 78.95 -33.24
C ASP I 289 25.49 80.40 -33.67
N LYS I 290 26.18 81.32 -33.02
CA LYS I 290 26.06 82.74 -33.30
C LYS I 290 26.37 83.13 -34.75
N GLU I 291 27.41 82.51 -35.32
CA GLU I 291 27.79 82.78 -36.70
C GLU I 291 26.64 82.47 -37.63
N TYR I 292 26.01 81.32 -37.41
CA TYR I 292 24.89 80.89 -38.23
C TYR I 292 23.78 81.92 -38.12
N VAL I 293 23.38 82.22 -36.88
CA VAL I 293 22.33 83.19 -36.63
C VAL I 293 22.63 84.56 -37.23
N ALA I 294 23.86 85.03 -37.03
CA ALA I 294 24.25 86.33 -37.56
C ALA I 294 24.07 86.40 -39.06
N ALA I 295 24.24 85.26 -39.73
CA ALA I 295 24.12 85.23 -41.18
C ALA I 295 22.82 84.69 -41.75
N ASN I 296 22.06 83.92 -40.97
CA ASN I 296 20.83 83.35 -41.51
C ASN I 296 19.53 83.73 -40.82
N ALA I 297 19.60 84.63 -39.84
CA ALA I 297 18.42 85.05 -39.11
C ALA I 297 18.10 86.53 -39.31
N HIS I 298 16.82 86.86 -39.20
CA HIS I 298 16.34 88.23 -39.35
C HIS I 298 15.51 88.61 -38.13
N GLY I 299 15.83 89.77 -37.56
CA GLY I 299 15.10 90.25 -36.39
C GLY I 299 15.43 89.47 -35.13
N PHE I 300 16.56 88.78 -35.13
CA PHE I 300 16.95 87.99 -33.98
C PHE I 300 17.27 88.86 -32.76
N GLU I 301 17.89 90.02 -33.00
CA GLU I 301 18.23 90.90 -31.89
C GLU I 301 17.01 91.25 -31.05
N GLU I 302 15.94 91.66 -31.73
CA GLU I 302 14.71 92.03 -31.04
C GLU I 302 14.06 90.82 -30.40
N TRP I 303 14.08 89.70 -31.11
CA TRP I 303 13.49 88.48 -30.56
C TRP I 303 14.21 88.12 -29.28
N ALA I 304 15.53 88.23 -29.30
CA ALA I 304 16.34 87.92 -28.13
C ALA I 304 15.99 88.82 -26.95
N ASP I 305 15.74 90.10 -27.23
CA ASP I 305 15.38 91.02 -26.14
C ASP I 305 14.07 90.57 -25.50
N TYR I 306 13.19 89.98 -26.30
CA TYR I 306 11.91 89.50 -25.80
C TYR I 306 12.09 88.25 -24.96
N VAL I 307 12.86 87.30 -25.47
CA VAL I 307 13.12 86.05 -24.75
C VAL I 307 13.75 86.37 -23.39
N LEU I 308 14.58 87.41 -23.36
CA LEU I 308 15.25 87.83 -22.12
C LEU I 308 14.33 88.62 -21.20
N GLY I 309 13.13 88.92 -21.68
CA GLY I 309 12.16 89.66 -20.88
C GLY I 309 12.38 91.16 -20.78
N LYS I 310 13.29 91.71 -21.58
CA LYS I 310 13.55 93.15 -21.51
C LYS I 310 12.32 93.98 -21.88
N THR I 311 11.71 93.65 -23.01
CA THR I 311 10.56 94.39 -23.48
C THR I 311 9.19 94.10 -22.82
N ASP I 312 8.97 92.89 -22.33
CA ASP I 312 7.69 92.58 -21.71
C ASP I 312 7.79 92.42 -20.19
N GLY I 313 9.00 92.53 -19.67
CA GLY I 313 9.20 92.41 -18.24
C GLY I 313 9.16 91.00 -17.66
N THR I 314 9.17 89.98 -18.50
CA THR I 314 9.14 88.60 -18.02
C THR I 314 10.17 87.67 -18.65
N PRO I 315 11.35 87.53 -18.03
CA PRO I 315 12.38 86.65 -18.57
C PRO I 315 11.79 85.24 -18.72
N LYS I 316 12.01 84.61 -19.87
CA LYS I 316 11.47 83.29 -20.13
C LYS I 316 12.33 82.17 -19.52
N THR I 317 12.39 82.14 -18.20
CA THR I 317 13.18 81.15 -17.47
C THR I 317 12.54 79.76 -17.46
N CYS I 318 13.34 78.75 -17.12
CA CYS I 318 12.84 77.38 -17.04
C CYS I 318 11.79 77.29 -15.94
N GLU I 319 11.96 78.09 -14.87
CA GLU I 319 10.99 78.09 -13.78
C GLU I 319 9.68 78.68 -14.30
N TRP I 320 9.79 79.74 -15.11
CA TRP I 320 8.62 80.37 -15.70
C TRP I 320 7.91 79.33 -16.58
N ALA I 321 8.70 78.58 -17.35
CA ALA I 321 8.17 77.55 -18.21
C ALA I 321 7.58 76.41 -17.40
N GLU I 322 8.15 76.15 -16.23
CA GLU I 322 7.64 75.08 -15.39
C GLU I 322 6.24 75.43 -14.94
N GLU I 323 6.05 76.65 -14.47
CA GLU I 323 4.74 77.09 -13.99
C GLU I 323 3.67 77.06 -15.07
N GLU I 324 4.09 77.18 -16.33
CA GLU I 324 3.14 77.13 -17.45
C GLU I 324 2.80 75.71 -17.88
N SER I 325 3.85 74.90 -18.07
CA SER I 325 3.71 73.54 -18.56
C SER I 325 3.61 72.41 -17.54
N GLY I 326 4.19 72.61 -16.36
CA GLY I 326 4.18 71.57 -15.35
C GLY I 326 5.43 70.71 -15.45
N VAL I 327 6.30 71.02 -16.42
CA VAL I 327 7.54 70.28 -16.60
C VAL I 327 8.65 70.89 -15.75
N PRO I 328 9.28 70.08 -14.89
CA PRO I 328 10.36 70.51 -14.00
C PRO I 328 11.38 71.44 -14.67
N ALA I 329 11.60 72.60 -14.07
CA ALA I 329 12.54 73.58 -14.59
C ALA I 329 13.93 72.95 -14.76
N CYS I 330 14.39 72.22 -13.75
CA CYS I 330 15.70 71.58 -13.83
C CYS I 330 15.82 70.67 -15.05
N GLU I 331 14.75 69.94 -15.37
CA GLU I 331 14.79 69.05 -16.53
C GLU I 331 14.82 69.83 -17.84
N ILE I 332 14.07 70.93 -17.90
CA ILE I 332 14.06 71.76 -19.09
C ILE I 332 15.47 72.29 -19.33
N ARG I 333 16.07 72.84 -18.28
CA ARG I 333 17.44 73.36 -18.37
C ARG I 333 18.45 72.28 -18.76
N ALA I 334 18.31 71.10 -18.17
CA ALA I 334 19.21 69.99 -18.47
C ALA I 334 19.15 69.61 -19.95
N LEU I 335 17.96 69.63 -20.53
CA LEU I 335 17.80 69.28 -21.94
C LEU I 335 18.44 70.35 -22.84
N ALA I 336 18.28 71.61 -22.45
CA ALA I 336 18.83 72.73 -23.20
C ALA I 336 20.35 72.67 -23.24
N ARG I 337 20.96 72.42 -22.08
CA ARG I 337 22.42 72.34 -22.00
C ARG I 337 22.95 71.17 -22.81
N GLN I 338 22.27 70.03 -22.71
CA GLN I 338 22.67 68.83 -23.44
C GLN I 338 22.46 69.04 -24.94
N TRP I 339 21.33 69.65 -25.28
CA TRP I 339 20.98 69.93 -26.67
C TRP I 339 22.06 70.77 -27.35
N ALA I 340 22.51 71.81 -26.65
CA ALA I 340 23.53 72.73 -27.17
C ALA I 340 24.91 72.10 -27.38
N LYS I 341 25.36 71.26 -26.45
CA LYS I 341 26.69 70.69 -26.57
C LYS I 341 26.80 69.34 -27.29
N LYS I 342 25.66 68.76 -27.68
CA LYS I 342 25.69 67.49 -28.40
C LYS I 342 25.10 67.67 -29.80
N ASN I 343 25.41 66.76 -30.71
CA ASN I 343 24.86 66.82 -32.06
C ASN I 343 23.42 66.37 -31.88
N THR I 344 22.50 67.32 -31.85
CA THR I 344 21.09 67.04 -31.64
C THR I 344 20.18 67.33 -32.82
N TYR I 345 19.31 66.36 -33.13
CA TYR I 345 18.34 66.54 -34.20
C TYR I 345 16.98 66.77 -33.58
N LEU I 346 16.26 67.75 -34.09
CA LEU I 346 14.92 68.07 -33.57
C LEU I 346 13.86 67.32 -34.35
N ALA I 347 13.27 66.31 -33.72
CA ALA I 347 12.22 65.53 -34.35
C ALA I 347 10.88 66.17 -34.06
N ALA I 348 10.64 67.33 -34.67
CA ALA I 348 9.39 68.06 -34.49
C ALA I 348 8.39 67.32 -35.36
N GLY I 349 7.41 66.67 -34.74
CA GLY I 349 6.43 65.93 -35.51
C GLY I 349 7.01 64.58 -35.94
N GLY I 350 6.15 63.71 -36.46
CA GLY I 350 6.61 62.40 -36.89
C GLY I 350 7.10 62.36 -38.32
N LEU I 351 6.80 63.40 -39.09
CA LEU I 351 7.20 63.45 -40.49
C LEU I 351 8.44 64.31 -40.74
N GLY I 352 8.66 65.25 -39.84
CA GLY I 352 9.74 66.21 -40.03
C GLY I 352 8.80 67.33 -40.41
N GLY I 353 8.22 67.93 -39.37
CA GLY I 353 7.21 68.94 -39.59
C GLY I 353 5.97 68.24 -39.08
N TRP I 354 4.81 68.87 -39.17
CA TRP I 354 3.57 68.29 -38.65
C TRP I 354 3.71 68.21 -37.13
N GLY I 355 2.93 67.34 -36.50
CA GLY I 355 2.96 67.26 -35.06
C GLY I 355 1.60 67.72 -34.57
N GLY I 356 1.03 66.95 -33.65
CA GLY I 356 -0.29 67.28 -33.11
C GLY I 356 -0.32 68.67 -32.55
N ALA I 357 0.83 69.08 -32.04
CA ALA I 357 0.99 70.39 -31.45
C ALA I 357 0.71 71.50 -32.44
N CYS I 358 0.91 71.25 -33.74
CA CYS I 358 0.70 72.29 -34.74
C CYS I 358 -0.76 72.62 -35.02
N ARG I 359 -1.67 71.70 -34.71
CA ARG I 359 -3.08 71.98 -34.92
C ARG I 359 -3.76 72.05 -33.57
N ALA I 360 -3.48 73.15 -32.88
CA ALA I 360 -4.00 73.43 -31.55
C ALA I 360 -3.97 74.95 -31.40
N SER I 361 -4.52 75.46 -30.31
CA SER I 361 -4.56 76.90 -30.11
C SER I 361 -3.19 77.58 -30.09
N HIS I 362 -2.13 76.84 -29.72
CA HIS I 362 -0.78 77.41 -29.67
C HIS I 362 0.09 76.93 -30.83
N GLY I 363 -0.54 76.28 -31.80
CA GLY I 363 0.16 75.74 -32.95
C GLY I 363 1.10 76.62 -33.75
N ILE I 364 0.79 77.90 -33.86
CA ILE I 364 1.65 78.80 -34.61
C ILE I 364 2.98 79.02 -33.89
N GLU I 365 2.91 79.28 -32.59
CA GLU I 365 4.12 79.52 -31.80
C GLU I 365 4.90 78.22 -31.56
N TRP I 366 4.24 77.07 -31.57
CA TRP I 366 4.98 75.82 -31.38
C TRP I 366 5.86 75.60 -32.60
N ALA I 367 5.25 75.69 -33.78
CA ALA I 367 5.97 75.53 -35.04
C ALA I 367 7.08 76.56 -35.18
N ARG I 368 6.79 77.81 -34.85
CA ARG I 368 7.80 78.86 -34.96
C ARG I 368 8.87 78.63 -33.91
N GLY I 369 8.47 78.02 -32.78
CA GLY I 369 9.40 77.73 -31.72
C GLY I 369 10.37 76.63 -32.12
N MET I 370 9.87 75.66 -32.88
CA MET I 370 10.71 74.57 -33.34
C MET I 370 11.74 75.12 -34.33
N ILE I 371 11.28 76.05 -35.16
CA ILE I 371 12.15 76.68 -36.15
C ILE I 371 13.21 77.52 -35.43
N ALA I 372 12.79 78.25 -34.42
CA ALA I 372 13.71 79.09 -33.65
C ALA I 372 14.84 78.27 -33.03
N LEU I 373 14.49 77.13 -32.44
CA LEU I 373 15.48 76.26 -31.82
C LEU I 373 16.42 75.64 -32.85
N ALA I 374 15.85 75.00 -33.86
CA ALA I 374 16.64 74.39 -34.92
C ALA I 374 17.56 75.43 -35.55
N THR I 375 17.05 76.66 -35.68
CA THR I 375 17.84 77.74 -36.28
C THR I 375 19.01 78.17 -35.39
N MET I 376 18.75 78.31 -34.10
CA MET I 376 19.79 78.72 -33.16
C MET I 376 20.95 77.72 -33.09
N GLN I 377 20.66 76.45 -33.39
CA GLN I 377 21.70 75.43 -33.36
C GLN I 377 22.32 75.20 -34.74
N GLY I 378 21.97 76.05 -35.69
CA GLY I 378 22.50 75.97 -37.04
C GLY I 378 22.06 74.76 -37.86
N MET I 379 20.77 74.64 -38.10
CA MET I 379 20.23 73.50 -38.85
C MET I 379 20.81 73.42 -40.26
N GLY I 380 21.12 72.20 -40.69
CA GLY I 380 21.68 72.01 -42.01
C GLY I 380 23.13 71.56 -42.01
N LYS I 381 23.85 71.87 -40.94
CA LYS I 381 25.25 71.47 -40.84
C LYS I 381 25.29 70.06 -40.25
N PRO I 382 26.41 69.33 -40.46
CA PRO I 382 26.52 67.97 -39.92
C PRO I 382 26.19 67.85 -38.43
N GLY I 383 25.35 66.88 -38.08
CA GLY I 383 25.00 66.66 -36.69
C GLY I 383 24.03 67.65 -36.07
N SER I 384 23.35 68.45 -36.89
CA SER I 384 22.39 69.43 -36.38
C SER I 384 21.36 69.76 -37.45
N ASN I 385 20.10 69.47 -37.17
CA ASN I 385 19.06 69.74 -38.15
C ASN I 385 17.71 69.33 -37.60
N MET I 386 16.68 69.54 -38.39
CA MET I 386 15.34 69.13 -38.01
C MET I 386 15.19 67.82 -38.76
N TRP I 387 14.97 66.74 -38.01
CA TRP I 387 14.83 65.41 -38.59
C TRP I 387 14.05 64.53 -37.61
N SER I 388 12.99 63.90 -38.10
CA SER I 388 12.16 63.06 -37.24
C SER I 388 12.46 61.56 -37.36
N THR I 389 13.57 61.25 -38.01
CA THR I 389 14.03 59.87 -38.23
C THR I 389 13.13 59.02 -39.11
N THR I 390 12.13 59.64 -39.76
CA THR I 390 11.25 58.87 -40.63
C THR I 390 11.58 59.06 -42.10
N GLN I 391 12.13 60.22 -42.46
CA GLN I 391 12.50 60.47 -43.84
C GLN I 391 14.03 60.54 -43.96
N GLY I 392 14.51 60.98 -45.12
CA GLY I 392 15.95 61.08 -45.33
C GLY I 392 16.62 59.80 -45.81
N VAL I 393 15.83 58.78 -46.15
CA VAL I 393 16.39 57.53 -46.66
C VAL I 393 17.04 57.77 -48.02
N PRO I 394 18.24 57.19 -48.24
CA PRO I 394 19.03 57.31 -49.47
C PRO I 394 18.44 56.70 -50.75
N LEU I 395 17.13 56.78 -50.93
CA LEU I 395 16.50 56.23 -52.12
C LEU I 395 16.88 57.07 -53.35
N ASP I 396 16.63 56.53 -54.54
CA ASP I 396 16.99 57.24 -55.77
C ASP I 396 16.03 58.39 -56.06
N TYR I 397 16.42 59.59 -55.64
CA TYR I 397 15.61 60.78 -55.84
C TYR I 397 15.49 61.14 -57.32
N GLU I 398 16.40 60.62 -58.13
CA GLU I 398 16.40 60.89 -59.57
C GLU I 398 15.30 60.13 -60.31
N PHE I 399 14.99 58.92 -59.82
CA PHE I 399 13.96 58.12 -60.46
C PHE I 399 12.65 58.82 -60.23
N TYR I 400 11.83 58.93 -61.27
CA TYR I 400 10.55 59.61 -61.13
C TYR I 400 9.31 58.75 -61.24
N PHE I 401 8.49 58.82 -60.19
CA PHE I 401 7.22 58.14 -60.14
C PHE I 401 6.31 59.06 -59.33
N PRO I 402 5.18 59.47 -59.93
CA PRO I 402 4.17 60.36 -59.38
C PRO I 402 3.48 59.90 -58.09
N GLY I 403 3.28 60.85 -57.17
CA GLY I 403 2.57 60.55 -55.95
C GLY I 403 1.13 60.80 -56.31
N TYR I 404 0.18 60.43 -55.46
CA TYR I 404 -1.23 60.65 -55.81
C TYR I 404 -1.60 62.12 -55.93
N ALA I 405 -0.97 62.98 -55.13
CA ALA I 405 -1.28 64.40 -55.14
C ALA I 405 -0.91 65.09 -56.46
N GLU I 406 -0.26 64.38 -57.36
CA GLU I 406 0.11 64.99 -58.63
C GLU I 406 -1.02 64.95 -59.65
N GLY I 407 -2.24 64.66 -59.19
CA GLY I 407 -3.40 64.68 -60.05
C GLY I 407 -3.87 63.47 -60.84
N GLY I 408 -2.95 62.58 -61.22
CA GLY I 408 -3.36 61.42 -61.99
C GLY I 408 -4.02 61.76 -63.32
N ILE I 409 -5.26 61.29 -63.51
CA ILE I 409 -5.99 61.52 -64.75
C ILE I 409 -6.79 62.83 -64.83
N SER I 410 -6.73 63.65 -63.79
CA SER I 410 -7.48 64.91 -63.82
C SER I 410 -6.67 66.02 -64.50
N GLY I 411 -5.38 66.05 -64.23
CA GLY I 411 -4.53 67.07 -64.82
C GLY I 411 -4.90 68.45 -64.31
N ASP I 412 -5.51 68.49 -63.12
CA ASP I 412 -5.92 69.75 -62.51
C ASP I 412 -4.67 70.50 -62.01
N CYS I 413 -4.24 71.50 -62.79
CA CYS I 413 -3.06 72.29 -62.46
C CYS I 413 -3.16 73.18 -61.22
N GLU I 414 -4.37 73.41 -60.74
CA GLU I 414 -4.52 74.27 -59.57
C GLU I 414 -4.92 73.55 -58.28
N ASN I 415 -5.63 72.44 -58.41
CA ASN I 415 -6.07 71.70 -57.22
C ASN I 415 -5.31 70.40 -56.96
N SER I 416 -4.23 70.20 -57.69
CA SER I 416 -3.36 69.03 -57.56
C SER I 416 -2.01 69.53 -58.04
N ALA I 417 -0.95 68.78 -57.73
CA ALA I 417 0.40 69.14 -58.12
C ALA I 417 0.74 68.76 -59.57
N ALA I 418 -0.29 68.40 -60.33
CA ALA I 418 -0.12 68.00 -61.73
C ALA I 418 0.76 68.96 -62.51
N GLY I 419 0.58 70.26 -62.28
CA GLY I 419 1.36 71.25 -62.99
C GLY I 419 2.87 71.19 -62.81
N PHE I 420 3.33 70.46 -61.82
CA PHE I 420 4.77 70.38 -61.58
C PHE I 420 5.52 69.54 -62.61
N LYS I 421 5.01 68.34 -62.88
CA LYS I 421 5.67 67.47 -63.84
C LYS I 421 4.77 66.43 -64.49
N PHE I 422 3.94 65.76 -63.71
CA PHE I 422 3.09 64.71 -64.27
C PHE I 422 2.14 65.17 -65.38
N ALA I 423 1.59 66.36 -65.24
CA ALA I 423 0.66 66.88 -66.25
C ALA I 423 1.31 66.92 -67.62
N TRP I 424 2.56 67.34 -67.67
CA TRP I 424 3.31 67.45 -68.91
C TRP I 424 3.67 66.09 -69.51
N ARG I 425 3.66 65.05 -68.68
CA ARG I 425 3.98 63.71 -69.14
C ARG I 425 2.72 62.93 -69.53
N MET I 426 1.68 63.07 -68.71
CA MET I 426 0.43 62.36 -68.92
C MET I 426 -0.41 62.82 -70.11
N PHE I 427 -0.38 64.11 -70.40
CA PHE I 427 -1.17 64.63 -71.50
C PHE I 427 -0.30 65.16 -72.62
N ASP I 428 -0.80 65.05 -73.85
CA ASP I 428 -0.04 65.47 -75.03
C ASP I 428 -0.70 66.56 -75.88
N GLY I 429 -1.85 67.05 -75.46
CA GLY I 429 -2.52 68.08 -76.23
C GLY I 429 -2.93 67.57 -77.61
N LYS I 430 -3.07 66.25 -77.73
CA LYS I 430 -3.47 65.63 -79.00
C LYS I 430 -4.51 64.55 -78.88
N THR I 431 -4.29 63.57 -78.00
CA THR I 431 -5.22 62.46 -77.85
C THR I 431 -5.85 62.28 -76.48
N THR I 432 -5.24 62.84 -75.45
CA THR I 432 -5.77 62.74 -74.10
C THR I 432 -5.72 64.14 -73.49
N PHE I 433 -6.76 64.53 -72.78
CA PHE I 433 -6.82 65.88 -72.21
C PHE I 433 -7.21 65.96 -70.74
N PRO I 434 -6.69 66.97 -70.02
CA PRO I 434 -6.94 67.22 -68.60
C PRO I 434 -8.38 67.66 -68.36
N SER I 435 -8.75 67.80 -67.09
CA SER I 435 -10.09 68.22 -66.72
C SER I 435 -10.01 69.42 -65.77
N PRO I 436 -9.86 70.64 -66.33
CA PRO I 436 -9.77 71.89 -65.59
C PRO I 436 -11.09 72.31 -64.95
N SER I 437 -11.00 73.13 -63.91
CA SER I 437 -12.18 73.63 -63.24
C SER I 437 -12.09 75.14 -63.19
N ASN I 438 -13.12 75.82 -63.70
CA ASN I 438 -13.13 77.28 -63.69
C ASN I 438 -13.88 77.81 -62.46
N LEU I 439 -14.29 76.90 -61.57
CA LEU I 439 -14.99 77.30 -60.35
C LEU I 439 -14.14 77.07 -59.09
N ASN I 440 -13.43 75.95 -59.04
CA ASN I 440 -12.58 75.64 -57.90
C ASN I 440 -11.26 76.40 -58.09
N THR I 441 -11.37 77.72 -58.09
CA THR I 441 -10.24 78.62 -58.27
C THR I 441 -10.53 79.85 -57.41
N SER I 442 -9.52 80.65 -57.13
CA SER I 442 -9.71 81.82 -56.28
C SER I 442 -10.78 82.81 -56.75
N ALA I 443 -10.80 83.10 -58.05
CA ALA I 443 -11.77 84.03 -58.61
C ALA I 443 -13.13 83.36 -58.79
N GLY I 444 -13.21 82.09 -58.40
CA GLY I 444 -14.46 81.36 -58.51
C GLY I 444 -15.13 81.30 -57.15
N GLN I 445 -15.56 80.11 -56.74
CA GLN I 445 -16.17 79.95 -55.44
C GLN I 445 -15.84 78.64 -54.74
N HIS I 446 -15.47 78.75 -53.47
CA HIS I 446 -15.17 77.61 -52.64
C HIS I 446 -15.55 78.04 -51.23
N ILE I 447 -15.65 77.09 -50.32
CA ILE I 447 -15.96 77.40 -48.93
C ILE I 447 -15.01 76.58 -48.07
N PRO I 448 -14.70 77.07 -46.87
CA PRO I 448 -13.80 76.34 -45.96
C PRO I 448 -14.44 75.06 -45.43
N ARG I 449 -13.72 73.94 -45.50
CA ARG I 449 -14.26 72.68 -44.99
C ARG I 449 -14.63 72.84 -43.53
N LEU I 450 -13.84 73.61 -42.79
CA LEU I 450 -14.07 73.83 -41.36
C LEU I 450 -15.31 74.66 -41.05
N LYS I 451 -15.84 75.32 -42.07
CA LYS I 451 -17.00 76.18 -41.87
C LYS I 451 -18.18 75.86 -42.78
N ILE I 452 -18.27 74.61 -43.22
CA ILE I 452 -19.37 74.20 -44.08
C ILE I 452 -20.71 74.38 -43.36
N PRO I 453 -20.78 74.01 -42.06
CA PRO I 453 -22.02 74.16 -41.31
C PRO I 453 -22.51 75.60 -41.25
N GLU I 454 -21.58 76.54 -41.03
CA GLU I 454 -21.94 77.95 -40.96
C GLU I 454 -22.42 78.46 -42.30
N CYS I 455 -21.76 78.05 -43.37
CA CYS I 455 -22.15 78.49 -44.71
C CYS I 455 -23.55 78.02 -45.06
N ILE I 456 -23.84 76.76 -44.75
CA ILE I 456 -25.15 76.19 -45.04
C ILE I 456 -26.25 76.79 -44.17
N MET I 457 -26.03 76.82 -42.87
CA MET I 457 -27.05 77.33 -41.95
C MET I 457 -27.11 78.85 -41.84
N GLY I 458 -25.98 79.51 -42.06
CA GLY I 458 -25.98 80.97 -41.96
C GLY I 458 -26.13 81.63 -43.32
N GLY I 459 -25.82 80.89 -44.38
CA GLY I 459 -25.93 81.43 -45.72
C GLY I 459 -24.88 82.50 -46.00
N LYS I 460 -23.83 82.55 -45.19
CA LYS I 460 -22.80 83.57 -45.39
C LYS I 460 -21.55 83.34 -44.52
N PHE I 461 -20.39 83.75 -45.03
CA PHE I 461 -19.15 83.62 -44.28
C PHE I 461 -18.03 84.42 -44.95
N GLN I 462 -16.96 84.69 -44.21
CA GLN I 462 -15.83 85.43 -44.73
C GLN I 462 -14.57 84.87 -44.06
N TRP I 463 -13.51 84.67 -44.83
CA TRP I 463 -12.30 84.08 -44.26
C TRP I 463 -11.04 84.41 -45.06
N SER I 464 -9.93 83.88 -44.58
CA SER I 464 -8.63 84.09 -45.22
C SER I 464 -8.09 82.83 -45.88
N GLY I 465 -7.58 82.98 -47.10
CA GLY I 465 -7.00 81.86 -47.81
C GLY I 465 -7.93 80.83 -48.44
N LYS I 466 -7.40 80.09 -49.41
CA LYS I 466 -8.15 79.04 -50.09
C LYS I 466 -7.45 77.69 -49.95
N GLY I 467 -8.03 76.80 -49.15
CA GLY I 467 -7.46 75.47 -48.97
C GLY I 467 -6.00 75.43 -48.57
N PHE I 468 -5.20 74.72 -49.35
CA PHE I 468 -3.76 74.60 -49.12
C PHE I 468 -3.13 75.76 -49.89
N ALA I 469 -2.72 76.81 -49.18
CA ALA I 469 -2.12 77.96 -49.85
C ALA I 469 -0.61 77.85 -49.93
N GLY I 470 -0.14 76.87 -50.70
CA GLY I 470 1.29 76.66 -50.84
C GLY I 470 1.97 77.36 -52.01
N GLY I 471 1.24 78.17 -52.76
CA GLY I 471 1.84 78.87 -53.89
C GLY I 471 2.93 79.83 -53.44
N ASP I 472 2.63 80.62 -52.43
CA ASP I 472 3.58 81.59 -51.89
C ASP I 472 3.21 81.88 -50.45
N ILE I 473 4.14 82.46 -49.70
CA ILE I 473 3.91 82.77 -48.31
C ILE I 473 2.61 83.53 -48.04
N SER I 474 2.36 84.59 -48.80
CA SER I 474 1.18 85.43 -48.61
C SER I 474 -0.15 85.00 -49.23
N HIS I 475 -0.19 83.88 -49.95
CA HIS I 475 -1.44 83.45 -50.56
C HIS I 475 -2.56 83.18 -49.55
N GLN I 476 -2.18 82.71 -48.36
CA GLN I 476 -3.14 82.41 -47.30
C GLN I 476 -3.76 83.67 -46.74
N LEU I 477 -3.19 84.83 -47.07
CA LEU I 477 -3.71 86.10 -46.56
C LEU I 477 -4.81 86.68 -47.42
N HIS I 478 -4.94 86.18 -48.64
CA HIS I 478 -5.97 86.69 -49.52
C HIS I 478 -7.35 86.48 -48.88
N GLN I 479 -8.24 87.46 -49.02
CA GLN I 479 -9.57 87.39 -48.42
C GLN I 479 -10.66 86.87 -49.35
N TYR I 480 -11.50 85.99 -48.82
CA TYR I 480 -12.59 85.38 -49.59
C TYR I 480 -13.93 85.54 -48.89
N GLU I 481 -15.01 85.29 -49.63
CA GLU I 481 -16.36 85.40 -49.08
C GLU I 481 -17.32 84.39 -49.69
N TYR I 482 -18.39 84.08 -48.95
CA TYR I 482 -19.45 83.17 -49.40
C TYR I 482 -20.79 83.83 -49.13
N PRO I 483 -21.66 83.88 -50.14
CA PRO I 483 -21.37 83.34 -51.47
C PRO I 483 -20.40 84.26 -52.19
N ALA I 484 -19.59 83.71 -53.08
CA ALA I 484 -18.62 84.53 -53.83
C ALA I 484 -19.38 85.50 -54.71
N PRO I 485 -18.80 86.68 -54.97
CA PRO I 485 -19.46 87.68 -55.81
C PRO I 485 -20.02 87.09 -57.11
N GLY I 486 -21.34 87.18 -57.27
CA GLY I 486 -21.97 86.65 -58.47
C GLY I 486 -22.38 85.19 -58.42
N TYR I 487 -21.79 84.44 -57.50
CA TYR I 487 -22.11 83.02 -57.40
C TYR I 487 -23.31 82.76 -56.49
N SER I 488 -23.82 81.53 -56.54
CA SER I 488 -24.99 81.15 -55.78
C SER I 488 -24.73 80.38 -54.50
N LYS I 489 -25.65 80.48 -53.56
CA LYS I 489 -25.56 79.77 -52.31
C LYS I 489 -25.79 78.28 -52.61
N ILE I 490 -25.36 77.41 -51.71
CA ILE I 490 -25.51 75.97 -51.89
C ILE I 490 -26.95 75.47 -51.83
N LYS I 491 -27.32 74.63 -52.80
CA LYS I 491 -28.66 74.05 -52.87
C LYS I 491 -28.58 72.54 -52.70
N MET I 492 -27.45 71.98 -53.13
CA MET I 492 -27.22 70.55 -53.06
C MET I 492 -25.82 70.24 -52.53
N PHE I 493 -25.67 69.08 -51.89
CA PHE I 493 -24.40 68.66 -51.32
C PHE I 493 -24.05 67.24 -51.74
N TRP I 494 -23.03 67.10 -52.57
CA TRP I 494 -22.59 65.78 -53.03
C TRP I 494 -21.43 65.34 -52.13
N LYS I 495 -21.73 64.48 -51.16
CA LYS I 495 -20.68 64.01 -50.27
C LYS I 495 -19.95 62.75 -50.74
N TYR I 496 -18.64 62.77 -50.55
CA TYR I 496 -17.77 61.67 -50.91
C TYR I 496 -17.24 61.25 -49.55
N GLY I 497 -17.78 60.15 -49.02
CA GLY I 497 -17.39 59.70 -47.69
C GLY I 497 -18.23 60.48 -46.69
N GLY I 498 -18.00 60.28 -45.40
CA GLY I 498 -18.75 60.99 -44.37
C GLY I 498 -18.07 60.87 -43.01
N PRO I 499 -16.83 61.34 -42.89
CA PRO I 499 -16.05 61.28 -41.65
C PRO I 499 -16.02 62.49 -40.74
N HIS I 500 -16.53 63.62 -41.20
CA HIS I 500 -16.46 64.87 -40.44
C HIS I 500 -16.94 64.91 -39.00
N LEU I 501 -17.93 64.08 -38.66
CA LEU I 501 -18.41 64.09 -37.28
C LEU I 501 -17.31 63.66 -36.32
N GLY I 502 -16.34 62.91 -36.84
CA GLY I 502 -15.25 62.46 -35.99
C GLY I 502 -13.90 63.09 -36.29
N THR I 503 -13.80 63.84 -37.37
CA THR I 503 -12.53 64.44 -37.75
C THR I 503 -12.41 65.97 -37.73
N MET I 504 -13.52 66.69 -37.67
CA MET I 504 -13.45 68.15 -37.66
C MET I 504 -13.52 68.75 -36.25
N THR I 505 -14.17 69.91 -36.11
CA THR I 505 -14.27 70.57 -34.81
C THR I 505 -15.70 70.85 -34.38
N ALA I 506 -15.95 70.83 -33.07
CA ALA I 506 -17.28 71.08 -32.50
C ALA I 506 -18.29 70.47 -33.46
N THR I 507 -18.03 69.22 -33.82
CA THR I 507 -18.80 68.47 -34.80
C THR I 507 -20.30 68.31 -34.71
N ASN I 508 -20.93 68.64 -33.58
CA ASN I 508 -22.38 68.49 -33.54
C ASN I 508 -23.00 69.39 -34.63
N ARG I 509 -22.30 70.47 -34.97
CA ARG I 509 -22.78 71.39 -35.98
C ARG I 509 -22.84 70.76 -37.37
N TYR I 510 -22.00 69.76 -37.62
CA TYR I 510 -22.02 69.08 -38.91
C TYR I 510 -23.27 68.22 -39.05
N ALA I 511 -23.77 67.75 -37.91
CA ALA I 511 -24.99 66.94 -37.92
C ALA I 511 -26.18 67.87 -38.09
N LYS I 512 -26.13 69.00 -37.40
CA LYS I 512 -27.21 69.99 -37.46
C LYS I 512 -27.49 70.58 -38.84
N MET I 513 -26.44 70.81 -39.61
CA MET I 513 -26.59 71.39 -40.94
C MET I 513 -27.41 70.56 -41.92
N TYR I 514 -27.39 69.24 -41.77
CA TYR I 514 -28.12 68.38 -42.70
C TYR I 514 -29.62 68.59 -42.75
N THR I 515 -30.20 69.07 -41.65
CA THR I 515 -31.64 69.27 -41.61
C THR I 515 -32.08 70.71 -41.92
N HIS I 516 -31.16 71.53 -42.41
CA HIS I 516 -31.48 72.92 -42.73
C HIS I 516 -32.35 72.92 -43.99
N ASP I 517 -33.39 73.74 -44.01
CA ASP I 517 -34.30 73.78 -45.15
C ASP I 517 -33.67 74.30 -46.44
N SER I 518 -32.51 74.94 -46.36
CA SER I 518 -31.86 75.46 -47.55
C SER I 518 -31.21 74.32 -48.35
N LEU I 519 -30.94 73.21 -47.67
CA LEU I 519 -30.33 72.04 -48.31
C LEU I 519 -31.40 71.24 -49.04
N GLU I 520 -31.53 71.47 -50.34
CA GLU I 520 -32.53 70.77 -51.13
C GLU I 520 -32.22 69.32 -51.43
N PHE I 521 -30.93 68.98 -51.50
CA PHE I 521 -30.54 67.62 -51.84
C PHE I 521 -29.16 67.21 -51.32
N VAL I 522 -29.07 65.98 -50.81
CA VAL I 522 -27.80 65.46 -50.30
C VAL I 522 -27.52 64.05 -50.79
N VAL I 523 -26.41 63.90 -51.51
CA VAL I 523 -26.01 62.60 -52.03
C VAL I 523 -24.74 62.17 -51.31
N SER I 524 -24.65 60.89 -50.98
CA SER I 524 -23.46 60.39 -50.32
C SER I 524 -22.89 59.26 -51.16
N GLN I 525 -21.65 59.43 -51.62
CA GLN I 525 -20.96 58.43 -52.41
C GLN I 525 -19.86 57.93 -51.47
N SER I 526 -20.12 56.81 -50.80
CA SER I 526 -19.18 56.27 -49.84
C SER I 526 -19.07 54.74 -49.89
N ILE I 527 -18.20 54.20 -49.04
CA ILE I 527 -17.96 52.76 -48.99
C ILE I 527 -18.73 52.09 -47.85
N TRP I 528 -18.59 52.63 -46.64
CA TRP I 528 -19.26 52.07 -45.47
C TRP I 528 -20.41 52.94 -44.96
N PHE I 529 -21.43 52.28 -44.40
CA PHE I 529 -22.59 52.96 -43.84
C PHE I 529 -22.21 53.35 -42.41
N GLU I 530 -21.72 54.57 -42.26
CA GLU I 530 -21.26 55.07 -40.96
C GLU I 530 -21.16 56.60 -41.02
N GLY I 531 -20.80 57.19 -39.88
CA GLY I 531 -20.64 58.63 -39.81
C GLY I 531 -21.78 59.49 -40.33
N GLU I 532 -21.49 60.31 -41.33
CA GLU I 532 -22.46 61.23 -41.93
C GLU I 532 -23.36 60.59 -42.98
N VAL I 533 -23.00 59.40 -43.45
CA VAL I 533 -23.77 58.73 -44.48
C VAL I 533 -25.27 58.62 -44.21
N PRO I 534 -25.68 58.36 -42.96
CA PRO I 534 -27.10 58.24 -42.64
C PRO I 534 -27.90 59.57 -42.62
N PHE I 535 -27.36 60.61 -43.24
CA PHE I 535 -28.06 61.90 -43.31
C PHE I 535 -28.43 62.21 -44.76
N ALA I 536 -27.85 61.44 -45.68
CA ALA I 536 -28.06 61.66 -47.11
C ALA I 536 -29.44 61.23 -47.63
N ASP I 537 -29.81 61.80 -48.77
CA ASP I 537 -31.09 61.47 -49.40
C ASP I 537 -30.87 60.26 -50.30
N ILE I 538 -29.74 60.23 -50.99
CA ILE I 538 -29.37 59.14 -51.88
C ILE I 538 -27.98 58.67 -51.50
N ILE I 539 -27.79 57.35 -51.43
CA ILE I 539 -26.48 56.80 -51.08
C ILE I 539 -25.98 55.87 -52.17
N LEU I 540 -24.75 56.12 -52.62
CA LEU I 540 -24.12 55.33 -53.67
C LEU I 540 -22.95 54.50 -53.12
N PRO I 541 -22.98 53.17 -53.35
CA PRO I 541 -21.97 52.21 -52.90
C PRO I 541 -20.66 52.17 -53.71
N ALA I 542 -19.58 52.64 -53.12
CA ALA I 542 -18.27 52.62 -53.77
C ALA I 542 -17.53 51.41 -53.21
N CYS I 543 -16.57 50.87 -53.95
CA CYS I 543 -15.81 49.71 -53.49
C CYS I 543 -14.41 50.09 -53.02
N THR I 544 -13.73 49.18 -52.33
CA THR I 544 -12.38 49.43 -51.84
C THR I 544 -11.40 49.25 -53.02
N ASN I 545 -10.13 49.59 -52.81
CA ASN I 545 -9.15 49.44 -53.88
C ASN I 545 -8.82 47.97 -54.15
N PHE I 546 -9.36 47.06 -53.34
CA PHE I 546 -9.12 45.64 -53.57
C PHE I 546 -10.11 45.06 -54.56
N GLU I 547 -11.07 45.88 -54.99
CA GLU I 547 -12.09 45.45 -55.92
C GLU I 547 -12.04 46.19 -57.26
N ARG I 548 -10.90 46.80 -57.55
CA ARG I 548 -10.71 47.53 -58.80
C ARG I 548 -9.22 47.59 -59.16
N TRP I 549 -8.92 47.99 -60.39
CA TRP I 549 -7.53 48.09 -60.84
C TRP I 549 -6.94 49.48 -60.64
N ASP I 550 -5.70 49.53 -60.14
CA ASP I 550 -5.03 50.79 -59.92
C ASP I 550 -3.53 50.55 -59.82
N ILE I 551 -2.77 51.62 -59.65
CA ILE I 551 -1.32 51.51 -59.53
C ILE I 551 -0.84 52.60 -58.56
N SER I 552 0.21 52.30 -57.81
CA SER I 552 0.73 53.25 -56.83
C SER I 552 2.13 52.91 -56.36
N GLU I 553 2.67 53.76 -55.51
CA GLU I 553 4.00 53.57 -54.95
C GLU I 553 3.90 53.66 -53.43
N PHE I 554 4.65 52.80 -52.75
CA PHE I 554 4.68 52.75 -51.30
C PHE I 554 4.81 54.15 -50.66
N ALA I 555 3.76 54.59 -49.98
CA ALA I 555 3.73 55.87 -49.28
C ALA I 555 3.94 57.14 -50.11
N ASN I 556 3.90 57.03 -51.44
CA ASN I 556 4.13 58.21 -52.28
C ASN I 556 2.96 59.17 -52.44
N CYS I 557 3.05 60.31 -51.77
CA CYS I 557 2.02 61.35 -51.81
C CYS I 557 2.47 62.43 -52.80
N SER I 558 3.72 62.86 -52.63
CA SER I 558 4.31 63.90 -53.45
C SER I 558 3.53 65.20 -53.29
N GLY I 559 3.57 66.06 -54.28
CA GLY I 559 2.84 67.32 -54.20
C GLY I 559 3.37 68.22 -53.10
N TYR I 560 2.62 68.36 -52.02
CA TYR I 560 3.03 69.19 -50.89
C TYR I 560 3.97 68.48 -49.93
N ILE I 561 4.47 67.33 -50.36
CA ILE I 561 5.43 66.52 -49.62
C ILE I 561 6.23 65.83 -50.72
N PRO I 562 7.01 66.61 -51.47
CA PRO I 562 7.80 66.07 -52.57
C PRO I 562 8.72 64.93 -52.14
N ASP I 563 8.73 63.86 -52.92
CA ASP I 563 9.58 62.71 -52.64
C ASP I 563 9.41 62.12 -51.25
N ASN I 564 8.18 62.06 -50.76
CA ASN I 564 7.96 61.51 -49.42
C ASN I 564 8.07 59.99 -49.36
N TYR I 565 8.39 59.35 -50.48
CA TYR I 565 8.57 57.90 -50.49
C TYR I 565 9.80 57.56 -49.65
N GLN I 566 10.67 58.57 -49.44
CA GLN I 566 11.89 58.40 -48.64
C GLN I 566 11.55 58.00 -47.21
N LEU I 567 10.27 57.77 -46.98
CA LEU I 567 9.77 57.34 -45.69
C LEU I 567 10.02 55.84 -45.56
N CYS I 568 10.15 55.18 -46.71
CA CYS I 568 10.34 53.73 -46.76
C CYS I 568 11.79 53.30 -46.97
N ASN I 569 12.07 52.03 -46.69
CA ASN I 569 13.41 51.50 -46.87
C ASN I 569 13.69 51.18 -48.34
N HIS I 570 12.64 51.13 -49.14
CA HIS I 570 12.75 50.86 -50.57
C HIS I 570 11.62 51.52 -51.33
N ARG I 571 11.87 51.94 -52.56
CA ARG I 571 10.82 52.53 -53.37
C ARG I 571 10.12 51.32 -53.98
N VAL I 572 8.87 51.09 -53.58
CA VAL I 572 8.11 49.96 -54.09
C VAL I 572 6.92 50.41 -54.90
N ILE I 573 6.99 50.20 -56.20
CA ILE I 573 5.92 50.56 -57.10
C ILE I 573 5.15 49.27 -57.36
N SER I 574 3.87 49.25 -57.03
CA SER I 574 3.11 48.02 -57.26
C SER I 574 1.78 48.17 -57.97
N LEU I 575 1.42 47.13 -58.71
CA LEU I 575 0.16 47.09 -59.42
C LEU I 575 -0.90 46.74 -58.38
N GLN I 576 -1.98 47.49 -58.34
CA GLN I 576 -3.06 47.19 -57.41
C GLN I 576 -4.07 46.38 -58.20
N ALA I 577 -3.93 45.07 -58.11
CA ALA I 577 -4.79 44.16 -58.86
C ALA I 577 -6.18 44.00 -58.26
N LYS I 578 -7.17 43.99 -59.14
CA LYS I 578 -8.55 43.78 -58.72
C LYS I 578 -8.53 42.35 -58.19
N CYS I 579 -8.43 42.20 -56.87
CA CYS I 579 -8.36 40.87 -56.26
C CYS I 579 -9.67 40.09 -56.23
N ILE I 580 -10.78 40.82 -56.19
CA ILE I 580 -12.10 40.20 -56.16
C ILE I 580 -13.11 41.11 -56.85
N GLU I 581 -14.30 40.57 -57.13
CA GLU I 581 -15.35 41.37 -57.75
C GLU I 581 -15.90 42.30 -56.67
N PRO I 582 -16.36 43.50 -57.06
CA PRO I 582 -16.90 44.42 -56.07
C PRO I 582 -17.89 43.71 -55.15
N VAL I 583 -17.82 44.02 -53.85
CA VAL I 583 -18.72 43.41 -52.87
C VAL I 583 -20.14 43.96 -53.03
N GLY I 584 -21.12 43.06 -53.01
CA GLY I 584 -22.50 43.48 -53.17
C GLY I 584 -22.73 44.19 -54.49
N GLU I 585 -23.47 45.30 -54.46
CA GLU I 585 -23.74 46.06 -55.68
C GLU I 585 -22.88 47.32 -55.76
N SER I 586 -21.72 47.30 -55.14
CA SER I 586 -20.84 48.44 -55.18
C SER I 586 -20.02 48.49 -56.46
N MET I 587 -19.52 49.67 -56.79
CA MET I 587 -18.68 49.81 -57.97
C MET I 587 -17.59 50.84 -57.73
N SER I 588 -16.58 50.83 -58.60
CA SER I 588 -15.48 51.76 -58.45
C SER I 588 -16.00 53.17 -58.61
N ASP I 589 -15.35 54.11 -57.92
CA ASP I 589 -15.76 55.51 -58.03
C ASP I 589 -15.73 55.91 -59.50
N TYR I 590 -14.71 55.45 -60.20
CA TYR I 590 -14.56 55.78 -61.62
C TYR I 590 -15.76 55.32 -62.44
N GLU I 591 -16.21 54.08 -62.22
CA GLU I 591 -17.35 53.58 -62.98
C GLU I 591 -18.63 54.31 -62.57
N ILE I 592 -18.68 54.77 -61.33
CA ILE I 592 -19.85 55.50 -60.86
C ILE I 592 -19.90 56.79 -61.65
N TYR I 593 -18.77 57.48 -61.73
CA TYR I 593 -18.68 58.73 -62.46
C TYR I 593 -18.88 58.52 -63.95
N ARG I 594 -18.41 57.39 -64.46
CA ARG I 594 -18.56 57.09 -65.88
C ARG I 594 -20.05 56.93 -66.20
N LEU I 595 -20.79 56.31 -65.28
CA LEU I 595 -22.23 56.13 -65.45
C LEU I 595 -22.91 57.50 -65.46
N PHE I 596 -22.45 58.37 -64.56
CA PHE I 596 -23.00 59.73 -64.48
C PHE I 596 -22.61 60.52 -65.72
N ALA I 597 -21.38 60.34 -66.19
CA ALA I 597 -20.93 61.05 -67.38
C ALA I 597 -21.82 60.68 -68.55
N LYS I 598 -22.29 59.43 -68.57
CA LYS I 598 -23.15 58.97 -69.65
C LYS I 598 -24.50 59.67 -69.59
N LYS I 599 -25.09 59.70 -68.40
CA LYS I 599 -26.39 60.35 -68.21
C LYS I 599 -26.29 61.87 -68.25
N LEU I 600 -25.06 62.38 -68.17
CA LEU I 600 -24.84 63.83 -68.22
C LEU I 600 -24.36 64.21 -69.62
N ASN I 601 -24.33 63.23 -70.51
CA ASN I 601 -23.93 63.42 -71.90
C ASN I 601 -22.50 63.96 -72.09
N ILE I 602 -21.59 63.56 -71.20
CA ILE I 602 -20.19 64.00 -71.31
C ILE I 602 -19.26 62.79 -71.20
N GLU I 603 -19.80 61.60 -71.45
CA GLU I 603 -19.02 60.37 -71.35
C GLU I 603 -17.70 60.33 -72.09
N GLU I 604 -17.69 60.74 -73.35
CA GLU I 604 -16.47 60.71 -74.15
C GLU I 604 -15.38 61.63 -73.57
N MET I 605 -15.77 62.84 -73.20
CA MET I 605 -14.81 63.80 -72.64
C MET I 605 -14.23 63.26 -71.34
N PHE I 606 -15.08 62.64 -70.52
CA PHE I 606 -14.64 62.11 -69.23
C PHE I 606 -13.76 60.88 -69.30
N SER I 607 -14.28 59.81 -69.90
CA SER I 607 -13.53 58.55 -69.98
C SER I 607 -12.54 58.44 -71.12
N GLU I 608 -12.81 59.14 -72.22
CA GLU I 608 -11.96 59.05 -73.40
C GLU I 608 -11.96 57.57 -73.82
N GLY I 609 -13.07 56.89 -73.54
CA GLY I 609 -13.23 55.49 -73.88
C GLY I 609 -12.29 54.53 -73.18
N LYS I 610 -11.88 54.89 -71.96
CA LYS I 610 -10.95 54.06 -71.21
C LYS I 610 -11.51 53.58 -69.87
N ASP I 611 -11.32 52.30 -69.57
CA ASP I 611 -11.73 51.78 -68.29
C ASP I 611 -10.54 52.05 -67.38
N GLU I 612 -10.65 51.72 -66.10
CA GLU I 612 -9.55 51.98 -65.18
C GLU I 612 -8.23 51.37 -65.63
N LEU I 613 -8.26 50.13 -66.07
CA LEU I 613 -7.05 49.46 -66.50
C LEU I 613 -6.34 50.20 -67.65
N ALA I 614 -7.12 50.76 -68.57
CA ALA I 614 -6.55 51.50 -69.68
C ALA I 614 -5.89 52.77 -69.14
N TRP I 615 -6.52 53.43 -68.18
CA TRP I 615 -5.95 54.63 -67.60
C TRP I 615 -4.62 54.30 -66.89
N CYS I 616 -4.56 53.14 -66.24
CA CYS I 616 -3.35 52.72 -65.55
C CYS I 616 -2.17 52.55 -66.47
N GLU I 617 -2.40 52.00 -67.66
CA GLU I 617 -1.31 51.79 -68.61
C GLU I 617 -0.79 53.14 -69.11
N GLN I 618 -1.72 54.05 -69.43
CA GLN I 618 -1.31 55.38 -69.89
C GLN I 618 -0.52 56.06 -68.77
N TYR I 619 -1.03 55.92 -67.55
CA TYR I 619 -0.39 56.50 -66.37
C TYR I 619 1.04 55.97 -66.28
N PHE I 620 1.17 54.65 -66.34
CA PHE I 620 2.45 53.95 -66.26
C PHE I 620 3.49 54.51 -67.23
N ASN I 621 3.10 54.71 -68.48
CA ASN I 621 4.02 55.22 -69.51
C ASN I 621 4.44 56.68 -69.32
N ALA I 622 3.74 57.39 -68.43
CA ALA I 622 4.06 58.78 -68.17
C ALA I 622 5.05 58.89 -67.02
N THR I 623 5.50 57.74 -66.52
CA THR I 623 6.47 57.67 -65.43
C THR I 623 7.78 57.16 -66.00
N ASP I 624 8.74 56.89 -65.13
CA ASP I 624 10.04 56.38 -65.58
C ASP I 624 10.09 54.85 -65.62
N MET I 625 9.01 54.19 -65.21
CA MET I 625 8.97 52.73 -65.22
C MET I 625 9.40 52.11 -66.55
N PRO I 626 8.94 52.68 -67.67
CA PRO I 626 9.30 52.14 -68.99
C PRO I 626 10.81 51.94 -69.18
N LYS I 627 11.61 52.67 -68.41
CA LYS I 627 13.06 52.56 -68.51
C LYS I 627 13.54 51.23 -67.95
N TYR I 628 12.72 50.62 -67.09
CA TYR I 628 13.09 49.34 -66.49
C TYR I 628 12.24 48.17 -66.97
N MET I 629 10.98 48.44 -67.30
CA MET I 629 10.12 47.37 -67.79
C MET I 629 8.84 47.87 -68.46
N THR I 630 8.30 47.04 -69.35
CA THR I 630 7.09 47.38 -70.08
C THR I 630 5.86 47.17 -69.22
N TRP I 631 4.74 47.73 -69.66
CA TRP I 631 3.49 47.60 -68.95
C TRP I 631 3.15 46.13 -68.73
N ASP I 632 3.24 45.33 -69.80
CA ASP I 632 2.95 43.91 -69.72
C ASP I 632 3.80 43.19 -68.69
N GLU I 633 5.10 43.46 -68.72
CA GLU I 633 6.03 42.84 -67.78
C GLU I 633 5.68 43.26 -66.35
N PHE I 634 5.42 44.55 -66.17
CA PHE I 634 5.08 45.08 -64.86
C PHE I 634 3.78 44.44 -64.36
N PHE I 635 2.75 44.45 -65.21
CA PHE I 635 1.45 43.88 -64.87
C PHE I 635 1.63 42.44 -64.44
N LYS I 636 2.55 41.76 -65.12
CA LYS I 636 2.81 40.35 -64.85
C LYS I 636 3.57 40.13 -63.53
N LYS I 637 4.54 40.98 -63.24
CA LYS I 637 5.30 40.81 -62.00
C LYS I 637 4.50 41.25 -60.78
N GLY I 638 3.73 42.33 -60.95
CA GLY I 638 2.92 42.83 -59.85
C GLY I 638 3.56 43.96 -59.05
N TYR I 639 4.87 43.92 -58.89
CA TYR I 639 5.56 44.97 -58.13
C TYR I 639 6.99 45.13 -58.62
N PHE I 640 7.56 46.30 -58.35
CA PHE I 640 8.92 46.60 -58.77
C PHE I 640 9.68 47.33 -57.66
N VAL I 641 10.85 46.82 -57.33
CA VAL I 641 11.69 47.45 -56.32
C VAL I 641 12.69 48.29 -57.09
N VAL I 642 12.55 49.61 -56.96
CA VAL I 642 13.44 50.53 -57.67
C VAL I 642 14.90 50.31 -57.24
N PRO I 643 15.80 50.21 -58.23
CA PRO I 643 17.22 50.00 -57.93
C PRO I 643 17.81 51.18 -57.16
N ASP I 644 18.88 50.91 -56.42
CA ASP I 644 19.58 51.93 -55.65
C ASP I 644 20.44 52.73 -56.61
N ASN I 645 20.66 54.02 -56.30
CA ASN I 645 21.49 54.87 -57.13
C ASN I 645 22.70 55.25 -56.29
N PRO I 646 23.67 54.32 -56.18
CA PRO I 646 24.90 54.47 -55.40
C PRO I 646 25.74 55.70 -55.74
N ASN I 647 25.64 56.19 -56.97
CA ASN I 647 26.43 57.35 -57.39
C ASN I 647 25.87 58.74 -57.14
N ARG I 648 24.56 58.93 -57.28
CA ARG I 648 23.98 60.25 -57.09
C ARG I 648 24.59 60.96 -55.88
N LYS I 649 24.86 62.24 -56.03
CA LYS I 649 25.46 63.00 -54.94
C LYS I 649 24.43 63.22 -53.84
N LYS I 650 24.88 63.10 -52.61
CA LYS I 650 24.01 63.29 -51.46
C LYS I 650 23.85 64.78 -51.23
N THR I 651 22.62 65.20 -50.93
CA THR I 651 22.31 66.60 -50.67
C THR I 651 21.46 66.65 -49.40
N VAL I 652 22.12 66.81 -48.26
CA VAL I 652 21.43 66.87 -46.99
C VAL I 652 20.51 68.08 -46.90
N ALA I 653 19.34 67.87 -46.32
CA ALA I 653 18.33 68.91 -46.17
C ALA I 653 18.90 70.18 -45.54
N LEU I 654 18.61 71.31 -46.18
CA LEU I 654 19.04 72.62 -45.69
C LEU I 654 20.53 72.89 -45.58
N ARG I 655 21.37 71.94 -45.98
CA ARG I 655 22.81 72.19 -45.86
C ARG I 655 23.21 73.36 -46.77
N TRP I 656 22.55 73.47 -47.92
CA TRP I 656 22.85 74.56 -48.84
C TRP I 656 22.61 75.90 -48.17
N PHE I 657 21.52 75.97 -47.40
CA PHE I 657 21.15 77.19 -46.67
C PHE I 657 22.13 77.41 -45.53
N ALA I 658 22.55 76.32 -44.90
CA ALA I 658 23.49 76.40 -43.79
C ALA I 658 24.82 77.04 -44.21
N GLU I 659 25.27 76.70 -45.41
CA GLU I 659 26.52 77.20 -45.95
C GLU I 659 26.37 78.39 -46.88
N GLY I 660 25.18 78.98 -46.90
CA GLY I 660 24.93 80.14 -47.74
C GLY I 660 25.16 79.99 -49.24
N ARG I 661 24.90 78.80 -49.79
CA ARG I 661 25.10 78.62 -51.23
C ARG I 661 23.78 78.25 -51.93
N GLU I 662 23.84 78.06 -53.23
CA GLU I 662 22.65 77.74 -54.02
C GLU I 662 21.95 76.45 -53.57
N LYS I 663 20.63 76.50 -53.52
CA LYS I 663 19.83 75.34 -53.14
C LYS I 663 20.27 74.22 -54.08
N ASP I 664 20.57 73.05 -53.53
CA ASP I 664 21.06 71.95 -54.36
C ASP I 664 20.34 70.62 -54.17
N THR I 665 19.17 70.64 -53.55
CA THR I 665 18.42 69.41 -53.33
C THR I 665 17.35 69.26 -54.39
N PRO I 666 16.61 68.14 -54.36
CA PRO I 666 15.54 67.91 -55.34
C PRO I 666 14.23 68.61 -54.96
N ASP I 667 14.25 69.34 -53.85
CA ASP I 667 13.07 70.02 -53.36
C ASP I 667 12.39 70.88 -54.43
N TRP I 668 11.07 70.96 -54.36
CA TRP I 668 10.28 71.72 -55.32
C TRP I 668 10.31 73.23 -55.10
N GLY I 669 11.17 73.69 -54.22
CA GLY I 669 11.27 75.11 -53.96
C GLY I 669 12.55 75.43 -53.20
N PRO I 670 12.80 76.72 -52.90
CA PRO I 670 11.93 77.84 -53.29
C PRO I 670 12.01 78.14 -54.77
N ARG I 671 11.01 78.83 -55.30
CA ARG I 671 11.04 79.16 -56.71
C ARG I 671 12.09 80.21 -56.97
N LEU I 672 12.64 80.20 -58.17
CA LEU I 672 13.69 81.13 -58.55
C LEU I 672 13.38 82.58 -58.19
N ASN I 673 12.17 83.04 -58.49
CA ASN I 673 11.79 84.42 -58.21
C ASN I 673 11.75 84.77 -56.72
N ASN I 674 11.67 83.75 -55.87
CA ASN I 674 11.64 83.96 -54.43
C ASN I 674 13.02 83.91 -53.78
N GLN I 675 14.05 83.96 -54.64
CA GLN I 675 15.43 83.94 -54.18
C GLN I 675 16.26 84.95 -54.97
N VAL I 676 17.44 85.25 -54.44
CA VAL I 676 18.39 86.12 -55.11
C VAL I 676 19.52 85.18 -55.48
N CYS I 677 19.70 84.94 -56.78
CA CYS I 677 20.74 84.04 -57.30
C CYS I 677 20.61 82.65 -56.65
N ARG I 678 19.36 82.20 -56.55
CA ARG I 678 18.96 80.94 -55.93
C ARG I 678 19.63 80.55 -54.62
N LYS I 679 19.74 81.54 -53.74
CA LYS I 679 20.32 81.37 -52.42
C LYS I 679 19.32 81.88 -51.40
N GLY I 680 19.33 81.30 -50.21
CA GLY I 680 18.42 81.73 -49.17
C GLY I 680 17.05 81.08 -49.25
N LEU I 681 16.25 81.32 -48.22
CA LEU I 681 14.90 80.78 -48.14
C LEU I 681 13.95 81.65 -48.96
N GLN I 682 12.71 81.18 -49.08
CA GLN I 682 11.66 81.87 -49.83
C GLN I 682 11.26 83.23 -49.24
N THR I 683 11.59 83.44 -47.97
CA THR I 683 11.26 84.68 -47.29
C THR I 683 11.94 85.85 -48.00
N THR I 684 11.35 87.03 -47.89
CA THR I 684 11.90 88.21 -48.52
C THR I 684 13.41 88.35 -48.31
N THR I 685 13.85 88.27 -47.05
CA THR I 685 15.26 88.41 -46.71
C THR I 685 16.07 87.17 -47.04
N GLY I 686 15.40 86.07 -47.30
CA GLY I 686 16.09 84.83 -47.60
C GLY I 686 16.58 84.19 -46.31
N LYS I 687 16.28 84.82 -45.17
CA LYS I 687 16.69 84.33 -43.86
C LYS I 687 15.51 83.86 -43.02
N VAL I 688 15.80 83.31 -41.85
CA VAL I 688 14.76 82.87 -40.93
C VAL I 688 14.30 84.15 -40.26
N GLU I 689 13.04 84.51 -40.46
CA GLU I 689 12.52 85.75 -39.90
C GLU I 689 11.76 85.64 -38.57
N PHE I 690 12.44 85.97 -37.48
CA PHE I 690 11.82 85.90 -36.15
C PHE I 690 10.72 86.96 -36.06
N ILE I 691 10.83 87.95 -36.92
CA ILE I 691 9.81 88.99 -37.05
C ILE I 691 9.54 88.84 -38.55
N ALA I 692 8.47 88.10 -38.87
CA ALA I 692 8.11 87.84 -40.26
C ALA I 692 7.69 89.10 -41.00
N THR I 693 8.38 89.40 -42.09
CA THR I 693 8.07 90.59 -42.89
C THR I 693 6.71 90.50 -43.57
N SER I 694 6.29 89.29 -43.93
CA SER I 694 5.00 89.10 -44.58
C SER I 694 3.88 89.47 -43.60
N LEU I 695 4.00 88.99 -42.36
CA LEU I 695 2.98 89.28 -41.36
C LEU I 695 3.06 90.74 -40.91
N LYS I 696 4.26 91.32 -40.95
CA LYS I 696 4.42 92.71 -40.55
C LYS I 696 3.74 93.60 -41.59
N ASN I 697 3.77 93.16 -42.84
CA ASN I 697 3.12 93.90 -43.92
C ASN I 697 1.61 93.79 -43.68
N PHE I 698 1.16 92.57 -43.37
CA PHE I 698 -0.24 92.26 -43.13
C PHE I 698 -0.84 93.15 -42.05
N GLU I 699 -0.16 93.26 -40.91
CA GLU I 699 -0.66 94.09 -39.83
C GLU I 699 -0.63 95.59 -40.15
N GLU I 700 0.34 96.03 -40.94
CA GLU I 700 0.41 97.46 -41.29
C GLU I 700 -0.63 97.79 -42.34
N GLN I 701 -1.22 96.76 -42.93
CA GLN I 701 -2.26 96.96 -43.93
C GLN I 701 -3.62 97.07 -43.24
N GLY I 702 -3.62 96.87 -41.92
CA GLY I 702 -4.85 96.96 -41.16
C GLY I 702 -5.37 95.65 -40.59
N TYR I 703 -4.79 94.53 -40.99
CA TYR I 703 -5.24 93.23 -40.49
C TYR I 703 -4.63 92.86 -39.16
N ILE I 704 -5.15 93.49 -38.10
CA ILE I 704 -4.68 93.25 -36.75
C ILE I 704 -5.13 91.86 -36.26
N ASP I 705 -4.18 91.09 -35.72
CA ASP I 705 -4.47 89.73 -35.26
C ASP I 705 -3.59 89.42 -34.06
N GLU I 706 -4.14 89.63 -32.87
CA GLU I 706 -3.46 89.41 -31.61
C GLU I 706 -2.83 88.01 -31.47
N HIS I 707 -3.52 86.99 -31.98
CA HIS I 707 -3.00 85.63 -31.87
C HIS I 707 -2.10 85.13 -32.98
N ARG I 708 -1.59 86.06 -33.78
CA ARG I 708 -0.68 85.72 -34.85
C ARG I 708 0.18 86.97 -35.09
N PRO I 709 1.00 87.34 -34.09
CA PRO I 709 1.88 88.50 -34.18
C PRO I 709 3.02 88.30 -35.17
N SER I 710 3.55 89.39 -35.71
CA SER I 710 4.62 89.28 -36.67
C SER I 710 5.85 88.65 -36.00
N MET I 711 6.09 88.98 -34.73
CA MET I 711 7.21 88.41 -33.99
C MET I 711 6.81 87.20 -33.15
N HIS I 712 7.55 86.10 -33.30
CA HIS I 712 7.30 84.87 -32.54
C HIS I 712 7.43 85.25 -31.06
N THR I 713 6.34 85.07 -30.32
CA THR I 713 6.31 85.42 -28.91
C THR I 713 5.46 84.43 -28.11
N TYR I 714 5.42 84.59 -26.79
CA TYR I 714 4.63 83.68 -26.00
C TYR I 714 3.18 84.11 -25.94
N VAL I 715 2.43 83.79 -26.98
CA VAL I 715 1.01 84.11 -27.00
C VAL I 715 0.36 82.97 -26.21
N PRO I 716 -0.33 83.29 -25.11
CA PRO I 716 -0.96 82.20 -24.34
C PRO I 716 -2.02 81.52 -25.20
N ALA I 717 -2.07 80.19 -25.15
CA ALA I 717 -3.05 79.42 -25.91
C ALA I 717 -4.45 79.84 -25.45
N TRP I 718 -5.32 80.23 -26.37
CA TRP I 718 -6.66 80.66 -25.96
C TRP I 718 -7.52 79.56 -25.36
N GLU I 719 -7.11 78.31 -25.53
CA GLU I 719 -7.84 77.21 -24.91
C GLU I 719 -6.80 76.37 -24.19
N SER I 720 -6.40 76.86 -23.02
CA SER I 720 -5.41 76.19 -22.18
C SER I 720 -5.98 76.25 -20.76
N GLN I 721 -5.44 75.45 -19.86
CA GLN I 721 -5.94 75.42 -18.50
C GLN I 721 -5.78 76.67 -17.66
N LYS I 722 -4.71 77.44 -17.86
CA LYS I 722 -4.56 78.65 -17.06
C LYS I 722 -4.89 79.95 -17.77
N HIS I 723 -5.21 79.89 -19.06
CA HIS I 723 -5.52 81.11 -19.79
C HIS I 723 -6.95 81.21 -20.33
N SER I 724 -7.75 80.17 -20.13
CA SER I 724 -9.13 80.18 -20.61
C SER I 724 -10.17 80.17 -19.48
N PRO I 725 -11.13 81.11 -19.53
CA PRO I 725 -12.18 81.21 -18.52
C PRO I 725 -12.92 79.88 -18.39
N LEU I 726 -12.85 79.09 -19.47
CA LEU I 726 -13.47 77.78 -19.55
C LEU I 726 -12.90 76.76 -18.57
N ALA I 727 -11.64 76.94 -18.16
CA ALA I 727 -10.99 75.99 -17.26
C ALA I 727 -11.72 75.82 -15.93
N VAL I 728 -12.52 76.81 -15.54
CA VAL I 728 -13.24 76.74 -14.28
C VAL I 728 -14.22 75.57 -14.29
N LYS I 729 -14.99 75.46 -15.38
CA LYS I 729 -15.96 74.39 -15.54
C LYS I 729 -15.32 73.12 -16.08
N TYR I 730 -14.31 73.30 -16.94
CA TYR I 730 -13.63 72.18 -17.58
C TYR I 730 -12.12 72.25 -17.35
N PRO I 731 -11.68 71.78 -16.17
CA PRO I 731 -10.28 71.78 -15.72
C PRO I 731 -9.31 70.81 -16.40
N LEU I 732 -9.83 69.82 -17.11
CA LEU I 732 -8.96 68.84 -17.76
C LEU I 732 -8.54 69.22 -19.16
N GLY I 733 -7.25 69.13 -19.43
CA GLY I 733 -6.73 69.44 -20.76
C GLY I 733 -6.71 68.20 -21.61
N MET I 734 -7.39 68.24 -22.75
CA MET I 734 -7.45 67.08 -23.62
C MET I 734 -6.73 67.25 -24.95
N LEU I 735 -5.96 66.23 -25.32
CA LEU I 735 -5.29 66.24 -26.61
C LEU I 735 -5.87 65.02 -27.31
N SER I 736 -6.13 65.13 -28.61
CA SER I 736 -6.73 64.04 -29.36
C SER I 736 -6.06 63.80 -30.70
N PRO I 737 -4.86 63.21 -30.70
CA PRO I 737 -4.02 62.89 -31.87
C PRO I 737 -4.66 61.85 -32.79
N HIS I 738 -3.88 61.37 -33.74
CA HIS I 738 -4.38 60.38 -34.70
C HIS I 738 -4.44 58.99 -34.10
N PRO I 739 -5.49 58.22 -34.45
CA PRO I 739 -5.71 56.86 -33.97
C PRO I 739 -4.56 55.88 -34.24
N ARG I 740 -4.14 55.19 -33.19
CA ARG I 740 -3.06 54.21 -33.26
C ARG I 740 -3.39 53.06 -34.18
N PHE I 741 -4.60 52.52 -34.06
CA PHE I 741 -5.01 51.36 -34.85
C PHE I 741 -5.94 51.61 -36.02
N SER I 742 -5.87 52.80 -36.59
CA SER I 742 -6.73 53.14 -37.72
C SER I 742 -6.15 54.31 -38.50
N MET I 743 -6.40 54.34 -39.81
CA MET I 743 -5.93 55.45 -40.63
C MET I 743 -7.15 56.36 -40.57
N HIS I 744 -7.19 57.24 -39.57
CA HIS I 744 -8.33 58.10 -39.37
C HIS I 744 -9.57 57.20 -39.27
N THR I 745 -10.65 57.49 -40.00
CA THR I 745 -11.84 56.65 -39.88
C THR I 745 -11.72 55.29 -40.56
N MET I 746 -10.71 55.15 -41.41
CA MET I 746 -10.52 53.91 -42.15
C MET I 746 -9.79 52.84 -41.34
N GLY I 747 -10.57 52.14 -40.51
CA GLY I 747 -10.03 51.09 -39.67
C GLY I 747 -10.98 50.87 -38.51
N ASP I 748 -11.36 51.95 -37.84
CA ASP I 748 -12.29 51.87 -36.72
C ASP I 748 -13.66 51.48 -37.24
N GLY I 749 -14.51 50.99 -36.34
CA GLY I 749 -15.85 50.60 -36.71
C GLY I 749 -15.92 49.54 -37.79
N LYS I 750 -17.02 49.56 -38.55
CA LYS I 750 -17.22 48.61 -39.65
C LYS I 750 -17.15 47.15 -39.16
N ASN I 751 -17.24 46.95 -37.86
CA ASN I 751 -17.17 45.61 -37.29
C ASN I 751 -15.86 44.95 -37.75
N SER I 752 -14.83 45.76 -37.92
CA SER I 752 -13.52 45.28 -38.36
C SER I 752 -12.81 44.56 -37.21
N TYR I 753 -11.69 43.91 -37.53
CA TYR I 753 -10.95 43.19 -36.50
C TYR I 753 -10.22 44.12 -35.55
N MET I 754 -9.91 45.34 -36.01
CA MET I 754 -9.20 46.30 -35.17
C MET I 754 -10.00 46.66 -33.92
N ASN I 755 -11.31 46.45 -33.96
CA ASN I 755 -12.17 46.76 -32.84
C ASN I 755 -11.97 45.84 -31.64
N TYR I 756 -11.25 44.73 -31.83
CA TYR I 756 -11.01 43.80 -30.74
C TYR I 756 -9.66 44.03 -30.09
N ILE I 757 -8.94 45.03 -30.59
CA ILE I 757 -7.63 45.39 -30.05
C ILE I 757 -7.83 46.02 -28.68
N LYS I 758 -7.17 45.47 -27.68
CA LYS I 758 -7.31 45.97 -26.30
C LYS I 758 -7.21 47.48 -26.13
N ASP I 759 -6.24 48.11 -26.79
CA ASP I 759 -6.05 49.54 -26.65
C ASP I 759 -6.75 50.37 -27.73
N HIS I 760 -7.77 49.81 -28.39
CA HIS I 760 -8.51 50.54 -29.40
C HIS I 760 -9.91 50.84 -28.86
N ARG I 761 -10.62 49.79 -28.48
CA ARG I 761 -11.97 49.92 -27.92
C ARG I 761 -12.12 48.92 -26.78
N VAL I 762 -13.03 49.22 -25.86
CA VAL I 762 -13.28 48.34 -24.73
C VAL I 762 -14.75 47.96 -24.72
N GLU I 763 -15.04 46.66 -24.83
CA GLU I 763 -16.42 46.21 -24.84
C GLU I 763 -17.02 46.24 -23.44
N VAL I 764 -18.20 46.84 -23.34
CA VAL I 764 -18.91 46.94 -22.06
C VAL I 764 -20.38 46.68 -22.32
N ASP I 765 -20.88 45.58 -21.76
CA ASP I 765 -22.27 45.18 -21.91
C ASP I 765 -22.65 45.03 -23.37
N GLY I 766 -21.77 44.40 -24.14
CA GLY I 766 -22.06 44.17 -25.55
C GLY I 766 -21.77 45.31 -26.53
N TYR I 767 -21.23 46.42 -26.05
CA TYR I 767 -20.93 47.54 -26.95
C TYR I 767 -19.47 47.93 -26.77
N LYS I 768 -18.75 48.06 -27.88
CA LYS I 768 -17.33 48.42 -27.84
C LYS I 768 -17.17 49.94 -27.82
N TYR I 769 -16.81 50.47 -26.66
CA TYR I 769 -16.65 51.91 -26.51
C TYR I 769 -15.26 52.42 -26.84
N TRP I 770 -15.22 53.70 -27.22
CA TRP I 770 -13.99 54.39 -27.56
C TRP I 770 -13.26 54.67 -26.25
N ILE I 771 -11.94 54.73 -26.31
CA ILE I 771 -11.13 54.92 -25.11
C ILE I 771 -10.65 56.34 -24.78
N MET I 772 -10.68 56.68 -23.50
CA MET I 772 -10.15 57.94 -23.03
C MET I 772 -9.18 57.57 -21.91
N ARG I 773 -7.94 58.01 -22.04
CA ARG I 773 -6.90 57.72 -21.06
C ARG I 773 -6.90 58.80 -19.99
N VAL I 774 -6.92 58.34 -18.75
CA VAL I 774 -6.97 59.24 -17.60
C VAL I 774 -5.92 58.92 -16.57
N ASN I 775 -5.21 59.94 -16.12
CA ASN I 775 -4.18 59.77 -15.10
C ASN I 775 -4.86 59.28 -13.82
N SER I 776 -4.23 58.30 -13.18
CA SER I 776 -4.77 57.71 -11.95
C SER I 776 -5.27 58.72 -10.92
N ILE I 777 -4.52 59.80 -10.72
CA ILE I 777 -4.91 60.82 -9.75
C ILE I 777 -6.23 61.49 -10.10
N ASP I 778 -6.41 61.83 -11.37
CA ASP I 778 -7.65 62.48 -11.80
C ASP I 778 -8.83 61.51 -11.71
N ALA I 779 -8.59 60.24 -12.06
CA ALA I 779 -9.63 59.22 -12.00
C ALA I 779 -10.09 59.01 -10.57
N GLU I 780 -9.14 58.82 -9.68
CA GLU I 780 -9.42 58.61 -8.27
C GLU I 780 -10.27 59.75 -7.73
N ALA I 781 -9.90 60.97 -8.06
CA ALA I 781 -10.62 62.15 -7.60
C ALA I 781 -12.07 62.18 -8.06
N ARG I 782 -12.38 61.39 -9.10
CA ARG I 782 -13.73 61.33 -9.64
C ARG I 782 -14.42 59.98 -9.40
N GLY I 783 -13.75 59.11 -8.66
CA GLY I 783 -14.32 57.80 -8.39
C GLY I 783 -14.39 56.98 -9.65
N ILE I 784 -13.48 57.23 -10.57
CA ILE I 784 -13.43 56.52 -11.84
C ILE I 784 -12.41 55.40 -11.80
N LYS I 785 -12.81 54.22 -12.25
CA LYS I 785 -11.91 53.07 -12.26
C LYS I 785 -11.72 52.59 -13.68
N ASN I 786 -10.58 51.94 -13.93
CA ASN I 786 -10.27 51.42 -15.25
C ASN I 786 -11.43 50.55 -15.74
N GLY I 787 -11.97 50.87 -16.92
CA GLY I 787 -13.06 50.09 -17.46
C GLY I 787 -14.43 50.75 -17.38
N ASP I 788 -14.60 51.66 -16.41
CA ASP I 788 -15.86 52.36 -16.26
C ASP I 788 -16.23 53.20 -17.48
N LEU I 789 -17.53 53.38 -17.70
CA LEU I 789 -18.00 54.21 -18.80
C LEU I 789 -18.05 55.63 -18.26
N ILE I 790 -17.42 56.56 -18.97
CA ILE I 790 -17.39 57.92 -18.51
C ILE I 790 -17.99 58.89 -19.52
N ARG I 791 -18.32 60.08 -19.03
CA ARG I 791 -18.89 61.11 -19.87
C ARG I 791 -17.94 62.30 -19.94
N ALA I 792 -17.34 62.51 -21.11
CA ALA I 792 -16.44 63.66 -21.32
C ALA I 792 -17.32 64.76 -21.89
N TYR I 793 -17.25 65.96 -21.32
CA TYR I 793 -18.10 67.05 -21.82
C TYR I 793 -17.59 68.47 -21.60
N ASN I 794 -18.23 69.40 -22.31
CA ASN I 794 -18.00 70.84 -22.21
C ASN I 794 -19.19 71.51 -22.88
N ASP I 795 -19.06 72.77 -23.27
CA ASP I 795 -20.19 73.47 -23.87
C ASP I 795 -20.63 72.94 -25.24
N ARG I 796 -19.75 72.18 -25.91
CA ARG I 796 -20.01 71.67 -27.25
C ARG I 796 -20.71 70.31 -27.35
N GLY I 797 -20.75 69.56 -26.26
CA GLY I 797 -21.42 68.26 -26.33
C GLY I 797 -20.98 67.29 -25.26
N SER I 798 -21.39 66.04 -25.42
CA SER I 798 -21.06 64.97 -24.48
C SER I 798 -20.66 63.74 -25.27
N VAL I 799 -19.66 63.03 -24.78
CA VAL I 799 -19.19 61.80 -25.42
C VAL I 799 -19.02 60.72 -24.35
N ILE I 800 -19.62 59.56 -24.58
CA ILE I 800 -19.52 58.45 -23.63
C ILE I 800 -18.30 57.62 -24.02
N LEU I 801 -17.41 57.40 -23.06
CA LEU I 801 -16.18 56.66 -23.34
C LEU I 801 -15.83 55.62 -22.28
N ALA I 802 -14.89 54.74 -22.63
CA ALA I 802 -14.43 53.73 -21.69
C ALA I 802 -13.13 54.28 -21.10
N ALA I 803 -13.08 54.36 -19.78
CA ALA I 803 -11.92 54.89 -19.10
C ALA I 803 -10.73 53.92 -19.00
N GLN I 804 -9.55 54.44 -19.31
CA GLN I 804 -8.32 53.67 -19.21
C GLN I 804 -7.40 54.48 -18.29
N VAL I 805 -7.31 54.05 -17.03
CA VAL I 805 -6.49 54.74 -16.05
C VAL I 805 -5.03 54.44 -16.37
N THR I 806 -4.21 55.49 -16.37
CA THR I 806 -2.81 55.32 -16.75
C THR I 806 -1.88 56.31 -16.06
N GLU I 807 -0.59 56.14 -16.28
CA GLU I 807 0.43 57.03 -15.71
C GLU I 807 1.07 57.80 -16.87
N CYS I 808 0.62 57.48 -18.08
CA CYS I 808 1.18 58.08 -19.29
C CYS I 808 0.68 59.48 -19.66
N LEU I 809 0.22 60.21 -18.65
CA LEU I 809 -0.29 61.57 -18.83
C LEU I 809 -0.05 62.32 -17.53
N GLN I 810 0.36 63.59 -17.62
CA GLN I 810 0.55 64.37 -16.42
C GLN I 810 -0.84 64.59 -15.81
N PRO I 811 -0.95 64.55 -14.48
CA PRO I 811 -2.26 64.77 -13.86
C PRO I 811 -2.88 66.07 -14.36
N GLY I 812 -4.17 66.02 -14.72
CA GLY I 812 -4.84 67.20 -15.23
C GLY I 812 -4.96 67.13 -16.75
N THR I 813 -4.37 66.08 -17.33
CA THR I 813 -4.39 65.88 -18.77
C THR I 813 -5.06 64.56 -19.14
N VAL I 814 -5.91 64.58 -20.16
CA VAL I 814 -6.58 63.38 -20.63
C VAL I 814 -6.24 63.19 -22.11
N HIS I 815 -6.39 61.96 -22.60
CA HIS I 815 -6.08 61.65 -23.99
C HIS I 815 -7.07 60.69 -24.62
N SER I 816 -7.53 61.03 -25.82
CA SER I 816 -8.45 60.19 -26.56
C SER I 816 -8.25 60.47 -28.03
N TYR I 817 -7.87 59.44 -28.79
CA TYR I 817 -7.64 59.60 -30.21
C TYR I 817 -8.87 60.15 -30.95
N GLU I 818 -8.62 60.82 -32.06
CA GLU I 818 -9.70 61.38 -32.87
C GLU I 818 -9.98 60.42 -34.01
N SER I 819 -10.75 60.87 -34.98
CA SER I 819 -11.09 60.08 -36.16
C SER I 819 -12.04 58.90 -35.96
N CYS I 820 -12.76 58.89 -34.84
CA CYS I 820 -13.71 57.82 -34.60
C CYS I 820 -14.62 57.75 -35.84
N ALA I 821 -14.86 56.54 -36.34
CA ALA I 821 -15.70 56.36 -37.52
C ALA I 821 -17.18 56.19 -37.21
N VAL I 822 -17.46 55.96 -35.94
CA VAL I 822 -18.82 55.71 -35.48
C VAL I 822 -19.54 56.89 -34.83
N TYR I 823 -20.66 57.28 -35.42
CA TYR I 823 -21.47 58.35 -34.84
C TYR I 823 -22.75 57.65 -34.41
N ASP I 824 -22.93 57.56 -33.09
CA ASP I 824 -24.09 56.86 -32.51
C ASP I 824 -24.72 57.68 -31.39
N PRO I 825 -25.55 58.67 -31.75
CA PRO I 825 -26.26 59.56 -30.82
C PRO I 825 -27.21 58.77 -29.92
N LEU I 826 -27.23 59.09 -28.64
CA LEU I 826 -28.11 58.43 -27.69
C LEU I 826 -29.49 59.05 -27.79
N GLY I 827 -29.53 60.29 -28.28
CA GLY I 827 -30.79 60.99 -28.46
C GLY I 827 -30.84 61.60 -29.85
N THR I 828 -31.45 62.78 -29.96
CA THR I 828 -31.55 63.46 -31.24
C THR I 828 -30.17 63.71 -31.83
N ALA I 829 -30.03 63.44 -33.13
CA ALA I 829 -28.76 63.65 -33.80
C ALA I 829 -28.31 65.10 -33.69
N GLY I 830 -27.06 65.30 -33.28
CA GLY I 830 -26.51 66.64 -33.14
C GLY I 830 -26.87 67.38 -31.87
N LYS I 831 -27.82 66.84 -31.11
CA LYS I 831 -28.27 67.49 -29.88
C LYS I 831 -28.09 66.64 -28.62
N SER I 832 -27.47 65.47 -28.77
CA SER I 832 -27.28 64.56 -27.63
C SER I 832 -25.90 63.92 -27.52
N ALA I 833 -25.64 63.30 -26.37
CA ALA I 833 -24.38 62.63 -26.14
C ALA I 833 -24.17 61.52 -27.17
N ASP I 834 -22.93 61.37 -27.61
CA ASP I 834 -22.56 60.34 -28.57
C ASP I 834 -21.81 59.22 -27.84
N ARG I 835 -22.10 57.97 -28.21
CA ARG I 835 -21.41 56.85 -27.59
C ARG I 835 -20.54 56.13 -28.60
N GLY I 836 -20.51 56.67 -29.81
CA GLY I 836 -19.68 56.07 -30.85
C GLY I 836 -18.23 56.36 -30.54
N GLY I 837 -17.95 57.56 -30.07
CA GLY I 837 -16.58 57.94 -29.73
C GLY I 837 -16.05 59.16 -30.47
N CYS I 838 -16.94 60.00 -30.96
CA CYS I 838 -16.54 61.20 -31.69
C CYS I 838 -16.04 62.32 -30.78
N ILE I 839 -14.80 62.17 -30.34
CA ILE I 839 -14.16 63.14 -29.46
C ILE I 839 -14.13 64.55 -30.06
N ASN I 840 -14.10 64.65 -31.39
CA ASN I 840 -14.05 65.97 -32.04
C ASN I 840 -15.32 66.78 -31.85
N ILE I 841 -16.26 66.21 -31.11
CA ILE I 841 -17.50 66.88 -30.78
C ILE I 841 -17.14 67.94 -29.74
N LEU I 842 -16.10 67.65 -28.96
CA LEU I 842 -15.67 68.53 -27.87
C LEU I 842 -14.58 69.56 -28.22
N THR I 843 -13.93 69.40 -29.37
CA THR I 843 -12.86 70.31 -29.76
C THR I 843 -13.36 71.68 -30.23
N PRO I 844 -12.61 72.75 -29.90
CA PRO I 844 -12.97 74.11 -30.28
C PRO I 844 -13.00 74.33 -31.80
N ASP I 845 -14.04 74.99 -32.29
CA ASP I 845 -14.15 75.27 -33.72
C ASP I 845 -13.63 76.66 -34.04
N ARG I 846 -13.17 77.38 -33.02
CA ARG I 846 -12.62 78.71 -33.23
C ARG I 846 -11.30 78.58 -33.99
N TYR I 847 -11.10 79.41 -35.01
CA TYR I 847 -9.87 79.38 -35.80
C TYR I 847 -8.66 79.65 -34.90
N ILE I 848 -7.52 79.08 -35.24
CA ILE I 848 -6.29 79.25 -34.47
C ILE I 848 -6.05 80.73 -34.15
N SER I 849 -6.31 81.60 -35.11
CA SER I 849 -6.17 83.04 -34.92
C SER I 849 -7.26 83.69 -35.77
N LYS I 850 -7.35 85.02 -35.73
CA LYS I 850 -8.38 85.70 -36.50
C LYS I 850 -8.26 85.42 -37.99
N TYR I 851 -7.02 85.42 -38.51
CA TYR I 851 -6.78 85.18 -39.93
C TYR I 851 -6.14 83.83 -40.26
N ALA I 852 -5.58 83.16 -39.26
CA ALA I 852 -5.00 81.83 -39.46
C ALA I 852 -6.21 80.90 -39.35
N CYS I 853 -6.84 80.65 -40.48
CA CYS I 853 -8.04 79.82 -40.51
C CYS I 853 -7.84 78.32 -40.48
N GLY I 854 -7.11 77.85 -39.46
CA GLY I 854 -6.85 76.43 -39.30
C GLY I 854 -7.50 75.86 -38.06
N MET I 855 -7.58 74.54 -37.97
CA MET I 855 -8.20 73.87 -36.82
C MET I 855 -7.24 73.83 -35.61
N ALA I 856 -7.79 74.05 -34.42
CA ALA I 856 -6.98 74.08 -33.20
C ALA I 856 -7.36 72.96 -32.22
N ASN I 857 -7.81 71.85 -32.79
CA ASN I 857 -8.26 70.67 -32.04
C ASN I 857 -7.51 70.17 -30.81
N ASN I 858 -6.19 70.03 -30.92
CA ASN I 858 -5.47 69.45 -29.80
C ASN I 858 -5.31 70.22 -28.49
N THR I 859 -6.06 71.32 -28.35
CA THR I 859 -6.11 72.05 -27.10
C THR I 859 -7.61 72.15 -26.86
N ALA I 860 -8.15 71.33 -25.98
CA ALA I 860 -9.58 71.36 -25.68
C ALA I 860 -9.79 71.12 -24.18
N LEU I 861 -10.60 71.97 -23.56
CA LEU I 861 -10.88 71.83 -22.13
C LEU I 861 -12.16 71.03 -21.91
N VAL I 862 -12.09 70.03 -21.05
CA VAL I 862 -13.25 69.20 -20.75
C VAL I 862 -13.32 68.83 -19.28
N GLU I 863 -14.40 68.16 -18.93
CA GLU I 863 -14.60 67.66 -17.58
C GLU I 863 -15.13 66.26 -17.82
N ILE I 864 -14.83 65.34 -16.91
CA ILE I 864 -15.31 63.98 -17.05
C ILE I 864 -15.90 63.49 -15.74
N GLU I 865 -16.77 62.50 -15.85
CA GLU I 865 -17.44 61.92 -14.68
C GLU I 865 -17.98 60.57 -15.09
N LYS I 866 -18.22 59.69 -14.11
CA LYS I 866 -18.79 58.39 -14.41
C LYS I 866 -20.13 58.71 -15.05
N TRP I 867 -20.43 58.03 -16.16
CA TRP I 867 -21.68 58.25 -16.86
C TRP I 867 -22.84 57.71 -16.03
N ASP I 868 -23.90 58.53 -15.92
CA ASP I 868 -25.09 58.16 -15.16
C ASP I 868 -26.12 57.45 -16.02
N GLY I 869 -25.83 57.33 -17.31
CA GLY I 869 -26.75 56.67 -18.21
C GLY I 869 -27.65 57.58 -19.01
N ASP I 870 -27.67 58.87 -18.67
CA ASP I 870 -28.52 59.83 -19.36
C ASP I 870 -28.00 60.08 -20.78
N LYS I 871 -28.87 60.50 -21.68
CA LYS I 871 -28.49 60.77 -23.06
C LYS I 871 -28.04 62.21 -23.28
N TYR I 872 -28.26 63.05 -22.28
CA TYR I 872 -27.89 64.46 -22.34
C TYR I 872 -28.31 65.19 -23.60
N GLU I 873 -29.62 65.27 -23.82
CA GLU I 873 -30.14 65.96 -24.97
C GLU I 873 -30.22 67.44 -24.64
N ILE I 874 -29.06 68.08 -24.54
CA ILE I 874 -28.99 69.49 -24.19
C ILE I 874 -28.13 70.32 -25.14
N TYR I 875 -28.00 69.88 -26.38
CA TYR I 875 -27.18 70.60 -27.35
C TYR I 875 -27.96 71.01 -28.59
N MET J 1 14.24 14.58 -36.58
CA MET J 1 13.00 14.92 -35.82
C MET J 1 13.17 16.29 -35.15
N GLU J 2 13.52 17.26 -35.99
CA GLU J 2 13.74 18.64 -35.58
C GLU J 2 12.41 19.25 -35.10
N GLN J 3 12.47 20.10 -34.08
CA GLN J 3 11.26 20.73 -33.53
C GLN J 3 11.20 22.25 -33.72
N TYR J 4 10.00 22.82 -33.54
CA TYR J 4 9.79 24.26 -33.69
C TYR J 4 9.93 24.98 -32.36
N TYR J 5 10.43 26.21 -32.41
CA TYR J 5 10.58 27.03 -31.22
C TYR J 5 10.35 28.48 -31.60
N MET J 6 9.91 29.28 -30.64
CA MET J 6 9.67 30.69 -30.88
C MET J 6 10.25 31.51 -29.74
N VAL J 7 10.90 32.61 -30.08
CA VAL J 7 11.49 33.49 -29.07
C VAL J 7 10.91 34.88 -29.26
N ILE J 8 10.40 35.44 -28.17
CA ILE J 8 9.78 36.75 -28.20
C ILE J 8 10.57 37.75 -27.36
N ASP J 9 10.97 38.85 -28.00
CA ASP J 9 11.73 39.90 -27.33
C ASP J 9 10.78 40.95 -26.76
N VAL J 10 10.46 40.80 -25.47
CA VAL J 10 9.55 41.73 -24.81
C VAL J 10 9.95 43.20 -24.97
N ALA J 11 11.25 43.48 -24.86
CA ALA J 11 11.76 44.85 -24.95
C ALA J 11 11.50 45.46 -26.31
N LYS J 12 11.08 44.64 -27.27
CA LYS J 12 10.81 45.14 -28.60
C LYS J 12 9.34 45.27 -28.95
N CYS J 13 8.44 44.85 -28.04
CA CYS J 13 7.00 44.96 -28.32
C CYS J 13 6.49 46.38 -28.17
N GLN J 14 5.74 46.84 -29.17
CA GLN J 14 5.14 48.17 -29.09
C GLN J 14 3.62 48.07 -29.10
N ASP J 15 3.12 46.83 -29.01
CA ASP J 15 1.67 46.58 -28.96
C ASP J 15 0.90 47.20 -30.14
N CYS J 16 1.48 47.19 -31.33
CA CYS J 16 0.81 47.74 -32.51
C CYS J 16 -0.27 46.76 -32.94
N ASN J 17 -0.15 45.52 -32.43
CA ASN J 17 -1.09 44.46 -32.71
C ASN J 17 -1.08 43.84 -34.11
N ASN J 18 0.06 43.90 -34.79
CA ASN J 18 0.14 43.29 -36.12
C ASN J 18 -0.05 41.77 -36.06
N CYS J 19 0.32 41.15 -34.92
CA CYS J 19 0.17 39.68 -34.71
C CYS J 19 -1.28 39.35 -34.78
N PHE J 20 -1.94 39.85 -33.74
CA PHE J 20 -3.35 39.67 -33.50
C PHE J 20 -4.12 39.83 -34.79
N MET J 21 -3.87 40.93 -35.51
CA MET J 21 -4.57 41.13 -36.75
C MET J 21 -4.16 40.03 -37.73
N GLY J 22 -3.03 39.42 -37.44
CA GLY J 22 -2.55 38.32 -38.27
C GLY J 22 -3.38 37.05 -38.17
N CYS J 23 -3.72 36.59 -36.96
CA CYS J 23 -4.57 35.37 -36.86
C CYS J 23 -5.91 35.63 -37.46
N MET J 24 -6.55 36.67 -36.94
CA MET J 24 -7.87 37.05 -37.40
C MET J 24 -7.90 36.96 -38.91
N ASP J 25 -6.89 37.56 -39.54
CA ASP J 25 -6.82 37.53 -40.99
C ASP J 25 -6.73 36.08 -41.49
N GLU J 26 -5.95 35.29 -40.78
CA GLU J 26 -5.75 33.90 -41.16
C GLU J 26 -6.85 32.94 -40.73
N HIS J 27 -7.45 33.20 -39.56
CA HIS J 27 -8.45 32.29 -39.00
C HIS J 27 -9.91 32.70 -38.86
N GLU J 28 -10.22 34.00 -38.84
CA GLU J 28 -11.60 34.45 -38.67
C GLU J 28 -12.56 34.11 -39.82
N LEU J 29 -12.14 34.40 -41.05
CA LEU J 29 -12.99 34.13 -42.20
C LEU J 29 -12.61 32.85 -42.93
N ASN J 30 -11.64 32.10 -42.40
CA ASN J 30 -11.19 30.86 -43.03
C ASN J 30 -11.33 29.63 -42.16
N GLU J 31 -11.52 28.49 -42.82
CA GLU J 31 -11.62 27.19 -42.16
C GLU J 31 -10.46 26.35 -42.67
N TRP J 32 -9.78 25.66 -41.76
CA TRP J 32 -8.65 24.83 -42.14
C TRP J 32 -8.88 23.39 -41.69
N PRO J 33 -9.53 22.57 -42.54
CA PRO J 33 -9.83 21.17 -42.25
C PRO J 33 -8.65 20.40 -41.68
N GLY J 34 -8.86 19.78 -40.52
CA GLY J 34 -7.81 19.01 -39.88
C GLY J 34 -7.03 19.80 -38.85
N TYR J 35 -7.11 21.12 -38.91
CA TYR J 35 -6.39 21.96 -37.95
C TYR J 35 -7.33 22.74 -37.05
N THR J 36 -8.28 23.45 -37.66
CA THR J 36 -9.21 24.26 -36.88
C THR J 36 -10.33 24.85 -37.73
N ALA J 37 -11.47 25.10 -37.09
CA ALA J 37 -12.62 25.71 -37.75
C ALA J 37 -12.35 27.22 -37.62
N SER J 38 -13.17 28.06 -38.26
CA SER J 38 -12.93 29.50 -38.17
C SER J 38 -12.92 30.01 -36.74
N MET J 39 -12.11 31.03 -36.51
CA MET J 39 -11.97 31.65 -35.19
C MET J 39 -13.19 32.48 -34.81
N GLN J 40 -13.48 32.52 -33.51
CA GLN J 40 -14.59 33.32 -33.01
C GLN J 40 -14.10 34.72 -32.67
N ARG J 41 -14.82 35.72 -33.16
CA ARG J 41 -14.46 37.12 -32.89
C ARG J 41 -14.41 37.36 -31.38
N GLY J 42 -13.38 38.05 -30.93
CA GLY J 42 -13.25 38.31 -29.50
C GLY J 42 -12.24 37.39 -28.86
N HIS J 43 -11.93 36.28 -29.53
CA HIS J 43 -10.94 35.34 -29.01
C HIS J 43 -9.54 35.93 -29.10
N ARG J 44 -8.63 35.42 -28.27
CA ARG J 44 -7.26 35.91 -28.30
C ARG J 44 -6.24 34.79 -28.35
N TRP J 45 -6.26 33.99 -29.42
CA TRP J 45 -5.29 32.91 -29.58
C TRP J 45 -3.94 33.54 -29.30
N MET J 46 -3.73 34.73 -29.85
CA MET J 46 -2.53 35.52 -29.62
C MET J 46 -3.01 36.59 -28.66
N ASN J 47 -2.65 36.46 -27.39
CA ASN J 47 -3.06 37.41 -26.35
C ASN J 47 -1.89 38.32 -25.97
N ILE J 48 -2.00 39.60 -26.29
CA ILE J 48 -0.94 40.56 -25.98
C ILE J 48 -1.20 41.22 -24.63
N GLU J 49 -0.50 40.76 -23.61
CA GLU J 49 -0.63 41.31 -22.27
C GLU J 49 0.03 42.67 -22.19
N ARG J 50 -0.55 43.54 -21.38
CA ARG J 50 -0.06 44.90 -21.21
C ARG J 50 0.14 45.16 -19.73
N ARG J 51 1.27 45.78 -19.38
CA ARG J 51 1.51 46.09 -17.98
C ARG J 51 2.27 47.39 -17.79
N GLU J 52 1.65 48.32 -17.07
CA GLU J 52 2.29 49.59 -16.79
C GLU J 52 3.02 49.43 -15.46
N ARG J 53 4.14 50.12 -15.32
CA ARG J 53 4.93 50.06 -14.09
C ARG J 53 5.28 51.45 -13.60
N GLY J 54 5.37 51.61 -12.29
CA GLY J 54 5.72 52.89 -11.72
C GLY J 54 4.62 53.94 -11.70
N THR J 55 5.03 55.17 -11.41
CA THR J 55 4.09 56.28 -11.33
C THR J 55 4.66 57.52 -12.01
N TYR J 56 3.79 58.30 -12.64
CA TYR J 56 4.20 59.53 -13.32
C TYR J 56 5.14 60.29 -12.40
N PRO J 57 6.22 60.88 -12.94
CA PRO J 57 6.62 60.91 -14.34
C PRO J 57 7.68 59.88 -14.75
N ARG J 58 8.04 58.99 -13.83
CA ARG J 58 9.05 57.98 -14.13
C ARG J 58 8.46 56.59 -14.25
N ASN J 59 7.33 56.52 -14.97
CA ASN J 59 6.61 55.29 -15.20
C ASN J 59 7.01 54.73 -16.56
N ASP J 60 6.64 53.49 -16.81
CA ASP J 60 6.89 52.84 -18.09
C ASP J 60 5.85 51.77 -18.34
N ILE J 61 5.96 51.10 -19.48
CA ILE J 61 5.03 50.05 -19.82
C ILE J 61 5.71 49.06 -20.77
N ASN J 62 5.35 47.79 -20.65
CA ASN J 62 5.91 46.74 -21.49
C ASN J 62 4.81 45.76 -21.87
N TYR J 63 4.99 45.07 -23.00
CA TYR J 63 3.99 44.14 -23.50
C TYR J 63 4.51 42.73 -23.66
N ARG J 64 3.62 41.74 -23.48
CA ARG J 64 4.01 40.36 -23.62
C ARG J 64 3.13 39.58 -24.57
N PRO J 65 3.53 39.47 -25.85
CA PRO J 65 2.68 38.70 -26.77
C PRO J 65 2.63 37.28 -26.19
N THR J 66 1.44 36.73 -26.07
CA THR J 66 1.29 35.40 -25.49
C THR J 66 0.44 34.43 -26.31
N PRO J 67 1.08 33.60 -27.14
CA PRO J 67 0.36 32.63 -27.96
C PRO J 67 0.27 31.35 -27.15
N CYS J 68 0.16 30.22 -27.84
CA CYS J 68 0.12 28.94 -27.15
C CYS J 68 1.56 28.63 -26.79
N MET J 69 1.80 28.02 -25.64
CA MET J 69 3.16 27.69 -25.24
C MET J 69 3.63 26.41 -25.93
N HIS J 70 2.68 25.62 -26.45
CA HIS J 70 2.97 24.35 -27.12
C HIS J 70 4.01 23.60 -26.31
N CYS J 71 3.90 23.70 -24.98
CA CYS J 71 4.85 23.06 -24.09
C CYS J 71 5.10 21.58 -24.39
N GLU J 72 6.34 21.17 -24.14
CA GLU J 72 6.81 19.81 -24.37
C GLU J 72 6.11 18.75 -23.53
N ASN J 73 5.63 19.17 -22.37
CA ASN J 73 4.93 18.28 -21.45
C ASN J 73 3.54 18.90 -21.25
N ALA J 74 2.78 18.98 -22.33
CA ALA J 74 1.45 19.59 -22.33
C ALA J 74 0.39 18.90 -21.47
N PRO J 75 -0.17 19.63 -20.51
CA PRO J 75 -1.21 19.09 -19.62
C PRO J 75 -2.51 18.78 -20.33
N CYS J 76 -2.86 19.51 -21.39
CA CYS J 76 -4.12 19.19 -22.05
C CYS J 76 -4.04 17.96 -22.93
N VAL J 77 -2.83 17.55 -23.30
CA VAL J 77 -2.72 16.34 -24.09
C VAL J 77 -2.90 15.26 -23.04
N ALA J 78 -2.17 15.40 -21.94
CA ALA J 78 -2.23 14.44 -20.85
C ALA J 78 -3.65 14.25 -20.35
N LYS J 79 -4.38 15.34 -20.20
CA LYS J 79 -5.75 15.24 -19.71
C LYS J 79 -6.81 15.65 -20.72
N GLY J 80 -6.54 15.42 -21.99
CA GLY J 80 -7.48 15.78 -23.04
C GLY J 80 -8.30 14.62 -23.55
N ASN J 81 -7.99 13.42 -23.05
CA ASN J 81 -8.69 12.21 -23.44
C ASN J 81 -8.70 12.02 -24.96
N GLY J 82 -7.57 12.31 -25.60
CA GLY J 82 -7.47 12.14 -27.04
C GLY J 82 -7.92 13.32 -27.88
N ALA J 83 -8.53 14.31 -27.25
CA ALA J 83 -9.01 15.48 -27.99
C ALA J 83 -7.85 16.43 -28.37
N VAL J 84 -6.73 16.29 -27.67
CA VAL J 84 -5.56 17.12 -27.94
C VAL J 84 -4.35 16.22 -28.12
N TYR J 85 -3.60 16.41 -29.21
CA TYR J 85 -2.42 15.60 -29.45
C TYR J 85 -1.17 16.44 -29.69
N GLN J 86 -0.01 15.79 -29.61
CA GLN J 86 1.28 16.44 -29.79
C GLN J 86 2.00 15.85 -31.00
N ARG J 87 2.43 16.73 -31.91
CA ARG J 87 3.13 16.30 -33.12
C ARG J 87 4.61 16.13 -32.80
N GLU J 88 5.33 15.40 -33.65
CA GLU J 88 6.75 15.18 -33.44
C GLU J 88 7.60 16.45 -33.52
N ASP J 89 7.10 17.46 -34.21
CA ASP J 89 7.84 18.71 -34.33
C ASP J 89 7.56 19.65 -33.16
N GLY J 90 6.80 19.15 -32.18
CA GLY J 90 6.50 19.93 -30.99
C GLY J 90 5.22 20.72 -31.01
N ILE J 91 4.52 20.77 -32.14
CA ILE J 91 3.27 21.52 -32.22
C ILE J 91 2.12 20.78 -31.55
N VAL J 92 1.52 21.43 -30.56
CA VAL J 92 0.39 20.86 -29.84
C VAL J 92 -0.88 21.34 -30.54
N LEU J 93 -1.75 20.40 -30.88
CA LEU J 93 -2.98 20.74 -31.57
C LEU J 93 -4.23 20.08 -31.01
N ILE J 94 -5.34 20.79 -31.13
CA ILE J 94 -6.63 20.31 -30.69
C ILE J 94 -7.29 19.66 -31.90
N ASP J 95 -7.84 18.46 -31.71
CA ASP J 95 -8.52 17.80 -32.81
C ASP J 95 -9.84 18.55 -32.91
N PRO J 96 -10.04 19.31 -33.99
CA PRO J 96 -11.24 20.11 -34.24
C PRO J 96 -12.58 19.38 -34.08
N GLU J 97 -12.57 18.06 -34.27
CA GLU J 97 -13.80 17.30 -34.15
C GLU J 97 -13.96 16.61 -32.80
N LYS J 98 -12.96 15.84 -32.38
CA LYS J 98 -13.03 15.13 -31.11
C LYS J 98 -13.24 16.09 -29.94
N ALA J 99 -12.81 17.34 -30.10
CA ALA J 99 -12.94 18.33 -29.05
C ALA J 99 -14.35 18.90 -28.92
N LYS J 100 -15.14 18.81 -29.97
CA LYS J 100 -16.51 19.35 -29.94
C LYS J 100 -17.31 18.85 -28.74
N GLY J 101 -18.02 19.79 -28.11
CA GLY J 101 -18.85 19.46 -26.95
C GLY J 101 -18.10 19.34 -25.64
N LYS J 102 -16.83 19.74 -25.62
CA LYS J 102 -16.03 19.63 -24.40
C LYS J 102 -15.45 20.96 -23.92
N LYS J 103 -16.20 21.67 -23.08
CA LYS J 103 -15.76 22.95 -22.56
C LYS J 103 -14.70 22.77 -21.47
N GLU J 104 -14.72 21.60 -20.82
CA GLU J 104 -13.80 21.29 -19.74
C GLU J 104 -12.35 21.30 -20.23
N LEU J 105 -12.17 21.14 -21.55
CA LEU J 105 -10.84 21.14 -22.13
C LEU J 105 -10.11 22.42 -21.77
N LEU J 106 -10.86 23.53 -21.75
CA LEU J 106 -10.27 24.82 -21.44
C LEU J 106 -9.57 24.82 -20.09
N ASP J 107 -10.20 24.19 -19.11
CA ASP J 107 -9.63 24.17 -17.77
C ASP J 107 -8.36 23.34 -17.63
N THR J 108 -8.00 22.62 -18.68
CA THR J 108 -6.79 21.80 -18.63
C THR J 108 -5.57 22.66 -18.91
N CYS J 109 -5.78 23.95 -19.15
CA CYS J 109 -4.69 24.87 -19.43
C CYS J 109 -4.22 25.72 -18.29
N PRO J 110 -2.96 25.59 -17.88
CA PRO J 110 -2.50 26.42 -16.77
C PRO J 110 -2.32 27.85 -17.28
N TYR J 111 -2.20 28.00 -18.60
CA TYR J 111 -2.00 29.31 -19.20
C TYR J 111 -3.27 29.99 -19.72
N GLY J 112 -4.37 29.24 -19.78
CA GLY J 112 -5.62 29.80 -20.26
C GLY J 112 -5.55 30.37 -21.67
N VAL J 113 -4.87 29.66 -22.57
CA VAL J 113 -4.74 30.14 -23.94
C VAL J 113 -5.83 29.63 -24.87
N MET J 114 -6.66 28.69 -24.42
CA MET J 114 -7.71 28.22 -25.30
C MET J 114 -9.03 28.94 -25.04
N TYR J 115 -9.83 29.08 -26.07
CA TYR J 115 -11.10 29.78 -25.99
C TYR J 115 -12.25 28.95 -26.52
N TRP J 116 -13.43 29.14 -25.94
CA TRP J 116 -14.61 28.41 -26.37
C TRP J 116 -15.34 29.09 -27.51
N ASN J 117 -15.37 28.42 -28.65
CA ASN J 117 -16.08 28.94 -29.81
C ASN J 117 -17.53 28.51 -29.61
N GLU J 118 -18.41 29.50 -29.43
CA GLU J 118 -19.83 29.26 -29.22
C GLU J 118 -20.51 28.59 -30.40
N GLU J 119 -20.32 29.14 -31.59
CA GLU J 119 -20.92 28.61 -32.81
C GLU J 119 -20.47 27.18 -33.11
N GLU J 120 -19.17 26.93 -32.98
CA GLU J 120 -18.62 25.61 -33.25
C GLU J 120 -18.69 24.66 -32.06
N ASN J 121 -19.08 25.18 -30.90
CA ASN J 121 -19.17 24.36 -29.69
C ASN J 121 -17.89 23.56 -29.51
N VAL J 122 -16.76 24.24 -29.55
CA VAL J 122 -15.46 23.58 -29.40
C VAL J 122 -14.41 24.55 -28.91
N ALA J 123 -13.44 24.03 -28.16
CA ALA J 123 -12.36 24.85 -27.66
C ALA J 123 -11.43 25.08 -28.85
N GLN J 124 -10.88 26.29 -28.93
CA GLN J 124 -9.96 26.62 -30.01
C GLN J 124 -8.78 27.35 -29.41
N LYS J 125 -7.69 27.40 -30.17
CA LYS J 125 -6.52 28.10 -29.71
C LYS J 125 -5.42 28.06 -30.72
N CYS J 126 -4.27 28.54 -30.28
CA CYS J 126 -3.09 28.58 -31.10
C CYS J 126 -2.74 27.26 -31.78
N THR J 127 -2.44 27.32 -33.07
CA THR J 127 -2.05 26.13 -33.82
C THR J 127 -0.68 26.37 -34.43
N MET J 128 -0.12 27.54 -34.18
CA MET J 128 1.18 27.94 -34.73
C MET J 128 1.08 27.77 -36.25
N CYS J 129 -0.06 28.18 -36.81
CA CYS J 129 -0.40 28.03 -38.23
C CYS J 129 0.32 26.84 -38.80
N ALA J 130 0.02 25.68 -38.21
CA ALA J 130 0.60 24.41 -38.62
C ALA J 130 0.21 24.17 -40.07
N HIS J 131 -1.00 24.61 -40.43
CA HIS J 131 -1.47 24.43 -41.81
C HIS J 131 -0.55 25.16 -42.78
N LEU J 132 0.05 26.26 -42.31
CA LEU J 132 0.97 27.03 -43.16
C LEU J 132 2.37 26.42 -43.12
N LEU J 133 2.81 26.01 -41.93
CA LEU J 133 4.11 25.42 -41.77
C LEU J 133 4.18 24.08 -42.49
N ASP J 134 3.04 23.43 -42.64
CA ASP J 134 2.96 22.14 -43.33
C ASP J 134 2.84 22.29 -44.84
N ASP J 135 2.95 23.53 -45.35
CA ASP J 135 2.84 23.76 -46.78
C ASP J 135 4.01 24.55 -47.37
N GLU J 136 4.74 23.89 -48.26
CA GLU J 136 5.90 24.49 -48.94
C GLU J 136 5.55 25.81 -49.62
N SER J 137 4.34 25.90 -50.15
CA SER J 137 3.90 27.10 -50.86
C SER J 137 4.04 28.35 -50.00
N TRP J 138 3.89 28.19 -48.69
CA TRP J 138 4.02 29.32 -47.77
C TRP J 138 5.50 29.62 -47.65
N ALA J 139 6.00 30.45 -48.56
CA ALA J 139 7.41 30.83 -48.61
C ALA J 139 8.04 31.30 -47.30
N PRO J 140 7.32 32.15 -46.54
CA PRO J 140 7.89 32.63 -45.28
C PRO J 140 8.25 31.51 -44.29
N LYS J 141 7.55 30.39 -44.37
CA LYS J 141 7.80 29.26 -43.48
C LYS J 141 7.83 29.70 -42.02
N MET J 142 6.87 30.53 -41.64
CA MET J 142 6.77 31.01 -40.28
C MET J 142 5.32 31.42 -40.04
N PRO J 143 4.89 31.48 -38.77
CA PRO J 143 3.52 31.87 -38.42
C PRO J 143 3.19 33.29 -38.84
N ARG J 144 1.91 33.63 -38.80
CA ARG J 144 1.47 34.98 -39.19
C ARG J 144 1.97 36.10 -38.25
N CYS J 145 2.00 35.86 -36.93
CA CYS J 145 2.48 36.91 -36.02
C CYS J 145 3.84 37.38 -36.46
N ALA J 146 4.79 36.46 -36.29
CA ALA J 146 6.19 36.67 -36.62
C ALA J 146 6.35 37.26 -38.00
N HIS J 147 5.50 36.85 -38.93
CA HIS J 147 5.58 37.38 -40.28
C HIS J 147 4.98 38.77 -40.40
N ASN J 148 4.02 39.09 -39.53
CA ASN J 148 3.41 40.41 -39.56
C ASN J 148 4.21 41.45 -38.77
N CYS J 149 5.09 41.00 -37.86
CA CYS J 149 5.90 41.96 -37.09
C CYS J 149 6.69 42.90 -37.95
N GLY J 150 6.72 44.16 -37.54
CA GLY J 150 7.51 45.15 -38.23
C GLY J 150 8.47 45.65 -37.16
N SER J 151 8.47 44.99 -36.01
CA SER J 151 9.31 45.39 -34.89
C SER J 151 10.43 44.42 -34.49
N PHE J 152 10.60 43.35 -35.26
CA PHE J 152 11.64 42.36 -35.03
C PHE J 152 11.58 41.70 -33.65
N VAL J 153 10.36 41.47 -33.17
CA VAL J 153 10.16 40.84 -31.87
C VAL J 153 10.32 39.32 -31.94
N TYR J 154 9.86 38.73 -33.04
CA TYR J 154 9.91 37.28 -33.20
C TYR J 154 11.12 36.65 -33.85
N GLU J 155 11.41 35.46 -33.36
CA GLU J 155 12.50 34.65 -33.86
C GLU J 155 11.91 33.24 -33.89
N PHE J 156 11.47 32.82 -35.07
CA PHE J 156 10.88 31.51 -35.26
C PHE J 156 11.94 30.58 -35.82
N LEU J 157 12.03 29.38 -35.27
CA LEU J 157 13.03 28.45 -35.76
C LEU J 157 12.69 26.98 -35.54
N LYS J 158 13.34 26.14 -36.33
CA LYS J 158 13.16 24.71 -36.25
C LYS J 158 14.57 24.16 -36.13
N THR J 159 14.85 23.53 -35.00
CA THR J 159 16.18 22.99 -34.78
C THR J 159 16.14 21.88 -33.75
N THR J 160 17.30 21.41 -33.34
CA THR J 160 17.38 20.34 -32.36
C THR J 160 17.19 20.92 -30.96
N PRO J 161 16.82 20.07 -30.00
CA PRO J 161 16.61 20.54 -28.63
C PRO J 161 17.94 21.03 -28.05
N GLU J 162 19.02 20.42 -28.51
CA GLU J 162 20.37 20.78 -28.07
C GLU J 162 20.72 22.20 -28.51
N ALA J 163 20.33 22.54 -29.73
CA ALA J 163 20.59 23.88 -30.26
C ALA J 163 19.80 24.91 -29.46
N MET J 164 18.52 24.63 -29.25
CA MET J 164 17.66 25.53 -28.50
C MET J 164 18.19 25.73 -27.08
N ALA J 165 18.62 24.66 -26.43
CA ALA J 165 19.15 24.76 -25.08
C ALA J 165 20.35 25.70 -25.04
N LYS J 166 21.21 25.59 -26.05
CA LYS J 166 22.39 26.43 -26.12
C LYS J 166 21.96 27.90 -26.28
N LYS J 167 21.00 28.15 -27.16
CA LYS J 167 20.52 29.51 -27.38
C LYS J 167 19.93 30.06 -26.09
N VAL J 168 19.10 29.25 -25.43
CA VAL J 168 18.46 29.64 -24.18
C VAL J 168 19.51 30.13 -23.17
N GLU J 169 20.65 29.45 -23.11
CA GLU J 169 21.71 29.83 -22.19
C GLU J 169 22.44 31.09 -22.62
N GLU J 170 22.81 31.16 -23.89
CA GLU J 170 23.53 32.31 -24.42
C GLU J 170 22.76 33.61 -24.29
N GLU J 171 21.44 33.55 -24.39
CA GLU J 171 20.62 34.74 -24.32
C GLU J 171 19.79 34.91 -23.04
N GLY J 172 19.85 33.93 -22.14
CA GLY J 172 19.10 34.03 -20.91
C GLY J 172 17.60 34.03 -21.14
N LEU J 173 17.16 33.24 -22.12
CA LEU J 173 15.74 33.14 -22.44
C LEU J 173 15.01 32.43 -21.32
N GLU J 174 13.78 32.88 -21.05
CA GLU J 174 12.96 32.32 -19.99
C GLU J 174 11.59 31.95 -20.54
N VAL J 175 10.77 31.31 -19.69
CA VAL J 175 9.42 30.92 -20.07
C VAL J 175 8.46 31.38 -18.99
N ILE J 176 7.17 31.36 -19.31
CA ILE J 176 6.13 31.76 -18.37
C ILE J 176 5.84 30.58 -17.43
N LYS J 177 5.65 30.87 -16.15
CA LYS J 177 5.37 29.84 -15.15
C LYS J 177 6.25 28.59 -15.26
N PRO J 178 7.58 28.77 -15.19
CA PRO J 178 8.53 27.65 -15.28
C PRO J 178 8.25 26.55 -14.25
N GLU J 179 7.87 26.97 -13.05
CA GLU J 179 7.63 26.04 -11.95
C GLU J 179 6.56 24.98 -12.21
N LEU J 180 5.72 25.16 -13.22
CA LEU J 180 4.68 24.17 -13.50
C LEU J 180 5.20 22.92 -14.21
N GLY J 181 6.39 23.03 -14.81
CA GLY J 181 6.99 21.91 -15.50
C GLY J 181 6.43 21.51 -16.84
N THR J 182 5.66 22.38 -17.49
CA THR J 182 5.09 22.04 -18.79
C THR J 182 6.12 22.21 -19.91
N LYS J 183 7.21 22.91 -19.60
CA LYS J 183 8.30 23.14 -20.55
C LYS J 183 7.84 23.76 -21.87
N PRO J 184 7.40 25.03 -21.84
CA PRO J 184 6.94 25.73 -23.06
C PRO J 184 8.04 25.82 -24.11
N ARG J 185 7.67 25.80 -25.38
CA ARG J 185 8.67 25.92 -26.44
C ARG J 185 8.66 27.34 -26.98
N VAL J 186 7.92 28.22 -26.30
CA VAL J 186 7.86 29.62 -26.66
C VAL J 186 8.69 30.33 -25.57
N TYR J 187 9.78 30.96 -25.98
CA TYR J 187 10.66 31.64 -25.03
C TYR J 187 10.55 33.15 -25.07
N TYR J 188 10.95 33.78 -23.97
CA TYR J 188 10.91 35.22 -23.86
C TYR J 188 12.26 35.80 -23.50
N LYS J 189 12.62 36.86 -24.22
CA LYS J 189 13.88 37.57 -24.03
C LYS J 189 13.52 38.89 -23.33
N ASN J 190 14.30 39.27 -22.33
CA ASN J 190 14.05 40.50 -21.58
C ASN J 190 12.69 40.43 -20.87
N LEU J 191 12.35 39.25 -20.37
CA LEU J 191 11.09 39.05 -19.69
C LEU J 191 10.98 39.87 -18.41
N TYR J 192 12.12 40.26 -17.84
CA TYR J 192 12.11 41.04 -16.60
C TYR J 192 11.29 42.33 -16.77
N ARG J 193 11.28 42.87 -17.99
CA ARG J 193 10.54 44.09 -18.28
C ARG J 193 9.07 43.93 -17.89
N PHE J 194 8.54 42.75 -18.17
CA PHE J 194 7.15 42.45 -17.87
C PHE J 194 6.93 41.85 -16.49
N GLU J 195 7.73 40.85 -16.12
CA GLU J 195 7.58 40.18 -14.83
C GLU J 195 8.21 40.83 -13.61
N LYS J 196 9.27 41.61 -13.80
CA LYS J 196 9.95 42.22 -12.65
C LYS J 196 9.65 43.71 -12.47
N ASN J 197 10.35 44.33 -11.51
CA ASN J 197 10.15 45.74 -11.21
C ASN J 197 11.44 46.52 -11.06
N TYR J 198 11.33 47.82 -10.82
CA TYR J 198 12.52 48.68 -10.69
C TYR J 198 12.35 49.82 -9.69
N VAL J 199 13.45 50.51 -9.44
CA VAL J 199 13.48 51.67 -8.56
C VAL J 199 14.24 52.73 -9.35
N THR J 200 13.71 53.95 -9.38
CA THR J 200 14.34 55.02 -10.14
C THR J 200 14.27 56.35 -9.38
N ALA J 201 15.02 57.35 -9.84
CA ALA J 201 15.02 58.65 -9.20
C ALA J 201 15.77 59.71 -10.01
N GLY J 202 15.68 60.96 -9.58
CA GLY J 202 16.37 62.04 -10.26
C GLY J 202 17.19 62.80 -9.24
N ILE J 203 18.51 62.76 -9.37
CA ILE J 203 19.38 63.45 -8.43
C ILE J 203 19.63 64.91 -8.82
N LEU J 204 19.54 65.81 -7.84
CA LEU J 204 19.78 67.22 -8.07
C LEU J 204 20.85 67.77 -7.14
N VAL J 205 21.67 68.67 -7.69
CA VAL J 205 22.72 69.32 -6.91
C VAL J 205 22.63 70.81 -7.21
N GLN J 206 22.42 71.60 -6.17
CA GLN J 206 22.30 73.05 -6.33
C GLN J 206 21.22 73.44 -7.34
N GLY J 207 20.11 72.70 -7.34
CA GLY J 207 19.02 73.00 -8.24
C GLY J 207 19.05 72.43 -9.65
N ASP J 208 20.13 71.75 -10.03
CA ASP J 208 20.21 71.18 -11.37
C ASP J 208 20.44 69.68 -11.39
N CYS J 209 19.97 69.05 -12.46
CA CYS J 209 20.14 67.62 -12.65
C CYS J 209 21.62 67.35 -12.59
N PHE J 210 22.03 66.44 -11.72
CA PHE J 210 23.43 66.11 -11.57
C PHE J 210 23.78 64.80 -12.28
N GLU J 211 24.71 64.90 -13.22
CA GLU J 211 25.17 63.76 -14.02
C GLU J 211 26.44 63.17 -13.44
N GLY J 212 26.55 61.84 -13.45
CA GLY J 212 27.75 61.21 -12.93
C GLY J 212 27.72 60.82 -11.47
N ALA J 213 26.61 61.08 -10.77
CA ALA J 213 26.51 60.70 -9.37
C ALA J 213 26.59 59.18 -9.35
N LYS J 214 27.29 58.63 -8.37
CA LYS J 214 27.43 57.17 -8.28
C LYS J 214 26.33 56.58 -7.41
N VAL J 215 25.54 55.69 -8.00
CA VAL J 215 24.43 55.05 -7.33
C VAL J 215 24.65 53.55 -7.16
N VAL J 216 24.36 53.04 -5.97
CA VAL J 216 24.52 51.62 -5.68
C VAL J 216 23.26 51.05 -5.03
N LEU J 217 22.79 49.92 -5.53
CA LEU J 217 21.62 49.25 -4.98
C LEU J 217 22.12 48.05 -4.19
N LYS J 218 21.68 47.94 -2.95
CA LYS J 218 22.08 46.85 -2.09
C LYS J 218 20.89 46.13 -1.50
N SER J 219 21.05 44.84 -1.23
CA SER J 219 20.01 44.04 -0.63
C SER J 219 20.71 43.19 0.43
N GLY J 220 20.18 43.19 1.64
CA GLY J 220 20.80 42.43 2.69
C GLY J 220 22.17 42.98 2.95
N GLY J 221 22.37 44.24 2.58
CA GLY J 221 23.65 44.89 2.79
C GLY J 221 24.69 44.73 1.69
N LYS J 222 24.43 43.86 0.71
CA LYS J 222 25.39 43.66 -0.37
C LYS J 222 24.90 44.15 -1.74
N GLU J 223 25.80 44.82 -2.45
CA GLU J 223 25.52 45.39 -3.77
C GLU J 223 24.86 44.43 -4.76
N VAL J 224 23.73 44.87 -5.31
CA VAL J 224 22.97 44.09 -6.28
C VAL J 224 23.13 44.71 -7.66
N ALA J 225 23.38 46.02 -7.66
CA ALA J 225 23.55 46.76 -8.91
C ALA J 225 24.19 48.11 -8.61
N SER J 226 24.67 48.76 -9.67
CA SER J 226 25.28 50.08 -9.53
C SER J 226 25.25 50.76 -10.90
N ALA J 227 25.29 52.09 -10.88
CA ALA J 227 25.26 52.85 -12.12
C ALA J 227 25.56 54.31 -11.82
N GLU J 228 25.72 55.10 -12.88
CA GLU J 228 25.99 56.52 -12.73
C GLU J 228 24.83 57.28 -13.38
N THR J 229 24.35 58.31 -12.70
CA THR J 229 23.25 59.10 -13.21
C THR J 229 23.58 59.73 -14.56
N ASN J 230 22.59 59.84 -15.44
CA ASN J 230 22.79 60.44 -16.76
C ASN J 230 22.68 61.96 -16.63
N PHE J 231 22.55 62.67 -17.76
CA PHE J 231 22.46 64.12 -17.67
C PHE J 231 21.14 64.63 -17.10
N PHE J 232 20.18 63.72 -16.89
CA PHE J 232 18.90 64.09 -16.30
C PHE J 232 18.99 63.73 -14.81
N GLY J 233 20.19 63.35 -14.37
CA GLY J 233 20.41 62.98 -12.98
C GLY J 233 19.66 61.72 -12.57
N GLU J 234 19.23 60.92 -13.54
CA GLU J 234 18.48 59.72 -13.23
C GLU J 234 19.25 58.41 -13.34
N PHE J 235 18.67 57.37 -12.74
CA PHE J 235 19.22 56.03 -12.75
C PHE J 235 18.00 55.11 -12.69
N LYS J 236 18.14 53.87 -13.15
CA LYS J 236 17.03 52.94 -13.12
C LYS J 236 17.50 51.49 -12.95
N PHE J 237 17.25 50.93 -11.79
CA PHE J 237 17.65 49.57 -11.46
C PHE J 237 16.45 48.64 -11.68
N ASP J 238 16.46 47.95 -12.81
CA ASP J 238 15.37 47.04 -13.21
C ASP J 238 15.61 45.58 -12.85
N ALA J 239 14.70 44.71 -13.28
CA ALA J 239 14.77 43.27 -13.03
C ALA J 239 14.93 42.96 -11.55
N LEU J 240 14.19 43.67 -10.71
CA LEU J 240 14.27 43.44 -9.27
C LEU J 240 13.15 42.52 -8.79
N ASP J 241 13.50 41.61 -7.89
CA ASP J 241 12.52 40.69 -7.30
C ASP J 241 11.94 41.42 -6.10
N ASN J 242 10.78 40.98 -5.63
CA ASN J 242 10.16 41.61 -4.47
C ASN J 242 11.08 41.47 -3.26
N GLY J 243 11.06 42.49 -2.41
CA GLY J 243 11.89 42.50 -1.22
C GLY J 243 12.30 43.92 -0.88
N GLU J 244 13.19 44.06 0.09
CA GLU J 244 13.65 45.38 0.50
C GLU J 244 15.05 45.66 -0.04
N TYR J 245 15.27 46.92 -0.42
CA TYR J 245 16.56 47.33 -0.96
C TYR J 245 16.97 48.66 -0.38
N THR J 246 18.27 48.96 -0.48
CA THR J 246 18.79 50.22 0.00
C THR J 246 19.49 50.91 -1.16
N VAL J 247 19.09 52.14 -1.44
CA VAL J 247 19.72 52.89 -2.53
C VAL J 247 20.71 53.86 -1.92
N GLU J 248 21.97 53.76 -2.34
CA GLU J 248 23.01 54.65 -1.84
C GLU J 248 23.54 55.51 -2.97
N ILE J 249 23.61 56.81 -2.71
CA ILE J 249 24.05 57.78 -3.71
C ILE J 249 25.19 58.66 -3.21
N ASP J 250 26.15 58.93 -4.09
CA ASP J 250 27.27 59.81 -3.76
C ASP J 250 27.53 60.74 -4.94
N ALA J 251 27.40 62.04 -4.68
CA ALA J 251 27.61 63.06 -5.71
C ALA J 251 28.36 64.23 -5.09
N ASP J 252 29.45 64.66 -5.73
CA ASP J 252 30.23 65.78 -5.22
C ASP J 252 30.69 65.53 -3.79
N GLY J 253 30.91 64.26 -3.44
CA GLY J 253 31.33 63.95 -2.09
C GLY J 253 30.17 63.92 -1.11
N LYS J 254 28.98 64.26 -1.59
CA LYS J 254 27.79 64.25 -0.77
C LYS J 254 27.06 62.92 -0.95
N SER J 255 26.67 62.30 0.17
CA SER J 255 26.00 61.01 0.09
C SER J 255 24.54 61.05 0.53
N TYR J 256 23.78 60.08 0.06
CA TYR J 256 22.36 59.97 0.38
C TYR J 256 21.96 58.50 0.37
N SER J 257 21.11 58.10 1.30
CA SER J 257 20.68 56.71 1.34
C SER J 257 19.24 56.61 1.81
N ASP J 258 18.53 55.63 1.28
CA ASP J 258 17.15 55.40 1.66
C ASP J 258 16.76 53.98 1.28
N THR J 259 15.71 53.48 1.91
CA THR J 259 15.24 52.13 1.66
C THR J 259 14.09 52.14 0.67
N VAL J 260 13.90 51.03 -0.05
CA VAL J 260 12.81 50.91 -1.00
C VAL J 260 12.22 49.52 -0.93
N VAL J 261 10.89 49.45 -0.85
CA VAL J 261 10.19 48.17 -0.78
C VAL J 261 9.57 47.88 -2.14
N ILE J 262 9.94 46.75 -2.72
CA ILE J 262 9.43 46.32 -4.01
C ILE J 262 8.43 45.19 -3.78
N ASP J 263 7.16 45.42 -4.11
CA ASP J 263 6.13 44.40 -3.94
C ASP J 263 5.24 44.34 -5.18
N ASP J 264 5.77 43.74 -6.23
CA ASP J 264 5.06 43.61 -7.50
C ASP J 264 4.73 44.98 -8.06
N LYS J 265 5.58 45.94 -7.72
CA LYS J 265 5.43 47.31 -8.20
C LYS J 265 6.78 47.99 -8.32
N SER J 266 6.87 48.98 -9.20
CA SER J 266 8.09 49.72 -9.39
C SER J 266 7.95 51.02 -8.62
N VAL J 267 9.07 51.55 -8.14
CA VAL J 267 9.07 52.75 -7.32
C VAL J 267 9.89 53.93 -7.85
N ASP J 268 9.29 55.12 -7.74
CA ASP J 268 9.96 56.35 -8.15
C ASP J 268 10.20 57.15 -6.86
N LEU J 269 11.46 57.35 -6.52
CA LEU J 269 11.80 58.09 -5.31
C LEU J 269 11.63 59.59 -5.54
N GLY J 270 11.45 59.99 -6.80
CA GLY J 270 11.29 61.40 -7.11
C GLY J 270 12.61 62.13 -7.18
N PHE J 271 12.59 63.43 -6.95
CA PHE J 271 13.81 64.22 -6.98
C PHE J 271 14.53 64.14 -5.65
N ILE J 272 15.82 63.84 -5.71
CA ILE J 272 16.63 63.75 -4.51
C ILE J 272 17.60 64.93 -4.60
N LYS J 273 17.33 65.96 -3.80
CA LYS J 273 18.12 67.18 -3.81
C LYS J 273 19.32 67.16 -2.88
N LEU J 274 20.51 67.20 -3.48
CA LEU J 274 21.76 67.21 -2.75
C LEU J 274 22.46 68.55 -2.96
N MET K 1 20.71 -107.06 -21.82
CA MET K 1 22.15 -107.03 -21.49
C MET K 1 22.64 -105.62 -21.11
N GLY K 2 21.88 -104.61 -21.50
CA GLY K 2 22.28 -103.24 -21.19
C GLY K 2 21.18 -102.20 -21.15
N GLU K 3 21.59 -100.93 -21.13
CA GLU K 3 20.65 -99.80 -21.08
C GLU K 3 20.33 -99.25 -22.46
N VAL K 4 19.41 -98.28 -22.50
CA VAL K 4 19.00 -97.65 -23.75
C VAL K 4 19.84 -96.42 -24.03
N VAL K 5 20.34 -96.32 -25.26
CA VAL K 5 21.15 -95.17 -25.66
C VAL K 5 20.50 -94.42 -26.82
N ARG K 6 20.40 -93.10 -26.69
CA ARG K 6 19.83 -92.29 -27.76
C ARG K 6 20.95 -91.89 -28.71
N LEU K 7 20.83 -92.34 -29.95
CA LEU K 7 21.82 -92.03 -30.96
C LEU K 7 21.21 -91.13 -32.03
N THR K 8 22.04 -90.74 -32.99
CA THR K 8 21.57 -89.88 -34.08
C THR K 8 21.85 -90.54 -35.41
N ASN K 9 21.04 -90.18 -36.40
CA ASN K 9 21.19 -90.66 -37.77
C ASN K 9 20.23 -89.81 -38.59
N SER K 10 20.15 -90.07 -39.88
CA SER K 10 19.26 -89.27 -40.71
C SER K 10 18.69 -90.09 -41.85
N SER K 11 17.95 -89.42 -42.72
CA SER K 11 17.30 -90.10 -43.84
C SER K 11 16.78 -89.10 -44.86
N THR K 12 16.18 -89.65 -45.91
CA THR K 12 15.59 -88.85 -46.96
C THR K 12 14.26 -88.30 -46.42
N GLY K 13 13.93 -88.69 -45.20
CA GLY K 13 12.72 -88.22 -44.55
C GLY K 13 13.06 -87.32 -43.38
N GLY K 14 14.34 -86.94 -43.28
CA GLY K 14 14.76 -86.07 -42.19
C GLY K 14 15.57 -86.75 -41.10
N PRO K 15 16.30 -85.97 -40.27
CA PRO K 15 17.13 -86.48 -39.17
C PRO K 15 16.27 -87.14 -38.10
N VAL K 16 16.86 -88.09 -37.38
CA VAL K 16 16.12 -88.78 -36.34
C VAL K 16 16.98 -89.16 -35.14
N PHE K 17 16.32 -89.28 -33.99
CA PHE K 17 16.98 -89.72 -32.78
C PHE K 17 16.68 -91.21 -32.78
N VAL K 18 17.71 -92.03 -32.63
CA VAL K 18 17.53 -93.47 -32.64
C VAL K 18 17.81 -94.05 -31.26
N TYR K 19 16.79 -94.61 -30.62
CA TYR K 19 16.93 -95.22 -29.31
C TYR K 19 17.28 -96.69 -29.52
N VAL K 20 18.42 -97.10 -28.98
CA VAL K 20 18.89 -98.46 -29.16
C VAL K 20 19.18 -99.16 -27.84
N LYS K 21 18.97 -100.48 -27.82
CA LYS K 21 19.23 -101.28 -26.63
C LYS K 21 19.63 -102.70 -27.02
N ASP K 22 20.68 -103.20 -26.39
CA ASP K 22 21.16 -104.55 -26.67
C ASP K 22 21.34 -104.83 -28.16
N GLY K 23 21.88 -103.86 -28.88
CA GLY K 23 22.12 -104.02 -30.31
C GLY K 23 20.88 -104.03 -31.19
N LYS K 24 19.76 -103.57 -30.64
CA LYS K 24 18.52 -103.54 -31.40
C LYS K 24 17.90 -102.14 -31.35
N ILE K 25 17.27 -101.73 -32.44
CA ILE K 25 16.64 -100.43 -32.50
C ILE K 25 15.24 -100.53 -31.91
N ILE K 26 14.94 -99.63 -30.99
CA ILE K 26 13.64 -99.61 -30.34
C ILE K 26 12.68 -98.63 -31.01
N ARG K 27 13.19 -97.46 -31.37
CA ARG K 27 12.36 -96.45 -32.02
C ARG K 27 13.21 -95.36 -32.66
N MET K 28 12.60 -94.62 -33.59
CA MET K 28 13.24 -93.49 -34.27
C MET K 28 12.26 -92.35 -34.12
N THR K 29 12.74 -91.16 -33.80
CA THR K 29 11.86 -90.02 -33.60
C THR K 29 12.42 -88.72 -34.15
N PRO K 30 11.55 -87.71 -34.30
CA PRO K 30 12.01 -86.41 -34.81
C PRO K 30 12.94 -85.88 -33.71
N MET K 31 13.72 -84.85 -34.00
CA MET K 31 14.62 -84.30 -33.01
C MET K 31 14.18 -83.00 -32.37
N ASP K 32 14.15 -82.98 -31.05
CA ASP K 32 13.88 -81.79 -30.31
C ASP K 32 15.16 -81.10 -29.87
N PHE K 33 15.25 -79.82 -29.97
CA PHE K 33 16.48 -79.12 -29.63
C PHE K 33 16.65 -78.88 -28.13
N ASP K 34 17.91 -78.81 -27.71
CA ASP K 34 18.24 -78.55 -26.32
C ASP K 34 18.72 -77.11 -26.34
N ASP K 35 17.88 -76.19 -25.88
CA ASP K 35 18.23 -74.78 -25.91
C ASP K 35 19.47 -74.42 -25.10
N ALA K 36 19.98 -75.36 -24.33
CA ALA K 36 21.16 -75.12 -23.51
C ALA K 36 22.43 -75.27 -24.34
N VAL K 37 22.36 -76.04 -25.41
CA VAL K 37 23.51 -76.27 -26.27
C VAL K 37 23.26 -76.04 -27.76
N ASP K 38 21.99 -75.93 -28.16
CA ASP K 38 21.65 -75.69 -29.56
C ASP K 38 21.31 -74.22 -29.79
N ALA K 39 22.07 -73.57 -30.66
CA ALA K 39 21.89 -72.16 -30.99
C ALA K 39 20.44 -71.78 -31.26
N PRO K 40 20.06 -70.51 -30.98
CA PRO K 40 18.70 -70.00 -31.19
C PRO K 40 18.31 -69.96 -32.67
N SER K 41 17.00 -69.83 -32.93
CA SER K 41 16.48 -69.79 -34.29
C SER K 41 16.35 -68.38 -34.87
N TRP K 42 16.11 -68.31 -36.17
CA TRP K 42 15.94 -67.03 -36.84
C TRP K 42 14.56 -66.47 -36.49
N LYS K 43 14.37 -65.20 -36.79
CA LYS K 43 13.10 -64.53 -36.54
C LYS K 43 12.82 -63.66 -37.75
N ILE K 44 11.54 -63.46 -38.03
CA ILE K 44 11.16 -62.61 -39.14
C ILE K 44 10.07 -61.65 -38.66
N GLU K 45 10.30 -60.36 -38.86
CA GLU K 45 9.32 -59.37 -38.47
C GLU K 45 8.55 -59.05 -39.74
N ALA K 46 7.24 -59.25 -39.71
CA ALA K 46 6.41 -58.99 -40.88
C ALA K 46 4.97 -58.66 -40.51
N ARG K 47 4.48 -57.55 -41.05
CA ARG K 47 3.11 -57.09 -40.80
C ARG K 47 2.68 -57.15 -39.34
N GLY K 48 3.48 -56.53 -38.47
CA GLY K 48 3.16 -56.51 -37.05
C GLY K 48 3.20 -57.83 -36.33
N LYS K 49 3.98 -58.77 -36.82
CA LYS K 49 4.10 -60.07 -36.17
C LYS K 49 5.53 -60.57 -36.24
N THR K 50 5.90 -61.41 -35.27
CA THR K 50 7.24 -61.97 -35.23
C THR K 50 7.12 -63.46 -35.51
N PHE K 51 7.77 -63.93 -36.57
CA PHE K 51 7.71 -65.33 -36.92
C PHE K 51 9.02 -66.05 -36.59
N THR K 52 8.90 -67.16 -35.88
CA THR K 52 10.07 -67.96 -35.50
C THR K 52 9.67 -69.43 -35.57
N PRO K 53 10.57 -70.28 -36.08
CA PRO K 53 10.34 -71.72 -36.23
C PRO K 53 10.29 -72.54 -34.94
N PRO K 54 9.71 -73.74 -35.00
CA PRO K 54 9.61 -74.61 -33.82
C PRO K 54 11.02 -75.07 -33.49
N ARG K 55 11.30 -75.30 -32.21
CA ARG K 55 12.61 -75.75 -31.78
C ARG K 55 12.68 -77.26 -31.97
N LYS K 56 12.43 -77.69 -33.20
CA LYS K 56 12.41 -79.11 -33.50
C LYS K 56 12.47 -79.36 -35.01
N THR K 57 12.78 -80.58 -35.40
CA THR K 57 12.83 -80.94 -36.81
C THR K 57 11.56 -81.77 -37.05
N SER K 58 11.38 -82.25 -38.28
CA SER K 58 10.22 -83.07 -38.60
C SER K 58 10.62 -84.19 -39.56
N ILE K 59 9.81 -85.25 -39.61
CA ILE K 59 10.11 -86.38 -40.47
C ILE K 59 8.93 -86.77 -41.35
N ALA K 60 9.23 -87.44 -42.47
CA ALA K 60 8.19 -87.89 -43.39
C ALA K 60 7.66 -89.22 -42.87
N PRO K 61 6.53 -89.69 -43.41
CA PRO K 61 5.93 -90.97 -42.97
C PRO K 61 6.83 -92.17 -43.12
N TYR K 62 7.50 -92.28 -44.26
CA TYR K 62 8.38 -93.40 -44.55
C TYR K 62 9.61 -93.48 -43.66
N THR K 63 9.94 -92.37 -43.00
CA THR K 63 11.06 -92.35 -42.09
C THR K 63 10.48 -92.76 -40.73
N ALA K 64 9.27 -92.30 -40.46
CA ALA K 64 8.58 -92.63 -39.21
C ALA K 64 8.47 -94.14 -39.02
N GLY K 65 8.32 -94.87 -40.13
CA GLY K 65 8.21 -96.33 -40.05
C GLY K 65 9.39 -97.03 -40.68
N PHE K 66 10.51 -96.31 -40.81
CA PHE K 66 11.71 -96.86 -41.42
C PHE K 66 12.28 -98.11 -40.75
N LYS K 67 12.06 -98.25 -39.44
CA LYS K 67 12.58 -99.41 -38.72
C LYS K 67 12.11 -100.72 -39.37
N SER K 68 10.87 -100.74 -39.83
CA SER K 68 10.32 -101.94 -40.46
C SER K 68 11.02 -102.25 -41.79
N MET K 69 11.80 -101.29 -42.29
CA MET K 69 12.52 -101.49 -43.54
C MET K 69 13.89 -102.12 -43.23
N ILE K 70 14.48 -101.68 -42.12
CA ILE K 70 15.77 -102.19 -41.69
C ILE K 70 15.66 -103.68 -41.39
N TYR K 71 14.65 -104.05 -40.61
CA TYR K 71 14.42 -105.43 -40.22
C TYR K 71 13.43 -106.16 -41.14
N SER K 72 13.33 -105.69 -42.37
CA SER K 72 12.43 -106.30 -43.34
C SER K 72 12.82 -107.73 -43.67
N ASP K 73 11.84 -108.60 -43.85
CA ASP K 73 12.15 -109.98 -44.19
C ASP K 73 12.37 -110.11 -45.69
N LEU K 74 12.29 -108.99 -46.41
CA LEU K 74 12.54 -109.01 -47.85
C LEU K 74 13.94 -108.42 -48.06
N ARG K 75 14.64 -108.30 -46.95
CA ARG K 75 15.99 -107.78 -46.91
C ARG K 75 16.90 -108.89 -47.48
N ILE K 76 17.78 -108.55 -48.42
CA ILE K 76 18.68 -109.56 -48.98
C ILE K 76 19.53 -110.06 -47.80
N PRO K 77 19.38 -111.35 -47.46
CA PRO K 77 20.05 -112.05 -46.35
C PRO K 77 21.54 -112.33 -46.46
N TYR K 78 21.99 -112.64 -47.67
CA TYR K 78 23.38 -112.98 -47.90
C TYR K 78 23.63 -113.03 -49.40
N PRO K 79 24.89 -113.18 -49.83
CA PRO K 79 25.18 -113.23 -51.26
C PRO K 79 24.40 -114.39 -51.89
N MET K 80 23.79 -114.13 -53.04
CA MET K 80 23.00 -115.14 -53.74
C MET K 80 23.43 -115.30 -55.19
N LYS K 81 23.16 -116.48 -55.74
CA LYS K 81 23.51 -116.80 -57.11
C LYS K 81 22.35 -117.51 -57.78
N ARG K 82 22.14 -117.21 -59.07
CA ARG K 82 21.08 -117.85 -59.84
C ARG K 82 21.52 -119.29 -60.10
N LYS K 83 20.73 -120.24 -59.62
CA LYS K 83 21.06 -121.66 -59.79
C LYS K 83 21.33 -122.04 -61.23
N SER K 84 20.51 -121.53 -62.14
CA SER K 84 20.66 -121.83 -63.56
C SER K 84 21.82 -121.12 -64.25
N PHE K 85 22.59 -120.33 -63.51
CA PHE K 85 23.74 -119.60 -64.08
C PHE K 85 25.10 -120.25 -63.81
N ASP K 86 25.74 -120.73 -64.86
CA ASP K 86 27.06 -121.33 -64.73
C ASP K 86 28.08 -120.53 -65.54
N PRO K 87 28.95 -119.77 -64.84
CA PRO K 87 29.98 -118.94 -65.50
C PRO K 87 30.87 -119.76 -66.43
N ASN K 88 31.05 -121.03 -66.11
CA ASN K 88 31.90 -121.89 -66.93
C ASN K 88 31.13 -122.90 -67.77
N GLY K 89 29.87 -122.61 -68.02
CA GLY K 89 29.05 -123.50 -68.83
C GLY K 89 27.85 -122.74 -69.37
N GLU K 90 26.67 -123.34 -69.24
CA GLU K 90 25.44 -122.71 -69.70
C GLU K 90 25.08 -121.57 -68.75
N ARG K 91 25.06 -120.36 -69.29
CA ARG K 91 24.74 -119.19 -68.48
C ARG K 91 23.24 -118.93 -68.49
N ASN K 92 22.54 -119.59 -69.40
CA ASN K 92 21.08 -119.48 -69.52
C ASN K 92 20.53 -118.07 -69.29
N PRO K 93 20.84 -117.13 -70.20
CA PRO K 93 20.34 -115.75 -70.04
C PRO K 93 18.82 -115.76 -70.03
N GLN K 94 18.25 -116.64 -70.85
CA GLN K 94 16.80 -116.76 -70.99
C GLN K 94 16.07 -117.19 -69.73
N LEU K 95 16.81 -117.60 -68.71
CA LEU K 95 16.18 -118.02 -67.45
C LEU K 95 16.27 -116.95 -66.36
N ARG K 96 16.77 -115.76 -66.69
CA ARG K 96 16.82 -114.69 -65.71
C ARG K 96 15.36 -114.29 -65.49
N GLY K 97 14.96 -114.20 -64.22
CA GLY K 97 13.58 -113.85 -63.90
C GLY K 97 12.61 -115.02 -64.07
N ALA K 98 13.14 -116.21 -64.31
CA ALA K 98 12.28 -117.38 -64.50
C ALA K 98 11.40 -117.61 -63.28
N GLY K 99 11.98 -117.50 -62.09
CA GLY K 99 11.22 -117.69 -60.87
C GLY K 99 10.09 -116.69 -60.76
N LEU K 100 10.39 -115.45 -61.09
CA LEU K 100 9.44 -114.37 -61.07
C LEU K 100 8.28 -114.75 -62.00
N SER K 101 8.62 -115.32 -63.15
CA SER K 101 7.62 -115.74 -64.13
C SER K 101 6.70 -116.86 -63.64
N LYS K 102 7.06 -117.50 -62.53
CA LYS K 102 6.22 -118.54 -61.97
C LYS K 102 5.85 -118.14 -60.55
N GLN K 103 5.96 -116.84 -60.28
CA GLN K 103 5.59 -116.26 -58.99
C GLN K 103 6.40 -116.81 -57.82
N ASP K 104 7.67 -117.12 -58.04
CA ASP K 104 8.53 -117.66 -57.00
C ASP K 104 9.97 -117.20 -57.21
N PRO K 105 10.22 -115.89 -57.08
CA PRO K 105 11.55 -115.29 -57.27
C PRO K 105 12.66 -115.96 -56.47
N TRP K 106 12.44 -116.13 -55.18
CA TRP K 106 13.44 -116.75 -54.31
C TRP K 106 13.97 -118.08 -54.82
N SER K 107 13.06 -118.94 -55.30
CA SER K 107 13.44 -120.27 -55.77
C SER K 107 14.49 -120.28 -56.88
N ASP K 108 14.76 -119.12 -57.47
CA ASP K 108 15.75 -119.04 -58.53
C ASP K 108 17.17 -118.97 -57.96
N TYR K 109 17.27 -118.59 -56.69
CA TYR K 109 18.58 -118.43 -56.09
C TYR K 109 19.02 -119.39 -55.00
N GLU K 110 20.34 -119.53 -54.90
CA GLU K 110 20.96 -120.37 -53.90
C GLU K 110 21.96 -119.48 -53.17
N ARG K 111 22.28 -119.85 -51.94
CA ARG K 111 23.22 -119.10 -51.12
C ARG K 111 24.68 -119.36 -51.45
N ILE K 112 25.51 -118.32 -51.38
CA ILE K 112 26.94 -118.47 -51.63
C ILE K 112 27.66 -117.50 -50.72
N SER K 113 28.96 -117.75 -50.52
CA SER K 113 29.75 -116.90 -49.64
C SER K 113 30.17 -115.61 -50.34
N TRP K 114 30.63 -114.66 -49.55
CA TRP K 114 31.10 -113.40 -50.09
C TRP K 114 32.34 -113.66 -50.92
N ASP K 115 33.20 -114.55 -50.42
CA ASP K 115 34.43 -114.88 -51.13
C ASP K 115 34.19 -115.44 -52.52
N GLU K 116 33.25 -116.38 -52.64
CA GLU K 116 32.96 -116.95 -53.94
C GLU K 116 32.18 -115.96 -54.81
N ALA K 117 31.25 -115.23 -54.21
CA ALA K 117 30.46 -114.26 -54.96
C ALA K 117 31.36 -113.21 -55.63
N THR K 118 32.25 -112.61 -54.85
CA THR K 118 33.15 -111.59 -55.39
C THR K 118 34.16 -112.17 -56.39
N ASP K 119 34.54 -113.44 -56.19
CA ASP K 119 35.47 -114.09 -57.10
C ASP K 119 34.81 -114.27 -58.46
N ILE K 120 33.53 -114.62 -58.46
CA ILE K 120 32.79 -114.81 -59.70
C ILE K 120 32.65 -113.48 -60.44
N VAL K 121 32.37 -112.40 -59.71
CA VAL K 121 32.23 -111.08 -60.32
C VAL K 121 33.58 -110.59 -60.87
N VAL K 122 34.64 -110.77 -60.09
CA VAL K 122 35.98 -110.36 -60.49
C VAL K 122 36.42 -111.08 -61.75
N ALA K 123 36.18 -112.38 -61.81
CA ALA K 123 36.56 -113.16 -62.98
C ALA K 123 35.86 -112.63 -64.23
N GLU K 124 34.60 -112.24 -64.09
CA GLU K 124 33.83 -111.71 -65.22
C GLU K 124 34.38 -110.35 -65.63
N ILE K 125 34.61 -109.48 -64.65
CA ILE K 125 35.14 -108.15 -64.88
C ILE K 125 36.45 -108.19 -65.66
N ASN K 126 37.42 -108.94 -65.15
CA ASN K 126 38.70 -109.05 -65.81
C ASN K 126 38.63 -109.73 -67.17
N ARG K 127 37.79 -110.77 -67.29
CA ARG K 127 37.65 -111.45 -68.57
C ARG K 127 37.14 -110.47 -69.63
N ILE K 128 36.13 -109.69 -69.25
CA ILE K 128 35.51 -108.71 -70.15
C ILE K 128 36.43 -107.52 -70.45
N LYS K 129 37.19 -107.07 -69.45
CA LYS K 129 38.10 -105.95 -69.68
C LYS K 129 39.19 -106.32 -70.69
N HIS K 130 39.71 -107.53 -70.60
CA HIS K 130 40.77 -107.96 -71.52
C HIS K 130 40.26 -108.37 -72.90
N ALA K 131 38.97 -108.67 -72.99
CA ALA K 131 38.38 -109.08 -74.25
C ALA K 131 37.68 -107.94 -74.99
N TYR K 132 36.99 -107.09 -74.24
CA TYR K 132 36.24 -105.99 -74.85
C TYR K 132 36.57 -104.59 -74.35
N GLY K 133 37.09 -104.49 -73.13
CA GLY K 133 37.43 -103.19 -72.57
C GLY K 133 36.51 -102.79 -71.42
N PRO K 134 36.93 -101.82 -70.59
CA PRO K 134 36.10 -101.37 -69.46
C PRO K 134 34.72 -100.90 -69.89
N SER K 135 34.60 -100.37 -71.10
CA SER K 135 33.31 -99.87 -71.57
C SER K 135 32.28 -100.98 -71.76
N ALA K 136 32.75 -102.22 -71.82
CA ALA K 136 31.83 -103.35 -71.97
C ALA K 136 31.10 -103.65 -70.66
N ILE K 137 31.49 -102.95 -69.59
CA ILE K 137 30.85 -103.14 -68.30
C ILE K 137 29.87 -102.00 -68.00
N LEU K 138 28.59 -102.27 -68.17
CA LEU K 138 27.55 -101.29 -67.92
C LEU K 138 27.20 -101.30 -66.44
N SER K 139 26.93 -100.13 -65.89
CA SER K 139 26.56 -100.05 -64.49
C SER K 139 25.79 -98.80 -64.21
N THR K 140 24.90 -98.88 -63.23
CA THR K 140 24.12 -97.72 -62.85
C THR K 140 23.32 -97.95 -61.60
N PRO K 141 23.26 -96.93 -60.73
CA PRO K 141 22.49 -97.03 -59.50
C PRO K 141 21.19 -96.40 -59.97
N SER K 142 20.61 -95.54 -59.16
CA SER K 142 19.43 -94.84 -59.62
C SER K 142 19.42 -93.47 -58.93
N SER K 143 18.40 -92.67 -59.20
CA SER K 143 18.37 -91.33 -58.64
C SER K 143 18.52 -91.19 -57.15
N HIS K 144 17.75 -91.93 -56.36
CA HIS K 144 17.88 -91.76 -54.93
C HIS K 144 18.57 -92.86 -54.16
N HIS K 145 18.97 -92.52 -52.94
CA HIS K 145 19.82 -93.41 -52.16
C HIS K 145 19.69 -93.17 -50.66
N MET K 146 20.02 -94.18 -49.84
CA MET K 146 19.96 -94.02 -48.38
C MET K 146 20.74 -92.75 -48.04
N TRP K 147 20.27 -91.98 -47.07
CA TRP K 147 20.94 -90.74 -46.69
C TRP K 147 22.36 -91.01 -46.15
N GLY K 148 23.27 -90.09 -46.42
CA GLY K 148 24.66 -90.24 -45.99
C GLY K 148 25.57 -89.75 -47.11
N ASN K 149 26.29 -88.66 -46.86
CA ASN K 149 27.17 -88.06 -47.86
C ASN K 149 28.36 -88.91 -48.31
N VAL K 150 29.01 -89.60 -47.38
CA VAL K 150 30.16 -90.41 -47.72
C VAL K 150 29.80 -91.68 -48.50
N GLY K 151 28.73 -92.35 -48.07
CA GLY K 151 28.29 -93.56 -48.74
C GLY K 151 27.35 -93.31 -49.91
N TYR K 152 27.01 -92.05 -50.17
CA TYR K 152 26.09 -91.71 -51.26
C TYR K 152 26.69 -92.14 -52.59
N ARG K 153 25.83 -92.46 -53.56
CA ARG K 153 26.30 -92.90 -54.87
C ARG K 153 27.27 -91.96 -55.59
N HIS K 154 27.19 -90.65 -55.33
CA HIS K 154 28.10 -89.69 -55.97
C HIS K 154 29.50 -89.81 -55.39
N SER K 155 29.58 -90.37 -54.18
CA SER K 155 30.82 -90.52 -53.45
C SER K 155 31.45 -91.92 -53.54
N THR K 156 30.88 -92.87 -52.80
CA THR K 156 31.40 -94.24 -52.76
C THR K 156 31.31 -94.97 -54.10
N TYR K 157 30.11 -95.06 -54.64
CA TYR K 157 29.89 -95.74 -55.92
C TYR K 157 30.88 -95.24 -56.97
N PHE K 158 30.89 -93.93 -57.21
CA PHE K 158 31.78 -93.34 -58.22
C PHE K 158 33.27 -93.57 -57.95
N ARG K 159 33.71 -93.38 -56.71
CA ARG K 159 35.13 -93.56 -56.43
C ARG K 159 35.60 -94.93 -56.87
N PHE K 160 34.80 -95.95 -56.59
CA PHE K 160 35.17 -97.30 -56.98
C PHE K 160 34.99 -97.56 -58.47
N MET K 161 33.77 -97.35 -58.95
CA MET K 161 33.46 -97.58 -60.36
C MET K 161 34.43 -96.88 -61.32
N ASN K 162 34.89 -95.69 -60.96
CA ASN K 162 35.82 -94.95 -61.82
C ASN K 162 37.19 -95.63 -61.94
N MET K 163 37.55 -96.41 -60.92
CA MET K 163 38.82 -97.14 -60.91
C MET K 163 38.67 -98.54 -61.48
N MET K 164 37.44 -98.94 -61.72
CA MET K 164 37.15 -100.28 -62.23
C MET K 164 36.78 -100.31 -63.71
N GLY K 165 35.66 -99.68 -64.07
CA GLY K 165 35.21 -99.67 -65.46
C GLY K 165 35.27 -98.30 -66.11
N PHE K 166 34.21 -97.87 -66.80
CA PHE K 166 32.96 -98.61 -67.00
C PHE K 166 32.07 -97.74 -67.86
N THR K 167 30.95 -98.29 -68.31
CA THR K 167 30.00 -97.48 -69.08
C THR K 167 28.83 -97.13 -68.18
N TYR K 168 28.65 -95.85 -67.93
CA TYR K 168 27.59 -95.37 -67.08
C TYR K 168 26.28 -95.15 -67.82
N ALA K 169 25.18 -95.53 -67.20
CA ALA K 169 23.87 -95.26 -67.79
C ALA K 169 23.53 -93.96 -67.08
N ASP K 170 23.98 -92.84 -67.65
CA ASP K 170 23.75 -91.54 -67.04
C ASP K 170 22.26 -91.25 -66.92
N HIS K 171 21.88 -90.64 -65.81
CA HIS K 171 20.47 -90.34 -65.54
C HIS K 171 19.91 -89.12 -66.27
N ASN K 172 18.72 -89.30 -66.83
CA ASN K 172 18.01 -88.22 -67.51
C ASN K 172 17.64 -87.31 -66.36
N PRO K 173 17.48 -86.01 -66.61
CA PRO K 173 17.13 -85.10 -65.51
C PRO K 173 15.66 -85.23 -65.10
N ASP K 174 15.29 -86.43 -64.66
CA ASP K 174 13.91 -86.75 -64.28
C ASP K 174 13.14 -85.68 -63.52
N SER K 175 13.69 -85.25 -62.39
CA SER K 175 13.07 -84.24 -61.54
C SER K 175 12.79 -82.91 -62.27
N TRP K 176 13.66 -82.56 -63.21
CA TRP K 176 13.59 -81.29 -63.95
C TRP K 176 13.08 -81.31 -65.40
N GLU K 177 13.00 -82.48 -66.02
CA GLU K 177 12.61 -82.60 -67.43
C GLU K 177 12.17 -81.30 -68.12
N GLY K 178 10.95 -80.86 -67.83
CA GLY K 178 10.42 -79.64 -68.43
C GLY K 178 11.31 -78.41 -68.33
N TRP K 179 11.82 -78.13 -67.12
CA TRP K 179 12.69 -76.96 -66.91
C TRP K 179 14.05 -77.13 -67.58
N HIS K 180 14.55 -78.36 -67.56
CA HIS K 180 15.84 -78.70 -68.15
C HIS K 180 15.91 -78.61 -69.67
N TRP K 181 15.03 -79.33 -70.36
CA TRP K 181 15.03 -79.32 -71.81
C TRP K 181 14.21 -78.17 -72.40
N GLY K 182 13.50 -77.43 -71.55
CA GLY K 182 12.68 -76.33 -72.06
C GLY K 182 13.00 -74.99 -71.42
N GLY K 183 12.64 -74.83 -70.15
CA GLY K 183 12.87 -73.58 -69.46
C GLY K 183 14.29 -73.04 -69.52
N MET K 184 15.27 -73.94 -69.53
CA MET K 184 16.68 -73.56 -69.58
C MET K 184 16.95 -72.63 -70.75
N HIS K 185 16.32 -72.94 -71.88
CA HIS K 185 16.47 -72.16 -73.11
C HIS K 185 15.77 -70.81 -73.03
N MET K 186 14.81 -70.70 -72.11
CA MET K 186 14.06 -69.47 -71.95
C MET K 186 14.63 -68.49 -70.94
N TRP K 187 15.27 -68.99 -69.89
CA TRP K 187 15.84 -68.09 -68.88
C TRP K 187 17.17 -68.54 -68.26
N GLY K 188 17.78 -69.58 -68.82
CA GLY K 188 19.05 -70.05 -68.29
C GLY K 188 18.95 -70.96 -67.09
N PHE K 189 19.65 -70.61 -66.01
CA PHE K 189 19.67 -71.42 -64.79
C PHE K 189 20.09 -72.86 -65.09
N SER K 190 21.09 -73.03 -65.96
CA SER K 190 21.52 -74.38 -66.31
C SER K 190 22.10 -75.12 -65.09
N TRP K 191 22.81 -74.38 -64.22
CA TRP K 191 23.42 -74.97 -63.04
C TRP K 191 22.37 -75.46 -62.04
N ARG K 192 21.10 -75.12 -62.28
CA ARG K 192 20.00 -75.58 -61.43
C ARG K 192 19.09 -76.43 -62.31
N LEU K 193 19.60 -76.79 -63.47
CA LEU K 193 18.87 -77.60 -64.44
C LEU K 193 17.53 -76.98 -64.80
N GLY K 194 17.48 -75.65 -64.85
CA GLY K 194 16.25 -74.97 -65.22
C GLY K 194 15.41 -74.37 -64.09
N ASN K 195 15.62 -74.81 -62.86
CA ASN K 195 14.87 -74.26 -61.73
C ASN K 195 15.46 -72.91 -61.32
N PRO K 196 14.64 -72.05 -60.70
CA PRO K 196 15.07 -70.73 -60.25
C PRO K 196 15.69 -70.74 -58.85
N GLU K 197 16.53 -69.76 -58.56
CA GLU K 197 17.11 -69.63 -57.24
C GLU K 197 15.95 -69.26 -56.30
N GLN K 198 16.12 -69.41 -55.00
CA GLN K 198 15.03 -69.12 -54.07
C GLN K 198 15.41 -68.38 -52.80
N TYR K 199 16.66 -67.93 -52.69
CA TYR K 199 17.14 -67.24 -51.50
C TYR K 199 16.23 -66.16 -50.92
N ASP K 200 16.15 -66.16 -49.59
CA ASP K 200 15.39 -65.18 -48.80
C ASP K 200 13.96 -64.82 -49.19
N LEU K 201 13.20 -65.78 -49.72
CA LEU K 201 11.82 -65.51 -50.11
C LEU K 201 10.80 -65.62 -48.97
N LEU K 202 11.12 -66.37 -47.92
CA LEU K 202 10.18 -66.51 -46.82
C LEU K 202 9.80 -65.15 -46.26
N GLU K 203 10.80 -64.38 -45.83
CA GLU K 203 10.54 -63.06 -45.31
C GLU K 203 9.80 -62.20 -46.34
N ASP K 204 10.25 -62.25 -47.58
CA ASP K 204 9.61 -61.46 -48.63
C ASP K 204 8.13 -61.84 -48.76
N GLY K 205 7.84 -63.13 -48.72
CA GLY K 205 6.46 -63.58 -48.82
C GLY K 205 5.62 -63.18 -47.62
N LEU K 206 6.18 -63.33 -46.43
CA LEU K 206 5.44 -62.97 -45.21
C LEU K 206 5.10 -61.48 -45.20
N LYS K 207 5.96 -60.66 -45.77
CA LYS K 207 5.74 -59.22 -45.80
C LYS K 207 4.82 -58.73 -46.92
N HIS K 208 4.95 -59.33 -48.10
CA HIS K 208 4.18 -58.85 -49.25
C HIS K 208 3.13 -59.74 -49.89
N ALA K 209 3.16 -61.04 -49.63
CA ALA K 209 2.20 -61.97 -50.23
C ALA K 209 0.72 -61.69 -49.94
N GLU K 210 -0.09 -61.75 -50.98
CA GLU K 210 -1.53 -61.56 -50.85
C GLU K 210 -2.22 -62.80 -51.40
N MET K 211 -1.52 -63.48 -52.31
CA MET K 211 -2.02 -64.71 -52.90
C MET K 211 -0.89 -65.58 -53.41
N ILE K 212 -1.09 -66.89 -53.34
CA ILE K 212 -0.13 -67.85 -53.83
C ILE K 212 -0.84 -68.88 -54.69
N VAL K 213 -0.31 -69.09 -55.89
CA VAL K 213 -0.89 -70.03 -56.83
C VAL K 213 -0.01 -71.29 -56.89
N PHE K 214 -0.49 -72.36 -56.27
CA PHE K 214 0.22 -73.63 -56.24
C PHE K 214 -0.13 -74.40 -57.52
N TRP K 215 0.80 -74.39 -58.46
CA TRP K 215 0.61 -75.07 -59.74
C TRP K 215 1.47 -76.34 -59.79
N SER K 216 0.83 -77.49 -59.91
CA SER K 216 1.53 -78.77 -59.94
C SER K 216 2.44 -78.78 -58.71
N SER K 217 1.89 -78.23 -57.63
CA SER K 217 2.63 -78.10 -56.37
C SER K 217 1.88 -78.70 -55.16
N ASP K 218 2.51 -79.65 -54.49
CA ASP K 218 1.95 -80.30 -53.31
C ASP K 218 3.06 -80.29 -52.26
N PRO K 219 3.38 -79.11 -51.71
CA PRO K 219 4.43 -78.94 -50.70
C PRO K 219 4.41 -79.95 -49.55
N GLU K 220 3.23 -80.22 -49.00
CA GLU K 220 3.14 -81.18 -47.90
C GLU K 220 3.71 -82.54 -48.27
N THR K 221 3.26 -83.10 -49.38
CA THR K 221 3.73 -84.41 -49.83
C THR K 221 5.23 -84.47 -50.16
N ASN K 222 5.66 -83.61 -51.06
CA ASN K 222 7.05 -83.59 -51.52
C ASN K 222 8.04 -82.84 -50.62
N SER K 223 7.58 -81.80 -49.95
CA SER K 223 8.42 -80.99 -49.05
C SER K 223 9.58 -80.35 -49.81
N GLY K 224 9.48 -80.34 -51.14
CA GLY K 224 10.57 -79.83 -51.94
C GLY K 224 11.32 -81.13 -52.12
N ILE K 225 12.04 -81.53 -51.07
CA ILE K 225 12.77 -82.79 -51.06
C ILE K 225 13.54 -83.00 -49.76
N TYR K 226 13.46 -84.21 -49.22
CA TYR K 226 14.16 -84.60 -47.99
C TYR K 226 13.88 -83.72 -46.77
N ALA K 227 12.82 -82.93 -46.81
CA ALA K 227 12.53 -82.01 -45.71
C ALA K 227 11.33 -82.28 -44.80
N GLY K 228 10.97 -83.56 -44.62
CA GLY K 228 9.85 -83.90 -43.75
C GLY K 228 8.63 -83.02 -43.95
N PHE K 229 8.29 -82.23 -42.93
CA PHE K 229 7.15 -81.31 -42.98
C PHE K 229 7.58 -79.96 -42.42
N GLU K 230 8.82 -79.57 -42.70
CA GLU K 230 9.37 -78.31 -42.21
C GLU K 230 8.60 -77.05 -42.58
N SER K 231 8.05 -77.00 -43.79
CA SER K 231 7.33 -75.81 -44.26
C SER K 231 5.86 -75.67 -43.87
N ASN K 232 5.32 -76.66 -43.16
CA ASN K 232 3.91 -76.61 -42.75
C ASN K 232 3.51 -75.37 -41.96
N ILE K 233 4.32 -74.98 -40.98
CA ILE K 233 3.98 -73.81 -40.18
C ILE K 233 4.10 -72.49 -40.95
N ARG K 234 4.90 -72.50 -42.00
CA ARG K 234 5.10 -71.30 -42.82
C ARG K 234 3.83 -70.99 -43.60
N ARG K 235 3.22 -72.02 -44.17
CA ARG K 235 1.99 -71.82 -44.90
C ARG K 235 0.89 -71.46 -43.91
N GLN K 236 1.01 -71.97 -42.68
CA GLN K 236 0.03 -71.65 -41.66
C GLN K 236 0.09 -70.15 -41.42
N TRP K 237 1.30 -69.63 -41.22
CA TRP K 237 1.48 -68.20 -41.00
C TRP K 237 0.84 -67.40 -42.13
N LEU K 238 1.14 -67.77 -43.36
CA LEU K 238 0.60 -67.08 -44.53
C LEU K 238 -0.92 -67.09 -44.47
N LYS K 239 -1.48 -68.28 -44.26
CA LYS K 239 -2.93 -68.46 -44.18
C LYS K 239 -3.51 -67.53 -43.12
N ASP K 240 -2.85 -67.47 -41.97
CA ASP K 240 -3.33 -66.63 -40.89
C ASP K 240 -3.12 -65.14 -41.14
N LEU K 241 -2.38 -64.82 -42.20
CA LEU K 241 -2.14 -63.42 -42.56
C LEU K 241 -3.18 -63.03 -43.61
N GLY K 242 -3.95 -64.00 -44.06
CA GLY K 242 -4.97 -63.75 -45.06
C GLY K 242 -4.54 -63.97 -46.50
N VAL K 243 -3.47 -64.71 -46.70
CA VAL K 243 -3.00 -65.00 -48.05
C VAL K 243 -3.88 -66.10 -48.65
N ASP K 244 -4.38 -65.87 -49.87
CA ASP K 244 -5.24 -66.86 -50.53
C ASP K 244 -4.41 -67.94 -51.21
N PHE K 245 -4.88 -69.19 -51.11
CA PHE K 245 -4.21 -70.35 -51.70
C PHE K 245 -5.06 -70.94 -52.83
N VAL K 246 -4.52 -70.95 -54.04
CA VAL K 246 -5.22 -71.50 -55.20
C VAL K 246 -4.35 -72.64 -55.74
N PHE K 247 -4.95 -73.83 -55.91
CA PHE K 247 -4.21 -74.98 -56.42
C PHE K 247 -4.69 -75.45 -57.78
N ILE K 248 -3.75 -75.63 -58.70
CA ILE K 248 -4.07 -76.11 -60.04
C ILE K 248 -3.37 -77.46 -60.12
N ASP K 249 -4.16 -78.53 -60.09
CA ASP K 249 -3.63 -79.89 -60.09
C ASP K 249 -4.75 -80.85 -60.49
N PRO K 250 -4.51 -81.73 -61.48
CA PRO K 250 -5.58 -82.67 -61.87
C PRO K 250 -6.15 -83.33 -60.64
N HIS K 251 -5.27 -83.58 -59.67
CA HIS K 251 -5.64 -84.23 -58.42
C HIS K 251 -5.62 -83.24 -57.26
N MET K 252 -6.69 -83.23 -56.48
CA MET K 252 -6.74 -82.33 -55.33
C MET K 252 -5.72 -82.94 -54.37
N ASN K 253 -4.46 -82.53 -54.55
CA ASN K 253 -3.37 -83.06 -53.75
C ASN K 253 -3.50 -82.78 -52.26
N HIS K 254 -2.62 -83.37 -51.47
CA HIS K 254 -2.67 -83.25 -50.02
C HIS K 254 -2.51 -81.86 -49.43
N THR K 255 -1.79 -80.98 -50.12
CA THR K 255 -1.66 -79.62 -49.61
C THR K 255 -3.00 -78.94 -49.90
N ALA K 256 -3.56 -79.21 -51.08
CA ALA K 256 -4.84 -78.62 -51.47
C ALA K 256 -5.95 -79.07 -50.51
N ARG K 257 -5.96 -80.36 -50.18
CA ARG K 257 -6.95 -80.94 -49.29
C ARG K 257 -6.92 -80.29 -47.92
N LEU K 258 -5.77 -79.73 -47.57
CA LEU K 258 -5.61 -79.10 -46.28
C LEU K 258 -5.90 -77.59 -46.22
N VAL K 259 -5.35 -76.83 -47.15
CA VAL K 259 -5.53 -75.38 -47.10
C VAL K 259 -5.95 -74.66 -48.38
N ALA K 260 -6.56 -75.38 -49.32
CA ALA K 260 -6.98 -74.73 -50.56
C ALA K 260 -8.18 -73.82 -50.39
N ASP K 261 -8.14 -72.69 -51.07
CA ASP K 261 -9.26 -71.75 -51.05
C ASP K 261 -10.02 -72.03 -52.34
N LYS K 262 -9.31 -72.58 -53.31
CA LYS K 262 -9.89 -72.94 -54.60
C LYS K 262 -8.96 -73.93 -55.30
N TRP K 263 -9.57 -74.93 -55.95
CA TRP K 263 -8.81 -75.95 -56.67
C TRP K 263 -9.31 -76.11 -58.11
N PHE K 264 -8.37 -76.18 -59.04
CA PHE K 264 -8.66 -76.38 -60.46
C PHE K 264 -8.11 -77.76 -60.80
N SER K 265 -8.84 -78.52 -61.61
CA SER K 265 -8.38 -79.85 -62.01
C SER K 265 -8.30 -79.96 -63.53
N PRO K 266 -7.23 -79.44 -64.13
CA PRO K 266 -7.10 -79.52 -65.59
C PRO K 266 -6.86 -80.94 -66.05
N LYS K 267 -7.27 -81.25 -67.26
CA LYS K 267 -7.06 -82.57 -67.85
C LYS K 267 -5.56 -82.73 -68.05
N ILE K 268 -5.08 -83.96 -68.14
CA ILE K 268 -3.64 -84.17 -68.31
C ILE K 268 -3.13 -83.48 -69.56
N GLY K 269 -1.91 -82.93 -69.46
CA GLY K 269 -1.30 -82.26 -70.58
C GLY K 269 -1.98 -80.99 -71.08
N THR K 270 -2.76 -80.33 -70.23
CA THR K 270 -3.44 -79.11 -70.67
C THR K 270 -3.10 -77.86 -69.87
N ASP K 271 -2.13 -77.95 -68.95
CA ASP K 271 -1.78 -76.79 -68.14
C ASP K 271 -1.38 -75.55 -68.94
N HIS K 272 -0.56 -75.72 -69.97
CA HIS K 272 -0.13 -74.55 -70.73
C HIS K 272 -1.29 -73.82 -71.40
N ALA K 273 -2.46 -74.45 -71.41
CA ALA K 273 -3.64 -73.81 -71.99
C ALA K 273 -4.10 -72.73 -71.01
N LEU K 274 -4.15 -73.07 -69.72
CA LEU K 274 -4.57 -72.12 -68.72
C LEU K 274 -3.59 -70.94 -68.68
N SER K 275 -2.29 -71.23 -68.69
CA SER K 275 -1.27 -70.20 -68.64
C SER K 275 -1.36 -69.25 -69.84
N PHE K 276 -1.73 -69.78 -71.00
CA PHE K 276 -1.87 -68.93 -72.19
C PHE K 276 -3.09 -68.04 -72.06
N ALA K 277 -4.18 -68.60 -71.52
CA ALA K 277 -5.42 -67.85 -71.33
C ALA K 277 -5.23 -66.76 -70.28
N ILE K 278 -4.38 -67.03 -69.30
CA ILE K 278 -4.11 -66.07 -68.25
C ILE K 278 -3.29 -64.92 -68.84
N ALA K 279 -2.33 -65.24 -69.70
CA ALA K 279 -1.51 -64.21 -70.34
C ALA K 279 -2.41 -63.45 -71.31
N TYR K 280 -3.27 -64.18 -72.01
CA TYR K 280 -4.20 -63.56 -72.95
C TYR K 280 -5.01 -62.48 -72.23
N THR K 281 -5.54 -62.84 -71.06
CA THR K 281 -6.33 -61.93 -70.26
C THR K 281 -5.52 -60.68 -69.90
N TRP K 282 -4.29 -60.89 -69.43
CA TRP K 282 -3.42 -59.78 -69.04
C TRP K 282 -3.12 -58.85 -70.21
N LEU K 283 -2.92 -59.43 -71.39
CA LEU K 283 -2.64 -58.63 -72.58
C LEU K 283 -3.87 -57.81 -72.98
N LYS K 284 -5.02 -58.46 -72.99
CA LYS K 284 -6.27 -57.79 -73.37
C LYS K 284 -6.66 -56.70 -72.39
N GLU K 285 -6.26 -56.88 -71.14
CA GLU K 285 -6.60 -55.91 -70.10
C GLU K 285 -5.45 -55.05 -69.61
N ASP K 286 -4.29 -55.17 -70.25
CA ASP K 286 -3.10 -54.39 -69.88
C ASP K 286 -2.72 -54.62 -68.44
N SER K 287 -3.10 -55.75 -67.88
CA SER K 287 -2.81 -56.03 -66.48
C SER K 287 -1.52 -56.79 -66.18
N TYR K 288 -0.40 -56.15 -66.46
CA TYR K 288 0.91 -56.75 -66.17
C TYR K 288 1.96 -55.65 -66.11
N ASP K 289 3.18 -56.03 -65.74
CA ASP K 289 4.29 -55.08 -65.61
C ASP K 289 4.97 -54.80 -66.94
N LYS K 290 4.44 -53.84 -67.69
CA LYS K 290 4.98 -53.49 -69.00
C LYS K 290 6.43 -53.01 -68.99
N GLU K 291 6.80 -52.17 -68.01
CA GLU K 291 8.16 -51.65 -67.93
C GLU K 291 9.14 -52.80 -67.73
N TYR K 292 8.75 -53.72 -66.85
CA TYR K 292 9.59 -54.87 -66.54
C TYR K 292 9.79 -55.73 -67.79
N VAL K 293 8.70 -56.01 -68.50
CA VAL K 293 8.78 -56.81 -69.71
C VAL K 293 9.57 -56.12 -70.81
N ALA K 294 9.41 -54.80 -70.94
CA ALA K 294 10.13 -54.05 -71.97
C ALA K 294 11.63 -54.09 -71.69
N ALA K 295 11.99 -54.23 -70.42
CA ALA K 295 13.40 -54.26 -70.05
C ALA K 295 14.02 -55.65 -69.96
N ASN K 296 13.25 -56.62 -69.47
CA ASN K 296 13.80 -57.96 -69.29
C ASN K 296 13.26 -59.11 -70.14
N ALA K 297 12.54 -58.80 -71.22
CA ALA K 297 12.02 -59.87 -72.08
C ALA K 297 12.51 -59.73 -73.52
N HIS K 298 12.71 -60.86 -74.18
CA HIS K 298 13.16 -60.89 -75.56
C HIS K 298 12.14 -61.63 -76.41
N GLY K 299 11.82 -61.08 -77.58
CA GLY K 299 10.86 -61.70 -78.47
C GLY K 299 9.43 -61.68 -77.92
N PHE K 300 9.18 -60.83 -76.93
CA PHE K 300 7.86 -60.76 -76.33
C PHE K 300 6.77 -60.25 -77.27
N GLU K 301 7.10 -59.30 -78.14
CA GLU K 301 6.12 -58.74 -79.06
C GLU K 301 5.53 -59.83 -79.95
N GLU K 302 6.39 -60.65 -80.53
CA GLU K 302 5.94 -61.73 -81.41
C GLU K 302 5.15 -62.75 -80.62
N TRP K 303 5.59 -63.03 -79.41
CA TRP K 303 4.91 -63.99 -78.56
C TRP K 303 3.51 -63.44 -78.28
N ALA K 304 3.45 -62.16 -77.95
CA ALA K 304 2.19 -61.50 -77.65
C ALA K 304 1.21 -61.68 -78.81
N ASP K 305 1.69 -61.53 -80.04
CA ASP K 305 0.83 -61.71 -81.20
C ASP K 305 0.35 -63.15 -81.29
N TYR K 306 1.21 -64.08 -80.87
CA TYR K 306 0.83 -65.49 -80.89
C TYR K 306 -0.31 -65.74 -79.92
N VAL K 307 -0.16 -65.26 -78.70
CA VAL K 307 -1.18 -65.43 -77.66
C VAL K 307 -2.51 -64.84 -78.10
N LEU K 308 -2.45 -63.69 -78.76
CA LEU K 308 -3.67 -63.01 -79.24
C LEU K 308 -4.33 -63.69 -80.44
N GLY K 309 -3.65 -64.69 -80.99
CA GLY K 309 -4.19 -65.42 -82.13
C GLY K 309 -3.84 -64.91 -83.51
N LYS K 310 -3.02 -63.86 -83.57
CA LYS K 310 -2.63 -63.27 -84.85
C LYS K 310 -1.87 -64.18 -85.80
N THR K 311 -1.13 -65.16 -85.28
CA THR K 311 -0.36 -66.03 -86.17
C THR K 311 -0.95 -67.40 -86.45
N ASP K 312 -1.75 -67.93 -85.52
CA ASP K 312 -2.35 -69.24 -85.74
C ASP K 312 -3.87 -69.18 -85.89
N GLY K 313 -4.43 -67.98 -85.88
CA GLY K 313 -5.88 -67.82 -86.01
C GLY K 313 -6.66 -68.35 -84.82
N THR K 314 -5.99 -68.56 -83.70
CA THR K 314 -6.65 -69.08 -82.51
C THR K 314 -6.33 -68.27 -81.26
N PRO K 315 -7.22 -67.34 -80.89
CA PRO K 315 -7.00 -66.50 -79.71
C PRO K 315 -7.01 -67.42 -78.49
N LYS K 316 -6.03 -67.25 -77.60
CA LYS K 316 -5.93 -68.11 -76.41
C LYS K 316 -6.85 -67.62 -75.30
N THR K 317 -8.14 -67.62 -75.56
CA THR K 317 -9.16 -67.17 -74.60
C THR K 317 -9.35 -68.17 -73.47
N CYS K 318 -10.06 -67.74 -72.42
CA CYS K 318 -10.34 -68.61 -71.29
C CYS K 318 -11.35 -69.67 -71.73
N GLU K 319 -12.18 -69.34 -72.71
CA GLU K 319 -13.17 -70.29 -73.24
C GLU K 319 -12.42 -71.39 -73.98
N TRP K 320 -11.40 -70.99 -74.75
CA TRP K 320 -10.57 -71.93 -75.50
C TRP K 320 -9.84 -72.83 -74.50
N ALA K 321 -9.35 -72.22 -73.42
CA ALA K 321 -8.62 -72.95 -72.41
C ALA K 321 -9.54 -73.96 -71.73
N GLU K 322 -10.80 -73.60 -71.56
CA GLU K 322 -11.76 -74.49 -70.94
C GLU K 322 -12.03 -75.69 -71.84
N GLU K 323 -12.06 -75.44 -73.14
CA GLU K 323 -12.30 -76.51 -74.11
C GLU K 323 -11.16 -77.52 -74.03
N GLU K 324 -9.95 -77.01 -73.76
CA GLU K 324 -8.77 -77.86 -73.65
C GLU K 324 -8.65 -78.61 -72.32
N SER K 325 -8.80 -77.87 -71.23
CA SER K 325 -8.64 -78.40 -69.88
C SER K 325 -9.83 -78.87 -69.08
N GLY K 326 -11.02 -78.38 -69.40
CA GLY K 326 -12.19 -78.78 -68.62
C GLY K 326 -12.42 -77.82 -67.47
N VAL K 327 -11.46 -76.92 -67.24
CA VAL K 327 -11.60 -75.93 -66.16
C VAL K 327 -12.46 -74.76 -66.69
N PRO K 328 -13.48 -74.36 -65.92
CA PRO K 328 -14.37 -73.26 -66.33
C PRO K 328 -13.63 -71.99 -66.79
N ALA K 329 -14.06 -71.46 -67.92
CA ALA K 329 -13.46 -70.25 -68.47
C ALA K 329 -13.59 -69.09 -67.48
N CYS K 330 -14.74 -68.99 -66.82
CA CYS K 330 -14.98 -67.92 -65.86
C CYS K 330 -14.02 -67.96 -64.66
N GLU K 331 -13.68 -69.16 -64.19
CA GLU K 331 -12.77 -69.27 -63.06
C GLU K 331 -11.34 -68.93 -63.50
N ILE K 332 -10.97 -69.33 -64.71
CA ILE K 332 -9.65 -69.03 -65.24
C ILE K 332 -9.46 -67.51 -65.33
N ARG K 333 -10.48 -66.82 -65.81
CA ARG K 333 -10.42 -65.37 -65.95
C ARG K 333 -10.38 -64.69 -64.59
N ALA K 334 -11.15 -65.20 -63.63
CA ALA K 334 -11.18 -64.62 -62.29
C ALA K 334 -9.80 -64.69 -61.65
N LEU K 335 -9.13 -65.83 -61.83
CA LEU K 335 -7.80 -66.01 -61.26
C LEU K 335 -6.82 -65.04 -61.92
N ALA K 336 -6.86 -64.98 -63.25
CA ALA K 336 -5.98 -64.08 -63.99
C ALA K 336 -6.12 -62.65 -63.47
N ARG K 337 -7.36 -62.16 -63.42
CA ARG K 337 -7.61 -60.81 -62.93
C ARG K 337 -7.13 -60.60 -61.50
N GLN K 338 -7.31 -61.61 -60.65
CA GLN K 338 -6.88 -61.53 -59.25
C GLN K 338 -5.36 -61.56 -59.15
N TRP K 339 -4.75 -62.42 -59.95
CA TRP K 339 -3.30 -62.58 -60.00
C TRP K 339 -2.65 -61.24 -60.33
N ALA K 340 -3.19 -60.57 -61.34
CA ALA K 340 -2.66 -59.29 -61.77
C ALA K 340 -2.75 -58.19 -60.71
N LYS K 341 -3.89 -58.07 -60.02
CA LYS K 341 -4.02 -56.99 -59.04
C LYS K 341 -3.49 -57.23 -57.63
N LYS K 342 -3.18 -58.48 -57.28
CA LYS K 342 -2.68 -58.78 -55.94
C LYS K 342 -1.21 -59.18 -56.01
N ASN K 343 -0.48 -59.04 -54.90
CA ASN K 343 0.91 -59.48 -54.89
C ASN K 343 0.78 -60.99 -54.94
N THR K 344 1.04 -61.57 -56.10
CA THR K 344 0.90 -63.01 -56.29
C THR K 344 2.21 -63.76 -56.53
N TYR K 345 2.41 -64.82 -55.77
CA TYR K 345 3.59 -65.66 -55.91
C TYR K 345 3.22 -66.94 -56.64
N LEU K 346 4.01 -67.28 -57.65
CA LEU K 346 3.76 -68.47 -58.43
C LEU K 346 4.52 -69.64 -57.82
N ALA K 347 3.77 -70.56 -57.21
CA ALA K 347 4.35 -71.74 -56.60
C ALA K 347 4.30 -72.87 -57.61
N ALA K 348 5.25 -72.84 -58.53
CA ALA K 348 5.34 -73.86 -59.58
C ALA K 348 6.16 -75.02 -59.03
N GLY K 349 5.54 -76.19 -58.93
CA GLY K 349 6.25 -77.35 -58.40
C GLY K 349 6.36 -77.22 -56.89
N GLY K 350 6.73 -78.31 -56.22
CA GLY K 350 6.84 -78.25 -54.77
C GLY K 350 8.12 -77.61 -54.24
N LEU K 351 9.12 -77.51 -55.09
CA LEU K 351 10.42 -76.96 -54.71
C LEU K 351 10.69 -75.51 -55.11
N GLY K 352 10.05 -75.10 -56.20
CA GLY K 352 10.29 -73.77 -56.74
C GLY K 352 10.97 -74.29 -57.99
N GLY K 353 10.14 -74.80 -58.88
CA GLY K 353 10.64 -75.43 -60.07
C GLY K 353 10.18 -76.86 -59.86
N TRP K 354 10.57 -77.78 -60.72
CA TRP K 354 10.11 -79.17 -60.61
C TRP K 354 8.61 -79.16 -60.84
N GLY K 355 7.90 -80.16 -60.33
CA GLY K 355 6.47 -80.23 -60.55
C GLY K 355 6.21 -81.40 -61.48
N GLY K 356 5.28 -82.27 -61.11
CA GLY K 356 4.97 -83.44 -61.92
C GLY K 356 4.65 -83.07 -63.35
N ALA K 357 4.11 -81.88 -63.51
CA ALA K 357 3.74 -81.36 -64.82
C ALA K 357 4.94 -81.22 -65.75
N CYS K 358 6.14 -81.03 -65.21
CA CYS K 358 7.30 -80.86 -66.06
C CYS K 358 7.79 -82.15 -66.70
N ARG K 359 7.41 -83.30 -66.15
CA ARG K 359 7.83 -84.57 -66.75
C ARG K 359 6.60 -85.26 -67.31
N ALA K 360 6.06 -84.62 -68.36
CA ALA K 360 4.89 -85.07 -69.08
C ALA K 360 5.09 -84.61 -70.51
N SER K 361 4.27 -85.11 -71.44
CA SER K 361 4.43 -84.73 -72.84
C SER K 361 4.31 -83.22 -73.07
N HIS K 362 3.76 -82.47 -72.12
CA HIS K 362 3.63 -81.01 -72.27
C HIS K 362 4.54 -80.27 -71.30
N GLY K 363 5.46 -81.00 -70.67
CA GLY K 363 6.37 -80.39 -69.71
C GLY K 363 7.17 -79.18 -70.16
N ILE K 364 7.62 -79.19 -71.41
CA ILE K 364 8.40 -78.07 -71.92
C ILE K 364 7.57 -76.79 -71.91
N GLU K 365 6.36 -76.87 -72.44
CA GLU K 365 5.50 -75.69 -72.49
C GLU K 365 4.94 -75.30 -71.13
N TRP K 366 4.75 -76.26 -70.24
CA TRP K 366 4.23 -75.92 -68.92
C TRP K 366 5.26 -75.05 -68.21
N ALA K 367 6.49 -75.54 -68.15
CA ALA K 367 7.58 -74.81 -67.51
C ALA K 367 7.76 -73.43 -68.14
N ARG K 368 7.82 -73.37 -69.47
CA ARG K 368 7.99 -72.08 -70.13
C ARG K 368 6.80 -71.17 -69.86
N GLY K 369 5.62 -71.77 -69.68
CA GLY K 369 4.44 -70.99 -69.40
C GLY K 369 4.55 -70.37 -68.01
N MET K 370 5.01 -71.16 -67.05
CA MET K 370 5.19 -70.68 -65.69
C MET K 370 6.16 -69.50 -65.68
N ILE K 371 7.20 -69.59 -66.52
CA ILE K 371 8.19 -68.53 -66.65
C ILE K 371 7.56 -67.31 -67.34
N ALA K 372 6.68 -67.57 -68.31
CA ALA K 372 6.01 -66.48 -69.01
C ALA K 372 5.24 -65.66 -67.99
N LEU K 373 4.38 -66.34 -67.25
CA LEU K 373 3.53 -65.74 -66.23
C LEU K 373 4.31 -64.96 -65.16
N ALA K 374 5.31 -65.60 -64.57
CA ALA K 374 6.10 -64.96 -63.53
C ALA K 374 6.83 -63.72 -64.07
N THR K 375 7.25 -63.78 -65.33
CA THR K 375 7.96 -62.66 -65.95
C THR K 375 7.04 -61.46 -66.16
N MET K 376 5.85 -61.71 -66.71
CA MET K 376 4.89 -60.63 -66.97
C MET K 376 4.47 -59.90 -65.71
N GLN K 377 4.55 -60.56 -64.55
CA GLN K 377 4.18 -59.92 -63.29
C GLN K 377 5.41 -59.33 -62.60
N GLY K 378 6.54 -59.33 -63.31
CA GLY K 378 7.78 -58.79 -62.78
C GLY K 378 8.43 -59.50 -61.61
N MET K 379 8.70 -60.80 -61.78
CA MET K 379 9.32 -61.59 -60.73
C MET K 379 10.61 -60.96 -60.20
N GLY K 380 10.82 -61.05 -58.90
CA GLY K 380 12.01 -60.49 -58.29
C GLY K 380 11.71 -59.24 -57.48
N LYS K 381 10.64 -58.52 -57.84
CA LYS K 381 10.30 -57.32 -57.09
C LYS K 381 9.44 -57.75 -55.91
N PRO K 382 9.38 -56.92 -54.86
CA PRO K 382 8.58 -57.24 -53.68
C PRO K 382 7.14 -57.66 -54.00
N GLY K 383 6.72 -58.79 -53.44
CA GLY K 383 5.35 -59.25 -53.67
C GLY K 383 5.08 -59.95 -54.98
N SER K 384 6.12 -60.18 -55.78
CA SER K 384 5.95 -60.86 -57.06
C SER K 384 7.18 -61.69 -57.39
N ASN K 385 7.01 -63.00 -57.52
CA ASN K 385 8.14 -63.87 -57.80
C ASN K 385 7.66 -65.30 -57.96
N MET K 386 8.57 -66.21 -58.26
CA MET K 386 8.23 -67.61 -58.36
C MET K 386 8.73 -68.18 -57.03
N TRP K 387 7.81 -68.65 -56.20
CA TRP K 387 8.17 -69.19 -54.89
C TRP K 387 7.15 -70.25 -54.49
N SER K 388 7.63 -71.42 -54.08
CA SER K 388 6.73 -72.50 -53.72
C SER K 388 6.51 -72.65 -52.21
N THR K 389 7.01 -71.68 -51.44
CA THR K 389 6.89 -71.66 -49.98
C THR K 389 7.71 -72.72 -49.23
N THR K 390 8.47 -73.54 -49.95
CA THR K 390 9.28 -74.57 -49.30
C THR K 390 10.72 -74.12 -49.05
N GLN K 391 11.23 -73.23 -49.88
CA GLN K 391 12.59 -72.71 -49.71
C GLN K 391 12.53 -71.24 -49.32
N GLY K 392 13.70 -70.59 -49.30
CA GLY K 392 13.74 -69.18 -48.95
C GLY K 392 13.90 -68.90 -47.48
N VAL K 393 14.04 -69.95 -46.67
CA VAL K 393 14.22 -69.77 -45.24
C VAL K 393 15.51 -68.97 -45.11
N PRO K 394 15.52 -67.96 -44.23
CA PRO K 394 16.71 -67.12 -44.02
C PRO K 394 17.84 -67.75 -43.21
N LEU K 395 18.25 -68.95 -43.59
CA LEU K 395 19.33 -69.65 -42.89
C LEU K 395 20.65 -69.01 -43.30
N ASP K 396 21.73 -69.32 -42.58
CA ASP K 396 23.03 -68.73 -42.91
C ASP K 396 23.65 -69.30 -44.18
N TYR K 397 23.45 -68.60 -45.29
CA TYR K 397 23.97 -69.03 -46.58
C TYR K 397 25.50 -68.98 -46.61
N GLU K 398 26.08 -68.17 -45.75
CA GLU K 398 27.53 -68.03 -45.70
C GLU K 398 28.27 -69.26 -45.16
N PHE K 399 27.65 -69.95 -44.20
CA PHE K 399 28.25 -71.14 -43.61
C PHE K 399 28.34 -72.23 -44.68
N TYR K 400 29.49 -72.90 -44.77
CA TYR K 400 29.66 -73.94 -45.77
C TYR K 400 29.74 -75.39 -45.28
N PHE K 401 28.83 -76.22 -45.79
CA PHE K 401 28.80 -77.65 -45.50
C PHE K 401 28.26 -78.28 -46.78
N PRO K 402 29.04 -79.20 -47.36
CA PRO K 402 28.75 -79.94 -48.60
C PRO K 402 27.46 -80.74 -48.61
N GLY K 403 26.87 -80.83 -49.80
CA GLY K 403 25.67 -81.62 -49.99
C GLY K 403 26.18 -82.91 -50.57
N TYR K 404 25.37 -83.96 -50.60
CA TYR K 404 25.85 -85.23 -51.15
C TYR K 404 26.22 -85.12 -52.62
N ALA K 405 25.57 -84.20 -53.33
CA ALA K 405 25.83 -84.04 -54.75
C ALA K 405 27.23 -83.49 -55.05
N GLU K 406 27.94 -83.05 -54.03
CA GLU K 406 29.28 -82.50 -54.24
C GLU K 406 30.40 -83.53 -54.30
N GLY K 407 30.04 -84.80 -54.48
CA GLY K 407 31.02 -85.85 -54.65
C GLY K 407 31.62 -86.60 -53.48
N GLY K 408 31.59 -86.02 -52.29
CA GLY K 408 32.16 -86.70 -51.14
C GLY K 408 33.59 -87.15 -51.36
N ILE K 409 33.83 -88.46 -51.24
CA ILE K 409 35.17 -89.02 -51.39
C ILE K 409 35.61 -89.35 -52.82
N SER K 410 34.73 -89.18 -53.79
CA SER K 410 35.09 -89.49 -55.18
C SER K 410 35.88 -88.35 -55.83
N GLY K 411 35.50 -87.11 -55.54
CA GLY K 411 36.19 -85.97 -56.14
C GLY K 411 36.02 -85.93 -57.65
N ASP K 412 35.03 -86.67 -58.15
CA ASP K 412 34.73 -86.73 -59.58
C ASP K 412 34.22 -85.34 -60.00
N CYS K 413 35.08 -84.56 -60.62
CA CYS K 413 34.74 -83.21 -61.05
C CYS K 413 33.76 -83.08 -62.21
N GLU K 414 33.47 -84.18 -62.88
CA GLU K 414 32.55 -84.12 -64.00
C GLU K 414 31.18 -84.72 -63.72
N ASN K 415 31.13 -85.73 -62.85
CA ASN K 415 29.87 -86.39 -62.55
C ASN K 415 29.25 -86.04 -61.20
N SER K 416 29.83 -85.03 -60.55
CA SER K 416 29.35 -84.54 -59.27
C SER K 416 29.68 -83.05 -59.24
N ALA K 417 29.24 -82.34 -58.21
CA ALA K 417 29.49 -80.91 -58.09
C ALA K 417 30.76 -80.63 -57.31
N ALA K 418 31.67 -81.61 -57.29
CA ALA K 418 32.94 -81.47 -56.58
C ALA K 418 33.75 -80.26 -57.05
N GLY K 419 33.84 -80.08 -58.36
CA GLY K 419 34.60 -78.99 -58.92
C GLY K 419 34.28 -77.60 -58.42
N PHE K 420 33.06 -77.39 -57.92
CA PHE K 420 32.69 -76.06 -57.45
C PHE K 420 33.47 -75.62 -56.23
N LYS K 421 33.50 -76.46 -55.19
CA LYS K 421 34.21 -76.07 -53.98
C LYS K 421 34.77 -77.20 -53.13
N PHE K 422 33.97 -78.25 -52.92
CA PHE K 422 34.40 -79.35 -52.07
C PHE K 422 35.70 -80.05 -52.44
N ALA K 423 35.85 -80.42 -53.69
CA ALA K 423 37.06 -81.11 -54.12
C ALA K 423 38.30 -80.35 -53.65
N TRP K 424 38.28 -79.04 -53.85
CA TRP K 424 39.38 -78.16 -53.48
C TRP K 424 39.64 -78.18 -51.98
N ARG K 425 38.63 -78.53 -51.21
CA ARG K 425 38.78 -78.60 -49.76
C ARG K 425 39.13 -80.01 -49.30
N MET K 426 38.54 -81.00 -49.96
CA MET K 426 38.73 -82.41 -49.60
C MET K 426 40.07 -83.02 -49.98
N PHE K 427 40.64 -82.61 -51.11
CA PHE K 427 41.91 -83.18 -51.55
C PHE K 427 43.04 -82.15 -51.56
N ASP K 428 44.24 -82.60 -51.23
CA ASP K 428 45.41 -81.74 -51.15
C ASP K 428 46.49 -82.00 -52.18
N GLY K 429 46.26 -82.95 -53.07
CA GLY K 429 47.26 -83.27 -54.08
C GLY K 429 48.57 -83.69 -53.44
N LYS K 430 48.50 -84.23 -52.23
CA LYS K 430 49.68 -84.67 -51.51
C LYS K 430 49.50 -86.03 -50.83
N THR K 431 48.45 -86.14 -50.03
CA THR K 431 48.18 -87.36 -49.28
C THR K 431 46.90 -88.07 -49.69
N THR K 432 45.88 -87.32 -50.06
CA THR K 432 44.61 -87.91 -50.46
C THR K 432 44.28 -87.51 -51.90
N PHE K 433 43.83 -88.47 -52.71
CA PHE K 433 43.54 -88.20 -54.13
C PHE K 433 42.17 -88.63 -54.65
N PRO K 434 41.62 -87.86 -55.62
CA PRO K 434 40.32 -88.13 -56.24
C PRO K 434 40.34 -89.33 -57.18
N SER K 435 39.17 -89.80 -57.55
CA SER K 435 39.03 -90.93 -58.45
C SER K 435 38.28 -90.46 -59.70
N PRO K 436 39.02 -89.98 -60.71
CA PRO K 436 38.43 -89.48 -61.96
C PRO K 436 38.07 -90.62 -62.91
N SER K 437 37.17 -90.35 -63.85
CA SER K 437 36.79 -91.33 -64.84
C SER K 437 37.03 -90.78 -66.24
N ASN K 438 37.79 -91.52 -67.05
CA ASN K 438 38.08 -91.11 -68.41
C ASN K 438 37.08 -91.74 -69.40
N LEU K 439 36.10 -92.46 -68.87
CA LEU K 439 35.07 -93.09 -69.70
C LEU K 439 33.71 -92.42 -69.53
N ASN K 440 33.39 -92.02 -68.30
CA ASN K 440 32.10 -91.37 -68.04
C ASN K 440 32.28 -89.87 -68.28
N THR K 441 32.47 -89.53 -69.55
CA THR K 441 32.66 -88.16 -70.00
C THR K 441 32.12 -88.10 -71.42
N SER K 442 31.80 -86.90 -71.91
CA SER K 442 31.24 -86.78 -73.25
C SER K 442 32.04 -87.49 -74.32
N ALA K 443 33.35 -87.41 -74.22
CA ALA K 443 34.23 -88.04 -75.19
C ALA K 443 34.39 -89.54 -74.96
N GLY K 444 33.84 -90.04 -73.85
CA GLY K 444 33.92 -91.46 -73.56
C GLY K 444 32.66 -92.16 -74.03
N GLN K 445 32.08 -92.99 -73.17
CA GLN K 445 30.84 -93.68 -73.53
C GLN K 445 29.88 -93.82 -72.36
N HIS K 446 28.63 -93.47 -72.61
CA HIS K 446 27.57 -93.58 -71.62
C HIS K 446 26.31 -93.87 -72.43
N ILE K 447 25.26 -94.33 -71.78
CA ILE K 447 24.00 -94.55 -72.48
C ILE K 447 22.91 -93.90 -71.62
N PRO K 448 21.77 -93.55 -72.24
CA PRO K 448 20.68 -92.91 -71.49
C PRO K 448 19.96 -93.93 -70.60
N ARG K 449 19.76 -93.61 -69.33
CA ARG K 449 19.07 -94.52 -68.43
C ARG K 449 17.70 -94.90 -68.99
N LEU K 450 17.05 -93.95 -69.65
CA LEU K 450 15.73 -94.16 -70.23
C LEU K 450 15.71 -95.13 -71.40
N LYS K 451 16.88 -95.37 -72.00
CA LYS K 451 16.94 -96.24 -73.15
C LYS K 451 17.90 -97.43 -73.02
N ILE K 452 18.19 -97.84 -71.78
CA ILE K 452 19.07 -98.98 -71.54
C ILE K 452 18.54 -100.23 -72.27
N PRO K 453 17.21 -100.50 -72.17
CA PRO K 453 16.62 -101.66 -72.83
C PRO K 453 16.89 -101.74 -74.33
N GLU K 454 16.77 -100.61 -75.01
CA GLU K 454 17.00 -100.55 -76.45
C GLU K 454 18.48 -100.75 -76.78
N CYS K 455 19.36 -100.23 -75.93
CA CYS K 455 20.79 -100.38 -76.16
C CYS K 455 21.15 -101.87 -76.05
N ILE K 456 20.65 -102.51 -75.00
CA ILE K 456 20.93 -103.93 -74.78
C ILE K 456 20.33 -104.82 -75.86
N MET K 457 19.00 -104.77 -76.01
CA MET K 457 18.31 -105.60 -76.99
C MET K 457 18.54 -105.19 -78.44
N GLY K 458 18.61 -103.89 -78.69
CA GLY K 458 18.82 -103.42 -80.04
C GLY K 458 20.28 -103.27 -80.40
N GLY K 459 21.14 -103.13 -79.39
CA GLY K 459 22.57 -103.00 -79.64
C GLY K 459 22.98 -101.69 -80.30
N LYS K 460 22.09 -100.71 -80.30
CA LYS K 460 22.42 -99.43 -80.92
C LYS K 460 21.43 -98.32 -80.58
N PHE K 461 21.94 -97.11 -80.38
CA PHE K 461 21.08 -95.97 -80.09
C PHE K 461 21.79 -94.65 -80.39
N GLN K 462 21.02 -93.58 -80.55
CA GLN K 462 21.56 -92.25 -80.83
C GLN K 462 20.66 -91.26 -80.10
N TRP K 463 21.24 -90.29 -79.42
CA TRP K 463 20.44 -89.34 -78.65
C TRP K 463 21.09 -87.98 -78.44
N SER K 464 20.39 -87.13 -77.69
CA SER K 464 20.84 -85.79 -77.39
C SER K 464 21.17 -85.61 -75.91
N GLY K 465 22.31 -84.99 -75.62
CA GLY K 465 22.72 -84.73 -74.25
C GLY K 465 23.24 -85.90 -73.44
N LYS K 466 24.02 -85.59 -72.41
CA LYS K 466 24.55 -86.62 -71.50
C LYS K 466 24.05 -86.33 -70.09
N GLY K 467 23.21 -87.22 -69.57
CA GLY K 467 22.68 -87.05 -68.22
C GLY K 467 22.16 -85.65 -67.93
N PHE K 468 22.62 -85.07 -66.82
CA PHE K 468 22.23 -83.71 -66.43
C PHE K 468 23.16 -82.73 -67.13
N ALA K 469 22.69 -82.10 -68.19
CA ALA K 469 23.52 -81.16 -68.93
C ALA K 469 23.41 -79.74 -68.38
N GLY K 470 23.89 -79.54 -67.16
CA GLY K 470 23.80 -78.24 -66.52
C GLY K 470 24.95 -77.27 -66.73
N GLY K 471 25.95 -77.65 -67.52
CA GLY K 471 27.08 -76.76 -67.75
C GLY K 471 26.70 -75.48 -68.47
N ASP K 472 25.90 -75.61 -69.52
CA ASP K 472 25.46 -74.45 -70.30
C ASP K 472 24.16 -74.81 -71.00
N ILE K 473 23.40 -73.80 -71.38
CA ILE K 473 22.12 -74.02 -72.03
C ILE K 473 22.18 -75.04 -73.17
N SER K 474 23.15 -74.90 -74.07
CA SER K 474 23.26 -75.77 -75.22
C SER K 474 23.96 -77.12 -75.07
N HIS K 475 24.48 -77.43 -73.88
CA HIS K 475 25.15 -78.71 -73.70
C HIS K 475 24.23 -79.90 -73.99
N GLN K 476 22.94 -79.74 -73.68
CA GLN K 476 21.96 -80.80 -73.89
C GLN K 476 21.69 -81.08 -75.36
N LEU K 477 22.17 -80.19 -76.22
CA LEU K 477 21.95 -80.34 -77.66
C LEU K 477 23.03 -81.19 -78.32
N HIS K 478 24.11 -81.43 -77.60
CA HIS K 478 25.21 -82.23 -78.13
C HIS K 478 24.71 -83.64 -78.47
N GLN K 479 25.17 -84.16 -79.59
CA GLN K 479 24.76 -85.47 -80.06
C GLN K 479 25.68 -86.63 -79.64
N TYR K 480 25.07 -87.75 -79.23
CA TYR K 480 25.82 -88.94 -78.80
C TYR K 480 25.23 -90.19 -79.45
N GLU K 481 26.05 -91.24 -79.52
CA GLU K 481 25.64 -92.51 -80.11
C GLU K 481 26.16 -93.69 -79.29
N TYR K 482 25.53 -94.84 -79.49
CA TYR K 482 25.92 -96.08 -78.82
C TYR K 482 25.91 -97.21 -79.84
N PRO K 483 26.99 -97.99 -79.91
CA PRO K 483 28.19 -97.80 -79.07
C PRO K 483 28.96 -96.55 -79.49
N ALA K 484 29.60 -95.89 -78.53
CA ALA K 484 30.36 -94.69 -78.83
C ALA K 484 31.55 -95.06 -79.73
N PRO K 485 31.99 -94.13 -80.59
CA PRO K 485 33.11 -94.40 -81.48
C PRO K 485 34.29 -95.08 -80.79
N GLY K 486 34.67 -96.25 -81.30
CA GLY K 486 35.79 -96.98 -80.73
C GLY K 486 35.50 -97.86 -79.53
N TYR K 487 34.42 -97.57 -78.80
CA TYR K 487 34.11 -98.37 -77.62
C TYR K 487 33.31 -99.64 -77.91
N SER K 488 33.03 -100.40 -76.85
CA SER K 488 32.33 -101.67 -76.97
C SER K 488 30.91 -101.73 -76.46
N LYS K 489 30.10 -102.60 -77.08
CA LYS K 489 28.73 -102.81 -76.67
C LYS K 489 28.78 -103.46 -75.28
N ILE K 490 27.68 -103.36 -74.55
CA ILE K 490 27.62 -103.91 -73.21
C ILE K 490 27.58 -105.43 -73.18
N LYS K 491 28.34 -106.02 -72.26
CA LYS K 491 28.41 -107.47 -72.08
C LYS K 491 28.05 -107.81 -70.63
N MET K 492 28.27 -106.84 -69.75
CA MET K 492 27.99 -107.01 -68.32
C MET K 492 27.22 -105.83 -67.73
N PHE K 493 26.27 -106.12 -66.85
CA PHE K 493 25.49 -105.06 -66.22
C PHE K 493 25.57 -105.14 -64.70
N TRP K 494 26.24 -104.16 -64.10
CA TRP K 494 26.38 -104.12 -62.65
C TRP K 494 25.35 -103.15 -62.11
N LYS K 495 24.21 -103.68 -61.68
CA LYS K 495 23.15 -102.85 -61.14
C LYS K 495 23.33 -102.57 -59.65
N TYR K 496 22.97 -101.36 -59.27
CA TYR K 496 23.05 -100.89 -57.89
C TYR K 496 21.58 -100.54 -57.60
N GLY K 497 20.91 -101.40 -56.83
CA GLY K 497 19.50 -101.20 -56.55
C GLY K 497 18.76 -101.75 -57.77
N GLY K 498 17.43 -101.85 -57.71
CA GLY K 498 16.69 -102.36 -58.86
C GLY K 498 15.24 -101.89 -58.84
N PRO K 499 15.02 -100.58 -58.99
CA PRO K 499 13.70 -99.93 -58.99
C PRO K 499 13.03 -99.56 -60.31
N HIS K 500 13.79 -99.61 -61.41
CA HIS K 500 13.28 -99.18 -62.71
C HIS K 500 11.95 -99.75 -63.23
N LEU K 501 11.57 -100.93 -62.78
CA LEU K 501 10.31 -101.50 -63.24
C LEU K 501 9.17 -100.61 -62.74
N GLY K 502 9.43 -99.88 -61.67
CA GLY K 502 8.43 -99.00 -61.12
C GLY K 502 8.72 -97.51 -61.22
N THR K 503 9.91 -97.13 -61.70
CA THR K 503 10.24 -95.72 -61.79
C THR K 503 10.54 -95.15 -63.18
N MET K 504 10.69 -96.02 -64.18
CA MET K 504 11.00 -95.53 -65.51
C MET K 504 9.77 -95.45 -66.42
N THR K 505 9.94 -95.72 -67.71
CA THR K 505 8.80 -95.64 -68.63
C THR K 505 8.50 -96.91 -69.40
N ALA K 506 7.22 -97.19 -69.62
CA ALA K 506 6.77 -98.40 -70.35
C ALA K 506 7.70 -99.53 -69.92
N THR K 507 7.89 -99.62 -68.61
CA THR K 507 8.81 -100.55 -67.98
C THR K 507 8.83 -102.04 -68.29
N ASN K 508 7.81 -102.59 -68.95
CA ASN K 508 7.88 -104.02 -69.27
C ASN K 508 9.16 -104.29 -70.05
N ARG K 509 9.63 -103.30 -70.79
CA ARG K 509 10.85 -103.43 -71.59
C ARG K 509 12.09 -103.64 -70.73
N TYR K 510 12.06 -103.14 -69.49
CA TYR K 510 13.21 -103.33 -68.61
C TYR K 510 13.27 -104.78 -68.14
N ALA K 511 12.12 -105.42 -68.04
CA ALA K 511 12.07 -106.81 -67.62
C ALA K 511 12.58 -107.68 -68.77
N LYS K 512 12.17 -107.34 -69.99
CA LYS K 512 12.56 -108.10 -71.19
C LYS K 512 14.05 -108.07 -71.53
N MET K 513 14.71 -106.94 -71.30
CA MET K 513 16.13 -106.81 -71.62
C MET K 513 17.03 -107.81 -70.91
N TYR K 514 16.64 -108.21 -69.71
CA TYR K 514 17.45 -109.14 -68.92
C TYR K 514 17.70 -110.51 -69.55
N THR K 515 16.77 -110.96 -70.38
CA THR K 515 16.92 -112.27 -71.00
C THR K 515 17.64 -112.27 -72.34
N HIS K 516 18.06 -111.08 -72.80
CA HIS K 516 18.78 -110.99 -74.07
C HIS K 516 20.13 -111.67 -73.93
N ASP K 517 20.48 -112.54 -74.88
CA ASP K 517 21.74 -113.26 -74.78
C ASP K 517 23.02 -112.47 -74.99
N SER K 518 22.90 -111.16 -75.17
CA SER K 518 24.10 -110.33 -75.32
C SER K 518 24.57 -110.00 -73.91
N LEU K 519 23.67 -110.18 -72.94
CA LEU K 519 23.98 -109.92 -71.53
C LEU K 519 24.63 -111.16 -70.95
N GLU K 520 25.96 -111.19 -70.96
CA GLU K 520 26.71 -112.33 -70.45
C GLU K 520 26.68 -112.45 -68.92
N PHE K 521 26.49 -111.33 -68.23
CA PHE K 521 26.50 -111.36 -66.79
C PHE K 521 25.76 -110.17 -66.16
N VAL K 522 25.05 -110.45 -65.06
CA VAL K 522 24.31 -109.43 -64.34
C VAL K 522 24.55 -109.55 -62.84
N VAL K 523 24.94 -108.44 -62.23
CA VAL K 523 25.18 -108.39 -60.79
C VAL K 523 24.27 -107.33 -60.21
N SER K 524 23.69 -107.62 -59.05
CA SER K 524 22.84 -106.64 -58.38
C SER K 524 23.33 -106.42 -56.97
N GLN K 525 23.78 -105.19 -56.70
CA GLN K 525 24.27 -104.79 -55.39
C GLN K 525 23.13 -103.95 -54.83
N SER K 526 22.29 -104.57 -54.02
CA SER K 526 21.14 -103.88 -53.46
C SER K 526 20.88 -104.22 -51.99
N ILE K 527 19.87 -103.57 -51.43
CA ILE K 527 19.52 -103.81 -50.03
C ILE K 527 18.34 -104.77 -49.88
N TRP K 528 17.32 -104.60 -50.71
CA TRP K 528 16.12 -105.44 -50.64
C TRP K 528 15.89 -106.30 -51.87
N PHE K 529 15.38 -107.52 -51.64
CA PHE K 529 15.09 -108.48 -52.70
C PHE K 529 13.72 -108.10 -53.26
N GLU K 530 13.72 -107.18 -54.24
CA GLU K 530 12.49 -106.68 -54.85
C GLU K 530 12.79 -106.12 -56.23
N GLY K 531 11.73 -105.71 -56.93
CA GLY K 531 11.87 -105.14 -58.26
C GLY K 531 12.68 -105.92 -59.26
N GLU K 532 13.78 -105.32 -59.72
CA GLU K 532 14.67 -105.92 -60.71
C GLU K 532 15.67 -106.92 -60.14
N VAL K 533 15.87 -106.90 -58.83
CA VAL K 533 16.83 -107.79 -58.20
C VAL K 533 16.71 -109.26 -58.60
N PRO K 534 15.48 -109.79 -58.73
CA PRO K 534 15.30 -111.19 -59.12
C PRO K 534 15.61 -111.56 -60.58
N PHE K 535 16.35 -110.70 -61.28
CA PHE K 535 16.72 -110.99 -62.66
C PHE K 535 18.24 -111.19 -62.75
N ALA K 536 18.94 -110.87 -61.68
CA ALA K 536 20.41 -110.96 -61.65
C ALA K 536 20.97 -112.37 -61.49
N ASP K 537 22.25 -112.51 -61.85
CA ASP K 537 22.96 -113.79 -61.75
C ASP K 537 23.64 -113.89 -60.39
N ILE K 538 24.06 -112.74 -59.87
CA ILE K 538 24.73 -112.64 -58.57
C ILE K 538 24.16 -111.44 -57.81
N ILE K 539 23.78 -111.67 -56.56
CA ILE K 539 23.20 -110.62 -55.72
C ILE K 539 24.06 -110.36 -54.50
N LEU K 540 24.42 -109.10 -54.27
CA LEU K 540 25.26 -108.72 -53.14
C LEU K 540 24.46 -107.83 -52.19
N PRO K 541 24.36 -108.25 -50.92
CA PRO K 541 23.62 -107.51 -49.88
C PRO K 541 24.30 -106.30 -49.24
N ALA K 542 23.74 -105.12 -49.47
CA ALA K 542 24.26 -103.89 -48.87
C ALA K 542 23.36 -103.58 -47.66
N CYS K 543 23.87 -102.81 -46.71
CA CYS K 543 23.11 -102.45 -45.52
C CYS K 543 22.57 -101.02 -45.61
N THR K 544 21.60 -100.69 -44.77
CA THR K 544 21.03 -99.35 -44.75
C THR K 544 22.03 -98.45 -44.02
N ASN K 545 21.80 -97.13 -44.07
CA ASN K 545 22.70 -96.20 -43.41
C ASN K 545 22.66 -96.30 -41.89
N PHE K 546 21.69 -97.03 -41.35
CA PHE K 546 21.58 -97.20 -39.91
C PHE K 546 22.53 -98.30 -39.43
N GLU K 547 23.16 -98.98 -40.39
CA GLU K 547 24.08 -100.06 -40.10
C GLU K 547 25.53 -99.73 -40.47
N ARG K 548 25.81 -98.44 -40.64
CA ARG K 548 27.15 -97.97 -41.00
C ARG K 548 27.38 -96.52 -40.55
N TRP K 549 28.63 -96.07 -40.62
CA TRP K 549 29.01 -94.71 -40.22
C TRP K 549 28.99 -93.70 -41.36
N ASP K 550 28.33 -92.57 -41.14
CA ASP K 550 28.29 -91.52 -42.17
C ASP K 550 28.03 -90.15 -41.55
N ILE K 551 27.93 -89.15 -42.40
CA ILE K 551 27.69 -87.77 -41.94
C ILE K 551 26.86 -87.08 -43.02
N SER K 552 26.03 -86.12 -42.61
CA SER K 552 25.19 -85.41 -43.56
C SER K 552 24.49 -84.22 -42.93
N GLU K 553 23.79 -83.47 -43.77
CA GLU K 553 23.02 -82.32 -43.31
C GLU K 553 21.57 -82.46 -43.77
N PHE K 554 20.65 -82.02 -42.91
CA PHE K 554 19.22 -82.07 -43.18
C PHE K 554 18.87 -81.61 -44.60
N ALA K 555 18.39 -82.55 -45.41
CA ALA K 555 17.98 -82.26 -46.79
C ALA K 555 19.01 -81.60 -47.70
N ASN K 556 20.28 -81.58 -47.30
CA ASN K 556 21.29 -80.92 -48.12
C ASN K 556 21.78 -81.74 -49.31
N CYS K 557 21.28 -81.39 -50.48
CA CYS K 557 21.66 -82.03 -51.74
C CYS K 557 22.77 -81.22 -52.40
N SER K 558 22.55 -79.91 -52.50
CA SER K 558 23.50 -78.99 -53.11
C SER K 558 23.68 -79.40 -54.57
N GLY K 559 24.82 -79.05 -55.14
CA GLY K 559 25.06 -79.39 -56.53
C GLY K 559 24.10 -78.67 -57.46
N TYR K 560 23.19 -79.42 -58.06
CA TYR K 560 22.23 -78.84 -58.98
C TYR K 560 21.06 -78.15 -58.25
N ILE K 561 21.13 -78.15 -56.93
CA ILE K 561 20.14 -77.47 -56.11
C ILE K 561 20.95 -76.77 -55.02
N PRO K 562 21.82 -75.81 -55.41
CA PRO K 562 22.66 -75.07 -54.47
C PRO K 562 21.93 -74.54 -53.24
N ASP K 563 22.50 -74.81 -52.07
CA ASP K 563 21.94 -74.35 -50.80
C ASP K 563 20.48 -74.75 -50.63
N ASN K 564 20.12 -75.97 -51.03
CA ASN K 564 18.73 -76.37 -50.89
C ASN K 564 18.36 -76.69 -49.44
N TYR K 565 19.33 -76.62 -48.55
CA TYR K 565 19.06 -76.88 -47.13
C TYR K 565 18.08 -75.82 -46.62
N GLN K 566 17.91 -74.75 -47.40
CA GLN K 566 16.99 -73.68 -47.01
C GLN K 566 15.53 -74.16 -47.07
N LEU K 567 15.35 -75.46 -47.27
CA LEU K 567 14.03 -76.07 -47.30
C LEU K 567 13.60 -76.28 -45.86
N CYS K 568 14.59 -76.30 -44.97
CA CYS K 568 14.35 -76.54 -43.56
C CYS K 568 14.30 -75.29 -42.69
N ASN K 569 13.75 -75.45 -41.48
CA ASN K 569 13.65 -74.33 -40.54
C ASN K 569 15.00 -74.08 -39.88
N HIS K 570 15.87 -75.09 -39.84
CA HIS K 570 17.20 -74.94 -39.27
C HIS K 570 18.20 -75.80 -40.04
N ARG K 571 19.46 -75.37 -40.05
CA ARG K 571 20.48 -76.17 -40.72
C ARG K 571 20.92 -77.16 -39.64
N VAL K 572 20.64 -78.43 -39.87
CA VAL K 572 21.00 -79.46 -38.90
C VAL K 572 22.02 -80.41 -39.49
N ILE K 573 23.19 -80.44 -38.88
CA ILE K 573 24.26 -81.32 -39.35
C ILE K 573 24.35 -82.43 -38.32
N SER K 574 24.36 -83.66 -38.78
CA SER K 574 24.43 -84.74 -37.82
C SER K 574 25.29 -85.92 -38.21
N LEU K 575 25.81 -86.57 -37.19
CA LEU K 575 26.63 -87.76 -37.35
C LEU K 575 25.63 -88.89 -37.52
N GLN K 576 25.80 -89.69 -38.56
CA GLN K 576 24.90 -90.83 -38.77
C GLN K 576 25.59 -92.02 -38.12
N ALA K 577 25.32 -92.18 -36.83
CA ALA K 577 25.91 -93.26 -36.05
C ALA K 577 25.53 -94.65 -36.54
N LYS K 578 26.47 -95.58 -36.45
CA LYS K 578 26.22 -96.97 -36.82
C LYS K 578 25.43 -97.46 -35.61
N CYS K 579 24.11 -97.45 -35.73
CA CYS K 579 23.22 -97.84 -34.64
C CYS K 579 23.21 -99.34 -34.33
N ILE K 580 23.31 -100.17 -35.36
CA ILE K 580 23.30 -101.61 -35.16
C ILE K 580 24.25 -102.29 -36.15
N GLU K 581 24.55 -103.56 -35.91
CA GLU K 581 25.43 -104.31 -36.81
C GLU K 581 24.63 -104.62 -38.06
N PRO K 582 25.30 -104.73 -39.21
CA PRO K 582 24.58 -105.03 -40.45
C PRO K 582 23.67 -106.24 -40.26
N VAL K 583 22.49 -106.19 -40.87
CA VAL K 583 21.53 -107.29 -40.77
C VAL K 583 21.94 -108.43 -41.68
N GLY K 584 21.86 -109.66 -41.16
CA GLY K 584 22.25 -110.81 -41.97
C GLY K 584 23.71 -110.71 -42.37
N GLU K 585 24.01 -111.07 -43.62
CA GLU K 585 25.37 -111.00 -44.12
C GLU K 585 25.58 -109.78 -44.99
N SER K 586 24.80 -108.74 -44.74
CA SER K 586 24.95 -107.52 -45.52
C SER K 586 26.18 -106.77 -45.03
N MET K 587 26.64 -105.81 -45.83
CA MET K 587 27.77 -104.98 -45.46
C MET K 587 27.66 -103.67 -46.25
N SER K 588 28.30 -102.62 -45.75
CA SER K 588 28.24 -101.32 -46.38
C SER K 588 28.77 -101.38 -47.81
N ASP K 589 28.21 -100.54 -48.68
CA ASP K 589 28.64 -100.48 -50.07
C ASP K 589 30.13 -100.20 -50.12
N TYR K 590 30.61 -99.39 -49.20
CA TYR K 590 32.03 -99.06 -49.15
C TYR K 590 32.87 -100.33 -48.89
N GLU K 591 32.50 -101.10 -47.88
CA GLU K 591 33.22 -102.34 -47.57
C GLU K 591 33.14 -103.35 -48.71
N ILE K 592 32.03 -103.33 -49.45
CA ILE K 592 31.86 -104.24 -50.59
C ILE K 592 32.89 -103.86 -51.66
N TYR K 593 32.96 -102.56 -51.96
CA TYR K 593 33.90 -102.08 -52.95
C TYR K 593 35.34 -102.25 -52.48
N ARG K 594 35.57 -102.13 -51.18
CA ARG K 594 36.92 -102.29 -50.66
C ARG K 594 37.35 -103.73 -50.87
N LEU K 595 36.43 -104.66 -50.66
CA LEU K 595 36.72 -106.09 -50.85
C LEU K 595 37.01 -106.32 -52.34
N PHE K 596 36.23 -105.65 -53.19
CA PHE K 596 36.43 -105.77 -54.63
C PHE K 596 37.75 -105.13 -55.03
N ALA K 597 38.09 -104.02 -54.39
CA ALA K 597 39.33 -103.31 -54.70
C ALA K 597 40.51 -104.21 -54.35
N LYS K 598 40.43 -104.88 -53.21
CA LYS K 598 41.50 -105.78 -52.80
C LYS K 598 41.71 -106.87 -53.85
N LYS K 599 40.63 -107.46 -54.33
CA LYS K 599 40.72 -108.52 -55.32
C LYS K 599 41.07 -108.04 -56.74
N LEU K 600 40.98 -106.73 -56.95
CA LEU K 600 41.32 -106.16 -58.25
C LEU K 600 42.70 -105.50 -58.15
N ASN K 601 43.38 -105.78 -57.05
CA ASN K 601 44.72 -105.26 -56.80
C ASN K 601 44.81 -103.72 -56.80
N ILE K 602 43.77 -103.07 -56.28
CA ILE K 602 43.73 -101.62 -56.20
C ILE K 602 43.19 -101.13 -54.86
N GLU K 603 43.22 -102.01 -53.86
CA GLU K 603 42.71 -101.64 -52.54
C GLU K 603 43.35 -100.37 -51.99
N GLU K 604 44.67 -100.24 -52.16
CA GLU K 604 45.38 -99.09 -51.67
C GLU K 604 44.84 -97.79 -52.26
N MET K 605 44.78 -97.73 -53.59
CA MET K 605 44.30 -96.55 -54.28
C MET K 605 42.86 -96.20 -53.92
N PHE K 606 42.01 -97.23 -53.77
CA PHE K 606 40.61 -97.01 -53.43
C PHE K 606 40.35 -96.56 -52.01
N SER K 607 40.91 -97.27 -51.05
CA SER K 607 40.69 -96.95 -49.64
C SER K 607 41.62 -95.92 -49.01
N GLU K 608 42.87 -95.89 -49.46
CA GLU K 608 43.86 -94.99 -48.89
C GLU K 608 43.97 -95.36 -47.41
N GLY K 609 43.78 -96.65 -47.13
CA GLY K 609 43.86 -97.18 -45.78
C GLY K 609 42.81 -96.66 -44.82
N LYS K 610 41.71 -96.14 -45.36
CA LYS K 610 40.67 -95.58 -44.50
C LYS K 610 39.35 -96.34 -44.53
N ASP K 611 38.71 -96.51 -43.38
CA ASP K 611 37.42 -97.14 -43.36
C ASP K 611 36.45 -95.97 -43.42
N GLU K 612 35.15 -96.26 -43.41
CA GLU K 612 34.14 -95.22 -43.49
C GLU K 612 34.29 -94.06 -42.48
N LEU K 613 34.55 -94.41 -41.23
CA LEU K 613 34.68 -93.40 -40.19
C LEU K 613 35.90 -92.51 -40.42
N ALA K 614 36.96 -93.08 -40.98
CA ALA K 614 38.15 -92.31 -41.26
C ALA K 614 37.82 -91.28 -42.36
N TRP K 615 37.05 -91.71 -43.34
CA TRP K 615 36.65 -90.80 -44.42
C TRP K 615 35.73 -89.72 -43.89
N CYS K 616 34.87 -90.07 -42.92
CA CYS K 616 33.95 -89.12 -42.32
C CYS K 616 34.70 -87.99 -41.63
N GLU K 617 35.77 -88.33 -40.92
CA GLU K 617 36.54 -87.32 -40.21
C GLU K 617 37.24 -86.39 -41.21
N GLN K 618 37.78 -86.96 -42.27
CA GLN K 618 38.45 -86.17 -43.29
C GLN K 618 37.41 -85.25 -43.93
N TYR K 619 36.23 -85.81 -44.19
CA TYR K 619 35.11 -85.07 -44.78
C TYR K 619 34.75 -83.89 -43.87
N PHE K 620 34.60 -84.19 -42.59
CA PHE K 620 34.26 -83.19 -41.58
C PHE K 620 35.21 -82.00 -41.59
N ASN K 621 36.52 -82.28 -41.69
CA ASN K 621 37.50 -81.20 -41.71
C ASN K 621 37.54 -80.39 -42.99
N ALA K 622 36.87 -80.87 -44.04
CA ALA K 622 36.83 -80.16 -45.32
C ALA K 622 35.60 -79.27 -45.40
N THR K 623 34.91 -79.11 -44.28
CA THR K 623 33.71 -78.27 -44.20
C THR K 623 34.02 -77.13 -43.25
N ASP K 624 33.02 -76.31 -42.95
CA ASP K 624 33.21 -75.18 -42.03
C ASP K 624 32.99 -75.60 -40.57
N MET K 625 32.56 -76.83 -40.35
CA MET K 625 32.32 -77.30 -39.00
C MET K 625 33.46 -77.03 -38.00
N PRO K 626 34.72 -77.24 -38.41
CA PRO K 626 35.84 -76.99 -37.52
C PRO K 626 35.81 -75.61 -36.85
N LYS K 627 35.08 -74.67 -37.46
CA LYS K 627 34.97 -73.33 -36.91
C LYS K 627 34.12 -73.31 -35.64
N TYR K 628 33.24 -74.28 -35.48
CA TYR K 628 32.40 -74.34 -34.30
C TYR K 628 32.78 -75.48 -33.34
N MET K 629 33.20 -76.61 -33.90
CA MET K 629 33.62 -77.72 -33.04
C MET K 629 34.53 -78.71 -33.75
N THR K 630 35.32 -79.44 -32.97
CA THR K 630 36.24 -80.43 -33.51
C THR K 630 35.45 -81.69 -33.83
N TRP K 631 36.10 -82.62 -34.55
CA TRP K 631 35.47 -83.87 -34.93
C TRP K 631 35.06 -84.72 -33.72
N ASP K 632 35.91 -84.77 -32.70
CA ASP K 632 35.61 -85.56 -31.51
C ASP K 632 34.42 -84.96 -30.78
N GLU K 633 34.37 -83.63 -30.68
CA GLU K 633 33.26 -82.97 -30.00
C GLU K 633 31.97 -83.24 -30.76
N PHE K 634 32.04 -83.11 -32.09
CA PHE K 634 30.88 -83.35 -32.94
C PHE K 634 30.43 -84.79 -32.83
N PHE K 635 31.39 -85.71 -32.92
CA PHE K 635 31.11 -87.13 -32.83
C PHE K 635 30.35 -87.44 -31.54
N LYS K 636 30.77 -86.80 -30.45
CA LYS K 636 30.14 -87.02 -29.15
C LYS K 636 28.75 -86.40 -29.06
N LYS K 637 28.57 -85.20 -29.60
CA LYS K 637 27.27 -84.55 -29.55
C LYS K 637 26.28 -85.22 -30.50
N GLY K 638 26.77 -85.63 -31.67
CA GLY K 638 25.91 -86.31 -32.62
C GLY K 638 25.17 -85.45 -33.62
N TYR K 639 24.93 -84.18 -33.29
CA TYR K 639 24.22 -83.29 -34.20
C TYR K 639 24.51 -81.85 -33.83
N PHE K 640 24.53 -80.98 -34.84
CA PHE K 640 24.81 -79.56 -34.62
C PHE K 640 23.79 -78.68 -35.34
N VAL K 641 23.26 -77.71 -34.63
CA VAL K 641 22.31 -76.77 -35.22
C VAL K 641 23.12 -75.52 -35.56
N VAL K 642 23.22 -75.23 -36.85
CA VAL K 642 23.98 -74.06 -37.27
C VAL K 642 23.37 -72.77 -36.72
N PRO K 643 24.21 -71.89 -36.16
CA PRO K 643 23.71 -70.62 -35.61
C PRO K 643 23.07 -69.75 -36.68
N ASP K 644 22.29 -68.76 -36.24
CA ASP K 644 21.63 -67.84 -37.14
C ASP K 644 22.67 -66.77 -37.52
N ASN K 645 22.46 -66.11 -38.65
CA ASN K 645 23.35 -65.04 -39.11
C ASN K 645 22.40 -63.86 -39.33
N PRO K 646 21.90 -63.27 -38.24
CA PRO K 646 20.96 -62.14 -38.23
C PRO K 646 21.36 -60.93 -39.07
N ASN K 647 22.64 -60.60 -39.07
CA ASN K 647 23.12 -59.42 -39.79
C ASN K 647 23.46 -59.53 -41.27
N ARG K 648 23.53 -60.73 -41.83
CA ARG K 648 23.87 -60.82 -43.24
C ARG K 648 22.78 -60.15 -44.05
N LYS K 649 23.16 -59.42 -45.10
CA LYS K 649 22.18 -58.73 -45.92
C LYS K 649 21.38 -59.75 -46.72
N LYS K 650 20.06 -59.58 -46.73
CA LYS K 650 19.19 -60.49 -47.45
C LYS K 650 19.20 -60.16 -48.93
N THR K 651 19.25 -61.19 -49.76
CA THR K 651 19.25 -61.02 -51.21
C THR K 651 18.16 -61.91 -51.78
N VAL K 652 17.00 -61.31 -52.03
CA VAL K 652 15.87 -62.06 -52.56
C VAL K 652 16.09 -62.56 -53.98
N ALA K 653 15.76 -63.82 -54.20
CA ALA K 653 15.91 -64.44 -55.50
C ALA K 653 15.42 -63.54 -56.64
N LEU K 654 16.27 -63.41 -57.67
CA LEU K 654 15.97 -62.63 -58.86
C LEU K 654 15.72 -61.13 -58.72
N ARG K 655 15.78 -60.57 -57.51
CA ARG K 655 15.53 -59.14 -57.37
C ARG K 655 16.60 -58.34 -58.09
N TRP K 656 17.82 -58.86 -58.11
CA TRP K 656 18.92 -58.19 -58.77
C TRP K 656 18.54 -58.09 -60.25
N PHE K 657 17.87 -59.13 -60.74
CA PHE K 657 17.44 -59.17 -62.13
C PHE K 657 16.32 -58.15 -62.36
N ALA K 658 15.36 -58.15 -61.44
CA ALA K 658 14.22 -57.23 -61.54
C ALA K 658 14.68 -55.78 -61.49
N GLU K 659 15.84 -55.54 -60.89
CA GLU K 659 16.36 -54.18 -60.78
C GLU K 659 17.50 -53.87 -61.75
N GLY K 660 17.75 -54.76 -62.70
CA GLY K 660 18.80 -54.57 -63.68
C GLY K 660 20.20 -54.29 -63.12
N ARG K 661 20.56 -54.96 -62.03
CA ARG K 661 21.88 -54.77 -61.45
C ARG K 661 22.61 -56.11 -61.34
N GLU K 662 23.84 -56.08 -60.84
CA GLU K 662 24.63 -57.29 -60.73
C GLU K 662 24.04 -58.36 -59.83
N LYS K 663 24.13 -59.60 -60.28
CA LYS K 663 23.66 -60.76 -59.53
C LYS K 663 24.35 -60.67 -58.17
N ASP K 664 23.57 -60.64 -57.10
CA ASP K 664 24.13 -60.50 -55.76
C ASP K 664 23.81 -61.63 -54.78
N THR K 665 23.18 -62.69 -55.27
CA THR K 665 22.84 -63.81 -54.40
C THR K 665 23.96 -64.85 -54.33
N PRO K 666 23.82 -65.86 -53.45
CA PRO K 666 24.83 -66.91 -53.31
C PRO K 666 24.75 -67.95 -54.43
N ASP K 667 23.88 -67.72 -55.42
CA ASP K 667 23.71 -68.68 -56.50
C ASP K 667 25.01 -69.05 -57.21
N TRP K 668 25.10 -70.29 -57.67
CA TRP K 668 26.27 -70.81 -58.36
C TRP K 668 26.28 -70.39 -59.83
N GLY K 669 25.40 -69.47 -60.19
CA GLY K 669 25.35 -69.01 -61.56
C GLY K 669 24.57 -67.72 -61.64
N PRO K 670 24.52 -67.08 -62.82
CA PRO K 670 25.20 -67.57 -64.02
C PRO K 670 26.70 -67.33 -63.96
N ARG K 671 27.47 -68.11 -64.72
CA ARG K 671 28.91 -67.94 -64.75
C ARG K 671 29.22 -66.60 -65.42
N LEU K 672 30.31 -65.97 -64.98
CA LEU K 672 30.72 -64.67 -65.50
C LEU K 672 30.70 -64.55 -67.01
N ASN K 673 31.26 -65.55 -67.69
CA ASN K 673 31.32 -65.53 -69.15
C ASN K 673 29.96 -65.57 -69.82
N ASN K 674 28.92 -65.89 -69.06
CA ASN K 674 27.56 -65.95 -69.58
C ASN K 674 26.77 -64.67 -69.28
N GLN K 675 27.50 -63.62 -68.90
CA GLN K 675 26.89 -62.33 -68.58
C GLN K 675 27.73 -61.17 -69.11
N VAL K 676 27.09 -60.03 -69.30
CA VAL K 676 27.79 -58.83 -69.70
C VAL K 676 27.85 -58.01 -68.41
N CYS K 677 29.06 -57.89 -67.85
CA CYS K 677 29.29 -57.15 -66.61
C CYS K 677 28.45 -57.71 -65.46
N ARG K 678 28.35 -59.04 -65.44
CA ARG K 678 27.59 -59.82 -64.47
C ARG K 678 26.18 -59.35 -64.14
N LYS K 679 25.47 -58.98 -65.20
CA LYS K 679 24.08 -58.54 -65.10
C LYS K 679 23.35 -59.39 -66.11
N GLY K 680 22.07 -59.63 -65.87
CA GLY K 680 21.28 -60.42 -66.79
C GLY K 680 21.37 -61.92 -66.54
N LEU K 681 20.45 -62.65 -67.17
CA LEU K 681 20.40 -64.10 -67.05
C LEU K 681 21.47 -64.71 -67.94
N GLN K 682 21.64 -66.02 -67.82
CA GLN K 682 22.62 -66.78 -68.59
C GLN K 682 22.38 -66.80 -70.10
N THR K 683 21.15 -66.52 -70.52
CA THR K 683 20.80 -66.51 -71.93
C THR K 683 21.67 -65.51 -72.68
N THR K 684 21.71 -65.65 -74.00
CA THR K 684 22.50 -64.77 -74.86
C THR K 684 22.15 -63.30 -74.63
N THR K 685 20.86 -62.98 -74.71
CA THR K 685 20.43 -61.59 -74.52
C THR K 685 20.45 -61.19 -73.05
N GLY K 686 20.48 -62.19 -72.17
CA GLY K 686 20.47 -61.90 -70.75
C GLY K 686 19.06 -61.68 -70.24
N LYS K 687 18.10 -61.81 -71.15
CA LYS K 687 16.68 -61.62 -70.82
C LYS K 687 15.87 -62.92 -70.93
N VAL K 688 14.60 -62.85 -70.52
CA VAL K 688 13.70 -64.00 -70.61
C VAL K 688 13.33 -64.09 -72.08
N GLU K 689 13.91 -65.06 -72.78
CA GLU K 689 13.66 -65.22 -74.21
C GLU K 689 12.45 -66.09 -74.53
N PHE K 690 11.32 -65.43 -74.83
CA PHE K 690 10.08 -66.13 -75.18
C PHE K 690 10.29 -66.87 -76.49
N ILE K 691 11.33 -66.46 -77.21
CA ILE K 691 11.74 -67.10 -78.46
C ILE K 691 13.20 -67.38 -78.15
N ALA K 692 13.50 -68.59 -77.71
CA ALA K 692 14.84 -68.98 -77.33
C ALA K 692 15.87 -68.87 -78.45
N THR K 693 16.92 -68.07 -78.21
CA THR K 693 17.96 -67.90 -79.21
C THR K 693 18.72 -69.22 -79.41
N SER K 694 18.93 -69.96 -78.32
CA SER K 694 19.65 -71.23 -78.41
C SER K 694 18.88 -72.20 -79.30
N LEU K 695 17.59 -72.39 -79.01
CA LEU K 695 16.79 -73.30 -79.81
C LEU K 695 16.67 -72.78 -81.24
N LYS K 696 16.61 -71.46 -81.41
CA LYS K 696 16.51 -70.91 -82.76
C LYS K 696 17.76 -71.29 -83.54
N ASN K 697 18.92 -71.24 -82.87
CA ASN K 697 20.16 -71.64 -83.51
C ASN K 697 20.06 -73.11 -83.87
N PHE K 698 19.59 -73.91 -82.91
CA PHE K 698 19.43 -75.35 -83.09
C PHE K 698 18.61 -75.69 -84.33
N GLU K 699 17.47 -75.03 -84.51
CA GLU K 699 16.66 -75.31 -85.69
C GLU K 699 17.28 -74.77 -86.98
N GLU K 700 17.95 -73.63 -86.91
CA GLU K 700 18.58 -73.07 -88.09
C GLU K 700 19.71 -74.01 -88.53
N GLN K 701 20.17 -74.84 -87.61
CA GLN K 701 21.22 -75.81 -87.92
C GLN K 701 20.62 -77.08 -88.52
N GLY K 702 19.29 -77.07 -88.69
CA GLY K 702 18.63 -78.22 -89.28
C GLY K 702 17.96 -79.20 -88.34
N TYR K 703 18.06 -78.97 -87.04
CA TYR K 703 17.44 -79.87 -86.07
C TYR K 703 15.99 -79.50 -85.80
N ILE K 704 15.13 -79.76 -86.78
CA ILE K 704 13.73 -79.44 -86.66
C ILE K 704 13.00 -80.36 -85.68
N ASP K 705 12.43 -79.76 -84.65
CA ASP K 705 11.74 -80.49 -83.61
C ASP K 705 10.37 -79.86 -83.32
N GLU K 706 9.33 -80.41 -83.93
CA GLU K 706 7.98 -79.92 -83.78
C GLU K 706 7.51 -79.75 -82.32
N HIS K 707 7.85 -80.70 -81.46
CA HIS K 707 7.41 -80.62 -80.07
C HIS K 707 8.30 -79.81 -79.13
N ARG K 708 9.20 -79.02 -79.70
CA ARG K 708 10.07 -78.14 -78.93
C ARG K 708 10.48 -76.96 -79.81
N PRO K 709 9.52 -76.07 -80.10
CA PRO K 709 9.77 -74.89 -80.93
C PRO K 709 10.56 -73.83 -80.17
N SER K 710 11.30 -73.00 -80.91
CA SER K 710 12.07 -71.94 -80.26
C SER K 710 11.12 -70.99 -79.54
N MET K 711 9.94 -70.77 -80.11
CA MET K 711 8.97 -69.90 -79.45
C MET K 711 8.04 -70.72 -78.57
N HIS K 712 7.80 -70.22 -77.36
CA HIS K 712 6.90 -70.87 -76.41
C HIS K 712 5.49 -70.76 -76.99
N THR K 713 4.92 -71.89 -77.38
CA THR K 713 3.59 -71.91 -77.97
C THR K 713 2.75 -73.04 -77.41
N TYR K 714 1.49 -73.09 -77.80
CA TYR K 714 0.64 -74.16 -77.32
C TYR K 714 0.81 -75.38 -78.18
N VAL K 715 1.85 -76.15 -77.88
CA VAL K 715 2.09 -77.39 -78.60
C VAL K 715 1.21 -78.41 -77.89
N PRO K 716 0.23 -78.99 -78.61
CA PRO K 716 -0.67 -79.97 -78.00
C PRO K 716 0.13 -81.16 -77.47
N ALA K 717 -0.08 -81.52 -76.20
CA ALA K 717 0.61 -82.64 -75.59
C ALA K 717 0.37 -83.89 -76.44
N TRP K 718 1.45 -84.53 -76.91
CA TRP K 718 1.29 -85.71 -77.75
C TRP K 718 0.58 -86.89 -77.09
N GLU K 719 0.42 -86.86 -75.76
CA GLU K 719 -0.31 -87.92 -75.09
C GLU K 719 -1.36 -87.27 -74.20
N SER K 720 -2.37 -86.68 -74.84
CA SER K 720 -3.47 -86.01 -74.16
C SER K 720 -4.76 -86.59 -74.70
N GLN K 721 -5.85 -86.38 -73.98
CA GLN K 721 -7.15 -86.91 -74.40
C GLN K 721 -7.74 -86.35 -75.68
N LYS K 722 -7.48 -85.09 -76.00
CA LYS K 722 -8.08 -84.56 -77.22
C LYS K 722 -7.15 -84.45 -78.43
N HIS K 723 -5.86 -84.65 -78.24
CA HIS K 723 -4.91 -84.54 -79.34
C HIS K 723 -4.17 -85.83 -79.69
N SER K 724 -4.28 -86.83 -78.82
CA SER K 724 -3.62 -88.11 -79.06
C SER K 724 -4.52 -89.14 -79.72
N PRO K 725 -4.06 -89.71 -80.86
CA PRO K 725 -4.83 -90.72 -81.60
C PRO K 725 -5.17 -91.92 -80.71
N LEU K 726 -4.41 -92.06 -79.63
CA LEU K 726 -4.55 -93.16 -78.68
C LEU K 726 -5.77 -92.98 -77.77
N ALA K 727 -6.23 -91.74 -77.66
CA ALA K 727 -7.36 -91.41 -76.78
C ALA K 727 -8.71 -92.06 -77.11
N VAL K 728 -8.95 -92.41 -78.37
CA VAL K 728 -10.23 -93.04 -78.71
C VAL K 728 -10.32 -94.47 -78.20
N LYS K 729 -9.16 -95.06 -77.92
CA LYS K 729 -9.07 -96.43 -77.42
C LYS K 729 -8.93 -96.34 -75.90
N TYR K 730 -8.08 -95.44 -75.45
CA TYR K 730 -7.80 -95.22 -74.03
C TYR K 730 -8.21 -93.80 -73.67
N PRO K 731 -9.48 -93.61 -73.27
CA PRO K 731 -10.13 -92.36 -72.88
C PRO K 731 -9.77 -91.69 -71.55
N LEU K 732 -9.23 -92.45 -70.61
CA LEU K 732 -8.88 -91.88 -69.31
C LEU K 732 -7.47 -91.30 -69.26
N GLY K 733 -7.37 -90.08 -68.73
CA GLY K 733 -6.09 -89.42 -68.62
C GLY K 733 -5.50 -89.70 -67.25
N MET K 734 -4.35 -90.37 -67.22
CA MET K 734 -3.71 -90.71 -65.96
C MET K 734 -2.45 -89.90 -65.66
N LEU K 735 -2.32 -89.46 -64.41
CA LEU K 735 -1.13 -88.76 -63.95
C LEU K 735 -0.63 -89.68 -62.82
N SER K 736 0.68 -89.74 -62.62
CA SER K 736 1.23 -90.63 -61.59
C SER K 736 2.46 -90.06 -60.87
N PRO K 737 2.24 -89.03 -60.05
CA PRO K 737 3.26 -88.32 -59.26
C PRO K 737 3.97 -89.19 -58.23
N HIS K 738 4.81 -88.55 -57.43
CA HIS K 738 5.58 -89.25 -56.42
C HIS K 738 4.73 -89.77 -55.25
N PRO K 739 5.04 -90.99 -54.77
CA PRO K 739 4.33 -91.61 -53.66
C PRO K 739 4.29 -90.76 -52.39
N ARG K 740 3.08 -90.66 -51.84
CA ARG K 740 2.83 -89.88 -50.64
C ARG K 740 3.49 -90.50 -49.41
N PHE K 741 3.34 -91.82 -49.24
CA PHE K 741 3.89 -92.49 -48.07
C PHE K 741 5.18 -93.29 -48.32
N SER K 742 6.01 -92.81 -49.22
CA SER K 742 7.27 -93.48 -49.52
C SER K 742 8.18 -92.55 -50.34
N MET K 743 9.49 -92.68 -50.16
CA MET K 743 10.44 -91.89 -50.94
C MET K 743 10.73 -92.79 -52.14
N HIS K 744 9.89 -92.66 -53.16
CA HIS K 744 9.99 -93.50 -54.34
C HIS K 744 9.85 -94.96 -53.92
N THR K 745 10.78 -95.83 -54.30
CA THR K 745 10.63 -97.23 -53.87
C THR K 745 11.03 -97.46 -52.42
N MET K 746 11.77 -96.52 -51.85
CA MET K 746 12.22 -96.67 -50.47
C MET K 746 11.14 -96.34 -49.44
N GLY K 747 10.29 -97.33 -49.19
CA GLY K 747 9.19 -97.17 -48.25
C GLY K 747 8.14 -98.22 -48.52
N ASP K 748 7.74 -98.33 -49.78
CA ASP K 748 6.73 -99.28 -50.23
C ASP K 748 7.28 -100.70 -50.16
N GLY K 749 6.36 -101.68 -50.05
CA GLY K 749 6.74 -103.08 -49.99
C GLY K 749 7.63 -103.43 -48.83
N LYS K 750 8.52 -104.39 -49.03
CA LYS K 750 9.45 -104.84 -48.00
C LYS K 750 8.70 -105.22 -46.74
N ASN K 751 7.39 -105.45 -46.86
CA ASN K 751 6.58 -105.80 -45.71
C ASN K 751 6.74 -104.76 -44.60
N SER K 752 6.99 -103.51 -45.01
CA SER K 752 7.16 -102.42 -44.07
C SER K 752 5.82 -102.00 -43.50
N TYR K 753 5.86 -101.15 -42.47
CA TYR K 753 4.64 -100.67 -41.82
C TYR K 753 3.82 -99.75 -42.72
N MET K 754 4.49 -99.06 -43.65
CA MET K 754 3.78 -98.15 -44.55
C MET K 754 2.70 -98.83 -45.39
N ASN K 755 2.82 -100.14 -45.55
CA ASN K 755 1.85 -100.88 -46.35
C ASN K 755 0.48 -101.01 -45.69
N TYR K 756 0.41 -100.67 -44.40
CA TYR K 756 -0.85 -100.76 -43.67
C TYR K 756 -1.56 -99.41 -43.68
N ILE K 757 -0.95 -98.41 -44.30
CA ILE K 757 -1.53 -97.08 -44.38
C ILE K 757 -2.72 -97.16 -45.33
N LYS K 758 -3.89 -96.73 -44.86
CA LYS K 758 -5.11 -96.77 -45.66
C LYS K 758 -4.99 -96.21 -47.07
N ASP K 759 -4.33 -95.06 -47.21
CA ASP K 759 -4.20 -94.43 -48.52
C ASP K 759 -2.92 -94.76 -49.27
N HIS K 760 -2.25 -95.83 -48.88
CA HIS K 760 -1.05 -96.26 -49.57
C HIS K 760 -1.34 -97.55 -50.35
N ARG K 761 -1.81 -98.57 -49.63
CA ARG K 761 -2.17 -99.86 -50.24
C ARG K 761 -3.47 -100.35 -49.60
N VAL K 762 -4.26 -101.10 -50.37
CA VAL K 762 -5.54 -101.61 -49.90
C VAL K 762 -5.52 -103.13 -49.89
N GLU K 763 -5.73 -103.74 -48.73
CA GLU K 763 -5.72 -105.18 -48.66
C GLU K 763 -7.01 -105.79 -49.16
N VAL K 764 -6.89 -106.59 -50.21
CA VAL K 764 -8.04 -107.25 -50.79
C VAL K 764 -7.72 -108.73 -50.96
N ASP K 765 -8.49 -109.57 -50.29
CA ASP K 765 -8.31 -111.02 -50.36
C ASP K 765 -6.88 -111.47 -50.03
N GLY K 766 -6.34 -110.98 -48.93
CA GLY K 766 -5.01 -111.38 -48.52
C GLY K 766 -3.82 -110.72 -49.21
N TYR K 767 -4.05 -109.78 -50.11
CA TYR K 767 -2.96 -109.10 -50.81
C TYR K 767 -3.15 -107.59 -50.71
N LYS K 768 -2.09 -106.86 -50.39
CA LYS K 768 -2.16 -105.40 -50.28
C LYS K 768 -1.88 -104.81 -51.65
N TYR K 769 -2.94 -104.37 -52.32
CA TYR K 769 -2.85 -103.81 -53.66
C TYR K 769 -2.61 -102.30 -53.73
N TRP K 770 -1.88 -101.90 -54.77
CA TRP K 770 -1.57 -100.49 -55.03
C TRP K 770 -2.91 -99.81 -55.34
N ILE K 771 -2.97 -98.51 -55.08
CA ILE K 771 -4.20 -97.75 -55.28
C ILE K 771 -4.28 -96.90 -56.57
N MET K 772 -5.48 -96.87 -57.15
CA MET K 772 -5.75 -96.02 -58.31
C MET K 772 -7.02 -95.27 -57.96
N ARG K 773 -6.93 -93.94 -57.95
CA ARG K 773 -8.06 -93.07 -57.64
C ARG K 773 -8.87 -92.83 -58.91
N VAL K 774 -10.19 -92.98 -58.79
CA VAL K 774 -11.11 -92.82 -59.91
C VAL K 774 -12.30 -91.95 -59.51
N ASN K 775 -12.67 -90.99 -60.35
CA ASN K 775 -13.81 -90.13 -60.04
C ASN K 775 -15.10 -90.96 -60.08
N SER K 776 -16.01 -90.68 -59.14
CA SER K 776 -17.28 -91.41 -59.04
C SER K 776 -18.02 -91.65 -60.36
N ILE K 777 -18.05 -90.64 -61.21
CA ILE K 777 -18.74 -90.76 -62.48
C ILE K 777 -18.12 -91.84 -63.39
N ASP K 778 -16.79 -91.92 -63.40
CA ASP K 778 -16.11 -92.90 -64.23
C ASP K 778 -16.17 -94.29 -63.61
N ALA K 779 -16.11 -94.34 -62.29
CA ALA K 779 -16.18 -95.61 -61.59
C ALA K 779 -17.55 -96.23 -61.85
N GLU K 780 -18.61 -95.45 -61.61
CA GLU K 780 -19.98 -95.92 -61.82
C GLU K 780 -20.23 -96.40 -63.26
N ALA K 781 -19.74 -95.64 -64.23
CA ALA K 781 -19.94 -95.99 -65.63
C ALA K 781 -19.32 -97.34 -66.00
N ARG K 782 -18.48 -97.86 -65.11
CA ARG K 782 -17.81 -99.13 -65.34
C ARG K 782 -18.20 -100.19 -64.30
N GLY K 783 -19.19 -99.87 -63.47
CA GLY K 783 -19.61 -100.80 -62.43
C GLY K 783 -18.53 -101.00 -61.40
N ILE K 784 -17.69 -99.97 -61.22
CA ILE K 784 -16.60 -100.04 -60.27
C ILE K 784 -16.96 -99.36 -58.95
N LYS K 785 -16.72 -100.07 -57.84
CA LYS K 785 -16.99 -99.54 -56.52
C LYS K 785 -15.69 -99.49 -55.73
N ASN K 786 -15.72 -98.76 -54.62
CA ASN K 786 -14.55 -98.64 -53.76
C ASN K 786 -14.04 -100.03 -53.32
N GLY K 787 -12.73 -100.22 -53.39
CA GLY K 787 -12.15 -101.49 -52.98
C GLY K 787 -12.09 -102.56 -54.05
N ASP K 788 -12.78 -102.36 -55.17
CA ASP K 788 -12.77 -103.36 -56.23
C ASP K 788 -11.41 -103.45 -56.88
N LEU K 789 -11.06 -104.66 -57.32
CA LEU K 789 -9.80 -104.85 -58.02
C LEU K 789 -10.10 -104.52 -59.46
N ILE K 790 -9.31 -103.61 -60.02
CA ILE K 790 -9.50 -103.18 -61.39
C ILE K 790 -8.25 -103.39 -62.22
N ARG K 791 -8.41 -103.32 -63.52
CA ARG K 791 -7.30 -103.49 -64.43
C ARG K 791 -7.08 -102.20 -65.23
N ALA K 792 -5.92 -101.57 -65.05
CA ALA K 792 -5.57 -100.35 -65.79
C ALA K 792 -4.73 -100.85 -66.95
N TYR K 793 -5.03 -100.40 -68.16
CA TYR K 793 -4.27 -100.88 -69.29
C TYR K 793 -4.28 -100.00 -70.54
N ASN K 794 -3.31 -100.27 -71.41
CA ASN K 794 -3.14 -99.62 -72.70
C ASN K 794 -2.23 -100.57 -73.49
N ASP K 795 -1.66 -100.12 -74.60
CA ASP K 795 -0.80 -101.01 -75.38
C ASP K 795 0.44 -101.49 -74.65
N ARG K 796 0.89 -100.73 -73.66
CA ARG K 796 2.10 -101.06 -72.92
C ARG K 796 2.03 -102.17 -71.88
N GLY K 797 0.82 -102.46 -71.39
CA GLY K 797 0.69 -103.51 -70.41
C GLY K 797 -0.60 -103.42 -69.61
N SER K 798 -0.66 -104.18 -68.53
CA SER K 798 -1.81 -104.18 -67.64
C SER K 798 -1.32 -104.18 -66.20
N VAL K 799 -2.02 -103.46 -65.34
CA VAL K 799 -1.66 -103.40 -63.93
C VAL K 799 -2.95 -103.59 -63.13
N ILE K 800 -2.92 -104.56 -62.20
CA ILE K 800 -4.08 -104.82 -61.34
C ILE K 800 -3.95 -103.93 -60.10
N LEU K 801 -5.01 -103.20 -59.79
CA LEU K 801 -5.01 -102.28 -58.66
C LEU K 801 -6.31 -102.27 -57.87
N ALA K 802 -6.27 -101.62 -56.71
CA ALA K 802 -7.45 -101.47 -55.85
C ALA K 802 -8.00 -100.07 -56.13
N ALA K 803 -9.28 -100.00 -56.46
CA ALA K 803 -9.91 -98.73 -56.78
C ALA K 803 -10.33 -97.89 -55.59
N GLN K 804 -10.07 -96.59 -55.66
CA GLN K 804 -10.49 -95.69 -54.62
C GLN K 804 -11.37 -94.66 -55.34
N VAL K 805 -12.68 -94.77 -55.13
CA VAL K 805 -13.63 -93.84 -55.76
C VAL K 805 -13.55 -92.53 -54.99
N THR K 806 -13.30 -91.45 -55.71
CA THR K 806 -13.16 -90.13 -55.08
C THR K 806 -13.71 -89.00 -55.94
N GLU K 807 -13.82 -87.81 -55.33
CA GLU K 807 -14.29 -86.62 -56.04
C GLU K 807 -13.09 -85.72 -56.31
N CYS K 808 -11.93 -86.13 -55.79
CA CYS K 808 -10.69 -85.36 -55.93
C CYS K 808 -10.01 -85.37 -57.30
N LEU K 809 -10.79 -85.65 -58.35
CA LEU K 809 -10.27 -85.70 -59.71
C LEU K 809 -11.37 -85.30 -60.66
N GLN K 810 -11.04 -84.58 -61.73
CA GLN K 810 -12.07 -84.22 -62.70
C GLN K 810 -12.48 -85.49 -63.43
N PRO K 811 -13.79 -85.70 -63.66
CA PRO K 811 -14.23 -86.89 -64.36
C PRO K 811 -13.41 -87.09 -65.63
N GLY K 812 -12.94 -88.31 -65.86
CA GLY K 812 -12.14 -88.59 -67.04
C GLY K 812 -10.65 -88.62 -66.74
N THR K 813 -10.30 -88.34 -65.49
CA THR K 813 -8.91 -88.32 -65.04
C THR K 813 -8.71 -89.31 -63.89
N VAL K 814 -7.67 -90.13 -63.99
CA VAL K 814 -7.37 -91.10 -62.94
C VAL K 814 -5.98 -90.81 -62.37
N HIS K 815 -5.78 -91.18 -61.10
CA HIS K 815 -4.52 -90.93 -60.43
C HIS K 815 -4.00 -92.17 -59.73
N SER K 816 -2.70 -92.41 -59.86
CA SER K 816 -2.03 -93.54 -59.21
C SER K 816 -0.55 -93.20 -59.11
N TYR K 817 -0.05 -93.14 -57.88
CA TYR K 817 1.35 -92.82 -57.68
C TYR K 817 2.32 -93.80 -58.34
N GLU K 818 3.53 -93.33 -58.63
CA GLU K 818 4.56 -94.15 -59.24
C GLU K 818 5.51 -94.64 -58.15
N SER K 819 6.64 -95.21 -58.56
CA SER K 819 7.68 -95.68 -57.65
C SER K 819 7.35 -96.95 -56.85
N CYS K 820 6.30 -97.65 -57.24
CA CYS K 820 5.92 -98.90 -56.58
C CYS K 820 7.19 -99.75 -56.50
N ALA K 821 7.49 -100.29 -55.33
CA ALA K 821 8.68 -101.11 -55.15
C ALA K 821 8.50 -102.59 -55.47
N VAL K 822 7.25 -103.03 -55.58
CA VAL K 822 6.95 -104.43 -55.83
C VAL K 822 6.60 -104.80 -57.28
N TYR K 823 7.40 -105.68 -57.88
CA TYR K 823 7.09 -106.13 -59.23
C TYR K 823 6.66 -107.58 -59.06
N ASP K 824 5.38 -107.83 -59.33
CA ASP K 824 4.79 -109.16 -59.16
C ASP K 824 3.91 -109.54 -60.34
N PRO K 825 4.52 -110.04 -61.43
CA PRO K 825 3.80 -110.45 -62.64
C PRO K 825 2.93 -111.67 -62.37
N LEU K 826 1.73 -111.67 -62.92
CA LEU K 826 0.81 -112.80 -62.74
C LEU K 826 1.25 -113.92 -63.70
N GLY K 827 2.02 -113.54 -64.72
CA GLY K 827 2.51 -114.51 -65.68
C GLY K 827 4.00 -114.29 -65.95
N THR K 828 4.41 -114.52 -67.19
CA THR K 828 5.81 -114.34 -67.58
C THR K 828 6.24 -112.88 -67.38
N ALA K 829 7.40 -112.68 -66.74
CA ALA K 829 7.92 -111.34 -66.49
C ALA K 829 8.04 -110.54 -67.79
N GLY K 830 7.64 -109.28 -67.74
CA GLY K 830 7.70 -108.43 -68.91
C GLY K 830 6.67 -108.75 -69.98
N LYS K 831 5.86 -109.79 -69.75
CA LYS K 831 4.85 -110.20 -70.75
C LYS K 831 3.44 -110.35 -70.20
N SER K 832 3.21 -109.99 -68.95
CA SER K 832 1.89 -110.16 -68.35
C SER K 832 1.52 -109.07 -67.38
N ALA K 833 0.28 -109.12 -66.90
CA ALA K 833 -0.22 -108.16 -65.94
C ALA K 833 0.57 -108.23 -64.65
N ASP K 834 0.81 -107.07 -64.05
CA ASP K 834 1.53 -106.99 -62.79
C ASP K 834 0.52 -106.62 -61.72
N ARG K 835 0.65 -107.19 -60.53
CA ARG K 835 -0.27 -106.84 -59.46
C ARG K 835 0.48 -106.14 -58.34
N GLY K 836 1.78 -105.96 -58.53
CA GLY K 836 2.59 -105.28 -57.53
C GLY K 836 2.16 -103.82 -57.46
N GLY K 837 1.94 -103.23 -58.63
CA GLY K 837 1.50 -101.83 -58.68
C GLY K 837 2.40 -100.92 -59.52
N CYS K 838 3.16 -101.50 -60.44
CA CYS K 838 4.05 -100.70 -61.27
C CYS K 838 3.30 -99.96 -62.36
N ILE K 839 2.73 -98.82 -61.97
CA ILE K 839 1.97 -97.97 -62.88
C ILE K 839 2.82 -97.54 -64.07
N ASN K 840 4.13 -97.43 -63.87
CA ASN K 840 5.01 -97.01 -64.95
C ASN K 840 5.09 -98.00 -66.09
N ILE K 841 4.39 -99.11 -65.94
CA ILE K 841 4.33 -100.12 -66.99
C ILE K 841 3.46 -99.51 -68.10
N LEU K 842 2.60 -98.58 -67.69
CA LEU K 842 1.65 -97.93 -68.60
C LEU K 842 2.03 -96.56 -69.15
N THR K 843 3.07 -95.94 -68.60
CA THR K 843 3.50 -94.63 -69.04
C THR K 843 4.28 -94.63 -70.36
N PRO K 844 4.13 -93.57 -71.17
CA PRO K 844 4.82 -93.47 -72.45
C PRO K 844 6.34 -93.42 -72.29
N ASP K 845 7.04 -94.22 -73.08
CA ASP K 845 8.51 -94.24 -73.05
C ASP K 845 9.06 -93.33 -74.13
N ARG K 846 8.18 -92.76 -74.92
CA ARG K 846 8.56 -91.84 -75.98
C ARG K 846 9.14 -90.58 -75.36
N TYR K 847 10.23 -90.06 -75.93
CA TYR K 847 10.86 -88.84 -75.40
C TYR K 847 9.93 -87.64 -75.53
N ILE K 848 10.04 -86.70 -74.59
CA ILE K 848 9.21 -85.50 -74.59
C ILE K 848 9.14 -84.87 -75.98
N SER K 849 10.26 -84.85 -76.69
CA SER K 849 10.27 -84.32 -78.06
C SER K 849 11.35 -85.11 -78.77
N LYS K 850 11.62 -84.77 -80.04
CA LYS K 850 12.64 -85.51 -80.77
C LYS K 850 14.05 -85.37 -80.16
N TYR K 851 14.38 -84.19 -79.65
CA TYR K 851 15.71 -83.97 -79.06
C TYR K 851 15.68 -83.71 -77.55
N ALA K 852 14.50 -83.47 -77.00
CA ALA K 852 14.35 -83.26 -75.57
C ALA K 852 14.18 -84.66 -75.01
N CYS K 853 15.29 -85.35 -74.84
CA CYS K 853 15.31 -86.73 -74.37
C CYS K 853 14.99 -86.91 -72.90
N GLY K 854 13.79 -86.49 -72.51
CA GLY K 854 13.36 -86.62 -71.13
C GLY K 854 12.15 -87.53 -71.05
N MET K 855 11.77 -87.91 -69.83
CA MET K 855 10.62 -88.79 -69.62
C MET K 855 9.33 -87.96 -69.55
N ALA K 856 8.27 -88.50 -70.15
CA ALA K 856 6.96 -87.81 -70.20
C ALA K 856 5.87 -88.58 -69.46
N ASN K 857 6.26 -89.28 -68.41
CA ASN K 857 5.37 -90.10 -67.60
C ASN K 857 3.99 -89.58 -67.21
N ASN K 858 3.92 -88.34 -66.72
CA ASN K 858 2.64 -87.83 -66.22
C ASN K 858 1.47 -87.55 -67.15
N THR K 859 1.60 -87.93 -68.41
CA THR K 859 0.49 -87.84 -69.35
C THR K 859 0.48 -89.25 -69.94
N ALA K 860 -0.42 -90.08 -69.44
CA ALA K 860 -0.54 -91.45 -69.93
C ALA K 860 -2.02 -91.77 -70.13
N LEU K 861 -2.36 -92.23 -71.32
CA LEU K 861 -3.74 -92.57 -71.64
C LEU K 861 -3.99 -94.04 -71.33
N VAL K 862 -5.08 -94.31 -70.63
CA VAL K 862 -5.45 -95.67 -70.26
C VAL K 862 -6.95 -95.90 -70.25
N GLU K 863 -7.34 -97.13 -69.96
CA GLU K 863 -8.72 -97.54 -69.85
C GLU K 863 -8.68 -98.42 -68.63
N ILE K 864 -9.79 -98.51 -67.89
CA ILE K 864 -9.81 -99.35 -66.71
C ILE K 864 -11.12 -100.13 -66.66
N GLU K 865 -11.08 -101.28 -66.01
CA GLU K 865 -12.25 -102.13 -65.90
C GLU K 865 -12.07 -103.06 -64.71
N LYS K 866 -13.17 -103.62 -64.19
CA LYS K 866 -13.05 -104.55 -63.08
C LYS K 866 -12.19 -105.68 -63.63
N TRP K 867 -11.27 -106.19 -62.81
CA TRP K 867 -10.39 -107.26 -63.23
C TRP K 867 -11.14 -108.59 -63.29
N ASP K 868 -11.12 -109.24 -64.44
CA ASP K 868 -11.82 -110.50 -64.61
C ASP K 868 -11.04 -111.73 -64.15
N GLY K 869 -9.83 -111.51 -63.65
CA GLY K 869 -9.03 -112.64 -63.19
C GLY K 869 -8.05 -113.23 -64.19
N ASP K 870 -7.96 -112.66 -65.39
CA ASP K 870 -7.01 -113.18 -66.38
C ASP K 870 -5.64 -112.58 -66.09
N LYS K 871 -4.59 -113.29 -66.48
CA LYS K 871 -3.22 -112.82 -66.23
C LYS K 871 -2.70 -111.92 -67.34
N TYR K 872 -3.46 -111.85 -68.44
CA TYR K 872 -3.09 -111.03 -69.59
C TYR K 872 -1.65 -111.18 -70.06
N GLU K 873 -1.31 -112.39 -70.50
CA GLU K 873 0.02 -112.62 -71.01
C GLU K 873 -0.06 -112.36 -72.50
N ILE K 874 0.01 -111.09 -72.86
CA ILE K 874 -0.10 -110.68 -74.26
C ILE K 874 0.88 -109.57 -74.60
N TYR K 875 1.78 -109.25 -73.68
CA TYR K 875 2.75 -108.19 -73.93
C TYR K 875 4.16 -108.71 -74.21
N MET L 1 -3.92 -85.36 -8.04
CA MET L 1 -4.29 -86.33 -9.12
C MET L 1 -4.56 -85.58 -10.42
N GLU L 2 -3.52 -85.02 -11.01
CA GLU L 2 -3.64 -84.28 -12.26
C GLU L 2 -3.91 -85.27 -13.39
N GLN L 3 -4.79 -84.89 -14.32
CA GLN L 3 -5.15 -85.78 -15.43
C GLN L 3 -4.57 -85.45 -16.80
N TYR L 4 -4.49 -86.48 -17.64
CA TYR L 4 -3.98 -86.33 -19.00
C TYR L 4 -5.14 -86.04 -19.95
N TYR L 5 -4.89 -85.21 -20.96
CA TYR L 5 -5.89 -84.88 -21.95
C TYR L 5 -5.19 -84.68 -23.28
N MET L 6 -5.89 -84.97 -24.36
CA MET L 6 -5.35 -84.80 -25.70
C MET L 6 -6.34 -84.03 -26.56
N VAL L 7 -5.85 -82.99 -27.23
CA VAL L 7 -6.71 -82.20 -28.10
C VAL L 7 -6.24 -82.36 -29.54
N ILE L 8 -7.15 -82.79 -30.40
CA ILE L 8 -6.87 -83.04 -31.80
C ILE L 8 -7.60 -82.06 -32.72
N ASP L 9 -6.84 -81.24 -33.44
CA ASP L 9 -7.43 -80.24 -34.35
C ASP L 9 -7.63 -80.84 -35.74
N VAL L 10 -8.86 -81.29 -36.02
CA VAL L 10 -9.22 -81.89 -37.30
C VAL L 10 -8.84 -81.02 -38.50
N ALA L 11 -8.99 -79.71 -38.38
CA ALA L 11 -8.68 -78.80 -39.47
C ALA L 11 -7.22 -78.92 -39.90
N LYS L 12 -6.37 -79.43 -39.01
CA LYS L 12 -4.97 -79.55 -39.33
C LYS L 12 -4.47 -80.94 -39.72
N CYS L 13 -5.35 -81.96 -39.79
CA CYS L 13 -4.90 -83.30 -40.19
C CYS L 13 -4.73 -83.37 -41.70
N GLN L 14 -3.58 -83.87 -42.15
CA GLN L 14 -3.35 -84.02 -43.58
C GLN L 14 -3.27 -85.51 -43.94
N ASP L 15 -3.39 -86.38 -42.93
CA ASP L 15 -3.35 -87.82 -43.12
C ASP L 15 -2.00 -88.34 -43.66
N CYS L 16 -0.89 -87.81 -43.17
CA CYS L 16 0.43 -88.25 -43.63
C CYS L 16 0.74 -89.56 -42.92
N ASN L 17 0.01 -89.83 -41.84
CA ASN L 17 0.17 -91.05 -41.06
C ASN L 17 1.40 -91.16 -40.16
N ASN L 18 2.01 -90.03 -39.80
CA ASN L 18 3.17 -90.04 -38.90
C ASN L 18 2.80 -90.70 -37.56
N CYS L 19 1.57 -90.47 -37.07
CA CYS L 19 1.05 -91.05 -35.79
C CYS L 19 1.19 -92.53 -35.80
N PHE L 20 0.34 -93.07 -36.68
CA PHE L 20 0.18 -94.48 -36.94
C PHE L 20 1.53 -95.14 -37.09
N MET L 21 2.38 -94.54 -37.91
CA MET L 21 3.71 -95.10 -38.11
C MET L 21 4.44 -95.09 -36.77
N GLY L 22 4.07 -94.12 -35.93
CA GLY L 22 4.66 -94.00 -34.60
C GLY L 22 4.30 -95.14 -33.64
N CYS L 23 3.02 -95.56 -33.58
CA CYS L 23 2.64 -96.67 -32.69
C CYS L 23 3.40 -97.90 -33.06
N MET L 24 3.26 -98.25 -34.33
CA MET L 24 3.90 -99.43 -34.87
C MET L 24 5.37 -99.41 -34.51
N ASP L 25 6.02 -98.26 -34.72
CA ASP L 25 7.43 -98.13 -34.39
C ASP L 25 7.61 -98.46 -32.91
N GLU L 26 6.66 -98.01 -32.11
CA GLU L 26 6.71 -98.21 -30.66
C GLU L 26 6.22 -99.56 -30.16
N HIS L 27 5.21 -100.14 -30.81
CA HIS L 27 4.61 -101.38 -30.33
C HIS L 27 4.70 -102.66 -31.15
N GLU L 28 4.88 -102.56 -32.46
CA GLU L 28 4.93 -103.75 -33.30
C GLU L 28 6.11 -104.69 -33.01
N LEU L 29 7.30 -104.14 -32.80
CA LEU L 29 8.48 -104.95 -32.51
C LEU L 29 8.88 -104.89 -31.03
N ASN L 30 8.15 -104.12 -30.25
CA ASN L 30 8.46 -104.00 -28.83
C ASN L 30 7.36 -104.54 -27.93
N GLU L 31 7.79 -105.03 -26.76
CA GLU L 31 6.90 -105.55 -25.75
C GLU L 31 7.15 -104.70 -24.51
N TRP L 32 6.09 -104.30 -23.82
CA TRP L 32 6.25 -103.49 -22.63
C TRP L 32 5.57 -104.16 -21.45
N PRO L 33 6.32 -105.02 -20.73
CA PRO L 33 5.82 -105.76 -19.57
C PRO L 33 4.98 -104.90 -18.64
N GLY L 34 3.75 -105.34 -18.39
CA GLY L 34 2.86 -104.59 -17.52
C GLY L 34 1.88 -103.72 -18.29
N TYR L 35 2.25 -103.31 -19.50
CA TYR L 35 1.40 -102.47 -20.32
C TYR L 35 0.78 -103.19 -21.50
N THR L 36 1.61 -103.80 -22.34
CA THR L 36 1.10 -104.50 -23.50
C THR L 36 2.14 -105.35 -24.20
N ALA L 37 1.68 -106.40 -24.87
CA ALA L 37 2.57 -107.26 -25.62
C ALA L 37 2.71 -106.51 -26.95
N SER L 38 3.54 -107.02 -27.86
CA SER L 38 3.71 -106.33 -29.13
C SER L 38 2.39 -106.26 -29.91
N MET L 39 2.27 -105.20 -30.69
CA MET L 39 1.11 -104.94 -31.52
C MET L 39 1.10 -105.90 -32.71
N GLN L 40 -0.09 -106.31 -33.15
CA GLN L 40 -0.22 -107.19 -34.30
C GLN L 40 -0.40 -106.36 -35.55
N ARG L 41 0.39 -106.66 -36.59
CA ARG L 41 0.29 -105.94 -37.85
C ARG L 41 -1.16 -105.93 -38.31
N GLY L 42 -1.63 -104.77 -38.76
CA GLY L 42 -3.00 -104.66 -39.22
C GLY L 42 -3.90 -103.93 -38.24
N HIS L 43 -3.54 -103.95 -36.97
CA HIS L 43 -4.33 -103.29 -35.95
C HIS L 43 -4.23 -101.78 -36.14
N ARG L 44 -5.20 -101.04 -35.62
CA ARG L 44 -5.20 -99.60 -35.72
C ARG L 44 -5.49 -98.91 -34.39
N TRP L 45 -4.62 -99.11 -33.40
CA TRP L 45 -4.79 -98.48 -32.09
C TRP L 45 -5.07 -97.00 -32.36
N MET L 46 -4.38 -96.47 -33.36
CA MET L 46 -4.58 -95.10 -33.81
C MET L 46 -5.28 -95.34 -35.14
N ASN L 47 -6.55 -94.95 -35.23
CA ASN L 47 -7.31 -95.14 -36.46
C ASN L 47 -7.63 -93.79 -37.08
N ILE L 48 -6.96 -93.46 -38.17
CA ILE L 48 -7.21 -92.19 -38.82
C ILE L 48 -8.38 -92.32 -39.80
N GLU L 49 -9.55 -91.89 -39.37
CA GLU L 49 -10.76 -91.94 -40.17
C GLU L 49 -10.69 -90.87 -41.27
N ARG L 50 -11.13 -91.24 -42.47
CA ARG L 50 -11.09 -90.35 -43.63
C ARG L 50 -12.51 -90.12 -44.17
N ARG L 51 -12.87 -88.87 -44.42
CA ARG L 51 -14.19 -88.58 -44.95
C ARG L 51 -14.24 -87.48 -46.01
N GLU L 52 -14.65 -87.86 -47.22
CA GLU L 52 -14.78 -86.88 -48.31
C GLU L 52 -16.18 -86.27 -48.24
N ARG L 53 -16.31 -85.00 -48.61
CA ARG L 53 -17.62 -84.35 -48.59
C ARG L 53 -17.92 -83.66 -49.92
N GLY L 54 -19.19 -83.60 -50.27
CA GLY L 54 -19.58 -82.94 -51.50
C GLY L 54 -19.23 -83.69 -52.77
N THR L 55 -19.26 -82.95 -53.88
CA THR L 55 -18.98 -83.51 -55.19
C THR L 55 -18.12 -82.56 -56.03
N TYR L 56 -17.30 -83.14 -56.92
CA TYR L 56 -16.44 -82.37 -57.80
C TYR L 56 -17.32 -81.33 -58.49
N PRO L 57 -16.80 -80.09 -58.66
CA PRO L 57 -15.49 -79.58 -58.28
C PRO L 57 -15.45 -78.82 -56.96
N ARG L 58 -16.54 -78.85 -56.19
CA ARG L 58 -16.58 -78.12 -54.93
C ARG L 58 -16.62 -79.04 -53.72
N ASN L 59 -15.88 -80.14 -53.83
CA ASN L 59 -15.78 -81.15 -52.78
C ASN L 59 -14.64 -80.81 -51.83
N ASP L 60 -14.49 -81.61 -50.78
CA ASP L 60 -13.40 -81.44 -49.83
C ASP L 60 -13.27 -82.75 -49.06
N ILE L 61 -12.32 -82.79 -48.14
CA ILE L 61 -12.11 -83.99 -47.33
C ILE L 61 -11.42 -83.60 -46.04
N ASN L 62 -11.71 -84.33 -44.97
CA ASN L 62 -11.12 -84.06 -43.67
C ASN L 62 -10.83 -85.39 -42.98
N TYR L 63 -9.92 -85.38 -42.01
CA TYR L 63 -9.54 -86.61 -41.30
C TYR L 63 -9.69 -86.49 -39.81
N ARG L 64 -10.00 -87.61 -39.17
CA ARG L 64 -10.19 -87.61 -37.73
C ARG L 64 -9.33 -88.67 -37.05
N PRO L 65 -8.14 -88.30 -36.57
CA PRO L 65 -7.29 -89.29 -35.90
C PRO L 65 -8.12 -89.80 -34.73
N THR L 66 -8.26 -91.12 -34.62
CA THR L 66 -9.04 -91.70 -33.54
C THR L 66 -8.27 -92.73 -32.72
N PRO L 67 -7.71 -92.29 -31.59
CA PRO L 67 -6.98 -93.23 -30.72
C PRO L 67 -8.01 -93.71 -29.70
N CYS L 68 -7.56 -94.19 -28.56
CA CYS L 68 -8.51 -94.60 -27.53
C CYS L 68 -9.06 -93.32 -26.97
N MET L 69 -10.29 -93.34 -26.48
CA MET L 69 -10.91 -92.16 -25.89
C MET L 69 -10.57 -92.00 -24.41
N HIS L 70 -10.06 -93.09 -23.80
CA HIS L 70 -9.72 -93.11 -22.38
C HIS L 70 -10.77 -92.36 -21.58
N CYS L 71 -12.03 -92.66 -21.87
CA CYS L 71 -13.14 -91.98 -21.22
C CYS L 71 -13.24 -92.22 -19.71
N GLU L 72 -13.62 -91.15 -19.00
CA GLU L 72 -13.77 -91.18 -17.54
C GLU L 72 -14.72 -92.27 -17.10
N ASN L 73 -15.82 -92.42 -17.82
CA ASN L 73 -16.80 -93.45 -17.49
C ASN L 73 -16.66 -94.53 -18.54
N ALA L 74 -15.54 -95.24 -18.51
CA ALA L 74 -15.25 -96.28 -19.47
C ALA L 74 -16.14 -97.51 -19.36
N PRO L 75 -16.88 -97.82 -20.44
CA PRO L 75 -17.78 -98.97 -20.46
C PRO L 75 -17.04 -100.31 -20.32
N CYS L 76 -15.84 -100.41 -20.88
CA CYS L 76 -15.14 -101.69 -20.75
C CYS L 76 -14.55 -101.92 -19.37
N VAL L 77 -14.36 -100.85 -18.61
CA VAL L 77 -13.85 -101.03 -17.27
C VAL L 77 -15.04 -101.56 -16.49
N ALA L 78 -16.21 -101.00 -16.79
CA ALA L 78 -17.46 -101.38 -16.15
C ALA L 78 -17.94 -102.77 -16.52
N LYS L 79 -17.70 -103.18 -17.77
CA LYS L 79 -18.14 -104.49 -18.21
C LYS L 79 -16.94 -105.42 -18.37
N GLY L 80 -15.77 -104.95 -17.96
CA GLY L 80 -14.56 -105.73 -18.09
C GLY L 80 -14.24 -106.78 -17.05
N ASN L 81 -15.03 -106.83 -15.98
CA ASN L 81 -14.80 -107.81 -14.93
C ASN L 81 -13.34 -107.74 -14.43
N GLY L 82 -12.81 -106.53 -14.32
CA GLY L 82 -11.44 -106.36 -13.85
C GLY L 82 -10.35 -106.58 -14.88
N ALA L 83 -10.72 -106.81 -16.14
CA ALA L 83 -9.74 -107.03 -17.19
C ALA L 83 -9.21 -105.69 -17.72
N VAL L 84 -9.95 -104.63 -17.42
CA VAL L 84 -9.58 -103.28 -17.84
C VAL L 84 -9.68 -102.36 -16.64
N TYR L 85 -8.72 -101.45 -16.47
CA TYR L 85 -8.77 -100.54 -15.32
C TYR L 85 -8.49 -99.09 -15.68
N GLN L 86 -8.90 -98.20 -14.79
CA GLN L 86 -8.70 -96.77 -14.98
C GLN L 86 -7.67 -96.25 -13.98
N ARG L 87 -6.70 -95.50 -14.47
CA ARG L 87 -5.68 -94.95 -13.58
C ARG L 87 -6.18 -93.63 -13.04
N GLU L 88 -5.49 -93.10 -12.03
CA GLU L 88 -5.89 -91.83 -11.44
C GLU L 88 -5.64 -90.67 -12.39
N ASP L 89 -4.72 -90.85 -13.33
CA ASP L 89 -4.41 -89.79 -14.29
C ASP L 89 -5.31 -89.86 -15.52
N GLY L 90 -6.35 -90.68 -15.44
CA GLY L 90 -7.29 -90.79 -16.55
C GLY L 90 -7.03 -91.87 -17.58
N ILE L 91 -5.79 -92.35 -17.65
CA ILE L 91 -5.44 -93.38 -18.62
C ILE L 91 -6.14 -94.70 -18.33
N VAL L 92 -6.82 -95.24 -19.33
CA VAL L 92 -7.53 -96.51 -19.21
C VAL L 92 -6.67 -97.58 -19.87
N LEU L 93 -6.40 -98.66 -19.13
CA LEU L 93 -5.56 -99.72 -19.67
C LEU L 93 -6.13 -101.11 -19.51
N ILE L 94 -5.91 -101.94 -20.52
CA ILE L 94 -6.31 -103.33 -20.50
C ILE L 94 -5.23 -104.01 -19.68
N ASP L 95 -5.59 -105.01 -18.88
CA ASP L 95 -4.58 -105.72 -18.12
C ASP L 95 -4.10 -106.85 -19.03
N PRO L 96 -2.90 -106.70 -19.61
CA PRO L 96 -2.29 -107.68 -20.53
C PRO L 96 -2.48 -109.13 -20.13
N GLU L 97 -2.53 -109.40 -18.83
CA GLU L 97 -2.71 -110.77 -18.36
C GLU L 97 -4.16 -111.14 -18.07
N LYS L 98 -4.80 -110.37 -17.18
CA LYS L 98 -6.19 -110.64 -16.81
C LYS L 98 -7.16 -110.63 -18.00
N ALA L 99 -6.73 -110.09 -19.12
CA ALA L 99 -7.60 -110.01 -20.30
C ALA L 99 -7.41 -111.14 -21.30
N LYS L 100 -6.38 -111.95 -21.10
CA LYS L 100 -6.10 -113.06 -22.02
C LYS L 100 -7.29 -113.99 -22.22
N GLY L 101 -7.56 -114.32 -23.49
CA GLY L 101 -8.66 -115.20 -23.82
C GLY L 101 -10.06 -114.59 -23.79
N LYS L 102 -10.15 -113.28 -23.58
CA LYS L 102 -11.45 -112.62 -23.52
C LYS L 102 -11.80 -111.72 -24.69
N LYS L 103 -12.21 -112.33 -25.80
CA LYS L 103 -12.58 -111.60 -27.01
C LYS L 103 -13.82 -110.75 -26.83
N GLU L 104 -14.58 -111.03 -25.76
CA GLU L 104 -15.81 -110.29 -25.47
C GLU L 104 -15.53 -108.82 -25.17
N LEU L 105 -14.33 -108.54 -24.66
CA LEU L 105 -13.95 -107.17 -24.33
C LEU L 105 -14.18 -106.22 -25.51
N LEU L 106 -13.86 -106.68 -26.72
CA LEU L 106 -14.01 -105.86 -27.91
C LEU L 106 -15.40 -105.26 -28.05
N ASP L 107 -16.42 -106.02 -27.65
CA ASP L 107 -17.81 -105.57 -27.75
C ASP L 107 -18.21 -104.55 -26.69
N THR L 108 -17.40 -104.41 -25.65
CA THR L 108 -17.72 -103.46 -24.58
C THR L 108 -17.32 -102.05 -25.00
N CYS L 109 -16.87 -101.91 -26.25
CA CYS L 109 -16.43 -100.62 -26.77
C CYS L 109 -17.35 -99.92 -27.76
N PRO L 110 -17.97 -98.82 -27.34
CA PRO L 110 -18.88 -98.06 -28.21
C PRO L 110 -18.12 -97.45 -29.39
N TYR L 111 -16.82 -97.22 -29.20
CA TYR L 111 -16.00 -96.64 -30.26
C TYR L 111 -15.28 -97.68 -31.12
N GLY L 112 -15.24 -98.92 -30.65
CA GLY L 112 -14.58 -99.98 -31.39
C GLY L 112 -13.09 -99.75 -31.62
N VAL L 113 -12.39 -99.30 -30.57
CA VAL L 113 -10.97 -99.03 -30.71
C VAL L 113 -10.05 -100.15 -30.25
N MET L 114 -10.59 -101.23 -29.72
CA MET L 114 -9.71 -102.32 -29.34
C MET L 114 -9.73 -103.44 -30.36
N TYR L 115 -8.56 -104.04 -30.57
CA TYR L 115 -8.40 -105.10 -31.53
C TYR L 115 -7.95 -106.40 -30.88
N TRP L 116 -8.28 -107.52 -31.52
CA TRP L 116 -7.92 -108.81 -31.00
C TRP L 116 -6.58 -109.27 -31.55
N ASN L 117 -5.63 -109.55 -30.67
CA ASN L 117 -4.32 -110.02 -31.11
C ASN L 117 -4.31 -111.56 -31.13
N GLU L 118 -4.28 -112.09 -32.35
CA GLU L 118 -4.31 -113.53 -32.60
C GLU L 118 -3.13 -114.32 -32.03
N GLU L 119 -1.94 -113.72 -31.95
CA GLU L 119 -0.78 -114.43 -31.43
C GLU L 119 -0.54 -114.22 -29.94
N GLU L 120 -1.34 -113.37 -29.31
CA GLU L 120 -1.21 -113.13 -27.89
C GLU L 120 -2.52 -113.53 -27.22
N ASN L 121 -3.49 -113.89 -28.04
CA ASN L 121 -4.83 -114.27 -27.59
C ASN L 121 -5.32 -113.30 -26.53
N VAL L 122 -5.30 -112.01 -26.88
CA VAL L 122 -5.75 -110.99 -25.96
C VAL L 122 -6.14 -109.74 -26.73
N ALA L 123 -6.99 -108.93 -26.13
CA ALA L 123 -7.43 -107.71 -26.77
C ALA L 123 -6.36 -106.64 -26.51
N GLN L 124 -6.09 -105.82 -27.50
CA GLN L 124 -5.10 -104.75 -27.35
C GLN L 124 -5.67 -103.46 -27.88
N LYS L 125 -5.09 -102.36 -27.41
CA LYS L 125 -5.53 -101.06 -27.85
C LYS L 125 -4.69 -99.94 -27.31
N CYS L 126 -5.08 -98.73 -27.69
CA CYS L 126 -4.42 -97.52 -27.26
C CYS L 126 -4.07 -97.48 -25.79
N THR L 127 -2.79 -97.30 -25.47
CA THR L 127 -2.37 -97.23 -24.07
C THR L 127 -1.90 -95.82 -23.73
N MET L 128 -1.83 -94.96 -24.75
CA MET L 128 -1.34 -93.60 -24.60
C MET L 128 0.12 -93.68 -24.13
N CYS L 129 0.85 -94.64 -24.68
CA CYS L 129 2.25 -94.93 -24.31
C CYS L 129 2.50 -94.55 -22.87
N ALA L 130 1.65 -95.11 -22.01
CA ALA L 130 1.74 -94.89 -20.58
C ALA L 130 3.14 -95.26 -20.14
N HIS L 131 3.72 -96.27 -20.79
CA HIS L 131 5.07 -96.70 -20.46
C HIS L 131 6.06 -95.58 -20.71
N LEU L 132 5.82 -94.78 -21.74
CA LEU L 132 6.68 -93.64 -22.06
C LEU L 132 6.39 -92.54 -21.05
N LEU L 133 5.10 -92.24 -20.88
CA LEU L 133 4.66 -91.21 -19.95
C LEU L 133 5.11 -91.50 -18.52
N ASP L 134 5.16 -92.79 -18.15
CA ASP L 134 5.58 -93.17 -16.81
C ASP L 134 7.10 -93.17 -16.63
N ASP L 135 7.82 -93.00 -17.73
CA ASP L 135 9.28 -92.97 -17.69
C ASP L 135 9.84 -91.56 -17.86
N GLU L 136 10.55 -91.08 -16.84
CA GLU L 136 11.14 -89.74 -16.88
C GLU L 136 12.13 -89.51 -18.01
N SER L 137 12.86 -90.56 -18.38
CA SER L 137 13.86 -90.46 -19.45
C SER L 137 13.26 -89.99 -20.77
N TRP L 138 11.99 -90.29 -21.02
CA TRP L 138 11.33 -89.86 -22.25
C TRP L 138 11.08 -88.36 -22.14
N ALA L 139 12.01 -87.57 -22.65
CA ALA L 139 11.94 -86.11 -22.57
C ALA L 139 10.68 -85.45 -23.15
N PRO L 140 10.22 -85.88 -24.33
CA PRO L 140 9.02 -85.28 -24.94
C PRO L 140 7.79 -85.28 -24.02
N LYS L 141 7.73 -86.24 -23.10
CA LYS L 141 6.62 -86.35 -22.16
C LYS L 141 5.27 -86.25 -22.87
N MET L 142 5.15 -86.97 -23.98
CA MET L 142 3.91 -86.98 -24.75
C MET L 142 3.93 -88.27 -25.58
N PRO L 143 2.76 -88.76 -26.00
CA PRO L 143 2.67 -89.98 -26.80
C PRO L 143 3.38 -89.89 -28.14
N ARG L 144 3.57 -91.02 -28.79
CA ARG L 144 4.24 -91.05 -30.06
C ARG L 144 3.51 -90.30 -31.20
N CYS L 145 2.18 -90.41 -31.30
CA CYS L 145 1.50 -89.69 -32.39
C CYS L 145 1.75 -88.22 -32.24
N ALA L 146 1.44 -87.72 -31.05
CA ALA L 146 1.61 -86.31 -30.75
C ALA L 146 3.03 -85.85 -31.04
N HIS L 147 4.01 -86.72 -30.78
CA HIS L 147 5.40 -86.35 -31.00
C HIS L 147 5.85 -86.44 -32.46
N ASN L 148 5.33 -87.43 -33.18
CA ASN L 148 5.68 -87.62 -34.58
C ASN L 148 4.98 -86.61 -35.50
N CYS L 149 3.94 -85.95 -35.00
CA CYS L 149 3.20 -84.96 -35.81
C CYS L 149 4.07 -83.85 -36.34
N GLY L 150 3.92 -83.57 -37.64
CA GLY L 150 4.66 -82.48 -38.24
C GLY L 150 3.66 -81.41 -38.66
N SER L 151 2.39 -81.62 -38.31
CA SER L 151 1.34 -80.68 -38.69
C SER L 151 0.65 -79.91 -37.57
N PHE L 152 1.16 -80.02 -36.35
CA PHE L 152 0.59 -79.31 -35.20
C PHE L 152 -0.87 -79.66 -34.93
N VAL L 153 -1.24 -80.93 -35.13
CA VAL L 153 -2.60 -81.36 -34.89
C VAL L 153 -2.83 -81.60 -33.40
N TYR L 154 -1.84 -82.19 -32.74
CA TYR L 154 -1.95 -82.53 -31.33
C TYR L 154 -1.52 -81.49 -30.30
N GLU L 155 -2.21 -81.56 -29.17
CA GLU L 155 -1.97 -80.70 -28.03
C GLU L 155 -2.16 -81.67 -26.87
N PHE L 156 -1.04 -82.15 -26.33
CA PHE L 156 -1.09 -83.11 -25.22
C PHE L 156 -0.80 -82.39 -23.91
N LEU L 157 -1.65 -82.61 -22.92
CA LEU L 157 -1.44 -81.95 -21.64
C LEU L 157 -1.91 -82.73 -20.42
N LYS L 158 -1.34 -82.36 -19.28
CA LYS L 158 -1.67 -82.95 -17.99
C LYS L 158 -2.02 -81.76 -17.12
N THR L 159 -3.30 -81.62 -16.81
CA THR L 159 -3.75 -80.49 -16.01
C THR L 159 -4.99 -80.88 -15.20
N THR L 160 -5.62 -79.88 -14.59
CA THR L 160 -6.82 -80.09 -13.79
C THR L 160 -8.05 -80.02 -14.67
N PRO L 161 -9.17 -80.62 -14.21
CA PRO L 161 -10.43 -80.61 -14.97
C PRO L 161 -10.89 -79.18 -15.19
N GLU L 162 -10.58 -78.33 -14.23
CA GLU L 162 -10.94 -76.92 -14.27
C GLU L 162 -10.24 -76.24 -15.44
N ALA L 163 -8.95 -76.51 -15.60
CA ALA L 163 -8.17 -75.91 -16.69
C ALA L 163 -8.64 -76.43 -18.04
N MET L 164 -8.94 -77.72 -18.10
CA MET L 164 -9.41 -78.34 -19.35
C MET L 164 -10.76 -77.78 -19.72
N ALA L 165 -11.61 -77.57 -18.72
CA ALA L 165 -12.94 -77.03 -18.94
C ALA L 165 -12.86 -75.67 -19.61
N LYS L 166 -11.99 -74.82 -19.08
CA LYS L 166 -11.82 -73.48 -19.62
C LYS L 166 -11.37 -73.56 -21.08
N LYS L 167 -10.39 -74.43 -21.33
CA LYS L 167 -9.86 -74.62 -22.68
C LYS L 167 -10.94 -75.11 -23.65
N VAL L 168 -11.73 -76.09 -23.22
CA VAL L 168 -12.79 -76.62 -24.05
C VAL L 168 -13.77 -75.51 -24.39
N GLU L 169 -14.05 -74.67 -23.41
CA GLU L 169 -14.97 -73.56 -23.54
C GLU L 169 -14.46 -72.46 -24.48
N GLU L 170 -13.17 -72.12 -24.35
CA GLU L 170 -12.58 -71.09 -25.19
C GLU L 170 -12.37 -71.54 -26.63
N GLU L 171 -12.14 -72.84 -26.82
CA GLU L 171 -11.89 -73.37 -28.15
C GLU L 171 -13.03 -74.18 -28.74
N GLY L 172 -14.17 -74.24 -28.04
CA GLY L 172 -15.30 -75.01 -28.55
C GLY L 172 -14.91 -76.43 -28.89
N LEU L 173 -14.14 -77.07 -28.02
CA LEU L 173 -13.70 -78.44 -28.23
C LEU L 173 -14.89 -79.37 -28.03
N GLU L 174 -14.86 -80.52 -28.71
CA GLU L 174 -15.95 -81.48 -28.61
C GLU L 174 -15.42 -82.90 -28.55
N VAL L 175 -16.27 -83.82 -28.09
CA VAL L 175 -15.89 -85.23 -28.03
C VAL L 175 -16.74 -85.98 -29.05
N ILE L 176 -16.33 -87.20 -29.37
CA ILE L 176 -17.05 -88.03 -30.31
C ILE L 176 -18.18 -88.74 -29.56
N LYS L 177 -19.37 -88.79 -30.15
CA LYS L 177 -20.51 -89.45 -29.53
C LYS L 177 -20.68 -89.07 -28.06
N PRO L 178 -21.00 -87.79 -27.79
CA PRO L 178 -21.18 -87.31 -26.42
C PRO L 178 -22.37 -87.97 -25.72
N GLU L 179 -23.39 -88.31 -26.51
CA GLU L 179 -24.60 -88.93 -26.01
C GLU L 179 -24.34 -90.23 -25.25
N LEU L 180 -23.28 -90.93 -25.62
CA LEU L 180 -22.95 -92.19 -24.96
C LEU L 180 -22.62 -91.96 -23.49
N GLY L 181 -22.25 -90.73 -23.15
CA GLY L 181 -21.93 -90.40 -21.78
C GLY L 181 -20.73 -91.14 -21.20
N THR L 182 -19.74 -91.46 -22.04
CA THR L 182 -18.55 -92.15 -21.55
C THR L 182 -17.54 -91.12 -21.06
N LYS L 183 -17.76 -89.86 -21.43
CA LYS L 183 -16.89 -88.74 -21.04
C LYS L 183 -15.43 -88.92 -21.46
N PRO L 184 -15.17 -88.89 -22.78
CA PRO L 184 -13.82 -89.05 -23.32
C PRO L 184 -12.90 -87.92 -22.85
N ARG L 185 -11.60 -88.17 -22.86
CA ARG L 185 -10.64 -87.16 -22.44
C ARG L 185 -9.81 -86.75 -23.65
N VAL L 186 -10.23 -87.24 -24.82
CA VAL L 186 -9.57 -86.90 -26.07
C VAL L 186 -10.56 -85.95 -26.74
N TYR L 187 -10.17 -84.69 -26.91
CA TYR L 187 -11.06 -83.70 -27.51
C TYR L 187 -10.70 -83.36 -28.94
N TYR L 188 -11.69 -82.86 -29.68
CA TYR L 188 -11.53 -82.48 -31.06
C TYR L 188 -11.87 -81.02 -31.31
N LYS L 189 -11.04 -80.38 -32.14
CA LYS L 189 -11.20 -78.98 -32.49
C LYS L 189 -11.59 -78.96 -33.96
N ASN L 190 -12.57 -78.12 -34.31
CA ASN L 190 -13.04 -78.03 -35.68
C ASN L 190 -13.60 -79.39 -36.13
N LEU L 191 -14.25 -80.08 -35.20
CA LEU L 191 -14.84 -81.38 -35.48
C LEU L 191 -15.96 -81.28 -36.51
N TYR L 192 -16.56 -80.11 -36.65
CA TYR L 192 -17.64 -79.91 -37.62
C TYR L 192 -17.16 -80.33 -39.00
N ARG L 193 -15.87 -80.10 -39.27
CA ARG L 193 -15.27 -80.46 -40.55
C ARG L 193 -15.53 -81.93 -40.88
N PHE L 194 -15.51 -82.76 -39.85
CA PHE L 194 -15.71 -84.20 -40.00
C PHE L 194 -17.14 -84.67 -39.77
N GLU L 195 -17.79 -84.14 -38.75
CA GLU L 195 -19.16 -84.57 -38.42
C GLU L 195 -20.29 -83.79 -39.10
N LYS L 196 -20.03 -82.54 -39.48
CA LYS L 196 -21.07 -81.75 -40.12
C LYS L 196 -20.98 -81.67 -41.64
N ASN L 197 -21.82 -80.83 -42.23
CA ASN L 197 -21.86 -80.66 -43.68
C ASN L 197 -21.95 -79.21 -44.10
N TYR L 198 -21.88 -78.97 -45.41
CA TYR L 198 -21.93 -77.60 -45.93
C TYR L 198 -22.66 -77.49 -47.25
N VAL L 199 -22.96 -76.25 -47.62
CA VAL L 199 -23.60 -75.93 -48.89
C VAL L 199 -22.68 -74.88 -49.50
N THR L 200 -22.45 -74.97 -50.81
CA THR L 200 -21.57 -74.06 -51.49
C THR L 200 -22.02 -73.88 -52.94
N ALA L 201 -21.54 -72.82 -53.57
CA ALA L 201 -21.87 -72.53 -54.96
C ALA L 201 -21.01 -71.42 -55.53
N GLY L 202 -21.15 -71.16 -56.82
CA GLY L 202 -20.39 -70.11 -57.46
C GLY L 202 -21.36 -69.18 -58.17
N ILE L 203 -21.39 -67.92 -57.73
CA ILE L 203 -22.28 -66.95 -58.33
C ILE L 203 -21.63 -66.27 -59.53
N LEU L 204 -22.38 -66.16 -60.61
CA LEU L 204 -21.90 -65.51 -61.81
C LEU L 204 -22.88 -64.41 -62.20
N VAL L 205 -22.34 -63.30 -62.68
CA VAL L 205 -23.15 -62.18 -63.14
C VAL L 205 -22.66 -61.91 -64.55
N GLN L 206 -23.51 -62.17 -65.53
CA GLN L 206 -23.15 -61.97 -66.92
C GLN L 206 -22.00 -62.87 -67.35
N GLY L 207 -22.01 -64.11 -66.87
CA GLY L 207 -20.98 -65.07 -67.23
C GLY L 207 -19.66 -65.03 -66.49
N ASP L 208 -19.48 -64.10 -65.56
CA ASP L 208 -18.23 -64.03 -64.80
C ASP L 208 -18.43 -64.15 -63.30
N CYS L 209 -17.44 -64.71 -62.62
CA CYS L 209 -17.51 -64.87 -61.17
C CYS L 209 -17.72 -63.48 -60.57
N PHE L 210 -18.76 -63.35 -59.73
CA PHE L 210 -19.07 -62.08 -59.12
C PHE L 210 -18.64 -62.00 -57.65
N GLU L 211 -17.76 -61.06 -57.35
CA GLU L 211 -17.26 -60.86 -56.01
C GLU L 211 -18.15 -59.85 -55.27
N GLY L 212 -18.39 -60.10 -53.98
CA GLY L 212 -19.20 -59.18 -53.21
C GLY L 212 -20.69 -59.46 -53.12
N ALA L 213 -21.15 -60.52 -53.78
CA ALA L 213 -22.57 -60.84 -53.71
C ALA L 213 -22.88 -61.24 -52.26
N LYS L 214 -24.01 -60.77 -51.75
CA LYS L 214 -24.39 -61.09 -50.38
C LYS L 214 -25.26 -62.33 -50.34
N VAL L 215 -24.84 -63.31 -49.55
CA VAL L 215 -25.55 -64.57 -49.44
C VAL L 215 -26.00 -64.83 -48.01
N VAL L 216 -27.25 -65.25 -47.87
CA VAL L 216 -27.82 -65.55 -46.57
C VAL L 216 -28.39 -66.96 -46.51
N LEU L 217 -28.09 -67.67 -45.43
CA LEU L 217 -28.58 -69.02 -45.24
C LEU L 217 -29.57 -68.96 -44.08
N LYS L 218 -30.81 -69.36 -44.36
CA LYS L 218 -31.84 -69.35 -43.35
C LYS L 218 -32.46 -70.72 -43.15
N SER L 219 -32.87 -70.99 -41.91
CA SER L 219 -33.52 -72.26 -41.57
C SER L 219 -34.86 -71.87 -40.98
N GLY L 220 -35.93 -72.48 -41.48
CA GLY L 220 -37.26 -72.16 -40.99
C GLY L 220 -37.70 -70.80 -41.49
N GLY L 221 -36.83 -69.81 -41.33
CA GLY L 221 -37.14 -68.46 -41.77
C GLY L 221 -36.17 -67.45 -41.19
N LYS L 222 -35.36 -67.91 -40.24
CA LYS L 222 -34.38 -67.04 -39.59
C LYS L 222 -32.96 -67.31 -40.09
N GLU L 223 -32.21 -66.24 -40.32
CA GLU L 223 -30.83 -66.33 -40.79
C GLU L 223 -29.97 -67.19 -39.86
N VAL L 224 -29.22 -68.11 -40.46
CA VAL L 224 -28.33 -69.00 -39.72
C VAL L 224 -26.88 -68.63 -40.03
N ALA L 225 -26.65 -68.10 -41.23
CA ALA L 225 -25.32 -67.70 -41.65
C ALA L 225 -25.39 -66.72 -42.83
N SER L 226 -24.29 -66.01 -43.07
CA SER L 226 -24.23 -65.07 -44.18
C SER L 226 -22.79 -64.78 -44.54
N ALA L 227 -22.57 -64.38 -45.78
CA ALA L 227 -21.24 -64.04 -46.25
C ALA L 227 -21.32 -63.38 -47.61
N GLU L 228 -20.19 -62.87 -48.07
CA GLU L 228 -20.11 -62.24 -49.37
C GLU L 228 -19.16 -63.10 -50.21
N THR L 229 -19.57 -63.40 -51.44
CA THR L 229 -18.77 -64.23 -52.32
C THR L 229 -17.36 -63.66 -52.55
N ASN L 230 -16.38 -64.54 -52.70
CA ASN L 230 -15.00 -64.12 -52.94
C ASN L 230 -14.80 -63.83 -54.43
N PHE L 231 -13.56 -63.70 -54.88
CA PHE L 231 -13.36 -63.39 -56.29
C PHE L 231 -13.72 -64.51 -57.25
N PHE L 232 -13.96 -65.71 -56.72
CA PHE L 232 -14.38 -66.82 -57.58
C PHE L 232 -15.90 -66.91 -57.52
N GLY L 233 -16.51 -65.89 -56.91
CA GLY L 233 -17.95 -65.83 -56.77
C GLY L 233 -18.50 -66.92 -55.87
N GLU L 234 -17.64 -67.49 -55.03
CA GLU L 234 -18.08 -68.57 -54.17
C GLU L 234 -18.32 -68.19 -52.72
N PHE L 235 -19.01 -69.09 -52.03
CA PHE L 235 -19.31 -68.95 -50.60
C PHE L 235 -19.41 -70.41 -50.12
N LYS L 236 -19.21 -70.61 -48.83
CA LYS L 236 -19.28 -71.95 -48.25
C LYS L 236 -19.75 -71.85 -46.81
N PHE L 237 -20.93 -72.41 -46.54
CA PHE L 237 -21.50 -72.40 -45.20
C PHE L 237 -21.30 -73.80 -44.62
N ASP L 238 -20.33 -73.93 -43.72
CA ASP L 238 -20.01 -75.22 -43.11
C ASP L 238 -20.63 -75.42 -41.74
N ALA L 239 -20.42 -76.61 -41.17
CA ALA L 239 -20.94 -76.95 -39.85
C ALA L 239 -22.47 -76.93 -39.79
N LEU L 240 -23.09 -77.40 -40.86
CA LEU L 240 -24.55 -77.43 -40.91
C LEU L 240 -25.11 -78.75 -40.40
N ASP L 241 -26.11 -78.68 -39.53
CA ASP L 241 -26.74 -79.88 -39.02
C ASP L 241 -27.72 -80.29 -40.11
N ASN L 242 -28.15 -81.53 -40.10
CA ASN L 242 -29.09 -81.99 -41.11
C ASN L 242 -30.36 -81.16 -40.99
N GLY L 243 -31.02 -80.92 -42.10
CA GLY L 243 -32.24 -80.13 -42.07
C GLY L 243 -32.52 -79.45 -43.41
N GLU L 244 -33.58 -78.67 -43.44
CA GLU L 244 -33.95 -77.97 -44.66
C GLU L 244 -33.64 -76.48 -44.50
N TYR L 245 -32.89 -75.94 -45.44
CA TYR L 245 -32.52 -74.53 -45.39
C TYR L 245 -32.97 -73.80 -46.64
N THR L 246 -32.79 -72.48 -46.62
CA THR L 246 -33.12 -71.63 -47.75
C THR L 246 -31.91 -70.73 -48.01
N VAL L 247 -31.49 -70.67 -49.26
CA VAL L 247 -30.36 -69.84 -49.61
C VAL L 247 -30.87 -68.63 -50.37
N GLU L 248 -30.45 -67.45 -49.95
CA GLU L 248 -30.88 -66.24 -50.63
C GLU L 248 -29.64 -65.51 -51.09
N ILE L 249 -29.63 -65.17 -52.37
CA ILE L 249 -28.49 -64.48 -52.95
C ILE L 249 -28.90 -63.15 -53.56
N ASP L 250 -28.15 -62.11 -53.21
CA ASP L 250 -28.43 -60.80 -53.74
C ASP L 250 -27.16 -60.24 -54.34
N ALA L 251 -27.24 -59.84 -55.61
CA ALA L 251 -26.09 -59.31 -56.29
C ALA L 251 -26.47 -58.46 -57.50
N ASP L 252 -25.73 -57.37 -57.68
CA ASP L 252 -25.92 -56.45 -58.78
C ASP L 252 -27.39 -56.18 -59.10
N GLY L 253 -28.16 -55.85 -58.07
CA GLY L 253 -29.57 -55.54 -58.25
C GLY L 253 -30.47 -56.72 -58.56
N LYS L 254 -29.90 -57.92 -58.54
CA LYS L 254 -30.67 -59.13 -58.82
C LYS L 254 -30.67 -60.05 -57.62
N SER L 255 -31.68 -60.91 -57.52
CA SER L 255 -31.77 -61.83 -56.40
C SER L 255 -32.05 -63.27 -56.83
N TYR L 256 -31.64 -64.20 -55.99
CA TYR L 256 -31.80 -65.62 -56.26
C TYR L 256 -32.06 -66.33 -54.93
N SER L 257 -32.98 -67.29 -54.92
CA SER L 257 -33.27 -68.02 -53.70
C SER L 257 -33.62 -69.46 -54.05
N ASP L 258 -33.29 -70.36 -53.15
CA ASP L 258 -33.60 -71.77 -53.36
C ASP L 258 -33.52 -72.54 -52.05
N THR L 259 -34.19 -73.67 -52.00
CA THR L 259 -34.19 -74.48 -50.81
C THR L 259 -33.13 -75.57 -50.93
N VAL L 260 -32.40 -75.79 -49.87
CA VAL L 260 -31.36 -76.81 -49.87
C VAL L 260 -31.55 -77.73 -48.67
N VAL L 261 -31.48 -79.03 -48.92
CA VAL L 261 -31.64 -80.01 -47.85
C VAL L 261 -30.31 -80.67 -47.53
N ILE L 262 -29.99 -80.71 -46.25
CA ILE L 262 -28.76 -81.32 -45.78
C ILE L 262 -29.15 -82.62 -45.09
N ASP L 263 -28.76 -83.75 -45.67
CA ASP L 263 -29.07 -85.04 -45.10
C ASP L 263 -27.80 -85.89 -45.06
N ASP L 264 -26.92 -85.57 -44.11
CA ASP L 264 -25.65 -86.24 -43.93
C ASP L 264 -24.70 -86.08 -45.12
N LYS L 265 -24.98 -85.09 -45.96
CA LYS L 265 -24.15 -84.81 -47.13
C LYS L 265 -23.99 -83.32 -47.38
N SER L 266 -22.90 -82.96 -48.05
CA SER L 266 -22.66 -81.57 -48.39
C SER L 266 -23.14 -81.37 -49.82
N VAL L 267 -23.64 -80.17 -50.12
CA VAL L 267 -24.18 -79.90 -51.44
C VAL L 267 -23.53 -78.77 -52.22
N ASP L 268 -23.25 -79.03 -53.49
CA ASP L 268 -22.68 -78.03 -54.37
C ASP L 268 -23.82 -77.61 -55.30
N LEU L 269 -24.33 -76.40 -55.09
CA LEU L 269 -25.42 -75.88 -55.91
C LEU L 269 -24.97 -75.59 -57.33
N GLY L 270 -23.66 -75.66 -57.57
CA GLY L 270 -23.13 -75.39 -58.89
C GLY L 270 -23.04 -73.90 -59.17
N PHE L 271 -23.05 -73.55 -60.46
CA PHE L 271 -22.99 -72.16 -60.88
C PHE L 271 -24.38 -71.52 -60.86
N ILE L 272 -24.53 -70.44 -60.10
CA ILE L 272 -25.81 -69.73 -60.05
C ILE L 272 -25.64 -68.52 -60.96
N LYS L 273 -26.16 -68.63 -62.17
CA LYS L 273 -26.05 -67.56 -63.16
C LYS L 273 -27.10 -66.48 -62.99
N LEU L 274 -26.64 -65.27 -62.68
CA LEU L 274 -27.54 -64.14 -62.51
C LEU L 274 -27.24 -63.04 -63.53
N MET M 1 -19.58 64.71 30.24
CA MET M 1 -20.08 65.31 31.50
C MET M 1 -20.08 64.30 32.65
N GLY M 2 -19.68 63.07 32.36
CA GLY M 2 -19.66 62.04 33.39
C GLY M 2 -18.73 60.87 33.11
N GLU M 3 -18.77 59.87 33.99
CA GLU M 3 -17.92 58.68 33.88
C GLU M 3 -18.58 57.54 33.10
N VAL M 4 -17.75 56.65 32.56
CA VAL M 4 -18.26 55.50 31.84
C VAL M 4 -18.73 54.47 32.86
N VAL M 5 -19.87 53.85 32.59
CA VAL M 5 -20.44 52.85 33.49
C VAL M 5 -20.75 51.58 32.72
N ARG M 6 -20.53 50.44 33.36
CA ARG M 6 -20.80 49.16 32.73
C ARG M 6 -22.17 48.66 33.20
N LEU M 7 -23.10 48.52 32.25
CA LEU M 7 -24.44 48.05 32.58
C LEU M 7 -24.67 46.72 31.89
N THR M 8 -25.80 46.10 32.18
CA THR M 8 -26.16 44.82 31.57
C THR M 8 -27.45 44.91 30.77
N ASN M 9 -27.54 44.05 29.76
CA ASN M 9 -28.73 43.93 28.92
C ASN M 9 -28.53 42.66 28.10
N SER M 10 -29.46 42.34 27.22
CA SER M 10 -29.33 41.12 26.43
C SER M 10 -29.99 41.27 25.07
N SER M 11 -30.09 40.17 24.34
CA SER M 11 -30.68 40.21 23.01
C SER M 11 -30.86 38.81 22.44
N THR M 12 -31.45 38.76 21.24
CA THR M 12 -31.68 37.51 20.55
C THR M 12 -30.34 36.93 20.13
N GLY M 13 -29.27 37.69 20.38
CA GLY M 13 -27.94 37.25 20.02
C GLY M 13 -27.05 37.03 21.23
N GLY M 14 -27.67 37.01 22.41
CA GLY M 14 -26.91 36.78 23.63
C GLY M 14 -26.80 37.98 24.55
N PRO M 15 -26.46 37.74 25.83
CA PRO M 15 -26.31 38.77 26.86
C PRO M 15 -25.08 39.64 26.54
N VAL M 16 -25.13 40.90 26.95
CA VAL M 16 -24.00 41.79 26.72
C VAL M 16 -23.74 42.73 27.87
N PHE M 17 -22.52 43.23 27.95
CA PHE M 17 -22.14 44.21 28.93
C PHE M 17 -22.24 45.48 28.08
N VAL M 18 -22.94 46.49 28.57
CA VAL M 18 -23.09 47.73 27.81
C VAL M 18 -22.42 48.88 28.53
N TYR M 19 -21.45 49.51 27.87
CA TYR M 19 -20.72 50.64 28.45
C TYR M 19 -21.39 51.94 28.05
N VAL M 20 -21.83 52.71 29.04
CA VAL M 20 -22.51 53.97 28.79
C VAL M 20 -21.82 55.15 29.45
N LYS M 21 -21.85 56.28 28.76
CA LYS M 21 -21.26 57.52 29.25
C LYS M 21 -22.10 58.69 28.75
N ASP M 22 -22.42 59.62 29.65
CA ASP M 22 -23.22 60.79 29.29
C ASP M 22 -24.45 60.42 28.47
N GLY M 23 -25.20 59.43 28.95
CA GLY M 23 -26.41 59.01 28.28
C GLY M 23 -26.26 58.41 26.90
N LYS M 24 -25.05 57.98 26.56
CA LYS M 24 -24.79 57.39 25.25
C LYS M 24 -24.10 56.04 25.35
N ILE M 25 -24.55 55.08 24.55
CA ILE M 25 -23.94 53.75 24.53
C ILE M 25 -22.61 53.85 23.80
N ILE M 26 -21.53 53.43 24.47
CA ILE M 26 -20.21 53.47 23.85
C ILE M 26 -19.87 52.19 23.10
N ARG M 27 -20.17 51.04 23.72
CA ARG M 27 -19.90 49.74 23.10
C ARG M 27 -20.73 48.65 23.78
N MET M 28 -20.80 47.48 23.15
CA MET M 28 -21.52 46.30 23.67
C MET M 28 -20.55 45.14 23.48
N THR M 29 -20.40 44.29 24.50
CA THR M 29 -19.45 43.19 24.40
C THR M 29 -19.96 41.89 25.03
N PRO M 30 -19.27 40.77 24.75
CA PRO M 30 -19.69 39.48 25.32
C PRO M 30 -19.43 39.62 26.82
N MET M 31 -19.92 38.68 27.62
CA MET M 31 -19.72 38.78 29.06
C MET M 31 -18.63 37.91 29.66
N ASP M 32 -17.75 38.56 30.41
CA ASP M 32 -16.72 37.89 31.14
C ASP M 32 -17.17 37.55 32.54
N PHE M 33 -17.07 36.31 32.96
CA PHE M 33 -17.52 35.98 34.30
C PHE M 33 -16.47 36.45 35.31
N ASP M 34 -16.90 36.69 36.54
CA ASP M 34 -16.00 37.09 37.62
C ASP M 34 -16.05 35.91 38.58
N ASP M 35 -15.02 35.06 38.52
CA ASP M 35 -14.97 33.86 39.36
C ASP M 35 -15.06 34.09 40.86
N ALA M 36 -14.89 35.34 41.28
CA ALA M 36 -14.98 35.67 42.70
C ALA M 36 -16.44 35.70 43.13
N VAL M 37 -17.34 36.01 42.19
CA VAL M 37 -18.76 36.09 42.49
C VAL M 37 -19.69 35.22 41.63
N ASP M 38 -19.18 34.71 40.51
CA ASP M 38 -19.99 33.87 39.64
C ASP M 38 -19.68 32.39 39.83
N ALA M 39 -20.70 31.63 40.21
CA ALA M 39 -20.58 30.19 40.45
C ALA M 39 -19.78 29.43 39.40
N PRO M 40 -19.07 28.37 39.83
CA PRO M 40 -18.24 27.51 38.98
C PRO M 40 -19.06 26.82 37.88
N SER M 41 -18.38 26.44 36.80
CA SER M 41 -19.04 25.79 35.68
C SER M 41 -19.14 24.29 35.88
N TRP M 42 -19.92 23.65 35.03
CA TRP M 42 -20.08 22.20 35.08
C TRP M 42 -18.83 21.58 34.45
N LYS M 43 -18.66 20.28 34.66
CA LYS M 43 -17.53 19.56 34.10
C LYS M 43 -18.07 18.22 33.65
N ILE M 44 -17.55 17.73 32.53
CA ILE M 44 -17.94 16.43 32.00
C ILE M 44 -16.70 15.57 31.85
N GLU M 45 -16.74 14.37 32.43
CA GLU M 45 -15.61 13.45 32.32
C GLU M 45 -15.94 12.41 31.26
N ALA M 46 -15.20 12.44 30.16
CA ALA M 46 -15.43 11.50 29.06
C ALA M 46 -14.12 11.06 28.44
N ARG M 47 -13.95 9.74 28.34
CA ARG M 47 -12.75 9.15 27.76
C ARG M 47 -11.47 9.66 28.40
N GLY M 48 -11.46 9.72 29.73
CA GLY M 48 -10.28 10.19 30.44
C GLY M 48 -10.04 11.69 30.42
N LYS M 49 -10.74 12.40 29.53
CA LYS M 49 -10.59 13.85 29.43
C LYS M 49 -11.66 14.57 30.24
N THR M 50 -11.32 15.76 30.72
CA THR M 50 -12.24 16.57 31.49
C THR M 50 -12.64 17.77 30.62
N PHE M 51 -13.94 17.88 30.34
CA PHE M 51 -14.44 18.98 29.53
C PHE M 51 -15.20 20.00 30.37
N THR M 52 -14.82 21.26 30.24
CA THR M 52 -15.47 22.35 30.96
C THR M 52 -15.46 23.56 30.02
N PRO M 53 -16.57 24.31 29.98
CA PRO M 53 -16.72 25.49 29.13
C PRO M 53 -15.96 26.74 29.54
N PRO M 54 -15.86 27.72 28.62
CA PRO M 54 -15.16 28.98 28.88
C PRO M 54 -15.96 29.77 29.92
N ARG M 55 -15.27 30.53 30.76
CA ARG M 55 -15.91 31.34 31.79
C ARG M 55 -16.36 32.64 31.13
N LYS M 56 -17.10 32.51 30.05
CA LYS M 56 -17.54 33.68 29.30
C LYS M 56 -18.76 33.34 28.43
N THR M 57 -19.47 34.38 27.99
CA THR M 57 -20.62 34.15 27.11
C THR M 57 -20.17 34.55 25.71
N SER M 58 -21.05 34.37 24.73
CA SER M 58 -20.73 34.71 23.36
C SER M 58 -21.93 35.40 22.70
N ILE M 59 -21.68 36.11 21.61
CA ILE M 59 -22.77 36.81 20.93
C ILE M 59 -22.75 36.55 19.42
N ALA M 60 -23.89 36.76 18.79
CA ALA M 60 -23.99 36.58 17.35
C ALA M 60 -23.56 37.91 16.71
N PRO M 61 -23.26 37.89 15.40
CA PRO M 61 -22.83 39.09 14.66
C PRO M 61 -23.81 40.26 14.75
N TYR M 62 -25.09 39.97 14.58
CA TYR M 62 -26.12 41.00 14.63
C TYR M 62 -26.26 41.67 15.99
N THR M 63 -25.75 41.04 17.04
CA THR M 63 -25.79 41.65 18.36
C THR M 63 -24.52 42.48 18.51
N ALA M 64 -23.43 42.00 17.93
CA ALA M 64 -22.15 42.71 18.01
C ALA M 64 -22.25 44.12 17.43
N GLY M 65 -23.10 44.28 16.42
CA GLY M 65 -23.27 45.58 15.81
C GLY M 65 -24.64 46.16 16.05
N PHE M 66 -25.31 45.66 17.08
CA PHE M 66 -26.67 46.10 17.41
C PHE M 66 -26.77 47.61 17.69
N LYS M 67 -25.70 48.21 18.20
CA LYS M 67 -25.71 49.64 18.49
C LYS M 67 -26.10 50.45 17.27
N SER M 68 -25.76 49.95 16.09
CA SER M 68 -26.07 50.67 14.85
C SER M 68 -27.57 50.60 14.54
N MET M 69 -28.28 49.68 15.20
CA MET M 69 -29.73 49.55 15.00
C MET M 69 -30.46 50.50 15.95
N ILE M 70 -29.89 50.66 17.15
CA ILE M 70 -30.47 51.56 18.14
C ILE M 70 -30.42 53.00 17.61
N TYR M 71 -29.24 53.43 17.16
CA TYR M 71 -29.07 54.79 16.65
C TYR M 71 -29.25 54.83 15.14
N SER M 72 -30.04 53.90 14.61
CA SER M 72 -30.31 53.84 13.18
C SER M 72 -31.04 55.10 12.72
N ASP M 73 -30.79 55.53 11.49
CA ASP M 73 -31.45 56.71 10.97
C ASP M 73 -32.77 56.30 10.29
N LEU M 74 -33.09 55.01 10.34
CA LEU M 74 -34.33 54.49 9.77
C LEU M 74 -35.24 54.19 10.95
N ARG M 75 -34.77 54.64 12.11
CA ARG M 75 -35.50 54.50 13.36
C ARG M 75 -36.74 55.42 13.22
N ILE M 76 -37.92 54.95 13.63
CA ILE M 76 -39.11 55.79 13.55
C ILE M 76 -38.90 56.90 14.58
N PRO M 77 -38.76 58.15 14.10
CA PRO M 77 -38.53 59.37 14.89
C PRO M 77 -39.63 59.81 15.84
N TYR M 78 -40.88 59.70 15.38
CA TYR M 78 -42.02 60.15 16.16
C TYR M 78 -43.31 59.63 15.54
N PRO M 79 -44.45 59.90 16.17
CA PRO M 79 -45.69 59.40 15.57
C PRO M 79 -45.83 60.00 14.16
N MET M 80 -46.36 59.21 13.24
CA MET M 80 -46.51 59.65 11.86
C MET M 80 -47.89 59.31 11.34
N LYS M 81 -48.38 60.14 10.42
CA LYS M 81 -49.68 59.94 9.81
C LYS M 81 -49.56 60.06 8.29
N ARG M 82 -50.30 59.21 7.58
CA ARG M 82 -50.29 59.24 6.12
C ARG M 82 -51.10 60.47 5.69
N LYS M 83 -50.46 61.37 4.95
CA LYS M 83 -51.10 62.61 4.49
C LYS M 83 -52.45 62.37 3.81
N SER M 84 -52.48 61.42 2.88
CA SER M 84 -53.68 61.10 2.13
C SER M 84 -54.78 60.41 2.93
N PHE M 85 -54.58 60.24 4.23
CA PHE M 85 -55.57 59.57 5.08
C PHE M 85 -56.33 60.54 5.97
N ASP M 86 -57.65 60.60 5.79
CA ASP M 86 -58.49 61.48 6.61
C ASP M 86 -59.62 60.68 7.23
N PRO M 87 -59.55 60.45 8.56
CA PRO M 87 -60.54 59.69 9.32
C PRO M 87 -61.97 60.19 9.13
N ASN M 88 -62.12 61.50 8.99
CA ASN M 88 -63.45 62.10 8.82
C ASN M 88 -63.75 62.53 7.40
N GLY M 89 -62.93 62.06 6.46
CA GLY M 89 -63.13 62.41 5.06
C GLY M 89 -62.68 61.26 4.19
N GLU M 90 -61.94 61.58 3.11
CA GLU M 90 -61.45 60.54 2.21
C GLU M 90 -60.31 59.79 2.89
N ARG M 91 -60.48 58.50 3.09
CA ARG M 91 -59.46 57.70 3.74
C ARG M 91 -58.43 57.20 2.73
N ASN M 92 -58.80 57.25 1.45
CA ASN M 92 -57.93 56.82 0.36
C ASN M 92 -57.16 55.53 0.60
N PRO M 93 -57.87 54.40 0.71
CA PRO M 93 -57.26 53.09 0.93
C PRO M 93 -56.26 52.78 -0.18
N GLN M 94 -56.65 53.08 -1.41
CA GLN M 94 -55.83 52.82 -2.58
C GLN M 94 -54.48 53.54 -2.59
N LEU M 95 -54.28 54.48 -1.67
CA LEU M 95 -53.03 55.22 -1.62
C LEU M 95 -52.05 54.77 -0.53
N ARG M 96 -52.31 53.62 0.09
CA ARG M 96 -51.38 53.11 1.09
C ARG M 96 -50.18 52.57 0.31
N GLY M 97 -48.99 53.00 0.70
CA GLY M 97 -47.79 52.54 0.01
C GLY M 97 -47.51 53.29 -1.28
N ALA M 98 -48.23 54.40 -1.50
CA ALA M 98 -48.02 55.20 -2.71
C ALA M 98 -46.58 55.69 -2.77
N GLY M 99 -46.09 56.22 -1.65
CA GLY M 99 -44.73 56.71 -1.62
C GLY M 99 -43.78 55.62 -2.07
N LEU M 100 -43.97 54.44 -1.50
CA LEU M 100 -43.16 53.27 -1.81
C LEU M 100 -43.22 53.01 -3.31
N SER M 101 -44.42 53.18 -3.87
CA SER M 101 -44.63 52.97 -5.30
C SER M 101 -43.89 54.01 -6.13
N LYS M 102 -43.49 55.12 -5.52
CA LYS M 102 -42.75 56.13 -6.26
C LYS M 102 -41.35 56.25 -5.66
N GLN M 103 -40.92 55.19 -4.99
CA GLN M 103 -39.60 55.13 -4.37
C GLN M 103 -39.32 56.26 -3.39
N ASP M 104 -40.36 56.74 -2.72
CA ASP M 104 -40.22 57.81 -1.74
C ASP M 104 -41.19 57.58 -0.60
N PRO M 105 -40.94 56.54 0.23
CA PRO M 105 -41.75 56.13 1.38
C PRO M 105 -42.04 57.24 2.37
N TRP M 106 -41.00 57.92 2.84
CA TRP M 106 -41.18 58.99 3.81
C TRP M 106 -42.09 60.12 3.35
N SER M 107 -42.14 60.37 2.04
CA SER M 107 -42.97 61.47 1.53
C SER M 107 -44.46 61.27 1.82
N ASP M 108 -44.86 60.03 2.08
CA ASP M 108 -46.26 59.72 2.37
C ASP M 108 -46.70 60.15 3.77
N TYR M 109 -45.74 60.37 4.66
CA TYR M 109 -46.09 60.71 6.03
C TYR M 109 -45.76 62.09 6.57
N GLU M 110 -46.55 62.49 7.56
CA GLU M 110 -46.40 63.78 8.23
C GLU M 110 -46.33 63.52 9.72
N ARG M 111 -45.58 64.36 10.42
CA ARG M 111 -45.43 64.24 11.86
C ARG M 111 -46.67 64.67 12.63
N ILE M 112 -46.97 63.94 13.69
CA ILE M 112 -48.10 64.26 14.57
C ILE M 112 -47.72 63.88 16.00
N SER M 113 -48.41 64.46 16.97
CA SER M 113 -48.12 64.20 18.38
C SER M 113 -48.66 62.85 18.86
N TRP M 114 -48.09 62.36 19.97
CA TRP M 114 -48.55 61.10 20.53
C TRP M 114 -50.01 61.24 20.89
N ASP M 115 -50.35 62.38 21.48
CA ASP M 115 -51.71 62.66 21.89
C ASP M 115 -52.68 62.51 20.71
N GLU M 116 -52.38 63.21 19.62
CA GLU M 116 -53.24 63.14 18.45
C GLU M 116 -53.28 61.77 17.79
N ALA M 117 -52.12 61.13 17.67
CA ALA M 117 -52.05 59.81 17.06
C ALA M 117 -52.90 58.81 17.84
N THR M 118 -52.72 58.79 19.16
CA THR M 118 -53.48 57.88 20.01
C THR M 118 -54.97 58.18 20.02
N ASP M 119 -55.34 59.45 19.86
CA ASP M 119 -56.76 59.81 19.83
C ASP M 119 -57.37 59.25 18.56
N ILE M 120 -56.63 59.37 17.46
CA ILE M 120 -57.10 58.88 16.17
C ILE M 120 -57.34 57.38 16.20
N VAL M 121 -56.42 56.65 16.83
CA VAL M 121 -56.55 55.20 16.93
C VAL M 121 -57.71 54.83 17.84
N VAL M 122 -57.80 55.47 19.00
CA VAL M 122 -58.88 55.20 19.93
C VAL M 122 -60.23 55.40 19.26
N ALA M 123 -60.34 56.43 18.42
CA ALA M 123 -61.59 56.72 17.73
C ALA M 123 -61.94 55.57 16.78
N GLU M 124 -60.95 55.07 16.06
CA GLU M 124 -61.18 53.96 15.15
C GLU M 124 -61.57 52.69 15.89
N ILE M 125 -60.89 52.44 17.00
CA ILE M 125 -61.16 51.27 17.83
C ILE M 125 -62.59 51.25 18.33
N ASN M 126 -62.99 52.35 18.98
CA ASN M 126 -64.34 52.44 19.55
C ASN M 126 -65.44 52.43 18.51
N ARG M 127 -65.23 53.12 17.39
CA ARG M 127 -66.23 53.14 16.33
C ARG M 127 -66.43 51.72 15.82
N ILE M 128 -65.33 51.06 15.51
CA ILE M 128 -65.38 49.70 14.99
C ILE M 128 -65.98 48.69 15.98
N LYS M 129 -65.62 48.78 17.25
CA LYS M 129 -66.16 47.85 18.23
C LYS M 129 -67.68 47.99 18.38
N HIS M 130 -68.17 49.21 18.38
CA HIS M 130 -69.61 49.43 18.52
C HIS M 130 -70.40 49.13 17.25
N ALA M 131 -69.73 49.10 16.11
CA ALA M 131 -70.42 48.83 14.85
C ALA M 131 -70.29 47.39 14.38
N TYR M 132 -69.13 46.78 14.63
CA TYR M 132 -68.88 45.41 14.18
C TYR M 132 -68.45 44.47 15.28
N GLY M 133 -67.86 45.02 16.34
CA GLY M 133 -67.40 44.19 17.44
C GLY M 133 -65.88 44.10 17.47
N PRO M 134 -65.30 43.66 18.60
CA PRO M 134 -63.85 43.51 18.78
C PRO M 134 -63.17 42.64 17.73
N SER M 135 -63.92 41.67 17.20
CA SER M 135 -63.37 40.74 16.21
C SER M 135 -63.03 41.42 14.87
N ALA M 136 -63.55 42.61 14.63
CA ALA M 136 -63.27 43.32 13.38
C ALA M 136 -61.90 43.99 13.46
N ILE M 137 -61.29 43.94 14.63
CA ILE M 137 -59.98 44.52 14.82
C ILE M 137 -58.92 43.45 14.70
N LEU M 138 -58.29 43.37 13.53
CA LEU M 138 -57.24 42.39 13.30
C LEU M 138 -55.93 42.92 13.86
N SER M 139 -55.09 42.01 14.35
CA SER M 139 -53.79 42.38 14.89
C SER M 139 -52.84 41.22 14.94
N THR M 140 -51.55 41.52 14.86
CA THR M 140 -50.53 40.50 14.93
C THR M 140 -49.13 41.08 14.87
N PRO M 141 -48.23 40.56 15.70
CA PRO M 141 -46.85 41.04 15.69
C PRO M 141 -46.29 39.97 14.77
N SER M 142 -45.14 39.41 15.12
CA SER M 142 -44.63 38.32 14.32
C SER M 142 -43.83 37.37 15.19
N SER M 143 -43.29 36.31 14.60
CA SER M 143 -42.54 35.33 15.37
C SER M 143 -41.52 35.85 16.37
N HIS M 144 -40.63 36.74 15.95
CA HIS M 144 -39.64 37.19 16.92
C HIS M 144 -39.71 38.62 17.43
N HIS M 145 -38.96 38.88 18.49
CA HIS M 145 -39.06 40.17 19.18
C HIS M 145 -37.74 40.55 19.87
N MET M 146 -37.65 41.82 20.28
CA MET M 146 -36.47 42.29 21.01
C MET M 146 -36.45 41.49 22.30
N TRP M 147 -35.26 41.11 22.76
CA TRP M 147 -35.13 40.31 23.98
C TRP M 147 -35.68 41.07 25.19
N GLY M 148 -36.25 40.32 26.13
CA GLY M 148 -36.83 40.90 27.32
C GLY M 148 -38.14 40.18 27.60
N ASN M 149 -38.19 39.43 28.69
CA ASN M 149 -39.39 38.65 29.04
C ASN M 149 -40.66 39.44 29.34
N VAL M 150 -40.54 40.52 30.11
CA VAL M 150 -41.71 41.31 30.45
C VAL M 150 -42.32 42.05 29.27
N GLY M 151 -41.46 42.58 28.40
CA GLY M 151 -41.95 43.32 27.25
C GLY M 151 -42.18 42.51 26.00
N TYR M 152 -41.93 41.20 26.10
CA TYR M 152 -42.10 40.32 24.94
C TYR M 152 -43.55 40.30 24.50
N ARG M 153 -43.78 39.93 23.24
CA ARG M 153 -45.13 39.87 22.69
C ARG M 153 -46.07 38.94 23.45
N HIS M 154 -45.56 37.85 24.01
CA HIS M 154 -46.39 36.92 24.76
C HIS M 154 -46.86 37.55 26.07
N SER M 155 -46.16 38.60 26.50
CA SER M 155 -46.45 39.27 27.75
C SER M 155 -47.16 40.61 27.66
N THR M 156 -46.42 41.67 27.32
CA THR M 156 -47.00 43.00 27.22
C THR M 156 -48.07 43.13 26.12
N TYR M 157 -47.76 42.66 24.92
CA TYR M 157 -48.70 42.74 23.79
C TYR M 157 -50.05 42.06 24.11
N PHE M 158 -50.00 40.78 24.47
CA PHE M 158 -51.22 40.04 24.79
C PHE M 158 -51.99 40.65 25.97
N ARG M 159 -51.28 41.10 27.00
CA ARG M 159 -51.98 41.67 28.14
C ARG M 159 -52.86 42.83 27.73
N PHE M 160 -52.39 43.66 26.81
CA PHE M 160 -53.18 44.80 26.35
C PHE M 160 -54.23 44.40 25.33
N MET M 161 -53.81 43.73 24.25
CA MET M 161 -54.74 43.32 23.20
C MET M 161 -55.92 42.49 23.72
N ASN M 162 -55.65 41.61 24.69
CA ASN M 162 -56.69 40.76 25.25
C ASN M 162 -57.77 41.60 25.93
N MET M 163 -57.38 42.79 26.39
CA MET M 163 -58.30 43.72 27.05
C MET M 163 -58.93 44.70 26.07
N MET M 164 -58.42 44.70 24.83
CA MET M 164 -58.90 45.61 23.80
C MET M 164 -59.78 45.01 22.71
N GLY M 165 -59.24 44.08 21.93
CA GLY M 165 -60.00 43.45 20.86
C GLY M 165 -60.25 41.97 21.13
N PHE M 166 -59.95 41.10 20.17
CA PHE M 166 -59.41 41.44 18.84
C PHE M 166 -59.26 40.13 18.07
N THR M 167 -59.07 40.21 16.75
CA THR M 167 -58.88 38.99 15.97
C THR M 167 -57.39 38.85 15.75
N TYR M 168 -56.84 37.73 16.23
CA TYR M 168 -55.42 37.47 16.11
C TYR M 168 -55.11 36.69 14.85
N ALA M 169 -54.07 37.11 14.14
CA ALA M 169 -53.65 36.38 12.95
C ALA M 169 -52.64 35.41 13.57
N ASP M 170 -53.15 34.31 14.12
CA ASP M 170 -52.29 33.33 14.79
C ASP M 170 -51.18 32.81 13.89
N HIS M 171 -49.99 32.64 14.48
CA HIS M 171 -48.82 32.18 13.73
C HIS M 171 -48.75 30.69 13.41
N ASN M 172 -48.35 30.41 12.18
CA ASN M 172 -48.17 29.03 11.73
C ASN M 172 -46.86 28.60 12.38
N PRO M 173 -46.71 27.31 12.69
CA PRO M 173 -45.48 26.82 13.31
C PRO M 173 -44.30 26.85 12.34
N ASP M 174 -43.98 28.05 11.84
CA ASP M 174 -42.91 28.23 10.88
C ASP M 174 -41.65 27.42 11.12
N SER M 175 -41.07 27.60 12.30
CA SER M 175 -39.86 26.91 12.71
C SER M 175 -39.98 25.37 12.62
N TRP M 176 -41.15 24.84 12.99
CA TRP M 176 -41.42 23.40 13.03
C TRP M 176 -42.20 22.73 11.89
N GLU M 177 -42.78 23.49 10.98
CA GLU M 177 -43.63 22.94 9.91
C GLU M 177 -43.69 21.42 9.73
N GLY M 178 -42.66 20.83 9.13
CA GLY M 178 -42.63 19.40 8.90
C GLY M 178 -42.73 18.51 10.12
N TRP M 179 -42.11 18.93 11.22
CA TRP M 179 -42.15 18.16 12.46
C TRP M 179 -43.54 18.30 13.07
N HIS M 180 -44.09 19.51 12.96
CA HIS M 180 -45.41 19.81 13.50
C HIS M 180 -46.54 19.13 12.73
N TRP M 181 -46.65 19.37 11.43
CA TRP M 181 -47.72 18.78 10.64
C TRP M 181 -47.43 17.34 10.22
N GLY M 182 -46.18 16.90 10.35
CA GLY M 182 -45.83 15.55 9.96
C GLY M 182 -45.31 14.66 11.08
N GLY M 183 -44.14 14.99 11.61
CA GLY M 183 -43.56 14.19 12.67
C GLY M 183 -44.46 13.90 13.84
N MET M 184 -45.19 14.92 14.29
CA MET M 184 -46.10 14.79 15.42
C MET M 184 -46.96 13.53 15.32
N HIS M 185 -47.45 13.24 14.13
CA HIS M 185 -48.30 12.07 13.91
C HIS M 185 -47.52 10.76 14.03
N MET M 186 -46.22 10.85 13.82
CA MET M 186 -45.37 9.67 13.88
C MET M 186 -44.84 9.35 15.28
N TRP M 187 -44.46 10.36 16.06
CA TRP M 187 -43.94 10.09 17.39
C TRP M 187 -44.41 10.99 18.53
N GLY M 188 -45.42 11.82 18.26
CA GLY M 188 -45.92 12.70 19.30
C GLY M 188 -45.14 13.99 19.50
N PHE M 189 -44.72 14.24 20.73
CA PHE M 189 -43.97 15.44 21.07
C PHE M 189 -44.75 16.70 20.66
N SER M 190 -46.08 16.65 20.76
CA SER M 190 -46.92 17.78 20.38
C SER M 190 -46.53 19.05 21.13
N TRP M 191 -46.22 18.89 22.41
CA TRP M 191 -45.83 20.02 23.27
C TRP M 191 -44.52 20.67 22.83
N ARG M 192 -43.83 20.03 21.88
CA ARG M 192 -42.60 20.57 21.33
C ARG M 192 -42.81 20.78 19.84
N LEU M 193 -44.09 20.77 19.45
CA LEU M 193 -44.49 20.95 18.05
C LEU M 193 -43.79 19.96 17.11
N GLY M 194 -43.53 18.76 17.62
CA GLY M 194 -42.90 17.73 16.80
C GLY M 194 -41.42 17.48 17.01
N ASN M 195 -40.70 18.44 17.59
CA ASN M 195 -39.27 18.26 17.83
C ASN M 195 -39.01 17.31 18.97
N PRO M 196 -37.82 16.70 18.98
CA PRO M 196 -37.46 15.77 20.04
C PRO M 196 -36.90 16.45 21.28
N GLU M 197 -36.93 15.70 22.36
CA GLU M 197 -36.41 16.09 23.65
C GLU M 197 -34.88 16.04 23.46
N GLN M 198 -34.11 16.77 24.27
CA GLN M 198 -32.64 16.79 24.08
C GLN M 198 -31.80 16.74 25.36
N TYR M 199 -32.46 16.66 26.51
CA TYR M 199 -31.79 16.63 27.81
C TYR M 199 -30.56 15.73 27.97
N ASP M 200 -29.55 16.30 28.61
CA ASP M 200 -28.29 15.61 28.92
C ASP M 200 -27.58 14.87 27.79
N LEU M 201 -27.71 15.32 26.56
CA LEU M 201 -27.07 14.64 25.44
C LEU M 201 -25.59 14.97 25.23
N LEU M 202 -25.11 16.10 25.75
CA LEU M 202 -23.71 16.47 25.58
C LEU M 202 -22.76 15.42 26.16
N GLU M 203 -22.92 15.09 27.45
CA GLU M 203 -22.07 14.08 28.06
C GLU M 203 -22.18 12.75 27.31
N ASP M 204 -23.40 12.37 26.95
CA ASP M 204 -23.64 11.12 26.23
C ASP M 204 -22.84 11.11 24.92
N GLY M 205 -22.87 12.23 24.20
CA GLY M 205 -22.14 12.32 22.94
C GLY M 205 -20.64 12.32 23.15
N LEU M 206 -20.17 13.05 24.16
CA LEU M 206 -18.74 13.10 24.44
C LEU M 206 -18.19 11.72 24.81
N LYS M 207 -19.02 10.91 25.46
CA LYS M 207 -18.60 9.57 25.86
C LYS M 207 -18.72 8.52 24.77
N HIS M 208 -19.71 8.65 23.90
CA HIS M 208 -19.95 7.63 22.89
C HIS M 208 -19.94 7.98 21.41
N ALA M 209 -20.08 9.25 21.06
CA ALA M 209 -20.12 9.61 19.65
C ALA M 209 -18.90 9.16 18.85
N GLU M 210 -19.15 8.70 17.62
CA GLU M 210 -18.12 8.27 16.70
C GLU M 210 -18.35 9.03 15.41
N MET M 211 -19.60 9.41 15.20
CA MET M 211 -19.97 10.16 14.01
C MET M 211 -21.24 10.94 14.26
N ILE M 212 -21.37 12.06 13.56
CA ILE M 212 -22.55 12.90 13.66
C ILE M 212 -22.93 13.32 12.26
N VAL M 213 -24.20 13.13 11.93
CA VAL M 213 -24.73 13.47 10.62
C VAL M 213 -25.57 14.73 10.74
N PHE M 214 -25.01 15.85 10.28
CA PHE M 214 -25.71 17.13 10.31
C PHE M 214 -26.57 17.20 9.05
N TRP M 215 -27.88 17.00 9.22
CA TRP M 215 -28.83 17.02 8.11
C TRP M 215 -29.65 18.31 8.17
N SER M 216 -29.44 19.20 7.20
CA SER M 216 -30.15 20.48 7.18
C SER M 216 -29.85 21.13 8.52
N SER M 217 -28.58 21.06 8.90
CA SER M 217 -28.13 21.60 10.18
C SER M 217 -26.91 22.49 10.03
N ASP M 218 -27.03 23.73 10.49
CA ASP M 218 -25.95 24.70 10.45
C ASP M 218 -25.87 25.27 11.86
N PRO M 219 -25.35 24.47 12.81
CA PRO M 219 -25.21 24.86 14.22
C PRO M 219 -24.59 26.23 14.42
N GLU M 220 -23.49 26.49 13.71
CA GLU M 220 -22.80 27.77 13.86
C GLU M 220 -23.74 28.95 13.56
N THR M 221 -24.34 28.92 12.38
CA THR M 221 -25.23 30.00 11.96
C THR M 221 -26.44 30.20 12.87
N ASN M 222 -27.23 29.15 13.04
CA ASN M 222 -28.45 29.23 13.84
C ASN M 222 -28.26 29.12 15.34
N SER M 223 -27.24 28.38 15.77
CA SER M 223 -26.94 28.17 17.19
C SER M 223 -28.10 27.52 17.94
N GLY M 224 -29.03 26.95 17.19
CA GLY M 224 -30.22 26.39 17.79
C GLY M 224 -31.12 27.61 17.67
N ILE M 225 -30.96 28.53 18.61
CA ILE M 225 -31.67 29.81 18.61
C ILE M 225 -31.27 30.66 19.82
N TYR M 226 -30.95 31.93 19.55
CA TYR M 226 -30.56 32.89 20.59
C TYR M 226 -29.27 32.53 21.34
N ALA M 227 -28.49 31.59 20.86
CA ALA M 227 -27.30 31.19 21.62
C ALA M 227 -25.91 31.62 21.15
N GLY M 228 -25.83 32.67 20.33
CA GLY M 228 -24.54 33.15 19.85
C GLY M 228 -23.65 32.07 19.26
N PHE M 229 -22.51 31.79 19.91
CA PHE M 229 -21.60 30.76 19.44
C PHE M 229 -21.19 29.84 20.59
N GLU M 230 -22.15 29.60 21.49
CA GLU M 230 -21.92 28.78 22.66
C GLU M 230 -21.48 27.34 22.39
N SER M 231 -22.02 26.71 21.35
CA SER M 231 -21.68 25.32 21.07
C SER M 231 -20.44 25.07 20.22
N ASN M 232 -19.80 26.14 19.75
CA ASN M 232 -18.61 25.98 18.91
C ASN M 232 -17.53 25.08 19.52
N ILE M 233 -17.22 25.33 20.80
CA ILE M 233 -16.21 24.56 21.49
C ILE M 233 -16.60 23.10 21.70
N ARG M 234 -17.91 22.83 21.75
CA ARG M 234 -18.37 21.47 21.94
C ARG M 234 -18.05 20.60 20.72
N ARG M 235 -18.24 21.15 19.52
CA ARG M 235 -17.94 20.41 18.31
C ARG M 235 -16.43 20.35 18.14
N GLN M 236 -15.74 21.27 18.82
CA GLN M 236 -14.28 21.29 18.77
C GLN M 236 -13.84 20.07 19.59
N TRP M 237 -14.47 19.87 20.75
CA TRP M 237 -14.15 18.72 21.59
C TRP M 237 -14.43 17.41 20.84
N LEU M 238 -15.61 17.34 20.21
CA LEU M 238 -15.98 16.14 19.46
C LEU M 238 -14.99 15.88 18.34
N LYS M 239 -14.66 16.93 17.59
CA LYS M 239 -13.72 16.84 16.48
C LYS M 239 -12.39 16.28 16.97
N ASP M 240 -11.88 16.81 18.08
CA ASP M 240 -10.61 16.36 18.61
C ASP M 240 -10.68 14.95 19.20
N LEU M 241 -11.89 14.47 19.47
CA LEU M 241 -12.07 13.12 19.99
C LEU M 241 -12.11 12.13 18.82
N GLY M 242 -11.96 12.67 17.61
CA GLY M 242 -11.96 11.82 16.43
C GLY M 242 -13.33 11.58 15.84
N VAL M 243 -14.32 12.37 16.26
CA VAL M 243 -15.69 12.20 15.75
C VAL M 243 -15.80 12.76 14.34
N ASP M 244 -16.34 11.97 13.42
CA ASP M 244 -16.51 12.40 12.04
C ASP M 244 -17.78 13.24 11.87
N PHE M 245 -17.69 14.25 11.00
CA PHE M 245 -18.82 15.13 10.73
C PHE M 245 -19.23 15.09 9.27
N VAL M 246 -20.48 14.69 9.02
CA VAL M 246 -20.98 14.63 7.66
C VAL M 246 -22.11 15.65 7.54
N PHE M 247 -22.08 16.48 6.50
CA PHE M 247 -23.12 17.48 6.31
C PHE M 247 -23.93 17.26 5.05
N ILE M 248 -25.24 17.12 5.21
CA ILE M 248 -26.15 16.92 4.08
C ILE M 248 -26.97 18.21 4.02
N ASP M 249 -26.67 19.03 3.01
CA ASP M 249 -27.29 20.33 2.88
C ASP M 249 -27.06 20.83 1.45
N PRO M 250 -28.12 21.28 0.75
CA PRO M 250 -27.93 21.78 -0.62
C PRO M 250 -26.77 22.76 -0.66
N HIS M 251 -26.66 23.55 0.41
CA HIS M 251 -25.61 24.54 0.53
C HIS M 251 -24.56 24.06 1.54
N MET M 252 -23.29 24.24 1.20
CA MET M 252 -22.21 23.87 2.11
C MET M 252 -22.28 24.99 3.14
N ASN M 253 -23.13 24.81 4.15
CA ASN M 253 -23.34 25.82 5.18
C ASN M 253 -22.09 26.19 5.98
N HIS M 254 -22.21 27.22 6.80
CA HIS M 254 -21.06 27.69 7.55
C HIS M 254 -20.43 26.69 8.52
N THR M 255 -21.24 25.84 9.14
CA THR M 255 -20.67 24.84 10.03
C THR M 255 -19.87 23.86 9.17
N ALA M 256 -20.45 23.45 8.06
CA ALA M 256 -19.77 22.53 7.15
C ALA M 256 -18.47 23.12 6.61
N ARG M 257 -18.49 24.40 6.25
CA ARG M 257 -17.31 25.07 5.74
C ARG M 257 -16.18 25.08 6.76
N LEU M 258 -16.54 24.96 8.03
CA LEU M 258 -15.55 24.98 9.10
C LEU M 258 -15.01 23.62 9.58
N VAL M 259 -15.89 22.62 9.71
CA VAL M 259 -15.46 21.31 10.21
C VAL M 259 -15.97 20.07 9.48
N ALA M 260 -16.50 20.22 8.27
CA ALA M 260 -17.03 19.07 7.55
C ALA M 260 -15.98 18.06 7.11
N ASP M 261 -16.28 16.77 7.32
CA ASP M 261 -15.38 15.71 6.89
C ASP M 261 -15.87 15.28 5.50
N LYS M 262 -17.14 15.53 5.24
CA LYS M 262 -17.76 15.20 3.95
C LYS M 262 -19.05 15.99 3.81
N TRP M 263 -19.33 16.44 2.60
CA TRP M 263 -20.53 17.23 2.34
C TRP M 263 -21.37 16.67 1.19
N PHE M 264 -22.67 16.58 1.42
CA PHE M 264 -23.63 16.10 0.42
C PHE M 264 -24.50 17.30 0.07
N SER M 265 -24.78 17.49 -1.21
CA SER M 265 -25.61 18.60 -1.65
C SER M 265 -26.80 18.10 -2.46
N PRO M 266 -27.85 17.61 -1.77
CA PRO M 266 -29.02 17.11 -2.51
C PRO M 266 -29.83 18.24 -3.14
N LYS M 267 -30.46 17.95 -4.28
CA LYS M 267 -31.30 18.92 -4.96
C LYS M 267 -32.46 19.28 -4.03
N ILE M 268 -32.94 20.52 -4.11
CA ILE M 268 -34.04 20.95 -3.24
C ILE M 268 -35.19 19.93 -3.28
N GLY M 269 -35.77 19.67 -2.11
CA GLY M 269 -36.88 18.74 -2.01
C GLY M 269 -36.60 17.26 -2.26
N THR M 270 -35.37 16.80 -2.04
CA THR M 270 -35.09 15.39 -2.29
C THR M 270 -34.42 14.64 -1.12
N ASP M 271 -34.39 15.26 0.05
CA ASP M 271 -33.76 14.62 1.20
C ASP M 271 -34.34 13.24 1.54
N HIS M 272 -35.66 13.12 1.50
CA HIS M 272 -36.26 11.84 1.86
C HIS M 272 -35.87 10.71 0.90
N ALA M 273 -35.35 11.06 -0.27
CA ALA M 273 -34.89 10.02 -1.19
C ALA M 273 -33.66 9.40 -0.54
N LEU M 274 -32.80 10.25 0.02
CA LEU M 274 -31.60 9.74 0.69
C LEU M 274 -31.95 8.90 1.91
N SER M 275 -32.86 9.40 2.74
CA SER M 275 -33.25 8.66 3.93
C SER M 275 -33.84 7.30 3.56
N PHE M 276 -34.58 7.23 2.45
CA PHE M 276 -35.13 5.95 2.03
C PHE M 276 -34.05 5.00 1.56
N ALA M 277 -33.04 5.53 0.88
CA ALA M 277 -31.95 4.69 0.38
C ALA M 277 -31.14 4.14 1.54
N ILE M 278 -30.99 4.95 2.58
CA ILE M 278 -30.24 4.53 3.75
C ILE M 278 -31.01 3.42 4.49
N ALA M 279 -32.32 3.62 4.69
CA ALA M 279 -33.14 2.62 5.37
C ALA M 279 -33.12 1.35 4.53
N TYR M 280 -33.17 1.51 3.21
CA TYR M 280 -33.12 0.39 2.29
C TYR M 280 -31.87 -0.44 2.54
N THR M 281 -30.73 0.24 2.53
CA THR M 281 -29.45 -0.42 2.74
C THR M 281 -29.43 -1.19 4.05
N TRP M 282 -29.98 -0.58 5.10
CA TRP M 282 -30.03 -1.22 6.40
C TRP M 282 -30.90 -2.47 6.40
N LEU M 283 -32.02 -2.41 5.68
CA LEU M 283 -32.93 -3.55 5.60
C LEU M 283 -32.28 -4.70 4.83
N LYS M 284 -31.60 -4.38 3.73
CA LYS M 284 -30.94 -5.39 2.90
C LYS M 284 -29.73 -6.03 3.58
N GLU M 285 -29.11 -5.29 4.49
CA GLU M 285 -27.92 -5.78 5.18
C GLU M 285 -28.15 -6.05 6.67
N ASP M 286 -29.42 -6.07 7.08
CA ASP M 286 -29.77 -6.29 8.47
C ASP M 286 -28.88 -5.47 9.38
N SER M 287 -28.61 -4.24 8.99
CA SER M 287 -27.74 -3.38 9.77
C SER M 287 -28.50 -2.34 10.58
N TYR M 288 -29.35 -2.80 11.49
CA TYR M 288 -30.11 -1.92 12.38
C TYR M 288 -30.56 -2.66 13.63
N ASP M 289 -31.07 -1.91 14.61
CA ASP M 289 -31.51 -2.47 15.88
C ASP M 289 -32.89 -3.10 15.79
N LYS M 290 -32.94 -4.36 15.36
CA LYS M 290 -34.20 -5.08 15.22
C LYS M 290 -34.98 -5.24 16.52
N GLU M 291 -34.29 -5.53 17.63
CA GLU M 291 -34.97 -5.68 18.91
C GLU M 291 -35.75 -4.41 19.21
N TYR M 292 -35.06 -3.28 19.09
CA TYR M 292 -35.64 -1.96 19.35
C TYR M 292 -36.87 -1.74 18.47
N VAL M 293 -36.70 -1.92 17.16
CA VAL M 293 -37.78 -1.73 16.22
C VAL M 293 -38.98 -2.64 16.51
N ALA M 294 -38.72 -3.90 16.83
CA ALA M 294 -39.80 -4.85 17.11
C ALA M 294 -40.63 -4.41 18.31
N ALA M 295 -40.01 -3.67 19.22
CA ALA M 295 -40.71 -3.23 20.42
C ALA M 295 -41.19 -1.78 20.41
N ASN M 296 -40.55 -0.92 19.63
CA ASN M 296 -40.96 0.48 19.66
C ASN M 296 -41.55 1.05 18.38
N ALA M 297 -41.74 0.22 17.36
CA ALA M 297 -42.29 0.69 16.11
C ALA M 297 -43.65 0.07 15.82
N HIS M 298 -44.45 0.79 15.03
CA HIS M 298 -45.78 0.34 14.64
C HIS M 298 -45.93 0.50 13.13
N GLY M 299 -46.40 -0.57 12.48
CA GLY M 299 -46.57 -0.55 11.04
C GLY M 299 -45.25 -0.62 10.31
N PHE M 300 -44.22 -1.12 10.98
CA PHE M 300 -42.90 -1.20 10.36
C PHE M 300 -42.77 -2.26 9.27
N GLU M 301 -43.44 -3.40 9.45
CA GLU M 301 -43.39 -4.45 8.44
C GLU M 301 -43.91 -3.90 7.12
N GLU M 302 -45.06 -3.24 7.18
CA GLU M 302 -45.65 -2.66 5.98
C GLU M 302 -44.73 -1.60 5.38
N TRP M 303 -44.14 -0.77 6.24
CA TRP M 303 -43.24 0.28 5.77
C TRP M 303 -42.05 -0.32 5.05
N ALA M 304 -41.46 -1.36 5.64
CA ALA M 304 -40.31 -2.03 5.07
C ALA M 304 -40.64 -2.57 3.67
N ASP M 305 -41.84 -3.13 3.50
CA ASP M 305 -42.21 -3.65 2.19
C ASP M 305 -42.17 -2.54 1.16
N TYR M 306 -42.57 -1.34 1.59
CA TYR M 306 -42.58 -0.19 0.70
C TYR M 306 -41.16 0.20 0.35
N VAL M 307 -40.33 0.36 1.38
CA VAL M 307 -38.93 0.74 1.17
C VAL M 307 -38.26 -0.22 0.19
N LEU M 308 -38.54 -1.51 0.37
CA LEU M 308 -37.97 -2.54 -0.49
C LEU M 308 -38.61 -2.55 -1.87
N GLY M 309 -39.62 -1.69 -2.06
CA GLY M 309 -40.29 -1.61 -3.35
C GLY M 309 -41.25 -2.74 -3.72
N LYS M 310 -41.64 -3.55 -2.75
CA LYS M 310 -42.54 -4.65 -3.06
C LYS M 310 -43.93 -4.15 -3.45
N THR M 311 -44.48 -3.24 -2.66
CA THR M 311 -45.81 -2.72 -2.91
C THR M 311 -45.99 -1.67 -4.00
N ASP M 312 -44.96 -0.88 -4.31
CA ASP M 312 -45.11 0.12 -5.35
C ASP M 312 -44.29 -0.24 -6.58
N GLY M 313 -43.44 -1.25 -6.45
CA GLY M 313 -42.63 -1.69 -7.57
C GLY M 313 -41.30 -0.97 -7.72
N THR M 314 -40.98 -0.07 -6.80
CA THR M 314 -39.72 0.66 -6.89
C THR M 314 -38.85 0.56 -5.64
N PRO M 315 -37.88 -0.37 -5.65
CA PRO M 315 -36.99 -0.53 -4.49
C PRO M 315 -36.24 0.79 -4.32
N LYS M 316 -36.19 1.29 -3.09
CA LYS M 316 -35.51 2.56 -2.82
C LYS M 316 -33.99 2.42 -2.71
N THR M 317 -33.34 2.08 -3.83
CA THR M 317 -31.90 1.91 -3.84
C THR M 317 -31.15 3.24 -3.80
N CYS M 318 -29.85 3.17 -3.53
CA CYS M 318 -29.01 4.37 -3.48
C CYS M 318 -28.95 4.97 -4.88
N GLU M 319 -28.93 4.11 -5.91
CA GLU M 319 -28.89 4.60 -7.28
C GLU M 319 -30.16 5.37 -7.60
N TRP M 320 -31.29 4.87 -7.10
CA TRP M 320 -32.57 5.53 -7.29
C TRP M 320 -32.54 6.90 -6.61
N ALA M 321 -31.95 6.94 -5.42
CA ALA M 321 -31.84 8.19 -4.68
C ALA M 321 -30.87 9.15 -5.37
N GLU M 322 -29.85 8.61 -6.02
CA GLU M 322 -28.90 9.46 -6.74
C GLU M 322 -29.62 10.17 -7.87
N GLU M 323 -30.40 9.41 -8.64
CA GLU M 323 -31.13 9.97 -9.77
C GLU M 323 -32.10 11.05 -9.33
N GLU M 324 -32.56 10.98 -8.08
CA GLU M 324 -33.49 11.99 -7.56
C GLU M 324 -32.78 13.22 -6.99
N SER M 325 -31.67 12.97 -6.28
CA SER M 325 -30.94 14.05 -5.60
C SER M 325 -29.64 14.55 -6.21
N GLY M 326 -29.02 13.77 -7.07
CA GLY M 326 -27.75 14.18 -7.62
C GLY M 326 -26.59 13.72 -6.75
N VAL M 327 -26.90 13.23 -5.55
CA VAL M 327 -25.85 12.75 -4.63
C VAL M 327 -25.43 11.34 -5.06
N PRO M 328 -24.11 11.11 -5.22
CA PRO M 328 -23.58 9.81 -5.63
C PRO M 328 -24.08 8.61 -4.81
N ALA M 329 -24.57 7.58 -5.52
CA ALA M 329 -25.08 6.36 -4.89
C ALA M 329 -24.09 5.75 -3.92
N CYS M 330 -22.83 5.61 -4.35
CA CYS M 330 -21.79 5.03 -3.52
C CYS M 330 -21.61 5.81 -2.23
N GLU M 331 -21.63 7.14 -2.31
CA GLU M 331 -21.47 7.95 -1.11
C GLU M 331 -22.64 7.77 -0.15
N ILE M 332 -23.83 7.56 -0.70
CA ILE M 332 -25.02 7.36 0.13
C ILE M 332 -24.88 6.02 0.86
N ARG M 333 -24.52 4.99 0.11
CA ARG M 333 -24.35 3.66 0.69
C ARG M 333 -23.28 3.71 1.77
N ALA M 334 -22.16 4.36 1.44
CA ALA M 334 -21.04 4.49 2.38
C ALA M 334 -21.53 5.04 3.71
N LEU M 335 -22.24 6.17 3.66
CA LEU M 335 -22.77 6.79 4.87
C LEU M 335 -23.72 5.86 5.62
N ALA M 336 -24.58 5.16 4.89
CA ALA M 336 -25.52 4.24 5.49
C ALA M 336 -24.79 3.15 6.26
N ARG M 337 -23.78 2.57 5.61
CA ARG M 337 -23.00 1.51 6.23
C ARG M 337 -22.20 1.99 7.44
N GLN M 338 -21.65 3.20 7.35
CA GLN M 338 -20.85 3.74 8.44
C GLN M 338 -21.76 4.12 9.60
N TRP M 339 -22.94 4.61 9.25
CA TRP M 339 -23.94 5.03 10.22
C TRP M 339 -24.37 3.83 11.05
N ALA M 340 -24.60 2.71 10.36
CA ALA M 340 -25.04 1.48 11.01
C ALA M 340 -24.02 0.91 11.98
N LYS M 341 -22.75 0.84 11.59
CA LYS M 341 -21.76 0.26 12.47
C LYS M 341 -21.09 1.19 13.49
N LYS M 342 -21.32 2.49 13.38
CA LYS M 342 -20.72 3.44 14.32
C LYS M 342 -21.77 4.09 15.22
N ASN M 343 -21.33 4.59 16.37
CA ASN M 343 -22.22 5.29 17.29
C ASN M 343 -22.47 6.63 16.61
N THR M 344 -23.62 6.71 15.94
CA THR M 344 -24.00 7.89 15.18
C THR M 344 -25.18 8.67 15.73
N TYR M 345 -25.00 9.97 15.83
CA TYR M 345 -26.08 10.85 16.28
C TYR M 345 -26.60 11.60 15.07
N LEU M 346 -27.92 11.63 14.91
CA LEU M 346 -28.53 12.32 13.79
C LEU M 346 -28.79 13.77 14.18
N ALA M 347 -28.01 14.67 13.60
CA ALA M 347 -28.17 16.09 13.88
C ALA M 347 -29.14 16.65 12.85
N ALA M 348 -30.42 16.31 13.00
CA ALA M 348 -31.45 16.80 12.09
C ALA M 348 -31.79 18.20 12.55
N GLY M 349 -31.56 19.19 11.69
CA GLY M 349 -31.84 20.56 12.05
C GLY M 349 -30.77 21.11 12.98
N GLY M 350 -30.72 22.42 13.18
CA GLY M 350 -29.72 23.00 14.05
C GLY M 350 -30.04 22.97 15.54
N LEU M 351 -31.32 22.74 15.87
CA LEU M 351 -31.75 22.71 17.25
C LEU M 351 -31.91 21.31 17.85
N GLY M 352 -32.12 20.34 16.98
CA GLY M 352 -32.39 18.99 17.45
C GLY M 352 -33.86 19.08 17.09
N GLY M 353 -34.11 18.94 15.80
CA GLY M 353 -35.44 19.12 15.29
C GLY M 353 -35.28 20.41 14.49
N TRP M 354 -36.36 20.87 13.86
CA TRP M 354 -36.30 22.07 13.01
C TRP M 354 -35.50 21.71 11.76
N GLY M 355 -34.82 22.71 11.20
CA GLY M 355 -34.04 22.52 9.98
C GLY M 355 -34.87 23.07 8.81
N GLY M 356 -34.25 23.87 7.97
CA GLY M 356 -34.95 24.44 6.83
C GLY M 356 -35.67 23.44 5.96
N ALA M 357 -35.17 22.20 5.94
CA ALA M 357 -35.79 21.14 5.13
C ALA M 357 -37.20 20.84 5.58
N CYS M 358 -37.48 21.17 6.84
CA CYS M 358 -38.78 20.90 7.41
C CYS M 358 -39.85 21.86 6.92
N ARG M 359 -39.46 23.05 6.48
CA ARG M 359 -40.46 23.99 5.96
C ARG M 359 -40.20 24.13 4.46
N ALA M 360 -40.63 23.11 3.73
CA ALA M 360 -40.48 23.02 2.29
C ALA M 360 -41.56 22.05 1.81
N SER M 361 -41.74 21.93 0.50
CA SER M 361 -42.79 21.06 -0.03
C SER M 361 -42.62 19.58 0.35
N HIS M 362 -41.45 19.21 0.84
CA HIS M 362 -41.18 17.83 1.24
C HIS M 362 -40.88 17.75 2.74
N GLY M 363 -41.18 18.82 3.47
CA GLY M 363 -40.89 18.87 4.89
C GLY M 363 -41.47 17.78 5.78
N ILE M 364 -42.63 17.26 5.40
CA ILE M 364 -43.28 16.21 6.17
C ILE M 364 -42.51 14.90 6.09
N GLU M 365 -42.17 14.48 4.88
CA GLU M 365 -41.44 13.24 4.69
C GLU M 365 -39.98 13.34 5.14
N TRP M 366 -39.40 14.54 5.09
CA TRP M 366 -38.03 14.68 5.56
C TRP M 366 -38.03 14.44 7.07
N ALA M 367 -38.92 15.12 7.78
CA ALA M 367 -39.03 14.99 9.22
C ALA M 367 -39.34 13.55 9.61
N ARG M 368 -40.31 12.93 8.94
CA ARG M 368 -40.65 11.55 9.26
C ARG M 368 -39.48 10.65 8.90
N GLY M 369 -38.75 11.04 7.86
CA GLY M 369 -37.59 10.27 7.44
C GLY M 369 -36.51 10.28 8.51
N MET M 370 -36.28 11.45 9.11
CA MET M 370 -35.26 11.58 10.16
C MET M 370 -35.65 10.73 11.37
N ILE M 371 -36.94 10.69 11.68
CA ILE M 371 -37.44 9.90 12.78
C ILE M 371 -37.26 8.41 12.46
N ALA M 372 -37.61 8.05 11.24
CA ALA M 372 -37.48 6.67 10.77
C ALA M 372 -36.05 6.15 10.94
N LEU M 373 -35.08 6.94 10.50
CA LEU M 373 -33.67 6.56 10.60
C LEU M 373 -33.20 6.48 12.04
N ALA M 374 -33.46 7.53 12.79
CA ALA M 374 -33.06 7.56 14.19
C ALA M 374 -33.67 6.38 14.94
N THR M 375 -34.91 6.03 14.59
CA THR M 375 -35.64 4.92 15.21
C THR M 375 -34.96 3.57 14.90
N MET M 376 -34.69 3.32 13.62
CA MET M 376 -34.06 2.08 13.19
C MET M 376 -32.73 1.80 13.90
N GLN M 377 -32.03 2.85 14.32
CA GLN M 377 -30.75 2.69 15.01
C GLN M 377 -30.92 2.72 16.52
N GLY M 378 -32.17 2.66 16.98
CA GLY M 378 -32.47 2.66 18.40
C GLY M 378 -32.15 3.93 19.16
N MET M 379 -32.74 5.04 18.77
CA MET M 379 -32.50 6.32 19.45
C MET M 379 -32.82 6.24 20.94
N GLY M 380 -31.95 6.83 21.76
CA GLY M 380 -32.16 6.81 23.20
C GLY M 380 -31.13 6.00 23.94
N LYS M 381 -30.59 4.97 23.28
CA LYS M 381 -29.57 4.14 23.91
C LYS M 381 -28.23 4.87 23.76
N PRO M 382 -27.24 4.52 24.61
CA PRO M 382 -25.92 5.16 24.55
C PRO M 382 -25.31 5.13 23.15
N GLY M 383 -24.81 6.27 22.69
CA GLY M 383 -24.19 6.33 21.37
C GLY M 383 -25.12 6.39 20.17
N SER M 384 -26.42 6.46 20.41
CA SER M 384 -27.38 6.51 19.32
C SER M 384 -28.55 7.40 19.70
N ASN M 385 -28.76 8.47 18.94
CA ASN M 385 -29.86 9.37 19.24
C ASN M 385 -29.89 10.51 18.23
N MET M 386 -30.95 11.30 18.30
CA MET M 386 -31.09 12.46 17.45
C MET M 386 -30.51 13.56 18.34
N TRP M 387 -29.45 14.22 17.87
CA TRP M 387 -28.80 15.29 18.63
C TRP M 387 -28.01 16.16 17.65
N SER M 388 -28.23 17.47 17.73
CA SER M 388 -27.57 18.41 16.83
C SER M 388 -26.39 19.16 17.44
N THR M 389 -25.92 18.67 18.57
CA THR M 389 -24.78 19.24 19.30
C THR M 389 -24.98 20.64 19.89
N THR M 390 -26.19 21.19 19.78
CA THR M 390 -26.44 22.52 20.36
C THR M 390 -27.08 22.50 21.74
N GLN M 391 -27.88 21.48 22.04
CA GLN M 391 -28.52 21.37 23.35
C GLN M 391 -27.93 20.16 24.09
N GLY M 392 -28.53 19.81 25.22
CA GLY M 392 -28.03 18.68 25.98
C GLY M 392 -26.98 19.02 27.03
N VAL M 393 -26.66 20.30 27.15
CA VAL M 393 -25.67 20.75 28.13
C VAL M 393 -26.25 20.44 29.50
N PRO M 394 -25.41 19.93 30.43
CA PRO M 394 -25.80 19.56 31.80
C PRO M 394 -26.14 20.70 32.76
N LEU M 395 -26.94 21.66 32.32
CA LEU M 395 -27.32 22.77 33.19
C LEU M 395 -28.34 22.26 34.22
N ASP M 396 -28.55 23.02 35.30
CA ASP M 396 -29.50 22.58 36.32
C ASP M 396 -30.96 22.72 35.89
N TYR M 397 -31.51 21.64 35.38
CA TYR M 397 -32.89 21.61 34.92
C TYR M 397 -33.89 21.77 36.06
N GLU M 398 -33.41 21.61 37.29
CA GLU M 398 -34.27 21.73 38.47
C GLU M 398 -34.54 23.18 38.86
N PHE M 399 -33.64 24.07 38.49
CA PHE M 399 -33.79 25.49 38.81
C PHE M 399 -34.88 26.04 37.88
N TYR M 400 -35.76 26.88 38.41
CA TYR M 400 -36.81 27.42 37.58
C TYR M 400 -36.77 28.91 37.30
N PHE M 401 -36.68 29.24 36.01
CA PHE M 401 -36.72 30.62 35.56
C PHE M 401 -37.49 30.58 34.25
N PRO M 402 -38.58 31.35 34.18
CA PRO M 402 -39.45 31.43 33.00
C PRO M 402 -38.76 31.86 31.72
N GLY M 403 -39.25 31.32 30.61
CA GLY M 403 -38.73 31.70 29.31
C GLY M 403 -39.75 32.72 28.84
N TYR M 404 -39.50 33.43 27.75
CA TYR M 404 -40.48 34.42 27.31
C TYR M 404 -41.83 33.82 26.91
N ALA M 405 -41.81 32.61 26.37
CA ALA M 405 -43.05 31.95 25.93
C ALA M 405 -44.03 31.61 27.07
N GLU M 406 -43.55 31.70 28.31
CA GLU M 406 -44.41 31.40 29.45
C GLU M 406 -45.37 32.53 29.83
N GLY M 407 -45.43 33.57 29.00
CA GLY M 407 -46.40 34.63 29.26
C GLY M 407 -46.08 35.92 29.99
N GLY M 408 -45.14 35.89 30.92
CA GLY M 408 -44.82 37.11 31.63
C GLY M 408 -46.00 37.71 32.37
N ILE M 409 -46.35 38.96 32.05
CA ILE M 409 -47.45 39.64 32.73
C ILE M 409 -48.84 39.44 32.14
N SER M 410 -48.97 38.66 31.08
CA SER M 410 -50.29 38.44 30.48
C SER M 410 -51.06 37.33 31.21
N GLY M 411 -50.37 36.24 31.51
CA GLY M 411 -51.02 35.14 32.18
C GLY M 411 -51.96 34.42 31.24
N ASP M 412 -51.81 34.67 29.95
CA ASP M 412 -52.66 34.05 28.92
C ASP M 412 -52.40 32.55 28.89
N CYS M 413 -53.29 31.78 29.52
CA CYS M 413 -53.12 30.33 29.57
C CYS M 413 -53.37 29.56 28.27
N GLU M 414 -53.76 30.26 27.22
CA GLU M 414 -54.01 29.58 25.95
C GLU M 414 -53.10 30.01 24.81
N ASN M 415 -52.60 31.23 24.86
CA ASN M 415 -51.73 31.73 23.79
C ASN M 415 -50.29 31.92 24.23
N SER M 416 -49.99 31.41 25.42
CA SER M 416 -48.65 31.42 25.98
C SER M 416 -48.59 30.17 26.87
N ALA M 417 -47.41 29.80 27.34
CA ALA M 417 -47.27 28.61 28.16
C ALA M 417 -47.38 28.93 29.65
N ALA M 418 -48.09 30.01 29.96
CA ALA M 418 -48.29 30.44 31.34
C ALA M 418 -48.95 29.38 32.20
N GLY M 419 -49.84 28.60 31.58
CA GLY M 419 -50.56 27.57 32.32
C GLY M 419 -49.72 26.43 32.86
N PHE M 420 -48.51 26.26 32.34
CA PHE M 420 -47.69 25.17 32.83
C PHE M 420 -47.15 25.42 34.24
N LYS M 421 -46.61 26.61 34.47
CA LYS M 421 -46.06 26.90 35.80
C LYS M 421 -46.06 28.38 36.19
N PHE M 422 -45.61 29.24 35.29
CA PHE M 422 -45.52 30.66 35.64
C PHE M 422 -46.79 31.34 36.10
N ALA M 423 -47.92 31.05 35.47
CA ALA M 423 -49.18 31.67 35.85
C ALA M 423 -49.48 31.46 37.34
N TRP M 424 -49.32 30.22 37.80
CA TRP M 424 -49.60 29.88 39.19
C TRP M 424 -48.66 30.61 40.15
N ARG M 425 -47.51 31.02 39.65
CA ARG M 425 -46.52 31.72 40.46
C ARG M 425 -46.69 33.23 40.39
N MET M 426 -46.90 33.74 39.19
CA MET M 426 -47.04 35.18 38.98
C MET M 426 -48.32 35.81 39.53
N PHE M 427 -49.42 35.07 39.53
CA PHE M 427 -50.68 35.63 40.03
C PHE M 427 -51.19 34.93 41.27
N ASP M 428 -51.81 35.71 42.15
CA ASP M 428 -52.34 35.22 43.42
C ASP M 428 -53.86 35.20 43.54
N GLY M 429 -54.55 35.71 42.53
CA GLY M 429 -56.00 35.74 42.59
C GLY M 429 -56.49 36.66 43.71
N LYS M 430 -55.65 37.63 44.09
CA LYS M 430 -55.99 38.57 45.15
C LYS M 430 -55.57 40.01 44.83
N THR M 431 -54.31 40.18 44.46
CA THR M 431 -53.77 41.52 44.20
C THR M 431 -53.30 41.79 42.77
N THR M 432 -53.03 40.74 42.01
CA THR M 432 -52.58 40.89 40.63
C THR M 432 -53.30 39.85 39.78
N PHE M 433 -53.81 40.28 38.63
CA PHE M 433 -54.58 39.36 37.78
C PHE M 433 -54.19 39.25 36.32
N PRO M 434 -54.42 38.06 35.73
CA PRO M 434 -54.13 37.72 34.33
C PRO M 434 -54.98 38.54 33.35
N SER M 435 -54.68 38.42 32.06
CA SER M 435 -55.43 39.13 31.05
C SER M 435 -55.83 38.10 29.98
N PRO M 436 -56.96 37.41 30.21
CA PRO M 436 -57.49 36.38 29.31
C PRO M 436 -58.09 36.98 28.05
N SER M 437 -58.28 36.13 27.04
CA SER M 437 -58.89 36.56 25.79
C SER M 437 -60.00 35.59 25.43
N ASN M 438 -61.22 36.11 25.26
CA ASN M 438 -62.34 35.24 24.90
C ASN M 438 -62.54 35.23 23.38
N LEU M 439 -61.60 35.85 22.66
CA LEU M 439 -61.65 35.88 21.20
C LEU M 439 -60.52 35.04 20.59
N ASN M 440 -59.32 35.16 21.14
CA ASN M 440 -58.18 34.40 20.66
C ASN M 440 -58.26 33.00 21.27
N THR M 441 -59.27 32.26 20.84
CA THR M 441 -59.53 30.91 21.33
C THR M 441 -60.20 30.16 20.18
N SER M 442 -60.15 28.83 20.20
CA SER M 442 -60.73 28.06 19.09
C SER M 442 -62.18 28.38 18.75
N ALA M 443 -62.99 28.61 19.78
CA ALA M 443 -64.41 28.92 19.58
C ALA M 443 -64.63 30.40 19.29
N GLY M 444 -63.55 31.19 19.30
CA GLY M 444 -63.65 32.60 19.00
C GLY M 444 -63.28 32.82 17.55
N GLN M 445 -62.44 33.81 17.27
CA GLN M 445 -62.01 34.04 15.90
C GLN M 445 -60.55 34.40 15.77
N HIS M 446 -59.90 33.76 14.79
CA HIS M 446 -58.51 33.99 14.49
C HIS M 446 -58.36 33.67 13.01
N ILE M 447 -57.25 34.09 12.42
CA ILE M 447 -56.99 33.77 11.03
C ILE M 447 -55.52 33.36 10.93
N PRO M 448 -55.17 32.59 9.90
CA PRO M 448 -53.79 32.13 9.70
C PRO M 448 -52.93 33.27 9.20
N ARG M 449 -51.76 33.46 9.81
CA ARG M 449 -50.85 34.52 9.40
C ARG M 449 -50.50 34.33 7.93
N LEU M 450 -50.33 33.08 7.52
CA LEU M 450 -49.96 32.76 6.14
C LEU M 450 -51.01 33.13 5.11
N LYS M 451 -52.22 33.42 5.57
CA LYS M 451 -53.30 33.76 4.65
C LYS M 451 -54.05 35.04 4.97
N ILE M 452 -53.39 35.95 5.68
CA ILE M 452 -54.00 37.24 6.01
C ILE M 452 -54.48 37.92 4.73
N PRO M 453 -53.62 37.92 3.68
CA PRO M 453 -53.99 38.56 2.40
C PRO M 453 -55.30 38.02 1.82
N GLU M 454 -55.45 36.71 1.83
CA GLU M 454 -56.66 36.08 1.29
C GLU M 454 -57.89 36.43 2.12
N CYS M 455 -57.74 36.50 3.43
CA CYS M 455 -58.86 36.85 4.28
C CYS M 455 -59.31 38.29 4.03
N ILE M 456 -58.33 39.19 3.94
CA ILE M 456 -58.62 40.61 3.71
C ILE M 456 -59.18 40.93 2.32
N MET M 457 -58.52 40.45 1.27
CA MET M 457 -58.96 40.73 -0.08
C MET M 457 -60.09 39.81 -0.54
N GLY M 458 -60.10 38.58 -0.05
CA GLY M 458 -61.14 37.64 -0.44
C GLY M 458 -62.35 37.70 0.48
N GLY M 459 -62.12 38.07 1.73
CA GLY M 459 -63.21 38.16 2.68
C GLY M 459 -63.70 36.82 3.21
N LYS M 460 -62.92 35.77 2.98
CA LYS M 460 -63.32 34.43 3.42
C LYS M 460 -62.18 33.43 3.30
N PHE M 461 -62.15 32.45 4.21
CA PHE M 461 -61.13 31.40 4.16
C PHE M 461 -61.50 30.20 5.04
N GLN M 462 -60.92 29.06 4.74
CA GLN M 462 -61.18 27.84 5.52
C GLN M 462 -59.86 27.09 5.66
N TRP M 463 -59.56 26.58 6.85
CA TRP M 463 -58.28 25.90 7.07
C TRP M 463 -58.24 24.91 8.23
N SER M 464 -57.08 24.30 8.44
CA SER M 464 -56.89 23.32 9.51
C SER M 464 -55.97 23.84 10.60
N GLY M 465 -56.37 23.64 11.85
CA GLY M 465 -55.57 24.05 12.99
C GLY M 465 -55.51 25.53 13.32
N LYS M 466 -55.22 25.83 14.58
CA LYS M 466 -55.10 27.21 15.03
C LYS M 466 -53.68 27.43 15.53
N GLY M 467 -52.89 28.17 14.75
CA GLY M 467 -51.52 28.46 15.14
C GLY M 467 -50.69 27.24 15.53
N PHE M 468 -50.04 27.31 16.69
CA PHE M 468 -49.22 26.20 17.19
C PHE M 468 -50.17 25.21 17.87
N ALA M 469 -50.57 24.16 17.17
CA ALA M 469 -51.50 23.19 17.75
C ALA M 469 -50.73 22.15 18.54
N GLY M 470 -50.16 22.54 19.67
CA GLY M 470 -49.37 21.61 20.46
C GLY M 470 -50.05 20.93 21.63
N GLY M 471 -51.36 21.09 21.77
CA GLY M 471 -52.05 20.45 22.88
C GLY M 471 -52.05 18.94 22.77
N ASP M 472 -52.37 18.46 21.57
CA ASP M 472 -52.41 17.02 21.31
C ASP M 472 -52.15 16.83 19.83
N ILE M 473 -51.78 15.61 19.45
CA ILE M 473 -51.50 15.30 18.06
C ILE M 473 -52.57 15.76 17.07
N SER M 474 -53.83 15.48 17.38
CA SER M 474 -54.95 15.83 16.49
C SER M 474 -55.50 17.25 16.54
N HIS M 475 -54.99 18.11 17.43
CA HIS M 475 -55.51 19.47 17.50
C HIS M 475 -55.40 20.22 16.18
N GLN M 476 -54.29 20.02 15.47
CA GLN M 476 -54.06 20.66 14.18
C GLN M 476 -55.06 20.24 13.12
N LEU M 477 -55.76 19.12 13.36
CA LEU M 477 -56.73 18.62 12.40
C LEU M 477 -58.09 19.29 12.49
N HIS M 478 -58.32 20.02 13.57
CA HIS M 478 -59.60 20.70 13.75
C HIS M 478 -59.80 21.70 12.61
N GLN M 479 -61.05 21.91 12.23
CA GLN M 479 -61.36 22.82 11.11
C GLN M 479 -61.86 24.20 11.53
N TYR M 480 -61.37 25.23 10.85
CA TYR M 480 -61.77 26.61 11.14
C TYR M 480 -62.19 27.37 9.88
N GLU M 481 -62.88 28.48 10.09
CA GLU M 481 -63.36 29.30 8.99
C GLU M 481 -63.27 30.78 9.33
N TYR M 482 -63.22 31.61 8.29
CA TYR M 482 -63.19 33.05 8.44
C TYR M 482 -64.18 33.65 7.42
N PRO M 483 -65.10 34.50 7.89
CA PRO M 483 -65.19 34.88 9.30
C PRO M 483 -65.72 33.72 10.13
N ALA M 484 -65.39 33.69 11.42
CA ALA M 484 -65.85 32.63 12.30
C ALA M 484 -67.35 32.81 12.50
N PRO M 485 -68.08 31.71 12.76
CA PRO M 485 -69.53 31.78 12.96
C PRO M 485 -69.91 32.88 13.94
N GLY M 486 -70.73 33.82 13.46
CA GLY M 486 -71.18 34.91 14.31
C GLY M 486 -70.26 36.12 14.42
N TYR M 487 -68.99 35.96 14.06
CA TYR M 487 -68.06 37.08 14.16
C TYR M 487 -68.02 37.96 12.92
N SER M 488 -67.27 39.06 13.01
CA SER M 488 -67.18 40.00 11.90
C SER M 488 -65.87 40.00 11.12
N LYS M 489 -65.98 40.36 9.86
CA LYS M 489 -64.82 40.46 8.98
C LYS M 489 -63.93 41.58 9.49
N ILE M 490 -62.66 41.55 9.12
CA ILE M 490 -61.69 42.55 9.54
C ILE M 490 -61.94 43.91 8.90
N LYS M 491 -61.94 44.96 9.73
CA LYS M 491 -62.14 46.34 9.28
C LYS M 491 -60.89 47.15 9.59
N MET M 492 -60.23 46.78 10.69
CA MET M 492 -59.03 47.46 11.15
C MET M 492 -57.87 46.47 11.32
N PHE M 493 -56.66 46.95 11.11
CA PHE M 493 -55.47 46.12 11.24
C PHE M 493 -54.40 46.83 12.08
N TRP M 494 -54.15 46.29 13.27
CA TRP M 494 -53.14 46.86 14.17
C TRP M 494 -51.90 45.98 14.06
N LYS M 495 -50.95 46.41 13.23
CA LYS M 495 -49.72 45.64 13.08
C LYS M 495 -48.64 46.03 14.07
N TYR M 496 -47.92 45.02 14.53
CA TYR M 496 -46.83 45.17 15.47
C TYR M 496 -45.66 44.69 14.62
N GLY M 497 -44.79 45.61 14.21
CA GLY M 497 -43.68 45.25 13.35
C GLY M 497 -44.21 45.18 11.92
N GLY M 498 -43.34 44.89 10.95
CA GLY M 498 -43.77 44.79 9.56
C GLY M 498 -42.73 44.05 8.72
N PRO M 499 -42.44 42.78 9.06
CA PRO M 499 -41.45 41.96 8.34
C PRO M 499 -41.98 40.99 7.27
N HIS M 500 -43.28 40.78 7.27
CA HIS M 500 -43.87 39.81 6.36
C HIS M 500 -43.50 39.82 4.88
N LEU M 501 -43.14 40.97 4.32
CA LEU M 501 -42.76 41.04 2.92
C LEU M 501 -41.49 40.22 2.66
N GLY M 502 -40.66 40.05 3.69
CA GLY M 502 -39.44 39.29 3.52
C GLY M 502 -39.43 37.97 4.26
N THR M 503 -40.46 37.70 5.06
CA THR M 503 -40.50 36.47 5.84
C THR M 503 -41.60 35.44 5.56
N MET M 504 -42.64 35.82 4.84
CA MET M 504 -43.71 34.88 4.55
C MET M 504 -43.57 34.22 3.18
N THR M 505 -44.68 33.97 2.48
CA THR M 505 -44.61 33.32 1.16
C THR M 505 -45.25 34.14 0.04
N ALA M 506 -44.69 34.05 -1.16
CA ALA M 506 -45.19 34.78 -2.34
C ALA M 506 -45.71 36.12 -1.82
N THR M 507 -44.85 36.77 -1.06
CA THR M 507 -45.16 38.02 -0.39
C THR M 507 -45.70 39.25 -1.12
N ASN M 508 -45.70 39.27 -2.45
CA ASN M 508 -46.25 40.45 -3.12
C ASN M 508 -47.72 40.62 -2.67
N ARG M 509 -48.35 39.52 -2.30
CA ARG M 509 -49.74 39.55 -1.85
C ARG M 509 -49.89 40.32 -0.54
N TYR M 510 -48.85 40.33 0.28
CA TYR M 510 -48.93 41.10 1.53
C TYR M 510 -48.88 42.59 1.23
N ALA M 511 -48.32 42.95 0.08
CA ALA M 511 -48.24 44.36 -0.31
C ALA M 511 -49.57 44.77 -0.94
N LYS M 512 -50.16 43.87 -1.71
CA LYS M 512 -51.43 44.13 -2.36
C LYS M 512 -52.63 44.30 -1.43
N MET M 513 -52.64 43.54 -0.33
CA MET M 513 -53.76 43.59 0.62
C MET M 513 -54.02 44.95 1.26
N TYR M 514 -52.96 45.73 1.46
CA TYR M 514 -53.09 47.02 2.10
C TYR M 514 -53.98 48.05 1.42
N THR M 515 -54.10 47.96 0.11
CA THR M 515 -54.92 48.93 -0.63
C THR M 515 -56.36 48.49 -0.83
N HIS M 516 -56.70 47.29 -0.38
CA HIS M 516 -58.08 46.80 -0.53
C HIS M 516 -58.99 47.75 0.25
N ASP M 517 -60.10 48.14 -0.38
CA ASP M 517 -61.01 49.07 0.26
C ASP M 517 -61.74 48.57 1.51
N SER M 518 -61.59 47.29 1.83
CA SER M 518 -62.24 46.73 3.02
C SER M 518 -61.49 47.15 4.29
N LEU M 519 -60.20 47.44 4.14
CA LEU M 519 -59.37 47.85 5.28
C LEU M 519 -59.57 49.33 5.51
N GLU M 520 -60.36 49.67 6.52
CA GLU M 520 -60.67 51.07 6.83
C GLU M 520 -59.55 51.77 7.60
N PHE M 521 -58.76 51.00 8.34
CA PHE M 521 -57.71 51.62 9.13
C PHE M 521 -56.54 50.66 9.36
N VAL M 522 -55.33 51.21 9.30
CA VAL M 522 -54.10 50.45 9.50
C VAL M 522 -53.15 51.21 10.41
N VAL M 523 -52.80 50.60 11.54
CA VAL M 523 -51.87 51.21 12.47
C VAL M 523 -50.64 50.33 12.53
N SER M 524 -49.46 50.95 12.57
CA SER M 524 -48.22 50.20 12.65
C SER M 524 -47.46 50.63 13.89
N GLN M 525 -47.28 49.70 14.82
CA GLN M 525 -46.55 49.94 16.05
C GLN M 525 -45.23 49.21 15.87
N SER M 526 -44.20 49.95 15.47
CA SER M 526 -42.89 49.35 15.21
C SER M 526 -41.71 50.19 15.65
N ILE M 527 -40.51 49.69 15.39
CA ILE M 527 -39.27 50.37 15.77
C ILE M 527 -38.59 51.07 14.58
N TRP M 528 -38.42 50.35 13.47
CA TRP M 528 -37.78 50.91 12.28
C TRP M 528 -38.74 51.11 11.12
N PHE M 529 -38.62 52.25 10.45
CA PHE M 529 -39.44 52.56 9.29
C PHE M 529 -38.88 51.71 8.14
N GLU M 530 -39.51 50.56 7.90
CA GLU M 530 -39.06 49.63 6.87
C GLU M 530 -40.15 48.59 6.61
N GLY M 531 -39.87 47.68 5.69
CA GLY M 531 -40.82 46.62 5.38
C GLY M 531 -42.23 47.08 5.10
N GLU M 532 -43.19 46.58 5.89
CA GLU M 532 -44.60 46.89 5.74
C GLU M 532 -45.03 48.21 6.36
N VAL M 533 -44.16 48.81 7.16
CA VAL M 533 -44.49 50.06 7.82
C VAL M 533 -44.99 51.20 6.92
N PRO M 534 -44.40 51.39 5.72
CA PRO M 534 -44.86 52.46 4.84
C PRO M 534 -46.23 52.26 4.18
N PHE M 535 -47.03 51.34 4.72
CA PHE M 535 -48.37 51.09 4.19
C PHE M 535 -49.41 51.55 5.21
N ALA M 536 -48.95 51.82 6.43
CA ALA M 536 -49.85 52.21 7.51
C ALA M 536 -50.43 53.62 7.43
N ASP M 537 -51.55 53.81 8.13
CA ASP M 537 -52.23 55.11 8.18
C ASP M 537 -51.67 55.91 9.34
N ILE M 538 -51.33 55.20 10.41
CA ILE M 538 -50.76 55.80 11.62
C ILE M 538 -49.58 54.94 12.04
N ILE M 539 -48.45 55.58 12.34
CA ILE M 539 -47.25 54.85 12.77
C ILE M 539 -46.87 55.31 14.17
N LEU M 540 -46.58 54.34 15.05
CA LEU M 540 -46.22 54.63 16.43
C LEU M 540 -44.81 54.10 16.72
N PRO M 541 -43.91 54.98 17.16
CA PRO M 541 -42.51 54.66 17.49
C PRO M 541 -42.28 53.89 18.79
N ALA M 542 -41.82 52.65 18.67
CA ALA M 542 -41.51 51.81 19.82
C ALA M 542 -39.99 51.83 19.92
N CYS M 543 -39.46 51.59 21.12
CA CYS M 543 -38.02 51.58 21.34
C CYS M 543 -37.45 50.17 21.53
N THR M 544 -36.12 50.04 21.47
CA THR M 544 -35.46 48.75 21.63
C THR M 544 -35.37 48.41 23.12
N ASN M 545 -34.98 47.17 23.43
CA ASN M 545 -34.86 46.77 24.82
C ASN M 545 -33.74 47.53 25.56
N PHE M 546 -32.87 48.20 24.82
CA PHE M 546 -31.79 48.96 25.46
C PHE M 546 -32.30 50.31 25.97
N GLU M 547 -33.55 50.64 25.64
CA GLU M 547 -34.13 51.90 26.06
C GLU M 547 -35.25 51.76 27.09
N ARG M 548 -35.35 50.56 27.68
CA ARG M 548 -36.37 50.28 28.69
C ARG M 548 -35.89 49.20 29.65
N TRP M 549 -36.59 49.04 30.77
CA TRP M 549 -36.23 48.04 31.77
C TRP M 549 -36.89 46.69 31.47
N ASP M 550 -36.16 45.61 31.71
CA ASP M 550 -36.71 44.27 31.51
C ASP M 550 -35.84 43.24 32.25
N ILE M 551 -36.11 41.96 32.01
CA ILE M 551 -35.38 40.87 32.63
C ILE M 551 -35.54 39.66 31.73
N SER M 552 -34.53 38.79 31.70
CA SER M 552 -34.59 37.61 30.84
C SER M 552 -33.45 36.65 31.13
N GLU M 553 -33.48 35.51 30.46
CA GLU M 553 -32.44 34.50 30.62
C GLU M 553 -31.85 34.24 29.24
N PHE M 554 -30.54 34.00 29.21
CA PHE M 554 -29.82 33.74 27.98
C PHE M 554 -30.52 32.64 27.16
N ALA M 555 -31.09 33.02 26.03
CA ALA M 555 -31.76 32.10 25.12
C ALA M 555 -32.96 31.34 25.65
N ASN M 556 -33.48 31.71 26.81
CA ASN M 556 -34.61 30.98 27.35
C ASN M 556 -35.95 31.32 26.71
N CYS M 557 -36.44 30.41 25.88
CA CYS M 557 -37.71 30.56 25.18
C CYS M 557 -38.77 29.82 26.00
N SER M 558 -38.49 28.55 26.26
CA SER M 558 -39.39 27.68 27.01
C SER M 558 -40.66 27.45 26.22
N GLY M 559 -41.76 27.21 26.92
CA GLY M 559 -43.02 26.96 26.23
C GLY M 559 -42.87 25.76 25.33
N TYR M 560 -42.93 25.98 24.01
CA TYR M 560 -42.80 24.90 23.05
C TYR M 560 -41.38 24.38 22.86
N ILE M 561 -40.47 24.85 23.70
CA ILE M 561 -39.09 24.35 23.69
C ILE M 561 -38.67 24.40 25.16
N PRO M 562 -39.28 23.50 25.97
CA PRO M 562 -38.99 23.44 27.39
C PRO M 562 -37.49 23.37 27.66
N ASP M 563 -37.05 24.16 28.63
CA ASP M 563 -35.64 24.19 29.05
C ASP M 563 -34.62 24.36 27.93
N ASN M 564 -34.90 25.21 26.96
CA ASN M 564 -33.97 25.40 25.85
C ASN M 564 -32.74 26.24 26.22
N TYR M 565 -32.63 26.65 27.49
CA TYR M 565 -31.46 27.41 27.92
C TYR M 565 -30.28 26.44 27.88
N GLN M 566 -30.55 25.15 27.72
CA GLN M 566 -29.50 24.13 27.66
C GLN M 566 -28.70 24.27 26.36
N LEU M 567 -28.98 25.35 25.64
CA LEU M 567 -28.31 25.67 24.39
C LEU M 567 -26.98 26.35 24.71
N CYS M 568 -26.95 26.98 25.88
CA CYS M 568 -25.79 27.73 26.34
C CYS M 568 -24.88 26.94 27.27
N ASN M 569 -23.70 27.48 27.52
CA ASN M 569 -22.73 26.82 28.40
C ASN M 569 -23.03 27.11 29.87
N HIS M 570 -23.85 28.14 30.11
CA HIS M 570 -24.23 28.49 31.47
C HIS M 570 -25.60 29.13 31.43
N ARG M 571 -26.36 28.99 32.52
CA ARG M 571 -27.65 29.63 32.60
C ARG M 571 -27.33 31.02 33.13
N VAL M 572 -27.51 32.03 32.29
CA VAL M 572 -27.24 33.41 32.70
C VAL M 572 -28.54 34.20 32.72
N ILE M 573 -28.91 34.63 33.91
CA ILE M 573 -30.12 35.41 34.10
C ILE M 573 -29.66 36.85 34.28
N SER M 574 -30.10 37.74 33.39
CA SER M 574 -29.66 39.13 33.53
C SER M 574 -30.73 40.21 33.47
N LEU M 575 -30.43 41.31 34.16
CA LEU M 575 -31.29 42.46 34.20
C LEU M 575 -31.02 43.25 32.95
N GLN M 576 -32.07 43.61 32.21
CA GLN M 576 -31.90 44.40 31.01
C GLN M 576 -32.09 45.84 31.44
N ALA M 577 -30.98 46.47 31.82
CA ALA M 577 -31.01 47.85 32.29
C ALA M 577 -31.36 48.85 31.21
N LYS M 578 -32.15 49.84 31.57
CA LYS M 578 -32.50 50.89 30.61
C LYS M 578 -31.18 51.65 30.50
N CYS M 579 -30.43 51.36 29.43
CA CYS M 579 -29.12 51.98 29.22
C CYS M 579 -29.18 53.43 28.80
N ILE M 580 -30.16 53.78 27.98
CA ILE M 580 -30.32 55.14 27.52
C ILE M 580 -31.80 55.51 27.44
N GLU M 581 -32.06 56.81 27.27
CA GLU M 581 -33.42 57.28 27.13
C GLU M 581 -33.88 56.91 25.72
N PRO M 582 -35.18 56.64 25.54
CA PRO M 582 -35.72 56.27 24.23
C PRO M 582 -35.23 57.25 23.15
N VAL M 583 -34.84 56.70 22.00
CA VAL M 583 -34.36 57.54 20.91
C VAL M 583 -35.52 58.28 20.25
N GLY M 584 -35.32 59.58 20.03
CA GLY M 584 -36.37 60.38 19.42
C GLY M 584 -37.60 60.43 20.29
N GLU M 585 -38.78 60.30 19.68
CA GLU M 585 -40.03 60.32 20.41
C GLU M 585 -40.60 58.92 20.60
N SER M 586 -39.74 57.91 20.57
CA SER M 586 -40.22 56.54 20.75
C SER M 586 -40.46 56.27 22.21
N MET M 587 -41.21 55.21 22.49
CA MET M 587 -41.46 54.82 23.87
C MET M 587 -41.70 53.32 23.91
N SER M 588 -41.52 52.72 25.08
CA SER M 588 -41.69 51.28 25.21
C SER M 588 -43.10 50.87 24.82
N ASP M 589 -43.24 49.68 24.26
CA ASP M 589 -44.54 49.17 23.86
C ASP M 589 -45.49 49.22 25.06
N TYR M 590 -44.95 48.91 26.24
CA TYR M 590 -45.76 48.92 27.45
C TYR M 590 -46.31 50.31 27.74
N GLU M 591 -45.45 51.32 27.68
CA GLU M 591 -45.90 52.68 27.96
C GLU M 591 -46.86 53.16 26.90
N ILE M 592 -46.76 52.59 25.70
CA ILE M 592 -47.67 52.93 24.61
C ILE M 592 -49.04 52.34 24.96
N TYR M 593 -49.05 51.07 25.37
CA TYR M 593 -50.29 50.39 25.74
C TYR M 593 -50.92 51.02 26.96
N ARG M 594 -50.08 51.46 27.89
CA ARG M 594 -50.56 52.12 29.10
C ARG M 594 -51.25 53.42 28.72
N LEU M 595 -50.74 54.08 27.68
CA LEU M 595 -51.32 55.33 27.21
C LEU M 595 -52.68 55.02 26.60
N PHE M 596 -52.75 53.96 25.79
CA PHE M 596 -54.00 53.57 25.17
C PHE M 596 -54.99 53.14 26.24
N ALA M 597 -54.48 52.45 27.26
CA ALA M 597 -55.32 51.96 28.36
C ALA M 597 -56.02 53.12 29.05
N LYS M 598 -55.30 54.23 29.19
CA LYS M 598 -55.85 55.42 29.84
C LYS M 598 -56.99 55.99 28.99
N LYS M 599 -56.74 56.11 27.69
CA LYS M 599 -57.73 56.66 26.78
C LYS M 599 -58.87 55.69 26.52
N LEU M 600 -58.69 54.43 26.92
CA LEU M 600 -59.73 53.42 26.73
C LEU M 600 -60.45 53.17 28.04
N ASN M 601 -60.08 53.95 29.06
CA ASN M 601 -60.68 53.87 30.39
C ASN M 601 -60.42 52.53 31.09
N ILE M 602 -59.27 51.92 30.84
CA ILE M 602 -58.93 50.64 31.47
C ILE M 602 -57.50 50.60 31.99
N GLU M 603 -56.92 51.76 32.26
CA GLU M 603 -55.54 51.84 32.74
C GLU M 603 -55.27 51.02 34.01
N GLU M 604 -56.14 51.14 35.00
CA GLU M 604 -55.95 50.41 36.24
C GLU M 604 -55.92 48.89 36.01
N MET M 605 -56.88 48.38 35.25
CA MET M 605 -56.94 46.94 34.98
C MET M 605 -55.70 46.48 34.23
N PHE M 606 -55.24 47.29 33.30
CA PHE M 606 -54.06 46.94 32.51
C PHE M 606 -52.75 47.02 33.26
N SER M 607 -52.47 48.20 33.82
CA SER M 607 -51.22 48.45 34.52
C SER M 607 -51.16 48.05 35.98
N GLU M 608 -52.32 47.96 36.63
CA GLU M 608 -52.37 47.64 38.04
C GLU M 608 -51.46 48.63 38.78
N GLY M 609 -51.30 49.80 38.17
CA GLY M 609 -50.49 50.87 38.73
C GLY M 609 -49.00 50.65 38.71
N LYS M 610 -48.52 49.75 37.86
CA LYS M 610 -47.10 49.43 37.79
C LYS M 610 -46.39 49.87 36.51
N ASP M 611 -45.16 50.36 36.66
CA ASP M 611 -44.38 50.72 35.49
C ASP M 611 -43.62 49.44 35.16
N GLU M 612 -42.90 49.43 34.05
CA GLU M 612 -42.16 48.24 33.64
C GLU M 612 -41.28 47.67 34.75
N LEU M 613 -40.54 48.54 35.43
CA LEU M 613 -39.64 48.11 36.47
C LEU M 613 -40.39 47.41 37.61
N ALA M 614 -41.59 47.89 37.93
CA ALA M 614 -42.39 47.28 39.00
C ALA M 614 -42.81 45.88 38.59
N TRP M 615 -43.18 45.70 37.32
CA TRP M 615 -43.57 44.39 36.83
C TRP M 615 -42.36 43.45 36.91
N CYS M 616 -41.18 43.98 36.61
CA CYS M 616 -39.95 43.18 36.66
C CYS M 616 -39.71 42.60 38.04
N GLU M 617 -39.89 43.41 39.07
CA GLU M 617 -39.69 42.93 40.43
C GLU M 617 -40.69 41.83 40.74
N GLN M 618 -41.95 42.06 40.40
CA GLN M 618 -42.98 41.06 40.64
C GLN M 618 -42.63 39.78 39.87
N TYR M 619 -42.13 39.95 38.66
CA TYR M 619 -41.73 38.83 37.80
C TYR M 619 -40.59 38.06 38.46
N PHE M 620 -39.61 38.81 38.94
CA PHE M 620 -38.44 38.24 39.61
C PHE M 620 -38.82 37.36 40.79
N ASN M 621 -39.74 37.85 41.63
CA ASN M 621 -40.13 37.09 42.80
C ASN M 621 -40.93 35.82 42.50
N ALA M 622 -41.45 35.71 41.28
CA ALA M 622 -42.22 34.53 40.88
C ALA M 622 -41.34 33.44 40.27
N THR M 623 -40.02 33.62 40.38
CA THR M 623 -39.06 32.64 39.86
C THR M 623 -38.33 32.04 41.05
N ASP M 624 -37.29 31.25 40.78
CA ASP M 624 -36.51 30.65 41.87
C ASP M 624 -35.35 31.57 42.28
N MET M 625 -35.17 32.67 41.55
CA MET M 625 -34.11 33.60 41.86
C MET M 625 -34.05 34.02 43.33
N PRO M 626 -35.21 34.20 43.98
CA PRO M 626 -35.19 34.60 45.39
C PRO M 626 -34.41 33.62 46.27
N LYS M 627 -34.22 32.40 45.78
CA LYS M 627 -33.47 31.40 46.54
C LYS M 627 -31.99 31.76 46.62
N TYR M 628 -31.54 32.62 45.71
CA TYR M 628 -30.13 33.01 45.69
C TYR M 628 -29.90 34.47 46.03
N MET M 629 -30.77 35.36 45.56
CA MET M 629 -30.60 36.77 45.86
C MET M 629 -31.91 37.54 45.79
N THR M 630 -31.96 38.66 46.50
CA THR M 630 -33.16 39.49 46.52
C THR M 630 -33.20 40.36 45.27
N TRP M 631 -34.35 40.99 45.03
CA TRP M 631 -34.50 41.84 43.87
C TRP M 631 -33.41 42.93 43.88
N ASP M 632 -33.26 43.61 45.01
CA ASP M 632 -32.26 44.68 45.11
C ASP M 632 -30.85 44.18 44.80
N GLU M 633 -30.47 43.03 45.35
CA GLU M 633 -29.14 42.49 45.10
C GLU M 633 -28.99 42.18 43.62
N PHE M 634 -30.00 41.51 43.06
CA PHE M 634 -29.96 41.16 41.65
C PHE M 634 -29.84 42.42 40.80
N PHE M 635 -30.72 43.38 41.08
CA PHE M 635 -30.72 44.62 40.34
C PHE M 635 -29.32 45.24 40.34
N LYS M 636 -28.71 45.31 41.50
CA LYS M 636 -27.38 45.89 41.62
C LYS M 636 -26.32 45.10 40.85
N LYS M 637 -26.33 43.77 40.98
CA LYS M 637 -25.33 42.95 40.29
C LYS M 637 -25.49 42.96 38.77
N GLY M 638 -26.73 42.96 38.30
CA GLY M 638 -26.97 42.99 36.86
C GLY M 638 -27.17 41.68 36.16
N TYR M 639 -26.55 40.62 36.68
CA TYR M 639 -26.68 39.30 36.06
C TYR M 639 -26.36 38.23 37.07
N PHE M 640 -26.84 37.02 36.82
CA PHE M 640 -26.59 35.90 37.71
C PHE M 640 -26.25 34.65 36.93
N VAL M 641 -25.21 33.95 37.38
CA VAL M 641 -24.80 32.71 36.75
C VAL M 641 -25.34 31.60 37.64
N VAL M 642 -26.34 30.88 37.15
CA VAL M 642 -26.93 29.80 37.91
C VAL M 642 -25.91 28.72 38.23
N PRO M 643 -25.83 28.32 39.50
CA PRO M 643 -24.89 27.29 39.95
C PRO M 643 -25.15 25.95 39.27
N ASP M 644 -24.11 25.13 39.19
CA ASP M 644 -24.21 23.80 38.59
C ASP M 644 -24.94 22.88 39.59
N ASN M 645 -25.54 21.82 39.09
CA ASN M 645 -26.24 20.85 39.95
C ASN M 645 -25.58 19.50 39.65
N PRO M 646 -24.42 19.25 40.27
CA PRO M 646 -23.62 18.03 40.14
C PRO M 646 -24.35 16.73 40.46
N ASN M 647 -25.12 16.74 41.54
CA ASN M 647 -25.82 15.54 41.96
C ASN M 647 -27.07 15.12 41.20
N ARG M 648 -27.83 16.06 40.66
CA ARG M 648 -29.04 15.69 39.93
C ARG M 648 -28.71 14.56 38.96
N LYS M 649 -29.59 13.57 38.87
CA LYS M 649 -29.32 12.46 37.97
C LYS M 649 -29.49 12.89 36.52
N LYS M 650 -28.69 12.29 35.65
CA LYS M 650 -28.73 12.60 34.22
C LYS M 650 -29.80 11.74 33.56
N THR M 651 -30.70 12.39 32.84
CA THR M 651 -31.77 11.71 32.14
C THR M 651 -31.60 12.03 30.66
N VAL M 652 -30.91 11.14 29.96
CA VAL M 652 -30.66 11.34 28.54
C VAL M 652 -31.93 11.24 27.72
N ALA M 653 -32.09 12.17 26.79
CA ALA M 653 -33.25 12.23 25.92
C ALA M 653 -33.64 10.87 25.35
N LEU M 654 -34.92 10.53 25.52
CA LEU M 654 -35.49 9.29 25.01
C LEU M 654 -34.93 7.95 25.51
N ARG M 655 -34.02 7.95 26.48
CA ARG M 655 -33.48 6.69 26.96
C ARG M 655 -34.58 5.89 27.65
N TRP M 656 -35.44 6.59 28.40
CA TRP M 656 -36.56 5.94 29.07
C TRP M 656 -37.40 5.20 28.03
N PHE M 657 -37.57 5.81 26.87
CA PHE M 657 -38.34 5.21 25.80
C PHE M 657 -37.62 4.00 25.24
N ALA M 658 -36.33 4.17 24.97
CA ALA M 658 -35.51 3.10 24.42
C ALA M 658 -35.52 1.86 25.29
N GLU M 659 -35.59 2.07 26.61
CA GLU M 659 -35.58 0.95 27.56
C GLU M 659 -36.97 0.54 28.02
N GLY M 660 -37.99 1.09 27.37
CA GLY M 660 -39.35 0.75 27.71
C GLY M 660 -39.77 0.93 29.16
N ARG M 661 -39.42 2.07 29.74
CA ARG M 661 -39.79 2.35 31.12
C ARG M 661 -40.46 3.72 31.20
N GLU M 662 -40.83 4.14 32.41
CA GLU M 662 -41.49 5.42 32.60
C GLU M 662 -40.64 6.60 32.18
N LYS M 663 -41.29 7.62 31.62
CA LYS M 663 -40.61 8.83 31.19
C LYS M 663 -40.01 9.43 32.46
N ASP M 664 -38.72 9.76 32.41
CA ASP M 664 -38.03 10.29 33.58
C ASP M 664 -37.29 11.61 33.40
N THR M 665 -37.47 12.24 32.25
CA THR M 665 -36.82 13.52 31.97
C THR M 665 -37.69 14.69 32.44
N PRO M 666 -37.15 15.91 32.37
CA PRO M 666 -37.91 17.08 32.79
C PRO M 666 -38.90 17.56 31.72
N ASP M 667 -38.99 16.84 30.61
CA ASP M 667 -39.87 17.26 29.52
C ASP M 667 -41.31 17.52 29.96
N TRP M 668 -41.94 18.47 29.27
CA TRP M 668 -43.32 18.86 29.57
C TRP M 668 -44.34 17.87 29.05
N GLY M 669 -43.87 16.72 28.60
CA GLY M 669 -44.77 15.70 28.09
C GLY M 669 -44.07 14.37 27.92
N PRO M 670 -44.80 13.32 27.53
CA PRO M 670 -46.23 13.36 27.25
C PRO M 670 -47.11 13.52 28.48
N ARG M 671 -48.35 13.98 28.26
CA ARG M 671 -49.28 14.15 29.36
C ARG M 671 -49.71 12.76 29.78
N LEU M 672 -49.89 12.58 31.08
CA LEU M 672 -50.28 11.30 31.65
C LEU M 672 -51.42 10.57 30.92
N ASN M 673 -52.41 11.31 30.45
CA ASN M 673 -53.53 10.69 29.77
C ASN M 673 -53.15 10.17 28.39
N ASN M 674 -52.01 10.62 27.87
CA ASN M 674 -51.53 10.18 26.56
C ASN M 674 -50.55 9.00 26.63
N GLN M 675 -50.51 8.35 27.80
CA GLN M 675 -49.64 7.19 28.00
C GLN M 675 -50.35 6.13 28.83
N VAL M 676 -49.85 4.90 28.76
CA VAL M 676 -50.37 3.82 29.57
C VAL M 676 -49.29 3.63 30.63
N CYS M 677 -49.64 3.93 31.89
CA CYS M 677 -48.72 3.80 33.01
C CYS M 677 -47.44 4.59 32.76
N ARG M 678 -47.63 5.77 32.17
CA ARG M 678 -46.58 6.71 31.81
C ARG M 678 -45.34 6.15 31.12
N LYS M 679 -45.58 5.24 30.19
CA LYS M 679 -44.54 4.63 29.38
C LYS M 679 -44.94 4.88 27.94
N GLY M 680 -43.95 4.96 27.05
CA GLY M 680 -44.26 5.17 25.64
C GLY M 680 -44.47 6.60 25.20
N LEU M 681 -44.50 6.78 23.89
CA LEU M 681 -44.70 8.09 23.29
C LEU M 681 -46.17 8.49 23.39
N GLN M 682 -46.45 9.76 23.09
CA GLN M 682 -47.80 10.29 23.13
C GLN M 682 -48.77 9.63 22.15
N THR M 683 -48.24 8.99 21.11
CA THR M 683 -49.08 8.33 20.12
C THR M 683 -49.97 7.27 20.76
N THR M 684 -51.05 6.91 20.06
CA THR M 684 -51.99 5.91 20.56
C THR M 684 -51.29 4.64 21.00
N THR M 685 -50.49 4.06 20.11
CA THR M 685 -49.78 2.82 20.41
C THR M 685 -48.63 3.02 21.39
N GLY M 686 -48.13 4.24 21.47
CA GLY M 686 -47.02 4.55 22.35
C GLY M 686 -45.71 4.28 21.62
N LYS M 687 -45.81 3.90 20.36
CA LYS M 687 -44.63 3.59 19.56
C LYS M 687 -44.45 4.58 18.41
N VAL M 688 -43.32 4.45 17.71
CA VAL M 688 -43.06 5.29 16.57
C VAL M 688 -43.95 4.68 15.50
N GLU M 689 -44.92 5.46 15.03
CA GLU M 689 -45.88 4.96 14.04
C GLU M 689 -45.55 5.28 12.58
N PHE M 690 -45.01 4.30 11.87
CA PHE M 690 -44.67 4.48 10.47
C PHE M 690 -45.94 4.65 9.66
N ILE M 691 -47.03 4.15 10.21
CA ILE M 691 -48.36 4.31 9.64
C ILE M 691 -49.03 4.99 10.83
N ALA M 692 -49.15 6.32 10.75
CA ALA M 692 -49.74 7.09 11.83
C ALA M 692 -51.22 6.81 12.01
N THR M 693 -51.60 6.35 13.20
CA THR M 693 -53.02 6.06 13.47
C THR M 693 -53.85 7.33 13.41
N SER M 694 -53.28 8.45 13.86
CA SER M 694 -53.99 9.72 13.85
C SER M 694 -54.37 10.10 12.43
N LEU M 695 -53.42 10.06 11.51
CA LEU M 695 -53.70 10.40 10.12
C LEU M 695 -54.59 9.35 9.48
N LYS M 696 -54.46 8.11 9.90
CA LYS M 696 -55.29 7.05 9.35
C LYS M 696 -56.75 7.30 9.74
N ASN M 697 -56.97 7.79 10.95
CA ASN M 697 -58.32 8.11 11.40
C ASN M 697 -58.85 9.26 10.54
N PHE M 698 -57.99 10.26 10.36
CA PHE M 698 -58.31 11.46 9.58
C PHE M 698 -58.76 11.10 8.17
N GLU M 699 -57.98 10.28 7.47
CA GLU M 699 -58.34 9.90 6.11
C GLU M 699 -59.59 9.02 6.01
N GLU M 700 -59.86 8.23 7.05
CA GLU M 700 -61.06 7.38 7.02
C GLU M 700 -62.29 8.21 7.39
N GLN M 701 -62.04 9.40 7.92
CA GLN M 701 -63.12 10.31 8.28
C GLN M 701 -63.49 11.14 7.05
N GLY M 702 -62.79 10.88 5.95
CA GLY M 702 -63.07 11.59 4.71
C GLY M 702 -62.11 12.69 4.31
N TYR M 703 -61.08 12.95 5.12
CA TYR M 703 -60.13 14.01 4.79
C TYR M 703 -58.94 13.47 4.00
N ILE M 704 -59.17 13.23 2.73
CA ILE M 704 -58.15 12.70 1.83
C ILE M 704 -57.13 13.80 1.50
N ASP M 705 -55.86 13.48 1.67
CA ASP M 705 -54.78 14.43 1.42
C ASP M 705 -53.56 13.66 0.94
N GLU M 706 -53.41 13.59 -0.37
CA GLU M 706 -52.33 12.88 -1.03
C GLU M 706 -50.93 13.31 -0.60
N HIS M 707 -50.76 14.58 -0.26
CA HIS M 707 -49.43 15.04 0.16
C HIS M 707 -49.11 14.90 1.64
N ARG M 708 -49.90 14.07 2.31
CA ARG M 708 -49.69 13.79 3.71
C ARG M 708 -50.32 12.43 4.02
N PRO M 709 -49.80 11.36 3.41
CA PRO M 709 -50.32 10.01 3.62
C PRO M 709 -50.06 9.55 5.05
N SER M 710 -50.89 8.64 5.54
CA SER M 710 -50.73 8.13 6.89
C SER M 710 -49.40 7.39 7.05
N MET M 711 -48.92 6.77 5.97
CA MET M 711 -47.64 6.07 6.00
C MET M 711 -46.54 6.91 5.37
N HIS M 712 -45.40 7.02 6.06
CA HIS M 712 -44.26 7.77 5.55
C HIS M 712 -43.78 7.10 4.27
N THR M 713 -43.94 7.80 3.15
CA THR M 713 -43.55 7.27 1.85
C THR M 713 -42.84 8.35 1.04
N TYR M 714 -42.34 7.99 -0.13
CA TYR M 714 -41.65 8.97 -0.95
C TYR M 714 -42.62 9.77 -1.79
N VAL M 715 -43.21 10.80 -1.19
CA VAL M 715 -44.13 11.66 -1.90
C VAL M 715 -43.26 12.69 -2.62
N PRO M 716 -43.24 12.67 -3.95
CA PRO M 716 -42.40 13.65 -4.65
C PRO M 716 -42.78 15.07 -4.23
N ALA M 717 -41.77 15.91 -3.98
CA ALA M 717 -42.02 17.30 -3.57
C ALA M 717 -42.75 18.05 -4.69
N TRP M 718 -43.91 18.65 -4.38
CA TRP M 718 -44.65 19.36 -5.42
C TRP M 718 -43.91 20.53 -6.07
N GLU M 719 -42.92 21.09 -5.37
CA GLU M 719 -42.14 22.15 -6.00
C GLU M 719 -40.67 21.71 -5.99
N SER M 720 -40.34 20.81 -6.92
CA SER M 720 -39.00 20.28 -7.07
C SER M 720 -38.68 20.34 -8.55
N GLN M 721 -37.42 20.23 -8.91
CA GLN M 721 -37.00 20.33 -10.31
C GLN M 721 -37.48 19.24 -11.26
N LYS M 722 -37.64 18.02 -10.78
CA LYS M 722 -38.10 16.98 -11.70
C LYS M 722 -39.56 16.59 -11.53
N HIS M 723 -40.24 17.17 -10.54
CA HIS M 723 -41.63 16.82 -10.30
C HIS M 723 -42.64 17.95 -10.48
N SER M 724 -42.16 19.13 -10.83
CA SER M 724 -43.06 20.28 -11.03
C SER M 724 -42.98 20.81 -12.46
N PRO M 725 -44.14 21.02 -13.11
CA PRO M 725 -44.16 21.54 -14.48
C PRO M 725 -43.43 22.88 -14.56
N LEU M 726 -43.37 23.57 -13.42
CA LEU M 726 -42.72 24.87 -13.32
C LEU M 726 -41.24 24.82 -13.69
N ALA M 727 -40.59 23.69 -13.40
CA ALA M 727 -39.17 23.51 -13.69
C ALA M 727 -38.79 23.87 -15.12
N VAL M 728 -39.75 23.79 -16.04
CA VAL M 728 -39.48 24.11 -17.43
C VAL M 728 -39.00 25.55 -17.60
N LYS M 729 -39.76 26.50 -17.04
CA LYS M 729 -39.40 27.91 -17.12
C LYS M 729 -38.40 28.27 -16.03
N TYR M 730 -38.51 27.59 -14.90
CA TYR M 730 -37.66 27.85 -13.75
C TYR M 730 -36.95 26.58 -13.33
N PRO M 731 -35.83 26.25 -14.01
CA PRO M 731 -35.02 25.06 -13.75
C PRO M 731 -34.13 25.08 -12.51
N LEU M 732 -33.88 26.27 -11.97
CA LEU M 732 -33.01 26.38 -10.80
C LEU M 732 -33.75 26.18 -9.48
N GLY M 733 -33.21 25.30 -8.64
CA GLY M 733 -33.82 25.04 -7.34
C GLY M 733 -33.26 25.99 -6.29
N MET M 734 -34.13 26.78 -5.68
CA MET M 734 -33.70 27.73 -4.66
C MET M 734 -34.15 27.39 -3.25
N LEU M 735 -33.22 27.50 -2.31
CA LEU M 735 -33.52 27.28 -0.90
C LEU M 735 -33.14 28.61 -0.25
N SER M 736 -33.93 29.04 0.72
CA SER M 736 -33.69 30.32 1.38
C SER M 736 -33.76 30.26 2.90
N PRO M 737 -32.73 29.69 3.55
CA PRO M 737 -32.63 29.52 5.01
C PRO M 737 -32.57 30.87 5.75
N HIS M 738 -32.30 30.82 7.06
CA HIS M 738 -32.24 32.03 7.85
C HIS M 738 -30.93 32.80 7.67
N PRO M 739 -31.01 34.14 7.65
CA PRO M 739 -29.87 35.04 7.48
C PRO M 739 -28.72 34.83 8.45
N ARG M 740 -27.53 34.68 7.90
CA ARG M 740 -26.29 34.47 8.67
C ARG M 740 -25.95 35.66 9.57
N PHE M 741 -26.10 36.88 9.06
CA PHE M 741 -25.75 38.04 9.86
C PHE M 741 -26.90 38.86 10.40
N SER M 742 -28.04 38.22 10.62
CA SER M 742 -29.20 38.92 11.16
C SER M 742 -30.20 37.96 11.79
N MET M 743 -30.85 38.39 12.86
CA MET M 743 -31.87 37.57 13.49
C MET M 743 -33.09 37.96 12.66
N HIS M 744 -33.29 37.24 11.57
CA HIS M 744 -34.37 37.53 10.64
C HIS M 744 -34.26 38.98 10.17
N THR M 745 -35.30 39.78 10.30
CA THR M 745 -35.22 41.16 9.83
C THR M 745 -34.44 42.05 10.79
N MET M 746 -34.27 41.59 12.03
CA MET M 746 -33.58 42.37 13.04
C MET M 746 -32.05 42.29 12.95
N GLY M 747 -31.51 43.04 12.00
CA GLY M 747 -30.08 43.06 11.76
C GLY M 747 -29.82 43.67 10.39
N ASP M 748 -30.60 43.22 9.41
CA ASP M 748 -30.48 43.72 8.04
C ASP M 748 -30.99 45.15 7.90
N GLY M 749 -30.60 45.80 6.81
CA GLY M 749 -31.03 47.16 6.55
C GLY M 749 -30.81 48.09 7.73
N LYS M 750 -31.68 49.07 7.90
CA LYS M 750 -31.60 50.03 9.00
C LYS M 750 -30.29 50.81 8.97
N ASN M 751 -29.53 50.67 7.88
CA ASN M 751 -28.26 51.34 7.77
C ASN M 751 -27.34 50.86 8.91
N SER M 752 -27.54 49.61 9.33
CA SER M 752 -26.74 49.01 10.41
C SER M 752 -25.35 48.66 9.90
N TYR M 753 -24.45 48.31 10.83
CA TYR M 753 -23.09 47.96 10.45
C TYR M 753 -23.04 46.62 9.71
N MET M 754 -23.98 45.74 10.00
CA MET M 754 -24.05 44.41 9.37
C MET M 754 -24.11 44.49 7.86
N ASN M 755 -24.65 45.58 7.34
CA ASN M 755 -24.76 45.77 5.90
C ASN M 755 -23.40 45.92 5.20
N TYR M 756 -22.34 46.17 5.97
CA TYR M 756 -21.01 46.30 5.36
C TYR M 756 -20.27 44.95 5.34
N ILE M 757 -20.92 43.91 5.83
CA ILE M 757 -20.32 42.58 5.86
C ILE M 757 -20.29 42.02 4.44
N LYS M 758 -19.11 41.57 4.02
CA LYS M 758 -18.92 41.05 2.67
C LYS M 758 -19.94 40.01 2.24
N ASP M 759 -20.22 39.05 3.11
CA ASP M 759 -21.16 37.99 2.77
C ASP M 759 -22.60 38.25 3.22
N HIS M 760 -22.97 39.53 3.33
CA HIS M 760 -24.34 39.90 3.70
C HIS M 760 -25.00 40.65 2.56
N ARG M 761 -24.40 41.78 2.17
CA ARG M 761 -24.89 42.58 1.07
C ARG M 761 -23.69 43.08 0.27
N VAL M 762 -23.87 43.28 -1.03
CA VAL M 762 -22.80 43.75 -1.89
C VAL M 762 -23.18 45.11 -2.46
N GLU M 763 -22.33 46.11 -2.22
CA GLU M 763 -22.61 47.45 -2.73
C GLU M 763 -22.26 47.58 -4.21
N VAL M 764 -23.26 47.94 -5.00
CA VAL M 764 -23.07 48.13 -6.43
C VAL M 764 -23.65 49.49 -6.81
N ASP M 765 -22.76 50.41 -7.16
CA ASP M 765 -23.15 51.77 -7.55
C ASP M 765 -23.91 52.51 -6.45
N GLY M 766 -23.40 52.44 -5.23
CA GLY M 766 -24.03 53.14 -4.12
C GLY M 766 -25.16 52.43 -3.42
N TYR M 767 -25.58 51.28 -3.93
CA TYR M 767 -26.67 50.52 -3.31
C TYR M 767 -26.15 49.16 -2.86
N LYS M 768 -26.49 48.76 -1.64
CA LYS M 768 -26.05 47.47 -1.10
C LYS M 768 -27.12 46.41 -1.37
N TYR M 769 -26.89 45.59 -2.40
CA TYR M 769 -27.85 44.54 -2.76
C TYR M 769 -27.70 43.24 -1.99
N TRP M 770 -28.80 42.51 -1.91
CA TRP M 770 -28.88 41.22 -1.22
C TRP M 770 -28.18 40.18 -2.10
N ILE M 771 -27.57 39.20 -1.47
CA ILE M 771 -26.81 38.18 -2.19
C ILE M 771 -27.52 36.88 -2.54
N MET M 772 -27.23 36.39 -3.74
CA MET M 772 -27.73 35.09 -4.19
C MET M 772 -26.50 34.35 -4.67
N ARG M 773 -26.30 33.15 -4.12
CA ARG M 773 -25.16 32.32 -4.45
C ARG M 773 -25.51 31.40 -5.61
N VAL M 774 -24.63 31.39 -6.61
CA VAL M 774 -24.84 30.60 -7.81
C VAL M 774 -23.62 29.78 -8.16
N ASN M 775 -23.84 28.52 -8.53
CA ASN M 775 -22.74 27.63 -8.91
C ASN M 775 -22.09 28.18 -10.17
N SER M 776 -20.76 28.14 -10.19
CA SER M 776 -19.98 28.65 -11.32
C SER M 776 -20.51 28.16 -12.67
N ILE M 777 -20.93 26.91 -12.72
CA ILE M 777 -21.46 26.30 -13.93
C ILE M 777 -22.74 26.98 -14.42
N ASP M 778 -23.66 27.26 -13.51
CA ASP M 778 -24.91 27.89 -13.88
C ASP M 778 -24.69 29.37 -14.19
N ALA M 779 -23.79 30.00 -13.43
CA ALA M 779 -23.47 31.40 -13.66
C ALA M 779 -22.88 31.56 -15.06
N GLU M 780 -21.93 30.68 -15.38
CA GLU M 780 -21.24 30.69 -16.67
C GLU M 780 -22.23 30.52 -17.83
N ALA M 781 -23.19 29.62 -17.68
CA ALA M 781 -24.17 29.36 -18.72
C ALA M 781 -25.10 30.55 -18.96
N ARG M 782 -25.08 31.50 -18.03
CA ARG M 782 -25.94 32.67 -18.13
C ARG M 782 -25.17 33.98 -18.30
N GLY M 783 -23.87 33.87 -18.50
CA GLY M 783 -23.04 35.05 -18.68
C GLY M 783 -22.97 35.88 -17.40
N ILE M 784 -23.19 35.22 -16.27
CA ILE M 784 -23.15 35.90 -14.98
C ILE M 784 -21.78 35.79 -14.31
N LYS M 785 -21.27 36.92 -13.83
CA LYS M 785 -19.99 36.96 -13.15
C LYS M 785 -20.21 37.40 -11.71
N ASN M 786 -19.27 37.04 -10.85
CA ASN M 786 -19.36 37.39 -9.45
C ASN M 786 -19.51 38.91 -9.34
N GLY M 787 -20.48 39.35 -8.53
CA GLY M 787 -20.68 40.78 -8.35
C GLY M 787 -21.72 41.39 -9.27
N ASP M 788 -22.10 40.67 -10.33
CA ASP M 788 -23.10 41.18 -11.27
C ASP M 788 -24.46 41.27 -10.62
N LEU M 789 -25.28 42.21 -11.09
CA LEU M 789 -26.63 42.35 -10.57
C LEU M 789 -27.50 41.40 -11.38
N ILE M 790 -28.26 40.56 -10.70
CA ILE M 790 -29.11 39.60 -11.39
C ILE M 790 -30.55 39.71 -10.95
N ARG M 791 -31.43 39.14 -11.77
CA ARG M 791 -32.85 39.14 -11.48
C ARG M 791 -33.32 37.70 -11.27
N ALA M 792 -33.79 37.39 -10.07
CA ALA M 792 -34.30 36.06 -9.76
C ALA M 792 -35.80 36.19 -9.96
N TYR M 793 -36.41 35.26 -10.69
CA TYR M 793 -37.84 35.38 -10.95
C TYR M 793 -38.60 34.09 -11.26
N ASN M 794 -39.92 34.18 -11.12
CA ASN M 794 -40.86 33.12 -11.42
C ASN M 794 -42.23 33.78 -11.58
N ASP M 795 -43.29 33.00 -11.56
CA ASP M 795 -44.63 33.60 -11.73
C ASP M 795 -45.04 34.52 -10.58
N ARG M 796 -44.35 34.43 -9.46
CA ARG M 796 -44.68 35.24 -8.28
C ARG M 796 -44.04 36.61 -8.22
N GLY M 797 -43.00 36.83 -9.01
CA GLY M 797 -42.35 38.13 -8.98
C GLY M 797 -40.90 38.10 -9.44
N SER M 798 -40.21 39.22 -9.22
CA SER M 798 -38.80 39.36 -9.58
C SER M 798 -38.10 40.05 -8.42
N VAL M 799 -36.84 39.67 -8.21
CA VAL M 799 -36.03 40.27 -7.16
C VAL M 799 -34.65 40.53 -7.75
N ILE M 800 -34.12 41.72 -7.55
CA ILE M 800 -32.81 42.06 -8.08
C ILE M 800 -31.78 41.79 -6.99
N LEU M 801 -30.77 41.00 -7.34
CA LEU M 801 -29.75 40.58 -6.38
C LEU M 801 -28.32 40.71 -6.89
N ALA M 802 -27.36 40.59 -5.97
CA ALA M 802 -25.95 40.63 -6.30
C ALA M 802 -25.54 39.16 -6.39
N ALA M 803 -24.86 38.79 -7.47
CA ALA M 803 -24.44 37.41 -7.64
C ALA M 803 -23.12 37.07 -6.96
N GLN M 804 -23.08 35.90 -6.34
CA GLN M 804 -21.88 35.41 -5.68
C GLN M 804 -21.63 34.02 -6.26
N VAL M 805 -20.72 33.94 -7.23
CA VAL M 805 -20.42 32.65 -7.85
C VAL M 805 -19.64 31.82 -6.85
N THR M 806 -20.07 30.57 -6.67
CA THR M 806 -19.45 29.69 -5.69
C THR M 806 -19.49 28.22 -6.11
N GLU M 807 -18.84 27.38 -5.31
CA GLU M 807 -18.82 25.94 -5.55
C GLU M 807 -19.60 25.29 -4.43
N CYS M 808 -20.09 26.10 -3.50
CA CYS M 808 -20.82 25.61 -2.35
C CYS M 808 -22.27 25.23 -2.58
N LEU M 809 -22.57 24.77 -3.79
CA LEU M 809 -23.92 24.37 -4.17
C LEU M 809 -23.80 23.44 -5.37
N GLN M 810 -24.62 22.39 -5.40
CA GLN M 810 -24.60 21.49 -6.55
C GLN M 810 -25.11 22.28 -7.74
N PRO M 811 -24.48 22.12 -8.91
CA PRO M 811 -24.97 22.85 -10.09
C PRO M 811 -26.47 22.66 -10.26
N GLY M 812 -27.18 23.76 -10.55
CA GLY M 812 -28.61 23.69 -10.71
C GLY M 812 -29.34 24.16 -9.46
N THR M 813 -28.59 24.49 -8.42
CA THR M 813 -29.15 24.97 -7.16
C THR M 813 -28.61 26.34 -6.77
N VAL M 814 -29.52 27.25 -6.39
CA VAL M 814 -29.10 28.59 -5.98
C VAL M 814 -29.51 28.77 -4.51
N HIS M 815 -28.89 29.74 -3.85
CA HIS M 815 -29.15 29.98 -2.43
C HIS M 815 -29.16 31.46 -2.10
N SER M 816 -30.15 31.88 -1.32
CA SER M 816 -30.25 33.27 -0.90
C SER M 816 -31.05 33.26 0.40
N TYR M 817 -30.46 33.83 1.45
CA TYR M 817 -31.15 33.85 2.73
C TYR M 817 -32.44 34.66 2.66
N GLU M 818 -33.37 34.34 3.55
CA GLU M 818 -34.65 35.05 3.62
C GLU M 818 -34.55 36.08 4.74
N SER M 819 -35.69 36.66 5.11
CA SER M 819 -35.77 37.64 6.17
C SER M 819 -35.23 39.04 5.85
N CYS M 820 -35.03 39.34 4.57
CA CYS M 820 -34.55 40.66 4.17
C CYS M 820 -35.49 41.69 4.80
N ALA M 821 -34.93 42.71 5.45
CA ALA M 821 -35.77 43.73 6.10
C ALA M 821 -36.14 44.90 5.21
N VAL M 822 -35.52 44.98 4.03
CA VAL M 822 -35.77 46.07 3.11
C VAL M 822 -36.70 45.72 1.95
N TYR M 823 -37.82 46.41 1.85
CA TYR M 823 -38.72 46.21 0.73
C TYR M 823 -38.59 47.51 -0.07
N ASP M 824 -37.96 47.42 -1.23
CA ASP M 824 -37.73 48.59 -2.06
C ASP M 824 -38.12 48.30 -3.52
N PRO M 825 -39.42 48.40 -3.83
CA PRO M 825 -39.96 48.15 -5.18
C PRO M 825 -39.44 49.16 -6.19
N LEU M 826 -39.08 48.70 -7.38
CA LEU M 826 -38.59 49.60 -8.41
C LEU M 826 -39.77 50.22 -9.13
N GLY M 827 -40.95 49.64 -8.90
CA GLY M 827 -42.16 50.16 -9.51
C GLY M 827 -43.26 50.22 -8.47
N THR M 828 -44.49 49.93 -8.89
CA THR M 828 -45.62 49.95 -7.99
C THR M 828 -45.47 48.85 -6.95
N ALA M 829 -45.87 49.15 -5.72
CA ALA M 829 -45.78 48.19 -4.63
C ALA M 829 -46.59 46.93 -4.93
N GLY M 830 -46.00 45.77 -4.68
CA GLY M 830 -46.67 44.51 -4.91
C GLY M 830 -46.85 44.11 -6.36
N LYS M 831 -46.38 44.94 -7.29
CA LYS M 831 -46.53 44.65 -8.71
C LYS M 831 -45.26 44.74 -9.51
N SER M 832 -44.16 45.07 -8.85
CA SER M 832 -42.89 45.20 -9.57
C SER M 832 -41.73 44.51 -8.86
N ALA M 833 -40.59 44.42 -9.56
CA ALA M 833 -39.40 43.79 -9.01
C ALA M 833 -38.92 44.54 -7.79
N ASP M 834 -38.45 43.80 -6.80
CA ASP M 834 -37.93 44.40 -5.57
C ASP M 834 -36.40 44.35 -5.61
N ARG M 835 -35.76 45.41 -5.14
CA ARG M 835 -34.30 45.42 -5.13
C ARG M 835 -33.81 45.44 -3.69
N GLY M 836 -34.76 45.37 -2.75
CA GLY M 836 -34.39 45.32 -1.35
C GLY M 836 -33.75 43.98 -1.06
N GLY M 837 -34.31 42.93 -1.67
CA GLY M 837 -33.81 41.59 -1.48
C GLY M 837 -34.80 40.62 -0.86
N CYS M 838 -36.09 40.92 -0.98
CA CYS M 838 -37.13 40.06 -0.41
C CYS M 838 -37.35 38.78 -1.21
N ILE M 839 -36.48 37.81 -0.97
CA ILE M 839 -36.54 36.51 -1.65
C ILE M 839 -37.87 35.77 -1.48
N ASN M 840 -38.57 36.02 -0.37
CA ASN M 840 -39.84 35.34 -0.16
C ASN M 840 -40.95 35.81 -1.09
N ILE M 841 -40.58 36.69 -2.02
CA ILE M 841 -41.53 37.15 -3.02
C ILE M 841 -41.68 35.98 -4.00
N LEU M 842 -40.62 35.18 -4.09
CA LEU M 842 -40.55 34.05 -5.00
C LEU M 842 -40.93 32.68 -4.45
N THR M 843 -41.07 32.56 -3.14
CA THR M 843 -41.43 31.28 -2.54
C THR M 843 -42.90 30.92 -2.68
N PRO M 844 -43.20 29.63 -2.87
CA PRO M 844 -44.58 29.15 -3.03
C PRO M 844 -45.46 29.40 -1.82
N ASP M 845 -46.65 29.92 -2.04
CA ASP M 845 -47.59 30.18 -0.95
C ASP M 845 -48.55 29.01 -0.75
N ARG M 846 -48.43 27.99 -1.59
CA ARG M 846 -49.28 26.83 -1.45
C ARG M 846 -48.91 26.11 -0.15
N TYR M 847 -49.92 25.67 0.60
CA TYR M 847 -49.70 24.96 1.86
C TYR M 847 -48.90 23.66 1.62
N ILE M 848 -48.12 23.24 2.61
CA ILE M 848 -47.34 22.02 2.46
C ILE M 848 -48.20 20.87 1.93
N SER M 849 -49.39 20.70 2.50
CA SER M 849 -50.31 19.67 2.01
C SER M 849 -51.71 20.29 2.08
N LYS M 850 -52.73 19.52 1.75
CA LYS M 850 -54.08 20.07 1.76
C LYS M 850 -54.50 20.51 3.17
N TYR M 851 -54.21 19.70 4.18
CA TYR M 851 -54.56 20.04 5.55
C TYR M 851 -53.37 20.45 6.41
N ALA M 852 -52.16 20.16 5.94
CA ALA M 852 -50.96 20.56 6.67
C ALA M 852 -50.76 22.01 6.25
N CYS M 853 -51.33 22.93 7.01
CA CYS M 853 -51.29 24.35 6.69
C CYS M 853 -50.04 25.11 7.11
N GLY M 854 -48.89 24.63 6.63
CA GLY M 854 -47.62 25.25 6.94
C GLY M 854 -46.96 25.82 5.70
N MET M 855 -45.88 26.56 5.89
CA MET M 855 -45.17 27.18 4.77
C MET M 855 -44.15 26.20 4.17
N ALA M 856 -44.04 26.20 2.85
CA ALA M 856 -43.12 25.30 2.14
C ALA M 856 -42.02 26.06 1.41
N ASN M 857 -41.60 27.16 2.01
CA ASN M 857 -40.60 28.05 1.44
C ASN M 857 -39.33 27.50 0.79
N ASN M 858 -38.62 26.63 1.50
CA ASN M 858 -37.35 26.12 0.99
C ASN M 858 -37.30 25.22 -0.25
N THR M 859 -38.43 25.11 -0.94
CA THR M 859 -38.48 24.40 -2.21
C THR M 859 -39.11 25.45 -3.13
N ALA M 860 -38.27 26.16 -3.86
CA ALA M 860 -38.74 27.21 -4.76
C ALA M 860 -38.00 27.15 -6.09
N LEU M 861 -38.75 27.04 -7.18
CA LEU M 861 -38.15 27.00 -8.50
C LEU M 861 -38.07 28.43 -9.04
N VAL M 862 -36.93 28.80 -9.60
CA VAL M 862 -36.71 30.13 -10.16
C VAL M 862 -35.77 30.07 -11.35
N GLU M 863 -35.64 31.20 -12.03
CA GLU M 863 -34.73 31.34 -13.15
C GLU M 863 -34.04 32.65 -12.87
N ILE M 864 -32.79 32.78 -13.29
CA ILE M 864 -32.05 34.01 -13.05
C ILE M 864 -31.36 34.43 -14.33
N GLU M 865 -31.06 35.73 -14.42
CA GLU M 865 -30.40 36.31 -15.58
C GLU M 865 -29.78 37.62 -15.13
N LYS M 866 -28.78 38.08 -15.86
CA LYS M 866 -28.17 39.36 -15.53
C LYS M 866 -29.32 40.33 -15.67
N TRP M 867 -29.45 41.25 -14.72
CA TRP M 867 -30.54 42.22 -14.74
C TRP M 867 -30.33 43.30 -15.80
N ASP M 868 -31.35 43.50 -16.64
CA ASP M 868 -31.29 44.50 -17.71
C ASP M 868 -31.63 45.91 -17.25
N GLY M 869 -32.01 46.05 -15.97
CA GLY M 869 -32.34 47.36 -15.45
C GLY M 869 -33.82 47.70 -15.44
N ASP M 870 -34.65 46.85 -16.02
CA ASP M 870 -36.08 47.12 -16.06
C ASP M 870 -36.68 46.91 -14.68
N LYS M 871 -37.85 47.50 -14.44
CA LYS M 871 -38.51 47.40 -13.15
C LYS M 871 -39.50 46.23 -13.11
N TYR M 872 -39.80 45.68 -14.27
CA TYR M 872 -40.72 44.56 -14.38
C TYR M 872 -42.03 44.76 -13.63
N GLU M 873 -42.77 45.79 -14.01
CA GLU M 873 -44.04 46.03 -13.37
C GLU M 873 -45.04 45.13 -14.09
N ILE M 874 -45.05 43.86 -13.73
CA ILE M 874 -45.92 42.89 -14.37
C ILE M 874 -46.64 41.96 -13.41
N TYR M 875 -46.59 42.25 -12.11
CA TYR M 875 -47.25 41.37 -11.15
C TYR M 875 -48.49 41.97 -10.49
N MET N 1 11.06 45.89 27.95
CA MET N 1 10.34 46.30 26.70
C MET N 1 9.49 45.16 26.17
N GLU N 2 8.36 44.92 26.85
CA GLU N 2 7.44 43.87 26.47
C GLU N 2 6.69 44.38 25.25
N GLN N 3 6.42 43.49 24.30
CA GLN N 3 5.71 43.87 23.09
C GLN N 3 4.43 43.06 22.90
N TYR N 4 3.51 43.61 22.11
CA TYR N 4 2.25 42.94 21.82
C TYR N 4 2.38 42.09 20.56
N TYR N 5 1.67 40.98 20.54
CA TYR N 5 1.66 40.09 19.37
C TYR N 5 0.27 39.52 19.25
N MET N 6 -0.09 39.09 18.05
CA MET N 6 -1.40 38.49 17.82
C MET N 6 -1.26 37.30 16.90
N VAL N 7 -1.92 36.20 17.26
CA VAL N 7 -1.87 34.99 16.45
C VAL N 7 -3.28 34.62 16.04
N ILE N 8 -3.47 34.46 14.74
CA ILE N 8 -4.77 34.13 14.18
C ILE N 8 -4.76 32.74 13.57
N ASP N 9 -5.69 31.90 14.01
CA ASP N 9 -5.79 30.53 13.51
C ASP N 9 -6.78 30.47 12.35
N VAL N 10 -6.26 30.45 11.14
CA VAL N 10 -7.11 30.40 9.95
C VAL N 10 -8.05 29.19 9.97
N ALA N 11 -7.55 28.07 10.47
CA ALA N 11 -8.32 26.83 10.55
C ALA N 11 -9.61 27.00 11.34
N LYS N 12 -9.66 28.01 12.20
CA LYS N 12 -10.86 28.23 13.01
C LYS N 12 -11.76 29.40 12.60
N CYS N 13 -11.43 30.14 11.54
CA CYS N 13 -12.30 31.26 11.12
C CYS N 13 -13.54 30.77 10.42
N GLN N 14 -14.71 31.25 10.84
CA GLN N 14 -15.95 30.88 10.18
C GLN N 14 -16.61 32.08 9.46
N ASP N 15 -15.95 33.24 9.53
CA ASP N 15 -16.43 34.46 8.86
C ASP N 15 -17.79 34.98 9.40
N CYS N 16 -18.02 34.86 10.70
CA CYS N 16 -19.27 35.35 11.30
C CYS N 16 -19.23 36.87 11.43
N ASN N 17 -18.01 37.43 11.35
CA ASN N 17 -17.79 38.88 11.43
C ASN N 17 -17.93 39.55 12.79
N ASN N 18 -17.79 38.79 13.87
CA ASN N 18 -17.88 39.39 15.19
C ASN N 18 -16.76 40.45 15.34
N CYS N 19 -15.59 40.21 14.73
CA CYS N 19 -14.43 41.14 14.76
C CYS N 19 -14.87 42.50 14.29
N PHE N 20 -15.06 42.48 12.97
CA PHE N 20 -15.47 43.61 12.16
C PHE N 20 -16.55 44.39 12.86
N MET N 21 -17.57 43.69 13.34
CA MET N 21 -18.65 44.37 14.02
C MET N 21 -18.09 44.97 15.30
N GLY N 22 -17.03 44.36 15.80
CA GLY N 22 -16.35 44.86 16.98
C GLY N 22 -15.68 46.21 16.79
N CYS N 23 -14.91 46.42 15.71
CA CYS N 23 -14.31 47.76 15.52
C CYS N 23 -15.39 48.77 15.41
N MET N 24 -16.22 48.57 14.38
CA MET N 24 -17.31 49.48 14.08
C MET N 24 -17.99 49.92 15.35
N ASP N 25 -18.30 48.97 16.22
CA ASP N 25 -18.95 49.28 17.48
C ASP N 25 -18.06 50.22 18.26
N GLU N 26 -16.76 49.91 18.25
CA GLU N 26 -15.77 50.69 18.98
C GLU N 26 -15.33 52.00 18.33
N HIS N 27 -15.35 52.05 17.00
CA HIS N 27 -14.86 53.25 16.30
C HIS N 27 -15.79 54.08 15.41
N GLU N 28 -16.84 53.48 14.86
CA GLU N 28 -17.73 54.23 13.97
C GLU N 28 -18.44 55.41 14.63
N LEU N 29 -18.94 55.21 15.84
CA LEU N 29 -19.66 56.27 16.55
C LEU N 29 -18.85 56.94 17.66
N ASN N 30 -17.60 56.52 17.84
CA ASN N 30 -16.76 57.08 18.88
C ASN N 30 -15.51 57.75 18.31
N GLU N 31 -14.99 58.72 19.07
CA GLU N 31 -13.77 59.41 18.68
C GLU N 31 -12.83 59.18 19.85
N TRP N 32 -11.59 58.84 19.54
CA TRP N 32 -10.61 58.60 20.59
C TRP N 32 -9.43 59.55 20.44
N PRO N 33 -9.55 60.75 21.03
CA PRO N 33 -8.50 61.77 20.98
C PRO N 33 -7.14 61.19 21.32
N GLY N 34 -6.17 61.44 20.45
CA GLY N 34 -4.82 60.94 20.67
C GLY N 34 -4.59 59.67 19.89
N TYR N 35 -5.68 58.99 19.51
CA TYR N 35 -5.57 57.74 18.77
C TYR N 35 -6.21 57.76 17.39
N THR N 36 -7.47 58.19 17.33
CA THR N 36 -8.15 58.21 16.04
C THR N 36 -9.51 58.88 16.08
N ALA N 37 -9.89 59.46 14.95
CA ALA N 37 -11.20 60.10 14.83
C ALA N 37 -12.15 58.94 14.54
N SER N 38 -13.45 59.19 14.50
CA SER N 38 -14.39 58.11 14.25
C SER N 38 -14.14 57.46 12.88
N MET N 39 -14.38 56.16 12.81
CA MET N 39 -14.20 55.38 11.59
C MET N 39 -15.24 55.70 10.53
N GLN N 40 -14.85 55.65 9.27
CA GLN N 40 -15.78 55.91 8.18
C GLN N 40 -16.47 54.61 7.77
N ARG N 41 -17.79 54.65 7.62
CA ARG N 41 -18.57 53.49 7.21
C ARG N 41 -18.06 52.93 5.90
N GLY N 42 -17.79 51.62 5.88
CA GLY N 42 -17.29 50.99 4.67
C GLY N 42 -15.83 50.61 4.75
N HIS N 43 -15.12 51.18 5.72
CA HIS N 43 -13.71 50.84 5.88
C HIS N 43 -13.56 49.46 6.49
N ARG N 44 -12.41 48.83 6.24
CA ARG N 44 -12.17 47.49 6.77
C ARG N 44 -10.85 47.44 7.54
N TRP N 45 -10.77 48.16 8.67
CA TRP N 45 -9.57 48.15 9.47
C TRP N 45 -9.25 46.68 9.72
N MET N 46 -10.30 45.92 9.98
CA MET N 46 -10.21 44.48 10.16
C MET N 46 -10.78 43.99 8.85
N ASN N 47 -9.93 43.44 7.99
CA ASN N 47 -10.39 42.97 6.70
C ASN N 47 -10.33 41.45 6.64
N ILE N 48 -11.50 40.82 6.67
CA ILE N 48 -11.59 39.36 6.62
C ILE N 48 -11.62 38.87 5.18
N GLU N 49 -10.50 38.32 4.71
CA GLU N 49 -10.39 37.81 3.35
C GLU N 49 -11.03 36.43 3.24
N ARG N 50 -11.69 36.20 2.10
CA ARG N 50 -12.39 34.94 1.85
C ARG N 50 -11.83 34.27 0.61
N ARG N 51 -11.55 32.98 0.70
CA ARG N 51 -11.03 32.26 -0.45
C ARG N 51 -11.50 30.81 -0.60
N GLU N 52 -12.31 30.56 -1.61
CA GLU N 52 -12.79 29.22 -1.89
C GLU N 52 -11.70 28.48 -2.67
N ARG N 53 -11.63 27.15 -2.51
CA ARG N 53 -10.65 26.36 -3.22
C ARG N 53 -11.30 25.12 -3.83
N GLY N 54 -10.78 24.69 -4.98
CA GLY N 54 -11.31 23.50 -5.63
C GLY N 54 -12.61 23.68 -6.36
N THR N 55 -13.25 22.56 -6.70
CA THR N 55 -14.52 22.57 -7.42
C THR N 55 -15.50 21.55 -6.87
N TYR N 56 -16.78 21.89 -6.91
CA TYR N 56 -17.83 21.00 -6.44
C TYR N 56 -17.56 19.61 -7.00
N PRO N 57 -17.73 18.55 -6.18
CA PRO N 57 -18.15 18.54 -4.78
C PRO N 57 -17.04 18.48 -3.73
N ARG N 58 -15.79 18.53 -4.17
CA ARG N 58 -14.68 18.46 -3.21
C ARG N 58 -13.96 19.79 -3.03
N ASN N 59 -14.77 20.83 -2.94
CA ASN N 59 -14.29 22.20 -2.77
C ASN N 59 -14.26 22.54 -1.27
N ASP N 60 -13.66 23.67 -0.94
CA ASP N 60 -13.63 24.14 0.44
C ASP N 60 -13.41 25.64 0.48
N ILE N 61 -13.39 26.20 1.68
CA ILE N 61 -13.18 27.64 1.79
C ILE N 61 -12.57 27.96 3.13
N ASN N 62 -11.71 28.97 3.14
CA ASN N 62 -11.04 29.40 4.35
C ASN N 62 -10.99 30.93 4.40
N TYR N 63 -10.86 31.47 5.60
CA TYR N 63 -10.84 32.91 5.77
C TYR N 63 -9.62 33.41 6.51
N ARG N 64 -9.19 34.62 6.18
CA ARG N 64 -8.02 35.20 6.82
C ARG N 64 -8.28 36.59 7.38
N PRO N 65 -8.61 36.67 8.68
CA PRO N 65 -8.85 37.97 9.28
C PRO N 65 -7.55 38.74 9.11
N THR N 66 -7.64 39.97 8.61
CA THR N 66 -6.44 40.76 8.36
C THR N 66 -6.50 42.18 8.91
N PRO N 67 -5.98 42.39 10.12
CA PRO N 67 -5.99 43.73 10.70
C PRO N 67 -4.71 44.40 10.22
N CYS N 68 -4.17 45.28 11.05
CA CYS N 68 -2.92 45.93 10.70
C CYS N 68 -1.83 44.97 11.15
N MET N 69 -0.76 44.83 10.36
CA MET N 69 0.32 43.93 10.74
C MET N 69 1.20 44.54 11.83
N HIS N 70 1.12 45.86 12.01
CA HIS N 70 1.94 46.56 12.99
C HIS N 70 3.37 46.02 12.95
N CYS N 71 3.88 45.82 11.74
CA CYS N 71 5.20 45.26 11.55
C CYS N 71 6.33 46.04 12.24
N GLU N 72 7.31 45.28 12.73
CA GLU N 72 8.45 45.81 13.45
C GLU N 72 9.32 46.76 12.63
N ASN N 73 9.34 46.54 11.32
CA ASN N 73 10.09 47.37 10.39
C ASN N 73 9.04 47.98 9.46
N ALA N 74 8.25 48.88 10.02
CA ALA N 74 7.15 49.53 9.32
C ALA N 74 7.50 50.55 8.23
N PRO N 75 7.12 50.26 6.98
CA PRO N 75 7.38 51.14 5.84
C PRO N 75 6.72 52.51 6.01
N CYS N 76 5.51 52.55 6.56
CA CYS N 76 4.88 53.87 6.70
C CYS N 76 5.45 54.71 7.81
N VAL N 77 6.12 54.08 8.77
CA VAL N 77 6.70 54.90 9.80
C VAL N 77 7.93 55.50 9.13
N ALA N 78 8.63 54.68 8.34
CA ALA N 78 9.83 55.13 7.65
C ALA N 78 9.56 56.18 6.57
N LYS N 79 8.43 56.06 5.89
CA LYS N 79 8.09 57.01 4.83
C LYS N 79 6.88 57.86 5.16
N GLY N 80 6.51 57.93 6.43
CA GLY N 80 5.36 58.72 6.84
C GLY N 80 5.69 60.15 7.19
N ASN N 81 6.96 60.53 7.06
CA ASN N 81 7.39 61.89 7.33
C ASN N 81 6.88 62.39 8.69
N GLY N 82 6.99 61.54 9.71
CA GLY N 82 6.56 61.93 11.03
C GLY N 82 5.07 61.82 11.30
N ALA N 83 4.29 61.44 10.29
CA ALA N 83 2.84 61.33 10.47
C ALA N 83 2.44 59.97 11.03
N VAL N 84 3.39 59.05 11.11
CA VAL N 84 3.15 57.71 11.65
C VAL N 84 4.32 57.36 12.56
N TYR N 85 4.02 56.85 13.75
CA TYR N 85 5.07 56.48 14.69
C TYR N 85 4.92 55.08 15.25
N GLN N 86 5.98 54.57 15.85
CA GLN N 86 6.00 53.24 16.43
C GLN N 86 6.23 53.32 17.93
N ARG N 87 5.36 52.68 18.70
CA ARG N 87 5.49 52.70 20.15
C ARG N 87 6.45 51.60 20.61
N GLU N 88 6.90 51.70 21.85
CA GLU N 88 7.83 50.70 22.37
C GLU N 88 7.19 49.32 22.51
N ASP N 89 5.88 49.29 22.73
CA ASP N 89 5.19 48.02 22.88
C ASP N 89 4.88 47.39 21.53
N GLY N 90 5.40 48.00 20.47
CA GLY N 90 5.20 47.46 19.14
C GLY N 90 4.06 48.03 18.31
N ILE N 91 3.08 48.64 18.97
CA ILE N 91 1.94 49.21 18.25
C ILE N 91 2.36 50.38 17.35
N VAL N 92 1.92 50.33 16.10
CA VAL N 92 2.20 51.37 15.12
C VAL N 92 0.93 52.21 15.00
N LEU N 93 1.04 53.52 15.23
CA LEU N 93 -0.11 54.41 15.19
C LEU N 93 0.06 55.62 14.30
N ILE N 94 -1.03 56.00 13.64
CA ILE N 94 -1.06 57.16 12.77
C ILE N 94 -1.40 58.36 13.64
N ASP N 95 -0.68 59.46 13.48
CA ASP N 95 -1.00 60.66 14.26
C ASP N 95 -2.22 61.25 13.58
N PRO N 96 -3.39 61.20 14.27
CA PRO N 96 -4.68 61.72 13.76
C PRO N 96 -4.65 63.13 13.18
N GLU N 97 -3.73 63.97 13.66
CA GLU N 97 -3.66 65.35 13.17
C GLU N 97 -2.56 65.56 12.13
N LYS N 98 -1.35 65.08 12.43
CA LYS N 98 -0.25 65.22 11.48
C LYS N 98 -0.57 64.57 10.14
N ALA N 99 -1.42 63.54 10.18
CA ALA N 99 -1.77 62.81 8.97
C ALA N 99 -2.83 63.48 8.08
N LYS N 100 -3.66 64.34 8.65
CA LYS N 100 -4.70 65.01 7.89
C LYS N 100 -4.21 65.64 6.59
N GLY N 101 -4.98 65.43 5.52
CA GLY N 101 -4.65 65.99 4.22
C GLY N 101 -3.58 65.27 3.45
N LYS N 102 -3.23 64.05 3.86
CA LYS N 102 -2.18 63.30 3.17
C LYS N 102 -2.60 61.91 2.70
N LYS N 103 -3.30 61.85 1.58
CA LYS N 103 -3.75 60.59 1.01
C LYS N 103 -2.57 59.69 0.65
N GLU N 104 -1.39 60.30 0.51
CA GLU N 104 -0.19 59.57 0.13
C GLU N 104 0.15 58.43 1.09
N LEU N 105 -0.05 58.66 2.38
CA LEU N 105 0.25 57.65 3.39
C LEU N 105 -0.24 56.25 3.02
N LEU N 106 -1.42 56.16 2.43
CA LEU N 106 -1.98 54.87 2.05
C LEU N 106 -1.01 54.06 1.20
N ASP N 107 -0.37 54.73 0.24
CA ASP N 107 0.58 54.07 -0.65
C ASP N 107 1.84 53.56 0.03
N THR N 108 2.07 53.95 1.29
CA THR N 108 3.25 53.48 1.98
C THR N 108 3.02 52.09 2.57
N CYS N 109 1.82 51.55 2.37
CA CYS N 109 1.48 50.22 2.89
C CYS N 109 1.53 49.07 1.93
N PRO N 110 2.45 48.12 2.15
CA PRO N 110 2.50 46.99 1.23
C PRO N 110 1.26 46.12 1.42
N TYR N 111 0.65 46.20 2.60
CA TYR N 111 -0.53 45.40 2.91
C TYR N 111 -1.89 46.03 2.63
N GLY N 112 -1.90 47.35 2.42
CA GLY N 112 -3.14 48.05 2.13
C GLY N 112 -4.17 48.04 3.25
N VAL N 113 -3.72 48.15 4.48
CA VAL N 113 -4.63 48.14 5.63
C VAL N 113 -5.10 49.55 6.01
N MET N 114 -4.63 50.55 5.29
CA MET N 114 -5.02 51.93 5.55
C MET N 114 -6.19 52.35 4.65
N TYR N 115 -7.10 53.16 5.20
CA TYR N 115 -8.27 53.62 4.45
C TYR N 115 -8.43 55.14 4.59
N TRP N 116 -8.80 55.80 3.51
CA TRP N 116 -8.98 57.25 3.53
C TRP N 116 -10.36 57.64 4.03
N ASN N 117 -10.39 58.48 5.06
CA ASN N 117 -11.63 58.97 5.63
C ASN N 117 -12.00 60.30 4.97
N GLU N 118 -13.04 60.29 4.14
CA GLU N 118 -13.48 61.48 3.41
C GLU N 118 -13.78 62.70 4.28
N GLU N 119 -14.55 62.49 5.36
CA GLU N 119 -14.94 63.58 6.24
C GLU N 119 -13.80 64.16 7.08
N GLU N 120 -12.92 63.30 7.55
CA GLU N 120 -11.79 63.74 8.37
C GLU N 120 -10.56 64.04 7.52
N ASN N 121 -10.67 63.80 6.21
CA ASN N 121 -9.55 64.02 5.28
C ASN N 121 -8.27 63.48 5.92
N VAL N 122 -8.25 62.19 6.23
CA VAL N 122 -7.08 61.59 6.84
C VAL N 122 -7.09 60.08 6.72
N ALA N 123 -5.90 59.51 6.65
CA ALA N 123 -5.77 58.07 6.55
C ALA N 123 -6.11 57.47 7.90
N GLN N 124 -6.83 56.36 7.89
CA GLN N 124 -7.20 55.70 9.13
C GLN N 124 -6.89 54.22 9.01
N LYS N 125 -6.75 53.58 10.16
CA LYS N 125 -6.50 52.17 10.17
C LYS N 125 -6.44 51.58 11.54
N CYS N 126 -6.18 50.28 11.53
CA CYS N 126 -6.06 49.49 12.71
C CYS N 126 -5.15 50.10 13.78
N THR N 127 -5.69 50.33 14.97
CA THR N 127 -4.90 50.91 16.05
C THR N 127 -4.65 49.88 17.15
N MET N 128 -5.14 48.66 16.92
CA MET N 128 -5.04 47.56 17.88
C MET N 128 -5.66 48.03 19.20
N CYS N 129 -6.72 48.84 19.10
CA CYS N 129 -7.40 49.46 20.23
C CYS N 129 -6.42 49.82 21.32
N ALA N 130 -5.40 50.57 20.92
CA ALA N 130 -4.38 51.02 21.83
C ALA N 130 -5.07 51.79 22.96
N HIS N 131 -6.14 52.50 22.62
CA HIS N 131 -6.85 53.27 23.63
C HIS N 131 -7.41 52.34 24.70
N LEU N 132 -7.81 51.13 24.29
CA LEU N 132 -8.33 50.16 25.25
C LEU N 132 -7.19 49.49 26.00
N LEU N 133 -6.10 49.22 25.30
CA LEU N 133 -4.95 48.58 25.91
C LEU N 133 -4.22 49.52 26.87
N ASP N 134 -4.36 50.82 26.65
CA ASP N 134 -3.72 51.81 27.51
C ASP N 134 -4.61 52.17 28.69
N ASP N 135 -5.78 51.54 28.77
CA ASP N 135 -6.71 51.81 29.86
C ASP N 135 -6.93 50.57 30.72
N GLU N 136 -6.42 50.63 31.95
CA GLU N 136 -6.52 49.54 32.91
C GLU N 136 -7.96 49.10 33.15
N SER N 137 -8.89 50.04 33.02
CA SER N 137 -10.30 49.76 33.24
C SER N 137 -10.86 48.71 32.28
N TRP N 138 -10.26 48.61 31.10
CA TRP N 138 -10.70 47.62 30.11
C TRP N 138 -10.20 46.26 30.58
N ALA N 139 -10.98 45.64 31.45
CA ALA N 139 -10.65 44.33 32.04
C ALA N 139 -10.16 43.24 31.10
N PRO N 140 -10.76 43.11 29.90
CA PRO N 140 -10.33 42.07 28.96
C PRO N 140 -8.87 42.22 28.53
N LYS N 141 -8.36 43.45 28.54
CA LYS N 141 -6.98 43.72 28.15
C LYS N 141 -6.61 43.12 26.80
N MET N 142 -7.54 43.17 25.87
CA MET N 142 -7.33 42.65 24.53
C MET N 142 -8.22 43.42 23.57
N PRO N 143 -7.82 43.53 22.29
CA PRO N 143 -8.60 44.26 21.28
C PRO N 143 -10.04 43.76 21.15
N ARG N 144 -10.88 44.51 20.45
CA ARG N 144 -12.27 44.12 20.28
C ARG N 144 -12.48 42.86 19.43
N CYS N 145 -11.72 42.68 18.36
CA CYS N 145 -11.90 41.47 17.54
C CYS N 145 -11.73 40.27 18.42
N ALA N 146 -10.51 40.16 18.94
CA ALA N 146 -10.08 39.07 19.80
C ALA N 146 -11.11 38.79 20.89
N HIS N 147 -11.59 39.85 21.52
CA HIS N 147 -12.57 39.70 22.58
C HIS N 147 -13.97 39.34 22.05
N ASN N 148 -14.28 39.78 20.84
CA ASN N 148 -15.59 39.48 20.26
C ASN N 148 -15.67 38.07 19.67
N CYS N 149 -14.54 37.38 19.50
CA CYS N 149 -14.58 36.01 18.95
C CYS N 149 -15.33 35.05 19.83
N GLY N 150 -15.96 34.08 19.16
CA GLY N 150 -16.68 33.04 19.84
C GLY N 150 -16.19 31.76 19.19
N SER N 151 -15.17 31.90 18.34
CA SER N 151 -14.59 30.77 17.60
C SER N 151 -13.16 30.40 17.98
N PHE N 152 -12.63 31.06 19.02
CA PHE N 152 -11.29 30.79 19.52
C PHE N 152 -10.21 30.91 18.45
N VAL N 153 -10.34 31.91 17.59
CA VAL N 153 -9.38 32.15 16.52
C VAL N 153 -8.19 32.99 16.97
N TYR N 154 -8.43 33.92 17.89
CA TYR N 154 -7.38 34.81 18.35
C TYR N 154 -6.63 34.45 19.61
N GLU N 155 -5.36 34.82 19.62
CA GLU N 155 -4.49 34.61 20.75
C GLU N 155 -3.74 35.95 20.82
N PHE N 156 -4.13 36.78 21.78
CA PHE N 156 -3.51 38.10 21.94
C PHE N 156 -2.58 38.07 23.14
N LEU N 157 -1.32 38.44 22.93
CA LEU N 157 -0.39 38.43 24.04
C LEU N 157 0.63 39.56 24.02
N LYS N 158 1.25 39.76 25.17
CA LYS N 158 2.27 40.78 25.35
C LYS N 158 3.43 40.08 26.07
N THR N 159 4.49 39.82 25.31
CA THR N 159 5.64 39.13 25.86
C THR N 159 6.95 39.64 25.23
N THR N 160 8.03 38.92 25.48
CA THR N 160 9.33 39.27 24.94
C THR N 160 9.46 38.70 23.53
N PRO N 161 10.35 39.27 22.71
CA PRO N 161 10.54 38.77 21.34
C PRO N 161 11.09 37.35 21.34
N GLU N 162 11.90 37.04 22.36
CA GLU N 162 12.49 35.71 22.49
C GLU N 162 11.39 34.67 22.66
N ALA N 163 10.44 34.96 23.55
CA ALA N 163 9.34 34.05 23.82
C ALA N 163 8.44 33.90 22.59
N MET N 164 8.14 35.02 21.93
CA MET N 164 7.30 34.99 20.75
C MET N 164 7.98 34.16 19.67
N ALA N 165 9.30 34.33 19.56
CA ALA N 165 10.09 33.60 18.57
C ALA N 165 9.95 32.10 18.80
N LYS N 166 10.08 31.68 20.05
CA LYS N 166 9.96 30.26 20.37
C LYS N 166 8.60 29.72 19.95
N LYS N 167 7.55 30.44 20.31
CA LYS N 167 6.20 30.04 19.96
C LYS N 167 6.08 29.91 18.45
N VAL N 168 6.61 30.89 17.73
CA VAL N 168 6.57 30.87 16.28
C VAL N 168 7.13 29.56 15.73
N GLU N 169 8.27 29.12 16.26
CA GLU N 169 8.90 27.89 15.80
C GLU N 169 8.15 26.63 16.22
N GLU N 170 7.61 26.63 17.43
CA GLU N 170 6.88 25.47 17.94
C GLU N 170 5.59 25.21 17.17
N GLU N 171 4.89 26.28 16.81
CA GLU N 171 3.62 26.17 16.11
C GLU N 171 3.68 26.43 14.61
N GLY N 172 4.87 26.68 14.10
CA GLY N 172 5.02 26.93 12.68
C GLY N 172 4.22 28.14 12.24
N LEU N 173 4.23 29.19 13.06
CA LEU N 173 3.49 30.40 12.75
C LEU N 173 4.15 31.13 11.58
N GLU N 174 3.32 31.75 10.74
CA GLU N 174 3.79 32.47 9.57
C GLU N 174 3.16 33.87 9.51
N VAL N 175 3.69 34.70 8.61
CA VAL N 175 3.18 36.04 8.43
C VAL N 175 2.91 36.22 6.94
N ILE N 176 2.15 37.26 6.60
CA ILE N 176 1.83 37.55 5.21
C ILE N 176 3.00 38.29 4.57
N LYS N 177 3.38 37.88 3.36
CA LYS N 177 4.49 38.51 2.63
C LYS N 177 5.78 38.68 3.45
N PRO N 178 6.37 37.57 3.90
CA PRO N 178 7.60 37.66 4.71
C PRO N 178 8.75 38.29 3.92
N GLU N 179 8.82 38.00 2.63
CA GLU N 179 9.88 38.49 1.76
C GLU N 179 10.08 40.01 1.76
N LEU N 180 9.08 40.75 2.20
CA LEU N 180 9.17 42.22 2.21
C LEU N 180 10.01 42.75 3.37
N GLY N 181 10.18 41.94 4.40
CA GLY N 181 11.00 42.34 5.54
C GLY N 181 10.40 43.30 6.54
N THR N 182 9.08 43.52 6.49
CA THR N 182 8.42 44.43 7.42
C THR N 182 8.30 43.79 8.80
N LYS N 183 8.32 42.46 8.84
CA LYS N 183 8.23 41.72 10.09
C LYS N 183 6.97 42.01 10.91
N PRO N 184 5.83 41.50 10.46
CA PRO N 184 4.54 41.68 11.13
C PRO N 184 4.56 41.06 12.52
N ARG N 185 3.76 41.61 13.44
CA ARG N 185 3.68 41.05 14.79
C ARG N 185 2.34 40.33 14.91
N VAL N 186 1.65 40.23 13.78
CA VAL N 186 0.38 39.53 13.69
C VAL N 186 0.73 38.25 12.95
N TYR N 187 0.68 37.12 13.65
CA TYR N 187 1.03 35.84 13.04
C TYR N 187 -0.18 34.97 12.69
N TYR N 188 0.03 34.05 11.76
CA TYR N 188 -1.02 33.16 11.31
C TYR N 188 -0.70 31.68 11.52
N LYS N 189 -1.68 30.95 12.02
CA LYS N 189 -1.56 29.51 12.26
C LYS N 189 -2.38 28.82 11.17
N ASN N 190 -1.82 27.76 10.58
CA ASN N 190 -2.50 27.02 9.51
C ASN N 190 -2.76 27.91 8.31
N LEU N 191 -1.88 28.89 8.09
CA LEU N 191 -2.03 29.80 6.98
C LEU N 191 -2.10 29.10 5.62
N TYR N 192 -1.61 27.87 5.57
CA TYR N 192 -1.62 27.09 4.33
C TYR N 192 -3.04 26.89 3.80
N ARG N 193 -4.02 26.92 4.71
CA ARG N 193 -5.41 26.75 4.34
C ARG N 193 -5.83 27.85 3.37
N PHE N 194 -5.21 29.02 3.52
CA PHE N 194 -5.55 30.18 2.70
C PHE N 194 -4.57 30.43 1.54
N GLU N 195 -3.28 30.23 1.80
CA GLU N 195 -2.26 30.49 0.78
C GLU N 195 -1.90 29.34 -0.14
N LYS N 196 -2.01 28.11 0.34
CA LYS N 196 -1.64 26.96 -0.47
C LYS N 196 -2.83 26.23 -1.08
N ASN N 197 -2.53 25.10 -1.69
CA ASN N 197 -3.56 24.29 -2.34
C ASN N 197 -3.46 22.81 -2.02
N TYR N 198 -4.40 22.04 -2.57
CA TYR N 198 -4.45 20.61 -2.32
C TYR N 198 -4.96 19.84 -3.53
N VAL N 199 -4.83 18.52 -3.46
CA VAL N 199 -5.32 17.64 -4.51
C VAL N 199 -6.14 16.57 -3.78
N THR N 200 -7.31 16.25 -4.31
CA THR N 200 -8.17 15.29 -3.66
C THR N 200 -8.90 14.40 -4.67
N ALA N 201 -9.52 13.34 -4.18
CA ALA N 201 -10.26 12.42 -5.04
C ALA N 201 -11.00 11.40 -4.17
N GLY N 202 -11.77 10.55 -4.83
CA GLY N 202 -12.51 9.51 -4.14
C GLY N 202 -12.27 8.20 -4.87
N ILE N 203 -11.74 7.20 -4.18
CA ILE N 203 -11.45 5.91 -4.81
C ILE N 203 -12.56 4.88 -4.64
N LEU N 204 -12.95 4.26 -5.75
CA LEU N 204 -13.98 3.25 -5.72
C LEU N 204 -13.42 1.91 -6.19
N VAL N 205 -13.85 0.84 -5.53
CA VAL N 205 -13.46 -0.51 -5.90
C VAL N 205 -14.74 -1.29 -6.05
N GLN N 206 -14.95 -1.85 -7.23
CA GLN N 206 -16.15 -2.61 -7.54
C GLN N 206 -17.42 -1.82 -7.29
N GLY N 207 -17.34 -0.50 -7.51
CA GLY N 207 -18.51 0.34 -7.36
C GLY N 207 -18.81 0.98 -6.02
N ASP N 208 -17.98 0.73 -5.02
CA ASP N 208 -18.22 1.30 -3.69
C ASP N 208 -16.99 2.01 -3.14
N CYS N 209 -17.22 3.03 -2.33
CA CYS N 209 -16.14 3.79 -1.73
C CYS N 209 -15.22 2.81 -1.02
N PHE N 210 -13.95 2.79 -1.41
CA PHE N 210 -13.00 1.88 -0.79
C PHE N 210 -12.19 2.54 0.31
N GLU N 211 -12.26 1.96 1.51
CA GLU N 211 -11.57 2.46 2.67
C GLU N 211 -10.26 1.70 2.85
N GLY N 212 -9.21 2.40 3.25
CA GLY N 212 -7.94 1.74 3.47
C GLY N 212 -6.99 1.69 2.28
N ALA N 213 -7.36 2.32 1.16
CA ALA N 213 -6.49 2.35 -0.01
C ALA N 213 -5.27 3.19 0.33
N LYS N 214 -4.11 2.79 -0.14
CA LYS N 214 -2.90 3.53 0.15
C LYS N 214 -2.60 4.56 -0.94
N VAL N 215 -2.50 5.81 -0.53
CA VAL N 215 -2.25 6.90 -1.46
C VAL N 215 -0.93 7.60 -1.14
N VAL N 216 -0.13 7.83 -2.16
CA VAL N 216 1.15 8.52 -2.02
C VAL N 216 1.25 9.66 -3.02
N LEU N 217 1.75 10.80 -2.55
CA LEU N 217 1.91 11.99 -3.39
C LEU N 217 3.40 12.20 -3.64
N LYS N 218 3.78 12.34 -4.90
CA LYS N 218 5.18 12.53 -5.23
C LYS N 218 5.41 13.73 -6.13
N SER N 219 6.61 14.30 -6.02
CA SER N 219 7.02 15.43 -6.85
C SER N 219 8.47 15.15 -7.20
N GLY N 220 8.78 15.18 -8.49
CA GLY N 220 10.13 14.91 -8.92
C GLY N 220 10.37 13.42 -8.96
N GLY N 221 9.72 12.69 -8.06
CA GLY N 221 9.88 11.26 -8.01
C GLY N 221 10.01 10.74 -6.58
N LYS N 222 9.97 11.66 -5.62
CA LYS N 222 10.09 11.30 -4.22
C LYS N 222 8.82 11.65 -3.45
N GLU N 223 8.48 10.83 -2.47
CA GLU N 223 7.27 11.04 -1.67
C GLU N 223 7.22 12.37 -0.94
N VAL N 224 6.11 13.07 -1.10
CA VAL N 224 5.89 14.35 -0.46
C VAL N 224 4.88 14.17 0.67
N ALA N 225 3.98 13.22 0.49
CA ALA N 225 2.95 12.93 1.48
C ALA N 225 2.30 11.58 1.19
N SER N 226 1.57 11.07 2.17
CA SER N 226 0.88 9.80 2.01
C SER N 226 -0.28 9.74 2.98
N ALA N 227 -1.23 8.85 2.69
CA ALA N 227 -2.39 8.69 3.56
C ALA N 227 -3.22 7.51 3.08
N GLU N 228 -4.22 7.15 3.87
CA GLU N 228 -5.12 6.06 3.52
C GLU N 228 -6.53 6.63 3.44
N THR N 229 -7.24 6.29 2.36
CA THR N 229 -8.59 6.79 2.15
C THR N 229 -9.51 6.49 3.32
N ASN N 230 -10.45 7.39 3.59
CA ASN N 230 -11.40 7.20 4.68
C ASN N 230 -12.54 6.33 4.18
N PHE N 231 -13.66 6.26 4.92
CA PHE N 231 -14.77 5.40 4.50
C PHE N 231 -15.56 5.92 3.30
N PHE N 232 -15.19 7.10 2.81
CA PHE N 232 -15.84 7.66 1.63
C PHE N 232 -14.85 7.46 0.49
N GLY N 233 -13.74 6.80 0.81
CA GLY N 233 -12.70 6.53 -0.18
C GLY N 233 -11.94 7.77 -0.60
N GLU N 234 -11.92 8.79 0.24
CA GLU N 234 -11.23 10.02 -0.12
C GLU N 234 -9.93 10.28 0.62
N PHE N 235 -9.11 11.13 0.02
CA PHE N 235 -7.84 11.54 0.58
C PHE N 235 -7.71 13.01 0.20
N LYS N 236 -6.91 13.76 0.96
CA LYS N 236 -6.72 15.17 0.66
C LYS N 236 -5.34 15.61 1.11
N PHE N 237 -4.51 15.96 0.13
CA PHE N 237 -3.13 16.42 0.40
C PHE N 237 -3.09 17.93 0.29
N ASP N 238 -3.10 18.62 1.44
CA ASP N 238 -3.08 20.08 1.47
C ASP N 238 -1.68 20.67 1.59
N ALA N 239 -1.61 22.00 1.71
CA ALA N 239 -0.34 22.70 1.85
C ALA N 239 0.64 22.48 0.69
N LEU N 240 0.12 22.33 -0.52
CA LEU N 240 0.98 22.11 -1.68
C LEU N 240 1.37 23.40 -2.40
N ASP N 241 2.65 23.52 -2.73
CA ASP N 241 3.14 24.70 -3.46
C ASP N 241 2.87 24.39 -4.92
N ASN N 242 2.79 25.44 -5.75
CA ASN N 242 2.55 25.24 -7.17
C ASN N 242 3.63 24.34 -7.76
N GLY N 243 3.24 23.54 -8.74
CA GLY N 243 4.17 22.64 -9.38
C GLY N 243 3.45 21.39 -9.85
N GLU N 244 4.20 20.42 -10.36
CA GLU N 244 3.62 19.18 -10.84
C GLU N 244 3.83 18.07 -9.82
N TYR N 245 2.82 17.22 -9.64
CA TYR N 245 2.89 16.12 -8.70
C TYR N 245 2.33 14.85 -9.33
N THR N 246 2.56 13.72 -8.66
CA THR N 246 2.06 12.45 -9.14
C THR N 246 1.38 11.75 -7.98
N VAL N 247 0.16 11.29 -8.23
CA VAL N 247 -0.61 10.57 -7.21
C VAL N 247 -0.58 9.09 -7.56
N GLU N 248 -0.13 8.27 -6.61
CA GLU N 248 -0.07 6.83 -6.81
C GLU N 248 -1.01 6.19 -5.80
N ILE N 249 -1.95 5.40 -6.31
CA ILE N 249 -2.93 4.75 -5.47
C ILE N 249 -2.85 3.24 -5.57
N ASP N 250 -2.87 2.57 -4.42
CA ASP N 250 -2.82 1.13 -4.36
C ASP N 250 -4.03 0.63 -3.56
N ALA N 251 -4.91 -0.13 -4.21
CA ALA N 251 -6.11 -0.63 -3.55
C ALA N 251 -6.65 -1.93 -4.13
N ASP N 252 -6.96 -2.87 -3.26
CA ASP N 252 -7.52 -4.17 -3.66
C ASP N 252 -6.67 -4.88 -4.72
N GLY N 253 -5.36 -4.83 -4.56
CA GLY N 253 -4.47 -5.49 -5.50
C GLY N 253 -4.31 -4.75 -6.82
N LYS N 254 -4.97 -3.61 -6.94
CA LYS N 254 -4.89 -2.81 -8.15
C LYS N 254 -4.10 -1.52 -7.86
N SER N 255 -3.47 -0.98 -8.90
CA SER N 255 -2.71 0.25 -8.73
C SER N 255 -3.16 1.29 -9.75
N TYR N 256 -3.02 2.56 -9.38
CA TYR N 256 -3.42 3.66 -10.23
C TYR N 256 -2.48 4.85 -9.98
N SER N 257 -2.13 5.56 -11.05
CA SER N 257 -1.28 6.74 -10.91
C SER N 257 -1.66 7.77 -11.96
N ASP N 258 -1.52 9.04 -11.61
CA ASP N 258 -1.86 10.11 -12.53
C ASP N 258 -1.14 11.39 -12.09
N THR N 259 -1.00 12.34 -13.01
CA THR N 259 -0.32 13.59 -12.69
C THR N 259 -1.30 14.71 -12.37
N VAL N 260 -0.81 15.71 -11.66
CA VAL N 260 -1.64 16.85 -11.28
C VAL N 260 -0.81 18.14 -11.29
N VAL N 261 -1.36 19.20 -11.88
CA VAL N 261 -0.68 20.48 -11.92
C VAL N 261 -1.36 21.44 -10.95
N ILE N 262 -0.59 21.95 -9.99
CA ILE N 262 -1.12 22.88 -9.01
C ILE N 262 -0.62 24.27 -9.39
N ASP N 263 -1.54 25.15 -9.76
CA ASP N 263 -1.19 26.52 -10.15
C ASP N 263 -2.15 27.51 -9.50
N ASP N 264 -1.91 27.77 -8.21
CA ASP N 264 -2.74 28.67 -7.42
C ASP N 264 -4.18 28.17 -7.36
N LYS N 265 -4.35 26.87 -7.49
CA LYS N 265 -5.66 26.24 -7.44
C LYS N 265 -5.57 24.84 -6.87
N SER N 266 -6.69 24.35 -6.36
CA SER N 266 -6.75 23.01 -5.81
C SER N 266 -7.48 22.14 -6.83
N VAL N 267 -7.07 20.88 -6.95
CA VAL N 267 -7.67 19.98 -7.93
C VAL N 267 -8.42 18.78 -7.37
N ASP N 268 -9.58 18.51 -7.96
CA ASP N 268 -10.39 17.36 -7.58
C ASP N 268 -10.28 16.36 -8.72
N LEU N 269 -9.59 15.25 -8.48
CA LEU N 269 -9.42 14.24 -9.54
C LEU N 269 -10.71 13.48 -9.79
N GLY N 270 -11.71 13.73 -8.96
CA GLY N 270 -12.99 13.06 -9.11
C GLY N 270 -12.97 11.61 -8.65
N PHE N 271 -13.92 10.82 -9.13
CA PHE N 271 -13.99 9.40 -8.77
C PHE N 271 -12.99 8.57 -9.55
N ILE N 272 -12.16 7.82 -8.83
CA ILE N 272 -11.19 6.95 -9.45
C ILE N 272 -11.72 5.52 -9.27
N LYS N 273 -12.26 4.97 -10.35
CA LYS N 273 -12.87 3.64 -10.35
C LYS N 273 -11.90 2.50 -10.59
N LEU N 274 -11.72 1.65 -9.58
CA LEU N 274 -10.83 0.50 -9.70
C LEU N 274 -11.62 -0.80 -9.65
N MET O 1 -65.94 25.44 -90.14
CA MET O 1 -66.60 26.75 -90.40
C MET O 1 -67.86 26.95 -89.55
N GLY O 2 -67.95 26.31 -88.38
CA GLY O 2 -69.13 26.47 -87.53
C GLY O 2 -69.34 25.49 -86.38
N GLU O 3 -70.57 25.46 -85.87
CA GLU O 3 -70.97 24.61 -84.76
C GLU O 3 -71.72 23.35 -85.17
N VAL O 4 -71.88 22.43 -84.23
CA VAL O 4 -72.59 21.17 -84.47
C VAL O 4 -74.10 21.37 -84.30
N VAL O 5 -74.86 20.97 -85.30
CA VAL O 5 -76.32 21.09 -85.25
C VAL O 5 -76.98 19.73 -85.37
N ARG O 6 -78.04 19.52 -84.60
CA ARG O 6 -78.76 18.24 -84.65
C ARG O 6 -79.92 18.38 -85.63
N LEU O 7 -79.84 17.64 -86.73
CA LEU O 7 -80.89 17.64 -87.74
C LEU O 7 -81.66 16.33 -87.72
N THR O 8 -82.65 16.23 -88.58
CA THR O 8 -83.46 15.02 -88.66
C THR O 8 -83.48 14.46 -90.07
N ASN O 9 -83.71 13.16 -90.16
CA ASN O 9 -83.83 12.47 -91.44
C ASN O 9 -84.28 11.06 -91.13
N SER O 10 -84.39 10.21 -92.15
CA SER O 10 -84.84 8.85 -91.91
C SER O 10 -84.27 7.90 -92.94
N SER O 11 -84.69 6.65 -92.86
CA SER O 11 -84.17 5.63 -93.77
C SER O 11 -85.03 4.38 -93.68
N THR O 12 -84.68 3.40 -94.52
CA THR O 12 -85.39 2.12 -94.54
C THR O 12 -85.02 1.35 -93.27
N GLY O 13 -84.17 1.95 -92.46
CA GLY O 13 -83.75 1.32 -91.22
C GLY O 13 -84.25 2.07 -90.01
N GLY O 14 -85.10 3.08 -90.25
CA GLY O 14 -85.65 3.89 -89.18
C GLY O 14 -85.19 5.34 -89.18
N PRO O 15 -85.87 6.22 -88.43
CA PRO O 15 -85.54 7.65 -88.36
C PRO O 15 -84.25 7.88 -87.56
N VAL O 16 -83.56 8.97 -87.84
CA VAL O 16 -82.32 9.27 -87.12
C VAL O 16 -82.09 10.75 -86.88
N PHE O 17 -81.33 11.03 -85.83
CA PHE O 17 -80.95 12.40 -85.52
C PHE O 17 -79.60 12.45 -86.23
N VAL O 18 -79.36 13.51 -86.99
CA VAL O 18 -78.11 13.64 -87.73
C VAL O 18 -77.34 14.87 -87.25
N TYR O 19 -76.20 14.65 -86.62
CA TYR O 19 -75.37 15.75 -86.14
C TYR O 19 -74.41 16.20 -87.22
N VAL O 20 -74.59 17.44 -87.67
CA VAL O 20 -73.77 18.00 -88.75
C VAL O 20 -72.94 19.19 -88.30
N LYS O 21 -71.73 19.30 -88.85
CA LYS O 21 -70.83 20.39 -88.55
C LYS O 21 -69.98 20.69 -89.78
N ASP O 22 -69.88 21.98 -90.10
CA ASP O 22 -69.10 22.42 -91.25
C ASP O 22 -69.44 21.64 -92.52
N GLY O 23 -70.74 21.42 -92.73
CA GLY O 23 -71.20 20.71 -93.92
C GLY O 23 -70.87 19.23 -93.98
N LYS O 24 -70.49 18.65 -92.85
CA LYS O 24 -70.15 17.24 -92.81
C LYS O 24 -70.90 16.48 -91.72
N ILE O 25 -71.48 15.33 -92.10
CA ILE O 25 -72.19 14.51 -91.13
C ILE O 25 -71.18 13.92 -90.16
N ILE O 26 -71.42 14.11 -88.86
CA ILE O 26 -70.53 13.59 -87.83
C ILE O 26 -71.00 12.24 -87.30
N ARG O 27 -72.31 12.05 -87.17
CA ARG O 27 -72.87 10.79 -86.68
C ARG O 27 -74.38 10.74 -86.90
N MET O 28 -74.93 9.52 -86.90
CA MET O 28 -76.38 9.30 -87.04
C MET O 28 -76.79 8.44 -85.86
N THR O 29 -77.87 8.79 -85.19
CA THR O 29 -78.30 8.02 -84.02
C THR O 29 -79.82 7.81 -83.95
N PRO O 30 -80.26 6.83 -83.14
CA PRO O 30 -81.70 6.56 -82.98
C PRO O 30 -82.29 7.82 -82.35
N MET O 31 -83.60 7.94 -82.33
CA MET O 31 -84.23 9.12 -81.75
C MET O 31 -84.80 8.89 -80.37
N ASP O 32 -84.39 9.73 -79.43
CA ASP O 32 -84.94 9.75 -78.12
C ASP O 32 -85.92 10.89 -77.93
N PHE O 33 -87.08 10.61 -77.42
CA PHE O 33 -88.12 11.62 -77.29
C PHE O 33 -87.91 12.66 -76.18
N ASP O 34 -88.51 13.83 -76.37
CA ASP O 34 -88.46 14.91 -75.41
C ASP O 34 -89.88 15.01 -74.87
N ASP O 35 -90.12 14.43 -73.69
CA ASP O 35 -91.45 14.42 -73.10
C ASP O 35 -92.09 15.78 -72.89
N ALA O 36 -91.28 16.85 -72.98
CA ALA O 36 -91.82 18.19 -72.79
C ALA O 36 -92.57 18.63 -74.05
N VAL O 37 -92.27 17.99 -75.18
CA VAL O 37 -92.90 18.35 -76.44
C VAL O 37 -93.45 17.18 -77.25
N ASP O 38 -93.09 15.95 -76.89
CA ASP O 38 -93.58 14.78 -77.62
C ASP O 38 -94.66 14.05 -76.82
N ALA O 39 -95.82 13.88 -77.46
CA ALA O 39 -96.97 13.22 -76.84
C ALA O 39 -96.64 11.89 -76.16
N PRO O 40 -97.36 11.55 -75.07
CA PRO O 40 -97.15 10.31 -74.33
C PRO O 40 -97.50 9.09 -75.17
N SER O 41 -96.92 7.95 -74.82
CA SER O 41 -97.17 6.70 -75.52
C SER O 41 -98.44 6.01 -75.07
N TRP O 42 -98.86 5.02 -75.84
CA TRP O 42 -100.03 4.22 -75.51
C TRP O 42 -99.65 3.30 -74.35
N LYS O 43 -100.66 2.72 -73.72
CA LYS O 43 -100.43 1.78 -72.62
C LYS O 43 -101.38 0.62 -72.82
N ILE O 44 -100.97 -0.57 -72.39
CA ILE O 44 -101.81 -1.75 -72.53
C ILE O 44 -101.85 -2.56 -71.23
N GLU O 45 -103.05 -2.70 -70.67
CA GLU O 45 -103.19 -3.49 -69.46
C GLU O 45 -103.53 -4.91 -69.91
N ALA O 46 -102.74 -5.88 -69.47
CA ALA O 46 -102.95 -7.26 -69.84
C ALA O 46 -102.39 -8.19 -68.77
N ARG O 47 -103.15 -9.23 -68.45
CA ARG O 47 -102.77 -10.21 -67.47
C ARG O 47 -102.13 -9.61 -66.22
N GLY O 48 -102.79 -8.60 -65.67
CA GLY O 48 -102.32 -7.95 -64.47
C GLY O 48 -101.17 -6.98 -64.61
N LYS O 49 -100.63 -6.83 -65.82
CA LYS O 49 -99.52 -5.91 -66.02
C LYS O 49 -99.86 -4.74 -66.92
N THR O 50 -98.96 -3.76 -66.95
CA THR O 50 -99.12 -2.58 -67.78
C THR O 50 -97.91 -2.46 -68.69
N PHE O 51 -98.15 -2.61 -70.00
CA PHE O 51 -97.05 -2.54 -70.96
C PHE O 51 -97.05 -1.22 -71.72
N THR O 52 -95.89 -0.57 -71.73
CA THR O 52 -95.72 0.71 -72.42
C THR O 52 -94.33 0.72 -73.05
N PRO O 53 -94.25 1.08 -74.33
CA PRO O 53 -93.01 1.17 -75.12
C PRO O 53 -91.97 2.16 -74.62
N PRO O 54 -90.73 2.05 -75.14
CA PRO O 54 -89.65 2.95 -74.74
C PRO O 54 -89.90 4.33 -75.36
N ARG O 55 -89.52 5.39 -74.66
CA ARG O 55 -89.66 6.74 -75.17
C ARG O 55 -88.53 6.96 -76.16
N LYS O 56 -88.45 6.11 -77.18
CA LYS O 56 -87.38 6.21 -78.15
C LYS O 56 -87.63 5.33 -79.38
N THR O 57 -86.88 5.57 -80.45
CA THR O 57 -86.99 4.79 -81.67
C THR O 57 -85.76 3.88 -81.76
N SER O 58 -85.76 2.98 -82.73
CA SER O 58 -84.63 2.07 -82.91
C SER O 58 -84.25 2.03 -84.38
N ILE O 59 -83.02 1.62 -84.67
CA ILE O 59 -82.56 1.54 -86.06
C ILE O 59 -81.95 0.18 -86.38
N ALA O 60 -81.84 -0.11 -87.66
CA ALA O 60 -81.25 -1.36 -88.12
C ALA O 60 -79.75 -1.15 -88.33
N PRO O 61 -78.98 -2.24 -88.36
CA PRO O 61 -77.52 -2.20 -88.55
C PRO O 61 -77.08 -1.33 -89.73
N TYR O 62 -77.70 -1.56 -90.90
CA TYR O 62 -77.35 -0.84 -92.11
C TYR O 62 -77.63 0.66 -92.08
N THR O 63 -78.45 1.09 -91.14
CA THR O 63 -78.72 2.51 -91.00
C THR O 63 -77.67 3.03 -90.02
N ALA O 64 -77.36 2.22 -89.02
CA ALA O 64 -76.36 2.59 -88.02
C ALA O 64 -75.03 2.92 -88.70
N GLY O 65 -74.73 2.23 -89.80
CA GLY O 65 -73.49 2.51 -90.50
C GLY O 65 -73.71 3.17 -91.85
N PHE O 66 -74.90 3.74 -92.05
CA PHE O 66 -75.24 4.39 -93.31
C PHE O 66 -74.30 5.51 -93.75
N LYS O 67 -73.68 6.21 -92.80
CA LYS O 67 -72.78 7.30 -93.15
C LYS O 67 -71.69 6.83 -94.10
N SER O 68 -71.23 5.59 -93.92
CA SER O 68 -70.18 5.03 -94.76
C SER O 68 -70.69 4.80 -96.18
N MET O 69 -72.01 4.83 -96.35
CA MET O 69 -72.59 4.64 -97.68
C MET O 69 -72.70 5.99 -98.40
N ILE O 70 -72.95 7.04 -97.63
CA ILE O 70 -73.07 8.39 -98.18
C ILE O 70 -71.71 8.79 -98.74
N TYR O 71 -70.66 8.64 -97.93
CA TYR O 71 -69.30 9.00 -98.31
C TYR O 71 -68.50 7.85 -98.91
N SER O 72 -69.18 6.84 -99.45
CA SER O 72 -68.52 5.70 -100.05
C SER O 72 -67.66 6.07 -101.26
N ASP O 73 -66.60 5.30 -101.49
CA ASP O 73 -65.69 5.54 -102.61
C ASP O 73 -66.21 4.88 -103.89
N LEU O 74 -67.28 4.11 -103.77
CA LEU O 74 -67.87 3.45 -104.92
C LEU O 74 -69.07 4.27 -105.38
N ARG O 75 -69.21 5.43 -104.73
CA ARG O 75 -70.26 6.37 -105.03
C ARG O 75 -69.97 6.91 -106.43
N ILE O 76 -70.97 6.91 -107.32
CA ILE O 76 -70.77 7.43 -108.68
C ILE O 76 -70.41 8.92 -108.51
N PRO O 77 -69.16 9.28 -108.86
CA PRO O 77 -68.60 10.64 -108.77
C PRO O 77 -69.22 11.74 -109.62
N TYR O 78 -69.61 11.39 -110.84
CA TYR O 78 -70.15 12.36 -111.78
C TYR O 78 -70.69 11.58 -112.97
N PRO O 79 -71.29 12.28 -113.95
CA PRO O 79 -71.83 11.56 -115.13
C PRO O 79 -70.70 10.81 -115.84
N MET O 80 -70.99 9.59 -116.26
CA MET O 80 -69.99 8.77 -116.95
C MET O 80 -70.54 8.21 -118.25
N LYS O 81 -69.64 8.01 -119.20
CA LYS O 81 -69.98 7.49 -120.52
C LYS O 81 -69.06 6.33 -120.87
N ARG O 82 -69.64 5.28 -121.45
CA ARG O 82 -68.86 4.11 -121.87
C ARG O 82 -68.00 4.54 -123.06
N LYS O 83 -66.68 4.44 -122.89
CA LYS O 83 -65.74 4.83 -123.93
C LYS O 83 -66.03 4.21 -125.29
N SER O 84 -66.29 2.91 -125.30
CA SER O 84 -66.57 2.17 -126.53
C SER O 84 -67.92 2.49 -127.16
N PHE O 85 -68.72 3.33 -126.52
CA PHE O 85 -70.05 3.70 -127.02
C PHE O 85 -70.09 5.03 -127.76
N ASP O 86 -70.48 5.00 -129.04
CA ASP O 86 -70.60 6.22 -129.84
C ASP O 86 -71.99 6.29 -130.46
N PRO O 87 -72.85 7.17 -129.95
CA PRO O 87 -74.23 7.35 -130.45
C PRO O 87 -74.28 7.60 -131.94
N ASN O 88 -73.27 8.29 -132.47
CA ASN O 88 -73.21 8.61 -133.89
C ASN O 88 -72.29 7.73 -134.70
N GLY O 89 -71.92 6.57 -134.15
CA GLY O 89 -71.05 5.66 -134.86
C GLY O 89 -71.25 4.24 -134.36
N GLU O 90 -70.15 3.59 -133.97
CA GLU O 90 -70.22 2.23 -133.47
C GLU O 90 -70.65 2.26 -132.01
N ARG O 91 -71.78 1.64 -131.72
CA ARG O 91 -72.29 1.60 -130.36
C ARG O 91 -71.70 0.43 -129.60
N ASN O 92 -71.14 -0.52 -130.34
CA ASN O 92 -70.52 -1.70 -129.76
C ASN O 92 -71.30 -2.29 -128.60
N PRO O 93 -72.50 -2.85 -128.89
CA PRO O 93 -73.35 -3.45 -127.85
C PRO O 93 -72.60 -4.58 -127.13
N GLN O 94 -71.86 -5.37 -127.91
CA GLN O 94 -71.13 -6.50 -127.37
C GLN O 94 -70.04 -6.11 -126.39
N LEU O 95 -69.75 -4.81 -126.29
CA LEU O 95 -68.71 -4.35 -125.38
C LEU O 95 -69.22 -3.84 -124.04
N ARG O 96 -70.51 -4.00 -123.78
CA ARG O 96 -71.06 -3.58 -122.50
C ARG O 96 -70.56 -4.58 -121.47
N GLY O 97 -70.01 -4.08 -120.37
CA GLY O 97 -69.52 -5.00 -119.35
C GLY O 97 -68.15 -5.57 -119.65
N ALA O 98 -67.53 -5.11 -120.74
CA ALA O 98 -66.18 -5.58 -121.09
C ALA O 98 -65.26 -5.37 -119.89
N GLY O 99 -65.42 -4.23 -119.23
CA GLY O 99 -64.60 -3.93 -118.06
C GLY O 99 -64.72 -5.01 -117.01
N LEU O 100 -65.96 -5.36 -116.69
CA LEU O 100 -66.23 -6.40 -115.70
C LEU O 100 -65.56 -7.71 -116.12
N SER O 101 -65.71 -8.05 -117.40
CA SER O 101 -65.14 -9.28 -117.95
C SER O 101 -63.62 -9.37 -117.76
N LYS O 102 -62.95 -8.23 -117.60
CA LYS O 102 -61.51 -8.25 -117.40
C LYS O 102 -61.22 -7.70 -116.01
N GLN O 103 -62.22 -7.84 -115.14
CA GLN O 103 -62.14 -7.42 -113.75
C GLN O 103 -61.70 -5.96 -113.53
N ASP O 104 -62.10 -5.06 -114.43
CA ASP O 104 -61.75 -3.65 -114.28
C ASP O 104 -62.92 -2.78 -114.78
N PRO O 105 -64.02 -2.73 -114.00
CA PRO O 105 -65.23 -1.97 -114.30
C PRO O 105 -65.00 -0.51 -114.70
N TRP O 106 -64.42 0.26 -113.79
CA TRP O 106 -64.17 1.68 -114.05
C TRP O 106 -63.43 1.99 -115.36
N SER O 107 -62.57 1.08 -115.80
CA SER O 107 -61.78 1.28 -117.03
C SER O 107 -62.63 1.46 -118.29
N ASP O 108 -63.89 1.05 -118.22
CA ASP O 108 -64.80 1.15 -119.37
C ASP O 108 -65.38 2.54 -119.54
N TYR O 109 -65.25 3.39 -118.51
CA TYR O 109 -65.86 4.71 -118.58
C TYR O 109 -64.98 5.95 -118.52
N GLU O 110 -65.53 7.02 -119.09
CA GLU O 110 -64.87 8.33 -119.12
C GLU O 110 -65.86 9.34 -118.55
N ARG O 111 -65.32 10.42 -117.97
CA ARG O 111 -66.14 11.45 -117.38
C ARG O 111 -66.72 12.40 -118.43
N ILE O 112 -67.92 12.91 -118.15
CA ILE O 112 -68.59 13.86 -119.03
C ILE O 112 -69.45 14.77 -118.16
N SER O 113 -69.84 15.92 -118.70
CA SER O 113 -70.66 16.87 -117.95
C SER O 113 -72.12 16.48 -117.95
N TRP O 114 -72.88 17.03 -117.01
CA TRP O 114 -74.31 16.75 -116.93
C TRP O 114 -74.98 17.22 -118.21
N ASP O 115 -74.51 18.34 -118.75
CA ASP O 115 -75.08 18.89 -119.97
C ASP O 115 -74.98 17.94 -121.14
N GLU O 116 -73.80 17.36 -121.36
CA GLU O 116 -73.62 16.44 -122.47
C GLU O 116 -74.29 15.08 -122.24
N ALA O 117 -74.20 14.58 -121.01
CA ALA O 117 -74.79 13.29 -120.67
C ALA O 117 -76.30 13.37 -120.92
N THR O 118 -76.91 14.47 -120.51
CA THR O 118 -78.34 14.65 -120.69
C THR O 118 -78.71 14.91 -122.14
N ASP O 119 -77.81 15.55 -122.90
CA ASP O 119 -78.08 15.80 -124.31
C ASP O 119 -78.10 14.47 -125.05
N ILE O 120 -77.15 13.59 -124.72
CA ILE O 120 -77.06 12.29 -125.34
C ILE O 120 -78.30 11.44 -125.07
N VAL O 121 -78.77 11.45 -123.82
CA VAL O 121 -79.96 10.68 -123.46
C VAL O 121 -81.20 11.25 -124.16
N VAL O 122 -81.31 12.57 -124.17
CA VAL O 122 -82.46 13.23 -124.81
C VAL O 122 -82.53 12.90 -126.31
N ALA O 123 -81.41 12.98 -127.01
CA ALA O 123 -81.38 12.66 -128.43
C ALA O 123 -81.80 11.21 -128.69
N GLU O 124 -81.48 10.32 -127.76
CA GLU O 124 -81.86 8.91 -127.90
C GLU O 124 -83.36 8.78 -127.67
N ILE O 125 -83.84 9.41 -126.59
CA ILE O 125 -85.27 9.39 -126.27
C ILE O 125 -86.11 9.81 -127.47
N ASN O 126 -85.82 11.00 -128.00
CA ASN O 126 -86.57 11.55 -129.12
C ASN O 126 -86.41 10.77 -130.42
N ARG O 127 -85.20 10.30 -130.70
CA ARG O 127 -85.00 9.52 -131.91
C ARG O 127 -85.84 8.25 -131.85
N ILE O 128 -85.85 7.61 -130.67
CA ILE O 128 -86.61 6.37 -130.50
C ILE O 128 -88.12 6.61 -130.48
N LYS O 129 -88.56 7.69 -129.83
CA LYS O 129 -89.98 7.97 -129.78
C LYS O 129 -90.55 8.21 -131.17
N HIS O 130 -89.81 8.92 -132.02
CA HIS O 130 -90.30 9.20 -133.37
C HIS O 130 -90.11 8.06 -134.37
N ALA O 131 -89.25 7.10 -134.05
CA ALA O 131 -89.02 5.98 -134.95
C ALA O 131 -89.80 4.73 -134.54
N TYR O 132 -89.95 4.52 -133.24
CA TYR O 132 -90.65 3.32 -132.75
C TYR O 132 -91.76 3.64 -131.75
N GLY O 133 -91.70 4.82 -131.14
CA GLY O 133 -92.71 5.20 -130.17
C GLY O 133 -92.23 5.07 -128.73
N PRO O 134 -92.95 5.66 -127.76
CA PRO O 134 -92.62 5.62 -126.33
C PRO O 134 -92.45 4.23 -125.74
N SER O 135 -93.19 3.25 -126.25
CA SER O 135 -93.11 1.89 -125.73
C SER O 135 -91.76 1.23 -125.96
N ALA O 136 -91.02 1.72 -126.95
CA ALA O 136 -89.71 1.15 -127.27
C ALA O 136 -88.66 1.55 -126.22
N ILE O 137 -89.05 2.38 -125.26
CA ILE O 137 -88.13 2.80 -124.21
C ILE O 137 -88.47 2.05 -122.93
N LEU O 138 -87.68 1.03 -122.62
CA LEU O 138 -87.89 0.24 -121.41
C LEU O 138 -87.29 0.94 -120.21
N SER O 139 -87.90 0.73 -119.05
CA SER O 139 -87.39 1.32 -117.83
C SER O 139 -87.93 0.63 -116.60
N THR O 140 -87.15 0.69 -115.54
CA THR O 140 -87.56 0.11 -114.27
C THR O 140 -86.54 0.36 -113.18
N PRO O 141 -87.02 0.66 -111.97
CA PRO O 141 -86.11 0.90 -110.85
C PRO O 141 -86.15 -0.49 -110.21
N SER O 142 -86.36 -0.55 -108.92
CA SER O 142 -86.48 -1.85 -108.31
C SER O 142 -87.42 -1.72 -107.12
N SER O 143 -87.64 -2.81 -106.39
CA SER O 143 -88.58 -2.76 -105.28
C SER O 143 -88.31 -1.73 -104.19
N HIS O 144 -87.07 -1.65 -103.72
CA HIS O 144 -86.81 -0.70 -102.66
C HIS O 144 -86.03 0.53 -103.03
N HIS O 145 -86.05 1.50 -102.13
CA HIS O 145 -85.48 2.78 -102.47
C HIS O 145 -85.09 3.58 -101.23
N MET O 146 -84.21 4.57 -101.40
CA MET O 146 -83.81 5.44 -100.31
C MET O 146 -85.12 5.95 -99.71
N TRP O 147 -85.17 6.09 -98.39
CA TRP O 147 -86.39 6.57 -97.72
C TRP O 147 -86.70 8.01 -98.08
N GLY O 148 -87.99 8.33 -98.17
CA GLY O 148 -88.43 9.67 -98.52
C GLY O 148 -89.63 9.57 -99.44
N ASN O 149 -90.80 10.02 -98.97
CA ASN O 149 -92.04 9.94 -99.74
C ASN O 149 -92.13 10.71 -101.05
N VAL O 150 -91.66 11.95 -101.08
CA VAL O 150 -91.72 12.73 -102.31
C VAL O 150 -90.75 12.20 -103.35
N GLY O 151 -89.54 11.87 -102.93
CA GLY O 151 -88.55 11.36 -103.86
C GLY O 151 -88.63 9.87 -104.15
N TYR O 152 -89.51 9.15 -103.45
CA TYR O 152 -89.65 7.73 -103.65
C TYR O 152 -90.00 7.43 -105.11
N ARG O 153 -89.71 6.20 -105.55
CA ARG O 153 -89.98 5.82 -106.94
C ARG O 153 -91.44 5.91 -107.37
N HIS O 154 -92.38 5.65 -106.46
CA HIS O 154 -93.80 5.73 -106.82
C HIS O 154 -94.20 7.18 -107.06
N SER O 155 -93.36 8.10 -106.59
CA SER O 155 -93.63 9.52 -106.68
C SER O 155 -92.86 10.26 -107.78
N THR O 156 -91.62 10.61 -107.49
CA THR O 156 -90.79 11.34 -108.45
C THR O 156 -90.56 10.59 -109.75
N TYR O 157 -90.04 9.37 -109.65
CA TYR O 157 -89.77 8.53 -110.82
C TYR O 157 -91.00 8.42 -111.72
N PHE O 158 -92.14 8.00 -111.15
CA PHE O 158 -93.36 7.86 -111.94
C PHE O 158 -93.87 9.17 -112.54
N ARG O 159 -93.87 10.25 -111.76
CA ARG O 159 -94.36 11.50 -112.30
C ARG O 159 -93.60 11.84 -113.58
N PHE O 160 -92.29 11.66 -113.55
CA PHE O 160 -91.48 11.95 -114.73
C PHE O 160 -91.69 10.95 -115.86
N MET O 161 -91.41 9.68 -115.60
CA MET O 161 -91.53 8.64 -116.63
C MET O 161 -92.87 8.64 -117.36
N ASN O 162 -93.95 8.89 -116.62
CA ASN O 162 -95.29 8.90 -117.22
C ASN O 162 -95.43 10.02 -118.25
N MET O 163 -94.60 11.05 -118.13
CA MET O 163 -94.62 12.17 -119.07
C MET O 163 -93.60 11.99 -120.19
N MET O 164 -92.78 10.94 -120.10
CA MET O 164 -91.75 10.71 -121.09
C MET O 164 -91.99 9.50 -122.00
N GLY O 165 -92.02 8.31 -121.43
CA GLY O 165 -92.23 7.11 -122.23
C GLY O 165 -93.59 6.46 -122.01
N PHE O 166 -93.63 5.15 -121.73
CA PHE O 166 -92.48 4.27 -121.63
C PHE O 166 -93.02 2.87 -121.31
N THR O 167 -92.25 1.84 -121.63
CA THR O 167 -92.68 0.48 -121.29
C THR O 167 -92.08 0.17 -119.91
N TYR O 168 -92.94 -0.21 -118.99
CA TYR O 168 -92.48 -0.51 -117.65
C TYR O 168 -92.23 -2.00 -117.46
N ALA O 169 -91.16 -2.32 -116.74
CA ALA O 169 -90.87 -3.69 -116.40
C ALA O 169 -91.56 -3.74 -115.05
N ASP O 170 -92.83 -4.13 -115.04
CA ASP O 170 -93.58 -4.17 -113.78
C ASP O 170 -93.03 -5.23 -112.85
N HIS O 171 -92.97 -4.90 -111.56
CA HIS O 171 -92.43 -5.81 -110.58
C HIS O 171 -93.36 -6.95 -110.17
N ASN O 172 -92.79 -8.15 -110.10
CA ASN O 172 -93.53 -9.32 -109.66
C ASN O 172 -93.70 -9.08 -108.16
N PRO O 173 -94.78 -9.60 -107.54
CA PRO O 173 -94.99 -9.40 -106.11
C PRO O 173 -94.01 -10.23 -105.28
N ASP O 174 -92.72 -9.98 -105.49
CA ASP O 174 -91.65 -10.69 -104.80
C ASP O 174 -91.88 -11.02 -103.33
N SER O 175 -92.16 -9.98 -102.56
CA SER O 175 -92.40 -10.09 -101.13
C SER O 175 -93.57 -11.05 -100.78
N TRP O 176 -94.59 -11.09 -101.64
CA TRP O 176 -95.81 -11.88 -101.40
C TRP O 176 -95.99 -13.18 -102.17
N GLU O 177 -95.24 -13.36 -103.26
CA GLU O 177 -95.39 -14.52 -104.13
C GLU O 177 -96.43 -15.59 -103.77
N GLY O 178 -96.15 -16.38 -102.75
CA GLY O 178 -97.08 -17.44 -102.36
C GLY O 178 -98.46 -16.96 -101.97
N TRP O 179 -98.52 -15.90 -101.17
CA TRP O 179 -99.79 -15.34 -100.73
C TRP O 179 -100.52 -14.67 -101.88
N HIS O 180 -99.75 -14.06 -102.79
CA HIS O 180 -100.32 -13.37 -103.94
C HIS O 180 -100.93 -14.32 -104.97
N TRP O 181 -100.11 -15.23 -105.49
CA TRP O 181 -100.57 -16.17 -106.51
C TRP O 181 -101.29 -17.39 -105.94
N GLY O 182 -101.22 -17.58 -104.62
CA GLY O 182 -101.87 -18.75 -104.03
C GLY O 182 -102.91 -18.45 -102.97
N GLY O 183 -102.48 -17.87 -101.86
CA GLY O 183 -103.39 -17.55 -100.78
C GLY O 183 -104.58 -16.70 -101.16
N MET O 184 -104.36 -15.74 -102.06
CA MET O 184 -105.41 -14.82 -102.51
C MET O 184 -106.67 -15.57 -102.95
N HIS O 185 -106.48 -16.65 -103.69
CA HIS O 185 -107.59 -17.45 -104.18
C HIS O 185 -108.31 -18.18 -103.06
N MET O 186 -107.62 -18.38 -101.94
CA MET O 186 -108.18 -19.08 -100.80
C MET O 186 -108.94 -18.20 -99.80
N TRP O 187 -108.46 -16.98 -99.56
CA TRP O 187 -109.13 -16.11 -98.60
C TRP O 187 -109.23 -14.63 -99.01
N GLY O 188 -108.83 -14.34 -100.25
CA GLY O 188 -108.89 -12.96 -100.74
C GLY O 188 -107.73 -12.06 -100.34
N PHE O 189 -108.04 -10.95 -99.68
CA PHE O 189 -107.01 -10.00 -99.26
C PHE O 189 -106.18 -9.52 -100.45
N SER O 190 -106.80 -9.41 -101.62
CA SER O 190 -106.09 -8.97 -102.82
C SER O 190 -105.40 -7.61 -102.62
N TRP O 191 -106.06 -6.71 -101.90
CA TRP O 191 -105.50 -5.38 -101.66
C TRP O 191 -104.25 -5.43 -100.77
N ARG O 192 -104.00 -6.59 -100.17
CA ARG O 192 -102.81 -6.78 -99.34
C ARG O 192 -101.96 -7.86 -100.00
N LEU O 193 -102.30 -8.15 -101.25
CA LEU O 193 -101.62 -9.16 -102.05
C LEU O 193 -101.51 -10.51 -101.34
N GLY O 194 -102.57 -10.90 -100.64
CA GLY O 194 -102.58 -12.17 -99.95
C GLY O 194 -102.33 -12.14 -98.45
N ASN O 195 -101.71 -11.07 -97.95
CA ASN O 195 -101.44 -10.97 -96.52
C ASN O 195 -102.67 -10.53 -95.75
N PRO O 196 -102.79 -10.96 -94.48
CA PRO O 196 -103.92 -10.61 -93.64
C PRO O 196 -103.72 -9.25 -92.97
N GLU O 197 -104.82 -8.67 -92.49
CA GLU O 197 -104.75 -7.41 -91.78
C GLU O 197 -104.24 -7.78 -90.38
N GLN O 198 -103.68 -6.81 -89.65
CA GLN O 198 -103.13 -7.12 -88.33
C GLN O 198 -103.57 -6.19 -87.20
N TYR O 199 -104.53 -5.31 -87.51
CA TYR O 199 -105.01 -4.33 -86.53
C TYR O 199 -105.23 -4.83 -85.09
N ASP O 200 -104.80 -4.00 -84.15
CA ASP O 200 -104.96 -4.25 -82.71
C ASP O 200 -104.63 -5.64 -82.16
N LEU O 201 -103.66 -6.32 -82.76
CA LEU O 201 -103.32 -7.66 -82.29
C LEU O 201 -102.36 -7.72 -81.10
N LEU O 202 -101.60 -6.65 -80.87
CA LEU O 202 -100.67 -6.64 -79.75
C LEU O 202 -101.35 -6.85 -78.40
N GLU O 203 -102.41 -6.08 -78.15
CA GLU O 203 -103.14 -6.21 -76.88
C GLU O 203 -103.84 -7.56 -76.78
N ASP O 204 -104.32 -8.07 -77.92
CA ASP O 204 -105.01 -9.35 -77.94
C ASP O 204 -104.02 -10.43 -77.53
N GLY O 205 -102.81 -10.34 -78.06
CA GLY O 205 -101.77 -11.31 -77.76
C GLY O 205 -101.30 -11.22 -76.32
N LEU O 206 -101.07 -10.00 -75.85
CA LEU O 206 -100.61 -9.81 -74.48
C LEU O 206 -101.62 -10.37 -73.48
N LYS O 207 -102.90 -10.30 -73.84
CA LYS O 207 -103.97 -10.77 -72.96
C LYS O 207 -104.30 -12.26 -73.07
N HIS O 208 -104.18 -12.83 -74.26
CA HIS O 208 -104.55 -14.23 -74.45
C HIS O 208 -103.50 -15.23 -74.94
N ALA O 209 -102.43 -14.75 -75.57
CA ALA O 209 -101.42 -15.66 -76.10
C ALA O 209 -100.84 -16.65 -75.09
N GLU O 210 -100.69 -17.89 -75.53
CA GLU O 210 -100.10 -18.95 -74.71
C GLU O 210 -98.90 -19.50 -75.50
N MET O 211 -99.00 -19.43 -76.82
CA MET O 211 -97.94 -19.90 -77.70
C MET O 211 -97.95 -19.20 -79.06
N ILE O 212 -96.76 -18.99 -79.60
CA ILE O 212 -96.62 -18.37 -80.91
C ILE O 212 -95.72 -19.26 -81.76
N VAL O 213 -96.21 -19.63 -82.93
CA VAL O 213 -95.44 -20.47 -83.84
C VAL O 213 -94.90 -19.60 -84.97
N PHE O 214 -93.60 -19.35 -84.91
CA PHE O 214 -92.92 -18.53 -85.91
C PHE O 214 -92.51 -19.43 -87.07
N TRP O 215 -93.30 -19.39 -88.14
CA TRP O 215 -93.05 -20.19 -89.32
C TRP O 215 -92.45 -19.32 -90.42
N SER O 216 -91.21 -19.60 -90.79
CA SER O 216 -90.52 -18.83 -91.82
C SER O 216 -90.59 -17.37 -91.39
N SER O 217 -90.43 -17.15 -90.10
CA SER O 217 -90.51 -15.82 -89.52
C SER O 217 -89.33 -15.48 -88.65
N ASP O 218 -88.65 -14.38 -88.99
CA ASP O 218 -87.49 -13.89 -88.23
C ASP O 218 -87.71 -12.40 -87.99
N PRO O 219 -88.58 -12.06 -87.02
CA PRO O 219 -88.93 -10.68 -86.66
C PRO O 219 -87.72 -9.77 -86.41
N GLU O 220 -86.75 -10.27 -85.66
CA GLU O 220 -85.57 -9.49 -85.35
C GLU O 220 -84.81 -9.05 -86.60
N THR O 221 -84.60 -9.97 -87.54
CA THR O 221 -83.87 -9.64 -88.76
C THR O 221 -84.66 -8.70 -89.68
N ASN O 222 -85.87 -9.12 -90.04
CA ASN O 222 -86.73 -8.37 -90.95
C ASN O 222 -87.53 -7.21 -90.35
N SER O 223 -87.93 -7.33 -89.10
CA SER O 223 -88.71 -6.30 -88.39
C SER O 223 -90.05 -6.08 -89.09
N GLY O 224 -90.40 -6.99 -89.99
CA GLY O 224 -91.61 -6.82 -90.77
C GLY O 224 -90.98 -6.11 -91.95
N ILE O 225 -90.74 -4.81 -91.77
CA ILE O 225 -90.07 -3.99 -92.78
C ILE O 225 -89.94 -2.55 -92.32
N TYR O 226 -88.76 -1.98 -92.51
CA TYR O 226 -88.47 -0.59 -92.14
C TYR O 226 -88.62 -0.24 -90.67
N ALA O 227 -88.71 -1.22 -89.78
CA ALA O 227 -88.93 -0.93 -88.38
C ALA O 227 -87.80 -1.14 -87.37
N GLY O 228 -86.55 -1.08 -87.83
CA GLY O 228 -85.43 -1.26 -86.92
C GLY O 228 -85.63 -2.44 -85.98
N PHE O 229 -85.70 -2.17 -84.67
CA PHE O 229 -85.93 -3.23 -83.70
C PHE O 229 -87.08 -2.87 -82.76
N GLU O 230 -88.09 -2.19 -83.31
CA GLU O 230 -89.25 -1.77 -82.54
C GLU O 230 -89.98 -2.87 -81.77
N SER O 231 -90.07 -4.07 -82.34
CA SER O 231 -90.80 -5.15 -81.67
C SER O 231 -90.02 -6.02 -80.66
N ASN O 232 -88.71 -5.82 -80.54
CA ASN O 232 -87.93 -6.62 -79.61
C ASN O 232 -88.55 -6.70 -78.21
N ILE O 233 -88.93 -5.55 -77.66
CA ILE O 233 -89.50 -5.52 -76.32
C ILE O 233 -90.85 -6.22 -76.22
N ARG O 234 -91.58 -6.28 -77.32
CA ARG O 234 -92.89 -6.93 -77.31
C ARG O 234 -92.76 -8.43 -77.07
N ARG O 235 -91.80 -9.07 -77.74
CA ARG O 235 -91.60 -10.50 -77.54
C ARG O 235 -90.98 -10.71 -76.17
N GLN O 236 -90.33 -9.68 -75.65
CA GLN O 236 -89.74 -9.77 -74.33
C GLN O 236 -90.91 -9.91 -73.36
N TRP O 237 -91.93 -9.08 -73.55
CA TRP O 237 -93.13 -9.09 -72.72
C TRP O 237 -93.83 -10.45 -72.77
N LEU O 238 -94.07 -10.94 -73.98
CA LEU O 238 -94.73 -12.22 -74.17
C LEU O 238 -93.92 -13.33 -73.49
N LYS O 239 -92.61 -13.31 -73.73
CA LYS O 239 -91.71 -14.30 -73.14
C LYS O 239 -91.83 -14.31 -71.61
N ASP O 240 -91.75 -13.14 -71.00
CA ASP O 240 -91.86 -13.02 -69.56
C ASP O 240 -93.27 -13.37 -69.06
N LEU O 241 -94.24 -13.38 -69.96
CA LEU O 241 -95.61 -13.73 -69.56
C LEU O 241 -95.76 -15.25 -69.57
N GLY O 242 -94.75 -15.94 -70.10
CA GLY O 242 -94.77 -17.38 -70.15
C GLY O 242 -95.22 -17.95 -71.48
N VAL O 243 -95.17 -17.15 -72.53
CA VAL O 243 -95.58 -17.60 -73.85
C VAL O 243 -94.47 -18.42 -74.51
N ASP O 244 -94.83 -19.56 -75.09
CA ASP O 244 -93.86 -20.42 -75.75
C ASP O 244 -93.61 -19.98 -77.19
N PHE O 245 -92.34 -19.97 -77.58
CA PHE O 245 -91.93 -19.60 -78.93
C PHE O 245 -91.35 -20.81 -79.66
N VAL O 246 -92.05 -21.26 -80.70
CA VAL O 246 -91.60 -22.38 -81.50
C VAL O 246 -91.27 -21.84 -82.88
N PHE O 247 -90.06 -22.10 -83.36
CA PHE O 247 -89.61 -21.64 -84.66
C PHE O 247 -89.43 -22.78 -85.65
N ILE O 248 -90.03 -22.64 -86.83
CA ILE O 248 -89.90 -23.63 -87.88
C ILE O 248 -89.24 -22.86 -89.03
N ASP O 249 -87.98 -23.18 -89.27
CA ASP O 249 -87.16 -22.49 -90.28
C ASP O 249 -85.98 -23.39 -90.59
N PRO O 250 -85.69 -23.65 -91.88
CA PRO O 250 -84.55 -24.51 -92.21
C PRO O 250 -83.32 -23.98 -91.48
N HIS O 251 -83.26 -22.66 -91.36
CA HIS O 251 -82.15 -22.00 -90.69
C HIS O 251 -82.59 -21.54 -89.30
N MET O 252 -81.77 -21.80 -88.29
CA MET O 252 -82.09 -21.34 -86.95
C MET O 252 -81.79 -19.84 -87.02
N ASN O 253 -82.78 -19.07 -87.47
CA ASN O 253 -82.61 -17.63 -87.63
C ASN O 253 -82.26 -16.86 -86.36
N HIS O 254 -82.05 -15.56 -86.52
CA HIS O 254 -81.65 -14.71 -85.41
C HIS O 254 -82.67 -14.50 -84.31
N THR O 255 -83.96 -14.64 -84.61
CA THR O 255 -84.96 -14.52 -83.56
C THR O 255 -84.94 -15.84 -82.82
N ALA O 256 -84.83 -16.94 -83.57
CA ALA O 256 -84.79 -18.26 -82.97
C ALA O 256 -83.56 -18.38 -82.07
N ARG O 257 -82.44 -17.86 -82.54
CA ARG O 257 -81.19 -17.90 -81.77
C ARG O 257 -81.29 -17.13 -80.46
N LEU O 258 -82.19 -16.16 -80.40
CA LEU O 258 -82.35 -15.34 -79.20
C LEU O 258 -83.41 -15.79 -78.21
N VAL O 259 -84.56 -16.25 -78.71
CA VAL O 259 -85.66 -16.63 -77.83
C VAL O 259 -86.41 -17.92 -78.12
N ALA O 260 -85.87 -18.78 -78.97
CA ALA O 260 -86.55 -20.03 -79.31
C ALA O 260 -86.67 -21.01 -78.14
N ASP O 261 -87.82 -21.68 -78.07
CA ASP O 261 -88.07 -22.68 -77.04
C ASP O 261 -87.81 -24.02 -77.69
N LYS O 262 -88.03 -24.05 -79.00
CA LYS O 262 -87.83 -25.24 -79.81
C LYS O 262 -87.71 -24.79 -81.26
N TRP O 263 -86.84 -25.46 -82.00
CA TRP O 263 -86.59 -25.13 -83.39
C TRP O 263 -86.71 -26.34 -84.31
N PHE O 264 -87.49 -26.20 -85.38
CA PHE O 264 -87.65 -27.25 -86.39
C PHE O 264 -86.89 -26.77 -87.62
N SER O 265 -86.14 -27.66 -88.25
CA SER O 265 -85.39 -27.31 -89.45
C SER O 265 -85.85 -28.19 -90.62
N PRO O 266 -86.97 -27.84 -91.25
CA PRO O 266 -87.46 -28.65 -92.37
C PRO O 266 -86.60 -28.47 -93.61
N LYS O 267 -86.47 -29.52 -94.41
CA LYS O 267 -85.70 -29.44 -95.66
C LYS O 267 -86.41 -28.41 -96.53
N ILE O 268 -85.70 -27.79 -97.47
CA ILE O 268 -86.33 -26.80 -98.33
C ILE O 268 -87.52 -27.38 -99.11
N GLY O 269 -88.51 -26.54 -99.37
CA GLY O 269 -89.69 -26.97 -100.10
C GLY O 269 -90.55 -28.05 -99.46
N THR O 270 -90.42 -28.26 -98.15
CA THR O 270 -91.22 -29.31 -97.49
C THR O 270 -92.13 -28.82 -96.37
N ASP O 271 -92.19 -27.50 -96.15
CA ASP O 271 -93.04 -26.96 -95.09
C ASP O 271 -94.48 -27.45 -95.09
N HIS O 272 -95.10 -27.52 -96.27
CA HIS O 272 -96.49 -27.95 -96.33
C HIS O 272 -96.72 -29.38 -95.90
N ALA O 273 -95.65 -30.18 -95.85
CA ALA O 273 -95.79 -31.55 -95.39
C ALA O 273 -96.11 -31.48 -93.90
N LEU O 274 -95.46 -30.55 -93.20
CA LEU O 274 -95.71 -30.40 -91.76
C LEU O 274 -97.12 -29.88 -91.50
N SER O 275 -97.54 -28.88 -92.25
CA SER O 275 -98.87 -28.31 -92.04
C SER O 275 -99.96 -29.34 -92.33
N PHE O 276 -99.74 -30.21 -93.31
CA PHE O 276 -100.73 -31.25 -93.62
C PHE O 276 -100.78 -32.28 -92.51
N ALA O 277 -99.62 -32.60 -91.94
CA ALA O 277 -99.55 -33.59 -90.86
C ALA O 277 -100.15 -32.99 -89.60
N ILE O 278 -100.02 -31.67 -89.45
CA ILE O 278 -100.59 -31.00 -88.29
C ILE O 278 -102.10 -31.05 -88.42
N ALA O 279 -102.61 -30.74 -89.61
CA ALA O 279 -104.04 -30.78 -89.85
C ALA O 279 -104.51 -32.22 -89.66
N TYR O 280 -103.79 -33.15 -90.27
CA TYR O 280 -104.11 -34.58 -90.16
C TYR O 280 -104.33 -34.94 -88.69
N THR O 281 -103.41 -34.51 -87.84
CA THR O 281 -103.51 -34.78 -86.41
C THR O 281 -104.79 -34.19 -85.83
N TRP O 282 -105.07 -32.94 -86.18
CA TRP O 282 -106.27 -32.28 -85.68
C TRP O 282 -107.54 -32.99 -86.12
N LEU O 283 -107.57 -33.45 -87.37
CA LEU O 283 -108.72 -34.15 -87.92
C LEU O 283 -108.93 -35.50 -87.22
N LYS O 284 -107.85 -36.24 -86.99
CA LYS O 284 -107.93 -37.54 -86.33
C LYS O 284 -108.38 -37.43 -84.88
N GLU O 285 -107.99 -36.34 -84.23
CA GLU O 285 -108.32 -36.13 -82.83
C GLU O 285 -109.42 -35.11 -82.57
N ASP O 286 -110.10 -34.69 -83.64
CA ASP O 286 -111.17 -33.71 -83.54
C ASP O 286 -110.74 -32.50 -82.71
N SER O 287 -109.45 -32.14 -82.81
CA SER O 287 -108.95 -31.02 -82.04
C SER O 287 -108.83 -29.68 -82.78
N TYR O 288 -109.94 -29.22 -83.34
CA TYR O 288 -109.98 -27.93 -84.02
C TYR O 288 -111.37 -27.30 -83.84
N ASP O 289 -111.51 -26.05 -84.26
CA ASP O 289 -112.78 -25.35 -84.12
C ASP O 289 -113.74 -25.79 -85.22
N LYS O 290 -114.57 -26.79 -84.92
CA LYS O 290 -115.51 -27.30 -85.90
C LYS O 290 -116.63 -26.34 -86.27
N GLU O 291 -117.13 -25.57 -85.30
CA GLU O 291 -118.20 -24.62 -85.58
C GLU O 291 -117.69 -23.55 -86.55
N TYR O 292 -116.50 -23.03 -86.26
CA TYR O 292 -115.89 -22.00 -87.10
C TYR O 292 -115.74 -22.51 -88.52
N VAL O 293 -115.13 -23.68 -88.66
CA VAL O 293 -114.91 -24.27 -89.97
C VAL O 293 -116.21 -24.51 -90.72
N ALA O 294 -117.22 -25.06 -90.03
CA ALA O 294 -118.51 -25.33 -90.67
C ALA O 294 -119.12 -24.04 -91.17
N ALA O 295 -118.89 -22.96 -90.42
CA ALA O 295 -119.43 -21.66 -90.78
C ALA O 295 -118.57 -20.87 -91.76
N ASN O 296 -117.25 -20.94 -91.63
CA ASN O 296 -116.40 -20.13 -92.49
C ASN O 296 -115.49 -20.78 -93.53
N ALA O 297 -115.64 -22.08 -93.74
CA ALA O 297 -114.82 -22.77 -94.73
C ALA O 297 -115.68 -23.33 -95.86
N HIS O 298 -115.10 -23.41 -97.06
CA HIS O 298 -115.79 -23.93 -98.21
C HIS O 298 -114.93 -25.06 -98.79
N GLY O 299 -115.57 -26.17 -99.17
CA GLY O 299 -114.85 -27.29 -99.72
C GLY O 299 -113.97 -28.01 -98.71
N PHE O 300 -114.23 -27.78 -97.43
CA PHE O 300 -113.43 -28.38 -96.37
C PHE O 300 -113.60 -29.89 -96.26
N GLU O 301 -114.82 -30.38 -96.49
CA GLU O 301 -115.09 -31.81 -96.42
C GLU O 301 -114.20 -32.54 -97.40
N GLU O 302 -114.23 -32.11 -98.66
CA GLU O 302 -113.41 -32.76 -99.68
C GLU O 302 -111.93 -32.66 -99.31
N TRP O 303 -111.54 -31.55 -98.71
CA TRP O 303 -110.15 -31.34 -98.32
C TRP O 303 -109.72 -32.28 -97.18
N ALA O 304 -110.61 -32.48 -96.21
CA ALA O 304 -110.31 -33.36 -95.09
C ALA O 304 -110.08 -34.77 -95.64
N ASP O 305 -110.86 -35.15 -96.65
CA ASP O 305 -110.71 -36.46 -97.28
C ASP O 305 -109.32 -36.58 -97.88
N TYR O 306 -108.87 -35.50 -98.52
CA TYR O 306 -107.54 -35.51 -99.12
C TYR O 306 -106.48 -35.68 -98.03
N VAL O 307 -106.58 -34.89 -96.97
CA VAL O 307 -105.61 -34.97 -95.88
C VAL O 307 -105.59 -36.36 -95.25
N LEU O 308 -106.75 -36.98 -95.15
CA LEU O 308 -106.85 -38.31 -94.54
C LEU O 308 -106.32 -39.45 -95.42
N GLY O 309 -106.04 -39.15 -96.69
CA GLY O 309 -105.50 -40.16 -97.58
C GLY O 309 -106.49 -40.88 -98.48
N LYS O 310 -107.78 -40.61 -98.30
CA LYS O 310 -108.82 -41.25 -99.09
C LYS O 310 -108.73 -41.01 -100.60
N THR O 311 -108.31 -39.82 -101.00
CA THR O 311 -108.25 -39.53 -102.43
C THR O 311 -106.96 -39.92 -103.14
N ASP O 312 -105.83 -39.85 -102.46
CA ASP O 312 -104.56 -40.20 -103.10
C ASP O 312 -103.86 -41.40 -102.46
N GLY O 313 -104.56 -42.11 -101.58
CA GLY O 313 -103.99 -43.27 -100.93
C GLY O 313 -102.79 -42.99 -100.04
N THR O 314 -102.57 -41.72 -99.71
CA THR O 314 -101.44 -41.37 -98.86
C THR O 314 -101.83 -40.53 -97.65
N PRO O 315 -102.12 -41.19 -96.52
CA PRO O 315 -102.51 -40.44 -95.32
C PRO O 315 -101.38 -39.47 -94.99
N LYS O 316 -101.70 -38.21 -94.72
CA LYS O 316 -100.68 -37.23 -94.43
C LYS O 316 -100.25 -37.25 -92.96
N THR O 317 -99.76 -38.41 -92.52
CA THR O 317 -99.32 -38.61 -91.14
C THR O 317 -98.06 -37.83 -90.78
N CYS O 318 -97.74 -37.82 -89.49
CA CYS O 318 -96.55 -37.15 -89.00
C CYS O 318 -95.32 -37.93 -89.47
N GLU O 319 -95.47 -39.24 -89.63
CA GLU O 319 -94.38 -40.10 -90.09
C GLU O 319 -94.10 -39.78 -91.55
N TRP O 320 -95.16 -39.57 -92.32
CA TRP O 320 -95.04 -39.22 -93.73
C TRP O 320 -94.37 -37.86 -93.85
N ALA O 321 -94.65 -36.97 -92.90
CA ALA O 321 -94.08 -35.63 -92.90
C ALA O 321 -92.60 -35.66 -92.56
N GLU O 322 -92.21 -36.57 -91.66
CA GLU O 322 -90.81 -36.69 -91.27
C GLU O 322 -90.02 -37.16 -92.48
N GLU O 323 -90.60 -38.11 -93.21
CA GLU O 323 -89.98 -38.67 -94.40
C GLU O 323 -89.74 -37.55 -95.42
N GLU O 324 -90.67 -36.61 -95.49
CA GLU O 324 -90.57 -35.49 -96.42
C GLU O 324 -89.63 -34.38 -95.96
N SER O 325 -89.77 -33.98 -94.70
CA SER O 325 -89.00 -32.86 -94.16
C SER O 325 -87.76 -33.13 -93.33
N GLY O 326 -87.64 -34.33 -92.76
CA GLY O 326 -86.49 -34.62 -91.94
C GLY O 326 -86.72 -34.24 -90.48
N VAL O 327 -87.86 -33.60 -90.22
CA VAL O 327 -88.21 -33.22 -88.85
C VAL O 327 -88.90 -34.42 -88.20
N PRO O 328 -88.48 -34.79 -86.98
CA PRO O 328 -89.04 -35.93 -86.24
C PRO O 328 -90.58 -35.93 -86.18
N ALA O 329 -91.18 -37.06 -86.51
CA ALA O 329 -92.63 -37.21 -86.49
C ALA O 329 -93.19 -36.86 -85.11
N CYS O 330 -92.55 -37.37 -84.07
CA CYS O 330 -93.00 -37.13 -82.70
C CYS O 330 -93.06 -35.63 -82.35
N GLU O 331 -92.10 -34.85 -82.83
CA GLU O 331 -92.08 -33.42 -82.53
C GLU O 331 -93.16 -32.70 -83.31
N ILE O 332 -93.47 -33.20 -84.50
CA ILE O 332 -94.52 -32.60 -85.32
C ILE O 332 -95.85 -32.83 -84.61
N ARG O 333 -96.08 -34.06 -84.19
CA ARG O 333 -97.32 -34.41 -83.49
C ARG O 333 -97.46 -33.66 -82.18
N ALA O 334 -96.34 -33.47 -81.47
CA ALA O 334 -96.36 -32.76 -80.20
C ALA O 334 -96.77 -31.30 -80.40
N LEU O 335 -96.24 -30.67 -81.45
CA LEU O 335 -96.58 -29.27 -81.73
C LEU O 335 -98.08 -29.19 -82.06
N ALA O 336 -98.53 -30.09 -82.93
CA ALA O 336 -99.93 -30.13 -83.35
C ALA O 336 -100.90 -30.18 -82.18
N ARG O 337 -100.66 -31.12 -81.27
CA ARG O 337 -101.52 -31.27 -80.09
C ARG O 337 -101.43 -30.07 -79.16
N GLN O 338 -100.23 -29.51 -79.03
CA GLN O 338 -100.02 -28.35 -78.16
C GLN O 338 -100.71 -27.14 -78.78
N TRP O 339 -100.61 -27.03 -80.09
CA TRP O 339 -101.21 -25.94 -80.85
C TRP O 339 -102.72 -25.95 -80.63
N ALA O 340 -103.32 -27.13 -80.73
CA ALA O 340 -104.76 -27.28 -80.57
C ALA O 340 -105.33 -26.88 -79.22
N LYS O 341 -104.66 -27.27 -78.13
CA LYS O 341 -105.18 -26.95 -76.81
C LYS O 341 -104.77 -25.62 -76.19
N LYS O 342 -103.84 -24.91 -76.82
CA LYS O 342 -103.39 -23.63 -76.28
C LYS O 342 -103.81 -22.47 -77.17
N ASN O 343 -103.91 -21.26 -76.60
CA ASN O 343 -104.24 -20.08 -77.39
C ASN O 343 -102.96 -19.89 -78.19
N THR O 344 -103.00 -20.32 -79.45
CA THR O 344 -101.84 -20.24 -80.31
C THR O 344 -102.00 -19.30 -81.49
N TYR O 345 -101.01 -18.43 -81.68
CA TYR O 345 -100.98 -17.49 -82.79
C TYR O 345 -99.98 -17.98 -83.83
N LEU O 346 -100.39 -18.03 -85.09
CA LEU O 346 -99.51 -18.46 -86.15
C LEU O 346 -98.78 -17.24 -86.68
N ALA O 347 -97.47 -17.20 -86.46
CA ALA O 347 -96.65 -16.09 -86.94
C ALA O 347 -96.02 -16.51 -88.25
N ALA O 348 -96.81 -16.52 -89.31
CA ALA O 348 -96.31 -16.88 -90.63
C ALA O 348 -95.59 -15.67 -91.19
N GLY O 349 -94.31 -15.81 -91.49
CA GLY O 349 -93.55 -14.70 -92.02
C GLY O 349 -93.25 -13.66 -90.96
N GLY O 350 -92.33 -12.75 -91.25
CA GLY O 350 -91.99 -11.73 -90.26
C GLY O 350 -93.00 -10.59 -90.12
N LEU O 351 -93.80 -10.37 -91.15
CA LEU O 351 -94.79 -9.29 -91.16
C LEU O 351 -96.20 -9.69 -90.75
N GLY O 352 -96.51 -10.97 -90.87
CA GLY O 352 -97.85 -11.43 -90.61
C GLY O 352 -98.18 -11.54 -92.08
N GLY O 353 -97.75 -12.66 -92.64
CA GLY O 353 -97.88 -12.86 -94.07
C GLY O 353 -96.42 -12.75 -94.51
N TRP O 354 -96.16 -12.85 -95.79
CA TRP O 354 -94.78 -12.82 -96.29
C TRP O 354 -94.07 -14.10 -95.81
N GLY O 355 -92.74 -14.03 -95.67
CA GLY O 355 -91.94 -15.18 -95.26
C GLY O 355 -91.20 -15.76 -96.46
N GLY O 356 -89.90 -16.02 -96.29
CA GLY O 356 -89.12 -16.57 -97.38
C GLY O 356 -89.75 -17.79 -98.02
N ALA O 357 -90.53 -18.53 -97.23
CA ALA O 357 -91.20 -19.76 -97.68
C ALA O 357 -92.16 -19.52 -98.82
N CYS O 358 -92.74 -18.32 -98.84
CA CYS O 358 -93.72 -17.99 -99.85
C CYS O 358 -93.11 -17.74 -101.23
N ARG O 359 -91.82 -17.45 -101.30
CA ARG O 359 -91.20 -17.26 -102.61
C ARG O 359 -90.18 -18.37 -102.84
N ALA O 360 -90.74 -19.55 -103.14
CA ALA O 360 -90.00 -20.78 -103.37
C ALA O 360 -90.93 -21.68 -104.18
N SER O 361 -90.43 -22.81 -104.68
CA SER O 361 -91.27 -23.69 -105.48
C SER O 361 -92.52 -24.22 -104.78
N HIS O 362 -92.55 -24.19 -103.45
CA HIS O 362 -93.72 -24.67 -102.71
C HIS O 362 -94.46 -23.50 -102.06
N GLY O 363 -94.05 -22.28 -102.42
CA GLY O 363 -94.66 -21.08 -101.88
C GLY O 363 -96.18 -21.06 -101.82
N ILE O 364 -96.84 -21.49 -102.88
CA ILE O 364 -98.29 -21.50 -102.92
C ILE O 364 -98.89 -22.39 -101.83
N GLU O 365 -98.44 -23.63 -101.77
CA GLU O 365 -98.97 -24.55 -100.77
C GLU O 365 -98.62 -24.15 -99.34
N TRP O 366 -97.48 -23.47 -99.16
CA TRP O 366 -97.13 -23.04 -97.81
C TRP O 366 -98.11 -21.99 -97.32
N ALA O 367 -98.34 -20.96 -98.13
CA ALA O 367 -99.26 -19.89 -97.76
C ALA O 367 -100.65 -20.48 -97.48
N ARG O 368 -101.12 -21.33 -98.38
CA ARG O 368 -102.43 -21.94 -98.19
C ARG O 368 -102.45 -22.84 -96.95
N GLY O 369 -101.32 -23.48 -96.67
CA GLY O 369 -101.22 -24.33 -95.50
C GLY O 369 -101.33 -23.46 -94.26
N MET O 370 -100.65 -22.31 -94.28
CA MET O 370 -100.70 -21.40 -93.15
C MET O 370 -102.13 -20.94 -92.92
N ILE O 371 -102.85 -20.69 -94.01
CA ILE O 371 -104.23 -20.24 -93.94
C ILE O 371 -105.10 -21.40 -93.42
N ALA O 372 -104.85 -22.61 -93.92
CA ALA O 372 -105.61 -23.78 -93.50
C ALA O 372 -105.52 -23.96 -91.98
N LEU O 373 -104.30 -24.01 -91.46
CA LEU O 373 -104.09 -24.18 -90.04
C LEU O 373 -104.72 -23.06 -89.21
N ALA O 374 -104.53 -21.81 -89.64
CA ALA O 374 -105.08 -20.67 -88.92
C ALA O 374 -106.61 -20.70 -88.94
N THR O 375 -107.17 -21.21 -90.04
CA THR O 375 -108.62 -21.30 -90.19
C THR O 375 -109.21 -22.38 -89.27
N MET O 376 -108.58 -23.55 -89.25
CA MET O 376 -109.08 -24.64 -88.42
C MET O 376 -109.10 -24.28 -86.93
N GLN O 377 -108.21 -23.38 -86.52
CA GLN O 377 -108.16 -22.98 -85.13
C GLN O 377 -108.99 -21.74 -84.85
N GLY O 378 -109.80 -21.34 -85.83
CA GLY O 378 -110.67 -20.19 -85.69
C GLY O 378 -110.05 -18.81 -85.58
N MET O 379 -109.17 -18.47 -86.51
CA MET O 379 -108.50 -17.17 -86.48
C MET O 379 -109.48 -16.00 -86.35
N GLY O 380 -109.15 -15.04 -85.49
CA GLY O 380 -110.01 -13.90 -85.31
C GLY O 380 -110.64 -13.82 -83.93
N LYS O 381 -110.76 -14.96 -83.27
CA LYS O 381 -111.33 -14.99 -81.93
C LYS O 381 -110.21 -14.76 -80.93
N PRO O 382 -110.56 -14.38 -79.69
CA PRO O 382 -109.52 -14.15 -78.69
C PRO O 382 -108.60 -15.35 -78.52
N GLY O 383 -107.29 -15.09 -78.51
CA GLY O 383 -106.31 -16.15 -78.34
C GLY O 383 -106.00 -16.99 -79.55
N SER O 384 -106.61 -16.68 -80.69
CA SER O 384 -106.35 -17.45 -81.91
C SER O 384 -106.34 -16.57 -83.14
N ASN O 385 -105.22 -16.52 -83.84
CA ASN O 385 -105.13 -15.68 -85.03
C ASN O 385 -103.78 -15.80 -85.69
N MET O 386 -103.65 -15.21 -86.87
CA MET O 386 -102.39 -15.20 -87.58
C MET O 386 -101.75 -13.88 -87.20
N TRP O 387 -100.71 -13.94 -86.37
CA TRP O 387 -100.01 -12.74 -85.91
C TRP O 387 -98.52 -13.02 -85.74
N SER O 388 -97.67 -12.15 -86.29
CA SER O 388 -96.23 -12.37 -86.21
C SER O 388 -95.50 -11.54 -85.16
N THR O 389 -96.27 -10.84 -84.33
CA THR O 389 -95.74 -9.99 -83.26
C THR O 389 -95.11 -8.66 -83.68
N THR O 390 -95.08 -8.37 -84.98
CA THR O 390 -94.50 -7.12 -85.45
C THR O 390 -95.54 -6.00 -85.67
N GLN O 391 -96.75 -6.37 -86.05
CA GLN O 391 -97.80 -5.39 -86.26
C GLN O 391 -98.83 -5.52 -85.14
N GLY O 392 -99.90 -4.75 -85.22
CA GLY O 392 -100.94 -4.82 -84.20
C GLY O 392 -100.82 -3.79 -83.10
N VAL O 393 -99.83 -2.91 -83.20
CA VAL O 393 -99.63 -1.87 -82.20
C VAL O 393 -100.84 -0.93 -82.21
N PRO O 394 -101.35 -0.54 -81.02
CA PRO O 394 -102.50 0.34 -80.83
C PRO O 394 -102.30 1.80 -81.23
N LEU O 395 -101.61 2.05 -82.33
CA LEU O 395 -101.40 3.43 -82.76
C LEU O 395 -102.72 4.02 -83.27
N ASP O 396 -102.78 5.35 -83.39
CA ASP O 396 -104.01 6.00 -83.85
C ASP O 396 -104.27 5.78 -85.33
N TYR O 397 -105.01 4.72 -85.66
CA TYR O 397 -105.35 4.36 -87.04
C TYR O 397 -106.20 5.42 -87.73
N GLU O 398 -106.83 6.30 -86.95
CA GLU O 398 -107.68 7.32 -87.52
C GLU O 398 -106.90 8.51 -88.06
N PHE O 399 -105.72 8.74 -87.50
CA PHE O 399 -104.87 9.83 -87.98
C PHE O 399 -104.40 9.43 -89.36
N TYR O 400 -104.46 10.34 -90.32
CA TYR O 400 -104.02 10.01 -91.66
C TYR O 400 -102.75 10.68 -92.15
N PHE O 401 -101.78 9.85 -92.53
CA PHE O 401 -100.52 10.30 -93.12
C PHE O 401 -100.18 9.26 -94.17
N PRO O 402 -99.94 9.69 -95.41
CA PRO O 402 -99.60 8.85 -96.56
C PRO O 402 -98.30 8.06 -96.47
N GLY O 403 -98.35 6.84 -97.00
CA GLY O 403 -97.16 5.99 -97.05
C GLY O 403 -96.54 6.32 -98.40
N TYR O 404 -95.30 5.91 -98.64
CA TYR O 404 -94.67 6.21 -99.92
C TYR O 404 -95.40 5.56 -101.07
N ALA O 405 -96.01 4.41 -100.80
CA ALA O 405 -96.74 3.65 -101.81
C ALA O 405 -97.97 4.37 -102.35
N GLU O 406 -98.38 5.45 -101.69
CA GLU O 406 -99.56 6.18 -102.14
C GLU O 406 -99.35 7.17 -103.29
N GLY O 407 -98.15 7.15 -103.89
CA GLY O 407 -97.89 7.99 -105.04
C GLY O 407 -97.25 9.36 -104.94
N GLY O 408 -97.30 9.98 -103.76
CA GLY O 408 -96.70 11.28 -103.62
C GLY O 408 -97.13 12.27 -104.70
N ILE O 409 -96.17 12.82 -105.41
CA ILE O 409 -96.46 13.82 -106.43
C ILE O 409 -96.82 13.28 -107.83
N SER O 410 -96.96 11.97 -107.97
CA SER O 410 -97.31 11.41 -109.28
C SER O 410 -98.83 11.33 -109.45
N GLY O 411 -99.52 10.97 -108.38
CA GLY O 411 -100.96 10.85 -108.45
C GLY O 411 -101.36 9.75 -109.43
N ASP O 412 -100.43 8.84 -109.71
CA ASP O 412 -100.67 7.72 -110.62
C ASP O 412 -101.64 6.74 -109.95
N CYS O 413 -102.88 6.74 -110.39
CA CYS O 413 -103.91 5.89 -109.80
C CYS O 413 -103.87 4.40 -110.13
N GLU O 414 -103.10 4.03 -111.15
CA GLU O 414 -103.02 2.62 -111.52
C GLU O 414 -101.70 1.97 -111.13
N ASN O 415 -100.67 2.78 -110.89
CA ASN O 415 -99.38 2.23 -110.53
C ASN O 415 -98.91 2.56 -109.12
N SER O 416 -99.79 3.23 -108.37
CA SER O 416 -99.53 3.57 -106.98
C SER O 416 -100.88 3.45 -106.29
N ALA O 417 -100.89 3.56 -104.97
CA ALA O 417 -102.14 3.47 -104.22
C ALA O 417 -102.77 4.84 -104.01
N ALA O 418 -102.38 5.81 -104.84
CA ALA O 418 -102.88 7.18 -104.72
C ALA O 418 -104.39 7.30 -104.82
N GLY O 419 -105.01 6.39 -105.58
CA GLY O 419 -106.45 6.43 -105.78
C GLY O 419 -107.31 6.14 -104.57
N PHE O 420 -106.70 5.67 -103.49
CA PHE O 420 -107.48 5.36 -102.30
C PHE O 420 -107.88 6.63 -101.57
N LYS O 421 -106.91 7.49 -101.28
CA LYS O 421 -107.21 8.71 -100.57
C LYS O 421 -106.30 9.89 -100.89
N PHE O 422 -105.00 9.66 -100.95
CA PHE O 422 -104.07 10.76 -101.17
C PHE O 422 -104.24 11.64 -102.40
N ALA O 423 -104.37 11.03 -103.58
CA ALA O 423 -104.53 11.81 -104.80
C ALA O 423 -105.65 12.85 -104.64
N TRP O 424 -106.70 12.43 -103.96
CA TRP O 424 -107.86 13.28 -103.73
C TRP O 424 -107.57 14.44 -102.78
N ARG O 425 -106.49 14.31 -102.01
CA ARG O 425 -106.09 15.36 -101.08
C ARG O 425 -104.96 16.19 -101.67
N MET O 426 -104.08 15.53 -102.42
CA MET O 426 -102.92 16.19 -103.02
C MET O 426 -103.23 17.09 -104.21
N PHE O 427 -104.26 16.74 -104.97
CA PHE O 427 -104.60 17.52 -106.16
C PHE O 427 -105.99 18.16 -106.11
N ASP O 428 -106.14 19.27 -106.82
CA ASP O 428 -107.40 20.02 -106.84
C ASP O 428 -108.02 20.26 -108.22
N GLY O 429 -107.41 19.73 -109.27
CA GLY O 429 -107.96 19.94 -110.60
C GLY O 429 -108.04 21.42 -110.93
N LYS O 430 -107.17 22.21 -110.29
CA LYS O 430 -107.15 23.64 -110.51
C LYS O 430 -105.75 24.20 -110.67
N THR O 431 -104.90 23.95 -109.67
CA THR O 431 -103.54 24.48 -109.65
C THR O 431 -102.43 23.43 -109.69
N THR O 432 -102.75 22.18 -109.36
CA THR O 432 -101.75 21.13 -109.34
C THR O 432 -102.38 19.84 -109.89
N PHE O 433 -101.69 19.19 -110.82
CA PHE O 433 -102.24 18.00 -111.45
C PHE O 433 -101.38 16.75 -111.40
N PRO O 434 -102.04 15.56 -111.47
CA PRO O 434 -101.39 14.25 -111.44
C PRO O 434 -100.68 13.99 -112.77
N SER O 435 -99.91 12.91 -112.82
CA SER O 435 -99.19 12.53 -114.03
C SER O 435 -99.53 11.06 -114.34
N PRO O 436 -100.58 10.84 -115.13
CA PRO O 436 -101.04 9.49 -115.53
C PRO O 436 -100.23 8.90 -116.67
N SER O 437 -100.26 7.58 -116.78
CA SER O 437 -99.55 6.89 -117.85
C SER O 437 -100.52 6.06 -118.68
N ASN O 438 -100.60 6.35 -119.98
CA ASN O 438 -101.49 5.62 -120.87
C ASN O 438 -100.79 4.39 -121.47
N LEU O 439 -99.57 4.13 -121.01
CA LEU O 439 -98.83 2.95 -121.48
C LEU O 439 -98.65 1.93 -120.37
N ASN O 440 -98.39 2.40 -119.15
CA ASN O 440 -98.22 1.49 -118.02
C ASN O 440 -99.59 1.13 -117.49
N THR O 441 -100.32 0.37 -118.29
CA THR O 441 -101.67 -0.06 -117.94
C THR O 441 -101.90 -1.37 -118.68
N SER O 442 -102.85 -2.17 -118.22
CA SER O 442 -103.12 -3.46 -118.85
C SER O 442 -103.31 -3.44 -120.36
N ALA O 443 -103.97 -2.41 -120.86
CA ALA O 443 -104.21 -2.28 -122.30
C ALA O 443 -103.01 -1.70 -123.04
N GLY O 444 -101.98 -1.31 -122.29
CA GLY O 444 -100.79 -0.76 -122.91
C GLY O 444 -99.73 -1.84 -123.01
N GLN O 445 -98.52 -1.52 -122.56
CA GLN O 445 -97.44 -2.50 -122.58
C GLN O 445 -96.48 -2.42 -121.40
N HIS O 446 -96.20 -3.59 -120.84
CA HIS O 446 -95.26 -3.71 -119.74
C HIS O 446 -94.70 -5.09 -119.93
N ILE O 447 -93.60 -5.39 -119.26
CA ILE O 447 -93.00 -6.71 -119.33
C ILE O 447 -92.71 -7.09 -117.89
N PRO O 448 -92.65 -8.39 -117.59
CA PRO O 448 -92.37 -8.81 -116.22
C PRO O 448 -90.91 -8.59 -115.88
N ARG O 449 -90.64 -8.05 -114.70
CA ARG O 449 -89.27 -7.81 -114.27
C ARG O 449 -88.45 -9.09 -114.28
N LEU O 450 -89.09 -10.21 -113.93
CA LEU O 450 -88.41 -11.51 -113.89
C LEU O 450 -88.03 -12.07 -115.25
N LYS O 451 -88.64 -11.56 -116.31
CA LYS O 451 -88.36 -12.05 -117.64
C LYS O 451 -87.86 -11.00 -118.63
N ILE O 452 -87.23 -9.95 -118.09
CA ILE O 452 -86.67 -8.89 -118.92
C ILE O 452 -85.63 -9.49 -119.89
N PRO O 453 -84.73 -10.35 -119.37
CA PRO O 453 -83.71 -10.95 -120.22
C PRO O 453 -84.27 -11.70 -121.42
N GLU O 454 -85.34 -12.46 -121.21
CA GLU O 454 -85.95 -13.22 -122.29
C GLU O 454 -86.61 -12.28 -123.30
N CYS O 455 -87.25 -11.22 -122.81
CA CYS O 455 -87.89 -10.26 -123.71
C CYS O 455 -86.86 -9.60 -124.62
N ILE O 456 -85.73 -9.19 -124.05
CA ILE O 456 -84.67 -8.53 -124.81
C ILE O 456 -83.97 -9.46 -125.82
N MET O 457 -83.54 -10.63 -125.35
CA MET O 457 -82.82 -11.57 -126.19
C MET O 457 -83.71 -12.47 -127.05
N GLY O 458 -84.93 -12.70 -126.61
CA GLY O 458 -85.84 -13.54 -127.37
C GLY O 458 -86.80 -12.72 -128.21
N GLY O 459 -86.97 -11.46 -127.83
CA GLY O 459 -87.86 -10.56 -128.55
C GLY O 459 -89.33 -10.94 -128.44
N LYS O 460 -89.64 -11.85 -127.51
CA LYS O 460 -91.02 -12.29 -127.36
C LYS O 460 -91.23 -13.01 -126.04
N PHE O 461 -92.42 -12.85 -125.46
CA PHE O 461 -92.78 -13.52 -124.21
C PHE O 461 -94.29 -13.46 -123.97
N GLN O 462 -94.79 -14.35 -123.12
CA GLN O 462 -96.22 -14.40 -122.81
C GLN O 462 -96.36 -14.81 -121.35
N TRP O 463 -97.24 -14.14 -120.61
CA TRP O 463 -97.41 -14.44 -119.19
C TRP O 463 -98.78 -14.14 -118.59
N SER O 464 -98.88 -14.25 -117.26
CA SER O 464 -100.12 -13.99 -116.55
C SER O 464 -99.97 -12.86 -115.55
N GLY O 465 -100.96 -11.96 -115.50
CA GLY O 465 -100.94 -10.85 -114.57
C GLY O 465 -100.00 -9.70 -114.84
N LYS O 466 -100.34 -8.52 -114.31
CA LYS O 466 -99.50 -7.34 -114.48
C LYS O 466 -98.97 -6.88 -113.13
N GLY O 467 -97.67 -7.03 -112.91
CA GLY O 467 -97.07 -6.61 -111.65
C GLY O 467 -97.85 -7.10 -110.44
N PHE O 468 -98.17 -6.18 -109.53
CA PHE O 468 -98.94 -6.48 -108.32
C PHE O 468 -100.42 -6.46 -108.67
N ALA O 469 -101.04 -7.63 -108.81
CA ALA O 469 -102.46 -7.70 -109.16
C ALA O 469 -103.37 -7.73 -107.94
N GLY O 470 -103.38 -6.62 -107.19
CA GLY O 470 -104.18 -6.53 -105.99
C GLY O 470 -105.59 -6.01 -106.15
N GLY O 471 -105.99 -5.67 -107.38
CA GLY O 471 -107.33 -5.16 -107.61
C GLY O 471 -108.41 -6.15 -107.24
N ASP O 472 -108.24 -7.40 -107.65
CA ASP O 472 -109.20 -8.45 -107.35
C ASP O 472 -108.48 -9.80 -107.46
N ILE O 473 -109.05 -10.83 -106.85
CA ILE O 473 -108.46 -12.17 -106.87
C ILE O 473 -108.03 -12.64 -108.27
N SER O 474 -108.93 -12.53 -109.24
CA SER O 474 -108.65 -13.00 -110.60
C SER O 474 -107.86 -12.08 -111.53
N HIS O 475 -107.46 -10.90 -111.07
CA HIS O 475 -106.69 -10.01 -111.95
C HIS O 475 -105.39 -10.64 -112.43
N GLN O 476 -104.76 -11.41 -111.53
CA GLN O 476 -103.50 -12.07 -111.86
C GLN O 476 -103.64 -13.14 -112.96
N LEU O 477 -104.87 -13.52 -113.27
CA LEU O 477 -105.10 -14.55 -114.29
C LEU O 477 -105.16 -14.00 -115.71
N HIS O 478 -105.29 -12.68 -115.85
CA HIS O 478 -105.35 -12.06 -117.17
C HIS O 478 -104.05 -12.36 -117.92
N GLN O 479 -104.16 -12.67 -119.21
CA GLN O 479 -103.01 -13.01 -120.05
C GLN O 479 -102.43 -11.79 -120.78
N TYR O 480 -101.10 -11.71 -120.83
CA TYR O 480 -100.42 -10.60 -121.50
C TYR O 480 -99.35 -11.14 -122.43
N GLU O 481 -98.90 -10.29 -123.36
CA GLU O 481 -97.89 -10.70 -124.30
C GLU O 481 -96.92 -9.56 -124.62
N TYR O 482 -95.73 -9.94 -125.08
CA TYR O 482 -94.70 -8.98 -125.46
C TYR O 482 -94.16 -9.42 -126.82
N PRO O 483 -94.10 -8.49 -127.78
CA PRO O 483 -94.54 -7.11 -127.59
C PRO O 483 -96.06 -7.05 -127.55
N ALA O 484 -96.61 -6.09 -126.81
CA ALA O 484 -98.05 -5.95 -126.72
C ALA O 484 -98.60 -5.53 -128.08
N PRO O 485 -99.81 -5.98 -128.44
CA PRO O 485 -100.42 -5.64 -129.73
C PRO O 485 -100.28 -4.17 -130.11
N GLY O 486 -99.68 -3.92 -131.26
CA GLY O 486 -99.50 -2.56 -131.74
C GLY O 486 -98.30 -1.82 -131.21
N TYR O 487 -97.73 -2.29 -130.09
CA TYR O 487 -96.56 -1.61 -129.54
C TYR O 487 -95.24 -2.15 -130.06
N SER O 488 -94.17 -1.42 -129.79
CA SER O 488 -92.84 -1.77 -130.25
C SER O 488 -91.98 -2.53 -129.26
N LYS O 489 -91.02 -3.29 -129.78
CA LYS O 489 -90.08 -4.04 -128.95
C LYS O 489 -89.12 -3.02 -128.33
N ILE O 490 -88.40 -3.44 -127.30
CA ILE O 490 -87.47 -2.57 -126.61
C ILE O 490 -86.23 -2.19 -127.41
N LYS O 491 -85.89 -0.91 -127.40
CA LYS O 491 -84.72 -0.41 -128.11
C LYS O 491 -83.76 0.26 -127.13
N MET O 492 -84.33 0.83 -126.08
CA MET O 492 -83.57 1.54 -125.05
C MET O 492 -83.97 1.07 -123.66
N PHE O 493 -83.01 1.04 -122.75
CA PHE O 493 -83.29 0.62 -121.37
C PHE O 493 -82.78 1.66 -120.38
N TRP O 494 -83.71 2.32 -119.71
CA TRP O 494 -83.39 3.34 -118.72
C TRP O 494 -83.49 2.69 -117.35
N LYS O 495 -82.35 2.29 -116.80
CA LYS O 495 -82.35 1.66 -115.48
C LYS O 495 -82.20 2.68 -114.36
N TYR O 496 -82.88 2.39 -113.25
CA TYR O 496 -82.85 3.20 -112.05
C TYR O 496 -82.31 2.19 -111.03
N GLY O 497 -81.05 2.35 -110.66
CA GLY O 497 -80.41 1.41 -109.74
C GLY O 497 -79.92 0.25 -110.59
N GLY O 498 -79.28 -0.74 -109.97
CA GLY O 498 -78.81 -1.89 -110.75
C GLY O 498 -78.48 -3.06 -109.85
N PRO O 499 -79.45 -3.57 -109.08
CA PRO O 499 -79.27 -4.69 -108.15
C PRO O 499 -79.71 -6.07 -108.61
N HIS O 500 -80.36 -6.15 -109.76
CA HIS O 500 -80.89 -7.43 -110.24
C HIS O 500 -79.96 -8.64 -110.30
N LEU O 501 -78.67 -8.43 -110.46
CA LEU O 501 -77.75 -9.56 -110.53
C LEU O 501 -77.69 -10.32 -109.19
N GLY O 502 -78.10 -9.64 -108.12
CA GLY O 502 -78.10 -10.28 -106.80
C GLY O 502 -79.49 -10.38 -106.19
N THR O 503 -80.51 -9.87 -106.88
CA THR O 503 -81.87 -9.90 -106.32
C THR O 503 -82.93 -10.68 -107.13
N MET O 504 -82.63 -11.02 -108.38
CA MET O 504 -83.61 -11.76 -109.19
C MET O 504 -83.31 -13.28 -109.22
N THR O 505 -83.63 -13.96 -110.31
CA THR O 505 -83.39 -15.41 -110.40
C THR O 505 -82.44 -15.78 -111.52
N ALA O 506 -81.71 -16.89 -111.34
CA ALA O 506 -80.73 -17.39 -112.32
C ALA O 506 -80.16 -16.18 -113.03
N THR O 507 -79.71 -15.22 -112.23
CA THR O 507 -79.20 -13.94 -112.70
C THR O 507 -78.10 -13.81 -113.76
N ASN O 508 -77.41 -14.88 -114.12
CA ASN O 508 -76.39 -14.75 -115.17
C ASN O 508 -77.01 -14.22 -116.47
N ARG O 509 -78.29 -14.52 -116.67
CA ARG O 509 -78.99 -14.08 -117.87
C ARG O 509 -79.16 -12.57 -117.89
N TYR O 510 -79.22 -11.93 -116.72
CA TYR O 510 -79.34 -10.47 -116.66
C TYR O 510 -78.04 -9.84 -117.16
N ALA O 511 -76.92 -10.53 -116.95
CA ALA O 511 -75.64 -10.02 -117.40
C ALA O 511 -75.57 -10.19 -118.91
N LYS O 512 -76.08 -11.31 -119.41
CA LYS O 512 -76.06 -11.62 -120.83
C LYS O 512 -76.89 -10.70 -121.73
N MET O 513 -78.05 -10.27 -121.25
CA MET O 513 -78.94 -9.43 -122.04
C MET O 513 -78.36 -8.09 -122.49
N TYR O 514 -77.53 -7.49 -121.63
CA TYR O 514 -76.94 -6.18 -121.94
C TYR O 514 -76.18 -6.08 -123.24
N THR O 515 -75.57 -7.18 -123.68
CA THR O 515 -74.78 -7.15 -124.91
C THR O 515 -75.57 -7.53 -126.16
N HIS O 516 -76.86 -7.78 -126.02
CA HIS O 516 -77.68 -8.13 -127.17
C HIS O 516 -77.73 -6.92 -128.10
N ASP O 517 -77.57 -7.13 -129.40
CA ASP O 517 -77.54 -6.03 -130.35
C ASP O 517 -78.84 -5.28 -130.59
N SER O 518 -79.95 -5.77 -130.01
CA SER O 518 -81.24 -5.10 -130.17
C SER O 518 -81.30 -3.93 -129.19
N LEU O 519 -80.45 -4.00 -128.16
CA LEU O 519 -80.39 -2.95 -127.15
C LEU O 519 -79.50 -1.83 -127.68
N GLU O 520 -80.11 -0.84 -128.30
CA GLU O 520 -79.39 0.28 -128.89
C GLU O 520 -78.84 1.28 -127.85
N PHE O 521 -79.47 1.35 -126.69
CA PHE O 521 -79.03 2.31 -125.68
C PHE O 521 -79.38 1.90 -124.26
N VAL O 522 -78.47 2.19 -123.32
CA VAL O 522 -78.70 1.88 -121.92
C VAL O 522 -78.21 2.98 -121.00
N VAL O 523 -79.11 3.48 -120.14
CA VAL O 523 -78.76 4.53 -119.20
C VAL O 523 -79.03 3.99 -117.81
N SER O 524 -78.14 4.33 -116.89
CA SER O 524 -78.28 3.90 -115.51
C SER O 524 -78.24 5.12 -114.60
N GLN O 525 -79.36 5.35 -113.92
CA GLN O 525 -79.52 6.46 -113.00
C GLN O 525 -79.44 5.81 -111.62
N SER O 526 -78.25 5.82 -111.04
CA SER O 526 -78.04 5.18 -109.76
C SER O 526 -77.17 5.99 -108.81
N ILE O 527 -77.04 5.50 -107.57
CA ILE O 527 -76.24 6.17 -106.55
C ILE O 527 -74.84 5.59 -106.47
N TRP O 528 -74.75 4.27 -106.40
CA TRP O 528 -73.47 3.58 -106.28
C TRP O 528 -73.04 2.82 -107.54
N PHE O 529 -71.75 2.90 -107.84
CA PHE O 529 -71.19 2.22 -109.00
C PHE O 529 -70.97 0.76 -108.59
N GLU O 530 -71.99 -0.07 -108.84
CA GLU O 530 -71.95 -1.47 -108.46
C GLU O 530 -72.99 -2.26 -109.27
N GLY O 531 -73.06 -3.56 -109.00
CA GLY O 531 -74.03 -4.42 -109.66
C GLY O 531 -74.11 -4.32 -111.17
N GLU O 532 -75.28 -3.92 -111.68
CA GLU O 532 -75.51 -3.80 -113.12
C GLU O 532 -75.00 -2.49 -113.71
N VAL O 533 -74.69 -1.50 -112.87
CA VAL O 533 -74.24 -0.21 -113.35
C VAL O 533 -73.12 -0.24 -114.39
N PRO O 534 -72.11 -1.12 -114.24
CA PRO O 534 -71.01 -1.18 -115.21
C PRO O 534 -71.36 -1.76 -116.59
N PHE O 535 -72.64 -1.92 -116.88
CA PHE O 535 -73.08 -2.44 -118.17
C PHE O 535 -73.72 -1.31 -118.99
N ALA O 536 -73.92 -0.16 -118.36
CA ALA O 536 -74.57 0.98 -119.02
C ALA O 536 -73.69 1.76 -119.99
N ASP O 537 -74.33 2.50 -120.91
CA ASP O 537 -73.64 3.34 -121.87
C ASP O 537 -73.45 4.71 -121.26
N ILE O 538 -74.44 5.15 -120.49
CA ILE O 538 -74.42 6.44 -119.81
C ILE O 538 -74.87 6.25 -118.36
N ILE O 539 -74.10 6.81 -117.43
CA ILE O 539 -74.43 6.69 -116.01
C ILE O 539 -74.66 8.07 -115.42
N LEU O 540 -75.77 8.20 -114.68
CA LEU O 540 -76.14 9.47 -114.06
C LEU O 540 -76.15 9.34 -112.53
N PRO O 541 -75.33 10.16 -111.85
CA PRO O 541 -75.17 10.20 -110.38
C PRO O 541 -76.34 10.77 -109.59
N ALA O 542 -76.99 9.91 -108.83
CA ALA O 542 -78.10 10.33 -107.98
C ALA O 542 -77.54 10.40 -106.56
N CYS O 543 -78.17 11.15 -105.68
CA CYS O 543 -77.70 11.29 -104.31
C CYS O 543 -78.62 10.58 -103.32
N THR O 544 -78.14 10.38 -102.09
CA THR O 544 -78.95 9.73 -101.06
C THR O 544 -79.94 10.75 -100.51
N ASN O 545 -80.87 10.31 -99.68
CA ASN O 545 -81.86 11.19 -99.08
C ASN O 545 -81.27 12.14 -98.05
N PHE O 546 -80.00 11.96 -97.69
CA PHE O 546 -79.37 12.85 -96.72
C PHE O 546 -78.80 14.07 -97.41
N GLU O 547 -78.94 14.10 -98.74
CA GLU O 547 -78.42 15.19 -99.55
C GLU O 547 -79.53 15.98 -100.26
N ARG O 548 -80.77 15.79 -99.81
CA ARG O 548 -81.92 16.48 -100.39
C ARG O 548 -83.06 16.62 -99.39
N TRP O 549 -84.10 17.36 -99.76
CA TRP O 549 -85.25 17.56 -98.87
C TRP O 549 -86.40 16.59 -99.15
N ASP O 550 -86.96 16.03 -98.09
CA ASP O 550 -88.10 15.13 -98.23
C ASP O 550 -88.86 15.02 -96.92
N ILE O 551 -89.91 14.20 -96.92
CA ILE O 551 -90.73 14.01 -95.73
C ILE O 551 -91.22 12.57 -95.70
N SER O 552 -91.38 12.00 -94.51
CA SER O 552 -91.83 10.62 -94.40
C SER O 552 -92.29 10.26 -92.98
N GLU O 553 -92.74 9.02 -92.83
CA GLU O 553 -93.18 8.49 -91.54
C GLU O 553 -92.50 7.14 -91.30
N PHE O 554 -92.06 6.95 -90.07
CA PHE O 554 -91.39 5.72 -89.65
C PHE O 554 -92.07 4.48 -90.22
N ALA O 555 -91.38 3.79 -91.12
CA ALA O 555 -91.87 2.55 -91.74
C ALA O 555 -93.21 2.64 -92.47
N ASN O 556 -93.68 3.85 -92.79
CA ASN O 556 -94.97 3.97 -93.46
C ASN O 556 -94.93 3.69 -94.96
N CYS O 557 -95.36 2.48 -95.33
CA CYS O 557 -95.42 2.06 -96.72
C CYS O 557 -96.84 2.28 -97.25
N SER O 558 -97.81 1.77 -96.50
CA SER O 558 -99.21 1.89 -96.86
C SER O 558 -99.45 1.17 -98.19
N GLY O 559 -100.44 1.62 -98.95
CA GLY O 559 -100.72 1.00 -100.23
C GLY O 559 -101.11 -0.45 -100.06
N TYR O 560 -100.31 -1.35 -100.61
CA TYR O 560 -100.60 -2.78 -100.51
C TYR O 560 -100.36 -3.33 -99.12
N ILE O 561 -99.98 -2.45 -98.20
CA ILE O 561 -99.79 -2.80 -96.80
C ILE O 561 -100.38 -1.64 -95.99
N PRO O 562 -101.72 -1.52 -96.01
CA PRO O 562 -102.41 -0.45 -95.29
C PRO O 562 -102.04 -0.32 -93.82
N ASP O 563 -101.73 0.91 -93.41
CA ASP O 563 -101.39 1.20 -92.03
C ASP O 563 -100.27 0.36 -91.44
N ASN O 564 -99.22 0.09 -92.21
CA ASN O 564 -98.12 -0.72 -91.68
C ASN O 564 -97.21 0.04 -90.72
N TYR O 565 -97.57 1.28 -90.41
CA TYR O 565 -96.76 2.05 -89.46
C TYR O 565 -96.98 1.41 -88.08
N GLN O 566 -97.97 0.54 -87.98
CA GLN O 566 -98.27 -0.15 -86.73
C GLN O 566 -97.17 -1.14 -86.36
N LEU O 567 -96.13 -1.18 -87.19
CA LEU O 567 -94.98 -2.05 -86.95
C LEU O 567 -94.10 -1.40 -85.90
N CYS O 568 -94.27 -0.09 -85.73
CA CYS O 568 -93.48 0.70 -84.79
C CYS O 568 -94.21 0.96 -83.46
N ASN O 569 -93.44 1.28 -82.43
CA ASN O 569 -94.00 1.57 -81.12
C ASN O 569 -94.66 2.94 -81.08
N HIS O 570 -94.35 3.79 -82.06
CA HIS O 570 -94.93 5.12 -82.16
C HIS O 570 -95.03 5.55 -83.62
N ARG O 571 -95.95 6.46 -83.91
CA ARG O 571 -96.07 6.96 -85.26
C ARG O 571 -95.18 8.18 -85.24
N VAL O 572 -94.08 8.11 -85.99
CA VAL O 572 -93.14 9.22 -86.03
C VAL O 572 -93.07 9.80 -87.44
N ILE O 573 -93.49 11.04 -87.56
CA ILE O 573 -93.46 11.74 -88.84
C ILE O 573 -92.30 12.71 -88.76
N SER O 574 -91.38 12.60 -89.71
CA SER O 574 -90.23 13.48 -89.66
C SER O 574 -89.85 14.14 -90.97
N LEU O 575 -89.18 15.28 -90.83
CA LEU O 575 -88.70 16.02 -91.97
C LEU O 575 -87.35 15.42 -92.29
N GLN O 576 -87.11 15.14 -93.57
CA GLN O 576 -85.83 14.59 -93.98
C GLN O 576 -85.03 15.77 -94.49
N ALA O 577 -84.40 16.46 -93.55
CA ALA O 577 -83.61 17.64 -93.84
C ALA O 577 -82.41 17.35 -94.73
N LYS O 578 -82.14 18.27 -95.64
CA LYS O 578 -80.97 18.14 -96.50
C LYS O 578 -79.85 18.38 -95.52
N CYS O 579 -79.19 17.30 -95.10
CA CYS O 579 -78.11 17.41 -94.12
C CYS O 579 -76.80 17.95 -94.70
N ILE O 580 -76.54 17.62 -95.96
CA ILE O 580 -75.31 18.07 -96.60
C ILE O 580 -75.57 18.24 -98.09
N GLU O 581 -74.65 18.91 -98.76
CA GLU O 581 -74.76 19.12 -100.20
C GLU O 581 -74.47 17.79 -100.89
N PRO O 582 -75.06 17.56 -102.07
CA PRO O 582 -74.83 16.31 -102.80
C PRO O 582 -73.33 16.01 -102.89
N VAL O 583 -72.99 14.75 -102.68
CA VAL O 583 -71.60 14.29 -102.75
C VAL O 583 -71.15 14.24 -104.21
N GLY O 584 -69.92 14.68 -104.45
CA GLY O 584 -69.40 14.69 -105.80
C GLY O 584 -70.27 15.55 -106.69
N GLU O 585 -70.50 15.11 -107.93
CA GLU O 585 -71.31 15.85 -108.87
C GLU O 585 -72.68 15.20 -109.04
N SER O 586 -73.16 14.57 -107.98
CA SER O 586 -74.45 13.90 -108.00
C SER O 586 -75.58 14.87 -107.69
N MET O 587 -76.79 14.53 -108.09
CA MET O 587 -77.94 15.36 -107.80
C MET O 587 -79.17 14.51 -107.50
N SER O 588 -80.17 15.11 -106.88
CA SER O 588 -81.38 14.37 -106.54
C SER O 588 -82.07 13.88 -107.79
N ASP O 589 -82.75 12.74 -107.66
CA ASP O 589 -83.46 12.17 -108.78
C ASP O 589 -84.45 13.20 -109.34
N TYR O 590 -85.04 14.00 -108.46
CA TYR O 590 -86.00 15.02 -108.89
C TYR O 590 -85.34 16.11 -109.74
N GLU O 591 -84.18 16.60 -109.30
CA GLU O 591 -83.47 17.63 -110.05
C GLU O 591 -83.00 17.04 -111.38
N ILE O 592 -82.66 15.76 -111.39
CA ILE O 592 -82.21 15.11 -112.62
C ILE O 592 -83.37 15.13 -113.61
N TYR O 593 -84.54 14.69 -113.13
CA TYR O 593 -85.72 14.66 -113.98
C TYR O 593 -86.14 16.08 -114.39
N ARG O 594 -85.99 17.05 -113.49
CA ARG O 594 -86.37 18.42 -113.82
C ARG O 594 -85.51 18.90 -114.97
N LEU O 595 -84.24 18.53 -114.95
CA LEU O 595 -83.31 18.91 -116.01
C LEU O 595 -83.77 18.29 -117.31
N PHE O 596 -84.13 17.00 -117.28
CA PHE O 596 -84.59 16.32 -118.48
C PHE O 596 -85.88 16.98 -118.98
N ALA O 597 -86.77 17.32 -118.05
CA ALA O 597 -88.04 17.94 -118.39
C ALA O 597 -87.79 19.26 -119.14
N LYS O 598 -86.79 20.00 -118.69
CA LYS O 598 -86.47 21.27 -119.35
C LYS O 598 -86.06 20.98 -120.79
N LYS O 599 -85.13 20.06 -120.98
CA LYS O 599 -84.65 19.71 -122.31
C LYS O 599 -85.67 18.93 -123.14
N LEU O 600 -86.76 18.50 -122.51
CA LEU O 600 -87.80 17.76 -123.21
C LEU O 600 -88.99 18.68 -123.47
N ASN O 601 -88.83 19.94 -123.07
CA ASN O 601 -89.85 20.98 -123.28
C ASN O 601 -91.14 20.76 -122.48
N ILE O 602 -91.00 20.17 -121.29
CA ILE O 602 -92.14 19.89 -120.43
C ILE O 602 -91.87 20.21 -118.95
N GLU O 603 -90.83 21.00 -118.68
CA GLU O 603 -90.49 21.35 -117.31
C GLU O 603 -91.67 21.96 -116.56
N GLU O 604 -92.48 22.72 -117.27
CA GLU O 604 -93.66 23.35 -116.70
C GLU O 604 -94.63 22.31 -116.12
N MET O 605 -95.03 21.38 -116.98
CA MET O 605 -95.96 20.33 -116.59
C MET O 605 -95.38 19.40 -115.52
N PHE O 606 -94.09 19.14 -115.58
CA PHE O 606 -93.46 18.24 -114.62
C PHE O 606 -93.25 18.83 -113.22
N SER O 607 -92.54 19.94 -113.13
CA SER O 607 -92.22 20.56 -111.85
C SER O 607 -93.30 21.46 -111.26
N GLU O 608 -94.15 22.00 -112.11
CA GLU O 608 -95.20 22.93 -111.69
C GLU O 608 -94.56 24.08 -110.91
N GLY O 609 -93.33 24.41 -111.31
CA GLY O 609 -92.58 25.50 -110.70
C GLY O 609 -92.17 25.28 -109.26
N LYS O 610 -92.07 24.02 -108.85
CA LYS O 610 -91.71 23.70 -107.48
C LYS O 610 -90.43 22.88 -107.38
N ASP O 611 -89.67 23.12 -106.32
CA ASP O 611 -88.48 22.33 -106.08
C ASP O 611 -88.96 21.29 -105.08
N GLU O 612 -88.06 20.42 -104.64
CA GLU O 612 -88.42 19.38 -103.70
C GLU O 612 -89.07 19.88 -102.42
N LEU O 613 -88.52 20.94 -101.85
CA LEU O 613 -89.05 21.49 -100.60
C LEU O 613 -90.47 22.02 -100.81
N ALA O 614 -90.73 22.58 -101.97
CA ALA O 614 -92.07 23.11 -102.28
C ALA O 614 -93.07 21.96 -102.36
N TRP O 615 -92.67 20.85 -102.97
CA TRP O 615 -93.57 19.69 -103.07
C TRP O 615 -93.84 19.13 -101.68
N CYS O 616 -92.83 19.20 -100.81
CA CYS O 616 -92.95 18.71 -99.44
C CYS O 616 -94.01 19.47 -98.66
N GLU O 617 -94.06 20.79 -98.83
CA GLU O 617 -95.05 21.58 -98.11
C GLU O 617 -96.44 21.24 -98.60
N GLN O 618 -96.59 21.14 -99.92
CA GLN O 618 -97.87 20.80 -100.50
C GLN O 618 -98.27 19.41 -100.01
N TYR O 619 -97.30 18.50 -99.98
CA TYR O 619 -97.52 17.14 -99.52
C TYR O 619 -98.04 17.19 -98.08
N PHE O 620 -97.30 17.89 -97.23
CA PHE O 620 -97.63 18.06 -95.82
C PHE O 620 -99.08 18.50 -95.59
N ASN O 621 -99.51 19.53 -96.31
CA ASN O 621 -100.86 20.06 -96.17
C ASN O 621 -101.96 19.13 -96.68
N ALA O 622 -101.56 18.11 -97.43
CA ALA O 622 -102.52 17.14 -97.96
C ALA O 622 -102.63 15.95 -97.00
N THR O 623 -102.10 16.11 -95.80
CA THR O 623 -102.15 15.06 -94.78
C THR O 623 -102.93 15.60 -93.58
N ASP O 624 -102.99 14.84 -92.50
CA ASP O 624 -103.70 15.29 -91.32
C ASP O 624 -102.81 16.14 -90.41
N MET O 625 -101.53 16.22 -90.74
CA MET O 625 -100.59 16.99 -89.93
C MET O 625 -101.03 18.43 -89.61
N PRO O 626 -101.63 19.14 -90.56
CA PRO O 626 -102.06 20.51 -90.29
C PRO O 626 -102.95 20.61 -89.04
N LYS O 627 -103.64 19.52 -88.73
CA LYS O 627 -104.52 19.49 -87.56
C LYS O 627 -103.73 19.58 -86.26
N TYR O 628 -102.44 19.26 -86.34
CA TYR O 628 -101.59 19.33 -85.15
C TYR O 628 -100.57 20.45 -85.23
N MET O 629 -100.05 20.74 -86.41
CA MET O 629 -99.09 21.84 -86.56
C MET O 629 -98.91 22.34 -88.00
N THR O 630 -98.54 23.60 -88.12
CA THR O 630 -98.32 24.20 -89.44
C THR O 630 -97.01 23.72 -90.03
N TRP O 631 -96.85 23.91 -91.33
CA TRP O 631 -95.62 23.49 -92.01
C TRP O 631 -94.38 24.12 -91.38
N ASP O 632 -94.47 25.41 -91.08
CA ASP O 632 -93.34 26.12 -90.49
C ASP O 632 -92.92 25.54 -89.13
N GLU O 633 -93.90 25.19 -88.31
CA GLU O 633 -93.61 24.63 -86.99
C GLU O 633 -92.99 23.23 -87.13
N PHE O 634 -93.53 22.45 -88.05
CA PHE O 634 -93.01 21.11 -88.29
C PHE O 634 -91.60 21.18 -88.84
N PHE O 635 -91.40 22.02 -89.84
CA PHE O 635 -90.09 22.19 -90.46
C PHE O 635 -89.07 22.52 -89.38
N LYS O 636 -89.47 23.41 -88.46
CA LYS O 636 -88.60 23.82 -87.38
C LYS O 636 -88.33 22.69 -86.38
N LYS O 637 -89.37 21.94 -86.02
CA LYS O 637 -89.18 20.87 -85.05
C LYS O 637 -88.45 19.67 -85.64
N GLY O 638 -88.62 19.44 -86.94
CA GLY O 638 -87.95 18.32 -87.58
C GLY O 638 -88.67 16.99 -87.50
N TYR O 639 -89.36 16.73 -86.38
CA TYR O 639 -90.08 15.47 -86.25
C TYR O 639 -91.29 15.62 -85.31
N PHE O 640 -92.29 14.78 -85.54
CA PHE O 640 -93.52 14.79 -84.76
C PHE O 640 -93.99 13.40 -84.35
N VAL O 641 -94.22 13.22 -83.05
CA VAL O 641 -94.71 11.95 -82.53
C VAL O 641 -96.22 12.06 -82.46
N VAL O 642 -96.92 11.23 -83.23
CA VAL O 642 -98.38 11.28 -83.22
C VAL O 642 -98.96 10.87 -81.86
N PRO O 643 -99.88 11.69 -81.32
CA PRO O 643 -100.51 11.41 -80.03
C PRO O 643 -101.27 10.09 -80.00
N ASP O 644 -101.45 9.55 -78.81
CA ASP O 644 -102.19 8.30 -78.64
C ASP O 644 -103.67 8.61 -78.77
N ASN O 645 -104.46 7.61 -79.12
CA ASN O 645 -105.91 7.77 -79.27
C ASN O 645 -106.59 6.60 -78.57
N PRO O 646 -106.56 6.59 -77.22
CA PRO O 646 -107.15 5.54 -76.38
C PRO O 646 -108.58 5.18 -76.73
N ASN O 647 -109.49 6.06 -76.36
CA ASN O 647 -110.93 5.87 -76.58
C ASN O 647 -111.40 5.24 -77.89
N ARG O 648 -110.62 5.34 -78.97
CA ARG O 648 -111.08 4.75 -80.23
C ARG O 648 -111.31 3.26 -79.97
N LYS O 649 -112.41 2.72 -80.46
CA LYS O 649 -112.71 1.32 -80.24
C LYS O 649 -111.67 0.42 -80.90
N LYS O 650 -111.30 -0.65 -80.20
CA LYS O 650 -110.31 -1.60 -80.72
C LYS O 650 -111.01 -2.59 -81.64
N THR O 651 -110.38 -2.89 -82.77
CA THR O 651 -110.96 -3.82 -83.73
C THR O 651 -109.92 -4.84 -84.16
N VAL O 652 -109.82 -5.93 -83.40
CA VAL O 652 -108.86 -6.98 -83.70
C VAL O 652 -109.04 -7.56 -85.10
N ALA O 653 -107.92 -7.77 -85.78
CA ALA O 653 -107.91 -8.33 -87.13
C ALA O 653 -108.75 -9.60 -87.27
N LEU O 654 -109.56 -9.64 -88.31
CA LEU O 654 -110.42 -10.79 -88.62
C LEU O 654 -111.50 -11.18 -87.61
N ARG O 655 -111.62 -10.46 -86.51
CA ARG O 655 -112.63 -10.82 -85.52
C ARG O 655 -114.04 -10.67 -86.10
N TRP O 656 -114.24 -9.66 -86.95
CA TRP O 656 -115.55 -9.46 -87.56
C TRP O 656 -115.90 -10.71 -88.35
N PHE O 657 -114.91 -11.24 -89.05
CA PHE O 657 -115.09 -12.45 -89.85
C PHE O 657 -115.35 -13.65 -88.95
N ALA O 658 -114.58 -13.74 -87.86
CA ALA O 658 -114.74 -14.84 -86.92
C ALA O 658 -116.14 -14.80 -86.29
N GLU O 659 -116.67 -13.60 -86.07
CA GLU O 659 -117.98 -13.45 -85.47
C GLU O 659 -119.12 -13.31 -86.47
N GLY O 660 -118.81 -13.49 -87.75
CA GLY O 660 -119.80 -13.41 -88.80
C GLY O 660 -120.58 -12.11 -88.97
N ARG O 661 -119.96 -10.98 -88.66
CA ARG O 661 -120.61 -9.68 -88.80
C ARG O 661 -119.90 -8.78 -89.81
N GLU O 662 -120.32 -7.52 -89.92
CA GLU O 662 -119.72 -6.60 -90.89
C GLU O 662 -118.27 -6.22 -90.61
N LYS O 663 -117.47 -6.18 -91.68
CA LYS O 663 -116.07 -5.80 -91.57
C LYS O 663 -116.04 -4.46 -90.82
N ASP O 664 -115.26 -4.39 -89.75
CA ASP O 664 -115.20 -3.17 -88.94
C ASP O 664 -113.81 -2.59 -88.68
N THR O 665 -112.80 -3.09 -89.38
CA THR O 665 -111.45 -2.58 -89.18
C THR O 665 -111.14 -1.49 -90.22
N PRO O 666 -109.98 -0.83 -90.09
CA PRO O 666 -109.63 0.22 -91.05
C PRO O 666 -109.12 -0.33 -92.38
N ASP O 667 -109.11 -1.66 -92.52
CA ASP O 667 -108.60 -2.29 -93.74
C ASP O 667 -109.21 -1.71 -95.02
N TRP O 668 -108.39 -1.64 -96.07
CA TRP O 668 -108.80 -1.09 -97.36
C TRP O 668 -109.58 -2.09 -98.21
N GLY O 669 -110.12 -3.12 -97.57
CA GLY O 669 -110.88 -4.12 -98.28
C GLY O 669 -111.54 -5.09 -97.32
N PRO O 670 -112.40 -5.99 -97.81
CA PRO O 670 -112.75 -6.08 -99.23
C PRO O 670 -113.66 -4.96 -99.71
N ARG O 671 -113.69 -4.75 -101.02
CA ARG O 671 -114.56 -3.73 -101.59
C ARG O 671 -115.98 -4.23 -101.42
N LEU O 672 -116.89 -3.30 -101.17
CA LEU O 672 -118.30 -3.63 -100.96
C LEU O 672 -118.85 -4.64 -101.98
N ASN O 673 -118.48 -4.46 -103.24
CA ASN O 673 -118.99 -5.36 -104.28
C ASN O 673 -118.48 -6.79 -104.17
N ASN O 674 -117.43 -7.01 -103.39
CA ASN O 674 -116.90 -8.37 -103.20
C ASN O 674 -117.44 -8.99 -101.91
N GLN O 675 -118.52 -8.41 -101.39
CA GLN O 675 -119.16 -8.92 -100.18
C GLN O 675 -120.67 -8.86 -100.29
N VAL O 676 -121.35 -9.62 -99.45
CA VAL O 676 -122.80 -9.60 -99.39
C VAL O 676 -123.11 -8.92 -98.06
N CYS O 677 -123.74 -7.76 -98.14
CA CYS O 677 -124.09 -6.98 -96.95
C CYS O 677 -122.83 -6.77 -96.12
N ARG O 678 -121.74 -6.57 -96.83
CA ARG O 678 -120.41 -6.37 -96.28
C ARG O 678 -119.99 -7.28 -95.14
N LYS O 679 -120.21 -8.57 -95.36
CA LYS O 679 -119.83 -9.61 -94.41
C LYS O 679 -119.05 -10.62 -95.24
N GLY O 680 -118.17 -11.38 -94.60
CA GLY O 680 -117.39 -12.37 -95.31
C GLY O 680 -116.14 -11.86 -96.02
N LEU O 681 -115.35 -12.79 -96.52
CA LEU O 681 -114.11 -12.49 -97.22
C LEU O 681 -114.39 -12.09 -98.68
N GLN O 682 -113.36 -11.56 -99.34
CA GLN O 682 -113.45 -11.13 -100.73
C GLN O 682 -113.83 -12.26 -101.68
N THR O 683 -113.53 -13.50 -101.29
CA THR O 683 -113.83 -14.67 -102.11
C THR O 683 -115.33 -14.76 -102.43
N THR O 684 -115.64 -15.48 -103.52
CA THR O 684 -117.01 -15.66 -103.96
C THR O 684 -117.97 -16.08 -102.84
N THR O 685 -117.63 -17.15 -102.12
CA THR O 685 -118.49 -17.64 -101.05
C THR O 685 -118.39 -16.76 -99.79
N GLY O 686 -117.32 -15.98 -99.70
CA GLY O 686 -117.13 -15.13 -98.54
C GLY O 686 -116.46 -15.93 -97.43
N LYS O 687 -116.11 -17.18 -97.74
CA LYS O 687 -115.46 -18.07 -96.78
C LYS O 687 -114.05 -18.46 -97.23
N VAL O 688 -113.32 -19.13 -96.36
CA VAL O 688 -111.96 -19.60 -96.70
C VAL O 688 -112.22 -20.76 -97.65
N GLU O 689 -111.70 -20.65 -98.87
CA GLU O 689 -111.93 -21.70 -99.87
C GLU O 689 -110.76 -22.66 -100.07
N PHE O 690 -110.87 -23.83 -99.44
CA PHE O 690 -109.84 -24.87 -99.55
C PHE O 690 -109.80 -25.39 -100.99
N ILE O 691 -110.88 -25.14 -101.71
CA ILE O 691 -110.98 -25.48 -103.13
C ILE O 691 -111.36 -24.13 -103.72
N ALA O 692 -110.37 -23.38 -104.19
CA ALA O 692 -110.59 -22.04 -104.73
C ALA O 692 -111.51 -21.98 -105.94
N THR O 693 -112.66 -21.34 -105.76
CA THR O 693 -113.62 -21.20 -106.85
C THR O 693 -112.99 -20.47 -108.02
N SER O 694 -112.17 -19.46 -107.74
CA SER O 694 -111.51 -18.71 -108.81
C SER O 694 -110.63 -19.64 -109.62
N LEU O 695 -109.79 -20.41 -108.93
CA LEU O 695 -108.88 -21.34 -109.61
C LEU O 695 -109.67 -22.45 -110.31
N LYS O 696 -110.78 -22.88 -109.72
CA LYS O 696 -111.57 -23.91 -110.36
C LYS O 696 -112.11 -23.37 -111.69
N ASN O 697 -112.53 -22.11 -111.68
CA ASN O 697 -113.04 -21.48 -112.90
C ASN O 697 -111.91 -21.46 -113.93
N PHE O 698 -110.73 -21.05 -113.47
CA PHE O 698 -109.55 -20.97 -114.31
C PHE O 698 -109.26 -22.32 -114.98
N GLU O 699 -109.24 -23.39 -114.19
CA GLU O 699 -108.97 -24.71 -114.78
C GLU O 699 -110.10 -25.18 -115.68
N GLU O 700 -111.35 -24.85 -115.33
CA GLU O 700 -112.46 -25.26 -116.17
C GLU O 700 -112.49 -24.43 -117.46
N GLN O 701 -111.70 -23.37 -117.49
CA GLN O 701 -111.61 -22.53 -118.67
C GLN O 701 -110.46 -23.06 -119.54
N GLY O 702 -109.90 -24.18 -119.12
CA GLY O 702 -108.82 -24.81 -119.88
C GLY O 702 -107.41 -24.53 -119.42
N TYR O 703 -107.23 -23.68 -118.43
CA TYR O 703 -105.90 -23.35 -117.96
C TYR O 703 -105.40 -24.36 -116.93
N ILE O 704 -105.00 -25.54 -117.42
CA ILE O 704 -104.51 -26.60 -116.55
C ILE O 704 -103.09 -26.28 -116.09
N ASP O 705 -102.89 -26.32 -114.78
CA ASP O 705 -101.61 -26.01 -114.17
C ASP O 705 -101.38 -26.91 -112.95
N GLU O 706 -100.71 -28.03 -113.18
CA GLU O 706 -100.42 -29.01 -112.14
C GLU O 706 -99.85 -28.43 -110.84
N HIS O 707 -98.92 -27.49 -110.94
CA HIS O 707 -98.34 -26.93 -109.72
C HIS O 707 -99.13 -25.83 -109.05
N ARG O 708 -100.42 -25.74 -109.39
CA ARG O 708 -101.31 -24.76 -108.78
C ARG O 708 -102.74 -25.26 -108.90
N PRO O 709 -103.06 -26.36 -108.20
CA PRO O 709 -104.41 -26.94 -108.23
C PRO O 709 -105.41 -26.08 -107.47
N SER O 710 -106.67 -26.10 -107.92
CA SER O 710 -107.70 -25.32 -107.24
C SER O 710 -107.80 -25.75 -105.78
N MET O 711 -107.52 -27.02 -105.49
CA MET O 711 -107.55 -27.48 -104.10
C MET O 711 -106.16 -27.44 -103.50
N HIS O 712 -106.07 -26.97 -102.25
CA HIS O 712 -104.82 -26.92 -101.53
C HIS O 712 -104.42 -28.37 -101.27
N THR O 713 -103.34 -28.82 -101.89
CA THR O 713 -102.88 -30.19 -101.72
C THR O 713 -101.37 -30.23 -101.61
N TYR O 714 -100.82 -31.41 -101.34
CA TYR O 714 -99.37 -31.53 -101.23
C TYR O 714 -98.73 -31.68 -102.60
N VAL O 715 -98.47 -30.56 -103.25
CA VAL O 715 -97.82 -30.57 -104.55
C VAL O 715 -96.34 -30.62 -104.19
N PRO O 716 -95.62 -31.65 -104.66
CA PRO O 716 -94.19 -31.75 -104.35
C PRO O 716 -93.45 -30.56 -104.95
N ALA O 717 -92.58 -29.93 -104.19
CA ALA O 717 -91.82 -28.78 -104.68
C ALA O 717 -90.96 -29.20 -105.87
N TRP O 718 -91.15 -28.55 -107.03
CA TRP O 718 -90.37 -28.93 -108.20
C TRP O 718 -88.85 -28.74 -108.09
N GLU O 719 -88.40 -28.08 -107.02
CA GLU O 719 -86.97 -27.89 -106.79
C GLU O 719 -86.69 -28.28 -105.33
N SER O 720 -86.92 -29.54 -105.02
CA SER O 720 -86.71 -30.09 -103.69
C SER O 720 -85.79 -31.30 -103.79
N GLN O 721 -85.24 -31.71 -102.65
CA GLN O 721 -84.32 -32.83 -102.63
C GLN O 721 -84.86 -34.19 -103.03
N LYS O 722 -86.04 -34.59 -102.56
CA LYS O 722 -86.51 -35.92 -102.94
C LYS O 722 -87.40 -36.03 -104.17
N HIS O 723 -87.85 -34.90 -104.69
CA HIS O 723 -88.73 -34.91 -105.87
C HIS O 723 -88.16 -34.29 -107.14
N SER O 724 -87.06 -33.57 -107.03
CA SER O 724 -86.47 -32.94 -108.19
C SER O 724 -85.37 -33.78 -108.86
N PRO O 725 -85.46 -33.96 -110.19
CA PRO O 725 -84.47 -34.73 -110.94
C PRO O 725 -83.07 -34.16 -110.73
N LEU O 726 -83.02 -32.85 -110.52
CA LEU O 726 -81.77 -32.11 -110.32
C LEU O 726 -81.02 -32.54 -109.04
N ALA O 727 -81.77 -32.96 -108.03
CA ALA O 727 -81.18 -33.36 -106.75
C ALA O 727 -80.12 -34.47 -106.85
N VAL O 728 -80.17 -35.25 -107.92
CA VAL O 728 -79.22 -36.35 -108.10
C VAL O 728 -77.81 -35.77 -108.32
N LYS O 729 -77.76 -34.64 -109.01
CA LYS O 729 -76.50 -33.96 -109.29
C LYS O 729 -76.20 -32.96 -108.20
N TYR O 730 -77.23 -32.27 -107.75
CA TYR O 730 -77.12 -31.23 -106.72
C TYR O 730 -77.99 -31.63 -105.52
N PRO O 731 -77.40 -32.41 -104.58
CA PRO O 731 -78.03 -32.92 -103.36
C PRO O 731 -78.29 -31.97 -102.21
N LEU O 732 -77.66 -30.80 -102.20
CA LEU O 732 -77.87 -29.86 -101.11
C LEU O 732 -79.01 -28.90 -101.36
N GLY O 733 -79.81 -28.66 -100.31
CA GLY O 733 -80.93 -27.75 -100.42
C GLY O 733 -80.55 -26.39 -99.88
N MET O 734 -80.59 -25.38 -100.74
CA MET O 734 -80.23 -24.03 -100.32
C MET O 734 -81.39 -23.06 -100.25
N LEU O 735 -81.43 -22.28 -99.19
CA LEU O 735 -82.44 -21.24 -99.02
C LEU O 735 -81.61 -19.96 -98.95
N SER O 736 -82.15 -18.86 -99.46
CA SER O 736 -81.41 -17.60 -99.47
C SER O 736 -82.28 -16.38 -99.14
N PRO O 737 -82.58 -16.20 -97.85
CA PRO O 737 -83.41 -15.11 -97.30
C PRO O 737 -82.78 -13.72 -97.42
N HIS O 738 -83.46 -12.73 -96.87
CA HIS O 738 -82.98 -11.36 -96.93
C HIS O 738 -81.80 -11.14 -95.99
N PRO O 739 -80.78 -10.40 -96.45
CA PRO O 739 -79.57 -10.11 -95.68
C PRO O 739 -79.82 -9.50 -94.33
N ARG O 740 -79.11 -10.02 -93.34
CA ARG O 740 -79.21 -9.57 -91.96
C ARG O 740 -78.66 -8.17 -91.74
N PHE O 741 -77.52 -7.87 -92.34
CA PHE O 741 -76.92 -6.55 -92.14
C PHE O 741 -77.00 -5.59 -93.31
N SER O 742 -78.11 -5.64 -94.05
CA SER O 742 -78.29 -4.76 -95.19
C SER O 742 -79.73 -4.80 -95.69
N MET O 743 -80.25 -3.66 -96.13
CA MET O 743 -81.60 -3.61 -96.66
C MET O 743 -81.38 -4.00 -98.12
N HIS O 744 -81.39 -5.31 -98.37
CA HIS O 744 -81.13 -5.82 -99.71
C HIS O 744 -79.77 -5.28 -100.13
N THR O 745 -79.65 -4.71 -101.34
CA THR O 745 -78.33 -4.21 -101.76
C THR O 745 -77.88 -2.94 -101.05
N MET O 746 -78.81 -2.21 -100.47
CA MET O 746 -78.47 -0.96 -99.79
C MET O 746 -77.86 -1.17 -98.41
N GLY O 747 -76.57 -1.50 -98.39
CA GLY O 747 -75.86 -1.73 -97.15
C GLY O 747 -74.58 -2.51 -97.43
N ASP O 748 -74.70 -3.53 -98.25
CA ASP O 748 -73.55 -4.37 -98.63
C ASP O 748 -72.64 -3.63 -99.62
N GLY O 749 -71.42 -4.11 -99.77
CA GLY O 749 -70.47 -3.48 -100.69
C GLY O 749 -70.23 -2.01 -100.40
N LYS O 750 -70.05 -1.23 -101.47
CA LYS O 750 -69.82 0.20 -101.35
C LYS O 750 -68.72 0.55 -100.35
N ASN O 751 -67.94 -0.45 -99.96
CA ASN O 751 -66.88 -0.26 -99.00
C ASN O 751 -67.47 0.33 -97.72
N SER O 752 -68.70 -0.07 -97.41
CA SER O 752 -69.37 0.42 -96.21
C SER O 752 -68.82 -0.29 -94.97
N TYR O 753 -69.18 0.24 -93.80
CA TYR O 753 -68.73 -0.34 -92.55
C TYR O 753 -69.31 -1.74 -92.30
N MET O 754 -70.51 -1.99 -92.80
CA MET O 754 -71.16 -3.28 -92.61
C MET O 754 -70.34 -4.45 -93.14
N ASN O 755 -69.41 -4.19 -94.05
CA ASN O 755 -68.58 -5.25 -94.61
C ASN O 755 -67.58 -5.82 -93.61
N TYR O 756 -67.38 -5.13 -92.48
CA TYR O 756 -66.44 -5.62 -91.47
C TYR O 756 -67.17 -6.46 -90.41
N ILE O 757 -68.49 -6.54 -90.51
CA ILE O 757 -69.26 -7.34 -89.55
C ILE O 757 -68.90 -8.81 -89.75
N LYS O 758 -68.54 -9.49 -88.67
CA LYS O 758 -68.14 -10.89 -88.73
C LYS O 758 -69.09 -11.81 -89.48
N ASP O 759 -70.39 -11.71 -89.21
CA ASP O 759 -71.35 -12.59 -89.87
C ASP O 759 -71.91 -12.05 -91.18
N HIS O 760 -71.27 -11.03 -91.75
CA HIS O 760 -71.73 -10.49 -93.03
C HIS O 760 -70.79 -10.91 -94.15
N ARG O 761 -69.51 -10.63 -93.98
CA ARG O 761 -68.48 -11.02 -94.96
C ARG O 761 -67.22 -11.46 -94.22
N VAL O 762 -66.48 -12.39 -94.82
CA VAL O 762 -65.26 -12.92 -94.23
C VAL O 762 -64.09 -12.57 -95.13
N GLU O 763 -63.09 -11.89 -94.58
CA GLU O 763 -61.93 -11.50 -95.38
C GLU O 763 -60.89 -12.62 -95.52
N VAL O 764 -60.54 -12.91 -96.76
CA VAL O 764 -59.57 -13.95 -97.08
C VAL O 764 -58.62 -13.41 -98.14
N ASP O 765 -57.33 -13.36 -97.82
CA ASP O 765 -56.33 -12.85 -98.74
C ASP O 765 -56.69 -11.44 -99.22
N GLY O 766 -57.13 -10.60 -98.29
CA GLY O 766 -57.47 -9.23 -98.65
C GLY O 766 -58.79 -9.00 -99.36
N TYR O 767 -59.61 -10.03 -99.52
CA TYR O 767 -60.89 -9.86 -100.18
C TYR O 767 -62.03 -10.27 -99.25
N LYS O 768 -63.07 -9.44 -99.14
CA LYS O 768 -64.20 -9.74 -98.26
C LYS O 768 -65.27 -10.55 -99.01
N TYR O 769 -65.32 -11.85 -98.71
CA TYR O 769 -66.26 -12.76 -99.35
C TYR O 769 -67.61 -12.91 -98.68
N TRP O 770 -68.61 -13.25 -99.49
CA TRP O 770 -69.97 -13.46 -99.03
C TRP O 770 -69.96 -14.80 -98.28
N ILE O 771 -70.78 -14.90 -97.25
CA ILE O 771 -70.86 -16.11 -96.43
C ILE O 771 -71.93 -17.12 -96.84
N MET O 772 -71.61 -18.39 -96.68
CA MET O 772 -72.55 -19.50 -96.91
C MET O 772 -72.37 -20.40 -95.69
N ARG O 773 -73.48 -20.67 -95.00
CA ARG O 773 -73.47 -21.48 -93.82
C ARG O 773 -73.67 -22.93 -94.22
N VAL O 774 -72.80 -23.80 -93.69
CA VAL O 774 -72.82 -25.23 -93.98
C VAL O 774 -72.83 -26.04 -92.70
N ASN O 775 -73.67 -27.07 -92.66
CA ASN O 775 -73.73 -27.93 -91.48
C ASN O 775 -72.44 -28.72 -91.38
N SER O 776 -71.89 -28.80 -90.16
CA SER O 776 -70.64 -29.52 -89.92
C SER O 776 -70.51 -30.86 -90.66
N ILE O 777 -71.55 -31.68 -90.62
CA ILE O 777 -71.52 -32.97 -91.30
C ILE O 777 -71.26 -32.86 -92.80
N ASP O 778 -71.92 -31.90 -93.44
CA ASP O 778 -71.73 -31.70 -94.88
C ASP O 778 -70.37 -31.11 -95.17
N ALA O 779 -69.93 -30.19 -94.32
CA ALA O 779 -68.62 -29.56 -94.49
C ALA O 779 -67.52 -30.64 -94.38
N GLU O 780 -67.63 -31.49 -93.37
CA GLU O 780 -66.67 -32.55 -93.13
C GLU O 780 -66.58 -33.57 -94.27
N ALA O 781 -67.71 -33.93 -94.85
CA ALA O 781 -67.72 -34.90 -95.94
C ALA O 781 -67.05 -34.37 -97.20
N ARG O 782 -66.87 -33.05 -97.26
CA ARG O 782 -66.24 -32.41 -98.41
C ARG O 782 -64.90 -31.79 -98.03
N GLY O 783 -64.47 -32.05 -96.80
CA GLY O 783 -63.20 -31.51 -96.33
C GLY O 783 -63.23 -30.00 -96.20
N ILE O 784 -64.42 -29.46 -95.93
CA ILE O 784 -64.57 -28.01 -95.79
C ILE O 784 -64.46 -27.55 -94.34
N LYS O 785 -63.67 -26.52 -94.11
CA LYS O 785 -63.48 -25.98 -92.77
C LYS O 785 -63.84 -24.50 -92.72
N ASN O 786 -64.15 -24.02 -91.53
CA ASN O 786 -64.51 -22.62 -91.34
C ASN O 786 -63.52 -21.68 -92.01
N GLY O 787 -64.04 -20.75 -92.80
CA GLY O 787 -63.19 -19.79 -93.47
C GLY O 787 -62.72 -20.21 -94.85
N ASP O 788 -62.80 -21.50 -95.16
CA ASP O 788 -62.38 -21.99 -96.48
C ASP O 788 -63.22 -21.35 -97.58
N LEU O 789 -62.58 -21.02 -98.69
CA LEU O 789 -63.30 -20.46 -99.82
C LEU O 789 -63.88 -21.67 -100.54
N ILE O 790 -65.18 -21.62 -100.81
CA ILE O 790 -65.85 -22.72 -101.48
C ILE O 790 -66.58 -22.24 -102.72
N ARG O 791 -66.97 -23.21 -103.54
CA ARG O 791 -67.69 -22.93 -104.78
C ARG O 791 -69.06 -23.62 -104.70
N ALA O 792 -70.12 -22.82 -104.68
CA ALA O 792 -71.47 -23.37 -104.66
C ALA O 792 -71.89 -23.32 -106.12
N TYR O 793 -72.44 -24.41 -106.63
CA TYR O 793 -72.82 -24.42 -108.04
C TYR O 793 -73.95 -25.36 -108.44
N ASN O 794 -74.39 -25.17 -109.69
CA ASN O 794 -75.42 -25.99 -110.32
C ASN O 794 -75.38 -25.61 -111.81
N ASP O 795 -76.41 -25.95 -112.58
CA ASP O 795 -76.41 -25.64 -114.00
C ASP O 795 -76.39 -24.15 -114.33
N ARG O 796 -76.93 -23.35 -113.42
CA ARG O 796 -77.05 -21.91 -113.61
C ARG O 796 -75.78 -21.07 -113.43
N GLY O 797 -74.84 -21.54 -112.61
CA GLY O 797 -73.61 -20.80 -112.40
C GLY O 797 -72.79 -21.30 -111.25
N SER O 798 -71.80 -20.50 -110.87
CA SER O 798 -70.91 -20.81 -109.74
C SER O 798 -70.67 -19.53 -108.95
N VAL O 799 -70.71 -19.64 -107.62
CA VAL O 799 -70.48 -18.49 -106.77
C VAL O 799 -69.42 -18.87 -105.74
N ILE O 800 -68.36 -18.07 -105.66
CA ILE O 800 -67.29 -18.32 -104.70
C ILE O 800 -67.65 -17.62 -103.39
N LEU O 801 -67.70 -18.41 -102.32
CA LEU O 801 -68.07 -17.92 -100.99
C LEU O 801 -67.11 -18.38 -99.88
N ALA O 802 -67.28 -17.80 -98.70
CA ALA O 802 -66.49 -18.16 -97.53
C ALA O 802 -67.38 -19.04 -96.66
N ALA O 803 -66.92 -20.25 -96.36
CA ALA O 803 -67.70 -21.18 -95.56
C ALA O 803 -67.78 -20.85 -94.08
N GLN O 804 -68.97 -21.03 -93.51
CA GLN O 804 -69.19 -20.84 -92.08
C GLN O 804 -69.80 -22.16 -91.61
N VAL O 805 -68.98 -23.00 -91.00
CA VAL O 805 -69.45 -24.30 -90.52
C VAL O 805 -70.36 -24.01 -89.32
N THR O 806 -71.53 -24.64 -89.30
CA THR O 806 -72.49 -24.38 -88.23
C THR O 806 -73.40 -25.57 -87.92
N GLU O 807 -74.16 -25.43 -86.84
CA GLU O 807 -75.11 -26.47 -86.44
C GLU O 807 -76.52 -25.95 -86.67
N CYS O 808 -76.63 -24.67 -87.03
CA CYS O 808 -77.91 -24.01 -87.28
C CYS O 808 -78.60 -24.38 -88.60
N LEU O 809 -78.32 -25.57 -89.10
CA LEU O 809 -78.93 -26.05 -90.34
C LEU O 809 -79.01 -27.57 -90.25
N GLN O 810 -80.08 -28.16 -90.78
CA GLN O 810 -80.20 -29.61 -90.77
C GLN O 810 -79.23 -30.14 -91.82
N PRO O 811 -78.49 -31.21 -91.49
CA PRO O 811 -77.54 -31.76 -92.47
C PRO O 811 -78.23 -31.91 -93.82
N GLY O 812 -77.58 -31.44 -94.88
CA GLY O 812 -78.15 -31.54 -96.20
C GLY O 812 -78.70 -30.20 -96.69
N THR O 813 -78.75 -29.23 -95.80
CA THR O 813 -79.25 -27.90 -96.13
C THR O 813 -78.17 -26.84 -95.95
N VAL O 814 -78.04 -25.94 -96.93
CA VAL O 814 -77.07 -24.85 -96.84
C VAL O 814 -77.84 -23.54 -96.87
N HIS O 815 -77.20 -22.47 -96.38
CA HIS O 815 -77.84 -21.17 -96.31
C HIS O 815 -76.89 -20.05 -96.69
N SER O 816 -77.42 -19.07 -97.42
CA SER O 816 -76.65 -17.91 -97.85
C SER O 816 -77.63 -16.81 -98.25
N TYR O 817 -77.53 -15.67 -97.59
CA TYR O 817 -78.42 -14.54 -97.87
C TYR O 817 -78.33 -14.03 -99.30
N GLU O 818 -79.44 -13.50 -99.82
CA GLU O 818 -79.47 -12.96 -101.17
C GLU O 818 -79.19 -11.45 -101.10
N SER O 819 -79.40 -10.76 -102.22
CA SER O 819 -79.22 -9.31 -102.29
C SER O 819 -77.78 -8.79 -102.27
N CYS O 820 -76.81 -9.66 -102.54
CA CYS O 820 -75.42 -9.21 -102.57
C CYS O 820 -75.35 -8.04 -103.55
N ALA O 821 -74.74 -6.93 -103.13
CA ALA O 821 -74.63 -5.75 -103.98
C ALA O 821 -73.44 -5.80 -104.93
N VAL O 822 -72.53 -6.73 -104.69
CA VAL O 822 -71.33 -6.83 -105.51
C VAL O 822 -71.32 -7.93 -106.56
N TYR O 823 -71.16 -7.52 -107.82
CA TYR O 823 -71.06 -8.48 -108.91
C TYR O 823 -69.62 -8.39 -109.40
N ASP O 824 -68.86 -9.44 -109.12
CA ASP O 824 -67.45 -9.52 -109.44
C ASP O 824 -67.11 -10.85 -110.15
N PRO O 825 -67.35 -10.94 -111.47
CA PRO O 825 -67.07 -12.15 -112.24
C PRO O 825 -65.57 -12.34 -112.41
N LEU O 826 -65.11 -13.58 -112.27
CA LEU O 826 -63.69 -13.89 -112.40
C LEU O 826 -63.31 -14.09 -113.86
N GLY O 827 -64.33 -14.24 -114.71
CA GLY O 827 -64.09 -14.40 -116.12
C GLY O 827 -65.05 -13.48 -116.86
N THR O 828 -65.56 -13.94 -117.99
CA THR O 828 -66.49 -13.13 -118.75
C THR O 828 -67.79 -12.95 -118.00
N ALA O 829 -68.31 -11.72 -117.99
CA ALA O 829 -69.56 -11.40 -117.30
C ALA O 829 -70.68 -12.30 -117.82
N GLY O 830 -71.47 -12.85 -116.91
CA GLY O 830 -72.58 -13.71 -117.31
C GLY O 830 -72.18 -15.11 -117.78
N LYS O 831 -70.89 -15.41 -117.80
CA LYS O 831 -70.42 -16.72 -118.25
C LYS O 831 -69.43 -17.41 -117.32
N SER O 832 -69.04 -16.73 -116.25
CA SER O 832 -68.07 -17.29 -115.32
C SER O 832 -68.53 -17.23 -113.89
N ALA O 833 -67.67 -17.69 -112.98
CA ALA O 833 -67.98 -17.67 -111.56
C ALA O 833 -67.88 -16.26 -110.99
N ASP O 834 -68.76 -15.96 -110.05
CA ASP O 834 -68.77 -14.66 -109.40
C ASP O 834 -68.23 -14.83 -107.98
N ARG O 835 -67.37 -13.92 -107.55
CA ARG O 835 -66.84 -14.00 -106.20
C ARG O 835 -67.42 -12.86 -105.37
N GLY O 836 -68.27 -12.04 -106.00
CA GLY O 836 -68.90 -10.94 -105.30
C GLY O 836 -69.86 -11.51 -104.25
N GLY O 837 -70.56 -12.57 -104.62
CA GLY O 837 -71.48 -13.21 -103.69
C GLY O 837 -72.93 -13.21 -104.11
N CYS O 838 -73.18 -13.15 -105.41
CA CYS O 838 -74.55 -13.13 -105.92
C CYS O 838 -75.16 -14.52 -105.97
N ILE O 839 -75.63 -14.97 -104.82
CA ILE O 839 -76.26 -16.28 -104.69
C ILE O 839 -77.42 -16.46 -105.67
N ASN O 840 -78.11 -15.38 -106.01
CA ASN O 840 -79.23 -15.50 -106.93
C ASN O 840 -78.85 -15.92 -108.34
N ILE O 841 -77.57 -16.20 -108.54
CA ILE O 841 -77.09 -16.68 -109.82
C ILE O 841 -77.50 -18.15 -109.86
N LEU O 842 -77.65 -18.75 -108.68
CA LEU O 842 -77.97 -20.16 -108.53
C LEU O 842 -79.45 -20.52 -108.39
N THR O 843 -80.27 -19.55 -107.98
CA THR O 843 -81.70 -19.78 -107.79
C THR O 843 -82.44 -20.01 -109.11
N PRO O 844 -83.52 -20.82 -109.08
CA PRO O 844 -84.29 -21.12 -110.29
C PRO O 844 -85.11 -19.94 -110.82
N ASP O 845 -85.06 -19.74 -112.14
CA ASP O 845 -85.82 -18.67 -112.76
C ASP O 845 -87.16 -19.20 -113.26
N ARG O 846 -87.37 -20.50 -113.07
CA ARG O 846 -88.62 -21.13 -113.46
C ARG O 846 -89.71 -20.55 -112.57
N TYR O 847 -90.83 -20.16 -113.16
CA TYR O 847 -91.95 -19.60 -112.41
C TYR O 847 -92.49 -20.60 -111.39
N ILE O 848 -93.04 -20.09 -110.29
CA ILE O 848 -93.58 -20.96 -109.25
C ILE O 848 -94.50 -22.03 -109.84
N SER O 849 -95.27 -21.66 -110.85
CA SER O 849 -96.15 -22.61 -111.53
C SER O 849 -96.30 -22.10 -112.95
N LYS O 850 -97.07 -22.82 -113.76
CA LYS O 850 -97.24 -22.40 -115.15
C LYS O 850 -97.86 -21.01 -115.24
N TYR O 851 -98.85 -20.73 -114.41
CA TYR O 851 -99.51 -19.43 -114.44
C TYR O 851 -99.20 -18.55 -113.24
N ALA O 852 -98.63 -19.12 -112.18
CA ALA O 852 -98.25 -18.33 -111.00
C ALA O 852 -96.88 -17.77 -111.36
N CYS O 853 -96.86 -16.65 -112.07
CA CYS O 853 -95.61 -16.04 -112.52
C CYS O 853 -94.81 -15.28 -111.46
N GLY O 854 -94.45 -15.99 -110.40
CA GLY O 854 -93.67 -15.38 -109.33
C GLY O 854 -92.34 -16.06 -109.21
N MET O 855 -91.46 -15.52 -108.37
CA MET O 855 -90.13 -16.08 -108.16
C MET O 855 -90.12 -17.20 -107.11
N ALA O 856 -89.36 -18.26 -107.41
CA ALA O 856 -89.26 -19.43 -106.53
C ALA O 856 -87.87 -19.65 -105.93
N ASN O 857 -87.17 -18.53 -105.70
CA ASN O 857 -85.82 -18.51 -105.17
C ASN O 857 -85.43 -19.39 -103.98
N ASN O 858 -86.19 -19.31 -102.89
CA ASN O 858 -85.81 -20.04 -101.69
C ASN O 858 -85.76 -21.56 -101.68
N THR O 859 -85.85 -22.16 -102.87
CA THR O 859 -85.69 -23.61 -103.01
C THR O 859 -84.77 -23.73 -104.23
N ALA O 860 -83.48 -23.94 -103.97
CA ALA O 860 -82.51 -24.09 -105.03
C ALA O 860 -81.58 -25.24 -104.68
N LEU O 861 -81.40 -26.16 -105.62
CA LEU O 861 -80.54 -27.32 -105.43
C LEU O 861 -79.12 -27.00 -105.92
N VAL O 862 -78.14 -27.23 -105.05
CA VAL O 862 -76.75 -26.95 -105.40
C VAL O 862 -75.80 -28.02 -104.87
N GLU O 863 -74.51 -27.80 -105.14
CA GLU O 863 -73.45 -28.69 -104.70
C GLU O 863 -72.32 -27.73 -104.35
N ILE O 864 -71.55 -28.06 -103.32
CA ILE O 864 -70.44 -27.20 -102.93
C ILE O 864 -69.16 -28.02 -102.79
N GLU O 865 -68.03 -27.35 -102.90
CA GLU O 865 -66.74 -28.00 -102.80
C GLU O 865 -65.71 -26.93 -102.48
N LYS O 866 -64.56 -27.32 -101.95
CA LYS O 866 -63.52 -26.36 -101.66
C LYS O 866 -63.11 -25.80 -103.02
N TRP O 867 -62.97 -24.47 -103.10
CA TRP O 867 -62.62 -23.83 -104.37
C TRP O 867 -61.14 -24.02 -104.73
N ASP O 868 -60.90 -24.46 -105.96
CA ASP O 868 -59.55 -24.72 -106.46
C ASP O 868 -58.91 -23.48 -107.13
N GLY O 869 -59.72 -22.45 -107.37
CA GLY O 869 -59.19 -21.25 -108.00
C GLY O 869 -59.62 -21.06 -109.44
N ASP O 870 -60.34 -22.04 -110.00
CA ASP O 870 -60.80 -21.97 -111.39
C ASP O 870 -61.86 -20.88 -111.52
N LYS O 871 -61.91 -20.21 -112.66
CA LYS O 871 -62.90 -19.14 -112.87
C LYS O 871 -64.22 -19.71 -113.43
N TYR O 872 -64.20 -21.00 -113.75
CA TYR O 872 -65.36 -21.70 -114.29
C TYR O 872 -66.15 -20.91 -115.33
N GLU O 873 -65.51 -20.65 -116.47
CA GLU O 873 -66.19 -19.95 -117.54
C GLU O 873 -66.84 -21.02 -118.41
N ILE O 874 -68.02 -21.47 -117.97
CA ILE O 874 -68.74 -22.52 -118.66
C ILE O 874 -70.24 -22.24 -118.72
N TYR O 875 -70.64 -21.02 -118.39
CA TYR O 875 -72.05 -20.66 -118.40
C TYR O 875 -72.41 -19.69 -119.53
N MET P 1 -66.10 11.11 -56.26
CA MET P 1 -65.50 10.55 -57.50
C MET P 1 -66.36 9.42 -58.05
N GLU P 2 -67.51 9.77 -58.61
CA GLU P 2 -68.41 8.78 -59.18
C GLU P 2 -67.69 8.17 -60.38
N GLN P 3 -67.78 6.84 -60.52
CA GLN P 3 -67.13 6.13 -61.63
C GLN P 3 -68.14 5.50 -62.57
N TYR P 4 -67.72 5.30 -63.83
CA TYR P 4 -68.58 4.69 -64.83
C TYR P 4 -68.51 3.17 -64.80
N TYR P 5 -69.64 2.52 -65.10
CA TYR P 5 -69.72 1.07 -65.16
C TYR P 5 -70.63 0.70 -66.31
N MET P 6 -70.44 -0.51 -66.84
CA MET P 6 -71.26 -0.99 -67.94
C MET P 6 -71.63 -2.45 -67.71
N VAL P 7 -72.92 -2.74 -67.77
CA VAL P 7 -73.41 -4.11 -67.59
C VAL P 7 -74.02 -4.59 -68.90
N ILE P 8 -73.49 -5.70 -69.40
CA ILE P 8 -73.94 -6.28 -70.66
C ILE P 8 -74.66 -7.61 -70.43
N ASP P 9 -75.91 -7.71 -70.89
CA ASP P 9 -76.71 -8.92 -70.75
C ASP P 9 -76.54 -9.81 -71.97
N VAL P 10 -75.70 -10.84 -71.84
CA VAL P 10 -75.43 -11.78 -72.92
C VAL P 10 -76.69 -12.49 -73.41
N ALA P 11 -77.60 -12.78 -72.48
CA ALA P 11 -78.83 -13.47 -72.81
C ALA P 11 -79.63 -12.65 -73.82
N LYS P 12 -79.35 -11.35 -73.86
CA LYS P 12 -80.05 -10.45 -74.77
C LYS P 12 -79.32 -10.07 -76.05
N CYS P 13 -78.05 -10.47 -76.23
CA CYS P 13 -77.34 -10.11 -77.48
C CYS P 13 -77.88 -10.90 -78.67
N GLN P 14 -78.10 -10.23 -79.79
CA GLN P 14 -78.57 -10.90 -80.98
C GLN P 14 -77.56 -10.76 -82.13
N ASP P 15 -76.45 -10.08 -81.86
CA ASP P 15 -75.38 -9.88 -82.84
C ASP P 15 -75.79 -9.08 -84.09
N CYS P 16 -76.68 -8.09 -83.94
CA CYS P 16 -77.10 -7.28 -85.11
C CYS P 16 -75.97 -6.33 -85.47
N ASN P 17 -75.05 -6.12 -84.53
CA ASN P 17 -73.90 -5.24 -84.73
C ASN P 17 -74.15 -3.74 -84.72
N ASN P 18 -75.21 -3.30 -84.04
CA ASN P 18 -75.50 -1.87 -83.95
C ASN P 18 -74.35 -1.16 -83.20
N CYS P 19 -73.71 -1.85 -82.25
CA CYS P 19 -72.58 -1.30 -81.45
C CYS P 19 -71.47 -0.90 -82.37
N PHE P 20 -70.93 -1.95 -82.96
CA PHE P 20 -69.81 -1.89 -83.88
C PHE P 20 -70.06 -0.77 -84.88
N MET P 21 -71.20 -0.78 -85.56
CA MET P 21 -71.51 0.28 -86.51
C MET P 21 -71.48 1.62 -85.77
N GLY P 22 -71.79 1.57 -84.48
CA GLY P 22 -71.76 2.76 -83.66
C GLY P 22 -70.37 3.37 -83.50
N CYS P 23 -69.35 2.59 -83.13
CA CYS P 23 -67.99 3.18 -83.01
C CYS P 23 -67.52 3.71 -84.30
N MET P 24 -67.65 2.86 -85.31
CA MET P 24 -67.19 3.20 -86.63
C MET P 24 -67.81 4.52 -87.04
N ASP P 25 -69.10 4.67 -86.78
CA ASP P 25 -69.80 5.91 -87.12
C ASP P 25 -69.18 7.07 -86.36
N GLU P 26 -68.87 6.82 -85.09
CA GLU P 26 -68.30 7.85 -84.22
C GLU P 26 -66.81 8.10 -84.39
N HIS P 27 -66.06 7.06 -84.76
CA HIS P 27 -64.61 7.18 -84.85
C HIS P 27 -63.89 7.02 -86.19
N GLU P 28 -64.45 6.23 -87.12
CA GLU P 28 -63.79 6.00 -88.39
C GLU P 28 -63.55 7.24 -89.25
N LEU P 29 -64.51 8.16 -89.27
CA LEU P 29 -64.36 9.38 -90.07
C LEU P 29 -64.13 10.63 -89.24
N ASN P 30 -64.10 10.49 -87.92
CA ASN P 30 -63.89 11.65 -87.06
C ASN P 30 -62.63 11.53 -86.22
N GLU P 31 -62.10 12.70 -85.82
CA GLU P 31 -60.93 12.76 -84.99
C GLU P 31 -61.35 13.52 -83.73
N TRP P 32 -60.94 13.04 -82.58
CA TRP P 32 -61.31 13.70 -81.35
C TRP P 32 -60.06 14.10 -80.56
N PRO P 33 -59.58 15.33 -80.79
CA PRO P 33 -58.39 15.88 -80.14
C PRO P 33 -58.32 15.59 -78.64
N GLY P 34 -57.20 15.01 -78.22
CA GLY P 34 -57.01 14.70 -76.82
C GLY P 34 -57.50 13.32 -76.43
N TYR P 35 -58.36 12.72 -77.26
CA TYR P 35 -58.88 11.39 -76.96
C TYR P 35 -58.36 10.33 -77.93
N THR P 36 -58.55 10.56 -79.22
CA THR P 36 -58.11 9.59 -80.22
C THR P 36 -58.17 10.12 -81.64
N ALA P 37 -57.26 9.63 -82.48
CA ALA P 37 -57.24 10.00 -83.89
C ALA P 37 -58.31 9.09 -84.51
N SER P 38 -58.54 9.19 -85.81
CA SER P 38 -59.57 8.36 -86.44
C SER P 38 -59.24 6.87 -86.40
N MET P 39 -60.28 6.06 -86.24
CA MET P 39 -60.17 4.61 -86.18
C MET P 39 -59.74 4.00 -87.51
N GLN P 40 -59.05 2.86 -87.46
CA GLN P 40 -58.62 2.18 -88.67
C GLN P 40 -59.67 1.14 -89.07
N ARG P 41 -59.98 1.06 -90.36
CA ARG P 41 -60.96 0.08 -90.83
C ARG P 41 -60.44 -1.32 -90.56
N GLY P 42 -61.31 -2.17 -90.03
CA GLY P 42 -60.91 -3.54 -89.73
C GLY P 42 -60.78 -3.76 -88.23
N HIS P 43 -60.36 -2.73 -87.51
CA HIS P 43 -60.21 -2.85 -86.08
C HIS P 43 -61.56 -3.13 -85.43
N ARG P 44 -61.54 -3.66 -84.21
CA ARG P 44 -62.76 -3.97 -83.50
C ARG P 44 -62.69 -3.50 -82.04
N TRP P 45 -62.69 -2.18 -81.84
CA TRP P 45 -62.64 -1.64 -80.48
C TRP P 45 -63.73 -2.38 -79.72
N MET P 46 -64.88 -2.52 -80.39
CA MET P 46 -66.01 -3.26 -79.87
C MET P 46 -65.88 -4.58 -80.63
N ASN P 47 -65.63 -5.66 -79.91
CA ASN P 47 -65.44 -6.97 -80.51
C ASN P 47 -66.56 -7.89 -80.02
N ILE P 48 -67.48 -8.24 -80.91
CA ILE P 48 -68.59 -9.11 -80.56
C ILE P 48 -68.23 -10.56 -80.82
N GLU P 49 -67.88 -11.29 -79.76
CA GLU P 49 -67.52 -12.69 -79.87
C GLU P 49 -68.76 -13.54 -80.07
N ARG P 50 -68.61 -14.62 -80.84
CA ARG P 50 -69.72 -15.50 -81.14
C ARG P 50 -69.34 -16.93 -80.76
N ARG P 51 -70.27 -17.67 -80.16
CA ARG P 51 -69.97 -19.03 -79.79
C ARG P 51 -71.17 -19.97 -79.88
N GLU P 52 -71.11 -20.92 -80.81
CA GLU P 52 -72.19 -21.88 -80.97
C GLU P 52 -71.94 -23.00 -79.95
N ARG P 53 -73.01 -23.62 -79.48
CA ARG P 53 -72.89 -24.71 -78.51
C ARG P 53 -73.79 -25.88 -78.91
N GLY P 54 -73.40 -27.09 -78.49
CA GLY P 54 -74.17 -28.27 -78.80
C GLY P 54 -74.09 -28.69 -80.25
N THR P 55 -74.95 -29.62 -80.64
CA THR P 55 -74.98 -30.14 -81.99
C THR P 55 -76.42 -30.21 -82.45
N TYR P 56 -76.64 -30.02 -83.77
CA TYR P 56 -77.98 -30.09 -84.34
C TYR P 56 -78.62 -31.40 -83.89
N PRO P 57 -79.91 -31.40 -83.55
CA PRO P 57 -80.85 -30.27 -83.55
C PRO P 57 -81.06 -29.56 -82.21
N ARG P 58 -80.26 -29.88 -81.19
CA ARG P 58 -80.43 -29.24 -79.89
C ARG P 58 -79.30 -28.28 -79.55
N ASN P 59 -78.80 -27.61 -80.58
CA ASN P 59 -77.72 -26.64 -80.46
C ASN P 59 -78.24 -25.23 -80.21
N ASP P 60 -77.34 -24.34 -79.81
CA ASP P 60 -77.69 -22.95 -79.60
C ASP P 60 -76.48 -22.06 -79.87
N ILE P 61 -76.65 -20.76 -79.66
CA ILE P 61 -75.55 -19.82 -79.89
C ILE P 61 -75.78 -18.56 -79.08
N ASN P 62 -74.70 -18.02 -78.52
CA ASN P 62 -74.77 -16.80 -77.74
C ASN P 62 -73.63 -15.89 -78.16
N TYR P 63 -73.77 -14.60 -77.86
CA TYR P 63 -72.76 -13.62 -78.25
C TYR P 63 -72.23 -12.81 -77.07
N ARG P 64 -71.01 -12.31 -77.19
CA ARG P 64 -70.42 -11.54 -76.12
C ARG P 64 -69.77 -10.24 -76.60
N PRO P 65 -70.54 -9.13 -76.56
CA PRO P 65 -69.98 -7.85 -77.00
C PRO P 65 -68.82 -7.60 -76.06
N THR P 66 -67.64 -7.35 -76.63
CA THR P 66 -66.46 -7.13 -75.80
C THR P 66 -65.73 -5.85 -76.14
N PRO P 67 -66.02 -4.77 -75.41
CA PRO P 67 -65.33 -3.50 -75.66
C PRO P 67 -64.06 -3.52 -74.82
N CYS P 68 -63.63 -2.35 -74.39
CA CYS P 68 -62.46 -2.30 -73.53
C CYS P 68 -63.01 -2.55 -72.13
N MET P 69 -62.26 -3.27 -71.29
CA MET P 69 -62.71 -3.58 -69.94
C MET P 69 -62.50 -2.42 -68.97
N HIS P 70 -61.70 -1.43 -69.37
CA HIS P 70 -61.40 -0.27 -68.52
C HIS P 70 -61.24 -0.70 -67.06
N CYS P 71 -60.48 -1.77 -66.85
CA CYS P 71 -60.28 -2.30 -65.51
C CYS P 71 -59.66 -1.34 -64.48
N GLU P 72 -60.02 -1.55 -63.21
CA GLU P 72 -59.55 -0.72 -62.10
C GLU P 72 -58.04 -0.67 -61.96
N ASN P 73 -57.38 -1.80 -62.21
CA ASN P 73 -55.93 -1.86 -62.16
C ASN P 73 -55.49 -2.37 -63.53
N ALA P 74 -55.59 -1.49 -64.52
CA ALA P 74 -55.24 -1.80 -65.89
C ALA P 74 -53.77 -2.10 -66.13
N PRO P 75 -53.47 -3.32 -66.60
CA PRO P 75 -52.10 -3.76 -66.89
C PRO P 75 -51.36 -2.79 -67.80
N CYS P 76 -52.04 -2.25 -68.81
CA CYS P 76 -51.35 -1.33 -69.69
C CYS P 76 -51.10 0.07 -69.13
N VAL P 77 -51.73 0.40 -68.01
CA VAL P 77 -51.48 1.69 -67.39
C VAL P 77 -50.21 1.39 -66.59
N ALA P 78 -50.20 0.22 -65.97
CA ALA P 78 -49.08 -0.24 -65.15
C ALA P 78 -47.82 -0.39 -66.00
N LYS P 79 -47.95 -1.10 -67.12
CA LYS P 79 -46.82 -1.33 -68.01
C LYS P 79 -46.69 -0.24 -69.08
N GLY P 80 -47.67 0.65 -69.16
CA GLY P 80 -47.67 1.70 -70.17
C GLY P 80 -46.54 2.70 -70.18
N ASN P 81 -45.86 2.88 -69.06
CA ASN P 81 -44.75 3.82 -68.99
C ASN P 81 -45.25 5.25 -69.23
N GLY P 82 -46.53 5.48 -68.92
CA GLY P 82 -47.10 6.81 -69.09
C GLY P 82 -47.86 7.06 -70.39
N ALA P 83 -47.82 6.12 -71.32
CA ALA P 83 -48.53 6.28 -72.59
C ALA P 83 -50.02 6.01 -72.44
N VAL P 84 -50.40 5.38 -71.33
CA VAL P 84 -51.80 5.08 -71.04
C VAL P 84 -52.11 5.57 -69.62
N TYR P 85 -53.26 6.19 -69.43
CA TYR P 85 -53.60 6.69 -68.10
C TYR P 85 -55.03 6.35 -67.66
N GLN P 86 -55.27 6.44 -66.36
CA GLN P 86 -56.57 6.14 -65.79
C GLN P 86 -57.20 7.39 -65.18
N ARG P 87 -58.42 7.68 -65.61
CA ARG P 87 -59.13 8.86 -65.12
C ARG P 87 -59.82 8.56 -63.79
N GLU P 88 -60.27 9.60 -63.12
CA GLU P 88 -60.94 9.45 -61.84
C GLU P 88 -62.26 8.74 -61.98
N ASP P 89 -62.93 8.94 -63.13
CA ASP P 89 -64.22 8.29 -63.35
C ASP P 89 -64.04 6.83 -63.76
N GLY P 90 -62.80 6.36 -63.70
CA GLY P 90 -62.51 4.97 -64.03
C GLY P 90 -62.08 4.69 -65.45
N ILE P 91 -62.41 5.61 -66.36
CA ILE P 91 -62.07 5.45 -67.77
C ILE P 91 -60.56 5.39 -68.04
N VAL P 92 -60.13 4.34 -68.72
CA VAL P 92 -58.72 4.16 -69.08
C VAL P 92 -58.53 4.66 -70.52
N LEU P 93 -57.65 5.64 -70.70
CA LEU P 93 -57.42 6.22 -72.03
C LEU P 93 -55.97 6.23 -72.47
N ILE P 94 -55.74 5.86 -73.72
CA ILE P 94 -54.41 5.87 -74.29
C ILE P 94 -54.13 7.31 -74.70
N ASP P 95 -52.95 7.83 -74.36
CA ASP P 95 -52.61 9.19 -74.76
C ASP P 95 -52.24 9.15 -76.24
N PRO P 96 -53.09 9.70 -77.10
CA PRO P 96 -52.91 9.75 -78.56
C PRO P 96 -51.54 10.21 -79.03
N GLU P 97 -50.85 11.03 -78.24
CA GLU P 97 -49.54 11.51 -78.64
C GLU P 97 -48.37 10.78 -78.00
N LYS P 98 -48.42 10.62 -76.68
CA LYS P 98 -47.34 9.92 -75.97
C LYS P 98 -47.20 8.47 -76.40
N ALA P 99 -48.29 7.87 -76.87
CA ALA P 99 -48.26 6.46 -77.30
C ALA P 99 -47.77 6.27 -78.73
N LYS P 100 -47.65 7.37 -79.48
CA LYS P 100 -47.19 7.30 -80.86
C LYS P 100 -45.98 6.38 -81.07
N GLY P 101 -46.06 5.53 -82.09
CA GLY P 101 -44.98 4.61 -82.42
C GLY P 101 -44.59 3.60 -81.35
N LYS P 102 -45.55 2.83 -80.86
CA LYS P 102 -45.27 1.83 -79.84
C LYS P 102 -46.17 0.61 -79.92
N LYS P 103 -45.91 -0.28 -80.88
CA LYS P 103 -46.72 -1.48 -81.03
C LYS P 103 -46.72 -2.30 -79.75
N GLU P 104 -45.62 -2.23 -79.01
CA GLU P 104 -45.47 -2.98 -77.77
C GLU P 104 -46.61 -2.78 -76.79
N LEU P 105 -47.33 -1.66 -76.93
CA LEU P 105 -48.45 -1.37 -76.04
C LEU P 105 -49.50 -2.48 -76.08
N LEU P 106 -49.74 -3.02 -77.27
CA LEU P 106 -50.73 -4.07 -77.45
C LEU P 106 -50.48 -5.29 -76.58
N ASP P 107 -49.21 -5.62 -76.39
CA ASP P 107 -48.82 -6.78 -75.61
C ASP P 107 -49.05 -6.64 -74.11
N THR P 108 -49.44 -5.45 -73.66
CA THR P 108 -49.69 -5.23 -72.24
C THR P 108 -51.14 -5.57 -71.92
N CYS P 109 -51.93 -5.84 -72.96
CA CYS P 109 -53.34 -6.17 -72.79
C CYS P 109 -53.66 -7.64 -72.69
N PRO P 110 -54.17 -8.08 -71.53
CA PRO P 110 -54.52 -9.49 -71.34
C PRO P 110 -55.78 -9.82 -72.13
N TYR P 111 -56.54 -8.79 -72.49
CA TYR P 111 -57.78 -8.97 -73.23
C TYR P 111 -57.66 -8.75 -74.75
N GLY P 112 -56.56 -8.12 -75.17
CA GLY P 112 -56.34 -7.87 -76.58
C GLY P 112 -57.33 -6.92 -77.25
N VAL P 113 -57.85 -5.96 -76.50
CA VAL P 113 -58.82 -5.02 -77.04
C VAL P 113 -58.23 -3.88 -77.85
N MET P 114 -56.93 -3.65 -77.77
CA MET P 114 -56.35 -2.57 -78.54
C MET P 114 -55.73 -3.01 -79.86
N TYR P 115 -55.83 -2.14 -80.86
CA TYR P 115 -55.32 -2.44 -82.18
C TYR P 115 -54.28 -1.42 -82.62
N TRP P 116 -53.45 -1.82 -83.58
CA TRP P 116 -52.41 -0.94 -84.08
C TRP P 116 -52.87 -0.20 -85.32
N ASN P 117 -52.84 1.13 -85.23
CA ASN P 117 -53.23 1.94 -86.37
C ASN P 117 -51.95 2.22 -87.16
N GLU P 118 -51.82 1.56 -88.30
CA GLU P 118 -50.64 1.72 -89.17
C GLU P 118 -50.41 3.18 -89.49
N GLU P 119 -51.33 3.75 -90.27
CA GLU P 119 -51.24 5.14 -90.69
C GLU P 119 -51.00 6.15 -89.57
N GLU P 120 -51.70 5.99 -88.45
CA GLU P 120 -51.56 6.91 -87.33
C GLU P 120 -50.39 6.49 -86.43
N ASN P 121 -49.78 5.35 -86.77
CA ASN P 121 -48.65 4.81 -86.01
C ASN P 121 -48.84 4.97 -84.51
N VAL P 122 -49.88 4.33 -83.99
CA VAL P 122 -50.18 4.37 -82.58
C VAL P 122 -51.25 3.35 -82.24
N ALA P 123 -51.17 2.80 -81.03
CA ALA P 123 -52.16 1.81 -80.62
C ALA P 123 -53.45 2.54 -80.32
N GLN P 124 -54.56 2.01 -80.80
CA GLN P 124 -55.84 2.63 -80.55
C GLN P 124 -56.75 1.60 -79.92
N LYS P 125 -57.82 2.09 -79.30
CA LYS P 125 -58.79 1.22 -78.69
C LYS P 125 -59.91 1.98 -78.04
N CYS P 126 -60.84 1.20 -77.53
CA CYS P 126 -62.00 1.68 -76.82
C CYS P 126 -61.75 2.86 -75.88
N THR P 127 -62.58 3.89 -75.98
CA THR P 127 -62.43 5.06 -75.12
C THR P 127 -63.68 5.26 -74.27
N MET P 128 -64.70 4.44 -74.52
CA MET P 128 -65.97 4.55 -73.83
C MET P 128 -66.50 5.95 -74.15
N CYS P 129 -66.19 6.41 -75.36
CA CYS P 129 -66.51 7.76 -75.86
C CYS P 129 -66.53 8.76 -74.74
N ALA P 130 -65.35 8.95 -74.16
CA ALA P 130 -65.19 9.89 -73.07
C ALA P 130 -65.45 11.29 -73.64
N HIS P 131 -65.13 11.49 -74.91
CA HIS P 131 -65.36 12.79 -75.53
C HIS P 131 -66.84 13.12 -75.51
N LEU P 132 -67.68 12.10 -75.64
CA LEU P 132 -69.13 12.28 -75.60
C LEU P 132 -69.60 12.46 -74.16
N LEU P 133 -69.10 11.62 -73.28
CA LEU P 133 -69.46 11.68 -71.86
C LEU P 133 -68.96 13.00 -71.26
N ASP P 134 -67.87 13.55 -71.79
CA ASP P 134 -67.33 14.80 -71.29
C ASP P 134 -68.06 16.02 -71.86
N ASP P 135 -69.03 15.78 -72.74
CA ASP P 135 -69.78 16.87 -73.35
C ASP P 135 -71.26 16.86 -72.99
N GLU P 136 -71.69 17.90 -72.29
CA GLU P 136 -73.09 18.04 -71.86
C GLU P 136 -74.09 18.09 -73.02
N SER P 137 -73.62 18.52 -74.19
CA SER P 137 -74.48 18.61 -75.36
C SER P 137 -75.02 17.24 -75.76
N TRP P 138 -74.25 16.20 -75.46
CA TRP P 138 -74.65 14.82 -75.78
C TRP P 138 -75.70 14.41 -74.76
N ALA P 139 -76.96 14.60 -75.12
CA ALA P 139 -78.09 14.29 -74.27
C ALA P 139 -78.16 12.87 -73.74
N PRO P 140 -77.86 11.87 -74.60
CA PRO P 140 -77.91 10.48 -74.14
C PRO P 140 -77.04 10.19 -72.92
N LYS P 141 -75.89 10.85 -72.86
CA LYS P 141 -74.95 10.67 -71.74
C LYS P 141 -74.56 9.21 -71.56
N MET P 142 -74.31 8.53 -72.67
CA MET P 142 -73.90 7.13 -72.63
C MET P 142 -73.14 6.86 -73.92
N PRO P 143 -72.31 5.81 -73.93
CA PRO P 143 -71.52 5.44 -75.12
C PRO P 143 -72.41 5.17 -76.33
N ARG P 144 -71.79 5.12 -77.51
CA ARG P 144 -72.52 4.88 -78.74
C ARG P 144 -73.13 3.48 -78.87
N CYS P 145 -72.42 2.42 -78.47
CA CYS P 145 -73.03 1.10 -78.61
C CYS P 145 -74.23 0.95 -77.71
N ALA P 146 -74.10 1.40 -76.47
CA ALA P 146 -75.19 1.30 -75.52
C ALA P 146 -76.40 2.06 -76.03
N HIS P 147 -76.16 3.21 -76.66
CA HIS P 147 -77.23 4.02 -77.19
C HIS P 147 -77.81 3.49 -78.50
N ASN P 148 -76.98 2.83 -79.30
CA ASN P 148 -77.43 2.27 -80.56
C ASN P 148 -78.18 0.93 -80.40
N CYS P 149 -78.12 0.34 -79.19
CA CYS P 149 -78.83 -0.93 -78.96
C CYS P 149 -80.31 -0.82 -79.12
N GLY P 150 -80.90 -1.87 -79.67
CA GLY P 150 -82.34 -1.93 -79.83
C GLY P 150 -82.78 -3.20 -79.11
N SER P 151 -81.83 -3.86 -78.44
CA SER P 151 -82.11 -5.10 -77.73
C SER P 151 -82.01 -5.07 -76.21
N PHE P 152 -81.84 -3.88 -75.64
CA PHE P 152 -81.77 -3.69 -74.20
C PHE P 152 -80.69 -4.55 -73.53
N VAL P 153 -79.57 -4.69 -74.21
CA VAL P 153 -78.46 -5.47 -73.69
C VAL P 153 -77.66 -4.66 -72.68
N TYR P 154 -77.53 -3.36 -72.93
CA TYR P 154 -76.75 -2.49 -72.08
C TYR P 154 -77.44 -1.76 -70.94
N GLU P 155 -76.63 -1.50 -69.93
CA GLU P 155 -77.04 -0.76 -68.74
C GLU P 155 -75.80 0.06 -68.40
N PHE P 156 -75.83 1.34 -68.74
CA PHE P 156 -74.70 2.22 -68.46
C PHE P 156 -74.99 3.10 -67.26
N LEU P 157 -74.09 3.10 -66.29
CA LEU P 157 -74.32 3.89 -65.09
C LEU P 157 -73.06 4.41 -64.43
N LYS P 158 -73.19 5.58 -63.81
CA LYS P 158 -72.08 6.21 -63.11
C LYS P 158 -72.44 6.18 -61.64
N THR P 159 -71.68 5.44 -60.85
CA THR P 159 -71.97 5.32 -59.43
C THR P 159 -70.71 5.13 -58.59
N THR P 160 -70.83 4.39 -57.50
CA THR P 160 -69.71 4.11 -56.61
C THR P 160 -69.47 2.61 -56.52
N PRO P 161 -68.29 2.22 -56.03
CA PRO P 161 -67.93 0.79 -55.90
C PRO P 161 -68.97 0.00 -55.11
N GLU P 162 -69.55 0.60 -54.08
CA GLU P 162 -70.57 -0.07 -53.27
C GLU P 162 -71.76 -0.42 -54.12
N ALA P 163 -72.37 0.61 -54.71
CA ALA P 163 -73.53 0.44 -55.57
C ALA P 163 -73.24 -0.65 -56.60
N MET P 164 -72.01 -0.68 -57.07
CA MET P 164 -71.60 -1.67 -58.05
C MET P 164 -71.43 -3.02 -57.36
N ALA P 165 -70.68 -3.02 -56.26
CA ALA P 165 -70.42 -4.24 -55.50
C ALA P 165 -71.73 -4.92 -55.13
N LYS P 166 -72.70 -4.13 -54.67
CA LYS P 166 -73.99 -4.68 -54.30
C LYS P 166 -74.71 -5.20 -55.55
N LYS P 167 -74.77 -4.36 -56.57
CA LYS P 167 -75.44 -4.73 -57.81
C LYS P 167 -74.88 -6.02 -58.39
N VAL P 168 -73.55 -6.12 -58.43
CA VAL P 168 -72.89 -7.31 -58.94
C VAL P 168 -73.37 -8.55 -58.20
N GLU P 169 -73.58 -8.40 -56.90
CA GLU P 169 -74.03 -9.50 -56.06
C GLU P 169 -75.51 -9.80 -56.18
N GLU P 170 -76.32 -8.78 -56.45
CA GLU P 170 -77.77 -8.97 -56.59
C GLU P 170 -78.10 -9.69 -57.89
N GLU P 171 -77.62 -9.12 -58.99
CA GLU P 171 -77.87 -9.65 -60.31
C GLU P 171 -76.89 -10.74 -60.73
N GLY P 172 -75.96 -11.07 -59.83
CA GLY P 172 -74.98 -12.09 -60.15
C GLY P 172 -74.16 -11.76 -61.37
N LEU P 173 -73.58 -10.57 -61.40
CA LEU P 173 -72.75 -10.15 -62.53
C LEU P 173 -71.38 -10.78 -62.47
N GLU P 174 -70.74 -10.93 -63.63
CA GLU P 174 -69.42 -11.52 -63.72
C GLU P 174 -68.56 -10.76 -64.72
N VAL P 175 -67.25 -11.00 -64.68
CA VAL P 175 -66.33 -10.36 -65.59
C VAL P 175 -65.56 -11.43 -66.34
N ILE P 176 -64.95 -11.05 -67.45
CA ILE P 176 -64.16 -11.97 -68.26
C ILE P 176 -62.80 -12.18 -67.60
N LYS P 177 -62.35 -13.43 -67.57
CA LYS P 177 -61.07 -13.78 -66.97
C LYS P 177 -60.85 -13.10 -65.61
N PRO P 178 -61.73 -13.41 -64.64
CA PRO P 178 -61.63 -12.82 -63.30
C PRO P 178 -60.26 -13.08 -62.67
N GLU P 179 -59.72 -14.27 -62.93
CA GLU P 179 -58.43 -14.68 -62.38
C GLU P 179 -57.31 -13.68 -62.65
N LEU P 180 -57.38 -12.98 -63.78
CA LEU P 180 -56.34 -12.00 -64.10
C LEU P 180 -56.31 -10.92 -63.03
N GLY P 181 -57.42 -10.76 -62.32
CA GLY P 181 -57.48 -9.77 -61.26
C GLY P 181 -57.40 -8.31 -61.65
N THR P 182 -57.71 -8.00 -62.91
CA THR P 182 -57.66 -6.63 -63.40
C THR P 182 -58.90 -5.82 -62.99
N LYS P 183 -59.94 -6.54 -62.58
CA LYS P 183 -61.20 -5.93 -62.15
C LYS P 183 -61.83 -4.99 -63.18
N PRO P 184 -62.38 -5.57 -64.26
CA PRO P 184 -63.02 -4.79 -65.32
C PRO P 184 -64.21 -4.00 -64.77
N ARG P 185 -64.49 -2.84 -65.36
CA ARG P 185 -65.64 -2.07 -64.89
C ARG P 185 -66.79 -2.38 -65.84
N VAL P 186 -66.57 -3.37 -66.70
CA VAL P 186 -67.58 -3.82 -67.63
C VAL P 186 -68.01 -5.21 -67.16
N TYR P 187 -69.27 -5.34 -66.73
CA TYR P 187 -69.77 -6.62 -66.25
C TYR P 187 -70.73 -7.28 -67.23
N TYR P 188 -70.92 -8.58 -67.05
CA TYR P 188 -71.80 -9.35 -67.90
C TYR P 188 -72.87 -10.06 -67.09
N LYS P 189 -74.07 -10.09 -67.64
CA LYS P 189 -75.19 -10.75 -67.00
C LYS P 189 -75.46 -12.01 -67.82
N ASN P 190 -75.73 -13.13 -67.14
CA ASN P 190 -75.99 -14.39 -67.82
C ASN P 190 -74.79 -14.81 -68.65
N LEU P 191 -73.59 -14.59 -68.14
CA LEU P 191 -72.37 -14.94 -68.86
C LEU P 191 -72.20 -16.46 -69.03
N TYR P 192 -72.95 -17.24 -68.27
CA TYR P 192 -72.86 -18.69 -68.37
C TYR P 192 -73.21 -19.17 -69.77
N ARG P 193 -74.07 -18.41 -70.45
CA ARG P 193 -74.49 -18.74 -71.82
C ARG P 193 -73.28 -18.84 -72.74
N PHE P 194 -72.32 -17.95 -72.51
CA PHE P 194 -71.12 -17.90 -73.33
C PHE P 194 -69.95 -18.74 -72.82
N GLU P 195 -69.75 -18.77 -71.50
CA GLU P 195 -68.63 -19.51 -70.94
C GLU P 195 -68.91 -20.93 -70.46
N LYS P 196 -70.16 -21.22 -70.12
CA LYS P 196 -70.51 -22.56 -69.63
C LYS P 196 -71.13 -23.46 -70.68
N ASN P 197 -71.59 -24.62 -70.24
CA ASN P 197 -72.17 -25.60 -71.16
C ASN P 197 -73.46 -26.21 -70.61
N TYR P 198 -74.07 -27.08 -71.40
CA TYR P 198 -75.32 -27.71 -71.00
C TYR P 198 -75.49 -29.12 -71.55
N VAL P 199 -76.48 -29.81 -71.00
CA VAL P 199 -76.83 -31.15 -71.44
C VAL P 199 -78.34 -31.09 -71.68
N THR P 200 -78.77 -31.67 -72.80
CA THR P 200 -80.19 -31.66 -73.16
C THR P 200 -80.57 -32.97 -73.85
N ALA P 201 -81.87 -33.20 -73.98
CA ALA P 201 -82.38 -34.41 -74.62
C ALA P 201 -83.90 -34.35 -74.77
N GLY P 202 -84.46 -35.39 -75.39
CA GLY P 202 -85.90 -35.45 -75.58
C GLY P 202 -86.44 -36.80 -75.15
N ILE P 203 -87.20 -36.82 -74.06
CA ILE P 203 -87.78 -38.07 -73.55
C ILE P 203 -89.03 -38.47 -74.31
N LEU P 204 -89.06 -39.71 -74.80
CA LEU P 204 -90.20 -40.25 -75.52
C LEU P 204 -90.75 -41.44 -74.75
N VAL P 205 -92.07 -41.60 -74.77
CA VAL P 205 -92.74 -42.72 -74.13
C VAL P 205 -93.61 -43.31 -75.23
N GLN P 206 -93.27 -44.51 -75.67
CA GLN P 206 -93.99 -45.19 -76.73
C GLN P 206 -94.01 -44.38 -78.03
N GLY P 207 -92.87 -43.78 -78.35
CA GLY P 207 -92.73 -43.02 -79.58
C GLY P 207 -93.23 -41.58 -79.62
N ASP P 208 -93.76 -41.07 -78.52
CA ASP P 208 -94.25 -39.70 -78.48
C ASP P 208 -93.56 -38.88 -77.40
N CYS P 209 -93.42 -37.58 -77.65
CA CYS P 209 -92.76 -36.70 -76.69
C CYS P 209 -93.53 -36.75 -75.39
N PHE P 210 -92.79 -36.98 -74.30
CA PHE P 210 -93.40 -37.09 -72.99
C PHE P 210 -93.17 -35.86 -72.13
N GLU P 211 -94.28 -35.23 -71.75
CA GLU P 211 -94.26 -34.04 -70.91
C GLU P 211 -94.45 -34.45 -69.46
N GLY P 212 -93.77 -33.74 -68.55
CA GLY P 212 -93.91 -34.04 -67.13
C GLY P 212 -92.93 -35.01 -66.51
N ALA P 213 -92.09 -35.66 -67.31
CA ALA P 213 -91.12 -36.60 -66.77
C ALA P 213 -90.15 -35.88 -65.85
N LYS P 214 -89.91 -36.44 -64.67
CA LYS P 214 -88.99 -35.83 -63.72
C LYS P 214 -87.55 -36.12 -64.08
N VAL P 215 -86.75 -35.06 -64.20
CA VAL P 215 -85.35 -35.19 -64.56
C VAL P 215 -84.46 -34.56 -63.51
N VAL P 216 -83.44 -35.30 -63.09
CA VAL P 216 -82.50 -34.81 -62.08
C VAL P 216 -81.08 -34.98 -62.57
N LEU P 217 -80.24 -33.99 -62.29
CA LEU P 217 -78.85 -34.02 -62.69
C LEU P 217 -78.01 -34.15 -61.44
N LYS P 218 -77.08 -35.11 -61.43
CA LYS P 218 -76.22 -35.30 -60.28
C LYS P 218 -74.75 -35.30 -60.64
N SER P 219 -73.94 -34.74 -59.76
CA SER P 219 -72.50 -34.70 -59.94
C SER P 219 -71.90 -35.38 -58.72
N GLY P 220 -71.22 -36.49 -58.95
CA GLY P 220 -70.63 -37.22 -57.85
C GLY P 220 -71.67 -38.09 -57.17
N GLY P 221 -72.94 -37.84 -57.48
CA GLY P 221 -74.01 -38.62 -56.89
C GLY P 221 -75.05 -37.80 -56.15
N LYS P 222 -75.01 -36.49 -56.34
CA LYS P 222 -75.95 -35.59 -55.67
C LYS P 222 -76.61 -34.61 -56.64
N GLU P 223 -77.91 -34.39 -56.45
CA GLU P 223 -78.69 -33.49 -57.29
C GLU P 223 -78.06 -32.11 -57.44
N VAL P 224 -77.78 -31.74 -58.67
CA VAL P 224 -77.17 -30.45 -58.99
C VAL P 224 -78.24 -29.54 -59.60
N ALA P 225 -79.24 -30.16 -60.20
CA ALA P 225 -80.35 -29.44 -60.82
C ALA P 225 -81.48 -30.44 -61.11
N SER P 226 -82.68 -29.91 -61.30
CA SER P 226 -83.83 -30.75 -61.60
C SER P 226 -84.81 -30.00 -62.49
N ALA P 227 -85.60 -30.75 -63.25
CA ALA P 227 -86.58 -30.14 -64.14
C ALA P 227 -87.58 -31.17 -64.62
N GLU P 228 -88.68 -30.70 -65.20
CA GLU P 228 -89.70 -31.59 -65.74
C GLU P 228 -89.76 -31.30 -67.23
N THR P 229 -89.77 -32.37 -68.01
CA THR P 229 -89.82 -32.27 -69.46
C THR P 229 -91.01 -31.45 -69.94
N ASN P 230 -90.82 -30.68 -71.01
CA ASN P 230 -91.89 -29.86 -71.59
C ASN P 230 -92.69 -30.71 -72.57
N PHE P 231 -93.60 -30.09 -73.33
CA PHE P 231 -94.40 -30.87 -74.25
C PHE P 231 -93.63 -31.49 -75.41
N PHE P 232 -92.35 -31.14 -75.53
CA PHE P 232 -91.50 -31.72 -76.57
C PHE P 232 -90.62 -32.79 -75.90
N GLY P 233 -90.94 -33.06 -74.64
CA GLY P 233 -90.22 -34.06 -73.87
C GLY P 233 -88.78 -33.65 -73.58
N GLU P 234 -88.50 -32.36 -73.70
CA GLU P 234 -87.14 -31.88 -73.49
C GLU P 234 -86.84 -31.22 -72.16
N PHE P 235 -85.56 -31.17 -71.83
CA PHE P 235 -85.06 -30.55 -70.62
C PHE P 235 -83.69 -30.02 -71.02
N LYS P 236 -83.20 -29.02 -70.30
CA LYS P 236 -81.90 -28.47 -70.62
C LYS P 236 -81.28 -27.88 -69.35
N PHE P 237 -80.15 -28.44 -68.95
CA PHE P 237 -79.43 -27.99 -67.75
C PHE P 237 -78.23 -27.16 -68.21
N ASP P 238 -78.33 -25.84 -68.11
CA ASP P 238 -77.26 -24.94 -68.53
C ASP P 238 -76.37 -24.50 -67.36
N ALA P 239 -75.36 -23.69 -67.67
CA ALA P 239 -74.43 -23.19 -66.65
C ALA P 239 -73.69 -24.32 -65.97
N LEU P 240 -73.35 -25.36 -66.73
CA LEU P 240 -72.62 -26.50 -66.17
C LEU P 240 -71.12 -26.33 -66.37
N ASP P 241 -70.37 -26.51 -65.28
CA ASP P 241 -68.92 -26.44 -65.34
C ASP P 241 -68.47 -27.76 -65.92
N ASN P 242 -67.18 -27.91 -66.20
CA ASN P 242 -66.70 -29.16 -66.75
C ASN P 242 -66.74 -30.26 -65.70
N GLY P 243 -66.90 -31.50 -66.14
CA GLY P 243 -66.94 -32.61 -65.20
C GLY P 243 -67.87 -33.72 -65.65
N GLU P 244 -67.99 -34.76 -64.83
CA GLU P 244 -68.86 -35.88 -65.13
C GLU P 244 -70.15 -35.77 -64.33
N TYR P 245 -71.28 -35.98 -65.00
CA TYR P 245 -72.57 -35.90 -64.35
C TYR P 245 -73.38 -37.16 -64.57
N THR P 246 -74.48 -37.28 -63.83
CA THR P 246 -75.40 -38.39 -63.95
C THR P 246 -76.78 -37.82 -64.21
N VAL P 247 -77.43 -38.31 -65.25
CA VAL P 247 -78.76 -37.84 -65.59
C VAL P 247 -79.75 -38.92 -65.20
N GLU P 248 -80.71 -38.57 -64.36
CA GLU P 248 -81.72 -39.54 -63.92
C GLU P 248 -83.10 -39.09 -64.40
N ILE P 249 -83.80 -40.01 -65.05
CA ILE P 249 -85.12 -39.73 -65.59
C ILE P 249 -86.20 -40.68 -65.07
N ASP P 250 -87.41 -40.16 -64.91
CA ASP P 250 -88.54 -40.96 -64.46
C ASP P 250 -89.83 -40.49 -65.11
N ALA P 251 -90.41 -41.35 -65.94
CA ALA P 251 -91.66 -41.06 -66.65
C ALA P 251 -92.50 -42.33 -66.72
N ASP P 252 -93.78 -42.22 -66.39
CA ASP P 252 -94.68 -43.37 -66.42
C ASP P 252 -94.14 -44.49 -65.52
N GLY P 253 -93.46 -44.09 -64.44
CA GLY P 253 -92.89 -45.07 -63.54
C GLY P 253 -91.70 -45.77 -64.17
N LYS P 254 -91.36 -45.36 -65.38
CA LYS P 254 -90.23 -45.93 -66.11
C LYS P 254 -89.00 -45.06 -65.83
N SER P 255 -87.87 -45.68 -65.54
CA SER P 255 -86.66 -44.93 -65.23
C SER P 255 -85.54 -45.07 -66.24
N TYR P 256 -84.63 -44.10 -66.23
CA TYR P 256 -83.49 -44.08 -67.14
C TYR P 256 -82.36 -43.25 -66.53
N SER P 257 -81.15 -43.77 -66.58
CA SER P 257 -80.01 -43.07 -66.04
C SER P 257 -78.84 -43.20 -67.01
N ASP P 258 -77.93 -42.25 -66.96
CA ASP P 258 -76.77 -42.29 -67.83
C ASP P 258 -75.74 -41.29 -67.33
N THR P 259 -74.51 -41.44 -67.81
CA THR P 259 -73.43 -40.55 -67.43
C THR P 259 -73.12 -39.61 -68.60
N VAL P 260 -72.87 -38.35 -68.27
CA VAL P 260 -72.54 -37.39 -69.30
C VAL P 260 -71.33 -36.55 -68.87
N VAL P 261 -70.39 -36.36 -69.78
CA VAL P 261 -69.18 -35.59 -69.50
C VAL P 261 -69.19 -34.23 -70.19
N ILE P 262 -69.00 -33.19 -69.39
CA ILE P 262 -68.97 -31.83 -69.91
C ILE P 262 -67.53 -31.37 -70.02
N ASP P 263 -66.98 -31.46 -71.24
CA ASP P 263 -65.60 -31.05 -71.49
C ASP P 263 -65.60 -29.90 -72.49
N ASP P 264 -65.87 -28.70 -71.98
CA ASP P 264 -65.92 -27.49 -72.80
C ASP P 264 -66.81 -27.63 -74.04
N LYS P 265 -67.87 -28.40 -73.89
CA LYS P 265 -68.84 -28.62 -74.97
C LYS P 265 -70.20 -28.90 -74.35
N SER P 266 -71.26 -28.60 -75.09
CA SER P 266 -72.60 -28.87 -74.61
C SER P 266 -73.01 -30.18 -75.26
N VAL P 267 -73.78 -30.99 -74.53
CA VAL P 267 -74.17 -32.29 -75.04
C VAL P 267 -75.66 -32.54 -75.23
N ASP P 268 -75.98 -33.19 -76.34
CA ASP P 268 -77.35 -33.55 -76.67
C ASP P 268 -77.41 -35.07 -76.60
N LEU P 269 -78.12 -35.58 -75.60
CA LEU P 269 -78.24 -37.03 -75.42
C LEU P 269 -79.14 -37.66 -76.47
N GLY P 270 -79.78 -36.81 -77.29
CA GLY P 270 -80.67 -37.30 -78.32
C GLY P 270 -82.01 -37.75 -77.76
N PHE P 271 -82.71 -38.61 -78.50
CA PHE P 271 -83.99 -39.13 -78.05
C PHE P 271 -83.77 -40.28 -77.09
N ILE P 272 -84.39 -40.20 -75.93
CA ILE P 272 -84.31 -41.25 -74.93
C ILE P 272 -85.66 -41.94 -74.97
N LYS P 273 -85.72 -43.08 -75.68
CA LYS P 273 -86.96 -43.82 -75.83
C LYS P 273 -87.33 -44.72 -74.66
N LEU P 274 -88.43 -44.40 -73.99
CA LEU P 274 -88.91 -45.16 -72.85
C LEU P 274 -90.32 -45.71 -73.10
N MET Q 1 30.51 -47.98 -10.86
CA MET Q 1 30.42 -48.85 -12.07
C MET Q 1 29.37 -48.33 -13.05
N GLY Q 2 28.73 -47.20 -12.70
CA GLY Q 2 27.70 -46.65 -13.56
C GLY Q 2 27.39 -45.18 -13.32
N GLU Q 3 26.26 -44.73 -13.85
CA GLU Q 3 25.84 -43.33 -13.71
C GLU Q 3 24.79 -43.14 -12.63
N VAL Q 4 24.52 -41.87 -12.30
CA VAL Q 4 23.52 -41.52 -11.31
C VAL Q 4 22.17 -41.51 -11.99
N VAL Q 5 21.15 -42.06 -11.32
CA VAL Q 5 19.80 -42.09 -11.85
C VAL Q 5 18.87 -41.48 -10.82
N ARG Q 6 17.89 -40.69 -11.28
CA ARG Q 6 16.93 -40.08 -10.37
C ARG Q 6 15.69 -40.93 -10.29
N LEU Q 7 15.38 -41.39 -9.08
CA LEU Q 7 14.22 -42.23 -8.86
C LEU Q 7 13.25 -41.52 -7.94
N THR Q 8 12.08 -42.14 -7.75
CA THR Q 8 11.06 -41.57 -6.89
C THR Q 8 10.71 -42.54 -5.76
N ASN Q 9 10.27 -41.97 -4.65
CA ASN Q 9 9.81 -42.71 -3.48
C ASN Q 9 9.16 -41.67 -2.58
N SER Q 10 8.71 -42.09 -1.41
CA SER Q 10 8.06 -41.15 -0.50
C SER Q 10 8.29 -41.56 0.93
N SER Q 11 7.58 -40.89 1.84
CA SER Q 11 7.73 -41.16 3.26
C SER Q 11 6.65 -40.45 4.05
N THR Q 12 6.71 -40.61 5.36
CA THR Q 12 5.77 -39.98 6.27
C THR Q 12 6.17 -38.52 6.41
N GLY Q 13 7.20 -38.13 5.68
CA GLY Q 13 7.67 -36.76 5.72
C GLY Q 13 7.56 -36.11 4.35
N GLY Q 14 6.88 -36.80 3.44
CA GLY Q 14 6.70 -36.27 2.10
C GLY Q 14 7.42 -37.05 1.02
N PRO Q 15 7.03 -36.87 -0.25
CA PRO Q 15 7.63 -37.55 -1.40
C PRO Q 15 9.07 -37.07 -1.60
N VAL Q 16 9.86 -37.86 -2.33
CA VAL Q 16 11.24 -37.49 -2.58
C VAL Q 16 11.81 -38.03 -3.90
N PHE Q 17 12.79 -37.30 -4.42
CA PHE Q 17 13.52 -37.71 -5.61
C PHE Q 17 14.75 -38.36 -4.97
N VAL Q 18 15.04 -39.61 -5.34
CA VAL Q 18 16.19 -40.31 -4.77
C VAL Q 18 17.26 -40.52 -5.83
N TYR Q 19 18.46 -39.99 -5.57
CA TYR Q 19 19.55 -40.14 -6.52
C TYR Q 19 20.36 -41.39 -6.17
N VAL Q 20 20.36 -42.34 -7.09
CA VAL Q 20 21.06 -43.60 -6.91
C VAL Q 20 22.17 -43.83 -7.92
N LYS Q 21 23.25 -44.45 -7.46
CA LYS Q 21 24.39 -44.77 -8.31
C LYS Q 21 25.08 -46.04 -7.80
N ASP Q 22 25.23 -47.03 -8.68
CA ASP Q 22 25.88 -48.28 -8.32
C ASP Q 22 25.23 -48.95 -7.10
N GLY Q 23 23.90 -49.02 -7.09
CA GLY Q 23 23.19 -49.65 -5.99
C GLY Q 23 23.23 -48.94 -4.65
N LYS Q 24 23.64 -47.68 -4.65
CA LYS Q 24 23.71 -46.92 -3.39
C LYS Q 24 23.00 -45.57 -3.50
N ILE Q 25 22.25 -45.22 -2.45
CA ILE Q 25 21.54 -43.94 -2.41
C ILE Q 25 22.52 -42.81 -2.15
N ILE Q 26 22.56 -41.83 -3.04
CA ILE Q 26 23.46 -40.69 -2.86
C ILE Q 26 22.80 -39.57 -2.06
N ARG Q 27 21.53 -39.30 -2.34
CA ARG Q 27 20.81 -38.22 -1.63
C ARG Q 27 19.31 -38.33 -1.87
N MET Q 28 18.55 -37.64 -1.02
CA MET Q 28 17.08 -37.59 -1.09
C MET Q 28 16.72 -36.11 -1.01
N THR Q 29 15.83 -35.64 -1.87
CA THR Q 29 15.45 -34.22 -1.88
C THR Q 29 13.96 -33.98 -2.11
N PRO Q 30 13.50 -32.74 -1.85
CA PRO Q 30 12.09 -32.43 -2.08
C PRO Q 30 11.92 -32.55 -3.59
N MET Q 31 10.69 -32.49 -4.09
CA MET Q 31 10.46 -32.61 -5.52
C MET Q 31 10.12 -31.31 -6.23
N ASP Q 32 10.81 -31.07 -7.34
CA ASP Q 32 10.55 -29.96 -8.19
C ASP Q 32 9.61 -30.34 -9.32
N PHE Q 33 8.59 -29.58 -9.57
CA PHE Q 33 7.68 -29.94 -10.65
C PHE Q 33 8.31 -29.51 -11.97
N ASP Q 34 7.94 -30.19 -13.04
CA ASP Q 34 8.42 -29.86 -14.39
C ASP Q 34 7.16 -29.35 -15.07
N ASP Q 35 7.08 -28.03 -15.23
CA ASP Q 35 5.90 -27.42 -15.84
C ASP Q 35 5.55 -27.91 -17.24
N ALA Q 36 6.52 -28.50 -17.93
CA ALA Q 36 6.26 -29.03 -19.26
C ALA Q 36 5.42 -30.29 -19.20
N VAL Q 37 5.44 -30.99 -18.06
CA VAL Q 37 4.67 -32.22 -17.94
C VAL Q 37 3.80 -32.33 -16.68
N ASP Q 38 3.99 -31.43 -15.72
CA ASP Q 38 3.19 -31.47 -14.51
C ASP Q 38 2.10 -30.39 -14.58
N ALA Q 39 0.86 -30.80 -14.37
CA ALA Q 39 -0.30 -29.90 -14.43
C ALA Q 39 -0.16 -28.63 -13.59
N PRO Q 40 -0.76 -27.52 -14.05
CA PRO Q 40 -0.74 -26.23 -13.36
C PRO Q 40 -1.40 -26.32 -12.00
N SER Q 41 -0.96 -25.47 -11.08
CA SER Q 41 -1.51 -25.44 -9.72
C SER Q 41 -2.83 -24.69 -9.68
N TRP Q 42 -3.47 -24.72 -8.51
CA TRP Q 42 -4.72 -24.01 -8.30
C TRP Q 42 -4.36 -22.56 -7.96
N LYS Q 43 -5.36 -21.69 -7.97
CA LYS Q 43 -5.18 -20.27 -7.64
C LYS Q 43 -6.41 -19.83 -6.86
N ILE Q 44 -6.20 -18.99 -5.85
CA ILE Q 44 -7.31 -18.47 -5.08
C ILE Q 44 -7.27 -16.94 -5.11
N GLU Q 45 -8.33 -16.33 -5.64
CA GLU Q 45 -8.41 -14.88 -5.67
C GLU Q 45 -9.05 -14.44 -4.37
N ALA Q 46 -8.37 -13.55 -3.65
CA ALA Q 46 -8.89 -13.07 -2.39
C ALA Q 46 -8.35 -11.68 -2.07
N ARG Q 47 -9.26 -10.77 -1.76
CA ARG Q 47 -8.91 -9.40 -1.44
C ARG Q 47 -8.01 -8.77 -2.51
N GLY Q 48 -8.35 -9.02 -3.77
CA GLY Q 48 -7.59 -8.46 -4.87
C GLY Q 48 -6.31 -9.20 -5.23
N LYS Q 49 -5.79 -9.99 -4.29
CA LYS Q 49 -4.56 -10.74 -4.53
C LYS Q 49 -4.82 -12.14 -5.08
N THR Q 50 -3.85 -12.66 -5.80
CA THR Q 50 -3.95 -14.00 -6.36
C THR Q 50 -2.96 -14.88 -5.62
N PHE Q 51 -3.47 -15.93 -4.97
CA PHE Q 51 -2.63 -16.84 -4.23
C PHE Q 51 -2.49 -18.17 -4.94
N THR Q 52 -1.25 -18.59 -5.16
CA THR Q 52 -0.94 -19.86 -5.80
C THR Q 52 0.31 -20.43 -5.13
N PRO Q 53 0.34 -21.75 -4.88
CA PRO Q 53 1.46 -22.44 -4.23
C PRO Q 53 2.72 -22.60 -5.06
N PRO Q 54 3.84 -22.94 -4.39
CA PRO Q 54 5.12 -23.12 -5.06
C PRO Q 54 5.04 -24.39 -5.92
N ARG Q 55 5.69 -24.37 -7.08
CA ARG Q 55 5.70 -25.53 -7.97
C ARG Q 55 6.71 -26.52 -7.40
N LYS Q 56 6.45 -26.99 -6.18
CA LYS Q 56 7.39 -27.89 -5.52
C LYS Q 56 6.77 -28.49 -4.26
N THR Q 57 7.30 -29.63 -3.81
CA THR Q 57 6.82 -30.26 -2.60
C THR Q 57 7.84 -29.94 -1.51
N SER Q 58 7.55 -30.37 -0.29
CA SER Q 58 8.45 -30.13 0.83
C SER Q 58 8.52 -31.38 1.70
N ILE Q 59 9.58 -31.49 2.49
CA ILE Q 59 9.76 -32.66 3.35
C ILE Q 59 10.03 -32.26 4.79
N ALA Q 60 9.87 -33.22 5.69
CA ALA Q 60 10.10 -32.97 7.11
C ALA Q 60 11.57 -33.25 7.43
N PRO Q 61 12.04 -32.79 8.60
CA PRO Q 61 13.43 -33.01 9.00
C PRO Q 61 13.82 -34.49 8.98
N TYR Q 62 12.97 -35.34 9.57
CA TYR Q 62 13.22 -36.77 9.63
C TYR Q 62 13.28 -37.45 8.26
N THR Q 63 12.74 -36.82 7.23
CA THR Q 63 12.80 -37.41 5.90
C THR Q 63 14.09 -36.89 5.22
N ALA Q 64 14.41 -35.63 5.49
CA ALA Q 64 15.62 -35.02 4.93
C ALA Q 64 16.84 -35.86 5.30
N GLY Q 65 16.80 -36.52 6.45
CA GLY Q 65 17.93 -37.35 6.85
C GLY Q 65 17.61 -38.83 6.90
N PHE Q 66 16.51 -39.24 6.28
CA PHE Q 66 16.09 -40.64 6.30
C PHE Q 66 17.14 -41.64 5.82
N LYS Q 67 18.06 -41.22 4.97
CA LYS Q 67 19.08 -42.13 4.47
C LYS Q 67 19.87 -42.76 5.61
N SER Q 68 20.08 -42.00 6.69
CA SER Q 68 20.83 -42.50 7.83
C SER Q 68 20.05 -43.57 8.60
N MET Q 69 18.77 -43.72 8.27
CA MET Q 69 17.93 -44.73 8.91
C MET Q 69 17.98 -46.01 8.09
N ILE Q 70 18.17 -45.85 6.78
CA ILE Q 70 18.25 -47.00 5.88
C ILE Q 70 19.55 -47.74 6.12
N TYR Q 71 20.65 -47.00 6.13
CA TYR Q 71 21.98 -47.56 6.35
C TYR Q 71 22.38 -47.54 7.81
N SER Q 72 21.39 -47.52 8.70
CA SER Q 72 21.64 -47.50 10.13
C SER Q 72 22.37 -48.75 10.61
N ASP Q 73 23.36 -48.57 11.48
CA ASP Q 73 24.08 -49.73 11.99
C ASP Q 73 23.27 -50.44 13.08
N LEU Q 74 22.08 -49.91 13.39
CA LEU Q 74 21.18 -50.51 14.37
C LEU Q 74 20.09 -51.23 13.61
N ARG Q 75 20.29 -51.31 12.30
CA ARG Q 75 19.40 -51.99 11.40
C ARG Q 75 19.50 -53.47 11.79
N ILE Q 76 18.40 -54.21 11.77
CA ILE Q 76 18.47 -55.63 12.11
C ILE Q 76 19.19 -56.31 10.93
N PRO Q 77 20.39 -56.84 11.20
CA PRO Q 77 21.31 -57.53 10.27
C PRO Q 77 20.79 -58.76 9.55
N TYR Q 78 20.13 -59.63 10.29
CA TYR Q 78 19.65 -60.89 9.76
C TYR Q 78 18.74 -61.52 10.81
N PRO Q 79 18.10 -62.66 10.49
CA PRO Q 79 17.24 -63.29 11.49
C PRO Q 79 18.03 -63.56 12.76
N MET Q 80 17.42 -63.32 13.92
CA MET Q 80 18.10 -63.52 15.18
C MET Q 80 17.30 -64.38 16.15
N LYS Q 81 18.01 -65.05 17.05
CA LYS Q 81 17.38 -65.92 18.05
C LYS Q 81 17.98 -65.68 19.42
N ARG Q 82 17.11 -65.66 20.43
CA ARG Q 82 17.53 -65.46 21.80
C ARG Q 82 18.23 -66.75 22.23
N LYS Q 83 19.51 -66.64 22.56
CA LYS Q 83 20.31 -67.80 22.97
C LYS Q 83 19.64 -68.64 24.07
N SER Q 84 19.10 -67.97 25.07
CA SER Q 84 18.47 -68.65 26.20
C SER Q 84 17.09 -69.23 25.91
N PHE Q 85 16.64 -69.14 24.66
CA PHE Q 85 15.34 -69.68 24.28
C PHE Q 85 15.44 -71.01 23.53
N ASP Q 86 14.90 -72.06 24.13
CA ASP Q 86 14.93 -73.38 23.49
C ASP Q 86 13.49 -73.88 23.30
N PRO Q 87 13.00 -73.86 22.05
CA PRO Q 87 11.63 -74.32 21.74
C PRO Q 87 11.31 -75.69 22.33
N ASN Q 88 12.25 -76.62 22.24
CA ASN Q 88 12.02 -77.96 22.75
C ASN Q 88 12.67 -78.27 24.09
N GLY Q 89 12.87 -77.23 24.88
CA GLY Q 89 13.47 -77.40 26.19
C GLY Q 89 13.10 -76.22 27.07
N GLU Q 90 14.08 -75.65 27.75
CA GLU Q 90 13.85 -74.49 28.61
C GLU Q 90 13.67 -73.26 27.72
N ARG Q 91 12.53 -72.59 27.83
CA ARG Q 91 12.28 -71.40 27.04
C ARG Q 91 12.78 -70.19 27.82
N ASN Q 92 12.96 -70.36 29.12
CA ASN Q 92 13.44 -69.29 29.99
C ASN Q 92 12.79 -67.94 29.69
N PRO Q 93 11.46 -67.86 29.83
CA PRO Q 93 10.74 -66.61 29.58
C PRO Q 93 11.29 -65.48 30.43
N GLN Q 94 11.68 -65.82 31.66
CA GLN Q 94 12.20 -64.85 32.60
C GLN Q 94 13.51 -64.21 32.16
N LEU Q 95 14.08 -64.70 31.06
CA LEU Q 95 15.34 -64.16 30.57
C LEU Q 95 15.18 -63.24 29.37
N ARG Q 96 13.94 -62.92 29.02
CA ARG Q 96 13.68 -62.01 27.92
C ARG Q 96 14.07 -60.62 28.40
N GLY Q 97 14.98 -59.98 27.67
CA GLY Q 97 15.40 -58.65 28.07
C GLY Q 97 16.54 -58.70 29.07
N ALA Q 98 17.13 -59.87 29.25
CA ALA Q 98 18.25 -60.02 30.17
C ALA Q 98 19.40 -59.16 29.66
N GLY Q 99 19.51 -59.07 28.34
CA GLY Q 99 20.55 -58.26 27.73
C GLY Q 99 20.41 -56.80 28.14
N LEU Q 100 19.19 -56.25 27.98
CA LEU Q 100 18.93 -54.87 28.35
C LEU Q 100 19.27 -54.65 29.82
N SER Q 101 18.87 -55.59 30.65
CA SER Q 101 19.11 -55.52 32.08
C SER Q 101 20.59 -55.42 32.43
N LYS Q 102 21.45 -55.84 31.51
CA LYS Q 102 22.88 -55.75 31.76
C LYS Q 102 23.51 -54.82 30.74
N GLN Q 103 22.70 -53.93 30.21
CA GLN Q 103 23.12 -52.93 29.23
C GLN Q 103 23.91 -53.52 28.06
N ASP Q 104 23.52 -54.71 27.63
CA ASP Q 104 24.17 -55.39 26.51
C ASP Q 104 23.09 -56.17 25.76
N PRO Q 105 22.21 -55.46 25.05
CA PRO Q 105 21.09 -56.02 24.26
C PRO Q 105 21.46 -57.06 23.22
N TRP Q 106 22.48 -56.77 22.41
CA TRP Q 106 22.88 -57.70 21.36
C TRP Q 106 23.42 -59.04 21.86
N SER Q 107 24.05 -59.06 23.03
CA SER Q 107 24.62 -60.30 23.57
C SER Q 107 23.58 -61.39 23.79
N ASP Q 108 22.30 -61.02 23.82
CA ASP Q 108 21.22 -61.99 24.02
C ASP Q 108 20.92 -62.79 22.78
N TYR Q 109 21.35 -62.31 21.62
CA TYR Q 109 21.03 -63.01 20.39
C TYR Q 109 22.16 -63.60 19.59
N GLU Q 110 21.79 -64.58 18.78
CA GLU Q 110 22.71 -65.27 17.90
C GLU Q 110 22.03 -65.29 16.54
N ARG Q 111 22.84 -65.35 15.49
CA ARG Q 111 22.33 -65.34 14.14
C ARG Q 111 21.81 -66.70 13.70
N ILE Q 112 20.75 -66.68 12.91
CA ILE Q 112 20.19 -67.91 12.37
C ILE Q 112 19.68 -67.59 10.98
N SER Q 113 19.48 -68.64 10.17
CA SER Q 113 19.01 -68.47 8.80
C SER Q 113 17.52 -68.16 8.77
N TRP Q 114 17.08 -67.62 7.64
CA TRP Q 114 15.68 -67.32 7.44
C TRP Q 114 14.86 -68.60 7.54
N ASP Q 115 15.38 -69.65 6.91
CA ASP Q 115 14.72 -70.96 6.91
C ASP Q 115 14.45 -71.50 8.30
N GLU Q 116 15.46 -71.48 9.17
CA GLU Q 116 15.26 -71.98 10.53
C GLU Q 116 14.39 -71.06 11.38
N ALA Q 117 14.54 -69.75 11.18
CA ALA Q 117 13.75 -68.78 11.94
C ALA Q 117 12.27 -69.01 11.65
N THR Q 118 11.93 -69.10 10.37
CA THR Q 118 10.54 -69.31 9.97
C THR Q 118 10.03 -70.71 10.35
N ASP Q 119 10.92 -71.69 10.37
CA ASP Q 119 10.52 -73.04 10.75
C ASP Q 119 10.11 -73.06 12.22
N ILE Q 120 10.85 -72.30 13.03
CA ILE Q 120 10.57 -72.22 14.46
C ILE Q 120 9.26 -71.51 14.73
N VAL Q 121 9.03 -70.39 14.05
CA VAL Q 121 7.79 -69.63 14.23
C VAL Q 121 6.59 -70.47 13.77
N VAL Q 122 6.73 -71.13 12.62
CA VAL Q 122 5.65 -71.96 12.09
C VAL Q 122 5.29 -73.07 13.09
N ALA Q 123 6.30 -73.70 13.68
CA ALA Q 123 6.06 -74.77 14.62
C ALA Q 123 5.26 -74.25 15.82
N GLU Q 124 5.60 -73.05 16.27
CA GLU Q 124 4.91 -72.43 17.39
C GLU Q 124 3.47 -72.09 17.02
N ILE Q 125 3.29 -71.61 15.80
CA ILE Q 125 1.97 -71.24 15.30
C ILE Q 125 1.05 -72.46 15.22
N ASN Q 126 1.53 -73.53 14.60
CA ASN Q 126 0.73 -74.74 14.45
C ASN Q 126 0.45 -75.46 15.77
N ARG Q 127 1.42 -75.51 16.67
CA ARG Q 127 1.21 -76.17 17.95
C ARG Q 127 0.13 -75.42 18.73
N ILE Q 128 0.26 -74.10 18.80
CA ILE Q 128 -0.69 -73.26 19.51
C ILE Q 128 -2.10 -73.26 18.91
N LYS Q 129 -2.21 -73.29 17.58
CA LYS Q 129 -3.54 -73.30 16.97
C LYS Q 129 -4.27 -74.61 17.22
N HIS Q 130 -3.55 -75.72 17.16
CA HIS Q 130 -4.17 -77.03 17.38
C HIS Q 130 -4.41 -77.32 18.86
N ALA Q 131 -3.75 -76.57 19.73
CA ALA Q 131 -3.90 -76.76 21.16
C ALA Q 131 -4.81 -75.72 21.81
N TYR Q 132 -4.71 -74.48 21.35
CA TYR Q 132 -5.51 -73.41 21.92
C TYR Q 132 -6.38 -72.66 20.92
N GLY Q 133 -6.01 -72.72 19.64
CA GLY Q 133 -6.78 -72.03 18.63
C GLY Q 133 -6.11 -70.72 18.22
N PRO Q 134 -6.47 -70.16 17.06
CA PRO Q 134 -5.93 -68.91 16.52
C PRO Q 134 -5.91 -67.75 17.51
N SER Q 135 -6.95 -67.65 18.32
CA SER Q 135 -7.08 -66.57 19.30
C SER Q 135 -5.92 -66.52 20.30
N ALA Q 136 -5.23 -67.65 20.48
CA ALA Q 136 -4.11 -67.70 21.42
C ALA Q 136 -2.87 -67.00 20.85
N ILE Q 137 -2.96 -66.57 19.59
CA ILE Q 137 -1.86 -65.89 18.95
C ILE Q 137 -2.14 -64.39 18.90
N LEU Q 138 -1.50 -63.65 19.81
CA LEU Q 138 -1.68 -62.20 19.85
C LEU Q 138 -0.74 -61.57 18.83
N SER Q 139 -1.10 -60.39 18.34
CA SER Q 139 -0.26 -59.68 17.40
C SER Q 139 -0.73 -58.26 17.21
N THR Q 140 0.21 -57.38 16.93
CA THR Q 140 -0.11 -55.99 16.72
C THR Q 140 1.12 -55.21 16.26
N PRO Q 141 0.91 -54.30 15.29
CA PRO Q 141 2.02 -53.48 14.81
C PRO Q 141 1.74 -52.26 15.66
N SER Q 142 1.78 -51.08 15.08
CA SER Q 142 1.43 -49.91 15.87
C SER Q 142 0.86 -48.85 14.94
N SER Q 143 0.42 -47.72 15.50
CA SER Q 143 -0.21 -46.69 14.68
C SER Q 143 0.45 -46.32 13.36
N HIS Q 144 1.75 -46.03 13.37
CA HIS Q 144 2.36 -45.65 12.12
C HIS Q 144 3.32 -46.60 11.46
N HIS Q 145 3.61 -46.34 10.18
CA HIS Q 145 4.38 -47.28 9.38
C HIS Q 145 5.17 -46.60 8.26
N MET Q 146 6.10 -47.35 7.67
CA MET Q 146 6.89 -46.85 6.55
C MET Q 146 5.87 -46.56 5.46
N TRP Q 147 6.03 -45.42 4.79
CA TRP Q 147 5.11 -45.01 3.73
C TRP Q 147 5.03 -46.04 2.60
N GLY Q 148 3.83 -46.20 2.04
CA GLY Q 148 3.62 -47.15 0.96
C GLY Q 148 2.27 -47.83 1.19
N ASN Q 149 1.35 -47.63 0.26
CA ASN Q 149 0.00 -48.18 0.41
C ASN Q 149 -0.13 -49.70 0.37
N VAL Q 150 0.56 -50.35 -0.56
CA VAL Q 150 0.47 -51.81 -0.66
C VAL Q 150 1.12 -52.54 0.51
N GLY Q 151 2.24 -52.02 1.00
CA GLY Q 151 2.92 -52.66 2.11
C GLY Q 151 2.51 -52.15 3.48
N TYR Q 152 1.58 -51.21 3.52
CA TYR Q 152 1.13 -50.65 4.80
C TYR Q 152 0.44 -51.72 5.64
N ARG Q 153 0.50 -51.57 6.96
CA ARG Q 153 -0.10 -52.53 7.87
C ARG Q 153 -1.58 -52.86 7.60
N HIS Q 154 -2.34 -51.91 7.07
CA HIS Q 154 -3.75 -52.16 6.77
C HIS Q 154 -3.90 -53.05 5.54
N SER Q 155 -2.84 -53.16 4.76
CA SER Q 155 -2.83 -53.93 3.52
C SER Q 155 -2.14 -55.30 3.63
N THR Q 156 -0.80 -55.29 3.67
CA THR Q 156 -0.02 -56.52 3.75
C THR Q 156 -0.17 -57.24 5.10
N TYR Q 157 0.04 -56.53 6.19
CA TYR Q 157 -0.07 -57.11 7.52
C TYR Q 157 -1.41 -57.84 7.69
N PHE Q 158 -2.51 -57.11 7.52
CA PHE Q 158 -3.84 -57.67 7.65
C PHE Q 158 -4.12 -58.83 6.71
N ARG Q 159 -3.73 -58.69 5.45
CA ARG Q 159 -3.99 -59.77 4.50
C ARG Q 159 -3.44 -61.10 4.98
N PHE Q 160 -2.19 -61.10 5.44
CA PHE Q 160 -1.58 -62.33 5.95
C PHE Q 160 -2.16 -62.75 7.30
N MET Q 161 -2.02 -61.89 8.30
CA MET Q 161 -2.52 -62.20 9.64
C MET Q 161 -3.95 -62.72 9.65
N ASN Q 162 -4.82 -62.13 8.84
CA ASN Q 162 -6.22 -62.58 8.78
C ASN Q 162 -6.33 -64.02 8.29
N MET Q 163 -5.32 -64.49 7.57
CA MET Q 163 -5.29 -65.85 7.05
C MET Q 163 -4.58 -66.83 7.99
N MET Q 164 -3.96 -66.29 9.02
CA MET Q 164 -3.19 -67.09 9.97
C MET Q 164 -3.80 -67.23 11.36
N GLY Q 165 -4.02 -66.12 12.04
CA GLY Q 165 -4.58 -66.15 13.38
C GLY Q 165 -5.97 -65.54 13.44
N PHE Q 166 -6.26 -64.66 14.41
CA PHE Q 166 -5.34 -64.24 15.47
C PHE Q 166 -6.10 -63.29 16.38
N THR Q 167 -5.47 -62.87 17.47
CA THR Q 167 -6.09 -61.91 18.37
C THR Q 167 -5.33 -60.61 18.17
N TYR Q 168 -6.05 -59.60 17.71
CA TYR Q 168 -5.46 -58.29 17.45
C TYR Q 168 -5.50 -57.42 18.70
N ALA Q 169 -4.42 -56.72 18.97
CA ALA Q 169 -4.41 -55.79 20.09
C ALA Q 169 -4.85 -54.51 19.38
N ASP Q 170 -6.16 -54.31 19.25
CA ASP Q 170 -6.68 -53.15 18.54
C ASP Q 170 -6.21 -51.83 19.14
N HIS Q 171 -5.84 -50.90 18.27
CA HIS Q 171 -5.34 -49.60 18.72
C HIS Q 171 -6.41 -48.65 19.22
N ASN Q 172 -6.10 -47.97 20.33
CA ASN Q 172 -6.99 -46.97 20.87
C ASN Q 172 -6.83 -45.77 19.92
N PRO Q 173 -7.87 -44.94 19.77
CA PRO Q 173 -7.74 -43.79 18.87
C PRO Q 173 -6.84 -42.72 19.49
N ASP Q 174 -5.56 -43.06 19.66
CA ASP Q 174 -4.59 -42.17 20.27
C ASP Q 174 -4.66 -40.72 19.79
N SER Q 175 -4.59 -40.55 18.47
CA SER Q 175 -4.63 -39.26 17.81
C SER Q 175 -5.88 -38.42 18.16
N TRP Q 176 -7.02 -39.10 18.29
CA TRP Q 176 -8.32 -38.47 18.55
C TRP Q 176 -8.93 -38.48 19.96
N GLU Q 177 -8.36 -39.26 20.88
CA GLU Q 177 -8.92 -39.41 22.23
C GLU Q 177 -10.08 -38.50 22.66
N GLY Q 178 -9.78 -37.27 23.08
CA GLY Q 178 -10.83 -36.37 23.51
C GLY Q 178 -12.00 -36.19 22.54
N TRP Q 179 -11.70 -36.08 21.26
CA TRP Q 179 -12.74 -35.91 20.23
C TRP Q 179 -13.52 -37.21 20.03
N HIS Q 180 -12.83 -38.34 20.13
CA HIS Q 180 -13.44 -39.65 19.94
C HIS Q 180 -14.35 -40.09 21.09
N TRP Q 181 -13.84 -40.05 22.31
CA TRP Q 181 -14.65 -40.47 23.45
C TRP Q 181 -15.51 -39.36 24.03
N GLY Q 182 -15.30 -38.12 23.58
CA GLY Q 182 -16.08 -37.02 24.10
C GLY Q 182 -16.84 -36.18 23.08
N GLY Q 183 -16.11 -35.52 22.19
CA GLY Q 183 -16.73 -34.68 21.19
C GLY Q 183 -17.72 -35.41 20.28
N MET Q 184 -17.44 -36.67 20.00
CA MET Q 184 -18.31 -37.46 19.13
C MET Q 184 -19.75 -37.47 19.67
N HIS Q 185 -19.89 -37.52 20.99
CA HIS Q 185 -21.21 -37.53 21.61
C HIS Q 185 -21.88 -36.16 21.48
N MET Q 186 -21.07 -35.12 21.31
CA MET Q 186 -21.57 -33.76 21.19
C MET Q 186 -21.93 -33.33 19.77
N TRP Q 187 -21.18 -33.76 18.75
CA TRP Q 187 -21.51 -33.35 17.39
C TRP Q 187 -21.39 -34.44 16.32
N GLY Q 188 -21.20 -35.68 16.74
CA GLY Q 188 -21.09 -36.78 15.81
C GLY Q 188 -19.72 -36.89 15.16
N PHE Q 189 -19.69 -36.98 13.84
CA PHE Q 189 -18.45 -37.11 13.09
C PHE Q 189 -17.71 -38.40 13.47
N SER Q 190 -18.47 -39.42 13.86
CA SER Q 190 -17.87 -40.70 14.24
C SER Q 190 -16.92 -41.19 13.15
N TRP Q 191 -17.32 -41.07 11.89
CA TRP Q 191 -16.49 -41.51 10.77
C TRP Q 191 -15.16 -40.75 10.67
N ARG Q 192 -14.99 -39.70 11.46
CA ARG Q 192 -13.74 -38.94 11.49
C ARG Q 192 -13.23 -39.03 12.92
N LEU Q 193 -13.83 -39.94 13.68
CA LEU Q 193 -13.50 -40.20 15.08
C LEU Q 193 -13.57 -38.91 15.90
N GLY Q 194 -14.52 -38.04 15.57
CA GLY Q 194 -14.67 -36.81 16.32
C GLY Q 194 -14.17 -35.51 15.71
N ASN Q 195 -13.30 -35.59 14.70
CA ASN Q 195 -12.79 -34.37 14.06
C ASN Q 195 -13.76 -33.81 13.03
N PRO Q 196 -13.68 -32.49 12.77
CA PRO Q 196 -14.59 -31.88 11.79
C PRO Q 196 -14.03 -32.00 10.38
N GLU Q 197 -14.91 -31.95 9.38
CA GLU Q 197 -14.48 -31.98 7.99
C GLU Q 197 -13.76 -30.64 7.82
N GLN Q 198 -13.03 -30.46 6.71
CA GLN Q 198 -12.30 -29.22 6.52
C GLN Q 198 -12.30 -28.69 5.08
N TYR Q 199 -13.03 -29.38 4.20
CA TYR Q 199 -13.10 -29.02 2.79
C TYR Q 199 -13.24 -27.53 2.50
N ASP Q 200 -12.50 -27.08 1.50
CA ASP Q 200 -12.53 -25.71 1.01
C ASP Q 200 -12.41 -24.55 2.00
N LEU Q 201 -11.67 -24.75 3.09
CA LEU Q 201 -11.51 -23.70 4.09
C LEU Q 201 -10.39 -22.70 3.79
N LEU Q 202 -9.41 -23.09 2.97
CA LEU Q 202 -8.30 -22.18 2.66
C LEU Q 202 -8.79 -20.91 1.99
N GLU Q 203 -9.60 -21.04 0.94
CA GLU Q 203 -10.11 -19.87 0.25
C GLU Q 203 -11.00 -19.06 1.17
N ASP Q 204 -11.84 -19.75 1.95
CA ASP Q 204 -12.74 -19.08 2.88
C ASP Q 204 -11.93 -18.21 3.84
N GLY Q 205 -10.84 -18.78 4.35
CA GLY Q 205 -9.99 -18.05 5.28
C GLY Q 205 -9.24 -16.89 4.64
N LEU Q 206 -8.69 -17.11 3.45
CA LEU Q 206 -7.95 -16.06 2.76
C LEU Q 206 -8.85 -14.87 2.47
N LYS Q 207 -10.15 -15.13 2.32
CA LYS Q 207 -11.10 -14.07 2.02
C LYS Q 207 -11.68 -13.39 3.26
N HIS Q 208 -11.91 -14.14 4.33
CA HIS Q 208 -12.55 -13.59 5.52
C HIS Q 208 -11.83 -13.57 6.86
N ALA Q 209 -10.73 -14.28 6.99
CA ALA Q 209 -10.03 -14.33 8.27
C ALA Q 209 -9.48 -13.00 8.77
N GLU Q 210 -9.69 -12.72 10.06
CA GLU Q 210 -9.18 -11.50 10.68
C GLU Q 210 -8.31 -11.93 11.86
N MET Q 211 -8.58 -13.12 12.37
CA MET Q 211 -7.84 -13.67 13.49
C MET Q 211 -7.98 -15.19 13.55
N ILE Q 212 -6.89 -15.86 13.91
CA ILE Q 212 -6.88 -17.30 14.05
C ILE Q 212 -6.35 -17.68 15.43
N VAL Q 213 -7.13 -18.47 16.16
CA VAL Q 213 -6.72 -18.91 17.48
C VAL Q 213 -6.22 -20.35 17.41
N PHE Q 214 -4.90 -20.51 17.56
CA PHE Q 214 -4.26 -21.83 17.53
C PHE Q 214 -4.26 -22.37 18.95
N TRP Q 215 -5.16 -23.31 19.23
CA TRP Q 215 -5.30 -23.90 20.54
C TRP Q 215 -4.75 -25.32 20.47
N SER Q 216 -3.67 -25.59 21.21
CA SER Q 216 -3.04 -26.91 21.18
C SER Q 216 -2.70 -27.23 19.73
N SER Q 217 -2.22 -26.22 19.01
CA SER Q 217 -1.92 -26.38 17.59
C SER Q 217 -0.52 -25.88 17.21
N ASP Q 218 0.27 -26.76 16.60
CA ASP Q 218 1.62 -26.44 16.15
C ASP Q 218 1.70 -26.97 14.72
N PRO Q 219 1.10 -26.24 13.76
CA PRO Q 219 1.06 -26.58 12.34
C PRO Q 219 2.41 -26.91 11.69
N GLU Q 220 3.42 -26.13 12.02
CA GLU Q 220 4.76 -26.34 11.45
C GLU Q 220 5.33 -27.71 11.84
N THR Q 221 5.28 -28.02 13.12
CA THR Q 221 5.81 -29.28 13.63
C THR Q 221 5.06 -30.51 13.11
N ASN Q 222 3.76 -30.56 13.37
CA ASN Q 222 2.94 -31.70 12.97
C ASN Q 222 2.49 -31.73 11.52
N SER Q 223 2.32 -30.55 10.92
CA SER Q 223 1.87 -30.41 9.51
C SER Q 223 0.51 -31.06 9.30
N GLY Q 224 -0.21 -31.29 10.39
CA GLY Q 224 -1.47 -32.00 10.30
C GLY Q 224 -0.90 -33.39 10.47
N ILE Q 225 -0.38 -33.93 9.37
CA ILE Q 225 0.29 -35.23 9.36
C ILE Q 225 0.78 -35.56 7.94
N TYR Q 226 1.99 -36.13 7.87
CA TYR Q 226 2.61 -36.52 6.61
C TYR Q 226 2.76 -35.42 5.57
N ALA Q 227 2.57 -34.16 5.95
CA ALA Q 227 2.64 -33.09 4.96
C ALA Q 227 3.83 -32.14 4.97
N GLY Q 228 4.98 -32.60 5.43
CA GLY Q 228 6.18 -31.76 5.45
C GLY Q 228 5.95 -30.35 5.96
N PHE Q 229 6.16 -29.36 5.09
CA PHE Q 229 5.95 -27.96 5.45
C PHE Q 229 5.10 -27.28 4.38
N GLU Q 230 4.09 -28.00 3.91
CA GLU Q 230 3.19 -27.51 2.87
C GLU Q 230 2.38 -26.27 3.22
N SER Q 231 1.95 -26.15 4.46
CA SER Q 231 1.12 -25.01 4.86
C SER Q 231 1.86 -23.75 5.32
N ASN Q 232 3.19 -23.80 5.37
CA ASN Q 232 3.94 -22.63 5.82
C ASN Q 232 3.65 -21.35 5.04
N ILE Q 233 3.53 -21.44 3.72
CA ILE Q 233 3.27 -20.25 2.92
C ILE Q 233 1.85 -19.73 3.09
N ARG Q 234 0.90 -20.61 3.43
CA ARG Q 234 -0.47 -20.19 3.62
C ARG Q 234 -0.60 -19.26 4.83
N ARG Q 235 0.06 -19.61 5.93
CA ARG Q 235 0.01 -18.76 7.12
C ARG Q 235 0.78 -17.47 6.83
N GLN Q 236 1.75 -17.55 5.92
CA GLN Q 236 2.53 -16.38 5.54
C GLN Q 236 1.57 -15.43 4.81
N TRP Q 237 0.72 -16.01 3.96
CA TRP Q 237 -0.27 -15.23 3.22
C TRP Q 237 -1.22 -14.53 4.20
N LEU Q 238 -1.78 -15.32 5.11
CA LEU Q 238 -2.71 -14.78 6.10
C LEU Q 238 -2.03 -13.69 6.90
N LYS Q 239 -0.80 -13.98 7.34
CA LYS Q 239 -0.01 -13.03 8.12
C LYS Q 239 0.12 -11.69 7.40
N ASP Q 240 0.51 -11.74 6.13
CA ASP Q 240 0.69 -10.53 5.34
C ASP Q 240 -0.64 -9.84 5.02
N LEU Q 241 -1.75 -10.56 5.18
CA LEU Q 241 -3.07 -10.00 4.95
C LEU Q 241 -3.55 -9.29 6.21
N GLY Q 242 -2.74 -9.35 7.27
CA GLY Q 242 -3.11 -8.70 8.52
C GLY Q 242 -3.84 -9.55 9.53
N VAL Q 243 -3.93 -10.86 9.27
CA VAL Q 243 -4.62 -11.77 10.19
C VAL Q 243 -3.78 -12.01 11.44
N ASP Q 244 -4.38 -11.82 12.62
CA ASP Q 244 -3.66 -12.03 13.88
C ASP Q 244 -3.58 -13.49 14.28
N PHE Q 245 -2.45 -13.88 14.84
CA PHE Q 245 -2.22 -15.25 15.28
C PHE Q 245 -2.07 -15.32 16.80
N VAL Q 246 -2.96 -16.04 17.46
CA VAL Q 246 -2.88 -16.20 18.91
C VAL Q 246 -2.68 -17.69 19.19
N PHE Q 247 -1.70 -18.00 20.05
CA PHE Q 247 -1.40 -19.38 20.39
C PHE Q 247 -1.60 -19.71 21.86
N ILE Q 248 -2.43 -20.72 22.13
CA ILE Q 248 -2.70 -21.16 23.49
C ILE Q 248 -2.07 -22.55 23.58
N ASP Q 249 -0.96 -22.63 24.30
CA ASP Q 249 -0.21 -23.87 24.41
C ASP Q 249 0.74 -23.73 25.60
N PRO Q 250 0.76 -24.71 26.52
CA PRO Q 250 1.65 -24.62 27.68
C PRO Q 250 3.08 -24.33 27.22
N HIS Q 251 3.42 -24.84 26.04
CA HIS Q 251 4.74 -24.63 25.46
C HIS Q 251 4.66 -23.68 24.27
N MET Q 252 5.56 -22.71 24.21
CA MET Q 252 5.56 -21.79 23.08
C MET Q 252 6.08 -22.64 21.94
N ASN Q 253 5.16 -23.33 21.26
CA ASN Q 253 5.53 -24.23 20.17
C ASN Q 253 6.24 -23.55 19.01
N HIS Q 254 6.73 -24.36 18.07
CA HIS Q 254 7.48 -23.84 16.95
C HIS Q 254 6.74 -22.91 16.00
N THR Q 255 5.44 -23.11 15.85
CA THR Q 255 4.67 -22.22 14.98
C THR Q 255 4.59 -20.88 15.70
N ALA Q 256 4.32 -20.94 17.00
CA ALA Q 256 4.21 -19.73 17.81
C ALA Q 256 5.54 -18.99 17.87
N ARG Q 257 6.65 -19.71 17.94
CA ARG Q 257 7.97 -19.09 17.99
C ARG Q 257 8.24 -18.32 16.69
N LEU Q 258 7.56 -18.72 15.63
CA LEU Q 258 7.74 -18.11 14.32
C LEU Q 258 6.80 -16.97 13.97
N VAL Q 259 5.50 -17.13 14.23
CA VAL Q 259 4.52 -16.10 13.85
C VAL Q 259 3.48 -15.67 14.89
N ALA Q 260 3.65 -16.06 16.15
CA ALA Q 260 2.68 -15.70 17.17
C ALA Q 260 2.58 -14.21 17.45
N ASP Q 261 1.36 -13.72 17.54
CA ASP Q 261 1.13 -12.32 17.87
C ASP Q 261 0.97 -12.27 19.38
N LYS Q 262 0.53 -13.40 19.96
CA LYS Q 262 0.37 -13.50 21.41
C LYS Q 262 0.34 -14.97 21.79
N TRP Q 263 0.94 -15.26 22.94
CA TRP Q 263 1.01 -16.63 23.43
C TRP Q 263 0.47 -16.73 24.85
N PHE Q 264 -0.33 -17.78 25.09
CA PHE Q 264 -0.90 -18.07 26.40
C PHE Q 264 -0.29 -19.41 26.81
N SER Q 265 0.15 -19.53 28.06
CA SER Q 265 0.72 -20.80 28.52
C SER Q 265 -0.12 -21.35 29.67
N PRO Q 266 -1.22 -22.04 29.37
CA PRO Q 266 -2.05 -22.58 30.44
C PRO Q 266 -1.42 -23.79 31.13
N LYS Q 267 -1.56 -23.87 32.45
CA LYS Q 267 -1.01 -24.99 33.20
C LYS Q 267 -1.62 -26.26 32.60
N ILE Q 268 -0.92 -27.39 32.70
CA ILE Q 268 -1.44 -28.62 32.12
C ILE Q 268 -2.84 -28.96 32.67
N GLY Q 269 -3.68 -29.51 31.80
CA GLY Q 269 -5.03 -29.88 32.18
C GLY Q 269 -5.99 -28.76 32.56
N THR Q 270 -5.72 -27.53 32.11
CA THR Q 270 -6.62 -26.43 32.49
C THR Q 270 -7.21 -25.62 31.33
N ASP Q 271 -7.11 -26.12 30.11
CA ASP Q 271 -7.65 -25.40 28.96
C ASP Q 271 -9.14 -25.11 29.00
N HIS Q 272 -9.95 -26.08 29.43
CA HIS Q 272 -11.39 -25.87 29.47
C HIS Q 272 -11.81 -24.76 30.43
N ALA Q 273 -10.88 -24.35 31.28
CA ALA Q 273 -11.18 -23.26 32.20
C ALA Q 273 -11.20 -21.98 31.37
N LEU Q 274 -10.33 -21.90 30.37
CA LEU Q 274 -10.30 -20.72 29.51
C LEU Q 274 -11.50 -20.71 28.58
N SER Q 275 -11.83 -21.88 28.01
CA SER Q 275 -12.96 -21.96 27.10
C SER Q 275 -14.25 -21.61 27.84
N PHE Q 276 -14.34 -22.03 29.10
CA PHE Q 276 -15.54 -21.71 29.88
C PHE Q 276 -15.61 -20.22 30.19
N ALA Q 277 -14.47 -19.61 30.49
CA ALA Q 277 -14.42 -18.17 30.80
C ALA Q 277 -14.69 -17.34 29.55
N ILE Q 278 -14.28 -17.85 28.40
CA ILE Q 278 -14.51 -17.14 27.15
C ILE Q 278 -15.99 -17.19 26.83
N ALA Q 279 -16.60 -18.35 27.06
CA ALA Q 279 -18.04 -18.51 26.80
C ALA Q 279 -18.80 -17.62 27.77
N TYR Q 280 -18.33 -17.56 29.01
CA TYR Q 280 -18.96 -16.74 30.03
C TYR Q 280 -19.04 -15.29 29.58
N THR Q 281 -17.93 -14.80 29.03
CA THR Q 281 -17.86 -13.42 28.56
C THR Q 281 -18.88 -13.17 27.45
N TRP Q 282 -18.98 -14.12 26.53
CA TRP Q 282 -19.91 -13.99 25.42
C TRP Q 282 -21.35 -13.95 25.91
N LEU Q 283 -21.65 -14.76 26.93
CA LEU Q 283 -23.00 -14.79 27.49
C LEU Q 283 -23.31 -13.46 28.18
N LYS Q 284 -22.38 -12.99 29.01
CA LYS Q 284 -22.57 -11.74 29.74
C LYS Q 284 -22.62 -10.52 28.83
N GLU Q 285 -21.95 -10.59 27.69
CA GLU Q 285 -21.92 -9.46 26.77
C GLU Q 285 -22.75 -9.64 25.49
N ASP Q 286 -23.52 -10.72 25.42
CA ASP Q 286 -24.35 -10.98 24.23
C ASP Q 286 -23.50 -10.95 22.98
N SER Q 287 -22.24 -11.37 23.09
CA SER Q 287 -21.35 -11.36 21.95
C SER Q 287 -21.20 -12.70 21.25
N TYR Q 288 -22.31 -13.24 20.75
CA TYR Q 288 -22.27 -14.51 20.01
C TYR Q 288 -23.47 -14.62 19.07
N ASP Q 289 -23.41 -15.60 18.17
CA ASP Q 289 -24.49 -15.79 17.20
C ASP Q 289 -25.67 -16.51 17.85
N LYS Q 290 -26.56 -15.74 18.46
CA LYS Q 290 -27.74 -16.29 19.12
C LYS Q 290 -28.66 -17.05 18.16
N GLU Q 291 -28.94 -16.45 17.01
CA GLU Q 291 -29.81 -17.08 16.02
C GLU Q 291 -29.29 -18.48 15.71
N TYR Q 292 -27.99 -18.57 15.47
CA TYR Q 292 -27.33 -19.84 15.17
C TYR Q 292 -27.51 -20.87 16.27
N VAL Q 293 -27.18 -20.50 17.50
CA VAL Q 293 -27.31 -21.40 18.64
C VAL Q 293 -28.76 -21.85 18.83
N ALA Q 294 -29.69 -20.92 18.71
CA ALA Q 294 -31.11 -21.23 18.87
C ALA Q 294 -31.55 -22.33 17.92
N ALA Q 295 -30.98 -22.35 16.73
CA ALA Q 295 -31.35 -23.33 15.71
C ALA Q 295 -30.49 -24.59 15.67
N ASN Q 296 -29.21 -24.48 16.03
CA ASN Q 296 -28.33 -25.63 15.94
C ASN Q 296 -27.83 -26.26 17.25
N ALA Q 297 -28.18 -25.70 18.40
CA ALA Q 297 -27.71 -26.25 19.66
C ALA Q 297 -28.83 -26.93 20.45
N HIS Q 298 -28.44 -27.88 21.29
CA HIS Q 298 -29.39 -28.62 22.13
C HIS Q 298 -28.90 -28.61 23.58
N GLY Q 299 -29.80 -28.23 24.49
CA GLY Q 299 -29.45 -28.17 25.90
C GLY Q 299 -28.57 -26.97 26.20
N PHE Q 300 -28.62 -25.97 25.34
CA PHE Q 300 -27.81 -24.77 25.53
C PHE Q 300 -28.25 -23.93 26.72
N GLU Q 301 -29.56 -23.80 26.92
CA GLU Q 301 -30.08 -23.02 28.03
C GLU Q 301 -29.50 -23.56 29.34
N GLU Q 302 -29.56 -24.88 29.53
CA GLU Q 302 -29.04 -25.49 30.74
C GLU Q 302 -27.53 -25.27 30.88
N TRP Q 303 -26.81 -25.40 29.78
CA TRP Q 303 -25.36 -25.20 29.78
C TRP Q 303 -25.02 -23.78 30.21
N ALA Q 304 -25.68 -22.80 29.57
CA ALA Q 304 -25.45 -21.40 29.87
C ALA Q 304 -25.63 -21.11 31.36
N ASP Q 305 -26.61 -21.75 31.99
CA ASP Q 305 -26.84 -21.55 33.42
C ASP Q 305 -25.66 -22.09 34.23
N TYR Q 306 -25.00 -23.12 33.71
CA TYR Q 306 -23.84 -23.70 34.37
C TYR Q 306 -22.65 -22.76 34.19
N VAL Q 307 -22.49 -22.26 32.97
CA VAL Q 307 -21.38 -21.34 32.69
C VAL Q 307 -21.52 -20.12 33.58
N LEU Q 308 -22.77 -19.65 33.74
CA LEU Q 308 -23.05 -18.48 34.57
C LEU Q 308 -22.95 -18.78 36.05
N GLY Q 309 -22.77 -20.07 36.37
CA GLY Q 309 -22.63 -20.47 37.76
C GLY Q 309 -23.91 -20.54 38.57
N LYS Q 310 -25.05 -20.44 37.93
CA LYS Q 310 -26.32 -20.50 38.64
C LYS Q 310 -26.54 -21.85 39.32
N THR Q 311 -26.29 -22.91 38.57
CA THR Q 311 -26.51 -24.25 39.08
C THR Q 311 -25.44 -24.83 39.99
N ASP Q 312 -24.18 -24.43 39.83
CA ASP Q 312 -23.12 -24.97 40.68
C ASP Q 312 -22.59 -23.95 41.69
N GLY Q 313 -22.98 -22.69 41.54
CA GLY Q 313 -22.55 -21.64 42.46
C GLY Q 313 -21.24 -20.97 42.10
N THR Q 314 -20.68 -21.28 40.93
CA THR Q 314 -19.41 -20.67 40.53
C THR Q 314 -19.40 -20.08 39.13
N PRO Q 315 -19.62 -18.75 39.03
CA PRO Q 315 -19.59 -18.12 37.71
C PRO Q 315 -18.22 -18.39 37.09
N LYS Q 316 -18.18 -18.76 35.82
CA LYS Q 316 -16.92 -19.07 35.15
C LYS Q 316 -16.26 -17.81 34.57
N THR Q 317 -15.87 -16.90 35.45
CA THR Q 317 -15.23 -15.66 35.05
C THR Q 317 -13.79 -15.88 34.61
N CYS Q 318 -13.22 -14.88 33.94
CA CYS Q 318 -11.85 -14.95 33.49
C CYS Q 318 -10.92 -15.04 34.71
N GLU Q 319 -11.31 -14.39 35.81
CA GLU Q 319 -10.49 -14.44 37.01
C GLU Q 319 -10.47 -15.87 37.58
N TRP Q 320 -11.61 -16.54 37.53
CA TRP Q 320 -11.71 -17.92 37.98
C TRP Q 320 -10.81 -18.77 37.09
N ALA Q 321 -10.85 -18.48 35.79
CA ALA Q 321 -10.04 -19.22 34.82
C ALA Q 321 -8.55 -18.94 35.05
N GLU Q 322 -8.23 -17.71 35.45
CA GLU Q 322 -6.84 -17.37 35.70
C GLU Q 322 -6.30 -18.20 36.87
N GLU Q 323 -7.07 -18.25 37.96
CA GLU Q 323 -6.66 -18.98 39.14
C GLU Q 323 -6.46 -20.46 38.84
N GLU Q 324 -7.12 -20.95 37.79
CA GLU Q 324 -6.99 -22.36 37.40
C GLU Q 324 -5.79 -22.61 36.49
N SER Q 325 -5.66 -21.78 35.46
CA SER Q 325 -4.60 -21.94 34.47
C SER Q 325 -3.34 -21.10 34.63
N GLY Q 326 -3.46 -19.96 35.28
CA GLY Q 326 -2.29 -19.10 35.43
C GLY Q 326 -2.24 -18.06 34.32
N VAL Q 327 -3.20 -18.10 33.41
CA VAL Q 327 -3.26 -17.14 32.32
C VAL Q 327 -3.97 -15.87 32.80
N PRO Q 328 -3.35 -14.70 32.62
CA PRO Q 328 -3.97 -13.44 33.06
C PRO Q 328 -5.42 -13.27 32.62
N ALA Q 329 -6.30 -13.02 33.59
CA ALA Q 329 -7.72 -12.84 33.34
C ALA Q 329 -7.99 -11.78 32.27
N CYS Q 330 -7.30 -10.64 32.36
CA CYS Q 330 -7.50 -9.57 31.40
C CYS Q 330 -7.23 -10.06 29.98
N GLU Q 331 -6.18 -10.86 29.81
CA GLU Q 331 -5.84 -11.36 28.48
C GLU Q 331 -6.90 -12.34 27.98
N ILE Q 332 -7.44 -13.16 28.87
CA ILE Q 332 -8.47 -14.10 28.46
C ILE Q 332 -9.70 -13.33 27.97
N ARG Q 333 -10.05 -12.28 28.70
CA ARG Q 333 -11.20 -11.45 28.32
C ARG Q 333 -10.96 -10.68 27.04
N ALA Q 334 -9.73 -10.20 26.85
CA ALA Q 334 -9.38 -9.46 25.65
C ALA Q 334 -9.57 -10.37 24.45
N LEU Q 335 -9.13 -11.62 24.59
CA LEU Q 335 -9.27 -12.60 23.51
C LEU Q 335 -10.74 -12.91 23.23
N ALA Q 336 -11.53 -13.08 24.29
CA ALA Q 336 -12.95 -13.38 24.12
C ALA Q 336 -13.66 -12.24 23.39
N ARG Q 337 -13.32 -11.01 23.76
CA ARG Q 337 -13.94 -9.86 23.12
C ARG Q 337 -13.53 -9.72 21.66
N GLN Q 338 -12.24 -9.95 21.38
CA GLN Q 338 -11.74 -9.83 20.01
C GLN Q 338 -12.26 -11.00 19.17
N TRP Q 339 -12.32 -12.17 19.78
CA TRP Q 339 -12.80 -13.37 19.11
C TRP Q 339 -14.26 -13.15 18.69
N ALA Q 340 -15.04 -12.53 19.56
CA ALA Q 340 -16.44 -12.26 19.26
C ALA Q 340 -16.69 -11.24 18.14
N LYS Q 341 -15.93 -10.16 18.13
CA LYS Q 341 -16.15 -9.14 17.10
C LYS Q 341 -15.39 -9.26 15.78
N LYS Q 342 -14.47 -10.22 15.69
CA LYS Q 342 -13.71 -10.39 14.46
C LYS Q 342 -14.03 -11.74 13.83
N ASN Q 343 -13.75 -11.88 12.53
CA ASN Q 343 -13.96 -13.15 11.84
C ASN Q 343 -12.84 -14.04 12.34
N THR Q 344 -13.16 -14.89 13.30
CA THR Q 344 -12.16 -15.76 13.92
C THR Q 344 -12.33 -17.25 13.66
N TYR Q 345 -11.25 -17.89 13.24
CA TYR Q 345 -11.24 -19.33 13.01
C TYR Q 345 -10.51 -19.97 14.18
N LEU Q 346 -11.10 -21.04 14.71
CA LEU Q 346 -10.49 -21.76 15.82
C LEU Q 346 -9.60 -22.89 15.30
N ALA Q 347 -8.29 -22.73 15.45
CA ALA Q 347 -7.37 -23.75 15.02
C ALA Q 347 -7.11 -24.71 16.20
N ALA Q 348 -8.09 -25.59 16.46
CA ALA Q 348 -8.00 -26.57 17.53
C ALA Q 348 -7.18 -27.75 16.98
N GLY Q 349 -6.02 -28.01 17.56
CA GLY Q 349 -5.19 -29.09 17.07
C GLY Q 349 -4.51 -28.64 15.79
N GLY Q 350 -3.54 -29.40 15.30
CA GLY Q 350 -2.83 -29.00 14.10
C GLY Q 350 -3.45 -29.50 12.81
N LEU Q 351 -4.46 -30.35 12.92
CA LEU Q 351 -5.12 -30.92 11.74
C LEU Q 351 -6.49 -30.32 11.48
N GLY Q 352 -7.12 -29.82 12.53
CA GLY Q 352 -8.49 -29.34 12.44
C GLY Q 352 -9.04 -30.52 13.20
N GLY Q 353 -8.89 -30.45 14.52
CA GLY Q 353 -9.29 -31.54 15.37
C GLY Q 353 -7.94 -32.03 15.90
N TRP Q 354 -7.95 -33.11 16.67
CA TRP Q 354 -6.72 -33.62 17.27
C TRP Q 354 -6.23 -32.55 18.25
N GLY Q 355 -4.93 -32.57 18.54
CA GLY Q 355 -4.36 -31.63 19.49
C GLY Q 355 -3.91 -32.41 20.71
N GLY Q 356 -2.71 -32.15 21.22
CA GLY Q 356 -2.22 -32.89 22.35
C GLY Q 356 -3.19 -32.81 23.51
N ALA Q 357 -3.85 -31.66 23.66
CA ALA Q 357 -4.82 -31.43 24.73
C ALA Q 357 -5.93 -32.49 24.75
N CYS Q 358 -6.18 -33.11 23.60
CA CYS Q 358 -7.25 -34.11 23.53
C CYS Q 358 -6.87 -35.46 24.12
N ARG Q 359 -5.57 -35.73 24.25
CA ARG Q 359 -5.14 -37.00 24.85
C ARG Q 359 -4.39 -36.66 26.15
N ALA Q 360 -5.19 -36.27 27.13
CA ALA Q 360 -4.76 -35.86 28.45
C ALA Q 360 -5.95 -36.12 29.37
N SER Q 361 -5.78 -35.95 30.67
CA SER Q 361 -6.89 -36.20 31.58
C SER Q 361 -8.08 -35.25 31.40
N HIS Q 362 -7.89 -34.13 30.71
CA HIS Q 362 -8.99 -33.18 30.48
C HIS Q 362 -9.40 -33.14 29.01
N GLY Q 363 -8.90 -34.09 28.24
CA GLY Q 363 -9.17 -34.16 26.81
C GLY Q 363 -10.62 -34.09 26.35
N ILE Q 364 -11.52 -34.71 27.10
CA ILE Q 364 -12.93 -34.71 26.74
C ILE Q 364 -13.51 -33.30 26.79
N GLU Q 365 -13.31 -32.63 27.92
CA GLU Q 365 -13.83 -31.28 28.09
C GLU Q 365 -13.10 -30.25 27.22
N TRP Q 366 -11.84 -30.52 26.87
CA TRP Q 366 -11.15 -29.58 26.00
C TRP Q 366 -11.81 -29.64 24.63
N ALA Q 367 -11.99 -30.86 24.13
CA ALA Q 367 -12.62 -31.07 22.83
C ALA Q 367 -14.03 -30.50 22.77
N ARG Q 368 -14.85 -30.82 23.78
CA ARG Q 368 -16.21 -30.30 23.80
C ARG Q 368 -16.19 -28.79 23.96
N GLY Q 369 -15.19 -28.30 24.69
CA GLY Q 369 -15.05 -26.87 24.88
C GLY Q 369 -14.76 -26.16 23.58
N MET Q 370 -13.97 -26.79 22.71
CA MET Q 370 -13.63 -26.20 21.42
C MET Q 370 -14.88 -26.20 20.53
N ILE Q 371 -15.67 -27.26 20.61
CA ILE Q 371 -16.90 -27.38 19.84
C ILE Q 371 -17.88 -26.30 20.29
N ALA Q 372 -17.97 -26.11 21.60
CA ALA Q 372 -18.86 -25.11 22.17
C ALA Q 372 -18.54 -23.70 21.67
N LEU Q 373 -17.27 -23.34 21.72
CA LEU Q 373 -16.83 -22.03 21.27
C LEU Q 373 -17.11 -21.82 19.79
N ALA Q 374 -16.61 -22.74 18.96
CA ALA Q 374 -16.82 -22.62 17.52
C ALA Q 374 -18.32 -22.55 17.22
N THR Q 375 -19.10 -23.29 18.00
CA THR Q 375 -20.55 -23.32 17.84
C THR Q 375 -21.19 -21.96 18.17
N MET Q 376 -20.85 -21.42 19.33
CA MET Q 376 -21.39 -20.14 19.76
C MET Q 376 -21.10 -19.02 18.76
N GLN Q 377 -20.03 -19.17 17.99
CA GLN Q 377 -19.68 -18.17 16.98
C GLN Q 377 -20.20 -18.53 15.59
N GLY Q 378 -21.02 -19.58 15.51
CA GLY Q 378 -21.62 -19.99 14.25
C GLY Q 378 -20.68 -20.60 13.22
N MET Q 379 -20.00 -21.68 13.58
CA MET Q 379 -19.07 -22.32 12.66
C MET Q 379 -19.78 -22.75 11.38
N GLY Q 380 -19.14 -22.50 10.24
CA GLY Q 380 -19.71 -22.85 8.96
C GLY Q 380 -19.99 -21.63 8.10
N LYS Q 381 -20.32 -20.52 8.73
CA LYS Q 381 -20.59 -19.30 7.99
C LYS Q 381 -19.27 -18.63 7.63
N PRO Q 382 -19.26 -17.80 6.58
CA PRO Q 382 -18.03 -17.10 6.14
C PRO Q 382 -17.34 -16.38 7.29
N GLY Q 383 -16.04 -16.57 7.40
CA GLY Q 383 -15.29 -15.90 8.47
C GLY Q 383 -15.39 -16.53 9.84
N SER Q 384 -16.12 -17.63 9.96
CA SER Q 384 -16.26 -18.30 11.25
C SER Q 384 -16.31 -19.82 11.12
N ASN Q 385 -15.33 -20.50 11.72
CA ASN Q 385 -15.28 -21.95 11.65
C ASN Q 385 -14.12 -22.49 12.46
N MET Q 386 -13.99 -23.81 12.44
CA MET Q 386 -12.90 -24.49 13.10
C MET Q 386 -11.99 -24.82 11.91
N TRP Q 387 -10.80 -24.23 11.89
CA TRP Q 387 -9.84 -24.43 10.81
C TRP Q 387 -8.44 -24.24 11.40
N SER Q 388 -7.55 -25.19 11.18
CA SER Q 388 -6.20 -25.11 11.72
C SER Q 388 -5.15 -24.68 10.69
N THR Q 389 -5.63 -24.23 9.54
CA THR Q 389 -4.80 -23.76 8.42
C THR Q 389 -3.96 -24.81 7.71
N THR Q 390 -4.17 -26.08 8.04
CA THR Q 390 -3.42 -27.15 7.40
C THR Q 390 -4.21 -27.86 6.29
N GLN Q 391 -5.53 -27.94 6.44
CA GLN Q 391 -6.35 -28.58 5.41
C GLN Q 391 -7.16 -27.50 4.71
N GLY Q 392 -8.08 -27.91 3.85
CA GLY Q 392 -8.91 -26.94 3.14
C GLY Q 392 -8.38 -26.47 1.80
N VAL Q 393 -7.23 -27.00 1.38
CA VAL Q 393 -6.65 -26.64 0.10
C VAL Q 393 -7.61 -27.10 -0.99
N PRO Q 394 -7.87 -26.23 -1.98
CA PRO Q 394 -8.77 -26.44 -3.12
C PRO Q 394 -8.39 -27.55 -4.11
N LEU Q 395 -7.87 -28.66 -3.61
CA LEU Q 395 -7.49 -29.75 -4.51
C LEU Q 395 -8.76 -30.42 -5.06
N ASP Q 396 -8.63 -31.19 -6.13
CA ASP Q 396 -9.79 -31.84 -6.74
C ASP Q 396 -10.27 -33.05 -5.94
N TYR Q 397 -11.26 -32.81 -5.08
CA TYR Q 397 -11.84 -33.86 -4.24
C TYR Q 397 -12.57 -34.92 -5.06
N GLU Q 398 -12.87 -34.59 -6.32
CA GLU Q 398 -13.58 -35.52 -7.20
C GLU Q 398 -12.70 -36.66 -7.69
N PHE Q 399 -11.41 -36.37 -7.88
CA PHE Q 399 -10.47 -37.40 -8.34
C PHE Q 399 -10.31 -38.41 -7.21
N TYR Q 400 -10.31 -39.70 -7.57
CA TYR Q 400 -10.19 -40.73 -6.55
C TYR Q 400 -8.91 -41.56 -6.54
N PHE Q 401 -8.23 -41.51 -5.41
CA PHE Q 401 -7.03 -42.30 -5.19
C PHE Q 401 -7.07 -42.68 -3.71
N PRO Q 402 -6.97 -43.97 -3.40
CA PRO Q 402 -7.03 -44.50 -2.03
C PRO Q 402 -5.94 -44.04 -1.08
N GLY Q 403 -6.32 -43.83 0.18
CA GLY Q 403 -5.37 -43.47 1.20
C GLY Q 403 -4.94 -44.84 1.71
N TYR Q 404 -3.86 -44.92 2.48
CA TYR Q 404 -3.41 -46.23 2.96
C TYR Q 404 -4.42 -46.92 3.87
N ALA Q 405 -5.23 -46.14 4.57
CA ALA Q 405 -6.23 -46.71 5.48
C ALA Q 405 -7.34 -47.47 4.77
N GLU Q 406 -7.42 -47.33 3.46
CA GLU Q 406 -8.47 -48.02 2.72
C GLU Q 406 -8.23 -49.51 2.51
N GLY Q 407 -7.22 -50.06 3.19
CA GLY Q 407 -6.97 -51.49 3.13
C GLY Q 407 -6.08 -52.15 2.08
N GLY Q 408 -5.68 -51.42 1.06
CA GLY Q 408 -4.82 -52.01 0.05
C GLY Q 408 -5.21 -53.40 -0.44
N ILE Q 409 -4.29 -54.35 -0.33
CA ILE Q 409 -4.54 -55.71 -0.81
C ILE Q 409 -5.27 -56.63 0.17
N SER Q 410 -5.63 -56.13 1.34
CA SER Q 410 -6.32 -56.96 2.31
C SER Q 410 -7.82 -57.02 2.08
N GLY Q 411 -8.41 -55.87 1.78
CA GLY Q 411 -9.84 -55.81 1.55
C GLY Q 411 -10.60 -56.07 2.85
N ASP Q 412 -9.95 -55.82 3.98
CA ASP Q 412 -10.57 -56.04 5.30
C ASP Q 412 -11.64 -54.98 5.55
N CYS Q 413 -12.90 -55.36 5.29
CA CYS Q 413 -14.04 -54.46 5.46
C CYS Q 413 -14.33 -53.96 6.88
N GLU Q 414 -13.73 -54.59 7.89
CA GLU Q 414 -14.00 -54.15 9.25
C GLU Q 414 -12.81 -53.44 9.91
N ASN Q 415 -11.59 -53.82 9.55
CA ASN Q 415 -10.42 -53.20 10.15
C ASN Q 415 -9.69 -52.19 9.27
N SER Q 416 -10.34 -51.81 8.18
CA SER Q 416 -9.81 -50.81 7.25
C SER Q 416 -11.02 -50.15 6.60
N ALA Q 417 -10.81 -49.02 5.95
CA ALA Q 417 -11.91 -48.32 5.29
C ALA Q 417 -12.14 -48.86 3.89
N ALA Q 418 -11.73 -50.12 3.67
CA ALA Q 418 -11.88 -50.76 2.36
C ALA Q 418 -13.34 -50.81 1.89
N GLY Q 419 -14.26 -50.98 2.83
CA GLY Q 419 -15.67 -51.07 2.48
C GLY Q 419 -16.28 -49.82 1.89
N PHE Q 420 -15.63 -48.67 2.06
CA PHE Q 420 -16.19 -47.43 1.53
C PHE Q 420 -16.19 -47.35 0.02
N LYS Q 421 -15.06 -47.68 -0.61
CA LYS Q 421 -14.98 -47.59 -2.05
C LYS Q 421 -13.90 -48.47 -2.70
N PHE Q 422 -12.75 -48.60 -2.03
CA PHE Q 422 -11.66 -49.38 -2.62
C PHE Q 422 -11.88 -50.88 -2.80
N ALA Q 423 -12.51 -51.53 -1.83
CA ALA Q 423 -12.72 -52.97 -1.94
C ALA Q 423 -13.54 -53.32 -3.19
N TRP Q 424 -14.55 -52.50 -3.48
CA TRP Q 424 -15.41 -52.74 -4.65
C TRP Q 424 -14.66 -52.55 -5.96
N ARG Q 425 -13.61 -51.73 -5.93
CA ARG Q 425 -12.83 -51.49 -7.13
C ARG Q 425 -11.69 -52.49 -7.27
N MET Q 426 -11.05 -52.81 -6.14
CA MET Q 426 -9.92 -53.73 -6.13
C MET Q 426 -10.26 -55.20 -6.40
N PHE Q 427 -11.35 -55.69 -5.84
CA PHE Q 427 -11.70 -57.09 -6.04
C PHE Q 427 -12.89 -57.28 -6.96
N ASP Q 428 -12.92 -58.40 -7.65
CA ASP Q 428 -13.97 -58.70 -8.62
C ASP Q 428 -14.80 -59.95 -8.35
N GLY Q 429 -14.56 -60.61 -7.22
CA GLY Q 429 -15.31 -61.82 -6.90
C GLY Q 429 -15.16 -62.87 -7.99
N LYS Q 430 -14.02 -62.85 -8.67
CA LYS Q 430 -13.76 -63.81 -9.74
C LYS Q 430 -12.30 -64.25 -9.81
N THR Q 431 -11.39 -63.29 -9.90
CA THR Q 431 -9.96 -63.60 -10.01
C THR Q 431 -9.10 -63.21 -8.82
N THR Q 432 -9.49 -62.17 -8.09
CA THR Q 432 -8.73 -61.71 -6.94
C THR Q 432 -9.66 -61.59 -5.75
N PHE Q 433 -9.21 -62.03 -4.57
CA PHE Q 433 -10.07 -62.00 -3.39
C PHE Q 433 -9.50 -61.36 -2.13
N PRO Q 434 -10.38 -60.75 -1.32
CA PRO Q 434 -10.03 -60.09 -0.07
C PRO Q 434 -9.60 -61.10 0.98
N SER Q 435 -9.17 -60.61 2.13
CA SER Q 435 -8.76 -61.48 3.22
C SER Q 435 -9.45 -61.01 4.49
N PRO Q 436 -10.67 -61.49 4.74
CA PRO Q 436 -11.47 -61.13 5.92
C PRO Q 436 -10.93 -61.82 7.18
N SER Q 437 -11.34 -61.32 8.32
CA SER Q 437 -10.94 -61.91 9.59
C SER Q 437 -12.17 -62.19 10.44
N ASN Q 438 -12.37 -63.45 10.79
CA ASN Q 438 -13.52 -63.82 11.61
C ASN Q 438 -13.14 -63.78 13.10
N LEU Q 439 -11.96 -63.25 13.39
CA LEU Q 439 -11.50 -63.11 14.77
C LEU Q 439 -11.39 -61.64 15.16
N ASN Q 440 -10.85 -60.83 14.26
CA ASN Q 440 -10.70 -59.40 14.53
C ASN Q 440 -12.02 -58.70 14.27
N THR Q 441 -13.02 -59.05 15.08
CA THR Q 441 -14.35 -58.51 14.96
C THR Q 441 -14.96 -58.43 16.36
N SER Q 442 -16.04 -57.68 16.51
CA SER Q 442 -16.66 -57.53 17.82
C SER Q 442 -17.10 -58.83 18.51
N ALA Q 443 -17.62 -59.78 17.75
CA ALA Q 443 -18.08 -61.05 18.33
C ALA Q 443 -16.92 -62.04 18.42
N GLY Q 444 -15.72 -61.56 18.09
CA GLY Q 444 -14.53 -62.40 18.16
C GLY Q 444 -13.73 -61.97 19.37
N GLN Q 445 -12.41 -61.91 19.22
CA GLN Q 445 -11.57 -61.49 20.34
C GLN Q 445 -10.47 -60.52 19.94
N HIS Q 446 -10.33 -59.48 20.73
CA HIS Q 446 -9.31 -58.47 20.54
C HIS Q 446 -9.05 -57.98 21.95
N ILE Q 447 -7.94 -57.27 22.16
CA ILE Q 447 -7.62 -56.70 23.46
C ILE Q 447 -7.14 -55.28 23.18
N PRO Q 448 -7.31 -54.38 24.16
CA PRO Q 448 -6.88 -52.99 23.96
C PRO Q 448 -5.37 -52.85 23.94
N ARG Q 449 -4.84 -52.08 23.00
CA ARG Q 449 -3.39 -51.89 22.93
C ARG Q 449 -2.87 -51.29 24.25
N LEU Q 450 -3.63 -50.36 24.84
CA LEU Q 450 -3.24 -49.71 26.10
C LEU Q 450 -3.21 -50.62 27.32
N LYS Q 451 -3.77 -51.82 27.20
CA LYS Q 451 -3.81 -52.74 28.32
C LYS Q 451 -3.29 -54.14 28.01
N ILE Q 452 -2.40 -54.23 27.02
CA ILE Q 452 -1.81 -55.51 26.65
C ILE Q 452 -1.10 -56.11 27.88
N PRO Q 453 -0.33 -55.27 28.61
CA PRO Q 453 0.39 -55.74 29.80
C PRO Q 453 -0.51 -56.36 30.86
N GLU Q 454 -1.68 -55.77 31.06
CA GLU Q 454 -2.63 -56.27 32.04
C GLU Q 454 -3.21 -57.59 31.58
N CYS Q 455 -3.54 -57.68 30.30
CA CYS Q 455 -4.11 -58.90 29.76
C CYS Q 455 -3.13 -60.06 29.88
N ILE Q 456 -1.87 -59.81 29.55
CA ILE Q 456 -0.83 -60.84 29.61
C ILE Q 456 -0.46 -61.27 31.03
N MET Q 457 -0.16 -60.31 31.89
CA MET Q 457 0.23 -60.62 33.26
C MET Q 457 -0.95 -60.91 34.17
N GLY Q 458 -2.11 -60.37 33.83
CA GLY Q 458 -3.29 -60.59 34.64
C GLY Q 458 -4.18 -61.69 34.10
N GLY Q 459 -4.14 -61.91 32.79
CA GLY Q 459 -4.97 -62.95 32.20
C GLY Q 459 -6.45 -62.59 32.17
N LYS Q 460 -6.75 -61.30 32.32
CA LYS Q 460 -8.13 -60.85 32.30
C LYS Q 460 -8.26 -59.34 32.21
N PHE Q 461 -9.36 -58.86 31.65
CA PHE Q 461 -9.60 -57.43 31.54
C PHE Q 461 -10.99 -57.18 30.94
N GLN Q 462 -11.56 -56.03 31.26
CA GLN Q 462 -12.88 -55.66 30.76
C GLN Q 462 -12.81 -54.18 30.41
N TRP Q 463 -13.34 -53.81 29.25
CA TRP Q 463 -13.26 -52.42 28.80
C TRP Q 463 -14.42 -52.01 27.89
N SER Q 464 -14.38 -50.75 27.47
CA SER Q 464 -15.41 -50.20 26.59
C SER Q 464 -14.87 -49.94 25.18
N GLY Q 465 -15.60 -50.45 24.19
CA GLY Q 465 -15.22 -50.25 22.80
C GLY Q 465 -14.12 -51.11 22.21
N LYS Q 466 -14.11 -51.18 20.88
CA LYS Q 466 -13.10 -51.94 20.15
C LYS Q 466 -12.34 -50.98 19.22
N GLY Q 467 -11.08 -50.73 19.54
CA GLY Q 467 -10.25 -49.86 18.72
C GLY Q 467 -10.87 -48.52 18.35
N PHE Q 468 -10.88 -48.21 17.04
CA PHE Q 468 -11.46 -46.97 16.53
C PHE Q 468 -12.94 -47.26 16.32
N ALA Q 469 -13.80 -46.79 17.23
CA ALA Q 469 -15.23 -47.04 17.09
C ALA Q 469 -15.90 -45.93 16.28
N GLY Q 470 -15.56 -45.84 15.00
CA GLY Q 470 -16.11 -44.79 14.15
C GLY Q 470 -17.40 -45.09 13.40
N GLY Q 471 -17.92 -46.30 13.54
CA GLY Q 471 -19.16 -46.65 12.86
C GLY Q 471 -20.33 -45.77 13.25
N ASP Q 472 -20.49 -45.54 14.55
CA ASP Q 472 -21.58 -44.71 15.07
C ASP Q 472 -21.16 -44.16 16.43
N ILE Q 473 -21.86 -43.13 16.89
CA ILE Q 473 -21.55 -42.50 18.17
C ILE Q 473 -21.45 -43.48 19.35
N SER Q 474 -22.45 -44.33 19.51
CA SER Q 474 -22.48 -45.27 20.62
C SER Q 474 -21.68 -46.58 20.52
N HIS Q 475 -20.99 -46.80 19.40
CA HIS Q 475 -20.22 -48.03 19.27
C HIS Q 475 -19.14 -48.15 20.35
N GLN Q 476 -18.52 -47.03 20.67
CA GLN Q 476 -17.46 -47.00 21.69
C GLN Q 476 -17.96 -47.40 23.06
N LEU Q 477 -19.28 -47.39 23.23
CA LEU Q 477 -19.88 -47.73 24.52
C LEU Q 477 -20.08 -49.23 24.72
N HIS Q 478 -19.96 -50.00 23.64
CA HIS Q 478 -20.14 -51.45 23.74
C HIS Q 478 -19.10 -52.09 24.68
N GLN Q 479 -19.56 -53.04 25.49
CA GLN Q 479 -18.69 -53.69 26.46
C GLN Q 479 -18.02 -54.97 25.97
N TYR Q 480 -16.72 -55.09 26.24
CA TYR Q 480 -15.93 -56.25 25.83
C TYR Q 480 -15.15 -56.83 27.02
N GLU Q 481 -14.64 -58.05 26.86
CA GLU Q 481 -13.87 -58.69 27.92
C GLU Q 481 -12.79 -59.60 27.37
N TYR Q 482 -11.77 -59.86 28.19
CA TYR Q 482 -10.68 -60.75 27.82
C TYR Q 482 -10.46 -61.76 28.95
N PRO Q 483 -10.41 -63.06 28.60
CA PRO Q 483 -10.55 -63.54 27.22
C PRO Q 483 -12.00 -63.42 26.79
N ALA Q 484 -12.24 -63.32 25.49
CA ALA Q 484 -13.60 -63.23 24.98
C ALA Q 484 -14.27 -64.58 25.21
N PRO Q 485 -15.60 -64.60 25.40
CA PRO Q 485 -16.32 -65.85 25.64
C PRO Q 485 -15.98 -66.95 24.64
N GLY Q 486 -15.47 -68.07 25.16
CA GLY Q 486 -15.13 -69.18 24.29
C GLY Q 486 -13.73 -69.14 23.68
N TYR Q 487 -13.08 -67.99 23.73
CA TYR Q 487 -11.74 -67.87 23.16
C TYR Q 487 -10.65 -68.14 24.19
N SER Q 488 -9.42 -68.32 23.69
CA SER Q 488 -8.29 -68.62 24.56
C SER Q 488 -7.43 -67.42 24.93
N LYS Q 489 -6.74 -67.56 26.05
CA LYS Q 489 -5.83 -66.52 26.51
C LYS Q 489 -4.63 -66.53 25.57
N ILE Q 490 -3.85 -65.45 25.62
CA ILE Q 490 -2.67 -65.33 24.77
C ILE Q 490 -1.53 -66.27 25.16
N LYS Q 491 -1.00 -66.99 24.18
CA LYS Q 491 0.12 -67.92 24.39
C LYS Q 491 1.33 -67.44 23.59
N MET Q 492 1.06 -66.71 22.52
CA MET Q 492 2.10 -66.21 21.63
C MET Q 492 1.88 -64.75 21.23
N PHE Q 493 2.97 -64.00 21.10
CA PHE Q 493 2.88 -62.60 20.72
C PHE Q 493 3.75 -62.32 19.50
N TRP Q 494 3.10 -62.04 18.37
CA TRP Q 494 3.82 -61.74 17.14
C TRP Q 494 3.85 -60.22 17.03
N LYS Q 495 4.97 -59.61 17.41
CA LYS Q 495 5.09 -58.16 17.35
C LYS Q 495 5.65 -57.64 16.05
N TYR Q 496 5.04 -56.56 15.58
CA TYR Q 496 5.41 -55.89 14.33
C TYR Q 496 5.86 -54.54 14.84
N GLY Q 497 7.17 -54.30 14.81
CA GLY Q 497 7.71 -53.05 15.34
C GLY Q 497 7.84 -53.26 16.84
N GLY Q 498 8.36 -52.27 17.56
CA GLY Q 498 8.48 -52.39 19.00
C GLY Q 498 8.73 -51.03 19.63
N PRO Q 499 7.77 -50.09 19.54
CA PRO Q 499 7.90 -48.74 20.08
C PRO Q 499 7.15 -48.40 21.37
N HIS Q 500 6.32 -49.32 21.85
CA HIS Q 500 5.48 -49.05 23.02
C HIS Q 500 6.13 -48.52 24.29
N LEU Q 501 7.41 -48.79 24.49
CA LEU Q 501 8.08 -48.28 25.68
C LEU Q 501 8.16 -46.75 25.62
N GLY Q 502 8.19 -46.21 24.40
CA GLY Q 502 8.25 -44.76 24.25
C GLY Q 502 6.96 -44.11 23.75
N THR Q 503 5.94 -44.92 23.44
CA THR Q 503 4.69 -44.37 22.91
C THR Q 503 3.39 -44.59 23.70
N MET Q 504 3.35 -45.56 24.60
CA MET Q 504 2.13 -45.80 25.35
C MET Q 504 2.12 -45.06 26.68
N THR Q 505 1.57 -45.67 27.74
CA THR Q 505 1.51 -45.02 29.05
C THR Q 505 2.14 -45.85 30.16
N ALA Q 506 2.74 -45.17 31.14
CA ALA Q 506 3.42 -45.82 32.27
C ALA Q 506 4.02 -47.11 31.71
N THR Q 507 4.91 -46.92 30.74
CA THR Q 507 5.51 -48.02 30.00
C THR Q 507 6.41 -49.07 30.62
N ASN Q 508 6.82 -48.91 31.88
CA ASN Q 508 7.65 -49.94 32.46
C ASN Q 508 6.88 -51.26 32.44
N ARG Q 509 5.54 -51.15 32.49
CA ARG Q 509 4.70 -52.34 32.48
C ARG Q 509 4.85 -53.11 31.18
N TYR Q 510 5.12 -52.41 30.08
CA TYR Q 510 5.30 -53.10 28.80
C TYR Q 510 6.59 -53.92 28.80
N ALA Q 511 7.55 -53.51 29.61
CA ALA Q 511 8.81 -54.24 29.72
C ALA Q 511 8.59 -55.46 30.62
N LYS Q 512 7.88 -55.26 31.72
CA LYS Q 512 7.61 -56.33 32.67
C LYS Q 512 6.82 -57.50 32.08
N MET Q 513 5.89 -57.21 31.18
CA MET Q 513 5.05 -58.26 30.58
C MET Q 513 5.78 -59.35 29.80
N TYR Q 514 6.92 -59.03 29.20
CA TYR Q 514 7.64 -60.02 28.40
C TYR Q 514 8.22 -61.20 29.16
N THR Q 515 8.46 -61.04 30.45
CA THR Q 515 9.03 -62.13 31.23
C THR Q 515 7.97 -62.99 31.92
N HIS Q 516 6.69 -62.71 31.66
CA HIS Q 516 5.61 -63.47 32.27
C HIS Q 516 5.61 -64.87 31.67
N ASP Q 517 5.56 -65.89 32.52
CA ASP Q 517 5.59 -67.27 32.06
C ASP Q 517 4.39 -67.74 31.24
N SER Q 518 3.37 -66.91 31.12
CA SER Q 518 2.20 -67.29 30.33
C SER Q 518 2.56 -67.08 28.86
N LEU Q 519 3.57 -66.22 28.64
CA LEU Q 519 4.02 -65.92 27.28
C LEU Q 519 5.01 -66.99 26.83
N GLU Q 520 4.51 -67.99 26.11
CA GLU Q 520 5.37 -69.08 25.65
C GLU Q 520 6.26 -68.74 24.47
N PHE Q 521 5.92 -67.70 23.71
CA PHE Q 521 6.71 -67.35 22.54
C PHE Q 521 6.48 -65.91 22.07
N VAL Q 522 7.57 -65.22 21.74
CA VAL Q 522 7.51 -63.84 21.26
C VAL Q 522 8.30 -63.66 19.98
N VAL Q 523 7.63 -63.19 18.94
CA VAL Q 523 8.27 -62.94 17.65
C VAL Q 523 8.25 -61.46 17.37
N SER Q 524 9.34 -60.92 16.83
CA SER Q 524 9.41 -59.52 16.51
C SER Q 524 9.79 -59.35 15.04
N GLN Q 525 8.88 -58.75 14.28
CA GLN Q 525 9.09 -58.50 12.86
C GLN Q 525 9.26 -56.99 12.74
N SER Q 526 10.52 -56.54 12.72
CA SER Q 526 10.81 -55.12 12.67
C SER Q 526 11.96 -54.74 11.74
N ILE Q 527 12.30 -53.46 11.74
CA ILE Q 527 13.37 -52.95 10.89
C ILE Q 527 14.63 -52.66 11.71
N TRP Q 528 14.49 -51.92 12.80
CA TRP Q 528 15.64 -51.58 13.65
C TRP Q 528 15.62 -52.28 15.01
N PHE Q 529 16.81 -52.63 15.48
CA PHE Q 529 16.99 -53.30 16.77
C PHE Q 529 16.95 -52.22 17.85
N GLU Q 530 15.74 -51.93 18.34
CA GLU Q 530 15.54 -50.89 19.35
C GLU Q 530 14.26 -51.14 20.13
N GLY Q 531 14.00 -50.27 21.11
CA GLY Q 531 12.79 -50.38 21.92
C GLY Q 531 12.49 -51.76 22.46
N GLU Q 532 11.34 -52.31 22.07
CA GLU Q 532 10.88 -53.63 22.54
C GLU Q 532 11.55 -54.82 21.86
N VAL Q 533 12.15 -54.60 20.69
CA VAL Q 533 12.76 -55.69 19.95
C VAL Q 533 13.63 -56.65 20.78
N PRO Q 534 14.52 -56.12 21.63
CA PRO Q 534 15.38 -56.99 22.43
C PRO Q 534 14.70 -57.85 23.51
N PHE Q 535 13.39 -58.04 23.39
CA PHE Q 535 12.66 -58.86 24.36
C PHE Q 535 12.16 -60.13 23.68
N ALA Q 536 12.22 -60.16 22.35
CA ALA Q 536 11.71 -61.28 21.56
C ALA Q 536 12.56 -62.54 21.59
N ASP Q 537 11.95 -63.66 21.20
CA ASP Q 537 12.66 -64.94 21.16
C ASP Q 537 13.25 -65.14 19.75
N ILE Q 538 12.55 -64.60 18.74
CA ILE Q 538 12.97 -64.68 17.34
C ILE Q 538 12.76 -63.31 16.71
N ILE Q 539 13.79 -62.78 16.05
CA ILE Q 539 13.69 -61.47 15.41
C ILE Q 539 13.83 -61.61 13.89
N LEU Q 540 12.87 -61.05 13.16
CA LEU Q 540 12.88 -61.11 11.70
C LEU Q 540 13.08 -59.72 11.12
N PRO Q 541 14.09 -59.56 10.24
CA PRO Q 541 14.46 -58.30 9.58
C PRO Q 541 13.55 -57.89 8.44
N ALA Q 542 12.95 -56.71 8.56
CA ALA Q 542 12.10 -56.16 7.50
C ALA Q 542 12.89 -54.99 6.91
N CYS Q 543 12.57 -54.60 5.68
CA CYS Q 543 13.28 -53.49 5.03
C CYS Q 543 12.44 -52.23 4.95
N THR Q 544 13.08 -51.08 4.76
CA THR Q 544 12.37 -49.81 4.66
C THR Q 544 11.66 -49.80 3.30
N ASN Q 545 10.85 -48.76 3.05
CA ASN Q 545 10.14 -48.67 1.78
C ASN Q 545 11.07 -48.33 0.62
N PHE Q 546 12.29 -47.92 0.92
CA PHE Q 546 13.23 -47.60 -0.16
C PHE Q 546 13.87 -48.86 -0.73
N GLU Q 547 13.57 -50.00 -0.13
CA GLU Q 547 14.14 -51.29 -0.57
C GLU Q 547 13.09 -52.24 -1.11
N ARG Q 548 11.94 -51.71 -1.50
CA ARG Q 548 10.86 -52.52 -2.06
C ARG Q 548 9.96 -51.65 -2.93
N TRP Q 549 9.13 -52.29 -3.74
CA TRP Q 549 8.21 -51.59 -4.64
C TRP Q 549 6.86 -51.28 -4.00
N ASP Q 550 6.38 -50.06 -4.20
CA ASP Q 550 5.07 -49.67 -3.67
C ASP Q 550 4.50 -48.48 -4.43
N ILE Q 551 3.38 -47.95 -3.94
CA ILE Q 551 2.73 -46.81 -4.56
C ILE Q 551 1.94 -46.06 -3.48
N SER Q 552 1.84 -44.74 -3.61
CA SER Q 552 1.14 -43.93 -2.61
C SER Q 552 0.90 -42.49 -3.05
N GLU Q 553 0.17 -41.75 -2.22
CA GLU Q 553 -0.11 -40.35 -2.49
C GLU Q 553 0.35 -39.49 -1.31
N PHE Q 554 0.92 -38.34 -1.64
CA PHE Q 554 1.43 -37.41 -0.64
C PHE Q 554 0.42 -37.22 0.50
N ALA Q 555 0.78 -37.70 1.69
CA ALA Q 555 -0.04 -37.59 2.89
C ALA Q 555 -1.45 -38.20 2.85
N ASN Q 556 -1.73 -39.04 1.86
CA ASN Q 556 -3.06 -39.63 1.77
C ASN Q 556 -3.31 -40.82 2.71
N CYS Q 557 -4.02 -40.54 3.79
CA CYS Q 557 -4.36 -41.55 4.79
C CYS Q 557 -5.78 -42.04 4.50
N SER Q 558 -6.70 -41.10 4.35
CA SER Q 558 -8.09 -41.40 4.07
C SER Q 558 -8.71 -42.17 5.24
N GLY Q 559 -9.75 -42.96 4.98
CA GLY Q 559 -10.37 -43.73 6.05
C GLY Q 559 -10.99 -42.81 7.09
N TYR Q 560 -10.42 -42.81 8.29
CA TYR Q 560 -10.93 -41.95 9.35
C TYR Q 560 -10.54 -40.48 9.20
N ILE Q 561 -9.93 -40.16 8.06
CA ILE Q 561 -9.56 -38.78 7.73
C ILE Q 561 -9.77 -38.68 6.22
N PRO Q 562 -11.04 -38.73 5.77
CA PRO Q 562 -11.35 -38.66 4.34
C PRO Q 562 -10.76 -37.44 3.65
N ASP Q 563 -10.12 -37.69 2.51
CA ASP Q 563 -9.52 -36.64 1.70
C ASP Q 563 -8.52 -35.78 2.45
N ASN Q 564 -7.71 -36.37 3.30
CA ASN Q 564 -6.73 -35.58 4.05
C ASN Q 564 -5.54 -35.17 3.19
N TYR Q 565 -5.54 -35.53 1.91
CA TYR Q 565 -4.46 -35.12 1.02
C TYR Q 565 -4.55 -33.61 0.84
N GLN Q 566 -5.71 -33.05 1.19
CA GLN Q 566 -5.92 -31.60 1.09
C GLN Q 566 -5.01 -30.88 2.07
N LEU Q 567 -4.09 -31.62 2.68
CA LEU Q 567 -3.13 -31.06 3.62
C LEU Q 567 -1.98 -30.47 2.82
N CYS Q 568 -1.85 -30.93 1.58
CA CYS Q 568 -0.78 -30.50 0.68
C CYS Q 568 -1.22 -29.47 -0.35
N ASN Q 569 -0.24 -28.78 -0.94
CA ASN Q 569 -0.51 -27.78 -1.95
C ASN Q 569 -0.88 -28.42 -3.29
N HIS Q 570 -0.58 -29.70 -3.44
CA HIS Q 570 -0.90 -30.44 -4.66
C HIS Q 570 -1.12 -31.89 -4.30
N ARG Q 571 -1.92 -32.60 -5.09
CA ARG Q 571 -2.11 -34.02 -4.86
C ARG Q 571 -0.98 -34.64 -5.66
N VAL Q 572 -0.06 -35.29 -4.97
CA VAL Q 572 1.06 -35.91 -5.66
C VAL Q 572 1.02 -37.41 -5.51
N ILE Q 573 0.82 -38.10 -6.64
CA ILE Q 573 0.78 -39.55 -6.63
C ILE Q 573 2.09 -40.04 -7.18
N SER Q 574 2.82 -40.84 -6.40
CA SER Q 574 4.10 -41.33 -6.87
C SER Q 574 4.37 -42.83 -6.70
N LEU Q 575 5.23 -43.33 -7.58
CA LEU Q 575 5.65 -44.72 -7.53
C LEU Q 575 6.77 -44.78 -6.52
N GLN Q 576 6.71 -45.75 -5.61
CA GLN Q 576 7.77 -45.91 -4.64
C GLN Q 576 8.68 -46.98 -5.23
N ALA Q 577 9.71 -46.51 -5.92
CA ALA Q 577 10.65 -47.41 -6.58
C ALA Q 577 11.65 -48.04 -5.64
N LYS Q 578 11.90 -49.33 -5.86
CA LYS Q 578 12.87 -50.07 -5.08
C LYS Q 578 14.20 -49.44 -5.48
N CYS Q 579 14.66 -48.46 -4.70
CA CYS Q 579 15.90 -47.76 -5.00
C CYS Q 579 17.17 -48.59 -4.83
N ILE Q 580 17.21 -49.43 -3.79
CA ILE Q 580 18.36 -50.29 -3.53
C ILE Q 580 17.88 -51.66 -3.10
N GLU Q 581 18.79 -52.62 -3.08
CA GLU Q 581 18.46 -53.97 -2.65
C GLU Q 581 18.36 -53.92 -1.13
N PRO Q 582 17.54 -54.80 -0.53
CA PRO Q 582 17.37 -54.84 0.93
C PRO Q 582 18.71 -54.86 1.65
N VAL Q 583 18.82 -54.11 2.74
CA VAL Q 583 20.06 -54.04 3.50
C VAL Q 583 20.27 -55.31 4.33
N GLY Q 584 21.46 -55.88 4.24
CA GLY Q 584 21.75 -57.09 4.98
C GLY Q 584 20.86 -58.21 4.52
N GLU Q 585 20.39 -59.04 5.44
CA GLU Q 585 19.49 -60.14 5.10
C GLU Q 585 18.02 -59.79 5.30
N SER Q 586 17.72 -58.51 5.30
CA SER Q 586 16.34 -58.08 5.49
C SER Q 586 15.51 -58.33 4.24
N MET Q 587 14.21 -58.32 4.40
CA MET Q 587 13.31 -58.50 3.27
C MET Q 587 12.00 -57.78 3.54
N SER Q 588 11.23 -57.52 2.50
CA SER Q 588 9.98 -56.81 2.66
C SER Q 588 9.01 -57.66 3.47
N ASP Q 589 8.16 -56.98 4.24
CA ASP Q 589 7.16 -57.65 5.06
C ASP Q 589 6.33 -58.58 4.19
N TYR Q 590 6.03 -58.13 2.97
CA TYR Q 590 5.24 -58.95 2.05
C TYR Q 590 5.95 -60.26 1.70
N GLU Q 591 7.26 -60.19 1.46
CA GLU Q 591 8.01 -61.39 1.11
C GLU Q 591 8.22 -62.30 2.33
N ILE Q 592 8.18 -61.69 3.51
CA ILE Q 592 8.31 -62.45 4.74
C ILE Q 592 7.02 -63.25 4.90
N TYR Q 593 5.89 -62.58 4.72
CA TYR Q 593 4.59 -63.24 4.84
C TYR Q 593 4.40 -64.26 3.75
N ARG Q 594 4.96 -63.99 2.57
CA ARG Q 594 4.83 -64.92 1.46
C ARG Q 594 5.58 -66.21 1.79
N LEU Q 595 6.70 -66.06 2.48
CA LEU Q 595 7.51 -67.21 2.88
C LEU Q 595 6.72 -68.02 3.91
N PHE Q 596 6.13 -67.32 4.88
CA PHE Q 596 5.33 -67.98 5.91
C PHE Q 596 4.13 -68.66 5.26
N ALA Q 597 3.47 -67.95 4.34
CA ALA Q 597 2.30 -68.51 3.66
C ALA Q 597 2.66 -69.82 2.98
N LYS Q 598 3.88 -69.90 2.46
CA LYS Q 598 4.33 -71.11 1.78
C LYS Q 598 4.46 -72.24 2.80
N LYS Q 599 5.08 -71.95 3.92
CA LYS Q 599 5.28 -72.96 4.96
C LYS Q 599 4.02 -73.29 5.73
N LEU Q 600 2.99 -72.46 5.57
CA LEU Q 600 1.71 -72.69 6.25
C LEU Q 600 0.72 -73.26 5.24
N ASN Q 601 1.22 -73.58 4.06
CA ASN Q 601 0.43 -74.18 3.00
C ASN Q 601 -0.71 -73.31 2.46
N ILE Q 602 -0.52 -71.98 2.49
CA ILE Q 602 -1.54 -71.06 2.00
C ILE Q 602 -0.98 -69.99 1.07
N GLU Q 603 0.18 -70.23 0.49
CA GLU Q 603 0.80 -69.26 -0.41
C GLU Q 603 -0.10 -68.85 -1.56
N GLU Q 604 -0.75 -69.83 -2.17
CA GLU Q 604 -1.66 -69.59 -3.28
C GLU Q 604 -2.71 -68.54 -2.92
N MET Q 605 -3.40 -68.77 -1.80
CA MET Q 605 -4.44 -67.87 -1.34
C MET Q 605 -3.93 -66.49 -0.92
N PHE Q 606 -2.74 -66.45 -0.32
CA PHE Q 606 -2.20 -65.17 0.13
C PHE Q 606 -1.65 -64.32 -1.01
N SER Q 607 -0.68 -64.86 -1.74
CA SER Q 607 -0.04 -64.12 -2.83
C SER Q 607 -0.83 -64.06 -4.13
N GLU Q 608 -1.71 -65.02 -4.35
CA GLU Q 608 -2.45 -65.06 -5.60
C GLU Q 608 -1.44 -65.07 -6.75
N GLY Q 609 -0.23 -65.53 -6.44
CA GLY Q 609 0.85 -65.61 -7.42
C GLY Q 609 1.45 -64.28 -7.82
N LYS Q 610 1.26 -63.27 -6.98
CA LYS Q 610 1.76 -61.93 -7.29
C LYS Q 610 2.85 -61.45 -6.36
N ASP Q 611 3.82 -60.73 -6.92
CA ASP Q 611 4.88 -60.14 -6.11
C ASP Q 611 4.35 -58.73 -5.83
N GLU Q 612 5.08 -57.96 -5.03
CA GLU Q 612 4.64 -56.63 -4.70
C GLU Q 612 4.34 -55.74 -5.90
N LEU Q 613 5.19 -55.84 -6.93
CA LEU Q 613 5.02 -55.02 -8.12
C LEU Q 613 3.72 -55.35 -8.86
N ALA Q 614 3.37 -56.64 -8.92
CA ALA Q 614 2.13 -57.05 -9.58
C ALA Q 614 0.94 -56.49 -8.79
N TRP Q 615 1.01 -56.57 -7.47
CA TRP Q 615 -0.06 -56.02 -6.63
C TRP Q 615 -0.17 -54.52 -6.87
N CYS Q 616 0.98 -53.86 -7.05
CA CYS Q 616 1.00 -52.42 -7.31
C CYS Q 616 0.24 -52.06 -8.58
N GLU Q 617 0.43 -52.84 -9.63
CA GLU Q 617 -0.25 -52.57 -10.88
C GLU Q 617 -1.76 -52.76 -10.71
N GLN Q 618 -2.15 -53.86 -10.05
CA GLN Q 618 -3.57 -54.13 -9.82
C GLN Q 618 -4.17 -52.97 -9.02
N TYR Q 619 -3.42 -52.51 -8.04
CA TYR Q 619 -3.84 -51.41 -7.18
C TYR Q 619 -4.05 -50.17 -8.04
N PHE Q 620 -3.08 -49.87 -8.88
CA PHE Q 620 -3.12 -48.71 -9.77
C PHE Q 620 -4.40 -48.66 -10.59
N ASN Q 621 -4.77 -49.79 -11.18
CA ASN Q 621 -5.96 -49.87 -12.01
C ASN Q 621 -7.28 -49.78 -11.26
N ALA Q 622 -7.22 -49.88 -9.94
CA ALA Q 622 -8.42 -49.79 -9.10
C ALA Q 622 -8.66 -48.33 -8.68
N THR Q 623 -7.76 -47.44 -9.09
CA THR Q 623 -7.90 -46.02 -8.74
C THR Q 623 -8.35 -45.28 -10.00
N ASP Q 624 -8.39 -43.95 -9.93
CA ASP Q 624 -8.79 -43.13 -11.07
C ASP Q 624 -7.59 -42.79 -11.95
N MET Q 625 -6.40 -43.21 -11.54
CA MET Q 625 -5.20 -42.92 -12.31
C MET Q 625 -5.28 -43.29 -13.78
N PRO Q 626 -5.91 -44.44 -14.12
CA PRO Q 626 -6.02 -44.85 -15.52
C PRO Q 626 -6.66 -43.81 -16.44
N LYS Q 627 -7.40 -42.88 -15.87
CA LYS Q 627 -8.03 -41.84 -16.67
C LYS Q 627 -6.96 -40.92 -17.27
N TYR Q 628 -5.82 -40.83 -16.59
CA TYR Q 628 -4.74 -39.97 -17.07
C TYR Q 628 -3.55 -40.71 -17.66
N MET Q 629 -3.26 -41.91 -17.17
CA MET Q 629 -2.14 -42.66 -17.71
C MET Q 629 -2.15 -44.14 -17.34
N THR Q 630 -1.51 -44.95 -18.19
CA THR Q 630 -1.43 -46.39 -17.98
C THR Q 630 -0.34 -46.69 -16.95
N TRP Q 631 -0.35 -47.91 -16.44
CA TRP Q 631 0.63 -48.33 -15.45
C TRP Q 631 2.07 -48.14 -15.95
N ASP Q 632 2.33 -48.57 -17.17
CA ASP Q 632 3.67 -48.44 -17.74
C ASP Q 632 4.12 -46.99 -17.79
N GLU Q 633 3.25 -46.10 -18.26
CA GLU Q 633 3.56 -44.68 -18.35
C GLU Q 633 3.84 -44.12 -16.97
N PHE Q 634 2.96 -44.42 -16.02
CA PHE Q 634 3.11 -43.94 -14.66
C PHE Q 634 4.42 -44.45 -14.07
N PHE Q 635 4.66 -45.76 -14.25
CA PHE Q 635 5.87 -46.40 -13.75
C PHE Q 635 7.09 -45.68 -14.32
N LYS Q 636 7.04 -45.39 -15.62
CA LYS Q 636 8.14 -44.73 -16.29
C LYS Q 636 8.36 -43.32 -15.73
N LYS Q 637 7.27 -42.56 -15.57
CA LYS Q 637 7.39 -41.20 -15.04
C LYS Q 637 7.79 -41.16 -13.58
N GLY Q 638 7.18 -42.01 -12.76
CA GLY Q 638 7.52 -42.06 -11.34
C GLY Q 638 6.63 -41.27 -10.40
N TYR Q 639 6.00 -40.22 -10.90
CA TYR Q 639 5.10 -39.41 -10.09
C TYR Q 639 4.12 -38.65 -10.97
N PHE Q 640 2.96 -38.34 -10.42
CA PHE Q 640 1.93 -37.63 -11.16
C PHE Q 640 1.30 -36.52 -10.33
N VAL Q 641 1.23 -35.32 -10.89
CA VAL Q 641 0.61 -34.19 -10.22
C VAL Q 641 -0.83 -34.12 -10.73
N VAL Q 642 -1.78 -34.41 -9.85
CA VAL Q 642 -3.19 -34.39 -10.23
C VAL Q 642 -3.59 -32.99 -10.69
N PRO Q 643 -4.27 -32.90 -11.84
CA PRO Q 643 -4.70 -31.60 -12.37
C PRO Q 643 -5.64 -30.87 -11.42
N ASP Q 644 -5.76 -29.56 -11.60
CA ASP Q 644 -6.65 -28.74 -10.78
C ASP Q 644 -8.07 -28.92 -11.31
N ASN Q 645 -9.05 -28.52 -10.52
CA ASN Q 645 -10.45 -28.60 -10.93
C ASN Q 645 -11.08 -27.26 -10.56
N PRO Q 646 -10.84 -26.23 -11.39
CA PRO Q 646 -11.36 -24.86 -11.19
C PRO Q 646 -12.87 -24.69 -11.24
N ASN Q 647 -13.59 -25.70 -11.71
CA ASN Q 647 -15.04 -25.60 -11.81
C ASN Q 647 -15.89 -26.19 -10.71
N ARG Q 648 -15.45 -27.29 -10.11
CA ARG Q 648 -16.24 -27.91 -9.05
C ARG Q 648 -16.72 -26.85 -8.07
N LYS Q 649 -17.97 -26.96 -7.62
CA LYS Q 649 -18.47 -25.96 -6.69
C LYS Q 649 -17.73 -26.05 -5.38
N LYS Q 650 -17.57 -24.91 -4.71
CA LYS Q 650 -16.87 -24.87 -3.44
C LYS Q 650 -17.86 -25.19 -2.33
N THR Q 651 -17.54 -26.16 -1.50
CA THR Q 651 -18.39 -26.55 -0.39
C THR Q 651 -17.60 -26.47 0.91
N VAL Q 652 -17.71 -25.34 1.59
CA VAL Q 652 -16.97 -25.13 2.82
C VAL Q 652 -17.48 -26.00 3.97
N ALA Q 653 -16.54 -26.49 4.77
CA ALA Q 653 -16.84 -27.34 5.91
C ALA Q 653 -17.96 -26.80 6.80
N LEU Q 654 -18.94 -27.65 7.06
CA LEU Q 654 -20.07 -27.31 7.92
C LEU Q 654 -20.94 -26.12 7.49
N ARG Q 655 -20.73 -25.56 6.30
CA ARG Q 655 -21.58 -24.45 5.91
C ARG Q 655 -23.00 -24.98 5.72
N TRP Q 656 -23.12 -26.19 5.17
CA TRP Q 656 -24.42 -26.80 4.97
C TRP Q 656 -25.18 -26.87 6.30
N PHE Q 657 -24.45 -27.22 7.37
CA PHE Q 657 -25.05 -27.31 8.69
C PHE Q 657 -25.42 -25.92 9.24
N ALA Q 658 -24.51 -24.96 9.09
CA ALA Q 658 -24.74 -23.60 9.55
C ALA Q 658 -25.95 -22.96 8.88
N GLU Q 659 -26.24 -23.39 7.67
CA GLU Q 659 -27.36 -22.85 6.91
C GLU Q 659 -28.61 -23.73 6.94
N GLY Q 660 -28.58 -24.77 7.77
CA GLY Q 660 -29.72 -25.68 7.88
C GLY Q 660 -30.19 -26.35 6.61
N ARG Q 661 -29.26 -26.76 5.75
CA ARG Q 661 -29.65 -27.44 4.52
C ARG Q 661 -28.96 -28.79 4.44
N GLU Q 662 -29.13 -29.48 3.32
CA GLU Q 662 -28.53 -30.79 3.15
C GLU Q 662 -27.00 -30.79 3.03
N LYS Q 663 -26.39 -31.81 3.64
CA LYS Q 663 -24.94 -31.99 3.61
C LYS Q 663 -24.54 -32.04 2.14
N ASP Q 664 -23.61 -31.17 1.75
CA ASP Q 664 -23.18 -31.11 0.35
C ASP Q 664 -21.69 -31.27 0.11
N THR Q 665 -20.95 -31.61 1.16
CA THR Q 665 -19.51 -31.80 1.04
C THR Q 665 -19.20 -33.24 0.63
N PRO Q 666 -17.92 -33.54 0.34
CA PRO Q 666 -17.53 -34.90 -0.05
C PRO Q 666 -17.34 -35.81 1.15
N ASP Q 667 -17.69 -35.32 2.34
CA ASP Q 667 -17.50 -36.10 3.57
C ASP Q 667 -18.16 -37.47 3.54
N TRP Q 668 -17.54 -38.42 4.24
CA TRP Q 668 -18.02 -39.79 4.31
C TRP Q 668 -19.17 -39.96 5.30
N GLY Q 669 -19.67 -38.83 5.81
CA GLY Q 669 -20.78 -38.88 6.74
C GLY Q 669 -21.42 -37.52 6.92
N PRO Q 670 -22.52 -37.45 7.70
CA PRO Q 670 -23.08 -38.62 8.38
C PRO Q 670 -23.81 -39.56 7.43
N ARG Q 671 -24.06 -40.78 7.89
CA ARG Q 671 -24.77 -41.74 7.07
C ARG Q 671 -26.23 -41.32 7.01
N LEU Q 672 -26.88 -41.59 5.89
CA LEU Q 672 -28.27 -41.22 5.67
C LEU Q 672 -29.20 -41.55 6.83
N ASN Q 673 -29.00 -42.72 7.44
CA ASN Q 673 -29.86 -43.14 8.54
C ASN Q 673 -29.63 -42.35 9.83
N ASN Q 674 -28.53 -41.60 9.89
CA ASN Q 674 -28.24 -40.79 11.07
C ASN Q 674 -28.69 -39.34 10.90
N GLN Q 675 -29.53 -39.10 9.90
CA GLN Q 675 -30.07 -37.77 9.61
C GLN Q 675 -31.53 -37.86 9.18
N VAL Q 676 -32.24 -36.74 9.31
CA VAL Q 676 -33.62 -36.67 8.86
C VAL Q 676 -33.56 -35.85 7.57
N CYS Q 677 -33.86 -36.48 6.44
CA CYS Q 677 -33.83 -35.81 5.15
C CYS Q 677 -32.44 -35.22 4.88
N ARG Q 678 -31.43 -35.98 5.30
CA ARG Q 678 -30.01 -35.65 5.20
C ARG Q 678 -29.56 -34.25 5.57
N LYS Q 679 -30.18 -33.72 6.63
CA LYS Q 679 -29.83 -32.42 7.17
C LYS Q 679 -29.42 -32.68 8.62
N GLY Q 680 -28.61 -31.80 9.17
CA GLY Q 680 -28.19 -31.94 10.55
C GLY Q 680 -27.01 -32.85 10.80
N LEU Q 681 -26.51 -32.81 12.04
CA LEU Q 681 -25.38 -33.63 12.43
C LEU Q 681 -25.86 -35.06 12.73
N GLN Q 682 -24.91 -35.96 12.88
CA GLN Q 682 -25.16 -37.37 13.17
C GLN Q 682 -25.86 -37.61 14.51
N THR Q 683 -25.81 -36.63 15.40
CA THR Q 683 -26.43 -36.77 16.71
C THR Q 683 -27.96 -36.97 16.56
N THR Q 684 -28.58 -37.52 17.59
CA THR Q 684 -30.02 -37.77 17.57
C THR Q 684 -30.82 -36.52 17.17
N THR Q 685 -30.57 -35.41 17.87
CA THR Q 685 -31.28 -34.16 17.58
C THR Q 685 -30.82 -33.55 16.27
N GLY Q 686 -29.63 -33.92 15.82
CA GLY Q 686 -29.08 -33.37 14.60
C GLY Q 686 -28.40 -32.06 14.92
N LYS Q 687 -28.38 -31.72 16.21
CA LYS Q 687 -27.76 -30.47 16.67
C LYS Q 687 -26.54 -30.72 17.53
N VAL Q 688 -25.81 -29.65 17.83
CA VAL Q 688 -24.64 -29.76 18.69
C VAL Q 688 -25.23 -29.91 20.09
N GLU Q 689 -25.03 -31.10 20.67
CA GLU Q 689 -25.60 -31.40 21.98
C GLU Q 689 -24.72 -31.14 23.20
N PHE Q 690 -24.88 -29.96 23.81
CA PHE Q 690 -24.12 -29.59 25.00
C PHE Q 690 -24.43 -30.56 26.13
N ILE Q 691 -25.58 -31.22 26.01
CA ILE Q 691 -25.99 -32.26 26.93
C ILE Q 691 -26.18 -33.39 25.92
N ALA Q 692 -25.17 -34.26 25.85
CA ALA Q 692 -25.19 -35.36 24.90
C ALA Q 692 -26.27 -36.38 25.22
N THR Q 693 -27.16 -36.62 24.26
CA THR Q 693 -28.25 -37.57 24.44
C THR Q 693 -27.72 -38.99 24.51
N SER Q 694 -26.65 -39.27 23.77
CA SER Q 694 -26.04 -40.59 23.78
C SER Q 694 -25.54 -40.91 25.19
N LEU Q 695 -24.78 -39.97 25.75
CA LEU Q 695 -24.23 -40.16 27.09
C LEU Q 695 -25.32 -40.17 28.14
N LYS Q 696 -26.38 -39.40 27.91
CA LYS Q 696 -27.48 -39.38 28.87
C LYS Q 696 -28.13 -40.76 28.90
N ASN Q 697 -28.28 -41.37 27.72
CA ASN Q 697 -28.86 -42.72 27.63
C ASN Q 697 -27.94 -43.67 28.39
N PHE Q 698 -26.64 -43.55 28.09
CA PHE Q 698 -25.59 -44.39 28.69
C PHE Q 698 -25.64 -44.34 30.22
N GLU Q 699 -25.69 -43.15 30.80
CA GLU Q 699 -25.71 -43.04 32.25
C GLU Q 699 -27.03 -43.51 32.86
N GLU Q 700 -28.14 -43.31 32.16
CA GLU Q 700 -29.43 -43.74 32.67
C GLU Q 700 -29.56 -45.26 32.55
N GLN Q 701 -28.61 -45.88 31.85
CA GLN Q 701 -28.60 -47.31 31.69
C GLN Q 701 -27.84 -47.96 32.85
N GLY Q 702 -27.18 -47.12 33.64
CA GLY Q 702 -26.44 -47.62 34.78
C GLY Q 702 -24.95 -47.37 34.72
N TYR Q 703 -24.46 -46.91 33.57
CA TYR Q 703 -23.03 -46.66 33.42
C TYR Q 703 -22.62 -45.28 33.94
N ILE Q 704 -22.50 -45.17 35.26
CA ILE Q 704 -22.13 -43.92 35.92
C ILE Q 704 -20.64 -43.64 35.70
N ASP Q 705 -20.34 -42.44 35.21
CA ASP Q 705 -18.96 -42.05 34.94
C ASP Q 705 -18.79 -40.55 35.22
N GLU Q 706 -18.34 -40.26 36.44
CA GLU Q 706 -18.14 -38.90 36.89
C GLU Q 706 -17.24 -38.06 35.98
N HIS Q 707 -16.24 -38.68 35.37
CA HIS Q 707 -15.32 -37.94 34.51
C HIS Q 707 -15.70 -37.82 33.03
N ARG Q 708 -16.95 -38.15 32.73
CA ARG Q 708 -17.46 -38.03 31.38
C ARG Q 708 -18.96 -37.76 31.48
N PRO Q 709 -19.34 -36.63 32.08
CA PRO Q 709 -20.75 -36.25 32.26
C PRO Q 709 -21.44 -36.01 30.92
N SER Q 710 -22.76 -36.25 30.87
CA SER Q 710 -23.51 -36.04 29.64
C SER Q 710 -23.45 -34.55 29.24
N MET Q 711 -23.29 -33.68 30.22
CA MET Q 711 -23.20 -32.24 29.94
C MET Q 711 -21.76 -31.76 30.05
N HIS Q 712 -21.28 -31.08 29.01
CA HIS Q 712 -19.93 -30.52 29.00
C HIS Q 712 -19.83 -29.55 30.18
N THR Q 713 -19.00 -29.90 31.15
CA THR Q 713 -18.83 -29.09 32.35
C THR Q 713 -17.37 -29.02 32.74
N TYR Q 714 -17.03 -28.21 33.74
CA TYR Q 714 -15.64 -28.11 34.14
C TYR Q 714 -15.23 -29.23 35.10
N VAL Q 715 -14.90 -30.38 34.54
CA VAL Q 715 -14.46 -31.52 35.34
C VAL Q 715 -12.97 -31.32 35.55
N PRO Q 716 -12.54 -31.12 36.81
CA PRO Q 716 -11.11 -30.93 37.09
C PRO Q 716 -10.27 -32.10 36.58
N ALA Q 717 -9.21 -31.82 35.83
CA ALA Q 717 -8.34 -32.87 35.30
C ALA Q 717 -7.84 -33.71 36.47
N TRP Q 718 -8.05 -35.03 36.43
CA TRP Q 718 -7.62 -35.86 37.55
C TRP Q 718 -6.12 -35.90 37.76
N GLU Q 719 -5.35 -35.47 36.76
CA GLU Q 719 -3.90 -35.40 36.93
C GLU Q 719 -3.49 -33.97 36.56
N SER Q 720 -3.73 -33.06 37.49
CA SER Q 720 -3.39 -31.65 37.31
C SER Q 720 -2.73 -31.20 38.60
N GLN Q 721 -2.01 -30.09 38.54
CA GLN Q 721 -1.30 -29.58 39.71
C GLN Q 721 -2.16 -29.20 40.91
N LYS Q 722 -3.39 -28.73 40.69
CA LYS Q 722 -4.21 -28.36 41.83
C LYS Q 722 -5.37 -29.29 42.17
N HIS Q 723 -5.58 -30.33 41.37
CA HIS Q 723 -6.68 -31.24 41.63
C HIS Q 723 -6.23 -32.69 41.88
N SER Q 724 -4.92 -32.89 42.01
CA SER Q 724 -4.39 -34.22 42.26
C SER Q 724 -3.45 -34.29 43.47
N PRO Q 725 -3.70 -35.24 44.38
CA PRO Q 725 -2.88 -35.44 45.58
C PRO Q 725 -1.41 -35.63 45.23
N LEU Q 726 -1.16 -36.19 44.05
CA LEU Q 726 0.20 -36.45 43.57
C LEU Q 726 1.03 -35.18 43.39
N ALA Q 727 0.37 -34.03 43.34
CA ALA Q 727 1.10 -32.77 43.14
C ALA Q 727 1.96 -32.41 44.35
N VAL Q 728 1.66 -33.00 45.50
CA VAL Q 728 2.45 -32.71 46.70
C VAL Q 728 3.88 -33.21 46.49
N LYS Q 729 3.99 -34.38 45.88
CA LYS Q 729 5.29 -34.98 45.60
C LYS Q 729 5.83 -34.56 44.25
N TYR Q 730 4.94 -34.47 43.27
CA TYR Q 730 5.32 -34.13 41.91
C TYR Q 730 4.59 -32.85 41.48
N PRO Q 731 5.11 -31.68 41.89
CA PRO Q 731 4.56 -30.36 41.60
C PRO Q 731 4.70 -29.82 40.18
N LEU Q 732 5.50 -30.46 39.34
CA LEU Q 732 5.66 -29.98 37.98
C LEU Q 732 4.73 -30.67 36.99
N GLY Q 733 4.01 -29.85 36.21
CA GLY Q 733 3.10 -30.38 35.21
C GLY Q 733 3.83 -30.61 33.91
N MET Q 734 3.85 -31.86 33.45
CA MET Q 734 4.54 -32.18 32.21
C MET Q 734 3.61 -32.54 31.06
N LEU Q 735 3.93 -32.02 29.88
CA LEU Q 735 3.18 -32.34 28.68
C LEU Q 735 4.25 -32.94 27.78
N SER Q 736 3.88 -33.97 27.02
CA SER Q 736 4.83 -34.65 26.14
C SER Q 736 4.26 -34.87 24.74
N PRO Q 737 4.20 -33.81 23.92
CA PRO Q 737 3.69 -33.80 22.55
C PRO Q 737 4.53 -34.61 21.57
N HIS Q 738 4.18 -34.56 20.29
CA HIS Q 738 4.91 -35.30 19.28
C HIS Q 738 6.27 -34.71 18.94
N PRO Q 739 7.29 -35.57 18.85
CA PRO Q 739 8.66 -35.15 18.55
C PRO Q 739 8.79 -34.28 17.30
N ARG Q 740 9.48 -33.16 17.46
CA ARG Q 740 9.73 -32.20 16.40
C ARG Q 740 10.56 -32.77 15.24
N PHE Q 741 11.64 -33.47 15.55
CA PHE Q 741 12.51 -34.00 14.52
C PHE Q 741 12.41 -35.49 14.23
N SER Q 742 11.22 -36.05 14.42
CA SER Q 742 11.01 -37.47 14.18
C SER Q 742 9.53 -37.79 14.01
N MET Q 743 9.22 -38.79 13.19
CA MET Q 743 7.82 -39.21 13.01
C MET Q 743 7.70 -40.29 14.08
N HIS Q 744 7.40 -39.86 15.30
CA HIS Q 744 7.31 -40.76 16.43
C HIS Q 744 8.66 -41.44 16.62
N THR Q 745 8.70 -42.78 16.63
CA THR Q 745 9.99 -43.45 16.81
C THR Q 745 10.81 -43.50 15.52
N MET Q 746 10.15 -43.30 14.39
CA MET Q 746 10.81 -43.36 13.09
C MET Q 746 11.60 -42.11 12.74
N GLY Q 747 12.78 -41.98 13.33
CA GLY Q 747 13.62 -40.83 13.08
C GLY Q 747 14.64 -40.70 14.18
N ASP Q 748 14.20 -40.96 15.41
CA ASP Q 748 15.06 -40.87 16.57
C ASP Q 748 15.94 -42.14 16.69
N GLY Q 749 17.03 -42.03 17.43
CA GLY Q 749 17.94 -43.15 17.62
C GLY Q 749 18.48 -43.68 16.31
N LYS Q 750 18.74 -44.99 16.26
CA LYS Q 750 19.23 -45.63 15.05
C LYS Q 750 20.54 -45.03 14.53
N ASN Q 751 21.19 -44.21 15.36
CA ASN Q 751 22.44 -43.57 14.96
C ASN Q 751 22.19 -42.72 13.71
N SER Q 752 20.98 -42.17 13.63
CA SER Q 752 20.57 -41.34 12.50
C SER Q 752 21.13 -39.92 12.59
N TYR Q 753 21.02 -39.17 11.50
CA TYR Q 753 21.52 -37.81 11.48
C TYR Q 753 20.74 -36.89 12.41
N MET Q 754 19.45 -37.16 12.55
CA MET Q 754 18.60 -36.36 13.42
C MET Q 754 19.10 -36.20 14.85
N ASN Q 755 19.87 -37.19 15.33
CA ASN Q 755 20.38 -37.14 16.69
C ASN Q 755 21.40 -36.03 16.92
N TYR Q 756 21.91 -35.44 15.84
CA TYR Q 756 22.90 -34.37 15.97
C TYR Q 756 22.24 -32.99 15.98
N ILE Q 757 20.91 -32.96 15.84
CA ILE Q 757 20.17 -31.70 15.86
C ILE Q 757 20.22 -31.14 17.28
N LYS Q 758 20.59 -29.86 17.40
CA LYS Q 758 20.71 -29.23 18.72
C LYS Q 758 19.49 -29.38 19.62
N ASP Q 759 18.30 -29.22 19.05
CA ASP Q 759 17.10 -29.31 19.86
C ASP Q 759 16.41 -30.68 19.84
N HIS Q 760 17.18 -31.73 19.54
CA HIS Q 760 16.63 -33.08 19.57
C HIS Q 760 17.23 -33.86 20.74
N ARG Q 761 18.55 -34.01 20.73
CA ARG Q 761 19.28 -34.70 21.80
C ARG Q 761 20.54 -33.91 22.10
N VAL Q 762 21.01 -33.97 23.35
CA VAL Q 762 22.21 -33.26 23.76
C VAL Q 762 23.26 -34.28 24.21
N GLU Q 763 24.44 -34.22 23.60
CA GLU Q 763 25.50 -35.16 23.94
C GLU Q 763 26.21 -34.75 25.22
N VAL Q 764 26.31 -35.69 26.15
CA VAL Q 764 26.96 -35.45 27.43
C VAL Q 764 27.88 -36.63 27.75
N ASP Q 765 29.17 -36.40 27.58
CA ASP Q 765 30.18 -37.41 27.84
C ASP Q 765 30.00 -38.65 26.96
N GLY Q 766 29.76 -38.41 25.68
CA GLY Q 766 29.61 -39.50 24.73
C GLY Q 766 28.22 -40.04 24.48
N TYR Q 767 27.25 -39.68 25.32
CA TYR Q 767 25.89 -40.17 25.15
C TYR Q 767 24.95 -39.01 24.78
N LYS Q 768 24.10 -39.24 23.79
CA LYS Q 768 23.15 -38.21 23.34
C LYS Q 768 21.84 -38.35 24.11
N TYR Q 769 21.65 -37.47 25.10
CA TYR Q 769 20.46 -37.50 25.93
C TYR Q 769 19.26 -36.77 25.38
N TRP Q 770 18.08 -37.30 25.70
CA TRP Q 770 16.80 -36.72 25.29
C TRP Q 770 16.61 -35.46 26.11
N ILE Q 771 15.92 -34.49 25.51
CA ILE Q 771 15.70 -33.19 26.13
C ILE Q 771 14.39 -32.96 26.90
N MET Q 772 14.50 -32.27 28.04
CA MET Q 772 13.35 -31.86 28.83
C MET Q 772 13.54 -30.36 29.00
N ARG Q 773 12.53 -29.59 28.64
CA ARG Q 773 12.58 -28.14 28.74
C ARG Q 773 12.04 -27.69 30.09
N VAL Q 774 12.81 -26.83 30.75
CA VAL Q 774 12.46 -26.33 32.07
C VAL Q 774 12.56 -24.83 32.14
N ASN Q 775 11.53 -24.19 32.73
CA ASN Q 775 11.53 -22.75 32.87
C ASN Q 775 12.67 -22.37 33.80
N SER Q 776 13.34 -21.26 33.47
CA SER Q 776 14.46 -20.77 34.25
C SER Q 776 14.23 -20.74 35.76
N ILE Q 777 13.04 -20.31 36.16
CA ILE Q 777 12.71 -20.20 37.59
C ILE Q 777 12.72 -21.55 38.30
N ASP Q 778 12.15 -22.57 37.66
CA ASP Q 778 12.12 -23.90 38.27
C ASP Q 778 13.51 -24.50 38.27
N ALA Q 779 14.25 -24.24 37.19
CA ALA Q 779 15.61 -24.76 37.06
C ALA Q 779 16.49 -24.20 38.17
N GLU Q 780 16.44 -22.88 38.35
CA GLU Q 780 17.23 -22.21 39.36
C GLU Q 780 16.87 -22.74 40.75
N ALA Q 781 15.59 -22.96 40.98
CA ALA Q 781 15.12 -23.46 42.26
C ALA Q 781 15.73 -24.82 42.59
N ARG Q 782 16.07 -25.59 41.57
CA ARG Q 782 16.65 -26.92 41.77
C ARG Q 782 18.13 -26.97 41.46
N GLY Q 783 18.74 -25.80 41.25
CA GLY Q 783 20.16 -25.76 40.94
C GLY Q 783 20.48 -26.41 39.61
N ILE Q 784 19.50 -26.45 38.71
CA ILE Q 784 19.70 -27.05 37.39
C ILE Q 784 20.15 -26.01 36.38
N LYS Q 785 21.16 -26.35 35.59
CA LYS Q 785 21.67 -25.45 34.56
C LYS Q 785 21.52 -26.07 33.20
N ASN Q 786 21.45 -25.23 32.17
CA ASN Q 786 21.30 -25.69 30.80
C ASN Q 786 22.37 -26.74 30.54
N GLY Q 787 21.95 -27.91 30.05
CA GLY Q 787 22.91 -28.96 29.76
C GLY Q 787 23.09 -30.02 30.83
N ASP Q 788 22.62 -29.77 32.04
CA ASP Q 788 22.75 -30.75 33.12
C ASP Q 788 21.92 -31.99 32.85
N LEU Q 789 22.35 -33.13 33.38
CA LEU Q 789 21.62 -34.36 33.23
C LEU Q 789 20.68 -34.38 34.43
N ILE Q 790 19.39 -34.47 34.16
CA ILE Q 790 18.42 -34.47 35.24
C ILE Q 790 17.61 -35.75 35.26
N ARG Q 791 16.96 -35.98 36.39
CA ARG Q 791 16.15 -37.16 36.59
C ARG Q 791 14.69 -36.73 36.73
N ALA Q 792 13.87 -37.10 35.77
CA ALA Q 792 12.45 -36.79 35.82
C ALA Q 792 11.84 -38.04 36.43
N TYR Q 793 11.00 -37.88 37.45
CA TYR Q 793 10.42 -39.05 38.10
C TYR Q 793 9.08 -38.81 38.78
N ASN Q 794 8.41 -39.93 39.09
CA ASN Q 794 7.15 -39.97 39.82
C ASN Q 794 6.99 -41.43 40.24
N ASP Q 795 5.80 -41.83 40.65
CA ASP Q 795 5.62 -43.22 41.09
C ASP Q 795 5.80 -44.26 39.99
N ARG Q 796 5.71 -43.82 38.74
CA ARG Q 796 5.81 -44.73 37.61
C ARG Q 796 7.22 -45.09 37.13
N GLY Q 797 8.19 -44.23 37.44
CA GLY Q 797 9.55 -44.51 37.03
C GLY Q 797 10.46 -43.31 37.09
N SER Q 798 11.65 -43.46 36.53
CA SER Q 798 12.66 -42.40 36.47
C SER Q 798 13.17 -42.36 35.05
N VAL Q 799 13.59 -41.17 34.62
CA VAL Q 799 14.12 -41.00 33.27
C VAL Q 799 15.23 -39.95 33.34
N ILE Q 800 16.39 -40.25 32.76
CA ILE Q 800 17.51 -39.32 32.78
C ILE Q 800 17.46 -38.50 31.50
N LEU Q 801 17.49 -37.18 31.65
CA LEU Q 801 17.39 -36.29 30.49
C LEU Q 801 18.37 -35.12 30.54
N ALA Q 802 18.52 -34.47 29.38
CA ALA Q 802 19.38 -33.29 29.27
C ALA Q 802 18.46 -32.10 29.47
N ALA Q 803 18.81 -31.24 30.40
CA ALA Q 803 18.01 -30.07 30.69
C ALA Q 803 18.23 -28.90 29.73
N GLN Q 804 17.14 -28.33 29.26
CA GLN Q 804 17.20 -27.15 28.40
C GLN Q 804 16.41 -26.08 29.12
N VAL Q 805 17.11 -25.13 29.73
CA VAL Q 805 16.45 -24.06 30.45
C VAL Q 805 15.86 -23.11 29.40
N THR Q 806 14.61 -22.68 29.62
CA THR Q 806 13.94 -21.82 28.66
C THR Q 806 12.89 -20.91 29.29
N GLU Q 807 12.31 -20.03 28.49
CA GLU Q 807 11.27 -19.12 28.95
C GLU Q 807 9.97 -19.53 28.26
N CYS Q 808 10.07 -20.50 27.35
CA CYS Q 808 8.92 -20.97 26.59
C CYS Q 808 7.95 -21.89 27.34
N LEU Q 809 7.85 -21.69 28.65
CA LEU Q 809 6.96 -22.49 29.48
C LEU Q 809 6.62 -21.65 30.71
N GLN Q 810 5.36 -21.71 31.15
CA GLN Q 810 4.97 -20.97 32.33
C GLN Q 810 5.68 -21.65 33.49
N PRO Q 811 6.24 -20.89 34.43
CA PRO Q 811 6.91 -21.50 35.57
C PRO Q 811 6.03 -22.59 36.20
N GLY Q 812 6.63 -23.73 36.50
CA GLY Q 812 5.88 -24.83 37.07
C GLY Q 812 5.54 -25.88 36.03
N THR Q 813 5.78 -25.55 34.76
CA THR Q 813 5.50 -26.48 33.66
C THR Q 813 6.79 -26.93 32.97
N VAL Q 814 6.85 -28.22 32.63
CA VAL Q 814 8.01 -28.79 31.93
C VAL Q 814 7.52 -29.48 30.67
N HIS Q 815 8.40 -29.59 29.69
CA HIS Q 815 8.05 -30.19 28.42
C HIS Q 815 9.14 -31.12 27.88
N SER Q 816 8.69 -32.27 27.39
CA SER Q 816 9.61 -33.25 26.80
C SER Q 816 8.80 -34.08 25.83
N TYR Q 817 9.22 -34.10 24.57
CA TYR Q 817 8.53 -34.86 23.55
C TYR Q 817 8.48 -36.34 23.84
N GLU Q 818 7.45 -37.00 23.31
CA GLU Q 818 7.27 -38.43 23.48
C GLU Q 818 7.85 -39.11 22.25
N SER Q 819 7.61 -40.42 22.16
CA SER Q 819 8.06 -41.23 21.02
C SER Q 819 9.55 -41.53 20.94
N CYS Q 820 10.27 -41.43 22.06
CA CYS Q 820 11.69 -41.76 22.06
C CYS Q 820 11.79 -43.20 21.52
N ALA Q 821 12.75 -43.45 20.63
CA ALA Q 821 12.93 -44.79 20.04
C ALA Q 821 13.92 -45.66 20.79
N VAL Q 822 14.70 -45.04 21.67
CA VAL Q 822 15.72 -45.75 22.43
C VAL Q 822 15.30 -46.13 23.84
N TYR Q 823 15.37 -47.42 24.17
CA TYR Q 823 15.07 -47.86 25.52
C TYR Q 823 16.39 -48.36 26.07
N ASP Q 824 16.94 -47.62 27.01
CA ASP Q 824 18.23 -47.96 27.58
C ASP Q 824 18.21 -47.96 29.10
N PRO Q 825 17.69 -49.04 29.70
CA PRO Q 825 17.59 -49.21 31.16
C PRO Q 825 18.98 -49.17 31.79
N LEU Q 826 19.11 -48.42 32.88
CA LEU Q 826 20.39 -48.33 33.57
C LEU Q 826 20.56 -49.52 34.50
N GLY Q 827 19.45 -50.20 34.78
CA GLY Q 827 19.45 -51.37 35.62
C GLY Q 827 18.57 -52.42 34.98
N THR Q 828 17.86 -53.19 35.80
CA THR Q 828 16.98 -54.23 35.28
C THR Q 828 15.87 -53.62 34.44
N ALA Q 829 15.59 -54.24 33.29
CA ALA Q 829 14.55 -53.77 32.38
C ALA Q 829 13.22 -53.64 33.13
N GLY Q 830 12.52 -52.54 32.88
CA GLY Q 830 11.23 -52.30 33.51
C GLY Q 830 11.23 -51.99 35.00
N LYS Q 831 12.40 -51.96 35.62
CA LYS Q 831 12.48 -51.70 37.05
C LYS Q 831 13.48 -50.61 37.42
N SER Q 832 14.13 -50.02 36.43
CA SER Q 832 15.12 -48.99 36.70
C SER Q 832 14.98 -47.74 35.83
N ALA Q 833 15.77 -46.73 36.15
CA ALA Q 833 15.74 -45.49 35.40
C ALA Q 833 16.17 -45.77 33.97
N ASP Q 834 15.58 -45.04 33.03
CA ASP Q 834 15.91 -45.19 31.62
C ASP Q 834 16.69 -43.97 31.18
N ARG Q 835 17.69 -44.14 30.34
CA ARG Q 835 18.45 -43.00 29.86
C ARG Q 835 18.30 -42.83 28.36
N GLY Q 836 17.46 -43.67 27.76
CA GLY Q 836 17.21 -43.55 26.33
C GLY Q 836 16.38 -42.30 26.09
N GLY Q 837 15.44 -42.04 27.00
CA GLY Q 837 14.59 -40.87 26.88
C GLY Q 837 13.10 -41.16 26.76
N CYS Q 838 12.68 -42.33 27.26
CA CYS Q 838 11.27 -42.73 27.20
C CYS Q 838 10.43 -42.03 28.25
N ILE Q 839 10.01 -40.82 27.94
CA ILE Q 839 9.18 -40.02 28.84
C ILE Q 839 7.85 -40.69 29.18
N ASN Q 840 7.34 -41.52 28.27
CA ASN Q 840 6.06 -42.19 28.52
C ASN Q 840 6.12 -43.22 29.65
N ILE Q 841 7.27 -43.32 30.29
CA ILE Q 841 7.44 -44.20 31.42
C ILE Q 841 6.73 -43.49 32.57
N LEU Q 842 6.65 -42.16 32.45
CA LEU Q 842 6.07 -41.29 33.47
C LEU Q 842 4.62 -40.86 33.29
N THR Q 843 4.04 -41.13 32.13
CA THR Q 843 2.66 -40.74 31.90
C THR Q 843 1.65 -41.70 32.54
N PRO Q 844 0.50 -41.19 32.97
CA PRO Q 844 -0.56 -41.98 33.61
C PRO Q 844 -1.22 -43.01 32.70
N ASP Q 845 -1.35 -44.24 33.19
CA ASP Q 845 -1.98 -45.29 32.41
C ASP Q 845 -3.49 -45.40 32.70
N ARG Q 846 -3.97 -44.58 33.63
CA ARG Q 846 -5.38 -44.58 33.96
C ARG Q 846 -6.10 -44.02 32.73
N TYR Q 847 -7.21 -44.65 32.35
CA TYR Q 847 -8.00 -44.22 31.19
C TYR Q 847 -8.58 -42.81 31.43
N ILE Q 848 -8.83 -42.07 30.35
CA ILE Q 848 -9.38 -40.73 30.47
C ILE Q 848 -10.57 -40.71 31.44
N SER Q 849 -11.54 -41.60 31.24
CA SER Q 849 -12.68 -41.70 32.15
C SER Q 849 -12.91 -43.20 32.42
N LYS Q 850 -13.92 -43.52 33.21
CA LYS Q 850 -14.20 -44.92 33.51
C LYS Q 850 -14.49 -45.74 32.26
N TYR Q 851 -15.21 -45.14 31.30
CA TYR Q 851 -15.55 -45.85 30.07
C TYR Q 851 -14.88 -45.25 28.84
N ALA Q 852 -14.24 -44.09 29.01
CA ALA Q 852 -13.53 -43.46 27.90
C ALA Q 852 -12.15 -44.08 27.99
N CYS Q 853 -12.00 -45.23 27.33
CA CYS Q 853 -10.77 -45.99 27.35
C CYS Q 853 -9.69 -45.49 26.40
N GLY Q 854 -9.30 -44.23 26.61
CA GLY Q 854 -8.26 -43.62 25.79
C GLY Q 854 -7.11 -43.18 26.67
N MET Q 855 -6.01 -42.77 26.05
CA MET Q 855 -4.83 -42.37 26.80
C MET Q 855 -4.90 -40.90 27.23
N ALA Q 856 -4.43 -40.61 28.43
CA ALA Q 856 -4.45 -39.26 28.99
C ALA Q 856 -3.03 -38.73 29.24
N ASN Q 857 -2.11 -39.14 28.37
CA ASN Q 857 -0.70 -38.78 28.47
C ASN Q 857 -0.26 -37.35 28.76
N ASN Q 858 -0.78 -36.37 28.01
CA ASN Q 858 -0.32 -35.01 28.20
C ASN Q 858 -0.61 -34.25 29.48
N THR Q 859 -1.06 -34.96 30.50
CA THR Q 859 -1.26 -34.40 31.83
C THR Q 859 -0.54 -35.40 32.72
N ALA Q 860 0.70 -35.06 33.06
CA ALA Q 860 1.50 -35.93 33.92
C ALA Q 860 2.26 -35.09 34.92
N LEU Q 861 2.13 -35.43 36.20
CA LEU Q 861 2.84 -34.70 37.25
C LEU Q 861 4.18 -35.37 37.50
N VAL Q 862 5.24 -34.57 37.60
CA VAL Q 862 6.57 -35.10 37.84
C VAL Q 862 7.37 -34.17 38.72
N GLU Q 863 8.54 -34.64 39.12
CA GLU Q 863 9.47 -33.84 39.90
C GLU Q 863 10.79 -34.07 39.18
N ILE Q 864 11.68 -33.09 39.23
CA ILE Q 864 12.96 -33.23 38.58
C ILE Q 864 14.03 -32.75 39.53
N GLU Q 865 15.25 -33.22 39.31
CA GLU Q 865 16.40 -32.86 40.12
C GLU Q 865 17.62 -33.23 39.32
N LYS Q 866 18.76 -32.62 39.65
CA LYS Q 866 19.99 -32.95 38.97
C LYS Q 866 20.16 -34.44 39.25
N TRP Q 867 20.65 -35.19 38.26
CA TRP Q 867 20.83 -36.62 38.42
C TRP Q 867 22.08 -36.90 39.24
N ASP Q 868 21.96 -37.78 40.24
CA ASP Q 868 23.10 -38.11 41.09
C ASP Q 868 23.89 -39.30 40.55
N GLY Q 869 23.48 -39.81 39.39
CA GLY Q 869 24.17 -40.93 38.79
C GLY Q 869 23.66 -42.31 39.17
N ASP Q 870 22.72 -42.40 40.11
CA ASP Q 870 22.19 -43.69 40.52
C ASP Q 870 21.30 -44.29 39.44
N LYS Q 871 21.07 -45.60 39.51
CA LYS Q 871 20.24 -46.29 38.52
C LYS Q 871 18.78 -46.39 38.93
N TYR Q 872 18.50 -46.06 40.18
CA TYR Q 872 17.14 -46.09 40.71
C TYR Q 872 16.35 -47.34 40.36
N GLU Q 873 16.86 -48.50 40.78
CA GLU Q 873 16.17 -49.74 40.52
C GLU Q 873 15.17 -49.94 41.66
N ILE Q 874 14.03 -49.26 41.55
CA ILE Q 874 13.00 -49.31 42.59
C ILE Q 874 11.59 -49.42 42.01
N TYR Q 875 11.47 -49.81 40.74
CA TYR Q 875 10.16 -49.89 40.12
C TYR Q 875 9.70 -51.31 39.78
N MET R 1 32.42 -12.06 -15.05
CA MET R 1 32.82 -12.79 -13.81
C MET R 1 31.73 -12.64 -12.75
N GLU R 2 30.73 -13.51 -12.83
CA GLU R 2 29.61 -13.52 -11.91
C GLU R 2 29.97 -14.28 -10.62
N GLN R 3 29.39 -13.86 -9.51
CA GLN R 3 29.67 -14.49 -8.22
C GLN R 3 28.41 -14.97 -7.51
N TYR R 4 28.57 -15.96 -6.64
CA TYR R 4 27.45 -16.50 -5.86
C TYR R 4 27.27 -15.70 -4.58
N TYR R 5 26.02 -15.57 -4.17
CA TYR R 5 25.69 -14.87 -2.94
C TYR R 5 24.49 -15.59 -2.33
N MET R 6 24.36 -15.49 -1.01
CA MET R 6 23.24 -16.13 -0.33
C MET R 6 22.63 -15.16 0.67
N VAL R 7 21.30 -15.07 0.67
CA VAL R 7 20.62 -14.21 1.61
C VAL R 7 19.71 -15.05 2.50
N ILE R 8 19.88 -14.88 3.80
CA ILE R 8 19.12 -15.64 4.79
C ILE R 8 18.20 -14.75 5.62
N ASP R 9 16.90 -15.07 5.61
CA ASP R 9 15.92 -14.29 6.36
C ASP R 9 15.70 -14.85 7.77
N VAL R 10 16.34 -14.23 8.75
CA VAL R 10 16.23 -14.65 10.14
C VAL R 10 14.76 -14.81 10.58
N ALA R 11 13.95 -13.80 10.29
CA ALA R 11 12.53 -13.81 10.67
C ALA R 11 11.79 -15.04 10.18
N LYS R 12 12.40 -15.80 9.27
CA LYS R 12 11.74 -16.98 8.76
C LYS R 12 12.28 -18.33 9.22
N CYS R 13 13.36 -18.35 10.02
CA CYS R 13 13.89 -19.63 10.50
C CYS R 13 13.00 -20.19 11.58
N GLN R 14 12.70 -21.49 11.50
CA GLN R 14 11.90 -22.14 12.53
C GLN R 14 12.70 -23.29 13.15
N ASP R 15 13.97 -23.42 12.74
CA ASP R 15 14.86 -24.44 13.28
C ASP R 15 14.41 -25.89 13.04
N CYS R 16 13.79 -26.19 11.90
CA CYS R 16 13.35 -27.57 11.59
C CYS R 16 14.56 -28.41 11.25
N ASN R 17 15.65 -27.73 10.89
CA ASN R 17 16.90 -28.38 10.54
C ASN R 17 16.95 -29.13 9.20
N ASN R 18 16.11 -28.73 8.24
CA ASN R 18 16.16 -29.36 6.94
C ASN R 18 17.51 -29.10 6.27
N CYS R 19 18.13 -27.94 6.55
CA CYS R 19 19.45 -27.56 5.98
C CYS R 19 20.45 -28.61 6.36
N PHE R 20 20.75 -28.51 7.65
CA PHE R 20 21.69 -29.34 8.36
C PHE R 20 21.52 -30.77 7.87
N MET R 21 20.31 -31.28 7.98
CA MET R 21 20.03 -32.63 7.57
C MET R 21 20.36 -32.76 6.09
N GLY R 22 20.30 -31.61 5.40
CA GLY R 22 20.64 -31.59 3.99
C GLY R 22 22.11 -31.82 3.73
N CYS R 23 23.02 -31.14 4.46
CA CYS R 23 24.46 -31.39 4.23
C CYS R 23 24.73 -32.82 4.47
N MET R 24 24.46 -33.21 5.72
CA MET R 24 24.69 -34.57 6.17
C MET R 24 24.30 -35.54 5.08
N ASP R 25 23.11 -35.37 4.55
CA ASP R 25 22.65 -36.26 3.49
C ASP R 25 23.64 -36.22 2.32
N GLU R 26 24.12 -35.01 2.02
CA GLU R 26 25.05 -34.82 0.92
C GLU R 26 26.51 -35.20 1.20
N HIS R 27 26.97 -34.99 2.43
CA HIS R 27 28.37 -35.22 2.76
C HIS R 27 28.80 -36.33 3.72
N GLU R 28 27.92 -36.75 4.63
CA GLU R 28 28.29 -37.76 5.61
C GLU R 28 28.67 -39.12 5.04
N LEU R 29 27.89 -39.63 4.08
CA LEU R 29 28.15 -40.92 3.47
C LEU R 29 28.76 -40.82 2.08
N ASN R 30 28.99 -39.60 1.59
CA ASN R 30 29.57 -39.42 0.27
C ASN R 30 30.93 -38.73 0.31
N GLU R 31 31.76 -39.02 -0.68
CA GLU R 31 33.07 -38.42 -0.81
C GLU R 31 33.12 -37.71 -2.15
N TRP R 32 33.54 -36.45 -2.15
CA TRP R 32 33.60 -35.69 -3.39
C TRP R 32 35.01 -35.29 -3.76
N PRO R 33 35.68 -36.13 -4.57
CA PRO R 33 37.06 -35.88 -5.02
C PRO R 33 37.25 -34.46 -5.55
N GLY R 34 38.29 -33.79 -5.06
CA GLY R 34 38.55 -32.43 -5.51
C GLY R 34 37.83 -31.38 -4.68
N TYR R 35 36.81 -31.81 -3.95
CA TYR R 35 36.06 -30.87 -3.12
C TYR R 35 36.18 -31.16 -1.63
N THR R 36 35.90 -32.39 -1.24
CA THR R 36 35.97 -32.74 0.18
C THR R 36 35.75 -34.22 0.43
N ALA R 37 36.31 -34.71 1.54
CA ALA R 37 36.14 -36.10 1.94
C ALA R 37 34.81 -36.13 2.70
N SER R 38 34.36 -37.32 3.07
CA SER R 38 33.10 -37.42 3.79
C SER R 38 33.15 -36.65 5.11
N MET R 39 32.02 -36.03 5.44
CA MET R 39 31.86 -35.24 6.65
C MET R 39 31.86 -36.10 7.91
N GLN R 40 32.35 -35.53 9.01
CA GLN R 40 32.37 -36.25 10.29
C GLN R 40 31.08 -35.98 11.06
N ARG R 41 30.49 -37.05 11.60
CA ARG R 41 29.25 -36.93 12.37
C ARG R 41 29.49 -36.03 13.57
N GLY R 42 28.66 -35.00 13.71
CA GLY R 42 28.81 -34.09 14.82
C GLY R 42 29.22 -32.70 14.37
N HIS R 43 29.90 -32.61 13.23
CA HIS R 43 30.33 -31.32 12.69
C HIS R 43 29.10 -30.51 12.32
N ARG R 44 29.27 -29.20 12.18
CA ARG R 44 28.17 -28.32 11.82
C ARG R 44 28.56 -27.33 10.71
N TRP R 45 28.85 -27.84 9.52
CA TRP R 45 29.21 -26.97 8.40
C TRP R 45 28.12 -25.91 8.32
N MET R 46 26.90 -26.37 8.56
CA MET R 46 25.73 -25.50 8.59
C MET R 46 25.40 -25.47 10.06
N ASN R 47 25.72 -24.37 10.71
CA ASN R 47 25.48 -24.24 12.14
C ASN R 47 24.30 -23.31 12.39
N ILE R 48 23.19 -23.87 12.89
CA ILE R 48 22.00 -23.06 13.17
C ILE R 48 22.02 -22.57 14.61
N GLU R 49 22.35 -21.30 14.79
CA GLU R 49 22.42 -20.70 16.12
C GLU R 49 21.04 -20.40 16.66
N ARG R 50 20.87 -20.61 17.96
CA ARG R 50 19.58 -20.38 18.62
C ARG R 50 19.72 -19.34 19.71
N ARG R 51 18.80 -18.37 19.74
CA ARG R 51 18.86 -17.35 20.78
C ARG R 51 17.50 -16.89 21.30
N GLU R 52 17.26 -17.14 22.58
CA GLU R 52 16.01 -16.73 23.23
C GLU R 52 16.19 -15.32 23.78
N ARG R 53 15.13 -14.53 23.74
CA ARG R 53 15.18 -13.17 24.26
C ARG R 53 14.05 -12.89 25.24
N GLY R 54 14.31 -12.00 26.18
CA GLY R 54 13.29 -11.65 27.15
C GLY R 54 12.95 -12.72 28.16
N THR R 55 11.90 -12.47 28.93
CA THR R 55 11.47 -13.38 29.97
C THR R 55 9.99 -13.71 29.86
N TYR R 56 9.61 -14.91 30.28
CA TYR R 56 8.21 -15.32 30.25
C TYR R 56 7.42 -14.22 30.95
N PRO R 57 6.22 -13.89 30.42
CA PRO R 57 5.54 -14.46 29.25
C PRO R 57 5.68 -13.65 27.95
N ARG R 58 6.52 -12.62 27.93
CA ARG R 58 6.69 -11.82 26.72
C ARG R 58 8.07 -12.03 26.12
N ASN R 59 8.47 -13.29 26.09
CA ASN R 59 9.75 -13.75 25.58
C ASN R 59 9.59 -14.16 24.12
N ASP R 60 10.71 -14.44 23.46
CA ASP R 60 10.67 -14.91 22.08
C ASP R 60 11.97 -15.62 21.73
N ILE R 61 12.08 -16.09 20.49
CA ILE R 61 13.29 -16.77 20.07
C ILE R 61 13.46 -16.65 18.56
N ASN R 62 14.71 -16.57 18.14
CA ASN R 62 15.04 -16.46 16.73
C ASN R 62 16.27 -17.33 16.44
N TYR R 63 16.44 -17.68 15.17
CA TYR R 63 17.57 -18.53 14.80
C TYR R 63 18.36 -17.91 13.66
N ARG R 64 19.64 -18.31 13.56
CA ARG R 64 20.51 -17.80 12.52
C ARG R 64 21.28 -18.90 11.83
N PRO R 65 20.76 -19.43 10.71
CA PRO R 65 21.51 -20.48 10.01
C PRO R 65 22.88 -19.89 9.67
N THR R 66 23.95 -20.59 10.04
CA THR R 66 25.29 -20.09 9.79
C THR R 66 26.23 -21.05 9.05
N PRO R 67 26.33 -20.90 7.73
CA PRO R 67 27.22 -21.78 6.97
C PRO R 67 28.56 -21.05 6.88
N CYS R 68 29.33 -21.34 5.85
CA CYS R 68 30.59 -20.66 5.67
C CYS R 68 30.22 -19.30 5.12
N MET R 69 30.99 -18.27 5.45
CA MET R 69 30.70 -16.94 4.93
C MET R 69 31.29 -16.72 3.54
N HIS R 70 32.24 -17.58 3.16
CA HIS R 70 32.91 -17.48 1.87
C HIS R 70 33.23 -16.02 1.58
N CYS R 71 33.73 -15.32 2.59
CA CYS R 71 34.02 -13.90 2.45
C CYS R 71 35.00 -13.52 1.33
N GLU R 72 34.78 -12.34 0.79
CA GLU R 72 35.58 -11.82 -0.32
C GLU R 72 37.04 -11.59 0.05
N ASN R 73 37.28 -11.25 1.30
CA ASN R 73 38.63 -11.00 1.82
C ASN R 73 38.86 -12.05 2.91
N ALA R 74 38.87 -13.32 2.51
CA ALA R 74 39.03 -14.43 3.45
C ALA R 74 40.37 -14.59 4.14
N PRO R 75 40.38 -14.52 5.48
CA PRO R 75 41.59 -14.65 6.30
C PRO R 75 42.25 -16.02 6.15
N CYS R 76 41.48 -17.09 6.02
CA CYS R 76 42.13 -18.40 5.90
C CYS R 76 42.75 -18.70 4.56
N VAL R 77 42.46 -17.88 3.55
CA VAL R 77 43.12 -18.10 2.28
C VAL R 77 44.43 -17.34 2.48
N ALA R 78 44.32 -16.16 3.08
CA ALA R 78 45.47 -15.31 3.35
C ALA R 78 46.51 -16.01 4.20
N LYS R 79 46.05 -16.72 5.23
CA LYS R 79 46.95 -17.42 6.12
C LYS R 79 46.84 -18.94 6.04
N GLY R 80 46.36 -19.42 4.90
CA GLY R 80 46.19 -20.86 4.71
C GLY R 80 47.40 -21.56 4.11
N ASN R 81 48.42 -20.77 3.78
CA ASN R 81 49.64 -21.34 3.22
C ASN R 81 49.35 -22.19 1.98
N GLY R 82 48.35 -21.79 1.21
CA GLY R 82 48.01 -22.53 0.01
C GLY R 82 47.09 -23.72 0.21
N ALA R 83 46.70 -23.97 1.45
CA ALA R 83 45.82 -25.10 1.76
C ALA R 83 44.37 -24.72 1.48
N VAL R 84 44.12 -23.41 1.35
CA VAL R 84 42.78 -22.91 1.07
C VAL R 84 42.86 -21.90 -0.07
N TYR R 85 41.93 -22.00 -1.03
CA TYR R 85 41.92 -21.08 -2.17
C TYR R 85 40.56 -20.43 -2.40
N GLN R 86 40.55 -19.40 -3.26
CA GLN R 86 39.32 -18.69 -3.59
C GLN R 86 39.03 -18.80 -5.07
N ARG R 87 37.81 -19.20 -5.41
CA ARG R 87 37.43 -19.35 -6.80
C ARG R 87 36.98 -18.00 -7.37
N GLU R 88 36.82 -17.93 -8.69
CA GLU R 88 36.39 -16.70 -9.34
C GLU R 88 34.94 -16.39 -9.03
N ASP R 89 34.13 -17.42 -8.82
CA ASP R 89 32.73 -17.22 -8.50
C ASP R 89 32.53 -16.90 -7.02
N GLY R 90 33.63 -16.69 -6.31
CA GLY R 90 33.57 -16.34 -4.90
C GLY R 90 33.61 -17.47 -3.88
N ILE R 91 33.44 -18.70 -4.33
CA ILE R 91 33.45 -19.83 -3.41
C ILE R 91 34.85 -20.09 -2.85
N VAL R 92 34.95 -20.18 -1.52
CA VAL R 92 36.21 -20.44 -0.84
C VAL R 92 36.28 -21.94 -0.52
N LEU R 93 37.32 -22.61 -1.01
CA LEU R 93 37.45 -24.04 -0.77
C LEU R 93 38.77 -24.49 -0.15
N ILE R 94 38.66 -25.43 0.78
CA ILE R 94 39.82 -26.01 1.45
C ILE R 94 40.29 -27.12 0.52
N ASP R 95 41.59 -27.17 0.23
CA ASP R 95 42.10 -28.24 -0.61
C ASP R 95 42.08 -29.48 0.28
N PRO R 96 41.22 -30.45 -0.05
CA PRO R 96 41.07 -31.70 0.72
C PRO R 96 42.39 -32.39 1.09
N GLU R 97 43.30 -32.49 0.13
CA GLU R 97 44.58 -33.14 0.37
C GLU R 97 45.65 -32.22 0.96
N LYS R 98 45.79 -31.03 0.40
CA LYS R 98 46.78 -30.07 0.89
C LYS R 98 46.60 -29.76 2.37
N ALA R 99 45.35 -29.72 2.82
CA ALA R 99 45.06 -29.37 4.21
C ALA R 99 45.26 -30.49 5.23
N LYS R 100 45.41 -31.72 4.76
CA LYS R 100 45.59 -32.84 5.68
C LYS R 100 46.71 -32.58 6.69
N GLY R 101 46.47 -32.96 7.95
CA GLY R 101 47.45 -32.78 9.00
C GLY R 101 47.63 -31.37 9.52
N LYS R 102 46.77 -30.44 9.13
CA LYS R 102 46.90 -29.06 9.59
C LYS R 102 45.74 -28.52 10.40
N LYS R 103 45.74 -28.83 11.70
CA LYS R 103 44.68 -28.38 12.62
C LYS R 103 44.65 -26.87 12.76
N GLU R 104 45.80 -26.24 12.52
CA GLU R 104 45.94 -24.80 12.65
C GLU R 104 44.97 -24.02 11.77
N LEU R 105 44.56 -24.62 10.65
CA LEU R 105 43.64 -23.96 9.73
C LEU R 105 42.38 -23.45 10.41
N LEU R 106 41.88 -24.21 11.38
CA LEU R 106 40.65 -23.83 12.09
C LEU R 106 40.78 -22.45 12.73
N ASP R 107 41.97 -22.15 13.25
CA ASP R 107 42.20 -20.88 13.93
C ASP R 107 42.27 -19.65 13.02
N THR R 108 42.42 -19.88 11.71
CA THR R 108 42.49 -18.78 10.75
C THR R 108 41.10 -18.24 10.50
N CYS R 109 40.10 -18.87 11.11
CA CYS R 109 38.70 -18.48 10.93
C CYS R 109 38.08 -17.65 12.04
N PRO R 110 37.68 -16.41 11.74
CA PRO R 110 37.07 -15.55 12.75
C PRO R 110 35.65 -16.02 13.08
N TYR R 111 35.04 -16.76 12.17
CA TYR R 111 33.68 -17.24 12.38
C TYR R 111 33.55 -18.65 12.96
N GLY R 112 34.65 -19.39 12.98
CA GLY R 112 34.64 -20.75 13.52
C GLY R 112 33.77 -21.74 12.77
N VAL R 113 33.75 -21.63 11.45
CA VAL R 113 32.93 -22.52 10.63
C VAL R 113 33.68 -23.78 10.20
N MET R 114 34.95 -23.88 10.58
CA MET R 114 35.76 -25.05 10.21
C MET R 114 35.72 -26.12 11.31
N TYR R 115 35.73 -27.38 10.89
CA TYR R 115 35.68 -28.50 11.84
C TYR R 115 36.75 -29.55 11.54
N TRP R 116 37.43 -30.01 12.57
CA TRP R 116 38.48 -31.02 12.40
C TRP R 116 37.93 -32.42 12.27
N ASN R 117 38.19 -33.05 11.12
CA ASN R 117 37.74 -34.41 10.88
C ASN R 117 38.85 -35.36 11.35
N GLU R 118 38.60 -36.04 12.49
CA GLU R 118 39.55 -36.96 13.10
C GLU R 118 40.06 -38.08 12.19
N GLU R 119 39.14 -38.80 11.56
CA GLU R 119 39.50 -39.91 10.69
C GLU R 119 40.30 -39.47 9.48
N GLU R 120 39.88 -38.37 8.87
CA GLU R 120 40.57 -37.84 7.69
C GLU R 120 41.74 -36.94 8.05
N ASN R 121 41.89 -36.62 9.33
CA ASN R 121 42.97 -35.76 9.77
C ASN R 121 43.05 -34.49 8.93
N VAL R 122 41.92 -33.81 8.73
CA VAL R 122 41.89 -32.58 7.95
C VAL R 122 40.76 -31.66 8.38
N ALA R 123 40.91 -30.37 8.11
CA ALA R 123 39.89 -29.40 8.44
C ALA R 123 38.82 -29.50 7.36
N GLN R 124 37.57 -29.39 7.77
CA GLN R 124 36.48 -29.45 6.81
C GLN R 124 35.50 -28.34 7.11
N LYS R 125 34.69 -28.02 6.11
CA LYS R 125 33.71 -26.98 6.29
C LYS R 125 32.86 -26.81 5.05
N CYS R 126 32.05 -25.77 5.12
CA CYS R 126 31.16 -25.40 4.03
C CYS R 126 31.81 -25.31 2.67
N THR R 127 31.25 -26.00 1.69
CA THR R 127 31.79 -25.93 0.34
C THR R 127 30.76 -25.27 -0.57
N MET R 128 29.59 -24.97 0.00
CA MET R 128 28.47 -24.38 -0.73
C MET R 128 28.16 -25.32 -1.89
N CYS R 129 28.19 -26.63 -1.61
CA CYS R 129 27.99 -27.71 -2.59
C CYS R 129 28.44 -27.35 -3.97
N ALA R 130 29.66 -26.82 -4.02
CA ALA R 130 30.28 -26.42 -5.26
C ALA R 130 30.24 -27.58 -6.24
N HIS R 131 30.37 -28.80 -5.73
CA HIS R 131 30.35 -29.97 -6.61
C HIS R 131 29.00 -30.07 -7.30
N LEU R 132 27.98 -29.53 -6.64
CA LEU R 132 26.63 -29.54 -7.22
C LEU R 132 26.49 -28.32 -8.13
N LEU R 133 27.05 -27.20 -7.70
CA LEU R 133 26.97 -25.99 -8.50
C LEU R 133 27.77 -26.17 -9.79
N ASP R 134 28.82 -26.98 -9.73
CA ASP R 134 29.64 -27.23 -10.90
C ASP R 134 29.05 -28.33 -11.80
N ASP R 135 27.87 -28.83 -11.44
CA ASP R 135 27.27 -29.89 -12.24
C ASP R 135 25.93 -29.47 -12.83
N GLU R 136 25.89 -29.40 -14.15
CA GLU R 136 24.67 -29.02 -14.87
C GLU R 136 23.51 -29.94 -14.53
N SER R 137 23.80 -31.22 -14.32
CA SER R 137 22.76 -32.21 -14.01
C SER R 137 21.98 -31.85 -12.76
N TRP R 138 22.61 -31.16 -11.82
CA TRP R 138 21.92 -30.75 -10.60
C TRP R 138 21.01 -29.60 -11.05
N ALA R 139 19.75 -29.93 -11.33
CA ALA R 139 18.79 -28.95 -11.82
C ALA R 139 18.50 -27.77 -10.90
N PRO R 140 18.37 -28.01 -9.59
CA PRO R 140 18.09 -26.90 -8.68
C PRO R 140 19.09 -25.75 -8.72
N LYS R 141 20.33 -26.06 -9.10
CA LYS R 141 21.38 -25.04 -9.17
C LYS R 141 21.50 -24.20 -7.90
N MET R 142 21.40 -24.88 -6.76
CA MET R 142 21.52 -24.21 -5.46
C MET R 142 21.96 -25.26 -4.44
N PRO R 143 22.55 -24.81 -3.32
CA PRO R 143 23.01 -25.72 -2.28
C PRO R 143 21.89 -26.56 -1.67
N ARG R 144 22.26 -27.58 -0.91
CA ARG R 144 21.26 -28.43 -0.30
C ARG R 144 20.42 -27.73 0.77
N CYS R 145 21.00 -26.80 1.53
CA CYS R 145 20.24 -26.09 2.56
C CYS R 145 19.05 -25.45 1.92
N ALA R 146 19.39 -24.50 1.06
CA ALA R 146 18.44 -23.69 0.34
C ALA R 146 17.39 -24.55 -0.33
N HIS R 147 17.81 -25.65 -0.94
CA HIS R 147 16.86 -26.51 -1.61
C HIS R 147 15.99 -27.32 -0.67
N ASN R 148 16.51 -27.63 0.51
CA ASN R 148 15.75 -28.40 1.51
C ASN R 148 14.77 -27.54 2.32
N CYS R 149 14.96 -26.22 2.32
CA CYS R 149 14.04 -25.34 3.07
C CYS R 149 12.60 -25.51 2.63
N GLY R 150 11.71 -25.29 3.59
CA GLY R 150 10.29 -25.36 3.32
C GLY R 150 9.70 -24.10 3.95
N SER R 151 10.60 -23.25 4.47
CA SER R 151 10.21 -22.01 5.14
C SER R 151 10.62 -20.73 4.42
N PHE R 152 11.07 -20.86 3.18
CA PHE R 152 11.48 -19.72 2.36
C PHE R 152 12.49 -18.78 3.01
N VAL R 153 13.45 -19.36 3.72
CA VAL R 153 14.48 -18.59 4.38
C VAL R 153 15.58 -18.16 3.41
N TYR R 154 15.95 -19.07 2.50
CA TYR R 154 17.03 -18.80 1.57
C TYR R 154 16.75 -18.17 0.22
N GLU R 155 17.75 -17.44 -0.25
CA GLU R 155 17.73 -16.76 -1.52
C GLU R 155 19.15 -17.00 -2.05
N PHE R 156 19.28 -17.84 -3.06
CA PHE R 156 20.58 -18.14 -3.62
C PHE R 156 20.71 -17.50 -4.99
N LEU R 157 21.71 -16.63 -5.14
CA LEU R 157 21.90 -15.96 -6.42
C LEU R 157 23.33 -16.02 -6.94
N LYS R 158 23.46 -15.68 -8.22
CA LYS R 158 24.74 -15.62 -8.89
C LYS R 158 24.60 -14.39 -9.77
N THR R 159 25.16 -13.29 -9.29
CA THR R 159 25.06 -12.03 -10.02
C THR R 159 26.34 -11.22 -9.93
N THR R 160 26.26 -9.96 -10.32
CA THR R 160 27.41 -9.08 -10.30
C THR R 160 27.49 -8.39 -8.95
N PRO R 161 28.69 -7.93 -8.57
CA PRO R 161 28.86 -7.25 -7.27
C PRO R 161 27.97 -6.02 -7.23
N GLU R 162 27.71 -5.45 -8.41
CA GLU R 162 26.87 -4.27 -8.55
C GLU R 162 25.42 -4.56 -8.16
N ALA R 163 24.87 -5.62 -8.72
CA ALA R 163 23.49 -5.99 -8.42
C ALA R 163 23.30 -6.35 -6.95
N MET R 164 24.28 -7.06 -6.39
CA MET R 164 24.21 -7.46 -4.99
C MET R 164 24.24 -6.22 -4.09
N ALA R 165 25.18 -5.33 -4.37
CA ALA R 165 25.32 -4.11 -3.59
C ALA R 165 23.99 -3.37 -3.58
N LYS R 166 23.33 -3.34 -4.74
CA LYS R 166 22.05 -2.66 -4.85
C LYS R 166 21.01 -3.34 -3.98
N LYS R 167 20.96 -4.68 -4.07
CA LYS R 167 20.00 -5.47 -3.30
C LYS R 167 20.27 -5.28 -1.80
N VAL R 168 21.54 -5.23 -1.42
CA VAL R 168 21.93 -5.03 -0.03
C VAL R 168 21.39 -3.70 0.49
N GLU R 169 21.58 -2.65 -0.30
CA GLU R 169 21.13 -1.32 0.08
C GLU R 169 19.60 -1.24 0.16
N GLU R 170 18.93 -1.86 -0.81
CA GLU R 170 17.47 -1.86 -0.86
C GLU R 170 16.80 -2.58 0.30
N GLU R 171 17.25 -3.80 0.58
CA GLU R 171 16.65 -4.60 1.64
C GLU R 171 17.30 -4.46 3.01
N GLY R 172 18.28 -3.57 3.12
CA GLY R 172 18.95 -3.37 4.40
C GLY R 172 19.67 -4.61 4.89
N LEU R 173 20.16 -5.41 3.95
CA LEU R 173 20.86 -6.65 4.28
C LEU R 173 22.12 -6.38 5.09
N GLU R 174 22.46 -7.34 5.96
CA GLU R 174 23.64 -7.21 6.81
C GLU R 174 24.45 -8.50 6.87
N VAL R 175 25.67 -8.40 7.38
CA VAL R 175 26.54 -9.56 7.53
C VAL R 175 26.98 -9.69 8.98
N ILE R 176 27.59 -10.82 9.31
CA ILE R 176 28.06 -11.06 10.66
C ILE R 176 29.45 -10.48 10.83
N LYS R 177 29.68 -9.82 11.96
CA LYS R 177 30.97 -9.22 12.27
C LYS R 177 31.52 -8.36 11.14
N PRO R 178 30.77 -7.33 10.72
CA PRO R 178 31.17 -6.42 9.64
C PRO R 178 32.53 -5.79 9.93
N GLU R 179 32.73 -5.37 11.18
CA GLU R 179 33.95 -4.71 11.63
C GLU R 179 35.26 -5.41 11.23
N LEU R 180 35.24 -6.73 11.08
CA LEU R 180 36.44 -7.48 10.74
C LEU R 180 36.93 -7.29 9.30
N GLY R 181 36.04 -6.80 8.43
CA GLY R 181 36.42 -6.56 7.05
C GLY R 181 36.65 -7.75 6.12
N THR R 182 36.14 -8.93 6.47
CA THR R 182 36.33 -10.10 5.59
C THR R 182 35.34 -10.04 4.42
N LYS R 183 34.25 -9.31 4.62
CA LYS R 183 33.22 -9.16 3.59
C LYS R 183 32.52 -10.47 3.19
N PRO R 184 31.67 -11.00 4.08
CA PRO R 184 30.94 -12.24 3.81
C PRO R 184 30.08 -12.10 2.57
N ARG R 185 29.81 -13.20 1.87
CA ARG R 185 28.95 -13.14 0.70
C ARG R 185 27.62 -13.81 1.06
N VAL R 186 27.45 -14.06 2.36
CA VAL R 186 26.25 -14.64 2.90
C VAL R 186 25.62 -13.49 3.68
N TYR R 187 24.45 -13.02 3.25
CA TYR R 187 23.79 -11.91 3.91
C TYR R 187 22.58 -12.30 4.73
N TYR R 188 22.31 -11.52 5.75
CA TYR R 188 21.19 -11.75 6.65
C TYR R 188 20.14 -10.65 6.61
N LYS R 189 18.89 -11.07 6.45
CA LYS R 189 17.74 -10.17 6.40
C LYS R 189 17.09 -10.24 7.78
N ASN R 190 16.71 -9.09 8.33
CA ASN R 190 16.09 -9.04 9.66
C ASN R 190 17.01 -9.58 10.75
N LEU R 191 18.30 -9.30 10.62
CA LEU R 191 19.30 -9.77 11.59
C LEU R 191 19.13 -9.21 12.99
N TYR R 192 18.39 -8.10 13.11
CA TYR R 192 18.15 -7.48 14.42
C TYR R 192 17.43 -8.46 15.37
N ARG R 193 16.65 -9.37 14.78
CA ARG R 193 15.92 -10.37 15.57
C ARG R 193 16.90 -11.18 16.39
N PHE R 194 18.05 -11.46 15.79
CA PHE R 194 19.08 -12.27 16.45
C PHE R 194 20.12 -11.46 17.21
N GLU R 195 20.59 -10.36 16.62
CA GLU R 195 21.62 -9.54 17.24
C GLU R 195 21.15 -8.41 18.16
N LYS R 196 19.92 -7.95 17.99
CA LYS R 196 19.44 -6.85 18.83
C LYS R 196 18.43 -7.27 19.89
N ASN R 197 17.90 -6.30 20.60
CA ASN R 197 16.93 -6.56 21.66
C ASN R 197 15.71 -5.65 21.58
N TYR R 198 14.73 -5.92 22.44
CA TYR R 198 13.52 -5.14 22.44
C TYR R 198 13.04 -4.84 23.86
N VAL R 199 12.02 -4.00 23.95
CA VAL R 199 11.40 -3.66 25.23
C VAL R 199 9.92 -3.86 24.97
N THR R 200 9.22 -4.50 25.91
CA THR R 200 7.81 -4.77 25.73
C THR R 200 7.02 -4.59 27.02
N ALA R 201 5.69 -4.61 26.89
CA ALA R 201 4.81 -4.46 28.04
C ALA R 201 3.35 -4.52 27.62
N GLY R 202 2.47 -4.65 28.60
CA GLY R 202 1.04 -4.69 28.36
C GLY R 202 0.38 -3.60 29.18
N ILE R 203 -0.37 -2.72 28.52
CA ILE R 203 -1.04 -1.64 29.23
C ILE R 203 -2.47 -1.97 29.62
N LEU R 204 -2.80 -1.69 30.88
CA LEU R 204 -4.14 -1.94 31.38
C LEU R 204 -4.79 -0.64 31.86
N VAL R 205 -6.07 -0.50 31.54
CA VAL R 205 -6.84 0.65 31.96
C VAL R 205 -8.07 0.11 32.68
N GLN R 206 -8.17 0.45 33.96
CA GLN R 206 -9.28 0.00 34.79
C GLN R 206 -9.45 -1.52 34.79
N GLY R 207 -8.33 -2.24 34.69
CA GLY R 207 -8.40 -3.68 34.73
C GLY R 207 -8.38 -4.46 33.43
N ASP R 208 -8.58 -3.79 32.31
CA ASP R 208 -8.58 -4.50 31.03
C ASP R 208 -7.52 -4.01 30.06
N CYS R 209 -7.13 -4.89 29.15
CA CYS R 209 -6.12 -4.55 28.15
C CYS R 209 -6.61 -3.33 27.38
N PHE R 210 -5.77 -2.29 27.31
CA PHE R 210 -6.16 -1.09 26.60
C PHE R 210 -5.57 -0.99 25.21
N GLU R 211 -6.45 -0.96 24.21
CA GLU R 211 -6.04 -0.87 22.82
C GLU R 211 -5.94 0.59 22.37
N GLY R 212 -4.96 0.90 21.54
CA GLY R 212 -4.82 2.26 21.05
C GLY R 212 -4.05 3.23 21.93
N ALA R 213 -3.47 2.74 23.01
CA ALA R 213 -2.68 3.61 23.88
C ALA R 213 -1.49 4.05 23.07
N LYS R 214 -1.07 5.31 23.22
CA LYS R 214 0.07 5.81 22.47
C LYS R 214 1.36 5.60 23.23
N VAL R 215 2.29 4.85 22.62
CA VAL R 215 3.57 4.56 23.25
C VAL R 215 4.73 5.15 22.46
N VAL R 216 5.62 5.85 23.15
CA VAL R 216 6.78 6.46 22.52
C VAL R 216 8.05 6.01 23.24
N LEU R 217 9.07 5.67 22.47
CA LEU R 217 10.35 5.24 23.04
C LEU R 217 11.38 6.34 22.76
N LYS R 218 12.09 6.75 23.81
CA LYS R 218 13.09 7.80 23.66
C LYS R 218 14.46 7.39 24.17
N SER R 219 15.48 8.05 23.64
CA SER R 219 16.85 7.84 24.05
C SER R 219 17.52 9.20 23.96
N GLY R 220 17.89 9.75 25.11
CA GLY R 220 18.53 11.05 25.14
C GLY R 220 17.55 12.20 24.97
N GLY R 221 16.27 11.91 25.19
CA GLY R 221 15.26 12.94 25.06
C GLY R 221 14.55 12.99 23.73
N LYS R 222 15.12 12.35 22.71
CA LYS R 222 14.49 12.35 21.39
C LYS R 222 13.85 11.03 21.02
N GLU R 223 12.69 11.10 20.38
CA GLU R 223 11.95 9.92 19.97
C GLU R 223 12.79 8.98 19.10
N VAL R 224 12.74 7.69 19.43
CA VAL R 224 13.48 6.66 18.71
C VAL R 224 12.49 5.74 17.99
N ALA R 225 11.27 5.69 18.50
CA ALA R 225 10.24 4.86 17.92
C ALA R 225 8.92 5.17 18.57
N SER R 226 7.84 4.70 17.97
CA SER R 226 6.50 4.93 18.53
C SER R 226 5.53 3.90 17.99
N ALA R 227 4.46 3.66 18.74
CA ALA R 227 3.46 2.70 18.31
C ALA R 227 2.22 2.80 19.18
N GLU R 228 1.15 2.13 18.75
CA GLU R 228 -0.09 2.11 19.52
C GLU R 228 -0.30 0.66 19.96
N THR R 229 -0.76 0.48 21.19
CA THR R 229 -0.98 -0.86 21.70
C THR R 229 -2.08 -1.61 20.96
N ASN R 230 -1.91 -2.93 20.85
CA ASN R 230 -2.89 -3.78 20.17
C ASN R 230 -4.00 -4.15 21.16
N PHE R 231 -4.89 -5.06 20.78
CA PHE R 231 -5.99 -5.40 21.69
C PHE R 231 -5.59 -6.16 22.96
N PHE R 232 -4.33 -6.53 23.08
CA PHE R 232 -3.87 -7.18 24.30
C PHE R 232 -3.17 -6.09 25.12
N GLY R 233 -3.21 -4.87 24.60
CA GLY R 233 -2.60 -3.73 25.25
C GLY R 233 -1.08 -3.74 25.19
N GLU R 234 -0.54 -4.50 24.24
CA GLU R 234 0.91 -4.61 24.12
C GLU R 234 1.58 -3.84 23.00
N PHE R 235 2.85 -3.57 23.22
CA PHE R 235 3.69 -2.88 22.25
C PHE R 235 5.05 -3.57 22.32
N LYS R 236 5.83 -3.48 21.24
CA LYS R 236 7.14 -4.11 21.21
C LYS R 236 8.08 -3.32 20.33
N PHE R 237 9.11 -2.72 20.92
CA PHE R 237 10.09 -1.95 20.17
C PHE R 237 11.35 -2.79 20.03
N ASP R 238 11.55 -3.35 18.84
CA ASP R 238 12.70 -4.21 18.58
C ASP R 238 13.87 -3.46 17.95
N ALA R 239 14.90 -4.20 17.57
CA ALA R 239 16.08 -3.64 16.93
C ALA R 239 16.74 -2.54 17.76
N LEU R 240 16.73 -2.69 19.08
CA LEU R 240 17.34 -1.69 19.95
C LEU R 240 18.78 -2.02 20.29
N ASP R 241 19.63 -1.01 20.23
CA ASP R 241 21.03 -1.18 20.58
C ASP R 241 21.11 -1.09 22.09
N ASN R 242 22.24 -1.53 22.65
CA ASN R 242 22.41 -1.46 24.09
C ASN R 242 22.41 0.01 24.53
N GLY R 243 21.95 0.25 25.74
CA GLY R 243 21.89 1.60 26.25
C GLY R 243 20.66 1.81 27.11
N GLU R 244 20.40 3.06 27.44
CA GLU R 244 19.26 3.43 28.26
C GLU R 244 18.19 4.13 27.41
N TYR R 245 16.93 3.81 27.68
CA TYR R 245 15.82 4.40 26.96
C TYR R 245 14.73 4.76 27.96
N THR R 246 13.77 5.54 27.50
CA THR R 246 12.64 5.94 28.33
C THR R 246 11.37 5.59 27.55
N VAL R 247 10.41 4.99 28.23
CA VAL R 247 9.16 4.63 27.60
C VAL R 247 8.07 5.57 28.10
N GLU R 248 7.37 6.20 27.18
CA GLU R 248 6.30 7.12 27.55
C GLU R 248 4.99 6.60 27.00
N ILE R 249 4.03 6.39 27.89
CA ILE R 249 2.73 5.88 27.51
C ILE R 249 1.65 6.90 27.81
N ASP R 250 0.67 6.97 26.93
CA ASP R 250 -0.44 7.89 27.10
C ASP R 250 -1.74 7.16 26.78
N ALA R 251 -2.62 7.02 27.77
CA ALA R 251 -3.87 6.31 27.54
C ALA R 251 -5.00 6.74 28.46
N ASP R 252 -6.17 6.91 27.88
CA ASP R 252 -7.37 7.30 28.62
C ASP R 252 -7.16 8.54 29.48
N GLY R 253 -6.38 9.49 28.98
CA GLY R 253 -6.11 10.71 29.72
C GLY R 253 -5.08 10.57 30.82
N LYS R 254 -4.45 9.40 30.90
CA LYS R 254 -3.43 9.13 31.90
C LYS R 254 -2.08 8.99 31.24
N SER R 255 -1.02 9.30 31.99
CA SER R 255 0.33 9.22 31.45
C SER R 255 1.22 8.35 32.34
N TYR R 256 2.20 7.70 31.70
CA TYR R 256 3.14 6.83 32.40
C TYR R 256 4.48 6.88 31.67
N SER R 257 5.56 6.85 32.43
CA SER R 257 6.89 6.85 31.83
C SER R 257 7.83 6.13 32.78
N ASP R 258 8.80 5.43 32.22
CA ASP R 258 9.78 4.70 33.02
C ASP R 258 11.02 4.41 32.17
N THR R 259 12.15 4.24 32.83
CA THR R 259 13.40 3.99 32.14
C THR R 259 13.62 2.50 31.94
N VAL R 260 14.35 2.16 30.88
CA VAL R 260 14.65 0.77 30.58
C VAL R 260 16.11 0.68 30.10
N VAL R 261 16.84 -0.27 30.67
CA VAL R 261 18.24 -0.46 30.30
C VAL R 261 18.39 -1.73 29.48
N ILE R 262 18.88 -1.57 28.25
CA ILE R 262 19.09 -2.68 27.32
C ILE R 262 20.58 -3.00 27.27
N ASP R 263 20.94 -4.19 27.73
CA ASP R 263 22.34 -4.62 27.74
C ASP R 263 22.46 -6.07 27.29
N ASP R 264 22.29 -6.29 25.98
CA ASP R 264 22.34 -7.61 25.37
C ASP R 264 21.22 -8.50 25.89
N LYS R 265 20.10 -7.86 26.25
CA LYS R 265 18.92 -8.56 26.76
C LYS R 265 17.68 -7.76 26.40
N SER R 266 16.55 -8.45 26.27
CA SER R 266 15.29 -7.80 25.97
C SER R 266 14.52 -7.73 27.29
N VAL R 267 13.86 -6.61 27.52
CA VAL R 267 13.13 -6.39 28.77
C VAL R 267 11.61 -6.38 28.65
N ASP R 268 10.94 -7.01 29.61
CA ASP R 268 9.49 -7.03 29.66
C ASP R 268 9.07 -6.28 30.91
N LEU R 269 8.44 -5.13 30.73
CA LEU R 269 8.00 -4.31 31.84
C LEU R 269 6.75 -4.86 32.52
N GLY R 270 6.21 -5.95 31.97
CA GLY R 270 5.02 -6.55 32.54
C GLY R 270 3.79 -5.68 32.35
N PHE R 271 2.81 -5.86 33.22
CA PHE R 271 1.57 -5.09 33.14
C PHE R 271 1.69 -3.68 33.73
N ILE R 272 1.36 -2.68 32.93
CA ILE R 272 1.39 -1.30 33.39
C ILE R 272 -0.07 -0.93 33.59
N LYS R 273 -0.49 -0.93 34.85
CA LYS R 273 -1.88 -0.63 35.21
C LYS R 273 -2.17 0.86 35.36
N LEU R 274 -3.03 1.38 34.49
CA LEU R 274 -3.39 2.78 34.54
C LEU R 274 -4.81 2.98 35.07
N MET S 1 -52.56 -51.15 -35.89
CA MET S 1 -53.71 -51.90 -36.46
C MET S 1 -54.19 -51.26 -37.76
N GLY S 2 -53.48 -50.22 -38.22
CA GLY S 2 -53.87 -49.54 -39.45
C GLY S 2 -52.74 -48.91 -40.25
N GLU S 3 -53.13 -48.12 -41.25
CA GLU S 3 -52.17 -47.45 -42.14
C GLU S 3 -51.78 -46.04 -41.68
N VAL S 4 -50.81 -45.46 -42.39
CA VAL S 4 -50.32 -44.13 -42.10
C VAL S 4 -51.09 -43.10 -42.93
N VAL S 5 -51.60 -42.07 -42.28
CA VAL S 5 -52.36 -41.03 -42.98
C VAL S 5 -51.66 -39.67 -42.87
N ARG S 6 -51.66 -38.92 -43.96
CA ARG S 6 -51.05 -37.60 -43.96
C ARG S 6 -52.14 -36.57 -43.70
N LEU S 7 -52.05 -35.90 -42.55
CA LEU S 7 -53.01 -34.89 -42.17
C LEU S 7 -52.36 -33.52 -42.22
N THR S 8 -53.16 -32.50 -41.92
CA THR S 8 -52.64 -31.14 -41.92
C THR S 8 -52.92 -30.45 -40.60
N ASN S 9 -52.06 -29.50 -40.28
CA ASN S 9 -52.20 -28.68 -39.10
C ASN S 9 -51.17 -27.57 -39.24
N SER S 10 -51.02 -26.75 -38.22
CA SER S 10 -50.07 -25.65 -38.31
C SER S 10 -49.54 -25.28 -36.94
N SER S 11 -48.75 -24.20 -36.90
CA SER S 11 -48.15 -23.76 -35.65
C SER S 11 -47.60 -22.34 -35.79
N THR S 12 -47.01 -21.84 -34.71
CA THR S 12 -46.41 -20.52 -34.69
C THR S 12 -45.11 -20.59 -35.49
N GLY S 13 -44.78 -21.79 -35.94
CA GLY S 13 -43.57 -22.00 -36.70
C GLY S 13 -43.90 -22.37 -38.14
N GLY S 14 -45.15 -22.22 -38.53
CA GLY S 14 -45.56 -22.54 -39.89
C GLY S 14 -46.45 -23.77 -40.02
N PRO S 15 -47.07 -23.96 -41.19
CA PRO S 15 -47.96 -25.11 -41.44
C PRO S 15 -47.16 -26.40 -41.59
N VAL S 16 -47.79 -27.53 -41.27
CA VAL S 16 -47.12 -28.82 -41.37
C VAL S 16 -48.02 -29.96 -41.83
N PHE S 17 -47.40 -30.97 -42.42
CA PHE S 17 -48.12 -32.17 -42.83
C PHE S 17 -47.83 -33.09 -41.66
N VAL S 18 -48.86 -33.74 -41.14
CA VAL S 18 -48.68 -34.63 -39.99
C VAL S 18 -49.01 -36.07 -40.34
N TYR S 19 -48.00 -36.93 -40.26
CA TYR S 19 -48.19 -38.34 -40.55
C TYR S 19 -48.59 -39.07 -39.27
N VAL S 20 -49.81 -39.60 -39.26
CA VAL S 20 -50.34 -40.30 -38.11
C VAL S 20 -50.67 -41.76 -38.42
N LYS S 21 -50.49 -42.63 -37.44
CA LYS S 21 -50.77 -44.06 -37.60
C LYS S 21 -51.21 -44.63 -36.26
N ASP S 22 -52.34 -45.35 -36.27
CA ASP S 22 -52.88 -45.95 -35.06
C ASP S 22 -52.95 -44.97 -33.89
N GLY S 23 -53.46 -43.77 -34.16
CA GLY S 23 -53.60 -42.76 -33.12
C GLY S 23 -52.31 -42.11 -32.63
N LYS S 24 -51.21 -42.36 -33.31
CA LYS S 24 -49.92 -41.79 -32.89
C LYS S 24 -49.26 -40.99 -33.99
N ILE S 25 -48.78 -39.80 -33.65
CA ILE S 25 -48.09 -38.96 -34.64
C ILE S 25 -46.70 -39.53 -34.88
N ILE S 26 -46.40 -39.81 -36.15
CA ILE S 26 -45.11 -40.36 -36.52
C ILE S 26 -44.08 -39.29 -36.86
N ARG S 27 -44.53 -38.20 -37.50
CA ARG S 27 -43.63 -37.10 -37.86
C ARG S 27 -44.40 -35.88 -38.34
N MET S 28 -43.73 -34.73 -38.35
CA MET S 28 -44.32 -33.47 -38.81
C MET S 28 -43.30 -32.87 -39.77
N THR S 29 -43.76 -32.39 -40.91
CA THR S 29 -42.84 -31.85 -41.91
C THR S 29 -43.36 -30.60 -42.59
N PRO S 30 -42.46 -29.86 -43.29
CA PRO S 30 -42.90 -28.65 -43.99
C PRO S 30 -43.80 -29.18 -45.11
N MET S 31 -44.58 -28.31 -45.73
CA MET S 31 -45.48 -28.76 -46.79
C MET S 31 -44.98 -28.57 -48.21
N ASP S 32 -45.05 -29.63 -49.00
CA ASP S 32 -44.74 -29.60 -50.38
C ASP S 32 -45.96 -29.32 -51.23
N PHE S 33 -45.88 -28.50 -52.22
CA PHE S 33 -47.04 -28.18 -53.03
C PHE S 33 -47.25 -29.22 -54.12
N ASP S 34 -48.50 -29.49 -54.45
CA ASP S 34 -48.86 -30.43 -55.49
C ASP S 34 -49.36 -29.57 -56.64
N ASP S 35 -48.46 -29.21 -57.55
CA ASP S 35 -48.81 -28.34 -58.66
C ASP S 35 -50.03 -28.76 -59.49
N ALA S 36 -50.50 -29.98 -59.30
CA ALA S 36 -51.66 -30.47 -60.03
C ALA S 36 -52.92 -29.85 -59.43
N VAL S 37 -52.83 -29.45 -58.17
CA VAL S 37 -53.99 -28.87 -57.49
C VAL S 37 -53.73 -27.55 -56.75
N ASP S 38 -52.46 -27.20 -56.55
CA ASP S 38 -52.13 -25.94 -55.86
C ASP S 38 -51.74 -24.85 -56.86
N ALA S 39 -52.40 -23.71 -56.76
CA ALA S 39 -52.17 -22.57 -57.66
C ALA S 39 -50.71 -22.14 -57.80
N PRO S 40 -50.33 -21.66 -59.00
CA PRO S 40 -48.97 -21.20 -59.31
C PRO S 40 -48.57 -20.04 -58.39
N SER S 41 -47.27 -19.87 -58.21
CA SER S 41 -46.74 -18.80 -57.36
C SER S 41 -46.58 -17.49 -58.15
N TRP S 42 -46.47 -16.38 -57.41
CA TRP S 42 -46.26 -15.08 -58.04
C TRP S 42 -44.88 -15.09 -58.71
N LYS S 43 -44.61 -14.06 -59.50
CA LYS S 43 -43.34 -13.91 -60.20
C LYS S 43 -42.98 -12.43 -60.17
N ILE S 44 -41.69 -12.13 -60.04
CA ILE S 44 -41.25 -10.75 -60.02
C ILE S 44 -40.11 -10.54 -61.00
N GLU S 45 -40.34 -9.71 -62.00
CA GLU S 45 -39.29 -9.43 -62.98
C GLU S 45 -38.54 -8.19 -62.49
N ALA S 46 -37.25 -8.33 -62.25
CA ALA S 46 -36.45 -7.21 -61.77
C ALA S 46 -35.01 -7.32 -62.24
N ARG S 47 -34.50 -6.21 -62.73
CA ARG S 47 -33.12 -6.14 -63.22
C ARG S 47 -32.73 -7.32 -64.09
N GLY S 48 -33.49 -7.54 -65.16
CA GLY S 48 -33.20 -8.61 -66.09
C GLY S 48 -33.36 -10.03 -65.58
N LYS S 49 -33.97 -10.18 -64.41
CA LYS S 49 -34.16 -11.51 -63.85
C LYS S 49 -35.59 -11.74 -63.40
N THR S 50 -35.97 -13.00 -63.29
CA THR S 50 -37.31 -13.36 -62.85
C THR S 50 -37.20 -14.12 -61.54
N PHE S 51 -37.79 -13.56 -60.49
CA PHE S 51 -37.76 -14.18 -59.18
C PHE S 51 -39.11 -14.80 -58.85
N THR S 52 -39.08 -16.07 -58.46
CA THR S 52 -40.29 -16.78 -58.08
C THR S 52 -39.92 -17.68 -56.91
N PRO S 53 -40.85 -17.87 -55.96
CA PRO S 53 -40.60 -18.69 -54.78
C PRO S 53 -40.64 -20.20 -54.97
N PRO S 54 -40.06 -20.93 -54.00
CA PRO S 54 -40.01 -22.40 -54.01
C PRO S 54 -41.44 -22.89 -53.78
N ARG S 55 -41.81 -23.99 -54.44
CA ARG S 55 -43.14 -24.55 -54.30
C ARG S 55 -43.23 -25.32 -52.99
N LYS S 56 -42.92 -24.65 -51.89
CA LYS S 56 -42.90 -25.29 -50.58
C LYS S 56 -42.97 -24.27 -49.44
N THR S 57 -43.38 -24.72 -48.26
CA THR S 57 -43.44 -23.84 -47.09
C THR S 57 -42.21 -24.18 -46.27
N SER S 58 -41.98 -23.43 -45.19
CA SER S 58 -40.84 -23.67 -44.33
C SER S 58 -41.28 -23.63 -42.87
N ILE S 59 -40.51 -24.29 -42.00
CA ILE S 59 -40.86 -24.32 -40.59
C ILE S 59 -39.71 -23.87 -39.70
N ALA S 60 -40.05 -23.42 -38.50
CA ALA S 60 -39.06 -22.97 -37.54
C ALA S 60 -38.57 -24.19 -36.76
N PRO S 61 -37.42 -24.08 -36.10
CA PRO S 61 -36.85 -25.20 -35.32
C PRO S 61 -37.80 -25.80 -34.30
N TYR S 62 -38.44 -24.94 -33.51
CA TYR S 62 -39.37 -25.38 -32.48
C TYR S 62 -40.59 -26.10 -33.00
N THR S 63 -40.89 -25.92 -34.28
CA THR S 63 -42.02 -26.61 -34.88
C THR S 63 -41.51 -27.94 -35.37
N ALA S 64 -40.24 -27.96 -35.79
CA ALA S 64 -39.62 -29.17 -36.29
C ALA S 64 -39.59 -30.24 -35.20
N GLY S 65 -39.43 -29.83 -33.96
CA GLY S 65 -39.40 -30.79 -32.87
C GLY S 65 -40.59 -30.65 -31.95
N PHE S 66 -41.68 -30.10 -32.49
CA PHE S 66 -42.89 -29.87 -31.71
C PHE S 66 -43.54 -31.17 -31.18
N LYS S 67 -43.28 -32.28 -31.84
CA LYS S 67 -43.86 -33.55 -31.41
C LYS S 67 -43.43 -33.89 -29.98
N SER S 68 -42.20 -33.49 -29.63
CA SER S 68 -41.68 -33.77 -28.30
C SER S 68 -42.37 -32.90 -27.26
N MET S 69 -43.10 -31.88 -27.72
CA MET S 69 -43.83 -31.00 -26.82
C MET S 69 -45.22 -31.59 -26.57
N ILE S 70 -45.81 -32.17 -27.61
CA ILE S 70 -47.13 -32.78 -27.50
C ILE S 70 -47.10 -33.96 -26.55
N TYR S 71 -46.07 -34.80 -26.66
CA TYR S 71 -45.93 -35.98 -25.80
C TYR S 71 -44.94 -35.74 -24.66
N SER S 72 -44.82 -34.49 -24.22
CA SER S 72 -43.92 -34.13 -23.14
C SER S 72 -44.33 -34.75 -21.81
N ASP S 73 -43.36 -35.09 -20.97
CA ASP S 73 -43.69 -35.66 -19.67
C ASP S 73 -43.99 -34.53 -18.68
N LEU S 74 -43.84 -33.28 -19.13
CA LEU S 74 -44.14 -32.12 -18.28
C LEU S 74 -45.53 -31.62 -18.68
N ARG S 75 -46.17 -32.39 -19.54
CA ARG S 75 -47.51 -32.11 -20.00
C ARG S 75 -48.39 -32.28 -18.75
N ILE S 76 -49.31 -31.36 -18.49
CA ILE S 76 -50.18 -31.50 -17.31
C ILE S 76 -51.02 -32.76 -17.55
N PRO S 77 -50.84 -33.77 -16.68
CA PRO S 77 -51.51 -35.08 -16.69
C PRO S 77 -53.03 -35.12 -16.60
N TYR S 78 -53.56 -34.40 -15.63
CA TYR S 78 -54.99 -34.38 -15.36
C TYR S 78 -55.22 -33.19 -14.45
N PRO S 79 -56.47 -32.91 -14.07
CA PRO S 79 -56.67 -31.76 -13.18
C PRO S 79 -55.91 -31.97 -11.88
N MET S 80 -55.32 -30.90 -11.36
CA MET S 80 -54.54 -30.99 -10.14
C MET S 80 -54.98 -29.98 -9.10
N LYS S 81 -54.85 -30.35 -7.83
CA LYS S 81 -55.21 -29.47 -6.73
C LYS S 81 -54.06 -29.37 -5.73
N ARG S 82 -53.76 -28.15 -5.29
CA ARG S 82 -52.70 -27.94 -4.32
C ARG S 82 -53.15 -28.54 -3.00
N LYS S 83 -52.40 -29.53 -2.51
CA LYS S 83 -52.74 -30.22 -1.26
C LYS S 83 -53.04 -29.30 -0.10
N SER S 84 -52.16 -28.34 0.15
CA SER S 84 -52.30 -27.42 1.26
C SER S 84 -53.45 -26.40 1.12
N PHE S 85 -54.15 -26.42 -0.01
CA PHE S 85 -55.26 -25.49 -0.23
C PHE S 85 -56.63 -26.12 0.05
N ASP S 86 -57.36 -25.53 0.99
CA ASP S 86 -58.69 -26.02 1.33
C ASP S 86 -59.69 -24.86 1.24
N PRO S 87 -60.56 -24.90 0.21
CA PRO S 87 -61.58 -23.87 -0.05
C PRO S 87 -62.47 -23.58 1.15
N ASN S 88 -62.77 -24.61 1.94
CA ASN S 88 -63.66 -24.44 3.08
C ASN S 88 -62.94 -24.38 4.43
N GLY S 89 -61.62 -24.27 4.39
CA GLY S 89 -60.85 -24.21 5.63
C GLY S 89 -59.67 -23.28 5.45
N GLU S 90 -58.47 -23.77 5.77
CA GLU S 90 -57.26 -22.99 5.63
C GLU S 90 -56.83 -23.02 4.17
N ARG S 91 -56.68 -21.84 3.58
CA ARG S 91 -56.29 -21.74 2.19
C ARG S 91 -54.78 -21.66 2.05
N ASN S 92 -54.11 -21.30 3.14
CA ASN S 92 -52.66 -21.20 3.18
C ASN S 92 -52.08 -20.50 1.96
N PRO S 93 -52.38 -19.21 1.78
CA PRO S 93 -51.89 -18.44 0.65
C PRO S 93 -50.35 -18.48 0.62
N GLN S 94 -49.76 -18.46 1.81
CA GLN S 94 -48.31 -18.46 1.96
C GLN S 94 -47.62 -19.76 1.53
N LEU S 95 -48.39 -20.77 1.14
CA LEU S 95 -47.80 -22.04 0.72
C LEU S 95 -47.80 -22.28 -0.78
N ARG S 96 -48.34 -21.34 -1.55
CA ARG S 96 -48.33 -21.50 -3.01
C ARG S 96 -46.85 -21.45 -3.40
N GLY S 97 -46.41 -22.39 -4.22
CA GLY S 97 -45.02 -22.41 -4.63
C GLY S 97 -44.07 -23.03 -3.62
N ALA S 98 -44.59 -23.57 -2.53
CA ALA S 98 -43.75 -24.18 -1.51
C ALA S 98 -42.97 -25.36 -2.09
N GLY S 99 -43.59 -26.10 -3.00
CA GLY S 99 -42.92 -27.23 -3.61
C GLY S 99 -41.73 -26.76 -4.44
N LEU S 100 -41.94 -25.64 -5.12
CA LEU S 100 -40.89 -25.04 -5.95
C LEU S 100 -39.73 -24.65 -5.04
N SER S 101 -40.07 -24.06 -3.89
CA SER S 101 -39.08 -23.60 -2.92
C SER S 101 -38.22 -24.74 -2.37
N LYS S 102 -38.71 -25.97 -2.48
CA LYS S 102 -37.96 -27.13 -1.99
C LYS S 102 -37.58 -28.03 -3.15
N GLN S 103 -37.51 -27.43 -4.33
CA GLN S 103 -37.12 -28.13 -5.55
C GLN S 103 -37.94 -29.39 -5.86
N ASP S 104 -39.24 -29.34 -5.57
CA ASP S 104 -40.14 -30.47 -5.85
C ASP S 104 -41.57 -29.97 -6.08
N PRO S 105 -41.80 -29.29 -7.21
CA PRO S 105 -43.11 -28.74 -7.60
C PRO S 105 -44.26 -29.73 -7.56
N TRP S 106 -44.08 -30.86 -8.23
CA TRP S 106 -45.12 -31.88 -8.28
C TRP S 106 -45.64 -32.33 -6.92
N SER S 107 -44.75 -32.41 -5.93
CA SER S 107 -45.13 -32.87 -4.60
C SER S 107 -46.16 -31.99 -3.88
N ASP S 108 -46.47 -30.84 -4.48
CA ASP S 108 -47.45 -29.93 -3.88
C ASP S 108 -48.87 -30.21 -4.33
N TYR S 109 -49.03 -31.01 -5.38
CA TYR S 109 -50.35 -31.28 -5.91
C TYR S 109 -50.82 -32.72 -5.86
N GLU S 110 -52.14 -32.89 -5.89
CA GLU S 110 -52.76 -34.20 -5.87
C GLU S 110 -53.79 -34.22 -7.00
N ARG S 111 -54.01 -35.39 -7.58
CA ARG S 111 -54.96 -35.53 -8.65
C ARG S 111 -56.40 -35.38 -8.18
N ILE S 112 -57.24 -34.80 -9.03
CA ILE S 112 -58.66 -34.64 -8.76
C ILE S 112 -59.38 -34.70 -10.10
N SER S 113 -60.67 -35.00 -10.06
CA SER S 113 -61.45 -35.11 -11.30
C SER S 113 -61.79 -33.77 -11.91
N TRP S 114 -62.20 -33.80 -13.18
CA TRP S 114 -62.60 -32.59 -13.88
C TRP S 114 -63.84 -32.03 -13.19
N ASP S 115 -64.71 -32.94 -12.75
CA ASP S 115 -65.95 -32.55 -12.11
C ASP S 115 -65.69 -31.78 -10.81
N GLU S 116 -64.79 -32.29 -9.97
CA GLU S 116 -64.52 -31.60 -8.71
C GLU S 116 -63.71 -30.31 -8.90
N ALA S 117 -62.76 -30.33 -9.82
CA ALA S 117 -61.95 -29.14 -10.08
C ALA S 117 -62.84 -27.98 -10.50
N THR S 118 -63.73 -28.25 -11.46
CA THR S 118 -64.62 -27.20 -11.95
C THR S 118 -65.66 -26.76 -10.91
N ASP S 119 -66.14 -27.67 -10.08
CA ASP S 119 -67.10 -27.30 -9.04
C ASP S 119 -66.43 -26.34 -8.07
N ILE S 120 -65.17 -26.62 -7.76
CA ILE S 120 -64.41 -25.78 -6.84
C ILE S 120 -64.24 -24.38 -7.43
N VAL S 121 -63.85 -24.32 -8.70
CA VAL S 121 -63.64 -23.04 -9.37
C VAL S 121 -64.96 -22.27 -9.49
N VAL S 122 -66.03 -22.97 -9.85
CA VAL S 122 -67.33 -22.33 -9.98
C VAL S 122 -67.76 -21.76 -8.64
N ALA S 123 -67.54 -22.52 -7.56
CA ALA S 123 -67.92 -22.05 -6.23
C ALA S 123 -67.18 -20.75 -5.91
N GLU S 124 -65.90 -20.68 -6.27
CA GLU S 124 -65.11 -19.47 -6.02
C GLU S 124 -65.61 -18.29 -6.86
N ILE S 125 -65.89 -18.56 -8.12
CA ILE S 125 -66.37 -17.52 -9.02
C ILE S 125 -67.65 -16.89 -8.49
N ASN S 126 -68.64 -17.74 -8.16
CA ASN S 126 -69.92 -17.26 -7.66
C ASN S 126 -69.84 -16.58 -6.31
N ARG S 127 -69.05 -17.13 -5.39
CA ARG S 127 -68.92 -16.51 -4.08
C ARG S 127 -68.36 -15.10 -4.24
N ILE S 128 -67.31 -14.97 -5.06
CA ILE S 128 -66.67 -13.68 -5.30
C ILE S 128 -67.55 -12.69 -6.04
N LYS S 129 -68.25 -13.16 -7.08
CA LYS S 129 -69.11 -12.25 -7.83
C LYS S 129 -70.21 -11.67 -6.94
N HIS S 130 -70.77 -12.48 -6.06
CA HIS S 130 -71.84 -11.99 -5.19
C HIS S 130 -71.35 -11.19 -4.00
N ALA S 131 -70.08 -11.34 -3.66
CA ALA S 131 -69.54 -10.60 -2.53
C ALA S 131 -68.84 -9.31 -2.96
N TYR S 132 -68.10 -9.36 -4.06
CA TYR S 132 -67.35 -8.20 -4.53
C TYR S 132 -67.64 -7.77 -5.97
N GLY S 133 -68.18 -8.68 -6.75
CA GLY S 133 -68.49 -8.36 -8.13
C GLY S 133 -67.50 -8.99 -9.10
N PRO S 134 -67.85 -9.08 -10.39
CA PRO S 134 -67.00 -9.66 -11.44
C PRO S 134 -65.61 -9.04 -11.51
N SER S 135 -65.51 -7.75 -11.18
CA SER S 135 -64.22 -7.07 -11.25
C SER S 135 -63.19 -7.66 -10.28
N ALA S 136 -63.66 -8.38 -9.26
CA ALA S 136 -62.75 -8.99 -8.29
C ALA S 136 -62.08 -10.25 -8.85
N ILE S 137 -62.47 -10.65 -10.05
CA ILE S 137 -61.89 -11.82 -10.69
C ILE S 137 -60.87 -11.39 -11.74
N LEU S 138 -59.59 -11.48 -11.39
CA LEU S 138 -58.53 -11.10 -12.31
C LEU S 138 -58.21 -12.27 -13.22
N SER S 139 -57.81 -11.96 -14.44
CA SER S 139 -57.47 -13.02 -15.38
C SER S 139 -56.67 -12.50 -16.55
N THR S 140 -55.80 -13.35 -17.05
CA THR S 140 -54.97 -12.99 -18.19
C THR S 140 -54.20 -14.18 -18.72
N PRO S 141 -54.04 -14.26 -20.04
CA PRO S 141 -53.29 -15.34 -20.66
C PRO S 141 -52.00 -14.60 -20.95
N SER S 142 -51.54 -14.62 -22.19
CA SER S 142 -50.36 -13.87 -22.54
C SER S 142 -50.32 -13.58 -24.02
N SER S 143 -49.27 -12.89 -24.46
CA SER S 143 -49.17 -12.50 -25.85
C SER S 143 -49.33 -13.61 -26.86
N HIS S 144 -48.65 -14.73 -26.68
CA HIS S 144 -48.79 -15.77 -27.67
C HIS S 144 -49.53 -17.03 -27.29
N HIS S 145 -49.88 -17.81 -28.29
CA HIS S 145 -50.74 -18.94 -28.06
C HIS S 145 -50.60 -19.99 -29.16
N MET S 146 -51.03 -21.22 -28.88
CA MET S 146 -50.97 -22.28 -29.88
C MET S 146 -51.73 -21.74 -31.10
N TRP S 147 -51.24 -22.06 -32.30
CA TRP S 147 -51.87 -21.59 -33.53
C TRP S 147 -53.29 -22.15 -33.67
N GLY S 148 -54.19 -21.34 -34.21
CA GLY S 148 -55.57 -21.74 -34.38
C GLY S 148 -56.48 -20.54 -34.12
N ASN S 149 -57.14 -20.07 -35.16
CA ASN S 149 -58.00 -18.90 -35.06
C ASN S 149 -59.20 -19.01 -34.11
N VAL S 150 -59.95 -20.10 -34.21
CA VAL S 150 -61.11 -20.27 -33.33
C VAL S 150 -60.73 -20.47 -31.87
N GLY S 151 -59.71 -21.28 -31.62
CA GLY S 151 -59.29 -21.53 -30.25
C GLY S 151 -58.38 -20.46 -29.65
N TYR S 152 -57.90 -19.53 -30.49
CA TYR S 152 -57.00 -18.48 -30.03
C TYR S 152 -57.59 -17.70 -28.85
N ARG S 153 -56.71 -17.07 -28.07
CA ARG S 153 -57.13 -16.30 -26.91
C ARG S 153 -58.05 -15.13 -27.23
N HIS S 154 -57.90 -14.54 -28.42
CA HIS S 154 -58.77 -13.42 -28.80
C HIS S 154 -60.17 -13.95 -29.13
N SER S 155 -60.25 -15.25 -29.38
CA SER S 155 -61.52 -15.87 -29.76
C SER S 155 -62.24 -16.63 -28.64
N THR S 156 -61.80 -17.85 -28.34
CA THR S 156 -62.42 -18.66 -27.31
C THR S 156 -62.31 -18.07 -25.90
N TYR S 157 -61.09 -17.72 -25.50
CA TYR S 157 -60.85 -17.13 -24.18
C TYR S 157 -61.77 -15.95 -23.90
N PHE S 158 -61.77 -14.97 -24.79
CA PHE S 158 -62.60 -13.78 -24.60
C PHE S 158 -64.09 -14.09 -24.63
N ARG S 159 -64.53 -14.90 -25.59
CA ARG S 159 -65.96 -15.21 -25.66
C ARG S 159 -66.46 -15.70 -24.32
N PHE S 160 -65.69 -16.57 -23.66
CA PHE S 160 -66.10 -17.07 -22.35
C PHE S 160 -65.92 -16.06 -21.21
N MET S 161 -64.71 -15.54 -21.06
CA MET S 161 -64.42 -14.60 -20.00
C MET S 161 -65.36 -13.39 -19.99
N ASN S 162 -65.76 -12.93 -21.18
CA ASN S 162 -66.67 -11.78 -21.27
C ASN S 162 -68.05 -12.10 -20.69
N MET S 163 -68.41 -13.38 -20.66
CA MET S 163 -69.69 -13.80 -20.11
C MET S 163 -69.58 -14.18 -18.64
N MET S 164 -68.36 -14.25 -18.14
CA MET S 164 -68.12 -14.66 -16.75
C MET S 164 -67.75 -13.52 -15.79
N GLY S 165 -66.63 -12.85 -16.04
CA GLY S 165 -66.21 -11.77 -15.16
C GLY S 165 -66.19 -10.43 -15.88
N PHE S 166 -65.08 -9.69 -15.81
CA PHE S 166 -63.86 -10.05 -15.11
C PHE S 166 -62.90 -8.86 -15.28
N THR S 167 -61.86 -8.77 -14.45
CA THR S 167 -60.88 -7.69 -14.63
C THR S 167 -59.73 -8.28 -15.43
N TYR S 168 -59.51 -7.71 -16.61
CA TYR S 168 -58.44 -8.18 -17.48
C TYR S 168 -57.13 -7.48 -17.17
N ALA S 169 -56.03 -8.23 -17.24
CA ALA S 169 -54.72 -7.63 -17.06
C ALA S 169 -54.32 -7.41 -18.51
N ASP S 170 -54.72 -6.26 -19.05
CA ASP S 170 -54.41 -5.97 -20.44
C ASP S 170 -52.91 -5.95 -20.67
N HIS S 171 -52.50 -6.49 -21.81
CA HIS S 171 -51.09 -6.56 -22.16
C HIS S 171 -50.51 -5.25 -22.66
N ASN S 172 -49.28 -4.98 -22.23
CA ASN S 172 -48.56 -3.80 -22.67
C ASN S 172 -48.16 -4.13 -24.10
N PRO S 173 -47.95 -3.11 -24.95
CA PRO S 173 -47.56 -3.41 -26.34
C PRO S 173 -46.09 -3.87 -26.42
N ASP S 174 -45.79 -5.00 -25.77
CA ASP S 174 -44.44 -5.54 -25.73
C ASP S 174 -43.66 -5.48 -27.04
N SER S 175 -44.19 -6.15 -28.06
CA SER S 175 -43.56 -6.18 -29.37
C SER S 175 -43.24 -4.77 -29.94
N TRP S 176 -44.12 -3.81 -29.69
CA TRP S 176 -44.02 -2.43 -30.21
C TRP S 176 -43.51 -1.30 -29.33
N GLU S 177 -43.33 -1.54 -28.03
CA GLU S 177 -42.93 -0.50 -27.07
C GLU S 177 -42.49 0.86 -27.62
N GLY S 178 -41.24 0.96 -28.08
CA GLY S 178 -40.73 2.22 -28.61
C GLY S 178 -41.56 2.87 -29.70
N TRP S 179 -42.04 2.08 -30.64
CA TRP S 179 -42.85 2.59 -31.73
C TRP S 179 -44.24 3.02 -31.26
N HIS S 180 -44.74 2.33 -30.24
CA HIS S 180 -46.05 2.60 -29.67
C HIS S 180 -46.11 3.83 -28.78
N TRP S 181 -45.20 3.91 -27.82
CA TRP S 181 -45.18 5.04 -26.89
C TRP S 181 -44.33 6.20 -27.38
N GLY S 182 -43.66 6.02 -28.51
CA GLY S 182 -42.81 7.09 -29.03
C GLY S 182 -43.02 7.41 -30.50
N GLY S 183 -42.79 6.42 -31.35
CA GLY S 183 -42.95 6.62 -32.78
C GLY S 183 -44.34 7.08 -33.19
N MET S 184 -45.36 6.57 -32.51
CA MET S 184 -46.74 6.92 -32.83
C MET S 184 -46.95 8.43 -32.85
N HIS S 185 -46.38 9.12 -31.87
CA HIS S 185 -46.51 10.56 -31.76
C HIS S 185 -45.77 11.28 -32.87
N MET S 186 -44.82 10.59 -33.50
CA MET S 186 -44.04 11.18 -34.56
C MET S 186 -44.62 10.98 -35.96
N TRP S 187 -45.15 9.79 -36.24
CA TRP S 187 -45.72 9.56 -37.56
C TRP S 187 -47.07 8.85 -37.57
N GLY S 188 -47.67 8.68 -36.39
CA GLY S 188 -48.96 8.02 -36.32
C GLY S 188 -48.93 6.50 -36.40
N PHE S 189 -49.64 5.94 -37.38
CA PHE S 189 -49.70 4.49 -37.52
C PHE S 189 -50.17 3.84 -36.22
N SER S 190 -51.08 4.49 -35.50
CA SER S 190 -51.56 3.93 -34.24
C SER S 190 -52.17 2.54 -34.44
N TRP S 191 -52.88 2.36 -35.56
CA TRP S 191 -53.53 1.09 -35.86
C TRP S 191 -52.52 -0.05 -36.07
N ARG S 192 -51.25 0.32 -36.23
CA ARG S 192 -50.18 -0.68 -36.37
C ARG S 192 -49.28 -0.52 -35.15
N LEU S 193 -49.82 0.20 -34.16
CA LEU S 193 -49.14 0.46 -32.90
C LEU S 193 -47.76 1.08 -33.09
N GLY S 194 -47.63 1.91 -34.11
CA GLY S 194 -46.37 2.58 -34.38
C GLY S 194 -45.53 2.02 -35.51
N ASN S 195 -45.84 0.81 -35.97
CA ASN S 195 -45.07 0.21 -37.07
C ASN S 195 -45.56 0.72 -38.42
N PRO S 196 -44.69 0.67 -39.44
CA PRO S 196 -45.04 1.13 -40.79
C PRO S 196 -45.69 0.05 -41.63
N GLU S 197 -46.49 0.46 -42.61
CA GLU S 197 -47.11 -0.50 -43.53
C GLU S 197 -45.94 -1.00 -44.40
N GLN S 198 -46.06 -2.20 -44.97
CA GLN S 198 -44.98 -2.76 -45.79
C GLN S 198 -45.39 -3.30 -47.16
N TYR S 199 -46.61 -3.01 -47.59
CA TYR S 199 -47.11 -3.50 -48.87
C TYR S 199 -46.20 -3.36 -50.09
N ASP S 200 -46.17 -4.42 -50.89
CA ASP S 200 -45.41 -4.45 -52.14
C ASP S 200 -43.97 -3.96 -52.14
N LEU S 201 -43.26 -4.17 -51.03
CA LEU S 201 -41.87 -3.71 -50.96
C LEU S 201 -40.84 -4.69 -51.55
N LEU S 202 -41.18 -5.97 -51.63
CA LEU S 202 -40.24 -6.95 -52.16
C LEU S 202 -39.82 -6.60 -53.59
N GLU S 203 -40.80 -6.33 -54.46
CA GLU S 203 -40.49 -5.98 -55.83
C GLU S 203 -39.77 -4.63 -55.91
N ASP S 204 -40.10 -3.72 -55.00
CA ASP S 204 -39.46 -2.42 -54.98
C ASP S 204 -37.96 -2.60 -54.71
N GLY S 205 -37.66 -3.42 -53.72
CA GLY S 205 -36.27 -3.69 -53.36
C GLY S 205 -35.50 -4.43 -54.43
N LEU S 206 -36.06 -5.51 -54.95
CA LEU S 206 -35.39 -6.28 -55.99
C LEU S 206 -35.03 -5.40 -57.17
N LYS S 207 -35.86 -4.39 -57.42
CA LYS S 207 -35.63 -3.48 -58.52
C LYS S 207 -34.67 -2.34 -58.23
N HIS S 208 -34.73 -1.79 -57.02
CA HIS S 208 -33.92 -0.63 -56.69
C HIS S 208 -32.93 -0.68 -55.53
N ALA S 209 -33.00 -1.71 -54.70
CA ALA S 209 -32.10 -1.78 -53.56
C ALA S 209 -30.62 -1.87 -53.91
N GLU S 210 -29.79 -1.12 -53.18
CA GLU S 210 -28.34 -1.13 -53.38
C GLU S 210 -27.71 -1.49 -52.04
N MET S 211 -28.44 -1.21 -50.96
CA MET S 211 -27.97 -1.52 -49.63
C MET S 211 -29.15 -1.59 -48.67
N ILE S 212 -29.00 -2.44 -47.66
CA ILE S 212 -30.03 -2.59 -46.65
C ILE S 212 -29.33 -2.57 -45.30
N VAL S 213 -29.81 -1.69 -44.41
CA VAL S 213 -29.23 -1.58 -43.09
C VAL S 213 -30.15 -2.26 -42.09
N PHE S 214 -29.75 -3.46 -41.66
CA PHE S 214 -30.53 -4.22 -40.68
C PHE S 214 -30.16 -3.68 -39.31
N TRP S 215 -31.07 -2.91 -38.72
CA TRP S 215 -30.84 -2.31 -37.42
C TRP S 215 -31.71 -3.00 -36.37
N SER S 216 -31.09 -3.71 -35.44
CA SER S 216 -31.82 -4.43 -34.41
C SER S 216 -32.76 -5.37 -35.17
N SER S 217 -32.24 -5.94 -36.25
CA SER S 217 -33.00 -6.83 -37.10
C SER S 217 -32.30 -8.17 -37.36
N ASP S 218 -32.96 -9.26 -36.99
CA ASP S 218 -32.43 -10.60 -37.20
C ASP S 218 -33.53 -11.40 -37.90
N PRO S 219 -33.81 -11.09 -39.16
CA PRO S 219 -34.84 -11.73 -40.01
C PRO S 219 -34.88 -13.25 -39.92
N GLU S 220 -33.72 -13.90 -40.06
CA GLU S 220 -33.66 -15.35 -40.00
C GLU S 220 -34.24 -15.91 -38.70
N THR S 221 -33.84 -15.33 -37.57
CA THR S 221 -34.31 -15.79 -36.27
C THR S 221 -35.79 -15.52 -36.00
N ASN S 222 -36.23 -14.28 -36.23
CA ASN S 222 -37.61 -13.92 -35.96
C ASN S 222 -38.59 -14.13 -37.12
N SER S 223 -38.08 -14.11 -38.35
CA SER S 223 -38.91 -14.30 -39.55
C SER S 223 -40.02 -13.27 -39.57
N GLY S 224 -39.90 -12.23 -38.76
CA GLY S 224 -40.95 -11.25 -38.64
C GLY S 224 -41.72 -11.88 -37.49
N ILE S 225 -42.51 -12.90 -37.82
CA ILE S 225 -43.26 -13.66 -36.82
C ILE S 225 -44.13 -14.73 -37.48
N TYR S 226 -44.06 -15.94 -36.94
CA TYR S 226 -44.84 -17.09 -37.41
C TYR S 226 -44.52 -17.54 -38.83
N ALA S 227 -43.41 -17.07 -39.38
CA ALA S 227 -43.12 -17.41 -40.78
C ALA S 227 -41.94 -18.33 -41.10
N GLY S 228 -41.54 -19.16 -40.14
CA GLY S 228 -40.43 -20.08 -40.36
C GLY S 228 -39.21 -19.44 -40.99
N PHE S 229 -38.91 -19.80 -42.24
CA PHE S 229 -37.76 -19.24 -42.96
C PHE S 229 -38.17 -18.88 -44.38
N GLU S 230 -39.36 -18.31 -44.51
CA GLU S 230 -39.89 -17.95 -45.81
C GLU S 230 -39.07 -16.90 -46.55
N SER S 231 -38.43 -15.99 -45.82
CA SER S 231 -37.67 -14.92 -46.48
C SER S 231 -36.20 -15.20 -46.77
N ASN S 232 -35.70 -16.38 -46.41
CA ASN S 232 -34.29 -16.70 -46.66
C ASN S 232 -33.87 -16.54 -48.11
N ILE S 233 -34.69 -17.00 -49.04
CA ILE S 233 -34.34 -16.91 -50.45
C ILE S 233 -34.41 -15.49 -51.00
N ARG S 234 -35.17 -14.62 -50.33
CA ARG S 234 -35.28 -13.23 -50.81
C ARG S 234 -33.99 -12.46 -50.56
N ARG S 235 -33.36 -12.69 -49.42
CA ARG S 235 -32.11 -12.02 -49.14
C ARG S 235 -31.01 -12.63 -49.98
N GLN S 236 -31.18 -13.91 -50.32
CA GLN S 236 -30.20 -14.59 -51.16
C GLN S 236 -30.24 -13.90 -52.52
N TRP S 237 -31.44 -13.56 -52.98
CA TRP S 237 -31.61 -12.87 -54.25
C TRP S 237 -30.96 -11.49 -54.20
N LEU S 238 -31.27 -10.74 -53.16
CA LEU S 238 -30.71 -9.41 -52.98
C LEU S 238 -29.19 -9.50 -52.97
N LYS S 239 -28.68 -10.41 -52.15
CA LYS S 239 -27.24 -10.64 -52.03
C LYS S 239 -26.63 -10.94 -53.39
N ASP S 240 -27.33 -11.74 -54.19
CA ASP S 240 -26.83 -12.10 -55.51
C ASP S 240 -26.95 -10.93 -56.49
N LEU S 241 -27.72 -9.91 -56.14
CA LEU S 241 -27.89 -8.74 -57.01
C LEU S 241 -26.81 -7.71 -56.68
N GLY S 242 -25.99 -8.00 -55.67
CA GLY S 242 -24.94 -7.09 -55.28
C GLY S 242 -25.36 -6.09 -54.21
N VAL S 243 -26.45 -6.37 -53.52
CA VAL S 243 -26.94 -5.49 -52.46
C VAL S 243 -26.12 -5.72 -51.19
N ASP S 244 -25.56 -4.65 -50.64
CA ASP S 244 -24.76 -4.75 -49.42
C ASP S 244 -25.66 -4.87 -48.20
N PHE S 245 -25.26 -5.70 -47.25
CA PHE S 245 -26.01 -5.90 -46.01
C PHE S 245 -25.18 -5.43 -44.83
N VAL S 246 -25.65 -4.41 -44.13
CA VAL S 246 -24.94 -3.89 -42.95
C VAL S 246 -25.80 -4.22 -41.73
N PHE S 247 -25.20 -4.80 -40.69
CA PHE S 247 -25.95 -5.14 -39.49
C PHE S 247 -25.49 -4.37 -38.26
N ILE S 248 -26.45 -3.73 -37.59
CA ILE S 248 -26.16 -2.98 -36.39
C ILE S 248 -26.93 -3.67 -35.28
N ASP S 249 -26.20 -4.41 -34.46
CA ASP S 249 -26.79 -5.18 -33.38
C ASP S 249 -25.69 -5.48 -32.36
N PRO S 250 -25.93 -5.23 -31.07
CA PRO S 250 -24.90 -5.50 -30.06
C PRO S 250 -24.36 -6.92 -30.26
N HIS S 251 -25.26 -7.82 -30.63
CA HIS S 251 -24.90 -9.22 -30.86
C HIS S 251 -24.85 -9.49 -32.36
N MET S 252 -23.83 -10.18 -32.82
CA MET S 252 -23.74 -10.52 -34.24
C MET S 252 -24.79 -11.61 -34.44
N ASN S 253 -26.04 -11.18 -34.62
CA ASN S 253 -27.16 -12.10 -34.78
C ASN S 253 -27.02 -13.13 -35.90
N HIS S 254 -27.93 -14.10 -35.89
CA HIS S 254 -27.91 -15.20 -36.85
C HIS S 254 -28.01 -14.81 -38.33
N THR S 255 -28.68 -13.71 -38.62
CA THR S 255 -28.78 -13.26 -40.01
C THR S 255 -27.42 -12.67 -40.36
N ALA S 256 -26.85 -11.89 -39.44
CA ALA S 256 -25.53 -11.28 -39.65
C ALA S 256 -24.46 -12.36 -39.84
N ARG S 257 -24.55 -13.42 -39.07
CA ARG S 257 -23.59 -14.52 -39.14
C ARG S 257 -23.59 -15.19 -40.50
N LEU S 258 -24.73 -15.10 -41.20
CA LEU S 258 -24.86 -15.74 -42.50
C LEU S 258 -24.57 -14.84 -43.70
N VAL S 259 -25.03 -13.60 -43.66
CA VAL S 259 -24.85 -12.74 -44.82
C VAL S 259 -24.34 -11.31 -44.60
N ALA S 260 -23.78 -11.02 -43.43
CA ALA S 260 -23.29 -9.68 -43.15
C ALA S 260 -22.07 -9.28 -43.96
N ASP S 261 -22.08 -8.05 -44.47
CA ASP S 261 -20.94 -7.52 -45.21
C ASP S 261 -20.15 -6.70 -44.20
N LYS S 262 -20.84 -6.24 -43.16
CA LYS S 262 -20.23 -5.46 -42.08
C LYS S 262 -21.17 -5.51 -40.89
N TRP S 263 -20.59 -5.49 -39.70
CA TRP S 263 -21.38 -5.55 -38.48
C TRP S 263 -20.93 -4.53 -37.44
N PHE S 264 -21.89 -3.79 -36.89
CA PHE S 264 -21.63 -2.79 -35.85
C PHE S 264 -22.22 -3.37 -34.57
N SER S 265 -21.51 -3.23 -33.46
CA SER S 265 -21.99 -3.73 -32.18
C SER S 265 -22.05 -2.62 -31.14
N PRO S 266 -23.09 -1.78 -31.22
CA PRO S 266 -23.21 -0.68 -30.26
C PRO S 266 -23.54 -1.17 -28.85
N LYS S 267 -23.03 -0.46 -27.85
CA LYS S 267 -23.27 -0.79 -26.46
C LYS S 267 -24.78 -0.71 -26.22
N ILE S 268 -25.29 -1.45 -25.23
CA ILE S 268 -26.73 -1.42 -24.96
C ILE S 268 -27.24 0.00 -24.75
N GLY S 269 -28.40 0.30 -25.34
CA GLY S 269 -29.02 1.60 -25.20
C GLY S 269 -28.28 2.79 -25.81
N THR S 270 -27.48 2.58 -26.85
CA THR S 270 -26.76 3.71 -27.44
C THR S 270 -27.03 3.88 -28.93
N ASP S 271 -28.01 3.13 -29.45
CA ASP S 271 -28.33 3.20 -30.87
C ASP S 271 -28.66 4.58 -31.42
N HIS S 272 -29.46 5.34 -30.67
CA HIS S 272 -29.86 6.65 -31.12
C HIS S 272 -28.69 7.63 -31.18
N ALA S 273 -27.54 7.22 -30.64
CA ALA S 273 -26.35 8.05 -30.68
C ALA S 273 -25.83 7.92 -32.10
N LEU S 274 -25.94 6.73 -32.67
CA LEU S 274 -25.49 6.50 -34.03
C LEU S 274 -26.45 7.18 -35.01
N SER S 275 -27.75 7.05 -34.77
CA SER S 275 -28.72 7.67 -35.68
C SER S 275 -28.55 9.19 -35.71
N PHE S 276 -28.23 9.80 -34.58
CA PHE S 276 -28.03 11.25 -34.55
C PHE S 276 -26.74 11.65 -35.29
N ALA S 277 -25.70 10.82 -35.18
CA ALA S 277 -24.43 11.13 -35.83
C ALA S 277 -24.56 10.97 -37.35
N ILE S 278 -25.46 10.09 -37.77
CA ILE S 278 -25.70 9.87 -39.19
C ILE S 278 -26.45 11.09 -39.73
N ALA S 279 -27.46 11.53 -38.98
CA ALA S 279 -28.24 12.70 -39.37
C ALA S 279 -27.31 13.91 -39.38
N TYR S 280 -26.45 14.00 -38.37
CA TYR S 280 -25.48 15.10 -38.27
C TYR S 280 -24.64 15.15 -39.55
N THR S 281 -24.17 13.99 -39.96
CA THR S 281 -23.35 13.87 -41.16
C THR S 281 -24.13 14.40 -42.37
N TRP S 282 -25.38 13.96 -42.51
CA TRP S 282 -26.19 14.38 -43.62
C TRP S 282 -26.45 15.88 -43.64
N LEU S 283 -26.66 16.46 -42.46
CA LEU S 283 -26.92 17.89 -42.37
C LEU S 283 -25.67 18.65 -42.78
N LYS S 284 -24.52 18.23 -42.26
CA LYS S 284 -23.25 18.87 -42.55
C LYS S 284 -22.84 18.77 -44.01
N GLU S 285 -23.24 17.69 -44.66
CA GLU S 285 -22.90 17.47 -46.05
C GLU S 285 -24.04 17.66 -47.04
N ASP S 286 -25.18 18.16 -46.57
CA ASP S 286 -26.35 18.39 -47.41
C ASP S 286 -26.68 17.14 -48.20
N SER S 287 -26.48 15.97 -47.58
CA SER S 287 -26.75 14.72 -48.28
C SER S 287 -28.05 14.02 -47.91
N TYR S 288 -29.17 14.72 -48.06
CA TYR S 288 -30.48 14.13 -47.78
C TYR S 288 -31.54 14.75 -48.68
N ASP S 289 -32.76 14.20 -48.64
CA ASP S 289 -33.85 14.68 -49.47
C ASP S 289 -34.50 15.93 -48.88
N LYS S 290 -33.95 17.10 -49.21
CA LYS S 290 -34.45 18.37 -48.70
C LYS S 290 -35.86 18.72 -49.16
N GLU S 291 -36.19 18.41 -50.42
CA GLU S 291 -37.53 18.71 -50.93
C GLU S 291 -38.53 17.90 -50.11
N TYR S 292 -38.23 16.62 -49.95
CA TYR S 292 -39.09 15.71 -49.21
C TYR S 292 -39.30 16.20 -47.78
N VAL S 293 -38.21 16.53 -47.10
CA VAL S 293 -38.28 17.01 -45.73
C VAL S 293 -39.07 18.31 -45.59
N ALA S 294 -38.85 19.25 -46.50
CA ALA S 294 -39.54 20.53 -46.44
C ALA S 294 -41.05 20.33 -46.63
N ALA S 295 -41.42 19.32 -47.42
CA ALA S 295 -42.82 19.05 -47.66
C ALA S 295 -43.47 18.14 -46.62
N ASN S 296 -42.74 17.15 -46.13
CA ASN S 296 -43.34 16.21 -45.19
C ASN S 296 -42.87 16.16 -43.75
N ALA S 297 -42.08 17.14 -43.33
CA ALA S 297 -41.61 17.15 -41.95
C ALA S 297 -42.05 18.42 -41.21
N HIS S 298 -42.33 18.26 -39.92
CA HIS S 298 -42.74 19.36 -39.06
C HIS S 298 -41.73 19.49 -37.92
N GLY S 299 -41.32 20.71 -37.63
CA GLY S 299 -40.36 20.94 -36.56
C GLY S 299 -38.93 20.55 -36.91
N PHE S 300 -38.69 20.27 -38.19
CA PHE S 300 -37.37 19.86 -38.63
C PHE S 300 -36.26 20.90 -38.43
N GLU S 301 -36.58 22.17 -38.63
CA GLU S 301 -35.60 23.24 -38.46
C GLU S 301 -35.03 23.22 -37.06
N GLU S 302 -35.93 23.19 -36.08
CA GLU S 302 -35.49 23.17 -34.69
C GLU S 302 -34.72 21.89 -34.38
N TRP S 303 -35.20 20.77 -34.90
CA TRP S 303 -34.54 19.49 -34.67
C TRP S 303 -33.13 19.53 -35.22
N ALA S 304 -32.98 20.08 -36.43
CA ALA S 304 -31.69 20.19 -37.08
C ALA S 304 -30.72 20.97 -36.19
N ASP S 305 -31.18 22.10 -35.64
CA ASP S 305 -30.31 22.89 -34.77
C ASP S 305 -29.89 22.08 -33.55
N TYR S 306 -30.75 21.17 -33.12
CA TYR S 306 -30.43 20.34 -31.96
C TYR S 306 -29.35 19.34 -32.33
N VAL S 307 -29.49 18.74 -33.51
CA VAL S 307 -28.51 17.76 -33.97
C VAL S 307 -27.14 18.41 -34.17
N LEU S 308 -27.15 19.66 -34.60
CA LEU S 308 -25.91 20.40 -34.85
C LEU S 308 -25.26 20.90 -33.57
N GLY S 309 -25.95 20.76 -32.45
CA GLY S 309 -25.41 21.19 -31.18
C GLY S 309 -25.70 22.62 -30.78
N LYS S 310 -26.52 23.31 -31.57
CA LYS S 310 -26.85 24.71 -31.29
C LYS S 310 -27.69 24.93 -30.03
N THR S 311 -28.40 23.90 -29.58
CA THR S 311 -29.25 24.06 -28.40
C THR S 311 -28.65 23.53 -27.10
N ASP S 312 -27.99 22.38 -27.17
CA ASP S 312 -27.41 21.79 -25.97
C ASP S 312 -25.88 21.89 -25.93
N GLY S 313 -25.31 22.59 -26.89
CA GLY S 313 -23.85 22.76 -26.94
C GLY S 313 -23.11 21.47 -27.20
N THR S 314 -23.79 20.51 -27.81
CA THR S 314 -23.18 19.21 -28.09
C THR S 314 -23.44 18.69 -29.50
N PRO S 315 -22.56 19.02 -30.45
CA PRO S 315 -22.78 18.52 -31.81
C PRO S 315 -22.77 16.99 -31.81
N LYS S 316 -23.77 16.38 -32.47
CA LYS S 316 -23.86 14.94 -32.51
C LYS S 316 -22.94 14.35 -33.58
N THR S 317 -21.64 14.56 -33.41
CA THR S 317 -20.63 14.07 -34.34
C THR S 317 -20.46 12.56 -34.21
N CYS S 318 -19.80 11.96 -35.20
CA CYS S 318 -19.54 10.52 -35.17
C CYS S 318 -18.59 10.22 -34.02
N GLU S 319 -17.71 11.17 -33.72
CA GLU S 319 -16.74 11.02 -32.63
C GLU S 319 -17.53 10.93 -31.33
N TRP S 320 -18.52 11.80 -31.21
CA TRP S 320 -19.38 11.83 -30.04
C TRP S 320 -20.13 10.49 -29.93
N ALA S 321 -20.61 9.98 -31.07
CA ALA S 321 -21.34 8.73 -31.09
C ALA S 321 -20.45 7.54 -30.75
N GLU S 322 -19.17 7.61 -31.11
CA GLU S 322 -18.24 6.54 -30.81
C GLU S 322 -18.02 6.48 -29.31
N GLU S 323 -17.89 7.66 -28.70
CA GLU S 323 -17.68 7.73 -27.26
C GLU S 323 -18.86 7.13 -26.52
N GLU S 324 -20.05 7.27 -27.10
CA GLU S 324 -21.27 6.74 -26.50
C GLU S 324 -21.46 5.24 -26.76
N SER S 325 -21.36 4.85 -28.03
CA SER S 325 -21.59 3.47 -28.46
C SER S 325 -20.42 2.50 -28.53
N GLY S 326 -19.21 3.00 -28.74
CA GLY S 326 -18.07 2.10 -28.83
C GLY S 326 -17.79 1.71 -30.28
N VAL S 327 -18.68 2.11 -31.19
CA VAL S 327 -18.52 1.83 -32.62
C VAL S 327 -17.62 2.94 -33.18
N PRO S 328 -16.60 2.58 -33.99
CA PRO S 328 -15.66 3.56 -34.57
C PRO S 328 -16.33 4.69 -35.36
N ALA S 329 -15.91 5.92 -35.08
CA ALA S 329 -16.44 7.10 -35.74
C ALA S 329 -16.32 7.03 -37.26
N CYS S 330 -15.15 6.62 -37.76
CA CYS S 330 -14.94 6.50 -39.19
C CYS S 330 -15.94 5.55 -39.85
N GLU S 331 -16.29 4.47 -39.15
CA GLU S 331 -17.25 3.51 -39.70
C GLU S 331 -18.67 4.07 -39.71
N ILE S 332 -19.02 4.81 -38.66
CA ILE S 332 -20.35 5.41 -38.59
C ILE S 332 -20.50 6.42 -39.73
N ARG S 333 -19.47 7.24 -39.91
CA ARG S 333 -19.48 8.25 -40.96
C ARG S 333 -19.51 7.59 -42.33
N ALA S 334 -18.71 6.53 -42.49
CA ALA S 334 -18.66 5.81 -43.76
C ALA S 334 -20.05 5.29 -44.09
N LEU S 335 -20.76 4.80 -43.08
CA LEU S 335 -22.11 4.28 -43.31
C LEU S 335 -23.05 5.41 -43.73
N ALA S 336 -22.99 6.52 -42.99
CA ALA S 336 -23.84 7.68 -43.30
C ALA S 336 -23.70 8.11 -44.75
N ARG S 337 -22.46 8.31 -45.19
CA ARG S 337 -22.19 8.74 -46.56
C ARG S 337 -22.71 7.73 -47.59
N GLN S 338 -22.44 6.45 -47.36
CA GLN S 338 -22.88 5.40 -48.28
C GLN S 338 -24.42 5.35 -48.32
N TRP S 339 -25.03 5.45 -47.14
CA TRP S 339 -26.48 5.42 -47.01
C TRP S 339 -27.07 6.55 -47.87
N ALA S 340 -26.52 7.75 -47.74
CA ALA S 340 -27.00 8.90 -48.48
C ALA S 340 -26.92 8.79 -50.00
N LYS S 341 -25.84 8.22 -50.53
CA LYS S 341 -25.71 8.14 -51.97
C LYS S 341 -26.25 6.89 -52.66
N LYS S 342 -26.50 5.83 -51.90
CA LYS S 342 -27.03 4.61 -52.49
C LYS S 342 -28.50 4.46 -52.14
N ASN S 343 -29.25 3.71 -52.96
CA ASN S 343 -30.65 3.46 -52.66
C ASN S 343 -30.59 2.55 -51.44
N THR S 344 -30.87 3.11 -50.27
CA THR S 344 -30.80 2.32 -49.05
C THR S 344 -32.13 2.12 -48.35
N TYR S 345 -32.40 0.87 -47.98
CA TYR S 345 -33.62 0.55 -47.25
C TYR S 345 -33.20 0.31 -45.81
N LEU S 346 -33.95 0.88 -44.88
CA LEU S 346 -33.64 0.70 -43.47
C LEU S 346 -34.44 -0.48 -42.92
N ALA S 347 -33.76 -1.57 -42.60
CA ALA S 347 -34.42 -2.74 -42.06
C ALA S 347 -34.42 -2.62 -40.53
N ALA S 348 -35.28 -1.74 -40.02
CA ALA S 348 -35.38 -1.53 -38.58
C ALA S 348 -36.30 -2.60 -38.01
N GLY S 349 -35.77 -3.42 -37.12
CA GLY S 349 -36.58 -4.49 -36.56
C GLY S 349 -36.71 -5.62 -37.57
N GLY S 350 -37.10 -6.81 -37.11
CA GLY S 350 -37.22 -7.93 -38.03
C GLY S 350 -38.48 -7.97 -38.87
N LEU S 351 -39.49 -7.23 -38.45
CA LEU S 351 -40.77 -7.20 -39.14
C LEU S 351 -40.94 -6.00 -40.07
N GLY S 352 -40.27 -4.91 -39.73
CA GLY S 352 -40.41 -3.66 -40.44
C GLY S 352 -41.12 -2.98 -39.29
N GLY S 353 -40.32 -2.57 -38.32
CA GLY S 353 -40.84 -2.01 -37.10
C GLY S 353 -40.42 -3.07 -36.11
N TRP S 354 -40.80 -2.94 -34.85
CA TRP S 354 -40.39 -3.89 -33.82
C TRP S 354 -38.88 -3.75 -33.69
N GLY S 355 -38.22 -4.82 -33.27
CA GLY S 355 -36.77 -4.76 -33.07
C GLY S 355 -36.55 -4.73 -31.57
N GLY S 356 -35.61 -5.53 -31.07
CA GLY S 356 -35.35 -5.54 -29.64
C GLY S 356 -35.03 -4.18 -29.06
N ALA S 357 -34.41 -3.33 -29.88
CA ALA S 357 -34.05 -1.98 -29.46
C ALA S 357 -35.26 -1.17 -29.01
N CYS S 358 -36.45 -1.52 -29.50
CA CYS S 358 -37.62 -0.74 -29.13
C CYS S 358 -38.13 -1.01 -27.71
N ARG S 359 -37.82 -2.17 -27.15
CA ARG S 359 -38.25 -2.43 -25.78
C ARG S 359 -37.01 -2.45 -24.90
N ALA S 360 -36.53 -1.24 -24.61
CA ALA S 360 -35.36 -1.00 -23.79
C ALA S 360 -35.45 0.44 -23.28
N SER S 361 -34.57 0.83 -22.36
CA SER S 361 -34.62 2.17 -21.81
C SER S 361 -34.52 3.29 -22.86
N HIS S 362 -33.98 2.98 -24.03
CA HIS S 362 -33.84 3.99 -25.10
C HIS S 362 -34.78 3.71 -26.27
N GLY S 363 -35.73 2.79 -26.06
CA GLY S 363 -36.67 2.41 -27.12
C GLY S 363 -37.39 3.53 -27.85
N ILE S 364 -37.77 4.57 -27.13
CA ILE S 364 -38.47 5.69 -27.74
C ILE S 364 -37.59 6.42 -28.75
N GLU S 365 -36.41 6.84 -28.33
CA GLU S 365 -35.52 7.56 -29.23
C GLU S 365 -34.96 6.70 -30.36
N TRP S 366 -34.84 5.39 -30.14
CA TRP S 366 -34.37 4.54 -31.21
C TRP S 366 -35.38 4.57 -32.35
N ALA S 367 -36.64 4.32 -31.99
CA ALA S 367 -37.73 4.32 -32.97
C ALA S 367 -37.83 5.68 -33.65
N ARG S 368 -37.87 6.75 -32.86
CA ARG S 368 -37.98 8.07 -33.46
C ARG S 368 -36.76 8.33 -34.35
N GLY S 369 -35.63 7.69 -34.01
CA GLY S 369 -34.42 7.85 -34.80
C GLY S 369 -34.52 7.12 -36.13
N MET S 370 -35.11 5.94 -36.12
CA MET S 370 -35.26 5.16 -37.34
C MET S 370 -36.19 5.91 -38.30
N ILE S 371 -37.18 6.59 -37.74
CA ILE S 371 -38.13 7.37 -38.52
C ILE S 371 -37.45 8.63 -39.05
N ALA S 372 -36.65 9.26 -38.19
CA ALA S 372 -35.93 10.47 -38.58
C ALA S 372 -35.07 10.18 -39.80
N LEU S 373 -34.24 9.14 -39.71
CA LEU S 373 -33.35 8.75 -40.79
C LEU S 373 -34.08 8.35 -42.07
N ALA S 374 -35.15 7.57 -41.93
CA ALA S 374 -35.91 7.12 -43.09
C ALA S 374 -36.60 8.31 -43.76
N THR S 375 -37.01 9.28 -42.95
CA THR S 375 -37.67 10.47 -43.46
C THR S 375 -36.71 11.37 -44.23
N MET S 376 -35.52 11.62 -43.65
CA MET S 376 -34.53 12.46 -44.32
C MET S 376 -34.11 11.90 -45.68
N GLN S 377 -34.20 10.59 -45.83
CA GLN S 377 -33.84 9.94 -47.10
C GLN S 377 -35.04 9.76 -48.03
N GLY S 378 -36.17 10.34 -47.64
CA GLY S 378 -37.36 10.27 -48.47
C GLY S 378 -38.05 8.92 -48.59
N MET S 379 -38.39 8.31 -47.47
CA MET S 379 -39.04 7.01 -47.49
C MET S 379 -40.33 7.06 -48.31
N GLY S 380 -40.52 6.07 -49.17
CA GLY S 380 -41.70 6.02 -49.98
C GLY S 380 -41.40 6.02 -51.46
N LYS S 381 -40.33 6.71 -51.86
CA LYS S 381 -39.96 6.75 -53.26
C LYS S 381 -39.15 5.50 -53.59
N PRO S 382 -39.10 5.13 -54.88
CA PRO S 382 -38.35 3.94 -55.30
C PRO S 382 -36.91 3.95 -54.80
N GLY S 383 -36.49 2.84 -54.18
CA GLY S 383 -35.12 2.72 -53.69
C GLY S 383 -34.84 3.33 -52.33
N SER S 384 -35.88 3.79 -51.64
CA SER S 384 -35.70 4.39 -50.32
C SER S 384 -36.96 4.18 -49.47
N ASN S 385 -36.82 3.44 -48.39
CA ASN S 385 -37.96 3.15 -47.53
C ASN S 385 -37.49 2.37 -46.31
N MET S 386 -38.43 2.09 -45.42
CA MET S 386 -38.13 1.31 -44.23
C MET S 386 -38.66 -0.07 -44.63
N TRP S 387 -37.78 -1.05 -44.71
CA TRP S 387 -38.16 -2.38 -45.12
C TRP S 387 -37.16 -3.38 -44.54
N SER S 388 -37.67 -4.38 -43.82
CA SER S 388 -36.81 -5.38 -43.20
C SER S 388 -36.63 -6.68 -43.99
N THR S 389 -37.08 -6.66 -45.25
CA THR S 389 -36.99 -7.79 -46.16
C THR S 389 -37.87 -8.99 -45.81
N THR S 390 -38.71 -8.87 -44.80
CA THR S 390 -39.58 -9.98 -44.42
C THR S 390 -40.99 -9.85 -44.99
N GLN S 391 -41.50 -8.62 -45.07
CA GLN S 391 -42.83 -8.40 -45.63
C GLN S 391 -42.69 -7.81 -47.03
N GLY S 392 -43.80 -7.32 -47.59
CA GLY S 392 -43.74 -6.75 -48.91
C GLY S 392 -43.92 -7.75 -50.04
N VAL S 393 -44.18 -9.01 -49.69
CA VAL S 393 -44.39 -10.04 -50.70
C VAL S 393 -45.67 -9.69 -51.44
N PRO S 394 -45.65 -9.73 -52.78
CA PRO S 394 -46.80 -9.42 -53.63
C PRO S 394 -47.96 -10.40 -53.61
N LEU S 395 -48.39 -10.80 -52.42
CA LEU S 395 -49.50 -11.74 -52.30
C LEU S 395 -50.82 -10.99 -52.57
N ASP S 396 -51.92 -11.72 -52.76
CA ASP S 396 -53.21 -11.09 -53.06
C ASP S 396 -53.86 -10.41 -51.85
N TYR S 397 -53.56 -9.13 -51.67
CA TYR S 397 -54.10 -8.34 -50.57
C TYR S 397 -55.61 -8.15 -50.64
N GLU S 398 -56.19 -8.43 -51.81
CA GLU S 398 -57.64 -8.27 -51.97
C GLU S 398 -58.43 -9.47 -51.47
N PHE S 399 -57.80 -10.64 -51.39
CA PHE S 399 -58.48 -11.83 -50.90
C PHE S 399 -58.61 -11.64 -49.39
N TYR S 400 -59.79 -11.89 -48.85
CA TYR S 400 -59.96 -11.71 -47.42
C TYR S 400 -60.06 -12.98 -46.58
N PHE S 401 -59.20 -13.05 -45.57
CA PHE S 401 -59.20 -14.16 -44.62
C PHE S 401 -58.71 -13.58 -43.31
N PRO S 402 -59.49 -13.75 -42.24
CA PRO S 402 -59.24 -13.28 -40.88
C PRO S 402 -57.95 -13.77 -40.24
N GLY S 403 -57.27 -12.86 -39.54
CA GLY S 403 -56.07 -13.22 -38.81
C GLY S 403 -56.64 -13.61 -37.45
N TYR S 404 -55.86 -14.25 -36.58
CA TYR S 404 -56.42 -14.64 -35.28
C TYR S 404 -56.83 -13.45 -34.43
N ALA S 405 -56.17 -12.32 -34.65
CA ALA S 405 -56.46 -11.11 -33.89
C ALA S 405 -57.82 -10.50 -34.20
N GLU S 406 -58.51 -11.01 -35.22
CA GLU S 406 -59.80 -10.44 -35.56
C GLU S 406 -60.95 -10.97 -34.70
N GLY S 407 -60.60 -11.62 -33.59
CA GLY S 407 -61.60 -12.09 -32.65
C GLY S 407 -62.30 -13.43 -32.80
N GLY S 408 -62.23 -14.04 -33.97
CA GLY S 408 -62.90 -15.32 -34.14
C GLY S 408 -64.33 -15.31 -33.63
N ILE S 409 -64.66 -16.26 -32.75
CA ILE S 409 -66.01 -16.39 -32.21
C ILE S 409 -66.38 -15.48 -31.03
N SER S 410 -65.53 -14.51 -30.69
CA SER S 410 -65.86 -13.61 -29.58
C SER S 410 -66.60 -12.36 -30.04
N GLY S 411 -66.25 -11.87 -31.23
CA GLY S 411 -66.89 -10.67 -31.73
C GLY S 411 -66.63 -9.46 -30.86
N ASP S 412 -65.65 -9.57 -29.97
CA ASP S 412 -65.29 -8.49 -29.06
C ASP S 412 -64.69 -7.31 -29.86
N CYS S 413 -65.49 -6.28 -30.10
CA CYS S 413 -65.05 -5.12 -30.88
C CYS S 413 -64.01 -4.21 -30.22
N GLU S 414 -63.89 -4.26 -28.90
CA GLU S 414 -62.94 -3.41 -28.20
C GLU S 414 -61.63 -4.10 -27.82
N ASN S 415 -61.64 -5.42 -27.72
CA ASN S 415 -60.43 -6.12 -27.31
C ASN S 415 -59.79 -6.98 -28.39
N SER S 416 -60.42 -6.98 -29.57
CA SER S 416 -59.92 -7.71 -30.72
C SER S 416 -60.17 -6.75 -31.88
N ALA S 417 -59.63 -7.05 -33.05
CA ALA S 417 -59.82 -6.20 -34.22
C ALA S 417 -61.04 -6.64 -35.03
N ALA S 418 -61.97 -7.31 -34.37
CA ALA S 418 -63.19 -7.79 -35.01
C ALA S 418 -64.03 -6.68 -35.63
N GLY S 419 -64.00 -5.50 -34.99
CA GLY S 419 -64.77 -4.36 -35.46
C GLY S 419 -64.41 -3.83 -36.83
N PHE S 420 -63.25 -4.24 -37.34
CA PHE S 420 -62.81 -3.76 -38.65
C PHE S 420 -63.57 -4.39 -39.80
N LYS S 421 -63.76 -5.70 -39.75
CA LYS S 421 -64.46 -6.36 -40.84
C LYS S 421 -65.06 -7.71 -40.47
N PHE S 422 -64.31 -8.53 -39.74
CA PHE S 422 -64.80 -9.86 -39.39
C PHE S 422 -66.12 -9.95 -38.64
N ALA S 423 -66.27 -9.17 -37.57
CA ALA S 423 -67.49 -9.20 -36.78
C ALA S 423 -68.73 -9.06 -37.67
N TRP S 424 -68.67 -8.10 -38.59
CA TRP S 424 -69.77 -7.81 -39.52
C TRP S 424 -70.08 -8.99 -40.44
N ARG S 425 -69.09 -9.85 -40.64
CA ARG S 425 -69.24 -11.01 -41.49
C ARG S 425 -69.69 -12.23 -40.69
N MET S 426 -69.02 -12.45 -39.57
CA MET S 426 -69.28 -13.59 -38.70
C MET S 426 -70.65 -13.60 -38.02
N PHE S 427 -71.13 -12.44 -37.59
CA PHE S 427 -72.42 -12.39 -36.91
C PHE S 427 -73.53 -11.75 -37.75
N ASP S 428 -74.75 -12.21 -37.52
CA ASP S 428 -75.90 -11.72 -38.29
C ASP S 428 -77.00 -11.05 -37.47
N GLY S 429 -76.78 -10.88 -36.16
CA GLY S 429 -77.78 -10.26 -35.33
C GLY S 429 -79.12 -10.98 -35.40
N LYS S 430 -79.07 -12.27 -35.72
CA LYS S 430 -80.28 -13.08 -35.82
C LYS S 430 -80.14 -14.45 -35.16
N THR S 431 -79.10 -15.19 -35.54
CA THR S 431 -78.90 -16.53 -35.03
C THR S 431 -77.59 -16.76 -34.27
N THR S 432 -76.60 -15.92 -34.53
CA THR S 432 -75.31 -16.07 -33.85
C THR S 432 -74.92 -14.70 -33.30
N PHE S 433 -74.51 -14.66 -32.03
CA PHE S 433 -74.18 -13.38 -31.41
C PHE S 433 -72.79 -13.28 -30.79
N PRO S 434 -72.23 -12.06 -30.77
CA PRO S 434 -70.90 -11.80 -30.21
C PRO S 434 -70.95 -11.82 -28.69
N SER S 435 -69.79 -11.80 -28.06
CA SER S 435 -69.70 -11.81 -26.60
C SER S 435 -68.95 -10.56 -26.13
N PRO S 436 -69.67 -9.45 -25.88
CA PRO S 436 -69.13 -8.16 -25.43
C PRO S 436 -68.76 -8.16 -23.95
N SER S 437 -67.91 -7.22 -23.57
CA SER S 437 -67.51 -7.08 -22.17
C SER S 437 -67.69 -5.65 -21.70
N ASN S 438 -68.51 -5.46 -20.67
CA ASN S 438 -68.74 -4.13 -20.14
C ASN S 438 -67.74 -3.80 -19.04
N LEU S 439 -66.74 -4.66 -18.86
CA LEU S 439 -65.71 -4.43 -17.85
C LEU S 439 -64.33 -4.19 -18.44
N ASN S 440 -63.99 -4.95 -19.49
CA ASN S 440 -62.70 -4.80 -20.13
C ASN S 440 -62.83 -3.64 -21.13
N THR S 441 -63.06 -2.46 -20.57
CA THR S 441 -63.22 -1.24 -21.36
C THR S 441 -62.64 -0.10 -20.51
N SER S 442 -62.31 1.01 -21.16
CA SER S 442 -61.72 2.14 -20.45
C SER S 442 -62.54 2.64 -19.26
N ALA S 443 -63.87 2.60 -19.37
CA ALA S 443 -64.72 3.05 -18.28
C ALA S 443 -64.92 1.95 -17.25
N GLY S 444 -64.37 0.77 -17.53
CA GLY S 444 -64.48 -0.33 -16.60
C GLY S 444 -63.24 -0.46 -15.74
N GLN S 445 -62.71 -1.68 -15.61
CA GLN S 445 -61.51 -1.90 -14.82
C GLN S 445 -60.55 -2.91 -15.42
N HIS S 446 -59.30 -2.52 -15.54
CA HIS S 446 -58.25 -3.41 -16.03
C HIS S 446 -56.99 -3.02 -15.29
N ILE S 447 -55.95 -3.84 -15.39
CA ILE S 447 -54.69 -3.51 -14.75
C ILE S 447 -53.60 -3.82 -15.74
N PRO S 448 -52.43 -3.19 -15.60
CA PRO S 448 -51.31 -3.43 -16.51
C PRO S 448 -50.66 -4.79 -16.29
N ARG S 449 -50.41 -5.54 -17.35
CA ARG S 449 -49.77 -6.84 -17.20
C ARG S 449 -48.43 -6.67 -16.50
N LEU S 450 -47.72 -5.61 -16.87
CA LEU S 450 -46.40 -5.31 -16.31
C LEU S 450 -46.42 -4.99 -14.82
N LYS S 451 -47.58 -4.65 -14.29
CA LYS S 451 -47.64 -4.29 -12.88
C LYS S 451 -48.63 -5.09 -12.03
N ILE S 452 -48.96 -6.30 -12.50
CA ILE S 452 -49.89 -7.17 -11.76
C ILE S 452 -49.39 -7.35 -10.33
N PRO S 453 -48.07 -7.59 -10.14
CA PRO S 453 -47.53 -7.79 -8.79
C PRO S 453 -47.81 -6.63 -7.84
N GLU S 454 -47.59 -5.40 -8.30
CA GLU S 454 -47.84 -4.23 -7.47
C GLU S 454 -49.31 -4.07 -7.13
N CYS S 455 -50.19 -4.36 -8.09
CA CYS S 455 -51.63 -4.25 -7.85
C CYS S 455 -52.06 -5.25 -6.77
N ILE S 456 -51.50 -6.46 -6.81
CA ILE S 456 -51.86 -7.48 -5.83
C ILE S 456 -51.25 -7.24 -4.45
N MET S 457 -49.94 -6.97 -4.40
CA MET S 457 -49.26 -6.75 -3.14
C MET S 457 -49.46 -5.33 -2.58
N GLY S 458 -49.60 -4.36 -3.47
CA GLY S 458 -49.79 -2.98 -3.04
C GLY S 458 -51.26 -2.58 -2.97
N GLY S 459 -52.12 -3.33 -3.67
CA GLY S 459 -53.53 -3.02 -3.66
C GLY S 459 -53.89 -1.68 -4.27
N LYS S 460 -53.00 -1.14 -5.08
CA LYS S 460 -53.26 0.15 -5.72
C LYS S 460 -52.22 0.49 -6.78
N PHE S 461 -52.66 1.17 -7.82
CA PHE S 461 -51.76 1.59 -8.88
C PHE S 461 -52.40 2.65 -9.77
N GLN S 462 -51.57 3.41 -10.46
CA GLN S 462 -52.05 4.47 -11.34
C GLN S 462 -51.11 4.48 -12.55
N TRP S 463 -51.67 4.63 -13.75
CA TRP S 463 -50.85 4.58 -14.94
C TRP S 463 -51.45 5.26 -16.17
N SER S 464 -50.73 5.15 -17.29
CA SER S 464 -51.17 5.75 -18.54
C SER S 464 -51.54 4.67 -19.55
N GLY S 465 -52.65 4.89 -20.26
CA GLY S 465 -53.09 3.98 -21.29
C GLY S 465 -53.65 2.63 -20.89
N LYS S 466 -54.43 2.03 -21.79
CA LYS S 466 -55.02 0.71 -21.58
C LYS S 466 -54.54 -0.24 -22.67
N GLY S 467 -53.79 -1.27 -22.27
CA GLY S 467 -53.28 -2.26 -23.20
C GLY S 467 -52.72 -1.67 -24.48
N PHE S 468 -53.14 -2.23 -25.61
CA PHE S 468 -52.71 -1.76 -26.92
C PHE S 468 -53.54 -0.53 -27.26
N ALA S 469 -52.96 0.65 -27.10
CA ALA S 469 -53.66 1.90 -27.37
C ALA S 469 -53.58 2.31 -28.84
N GLY S 470 -54.08 1.46 -29.73
CA GLY S 470 -54.01 1.77 -31.15
C GLY S 470 -55.15 2.54 -31.78
N GLY S 471 -56.13 2.97 -30.98
CA GLY S 471 -57.25 3.72 -31.52
C GLY S 471 -56.84 5.05 -32.14
N ASP S 472 -56.06 5.82 -31.38
CA ASP S 472 -55.57 7.12 -31.86
C ASP S 472 -54.29 7.42 -31.11
N ILE S 473 -53.49 8.34 -31.66
CA ILE S 473 -52.23 8.70 -31.05
C ILE S 473 -52.28 9.00 -29.55
N SER S 474 -53.21 9.84 -29.15
CA SER S 474 -53.30 10.22 -27.75
C SER S 474 -54.05 9.27 -26.80
N HIS S 475 -54.59 8.17 -27.31
CA HIS S 475 -55.30 7.23 -26.45
C HIS S 475 -54.42 6.70 -25.31
N GLN S 476 -53.12 6.55 -25.59
CA GLN S 476 -52.16 6.04 -24.60
C GLN S 476 -51.91 7.03 -23.46
N LEU S 477 -52.33 8.27 -23.64
CA LEU S 477 -52.10 9.31 -22.64
C LEU S 477 -53.18 9.33 -21.56
N HIS S 478 -54.30 8.69 -21.84
CA HIS S 478 -55.41 8.64 -20.90
C HIS S 478 -54.93 8.04 -19.58
N GLN S 479 -55.41 8.60 -18.48
CA GLN S 479 -55.03 8.16 -17.15
C GLN S 479 -55.99 7.15 -16.52
N TYR S 480 -55.42 6.10 -15.93
CA TYR S 480 -56.21 5.06 -15.29
C TYR S 480 -55.72 4.77 -13.87
N GLU S 481 -56.56 4.12 -13.07
CA GLU S 481 -56.21 3.78 -11.68
C GLU S 481 -56.78 2.43 -11.26
N TYR S 482 -56.15 1.85 -10.24
CA TYR S 482 -56.58 0.57 -9.68
C TYR S 482 -56.60 0.71 -8.17
N PRO S 483 -57.71 0.34 -7.54
CA PRO S 483 -58.90 -0.18 -8.22
C PRO S 483 -59.66 0.95 -8.91
N ALA S 484 -60.28 0.65 -10.06
CA ALA S 484 -61.04 1.67 -10.78
C ALA S 484 -62.22 2.12 -9.93
N PRO S 485 -62.64 3.40 -10.07
CA PRO S 485 -63.75 3.95 -9.28
C PRO S 485 -64.99 3.06 -9.29
N GLY S 486 -65.44 2.72 -8.08
CA GLY S 486 -66.61 1.87 -7.95
C GLY S 486 -66.31 0.38 -7.97
N TYR S 487 -65.23 0.00 -8.64
CA TYR S 487 -64.86 -1.41 -8.73
C TYR S 487 -64.07 -1.97 -7.55
N SER S 488 -63.93 -3.29 -7.52
CA SER S 488 -63.25 -3.98 -6.43
C SER S 488 -61.85 -4.52 -6.72
N LYS S 489 -61.05 -4.60 -5.66
CA LYS S 489 -59.69 -5.14 -5.78
C LYS S 489 -59.79 -6.62 -6.12
N ILE S 490 -58.67 -7.18 -6.59
CA ILE S 490 -58.60 -8.58 -6.98
C ILE S 490 -58.66 -9.57 -5.82
N LYS S 491 -59.52 -10.58 -5.95
CA LYS S 491 -59.67 -11.61 -4.94
C LYS S 491 -59.28 -12.96 -5.52
N MET S 492 -59.43 -13.08 -6.84
CA MET S 492 -59.13 -14.32 -7.54
C MET S 492 -58.28 -14.06 -8.79
N PHE S 493 -57.47 -15.04 -9.17
CA PHE S 493 -56.64 -14.90 -10.34
C PHE S 493 -56.73 -16.15 -11.19
N TRP S 494 -57.35 -16.03 -12.35
CA TRP S 494 -57.50 -17.14 -13.27
C TRP S 494 -56.43 -16.95 -14.34
N LYS S 495 -55.30 -17.64 -14.19
CA LYS S 495 -54.24 -17.53 -15.18
C LYS S 495 -54.41 -18.57 -16.27
N TYR S 496 -54.09 -18.15 -17.49
CA TYR S 496 -54.17 -18.98 -18.68
C TYR S 496 -52.70 -19.03 -19.11
N GLY S 497 -52.05 -20.15 -18.83
CA GLY S 497 -50.63 -20.28 -19.14
C GLY S 497 -49.90 -19.69 -17.94
N GLY S 498 -48.57 -19.69 -17.95
CA GLY S 498 -47.81 -19.14 -16.83
C GLY S 498 -46.35 -18.94 -17.22
N PRO S 499 -46.08 -18.03 -18.17
CA PRO S 499 -44.73 -17.75 -18.66
C PRO S 499 -44.04 -16.50 -18.11
N HIS S 500 -44.81 -15.66 -17.44
CA HIS S 500 -44.30 -14.39 -16.93
C HIS S 500 -42.99 -14.37 -16.16
N LEU S 501 -42.61 -15.48 -15.53
CA LEU S 501 -41.34 -15.49 -14.80
C LEU S 501 -40.17 -15.37 -15.76
N GLY S 502 -40.38 -15.76 -17.01
CA GLY S 502 -39.32 -15.67 -17.98
C GLY S 502 -39.58 -14.66 -19.09
N THR S 503 -40.74 -14.02 -19.07
CA THR S 503 -41.07 -13.09 -20.15
C THR S 503 -41.35 -11.64 -19.77
N MET S 504 -41.52 -11.36 -18.48
CA MET S 504 -41.80 -9.99 -18.06
C MET S 504 -40.56 -9.28 -17.51
N THR S 505 -40.72 -8.39 -16.54
CA THR S 505 -39.57 -7.64 -16.00
C THR S 505 -39.31 -7.89 -14.53
N ALA S 506 -38.03 -7.84 -14.14
CA ALA S 506 -37.61 -8.07 -12.75
C ALA S 506 -38.62 -9.05 -12.16
N THR S 507 -38.74 -10.19 -12.84
CA THR S 507 -39.70 -11.23 -12.52
C THR S 507 -39.81 -11.89 -11.13
N ASN S 508 -38.82 -11.71 -10.25
CA ASN S 508 -38.97 -12.34 -8.94
C ASN S 508 -40.25 -11.85 -8.25
N ARG S 509 -40.67 -10.63 -8.58
CA ARG S 509 -41.87 -10.05 -8.00
C ARG S 509 -43.13 -10.83 -8.44
N TYR S 510 -43.10 -11.44 -9.62
CA TYR S 510 -44.25 -12.22 -10.06
C TYR S 510 -44.36 -13.48 -9.20
N ALA S 511 -43.23 -13.93 -8.67
CA ALA S 511 -43.23 -15.12 -7.83
C ALA S 511 -43.73 -14.74 -6.43
N LYS S 512 -43.27 -13.60 -5.94
CA LYS S 512 -43.66 -13.10 -4.62
C LYS S 512 -45.15 -12.81 -4.47
N MET S 513 -45.77 -12.30 -5.54
CA MET S 513 -47.18 -11.94 -5.48
C MET S 513 -48.13 -13.09 -5.12
N TYR S 514 -47.87 -14.28 -5.65
CA TYR S 514 -48.73 -15.43 -5.40
C TYR S 514 -49.02 -15.80 -3.95
N THR S 515 -48.13 -15.43 -3.03
CA THR S 515 -48.34 -15.77 -1.63
C THR S 515 -49.02 -14.67 -0.83
N HIS S 516 -49.37 -13.57 -1.50
CA HIS S 516 -50.04 -12.47 -0.81
C HIS S 516 -51.39 -12.96 -0.30
N ASP S 517 -51.74 -12.64 0.94
CA ASP S 517 -52.99 -13.13 1.49
C ASP S 517 -54.26 -12.49 0.94
N SER S 518 -54.11 -11.48 0.08
CA SER S 518 -55.30 -10.85 -0.51
C SER S 518 -55.81 -11.74 -1.65
N LEU S 519 -54.92 -12.61 -2.16
CA LEU S 519 -55.27 -13.53 -3.24
C LEU S 519 -55.92 -14.76 -2.64
N GLU S 520 -57.24 -14.79 -2.64
CA GLU S 520 -57.99 -15.90 -2.06
C GLU S 520 -57.99 -17.18 -2.89
N PHE S 521 -57.80 -17.04 -4.19
CA PHE S 521 -57.83 -18.21 -5.06
C PHE S 521 -57.08 -18.00 -6.37
N VAL S 522 -56.36 -19.03 -6.81
CA VAL S 522 -55.61 -18.97 -8.05
C VAL S 522 -55.85 -20.23 -8.87
N VAL S 523 -56.24 -20.03 -10.14
CA VAL S 523 -56.48 -21.13 -11.06
C VAL S 523 -55.53 -21.00 -12.24
N SER S 524 -55.04 -22.13 -12.73
CA SER S 524 -54.15 -22.12 -13.89
C SER S 524 -54.67 -23.08 -14.94
N GLN S 525 -55.01 -22.53 -16.10
CA GLN S 525 -55.51 -23.31 -17.23
C GLN S 525 -54.37 -23.28 -18.24
N SER S 526 -53.55 -24.33 -18.20
CA SER S 526 -52.37 -24.41 -19.06
C SER S 526 -52.20 -25.78 -19.69
N ILE S 527 -51.14 -25.91 -20.48
CA ILE S 527 -50.82 -27.16 -21.15
C ILE S 527 -49.65 -27.87 -20.47
N TRP S 528 -48.59 -27.13 -20.15
CA TRP S 528 -47.41 -27.71 -19.50
C TRP S 528 -47.21 -27.25 -18.07
N PHE S 529 -46.81 -28.18 -17.21
CA PHE S 529 -46.55 -27.91 -15.79
C PHE S 529 -45.15 -27.27 -15.74
N GLU S 530 -45.09 -25.95 -15.87
CA GLU S 530 -43.83 -25.20 -15.88
C GLU S 530 -44.06 -23.76 -15.43
N GLY S 531 -42.98 -22.99 -15.35
CA GLY S 531 -43.07 -21.59 -14.97
C GLY S 531 -43.94 -21.26 -13.77
N GLU S 532 -45.02 -20.52 -14.02
CA GLU S 532 -45.95 -20.09 -12.96
C GLU S 532 -47.00 -21.11 -12.51
N VAL S 533 -47.19 -22.17 -13.28
CA VAL S 533 -48.20 -23.16 -12.93
C VAL S 533 -48.14 -23.71 -11.52
N PRO S 534 -46.94 -24.06 -11.01
CA PRO S 534 -46.77 -24.60 -9.66
C PRO S 534 -47.09 -23.66 -8.49
N PHE S 535 -47.78 -22.56 -8.77
CA PHE S 535 -48.16 -21.60 -7.74
C PHE S 535 -49.67 -21.61 -7.55
N ALA S 536 -50.37 -22.20 -8.50
CA ALA S 536 -51.83 -22.25 -8.50
C ALA S 536 -52.45 -23.19 -7.46
N ASP S 537 -53.73 -22.95 -7.15
CA ASP S 537 -54.47 -23.77 -6.21
C ASP S 537 -55.16 -24.89 -6.98
N ILE S 538 -55.53 -24.59 -8.22
CA ILE S 538 -56.17 -25.55 -9.10
C ILE S 538 -55.56 -25.44 -10.50
N ILE S 539 -55.19 -26.58 -11.07
CA ILE S 539 -54.60 -26.60 -12.39
C ILE S 539 -55.48 -27.42 -13.33
N LEU S 540 -55.84 -26.81 -14.46
CA LEU S 540 -56.70 -27.44 -15.46
C LEU S 540 -55.89 -27.67 -16.74
N PRO S 541 -55.83 -28.93 -17.21
CA PRO S 541 -55.11 -29.35 -18.41
C PRO S 541 -55.72 -29.00 -19.77
N ALA S 542 -55.02 -28.18 -20.55
CA ALA S 542 -55.47 -27.83 -21.88
C ALA S 542 -54.60 -28.61 -22.86
N CYS S 543 -55.13 -28.94 -24.03
CA CYS S 543 -54.36 -29.67 -25.02
C CYS S 543 -53.77 -28.73 -26.05
N THR S 544 -52.88 -29.25 -26.91
CA THR S 544 -52.26 -28.46 -27.97
C THR S 544 -53.22 -28.43 -29.16
N ASN S 545 -52.88 -27.65 -30.19
CA ASN S 545 -53.72 -27.57 -31.37
C ASN S 545 -53.71 -28.85 -32.21
N PHE S 546 -52.80 -29.77 -31.91
CA PHE S 546 -52.75 -31.02 -32.65
C PHE S 546 -53.76 -32.01 -32.10
N GLU S 547 -54.40 -31.64 -31.00
CA GLU S 547 -55.37 -32.52 -30.35
C GLU S 547 -56.81 -32.02 -30.41
N ARG S 548 -57.05 -31.03 -31.26
CA ARG S 548 -58.39 -30.45 -31.42
C ARG S 548 -58.55 -29.89 -32.84
N TRP S 549 -59.78 -29.55 -33.22
CA TRP S 549 -60.04 -29.01 -34.54
C TRP S 549 -59.99 -27.49 -34.59
N ASP S 550 -59.36 -26.94 -35.61
CA ASP S 550 -59.30 -25.50 -35.78
C ASP S 550 -58.97 -25.14 -37.23
N ILE S 551 -58.84 -23.85 -37.50
CA ILE S 551 -58.51 -23.38 -38.84
C ILE S 551 -57.70 -22.09 -38.70
N SER S 552 -56.78 -21.88 -39.63
CA SER S 552 -55.92 -20.69 -39.59
C SER S 552 -55.24 -20.47 -40.93
N GLU S 553 -54.44 -19.39 -40.99
CA GLU S 553 -53.69 -19.07 -42.19
C GLU S 553 -52.23 -18.88 -41.80
N PHE S 554 -51.33 -19.32 -42.67
CA PHE S 554 -49.90 -19.22 -42.46
C PHE S 554 -49.49 -17.82 -41.98
N ALA S 555 -49.06 -17.74 -40.73
CA ALA S 555 -48.60 -16.50 -40.11
C ALA S 555 -49.61 -15.35 -40.06
N ASN S 556 -50.87 -15.64 -40.37
CA ASN S 556 -51.86 -14.56 -40.37
C ASN S 556 -52.36 -14.09 -39.00
N CYS S 557 -51.79 -12.97 -38.55
CA CYS S 557 -52.16 -12.36 -37.29
C CYS S 557 -53.22 -11.29 -37.54
N SER S 558 -52.93 -10.40 -38.50
CA SER S 558 -53.84 -9.31 -38.85
C SER S 558 -54.01 -8.37 -37.65
N GLY S 559 -55.18 -7.75 -37.55
CA GLY S 559 -55.44 -6.83 -36.45
C GLY S 559 -54.47 -5.66 -36.43
N TYR S 560 -53.59 -5.64 -35.44
CA TYR S 560 -52.61 -4.57 -35.31
C TYR S 560 -51.44 -4.74 -36.27
N ILE S 561 -51.49 -5.78 -37.08
CA ILE S 561 -50.46 -6.03 -38.10
C ILE S 561 -51.24 -6.46 -39.34
N PRO S 562 -51.99 -5.52 -39.94
CA PRO S 562 -52.79 -5.80 -41.13
C PRO S 562 -52.05 -6.49 -42.27
N ASP S 563 -52.66 -7.56 -42.79
CA ASP S 563 -52.09 -8.31 -43.90
C ASP S 563 -50.65 -8.75 -43.68
N ASN S 564 -50.32 -9.21 -42.47
CA ASN S 564 -48.95 -9.64 -42.19
C ASN S 564 -48.65 -11.02 -42.79
N TYR S 565 -49.62 -11.60 -43.48
CA TYR S 565 -49.41 -12.90 -44.12
C TYR S 565 -48.44 -12.66 -45.28
N GLN S 566 -48.16 -11.39 -45.56
CA GLN S 566 -47.22 -11.01 -46.63
C GLN S 566 -45.79 -11.31 -46.19
N LEU S 567 -45.65 -12.00 -45.06
CA LEU S 567 -44.35 -12.40 -44.53
C LEU S 567 -43.94 -13.69 -45.22
N CYS S 568 -44.94 -14.40 -45.75
CA CYS S 568 -44.72 -15.68 -46.42
C CYS S 568 -44.61 -15.61 -47.93
N ASN S 569 -44.09 -16.67 -48.54
CA ASN S 569 -43.95 -16.72 -49.99
C ASN S 569 -45.30 -17.05 -50.64
N HIS S 570 -46.23 -17.58 -49.86
CA HIS S 570 -47.56 -17.93 -50.34
C HIS S 570 -48.57 -17.81 -49.21
N ARG S 571 -49.83 -17.57 -49.55
CA ARG S 571 -50.87 -17.49 -48.55
C ARG S 571 -51.41 -18.91 -48.44
N VAL S 572 -51.13 -19.57 -47.32
CA VAL S 572 -51.60 -20.94 -47.13
C VAL S 572 -52.65 -21.01 -46.04
N ILE S 573 -53.86 -21.38 -46.45
CA ILE S 573 -54.98 -21.51 -45.53
C ILE S 573 -55.14 -23.00 -45.29
N SER S 574 -54.97 -23.43 -44.05
CA SER S 574 -55.11 -24.85 -43.77
C SER S 574 -56.00 -25.23 -42.61
N LEU S 575 -56.58 -26.42 -42.74
CA LEU S 575 -57.45 -26.98 -41.73
C LEU S 575 -56.52 -27.55 -40.66
N GLN S 576 -56.79 -27.23 -39.41
CA GLN S 576 -55.99 -27.76 -38.33
C GLN S 576 -56.75 -28.97 -37.82
N ALA S 577 -56.45 -30.11 -38.43
CA ALA S 577 -57.09 -31.37 -38.11
C ALA S 577 -56.70 -31.90 -36.74
N LYS S 578 -57.66 -32.52 -36.06
CA LYS S 578 -57.43 -33.14 -34.77
C LYS S 578 -56.68 -34.41 -35.13
N CYS S 579 -55.36 -34.36 -35.06
CA CYS S 579 -54.52 -35.49 -35.42
C CYS S 579 -54.58 -36.67 -34.45
N ILE S 580 -54.71 -36.39 -33.17
CA ILE S 580 -54.77 -37.45 -32.16
C ILE S 580 -55.71 -37.03 -31.05
N GLU S 581 -56.08 -37.99 -30.20
CA GLU S 581 -56.95 -37.69 -29.07
C GLU S 581 -56.12 -36.92 -28.07
N PRO S 582 -56.76 -36.03 -27.29
CA PRO S 582 -55.99 -35.26 -26.30
C PRO S 582 -55.12 -36.16 -25.42
N VAL S 583 -53.91 -35.71 -25.16
CA VAL S 583 -52.99 -36.47 -24.31
C VAL S 583 -53.44 -36.38 -22.86
N GLY S 584 -53.38 -37.52 -22.16
CA GLY S 584 -53.78 -37.55 -20.77
C GLY S 584 -55.26 -37.23 -20.61
N GLU S 585 -55.59 -36.54 -19.52
CA GLU S 585 -56.96 -36.16 -19.25
C GLU S 585 -57.22 -34.70 -19.62
N SER S 586 -56.43 -34.19 -20.56
CA SER S 586 -56.56 -32.80 -21.00
C SER S 586 -57.65 -32.63 -22.03
N MET S 587 -58.11 -31.40 -22.19
CA MET S 587 -59.13 -31.08 -23.17
C MET S 587 -58.92 -29.68 -23.74
N SER S 588 -59.56 -29.41 -24.87
CA SER S 588 -59.42 -28.12 -25.51
C SER S 588 -59.92 -27.01 -24.60
N ASP S 589 -59.30 -25.84 -24.71
CA ASP S 589 -59.71 -24.70 -23.90
C ASP S 589 -61.20 -24.45 -24.10
N TYR S 590 -61.67 -24.63 -25.33
CA TYR S 590 -63.08 -24.42 -25.64
C TYR S 590 -63.99 -25.38 -24.87
N GLU S 591 -63.67 -26.67 -24.90
CA GLU S 591 -64.47 -27.66 -24.18
C GLU S 591 -64.38 -27.39 -22.68
N ILE S 592 -63.27 -26.82 -22.23
CA ILE S 592 -63.11 -26.50 -20.83
C ILE S 592 -64.14 -25.42 -20.48
N TYR S 593 -64.18 -24.36 -21.29
CA TYR S 593 -65.11 -23.27 -21.07
C TYR S 593 -66.55 -23.73 -21.26
N ARG S 594 -66.77 -24.65 -22.20
CA ARG S 594 -68.12 -25.14 -22.44
C ARG S 594 -68.64 -25.83 -21.19
N LEU S 595 -67.74 -26.51 -20.49
CA LEU S 595 -68.09 -27.21 -19.26
C LEU S 595 -68.37 -26.19 -18.16
N PHE S 596 -67.56 -25.14 -18.10
CA PHE S 596 -67.77 -24.10 -17.11
C PHE S 596 -69.08 -23.38 -17.38
N ALA S 597 -69.32 -23.07 -18.65
CA ALA S 597 -70.54 -22.38 -19.04
C ALA S 597 -71.75 -23.19 -18.57
N LYS S 598 -71.70 -24.50 -18.83
CA LYS S 598 -72.77 -25.40 -18.44
C LYS S 598 -73.04 -25.24 -16.94
N LYS S 599 -71.98 -25.33 -16.13
CA LYS S 599 -72.10 -25.18 -14.69
C LYS S 599 -72.43 -23.76 -14.23
N LEU S 600 -72.25 -22.79 -15.12
CA LEU S 600 -72.56 -21.40 -14.77
C LEU S 600 -73.92 -21.01 -15.35
N ASN S 601 -74.61 -22.00 -15.89
CA ASN S 601 -75.96 -21.82 -16.47
C ASN S 601 -76.00 -20.90 -17.69
N ILE S 602 -74.89 -20.85 -18.44
CA ILE S 602 -74.82 -20.00 -19.62
C ILE S 602 -74.32 -20.75 -20.85
N GLU S 603 -74.33 -22.07 -20.80
CA GLU S 603 -73.84 -22.87 -21.91
C GLU S 603 -74.47 -22.51 -23.25
N GLU S 604 -75.77 -22.29 -23.25
CA GLU S 604 -76.49 -21.95 -24.47
C GLU S 604 -75.94 -20.67 -25.11
N MET S 605 -75.80 -19.62 -24.31
CA MET S 605 -75.29 -18.35 -24.82
C MET S 605 -73.84 -18.45 -25.27
N PHE S 606 -73.04 -19.26 -24.58
CA PHE S 606 -71.63 -19.42 -24.93
C PHE S 606 -71.35 -20.30 -26.15
N SER S 607 -71.92 -21.50 -26.16
CA SER S 607 -71.66 -22.42 -27.26
C SER S 607 -72.59 -22.28 -28.44
N GLU S 608 -73.79 -21.77 -28.18
CA GLU S 608 -74.78 -21.65 -29.23
C GLU S 608 -74.93 -23.05 -29.85
N GLY S 609 -74.84 -24.06 -29.00
CA GLY S 609 -74.98 -25.44 -29.43
C GLY S 609 -73.99 -25.94 -30.48
N LYS S 610 -72.78 -25.38 -30.49
CA LYS S 610 -71.78 -25.78 -31.47
C LYS S 610 -70.49 -26.27 -30.80
N ASP S 611 -69.78 -27.18 -31.47
CA ASP S 611 -68.51 -27.64 -30.96
C ASP S 611 -67.46 -26.92 -31.81
N GLU S 612 -66.18 -27.14 -31.53
CA GLU S 612 -65.13 -26.47 -32.26
C GLU S 612 -65.24 -26.58 -33.78
N LEU S 613 -65.46 -27.79 -34.29
CA LEU S 613 -65.57 -27.98 -35.74
C LEU S 613 -66.75 -27.21 -36.32
N ALA S 614 -67.84 -27.11 -35.56
CA ALA S 614 -69.01 -26.37 -36.01
C ALA S 614 -68.64 -24.89 -36.15
N TRP S 615 -67.97 -24.34 -35.14
CA TRP S 615 -67.57 -22.94 -35.22
C TRP S 615 -66.65 -22.71 -36.40
N CYS S 616 -65.76 -23.66 -36.66
CA CYS S 616 -64.81 -23.55 -37.77
C CYS S 616 -65.53 -23.38 -39.11
N GLU S 617 -66.59 -24.15 -39.31
CA GLU S 617 -67.36 -24.07 -40.56
C GLU S 617 -68.00 -22.70 -40.71
N GLN S 618 -68.63 -22.23 -39.64
CA GLN S 618 -69.27 -20.92 -39.65
C GLN S 618 -68.20 -19.87 -39.94
N TYR S 619 -67.05 -20.01 -39.27
CA TYR S 619 -65.91 -19.12 -39.45
C TYR S 619 -65.52 -19.10 -40.93
N PHE S 620 -65.29 -20.30 -41.47
CA PHE S 620 -64.91 -20.48 -42.87
C PHE S 620 -65.85 -19.74 -43.80
N ASN S 621 -67.15 -19.83 -43.55
CA ASN S 621 -68.13 -19.16 -44.40
C ASN S 621 -68.11 -17.64 -44.25
N ALA S 622 -67.47 -17.14 -43.20
CA ALA S 622 -67.39 -15.71 -42.97
C ALA S 622 -66.18 -15.10 -43.66
N THR S 623 -65.50 -15.91 -44.47
CA THR S 623 -64.31 -15.46 -45.20
C THR S 623 -64.58 -15.53 -46.71
N ASP S 624 -63.53 -15.28 -47.49
CA ASP S 624 -63.65 -15.34 -48.95
C ASP S 624 -63.38 -16.74 -49.50
N MET S 625 -63.00 -17.67 -48.62
CA MET S 625 -62.72 -19.04 -49.05
C MET S 625 -63.84 -19.62 -49.91
N PRO S 626 -65.11 -19.40 -49.52
CA PRO S 626 -66.23 -19.94 -50.31
C PRO S 626 -66.17 -19.56 -51.79
N LYS S 627 -65.40 -18.53 -52.12
CA LYS S 627 -65.27 -18.12 -53.52
C LYS S 627 -64.45 -19.17 -54.28
N TYR S 628 -63.60 -19.88 -53.56
CA TYR S 628 -62.75 -20.88 -54.18
C TYR S 628 -63.21 -22.32 -53.90
N MET S 629 -63.64 -22.61 -52.68
CA MET S 629 -64.11 -23.95 -52.38
C MET S 629 -65.05 -23.99 -51.19
N THR S 630 -65.85 -25.04 -51.13
CA THR S 630 -66.81 -25.21 -50.05
C THR S 630 -66.10 -25.74 -48.83
N TRP S 631 -66.78 -25.68 -47.69
CA TRP S 631 -66.23 -26.19 -46.45
C TRP S 631 -65.86 -27.66 -46.63
N ASP S 632 -66.80 -28.46 -47.13
CA ASP S 632 -66.57 -29.88 -47.35
C ASP S 632 -65.33 -30.14 -48.20
N GLU S 633 -65.19 -29.41 -49.30
CA GLU S 633 -64.04 -29.58 -50.18
C GLU S 633 -62.76 -29.19 -49.45
N PHE S 634 -62.79 -28.06 -48.75
CA PHE S 634 -61.64 -27.58 -48.00
C PHE S 634 -61.26 -28.58 -46.92
N PHE S 635 -62.25 -29.02 -46.15
CA PHE S 635 -62.02 -29.99 -45.08
C PHE S 635 -61.35 -31.26 -45.63
N LYS S 636 -61.77 -31.68 -46.81
CA LYS S 636 -61.20 -32.87 -47.42
C LYS S 636 -59.76 -32.65 -47.89
N LYS S 637 -59.50 -31.51 -48.53
CA LYS S 637 -58.16 -31.23 -49.02
C LYS S 637 -57.17 -31.03 -47.88
N GLY S 638 -57.59 -30.29 -46.87
CA GLY S 638 -56.73 -30.05 -45.72
C GLY S 638 -56.02 -28.71 -45.73
N TYR S 639 -55.72 -28.19 -46.92
CA TYR S 639 -55.04 -26.90 -47.03
C TYR S 639 -55.34 -26.28 -48.40
N PHE S 640 -55.24 -24.97 -48.48
CA PHE S 640 -55.50 -24.26 -49.73
C PHE S 640 -54.47 -23.17 -49.97
N VAL S 641 -53.85 -23.19 -51.16
CA VAL S 641 -52.88 -22.19 -51.53
C VAL S 641 -53.64 -21.10 -52.29
N VAL S 642 -53.72 -19.91 -51.72
CA VAL S 642 -54.43 -18.82 -52.37
C VAL S 642 -53.75 -18.45 -53.68
N PRO S 643 -54.53 -18.34 -54.76
CA PRO S 643 -54.00 -17.97 -56.08
C PRO S 643 -53.34 -16.60 -56.09
N ASP S 644 -52.39 -16.41 -56.99
CA ASP S 644 -51.72 -15.14 -57.15
C ASP S 644 -52.71 -14.18 -57.81
N ASN S 645 -52.49 -12.88 -57.64
CA ASN S 645 -53.34 -11.87 -58.27
C ASN S 645 -52.31 -11.19 -59.17
N PRO S 646 -52.03 -11.80 -60.35
CA PRO S 646 -51.09 -11.37 -61.38
C PRO S 646 -51.02 -9.87 -61.57
N ASN S 647 -52.18 -9.26 -61.65
CA ASN S 647 -52.27 -7.83 -61.84
C ASN S 647 -52.52 -7.13 -60.50
N ARG S 648 -53.66 -6.48 -60.34
CA ARG S 648 -53.95 -5.75 -59.11
C ARG S 648 -52.84 -4.71 -59.01
N LYS S 649 -53.19 -3.45 -58.84
CA LYS S 649 -52.13 -2.46 -58.78
C LYS S 649 -51.27 -2.60 -57.55
N LYS S 650 -49.98 -2.34 -57.73
CA LYS S 650 -49.01 -2.43 -56.65
C LYS S 650 -48.97 -1.08 -55.94
N THR S 651 -49.11 -1.12 -54.63
CA THR S 651 -49.09 0.10 -53.84
C THR S 651 -47.97 0.02 -52.81
N VAL S 652 -46.77 0.43 -53.21
CA VAL S 652 -45.63 0.39 -52.31
C VAL S 652 -45.87 1.24 -51.07
N ALA S 653 -45.61 0.65 -49.91
CA ALA S 653 -45.79 1.32 -48.64
C ALA S 653 -45.29 2.77 -48.64
N LEU S 654 -46.14 3.66 -48.14
CA LEU S 654 -45.82 5.08 -48.01
C LEU S 654 -45.53 5.86 -49.29
N ARG S 655 -45.62 5.22 -50.45
CA ARG S 655 -45.32 5.98 -51.65
C ARG S 655 -46.33 7.12 -51.81
N TRP S 656 -47.57 6.87 -51.42
CA TRP S 656 -48.62 7.89 -51.52
C TRP S 656 -48.24 9.10 -50.68
N PHE S 657 -47.60 8.86 -49.54
CA PHE S 657 -47.18 9.93 -48.65
C PHE S 657 -46.03 10.69 -49.29
N ALA S 658 -45.08 9.96 -49.84
CA ALA S 658 -43.92 10.56 -50.49
C ALA S 658 -44.33 11.42 -51.67
N GLU S 659 -45.39 11.00 -52.37
CA GLU S 659 -45.88 11.75 -53.53
C GLU S 659 -46.98 12.74 -53.20
N GLY S 660 -47.25 12.93 -51.91
CA GLY S 660 -48.26 13.88 -51.47
C GLY S 660 -49.69 13.64 -51.95
N ARG S 661 -50.06 12.39 -52.18
CA ARG S 661 -51.40 12.10 -52.62
C ARG S 661 -52.20 11.27 -51.61
N GLU S 662 -53.44 10.93 -51.97
CA GLU S 662 -54.31 10.16 -51.09
C GLU S 662 -53.76 8.77 -50.80
N LYS S 663 -53.93 8.34 -49.56
CA LYS S 663 -53.51 7.00 -49.13
C LYS S 663 -54.16 6.02 -50.09
N ASP S 664 -53.39 5.09 -50.64
CA ASP S 664 -53.94 4.15 -51.62
C ASP S 664 -53.63 2.68 -51.37
N THR S 665 -53.08 2.35 -50.21
CA THR S 665 -52.73 0.96 -49.91
C THR S 665 -53.85 0.25 -49.14
N PRO S 666 -53.72 -1.06 -48.93
CA PRO S 666 -54.75 -1.81 -48.19
C PRO S 666 -54.70 -1.55 -46.67
N ASP S 667 -53.79 -0.69 -46.24
CA ASP S 667 -53.64 -0.39 -44.81
C ASP S 667 -54.97 -0.03 -44.14
N TRP S 668 -55.07 -0.34 -42.86
CA TRP S 668 -56.28 -0.09 -42.08
C TRP S 668 -56.30 1.32 -41.50
N GLY S 669 -55.43 2.18 -42.01
CA GLY S 669 -55.38 3.54 -41.52
C GLY S 669 -54.56 4.41 -42.46
N PRO S 670 -54.52 5.74 -42.22
CA PRO S 670 -55.19 6.40 -41.10
C PRO S 670 -56.68 6.56 -41.35
N ARG S 671 -57.43 6.84 -40.28
CA ARG S 671 -58.86 7.06 -40.41
C ARG S 671 -59.13 8.40 -41.06
N LEU S 672 -60.15 8.44 -41.90
CA LEU S 672 -60.53 9.65 -42.61
C LEU S 672 -60.53 10.91 -41.76
N ASN S 673 -61.01 10.80 -40.52
CA ASN S 673 -61.06 11.95 -39.64
C ASN S 673 -59.69 12.44 -39.16
N ASN S 674 -58.67 11.60 -39.33
CA ASN S 674 -57.32 11.98 -38.92
C ASN S 674 -56.51 12.48 -40.11
N GLN S 675 -57.21 12.73 -41.22
CA GLN S 675 -56.58 13.24 -42.42
C GLN S 675 -57.39 14.38 -43.01
N VAL S 676 -56.74 15.21 -43.82
CA VAL S 676 -57.39 16.30 -44.52
C VAL S 676 -57.47 15.81 -45.96
N CYS S 677 -58.67 15.49 -46.42
CA CYS S 677 -58.89 15.00 -47.78
C CYS S 677 -58.05 13.75 -48.00
N ARG S 678 -58.02 12.91 -46.98
CA ARG S 678 -57.29 11.64 -46.94
C ARG S 678 -55.88 11.66 -47.51
N LYS S 679 -55.12 12.67 -47.08
CA LYS S 679 -53.73 12.83 -47.48
C LYS S 679 -52.97 13.07 -46.18
N GLY S 680 -51.68 12.71 -46.17
CA GLY S 680 -50.89 12.90 -44.98
C GLY S 680 -51.05 11.80 -43.95
N LEU S 681 -50.19 11.85 -42.94
CA LEU S 681 -50.20 10.87 -41.86
C LEU S 681 -51.31 11.22 -40.86
N GLN S 682 -51.49 10.31 -39.89
CA GLN S 682 -52.48 10.45 -38.83
C GLN S 682 -52.20 11.64 -37.91
N THR S 683 -50.93 12.04 -37.83
CA THR S 683 -50.55 13.17 -37.00
C THR S 683 -51.37 14.42 -37.35
N THR S 684 -51.42 15.36 -36.42
CA THR S 684 -52.17 16.59 -36.63
C THR S 684 -51.77 17.29 -37.92
N THR S 685 -50.48 17.59 -38.07
CA THR S 685 -49.99 18.28 -39.27
C THR S 685 -50.03 17.40 -40.52
N GLY S 686 -50.21 16.10 -40.32
CA GLY S 686 -50.24 15.16 -41.43
C GLY S 686 -48.83 14.86 -41.91
N LYS S 687 -47.85 15.31 -41.15
CA LYS S 687 -46.43 15.11 -41.47
C LYS S 687 -45.67 14.37 -40.36
N VAL S 688 -44.41 14.03 -40.64
CA VAL S 688 -43.55 13.38 -39.66
C VAL S 688 -43.16 14.51 -38.70
N GLU S 689 -43.65 14.44 -37.46
CA GLU S 689 -43.40 15.48 -36.49
C GLU S 689 -42.20 15.25 -35.56
N PHE S 690 -41.08 15.89 -35.90
CA PHE S 690 -39.86 15.78 -35.11
C PHE S 690 -40.09 16.39 -33.73
N ILE S 691 -41.10 17.24 -33.65
CA ILE S 691 -41.53 17.85 -32.40
C ILE S 691 -43.01 17.48 -32.41
N ALA S 692 -43.32 16.38 -31.75
CA ALA S 692 -44.69 15.85 -31.72
C ALA S 692 -45.72 16.79 -31.10
N THR S 693 -46.72 17.16 -31.87
CA THR S 693 -47.78 18.04 -31.38
C THR S 693 -48.56 17.36 -30.26
N SER S 694 -48.80 16.06 -30.38
CA SER S 694 -49.54 15.36 -29.34
C SER S 694 -48.82 15.46 -27.99
N LEU S 695 -47.51 15.21 -27.99
CA LEU S 695 -46.73 15.28 -26.77
C LEU S 695 -46.56 16.72 -26.27
N LYS S 696 -46.47 17.67 -27.19
CA LYS S 696 -46.33 19.05 -26.78
C LYS S 696 -47.59 19.44 -26.00
N ASN S 697 -48.74 18.95 -26.45
CA ASN S 697 -50.01 19.22 -25.77
C ASN S 697 -49.96 18.60 -24.38
N PHE S 698 -49.47 17.36 -24.31
CA PHE S 698 -49.37 16.62 -23.07
C PHE S 698 -48.50 17.35 -22.05
N GLU S 699 -47.33 17.83 -22.48
CA GLU S 699 -46.48 18.55 -21.54
C GLU S 699 -47.06 19.92 -21.17
N GLU S 700 -47.71 20.58 -22.11
CA GLU S 700 -48.30 21.89 -21.79
C GLU S 700 -49.43 21.68 -20.81
N GLN S 701 -50.04 20.49 -20.87
CA GLN S 701 -51.12 20.13 -19.97
C GLN S 701 -50.56 19.80 -18.58
N GLY S 702 -49.25 19.92 -18.43
CA GLY S 702 -48.60 19.67 -17.15
C GLY S 702 -47.98 18.30 -16.91
N TYR S 703 -48.02 17.42 -17.89
CA TYR S 703 -47.44 16.09 -17.73
C TYR S 703 -45.98 16.03 -18.15
N ILE S 704 -45.13 16.64 -17.33
CA ILE S 704 -43.70 16.67 -17.62
C ILE S 704 -43.06 15.29 -17.46
N ASP S 705 -42.44 14.84 -18.54
CA ASP S 705 -41.79 13.53 -18.57
C ASP S 705 -40.45 13.68 -19.30
N GLU S 706 -39.40 13.83 -18.50
CA GLU S 706 -38.04 14.00 -19.01
C GLU S 706 -37.59 12.93 -20.00
N HIS S 707 -38.01 11.68 -19.77
CA HIS S 707 -37.60 10.61 -20.68
C HIS S 707 -38.49 10.38 -21.88
N ARG S 708 -39.32 11.36 -22.19
CA ARG S 708 -40.21 11.32 -23.36
C ARG S 708 -40.52 12.74 -23.78
N PRO S 709 -39.49 13.49 -24.24
CA PRO S 709 -39.65 14.87 -24.69
C PRO S 709 -40.41 14.94 -26.00
N SER S 710 -41.16 16.02 -26.19
CA SER S 710 -41.94 16.20 -27.42
C SER S 710 -41.00 16.14 -28.63
N MET S 711 -39.81 16.68 -28.48
CA MET S 711 -38.84 16.64 -29.57
C MET S 711 -37.94 15.41 -29.43
N HIS S 712 -37.71 14.73 -30.54
CA HIS S 712 -36.84 13.56 -30.57
C HIS S 712 -35.44 14.11 -30.26
N THR S 713 -34.87 13.71 -29.12
CA THR S 713 -33.55 14.19 -28.74
C THR S 713 -32.73 13.03 -28.19
N TYR S 714 -31.48 13.31 -27.83
CA TYR S 714 -30.64 12.26 -27.27
C TYR S 714 -30.85 12.16 -25.77
N VAL S 715 -31.90 11.46 -25.37
CA VAL S 715 -32.17 11.25 -23.97
C VAL S 715 -31.33 10.06 -23.59
N PRO S 716 -30.36 10.25 -22.69
CA PRO S 716 -29.48 9.16 -22.25
C PRO S 716 -30.34 8.03 -21.69
N ALA S 717 -30.06 6.79 -22.11
CA ALA S 717 -30.83 5.65 -21.61
C ALA S 717 -30.64 5.50 -20.11
N TRP S 718 -31.73 5.50 -19.34
CA TRP S 718 -31.57 5.39 -17.89
C TRP S 718 -30.90 4.10 -17.40
N GLU S 719 -30.78 3.10 -18.26
CA GLU S 719 -30.09 1.88 -17.88
C GLU S 719 -29.04 1.60 -18.96
N SER S 720 -28.00 2.43 -18.98
CA SER S 720 -26.91 2.30 -19.94
C SER S 720 -25.61 2.33 -19.16
N GLN S 721 -24.53 1.83 -19.76
CA GLN S 721 -23.26 1.79 -19.06
C GLN S 721 -22.64 3.12 -18.67
N LYS S 722 -22.85 4.18 -19.46
CA LYS S 722 -22.22 5.44 -19.09
C LYS S 722 -23.12 6.47 -18.42
N HIS S 723 -24.43 6.25 -18.44
CA HIS S 723 -25.35 7.21 -17.84
C HIS S 723 -26.07 6.74 -16.60
N SER S 724 -26.15 5.43 -16.40
CA SER S 724 -26.85 4.89 -15.25
C SER S 724 -25.97 4.72 -14.02
N PRO S 725 -26.43 5.20 -12.86
CA PRO S 725 -25.69 5.11 -11.59
C PRO S 725 -25.39 3.64 -11.25
N LEU S 726 -26.20 2.74 -11.80
CA LEU S 726 -26.09 1.31 -11.58
C LEU S 726 -24.83 0.73 -12.21
N ALA S 727 -24.39 1.34 -13.30
CA ALA S 727 -23.22 0.88 -14.04
C ALA S 727 -21.96 0.72 -13.20
N VAL S 728 -21.84 1.54 -12.16
CA VAL S 728 -20.66 1.48 -11.29
C VAL S 728 -20.51 0.10 -10.66
N LYS S 729 -21.64 -0.48 -10.26
CA LYS S 729 -21.66 -1.79 -9.63
C LYS S 729 -21.77 -2.90 -10.67
N TYR S 730 -22.66 -2.67 -11.65
CA TYR S 730 -22.91 -3.64 -12.70
C TYR S 730 -22.44 -3.07 -14.04
N PRO S 731 -21.15 -3.29 -14.37
CA PRO S 731 -20.49 -2.83 -15.60
C PRO S 731 -20.84 -3.46 -16.93
N LEU S 732 -21.46 -4.64 -16.91
CA LEU S 732 -21.79 -5.30 -18.16
C LEU S 732 -23.18 -4.98 -18.69
N GLY S 733 -23.24 -4.65 -19.98
CA GLY S 733 -24.52 -4.34 -20.59
C GLY S 733 -25.12 -5.60 -21.22
N MET S 734 -26.32 -5.94 -20.80
CA MET S 734 -26.99 -7.13 -21.32
C MET S 734 -28.25 -6.86 -22.13
N LEU S 735 -28.37 -7.54 -23.27
CA LEU S 735 -29.56 -7.45 -24.11
C LEU S 735 -30.10 -8.88 -24.08
N SER S 736 -31.41 -9.05 -24.12
CA SER S 736 -31.97 -10.40 -24.05
C SER S 736 -33.13 -10.59 -25.02
N PRO S 737 -32.83 -10.65 -26.32
CA PRO S 737 -33.73 -10.83 -27.46
C PRO S 737 -34.61 -12.08 -27.35
N HIS S 738 -35.35 -12.37 -28.42
CA HIS S 738 -36.23 -13.53 -28.45
C HIS S 738 -35.46 -14.81 -28.75
N PRO S 739 -35.78 -15.90 -28.01
CA PRO S 739 -35.10 -17.20 -28.19
C PRO S 739 -35.05 -17.69 -29.63
N ARG S 740 -33.86 -18.09 -30.04
CA ARG S 740 -33.61 -18.60 -31.38
C ARG S 740 -34.32 -19.94 -31.65
N PHE S 741 -34.23 -20.86 -30.70
CA PHE S 741 -34.82 -22.18 -30.89
C PHE S 741 -36.13 -22.45 -30.16
N SER S 742 -36.96 -21.41 -30.03
CA SER S 742 -38.24 -21.55 -29.35
C SER S 742 -39.12 -20.31 -29.56
N MET S 743 -40.44 -20.51 -29.67
CA MET S 743 -41.34 -19.38 -29.83
C MET S 743 -41.61 -18.97 -28.40
N HIS S 744 -40.75 -18.11 -27.87
CA HIS S 744 -40.83 -17.68 -26.49
C HIS S 744 -40.76 -18.92 -25.59
N THR S 745 -41.70 -19.11 -24.68
CA THR S 745 -41.64 -20.28 -23.81
C THR S 745 -42.08 -21.57 -24.51
N MET S 746 -42.77 -21.43 -25.63
CA MET S 746 -43.25 -22.61 -26.35
C MET S 746 -42.19 -23.29 -27.20
N GLY S 747 -41.38 -24.13 -26.56
CA GLY S 747 -40.32 -24.83 -27.26
C GLY S 747 -39.22 -25.22 -26.30
N ASP S 748 -38.92 -24.33 -25.36
CA ASP S 748 -37.89 -24.58 -24.36
C ASP S 748 -38.46 -25.46 -23.25
N GLY S 749 -37.58 -26.10 -22.49
CA GLY S 749 -38.02 -26.97 -21.41
C GLY S 749 -38.91 -28.07 -21.92
N LYS S 750 -39.83 -28.53 -21.06
CA LYS S 750 -40.77 -29.58 -21.43
C LYS S 750 -40.07 -30.86 -21.89
N ASN S 751 -38.79 -30.96 -21.58
CA ASN S 751 -38.01 -32.13 -21.98
C ASN S 751 -38.17 -32.35 -23.50
N SER S 752 -38.29 -31.23 -24.22
CA SER S 752 -38.44 -31.28 -25.66
C SER S 752 -37.10 -31.52 -26.35
N TYR S 753 -37.15 -31.86 -27.64
CA TYR S 753 -35.94 -32.13 -28.40
C TYR S 753 -35.05 -30.89 -28.55
N MET S 754 -35.66 -29.71 -28.60
CA MET S 754 -34.90 -28.47 -28.75
C MET S 754 -33.87 -28.27 -27.65
N ASN S 755 -34.06 -28.93 -26.52
CA ASN S 755 -33.14 -28.81 -25.39
C ASN S 755 -31.76 -29.43 -25.65
N TYR S 756 -31.65 -30.21 -26.72
CA TYR S 756 -30.37 -30.84 -27.04
C TYR S 756 -29.58 -30.02 -28.04
N ILE S 757 -30.18 -28.95 -28.55
CA ILE S 757 -29.51 -28.09 -29.52
C ILE S 757 -28.33 -27.40 -28.82
N LYS S 758 -27.15 -27.54 -29.39
CA LYS S 758 -25.93 -26.98 -28.81
C LYS S 758 -26.03 -25.52 -28.37
N ASP S 759 -26.56 -24.68 -29.24
CA ASP S 759 -26.67 -23.25 -28.94
C ASP S 759 -27.99 -22.85 -28.28
N HIS S 760 -28.61 -23.78 -27.57
CA HIS S 760 -29.85 -23.48 -26.85
C HIS S 760 -29.60 -23.70 -25.36
N ARG S 761 -29.15 -24.90 -25.00
CA ARG S 761 -28.82 -25.24 -23.62
C ARG S 761 -27.56 -26.11 -23.60
N VAL S 762 -26.79 -26.00 -22.53
CA VAL S 762 -25.55 -26.75 -22.38
C VAL S 762 -25.65 -27.66 -21.16
N GLU S 763 -25.49 -28.96 -21.37
CA GLU S 763 -25.60 -29.90 -20.26
C GLU S 763 -24.34 -29.94 -19.41
N VAL S 764 -24.53 -29.81 -18.11
CA VAL S 764 -23.43 -29.83 -17.16
C VAL S 764 -23.90 -30.62 -15.94
N ASP S 765 -23.29 -31.79 -15.73
CA ASP S 765 -23.65 -32.66 -14.61
C ASP S 765 -25.11 -33.05 -14.61
N GLY S 766 -25.61 -33.44 -15.78
CA GLY S 766 -26.99 -33.86 -15.89
C GLY S 766 -28.04 -32.78 -16.03
N TYR S 767 -27.66 -31.52 -15.87
CA TYR S 767 -28.62 -30.43 -15.99
C TYR S 767 -28.34 -29.58 -17.23
N LYS S 768 -29.38 -29.24 -17.98
CA LYS S 768 -29.22 -28.42 -19.17
C LYS S 768 -29.44 -26.95 -18.84
N TYR S 769 -28.35 -26.20 -18.78
CA TYR S 769 -28.42 -24.78 -18.45
C TYR S 769 -28.59 -23.84 -19.63
N TRP S 770 -29.26 -22.72 -19.36
CA TRP S 770 -29.52 -21.68 -20.34
C TRP S 770 -28.17 -21.03 -20.67
N ILE S 771 -28.05 -20.51 -21.89
CA ILE S 771 -26.80 -19.90 -22.33
C ILE S 771 -26.70 -18.39 -22.22
N MET S 772 -25.48 -17.92 -21.92
CA MET S 772 -25.19 -16.49 -21.87
C MET S 772 -23.88 -16.35 -22.63
N ARG S 773 -23.89 -15.51 -23.65
CA ARG S 773 -22.72 -15.28 -24.48
C ARG S 773 -21.87 -14.19 -23.85
N VAL S 774 -20.56 -14.43 -23.80
CA VAL S 774 -19.63 -13.49 -23.18
C VAL S 774 -18.41 -13.27 -24.08
N ASN S 775 -18.00 -12.02 -24.23
CA ASN S 775 -16.85 -11.72 -25.06
C ASN S 775 -15.61 -12.27 -24.38
N SER S 776 -14.75 -12.92 -25.16
CA SER S 776 -13.54 -13.52 -24.64
C SER S 776 -12.76 -12.62 -23.68
N ILE S 777 -12.72 -11.32 -23.97
CA ILE S 777 -11.99 -10.40 -23.11
C ILE S 777 -12.62 -10.32 -21.71
N ASP S 778 -13.94 -10.15 -21.66
CA ASP S 778 -14.64 -10.07 -20.39
C ASP S 778 -14.56 -11.42 -19.67
N ALA S 779 -14.64 -12.50 -20.43
CA ALA S 779 -14.57 -13.84 -19.85
C ALA S 779 -13.20 -14.05 -19.19
N GLU S 780 -12.15 -13.81 -19.96
CA GLU S 780 -10.78 -13.96 -19.50
C GLU S 780 -10.53 -13.15 -18.22
N ALA S 781 -10.98 -11.91 -18.21
CA ALA S 781 -10.79 -11.03 -17.07
C ALA S 781 -11.45 -11.56 -15.80
N ARG S 782 -12.37 -12.52 -15.95
CA ARG S 782 -13.07 -13.11 -14.82
C ARG S 782 -12.74 -14.58 -14.61
N GLY S 783 -11.79 -15.09 -15.39
CA GLY S 783 -11.42 -16.49 -15.24
C GLY S 783 -12.54 -17.42 -15.71
N ILE S 784 -13.33 -16.95 -16.67
CA ILE S 784 -14.43 -17.74 -17.19
C ILE S 784 -14.05 -18.41 -18.50
N LYS S 785 -14.26 -19.72 -18.57
CA LYS S 785 -13.95 -20.47 -19.78
C LYS S 785 -15.21 -21.06 -20.40
N ASN S 786 -15.17 -21.29 -21.71
CA ASN S 786 -16.32 -21.82 -22.42
C ASN S 786 -16.93 -23.04 -21.75
N GLY S 787 -18.21 -22.96 -21.43
CA GLY S 787 -18.89 -24.07 -20.80
C GLY S 787 -19.03 -23.94 -19.30
N ASP S 788 -18.29 -23.03 -18.70
CA ASP S 788 -18.35 -22.80 -17.25
C ASP S 788 -19.73 -22.33 -16.82
N LEU S 789 -20.16 -22.75 -15.63
CA LEU S 789 -21.44 -22.30 -15.10
C LEU S 789 -21.16 -20.96 -14.46
N ILE S 790 -21.95 -19.95 -14.85
CA ILE S 790 -21.75 -18.61 -14.33
C ILE S 790 -23.00 -18.06 -13.68
N ARG S 791 -22.80 -17.05 -12.85
CA ARG S 791 -23.87 -16.39 -12.14
C ARG S 791 -23.98 -14.94 -12.61
N ALA S 792 -25.10 -14.60 -13.26
CA ALA S 792 -25.35 -13.24 -13.73
C ALA S 792 -26.24 -12.59 -12.68
N TYR S 793 -25.95 -11.35 -12.31
CA TYR S 793 -26.74 -10.71 -11.26
C TYR S 793 -26.70 -9.19 -11.20
N ASN S 794 -27.64 -8.66 -10.41
CA ASN S 794 -27.76 -7.24 -10.12
C ASN S 794 -28.68 -7.16 -8.91
N ASP S 795 -29.18 -5.99 -8.56
CA ASP S 795 -30.05 -5.87 -7.39
C ASP S 795 -31.30 -6.74 -7.44
N ARG S 796 -31.78 -7.02 -8.66
CA ARG S 796 -33.01 -7.77 -8.86
C ARG S 796 -32.97 -9.28 -8.69
N GLY S 797 -31.79 -9.88 -8.76
CA GLY S 797 -31.72 -11.33 -8.59
C GLY S 797 -30.47 -11.98 -9.15
N SER S 798 -30.47 -13.31 -9.15
CA SER S 798 -29.34 -14.09 -9.67
C SER S 798 -29.84 -15.20 -10.58
N VAL S 799 -29.11 -15.45 -11.66
CA VAL S 799 -29.47 -16.50 -12.59
C VAL S 799 -28.21 -17.30 -12.95
N ILE S 800 -28.29 -18.61 -12.81
CA ILE S 800 -27.17 -19.49 -13.12
C ILE S 800 -27.25 -19.89 -14.60
N LEU S 801 -26.16 -19.68 -15.32
CA LEU S 801 -26.14 -19.98 -16.75
C LEU S 801 -24.86 -20.67 -17.19
N ALA S 802 -24.87 -21.18 -18.42
CA ALA S 802 -23.71 -21.81 -19.02
C ALA S 802 -23.09 -20.73 -19.91
N ALA S 803 -21.81 -20.46 -19.71
CA ALA S 803 -21.13 -19.44 -20.49
C ALA S 803 -20.65 -19.91 -21.87
N GLN S 804 -20.92 -19.11 -22.89
CA GLN S 804 -20.46 -19.41 -24.24
C GLN S 804 -19.53 -18.23 -24.56
N VAL S 805 -18.22 -18.49 -24.55
CA VAL S 805 -17.27 -17.43 -24.84
C VAL S 805 -17.33 -17.21 -26.34
N THR S 806 -17.46 -15.96 -26.75
CA THR S 806 -17.58 -15.66 -28.16
C THR S 806 -16.97 -14.32 -28.54
N GLU S 807 -16.89 -14.06 -29.84
CA GLU S 807 -16.35 -12.82 -30.38
C GLU S 807 -17.50 -11.99 -30.95
N CYS S 808 -18.70 -12.57 -30.94
CA CYS S 808 -19.90 -11.92 -31.49
C CYS S 808 -20.54 -10.86 -30.60
N LEU S 809 -19.74 -10.21 -29.77
CA LEU S 809 -20.22 -9.16 -28.88
C LEU S 809 -19.09 -8.20 -28.58
N GLN S 810 -19.36 -6.90 -28.57
CA GLN S 810 -18.30 -5.96 -28.25
C GLN S 810 -17.94 -6.17 -26.77
N PRO S 811 -16.65 -6.13 -26.43
CA PRO S 811 -16.26 -6.32 -25.03
C PRO S 811 -17.15 -5.45 -24.15
N GLY S 812 -17.61 -6.00 -23.02
CA GLY S 812 -18.44 -5.23 -22.11
C GLY S 812 -19.92 -5.48 -22.33
N THR S 813 -20.24 -6.29 -23.32
CA THR S 813 -21.64 -6.61 -23.62
C THR S 813 -21.87 -8.12 -23.55
N VAL S 814 -22.89 -8.53 -22.83
CA VAL S 814 -23.22 -9.95 -22.74
C VAL S 814 -24.60 -10.15 -23.33
N HIS S 815 -24.87 -11.35 -23.85
CA HIS S 815 -26.14 -11.64 -24.48
C HIS S 815 -26.74 -12.96 -23.99
N SER S 816 -28.03 -12.95 -23.74
CA SER S 816 -28.74 -14.15 -23.28
C SER S 816 -30.22 -14.00 -23.59
N TYR S 817 -30.74 -14.90 -24.42
CA TYR S 817 -32.14 -14.87 -24.81
C TYR S 817 -33.10 -14.92 -23.63
N GLU S 818 -34.28 -14.33 -23.82
CA GLU S 818 -35.32 -14.33 -22.79
C GLU S 818 -36.29 -15.46 -23.09
N SER S 819 -37.44 -15.43 -22.42
CA SER S 819 -38.51 -16.42 -22.63
C SER S 819 -38.26 -17.84 -22.11
N CYS S 820 -37.25 -18.00 -21.26
CA CYS S 820 -36.96 -19.31 -20.67
C CYS S 820 -38.26 -19.85 -20.07
N ALA S 821 -38.64 -21.07 -20.46
CA ALA S 821 -39.87 -21.69 -19.98
C ALA S 821 -39.74 -22.31 -18.60
N VAL S 822 -38.50 -22.52 -18.16
CA VAL S 822 -38.25 -23.17 -16.89
C VAL S 822 -37.90 -22.26 -15.73
N TYR S 823 -38.69 -22.32 -14.66
CA TYR S 823 -38.41 -21.55 -13.45
C TYR S 823 -38.00 -22.60 -12.43
N ASP S 824 -36.71 -22.63 -12.10
CA ASP S 824 -36.16 -23.61 -11.17
C ASP S 824 -35.28 -22.95 -10.11
N PRO S 825 -35.90 -22.38 -9.07
CA PRO S 825 -35.19 -21.71 -7.96
C PRO S 825 -34.35 -22.69 -7.17
N LEU S 826 -33.17 -22.24 -6.73
CA LEU S 826 -32.27 -23.07 -5.96
C LEU S 826 -32.61 -22.96 -4.48
N GLY S 827 -33.41 -21.96 -4.16
CA GLY S 827 -33.83 -21.73 -2.78
C GLY S 827 -35.31 -21.41 -2.79
N THR S 828 -35.73 -20.51 -1.92
CA THR S 828 -37.14 -20.13 -1.87
C THR S 828 -37.53 -19.41 -3.14
N ALA S 829 -38.73 -19.68 -3.62
CA ALA S 829 -39.25 -19.06 -4.84
C ALA S 829 -39.26 -17.53 -4.71
N GLY S 830 -38.82 -16.85 -5.77
CA GLY S 830 -38.80 -15.40 -5.77
C GLY S 830 -37.78 -14.76 -4.84
N LYS S 831 -37.04 -15.57 -4.10
CA LYS S 831 -36.04 -15.02 -3.17
C LYS S 831 -34.63 -15.60 -3.37
N SER S 832 -34.44 -16.44 -4.38
CA SER S 832 -33.14 -17.04 -4.60
C SER S 832 -32.76 -17.13 -6.06
N ALA S 833 -31.52 -17.57 -6.32
CA ALA S 833 -31.03 -17.70 -7.67
C ALA S 833 -31.84 -18.75 -8.43
N ASP S 834 -32.04 -18.52 -9.72
CA ASP S 834 -32.77 -19.44 -10.57
C ASP S 834 -31.80 -20.13 -11.51
N ARG S 835 -31.96 -21.44 -11.70
CA ARG S 835 -31.07 -22.13 -12.63
C ARG S 835 -31.81 -22.53 -13.88
N GLY S 836 -33.12 -22.26 -13.92
CA GLY S 836 -33.90 -22.58 -15.09
C GLY S 836 -33.39 -21.77 -16.27
N GLY S 837 -33.08 -20.50 -16.01
CA GLY S 837 -32.56 -19.63 -17.04
C GLY S 837 -33.41 -18.40 -17.30
N CYS S 838 -34.21 -18.02 -16.31
CA CYS S 838 -35.07 -16.85 -16.44
C CYS S 838 -34.31 -15.53 -16.35
N ILE S 839 -33.66 -15.17 -17.45
CA ILE S 839 -32.90 -13.93 -17.54
C ILE S 839 -33.72 -12.67 -17.20
N ASN S 840 -35.02 -12.70 -17.45
CA ASN S 840 -35.85 -11.53 -17.15
C ASN S 840 -35.96 -11.22 -15.67
N ILE S 841 -35.34 -12.05 -14.86
CA ILE S 841 -35.32 -11.80 -13.41
C ILE S 841 -34.43 -10.57 -13.23
N LEU S 842 -33.48 -10.39 -14.15
CA LEU S 842 -32.51 -9.31 -14.09
C LEU S 842 -32.88 -8.01 -14.82
N THR S 843 -33.90 -8.05 -15.67
CA THR S 843 -34.29 -6.87 -16.42
C THR S 843 -35.08 -5.85 -15.61
N PRO S 844 -34.92 -4.55 -15.94
CA PRO S 844 -35.61 -3.48 -15.23
C PRO S 844 -37.12 -3.48 -15.43
N ASP S 845 -37.86 -3.37 -14.33
CA ASP S 845 -39.30 -3.32 -14.40
C ASP S 845 -39.77 -1.86 -14.41
N ARG S 846 -38.79 -0.94 -14.38
CA ARG S 846 -39.09 0.49 -14.44
C ARG S 846 -39.66 0.82 -15.82
N TYR S 847 -40.75 1.56 -15.87
CA TYR S 847 -41.37 1.93 -17.14
C TYR S 847 -40.38 2.69 -18.03
N ILE S 848 -40.56 2.58 -19.35
CA ILE S 848 -39.68 3.27 -20.29
C ILE S 848 -39.55 4.75 -19.92
N SER S 849 -40.67 5.39 -19.60
CA SER S 849 -40.66 6.79 -19.17
C SER S 849 -41.76 6.93 -18.14
N LYS S 850 -41.87 8.08 -17.51
CA LYS S 850 -42.89 8.27 -16.49
C LYS S 850 -44.29 7.91 -17.02
N TYR S 851 -44.58 8.31 -18.26
CA TYR S 851 -45.89 8.01 -18.84
C TYR S 851 -45.85 6.98 -19.97
N ALA S 852 -44.66 6.67 -20.49
CA ALA S 852 -44.57 5.64 -21.52
C ALA S 852 -44.51 4.36 -20.70
N CYS S 853 -45.67 3.76 -20.48
CA CYS S 853 -45.76 2.56 -19.65
C CYS S 853 -45.51 1.24 -20.37
N GLY S 854 -44.30 1.11 -20.93
CA GLY S 854 -43.92 -0.09 -21.64
C GLY S 854 -42.69 -0.71 -21.00
N MET S 855 -42.33 -1.92 -21.40
CA MET S 855 -41.18 -2.63 -20.85
C MET S 855 -39.85 -2.23 -21.49
N ALA S 856 -38.83 -2.03 -20.65
CA ALA S 856 -37.50 -1.60 -21.11
C ALA S 856 -36.42 -2.67 -20.99
N ASN S 857 -36.83 -3.93 -21.09
CA ASN S 857 -35.98 -5.09 -20.95
C ASN S 857 -34.57 -5.14 -21.55
N ASN S 858 -34.46 -4.89 -22.85
CA ASN S 858 -33.17 -5.02 -23.51
C ASN S 858 -31.99 -4.13 -23.12
N THR S 859 -32.14 -3.39 -22.03
CA THR S 859 -31.03 -2.61 -21.49
C THR S 859 -31.04 -2.99 -20.01
N ALA S 860 -30.15 -3.89 -19.63
CA ALA S 860 -30.05 -4.32 -18.24
C ALA S 860 -28.58 -4.44 -17.86
N LEU S 861 -28.19 -3.78 -16.76
CA LEU S 861 -26.82 -3.82 -16.28
C LEU S 861 -26.63 -4.97 -15.30
N VAL S 862 -25.57 -5.74 -15.50
CA VAL S 862 -25.29 -6.87 -14.64
C VAL S 862 -23.80 -7.08 -14.46
N GLU S 863 -23.47 -8.05 -13.61
CA GLU S 863 -22.10 -8.43 -13.35
C GLU S 863 -22.15 -9.94 -13.42
N ILE S 864 -21.09 -10.56 -13.93
CA ILE S 864 -21.08 -12.02 -14.00
C ILE S 864 -19.80 -12.57 -13.37
N GLU S 865 -19.87 -13.82 -12.93
CA GLU S 865 -18.74 -14.47 -12.30
C GLU S 865 -18.96 -15.97 -12.33
N LYS S 866 -17.89 -16.75 -12.13
CA LYS S 866 -18.05 -18.20 -12.10
C LYS S 866 -18.94 -18.49 -10.90
N TRP S 867 -19.85 -19.43 -11.07
CA TRP S 867 -20.77 -19.79 -10.00
C TRP S 867 -20.10 -20.73 -9.00
N ASP S 868 -20.01 -20.28 -7.75
CA ASP S 868 -19.38 -21.06 -6.70
C ASP S 868 -20.32 -22.14 -6.16
N GLY S 869 -21.60 -22.03 -6.48
CA GLY S 869 -22.55 -23.03 -6.03
C GLY S 869 -23.62 -22.55 -5.06
N ASP S 870 -23.45 -21.35 -4.49
CA ASP S 870 -24.42 -20.82 -3.53
C ASP S 870 -25.80 -20.64 -4.18
N LYS S 871 -26.85 -20.72 -3.37
CA LYS S 871 -28.21 -20.57 -3.87
C LYS S 871 -28.67 -19.11 -3.87
N TYR S 872 -27.87 -18.26 -3.23
CA TYR S 872 -28.15 -16.82 -3.14
C TYR S 872 -29.57 -16.46 -2.73
N GLU S 873 -29.94 -16.87 -1.52
CA GLU S 873 -31.26 -16.55 -1.01
C GLU S 873 -31.16 -15.18 -0.34
N ILE S 874 -31.08 -14.14 -1.17
CA ILE S 874 -30.94 -12.78 -0.67
C ILE S 874 -31.88 -11.78 -1.33
N TYR S 875 -32.86 -12.27 -2.08
CA TYR S 875 -33.78 -11.36 -2.75
C TYR S 875 -35.19 -11.34 -2.17
N MET T 1 -26.41 -49.65 -61.39
CA MET T 1 -26.21 -49.52 -59.92
C MET T 1 -26.03 -48.05 -59.54
N GLU T 2 -27.14 -47.33 -59.48
CA GLU T 2 -27.14 -45.91 -59.14
C GLU T 2 -26.97 -45.75 -57.64
N GLN T 3 -26.19 -44.75 -57.22
CA GLN T 3 -25.93 -44.51 -55.80
C GLN T 3 -26.43 -43.17 -55.28
N TYR T 4 -26.58 -43.08 -53.96
CA TYR T 4 -27.03 -41.86 -53.30
C TYR T 4 -25.85 -40.98 -52.92
N TYR T 5 -26.05 -39.67 -53.05
CA TYR T 5 -25.02 -38.68 -52.70
C TYR T 5 -25.68 -37.48 -52.04
N MET T 6 -24.93 -36.80 -51.20
CA MET T 6 -25.44 -35.62 -50.51
C MET T 6 -24.40 -34.51 -50.57
N VAL T 7 -24.83 -33.31 -50.93
CA VAL T 7 -23.92 -32.18 -51.00
C VAL T 7 -24.41 -31.09 -50.04
N ILE T 8 -23.53 -30.69 -49.14
CA ILE T 8 -23.84 -29.69 -48.13
C ILE T 8 -23.04 -28.40 -48.32
N ASP T 9 -23.75 -27.29 -48.52
CA ASP T 9 -23.11 -25.98 -48.71
C ASP T 9 -22.95 -25.26 -47.36
N VAL T 10 -21.72 -25.24 -46.85
CA VAL T 10 -21.42 -24.61 -45.57
C VAL T 10 -21.72 -23.11 -45.55
N ALA T 11 -21.59 -22.44 -46.68
CA ALA T 11 -21.85 -21.00 -46.75
C ALA T 11 -23.32 -20.71 -46.49
N LYS T 12 -24.16 -21.73 -46.55
CA LYS T 12 -25.59 -21.53 -46.32
C LYS T 12 -26.12 -22.02 -44.97
N CYS T 13 -25.28 -22.67 -44.16
CA CYS T 13 -25.76 -23.11 -42.85
C CYS T 13 -25.93 -21.93 -41.92
N GLN T 14 -27.06 -21.90 -41.20
CA GLN T 14 -27.29 -20.84 -40.22
C GLN T 14 -27.46 -21.46 -38.82
N ASP T 15 -27.32 -22.79 -38.76
CA ASP T 15 -27.42 -23.51 -37.49
C ASP T 15 -28.80 -23.37 -36.81
N CYS T 16 -29.89 -23.34 -37.58
CA CYS T 16 -31.23 -23.23 -36.97
C CYS T 16 -31.58 -24.56 -36.36
N ASN T 17 -30.89 -25.62 -36.80
CA ASN T 17 -31.11 -26.97 -36.31
C ASN T 17 -32.38 -27.69 -36.78
N ASN T 18 -32.88 -27.35 -37.96
CA ASN T 18 -34.06 -28.03 -38.49
C ASN T 18 -33.72 -29.51 -38.79
N CYS T 19 -32.47 -29.80 -39.20
CA CYS T 19 -32.01 -31.19 -39.49
C CYS T 19 -32.19 -32.05 -38.30
N PHE T 20 -31.36 -31.70 -37.32
CA PHE T 20 -31.26 -32.36 -36.04
C PHE T 20 -32.64 -32.65 -35.51
N MET T 21 -33.48 -31.62 -35.45
CA MET T 21 -34.83 -31.81 -34.95
C MET T 21 -35.54 -32.80 -35.88
N GLY T 22 -35.04 -32.87 -37.11
CA GLY T 22 -35.57 -33.80 -38.09
C GLY T 22 -35.34 -35.25 -37.73
N CYS T 23 -34.10 -35.65 -37.38
CA CYS T 23 -33.89 -37.06 -36.99
C CYS T 23 -34.71 -37.38 -35.78
N MET T 24 -34.50 -36.58 -34.75
CA MET T 24 -35.19 -36.77 -33.49
C MET T 24 -36.65 -37.08 -33.77
N ASP T 25 -37.30 -36.22 -34.55
CA ASP T 25 -38.71 -36.39 -34.91
C ASP T 25 -38.92 -37.76 -35.56
N GLU T 26 -37.98 -38.14 -36.41
CA GLU T 26 -38.05 -39.39 -37.15
C GLU T 26 -37.58 -40.63 -36.38
N HIS T 27 -36.61 -40.46 -35.49
CA HIS T 27 -36.03 -41.61 -34.77
C HIS T 27 -36.18 -41.73 -33.25
N GLU T 28 -36.37 -40.62 -32.55
CA GLU T 28 -36.45 -40.66 -31.09
C GLU T 28 -37.63 -41.46 -30.55
N LEU T 29 -38.81 -41.26 -31.15
CA LEU T 29 -40.02 -41.94 -30.72
C LEU T 29 -40.48 -43.04 -31.68
N ASN T 30 -39.71 -43.33 -32.71
CA ASN T 30 -40.08 -44.36 -33.67
C ASN T 30 -39.04 -45.47 -33.76
N GLU T 31 -39.50 -46.64 -34.18
CA GLU T 31 -38.64 -47.81 -34.37
C GLU T 31 -38.81 -48.23 -35.81
N TRP T 32 -37.71 -48.53 -36.49
CA TRP T 32 -37.78 -48.95 -37.88
C TRP T 32 -37.13 -50.31 -38.07
N PRO T 33 -37.96 -51.38 -38.00
CA PRO T 33 -37.55 -52.77 -38.16
C PRO T 33 -36.61 -53.00 -39.33
N GLY T 34 -35.45 -53.58 -39.04
CA GLY T 34 -34.47 -53.85 -40.09
C GLY T 34 -33.55 -52.69 -40.36
N TYR T 35 -33.84 -51.54 -39.76
CA TYR T 35 -33.01 -50.37 -39.96
C TYR T 35 -32.38 -49.88 -38.66
N THR T 36 -33.24 -49.54 -37.70
CA THR T 36 -32.76 -49.05 -36.42
C THR T 36 -33.84 -49.00 -35.36
N ALA T 37 -33.44 -49.18 -34.10
CA ALA T 37 -34.37 -49.10 -32.99
C ALA T 37 -34.47 -47.60 -32.73
N SER T 38 -35.30 -47.19 -31.78
CA SER T 38 -35.45 -45.77 -31.49
C SER T 38 -34.13 -45.14 -31.07
N MET T 39 -33.98 -43.86 -31.37
CA MET T 39 -32.77 -43.10 -31.05
C MET T 39 -32.71 -42.72 -29.57
N GLN T 40 -31.50 -42.62 -29.03
CA GLN T 40 -31.30 -42.24 -27.63
C GLN T 40 -31.15 -40.72 -27.53
N ARG T 41 -31.86 -40.12 -26.59
CA ARG T 41 -31.78 -38.67 -26.39
C ARG T 41 -30.36 -38.25 -26.10
N GLY T 42 -29.87 -37.26 -26.82
CA GLY T 42 -28.51 -36.79 -26.59
C GLY T 42 -27.57 -37.18 -27.72
N HIS T 43 -27.95 -38.20 -28.48
CA HIS T 43 -27.11 -38.64 -29.58
C HIS T 43 -27.16 -37.58 -30.67
N ARG T 44 -26.18 -37.58 -31.56
CA ARG T 44 -26.13 -36.64 -32.66
C ARG T 44 -25.79 -37.33 -33.98
N TRP T 45 -26.71 -38.16 -34.46
CA TRP T 45 -26.52 -38.86 -35.73
C TRP T 45 -26.20 -37.74 -36.70
N MET T 46 -26.88 -36.61 -36.49
CA MET T 46 -26.67 -35.41 -37.26
C MET T 46 -25.95 -34.49 -36.27
N ASN T 47 -24.65 -34.28 -36.51
CA ASN T 47 -23.85 -33.43 -35.63
C ASN T 47 -23.48 -32.15 -36.38
N ILE T 48 -24.05 -31.02 -35.96
CA ILE T 48 -23.77 -29.74 -36.59
C ILE T 48 -22.61 -29.07 -35.86
N GLU T 49 -21.42 -29.09 -36.48
CA GLU T 49 -20.24 -28.49 -35.87
C GLU T 49 -20.24 -26.98 -36.07
N ARG T 50 -19.77 -26.27 -35.04
CA ARG T 50 -19.73 -24.81 -35.05
C ARG T 50 -18.30 -24.30 -34.91
N ARG T 51 -17.92 -23.31 -35.71
CA ARG T 51 -16.57 -22.77 -35.62
C ARG T 51 -16.46 -21.27 -35.84
N GLU T 52 -16.07 -20.55 -34.79
CA GLU T 52 -15.89 -19.11 -34.87
C GLU T 52 -14.46 -18.81 -35.33
N ARG T 53 -14.28 -17.76 -36.11
CA ARG T 53 -12.95 -17.39 -36.59
C ARG T 53 -12.65 -15.92 -36.33
N GLY T 54 -11.36 -15.59 -36.31
CA GLY T 54 -10.96 -14.21 -36.09
C GLY T 54 -11.28 -13.69 -34.71
N THR T 55 -11.20 -12.37 -34.56
CA THR T 55 -11.47 -11.72 -33.29
C THR T 55 -12.34 -10.48 -33.50
N TYR T 56 -13.13 -10.13 -32.50
CA TYR T 56 -13.98 -8.96 -32.60
C TYR T 56 -13.08 -7.77 -32.91
N PRO T 57 -13.53 -6.84 -33.77
CA PRO T 57 -14.80 -6.76 -34.49
C PRO T 57 -14.85 -7.33 -35.92
N ARG T 58 -13.78 -7.99 -36.35
CA ARG T 58 -13.78 -8.55 -37.71
C ARG T 58 -13.82 -10.07 -37.71
N ASN T 59 -14.58 -10.61 -36.77
CA ASN T 59 -14.74 -12.05 -36.59
C ASN T 59 -15.92 -12.57 -37.40
N ASP T 60 -16.01 -13.88 -37.53
CA ASP T 60 -17.11 -14.52 -38.24
C ASP T 60 -17.31 -15.93 -37.71
N ILE T 61 -18.29 -16.64 -38.26
CA ILE T 61 -18.57 -18.01 -37.81
C ILE T 61 -19.25 -18.79 -38.93
N ASN T 62 -18.99 -20.09 -38.97
CA ASN T 62 -19.59 -20.95 -39.97
C ASN T 62 -19.88 -22.29 -39.33
N TYR T 63 -20.80 -23.05 -39.92
CA TYR T 63 -21.18 -24.34 -39.37
C TYR T 63 -21.06 -25.47 -40.39
N ARG T 64 -20.89 -26.70 -39.88
CA ARG T 64 -20.77 -27.86 -40.75
C ARG T 64 -21.66 -29.01 -40.34
N PRO T 65 -22.82 -29.17 -41.00
CA PRO T 65 -23.69 -30.29 -40.63
C PRO T 65 -22.91 -31.56 -40.93
N THR T 66 -22.80 -32.44 -39.96
CA THR T 66 -22.05 -33.68 -40.16
C THR T 66 -22.84 -34.95 -39.86
N PRO T 67 -23.43 -35.56 -40.89
CA PRO T 67 -24.20 -36.79 -40.68
C PRO T 67 -23.18 -37.91 -40.84
N CYS T 68 -23.65 -39.08 -41.26
CA CYS T 68 -22.72 -40.17 -41.50
C CYS T 68 -22.12 -39.91 -42.87
N MET T 69 -20.84 -40.23 -43.05
CA MET T 69 -20.19 -40.01 -44.33
C MET T 69 -20.53 -41.12 -45.33
N HIS T 70 -21.06 -42.24 -44.83
CA HIS T 70 -21.39 -43.38 -45.66
C HIS T 70 -20.30 -43.59 -46.71
N CYS T 71 -19.06 -43.37 -46.30
CA CYS T 71 -17.93 -43.49 -47.21
C CYS T 71 -17.88 -44.82 -47.98
N GLU T 72 -17.41 -44.74 -49.23
CA GLU T 72 -17.34 -45.90 -50.12
C GLU T 72 -16.44 -47.00 -49.61
N ASN T 73 -15.33 -46.64 -48.99
CA ASN T 73 -14.40 -47.62 -48.44
C ASN T 73 -14.51 -47.46 -46.94
N ALA T 74 -15.66 -47.84 -46.41
CA ALA T 74 -15.98 -47.73 -45.00
C ALA T 74 -15.21 -48.63 -44.03
N PRO T 75 -14.46 -48.01 -43.11
CA PRO T 75 -13.65 -48.68 -42.09
C PRO T 75 -14.45 -49.63 -41.20
N CYS T 76 -15.62 -49.20 -40.75
CA CYS T 76 -16.41 -50.10 -39.90
C CYS T 76 -17.01 -51.29 -40.62
N VAL T 77 -17.17 -51.20 -41.93
CA VAL T 77 -17.70 -52.35 -42.66
C VAL T 77 -16.55 -53.34 -42.65
N ALA T 78 -15.35 -52.84 -42.94
CA ALA T 78 -14.15 -53.67 -42.98
C ALA T 78 -13.79 -54.26 -41.63
N LYS T 79 -14.21 -53.62 -40.55
CA LYS T 79 -13.88 -54.10 -39.21
C LYS T 79 -15.08 -54.53 -38.38
N GLY T 80 -16.28 -54.29 -38.89
CA GLY T 80 -17.49 -54.63 -38.16
C GLY T 80 -17.76 -56.12 -38.07
N ASN T 81 -16.94 -56.92 -38.74
CA ASN T 81 -17.09 -58.36 -38.73
C ASN T 81 -18.54 -58.78 -38.99
N GLY T 82 -19.18 -58.15 -39.97
CA GLY T 82 -20.55 -58.49 -40.29
C GLY T 82 -21.62 -57.71 -39.56
N ALA T 83 -21.23 -56.89 -38.59
CA ALA T 83 -22.19 -56.10 -37.84
C ALA T 83 -22.61 -54.85 -38.62
N VAL T 84 -21.78 -54.44 -39.57
CA VAL T 84 -22.05 -53.26 -40.39
C VAL T 84 -21.91 -53.67 -41.86
N TYR T 85 -22.81 -53.20 -42.71
CA TYR T 85 -22.75 -53.55 -44.13
C TYR T 85 -23.04 -52.36 -45.05
N GLN T 86 -22.55 -52.49 -46.29
CA GLN T 86 -22.71 -51.46 -47.30
C GLN T 86 -23.64 -51.96 -48.40
N ARG T 87 -24.71 -51.21 -48.67
CA ARG T 87 -25.68 -51.59 -49.69
C ARG T 87 -25.16 -51.20 -51.07
N GLU T 88 -25.87 -51.64 -52.11
CA GLU T 88 -25.48 -51.34 -53.47
C GLU T 88 -25.60 -49.86 -53.80
N ASP T 89 -26.55 -49.19 -53.17
CA ASP T 89 -26.76 -47.77 -53.44
C ASP T 89 -25.84 -46.88 -52.63
N GLY T 90 -24.85 -47.48 -51.97
CA GLY T 90 -23.90 -46.71 -51.18
C GLY T 90 -24.23 -46.52 -49.71
N ILE T 91 -25.48 -46.67 -49.34
CA ILE T 91 -25.87 -46.49 -47.94
C ILE T 91 -25.21 -47.52 -47.02
N VAL T 92 -24.54 -47.02 -45.99
CA VAL T 92 -23.86 -47.87 -45.01
C VAL T 92 -24.74 -47.97 -43.76
N LEU T 93 -25.16 -49.19 -43.43
CA LEU T 93 -26.02 -49.40 -42.27
C LEU T 93 -25.51 -50.41 -41.25
N ILE T 94 -25.82 -50.17 -39.99
CA ILE T 94 -25.44 -51.07 -38.91
C ILE T 94 -26.58 -52.09 -38.83
N ASP T 95 -26.24 -53.35 -38.67
CA ASP T 95 -27.29 -54.36 -38.55
C ASP T 95 -27.75 -54.25 -37.09
N PRO T 96 -28.97 -53.73 -36.88
CA PRO T 96 -29.54 -53.55 -35.54
C PRO T 96 -29.48 -54.81 -34.67
N GLU T 97 -29.39 -55.96 -35.32
CA GLU T 97 -29.33 -57.23 -34.61
C GLU T 97 -27.90 -57.72 -34.38
N LYS T 98 -27.17 -57.94 -35.48
CA LYS T 98 -25.80 -58.44 -35.41
C LYS T 98 -24.87 -57.56 -34.57
N ALA T 99 -25.17 -56.27 -34.47
CA ALA T 99 -24.31 -55.35 -33.73
C ALA T 99 -24.56 -55.25 -32.23
N LYS T 100 -25.59 -55.90 -31.73
CA LYS T 100 -25.90 -55.84 -30.30
C LYS T 100 -24.73 -56.23 -29.41
N GLY T 101 -24.50 -55.46 -28.35
CA GLY T 101 -23.44 -55.73 -27.41
C GLY T 101 -22.03 -55.44 -27.89
N LYS T 102 -21.88 -54.79 -29.03
CA LYS T 102 -20.56 -54.50 -29.56
C LYS T 102 -20.19 -53.02 -29.55
N LYS T 103 -19.67 -52.56 -28.42
CA LYS T 103 -19.26 -51.17 -28.26
C LYS T 103 -18.02 -50.83 -29.07
N GLU T 104 -17.16 -51.84 -29.29
CA GLU T 104 -15.92 -51.61 -30.03
C GLU T 104 -16.21 -50.99 -31.39
N LEU T 105 -17.40 -51.25 -31.91
CA LEU T 105 -17.80 -50.71 -33.21
C LEU T 105 -17.56 -49.21 -33.30
N LEU T 106 -17.91 -48.49 -32.25
CA LEU T 106 -17.74 -47.04 -32.24
C LEU T 106 -16.32 -46.61 -32.61
N ASP T 107 -15.34 -47.42 -32.18
CA ASP T 107 -13.94 -47.14 -32.45
C ASP T 107 -13.48 -47.36 -33.88
N THR T 108 -14.29 -48.05 -34.68
CA THR T 108 -13.93 -48.30 -36.07
C THR T 108 -14.25 -47.08 -36.92
N CYS T 109 -14.72 -46.01 -36.29
CA CYS T 109 -15.07 -44.78 -37.02
C CYS T 109 -14.05 -43.66 -36.93
N PRO T 110 -13.46 -43.28 -38.07
CA PRO T 110 -12.48 -42.20 -38.04
C PRO T 110 -13.21 -40.87 -37.82
N TYR T 111 -14.51 -40.87 -38.11
CA TYR T 111 -15.33 -39.68 -37.97
C TYR T 111 -16.10 -39.60 -36.66
N GLY T 112 -16.18 -40.70 -35.93
CA GLY T 112 -16.90 -40.73 -34.66
C GLY T 112 -18.37 -40.36 -34.76
N VAL T 113 -19.02 -40.77 -35.84
CA VAL T 113 -20.43 -40.45 -36.04
C VAL T 113 -21.41 -41.42 -35.39
N MET T 114 -20.94 -42.53 -34.86
CA MET T 114 -21.88 -43.45 -34.22
C MET T 114 -21.90 -43.28 -32.70
N TYR T 115 -23.07 -43.54 -32.12
CA TYR T 115 -23.26 -43.40 -30.69
C TYR T 115 -23.77 -44.69 -30.07
N TRP T 116 -23.53 -44.85 -28.78
CA TRP T 116 -23.95 -46.06 -28.09
C TRP T 116 -25.26 -45.88 -27.35
N ASN T 117 -26.25 -46.67 -27.75
CA ASN T 117 -27.57 -46.62 -27.12
C ASN T 117 -27.60 -47.61 -25.95
N GLU T 118 -27.53 -47.09 -24.73
CA GLU T 118 -27.55 -47.91 -23.52
C GLU T 118 -28.69 -48.90 -23.47
N GLU T 119 -29.92 -48.39 -23.53
CA GLU T 119 -31.13 -49.19 -23.45
C GLU T 119 -31.18 -50.30 -24.51
N GLU T 120 -30.79 -49.97 -25.74
CA GLU T 120 -30.80 -50.92 -26.83
C GLU T 120 -29.53 -51.78 -26.92
N ASN T 121 -28.56 -51.49 -26.05
CA ASN T 121 -27.29 -52.23 -26.04
C ASN T 121 -26.74 -52.39 -27.45
N VAL T 122 -26.67 -51.28 -28.19
CA VAL T 122 -26.17 -51.32 -29.55
C VAL T 122 -25.72 -49.96 -30.08
N ALA T 123 -24.83 -49.99 -31.06
CA ALA T 123 -24.33 -48.77 -31.65
C ALA T 123 -25.39 -48.31 -32.65
N GLN T 124 -25.61 -47.01 -32.70
CA GLN T 124 -26.57 -46.44 -33.63
C GLN T 124 -25.93 -45.26 -34.31
N LYS T 125 -26.46 -44.92 -35.47
CA LYS T 125 -25.94 -43.80 -36.21
C LYS T 125 -26.75 -43.54 -37.45
N CYS T 126 -26.27 -42.58 -38.23
CA CYS T 126 -26.91 -42.19 -39.46
C CYS T 126 -27.28 -43.35 -40.37
N THR T 127 -28.53 -43.37 -40.84
CA THR T 127 -28.98 -44.41 -41.75
C THR T 127 -29.33 -43.79 -43.10
N MET T 128 -29.43 -42.46 -43.10
CA MET T 128 -29.79 -41.69 -44.29
C MET T 128 -31.26 -42.00 -44.56
N CYS T 129 -32.03 -42.18 -43.47
CA CYS T 129 -33.44 -42.58 -43.51
C CYS T 129 -33.68 -43.50 -44.66
N ALA T 130 -32.91 -44.60 -44.64
CA ALA T 130 -33.00 -45.62 -45.66
C ALA T 130 -34.42 -46.13 -45.65
N HIS T 131 -35.03 -46.19 -44.46
CA HIS T 131 -36.41 -46.66 -44.36
C HIS T 131 -37.32 -45.75 -45.19
N LEU T 132 -37.01 -44.46 -45.22
CA LEU T 132 -37.81 -43.50 -45.98
C LEU T 132 -37.47 -43.58 -47.48
N LEU T 133 -36.17 -43.65 -47.78
CA LEU T 133 -35.73 -43.73 -49.17
C LEU T 133 -36.23 -45.01 -49.83
N ASP T 134 -36.47 -46.04 -49.03
CA ASP T 134 -36.95 -47.32 -49.56
C ASP T 134 -38.46 -47.35 -49.73
N ASP T 135 -39.14 -46.37 -49.15
CA ASP T 135 -40.59 -46.31 -49.24
C ASP T 135 -41.08 -45.29 -50.26
N GLU T 136 -41.68 -45.79 -51.34
CA GLU T 136 -42.21 -44.96 -52.41
C GLU T 136 -43.19 -43.89 -51.91
N SER T 137 -43.96 -44.24 -50.89
CA SER T 137 -44.94 -43.33 -50.31
C SER T 137 -44.31 -42.01 -49.88
N TRP T 138 -43.10 -42.06 -49.35
CA TRP T 138 -42.39 -40.85 -48.93
C TRP T 138 -42.07 -40.01 -50.16
N ALA T 139 -43.02 -39.16 -50.54
CA ALA T 139 -42.89 -38.30 -51.72
C ALA T 139 -41.61 -37.47 -51.85
N PRO T 140 -41.17 -36.78 -50.78
CA PRO T 140 -39.95 -35.98 -50.87
C PRO T 140 -38.75 -36.75 -51.43
N LYS T 141 -38.72 -38.06 -51.18
CA LYS T 141 -37.64 -38.91 -51.66
C LYS T 141 -36.27 -38.42 -51.26
N MET T 142 -36.16 -37.87 -50.05
CA MET T 142 -34.90 -37.36 -49.53
C MET T 142 -34.94 -37.52 -48.01
N PRO T 143 -33.77 -37.46 -47.36
CA PRO T 143 -33.71 -37.60 -45.90
C PRO T 143 -34.44 -36.49 -45.16
N ARG T 144 -34.61 -36.66 -43.85
CA ARG T 144 -35.29 -35.65 -43.07
C ARG T 144 -34.55 -34.30 -42.98
N CYS T 145 -33.24 -34.31 -42.76
CA CYS T 145 -32.51 -33.02 -42.67
C CYS T 145 -32.71 -32.16 -43.89
N ALA T 146 -32.37 -32.73 -45.03
CA ALA T 146 -32.47 -32.03 -46.31
C ALA T 146 -33.87 -31.49 -46.53
N HIS T 147 -34.87 -32.30 -46.21
CA HIS T 147 -36.25 -31.90 -46.39
C HIS T 147 -36.70 -30.86 -45.38
N ASN T 148 -36.13 -30.90 -44.18
CA ASN T 148 -36.46 -29.95 -43.14
C ASN T 148 -35.72 -28.61 -43.31
N CYS T 149 -34.73 -28.55 -44.22
CA CYS T 149 -33.99 -27.30 -44.47
C CYS T 149 -34.81 -26.17 -45.01
N GLY T 150 -34.54 -24.96 -44.49
CA GLY T 150 -35.23 -23.78 -44.97
C GLY T 150 -34.18 -22.84 -45.53
N SER T 151 -32.92 -23.30 -45.54
CA SER T 151 -31.82 -22.47 -46.03
C SER T 151 -31.15 -22.94 -47.31
N PHE T 152 -31.71 -23.96 -47.94
CA PHE T 152 -31.17 -24.49 -49.19
C PHE T 152 -29.72 -24.95 -49.11
N VAL T 153 -29.38 -25.61 -48.00
CA VAL T 153 -28.03 -26.10 -47.80
C VAL T 153 -27.81 -27.45 -48.50
N TYR T 154 -28.85 -28.29 -48.49
CA TYR T 154 -28.75 -29.63 -49.05
C TYR T 154 -29.15 -29.87 -50.49
N GLU T 155 -28.42 -30.78 -51.11
CA GLU T 155 -28.65 -31.21 -52.48
C GLU T 155 -28.53 -32.73 -52.44
N PHE T 156 -29.65 -33.41 -52.25
CA PHE T 156 -29.65 -34.87 -52.20
C PHE T 156 -29.96 -35.42 -53.59
N LEU T 157 -29.10 -36.31 -54.08
CA LEU T 157 -29.32 -36.89 -55.39
C LEU T 157 -28.85 -38.34 -55.50
N LYS T 158 -29.41 -39.04 -56.47
CA LYS T 158 -29.07 -40.44 -56.72
C LYS T 158 -28.61 -40.51 -58.16
N THR T 159 -27.34 -40.82 -58.37
CA THR T 159 -26.79 -40.88 -59.72
C THR T 159 -25.61 -41.83 -59.85
N THR T 160 -24.93 -41.78 -60.99
CA THR T 160 -23.77 -42.62 -61.25
C THR T 160 -22.51 -41.99 -60.67
N PRO T 161 -21.50 -42.81 -60.36
CA PRO T 161 -20.25 -42.27 -59.80
C PRO T 161 -19.59 -41.28 -60.77
N GLU T 162 -19.71 -41.55 -62.07
CA GLU T 162 -19.12 -40.67 -63.08
C GLU T 162 -19.78 -39.31 -63.02
N ALA T 163 -21.10 -39.30 -62.96
CA ALA T 163 -21.86 -38.06 -62.90
C ALA T 163 -21.46 -37.28 -61.65
N MET T 164 -21.43 -37.96 -60.51
CA MET T 164 -21.07 -37.32 -59.25
C MET T 164 -19.63 -36.81 -59.29
N ALA T 165 -18.74 -37.60 -59.87
CA ALA T 165 -17.33 -37.22 -59.98
C ALA T 165 -17.23 -35.92 -60.76
N LYS T 166 -18.03 -35.83 -61.82
CA LYS T 166 -18.03 -34.64 -62.66
C LYS T 166 -18.53 -33.44 -61.86
N LYS T 167 -19.55 -33.68 -61.04
CA LYS T 167 -20.14 -32.62 -60.22
C LYS T 167 -19.08 -32.09 -59.26
N VAL T 168 -18.38 -33.00 -58.59
CA VAL T 168 -17.34 -32.64 -57.64
C VAL T 168 -16.29 -31.75 -58.29
N GLU T 169 -15.81 -32.15 -59.46
CA GLU T 169 -14.79 -31.39 -60.17
C GLU T 169 -15.28 -29.98 -60.52
N GLU T 170 -16.48 -29.91 -61.09
CA GLU T 170 -17.06 -28.63 -61.49
C GLU T 170 -17.36 -27.70 -60.33
N GLU T 171 -18.08 -28.19 -59.33
CA GLU T 171 -18.43 -27.37 -58.18
C GLU T 171 -17.36 -27.34 -57.10
N GLY T 172 -16.20 -27.94 -57.39
CA GLY T 172 -15.11 -27.96 -56.43
C GLY T 172 -15.53 -28.50 -55.08
N LEU T 173 -16.33 -29.55 -55.09
CA LEU T 173 -16.81 -30.17 -53.86
C LEU T 173 -15.67 -30.85 -53.11
N GLU T 174 -15.77 -30.89 -51.78
CA GLU T 174 -14.75 -31.53 -50.95
C GLU T 174 -15.37 -32.46 -49.92
N VAL T 175 -14.52 -33.26 -49.27
CA VAL T 175 -14.97 -34.18 -48.23
C VAL T 175 -14.13 -33.93 -46.98
N ILE T 176 -14.62 -34.42 -45.84
CA ILE T 176 -13.92 -34.26 -44.58
C ILE T 176 -12.84 -35.33 -44.44
N LYS T 177 -11.63 -34.91 -44.05
CA LYS T 177 -10.51 -35.82 -43.88
C LYS T 177 -10.25 -36.69 -45.11
N PRO T 178 -9.93 -36.07 -46.25
CA PRO T 178 -9.65 -36.81 -47.49
C PRO T 178 -8.49 -37.78 -47.31
N GLU T 179 -7.50 -37.36 -46.54
CA GLU T 179 -6.31 -38.15 -46.27
C GLU T 179 -6.62 -39.59 -45.83
N LEU T 180 -7.73 -39.78 -45.14
CA LEU T 180 -8.09 -41.12 -44.67
C LEU T 180 -8.44 -42.07 -45.81
N GLY T 181 -8.79 -41.52 -46.97
CA GLY T 181 -9.12 -42.34 -48.11
C GLY T 181 -10.36 -43.22 -48.00
N THR T 182 -11.31 -42.84 -47.15
CA THR T 182 -12.53 -43.63 -47.00
C THR T 182 -13.55 -43.27 -48.07
N LYS T 183 -13.30 -42.16 -48.78
CA LYS T 183 -14.17 -41.69 -49.85
C LYS T 183 -15.64 -41.50 -49.45
N PRO T 184 -15.93 -40.46 -48.67
CA PRO T 184 -17.30 -40.19 -48.24
C PRO T 184 -18.21 -39.94 -49.45
N ARG T 185 -19.52 -40.08 -49.25
CA ARG T 185 -20.46 -39.82 -50.33
C ARG T 185 -21.25 -38.55 -49.96
N VAL T 186 -20.80 -37.93 -48.87
CA VAL T 186 -21.38 -36.67 -48.39
C VAL T 186 -20.33 -35.62 -48.67
N TYR T 187 -20.61 -34.74 -49.64
CA TYR T 187 -19.67 -33.69 -50.03
C TYR T 187 -20.02 -32.32 -49.44
N TYR T 188 -19.00 -31.46 -49.36
CA TYR T 188 -19.17 -30.13 -48.83
C TYR T 188 -18.80 -29.04 -49.84
N LYS T 189 -19.64 -28.03 -49.92
CA LYS T 189 -19.44 -26.90 -50.82
C LYS T 189 -19.00 -25.72 -49.96
N ASN T 190 -17.96 -25.02 -50.40
CA ASN T 190 -17.43 -23.88 -49.67
C ASN T 190 -16.92 -24.32 -48.31
N LEU T 191 -16.29 -25.49 -48.28
CA LEU T 191 -15.76 -26.05 -47.04
C LEU T 191 -14.67 -25.18 -46.43
N TYR T 192 -14.07 -24.31 -47.25
CA TYR T 192 -13.02 -23.44 -46.76
C TYR T 192 -13.51 -22.57 -45.58
N ARG T 193 -14.81 -22.26 -45.57
CA ARG T 193 -15.40 -21.45 -44.51
C ARG T 193 -15.14 -22.09 -43.15
N PHE T 194 -15.18 -23.41 -43.12
CA PHE T 194 -14.99 -24.15 -41.88
C PHE T 194 -13.55 -24.57 -41.62
N GLU T 195 -12.90 -25.10 -42.65
CA GLU T 195 -11.53 -25.58 -42.51
C GLU T 195 -10.39 -24.59 -42.67
N LYS T 196 -10.55 -23.59 -43.55
CA LYS T 196 -9.48 -22.64 -43.77
C LYS T 196 -9.60 -21.37 -42.93
N ASN T 197 -8.71 -20.41 -43.20
CA ASN T 197 -8.68 -19.16 -42.47
C ASN T 197 -8.53 -17.95 -43.38
N TYR T 198 -8.62 -16.75 -42.79
CA TYR T 198 -8.51 -15.53 -43.55
C TYR T 198 -7.76 -14.41 -42.83
N VAL T 199 -7.37 -13.40 -43.59
CA VAL T 199 -6.72 -12.24 -43.01
C VAL T 199 -7.58 -11.06 -43.44
N THR T 200 -7.77 -10.10 -42.55
CA THR T 200 -8.61 -8.96 -42.86
C THR T 200 -8.11 -7.70 -42.17
N ALA T 201 -8.65 -6.55 -42.56
CA ALA T 201 -8.24 -5.28 -41.98
C ALA T 201 -9.09 -4.14 -42.53
N GLY T 202 -8.95 -2.97 -41.92
CA GLY T 202 -9.69 -1.80 -42.36
C GLY T 202 -8.73 -0.67 -42.66
N ILE T 203 -8.63 -0.28 -43.93
CA ILE T 203 -7.74 0.80 -44.34
C ILE T 203 -8.37 2.18 -44.19
N LEU T 204 -7.67 3.07 -43.49
CA LEU T 204 -8.14 4.43 -43.28
C LEU T 204 -7.11 5.41 -43.85
N VAL T 205 -7.58 6.49 -44.46
CA VAL T 205 -6.70 7.51 -45.01
C VAL T 205 -7.16 8.80 -44.39
N GLN T 206 -6.28 9.42 -43.61
CA GLN T 206 -6.60 10.67 -42.94
C GLN T 206 -7.78 10.51 -41.99
N GLY T 207 -7.83 9.37 -41.30
CA GLY T 207 -8.89 9.13 -40.34
C GLY T 207 -10.22 8.56 -40.83
N ASP T 208 -10.40 8.47 -42.15
CA ASP T 208 -11.65 7.93 -42.68
C ASP T 208 -11.47 6.67 -43.50
N CYS T 209 -12.48 5.81 -43.49
CA CYS T 209 -12.45 4.57 -44.25
C CYS T 209 -12.20 4.94 -45.71
N PHE T 210 -11.18 4.33 -46.29
CA PHE T 210 -10.82 4.61 -47.68
C PHE T 210 -11.23 3.49 -48.62
N GLU T 211 -12.08 3.83 -49.58
CA GLU T 211 -12.55 2.86 -50.56
C GLU T 211 -11.73 2.94 -51.84
N GLY T 212 -11.39 1.78 -52.40
CA GLY T 212 -10.62 1.77 -53.63
C GLY T 212 -9.15 1.45 -53.45
N ALA T 213 -8.70 1.29 -52.22
CA ALA T 213 -7.31 0.96 -51.98
C ALA T 213 -7.04 -0.42 -52.55
N LYS T 214 -5.91 -0.57 -53.22
CA LYS T 214 -5.54 -1.85 -53.83
C LYS T 214 -4.75 -2.70 -52.84
N VAL T 215 -5.24 -3.89 -52.59
CA VAL T 215 -4.58 -4.80 -51.65
C VAL T 215 -4.14 -6.06 -52.38
N VAL T 216 -2.96 -6.56 -52.02
CA VAL T 216 -2.42 -7.77 -52.64
C VAL T 216 -1.86 -8.70 -51.59
N LEU T 217 -2.15 -9.99 -51.72
CA LEU T 217 -1.65 -10.99 -50.78
C LEU T 217 -0.61 -11.83 -51.51
N LYS T 218 0.55 -12.00 -50.89
CA LYS T 218 1.63 -12.77 -51.48
C LYS T 218 2.25 -13.78 -50.53
N SER T 219 2.62 -14.92 -51.08
CA SER T 219 3.28 -15.98 -50.32
C SER T 219 4.53 -16.30 -51.11
N GLY T 220 5.69 -16.08 -50.50
CA GLY T 220 6.94 -16.34 -51.20
C GLY T 220 7.15 -15.34 -52.32
N GLY T 221 6.64 -14.13 -52.15
CA GLY T 221 6.82 -13.11 -53.17
C GLY T 221 5.84 -13.13 -54.33
N LYS T 222 5.14 -14.25 -54.54
CA LYS T 222 4.18 -14.33 -55.64
C LYS T 222 2.75 -14.11 -55.15
N GLU T 223 2.00 -13.30 -55.89
CA GLU T 223 0.63 -12.99 -55.52
C GLU T 223 -0.22 -14.24 -55.37
N VAL T 224 -1.05 -14.27 -54.33
CA VAL T 224 -1.94 -15.40 -54.06
C VAL T 224 -3.38 -14.88 -54.08
N ALA T 225 -3.53 -13.58 -53.87
CA ALA T 225 -4.85 -12.95 -53.87
C ALA T 225 -4.72 -11.44 -53.95
N SER T 226 -5.72 -10.80 -54.53
CA SER T 226 -5.73 -9.34 -54.63
C SER T 226 -7.16 -8.83 -54.64
N ALA T 227 -7.35 -7.62 -54.14
CA ALA T 227 -8.67 -7.01 -54.09
C ALA T 227 -8.59 -5.54 -53.75
N GLU T 228 -9.72 -4.86 -53.86
CA GLU T 228 -9.80 -3.43 -53.54
C GLU T 228 -10.76 -3.25 -52.37
N THR T 229 -10.39 -2.36 -51.45
CA THR T 229 -11.20 -2.10 -50.28
C THR T 229 -12.58 -1.51 -50.60
N ASN T 230 -13.57 -1.87 -49.78
CA ASN T 230 -14.93 -1.36 -49.97
C ASN T 230 -15.09 -0.03 -49.25
N PHE T 231 -16.32 0.50 -49.18
CA PHE T 231 -16.53 1.80 -48.54
C PHE T 231 -16.22 1.83 -47.03
N PHE T 232 -15.92 0.67 -46.45
CA PHE T 232 -15.54 0.62 -45.04
C PHE T 232 -14.01 0.45 -45.02
N GLY T 233 -13.40 0.52 -46.20
CA GLY T 233 -11.97 0.38 -46.33
C GLY T 233 -11.47 -1.01 -46.00
N GLU T 234 -12.35 -1.99 -46.06
CA GLU T 234 -11.97 -3.36 -45.71
C GLU T 234 -11.74 -4.31 -46.88
N PHE T 235 -11.02 -5.38 -46.58
CA PHE T 235 -10.71 -6.43 -47.54
C PHE T 235 -10.68 -7.70 -46.70
N LYS T 236 -10.90 -8.84 -47.33
CA LYS T 236 -10.90 -10.11 -46.61
C LYS T 236 -10.48 -11.22 -47.55
N PHE T 237 -9.29 -11.79 -47.31
CA PHE T 237 -8.78 -12.89 -48.12
C PHE T 237 -9.03 -14.17 -47.33
N ASP T 238 -9.97 -14.99 -47.81
CA ASP T 238 -10.33 -16.24 -47.14
C ASP T 238 -9.73 -17.44 -47.85
N ALA T 239 -10.11 -18.64 -47.38
CA ALA T 239 -9.64 -19.89 -47.94
C ALA T 239 -8.12 -19.98 -47.93
N LEU T 240 -7.49 -19.41 -46.90
CA LEU T 240 -6.03 -19.42 -46.79
C LEU T 240 -5.51 -20.63 -46.01
N ASP T 241 -4.48 -21.27 -46.55
CA ASP T 241 -3.89 -22.42 -45.88
C ASP T 241 -2.90 -21.84 -44.89
N ASN T 242 -2.42 -22.67 -43.98
CA ASN T 242 -1.47 -22.19 -42.99
C ASN T 242 -0.17 -21.82 -43.69
N GLY T 243 0.54 -20.86 -43.11
CA GLY T 243 1.79 -20.42 -43.70
C GLY T 243 2.01 -18.96 -43.43
N GLU T 244 3.00 -18.37 -44.10
CA GLU T 244 3.31 -16.96 -43.91
C GLU T 244 3.01 -16.20 -45.19
N TYR T 245 2.33 -15.07 -45.04
CA TYR T 245 1.97 -14.23 -46.18
C TYR T 245 2.40 -12.80 -45.95
N THR T 246 2.47 -12.05 -47.03
CA THR T 246 2.82 -10.64 -46.98
C THR T 246 1.62 -9.89 -47.53
N VAL T 247 1.27 -8.79 -46.88
CA VAL T 247 0.15 -8.00 -47.36
C VAL T 247 0.70 -6.66 -47.82
N GLU T 248 0.39 -6.31 -49.06
CA GLU T 248 0.84 -5.06 -49.64
C GLU T 248 -0.37 -4.20 -49.99
N ILE T 249 -0.38 -2.98 -49.45
CA ILE T 249 -1.48 -2.06 -49.67
C ILE T 249 -1.04 -0.77 -50.37
N ASP T 250 -1.86 -0.31 -51.30
CA ASP T 250 -1.55 0.92 -52.03
C ASP T 250 -2.79 1.79 -52.09
N ALA T 251 -2.79 2.86 -51.31
CA ALA T 251 -3.91 3.79 -51.26
C ALA T 251 -3.43 5.22 -51.52
N ASP T 252 -4.00 5.85 -52.54
CA ASP T 252 -3.64 7.22 -52.89
C ASP T 252 -2.13 7.34 -53.11
N GLY T 253 -1.54 6.32 -53.72
CA GLY T 253 -0.12 6.33 -53.96
C GLY T 253 0.66 5.89 -52.73
N LYS T 254 0.07 6.16 -51.56
CA LYS T 254 0.69 5.79 -50.29
C LYS T 254 0.53 4.29 -50.08
N SER T 255 1.64 3.61 -49.84
CA SER T 255 1.62 2.16 -49.65
C SER T 255 1.93 1.69 -48.23
N TYR T 256 1.58 0.43 -47.97
CA TYR T 256 1.78 -0.19 -46.66
C TYR T 256 2.08 -1.67 -46.89
N SER T 257 2.85 -2.27 -46.00
CA SER T 257 3.20 -3.69 -46.13
C SER T 257 3.50 -4.31 -44.77
N ASP T 258 3.11 -5.57 -44.61
CA ASP T 258 3.34 -6.27 -43.37
C ASP T 258 3.17 -7.77 -43.61
N THR T 259 3.82 -8.58 -42.78
CA THR T 259 3.72 -10.03 -42.94
C THR T 259 2.69 -10.56 -41.96
N VAL T 260 1.90 -11.53 -42.40
CA VAL T 260 0.89 -12.11 -41.55
C VAL T 260 1.02 -13.63 -41.59
N VAL T 261 0.91 -14.26 -40.43
CA VAL T 261 1.05 -15.71 -40.33
C VAL T 261 -0.28 -16.38 -39.99
N ILE T 262 -0.69 -17.31 -40.86
CA ILE T 262 -1.94 -18.03 -40.66
C ILE T 262 -1.64 -19.42 -40.08
N ASP T 263 -1.97 -19.61 -38.81
CA ASP T 263 -1.74 -20.89 -38.15
C ASP T 263 -3.01 -21.38 -37.46
N ASP T 264 -3.93 -21.91 -38.26
CA ASP T 264 -5.20 -22.43 -37.78
C ASP T 264 -6.09 -21.33 -37.19
N LYS T 265 -5.79 -20.09 -37.55
CA LYS T 265 -6.56 -18.95 -37.07
C LYS T 265 -6.67 -17.89 -38.14
N SER T 266 -7.72 -17.07 -38.03
CA SER T 266 -7.92 -15.99 -38.97
C SER T 266 -7.42 -14.74 -38.26
N VAL T 267 -6.91 -13.78 -39.01
CA VAL T 267 -6.35 -12.59 -38.39
C VAL T 267 -6.98 -11.27 -38.77
N ASP T 268 -7.15 -10.41 -37.77
CA ASP T 268 -7.69 -9.08 -37.98
C ASP T 268 -6.53 -8.13 -37.72
N LEU T 269 -6.02 -7.53 -38.79
CA LEU T 269 -4.90 -6.61 -38.70
C LEU T 269 -5.33 -5.28 -38.06
N GLY T 270 -6.64 -5.11 -37.90
CA GLY T 270 -7.16 -3.89 -37.31
C GLY T 270 -7.17 -2.72 -38.28
N PHE T 271 -7.14 -1.52 -37.72
CA PHE T 271 -7.14 -0.30 -38.54
C PHE T 271 -5.74 0.03 -39.06
N ILE T 272 -5.61 0.08 -40.38
CA ILE T 272 -4.34 0.43 -41.01
C ILE T 272 -4.51 1.89 -41.42
N LYS T 273 -3.78 2.78 -40.76
CA LYS T 273 -3.89 4.21 -41.03
C LYS T 273 -2.83 4.77 -41.98
N LEU T 274 -3.30 5.30 -43.11
CA LEU T 274 -2.43 5.90 -44.12
C LEU T 274 -2.75 7.39 -44.26
N MET U 1 -58.57 4.71 80.76
CA MET U 1 -59.48 4.02 81.71
C MET U 1 -58.71 3.44 82.90
N GLY U 2 -57.57 2.83 82.62
CA GLY U 2 -56.77 2.24 83.67
C GLY U 2 -55.44 2.92 83.96
N GLU U 3 -54.73 2.39 84.95
CA GLU U 3 -53.45 2.92 85.36
C GLU U 3 -52.30 2.28 84.56
N VAL U 4 -51.14 2.90 84.64
CA VAL U 4 -49.96 2.38 83.95
C VAL U 4 -49.45 1.24 84.81
N VAL U 5 -48.91 0.21 84.17
CA VAL U 5 -48.36 -0.95 84.89
C VAL U 5 -46.97 -1.25 84.36
N ARG U 6 -46.01 -1.42 85.27
CA ARG U 6 -44.64 -1.73 84.87
C ARG U 6 -44.49 -3.25 84.75
N LEU U 7 -44.22 -3.71 83.53
CA LEU U 7 -44.05 -5.14 83.28
C LEU U 7 -42.60 -5.45 82.89
N THR U 8 -42.31 -6.74 82.73
CA THR U 8 -40.98 -7.18 82.35
C THR U 8 -40.98 -7.97 81.05
N ASN U 9 -39.86 -7.89 80.35
CA ASN U 9 -39.64 -8.63 79.13
C ASN U 9 -38.17 -8.43 78.81
N SER U 10 -37.70 -9.00 77.70
CA SER U 10 -36.30 -8.87 77.37
C SER U 10 -36.13 -8.88 75.87
N SER U 11 -34.89 -8.98 75.41
CA SER U 11 -34.62 -8.97 73.98
C SER U 11 -33.17 -9.30 73.72
N THR U 12 -32.80 -9.29 72.43
CA THR U 12 -31.43 -9.56 72.03
C THR U 12 -30.57 -8.34 72.38
N GLY U 13 -31.23 -7.30 72.88
CA GLY U 13 -30.54 -6.08 73.25
C GLY U 13 -30.57 -5.89 74.76
N GLY U 14 -31.01 -6.94 75.46
CA GLY U 14 -31.06 -6.86 76.91
C GLY U 14 -32.45 -6.77 77.48
N PRO U 15 -32.61 -7.02 78.80
CA PRO U 15 -33.88 -6.99 79.52
C PRO U 15 -34.41 -5.56 79.63
N VAL U 16 -35.72 -5.41 79.69
CA VAL U 16 -36.33 -4.08 79.80
C VAL U 16 -37.56 -4.07 80.69
N PHE U 17 -37.94 -2.87 81.14
CA PHE U 17 -39.14 -2.66 81.93
C PHE U 17 -40.09 -2.07 80.91
N VAL U 18 -41.26 -2.68 80.78
CA VAL U 18 -42.24 -2.21 79.81
C VAL U 18 -43.45 -1.58 80.49
N TYR U 19 -43.64 -0.29 80.26
CA TYR U 19 -44.76 0.42 80.84
C TYR U 19 -45.94 0.37 79.90
N VAL U 20 -47.01 -0.26 80.36
CA VAL U 20 -48.22 -0.44 79.57
C VAL U 20 -49.45 0.21 80.20
N LYS U 21 -50.31 0.75 79.35
CA LYS U 21 -51.55 1.36 79.80
C LYS U 21 -52.62 1.07 78.76
N ASP U 22 -53.80 0.69 79.23
CA ASP U 22 -54.91 0.38 78.35
C ASP U 22 -54.50 -0.50 77.17
N GLY U 23 -53.78 -1.58 77.48
CA GLY U 23 -53.36 -2.51 76.45
C GLY U 23 -52.39 -1.97 75.42
N LYS U 24 -51.66 -0.91 75.78
CA LYS U 24 -50.71 -0.31 74.84
C LYS U 24 -49.37 -0.01 75.51
N ILE U 25 -48.28 -0.24 74.78
CA ILE U 25 -46.94 0.01 75.31
C ILE U 25 -46.65 1.51 75.25
N ILE U 26 -46.18 2.04 76.37
CA ILE U 26 -45.86 3.46 76.48
C ILE U 26 -44.36 3.70 76.36
N ARG U 27 -43.56 2.84 76.96
CA ARG U 27 -42.11 2.98 76.91
C ARG U 27 -41.40 1.71 77.35
N MET U 28 -40.13 1.59 76.95
CA MET U 28 -39.28 0.47 77.30
C MET U 28 -38.02 1.10 77.84
N THR U 29 -37.53 0.60 78.98
CA THR U 29 -36.34 1.17 79.58
C THR U 29 -35.43 0.10 80.16
N PRO U 30 -34.18 0.48 80.49
CA PRO U 30 -33.23 -0.46 81.08
C PRO U 30 -33.78 -0.73 82.48
N MET U 31 -33.21 -1.68 83.21
CA MET U 31 -33.74 -2.00 84.53
C MET U 31 -32.90 -1.55 85.73
N ASP U 32 -33.54 -0.87 86.68
CA ASP U 32 -32.91 -0.53 87.91
C ASP U 32 -33.19 -1.58 88.98
N PHE U 33 -32.23 -1.94 89.76
CA PHE U 33 -32.44 -2.97 90.77
C PHE U 33 -33.03 -2.35 92.04
N ASP U 34 -33.86 -3.11 92.74
CA ASP U 34 -34.45 -2.66 93.99
C ASP U 34 -33.63 -3.37 95.07
N ASP U 35 -32.68 -2.65 95.66
CA ASP U 35 -31.80 -3.22 96.68
C ASP U 35 -32.51 -3.89 97.85
N ALA U 36 -33.79 -3.60 98.01
CA ALA U 36 -34.58 -4.19 99.09
C ALA U 36 -35.00 -5.61 98.76
N VAL U 37 -34.94 -5.96 97.47
CA VAL U 37 -35.35 -7.30 97.05
C VAL U 37 -34.35 -7.99 96.11
N ASP U 38 -33.44 -7.22 95.51
CA ASP U 38 -32.46 -7.80 94.60
C ASP U 38 -31.08 -7.99 95.24
N ALA U 39 -30.58 -9.21 95.17
CA ALA U 39 -29.28 -9.59 95.74
C ALA U 39 -28.18 -8.58 95.43
N PRO U 40 -27.21 -8.42 96.35
CA PRO U 40 -26.08 -7.50 96.19
C PRO U 40 -25.17 -7.96 95.06
N SER U 41 -24.40 -7.04 94.48
CA SER U 41 -23.50 -7.36 93.38
C SER U 41 -22.17 -7.92 93.85
N TRP U 42 -21.38 -8.41 92.91
CA TRP U 42 -20.06 -8.95 93.20
C TRP U 42 -19.09 -7.78 93.33
N LYS U 43 -17.94 -8.03 93.96
CA LYS U 43 -16.91 -7.03 94.14
C LYS U 43 -15.58 -7.65 93.75
N ILE U 44 -14.69 -6.84 93.18
CA ILE U 44 -13.37 -7.32 92.81
C ILE U 44 -12.35 -6.35 93.36
N GLU U 45 -11.41 -6.88 94.15
CA GLU U 45 -10.35 -6.07 94.74
C GLU U 45 -9.12 -6.23 93.87
N ALA U 46 -8.65 -5.12 93.31
CA ALA U 46 -7.49 -5.15 92.45
C ALA U 46 -6.70 -3.85 92.49
N ARG U 47 -5.39 -3.98 92.64
CA ARG U 47 -4.49 -2.84 92.69
C ARG U 47 -4.97 -1.74 93.63
N GLY U 48 -5.13 -2.09 94.89
CA GLY U 48 -5.55 -1.13 95.89
C GLY U 48 -6.89 -0.47 95.65
N LYS U 49 -7.70 -1.05 94.78
CA LYS U 49 -9.02 -0.51 94.49
C LYS U 49 -10.08 -1.60 94.60
N THR U 50 -11.34 -1.17 94.63
CA THR U 50 -12.46 -2.10 94.71
C THR U 50 -13.42 -1.78 93.56
N PHE U 51 -13.67 -2.77 92.72
CA PHE U 51 -14.56 -2.58 91.59
C PHE U 51 -15.86 -3.37 91.76
N THR U 52 -16.97 -2.66 91.57
CA THR U 52 -18.31 -3.25 91.67
C THR U 52 -19.17 -2.57 90.60
N PRO U 53 -20.02 -3.34 89.91
CA PRO U 53 -20.90 -2.85 88.85
C PRO U 53 -22.09 -2.01 89.30
N PRO U 54 -22.69 -1.27 88.34
CA PRO U 54 -23.86 -0.44 88.65
C PRO U 54 -25.05 -1.35 88.98
N ARG U 55 -25.91 -0.89 89.88
CA ARG U 55 -27.09 -1.67 90.26
C ARG U 55 -28.12 -1.45 89.18
N LYS U 56 -27.76 -1.80 87.94
CA LYS U 56 -28.64 -1.58 86.80
C LYS U 56 -28.21 -2.42 85.60
N THR U 57 -29.09 -2.55 84.63
CA THR U 57 -28.78 -3.29 83.40
C THR U 57 -28.66 -2.23 82.31
N SER U 58 -28.31 -2.65 81.10
CA SER U 58 -28.19 -1.71 80.00
C SER U 58 -28.77 -2.34 78.74
N ILE U 59 -29.12 -1.50 77.77
CA ILE U 59 -29.70 -1.99 76.54
C ILE U 59 -29.01 -1.42 75.31
N ALA U 60 -29.19 -2.11 74.18
CA ALA U 60 -28.62 -1.67 72.91
C ALA U 60 -29.62 -0.72 72.26
N PRO U 61 -29.18 0.07 71.27
CA PRO U 61 -30.04 1.03 70.59
C PRO U 61 -31.29 0.42 69.96
N TYR U 62 -31.12 -0.71 69.28
CA TYR U 62 -32.24 -1.37 68.62
C TYR U 62 -33.31 -1.85 69.59
N THR U 63 -32.94 -2.03 70.85
CA THR U 63 -33.90 -2.43 71.87
C THR U 63 -34.54 -1.15 72.41
N ALA U 64 -33.74 -0.09 72.53
CA ALA U 64 -34.23 1.18 73.01
C ALA U 64 -35.38 1.66 72.11
N GLY U 65 -35.30 1.38 70.82
CA GLY U 65 -36.35 1.80 69.91
C GLY U 65 -37.18 0.64 69.38
N PHE U 66 -37.17 -0.47 70.10
CA PHE U 66 -37.90 -1.67 69.68
C PHE U 66 -39.42 -1.48 69.54
N LYS U 67 -40.00 -0.62 70.36
CA LYS U 67 -41.43 -0.39 70.31
C LYS U 67 -41.88 -0.08 68.88
N SER U 68 -41.05 0.68 68.16
CA SER U 68 -41.38 1.05 66.79
C SER U 68 -41.37 -0.16 65.85
N MET U 69 -40.74 -1.25 66.28
CA MET U 69 -40.72 -2.46 65.46
C MET U 69 -42.00 -3.26 65.69
N ILE U 70 -42.49 -3.22 66.94
CA ILE U 70 -43.71 -3.91 67.33
C ILE U 70 -44.89 -3.33 66.56
N TYR U 71 -45.02 -2.02 66.62
CA TYR U 71 -46.11 -1.30 65.96
C TYR U 71 -45.74 -0.85 64.54
N SER U 72 -44.79 -1.54 63.94
CA SER U 72 -44.34 -1.23 62.58
C SER U 72 -45.48 -1.37 61.57
N ASP U 73 -45.48 -0.52 60.56
CA ASP U 73 -46.52 -0.60 59.53
C ASP U 73 -46.10 -1.63 58.47
N LEU U 74 -44.91 -2.20 58.64
CA LEU U 74 -44.41 -3.23 57.73
C LEU U 74 -44.62 -4.58 58.38
N ARG U 75 -45.28 -4.54 59.52
CA ARG U 75 -45.62 -5.73 60.29
C ARG U 75 -46.63 -6.52 59.43
N ILE U 76 -46.42 -7.83 59.25
CA ILE U 76 -47.37 -8.62 58.47
C ILE U 76 -48.68 -8.58 59.25
N PRO U 77 -49.72 -7.98 58.66
CA PRO U 77 -51.07 -7.79 59.23
C PRO U 77 -52.00 -8.99 59.36
N TYR U 78 -51.80 -10.01 58.53
CA TYR U 78 -52.67 -11.18 58.55
C TYR U 78 -52.17 -12.16 57.50
N PRO U 79 -52.67 -13.41 57.54
CA PRO U 79 -52.23 -14.38 56.53
C PRO U 79 -52.34 -13.77 55.14
N MET U 80 -51.40 -14.11 54.27
CA MET U 80 -51.40 -13.57 52.91
C MET U 80 -51.09 -14.64 51.89
N LYS U 81 -51.67 -14.50 50.71
CA LYS U 81 -51.48 -15.43 49.61
C LYS U 81 -51.04 -14.70 48.35
N ARG U 82 -50.13 -15.32 47.60
CA ARG U 82 -49.67 -14.72 46.35
C ARG U 82 -50.80 -14.93 45.35
N LYS U 83 -51.34 -13.82 44.85
CA LYS U 83 -52.45 -13.87 43.89
C LYS U 83 -52.21 -14.82 42.73
N SER U 84 -51.04 -14.72 42.10
CA SER U 84 -50.69 -15.54 40.95
C SER U 84 -50.43 -17.03 41.25
N PHE U 85 -50.55 -17.41 42.51
CA PHE U 85 -50.32 -18.81 42.89
C PHE U 85 -51.62 -19.60 43.08
N ASP U 86 -51.85 -20.58 42.23
CA ASP U 86 -53.05 -21.42 42.35
C ASP U 86 -52.63 -22.86 42.65
N PRO U 87 -52.82 -23.30 43.90
CA PRO U 87 -52.46 -24.66 44.33
C PRO U 87 -53.07 -25.76 43.47
N ASN U 88 -54.26 -25.49 42.92
CA ASN U 88 -54.93 -26.49 42.09
C ASN U 88 -54.86 -26.19 40.60
N GLY U 89 -54.03 -25.22 40.24
CA GLY U 89 -53.89 -24.88 38.83
C GLY U 89 -52.48 -24.40 38.52
N GLU U 90 -52.36 -23.21 37.96
CA GLU U 90 -51.06 -22.65 37.64
C GLU U 90 -50.42 -22.06 38.89
N ARG U 91 -49.27 -22.61 39.27
CA ARG U 91 -48.56 -22.15 40.45
C ARG U 91 -47.64 -20.98 40.13
N ASN U 92 -47.40 -20.79 38.84
CA ASN U 92 -46.56 -19.71 38.35
C ASN U 92 -45.31 -19.45 39.20
N PRO U 93 -44.42 -20.44 39.28
CA PRO U 93 -43.19 -20.32 40.06
C PRO U 93 -42.40 -19.09 39.62
N GLN U 94 -42.46 -18.80 38.32
CA GLN U 94 -41.75 -17.68 37.74
C GLN U 94 -42.29 -16.31 38.13
N LEU U 95 -43.42 -16.29 38.83
CA LEU U 95 -43.98 -15.01 39.23
C LEU U 95 -43.71 -14.65 40.69
N ARG U 96 -42.95 -15.49 41.38
CA ARG U 96 -42.61 -15.20 42.77
C ARG U 96 -41.67 -14.00 42.74
N GLY U 97 -41.97 -12.99 43.56
CA GLY U 97 -41.13 -11.81 43.59
C GLY U 97 -41.43 -10.83 42.46
N ALA U 98 -42.43 -11.15 41.65
CA ALA U 98 -42.82 -10.29 40.53
C ALA U 98 -43.11 -8.86 40.99
N GLY U 99 -43.85 -8.72 42.08
CA GLY U 99 -44.17 -7.40 42.59
C GLY U 99 -42.92 -6.64 42.94
N LEU U 100 -41.96 -7.34 43.53
CA LEU U 100 -40.70 -6.76 43.92
C LEU U 100 -40.02 -6.22 42.66
N SER U 101 -40.10 -7.00 41.58
CA SER U 101 -39.51 -6.62 40.30
C SER U 101 -40.18 -5.40 39.67
N LYS U 102 -41.33 -5.00 40.21
CA LYS U 102 -42.03 -3.83 39.70
C LYS U 102 -42.13 -2.78 40.80
N GLN U 103 -41.34 -2.98 41.85
CA GLN U 103 -41.27 -2.09 43.01
C GLN U 103 -42.57 -1.93 43.82
N ASP U 104 -43.35 -2.99 43.89
CA ASP U 104 -44.60 -2.95 44.67
C ASP U 104 -44.94 -4.36 45.18
N PRO U 105 -44.18 -4.83 46.18
CA PRO U 105 -44.31 -6.14 46.82
C PRO U 105 -45.72 -6.49 47.30
N TRP U 106 -46.32 -5.57 48.06
CA TRP U 106 -47.66 -5.80 48.61
C TRP U 106 -48.71 -6.18 47.56
N SER U 107 -48.61 -5.59 46.37
CA SER U 107 -49.56 -5.85 45.29
C SER U 107 -49.59 -7.29 44.82
N ASP U 108 -48.59 -8.07 45.23
CA ASP U 108 -48.50 -9.47 44.84
C ASP U 108 -49.38 -10.36 45.70
N TYR U 109 -49.80 -9.84 46.85
CA TYR U 109 -50.57 -10.63 47.79
C TYR U 109 -51.99 -10.17 48.10
N GLU U 110 -52.79 -11.12 48.56
CA GLU U 110 -54.17 -10.87 48.95
C GLU U 110 -54.37 -11.49 50.32
N ARG U 111 -55.30 -10.93 51.08
CA ARG U 111 -55.59 -11.44 52.42
C ARG U 111 -56.38 -12.75 52.36
N ILE U 112 -56.10 -13.63 53.33
CA ILE U 112 -56.80 -14.91 53.45
C ILE U 112 -56.86 -15.26 54.94
N SER U 113 -57.81 -16.10 55.31
CA SER U 113 -57.98 -16.48 56.71
C SER U 113 -56.90 -17.45 57.17
N TRP U 114 -56.67 -17.51 58.48
CA TRP U 114 -55.69 -18.42 59.03
C TRP U 114 -56.12 -19.85 58.69
N ASP U 115 -57.43 -20.08 58.75
CA ASP U 115 -57.97 -21.40 58.45
C ASP U 115 -57.69 -21.87 57.03
N GLU U 116 -57.85 -20.96 56.06
CA GLU U 116 -57.59 -21.34 54.67
C GLU U 116 -56.08 -21.45 54.43
N ALA U 117 -55.34 -20.51 54.99
CA ALA U 117 -53.89 -20.49 54.84
C ALA U 117 -53.29 -21.81 55.32
N THR U 118 -53.64 -22.22 56.53
CA THR U 118 -53.13 -23.46 57.09
C THR U 118 -53.61 -24.68 56.31
N ASP U 119 -54.85 -24.65 55.83
CA ASP U 119 -55.39 -25.77 55.04
C ASP U 119 -54.53 -25.97 53.79
N ILE U 120 -54.19 -24.86 53.14
CA ILE U 120 -53.37 -24.90 51.94
C ILE U 120 -51.99 -25.49 52.24
N VAL U 121 -51.37 -25.04 53.32
CA VAL U 121 -50.05 -25.54 53.69
C VAL U 121 -50.13 -27.03 54.01
N VAL U 122 -51.13 -27.43 54.77
CA VAL U 122 -51.30 -28.84 55.14
C VAL U 122 -51.54 -29.72 53.91
N ALA U 123 -52.26 -29.19 52.93
CA ALA U 123 -52.52 -29.95 51.71
C ALA U 123 -51.20 -30.22 51.00
N GLU U 124 -50.32 -29.23 50.99
CA GLU U 124 -49.01 -29.36 50.34
C GLU U 124 -48.10 -30.32 51.10
N ILE U 125 -48.10 -30.22 52.42
CA ILE U 125 -47.28 -31.08 53.25
C ILE U 125 -47.63 -32.56 53.04
N ASN U 126 -48.91 -32.88 53.12
CA ASN U 126 -49.35 -34.26 52.97
C ASN U 126 -49.18 -34.79 51.55
N ARG U 127 -49.46 -33.97 50.54
CA ARG U 127 -49.28 -34.42 49.16
C ARG U 127 -47.81 -34.78 48.93
N ILE U 128 -46.92 -33.88 49.34
CA ILE U 128 -45.48 -34.08 49.17
C ILE U 128 -44.93 -35.26 49.96
N LYS U 129 -45.37 -35.42 51.20
CA LYS U 129 -44.90 -36.53 52.03
C LYS U 129 -45.27 -37.89 51.42
N HIS U 130 -46.48 -38.02 50.92
CA HIS U 130 -46.92 -39.28 50.33
C HIS U 130 -46.38 -39.53 48.93
N ALA U 131 -45.90 -38.48 48.27
CA ALA U 131 -45.36 -38.61 46.92
C ALA U 131 -43.84 -38.70 46.93
N TYR U 132 -43.22 -37.92 47.80
CA TYR U 132 -41.77 -37.88 47.87
C TYR U 132 -41.15 -38.20 49.22
N GLY U 133 -41.90 -37.94 50.30
CA GLY U 133 -41.38 -38.21 51.63
C GLY U 133 -41.07 -36.93 52.39
N PRO U 134 -40.93 -37.00 53.72
CA PRO U 134 -40.62 -35.83 54.57
C PRO U 134 -39.40 -35.04 54.08
N SER U 135 -38.42 -35.73 53.51
CA SER U 135 -37.20 -35.07 53.05
C SER U 135 -37.42 -34.04 51.94
N ALA U 136 -38.54 -34.13 51.24
CA ALA U 136 -38.83 -33.18 50.15
C ALA U 136 -39.28 -31.82 50.68
N ILE U 137 -39.55 -31.74 51.98
CA ILE U 137 -39.97 -30.48 52.58
C ILE U 137 -38.78 -29.77 53.22
N LEU U 138 -38.25 -28.78 52.51
CA LEU U 138 -37.11 -28.03 53.02
C LEU U 138 -37.57 -26.97 53.99
N SER U 139 -36.73 -26.64 54.95
CA SER U 139 -37.09 -25.62 55.91
C SER U 139 -35.91 -25.11 56.72
N THR U 140 -36.00 -23.84 57.10
CA THR U 140 -34.96 -23.24 57.90
C THR U 140 -35.28 -21.82 58.31
N PRO U 141 -34.96 -21.47 59.55
CA PRO U 141 -35.19 -20.12 60.05
C PRO U 141 -33.84 -19.51 59.77
N SER U 142 -33.24 -18.91 60.77
CA SER U 142 -31.91 -18.37 60.58
C SER U 142 -31.20 -18.29 61.91
N SER U 143 -30.02 -17.69 61.94
CA SER U 143 -29.23 -17.61 63.16
C SER U 143 -29.89 -16.98 64.38
N HIS U 144 -30.47 -15.79 64.23
CA HIS U 144 -31.06 -15.18 65.40
C HIS U 144 -32.56 -15.06 65.44
N HIS U 145 -33.06 -14.78 66.64
CA HIS U 145 -34.50 -14.83 66.86
C HIS U 145 -34.93 -13.91 68.00
N MET U 146 -36.22 -13.58 68.03
CA MET U 146 -36.76 -12.75 69.11
C MET U 146 -36.37 -13.44 70.41
N TRP U 147 -35.96 -12.67 71.41
CA TRP U 147 -35.55 -13.26 72.68
C TRP U 147 -36.68 -14.04 73.37
N GLY U 148 -36.32 -15.19 73.94
CA GLY U 148 -37.31 -16.03 74.60
C GLY U 148 -36.91 -17.50 74.45
N ASN U 149 -36.59 -18.15 75.56
CA ASN U 149 -36.16 -19.55 75.52
C ASN U 149 -37.18 -20.57 75.04
N VAL U 150 -38.40 -20.52 75.55
CA VAL U 150 -39.41 -21.50 75.13
C VAL U 150 -39.83 -21.34 73.68
N GLY U 151 -39.92 -20.10 73.21
CA GLY U 151 -40.32 -19.86 71.84
C GLY U 151 -39.19 -19.79 70.84
N TYR U 152 -37.94 -19.86 71.33
CA TYR U 152 -36.76 -19.80 70.46
C TYR U 152 -36.74 -20.95 69.47
N ARG U 153 -36.16 -20.71 68.30
CA ARG U 153 -36.10 -21.72 67.23
C ARG U 153 -35.57 -23.09 67.63
N HIS U 154 -34.65 -23.15 68.60
CA HIS U 154 -34.13 -24.46 69.02
C HIS U 154 -35.18 -25.19 69.83
N SER U 155 -36.17 -24.46 70.31
CA SER U 155 -37.22 -25.01 71.14
C SER U 155 -38.54 -25.30 70.41
N THR U 156 -39.31 -24.24 70.12
CA THR U 156 -40.58 -24.38 69.45
C THR U 156 -40.49 -24.86 68.01
N TYR U 157 -39.72 -24.14 67.19
CA TYR U 157 -39.55 -24.50 65.79
C TYR U 157 -39.14 -25.97 65.64
N PHE U 158 -38.15 -26.39 66.42
CA PHE U 158 -37.68 -27.76 66.35
C PHE U 158 -38.66 -28.81 66.84
N ARG U 159 -39.32 -28.55 67.96
CA ARG U 159 -40.26 -29.54 68.46
C ARG U 159 -41.33 -29.90 67.43
N PHE U 160 -41.79 -28.91 66.66
CA PHE U 160 -42.81 -29.14 65.64
C PHE U 160 -42.26 -29.76 64.35
N MET U 161 -41.30 -29.07 63.73
CA MET U 161 -40.72 -29.56 62.48
C MET U 161 -40.27 -31.03 62.58
N ASN U 162 -39.68 -31.40 63.72
CA ASN U 162 -39.21 -32.77 63.93
C ASN U 162 -40.35 -33.79 63.84
N MET U 163 -41.58 -33.34 64.13
CA MET U 163 -42.76 -34.21 64.09
C MET U 163 -43.44 -34.13 62.73
N MET U 164 -42.99 -33.19 61.90
CA MET U 164 -43.60 -33.00 60.60
C MET U 164 -42.78 -33.50 59.40
N GLY U 165 -41.57 -32.96 59.24
CA GLY U 165 -40.73 -33.36 58.13
C GLY U 165 -39.45 -34.04 58.58
N PHE U 166 -38.29 -33.60 58.08
CA PHE U 166 -38.13 -32.51 57.12
C PHE U 166 -36.64 -32.41 56.82
N THR U 167 -36.27 -31.72 55.74
CA THR U 167 -34.84 -31.54 55.43
C THR U 167 -34.47 -30.16 55.94
N TYR U 168 -33.54 -30.12 56.88
CA TYR U 168 -33.10 -28.86 57.45
C TYR U 168 -31.95 -28.26 56.65
N ALA U 169 -31.97 -26.95 56.45
CA ALA U 169 -30.87 -26.28 55.78
C ALA U 169 -30.02 -25.88 56.99
N ASP U 170 -29.23 -26.82 57.49
CA ASP U 170 -28.41 -26.57 58.67
C ASP U 170 -27.55 -25.35 58.45
N HIS U 171 -27.37 -24.56 59.50
CA HIS U 171 -26.57 -23.34 59.40
C HIS U 171 -25.08 -23.57 59.50
N ASN U 172 -24.33 -22.84 58.67
CA ASN U 172 -22.88 -22.88 58.68
C ASN U 172 -22.54 -22.11 59.95
N PRO U 173 -21.36 -22.36 60.55
CA PRO U 173 -21.01 -21.64 61.78
C PRO U 173 -20.55 -20.20 61.49
N ASP U 174 -21.45 -19.39 60.95
CA ASP U 174 -21.18 -18.00 60.59
C ASP U 174 -20.32 -17.21 61.58
N SER U 175 -20.81 -17.15 62.81
CA SER U 175 -20.17 -16.43 63.90
C SER U 175 -18.70 -16.87 64.13
N TRP U 176 -18.43 -18.16 63.95
CA TRP U 176 -17.11 -18.75 64.20
C TRP U 176 -16.19 -19.09 63.01
N GLU U 177 -16.75 -19.27 61.82
CA GLU U 177 -15.98 -19.68 60.63
C GLU U 177 -14.49 -19.93 60.85
N GLY U 178 -13.68 -18.87 60.85
CA GLY U 178 -12.25 -19.05 61.04
C GLY U 178 -11.84 -19.97 62.18
N TRP U 179 -12.46 -19.79 63.35
CA TRP U 179 -12.15 -20.59 64.51
C TRP U 179 -12.69 -22.02 64.39
N HIS U 180 -13.83 -22.14 63.71
CA HIS U 180 -14.46 -23.44 63.52
C HIS U 180 -13.73 -24.34 62.53
N TRP U 181 -13.51 -23.84 61.32
CA TRP U 181 -12.83 -24.62 60.28
C TRP U 181 -11.30 -24.57 60.35
N GLY U 182 -10.75 -23.65 61.15
CA GLY U 182 -9.31 -23.52 61.25
C GLY U 182 -8.73 -23.69 62.64
N GLY U 183 -9.07 -22.78 63.55
CA GLY U 183 -8.54 -22.86 64.90
C GLY U 183 -8.82 -24.17 65.62
N MET U 184 -9.97 -24.77 65.35
CA MET U 184 -10.37 -26.01 65.99
C MET U 184 -9.30 -27.08 65.84
N HIS U 185 -8.70 -27.15 64.65
CA HIS U 185 -7.66 -28.13 64.37
C HIS U 185 -6.35 -27.83 65.09
N MET U 186 -6.20 -26.59 65.53
CA MET U 186 -4.99 -26.17 66.21
C MET U 186 -5.04 -26.29 67.75
N TRP U 187 -6.18 -26.00 68.36
CA TRP U 187 -6.26 -26.11 69.83
C TRP U 187 -7.54 -26.75 70.37
N GLY U 188 -8.35 -27.34 69.48
CA GLY U 188 -9.58 -27.98 69.95
C GLY U 188 -10.76 -27.05 70.20
N PHE U 189 -11.33 -27.13 71.40
CA PHE U 189 -12.49 -26.31 71.76
C PHE U 189 -13.62 -26.52 70.76
N SER U 190 -13.77 -27.76 70.27
CA SER U 190 -14.82 -28.04 69.30
C SER U 190 -16.21 -27.73 69.87
N TRP U 191 -16.38 -27.92 71.17
CA TRP U 191 -17.65 -27.67 71.82
C TRP U 191 -17.98 -26.17 71.88
N ARG U 192 -16.99 -25.33 71.61
CA ARG U 192 -17.19 -23.87 71.59
C ARG U 192 -17.01 -23.41 70.14
N LEU U 193 -17.00 -24.39 69.24
CA LEU U 193 -16.85 -24.17 67.81
C LEU U 193 -15.57 -23.40 67.46
N GLY U 194 -14.52 -23.63 68.26
CA GLY U 194 -13.25 -22.98 67.99
C GLY U 194 -12.90 -21.84 68.94
N ASN U 195 -13.87 -21.32 69.68
CA ASN U 195 -13.61 -20.23 70.62
C ASN U 195 -13.04 -20.73 71.95
N PRO U 196 -12.32 -19.86 72.66
CA PRO U 196 -11.71 -20.22 73.95
C PRO U 196 -12.66 -19.94 75.10
N GLU U 197 -12.49 -20.65 76.21
CA GLU U 197 -13.31 -20.41 77.39
C GLU U 197 -12.83 -19.05 77.92
N GLN U 198 -13.60 -18.42 78.82
CA GLN U 198 -13.22 -17.10 79.32
C GLN U 198 -13.47 -16.91 80.82
N TYR U 199 -13.70 -18.00 81.53
CA TYR U 199 -13.98 -17.95 82.96
C TYR U 199 -13.04 -17.12 83.83
N ASP U 200 -13.64 -16.39 84.76
CA ASP U 200 -12.94 -15.56 85.73
C ASP U 200 -11.81 -14.68 85.22
N LEU U 201 -11.90 -14.22 83.97
CA LEU U 201 -10.86 -13.38 83.40
C LEU U 201 -10.90 -11.92 83.85
N LEU U 202 -12.10 -11.40 84.16
CA LEU U 202 -12.21 -10.00 84.58
C LEU U 202 -11.29 -9.65 85.73
N GLU U 203 -11.38 -10.40 86.83
CA GLU U 203 -10.52 -10.15 87.97
C GLU U 203 -9.05 -10.29 87.60
N ASP U 204 -8.75 -11.26 86.73
CA ASP U 204 -7.37 -11.48 86.30
C ASP U 204 -6.86 -10.22 85.60
N GLY U 205 -7.64 -9.72 84.65
CA GLY U 205 -7.26 -8.53 83.91
C GLY U 205 -7.07 -7.31 84.79
N LEU U 206 -8.04 -7.06 85.67
CA LEU U 206 -7.97 -5.93 86.58
C LEU U 206 -6.69 -5.92 87.42
N LYS U 207 -6.27 -7.11 87.86
CA LYS U 207 -5.08 -7.23 88.67
C LYS U 207 -3.75 -7.21 87.91
N HIS U 208 -3.73 -7.78 86.71
CA HIS U 208 -2.47 -7.86 85.96
C HIS U 208 -2.33 -7.17 84.60
N ALA U 209 -3.43 -6.83 83.94
CA ALA U 209 -3.35 -6.22 82.62
C ALA U 209 -2.54 -4.92 82.53
N GLU U 210 -1.68 -4.83 81.51
CA GLU U 210 -0.88 -3.64 81.27
C GLU U 210 -1.24 -3.11 79.88
N MET U 211 -1.68 -4.01 79.02
CA MET U 211 -2.09 -3.65 77.68
C MET U 211 -3.10 -4.65 77.13
N ILE U 212 -4.01 -4.17 76.30
CA ILE U 212 -4.99 -5.03 75.67
C ILE U 212 -5.00 -4.74 74.19
N VAL U 213 -4.81 -5.79 73.39
CA VAL U 213 -4.78 -5.67 71.95
C VAL U 213 -6.13 -6.12 71.37
N PHE U 214 -6.96 -5.15 71.03
CA PHE U 214 -8.27 -5.42 70.45
C PHE U 214 -8.09 -5.68 68.98
N TRP U 215 -8.05 -6.95 68.61
CA TRP U 215 -7.85 -7.34 67.22
C TRP U 215 -9.18 -7.80 66.64
N SER U 216 -9.69 -7.04 65.66
CA SER U 216 -10.97 -7.34 65.02
C SER U 216 -11.99 -7.40 66.16
N SER U 217 -11.87 -6.46 67.09
CA SER U 217 -12.73 -6.41 68.26
C SER U 217 -13.35 -5.04 68.51
N ASP U 218 -14.68 -4.98 68.46
CA ASP U 218 -15.42 -3.75 68.73
C ASP U 218 -16.45 -4.09 69.81
N PRO U 219 -15.99 -4.29 71.06
CA PRO U 219 -16.84 -4.63 72.20
C PRO U 219 -18.08 -3.76 72.39
N GLU U 220 -17.91 -2.44 72.23
CA GLU U 220 -19.03 -1.53 72.39
C GLU U 220 -20.17 -1.89 71.46
N THR U 221 -19.85 -2.07 70.19
CA THR U 221 -20.86 -2.40 69.20
C THR U 221 -21.49 -3.79 69.36
N ASN U 222 -20.64 -4.82 69.46
CA ASN U 222 -21.13 -6.19 69.58
C ASN U 222 -21.45 -6.68 70.98
N SER U 223 -20.79 -6.11 71.98
CA SER U 223 -20.99 -6.47 73.39
C SER U 223 -20.78 -7.96 73.60
N GLY U 224 -20.17 -8.61 72.61
CA GLY U 224 -20.00 -10.04 72.68
C GLY U 224 -21.25 -10.45 71.94
N ILE U 225 -22.38 -10.43 72.64
CA ILE U 225 -23.68 -10.75 72.05
C ILE U 225 -24.79 -10.67 73.10
N TYR U 226 -25.87 -9.98 72.74
CA TYR U 226 -27.05 -9.85 73.62
C TYR U 226 -26.83 -9.07 74.92
N ALA U 227 -25.69 -8.42 75.10
CA ALA U 227 -25.43 -7.73 76.36
C ALA U 227 -25.40 -6.19 76.41
N GLY U 228 -26.22 -5.54 75.59
CA GLY U 228 -26.25 -4.08 75.57
C GLY U 228 -24.88 -3.45 75.71
N PHE U 229 -24.67 -2.70 76.78
CA PHE U 229 -23.38 -2.07 77.02
C PHE U 229 -22.86 -2.41 78.42
N GLU U 230 -23.08 -3.65 78.82
CA GLU U 230 -22.67 -4.13 80.14
C GLU U 230 -21.19 -3.96 80.46
N SER U 231 -20.32 -4.18 79.49
CA SER U 231 -18.88 -4.09 79.72
C SER U 231 -18.21 -2.71 79.59
N ASN U 232 -18.99 -1.67 79.32
CA ASN U 232 -18.41 -0.33 79.18
C ASN U 232 -17.59 0.13 80.39
N ILE U 233 -18.15 0.00 81.59
CA ILE U 233 -17.44 0.44 82.78
C ILE U 233 -16.18 -0.37 83.06
N ARG U 234 -16.13 -1.60 82.57
CA ARG U 234 -14.97 -2.45 82.79
C ARG U 234 -13.76 -1.91 82.06
N ARG U 235 -13.93 -1.51 80.80
CA ARG U 235 -12.82 -0.94 80.05
C ARG U 235 -12.46 0.42 80.63
N GLN U 236 -13.44 1.06 81.26
CA GLN U 236 -13.21 2.36 81.89
C GLN U 236 -12.27 2.12 83.07
N TRP U 237 -12.56 1.08 83.86
CA TRP U 237 -11.73 0.75 85.01
C TRP U 237 -10.30 0.48 84.55
N LEU U 238 -10.15 -0.39 83.56
CA LEU U 238 -8.84 -0.74 83.03
C LEU U 238 -8.15 0.53 82.53
N LYS U 239 -8.89 1.33 81.79
CA LYS U 239 -8.37 2.59 81.24
C LYS U 239 -7.84 3.48 82.35
N ASP U 240 -8.58 3.58 83.45
CA ASP U 240 -8.18 4.43 84.56
C ASP U 240 -7.06 3.79 85.39
N LEU U 241 -6.78 2.52 85.13
CA LEU U 241 -5.70 1.83 85.82
C LEU U 241 -4.41 2.00 85.02
N GLY U 242 -4.52 2.68 83.88
CA GLY U 242 -3.37 2.93 83.03
C GLY U 242 -3.11 1.91 81.94
N VAL U 243 -4.09 1.06 81.68
CA VAL U 243 -3.94 0.02 80.66
C VAL U 243 -4.04 0.60 79.25
N ASP U 244 -3.06 0.31 78.41
CA ASP U 244 -3.07 0.80 77.04
C ASP U 244 -3.97 -0.04 76.15
N PHE U 245 -4.73 0.63 75.28
CA PHE U 245 -5.63 -0.05 74.36
C PHE U 245 -5.16 0.15 72.92
N VAL U 246 -4.92 -0.95 72.22
CA VAL U 246 -4.49 -0.88 70.83
C VAL U 246 -5.53 -1.58 69.96
N PHE U 247 -5.97 -0.91 68.91
CA PHE U 247 -6.99 -1.48 68.02
C PHE U 247 -6.49 -1.80 66.62
N ILE U 248 -6.64 -3.06 66.22
CA ILE U 248 -6.24 -3.49 64.88
C ILE U 248 -7.54 -3.85 64.17
N ASP U 249 -7.95 -2.95 63.27
CA ASP U 249 -9.20 -3.09 62.55
C ASP U 249 -9.12 -2.19 61.31
N PRO U 250 -9.54 -2.69 60.14
CA PRO U 250 -9.50 -1.87 58.91
C PRO U 250 -10.29 -0.59 59.14
N HIS U 251 -11.34 -0.71 59.96
CA HIS U 251 -12.18 0.42 60.28
C HIS U 251 -11.99 0.82 61.75
N MET U 252 -11.78 2.11 61.99
CA MET U 252 -11.62 2.57 63.37
C MET U 252 -13.02 2.40 63.96
N ASN U 253 -13.27 1.25 64.57
CA ASN U 253 -14.58 0.93 65.14
C ASN U 253 -14.98 1.82 66.30
N HIS U 254 -16.22 1.64 66.75
CA HIS U 254 -16.76 2.47 67.82
C HIS U 254 -16.08 2.34 69.18
N THR U 255 -15.50 1.19 69.48
CA THR U 255 -14.80 1.04 70.75
C THR U 255 -13.51 1.85 70.62
N ALA U 256 -12.86 1.73 69.46
CA ALA U 256 -11.62 2.44 69.19
C ALA U 256 -11.83 3.94 69.18
N ARG U 257 -12.95 4.39 68.62
CA ARG U 257 -13.25 5.80 68.55
C ARG U 257 -13.43 6.37 69.95
N LEU U 258 -13.73 5.50 70.91
CA LEU U 258 -13.96 5.94 72.28
C LEU U 258 -12.73 5.87 73.20
N VAL U 259 -12.03 4.74 73.18
CA VAL U 259 -10.88 4.56 74.07
C VAL U 259 -9.56 4.12 73.45
N ALA U 260 -9.40 4.23 72.14
CA ALA U 260 -8.16 3.81 71.50
C ALA U 260 -6.95 4.65 71.91
N ASP U 261 -5.80 4.00 72.05
CA ASP U 261 -4.55 4.68 72.38
C ASP U 261 -3.77 4.66 71.07
N LYS U 262 -4.10 3.69 70.24
CA LYS U 262 -3.47 3.54 68.93
C LYS U 262 -4.35 2.64 68.06
N TRP U 263 -4.44 3.00 66.78
CA TRP U 263 -5.25 2.25 65.83
C TRP U 263 -4.49 1.88 64.55
N PHE U 264 -4.58 0.61 64.17
CA PHE U 264 -3.95 0.10 62.95
C PHE U 264 -5.09 -0.21 62.00
N SER U 265 -4.89 0.07 60.71
CA SER U 265 -5.92 -0.21 59.72
C SER U 265 -5.37 -1.05 58.58
N PRO U 266 -5.23 -2.37 58.80
CA PRO U 266 -4.70 -3.22 57.74
C PRO U 266 -5.71 -3.42 56.62
N LYS U 267 -5.19 -3.58 55.40
CA LYS U 267 -6.04 -3.82 54.24
C LYS U 267 -6.80 -5.12 54.49
N ILE U 268 -7.90 -5.32 53.78
CA ILE U 268 -8.69 -6.53 53.99
C ILE U 268 -7.89 -7.81 53.75
N GLY U 269 -8.17 -8.82 54.55
CA GLY U 269 -7.49 -10.10 54.43
C GLY U 269 -5.99 -10.11 54.64
N THR U 270 -5.46 -9.16 55.40
CA THR U 270 -4.01 -9.13 55.63
C THR U 270 -3.56 -9.22 57.08
N ASP U 271 -4.50 -9.48 58.00
CA ASP U 271 -4.14 -9.59 59.42
C ASP U 271 -3.06 -10.62 59.76
N HIS U 272 -3.13 -11.81 59.16
CA HIS U 272 -2.13 -12.80 59.49
C HIS U 272 -0.73 -12.36 59.09
N ALA U 273 -0.65 -11.31 58.28
CA ALA U 273 0.65 -10.78 57.88
C ALA U 273 1.25 -10.12 59.12
N LEU U 274 0.41 -9.47 59.91
CA LEU U 274 0.88 -8.82 61.14
C LEU U 274 1.23 -9.83 62.23
N SER U 275 0.44 -10.89 62.37
CA SER U 275 0.73 -11.88 63.41
C SER U 275 2.05 -12.59 63.12
N PHE U 276 2.31 -12.87 61.84
CA PHE U 276 3.57 -13.52 61.46
C PHE U 276 4.74 -12.59 61.74
N ALA U 277 4.58 -11.31 61.41
CA ALA U 277 5.63 -10.31 61.63
C ALA U 277 5.89 -10.13 63.13
N ILE U 278 4.82 -10.23 63.93
CA ILE U 278 4.98 -10.08 65.37
C ILE U 278 5.69 -11.32 65.91
N ALA U 279 5.29 -12.49 65.42
CA ALA U 279 5.92 -13.74 65.84
C ALA U 279 7.40 -13.69 65.41
N TYR U 280 7.63 -13.23 64.20
CA TYR U 280 8.97 -13.11 63.65
C TYR U 280 9.84 -12.31 64.63
N THR U 281 9.34 -11.14 65.00
CA THR U 281 10.02 -10.27 65.95
C THR U 281 10.34 -11.00 67.25
N TRP U 282 9.37 -11.77 67.75
CA TRP U 282 9.56 -12.50 69.01
C TRP U 282 10.62 -13.59 68.87
N LEU U 283 10.63 -14.28 67.73
CA LEU U 283 11.62 -15.32 67.49
C LEU U 283 13.01 -14.70 67.37
N LYS U 284 13.09 -13.61 66.63
CA LYS U 284 14.35 -12.92 66.42
C LYS U 284 14.95 -12.34 67.70
N GLU U 285 14.09 -11.90 68.61
CA GLU U 285 14.56 -11.29 69.85
C GLU U 285 14.36 -12.15 71.10
N ASP U 286 14.00 -13.42 70.89
CA ASP U 286 13.76 -14.35 71.99
C ASP U 286 12.78 -13.79 73.00
N SER U 287 11.87 -12.94 72.55
CA SER U 287 10.92 -12.34 73.46
C SER U 287 9.58 -13.07 73.54
N TYR U 288 9.60 -14.28 74.11
CA TYR U 288 8.39 -15.06 74.30
C TYR U 288 8.63 -16.15 75.34
N ASP U 289 7.55 -16.77 75.81
CA ASP U 289 7.63 -17.82 76.82
C ASP U 289 8.12 -19.13 76.22
N LYS U 290 9.44 -19.31 76.16
CA LYS U 290 10.01 -20.53 75.59
C LYS U 290 9.68 -21.81 76.35
N GLU U 291 9.61 -21.72 77.69
CA GLU U 291 9.29 -22.89 78.50
C GLU U 291 7.88 -23.36 78.20
N TYR U 292 6.96 -22.41 78.18
CA TYR U 292 5.55 -22.67 77.90
C TYR U 292 5.41 -23.34 76.53
N VAL U 293 6.03 -22.73 75.51
CA VAL U 293 5.97 -23.24 74.15
C VAL U 293 6.58 -24.64 74.05
N ALA U 294 7.72 -24.85 74.69
CA ALA U 294 8.39 -26.15 74.65
C ALA U 294 7.49 -27.22 75.25
N ALA U 295 6.72 -26.83 76.26
CA ALA U 295 5.83 -27.75 76.94
C ALA U 295 4.44 -27.89 76.34
N ASN U 296 3.87 -26.81 75.84
CA ASN U 296 2.51 -26.84 75.31
C ASN U 296 2.28 -26.66 73.83
N ALA U 297 3.33 -26.77 73.01
CA ALA U 297 3.15 -26.62 71.57
C ALA U 297 3.66 -27.85 70.81
N HIS U 298 3.07 -28.09 69.64
CA HIS U 298 3.46 -29.20 68.79
C HIS U 298 3.79 -28.68 67.41
N GLY U 299 4.91 -29.15 66.85
CA GLY U 299 5.33 -28.72 65.52
C GLY U 299 5.84 -27.29 65.48
N PHE U 300 6.10 -26.71 66.65
CA PHE U 300 6.57 -25.34 66.70
C PHE U 300 7.91 -25.13 66.00
N GLU U 301 8.82 -26.09 66.14
CA GLU U 301 10.14 -26.00 65.51
C GLU U 301 10.05 -25.78 64.01
N GLU U 302 9.21 -26.57 63.35
CA GLU U 302 9.05 -26.45 61.91
C GLU U 302 8.37 -25.12 61.58
N TRP U 303 7.36 -24.75 62.35
CA TRP U 303 6.65 -23.50 62.13
C TRP U 303 7.60 -22.32 62.24
N ALA U 304 8.47 -22.35 63.24
CA ALA U 304 9.45 -21.28 63.45
C ALA U 304 10.32 -21.10 62.20
N ASP U 305 10.75 -22.21 61.60
CA ASP U 305 11.57 -22.10 60.40
C ASP U 305 10.80 -21.39 59.31
N TYR U 306 9.49 -21.63 59.26
CA TYR U 306 8.64 -21.02 58.25
C TYR U 306 8.56 -19.51 58.45
N VAL U 307 8.29 -19.10 59.68
CA VAL U 307 8.18 -17.68 60.00
C VAL U 307 9.48 -16.95 59.66
N LEU U 308 10.60 -17.65 59.86
CA LEU U 308 11.92 -17.08 59.60
C LEU U 308 12.29 -17.06 58.11
N GLY U 309 11.45 -17.65 57.29
CA GLY U 309 11.71 -17.67 55.86
C GLY U 309 12.60 -18.79 55.37
N LYS U 310 12.92 -19.73 56.26
CA LYS U 310 13.79 -20.85 55.90
C LYS U 310 13.16 -21.84 54.93
N THR U 311 11.84 -21.91 54.90
CA THR U 311 11.20 -22.87 54.01
C THR U 311 10.65 -22.29 52.71
N ASP U 312 10.20 -21.03 52.73
CA ASP U 312 9.65 -20.42 51.51
C ASP U 312 10.49 -19.27 50.98
N GLY U 313 11.66 -19.05 51.58
CA GLY U 313 12.53 -17.98 51.13
C GLY U 313 12.03 -16.58 51.46
N THR U 314 10.93 -16.52 52.21
CA THR U 314 10.36 -15.22 52.57
C THR U 314 10.27 -14.95 54.07
N PRO U 315 11.25 -14.22 54.62
CA PRO U 315 11.25 -13.91 56.05
C PRO U 315 10.04 -13.04 56.36
N LYS U 316 9.23 -13.43 57.34
CA LYS U 316 8.03 -12.65 57.66
C LYS U 316 8.34 -11.41 58.48
N THR U 317 9.16 -10.53 57.91
CA THR U 317 9.57 -9.29 58.55
C THR U 317 8.41 -8.30 58.67
N CYS U 318 8.61 -7.24 59.45
CA CYS U 318 7.59 -6.21 59.61
C CYS U 318 7.49 -5.42 58.30
N GLU U 319 8.60 -5.28 57.61
CA GLU U 319 8.63 -4.57 56.33
C GLU U 319 7.75 -5.35 55.36
N TRP U 320 7.84 -6.67 55.46
CA TRP U 320 7.05 -7.57 54.62
C TRP U 320 5.57 -7.39 54.94
N ALA U 321 5.25 -7.34 56.24
CA ALA U 321 3.87 -7.18 56.68
C ALA U 321 3.32 -5.83 56.23
N GLU U 322 4.16 -4.80 56.26
CA GLU U 322 3.73 -3.48 55.83
C GLU U 322 3.36 -3.51 54.35
N GLU U 323 4.15 -4.23 53.56
CA GLU U 323 3.89 -4.33 52.14
C GLU U 323 2.56 -5.04 51.90
N GLU U 324 2.24 -6.00 52.75
CA GLU U 324 1.00 -6.74 52.66
C GLU U 324 -0.21 -5.94 53.15
N SER U 325 -0.09 -5.41 54.37
CA SER U 325 -1.18 -4.68 55.03
C SER U 325 -1.29 -3.17 54.89
N GLY U 326 -0.18 -2.49 54.62
CA GLY U 326 -0.21 -1.04 54.50
C GLY U 326 0.06 -0.39 55.84
N VAL U 327 0.20 -1.22 56.88
CA VAL U 327 0.50 -0.70 58.22
C VAL U 327 2.02 -0.57 58.32
N PRO U 328 2.51 0.59 58.79
CA PRO U 328 3.94 0.85 58.93
C PRO U 328 4.70 -0.25 59.71
N ALA U 329 5.82 -0.69 59.15
CA ALA U 329 6.64 -1.72 59.77
C ALA U 329 7.10 -1.31 61.17
N CYS U 330 7.45 -0.04 61.34
CA CYS U 330 7.91 0.43 62.64
C CYS U 330 6.86 0.28 63.74
N GLU U 331 5.60 0.55 63.41
CA GLU U 331 4.52 0.42 64.39
C GLU U 331 4.24 -1.04 64.71
N ILE U 332 4.36 -1.92 63.70
CA ILE U 332 4.12 -3.33 63.94
C ILE U 332 5.15 -3.86 64.93
N ARG U 333 6.40 -3.47 64.73
CA ARG U 333 7.50 -3.89 65.59
C ARG U 333 7.36 -3.31 66.98
N ALA U 334 6.93 -2.05 67.06
CA ALA U 334 6.75 -1.38 68.34
C ALA U 334 5.72 -2.14 69.16
N LEU U 335 4.64 -2.54 68.50
CA LEU U 335 3.58 -3.30 69.18
C LEU U 335 4.14 -4.65 69.61
N ALA U 336 4.79 -5.34 68.69
CA ALA U 336 5.38 -6.64 68.98
C ALA U 336 6.25 -6.59 70.25
N ARG U 337 7.17 -5.64 70.29
CA ARG U 337 8.05 -5.50 71.44
C ARG U 337 7.29 -5.17 72.73
N GLN U 338 6.39 -4.19 72.65
CA GLN U 338 5.60 -3.79 73.81
C GLN U 338 4.78 -4.96 74.34
N TRP U 339 4.21 -5.72 73.40
CA TRP U 339 3.38 -6.90 73.71
C TRP U 339 4.20 -7.95 74.47
N ALA U 340 5.43 -8.16 74.03
CA ALA U 340 6.29 -9.14 74.65
C ALA U 340 6.72 -8.81 76.08
N LYS U 341 6.94 -7.53 76.36
CA LYS U 341 7.39 -7.16 77.71
C LYS U 341 6.33 -6.71 78.70
N LYS U 342 5.10 -6.52 78.25
CA LYS U 342 4.04 -6.09 79.16
C LYS U 342 2.99 -7.20 79.30
N ASN U 343 2.27 -7.22 80.41
CA ASN U 343 1.23 -8.23 80.58
C ASN U 343 0.16 -7.84 79.58
N THR U 344 0.14 -8.55 78.46
CA THR U 344 -0.79 -8.25 77.38
C THR U 344 -1.87 -9.31 77.14
N TYR U 345 -3.12 -8.87 77.04
CA TYR U 345 -4.23 -9.78 76.77
C TYR U 345 -4.66 -9.55 75.33
N LEU U 346 -4.78 -10.65 74.58
CA LEU U 346 -5.20 -10.53 73.20
C LEU U 346 -6.71 -10.57 73.13
N ALA U 347 -7.30 -9.45 72.75
CA ALA U 347 -8.75 -9.36 72.62
C ALA U 347 -9.11 -9.64 71.18
N ALA U 348 -9.14 -10.93 70.83
CA ALA U 348 -9.48 -11.33 69.47
C ALA U 348 -10.99 -11.45 69.43
N GLY U 349 -11.61 -10.66 68.55
CA GLY U 349 -13.06 -10.68 68.45
C GLY U 349 -13.65 -9.91 69.62
N GLY U 350 -14.95 -9.69 69.61
CA GLY U 350 -15.56 -8.95 70.69
C GLY U 350 -16.04 -9.85 71.82
N LEU U 351 -16.05 -11.15 71.57
CA LEU U 351 -16.52 -12.12 72.55
C LEU U 351 -15.38 -12.84 73.26
N GLY U 352 -14.25 -12.95 72.58
CA GLY U 352 -13.14 -13.71 73.12
C GLY U 352 -13.35 -14.84 72.14
N GLY U 353 -12.89 -14.59 70.93
CA GLY U 353 -13.09 -15.53 69.84
C GLY U 353 -13.96 -14.72 68.91
N TRP U 354 -14.46 -15.32 67.84
CA TRP U 354 -15.27 -14.57 66.88
C TRP U 354 -14.41 -13.45 66.28
N GLY U 355 -15.08 -12.45 65.71
CA GLY U 355 -14.37 -11.34 65.08
C GLY U 355 -14.62 -11.38 63.58
N GLY U 356 -14.88 -10.23 62.99
CA GLY U 356 -15.13 -10.16 61.56
C GLY U 356 -14.06 -10.84 60.71
N ALA U 357 -12.82 -10.76 61.17
CA ALA U 357 -11.69 -11.34 60.47
C ALA U 357 -11.81 -12.83 60.27
N CYS U 358 -12.57 -13.50 61.14
CA CYS U 358 -12.72 -14.93 61.08
C CYS U 358 -13.65 -15.42 59.97
N ARG U 359 -14.59 -14.57 59.52
CA ARG U 359 -15.47 -14.98 58.44
C ARG U 359 -15.11 -14.16 57.21
N ALA U 360 -13.95 -14.50 56.66
CA ALA U 360 -13.38 -13.84 55.50
C ALA U 360 -12.43 -14.86 54.85
N SER U 361 -11.92 -14.53 53.67
CA SER U 361 -11.04 -15.44 52.95
C SER U 361 -9.76 -15.81 53.71
N HIS U 362 -9.37 -15.02 54.70
CA HIS U 362 -8.17 -15.30 55.47
C HIS U 362 -8.50 -15.72 56.90
N GLY U 363 -9.78 -15.91 57.17
CA GLY U 363 -10.25 -16.27 58.50
C GLY U 363 -9.55 -17.41 59.22
N ILE U 364 -9.23 -18.48 58.50
CA ILE U 364 -8.55 -19.61 59.12
C ILE U 364 -7.19 -19.21 59.67
N GLU U 365 -6.42 -18.47 58.87
CA GLU U 365 -5.09 -18.06 59.30
C GLU U 365 -5.13 -16.95 60.33
N TRP U 366 -6.16 -16.11 60.30
CA TRP U 366 -6.26 -15.05 61.30
C TRP U 366 -6.45 -15.75 62.65
N ALA U 367 -7.45 -16.62 62.71
CA ALA U 367 -7.75 -17.37 63.92
C ALA U 367 -6.49 -18.08 64.41
N ARG U 368 -5.90 -18.92 63.56
CA ARG U 368 -4.71 -19.66 63.96
C ARG U 368 -3.57 -18.71 64.35
N GLY U 369 -3.58 -17.51 63.77
CA GLY U 369 -2.55 -16.54 64.08
C GLY U 369 -2.72 -15.99 65.48
N MET U 370 -3.97 -15.73 65.87
CA MET U 370 -4.25 -15.22 67.21
C MET U 370 -3.86 -16.28 68.23
N ILE U 371 -4.18 -17.54 67.94
CA ILE U 371 -3.84 -18.65 68.83
C ILE U 371 -2.31 -18.75 68.95
N ALA U 372 -1.64 -18.64 67.81
CA ALA U 372 -0.17 -18.69 67.77
C ALA U 372 0.43 -17.63 68.69
N LEU U 373 0.03 -16.39 68.50
CA LEU U 373 0.53 -15.29 69.32
C LEU U 373 0.20 -15.47 70.80
N ALA U 374 -1.05 -15.82 71.09
CA ALA U 374 -1.48 -16.02 72.46
C ALA U 374 -0.69 -17.16 73.09
N THR U 375 -0.38 -18.17 72.29
CA THR U 375 0.37 -19.32 72.77
C THR U 375 1.81 -18.95 73.10
N MET U 376 2.46 -18.24 72.18
CA MET U 376 3.85 -17.83 72.39
C MET U 376 4.03 -16.97 73.64
N GLN U 377 2.97 -16.27 74.05
CA GLN U 377 3.06 -15.44 75.24
C GLN U 377 2.55 -16.17 76.48
N GLY U 378 2.28 -17.47 76.34
CA GLY U 378 1.85 -18.30 77.44
C GLY U 378 0.46 -18.11 78.03
N MET U 379 -0.56 -18.05 77.19
CA MET U 379 -1.93 -17.86 77.63
C MET U 379 -2.33 -18.77 78.79
N GLY U 380 -2.98 -18.19 79.79
CA GLY U 380 -3.41 -18.96 80.94
C GLY U 380 -2.76 -18.47 82.23
N LYS U 381 -1.53 -18.01 82.13
CA LYS U 381 -0.82 -17.51 83.29
C LYS U 381 -1.26 -16.08 83.58
N PRO U 382 -1.09 -15.63 84.83
CA PRO U 382 -1.47 -14.27 85.21
C PRO U 382 -0.91 -13.19 84.28
N GLY U 383 -1.79 -12.29 83.84
CA GLY U 383 -1.39 -11.20 82.97
C GLY U 383 -1.13 -11.55 81.52
N SER U 384 -1.57 -12.74 81.10
CA SER U 384 -1.36 -13.17 79.73
C SER U 384 -2.40 -14.21 79.34
N ASN U 385 -3.26 -13.83 78.40
CA ASN U 385 -4.31 -14.73 77.98
C ASN U 385 -5.07 -14.11 76.82
N MET U 386 -6.07 -14.83 76.32
CA MET U 386 -6.91 -14.30 75.28
C MET U 386 -8.14 -13.85 76.04
N TRP U 387 -8.43 -12.55 76.01
CA TRP U 387 -9.58 -11.99 76.71
C TRP U 387 -10.00 -10.73 75.97
N SER U 388 -11.29 -10.62 75.66
CA SER U 388 -11.79 -9.46 74.94
C SER U 388 -12.46 -8.41 75.81
N THR U 389 -12.36 -8.59 77.12
CA THR U 389 -12.93 -7.69 78.13
C THR U 389 -14.44 -7.75 78.25
N THR U 390 -15.08 -8.61 77.47
CA THR U 390 -16.54 -8.74 77.52
C THR U 390 -17.02 -9.86 78.47
N GLN U 391 -16.27 -10.96 78.55
CA GLN U 391 -16.64 -12.06 79.43
C GLN U 391 -15.67 -12.12 80.60
N GLY U 392 -15.81 -13.14 81.44
CA GLY U 392 -14.91 -13.27 82.57
C GLY U 392 -15.42 -12.67 83.86
N VAL U 393 -16.66 -12.20 83.85
CA VAL U 393 -17.28 -11.61 85.04
C VAL U 393 -17.44 -12.72 86.07
N PRO U 394 -17.17 -12.42 87.36
CA PRO U 394 -17.27 -13.37 88.48
C PRO U 394 -18.67 -13.81 88.86
N LEU U 395 -19.53 -14.07 87.89
CA LEU U 395 -20.88 -14.50 88.21
C LEU U 395 -20.88 -15.92 88.76
N ASP U 396 -21.99 -16.36 89.34
CA ASP U 396 -22.03 -17.70 89.91
C ASP U 396 -22.21 -18.78 88.86
N TYR U 397 -21.09 -19.33 88.38
CA TYR U 397 -21.12 -20.37 87.37
C TYR U 397 -21.76 -21.65 87.91
N GLU U 398 -21.80 -21.77 89.23
CA GLU U 398 -22.38 -22.93 89.90
C GLU U 398 -23.89 -23.02 89.74
N PHE U 399 -24.55 -21.86 89.68
CA PHE U 399 -26.00 -21.79 89.52
C PHE U 399 -26.36 -22.19 88.10
N TYR U 400 -27.43 -22.96 87.94
CA TYR U 400 -27.83 -23.40 86.61
C TYR U 400 -29.16 -22.91 86.06
N PHE U 401 -29.07 -22.24 84.92
CA PHE U 401 -30.24 -21.76 84.19
C PHE U 401 -29.88 -21.93 82.72
N PRO U 402 -30.72 -22.64 81.96
CA PRO U 402 -30.56 -22.93 80.54
C PRO U 402 -30.50 -21.73 79.61
N GLY U 403 -29.69 -21.84 78.58
CA GLY U 403 -29.60 -20.79 77.59
C GLY U 403 -30.56 -21.28 76.52
N TYR U 404 -31.00 -20.40 75.61
CA TYR U 404 -31.93 -20.83 74.58
C TYR U 404 -31.40 -21.98 73.72
N ALA U 405 -30.09 -22.03 73.58
CA ALA U 405 -29.46 -23.07 72.76
C ALA U 405 -29.65 -24.49 73.32
N GLU U 406 -30.05 -24.60 74.57
CA GLU U 406 -30.21 -25.92 75.17
C GLU U 406 -31.51 -26.65 74.81
N GLY U 407 -32.19 -26.17 73.78
CA GLY U 407 -33.38 -26.83 73.28
C GLY U 407 -34.77 -26.58 73.85
N GLY U 408 -34.86 -25.99 75.03
CA GLY U 408 -36.17 -25.73 75.60
C GLY U 408 -37.12 -26.92 75.56
N ILE U 409 -38.22 -26.79 74.82
CA ILE U 409 -39.22 -27.85 74.75
C ILE U 409 -39.06 -28.90 73.64
N SER U 410 -37.96 -28.87 72.90
CA SER U 410 -37.76 -29.85 71.83
C SER U 410 -37.02 -31.10 72.33
N GLY U 411 -36.05 -30.90 73.21
CA GLY U 411 -35.28 -32.02 73.73
C GLY U 411 -34.48 -32.68 72.63
N ASP U 412 -34.23 -31.93 71.56
CA ASP U 412 -33.47 -32.42 70.42
C ASP U 412 -32.00 -32.53 70.82
N CYS U 413 -31.58 -33.75 71.17
CA CYS U 413 -30.20 -33.99 71.60
C CYS U 413 -29.20 -33.83 70.45
N GLU U 414 -29.72 -33.77 69.24
CA GLU U 414 -28.88 -33.66 68.06
C GLU U 414 -28.63 -32.24 67.58
N ASN U 415 -29.68 -31.43 67.54
CA ASN U 415 -29.55 -30.08 67.03
C ASN U 415 -29.65 -28.97 68.06
N SER U 416 -29.41 -29.32 69.31
CA SER U 416 -29.41 -28.34 70.41
C SER U 416 -28.50 -28.91 71.48
N ALA U 417 -28.14 -28.09 72.46
CA ALA U 417 -27.28 -28.52 73.53
C ALA U 417 -28.10 -29.20 74.63
N ALA U 418 -29.29 -29.65 74.28
CA ALA U 418 -30.20 -30.31 75.21
C ALA U 418 -29.58 -31.52 75.89
N GLY U 419 -28.85 -32.31 75.12
CA GLY U 419 -28.23 -33.51 75.63
C GLY U 419 -27.17 -33.32 76.71
N PHE U 420 -26.74 -32.08 76.93
CA PHE U 420 -25.72 -31.83 77.94
C PHE U 420 -26.26 -31.92 79.34
N LYS U 421 -27.38 -31.25 79.59
CA LYS U 421 -27.96 -31.27 80.93
C LYS U 421 -29.46 -30.98 80.97
N PHE U 422 -29.90 -29.98 80.22
CA PHE U 422 -31.32 -29.59 80.24
C PHE U 422 -32.30 -30.71 79.91
N ALA U 423 -32.09 -31.41 78.81
CA ALA U 423 -32.99 -32.49 78.42
C ALA U 423 -33.26 -33.41 79.60
N TRP U 424 -32.20 -33.72 80.35
CA TRP U 424 -32.28 -34.61 81.49
C TRP U 424 -33.09 -34.04 82.65
N ARG U 425 -33.27 -32.72 82.67
CA ARG U 425 -34.03 -32.07 83.71
C ARG U 425 -35.47 -31.84 83.25
N MET U 426 -35.62 -31.48 81.99
CA MET U 426 -36.93 -31.17 81.42
C MET U 426 -37.85 -32.37 81.19
N PHE U 427 -37.27 -33.51 80.81
CA PHE U 427 -38.08 -34.68 80.54
C PHE U 427 -37.88 -35.83 81.54
N ASP U 428 -38.96 -36.53 81.82
CA ASP U 428 -38.98 -37.62 82.79
C ASP U 428 -39.31 -39.00 82.21
N GLY U 429 -39.46 -39.08 80.89
CA GLY U 429 -39.78 -40.36 80.27
C GLY U 429 -41.02 -41.02 80.84
N LYS U 430 -41.95 -40.19 81.34
CA LYS U 430 -43.19 -40.68 81.92
C LYS U 430 -44.40 -39.86 81.50
N THR U 431 -44.29 -38.54 81.65
CA THR U 431 -45.39 -37.64 81.32
C THR U 431 -45.12 -36.64 80.21
N THR U 432 -43.87 -36.17 80.12
CA THR U 432 -43.53 -35.21 79.08
C THR U 432 -42.40 -35.81 78.24
N PHE U 433 -42.50 -35.68 76.92
CA PHE U 433 -41.49 -36.28 76.03
C PHE U 433 -40.87 -35.34 75.00
N PRO U 434 -39.62 -35.62 74.60
CA PRO U 434 -38.87 -34.85 73.61
C PRO U 434 -39.35 -35.12 72.19
N SER U 435 -38.97 -34.23 71.27
CA SER U 435 -39.34 -34.36 69.87
C SER U 435 -38.07 -34.56 69.04
N PRO U 436 -37.66 -35.83 68.83
CA PRO U 436 -36.46 -36.18 68.06
C PRO U 436 -36.69 -36.09 66.55
N SER U 437 -35.60 -36.10 65.80
CA SER U 437 -35.68 -36.06 64.34
C SER U 437 -34.78 -37.13 63.74
N ASN U 438 -35.36 -38.03 62.97
CA ASN U 438 -34.57 -39.07 62.33
C ASN U 438 -34.09 -38.62 60.96
N LEU U 439 -34.41 -37.38 60.59
CA LEU U 439 -33.99 -36.85 59.30
C LEU U 439 -32.87 -35.80 59.46
N ASN U 440 -33.03 -34.87 60.39
CA ASN U 440 -32.02 -33.86 60.63
C ASN U 440 -30.88 -34.50 61.43
N THR U 441 -30.14 -35.38 60.77
CA THR U 441 -29.03 -36.10 61.40
C THR U 441 -28.07 -36.44 60.27
N SER U 442 -26.84 -36.83 60.60
CA SER U 442 -25.87 -37.14 59.55
C SER U 442 -26.27 -38.25 58.59
N ALA U 443 -26.91 -39.30 59.09
CA ALA U 443 -27.32 -40.41 58.22
C ALA U 443 -28.60 -40.08 57.46
N GLY U 444 -29.18 -38.91 57.73
CA GLY U 444 -30.40 -38.49 57.05
C GLY U 444 -30.08 -37.52 55.92
N GLN U 445 -30.81 -36.42 55.84
CA GLN U 445 -30.53 -35.43 54.80
C GLN U 445 -30.67 -33.99 55.26
N HIS U 446 -29.67 -33.19 54.93
CA HIS U 446 -29.67 -31.77 55.24
C HIS U 446 -28.89 -31.13 54.09
N ILE U 447 -28.96 -29.81 53.98
CA ILE U 447 -28.21 -29.11 52.96
C ILE U 447 -27.60 -27.89 53.66
N PRO U 448 -26.51 -27.33 53.11
CA PRO U 448 -25.88 -26.16 53.73
C PRO U 448 -26.67 -24.88 53.48
N ARG U 449 -26.87 -24.07 54.51
CA ARG U 449 -27.59 -22.81 54.36
C ARG U 449 -26.94 -21.93 53.29
N LEU U 450 -25.62 -22.00 53.19
CA LEU U 450 -24.87 -21.19 52.24
C LEU U 450 -25.05 -21.63 50.80
N LYS U 451 -25.61 -22.82 50.59
CA LYS U 451 -25.77 -23.33 49.23
C LYS U 451 -27.19 -23.79 48.89
N ILE U 452 -28.18 -23.24 49.59
CA ILE U 452 -29.57 -23.58 49.30
C ILE U 452 -29.87 -23.25 47.83
N PRO U 453 -29.36 -22.10 47.35
CA PRO U 453 -29.60 -21.69 45.96
C PRO U 453 -29.12 -22.73 44.94
N GLU U 454 -27.92 -23.25 45.15
CA GLU U 454 -27.35 -24.25 44.24
C GLU U 454 -28.12 -25.57 44.36
N CYS U 455 -28.47 -25.95 45.58
CA CYS U 455 -29.21 -27.17 45.79
C CYS U 455 -30.54 -27.12 45.03
N ILE U 456 -31.21 -25.98 45.12
CA ILE U 456 -32.50 -25.80 44.45
C ILE U 456 -32.43 -25.71 42.93
N MET U 457 -31.61 -24.79 42.42
CA MET U 457 -31.49 -24.60 40.99
C MET U 457 -30.60 -25.63 40.31
N GLY U 458 -29.69 -26.22 41.07
CA GLY U 458 -28.78 -27.21 40.51
C GLY U 458 -29.25 -28.63 40.75
N GLY U 459 -30.05 -28.85 41.79
CA GLY U 459 -30.55 -30.18 42.07
C GLY U 459 -29.50 -31.13 42.61
N LYS U 460 -28.34 -30.59 42.98
CA LYS U 460 -27.27 -31.42 43.50
C LYS U 460 -26.14 -30.60 44.12
N PHE U 461 -25.49 -31.18 45.11
CA PHE U 461 -24.36 -30.55 45.77
C PHE U 461 -23.62 -31.58 46.62
N GLN U 462 -22.37 -31.27 46.94
CA GLN U 462 -21.53 -32.15 47.74
C GLN U 462 -20.69 -31.21 48.59
N TRP U 463 -20.52 -31.54 49.87
CA TRP U 463 -19.76 -30.67 50.77
C TRP U 463 -19.20 -31.38 52.00
N SER U 464 -18.58 -30.60 52.89
CA SER U 464 -17.98 -31.12 54.12
C SER U 464 -18.67 -30.62 55.38
N GLY U 465 -18.99 -31.54 56.29
CA GLY U 465 -19.61 -31.17 57.55
C GLY U 465 -21.11 -30.86 57.56
N LYS U 466 -21.72 -31.05 58.73
CA LYS U 466 -23.14 -30.76 58.90
C LYS U 466 -23.29 -29.63 59.91
N GLY U 467 -23.70 -28.46 59.42
CA GLY U 467 -23.89 -27.31 60.30
C GLY U 467 -22.76 -27.06 61.28
N PHE U 468 -23.12 -26.83 62.55
CA PHE U 468 -22.13 -26.59 63.61
C PHE U 468 -21.53 -27.93 64.01
N ALA U 469 -20.33 -28.22 63.53
CA ALA U 469 -19.67 -29.49 63.85
C ALA U 469 -18.85 -29.39 65.14
N GLY U 470 -19.54 -29.25 66.26
CA GLY U 470 -18.83 -29.13 67.53
C GLY U 470 -18.55 -30.43 68.26
N GLY U 471 -19.07 -31.54 67.74
CA GLY U 471 -18.85 -32.83 68.40
C GLY U 471 -17.39 -33.16 68.64
N ASP U 472 -16.59 -33.12 67.59
CA ASP U 472 -15.17 -33.40 67.71
C ASP U 472 -14.47 -32.65 66.59
N ILE U 473 -13.18 -32.41 66.76
CA ILE U 473 -12.39 -31.69 65.77
C ILE U 473 -12.62 -32.13 64.34
N SER U 474 -12.59 -33.44 64.10
CA SER U 474 -12.76 -33.95 62.75
C SER U 474 -14.18 -34.13 62.21
N HIS U 475 -15.19 -33.81 63.01
CA HIS U 475 -16.56 -33.97 62.53
C HIS U 475 -16.86 -33.14 61.28
N GLN U 476 -16.17 -32.00 61.15
CA GLN U 476 -16.37 -31.10 60.02
C GLN U 476 -15.77 -31.63 58.72
N LEU U 477 -14.99 -32.70 58.82
CA LEU U 477 -14.34 -33.29 57.65
C LEU U 477 -15.20 -34.34 56.96
N HIS U 478 -16.26 -34.76 57.65
CA HIS U 478 -17.15 -35.76 57.09
C HIS U 478 -17.80 -35.23 55.82
N GLN U 479 -17.93 -36.12 54.84
CA GLN U 479 -18.49 -35.75 53.54
C GLN U 479 -19.96 -36.03 53.41
N TYR U 480 -20.68 -35.06 52.85
CA TYR U 480 -22.12 -35.18 52.63
C TYR U 480 -22.47 -34.84 51.20
N GLU U 481 -23.64 -35.29 50.77
CA GLU U 481 -24.12 -35.05 49.41
C GLU U 481 -25.61 -34.75 49.41
N TYR U 482 -26.06 -34.14 48.32
CA TYR U 482 -27.46 -33.80 48.15
C TYR U 482 -27.84 -34.10 46.72
N PRO U 483 -28.94 -34.85 46.52
CA PRO U 483 -29.76 -35.39 47.60
C PRO U 483 -29.00 -36.51 48.29
N ALA U 484 -29.23 -36.68 49.60
CA ALA U 484 -28.57 -37.73 50.35
C ALA U 484 -29.07 -39.07 49.83
N PRO U 485 -28.24 -40.11 49.90
CA PRO U 485 -28.64 -41.44 49.42
C PRO U 485 -30.03 -41.89 49.88
N GLY U 486 -30.88 -42.24 48.92
CA GLY U 486 -32.21 -42.69 49.23
C GLY U 486 -33.27 -41.62 49.42
N TYR U 487 -32.83 -40.41 49.79
CA TYR U 487 -33.76 -39.30 50.01
C TYR U 487 -34.18 -38.56 48.76
N SER U 488 -35.15 -37.66 48.92
CA SER U 488 -35.68 -36.90 47.80
C SER U 488 -35.24 -35.45 47.74
N LYS U 489 -35.22 -34.91 46.53
CA LYS U 489 -34.85 -33.51 46.30
C LYS U 489 -35.95 -32.64 46.89
N ILE U 490 -35.64 -31.37 47.12
CA ILE U 490 -36.59 -30.43 47.68
C ILE U 490 -37.74 -30.09 46.73
N LYS U 491 -38.96 -30.10 47.26
CA LYS U 491 -40.15 -29.78 46.48
C LYS U 491 -40.86 -28.60 47.12
N MET U 492 -40.71 -28.48 48.44
CA MET U 492 -41.35 -27.43 49.22
C MET U 492 -40.33 -26.72 50.11
N PHE U 493 -40.56 -25.43 50.36
CA PHE U 493 -39.65 -24.67 51.21
C PHE U 493 -40.43 -23.87 52.25
N TRP U 494 -40.34 -24.31 53.50
CA TRP U 494 -41.01 -23.62 54.59
C TRP U 494 -39.99 -22.70 55.26
N LYS U 495 -40.00 -21.42 54.88
CA LYS U 495 -39.07 -20.48 55.47
C LYS U 495 -39.61 -19.83 56.74
N TYR U 496 -38.72 -19.59 57.68
CA TYR U 496 -39.02 -18.96 58.96
C TYR U 496 -38.15 -17.70 58.92
N GLY U 497 -38.78 -16.55 58.69
CA GLY U 497 -38.02 -15.31 58.58
C GLY U 497 -37.55 -15.18 57.13
N GLY U 498 -36.93 -14.06 56.75
CA GLY U 498 -36.45 -13.90 55.38
C GLY U 498 -35.35 -12.85 55.30
N PRO U 499 -34.20 -13.08 55.96
CA PRO U 499 -33.09 -12.13 55.97
C PRO U 499 -31.90 -12.43 55.07
N HIS U 500 -31.89 -13.61 54.45
CA HIS U 500 -30.76 -14.02 53.64
C HIS U 500 -30.27 -13.14 52.51
N LEU U 501 -31.08 -12.21 52.04
CA LEU U 501 -30.63 -11.32 50.97
C LEU U 501 -29.66 -10.30 51.54
N GLY U 502 -29.75 -10.08 52.85
CA GLY U 502 -28.85 -9.13 53.48
C GLY U 502 -27.84 -9.77 54.40
N THR U 503 -27.96 -11.07 54.64
CA THR U 503 -27.05 -11.76 55.56
C THR U 503 -26.15 -12.88 55.03
N MET U 504 -26.44 -13.41 53.85
CA MET U 504 -25.59 -14.48 53.31
C MET U 504 -24.51 -13.96 52.34
N THR U 505 -24.20 -14.73 51.30
CA THR U 505 -23.15 -14.31 50.36
C THR U 505 -23.61 -14.24 48.91
N ALA U 506 -23.06 -13.27 48.17
CA ALA U 506 -23.42 -13.05 46.76
C ALA U 506 -24.89 -13.41 46.65
N THR U 507 -25.68 -12.76 47.50
CA THR U 507 -27.11 -12.99 47.66
C THR U 507 -28.11 -12.90 46.50
N ASN U 508 -27.74 -12.30 45.37
CA ASN U 508 -28.69 -12.25 44.27
C ASN U 508 -29.16 -13.66 43.93
N ARG U 509 -28.33 -14.66 44.24
CA ARG U 509 -28.68 -16.05 43.96
C ARG U 509 -29.83 -16.56 44.84
N TYR U 510 -30.00 -15.95 46.01
CA TYR U 510 -31.11 -16.36 46.88
C TYR U 510 -32.41 -15.85 46.29
N ALA U 511 -32.34 -14.71 45.60
CA ALA U 511 -33.52 -14.14 44.96
C ALA U 511 -33.89 -14.99 43.76
N LYS U 512 -32.88 -15.35 42.97
CA LYS U 512 -33.07 -16.16 41.77
C LYS U 512 -33.70 -17.54 42.00
N MET U 513 -33.29 -18.20 43.09
CA MET U 513 -33.78 -19.54 43.40
C MET U 513 -35.29 -19.68 43.56
N TYR U 514 -35.94 -18.64 44.07
CA TYR U 514 -37.38 -18.69 44.30
C TYR U 514 -38.24 -18.94 43.08
N THR U 515 -37.75 -18.53 41.90
CA THR U 515 -38.50 -18.71 40.67
C THR U 515 -38.25 -20.03 39.96
N HIS U 516 -37.40 -20.88 40.53
CA HIS U 516 -37.10 -22.17 39.91
C HIS U 516 -38.35 -23.05 39.93
N ASP U 517 -38.68 -23.66 38.79
CA ASP U 517 -39.89 -24.46 38.72
C ASP U 517 -39.85 -25.75 39.53
N SER U 518 -38.72 -26.06 40.15
CA SER U 518 -38.64 -27.26 40.96
C SER U 518 -39.31 -26.96 42.30
N LEU U 519 -39.34 -25.69 42.68
CA LEU U 519 -39.97 -25.26 43.93
C LEU U 519 -41.49 -25.19 43.74
N GLU U 520 -42.19 -26.24 44.14
CA GLU U 520 -43.63 -26.30 44.00
C GLU U 520 -44.37 -25.43 45.00
N PHE U 521 -43.75 -25.18 46.15
CA PHE U 521 -44.43 -24.40 47.18
C PHE U 521 -43.47 -23.70 48.13
N VAL U 522 -43.82 -22.48 48.52
CA VAL U 522 -43.01 -21.67 49.43
C VAL U 522 -43.89 -21.02 50.48
N VAL U 523 -43.59 -21.28 51.75
CA VAL U 523 -44.34 -20.67 52.84
C VAL U 523 -43.36 -19.85 53.64
N SER U 524 -43.81 -18.69 54.10
CA SER U 524 -42.98 -17.84 54.90
C SER U 524 -43.70 -17.54 56.21
N GLN U 525 -43.10 -17.96 57.31
CA GLN U 525 -43.65 -17.74 58.65
C GLN U 525 -42.72 -16.68 59.25
N SER U 526 -43.12 -15.42 59.15
CA SER U 526 -42.29 -14.33 59.65
C SER U 526 -43.09 -13.24 60.38
N ILE U 527 -42.37 -12.23 60.85
CA ILE U 527 -43.00 -11.13 61.58
C ILE U 527 -43.21 -9.90 60.71
N TRP U 528 -42.17 -9.47 60.00
CA TRP U 528 -42.26 -8.29 59.14
C TRP U 528 -42.25 -8.60 57.66
N PHE U 529 -42.97 -7.80 56.88
CA PHE U 529 -43.04 -7.98 55.42
C PHE U 529 -41.81 -7.27 54.86
N GLU U 530 -40.70 -8.00 54.78
CA GLU U 530 -39.43 -7.48 54.29
C GLU U 530 -38.56 -8.61 53.74
N GLY U 531 -37.40 -8.24 53.20
CA GLY U 531 -36.46 -9.21 52.67
C GLY U 531 -36.96 -10.24 51.68
N GLU U 532 -36.92 -11.50 52.09
CA GLU U 532 -37.35 -12.63 51.25
C GLU U 532 -38.84 -12.94 51.33
N VAL U 533 -39.50 -12.39 52.34
CA VAL U 533 -40.93 -12.64 52.51
C VAL U 533 -41.78 -12.46 51.26
N PRO U 534 -41.50 -11.43 50.44
CA PRO U 534 -42.29 -11.19 49.22
C PRO U 534 -42.06 -12.14 48.04
N PHE U 535 -41.43 -13.29 48.29
CA PHE U 535 -41.22 -14.27 47.22
C PHE U 535 -42.09 -15.49 47.49
N ALA U 536 -42.64 -15.53 48.70
CA ALA U 536 -43.47 -16.64 49.17
C ALA U 536 -44.86 -16.78 48.54
N ASP U 537 -45.39 -18.00 48.58
CA ASP U 537 -46.72 -18.30 48.06
C ASP U 537 -47.74 -18.01 49.16
N ILE U 538 -47.40 -18.41 50.38
CA ILE U 538 -48.24 -18.22 51.55
C ILE U 538 -47.39 -17.59 52.67
N ILE U 539 -47.93 -16.56 53.31
CA ILE U 539 -47.22 -15.88 54.39
C ILE U 539 -48.04 -15.98 55.68
N LEU U 540 -47.39 -16.40 56.76
CA LEU U 540 -48.06 -16.53 58.05
C LEU U 540 -47.47 -15.54 59.05
N PRO U 541 -48.31 -14.64 59.59
CA PRO U 541 -47.91 -13.62 60.55
C PRO U 541 -47.62 -14.09 61.96
N ALA U 542 -46.36 -14.00 62.37
CA ALA U 542 -45.95 -14.38 63.72
C ALA U 542 -45.82 -13.08 64.51
N CYS U 543 -45.91 -13.15 65.83
CA CYS U 543 -45.78 -11.95 66.67
C CYS U 543 -44.43 -11.90 67.37
N THR U 544 -44.11 -10.74 67.94
CA THR U 544 -42.85 -10.58 68.66
C THR U 544 -43.00 -11.21 70.04
N ASN U 545 -41.93 -11.16 70.84
CA ASN U 545 -41.94 -11.73 72.19
C ASN U 545 -42.67 -10.86 73.19
N PHE U 546 -42.95 -9.61 72.84
CA PHE U 546 -43.68 -8.72 73.74
C PHE U 546 -45.18 -9.01 73.66
N GLU U 547 -45.55 -9.89 72.73
CA GLU U 547 -46.95 -10.25 72.51
C GLU U 547 -47.26 -11.71 72.88
N ARG U 548 -46.43 -12.29 73.73
CA ARG U 548 -46.62 -13.66 74.16
C ARG U 548 -45.84 -13.93 75.44
N TRP U 549 -46.09 -15.08 76.07
CA TRP U 549 -45.40 -15.42 77.31
C TRP U 549 -44.14 -16.25 77.10
N ASP U 550 -43.05 -15.85 77.73
CA ASP U 550 -41.81 -16.61 77.65
C ASP U 550 -40.96 -16.35 78.87
N ILE U 551 -39.77 -16.94 78.88
CA ILE U 551 -38.85 -16.79 79.99
C ILE U 551 -37.44 -16.85 79.42
N SER U 552 -36.53 -16.07 79.98
CA SER U 552 -35.16 -16.08 79.48
C SER U 552 -34.22 -15.47 80.51
N GLU U 553 -32.93 -15.46 80.18
CA GLU U 553 -31.91 -14.89 81.04
C GLU U 553 -31.06 -13.95 80.21
N PHE U 554 -30.71 -12.81 80.81
CA PHE U 554 -29.88 -11.78 80.17
C PHE U 554 -28.75 -12.40 79.35
N ALA U 555 -28.86 -12.32 78.03
CA ALA U 555 -27.84 -12.83 77.12
C ALA U 555 -27.44 -14.29 77.27
N ASN U 556 -28.30 -15.11 77.86
CA ASN U 556 -27.94 -16.52 78.05
C ASN U 556 -28.21 -17.38 76.82
N CYS U 557 -27.14 -17.66 76.08
CA CYS U 557 -27.20 -18.49 74.88
C CYS U 557 -26.84 -19.94 75.25
N SER U 558 -25.72 -20.10 75.96
CA SER U 558 -25.24 -21.41 76.39
C SER U 558 -24.96 -22.28 75.16
N GLY U 559 -24.99 -23.60 75.34
CA GLY U 559 -24.75 -24.49 74.23
C GLY U 559 -23.32 -24.34 73.72
N TYR U 560 -23.18 -23.84 72.49
CA TYR U 560 -21.86 -23.66 71.93
C TYR U 560 -21.09 -22.49 72.53
N ILE U 561 -21.75 -21.78 73.45
CA ILE U 561 -21.12 -20.69 74.18
C ILE U 561 -21.51 -20.90 75.64
N PRO U 562 -20.99 -21.97 76.26
CA PRO U 562 -21.29 -22.29 77.66
C PRO U 562 -21.05 -21.13 78.62
N ASP U 563 -22.04 -20.86 79.45
CA ASP U 563 -21.97 -19.81 80.46
C ASP U 563 -21.65 -18.42 79.94
N ASN U 564 -22.17 -18.07 78.76
CA ASN U 564 -21.90 -16.76 78.17
C ASN U 564 -22.68 -15.63 78.84
N TYR U 565 -23.50 -15.96 79.84
CA TYR U 565 -24.23 -14.94 80.57
C TYR U 565 -23.20 -14.12 81.34
N GLN U 566 -21.97 -14.64 81.42
CA GLN U 566 -20.88 -13.96 82.11
C GLN U 566 -20.47 -12.69 81.34
N LEU U 567 -21.19 -12.41 80.27
CA LEU U 567 -20.97 -11.21 79.46
C LEU U 567 -21.56 -10.02 80.19
N CYS U 568 -22.52 -10.32 81.07
CA CYS U 568 -23.23 -9.31 81.83
C CYS U 568 -22.69 -9.09 83.25
N ASN U 569 -23.00 -7.93 83.81
CA ASN U 569 -22.56 -7.60 85.17
C ASN U 569 -23.33 -8.39 86.22
N HIS U 570 -24.50 -8.90 85.85
CA HIS U 570 -25.32 -9.70 86.75
C HIS U 570 -26.07 -10.76 85.97
N ARG U 571 -26.44 -11.84 86.65
CA ARG U 571 -27.22 -12.87 85.98
C ARG U 571 -28.65 -12.45 86.26
N VAL U 572 -29.34 -12.01 85.21
CA VAL U 572 -30.71 -11.56 85.38
C VAL U 572 -31.67 -12.48 84.65
N ILE U 573 -32.50 -13.17 85.43
CA ILE U 573 -33.48 -14.09 84.90
C ILE U 573 -34.79 -13.32 84.93
N SER U 574 -35.47 -13.24 83.80
CA SER U 574 -36.71 -12.50 83.77
C SER U 574 -37.85 -13.15 83.00
N LEU U 575 -39.06 -12.88 83.46
CA LEU U 575 -40.28 -13.37 82.85
C LEU U 575 -40.58 -12.45 81.69
N GLN U 576 -40.81 -13.01 80.50
CA GLN U 576 -41.14 -12.18 79.36
C GLN U 576 -42.66 -12.13 79.29
N ALA U 577 -43.23 -11.21 80.06
CA ALA U 577 -44.66 -11.04 80.14
C ALA U 577 -45.29 -10.59 78.83
N LYS U 578 -46.47 -11.13 78.56
CA LYS U 578 -47.22 -10.77 77.37
C LYS U 578 -47.76 -9.37 77.66
N CYS U 579 -47.02 -8.36 77.23
CA CYS U 579 -47.40 -6.96 77.47
C CYS U 579 -48.67 -6.51 76.78
N ILE U 580 -48.86 -6.93 75.53
CA ILE U 580 -50.04 -6.55 74.77
C ILE U 580 -50.56 -7.74 73.98
N GLU U 581 -51.71 -7.58 73.34
CA GLU U 581 -52.29 -8.63 72.53
C GLU U 581 -51.55 -8.61 71.19
N PRO U 582 -51.37 -9.77 70.56
CA PRO U 582 -50.67 -9.80 69.28
C PRO U 582 -51.23 -8.71 68.34
N VAL U 583 -50.32 -8.01 67.67
CA VAL U 583 -50.69 -6.94 66.74
C VAL U 583 -51.27 -7.52 65.46
N GLY U 584 -52.29 -6.87 64.93
CA GLY U 584 -52.91 -7.34 63.71
C GLY U 584 -53.51 -8.71 63.95
N GLU U 585 -53.42 -9.58 62.96
CA GLU U 585 -53.97 -10.92 63.09
C GLU U 585 -52.84 -11.95 63.27
N SER U 586 -51.74 -11.48 63.85
CA SER U 586 -50.59 -12.34 64.07
C SER U 586 -50.74 -13.18 65.33
N MET U 587 -49.94 -14.23 65.42
CA MET U 587 -49.97 -15.10 66.59
C MET U 587 -48.60 -15.70 66.84
N SER U 588 -48.40 -16.18 68.05
CA SER U 588 -47.12 -16.76 68.43
C SER U 588 -46.80 -17.96 67.55
N ASP U 589 -45.51 -18.15 67.30
CA ASP U 589 -45.07 -19.27 66.47
C ASP U 589 -45.61 -20.58 67.05
N TYR U 590 -45.60 -20.68 68.38
CA TYR U 590 -46.08 -21.88 69.05
C TYR U 590 -47.55 -22.16 68.73
N GLU U 591 -48.39 -21.13 68.82
CA GLU U 591 -49.81 -21.29 68.53
C GLU U 591 -50.02 -21.61 67.05
N ILE U 592 -49.11 -21.14 66.20
CA ILE U 592 -49.22 -21.42 64.77
C ILE U 592 -48.98 -22.91 64.57
N TYR U 593 -47.91 -23.43 65.17
CA TYR U 593 -47.57 -24.84 65.06
C TYR U 593 -48.61 -25.71 65.74
N ARG U 594 -49.23 -25.19 66.80
CA ARG U 594 -50.25 -25.95 67.49
C ARG U 594 -51.44 -26.13 66.56
N LEU U 595 -51.70 -25.09 65.76
CA LEU U 595 -52.81 -25.15 64.81
C LEU U 595 -52.46 -26.17 63.73
N PHE U 596 -51.25 -26.09 63.20
CA PHE U 596 -50.82 -27.06 62.20
C PHE U 596 -50.85 -28.47 62.76
N ALA U 597 -50.41 -28.64 64.00
CA ALA U 597 -50.38 -29.95 64.64
C ALA U 597 -51.78 -30.54 64.66
N LYS U 598 -52.74 -29.69 65.03
CA LYS U 598 -54.13 -30.10 65.09
C LYS U 598 -54.57 -30.65 63.73
N LYS U 599 -54.33 -29.89 62.67
CA LYS U 599 -54.72 -30.32 61.32
C LYS U 599 -53.89 -31.46 60.77
N LEU U 600 -52.75 -31.74 61.42
CA LEU U 600 -51.88 -32.82 60.99
C LEU U 600 -52.10 -34.03 61.90
N ASN U 601 -53.17 -33.97 62.69
CA ASN U 601 -53.56 -35.03 63.60
C ASN U 601 -52.47 -35.43 64.60
N ILE U 602 -51.77 -34.45 65.17
CA ILE U 602 -50.72 -34.73 66.14
C ILE U 602 -50.66 -33.67 67.23
N GLU U 603 -51.77 -32.97 67.45
CA GLU U 603 -51.79 -31.92 68.45
C GLU U 603 -51.36 -32.39 69.84
N GLU U 604 -51.88 -33.53 70.28
CA GLU U 604 -51.56 -34.06 71.59
C GLU U 604 -50.05 -34.30 71.75
N MET U 605 -49.45 -34.91 70.75
CA MET U 605 -48.01 -35.19 70.80
C MET U 605 -47.18 -33.92 70.83
N PHE U 606 -47.60 -32.91 70.08
CA PHE U 606 -46.87 -31.64 70.02
C PHE U 606 -47.04 -30.75 71.25
N SER U 607 -48.29 -30.42 71.59
CA SER U 607 -48.55 -29.54 72.72
C SER U 607 -48.56 -30.23 74.08
N GLU U 608 -48.93 -31.51 74.09
CA GLU U 608 -49.04 -32.25 75.34
C GLU U 608 -50.07 -31.54 76.21
N GLY U 609 -51.01 -30.88 75.54
CA GLY U 609 -52.07 -30.15 76.22
C GLY U 609 -51.66 -28.89 76.94
N LYS U 610 -50.48 -28.35 76.61
CA LYS U 610 -49.98 -27.16 77.28
C LYS U 610 -49.91 -25.94 76.37
N ASP U 611 -50.17 -24.76 76.94
CA ASP U 611 -50.03 -23.54 76.16
C ASP U 611 -48.66 -23.03 76.55
N GLU U 612 -48.24 -21.92 75.94
CA GLU U 612 -46.92 -21.36 76.22
C GLU U 612 -46.61 -21.18 77.71
N LEU U 613 -47.53 -20.58 78.45
CA LEU U 613 -47.31 -20.33 79.87
C LEU U 613 -47.14 -21.63 80.65
N ALA U 614 -47.81 -22.69 80.19
CA ALA U 614 -47.71 -24.00 80.84
C ALA U 614 -46.31 -24.57 80.62
N TRP U 615 -45.79 -24.41 79.41
CA TRP U 615 -44.45 -24.89 79.12
C TRP U 615 -43.44 -24.07 79.92
N CYS U 616 -43.67 -22.76 80.02
CA CYS U 616 -42.77 -21.88 80.77
C CYS U 616 -42.59 -22.35 82.22
N GLU U 617 -43.69 -22.73 82.85
CA GLU U 617 -43.64 -23.19 84.23
C GLU U 617 -42.84 -24.48 84.33
N GLN U 618 -43.14 -25.44 83.45
CA GLN U 618 -42.44 -26.71 83.44
C GLN U 618 -40.96 -26.42 83.19
N TYR U 619 -40.68 -25.47 82.31
CA TYR U 619 -39.31 -25.09 81.99
C TYR U 619 -38.65 -24.59 83.28
N PHE U 620 -39.31 -23.61 83.92
CA PHE U 620 -38.84 -23.02 85.17
C PHE U 620 -38.43 -24.08 86.18
N ASN U 621 -39.29 -25.08 86.41
CA ASN U 621 -38.99 -26.12 87.38
C ASN U 621 -37.83 -27.02 86.98
N ALA U 622 -37.43 -26.97 85.71
CA ALA U 622 -36.32 -27.78 85.24
C ALA U 622 -34.98 -27.04 85.39
N THR U 623 -35.01 -25.89 86.04
CA THR U 623 -33.81 -25.10 86.26
C THR U 623 -33.52 -25.06 87.75
N ASP U 624 -32.55 -24.24 88.15
CA ASP U 624 -32.20 -24.12 89.57
C ASP U 624 -33.04 -23.08 90.29
N MET U 625 -33.82 -22.30 89.54
CA MET U 625 -34.64 -21.25 90.13
C MET U 625 -35.46 -21.68 91.35
N PRO U 626 -36.10 -22.86 91.30
CA PRO U 626 -36.89 -23.33 92.43
C PRO U 626 -36.17 -23.22 93.79
N LYS U 627 -34.85 -23.17 93.77
CA LYS U 627 -34.07 -23.05 95.00
C LYS U 627 -34.24 -21.67 95.62
N TYR U 628 -34.55 -20.67 94.80
CA TYR U 628 -34.73 -19.32 95.30
C TYR U 628 -36.19 -18.92 95.40
N MET U 629 -36.98 -19.23 94.37
CA MET U 629 -38.39 -18.90 94.41
C MET U 629 -39.26 -19.83 93.57
N THR U 630 -40.53 -19.90 93.92
CA THR U 630 -41.50 -20.73 93.22
C THR U 630 -41.89 -20.05 91.91
N TRP U 631 -42.58 -20.78 91.05
CA TRP U 631 -43.02 -20.22 89.77
C TRP U 631 -43.93 -19.02 90.01
N ASP U 632 -44.89 -19.21 90.92
CA ASP U 632 -45.82 -18.15 91.24
C ASP U 632 -45.13 -16.89 91.76
N GLU U 633 -44.12 -17.06 92.61
CA GLU U 633 -43.40 -15.90 93.13
C GLU U 633 -42.64 -15.23 91.99
N PHE U 634 -41.95 -16.03 91.19
CA PHE U 634 -41.19 -15.50 90.06
C PHE U 634 -42.13 -14.77 89.11
N PHE U 635 -43.25 -15.42 88.80
CA PHE U 635 -44.23 -14.82 87.91
C PHE U 635 -44.63 -13.46 88.43
N LYS U 636 -44.87 -13.39 89.73
CA LYS U 636 -45.27 -12.16 90.37
C LYS U 636 -44.19 -11.09 90.40
N LYS U 637 -42.94 -11.50 90.62
CA LYS U 637 -41.85 -10.51 90.66
C LYS U 637 -41.49 -10.01 89.27
N GLY U 638 -41.49 -10.91 88.30
CA GLY U 638 -41.16 -10.53 86.94
C GLY U 638 -39.71 -10.71 86.55
N TYR U 639 -38.81 -10.54 87.52
CA TYR U 639 -37.39 -10.70 87.24
C TYR U 639 -36.65 -11.09 88.51
N PHE U 640 -35.52 -11.78 88.35
CA PHE U 640 -34.73 -12.24 89.48
C PHE U 640 -33.24 -12.01 89.24
N VAL U 641 -32.56 -11.42 90.22
CA VAL U 641 -31.13 -11.16 90.13
C VAL U 641 -30.41 -12.25 90.92
N VAL U 642 -29.74 -13.16 90.22
CA VAL U 642 -29.03 -14.26 90.87
C VAL U 642 -27.98 -13.71 91.85
N PRO U 643 -27.96 -14.26 93.07
CA PRO U 643 -27.01 -13.83 94.10
C PRO U 643 -25.55 -14.09 93.71
N ASP U 644 -24.65 -13.40 94.40
CA ASP U 644 -23.22 -13.55 94.15
C ASP U 644 -22.74 -14.80 94.91
N ASN U 645 -21.67 -15.42 94.44
CA ASN U 645 -21.10 -16.59 95.08
C ASN U 645 -19.64 -16.22 95.38
N PRO U 646 -19.42 -15.34 96.35
CA PRO U 646 -18.11 -14.83 96.78
C PRO U 646 -17.05 -15.87 97.11
N ASN U 647 -17.47 -16.92 97.82
CA ASN U 647 -16.53 -17.96 98.26
C ASN U 647 -16.21 -19.10 97.30
N ARG U 648 -16.65 -19.02 96.05
CA ARG U 648 -16.32 -20.10 95.13
C ARG U 648 -14.92 -19.83 94.57
N LYS U 649 -14.10 -20.87 94.49
CA LYS U 649 -12.74 -20.71 93.99
C LYS U 649 -12.73 -20.27 92.54
N LYS U 650 -11.88 -19.30 92.21
CA LYS U 650 -11.77 -18.79 90.87
C LYS U 650 -10.91 -19.69 90.01
N THR U 651 -11.38 -20.00 88.80
CA THR U 651 -10.65 -20.86 87.87
C THR U 651 -10.54 -20.10 86.54
N VAL U 652 -9.42 -19.40 86.37
CA VAL U 652 -9.18 -18.62 85.17
C VAL U 652 -9.04 -19.48 83.91
N ALA U 653 -9.62 -19.01 82.82
CA ALA U 653 -9.58 -19.71 81.55
C ALA U 653 -8.18 -20.16 81.15
N LEU U 654 -8.06 -21.43 80.79
CA LEU U 654 -6.80 -22.03 80.37
C LEU U 654 -5.62 -21.98 81.33
N ARG U 655 -5.86 -21.66 82.61
CA ARG U 655 -4.74 -21.63 83.54
C ARG U 655 -4.33 -23.07 83.85
N TRP U 656 -5.30 -23.98 83.88
CA TRP U 656 -5.02 -25.37 84.16
C TRP U 656 -4.08 -25.89 83.07
N PHE U 657 -4.32 -25.43 81.84
CA PHE U 657 -3.50 -25.84 80.69
C PHE U 657 -2.11 -25.23 80.79
N ALA U 658 -2.05 -23.96 81.17
CA ALA U 658 -0.77 -23.28 81.28
C ALA U 658 0.08 -23.96 82.35
N GLU U 659 -0.57 -24.45 83.41
CA GLU U 659 0.14 -25.10 84.50
C GLU U 659 0.22 -26.61 84.35
N GLY U 660 -0.16 -27.10 83.17
CA GLY U 660 -0.11 -28.53 82.90
C GLY U 660 -0.87 -29.45 83.86
N ARG U 661 -1.97 -28.99 84.44
CA ARG U 661 -2.76 -29.82 85.33
C ARG U 661 -4.12 -30.13 84.74
N GLU U 662 -4.96 -30.83 85.51
CA GLU U 662 -6.29 -31.21 85.04
C GLU U 662 -7.22 -30.02 84.86
N LYS U 663 -8.03 -30.07 83.81
CA LYS U 663 -9.00 -29.03 83.52
C LYS U 663 -9.84 -28.87 84.79
N ASP U 664 -10.00 -27.63 85.25
CA ASP U 664 -10.75 -27.37 86.46
C ASP U 664 -11.86 -26.32 86.33
N THR U 665 -12.07 -25.82 85.11
CA THR U 665 -13.11 -24.81 84.89
C THR U 665 -14.47 -25.47 84.62
N PRO U 666 -15.53 -24.65 84.52
CA PRO U 666 -16.86 -25.20 84.25
C PRO U 666 -17.09 -25.48 82.77
N ASP U 667 -16.05 -25.38 81.96
CA ASP U 667 -16.19 -25.60 80.52
C ASP U 667 -16.81 -26.95 80.19
N TRP U 668 -17.48 -27.03 79.05
CA TRP U 668 -18.15 -28.24 78.60
C TRP U 668 -17.23 -29.17 77.84
N GLY U 669 -15.93 -28.95 77.97
CA GLY U 669 -14.97 -29.80 77.30
C GLY U 669 -13.56 -29.48 77.76
N PRO U 670 -12.57 -30.24 77.30
CA PRO U 670 -12.80 -31.36 76.38
C PRO U 670 -13.38 -32.60 77.05
N ARG U 671 -13.95 -33.48 76.25
CA ARG U 671 -14.51 -34.70 76.79
C ARG U 671 -13.38 -35.59 77.27
N LEU U 672 -13.63 -36.32 78.35
CA LEU U 672 -12.63 -37.20 78.96
C LEU U 672 -11.84 -38.04 77.96
N ASN U 673 -12.52 -38.57 76.95
CA ASN U 673 -11.86 -39.39 75.96
C ASN U 673 -10.90 -38.62 75.04
N ASN U 674 -11.02 -37.29 75.01
CA ASN U 674 -10.14 -36.46 74.18
C ASN U 674 -8.95 -35.91 74.97
N GLN U 675 -8.66 -36.56 76.10
CA GLN U 675 -7.54 -36.18 76.95
C GLN U 675 -6.89 -37.41 77.57
N VAL U 676 -5.68 -37.23 78.09
CA VAL U 676 -4.99 -38.30 78.78
C VAL U 676 -4.97 -37.82 80.23
N CYS U 677 -5.66 -38.57 81.10
CA CYS U 677 -5.74 -38.24 82.51
C CYS U 677 -6.28 -36.81 82.68
N ARG U 678 -7.28 -36.51 81.87
CA ARG U 678 -7.94 -35.21 81.80
C ARG U 678 -7.04 -33.99 81.91
N LYS U 679 -5.96 -34.03 81.13
CA LYS U 679 -5.00 -32.95 81.04
C LYS U 679 -4.79 -32.68 79.55
N GLY U 680 -4.49 -31.42 79.22
CA GLY U 680 -4.26 -31.06 77.83
C GLY U 680 -5.50 -30.67 77.05
N LEU U 681 -5.28 -30.12 75.85
CA LEU U 681 -6.36 -29.70 74.97
C LEU U 681 -6.98 -30.94 74.31
N GLN U 682 -8.07 -30.72 73.58
CA GLN U 682 -8.77 -31.80 72.88
C GLN U 682 -7.97 -32.40 71.73
N THR U 683 -6.96 -31.68 71.26
CA THR U 683 -6.11 -32.14 70.16
C THR U 683 -5.46 -33.49 70.48
N THR U 684 -5.09 -34.23 69.46
CA THR U 684 -4.44 -35.53 69.65
C THR U 684 -3.27 -35.42 70.61
N THR U 685 -2.32 -34.53 70.34
CA THR U 685 -1.16 -34.39 71.22
C THR U 685 -1.53 -33.72 72.54
N GLY U 686 -2.66 -33.03 72.56
CA GLY U 686 -3.09 -32.33 73.76
C GLY U 686 -2.41 -30.97 73.84
N LYS U 687 -1.71 -30.60 72.78
CA LYS U 687 -1.01 -29.32 72.72
C LYS U 687 -1.53 -28.43 71.60
N VAL U 688 -1.01 -27.20 71.54
CA VAL U 688 -1.38 -26.27 70.47
C VAL U 688 -0.60 -26.78 69.26
N GLU U 689 -1.31 -27.28 68.27
CA GLU U 689 -0.68 -27.84 67.08
C GLU U 689 -0.50 -26.87 65.92
N PHE U 690 0.71 -26.33 65.79
CA PHE U 690 1.02 -25.39 64.71
C PHE U 690 0.96 -26.13 63.38
N ILE U 691 1.06 -27.45 63.46
CA ILE U 691 0.93 -28.36 62.32
C ILE U 691 -0.15 -29.31 62.84
N ALA U 692 -1.39 -29.07 62.42
CA ALA U 692 -2.53 -29.85 62.87
C ALA U 692 -2.52 -31.32 62.45
N THR U 693 -2.42 -32.21 63.43
CA THR U 693 -2.41 -33.64 63.14
C THR U 693 -3.70 -34.05 62.44
N SER U 694 -4.82 -33.42 62.81
CA SER U 694 -6.10 -33.74 62.18
C SER U 694 -6.02 -33.42 60.69
N LEU U 695 -5.63 -32.19 60.35
CA LEU U 695 -5.51 -31.80 58.95
C LEU U 695 -4.44 -32.59 58.22
N LYS U 696 -3.40 -32.99 58.94
CA LYS U 696 -2.34 -33.79 58.32
C LYS U 696 -2.92 -35.14 57.88
N ASN U 697 -3.73 -35.74 58.75
CA ASN U 697 -4.37 -37.00 58.43
C ASN U 697 -5.23 -36.78 57.19
N PHE U 698 -6.03 -35.71 57.24
CA PHE U 698 -6.94 -35.36 56.15
C PHE U 698 -6.22 -35.28 54.81
N GLU U 699 -5.14 -34.51 54.74
CA GLU U 699 -4.41 -34.39 53.49
C GLU U 699 -3.72 -35.69 53.09
N GLU U 700 -3.24 -36.46 54.07
CA GLU U 700 -2.59 -37.71 53.73
C GLU U 700 -3.65 -38.70 53.25
N GLN U 701 -4.91 -38.38 53.55
CA GLN U 701 -6.03 -39.19 53.12
C GLN U 701 -6.44 -38.82 51.70
N GLY U 702 -5.76 -37.82 51.14
CA GLY U 702 -6.04 -37.41 49.77
C GLY U 702 -6.77 -36.10 49.58
N TYR U 703 -7.27 -35.52 50.67
CA TYR U 703 -8.00 -34.26 50.59
C TYR U 703 -7.07 -33.07 50.63
N ILE U 704 -6.38 -32.83 49.52
CA ILE U 704 -5.46 -31.72 49.44
C ILE U 704 -6.24 -30.42 49.28
N ASP U 705 -6.04 -29.51 50.22
CA ASP U 705 -6.73 -28.22 50.22
C ASP U 705 -5.71 -27.11 50.40
N GLU U 706 -5.28 -26.51 49.30
CA GLU U 706 -4.29 -25.45 49.33
C GLU U 706 -4.62 -24.31 50.29
N HIS U 707 -5.89 -23.93 50.36
CA HIS U 707 -6.25 -22.83 51.24
C HIS U 707 -6.53 -23.18 52.69
N ARG U 708 -6.16 -24.40 53.06
CA ARG U 708 -6.33 -24.87 54.43
C ARG U 708 -5.23 -25.88 54.74
N PRO U 709 -3.96 -25.43 54.76
CA PRO U 709 -2.82 -26.31 55.04
C PRO U 709 -2.77 -26.75 56.50
N SER U 710 -2.25 -27.94 56.75
CA SER U 710 -2.16 -28.46 58.11
C SER U 710 -1.30 -27.56 58.98
N MET U 711 -0.31 -26.91 58.39
CA MET U 711 0.54 -26.00 59.16
C MET U 711 0.04 -24.58 58.96
N HIS U 712 -0.06 -23.82 60.04
CA HIS U 712 -0.49 -22.42 59.99
C HIS U 712 0.60 -21.68 59.21
N THR U 713 0.24 -21.15 58.05
CA THR U 713 1.19 -20.43 57.22
C THR U 713 0.53 -19.20 56.65
N TYR U 714 1.28 -18.41 55.87
CA TYR U 714 0.70 -17.23 55.27
C TYR U 714 0.08 -17.55 53.92
N VAL U 715 -1.15 -18.02 53.95
CA VAL U 715 -1.86 -18.33 52.71
C VAL U 715 -2.46 -16.99 52.29
N PRO U 716 -2.07 -16.47 51.12
CA PRO U 716 -2.62 -15.20 50.66
C PRO U 716 -4.14 -15.30 50.57
N ALA U 717 -4.85 -14.31 51.12
CA ALA U 717 -6.31 -14.31 51.08
C ALA U 717 -6.78 -14.34 49.63
N TRP U 718 -7.63 -15.30 49.27
CA TRP U 718 -8.05 -15.37 47.87
C TRP U 718 -8.90 -14.20 47.37
N GLU U 719 -9.32 -13.32 48.26
CA GLU U 719 -10.06 -12.14 47.85
C GLU U 719 -9.43 -10.96 48.58
N SER U 720 -8.21 -10.61 48.17
CA SER U 720 -7.46 -9.49 48.75
C SER U 720 -6.98 -8.61 47.61
N GLN U 721 -6.63 -7.37 47.93
CA GLN U 721 -6.19 -6.43 46.91
C GLN U 721 -4.91 -6.75 46.16
N LYS U 722 -3.94 -7.40 46.78
CA LYS U 722 -2.71 -7.68 46.05
C LYS U 722 -2.54 -9.09 45.51
N HIS U 723 -3.42 -10.00 45.91
CA HIS U 723 -3.29 -11.38 45.45
C HIS U 723 -4.40 -11.88 44.52
N SER U 724 -5.60 -11.31 44.66
CA SER U 724 -6.72 -11.75 43.83
C SER U 724 -6.75 -11.11 42.45
N PRO U 725 -7.05 -11.92 41.42
CA PRO U 725 -7.13 -11.43 40.03
C PRO U 725 -8.22 -10.38 39.88
N LEU U 726 -9.23 -10.47 40.75
CA LEU U 726 -10.35 -9.56 40.75
C LEU U 726 -9.96 -8.14 41.14
N ALA U 727 -8.85 -8.00 41.86
CA ALA U 727 -8.38 -6.69 42.30
C ALA U 727 -8.05 -5.74 41.16
N VAL U 728 -7.67 -6.29 40.03
CA VAL U 728 -7.33 -5.48 38.86
C VAL U 728 -8.54 -4.64 38.47
N LYS U 729 -9.73 -5.25 38.54
CA LYS U 729 -10.98 -4.59 38.20
C LYS U 729 -11.63 -3.89 39.38
N TYR U 730 -11.53 -4.51 40.54
CA TYR U 730 -12.13 -3.98 41.76
C TYR U 730 -11.04 -3.75 42.81
N PRO U 731 -10.42 -2.56 42.77
CA PRO U 731 -9.35 -2.12 43.66
C PRO U 731 -9.67 -1.83 45.11
N LEU U 732 -10.94 -1.58 45.43
CA LEU U 732 -11.31 -1.27 46.80
C LEU U 732 -11.64 -2.49 47.65
N GLY U 733 -11.01 -2.57 48.81
CA GLY U 733 -11.26 -3.67 49.72
C GLY U 733 -12.38 -3.29 50.66
N MET U 734 -13.45 -4.10 50.68
CA MET U 734 -14.60 -3.82 51.53
C MET U 734 -14.77 -4.86 52.64
N LEU U 735 -15.05 -4.39 53.85
CA LEU U 735 -15.33 -5.28 54.98
C LEU U 735 -16.75 -4.88 55.38
N SER U 736 -17.55 -5.83 55.84
CA SER U 736 -18.94 -5.54 56.19
C SER U 736 -19.38 -6.20 57.49
N PRO U 737 -18.92 -5.65 58.63
CA PRO U 737 -19.22 -6.13 59.98
C PRO U 737 -20.71 -6.10 60.33
N HIS U 738 -21.03 -6.49 61.55
CA HIS U 738 -22.41 -6.49 62.03
C HIS U 738 -22.88 -5.06 62.29
N PRO U 739 -24.13 -4.75 61.93
CA PRO U 739 -24.73 -3.43 62.10
C PRO U 739 -24.65 -2.85 63.51
N ARG U 740 -24.26 -1.59 63.57
CA ARG U 740 -24.12 -0.86 64.83
C ARG U 740 -25.47 -0.63 65.50
N PHE U 741 -26.45 -0.15 64.74
CA PHE U 741 -27.75 0.15 65.32
C PHE U 741 -28.85 -0.89 65.07
N SER U 742 -28.47 -2.14 64.93
CA SER U 742 -29.44 -3.20 64.69
C SER U 742 -28.84 -4.56 65.02
N MET U 743 -29.68 -5.48 65.48
CA MET U 743 -29.23 -6.84 65.78
C MET U 743 -29.51 -7.54 64.46
N HIS U 744 -28.58 -7.41 63.53
CA HIS U 744 -28.71 -7.98 62.19
C HIS U 744 -29.92 -7.32 61.54
N THR U 745 -30.83 -8.10 60.96
CA THR U 745 -31.99 -7.48 60.30
C THR U 745 -33.02 -6.93 61.29
N MET U 746 -33.03 -7.48 62.50
CA MET U 746 -34.00 -7.05 63.51
C MET U 746 -33.67 -5.69 64.13
N GLY U 747 -34.08 -4.63 63.44
CA GLY U 747 -33.83 -3.28 63.89
C GLY U 747 -33.88 -2.31 62.71
N ASP U 748 -33.23 -2.68 61.61
CA ASP U 748 -33.23 -1.86 60.42
C ASP U 748 -34.57 -1.94 59.69
N GLY U 749 -34.85 -0.91 58.89
CA GLY U 749 -36.09 -0.88 58.13
C GLY U 749 -37.33 -0.90 59.00
N LYS U 750 -38.39 -1.53 58.50
CA LYS U 750 -39.66 -1.64 59.22
C LYS U 750 -40.17 -0.28 59.67
N ASN U 751 -39.69 0.78 59.01
CA ASN U 751 -40.07 2.13 59.36
C ASN U 751 -39.86 2.38 60.85
N SER U 752 -38.84 1.73 61.41
CA SER U 752 -38.52 1.87 62.83
C SER U 752 -37.77 3.15 63.11
N TYR U 753 -37.64 3.48 64.39
CA TYR U 753 -36.96 4.69 64.83
C TYR U 753 -35.46 4.73 64.51
N MET U 754 -34.81 3.57 64.53
CA MET U 754 -33.38 3.50 64.27
C MET U 754 -33.00 4.09 62.91
N ASN U 755 -33.93 4.07 61.97
CA ASN U 755 -33.66 4.61 60.64
C ASN U 755 -33.37 6.10 60.65
N TYR U 756 -33.72 6.78 61.75
CA TYR U 756 -33.47 8.21 61.85
C TYR U 756 -32.09 8.52 62.46
N ILE U 757 -31.37 7.46 62.82
CA ILE U 757 -30.04 7.62 63.40
C ILE U 757 -29.07 8.08 62.31
N LYS U 758 -28.48 9.25 62.52
CA LYS U 758 -27.56 9.84 61.55
C LYS U 758 -26.60 8.86 60.89
N ASP U 759 -25.97 8.00 61.69
CA ASP U 759 -25.01 7.05 61.16
C ASP U 759 -25.54 5.65 60.85
N HIS U 760 -26.84 5.55 60.58
CA HIS U 760 -27.43 4.26 60.22
C HIS U 760 -27.88 4.35 58.76
N ARG U 761 -28.70 5.34 58.47
CA ARG U 761 -29.18 5.58 57.12
C ARG U 761 -29.22 7.09 56.87
N VAL U 762 -28.97 7.48 55.63
CA VAL U 762 -28.97 8.89 55.26
C VAL U 762 -30.10 9.10 54.25
N GLU U 763 -30.99 10.05 54.56
CA GLU U 763 -32.11 10.32 53.66
C GLU U 763 -31.73 11.25 52.51
N VAL U 764 -32.13 10.84 51.31
CA VAL U 764 -31.85 11.61 50.10
C VAL U 764 -33.07 11.50 49.19
N ASP U 765 -33.79 12.61 49.04
CA ASP U 765 -34.98 12.66 48.20
C ASP U 765 -36.09 11.76 48.70
N GLY U 766 -36.32 11.77 50.00
CA GLY U 766 -37.38 10.96 50.59
C GLY U 766 -37.03 9.52 50.91
N TYR U 767 -35.87 9.05 50.44
CA TYR U 767 -35.48 7.67 50.71
C TYR U 767 -34.29 7.63 51.68
N LYS U 768 -34.37 6.74 52.67
CA LYS U 768 -33.29 6.60 53.65
C LYS U 768 -32.35 5.51 53.16
N TYR U 769 -31.18 5.93 52.67
CA TYR U 769 -30.18 5.01 52.14
C TYR U 769 -29.19 4.45 53.15
N TRP U 770 -28.78 3.21 52.91
CA TRP U 770 -27.81 2.51 53.74
C TRP U 770 -26.46 3.21 53.53
N ILE U 771 -25.61 3.19 54.55
CA ILE U 771 -24.32 3.88 54.50
C ILE U 771 -23.06 3.07 54.16
N MET U 772 -22.17 3.71 53.40
CA MET U 772 -20.88 3.13 53.05
C MET U 772 -19.85 4.23 53.35
N ARG U 773 -18.89 3.90 54.19
CA ARG U 773 -17.86 4.84 54.58
C ARG U 773 -16.69 4.74 53.61
N VAL U 774 -16.18 5.90 53.20
CA VAL U 774 -15.10 5.98 52.23
C VAL U 774 -14.03 6.97 52.65
N ASN U 775 -12.77 6.57 52.55
CA ASN U 775 -11.67 7.46 52.92
C ASN U 775 -11.65 8.65 51.97
N SER U 776 -11.50 9.83 52.55
CA SER U 776 -11.47 11.08 51.80
C SER U 776 -10.68 11.03 50.49
N ILE U 777 -9.53 10.36 50.52
CA ILE U 777 -8.68 10.25 49.34
C ILE U 777 -9.33 9.49 48.19
N ASP U 778 -10.00 8.39 48.50
CA ASP U 778 -10.66 7.60 47.47
C ASP U 778 -11.89 8.33 46.96
N ALA U 779 -12.55 9.04 47.87
CA ALA U 779 -13.74 9.80 47.52
C ALA U 779 -13.37 10.92 46.56
N GLU U 780 -12.32 11.67 46.90
CA GLU U 780 -11.85 12.77 46.07
C GLU U 780 -11.46 12.28 44.66
N ALA U 781 -10.73 11.16 44.61
CA ALA U 781 -10.29 10.60 43.34
C ALA U 781 -11.45 10.20 42.45
N ARG U 782 -12.63 10.05 43.02
CA ARG U 782 -13.82 9.67 42.27
C ARG U 782 -14.85 10.80 42.24
N GLY U 783 -14.45 11.99 42.68
CA GLY U 783 -15.36 13.12 42.70
C GLY U 783 -16.56 12.86 43.59
N ILE U 784 -16.39 11.99 44.57
CA ILE U 784 -17.46 11.65 45.50
C ILE U 784 -17.43 12.53 46.74
N LYS U 785 -18.56 13.16 47.02
CA LYS U 785 -18.63 14.02 48.19
C LYS U 785 -19.56 13.43 49.25
N ASN U 786 -19.34 13.82 50.49
CA ASN U 786 -20.12 13.32 51.60
C ASN U 786 -21.62 13.54 51.38
N GLY U 787 -22.39 12.46 51.47
CA GLY U 787 -23.82 12.57 51.27
C GLY U 787 -24.31 12.10 49.92
N ASP U 788 -23.44 12.07 48.92
CA ASP U 788 -23.81 11.63 47.57
C ASP U 788 -24.16 10.15 47.53
N LEU U 789 -25.03 9.78 46.60
CA LEU U 789 -25.42 8.39 46.43
C LEU U 789 -24.37 7.75 45.53
N ILE U 790 -23.86 6.61 45.95
CA ILE U 790 -22.84 5.92 45.16
C ILE U 790 -23.29 4.51 44.82
N ARG U 791 -22.57 3.91 43.87
CA ARG U 791 -22.88 2.56 43.43
C ARG U 791 -21.66 1.67 43.68
N ALA U 792 -21.78 0.78 44.67
CA ALA U 792 -20.70 -0.16 44.98
C ALA U 792 -21.02 -1.38 44.15
N TYR U 793 -20.02 -1.93 43.47
CA TYR U 793 -20.28 -3.07 42.61
C TYR U 793 -19.08 -3.94 42.27
N ASN U 794 -19.40 -5.11 41.72
CA ASN U 794 -18.43 -6.09 41.22
C ASN U 794 -19.24 -7.04 40.36
N ASP U 795 -18.70 -8.21 40.02
CA ASP U 795 -19.44 -9.13 39.17
C ASP U 795 -20.74 -9.65 39.77
N ARG U 796 -20.83 -9.64 41.09
CA ARG U 796 -21.99 -10.16 41.80
C ARG U 796 -23.24 -9.26 41.82
N GLY U 797 -23.06 -7.96 41.66
CA GLY U 797 -24.20 -7.07 41.68
C GLY U 797 -23.86 -5.62 41.90
N SER U 798 -24.87 -4.81 42.20
CA SER U 798 -24.70 -3.40 42.46
C SER U 798 -25.58 -2.99 43.63
N VAL U 799 -25.04 -2.13 44.50
CA VAL U 799 -25.82 -1.65 45.64
C VAL U 799 -25.70 -0.14 45.70
N ILE U 800 -26.83 0.54 45.85
CA ILE U 800 -26.87 1.99 45.94
C ILE U 800 -26.73 2.36 47.42
N LEU U 801 -25.83 3.29 47.71
CA LEU U 801 -25.58 3.69 49.09
C LEU U 801 -25.29 5.17 49.25
N ALA U 802 -25.46 5.67 50.47
CA ALA U 802 -25.15 7.07 50.77
C ALA U 802 -23.71 7.03 51.26
N ALA U 803 -22.85 7.82 50.64
CA ALA U 803 -21.44 7.84 51.02
C ALA U 803 -21.17 8.66 52.26
N GLN U 804 -20.26 8.17 53.08
CA GLN U 804 -19.86 8.89 54.27
C GLN U 804 -18.35 9.01 54.19
N VAL U 805 -17.88 10.17 53.71
CA VAL U 805 -16.46 10.43 53.58
C VAL U 805 -15.93 10.51 55.01
N THR U 806 -14.88 9.73 55.29
CA THR U 806 -14.30 9.64 56.62
C THR U 806 -12.79 9.46 56.60
N GLU U 807 -12.18 9.52 57.79
CA GLU U 807 -10.75 9.33 57.94
C GLU U 807 -10.53 8.00 58.70
N CYS U 808 -11.63 7.36 59.06
CA CYS U 808 -11.60 6.12 59.84
C CYS U 808 -11.38 4.82 59.06
N LEU U 809 -10.67 4.92 57.94
CA LEU U 809 -10.37 3.77 57.08
C LEU U 809 -9.10 4.11 56.34
N GLN U 810 -8.22 3.12 56.16
CA GLN U 810 -7.00 3.38 55.40
C GLN U 810 -7.38 3.57 53.93
N PRO U 811 -6.71 4.50 53.24
CA PRO U 811 -7.02 4.72 51.83
C PRO U 811 -7.07 3.40 51.07
N GLY U 812 -8.13 3.19 50.28
CA GLY U 812 -8.24 1.96 49.53
C GLY U 812 -9.17 0.94 50.17
N THR U 813 -9.66 1.25 51.37
CA THR U 813 -10.58 0.34 52.07
C THR U 813 -11.93 1.00 52.32
N VAL U 814 -13.01 0.28 52.03
CA VAL U 814 -14.36 0.81 52.27
C VAL U 814 -15.07 -0.04 53.33
N HIS U 815 -16.02 0.56 54.03
CA HIS U 815 -16.76 -0.13 55.07
C HIS U 815 -18.26 0.09 54.95
N SER U 816 -19.03 -0.98 55.16
CA SER U 816 -20.49 -0.91 55.10
C SER U 816 -21.07 -2.11 55.83
N TYR U 817 -21.78 -1.84 56.91
CA TYR U 817 -22.38 -2.90 57.70
C TYR U 817 -23.27 -3.82 56.88
N GLU U 818 -23.40 -5.07 57.34
CA GLU U 818 -24.24 -6.05 56.66
C GLU U 818 -25.55 -6.16 57.41
N SER U 819 -26.33 -7.18 57.12
CA SER U 819 -27.62 -7.43 57.78
C SER U 819 -28.74 -6.47 57.40
N CYS U 820 -28.57 -5.72 56.31
CA CYS U 820 -29.62 -4.81 55.87
C CYS U 820 -30.89 -5.63 55.79
N ALA U 821 -31.98 -5.11 56.33
CA ALA U 821 -33.27 -5.81 56.33
C ALA U 821 -34.14 -5.48 55.12
N VAL U 822 -33.75 -4.45 54.38
CA VAL U 822 -34.51 -4.01 53.22
C VAL U 822 -33.95 -4.43 51.86
N TYR U 823 -34.73 -5.23 51.13
CA TYR U 823 -34.32 -5.63 49.79
C TYR U 823 -35.24 -4.88 48.85
N ASP U 824 -34.70 -3.87 48.19
CA ASP U 824 -35.47 -3.00 47.30
C ASP U 824 -34.81 -2.87 45.93
N PRO U 825 -35.01 -3.87 45.04
CA PRO U 825 -34.46 -3.91 43.69
C PRO U 825 -35.01 -2.77 42.82
N LEU U 826 -34.14 -2.11 42.05
CA LEU U 826 -34.58 -1.02 41.18
C LEU U 826 -35.17 -1.60 39.89
N GLY U 827 -34.87 -2.86 39.64
CA GLY U 827 -35.39 -3.55 38.47
C GLY U 827 -35.86 -4.94 38.88
N THR U 828 -35.63 -5.91 38.01
CA THR U 828 -36.04 -7.28 38.29
C THR U 828 -35.31 -7.83 39.52
N ALA U 829 -36.03 -8.53 40.37
CA ALA U 829 -35.45 -9.11 41.57
C ALA U 829 -34.30 -10.04 41.20
N GLY U 830 -33.20 -9.92 41.94
CA GLY U 830 -32.03 -10.76 41.70
C GLY U 830 -31.27 -10.48 40.42
N LYS U 831 -31.67 -9.47 39.65
CA LYS U 831 -30.99 -9.16 38.40
C LYS U 831 -30.64 -7.68 38.24
N SER U 832 -30.96 -6.87 39.25
CA SER U 832 -30.70 -5.45 39.17
C SER U 832 -30.10 -4.90 40.46
N ALA U 833 -29.75 -3.62 40.42
CA ALA U 833 -29.17 -2.95 41.59
C ALA U 833 -30.20 -2.84 42.70
N ASP U 834 -29.73 -2.98 43.93
CA ASP U 834 -30.62 -2.86 45.08
C ASP U 834 -30.33 -1.53 45.79
N ARG U 835 -31.37 -0.85 46.26
CA ARG U 835 -31.16 0.40 46.97
C ARG U 835 -31.53 0.24 48.43
N GLY U 836 -31.93 -0.97 48.81
CA GLY U 836 -32.27 -1.22 50.20
C GLY U 836 -31.02 -1.11 51.06
N GLY U 837 -29.91 -1.61 50.54
CA GLY U 837 -28.66 -1.57 51.26
C GLY U 837 -28.04 -2.93 51.53
N CYS U 838 -28.48 -3.96 50.82
CA CYS U 838 -27.96 -5.32 51.01
C CYS U 838 -26.55 -5.49 50.47
N ILE U 839 -25.56 -5.10 51.27
CA ILE U 839 -24.17 -5.21 50.86
C ILE U 839 -23.73 -6.65 50.58
N ASN U 840 -24.41 -7.64 51.18
CA ASN U 840 -24.03 -9.02 50.96
C ASN U 840 -24.27 -9.51 49.55
N ILE U 841 -24.72 -8.60 48.69
CA ILE U 841 -24.93 -8.92 47.29
C ILE U 841 -23.54 -8.95 46.65
N LEU U 842 -22.62 -8.18 47.23
CA LEU U 842 -21.26 -8.05 46.72
C LEU U 842 -20.23 -9.01 47.30
N THR U 843 -20.52 -9.60 48.46
CA THR U 843 -19.60 -10.50 49.12
C THR U 843 -19.44 -11.86 48.42
N PRO U 844 -18.24 -12.46 48.50
CA PRO U 844 -17.95 -13.75 47.87
C PRO U 844 -18.69 -14.94 48.48
N ASP U 845 -19.29 -15.76 47.61
CA ASP U 845 -20.02 -16.93 48.06
C ASP U 845 -19.13 -18.17 47.99
N ARG U 846 -17.90 -17.97 47.54
CA ARG U 846 -16.92 -19.05 47.48
C ARG U 846 -16.57 -19.44 48.91
N TYR U 847 -16.51 -20.75 49.18
CA TYR U 847 -16.17 -21.23 50.52
C TYR U 847 -14.78 -20.74 50.94
N ILE U 848 -14.56 -20.60 52.25
CA ILE U 848 -13.27 -20.13 52.75
C ILE U 848 -12.13 -20.94 52.14
N SER U 849 -12.32 -22.25 52.02
CA SER U 849 -11.32 -23.13 51.41
C SER U 849 -12.07 -24.22 50.68
N LYS U 850 -11.34 -25.18 50.11
CA LYS U 850 -12.00 -26.27 49.39
C LYS U 850 -12.91 -27.09 50.29
N TYR U 851 -12.49 -27.32 51.53
CA TYR U 851 -13.29 -28.12 52.44
C TYR U 851 -13.80 -27.34 53.64
N ALA U 852 -13.23 -26.17 53.90
CA ALA U 852 -13.71 -25.34 55.00
C ALA U 852 -14.94 -24.64 54.42
N CYS U 853 -16.09 -25.29 54.55
CA CYS U 853 -17.33 -24.77 53.99
C CYS U 853 -18.02 -23.65 54.77
N GLY U 854 -17.28 -22.57 55.02
CA GLY U 854 -17.82 -21.43 55.74
C GLY U 854 -17.81 -20.18 54.88
N MET U 855 -18.46 -19.12 55.35
CA MET U 855 -18.57 -17.87 54.60
C MET U 855 -17.35 -16.95 54.77
N ALA U 856 -16.87 -16.39 53.66
CA ALA U 856 -15.69 -15.52 53.68
C ALA U 856 -16.03 -14.06 53.37
N ASN U 857 -17.20 -13.64 53.85
CA ASN U 857 -17.73 -12.29 53.61
C ASN U 857 -16.86 -11.04 53.76
N ASN U 858 -16.22 -10.88 54.90
CA ASN U 858 -15.45 -9.67 55.16
C ASN U 858 -14.24 -9.32 54.29
N THR U 859 -14.03 -10.06 53.21
CA THR U 859 -12.97 -9.75 52.24
C THR U 859 -13.70 -9.74 50.90
N ALA U 860 -14.09 -8.55 50.47
CA ALA U 860 -14.80 -8.41 49.20
C ALA U 860 -14.22 -7.25 48.40
N LEU U 861 -13.88 -7.53 47.16
CA LEU U 861 -13.32 -6.52 46.28
C LEU U 861 -14.43 -5.84 45.51
N VAL U 862 -14.42 -4.52 45.51
CA VAL U 862 -15.44 -3.76 44.80
C VAL U 862 -14.86 -2.48 44.23
N GLU U 863 -15.68 -1.79 43.45
CA GLU U 863 -15.30 -0.51 42.87
C GLU U 863 -16.53 0.35 43.17
N ILE U 864 -16.35 1.66 43.30
CA ILE U 864 -17.47 2.56 43.58
C ILE U 864 -17.38 3.80 42.72
N GLU U 865 -18.52 4.45 42.51
CA GLU U 865 -18.60 5.67 41.72
C GLU U 865 -19.89 6.39 42.11
N LYS U 866 -20.05 7.64 41.69
CA LYS U 866 -21.28 8.33 42.01
C LYS U 866 -22.33 7.62 41.17
N TRP U 867 -23.51 7.40 41.75
CA TRP U 867 -24.57 6.71 41.04
C TRP U 867 -25.22 7.60 39.98
N ASP U 868 -25.28 7.11 38.75
CA ASP U 868 -25.87 7.87 37.65
C ASP U 868 -27.39 7.75 37.64
N GLY U 869 -27.92 6.81 38.40
CA GLY U 869 -29.36 6.66 38.44
C GLY U 869 -29.88 5.47 37.65
N ASP U 870 -28.97 4.73 37.01
CA ASP U 870 -29.39 3.56 36.24
C ASP U 870 -29.74 2.43 37.23
N LYS U 871 -30.57 1.50 36.78
CA LYS U 871 -30.98 0.39 37.65
C LYS U 871 -30.05 -0.81 37.52
N TYR U 872 -29.18 -0.77 36.51
CA TYR U 872 -28.22 -1.84 36.28
C TYR U 872 -28.80 -3.25 36.27
N GLU U 873 -29.75 -3.52 35.37
CA GLU U 873 -30.31 -4.86 35.30
C GLU U 873 -29.40 -5.68 34.42
N ILE U 874 -28.28 -6.11 34.98
CA ILE U 874 -27.29 -6.89 34.23
C ILE U 874 -26.81 -8.11 34.98
N TYR U 875 -27.46 -8.44 36.09
CA TYR U 875 -27.04 -9.60 36.89
C TYR U 875 -27.99 -10.78 36.78
N MET V 1 -35.71 27.36 96.49
CA MET V 1 -35.96 27.31 95.02
C MET V 1 -34.78 26.60 94.34
N GLU V 2 -34.89 25.28 94.26
CA GLU V 2 -33.87 24.43 93.67
C GLU V 2 -34.15 24.26 92.17
N GLN V 3 -33.10 24.09 91.36
CA GLN V 3 -33.27 23.94 89.92
C GLN V 3 -32.62 22.70 89.32
N TYR V 4 -33.01 22.38 88.09
CA TYR V 4 -32.49 21.24 87.35
C TYR V 4 -31.30 21.61 86.46
N TYR V 5 -30.35 20.70 86.35
CA TYR V 5 -29.17 20.92 85.50
C TYR V 5 -28.74 19.57 84.92
N MET V 6 -28.06 19.63 83.77
CA MET V 6 -27.59 18.42 83.11
C MET V 6 -26.13 18.58 82.67
N VAL V 7 -25.31 17.61 83.01
CA VAL V 7 -23.89 17.64 82.63
C VAL V 7 -23.60 16.49 81.69
N ILE V 8 -23.12 16.82 80.50
CA ILE V 8 -22.81 15.83 79.48
C ILE V 8 -21.30 15.73 79.25
N ASP V 9 -20.76 14.51 79.34
CA ASP V 9 -19.33 14.30 79.15
C ASP V 9 -19.03 13.86 77.72
N VAL V 10 -18.57 14.81 76.90
CA VAL V 10 -18.24 14.53 75.50
C VAL V 10 -17.25 13.38 75.36
N ALA V 11 -16.32 13.28 76.29
CA ALA V 11 -15.29 12.24 76.25
C ALA V 11 -15.85 10.82 76.35
N LYS V 12 -17.09 10.70 76.79
CA LYS V 12 -17.68 9.38 76.91
C LYS V 12 -18.77 9.04 75.89
N CYS V 13 -19.09 9.97 74.99
CA CYS V 13 -20.11 9.66 73.98
C CYS V 13 -19.53 8.69 72.95
N GLN V 14 -20.32 7.70 72.57
CA GLN V 14 -19.92 6.73 71.56
C GLN V 14 -20.95 6.71 70.42
N ASP V 15 -21.89 7.65 70.49
CA ASP V 15 -22.93 7.80 69.46
C ASP V 15 -23.78 6.54 69.19
N CYS V 16 -24.10 5.76 70.23
CA CYS V 16 -24.93 4.55 70.03
C CYS V 16 -26.36 4.96 69.81
N ASN V 17 -26.68 6.21 70.15
CA ASN V 17 -28.02 6.76 69.97
C ASN V 17 -29.12 6.27 70.92
N ASN V 18 -28.75 5.82 72.12
CA ASN V 18 -29.74 5.36 73.08
C ASN V 18 -30.66 6.52 73.53
N CYS V 19 -30.13 7.75 73.61
CA CYS V 19 -30.90 8.95 74.01
C CYS V 19 -32.07 9.15 73.10
N PHE V 20 -31.67 9.50 71.87
CA PHE V 20 -32.54 9.79 70.75
C PHE V 20 -33.62 8.74 70.65
N MET V 21 -33.20 7.48 70.70
CA MET V 21 -34.14 6.37 70.64
C MET V 21 -35.07 6.52 71.84
N GLY V 22 -34.54 7.13 72.90
CA GLY V 22 -35.31 7.35 74.11
C GLY V 22 -36.43 8.38 73.96
N CYS V 23 -36.16 9.52 73.31
CA CYS V 23 -37.21 10.53 73.12
C CYS V 23 -38.33 9.96 72.32
N MET V 24 -37.96 9.39 71.18
CA MET V 24 -38.93 8.82 70.26
C MET V 24 -39.78 7.76 70.95
N ASP V 25 -39.17 7.02 71.87
CA ASP V 25 -39.91 5.99 72.60
C ASP V 25 -40.92 6.70 73.50
N GLU V 26 -40.51 7.86 74.01
CA GLU V 26 -41.34 8.65 74.91
C GLU V 26 -42.33 9.61 74.26
N HIS V 27 -41.92 10.22 73.14
CA HIS V 27 -42.74 11.23 72.48
C HIS V 27 -43.34 10.97 71.09
N GLU V 28 -42.81 10.00 70.35
CA GLU V 28 -43.34 9.72 69.01
C GLU V 28 -44.75 9.13 69.03
N LEU V 29 -44.99 8.14 69.89
CA LEU V 29 -46.31 7.51 69.97
C LEU V 29 -47.14 7.96 71.17
N ASN V 30 -46.60 8.84 72.00
CA ASN V 30 -47.35 9.31 73.16
C ASN V 30 -47.61 10.81 73.09
N GLU V 31 -48.67 11.22 73.78
CA GLU V 31 -49.07 12.62 73.88
C GLU V 31 -49.07 12.93 75.36
N TRP V 32 -48.54 14.09 75.73
CA TRP V 32 -48.49 14.47 77.12
C TRP V 32 -49.17 15.83 77.31
N PRO V 33 -50.44 15.80 77.73
CA PRO V 33 -51.30 16.97 77.96
C PRO V 33 -50.62 18.08 78.75
N GLY V 34 -50.57 19.27 78.16
CA GLY V 34 -49.97 20.39 78.83
C GLY V 34 -48.48 20.56 78.55
N TYR V 35 -47.82 19.47 78.17
CA TYR V 35 -46.39 19.53 77.87
C TYR V 35 -46.12 19.52 76.38
N THR V 36 -46.61 18.50 75.68
CA THR V 36 -46.38 18.39 74.25
C THR V 36 -47.23 17.31 73.57
N ALA V 37 -47.54 17.54 72.29
CA ALA V 37 -48.28 16.57 71.51
C ALA V 37 -47.22 15.57 71.07
N SER V 38 -47.61 14.50 70.38
CA SER V 38 -46.64 13.50 69.95
C SER V 38 -45.59 14.11 69.03
N MET V 39 -44.38 13.59 69.12
CA MET V 39 -43.24 14.03 68.32
C MET V 39 -43.41 13.66 66.84
N GLN V 40 -42.79 14.46 65.97
CA GLN V 40 -42.86 14.21 64.54
C GLN V 40 -41.61 13.45 64.09
N ARG V 41 -41.80 12.38 63.33
CA ARG V 41 -40.68 11.59 62.83
C ARG V 41 -39.72 12.47 62.04
N GLY V 42 -38.43 12.33 62.32
CA GLY V 42 -37.45 13.14 61.62
C GLY V 42 -36.93 14.27 62.49
N HIS V 43 -37.69 14.64 63.51
CA HIS V 43 -37.26 15.72 64.42
C HIS V 43 -36.12 15.21 65.27
N ARG V 44 -35.34 16.14 65.83
CA ARG V 44 -34.22 15.78 66.68
C ARG V 44 -34.17 16.61 67.95
N TRP V 45 -35.16 16.43 68.82
CA TRP V 45 -35.20 17.15 70.09
C TRP V 45 -33.84 16.93 70.72
N MET V 46 -33.33 15.71 70.53
CA MET V 46 -32.01 15.31 70.99
C MET V 46 -31.23 15.19 69.69
N ASN V 47 -30.31 16.13 69.48
CA ASN V 47 -29.50 16.15 68.27
C ASN V 47 -28.05 15.86 68.63
N ILE V 48 -27.56 14.69 68.22
CA ILE V 48 -26.19 14.29 68.51
C ILE V 48 -25.24 14.69 67.38
N GLU V 49 -24.49 15.76 67.62
CA GLU V 49 -23.53 16.25 66.62
C GLU V 49 -22.30 15.35 66.57
N ARG V 50 -21.79 15.14 65.36
CA ARG V 50 -20.62 14.30 65.15
C ARG V 50 -19.54 15.11 64.44
N ARG V 51 -18.30 15.01 64.92
CA ARG V 51 -17.22 15.75 64.30
C ARG V 51 -15.89 14.99 64.30
N GLU V 52 -15.38 14.71 63.10
CA GLU V 52 -14.10 14.03 62.95
C GLU V 52 -13.00 15.10 62.91
N ARG V 53 -11.84 14.78 63.45
CA ARG V 53 -10.71 15.71 63.48
C ARG V 53 -9.46 15.03 62.94
N GLY V 54 -8.54 15.84 62.43
CA GLY V 54 -7.30 15.29 61.90
C GLY V 54 -7.49 14.50 60.62
N THR V 55 -6.43 13.79 60.23
CA THR V 55 -6.45 13.00 59.00
C THR V 55 -5.83 11.63 59.25
N TYR V 56 -6.24 10.64 58.45
CA TYR V 56 -5.71 9.29 58.59
C TYR V 56 -4.18 9.39 58.49
N PRO V 57 -3.45 8.63 59.32
CA PRO V 57 -3.94 7.68 60.32
C PRO V 57 -3.99 8.18 61.77
N ARG V 58 -3.79 9.48 61.98
CA ARG V 58 -3.81 10.01 63.34
C ARG V 58 -5.02 10.88 63.61
N ASN V 59 -6.17 10.40 63.15
CA ASN V 59 -7.44 11.09 63.29
C ASN V 59 -8.21 10.56 64.48
N ASP V 60 -9.28 11.26 64.83
CA ASP V 60 -10.16 10.85 65.91
C ASP V 60 -11.54 11.42 65.63
N ILE V 61 -12.48 11.21 66.54
CA ILE V 61 -13.81 11.73 66.35
C ILE V 61 -14.52 11.82 67.70
N ASN V 62 -15.34 12.85 67.88
CA ASN V 62 -16.06 13.03 69.12
C ASN V 62 -17.51 13.42 68.83
N TYR V 63 -18.39 13.15 69.79
CA TYR V 63 -19.81 13.44 69.61
C TYR V 63 -20.30 14.39 70.68
N ARG V 64 -21.37 15.12 70.36
CA ARG V 64 -21.93 16.08 71.32
C ARG V 64 -23.45 15.99 71.37
N PRO V 65 -23.99 15.20 72.33
CA PRO V 65 -25.45 15.08 72.44
C PRO V 65 -25.97 16.48 72.73
N THR V 66 -26.82 17.00 71.85
CA THR V 66 -27.36 18.34 72.03
C THR V 66 -28.87 18.42 72.17
N PRO V 67 -29.36 18.48 73.43
CA PRO V 67 -30.80 18.57 73.63
C PRO V 67 -31.11 20.06 73.66
N CYS V 68 -32.10 20.45 74.46
CA CYS V 68 -32.43 21.86 74.58
C CYS V 68 -31.55 22.41 75.70
N MET V 69 -31.08 23.64 75.54
CA MET V 69 -30.22 24.22 76.56
C MET V 69 -30.99 24.70 77.80
N HIS V 70 -32.28 24.98 77.65
CA HIS V 70 -33.11 25.47 78.74
C HIS V 70 -32.34 26.58 79.46
N CYS V 71 -31.68 27.42 78.67
CA CYS V 71 -30.89 28.52 79.19
C CYS V 71 -31.66 29.48 80.09
N GLU V 72 -31.01 29.88 81.18
CA GLU V 72 -31.60 30.79 82.17
C GLU V 72 -32.11 32.09 81.56
N ASN V 73 -31.47 32.52 80.49
CA ASN V 73 -31.85 33.75 79.80
C ASN V 73 -32.34 33.39 78.41
N ALA V 74 -33.41 32.60 78.37
CA ALA V 74 -33.99 32.11 77.13
C ALA V 74 -34.53 33.16 76.17
N PRO V 75 -33.94 33.24 74.97
CA PRO V 75 -34.35 34.19 73.92
C PRO V 75 -35.78 33.96 73.46
N CYS V 76 -36.19 32.69 73.30
CA CYS V 76 -37.55 32.45 72.84
C CYS V 76 -38.63 32.69 73.88
N VAL V 77 -38.24 32.94 75.13
CA VAL V 77 -39.20 33.23 76.17
C VAL V 77 -39.45 34.73 75.99
N ALA V 78 -38.36 35.47 75.83
CA ALA V 78 -38.39 36.92 75.65
C ALA V 78 -39.00 37.32 74.30
N LYS V 79 -38.73 36.52 73.27
CA LYS V 79 -39.27 36.80 71.94
C LYS V 79 -40.56 36.02 71.73
N GLY V 80 -40.87 35.09 72.64
CA GLY V 80 -42.06 34.27 72.51
C GLY V 80 -43.43 34.89 72.67
N ASN V 81 -43.49 36.02 73.37
CA ASN V 81 -44.75 36.72 73.61
C ASN V 81 -45.78 35.81 74.29
N GLY V 82 -45.33 35.06 75.30
CA GLY V 82 -46.21 34.18 76.03
C GLY V 82 -46.36 32.79 75.45
N ALA V 83 -45.76 32.53 74.28
CA ALA V 83 -45.87 31.22 73.65
C ALA V 83 -44.91 30.22 74.28
N VAL V 84 -43.94 30.74 75.04
CA VAL V 84 -42.95 29.92 75.72
C VAL V 84 -42.69 30.50 77.10
N TYR V 85 -42.66 29.65 78.12
CA TYR V 85 -42.43 30.13 79.47
C TYR V 85 -41.27 29.43 80.17
N GLN V 86 -40.90 29.96 81.33
CA GLN V 86 -39.79 29.43 82.11
C GLN V 86 -40.25 29.09 83.52
N ARG V 87 -40.13 27.82 83.91
CA ARG V 87 -40.54 27.38 85.23
C ARG V 87 -39.47 27.74 86.26
N GLU V 88 -39.85 27.78 87.53
CA GLU V 88 -38.92 28.12 88.59
C GLU V 88 -37.75 27.15 88.70
N ASP V 89 -37.96 25.92 88.24
CA ASP V 89 -36.90 24.91 88.31
C ASP V 89 -35.94 25.01 87.12
N GLY V 90 -36.11 26.05 86.32
CA GLY V 90 -35.24 26.25 85.17
C GLY V 90 -35.71 25.66 83.85
N ILE V 91 -36.60 24.67 83.91
CA ILE V 91 -37.09 24.05 82.69
C ILE V 91 -37.88 25.03 81.84
N VAL V 92 -37.51 25.12 80.57
CA VAL V 92 -38.18 26.00 79.61
C VAL V 92 -39.14 25.17 78.76
N LEU V 93 -40.42 25.53 78.80
CA LEU V 93 -41.43 24.78 78.04
C LEU V 93 -42.24 25.60 77.07
N ILE V 94 -42.41 25.07 75.86
CA ILE V 94 -43.23 25.74 74.85
C ILE V 94 -44.67 25.48 75.32
N ASP V 95 -45.57 26.41 75.04
CA ASP V 95 -46.97 26.22 75.43
C ASP V 95 -47.67 25.58 74.24
N PRO V 96 -47.99 24.27 74.34
CA PRO V 96 -48.66 23.51 73.29
C PRO V 96 -49.87 24.19 72.64
N GLU V 97 -50.60 25.00 73.42
CA GLU V 97 -51.77 25.70 72.92
C GLU V 97 -51.44 27.08 72.37
N LYS V 98 -50.85 27.93 73.20
CA LYS V 98 -50.49 29.29 72.81
C LYS V 98 -49.53 29.33 71.62
N ALA V 99 -48.75 28.27 71.45
CA ALA V 99 -47.77 28.20 70.37
C ALA V 99 -48.33 27.76 69.02
N LYS V 100 -49.45 27.04 69.03
CA LYS V 100 -50.05 26.56 67.79
C LYS V 100 -50.16 27.59 66.68
N GLY V 101 -49.71 27.21 65.49
CA GLY V 101 -49.78 28.09 64.34
C GLY V 101 -48.76 29.22 64.28
N LYS V 102 -47.72 29.15 65.10
CA LYS V 102 -46.70 30.21 65.10
C LYS V 102 -45.31 29.67 64.73
N LYS V 103 -45.06 29.59 63.42
CA LYS V 103 -43.78 29.10 62.92
C LYS V 103 -42.59 29.99 63.30
N GLU V 104 -42.85 31.27 63.50
CA GLU V 104 -41.80 32.23 63.84
C GLU V 104 -40.99 31.84 65.07
N LEU V 105 -41.58 31.05 65.95
CA LEU V 105 -40.90 30.63 67.17
C LEU V 105 -39.54 29.98 66.91
N LEU V 106 -39.44 29.20 65.84
CA LEU V 106 -38.19 28.52 65.53
C LEU V 106 -37.02 29.48 65.38
N ASP V 107 -37.30 30.65 64.82
CA ASP V 107 -36.27 31.66 64.60
C ASP V 107 -35.75 32.32 65.86
N THR V 108 -36.47 32.16 66.97
CA THR V 108 -36.05 32.76 68.23
C THR V 108 -34.95 31.97 68.90
N CYS V 109 -34.60 30.82 68.32
CA CYS V 109 -33.57 29.96 68.89
C CYS V 109 -32.17 30.07 68.29
N PRO V 110 -31.20 30.54 69.09
CA PRO V 110 -29.83 30.66 68.58
C PRO V 110 -29.25 29.26 68.35
N TYR V 111 -29.76 28.29 69.10
CA TYR V 111 -29.30 26.91 68.99
C TYR V 111 -30.12 26.08 68.01
N GLY V 112 -31.24 26.63 67.56
CA GLY V 112 -32.10 25.92 66.62
C GLY V 112 -32.50 24.51 67.04
N VAL V 113 -32.77 24.34 68.32
CA VAL V 113 -33.15 23.04 68.85
C VAL V 113 -34.63 22.72 68.69
N MET V 114 -35.42 23.69 68.23
CA MET V 114 -36.82 23.41 68.05
C MET V 114 -37.20 23.07 66.61
N TYR V 115 -38.26 22.29 66.47
CA TYR V 115 -38.71 21.83 65.16
C TYR V 115 -40.18 22.11 64.95
N TRP V 116 -40.56 22.24 63.68
CA TRP V 116 -41.95 22.48 63.33
C TRP V 116 -42.67 21.17 63.05
N ASN V 117 -43.75 20.92 63.79
CA ASN V 117 -44.54 19.71 63.58
C ASN V 117 -45.71 20.09 62.66
N GLU V 118 -45.64 19.65 61.41
CA GLU V 118 -46.69 19.95 60.43
C GLU V 118 -48.10 19.54 60.84
N GLU V 119 -48.28 18.26 61.14
CA GLU V 119 -49.59 17.74 61.52
C GLU V 119 -50.17 18.47 62.73
N GLU V 120 -49.34 18.72 63.73
CA GLU V 120 -49.78 19.40 64.93
C GLU V 120 -49.81 20.92 64.72
N ASN V 121 -49.24 21.37 63.61
CA ASN V 121 -49.19 22.80 63.31
C ASN V 121 -48.68 23.58 64.51
N VAL V 122 -47.51 23.21 64.99
CA VAL V 122 -46.92 23.88 66.14
C VAL V 122 -45.44 23.52 66.28
N ALA V 123 -44.69 24.42 66.90
CA ALA V 123 -43.27 24.19 67.11
C ALA V 123 -43.10 23.29 68.34
N GLN V 124 -42.18 22.34 68.24
CA GLN V 124 -41.93 21.44 69.35
C GLN V 124 -40.44 21.35 69.57
N LYS V 125 -40.08 20.89 70.76
CA LYS V 125 -38.69 20.72 71.10
C LYS V 125 -38.53 20.03 72.43
N CYS V 126 -37.30 20.01 72.89
CA CYS V 126 -36.94 19.41 74.15
C CYS V 126 -37.73 19.93 75.35
N THR V 127 -38.35 19.01 76.09
CA THR V 127 -39.14 19.38 77.27
C THR V 127 -38.49 18.86 78.53
N MET V 128 -37.38 18.14 78.37
CA MET V 128 -36.66 17.52 79.48
C MET V 128 -37.65 16.65 80.24
N CYS V 129 -38.48 15.92 79.49
CA CYS V 129 -39.56 15.06 80.02
C CYS V 129 -40.03 15.55 81.38
N ALA V 130 -40.41 16.83 81.40
CA ALA V 130 -40.91 17.47 82.60
C ALA V 130 -42.13 16.68 83.06
N HIS V 131 -42.81 16.02 82.13
CA HIS V 131 -43.98 15.25 82.50
C HIS V 131 -43.52 14.08 83.36
N LEU V 132 -42.32 13.56 83.07
CA LEU V 132 -41.77 12.46 83.85
C LEU V 132 -41.25 12.99 85.18
N LEU V 133 -40.50 14.09 85.13
CA LEU V 133 -39.94 14.69 86.34
C LEU V 133 -41.04 15.17 87.28
N ASP V 134 -42.18 15.58 86.73
CA ASP V 134 -43.28 16.06 87.56
C ASP V 134 -44.10 14.90 88.12
N ASP V 135 -43.57 13.68 88.02
CA ASP V 135 -44.27 12.51 88.52
C ASP V 135 -43.38 11.68 89.45
N GLU V 136 -43.85 11.45 90.66
CA GLU V 136 -43.13 10.65 91.64
C GLU V 136 -42.98 9.21 91.17
N SER V 137 -44.01 8.71 90.48
CA SER V 137 -44.02 7.35 89.97
C SER V 137 -42.76 6.99 89.19
N TRP V 138 -42.25 7.93 88.40
CA TRP V 138 -41.04 7.70 87.62
C TRP V 138 -39.85 7.66 88.57
N ALA V 139 -39.56 6.46 89.08
CA ALA V 139 -38.47 6.25 90.02
C ALA V 139 -37.13 6.84 89.59
N PRO V 140 -36.73 6.65 88.32
CA PRO V 140 -35.46 7.20 87.85
C PRO V 140 -35.30 8.68 88.16
N LYS V 141 -36.40 9.43 88.07
CA LYS V 141 -36.38 10.87 88.35
C LYS V 141 -35.36 11.61 87.49
N MET V 142 -35.25 11.18 86.23
CA MET V 142 -34.31 11.79 85.29
C MET V 142 -34.88 11.62 83.88
N PRO V 143 -34.40 12.41 82.91
CA PRO V 143 -34.88 12.33 81.53
C PRO V 143 -34.58 10.98 80.89
N ARG V 144 -35.27 10.68 79.81
CA ARG V 144 -35.07 9.41 79.12
C ARG V 144 -33.66 9.21 78.57
N CYS V 145 -33.01 10.26 78.03
CA CYS V 145 -31.65 10.06 77.51
C CYS V 145 -30.73 9.62 78.63
N ALA V 146 -30.65 10.46 79.65
CA ALA V 146 -29.77 10.20 80.77
C ALA V 146 -30.00 8.80 81.30
N HIS V 147 -31.27 8.40 81.36
CA HIS V 147 -31.59 7.08 81.86
C HIS V 147 -31.26 5.97 80.87
N ASN V 148 -31.35 6.27 79.58
CA ASN V 148 -31.04 5.29 78.55
C ASN V 148 -29.54 5.09 78.30
N CYS V 149 -28.66 5.93 78.87
CA CYS V 149 -27.21 5.76 78.68
C CYS V 149 -26.67 4.50 79.27
N GLY V 150 -25.66 3.95 78.60
CA GLY V 150 -24.98 2.76 79.07
C GLY V 150 -23.49 3.12 79.08
N SER V 151 -23.20 4.36 78.71
CA SER V 151 -21.82 4.85 78.65
C SER V 151 -21.49 5.88 79.73
N PHE V 152 -22.42 6.08 80.66
CA PHE V 152 -22.25 7.02 81.78
C PHE V 152 -21.89 8.44 81.37
N VAL V 153 -22.53 8.95 80.33
CA VAL V 153 -22.26 10.30 79.85
C VAL V 153 -22.99 11.39 80.64
N TYR V 154 -24.23 11.11 81.03
CA TYR V 154 -25.04 12.08 81.74
C TYR V 154 -24.91 12.09 83.25
N GLU V 155 -25.15 13.27 83.80
CA GLU V 155 -25.17 13.47 85.23
C GLU V 155 -26.30 14.47 85.42
N PHE V 156 -27.50 13.94 85.66
CA PHE V 156 -28.67 14.77 85.85
C PHE V 156 -28.83 15.11 87.32
N LEU V 157 -29.02 16.38 87.62
CA LEU V 157 -29.17 16.79 89.01
C LEU V 157 -30.05 17.99 89.21
N LYS V 158 -30.53 18.12 90.44
CA LYS V 158 -31.38 19.24 90.83
C LYS V 158 -30.76 19.82 92.09
N THR V 159 -30.20 21.01 91.95
CA THR V 159 -29.54 21.67 93.07
C THR V 159 -29.68 23.19 92.93
N THR V 160 -29.03 23.92 93.83
CA THR V 160 -29.09 25.38 93.80
C THR V 160 -28.07 25.93 92.82
N PRO V 161 -28.29 27.17 92.34
CA PRO V 161 -27.36 27.80 91.41
C PRO V 161 -25.96 27.86 91.99
N GLU V 162 -25.86 28.20 93.27
CA GLU V 162 -24.57 28.28 93.95
C GLU V 162 -23.82 26.95 93.82
N ALA V 163 -24.49 25.87 94.17
CA ALA V 163 -23.88 24.54 94.10
C ALA V 163 -23.42 24.21 92.68
N MET V 164 -24.31 24.40 91.71
CA MET V 164 -23.97 24.11 90.32
C MET V 164 -22.76 24.93 89.88
N ALA V 165 -22.78 26.22 90.21
CA ALA V 165 -21.70 27.12 89.84
C ALA V 165 -20.34 26.64 90.35
N LYS V 166 -20.34 25.98 91.51
CA LYS V 166 -19.12 25.45 92.09
C LYS V 166 -18.69 24.19 91.35
N LYS V 167 -19.66 23.42 90.89
CA LYS V 167 -19.40 22.19 90.15
C LYS V 167 -18.73 22.57 88.83
N VAL V 168 -19.32 23.53 88.13
CA VAL V 168 -18.79 23.99 86.85
C VAL V 168 -17.34 24.45 86.98
N GLU V 169 -17.06 25.17 88.05
CA GLU V 169 -15.71 25.69 88.28
C GLU V 169 -14.71 24.56 88.58
N GLU V 170 -15.06 23.69 89.50
CA GLU V 170 -14.17 22.59 89.88
C GLU V 170 -13.99 21.54 88.79
N GLU V 171 -15.01 21.35 87.95
CA GLU V 171 -14.94 20.37 86.88
C GLU V 171 -14.68 20.97 85.51
N GLY V 172 -14.43 22.27 85.46
CA GLY V 172 -14.18 22.92 84.19
C GLY V 172 -15.29 22.70 83.16
N LEU V 173 -16.53 22.73 83.63
CA LEU V 173 -17.68 22.53 82.74
C LEU V 173 -17.87 23.77 81.86
N GLU V 174 -18.43 23.56 80.67
CA GLU V 174 -18.66 24.67 79.75
C GLU V 174 -20.00 24.52 79.05
N VAL V 175 -20.38 25.53 78.28
CA VAL V 175 -21.64 25.51 77.54
C VAL V 175 -21.38 25.84 76.08
N ILE V 176 -22.34 25.50 75.22
CA ILE V 176 -22.23 25.77 73.80
C ILE V 176 -22.54 27.25 73.56
N LYS V 177 -21.84 27.85 72.59
CA LYS V 177 -22.03 29.26 72.25
C LYS V 177 -22.21 30.15 73.47
N PRO V 178 -21.18 30.23 74.33
CA PRO V 178 -21.21 31.05 75.55
C PRO V 178 -21.33 32.56 75.27
N GLU V 179 -20.81 32.99 74.12
CA GLU V 179 -20.84 34.40 73.74
C GLU V 179 -22.25 34.95 73.58
N LEU V 180 -23.26 34.09 73.69
CA LEU V 180 -24.64 34.53 73.55
C LEU V 180 -25.24 34.99 74.87
N GLY V 181 -24.68 34.49 75.97
CA GLY V 181 -25.17 34.87 77.28
C GLY V 181 -26.53 34.30 77.68
N THR V 182 -27.04 33.33 76.93
CA THR V 182 -28.33 32.75 77.26
C THR V 182 -28.20 31.92 78.53
N LYS V 183 -26.97 31.51 78.83
CA LYS V 183 -26.68 30.73 80.02
C LYS V 183 -27.40 29.39 80.09
N PRO V 184 -27.01 28.44 79.23
CA PRO V 184 -27.63 27.11 79.20
C PRO V 184 -27.46 26.43 80.55
N ARG V 185 -28.42 25.57 80.92
CA ARG V 185 -28.31 24.85 82.19
C ARG V 185 -27.87 23.43 81.87
N VAL V 186 -27.46 23.23 80.62
CA VAL V 186 -26.94 21.95 80.14
C VAL V 186 -25.46 22.21 79.88
N TYR V 187 -24.60 21.62 80.71
CA TYR V 187 -23.16 21.82 80.59
C TYR V 187 -22.42 20.64 79.96
N TYR V 188 -21.23 20.93 79.44
CA TYR V 188 -20.41 19.93 78.80
C TYR V 188 -19.05 19.76 79.46
N LYS V 189 -18.69 18.50 79.68
CA LYS V 189 -17.43 18.12 80.30
C LYS V 189 -16.56 17.66 79.13
N ASN V 190 -15.29 18.07 79.14
CA ASN V 190 -14.36 17.71 78.07
C ASN V 190 -14.86 18.20 76.72
N LEU V 191 -15.35 19.43 76.68
CA LEU V 191 -15.87 20.01 75.45
C LEU V 191 -14.79 20.28 74.42
N TYR V 192 -13.54 20.38 74.86
CA TYR V 192 -12.44 20.64 73.94
C TYR V 192 -12.39 19.56 72.85
N ARG V 193 -12.78 18.34 73.20
CA ARG V 193 -12.81 17.23 72.26
C ARG V 193 -13.58 17.60 71.01
N PHE V 194 -14.69 18.28 71.21
CA PHE V 194 -15.56 18.67 70.10
C PHE V 194 -15.25 20.03 69.49
N GLU V 195 -14.99 21.02 70.34
CA GLU V 195 -14.73 22.37 69.87
C GLU V 195 -13.28 22.72 69.54
N LYS V 196 -12.33 22.06 70.17
CA LYS V 196 -10.92 22.38 69.90
C LYS V 196 -10.21 21.45 68.93
N ASN V 197 -8.90 21.63 68.83
CA ASN V 197 -8.08 20.84 67.94
C ASN V 197 -6.77 20.41 68.58
N TYR V 198 -6.03 19.59 67.87
CA TYR V 198 -4.77 19.06 68.40
C TYR V 198 -3.71 18.92 67.31
N VAL V 199 -2.49 18.67 67.75
CA VAL V 199 -1.37 18.42 66.86
C VAL V 199 -0.78 17.11 67.37
N THR V 200 -0.40 16.24 66.45
CA THR V 200 0.16 14.95 66.84
C THR V 200 1.20 14.50 65.81
N ALA V 201 1.98 13.48 66.16
CA ALA V 201 3.01 12.97 65.26
C ALA V 201 3.67 11.72 65.79
N GLY V 202 4.53 11.12 64.98
CA GLY V 202 5.23 9.91 65.39
C GLY V 202 6.73 10.08 65.22
N ILE V 203 7.46 10.11 66.33
CA ILE V 203 8.91 10.27 66.30
C ILE V 203 9.65 8.96 66.13
N LEU V 204 10.48 8.90 65.10
CA LEU V 204 11.27 7.70 64.80
C LEU V 204 12.76 8.01 64.90
N VAL V 205 13.50 7.15 65.59
CA VAL V 205 14.93 7.32 65.71
C VAL V 205 15.53 6.14 64.97
N GLN V 206 16.22 6.43 63.88
CA GLN V 206 16.83 5.38 63.07
C GLN V 206 15.80 4.34 62.65
N GLY V 207 14.67 4.82 62.13
CA GLY V 207 13.63 3.93 61.64
C GLY V 207 12.65 3.28 62.60
N ASP V 208 12.89 3.37 63.91
CA ASP V 208 11.97 2.76 64.87
C ASP V 208 11.34 3.75 65.83
N CYS V 209 10.08 3.52 66.15
CA CYS V 209 9.33 4.39 67.07
C CYS V 209 10.15 4.62 68.33
N PHE V 210 10.38 5.88 68.67
CA PHE V 210 11.18 6.20 69.85
C PHE V 210 10.35 6.64 71.05
N GLU V 211 10.50 5.92 72.15
CA GLU V 211 9.78 6.22 73.39
C GLU V 211 10.65 7.11 74.27
N GLY V 212 10.01 8.01 75.01
CA GLY V 212 10.75 8.89 75.90
C GLY V 212 11.25 10.20 75.32
N ALA V 213 10.96 10.48 74.06
CA ALA V 213 11.40 11.72 73.46
C ALA V 213 10.65 12.86 74.13
N LYS V 214 11.35 13.97 74.39
CA LYS V 214 10.73 15.12 75.04
C LYS V 214 10.16 16.12 74.03
N VAL V 215 8.84 16.25 74.03
CA VAL V 215 8.16 17.16 73.11
C VAL V 215 7.56 18.33 73.87
N VAL V 216 7.78 19.54 73.36
CA VAL V 216 7.28 20.75 73.98
C VAL V 216 6.56 21.59 72.94
N LEU V 217 5.39 22.11 73.31
CA LEU V 217 4.61 22.94 72.41
C LEU V 217 4.66 24.37 72.90
N LYS V 218 5.01 25.29 72.02
CA LYS V 218 5.10 26.70 72.40
C LYS V 218 4.30 27.60 71.47
N SER V 219 3.87 28.72 72.01
CA SER V 219 3.12 29.71 71.23
C SER V 219 3.67 31.07 71.64
N GLY V 220 4.04 31.88 70.66
CA GLY V 220 4.57 33.19 70.97
C GLY V 220 5.95 33.10 71.62
N GLY V 221 6.38 31.90 71.97
CA GLY V 221 7.69 31.74 72.56
C GLY V 221 7.73 30.97 73.88
N LYS V 222 6.59 30.89 74.58
CA LYS V 222 6.56 30.17 75.83
C LYS V 222 5.77 28.87 75.76
N GLU V 223 6.17 27.91 76.59
CA GLU V 223 5.54 26.60 76.63
C GLU V 223 4.04 26.64 76.90
N VAL V 224 3.30 25.84 76.14
CA VAL V 224 1.86 25.73 76.28
C VAL V 224 1.55 24.29 76.71
N ALA V 225 2.35 23.36 76.21
CA ALA V 225 2.18 21.95 76.53
C ALA V 225 3.52 21.22 76.41
N SER V 226 3.61 20.07 77.07
CA SER V 226 4.81 19.25 77.04
C SER V 226 4.45 17.80 77.32
N ALA V 227 5.19 16.89 76.72
CA ALA V 227 4.92 15.48 76.92
C ALA V 227 6.09 14.63 76.45
N GLU V 228 5.98 13.34 76.67
CA GLU V 228 7.01 12.41 76.23
C GLU V 228 6.31 11.37 75.38
N THR V 229 6.95 11.02 74.27
CA THR V 229 6.40 10.05 73.33
C THR V 229 6.23 8.66 73.95
N ASN V 230 5.11 8.01 73.62
CA ASN V 230 4.83 6.67 74.13
C ASN V 230 5.65 5.67 73.31
N PHE V 231 5.38 4.37 73.49
CA PHE V 231 6.16 3.38 72.76
C PHE V 231 5.92 3.41 71.25
N PHE V 232 4.90 4.12 70.80
CA PHE V 232 4.66 4.23 69.36
C PHE V 232 5.37 5.52 68.89
N GLY V 233 6.09 6.15 69.80
CA GLY V 233 6.80 7.38 69.49
C GLY V 233 5.85 8.54 69.26
N GLU V 234 4.62 8.41 69.75
CA GLU V 234 3.62 9.45 69.55
C GLU V 234 3.35 10.35 70.73
N PHE V 235 2.81 11.53 70.41
CA PHE V 235 2.43 12.52 71.39
C PHE V 235 1.21 13.20 70.77
N LYS V 236 0.35 13.75 71.61
CA LYS V 236 -0.85 14.43 71.12
C LYS V 236 -1.19 15.59 72.04
N PHE V 237 -1.14 16.81 71.51
CA PHE V 237 -1.45 18.02 72.27
C PHE V 237 -2.85 18.48 71.87
N ASP V 238 -3.84 18.22 72.72
CA ASP V 238 -5.21 18.58 72.41
C ASP V 238 -5.65 19.89 73.09
N ALA V 239 -6.92 20.25 72.89
CA ALA V 239 -7.49 21.46 73.45
C ALA V 239 -6.75 22.73 73.00
N LEU V 240 -6.35 22.74 71.74
CA LEU V 240 -5.62 23.89 71.20
C LEU V 240 -6.53 24.89 70.50
N ASP V 241 -6.46 26.14 70.93
CA ASP V 241 -7.25 27.19 70.29
C ASP V 241 -6.54 27.47 68.97
N ASN V 242 -7.22 28.14 68.05
CA ASN V 242 -6.60 28.44 66.78
C ASN V 242 -5.37 29.32 67.02
N GLY V 243 -4.47 29.36 66.04
CA GLY V 243 -3.28 30.17 66.18
C GLY V 243 -2.05 29.46 65.65
N GLU V 244 -0.89 30.10 65.80
CA GLU V 244 0.35 29.54 65.33
C GLU V 244 1.19 29.05 66.51
N TYR V 245 1.64 27.80 66.44
CA TYR V 245 2.45 27.21 67.49
C TYR V 245 3.82 26.76 67.00
N THR V 246 4.62 26.27 67.94
CA THR V 246 5.94 25.76 67.64
C THR V 246 6.12 24.48 68.43
N VAL V 247 6.61 23.44 67.78
CA VAL V 247 6.84 22.17 68.45
C VAL V 247 8.33 21.85 68.45
N GLU V 248 8.88 21.67 69.65
CA GLU V 248 10.29 21.35 69.81
C GLU V 248 10.41 19.93 70.33
N ILE V 249 11.21 19.14 69.64
CA ILE V 249 11.42 17.75 70.00
C ILE V 249 12.88 17.44 70.32
N ASP V 250 13.10 16.62 71.33
CA ASP V 250 14.45 16.23 71.70
C ASP V 250 14.48 14.76 72.07
N ALA V 251 15.13 13.95 71.25
CA ALA V 251 15.25 12.52 71.47
C ALA V 251 16.71 12.14 71.34
N ASP V 252 17.30 11.65 72.43
CA ASP V 252 18.70 11.26 72.42
C ASP V 252 19.62 12.41 72.00
N GLY V 253 19.37 13.59 72.56
CA GLY V 253 20.20 14.73 72.22
C GLY V 253 20.03 15.22 70.78
N LYS V 254 19.12 14.60 70.05
CA LYS V 254 18.85 14.99 68.68
C LYS V 254 17.57 15.81 68.66
N SER V 255 17.71 17.10 68.38
CA SER V 255 16.56 18.00 68.37
C SER V 255 15.88 18.14 67.00
N TYR V 256 14.63 18.57 67.05
CA TYR V 256 13.82 18.79 65.87
C TYR V 256 12.75 19.82 66.24
N SER V 257 12.56 20.83 65.41
CA SER V 257 11.55 21.85 65.70
C SER V 257 10.83 22.26 64.42
N ASP V 258 9.60 22.73 64.58
CA ASP V 258 8.80 23.16 63.44
C ASP V 258 7.60 23.94 63.93
N THR V 259 7.05 24.77 63.06
CA THR V 259 5.89 25.59 63.40
C THR V 259 4.63 24.94 62.86
N VAL V 260 3.57 24.95 63.65
CA VAL V 260 2.31 24.36 63.25
C VAL V 260 1.19 25.38 63.38
N VAL V 261 0.27 25.36 62.43
CA VAL V 261 -0.86 26.29 62.42
C VAL V 261 -2.17 25.58 62.67
N ILE V 262 -2.92 26.03 63.67
CA ILE V 262 -4.21 25.45 63.97
C ILE V 262 -5.29 26.44 63.54
N ASP V 263 -6.05 26.07 62.52
CA ASP V 263 -7.12 26.92 62.01
C ASP V 263 -8.38 26.07 61.87
N ASP V 264 -8.99 25.74 63.00
CA ASP V 264 -10.19 24.93 63.05
C ASP V 264 -9.99 23.54 62.48
N LYS V 265 -8.78 23.02 62.67
CA LYS V 265 -8.42 21.69 62.19
C LYS V 265 -7.31 21.10 63.07
N SER V 266 -7.27 19.77 63.15
CA SER V 266 -6.24 19.08 63.91
C SER V 266 -5.18 18.64 62.91
N VAL V 267 -3.91 18.70 63.31
CA VAL V 267 -2.82 18.36 62.41
C VAL V 267 -1.97 17.14 62.77
N ASP V 268 -1.67 16.34 61.75
CA ASP V 268 -0.82 15.17 61.91
C ASP V 268 0.49 15.50 61.20
N LEU V 269 1.55 15.69 61.96
CA LEU V 269 2.84 16.02 61.37
C LEU V 269 3.48 14.81 60.69
N GLY V 270 2.86 13.64 60.84
CA GLY V 270 3.39 12.43 60.22
C GLY V 270 4.57 11.87 60.99
N PHE V 271 5.43 11.12 60.31
CA PHE V 271 6.62 10.54 60.93
C PHE V 271 7.77 11.54 60.92
N ILE V 272 8.30 11.84 62.10
CA ILE V 272 9.43 12.76 62.21
C ILE V 272 10.66 11.86 62.43
N LYS V 273 11.50 11.78 61.41
CA LYS V 273 12.67 10.92 61.48
C LYS V 273 13.94 11.56 62.01
N LEU V 274 14.44 11.01 63.12
CA LEU V 274 15.65 11.50 63.77
C LEU V 274 16.69 10.38 63.86
N MET W 1 34.83 51.01 78.14
CA MET W 1 35.37 52.01 77.17
C MET W 1 36.51 51.44 76.33
N GLY W 2 36.82 50.16 76.48
CA GLY W 2 37.92 49.57 75.71
C GLY W 2 38.22 48.10 75.84
N GLU W 3 39.49 47.75 75.58
CA GLU W 3 39.97 46.38 75.62
C GLU W 3 40.68 46.00 76.91
N VAL W 4 40.91 44.70 77.08
CA VAL W 4 41.60 44.17 78.26
C VAL W 4 43.10 44.16 78.03
N VAL W 5 43.84 44.68 78.99
CA VAL W 5 45.29 44.71 78.91
C VAL W 5 45.92 43.91 80.05
N ARG W 6 46.99 43.17 79.75
CA ARG W 6 47.67 42.39 80.78
C ARG W 6 48.86 43.18 81.29
N LEU W 7 48.78 43.62 82.55
CA LEU W 7 49.86 44.38 83.16
C LEU W 7 50.59 43.51 84.17
N THR W 8 51.59 44.09 84.82
CA THR W 8 52.36 43.36 85.81
C THR W 8 52.40 44.12 87.12
N ASN W 9 52.59 43.37 88.20
CA ASN W 9 52.71 43.91 89.54
C ASN W 9 53.12 42.75 90.42
N SER W 10 53.15 42.97 91.73
CA SER W 10 53.56 41.92 92.64
C SER W 10 53.01 42.18 94.04
N SER W 11 53.43 41.37 95.01
CA SER W 11 52.94 41.50 96.37
C SER W 11 53.73 40.60 97.30
N THR W 12 53.39 40.66 98.59
CA THR W 12 54.06 39.82 99.58
C THR W 12 53.66 38.36 99.35
N GLY W 13 52.83 38.13 98.33
CA GLY W 13 52.39 36.79 98.02
C GLY W 13 52.91 36.33 96.67
N GLY W 14 53.88 37.07 96.13
CA GLY W 14 54.45 36.71 94.85
C GLY W 14 54.00 37.58 93.68
N PRO W 15 54.71 37.50 92.54
CA PRO W 15 54.46 38.26 91.31
C PRO W 15 53.12 37.87 90.69
N VAL W 16 52.49 38.81 89.98
CA VAL W 16 51.22 38.54 89.34
C VAL W 16 51.01 39.27 88.02
N PHE W 17 50.19 38.68 87.15
CA PHE W 17 49.83 39.29 85.89
C PHE W 17 48.47 39.89 86.25
N VAL W 18 48.29 41.18 85.96
CA VAL W 18 47.04 41.85 86.29
C VAL W 18 46.29 42.25 85.03
N TYR W 19 45.09 41.70 84.85
CA TYR W 19 44.27 42.02 83.69
C TYR W 19 43.38 43.21 84.02
N VAL W 20 43.55 44.28 83.26
CA VAL W 20 42.79 45.51 83.48
C VAL W 20 41.94 45.89 82.27
N LYS W 21 40.76 46.42 82.54
CA LYS W 21 39.85 46.85 81.49
C LYS W 21 39.10 48.08 81.95
N ASP W 22 39.27 49.17 81.21
CA ASP W 22 38.61 50.43 81.51
C ASP W 22 38.84 50.90 82.94
N GLY W 23 40.10 50.99 83.34
CA GLY W 23 40.42 51.45 84.69
C GLY W 23 39.97 50.53 85.80
N LYS W 24 39.69 49.27 85.48
CA LYS W 24 39.24 48.33 86.50
C LYS W 24 39.98 47.01 86.41
N ILE W 25 40.43 46.50 87.54
CA ILE W 25 41.13 45.23 87.58
C ILE W 25 40.10 44.11 87.41
N ILE W 26 40.38 43.18 86.51
CA ILE W 26 39.48 42.07 86.24
C ILE W 26 39.91 40.83 86.99
N ARG W 27 41.21 40.56 87.02
CA ARG W 27 41.73 39.39 87.71
C ARG W 27 43.25 39.49 87.89
N MET W 28 43.77 38.72 88.85
CA MET W 28 45.19 38.65 89.12
C MET W 28 45.52 37.17 89.03
N THR W 29 46.69 36.83 88.50
CA THR W 29 47.05 35.43 88.37
C THR W 29 48.57 35.19 88.48
N PRO W 30 48.97 33.93 88.68
CA PRO W 30 50.39 33.58 88.79
C PRO W 30 50.96 33.91 87.41
N MET W 31 52.28 33.90 87.27
CA MET W 31 52.89 34.21 85.97
C MET W 31 53.48 33.01 85.26
N ASP W 32 53.08 32.81 84.01
CA ASP W 32 53.67 31.82 83.18
C ASP W 32 54.81 32.39 82.36
N PHE W 33 55.86 31.68 82.18
CA PHE W 33 57.00 32.20 81.43
C PHE W 33 56.77 31.95 79.95
N ASP W 34 57.32 32.82 79.10
CA ASP W 34 57.22 32.68 77.67
C ASP W 34 58.62 32.31 77.20
N ASP W 35 58.85 31.01 77.02
CA ASP W 35 60.13 30.48 76.62
C ASP W 35 60.79 31.14 75.41
N ALA W 36 60.03 31.95 74.69
CA ALA W 36 60.58 32.62 73.52
C ALA W 36 61.40 33.83 73.94
N VAL W 37 61.10 34.39 75.11
CA VAL W 37 61.81 35.56 75.61
C VAL W 37 62.32 35.45 77.04
N ASP W 38 61.86 34.45 77.78
CA ASP W 38 62.31 34.26 79.16
C ASP W 38 63.39 33.18 79.24
N ALA W 39 64.54 33.55 79.81
CA ALA W 39 65.68 32.63 79.94
C ALA W 39 65.31 31.29 80.57
N PRO W 40 65.98 30.21 80.15
CA PRO W 40 65.75 28.85 80.66
C PRO W 40 66.05 28.75 82.16
N SER W 41 65.49 27.74 82.80
CA SER W 41 65.67 27.53 84.22
C SER W 41 66.94 26.74 84.52
N TRP W 42 67.28 26.66 85.80
CA TRP W 42 68.43 25.90 86.24
C TRP W 42 68.04 24.43 86.24
N LYS W 43 69.04 23.57 86.38
CA LYS W 43 68.81 22.14 86.43
C LYS W 43 69.75 21.56 87.48
N ILE W 44 69.34 20.44 88.08
CA ILE W 44 70.16 19.78 89.07
C ILE W 44 70.13 18.28 88.83
N GLU W 45 71.30 17.69 88.65
CA GLU W 45 71.39 16.25 88.44
C GLU W 45 71.79 15.65 89.76
N ALA W 46 70.93 14.78 90.29
CA ALA W 46 71.20 14.13 91.57
C ALA W 46 70.61 12.74 91.58
N ARG W 47 71.35 11.80 92.15
CA ARG W 47 70.92 10.42 92.26
C ARG W 47 70.26 9.87 91.00
N GLY W 48 70.91 10.08 89.87
CA GLY W 48 70.42 9.58 88.60
C GLY W 48 69.20 10.26 87.99
N LYS W 49 68.82 11.41 88.50
CA LYS W 49 67.66 12.11 87.97
C LYS W 49 67.99 13.55 87.61
N THR W 50 67.09 14.19 86.87
CA THR W 50 67.26 15.57 86.47
C THR W 50 66.14 16.39 87.08
N PHE W 51 66.50 17.33 87.96
CA PHE W 51 65.49 18.16 88.60
C PHE W 51 65.49 19.58 88.06
N THR W 52 64.34 20.00 87.56
CA THR W 52 64.18 21.33 87.01
C THR W 52 62.79 21.82 87.42
N PRO W 53 62.66 23.11 87.77
CA PRO W 53 61.40 23.71 88.20
C PRO W 53 60.38 24.03 87.11
N PRO W 54 59.13 24.35 87.53
CA PRO W 54 58.07 24.69 86.58
C PRO W 54 58.43 26.03 85.93
N ARG W 55 58.04 26.19 84.67
CA ARG W 55 58.29 27.43 83.94
C ARG W 55 57.19 28.40 84.37
N LYS W 56 57.10 28.67 85.67
CA LYS W 56 56.05 29.53 86.18
C LYS W 56 56.28 29.91 87.66
N THR W 57 55.60 30.96 88.10
CA THR W 57 55.70 31.38 89.50
C THR W 57 54.43 30.92 90.20
N SER W 58 54.37 31.13 91.52
CA SER W 58 53.20 30.74 92.30
C SER W 58 52.85 31.90 93.21
N ILE W 59 51.62 31.89 93.73
CA ILE W 59 51.16 32.95 94.62
C ILE W 59 50.52 32.36 95.86
N ALA W 60 50.42 33.18 96.91
CA ALA W 60 49.81 32.75 98.15
C ALA W 60 48.32 33.05 98.14
N PRO W 61 47.53 32.42 99.02
CA PRO W 61 46.09 32.61 99.14
C PRO W 61 45.64 34.07 99.19
N TYR W 62 46.25 34.86 100.07
CA TYR W 62 45.91 36.28 100.24
C TYR W 62 46.19 37.15 99.01
N THR W 63 47.06 36.66 98.14
CA THR W 63 47.37 37.40 96.91
C THR W 63 46.32 37.03 95.87
N ALA W 64 45.93 35.75 95.84
CA ALA W 64 44.93 35.27 94.90
C ALA W 64 43.64 36.09 95.02
N GLY W 65 43.28 36.45 96.25
CA GLY W 65 42.08 37.26 96.45
C GLY W 65 42.41 38.67 96.87
N PHE W 66 43.57 39.17 96.44
CA PHE W 66 43.99 40.52 96.83
C PHE W 66 43.09 41.60 96.28
N LYS W 67 42.44 41.33 95.15
CA LYS W 67 41.55 42.31 94.54
C LYS W 67 40.46 42.77 95.51
N SER W 68 39.96 41.85 96.34
CA SER W 68 38.91 42.18 97.31
C SER W 68 39.41 43.15 98.37
N MET W 69 40.73 43.31 98.47
CA MET W 69 41.29 44.23 99.44
C MET W 69 41.42 45.61 98.80
N ILE W 70 41.82 45.63 97.53
CA ILE W 70 41.95 46.89 96.79
C ILE W 70 40.63 47.63 96.79
N TYR W 71 39.56 46.90 96.50
CA TYR W 71 38.21 47.46 96.43
C TYR W 71 37.41 47.14 97.70
N SER W 72 38.08 47.12 98.84
CA SER W 72 37.42 46.84 100.11
C SER W 72 36.57 48.03 100.52
N ASP W 73 35.46 47.75 101.19
CA ASP W 73 34.58 48.83 101.65
C ASP W 73 35.13 49.42 102.94
N LEU W 74 36.19 48.81 103.48
CA LEU W 74 36.80 49.30 104.71
C LEU W 74 38.00 50.15 104.35
N ARG W 75 38.19 50.34 103.05
CA ARG W 75 39.27 51.15 102.53
C ARG W 75 39.04 52.57 103.06
N ILE W 76 40.09 53.25 103.51
CA ILE W 76 39.92 54.63 103.99
C ILE W 76 39.57 55.43 102.74
N PRO W 77 38.34 55.97 102.68
CA PRO W 77 37.81 56.75 101.55
C PRO W 77 38.37 58.14 101.29
N TYR W 78 38.80 58.82 102.36
CA TYR W 78 39.31 60.18 102.24
C TYR W 78 39.84 60.66 103.57
N PRO W 79 40.57 61.79 103.58
CA PRO W 79 41.10 62.28 104.86
C PRO W 79 39.97 62.39 105.88
N MET W 80 40.24 61.93 107.09
CA MET W 80 39.24 61.95 108.14
C MET W 80 39.76 62.64 109.39
N LYS W 81 38.84 63.21 110.15
CA LYS W 81 39.17 63.90 111.39
C LYS W 81 38.20 63.47 112.48
N ARG W 82 38.73 63.25 113.68
CA ARG W 82 37.90 62.87 114.80
C ARG W 82 37.10 64.12 115.15
N LYS W 83 35.78 63.99 115.16
CA LYS W 83 34.88 65.11 115.45
C LYS W 83 35.19 65.79 116.78
N SER W 84 35.35 64.99 117.84
CA SER W 84 35.61 65.53 119.17
C SER W 84 36.99 66.14 119.38
N PHE W 85 37.81 66.16 118.33
CA PHE W 85 39.16 66.70 118.43
C PHE W 85 39.29 68.10 117.83
N ASP W 86 39.63 69.08 118.65
CA ASP W 86 39.80 70.44 118.17
C ASP W 86 41.19 70.94 118.56
N PRO W 87 42.09 71.10 117.57
CA PRO W 87 43.46 71.58 117.76
C PRO W 87 43.54 72.86 118.58
N ASN W 88 42.63 73.78 118.32
CA ASN W 88 42.62 75.06 119.03
C ASN W 88 41.58 75.13 120.14
N GLY W 89 41.23 73.97 120.69
CA GLY W 89 40.27 73.92 121.78
C GLY W 89 40.44 72.63 122.55
N GLU W 90 39.33 71.98 122.88
CA GLU W 90 39.37 70.71 123.60
C GLU W 90 39.82 69.61 122.66
N ARG W 91 40.98 69.02 122.96
CA ARG W 91 41.50 67.94 122.13
C ARG W 91 40.85 66.62 122.53
N ASN W 92 40.22 66.62 123.71
CA ASN W 92 39.55 65.43 124.24
C ASN W 92 40.31 64.13 123.99
N PRO W 93 41.50 63.99 124.59
CA PRO W 93 42.31 62.79 124.41
C PRO W 93 41.55 61.55 124.83
N GLN W 94 40.78 61.67 125.91
CA GLN W 94 40.02 60.55 126.46
C GLN W 94 38.95 59.99 125.52
N LEU W 95 38.65 60.70 124.44
CA LEU W 95 37.61 60.23 123.52
C LEU W 95 38.12 59.46 122.30
N ARG W 96 39.43 59.28 122.20
CA ARG W 96 39.98 58.53 121.08
C ARG W 96 39.50 57.09 121.28
N GLY W 97 38.96 56.49 120.22
CA GLY W 97 38.46 55.13 120.33
C GLY W 97 37.06 55.07 120.92
N ALA W 98 36.48 56.24 121.22
CA ALA W 98 35.14 56.29 121.79
C ALA W 98 34.12 55.56 120.92
N GLY W 99 34.18 55.81 119.62
CA GLY W 99 33.26 55.17 118.70
C GLY W 99 33.42 53.67 118.75
N LEU W 100 34.66 53.23 118.90
CA LEU W 100 34.98 51.82 118.99
C LEU W 100 34.37 51.24 120.26
N SER W 101 34.39 52.01 121.34
CA SER W 101 33.85 51.58 122.63
C SER W 101 32.32 51.41 122.59
N LYS W 102 31.67 52.04 121.62
CA LYS W 102 30.23 51.91 121.50
C LYS W 102 29.89 51.15 120.23
N GLN W 103 30.85 50.33 119.80
CA GLN W 103 30.71 49.49 118.61
C GLN W 103 30.29 50.25 117.35
N ASP W 104 30.85 51.44 117.16
CA ASP W 104 30.53 52.24 115.99
C ASP W 104 31.69 53.22 115.70
N PRO W 105 32.81 52.67 115.20
CA PRO W 105 34.05 53.37 114.85
C PRO W 105 33.90 54.57 113.92
N TRP W 106 33.23 54.37 112.79
CA TRP W 106 33.05 55.44 111.81
C TRP W 106 32.40 56.71 112.37
N SER W 107 31.39 56.56 113.20
CA SER W 107 30.67 57.69 113.77
C SER W 107 31.58 58.71 114.45
N ASP W 108 32.81 58.32 114.76
CA ASP W 108 33.77 59.19 115.42
C ASP W 108 34.44 60.16 114.45
N TYR W 109 34.36 59.87 113.17
CA TYR W 109 35.03 60.72 112.19
C TYR W 109 34.21 61.50 111.18
N GLU W 110 34.74 62.66 110.83
CA GLU W 110 34.14 63.56 109.86
C GLU W 110 35.14 63.71 108.70
N ARG W 111 34.63 64.04 107.52
CA ARG W 111 35.47 64.18 106.35
C ARG W 111 36.07 65.57 106.17
N ILE W 112 37.34 65.62 105.77
CA ILE W 112 38.01 66.89 105.49
C ILE W 112 38.89 66.74 104.26
N SER W 113 39.33 67.85 103.70
CA SER W 113 40.16 67.81 102.50
C SER W 113 41.62 67.53 102.84
N TRP W 114 42.38 67.13 101.83
CA TRP W 114 43.79 66.86 102.03
C TRP W 114 44.44 68.15 102.47
N ASP W 115 44.03 69.26 101.83
CA ASP W 115 44.59 70.56 102.15
C ASP W 115 44.45 70.92 103.63
N GLU W 116 43.27 70.71 104.20
CA GLU W 116 43.05 71.02 105.61
C GLU W 116 43.70 69.98 106.51
N ALA W 117 43.62 68.71 106.13
CA ALA W 117 44.21 67.63 106.90
C ALA W 117 45.70 67.86 107.08
N THR W 118 46.41 68.09 105.98
CA THR W 118 47.84 68.31 106.04
C THR W 118 48.21 69.64 106.71
N ASP W 119 47.30 70.62 106.66
CA ASP W 119 47.54 71.91 107.32
C ASP W 119 47.54 71.70 108.82
N ILE W 120 46.60 70.89 109.29
CA ILE W 120 46.46 70.60 110.72
C ILE W 120 47.67 69.82 111.23
N VAL W 121 48.14 68.87 110.45
CA VAL W 121 49.29 68.07 110.83
C VAL W 121 50.56 68.94 110.84
N VAL W 122 50.70 69.79 109.83
CA VAL W 122 51.87 70.66 109.75
C VAL W 122 51.93 71.60 110.95
N ALA W 123 50.79 72.13 111.36
CA ALA W 123 50.75 73.04 112.49
C ALA W 123 51.18 72.34 113.79
N GLU W 124 50.79 71.07 113.94
CA GLU W 124 51.17 70.31 115.12
C GLU W 124 52.66 70.03 115.10
N ILE W 125 53.15 69.61 113.94
CA ILE W 125 54.56 69.30 113.77
C ILE W 125 55.46 70.48 114.13
N ASN W 126 55.16 71.65 113.55
CA ASN W 126 55.94 72.85 113.79
C ASN W 126 55.78 73.40 115.19
N ARG W 127 54.59 73.25 115.77
CA ARG W 127 54.36 73.74 117.12
C ARG W 127 55.18 72.90 118.09
N ILE W 128 55.19 71.58 117.86
CA ILE W 128 55.94 70.66 118.72
C ILE W 128 57.44 70.78 118.58
N LYS W 129 57.92 70.93 117.35
CA LYS W 129 59.36 71.05 117.12
C LYS W 129 59.95 72.30 117.79
N HIS W 130 59.21 73.40 117.80
CA HIS W 130 59.72 74.63 118.41
C HIS W 130 59.57 74.68 119.92
N ALA W 131 58.63 73.88 120.44
CA ALA W 131 58.41 73.84 121.87
C ALA W 131 59.16 72.70 122.55
N TYR W 132 59.28 71.57 121.86
CA TYR W 132 59.95 70.42 122.45
C TYR W 132 61.06 69.81 121.60
N GLY W 133 60.98 70.00 120.29
CA GLY W 133 61.99 69.46 119.41
C GLY W 133 61.49 68.27 118.61
N PRO W 134 62.21 67.84 117.56
CA PRO W 134 61.85 66.72 116.69
C PRO W 134 61.64 65.40 117.44
N SER W 135 62.39 65.20 118.52
CA SER W 135 62.28 63.96 119.27
C SER W 135 60.90 63.79 119.91
N ALA W 136 60.15 64.88 120.03
CA ALA W 136 58.83 64.81 120.63
C ALA W 136 57.78 64.23 119.68
N ILE W 137 58.18 63.99 118.43
CA ILE W 137 57.28 63.43 117.42
C ILE W 137 57.58 61.94 117.21
N LEU W 138 56.79 61.10 117.86
CA LEU W 138 56.93 59.65 117.74
C LEU W 138 56.32 59.16 116.43
N SER W 139 56.89 58.10 115.88
CA SER W 139 56.36 57.55 114.65
C SER W 139 56.89 56.15 114.42
N THR W 140 56.10 55.35 113.73
CA THR W 140 56.49 53.99 113.41
C THR W 140 55.50 53.32 112.50
N PRO W 141 55.99 52.54 111.54
CA PRO W 141 55.10 51.82 110.63
C PRO W 141 55.04 50.48 111.33
N SER W 142 55.19 49.41 110.58
CA SER W 142 55.21 48.10 111.20
C SER W 142 56.15 47.23 110.38
N SER W 143 56.32 45.98 110.80
CA SER W 143 57.24 45.09 110.12
C SER W 143 57.00 44.87 108.63
N HIS W 144 55.75 44.69 108.22
CA HIS W 144 55.53 44.46 106.81
C HIS W 144 54.79 45.54 106.06
N HIS W 145 54.83 45.44 104.74
CA HIS W 145 54.31 46.51 103.92
C HIS W 145 53.92 46.03 102.53
N MET W 146 53.12 46.83 101.83
CA MET W 146 52.74 46.48 100.46
C MET W 146 54.05 46.32 99.68
N TRP W 147 54.09 45.35 98.79
CA TRP W 147 55.29 45.11 98.00
C TRP W 147 55.62 46.32 97.12
N GLY W 148 56.92 46.61 96.99
CA GLY W 148 57.38 47.73 96.19
C GLY W 148 58.62 48.32 96.85
N ASN W 149 59.77 48.20 96.20
CA ASN W 149 61.03 48.69 96.78
C ASN W 149 61.10 50.21 96.96
N VAL W 150 60.67 50.96 95.95
CA VAL W 150 60.71 52.41 96.04
C VAL W 150 59.76 52.91 97.12
N GLY W 151 58.56 52.34 97.15
CA GLY W 151 57.57 52.77 98.13
C GLY W 151 57.66 52.11 99.51
N TYR W 152 58.52 51.10 99.64
CA TYR W 152 58.67 50.40 100.91
C TYR W 152 59.05 51.33 102.07
N ARG W 153 58.67 50.94 103.28
CA ARG W 153 58.95 51.74 104.47
C ARG W 153 60.41 52.10 104.72
N HIS W 154 61.35 51.28 104.23
CA HIS W 154 62.77 51.58 104.42
C HIS W 154 63.20 52.65 103.42
N SER W 155 62.38 52.82 102.38
CA SER W 155 62.66 53.77 101.32
C SER W 155 61.96 55.12 101.49
N THR W 156 60.68 55.17 101.11
CA THR W 156 59.89 56.39 101.17
C THR W 156 59.64 56.94 102.59
N TYR W 157 59.11 56.10 103.47
CA TYR W 157 58.84 56.51 104.85
C TYR W 157 60.08 57.12 105.50
N PHE W 158 61.21 56.42 105.43
CA PHE W 158 62.45 56.90 106.03
C PHE W 158 63.02 58.16 105.39
N ARG W 159 63.01 58.24 104.07
CA ARG W 159 63.53 59.44 103.42
C ARG W 159 62.81 60.68 103.92
N PHE W 160 61.49 60.57 104.08
CA PHE W 160 60.71 61.71 104.54
C PHE W 160 60.84 61.98 106.04
N MET W 161 60.62 60.95 106.86
CA MET W 161 60.69 61.11 108.30
C MET W 161 62.03 61.63 108.80
N ASN W 162 63.12 61.17 108.16
CA ASN W 162 64.46 61.60 108.56
C ASN W 162 64.64 63.09 108.34
N MET W 163 63.86 63.64 107.43
CA MET W 163 63.92 65.07 107.11
C MET W 163 62.93 65.88 107.93
N MET W 164 62.04 65.19 108.62
CA MET W 164 61.01 65.85 109.40
C MET W 164 61.28 65.82 110.90
N GLY W 165 61.32 64.62 111.49
CA GLY W 165 61.54 64.49 112.91
C GLY W 165 62.86 63.80 113.25
N PHE W 166 62.84 62.79 114.11
CA PHE W 166 61.65 62.26 114.77
C PHE W 166 62.12 61.13 115.70
N THR W 167 61.25 60.67 116.58
CA THR W 167 61.59 59.55 117.47
C THR W 167 60.95 58.29 116.92
N TYR W 168 61.80 57.35 116.52
CA TYR W 168 61.34 56.09 115.95
C TYR W 168 61.12 55.01 117.00
N ALA W 169 60.06 54.23 116.85
CA ALA W 169 59.81 53.12 117.76
C ALA W 169 60.42 51.97 116.99
N ASP W 170 61.74 51.82 117.07
CA ASP W 170 62.43 50.76 116.35
C ASP W 170 61.79 49.41 116.62
N HIS W 171 61.76 48.56 115.61
CA HIS W 171 61.14 47.24 115.76
C HIS W 171 62.03 46.18 116.41
N ASN W 172 61.42 45.43 117.31
CA ASN W 172 62.11 44.33 117.99
C ASN W 172 62.30 43.32 116.87
N PRO W 173 63.31 42.45 116.99
CA PRO W 173 63.48 41.48 115.90
C PRO W 173 62.47 40.33 116.03
N ASP W 174 61.20 40.66 115.85
CA ASP W 174 60.10 39.71 115.94
C ASP W 174 60.36 38.34 115.29
N SER W 175 60.59 38.38 113.98
CA SER W 175 60.86 37.19 113.19
C SER W 175 61.99 36.30 113.75
N TRP W 176 63.02 36.92 114.32
CA TRP W 176 64.21 36.20 114.83
C TRP W 176 64.38 36.01 116.34
N GLU W 177 63.64 36.74 117.16
CA GLU W 177 63.80 36.70 118.63
C GLU W 177 64.79 35.66 119.19
N GLY W 178 64.39 34.40 119.24
CA GLY W 178 65.26 33.37 119.79
C GLY W 178 66.67 33.37 119.21
N TRP W 179 66.76 33.38 117.88
CA TRP W 179 68.06 33.38 117.20
C TRP W 179 68.82 34.69 117.41
N HIS W 180 68.07 35.79 117.51
CA HIS W 180 68.66 37.11 117.70
C HIS W 180 69.24 37.36 119.09
N TRP W 181 68.43 37.18 120.13
CA TRP W 181 68.90 37.42 121.50
C TRP W 181 69.59 36.22 122.12
N GLY W 182 69.54 35.07 121.43
CA GLY W 182 70.16 33.87 121.96
C GLY W 182 71.18 33.21 121.04
N GLY W 183 70.73 32.70 119.90
CA GLY W 183 71.61 32.03 118.96
C GLY W 183 72.83 32.84 118.53
N MET W 184 72.65 34.16 118.40
CA MET W 184 73.72 35.04 117.96
C MET W 184 74.98 34.87 118.82
N HIS W 185 74.77 34.77 120.13
CA HIS W 185 75.87 34.62 121.07
C HIS W 185 76.56 33.26 120.95
N MET W 186 75.87 32.30 120.35
CA MET W 186 76.40 30.95 120.19
C MET W 186 77.17 30.72 118.89
N TRP W 187 76.69 31.26 117.77
CA TRP W 187 77.39 31.06 116.51
C TRP W 187 77.51 32.32 115.64
N GLY W 188 77.15 33.47 116.20
CA GLY W 188 77.26 34.71 115.46
C GLY W 188 76.12 34.97 114.48
N PHE W 189 76.47 35.25 113.22
CA PHE W 189 75.50 35.55 112.18
C PHE W 189 74.67 36.79 112.56
N SER W 190 75.31 37.76 113.21
CA SER W 190 74.60 38.97 113.62
C SER W 190 73.94 39.65 112.42
N TRP W 191 74.61 39.59 111.27
CA TRP W 191 74.12 40.22 110.04
C TRP W 191 72.88 39.52 109.46
N ARG W 192 72.54 38.35 110.01
CA ARG W 192 71.34 37.62 109.58
C ARG W 192 70.47 37.51 110.81
N LEU W 193 70.83 38.31 111.81
CA LEU W 193 70.14 38.37 113.09
C LEU W 193 70.01 37.00 113.78
N GLY W 194 71.00 36.15 113.57
CA GLY W 194 70.98 34.84 114.20
C GLY W 194 70.69 33.65 113.31
N ASN W 195 70.16 33.89 112.12
CA ASN W 195 69.86 32.79 111.19
C ASN W 195 71.10 32.41 110.38
N PRO W 196 71.15 31.16 109.91
CA PRO W 196 72.27 30.66 109.12
C PRO W 196 72.13 30.99 107.64
N GLU W 197 73.26 30.99 106.93
CA GLU W 197 73.24 31.23 105.49
C GLU W 197 72.69 29.92 104.94
N GLN W 198 72.19 29.94 103.70
CA GLN W 198 71.61 28.72 103.13
C GLN W 198 72.01 28.42 101.69
N TYR W 199 73.00 29.14 101.18
CA TYR W 199 73.46 28.97 99.81
C TYR W 199 73.67 27.54 99.33
N ASP W 200 73.33 27.31 98.06
CA ASP W 200 73.50 26.04 97.37
C ASP W 200 73.12 24.75 98.10
N LEU W 201 72.14 24.83 99.00
CA LEU W 201 71.70 23.67 99.76
C LEU W 201 70.73 22.74 99.01
N LEU W 202 69.96 23.29 98.06
CA LEU W 202 69.01 22.45 97.33
C LEU W 202 69.67 21.25 96.67
N GLU W 203 70.78 21.48 95.95
CA GLU W 203 71.47 20.39 95.28
C GLU W 203 72.10 19.43 96.28
N ASP W 204 72.62 19.98 97.38
CA ASP W 204 73.24 19.18 98.43
C ASP W 204 72.20 18.19 98.96
N GLY W 205 71.02 18.71 99.27
CA GLY W 205 69.94 17.88 99.78
C GLY W 205 69.46 16.84 98.79
N LEU W 206 69.21 17.26 97.55
CA LEU W 206 68.75 16.32 96.53
C LEU W 206 69.75 15.18 96.36
N LYS W 207 71.02 15.50 96.55
CA LYS W 207 72.08 14.51 96.40
C LYS W 207 72.38 13.66 97.63
N HIS W 208 72.24 14.23 98.82
CA HIS W 208 72.60 13.50 100.03
C HIS W 208 71.55 13.29 101.11
N ALA W 209 70.40 13.94 101.00
CA ALA W 209 69.36 13.81 102.03
C ALA W 209 68.76 12.41 102.17
N GLU W 210 68.54 12.02 103.42
CA GLU W 210 67.93 10.72 103.74
C GLU W 210 66.72 10.98 104.65
N MET W 211 66.78 12.07 105.41
CA MET W 211 65.71 12.47 106.31
C MET W 211 65.79 13.95 106.65
N ILE W 212 64.65 14.59 106.77
CA ILE W 212 64.60 16.00 107.14
C ILE W 212 63.69 16.19 108.34
N VAL W 213 64.21 16.87 109.36
CA VAL W 213 63.44 17.11 110.57
C VAL W 213 62.91 18.55 110.60
N PHE W 214 61.62 18.68 110.29
CA PHE W 214 60.97 19.99 110.28
C PHE W 214 60.55 20.34 111.70
N TRP W 215 61.36 21.18 112.33
CA TRP W 215 61.12 21.59 113.71
C TRP W 215 60.59 23.03 113.72
N SER W 216 59.33 23.19 114.13
CA SER W 216 58.69 24.51 114.17
C SER W 216 58.80 25.09 112.77
N SER W 217 58.56 24.24 111.78
CA SER W 217 58.65 24.65 110.38
C SER W 217 57.45 24.19 109.56
N ASP W 218 56.78 25.15 108.95
CA ASP W 218 55.63 24.88 108.09
C ASP W 218 55.91 25.60 106.77
N PRO W 219 56.81 25.05 105.96
CA PRO W 219 57.20 25.60 104.65
C PRO W 219 56.04 26.03 103.78
N GLU W 220 55.06 25.16 103.61
CA GLU W 220 53.89 25.46 102.78
C GLU W 220 53.22 26.76 103.19
N THR W 221 52.92 26.89 104.48
CA THR W 221 52.26 28.08 105.00
C THR W 221 53.09 29.36 104.89
N ASN W 222 54.29 29.32 105.46
CA ASN W 222 55.16 30.50 105.46
C ASN W 222 55.99 30.72 104.20
N SER W 223 56.42 29.63 103.58
CA SER W 223 57.21 29.67 102.35
C SER W 223 58.55 30.35 102.59
N GLY W 224 58.90 30.54 103.85
CA GLY W 224 60.10 31.26 104.19
C GLY W 224 59.48 32.64 104.33
N ILE W 225 59.26 33.30 103.20
CA ILE W 225 58.59 34.59 103.20
C ILE W 225 58.48 35.13 101.77
N TYR W 226 57.31 35.70 101.47
CA TYR W 226 57.04 36.29 100.16
C TYR W 226 57.19 35.32 98.97
N ALA W 227 57.34 34.03 99.23
CA ALA W 227 57.56 33.08 98.15
C ALA W 227 56.42 32.15 97.72
N GLY W 228 55.18 32.57 97.92
CA GLY W 228 54.03 31.76 97.52
C GLY W 228 54.19 30.28 97.84
N PHE W 229 54.27 29.45 96.80
CA PHE W 229 54.43 28.00 96.97
C PHE W 229 55.54 27.50 96.06
N GLU W 230 56.61 28.29 95.95
CA GLU W 230 57.75 27.93 95.11
C GLU W 230 58.44 26.62 95.46
N SER W 231 58.54 26.31 96.74
CA SER W 231 59.23 25.10 97.20
C SER W 231 58.44 23.79 97.25
N ASN W 232 57.16 23.83 96.91
CA ASN W 232 56.35 22.61 96.95
C ASN W 232 56.93 21.45 96.14
N ILE W 233 57.28 21.72 94.88
CA ILE W 233 57.83 20.67 94.03
C ILE W 233 59.14 20.11 94.56
N ARG W 234 59.89 20.93 95.31
CA ARG W 234 61.18 20.50 95.87
C ARG W 234 61.02 19.38 96.88
N ARG W 235 60.07 19.52 97.80
CA ARG W 235 59.87 18.48 98.79
C ARG W 235 59.24 17.27 98.10
N GLN W 236 58.53 17.52 97.00
CA GLN W 236 57.93 16.44 96.23
C GLN W 236 59.07 15.59 95.68
N TRP W 237 60.13 16.25 95.22
CA TRP W 237 61.30 15.54 94.69
C TRP W 237 61.97 14.72 95.79
N LEU W 238 62.20 15.36 96.93
CA LEU W 238 62.83 14.70 98.06
C LEU W 238 61.98 13.51 98.50
N LYS W 239 60.69 13.75 98.69
CA LYS W 239 59.78 12.70 99.10
C LYS W 239 59.86 11.52 98.14
N ASP W 240 59.91 11.83 96.84
CA ASP W 240 59.98 10.78 95.83
C ASP W 240 61.36 10.14 95.71
N LEU W 241 62.35 10.71 96.40
CA LEU W 241 63.69 10.14 96.39
C LEU W 241 63.82 9.17 97.57
N GLY W 242 62.80 9.18 98.43
CA GLY W 242 62.79 8.30 99.59
C GLY W 242 63.21 8.99 100.88
N VAL W 243 63.19 10.32 100.90
CA VAL W 243 63.57 11.08 102.08
C VAL W 243 62.43 11.10 103.11
N ASP W 244 62.74 10.77 104.35
CA ASP W 244 61.72 10.78 105.38
C ASP W 244 61.59 12.18 105.96
N PHE W 245 60.34 12.58 106.23
CA PHE W 245 60.04 13.88 106.80
C PHE W 245 59.42 13.71 108.19
N VAL W 246 60.06 14.30 109.20
CA VAL W 246 59.53 14.22 110.56
C VAL W 246 59.21 15.64 111.00
N PHE W 247 58.01 15.84 111.54
CA PHE W 247 57.59 17.18 111.99
C PHE W 247 57.39 17.29 113.50
N ILE W 248 58.05 18.27 114.10
CA ILE W 248 57.94 18.52 115.54
C ILE W 248 57.27 19.88 115.63
N ASP W 249 56.00 19.86 116.05
CA ASP W 249 55.20 21.08 116.11
C ASP W 249 53.97 20.79 116.99
N PRO W 250 53.69 21.65 117.97
CA PRO W 250 52.52 21.42 118.84
C PRO W 250 51.28 21.18 117.97
N HIS W 251 51.25 21.87 116.85
CA HIS W 251 50.15 21.78 115.88
C HIS W 251 50.62 21.01 114.65
N MET W 252 49.78 20.10 114.16
CA MET W 252 50.13 19.36 112.96
C MET W 252 49.91 20.36 111.84
N ASN W 253 50.93 21.18 111.57
CA ASN W 253 50.84 22.22 110.56
C ASN W 253 50.50 21.70 109.17
N HIS W 254 50.27 22.62 108.25
CA HIS W 254 49.88 22.29 106.89
C HIS W 254 50.89 21.51 106.06
N THR W 255 52.18 21.70 106.31
CA THR W 255 53.18 20.95 105.54
C THR W 255 53.14 19.51 106.07
N ALA W 256 52.93 19.35 107.37
CA ALA W 256 52.86 18.03 107.99
C ALA W 256 51.59 17.31 107.54
N ARG W 257 50.50 18.06 107.41
CA ARG W 257 49.24 17.47 106.98
C ARG W 257 49.33 16.94 105.56
N LEU W 258 50.30 17.44 104.80
CA LEU W 258 50.49 17.03 103.42
C LEU W 258 51.49 15.89 103.23
N VAL W 259 52.67 16.00 103.83
CA VAL W 259 53.70 14.99 103.65
C VAL W 259 54.40 14.40 104.87
N ALA W 260 53.85 14.57 106.06
CA ALA W 260 54.49 14.02 107.26
C ALA W 260 54.58 12.49 107.27
N ASP W 261 55.70 11.98 107.77
CA ASP W 261 55.90 10.54 107.90
C ASP W 261 55.69 10.24 109.38
N LYS W 262 55.90 11.26 110.20
CA LYS W 262 55.71 11.17 111.64
C LYS W 262 55.58 12.59 112.19
N TRP W 263 54.72 12.75 113.20
CA TRP W 263 54.50 14.06 113.80
C TRP W 263 54.52 14.03 115.32
N PHE W 264 55.32 14.93 115.91
CA PHE W 264 55.44 15.07 117.37
C PHE W 264 54.71 16.36 117.74
N SER W 265 53.96 16.32 118.83
CA SER W 265 53.25 17.51 119.29
C SER W 265 53.70 17.81 120.71
N PRO W 266 54.83 18.50 120.85
CA PRO W 266 55.33 18.85 122.19
C PRO W 266 54.50 19.96 122.81
N LYS W 267 54.42 19.97 124.13
CA LYS W 267 53.67 20.99 124.84
C LYS W 267 54.38 22.32 124.58
N ILE W 268 53.68 23.44 124.73
CA ILE W 268 54.32 24.73 124.49
C ILE W 268 55.49 24.97 125.42
N GLY W 269 56.54 25.59 124.89
CA GLY W 269 57.71 25.91 125.69
C GLY W 269 58.54 24.72 126.17
N THR W 270 58.42 23.57 125.52
CA THR W 270 59.17 22.40 125.93
C THR W 270 60.10 21.82 124.86
N ASP W 271 60.21 22.48 123.73
CA ASP W 271 61.07 21.97 122.65
C ASP W 271 62.50 21.64 123.04
N HIS W 272 63.15 22.52 123.79
CA HIS W 272 64.53 22.26 124.18
C HIS W 272 64.68 21.00 125.02
N ALA W 273 63.58 20.49 125.56
CA ALA W 273 63.63 19.25 126.33
C ALA W 273 63.94 18.12 125.35
N LEU W 274 63.33 18.16 124.16
CA LEU W 274 63.59 17.11 123.17
C LEU W 274 65.02 17.21 122.59
N SER W 275 65.49 18.43 122.33
CA SER W 275 66.83 18.59 121.78
C SER W 275 67.87 18.12 122.79
N PHE W 276 67.61 18.35 124.07
CA PHE W 276 68.53 17.91 125.12
C PHE W 276 68.49 16.39 125.26
N ALA W 277 67.31 15.80 125.06
CA ALA W 277 67.15 14.35 125.15
C ALA W 277 67.84 13.69 123.96
N ILE W 278 67.76 14.35 122.80
CA ILE W 278 68.39 13.84 121.59
C ILE W 278 69.90 13.93 121.74
N ALA W 279 70.40 15.04 122.28
CA ALA W 279 71.84 15.22 122.48
C ALA W 279 72.32 14.16 123.47
N TYR W 280 71.52 13.94 124.51
CA TYR W 280 71.82 12.95 125.54
C TYR W 280 72.04 11.59 124.88
N THR W 281 71.08 11.16 124.06
CA THR W 281 71.19 9.88 123.38
C THR W 281 72.50 9.79 122.59
N TRP W 282 72.85 10.87 121.90
CA TRP W 282 74.07 10.90 121.12
C TRP W 282 75.32 10.79 121.99
N LEU W 283 75.31 11.47 123.13
CA LEU W 283 76.44 11.41 124.04
C LEU W 283 76.60 9.99 124.59
N LYS W 284 75.53 9.48 125.19
CA LYS W 284 75.54 8.13 125.75
C LYS W 284 75.92 7.06 124.75
N GLU W 285 75.50 7.24 123.49
CA GLU W 285 75.79 6.26 122.45
C GLU W 285 76.91 6.63 121.49
N ASP W 286 77.66 7.69 121.81
CA ASP W 286 78.76 8.15 120.97
C ASP W 286 78.37 8.21 119.50
N SER W 287 77.16 8.68 119.22
CA SER W 287 76.68 8.76 117.85
C SER W 287 76.61 10.19 117.30
N TYR W 288 77.76 10.82 117.13
CA TYR W 288 77.85 12.17 116.57
C TYR W 288 79.25 12.41 116.02
N ASP W 289 79.43 13.53 115.32
CA ASP W 289 80.72 13.85 114.72
C ASP W 289 81.71 14.40 115.74
N LYS W 290 82.34 13.50 116.48
CA LYS W 290 83.31 13.89 117.50
C LYS W 290 84.45 14.75 116.98
N GLU W 291 85.02 14.39 115.83
CA GLU W 291 86.13 15.16 115.24
C GLU W 291 85.70 16.60 114.98
N TYR W 292 84.52 16.76 114.37
CA TYR W 292 83.97 18.06 114.05
C TYR W 292 83.80 18.89 115.33
N VAL W 293 83.20 18.28 116.35
CA VAL W 293 82.97 18.95 117.62
C VAL W 293 84.28 19.35 118.30
N ALA W 294 85.25 18.45 118.30
CA ALA W 294 86.53 18.75 118.93
C ALA W 294 87.19 19.96 118.27
N ALA W 295 86.93 20.13 116.99
CA ALA W 295 87.53 21.23 116.24
C ALA W 295 86.71 22.51 116.17
N ASN W 296 85.39 22.39 116.05
CA ASN W 296 84.55 23.57 115.89
C ASN W 296 83.62 23.95 117.03
N ALA W 297 83.87 23.42 118.23
CA ALA W 297 83.00 23.74 119.36
C ALA W 297 83.81 24.23 120.55
N HIS W 298 83.19 25.11 121.34
CA HIS W 298 83.81 25.69 122.52
C HIS W 298 82.95 25.44 123.76
N GLY W 299 83.58 25.01 124.84
CA GLY W 299 82.85 24.74 126.07
C GLY W 299 81.97 23.51 125.96
N PHE W 300 82.27 22.65 125.00
CA PHE W 300 81.46 21.46 124.80
C PHE W 300 81.59 20.42 125.91
N GLU W 301 82.77 20.35 126.53
CA GLU W 301 82.98 19.39 127.61
C GLU W 301 82.04 19.67 128.75
N GLU W 302 81.96 20.94 129.15
CA GLU W 302 81.09 21.33 130.24
C GLU W 302 79.62 21.11 129.89
N TRP W 303 79.24 21.51 128.69
CA TRP W 303 77.87 21.36 128.23
C TRP W 303 77.46 19.88 128.29
N ALA W 304 78.35 19.01 127.85
CA ALA W 304 78.10 17.57 127.86
C ALA W 304 77.88 17.09 129.29
N ASP W 305 78.69 17.56 130.23
CA ASP W 305 78.49 17.16 131.62
C ASP W 305 77.11 17.60 132.05
N TYR W 306 76.68 18.75 131.55
CA TYR W 306 75.37 19.28 131.89
C TYR W 306 74.26 18.39 131.33
N VAL W 307 74.39 18.01 130.07
CA VAL W 307 73.39 17.15 129.44
C VAL W 307 73.31 15.80 130.16
N LEU W 308 74.46 15.31 130.60
CA LEU W 308 74.54 14.04 131.30
C LEU W 308 74.01 14.10 132.73
N GLY W 309 73.64 15.29 133.16
CA GLY W 309 73.10 15.46 134.51
C GLY W 309 74.10 15.60 135.64
N LYS W 310 75.38 15.67 135.29
CA LYS W 310 76.44 15.80 136.29
C LYS W 310 76.39 17.08 137.10
N THR W 311 76.02 18.19 136.47
CA THR W 311 75.98 19.46 137.16
C THR W 311 74.68 19.84 137.86
N ASP W 312 73.53 19.34 137.40
CA ASP W 312 72.27 19.68 138.04
C ASP W 312 71.51 18.48 138.62
N GLY W 313 72.16 17.32 138.64
CA GLY W 313 71.52 16.13 139.17
C GLY W 313 70.38 15.59 138.32
N THR W 314 70.19 16.16 137.13
CA THR W 314 69.10 15.72 136.27
C THR W 314 69.53 15.26 134.88
N PRO W 315 69.78 13.93 134.73
CA PRO W 315 70.18 13.42 133.42
C PRO W 315 69.08 13.76 132.42
N LYS W 316 69.45 14.32 131.27
CA LYS W 316 68.47 14.71 130.26
C LYS W 316 68.01 13.56 129.37
N THR W 317 67.39 12.57 129.99
CA THR W 317 66.89 11.38 129.29
C THR W 317 65.65 11.66 128.44
N CYS W 318 65.28 10.67 127.62
CA CYS W 318 64.09 10.78 126.80
C CYS W 318 62.88 10.65 127.71
N GLU W 319 63.02 9.93 128.81
CA GLU W 319 61.93 9.77 129.76
C GLU W 319 61.67 11.14 130.38
N TRP W 320 62.75 11.83 130.73
CA TRP W 320 62.66 13.17 131.32
C TRP W 320 62.01 14.12 130.31
N ALA W 321 62.44 14.01 129.05
CA ALA W 321 61.91 14.83 127.98
C ALA W 321 60.41 14.60 127.82
N GLU W 322 60.00 13.33 127.88
CA GLU W 322 58.59 12.98 127.75
C GLU W 322 57.80 13.67 128.86
N GLU W 323 58.35 13.65 130.07
CA GLU W 323 57.68 14.25 131.22
C GLU W 323 57.47 15.75 131.03
N GLU W 324 58.33 16.39 130.25
CA GLU W 324 58.21 17.82 130.01
C GLU W 324 57.27 18.14 128.85
N SER W 325 57.55 17.53 127.70
CA SER W 325 56.82 17.76 126.46
C SER W 325 55.56 16.95 126.21
N GLY W 326 55.53 15.72 126.71
CA GLY W 326 54.37 14.88 126.47
C GLY W 326 54.59 14.01 125.26
N VAL W 327 55.75 14.11 124.63
CA VAL W 327 56.09 13.29 123.47
C VAL W 327 56.69 11.99 124.02
N PRO W 328 56.17 10.83 123.57
CA PRO W 328 56.67 9.54 124.04
C PRO W 328 58.19 9.45 124.01
N ALA W 329 58.78 8.98 125.11
CA ALA W 329 60.23 8.84 125.22
C ALA W 329 60.80 7.92 124.13
N CYS W 330 60.08 6.84 123.83
CA CYS W 330 60.56 5.90 122.82
C CYS W 330 60.68 6.54 121.44
N GLU W 331 59.73 7.41 121.09
CA GLU W 331 59.75 8.07 119.79
C GLU W 331 60.87 9.11 119.74
N ILE W 332 61.16 9.74 120.88
CA ILE W 332 62.23 10.73 120.92
C ILE W 332 63.54 10.01 120.63
N ARG W 333 63.77 8.90 121.32
CA ARG W 333 64.99 8.13 121.15
C ARG W 333 65.11 7.56 119.74
N ALA W 334 63.98 7.11 119.18
CA ALA W 334 63.98 6.56 117.84
C ALA W 334 64.46 7.63 116.86
N LEU W 335 63.96 8.85 117.03
CA LEU W 335 64.35 9.96 116.16
C LEU W 335 65.84 10.23 116.32
N ALA W 336 66.31 10.26 117.56
CA ALA W 336 67.72 10.51 117.85
C ALA W 336 68.63 9.51 117.16
N ARG W 337 68.31 8.23 117.27
CA ARG W 337 69.12 7.19 116.65
C ARG W 337 69.07 7.25 115.14
N GLN W 338 67.91 7.55 114.58
CA GLN W 338 67.76 7.64 113.12
C GLN W 338 68.49 8.88 112.60
N TRP W 339 68.36 9.97 113.33
CA TRP W 339 68.98 11.25 112.98
C TRP W 339 70.49 11.06 112.84
N ALA W 340 71.06 10.35 113.81
CA ALA W 340 72.50 10.12 113.83
C ALA W 340 73.03 9.21 112.73
N LYS W 341 72.31 8.12 112.44
CA LYS W 341 72.80 7.19 111.42
C LYS W 341 72.45 7.54 109.97
N LYS W 342 71.55 8.48 109.77
CA LYS W 342 71.18 8.86 108.41
C LYS W 342 71.65 10.27 108.09
N ASN W 343 71.74 10.59 106.81
CA ASN W 343 72.14 11.93 106.39
C ASN W 343 70.90 12.76 106.65
N THR W 344 70.91 13.49 107.77
CA THR W 344 69.77 14.30 108.19
C THR W 344 69.97 15.81 108.17
N TYR W 345 69.01 16.52 107.58
CA TYR W 345 69.05 17.97 107.54
C TYR W 345 68.03 18.49 108.56
N LEU W 346 68.45 19.49 109.33
CA LEU W 346 67.57 20.07 110.33
C LEU W 346 66.83 21.27 109.76
N ALA W 347 65.52 21.11 109.60
CA ALA W 347 64.69 22.18 109.07
C ALA W 347 64.12 22.98 110.23
N ALA W 348 64.97 23.78 110.87
CA ALA W 348 64.54 24.60 111.99
C ALA W 348 63.89 25.87 111.41
N GLY W 349 62.61 26.06 111.69
CA GLY W 349 61.92 27.22 111.16
C GLY W 349 61.60 26.99 109.69
N GLY W 350 60.78 27.85 109.10
CA GLY W 350 60.45 27.68 107.70
C GLY W 350 61.44 28.29 106.72
N LEU W 351 62.27 29.21 107.21
CA LEU W 351 63.24 29.89 106.37
C LEU W 351 64.63 29.29 106.39
N GLY W 352 64.95 28.60 107.47
CA GLY W 352 66.29 28.08 107.65
C GLY W 352 66.61 29.12 108.69
N GLY W 353 66.05 28.90 109.87
CA GLY W 353 66.18 29.86 110.94
C GLY W 353 64.73 30.26 111.18
N TRP W 354 64.47 31.20 112.07
CA TRP W 354 63.10 31.61 112.38
C TRP W 354 62.36 30.44 113.04
N GLY W 355 61.04 30.46 112.94
CA GLY W 355 60.23 29.42 113.55
C GLY W 355 59.46 29.97 114.74
N GLY W 356 58.16 29.67 114.80
CA GLY W 356 57.34 30.13 115.91
C GLY W 356 57.98 29.93 117.27
N ALA W 357 58.69 28.82 117.42
CA ALA W 357 59.34 28.52 118.67
C ALA W 357 60.35 29.57 119.14
N CYS W 358 60.95 30.29 118.20
CA CYS W 358 61.95 31.29 118.55
C CYS W 358 61.38 32.53 119.23
N ARG W 359 60.09 32.81 119.03
CA ARG W 359 59.48 33.94 119.72
C ARG W 359 58.47 33.42 120.74
N ALA W 360 59.02 32.86 121.81
CA ALA W 360 58.25 32.27 122.89
C ALA W 360 59.14 32.38 124.14
N SER W 361 58.60 32.06 125.31
CA SER W 361 59.40 32.18 126.52
C SER W 361 60.66 31.30 126.51
N HIS W 362 60.65 30.24 125.70
CA HIS W 362 61.79 29.34 125.61
C HIS W 362 62.56 29.56 124.30
N GLY W 363 62.25 30.66 123.62
CA GLY W 363 62.90 30.95 122.34
C GLY W 363 64.42 30.83 122.29
N ILE W 364 65.10 31.39 123.28
CA ILE W 364 66.55 31.34 123.31
C ILE W 364 67.12 29.93 123.31
N GLU W 365 66.63 29.09 124.22
CA GLU W 365 67.14 27.72 124.29
C GLU W 365 66.73 26.84 123.11
N TRP W 366 65.59 27.13 122.50
CA TRP W 366 65.19 26.33 121.34
C TRP W 366 66.19 26.58 120.23
N ALA W 367 66.44 27.86 119.95
CA ALA W 367 67.38 28.25 118.92
C ALA W 367 68.75 27.65 119.21
N ARG W 368 69.24 27.80 120.44
CA ARG W 368 70.54 27.25 120.80
C ARG W 368 70.55 25.73 120.73
N GLY W 369 69.39 25.12 120.96
CA GLY W 369 69.28 23.67 120.91
C GLY W 369 69.39 23.18 119.46
N MET W 370 68.80 23.94 118.54
CA MET W 370 68.85 23.59 117.12
C MET W 370 70.28 23.70 116.61
N ILE W 371 71.02 24.67 117.14
CA ILE W 371 72.42 24.88 116.77
C ILE W 371 73.27 23.74 117.36
N ALA W 372 72.97 23.38 118.61
CA ALA W 372 73.69 22.32 119.29
C ALA W 372 73.61 21.02 118.51
N LEU W 373 72.38 20.64 118.17
CA LEU W 373 72.14 19.42 117.41
C LEU W 373 72.80 19.44 116.02
N ALA W 374 72.61 20.54 115.29
CA ALA W 374 73.19 20.66 113.96
C ALA W 374 74.71 20.62 114.01
N THR W 375 75.28 21.12 115.10
CA THR W 375 76.72 21.13 115.28
C THR W 375 77.24 19.73 115.59
N MET W 376 76.57 19.03 116.50
CA MET W 376 76.98 17.68 116.88
C MET W 376 76.99 16.74 115.69
N GLN W 377 76.15 17.02 114.70
CA GLN W 377 76.06 16.19 113.52
C GLN W 377 76.93 16.71 112.36
N GLY W 378 77.76 17.70 112.66
CA GLY W 378 78.67 18.26 111.68
C GLY W 378 78.07 19.05 110.53
N MET W 379 77.27 20.05 110.85
CA MET W 379 76.64 20.87 109.83
C MET W 379 77.67 21.47 108.86
N GLY W 380 77.35 21.39 107.57
CA GLY W 380 78.24 21.92 106.56
C GLY W 380 78.79 20.86 105.62
N LYS W 381 78.93 19.64 106.13
CA LYS W 381 79.46 18.56 105.29
C LYS W 381 78.33 17.98 104.45
N PRO W 382 78.68 17.25 103.37
CA PRO W 382 77.65 16.67 102.51
C PRO W 382 76.68 15.78 103.28
N GLY W 383 75.38 16.08 103.16
CA GLY W 383 74.36 15.29 103.83
C GLY W 383 74.01 15.68 105.26
N SER W 384 74.63 16.73 105.79
CA SER W 384 74.33 17.15 107.15
C SER W 384 74.42 18.67 107.30
N ASN W 385 73.28 19.31 107.56
CA ASN W 385 73.27 20.75 107.70
C ASN W 385 71.91 21.23 108.18
N MET W 386 71.81 22.52 108.47
CA MET W 386 70.54 23.10 108.88
C MET W 386 69.95 23.65 107.58
N TRP W 387 68.87 23.04 107.11
CA TRP W 387 68.22 23.44 105.87
C TRP W 387 66.73 23.17 105.96
N SER W 388 65.91 24.16 105.63
CA SER W 388 64.46 24.01 105.72
C SER W 388 63.78 23.75 104.38
N THR W 389 64.56 23.39 103.38
CA THR W 389 64.06 23.11 102.04
C THR W 389 63.44 24.29 101.30
N THR W 390 63.44 25.48 101.91
CA THR W 390 62.86 26.64 101.24
C THR W 390 63.88 27.50 100.50
N GLN W 391 65.11 27.53 100.99
CA GLN W 391 66.16 28.31 100.34
C GLN W 391 67.18 27.35 99.72
N GLY W 392 68.32 27.87 99.30
CA GLY W 392 69.34 27.03 98.70
C GLY W 392 69.22 26.77 97.20
N VAL W 393 68.25 27.40 96.54
CA VAL W 393 68.08 27.21 95.11
C VAL W 393 69.33 27.80 94.43
N PRO W 394 69.89 27.10 93.42
CA PRO W 394 71.09 27.55 92.71
C PRO W 394 70.89 28.72 91.73
N LEU W 395 70.33 29.81 92.22
CA LEU W 395 70.12 30.98 91.37
C LEU W 395 71.44 31.75 91.26
N ASP W 396 71.51 32.70 90.33
CA ASP W 396 72.73 33.47 90.14
C ASP W 396 72.95 34.46 91.29
N TYR W 397 73.65 34.00 92.31
CA TYR W 397 73.93 34.82 93.49
C TYR W 397 74.84 36.01 93.16
N GLU W 398 75.50 35.96 92.01
CA GLU W 398 76.40 37.04 91.63
C GLU W 398 75.72 38.17 90.86
N PHE W 399 74.50 37.93 90.40
CA PHE W 399 73.74 38.96 89.70
C PHE W 399 73.21 39.86 90.81
N TYR W 400 73.36 41.17 90.66
CA TYR W 400 72.90 42.06 91.70
C TYR W 400 71.63 42.88 91.45
N PHE W 401 70.64 42.67 92.32
CA PHE W 401 69.40 43.43 92.30
C PHE W 401 69.04 43.58 93.77
N PRO W 402 68.88 44.84 94.22
CA PRO W 402 68.55 45.20 95.61
C PRO W 402 67.25 44.65 96.16
N GLY W 403 67.24 44.40 97.47
CA GLY W 403 66.05 43.95 98.16
C GLY W 403 65.46 45.21 98.77
N TYR W 404 64.21 45.17 99.23
CA TYR W 404 63.60 46.37 99.80
C TYR W 404 64.33 46.86 101.04
N ALA W 405 64.92 45.94 101.79
CA ALA W 405 65.62 46.30 103.02
C ALA W 405 66.88 47.14 102.76
N GLU W 406 67.34 47.16 101.52
CA GLU W 406 68.55 47.92 101.19
C GLU W 406 68.34 49.44 101.12
N GLY W 407 67.15 49.90 101.52
CA GLY W 407 66.91 51.34 101.59
C GLY W 407 66.30 52.13 100.44
N GLY W 408 66.32 51.60 99.23
CA GLY W 408 65.74 52.33 98.12
C GLY W 408 66.18 53.78 98.04
N ILE W 409 65.21 54.71 98.05
CA ILE W 409 65.52 56.13 97.93
C ILE W 409 65.92 56.88 99.20
N SER W 410 66.03 56.19 100.33
CA SER W 410 66.41 56.87 101.55
C SER W 410 67.94 56.94 101.73
N GLY W 411 68.61 55.84 101.39
CA GLY W 411 70.05 55.78 101.55
C GLY W 411 70.45 55.83 103.01
N ASP W 412 69.48 55.55 103.90
CA ASP W 412 69.73 55.56 105.34
C ASP W 412 70.68 54.41 105.68
N CYS W 413 71.93 54.74 105.98
CA CYS W 413 72.94 53.72 106.28
C CYS W 413 72.82 53.00 107.61
N GLU W 414 72.10 53.58 108.56
CA GLU W 414 71.96 52.96 109.87
C GLU W 414 70.65 52.19 110.08
N ASN W 415 69.60 52.58 109.38
CA ASN W 415 68.31 51.92 109.54
C ASN W 415 67.89 51.06 108.37
N SER W 416 68.77 50.95 107.37
CA SER W 416 68.51 50.12 106.21
C SER W 416 69.86 49.48 105.88
N ALA W 417 69.86 48.52 104.96
CA ALA W 417 71.08 47.84 104.58
C ALA W 417 71.76 48.56 103.40
N ALA W 418 71.41 49.83 103.20
CA ALA W 418 71.96 50.63 102.10
C ALA W 418 73.48 50.70 102.11
N GLY W 419 74.06 50.85 103.30
CA GLY W 419 75.50 50.95 103.41
C GLY W 419 76.30 49.81 102.84
N PHE W 420 75.68 48.65 102.66
CA PHE W 420 76.39 47.51 102.13
C PHE W 420 76.81 47.65 100.67
N LYS W 421 75.87 48.00 99.80
CA LYS W 421 76.19 48.13 98.38
C LYS W 421 75.33 49.12 97.61
N PHE W 422 74.02 49.06 97.83
CA PHE W 422 73.08 49.93 97.12
C PHE W 422 73.35 51.43 97.22
N ALA W 423 73.47 51.94 98.44
CA ALA W 423 73.71 53.36 98.64
C ALA W 423 74.84 53.86 97.76
N TRP W 424 75.87 53.04 97.62
CA TRP W 424 77.03 53.39 96.82
C TRP W 424 76.71 53.40 95.33
N ARG W 425 75.64 52.72 94.94
CA ARG W 425 75.24 52.66 93.55
C ARG W 425 74.18 53.70 93.21
N MET W 426 73.25 53.91 94.14
CA MET W 426 72.14 54.84 93.96
C MET W 426 72.46 56.34 94.05
N PHE W 427 73.41 56.70 94.90
CA PHE W 427 73.77 58.11 95.05
C PHE W 427 75.16 58.41 94.55
N ASP W 428 75.34 59.62 94.01
CA ASP W 428 76.61 60.05 93.45
C ASP W 428 77.31 61.20 94.16
N GLY W 429 76.71 61.73 95.21
CA GLY W 429 77.33 62.83 95.92
C GLY W 429 77.53 64.02 94.99
N LYS W 430 76.68 64.09 93.97
CA LYS W 430 76.76 65.18 93.00
C LYS W 430 75.38 65.75 92.65
N THR W 431 74.46 64.89 92.22
CA THR W 431 73.13 65.31 91.82
C THR W 431 71.99 64.76 92.68
N THR W 432 72.17 63.56 93.21
CA THR W 432 71.14 62.94 94.04
C THR W 432 71.74 62.62 95.41
N PHE W 433 70.99 62.94 96.48
CA PHE W 433 71.50 62.73 97.84
C PHE W 433 70.62 61.93 98.79
N PRO W 434 71.24 61.22 99.75
CA PRO W 434 70.58 60.39 100.76
C PRO W 434 69.88 61.24 101.82
N SER W 435 69.09 60.59 102.66
CA SER W 435 68.36 61.28 103.72
C SER W 435 68.66 60.61 105.07
N PRO W 436 69.74 61.03 105.74
CA PRO W 436 70.17 60.49 107.04
C PRO W 436 69.32 61.01 108.18
N SER W 437 69.36 60.31 109.30
CA SER W 437 68.63 60.73 110.50
C SER W 437 69.63 60.84 111.64
N ASN W 438 69.74 62.02 112.24
CA ASN W 438 70.68 62.17 113.36
C ASN W 438 69.95 61.91 114.67
N LEU W 439 68.71 61.41 114.56
CA LEU W 439 67.90 61.09 115.74
C LEU W 439 67.69 59.58 115.85
N ASN W 440 67.39 58.93 114.74
CA ASN W 440 67.18 57.48 114.75
C ASN W 440 68.57 56.83 114.70
N THR W 441 69.28 56.96 115.82
CA THR W 441 70.63 56.42 115.95
C THR W 441 70.81 56.15 117.44
N SER W 442 71.82 55.36 117.81
CA SER W 442 72.02 55.04 119.22
C SER W 442 72.22 56.24 120.13
N ALA W 443 72.99 57.22 119.66
CA ALA W 443 73.25 58.42 120.46
C ALA W 443 72.06 59.37 120.46
N GLY W 444 71.05 59.07 119.65
CA GLY W 444 69.87 59.91 119.58
C GLY W 444 68.76 59.37 120.46
N GLN W 445 67.55 59.25 119.93
CA GLN W 445 66.45 58.72 120.72
C GLN W 445 65.45 57.89 119.92
N HIS W 446 65.17 56.69 120.43
CA HIS W 446 64.21 55.79 119.84
C HIS W 446 63.57 55.10 121.04
N ILE W 447 62.55 54.28 120.81
CA ILE W 447 61.90 53.53 121.87
C ILE W 447 61.53 52.16 121.32
N PRO W 448 61.36 51.16 122.19
CA PRO W 448 61.00 49.80 121.75
C PRO W 448 59.55 49.70 121.29
N ARG W 449 59.34 49.12 120.11
CA ARG W 449 57.98 48.95 119.60
C ARG W 449 57.14 48.17 120.61
N LEU W 450 57.76 47.19 121.25
CA LEU W 450 57.07 46.35 122.23
C LEU W 450 56.71 47.10 123.50
N LYS W 451 57.31 48.28 123.70
CA LYS W 451 57.03 49.03 124.92
C LYS W 451 56.56 50.47 124.71
N ILE W 452 55.93 50.73 123.57
CA ILE W 452 55.41 52.06 123.28
C ILE W 452 54.35 52.44 124.33
N PRO W 453 53.47 51.50 124.71
CA PRO W 453 52.43 51.80 125.70
C PRO W 453 52.99 52.30 127.03
N GLU W 454 54.02 51.63 127.53
CA GLU W 454 54.65 52.00 128.80
C GLU W 454 55.33 53.35 128.69
N CYS W 455 55.92 53.62 127.53
CA CYS W 455 56.60 54.89 127.32
C CYS W 455 55.61 56.06 127.36
N ILE W 456 54.46 55.88 126.70
CA ILE W 456 53.45 56.93 126.65
C ILE W 456 52.77 57.14 128.01
N MET W 457 52.21 56.08 128.57
CA MET W 457 51.51 56.16 129.85
C MET W 457 52.45 56.28 131.06
N GLY W 458 53.60 55.62 131.00
CA GLY W 458 54.54 55.66 132.10
C GLY W 458 55.48 56.85 132.02
N GLY W 459 55.75 57.30 130.80
CA GLY W 459 56.63 58.45 130.60
C GLY W 459 58.10 58.13 130.82
N LYS W 460 58.42 56.85 130.92
CA LYS W 460 59.80 56.45 131.16
C LYS W 460 60.00 54.96 130.93
N PHE W 461 61.21 54.58 130.52
CA PHE W 461 61.54 53.18 130.30
C PHE W 461 63.04 53.00 130.12
N GLN W 462 63.51 51.78 130.39
CA GLN W 462 64.93 51.45 130.27
C GLN W 462 64.98 50.03 129.69
N TRP W 463 65.83 49.81 128.69
CA TRP W 463 65.91 48.51 128.04
C TRP W 463 67.27 48.24 127.39
N SER W 464 67.39 47.07 126.76
CA SER W 464 68.62 46.66 126.10
C SER W 464 68.49 46.60 124.57
N GLY W 465 69.48 47.14 123.88
CA GLY W 465 69.50 47.13 122.42
C GLY W 465 68.56 48.07 121.69
N LYS W 466 68.89 48.36 120.43
CA LYS W 466 68.08 49.22 119.59
C LYS W 466 67.62 48.43 118.36
N GLY W 467 66.30 48.28 118.22
CA GLY W 467 65.74 47.55 117.09
C GLY W 467 66.49 46.28 116.73
N PHE W 468 66.83 46.14 115.45
CA PHE W 468 67.57 44.99 114.94
C PHE W 468 69.05 45.24 115.16
N ALA W 469 69.64 44.61 116.17
CA ALA W 469 71.06 44.81 116.46
C ALA W 469 71.95 43.80 115.74
N GLY W 470 72.00 43.89 114.41
CA GLY W 470 72.80 42.96 113.63
C GLY W 470 74.25 43.35 113.39
N GLY W 471 74.63 44.54 113.86
CA GLY W 471 75.99 45.00 113.67
C GLY W 471 77.04 44.04 114.19
N ASP W 472 76.87 43.60 115.42
CA ASP W 472 77.80 42.67 116.06
C ASP W 472 77.09 41.95 117.20
N ILE W 473 77.61 40.79 117.60
CA ILE W 473 77.01 40.01 118.66
C ILE W 473 76.60 40.81 119.91
N SER W 474 77.49 41.67 120.40
CA SER W 474 77.17 42.43 121.61
C SER W 474 76.42 43.75 121.47
N HIS W 475 76.04 44.12 120.26
CA HIS W 475 75.29 45.37 120.10
C HIS W 475 73.97 45.38 120.87
N GLN W 476 73.30 44.23 120.90
CA GLN W 476 72.01 44.09 121.60
C GLN W 476 72.15 44.26 123.11
N LEU W 477 73.38 44.28 123.60
CA LEU W 477 73.60 44.40 125.03
C LEU W 477 73.70 45.84 125.49
N HIS W 478 73.90 46.76 124.54
CA HIS W 478 74.00 48.16 124.86
C HIS W 478 72.74 48.65 125.57
N GLN W 479 72.91 49.47 126.59
CA GLN W 479 71.79 49.97 127.37
C GLN W 479 71.21 51.30 126.90
N TYR W 480 69.87 51.39 126.89
CA TYR W 480 69.17 52.61 126.47
C TYR W 480 68.08 53.02 127.47
N GLU W 481 67.61 54.26 127.33
CA GLU W 481 66.59 54.80 128.22
C GLU W 481 65.66 55.79 127.52
N TYR W 482 64.49 56.01 128.10
CA TYR W 482 63.50 56.95 127.58
C TYR W 482 62.94 57.74 128.76
N PRO W 483 62.91 59.07 128.64
CA PRO W 483 63.40 59.81 127.47
C PRO W 483 64.93 59.77 127.41
N ALA W 484 65.48 59.76 126.20
CA ALA W 484 66.92 59.74 126.04
C ALA W 484 67.51 61.04 126.59
N PRO W 485 68.74 60.99 127.14
CA PRO W 485 69.41 62.17 127.70
C PRO W 485 69.32 63.42 126.81
N GLY W 486 68.75 64.49 127.36
CA GLY W 486 68.63 65.72 126.62
C GLY W 486 67.43 65.82 125.69
N TYR W 487 66.84 64.68 125.33
CA TYR W 487 65.68 64.68 124.44
C TYR W 487 64.33 64.83 125.14
N SER W 488 63.29 65.04 124.34
CA SER W 488 61.95 65.25 124.88
C SER W 488 61.03 64.04 124.81
N LYS W 489 60.12 63.95 125.77
CA LYS W 489 59.15 62.85 125.81
C LYS W 489 58.21 63.04 124.62
N ILE W 490 57.51 61.97 124.27
CA ILE W 490 56.57 62.00 123.15
C ILE W 490 55.36 62.90 123.36
N LYS W 491 55.03 63.69 122.34
CA LYS W 491 53.89 64.60 122.38
C LYS W 491 52.94 64.28 121.22
N MET W 492 53.51 63.77 120.14
CA MET W 492 52.75 63.45 118.93
C MET W 492 53.11 62.05 118.47
N PHE W 493 52.15 61.36 117.86
CA PHE W 493 52.40 60.02 117.36
C PHE W 493 51.91 59.91 115.92
N TRP W 494 52.84 59.74 115.00
CA TRP W 494 52.50 59.61 113.59
C TRP W 494 52.52 58.11 113.27
N LYS W 495 51.36 57.47 113.29
CA LYS W 495 51.30 56.06 112.97
C LYS W 495 51.17 55.82 111.48
N TYR W 496 51.79 54.75 111.02
CA TYR W 496 51.79 54.33 109.63
C TYR W 496 51.21 52.92 109.73
N GLY W 497 49.93 52.76 109.37
CA GLY W 497 49.26 51.48 109.51
C GLY W 497 48.74 51.38 110.93
N GLY W 498 48.10 50.26 111.30
CA GLY W 498 47.60 50.14 112.67
C GLY W 498 47.24 48.71 113.02
N PRO W 499 48.21 47.78 112.94
CA PRO W 499 48.01 46.35 113.24
C PRO W 499 48.45 45.84 114.61
N HIS W 500 49.03 46.69 115.45
CA HIS W 500 49.54 46.23 116.74
C HIS W 500 48.58 45.55 117.70
N LEU W 501 47.31 45.92 117.67
CA LEU W 501 46.35 45.29 118.56
C LEU W 501 46.32 43.79 118.27
N GLY W 502 46.65 43.41 117.04
CA GLY W 502 46.63 42.00 116.68
C GLY W 502 47.98 41.38 116.39
N THR W 503 49.06 42.15 116.51
CA THR W 503 50.39 41.61 116.23
C THR W 503 51.42 41.71 117.34
N MET W 504 51.16 42.53 118.36
CA MET W 504 52.11 42.66 119.44
C MET W 504 51.77 41.75 120.63
N THR W 505 52.02 42.19 121.86
CA THR W 505 51.75 41.37 123.05
C THR W 505 50.81 42.03 124.07
N ALA W 506 49.98 41.22 124.74
CA ALA W 506 49.01 41.72 125.73
C ALA W 506 48.53 43.08 125.23
N THR W 507 48.06 43.07 123.98
CA THR W 507 47.63 44.26 123.26
C THR W 507 46.55 45.21 123.78
N ASN W 508 45.89 44.88 124.88
CA ASN W 508 44.88 45.81 125.40
C ASN W 508 45.60 47.09 125.81
N ARG W 509 46.86 46.96 126.21
CA ARG W 509 47.66 48.12 126.63
C ARG W 509 47.87 49.09 125.46
N TYR W 510 47.85 48.56 124.24
CA TYR W 510 48.01 49.42 123.06
C TYR W 510 46.76 50.27 122.85
N ALA W 511 45.61 49.72 123.23
CA ALA W 511 44.36 50.44 123.09
C ALA W 511 44.26 51.51 124.18
N LYS W 512 44.79 51.20 125.36
CA LYS W 512 44.75 52.12 126.49
C LYS W 512 45.61 53.39 126.33
N MET W 513 46.79 53.22 125.75
CA MET W 513 47.72 54.33 125.57
C MET W 513 47.20 55.53 124.79
N TYR W 514 46.30 55.26 123.84
CA TYR W 514 45.75 56.33 123.00
C TYR W 514 44.99 57.44 123.72
N THR W 515 44.39 57.11 124.85
CA THR W 515 43.62 58.09 125.61
C THR W 515 44.43 58.81 126.69
N HIS W 516 45.74 58.60 126.73
CA HIS W 516 46.56 59.26 127.74
C HIS W 516 46.65 60.75 127.39
N ASP W 517 46.45 61.61 128.39
CA ASP W 517 46.49 63.05 128.16
C ASP W 517 47.84 63.62 127.75
N SER W 518 48.89 62.80 127.77
CA SER W 518 50.22 63.28 127.35
C SER W 518 50.28 63.25 125.82
N LEU W 519 49.40 62.45 125.22
CA LEU W 519 49.36 62.36 123.77
C LEU W 519 48.52 63.52 123.22
N GLU W 520 49.19 64.57 122.77
CA GLU W 520 48.50 65.74 122.25
C GLU W 520 47.94 65.54 120.85
N PHE W 521 48.59 64.72 120.04
CA PHE W 521 48.13 64.53 118.68
C PHE W 521 48.48 63.17 118.08
N VAL W 522 47.49 62.55 117.42
CA VAL W 522 47.68 61.25 116.79
C VAL W 522 47.24 61.28 115.32
N VAL W 523 48.15 60.88 114.44
CA VAL W 523 47.88 60.84 113.00
C VAL W 523 48.08 59.41 112.49
N SER W 524 47.15 58.95 111.66
CA SER W 524 47.28 57.62 111.10
C SER W 524 47.33 57.68 109.59
N GLN W 525 48.43 57.18 109.02
CA GLN W 525 48.62 57.14 107.59
C GLN W 525 48.50 55.67 107.24
N SER W 526 47.31 55.26 106.80
CA SER W 526 47.06 53.87 106.51
C SER W 526 46.23 53.66 105.25
N ILE W 527 45.99 52.39 104.93
CA ILE W 527 45.23 52.02 103.76
C ILE W 527 43.79 51.65 104.11
N TRP W 528 43.62 50.85 105.15
CA TRP W 528 42.31 50.39 105.58
C TRP W 528 41.91 50.92 106.96
N PHE W 529 40.61 51.15 107.12
CA PHE W 529 40.05 51.63 108.37
C PHE W 529 39.82 50.37 109.22
N GLU W 530 40.82 50.02 110.02
CA GLU W 530 40.75 48.82 110.87
C GLU W 530 41.74 48.96 112.03
N GLY W 531 41.70 47.98 112.92
CA GLY W 531 42.61 47.95 114.06
C GLY W 531 42.77 49.22 114.88
N GLU W 532 43.97 49.80 114.84
CA GLU W 532 44.28 51.01 115.58
C GLU W 532 43.87 52.31 114.91
N VAL W 533 43.56 52.26 113.62
CA VAL W 533 43.18 53.47 112.90
C VAL W 533 42.05 54.30 113.54
N PRO W 534 41.03 53.64 114.11
CA PRO W 534 39.92 54.37 114.76
C PRO W 534 40.24 55.10 116.06
N PHE W 535 41.53 55.22 116.40
CA PHE W 535 41.94 55.93 117.62
C PHE W 535 42.63 57.24 117.25
N ALA W 536 42.91 57.42 115.96
CA ALA W 536 43.61 58.62 115.49
C ALA W 536 42.76 59.89 115.46
N ASP W 537 43.43 61.04 115.52
CA ASP W 537 42.76 62.33 115.47
C ASP W 537 42.57 62.73 114.00
N ILE W 538 43.56 62.39 113.18
CA ILE W 538 43.54 62.65 111.74
C ILE W 538 43.98 61.39 111.01
N ILE W 539 43.22 60.99 109.99
CA ILE W 539 43.51 59.79 109.21
C ILE W 539 43.80 60.15 107.76
N LEU W 540 44.97 59.70 107.25
CA LEU W 540 45.38 59.99 105.88
C LEU W 540 45.32 58.70 105.05
N PRO W 541 44.51 58.70 103.97
CA PRO W 541 44.34 57.55 103.09
C PRO W 541 45.47 57.30 102.09
N ALA W 542 46.15 56.16 102.24
CA ALA W 542 47.22 55.78 101.32
C ALA W 542 46.65 54.68 100.43
N CYS W 543 47.27 54.44 99.27
CA CYS W 543 46.79 53.42 98.35
C CYS W 543 47.67 52.16 98.36
N THR W 544 47.18 51.09 97.74
CA THR W 544 47.93 49.84 97.67
C THR W 544 48.94 49.95 96.53
N ASN W 545 49.82 48.97 96.39
CA ASN W 545 50.82 49.02 95.34
C ASN W 545 50.23 48.88 93.94
N PHE W 546 48.97 48.45 93.82
CA PHE W 546 48.38 48.33 92.49
C PHE W 546 47.91 49.67 91.96
N GLU W 547 48.00 50.70 92.79
CA GLU W 547 47.57 52.04 92.41
C GLU W 547 48.72 53.06 92.32
N ARG W 548 49.93 52.56 92.13
CA ARG W 548 51.11 53.42 92.01
C ARG W 548 52.23 52.69 91.28
N TRP W 549 53.24 53.44 90.86
CA TRP W 549 54.37 52.84 90.15
C TRP W 549 55.48 52.43 91.12
N ASP W 550 56.03 51.25 90.90
CA ASP W 550 57.13 50.77 91.73
C ASP W 550 57.88 49.67 90.99
N ILE W 551 58.88 49.11 91.65
CA ILE W 551 59.70 48.04 91.07
C ILE W 551 60.17 47.13 92.21
N SER W 552 60.28 45.83 91.94
CA SER W 552 60.72 44.89 92.96
C SER W 552 61.12 43.55 92.35
N GLU W 553 61.60 42.65 93.20
CA GLU W 553 61.98 41.30 92.76
C GLU W 553 61.29 40.29 93.66
N PHE W 554 60.87 39.19 93.05
CA PHE W 554 60.19 38.09 93.73
C PHE W 554 60.85 37.75 95.07
N ALA W 555 60.13 38.03 96.15
CA ALA W 555 60.55 37.74 97.52
C ALA W 555 61.90 38.30 97.97
N ASN W 556 62.45 39.27 97.23
CA ASN W 556 63.76 39.81 97.60
C ASN W 556 63.72 40.85 98.72
N CYS W 557 64.07 40.42 99.92
CA CYS W 557 64.12 41.28 101.11
C CYS W 557 65.55 41.83 101.24
N SER W 558 66.52 40.92 101.25
CA SER W 558 67.92 41.26 101.38
C SER W 558 68.23 41.86 102.76
N GLY W 559 69.32 42.61 102.85
CA GLY W 559 69.69 43.20 104.13
C GLY W 559 69.95 42.13 105.17
N TYR W 560 69.08 42.05 106.17
CA TYR W 560 69.24 41.06 107.23
C TYR W 560 68.94 39.64 106.75
N ILE W 561 68.62 39.51 105.47
CA ILE W 561 68.38 38.20 104.88
C ILE W 561 68.99 38.25 103.49
N PRO W 562 70.33 38.38 103.41
CA PRO W 562 71.05 38.44 102.14
C PRO W 562 70.66 37.36 101.15
N ASP W 563 70.38 37.78 99.92
CA ASP W 563 70.04 36.86 98.85
C ASP W 563 68.88 35.93 99.14
N ASN W 564 67.87 36.37 99.89
CA ASN W 564 66.75 35.49 100.19
C ASN W 564 65.87 35.21 98.97
N TYR W 565 66.21 35.81 97.83
CA TYR W 565 65.45 35.55 96.61
C TYR W 565 65.65 34.08 96.27
N GLN W 566 66.63 33.45 96.90
CA GLN W 566 66.90 32.04 96.66
C GLN W 566 65.78 31.17 97.21
N LEU W 567 64.70 31.82 97.65
CA LEU W 567 63.52 31.14 98.16
C LEU W 567 62.67 30.71 96.97
N CYS W 568 62.84 31.41 95.86
CA CYS W 568 62.07 31.15 94.65
C CYS W 568 62.76 30.26 93.63
N ASN W 569 61.97 29.68 92.73
CA ASN W 569 62.50 28.80 91.69
C ASN W 569 63.23 29.60 90.60
N HIS W 570 62.96 30.90 90.54
CA HIS W 570 63.59 31.79 89.57
C HIS W 570 63.70 33.19 90.15
N ARG W 571 64.72 33.94 89.76
CA ARG W 571 64.81 35.31 90.22
C ARG W 571 63.94 36.06 89.21
N VAL W 572 62.89 36.71 89.69
CA VAL W 572 61.99 37.44 88.81
C VAL W 572 61.88 38.89 89.23
N ILE W 573 62.31 39.77 88.33
CA ILE W 573 62.29 41.20 88.55
C ILE W 573 61.15 41.78 87.74
N SER W 574 60.18 42.40 88.41
CA SER W 574 59.06 42.94 87.68
C SER W 574 58.73 44.38 87.98
N LEU W 575 58.17 45.05 86.98
CA LEU W 575 57.73 46.43 87.12
C LEU W 575 56.38 46.33 87.80
N GLN W 576 56.15 47.18 88.79
CA GLN W 576 54.86 47.18 89.46
C GLN W 576 54.08 48.33 88.83
N ALA W 577 53.39 48.02 87.75
CA ALA W 577 52.61 49.01 87.02
C ALA W 577 51.42 49.56 87.79
N LYS W 578 51.15 50.85 87.62
CA LYS W 578 50.01 51.49 88.26
C LYS W 578 48.81 51.01 87.46
N CYS W 579 48.26 49.87 87.84
CA CYS W 579 47.14 49.26 87.14
C CYS W 579 45.86 50.10 87.10
N ILE W 580 45.50 50.70 88.23
CA ILE W 580 44.29 51.52 88.28
C ILE W 580 44.58 52.80 89.04
N GLU W 581 43.67 53.76 88.93
CA GLU W 581 43.82 55.03 89.63
C GLU W 581 43.57 54.79 91.11
N PRO W 582 44.18 55.61 91.98
CA PRO W 582 43.97 55.42 93.41
C PRO W 582 42.47 55.38 93.69
N VAL W 583 42.08 54.53 94.63
CA VAL W 583 40.67 54.39 95.01
C VAL W 583 40.27 55.48 96.00
N GLY W 584 39.06 56.01 95.82
CA GLY W 584 38.61 57.06 96.72
C GLY W 584 39.52 58.27 96.59
N GLU W 585 39.81 58.92 97.72
CA GLU W 585 40.66 60.10 97.71
C GLU W 585 42.05 59.77 98.26
N SER W 586 42.43 58.50 98.15
CA SER W 586 43.72 58.05 98.65
C SER W 586 44.84 58.36 97.66
N MET W 587 46.07 58.42 98.16
CA MET W 587 47.23 58.65 97.30
C MET W 587 48.42 57.86 97.83
N SER W 588 49.43 57.70 96.98
CA SER W 588 50.62 56.97 97.37
C SER W 588 51.28 57.64 98.55
N ASP W 589 51.90 56.84 99.42
CA ASP W 589 52.58 57.40 100.58
C ASP W 589 53.59 58.44 100.12
N TYR W 590 54.24 58.16 99.00
CA TYR W 590 55.24 59.09 98.47
C TYR W 590 54.60 60.45 98.18
N GLU W 591 53.46 60.44 97.48
CA GLU W 591 52.78 61.70 97.16
C GLU W 591 52.29 62.41 98.40
N ILE W 592 51.95 61.64 99.43
CA ILE W 592 51.50 62.23 100.69
C ILE W 592 52.69 62.98 101.29
N TYR W 593 53.83 62.31 101.35
CA TYR W 593 55.04 62.91 101.90
C TYR W 593 55.54 64.07 101.05
N ARG W 594 55.26 64.05 99.76
CA ARG W 594 55.68 65.13 98.87
C ARG W 594 54.88 66.38 99.16
N LEU W 595 53.60 66.18 99.49
CA LEU W 595 52.71 67.29 99.82
C LEU W 595 53.14 67.90 101.16
N PHE W 596 53.46 67.03 102.12
CA PHE W 596 53.93 67.49 103.43
C PHE W 596 55.25 68.24 103.28
N ALA W 597 56.13 67.71 102.45
CA ALA W 597 57.43 68.33 102.21
C ALA W 597 57.24 69.75 101.70
N LYS W 598 56.30 69.92 100.78
CA LYS W 598 56.02 71.24 100.22
C LYS W 598 55.61 72.20 101.33
N LYS W 599 54.63 71.79 102.14
CA LYS W 599 54.16 72.63 103.24
C LYS W 599 55.19 72.77 104.37
N LEU W 600 56.23 71.94 104.35
CA LEU W 600 57.27 72.01 105.37
C LEU W 600 58.47 72.78 104.78
N ASN W 601 58.29 73.24 103.55
CA ASN W 601 59.32 74.02 102.85
C ASN W 601 60.59 73.24 102.53
N ILE W 602 60.43 71.92 102.31
CA ILE W 602 61.58 71.07 102.00
C ILE W 602 61.31 70.15 100.82
N GLU W 603 60.38 70.55 99.95
CA GLU W 603 60.01 69.74 98.78
C GLU W 603 61.17 69.39 97.86
N GLU W 604 62.07 70.35 97.64
CA GLU W 604 63.22 70.13 96.78
C GLU W 604 64.13 69.03 97.32
N MET W 605 64.53 69.15 98.59
CA MET W 605 65.40 68.18 99.22
C MET W 605 64.78 66.78 99.21
N PHE W 606 63.49 66.70 99.48
CA PHE W 606 62.82 65.41 99.52
C PHE W 606 62.61 64.73 98.17
N SER W 607 61.96 65.43 97.26
CA SER W 607 61.66 64.85 95.96
C SER W 607 62.79 64.90 94.95
N GLU W 608 63.62 65.93 95.05
CA GLU W 608 64.70 66.12 94.10
C GLU W 608 64.04 66.24 92.73
N GLY W 609 62.79 66.70 92.75
CA GLY W 609 62.01 66.91 91.54
C GLY W 609 61.58 65.66 90.81
N LYS W 610 61.56 64.53 91.50
CA LYS W 610 61.20 63.27 90.86
C LYS W 610 59.91 62.67 91.41
N ASP W 611 59.07 62.15 90.52
CA ASP W 611 57.86 61.48 90.97
C ASP W 611 58.30 60.03 91.15
N GLU W 612 57.36 59.18 91.54
CA GLU W 612 57.69 57.77 91.74
C GLU W 612 58.33 57.09 90.53
N LEU W 613 57.73 57.28 89.35
CA LEU W 613 58.27 56.66 88.14
C LEU W 613 59.71 57.08 87.87
N ALA W 614 60.04 58.33 88.20
CA ALA W 614 61.39 58.85 88.01
C ALA W 614 62.33 58.17 89.00
N TRP W 615 61.90 58.05 90.25
CA TRP W 615 62.71 57.39 91.25
C TRP W 615 62.96 55.95 90.82
N CYS W 616 61.95 55.33 90.20
CA CYS W 616 62.07 53.95 89.74
C CYS W 616 63.15 53.79 88.69
N GLU W 617 63.21 54.73 87.75
CA GLU W 617 64.21 54.65 86.69
C GLU W 617 65.61 54.82 87.26
N GLN W 618 65.76 55.73 88.21
CA GLN W 618 67.06 55.97 88.84
C GLN W 618 67.44 54.70 89.61
N TYR W 619 66.45 54.10 90.27
CA TYR W 619 66.64 52.88 91.05
C TYR W 619 67.10 51.76 90.12
N PHE W 620 66.38 51.59 89.02
CA PHE W 620 66.68 50.57 88.02
C PHE W 620 68.12 50.62 87.53
N ASN W 621 68.60 51.83 87.24
CA ASN W 621 69.96 52.00 86.74
C ASN W 621 71.03 51.81 87.80
N ALA W 622 70.60 51.70 89.06
CA ALA W 622 71.55 51.50 90.14
C ALA W 622 71.71 49.99 90.41
N THR W 623 71.10 49.17 89.56
CA THR W 623 71.18 47.72 89.71
C THR W 623 71.97 47.14 88.54
N ASP W 624 71.96 45.82 88.40
CA ASP W 624 72.66 45.18 87.30
C ASP W 624 71.77 44.95 86.09
N MET W 625 70.49 45.33 86.21
CA MET W 625 69.54 45.17 85.11
C MET W 625 70.00 45.80 83.80
N PRO W 626 70.58 47.02 83.85
CA PRO W 626 71.03 47.69 82.63
C PRO W 626 71.92 46.79 81.77
N LYS W 627 72.55 45.82 82.41
CA LYS W 627 73.45 44.90 81.72
C LYS W 627 72.66 43.92 80.85
N TYR W 628 71.35 43.87 81.07
CA TYR W 628 70.49 43.00 80.29
C TYR W 628 69.52 43.78 79.41
N MET W 629 69.02 44.90 79.91
CA MET W 629 68.08 45.72 79.14
C MET W 629 67.93 47.14 79.71
N THR W 630 67.54 48.07 78.84
CA THR W 630 67.35 49.47 79.25
C THR W 630 66.05 49.62 80.02
N TRP W 631 65.90 50.75 80.71
CA TRP W 631 64.69 51.02 81.47
C TRP W 631 63.43 50.93 80.61
N ASP W 632 63.45 51.61 79.46
CA ASP W 632 62.30 51.60 78.57
C ASP W 632 61.91 50.18 78.17
N GLU W 633 62.90 49.36 77.83
CA GLU W 633 62.65 47.98 77.44
C GLU W 633 62.05 47.18 78.58
N PHE W 634 62.59 47.39 79.79
CA PHE W 634 62.10 46.69 80.96
C PHE W 634 60.69 47.16 81.29
N PHE W 635 60.47 48.46 81.18
CA PHE W 635 59.17 49.04 81.45
C PHE W 635 58.15 48.39 80.51
N LYS W 636 58.54 48.29 79.25
CA LYS W 636 57.70 47.71 78.22
C LYS W 636 57.42 46.23 78.48
N LYS W 637 58.45 45.45 78.83
CA LYS W 637 58.25 44.02 79.09
C LYS W 637 57.46 43.77 80.37
N GLY W 638 57.74 44.54 81.42
CA GLY W 638 57.02 44.38 82.67
C GLY W 638 57.65 43.43 83.67
N TYR W 639 58.38 42.42 83.19
CA TYR W 639 59.03 41.48 84.09
C TYR W 639 60.23 40.86 83.40
N PHE W 640 61.22 40.45 84.19
CA PHE W 640 62.44 39.87 83.65
C PHE W 640 62.87 38.65 84.47
N VAL W 641 63.13 37.55 83.79
CA VAL W 641 63.58 36.34 84.47
C VAL W 641 65.10 36.30 84.35
N VAL W 642 65.80 36.37 85.48
CA VAL W 642 67.25 36.35 85.45
C VAL W 642 67.78 35.02 84.91
N PRO W 643 68.77 35.08 84.00
CA PRO W 643 69.34 33.86 83.41
C PRO W 643 70.03 32.98 84.45
N ASP W 644 70.19 31.71 84.11
CA ASP W 644 70.86 30.77 84.99
C ASP W 644 72.37 30.97 84.87
N ASN W 645 73.08 30.86 85.99
CA ASN W 645 74.53 30.99 86.00
C ASN W 645 75.01 29.62 86.46
N PRO W 646 74.97 28.64 85.55
CA PRO W 646 75.38 27.26 85.82
C PRO W 646 76.88 27.01 85.90
N ASN W 647 77.65 28.08 86.07
CA ASN W 647 79.09 27.93 86.14
C ASN W 647 79.69 28.41 87.44
N ARG W 648 79.13 29.47 88.02
CA ARG W 648 79.64 30.00 89.28
C ARG W 648 79.92 28.82 90.22
N LYS W 649 80.96 28.94 91.04
CA LYS W 649 81.29 27.84 91.94
C LYS W 649 80.23 27.69 93.01
N LYS W 650 79.84 26.45 93.26
CA LYS W 650 78.85 26.15 94.27
C LYS W 650 79.53 26.18 95.64
N THR W 651 78.94 26.89 96.58
CA THR W 651 79.50 26.99 97.92
C THR W 651 78.37 26.73 98.92
N VAL W 652 78.26 25.47 99.36
CA VAL W 652 77.23 25.09 100.31
C VAL W 652 77.42 25.80 101.64
N ALA W 653 76.29 26.21 102.22
CA ALA W 653 76.28 26.93 103.49
C ALA W 653 77.09 26.22 104.58
N LEU W 654 77.97 26.99 105.23
CA LEU W 654 78.82 26.50 106.31
C LEU W 654 79.83 25.39 105.97
N ARG W 655 79.95 25.01 104.70
CA ARG W 655 80.91 23.97 104.38
C ARG W 655 82.33 24.48 104.64
N TRP W 656 82.57 25.76 104.35
CA TRP W 656 83.89 26.34 104.59
C TRP W 656 84.21 26.17 106.07
N PHE W 657 83.19 26.34 106.90
CA PHE W 657 83.35 26.20 108.35
C PHE W 657 83.57 24.72 108.71
N ALA W 658 82.82 23.83 108.06
CA ALA W 658 82.94 22.40 108.32
C ALA W 658 84.31 21.87 107.94
N GLU W 659 84.93 22.47 106.92
CA GLU W 659 86.23 22.06 106.46
C GLU W 659 87.35 22.97 106.96
N GLY W 660 87.02 23.82 107.94
CA GLY W 660 88.00 24.72 108.52
C GLY W 660 88.81 25.59 107.56
N ARG W 661 88.17 26.13 106.53
CA ARG W 661 88.87 27.00 105.59
C ARG W 661 88.18 28.36 105.50
N GLU W 662 88.70 29.23 104.64
CA GLU W 662 88.14 30.57 104.51
C GLU W 662 86.70 30.62 104.04
N LYS W 663 85.91 31.50 104.65
CA LYS W 663 84.51 31.70 104.29
C LYS W 663 84.53 31.94 102.78
N ASP W 664 83.75 31.16 102.04
CA ASP W 664 83.75 31.30 100.58
C ASP W 664 82.38 31.54 99.95
N THR W 665 81.37 31.81 100.77
CA THR W 665 80.02 32.05 100.26
C THR W 665 79.76 33.53 100.03
N PRO W 666 78.61 33.85 99.39
CA PRO W 666 78.27 35.25 99.13
C PRO W 666 77.70 35.95 100.37
N ASP W 667 77.75 35.28 101.51
CA ASP W 667 77.20 35.85 102.73
C ASP W 667 77.79 37.22 103.06
N TRP W 668 76.99 38.04 103.73
CA TRP W 668 77.39 39.40 104.09
C TRP W 668 78.23 39.41 105.36
N GLY W 669 78.56 38.23 105.86
CA GLY W 669 79.38 38.13 107.05
C GLY W 669 80.09 36.80 107.12
N PRO W 670 80.96 36.61 108.13
CA PRO W 670 81.24 37.65 109.12
C PRO W 670 82.19 38.72 108.59
N ARG W 671 82.22 39.87 109.26
CA ARG W 671 83.11 40.93 108.86
C ARG W 671 84.52 40.46 109.18
N LEU W 672 85.46 40.84 108.33
CA LEU W 672 86.85 40.43 108.46
C LEU W 672 87.45 40.61 109.86
N ASN W 673 87.08 41.68 110.56
CA ASN W 673 87.64 41.91 111.89
C ASN W 673 87.14 40.90 112.93
N ASN W 674 86.02 40.24 112.64
CA ASN W 674 85.47 39.24 113.56
C ASN W 674 85.97 37.83 113.23
N GLN W 675 87.07 37.75 112.50
CA GLN W 675 87.66 36.46 112.13
C GLN W 675 89.18 36.54 112.17
N VAL W 676 89.82 35.37 112.24
CA VAL W 676 91.28 35.29 112.20
C VAL W 676 91.58 34.65 110.85
N CYS W 677 92.17 35.43 109.96
CA CYS W 677 92.53 34.97 108.62
C CYS W 677 91.29 34.46 107.90
N ARG W 678 90.19 35.19 108.10
CA ARG W 678 88.87 34.90 107.54
C ARG W 678 88.42 33.44 107.59
N LYS W 679 88.66 32.82 108.74
CA LYS W 679 88.25 31.45 109.01
C LYS W 679 87.44 31.52 110.30
N GLY W 680 86.46 30.64 110.43
CA GLY W 680 85.67 30.60 111.65
C GLY W 680 84.45 31.52 111.69
N LEU W 681 83.62 31.30 112.70
CA LEU W 681 82.42 32.07 112.91
C LEU W 681 82.74 33.43 113.53
N GLN W 682 81.73 34.29 113.62
CA GLN W 682 81.87 35.63 114.16
C GLN W 682 82.18 35.69 115.67
N THR W 683 81.94 34.58 116.36
CA THR W 683 82.20 34.51 117.79
C THR W 683 83.68 34.71 118.08
N THR W 684 84.00 35.10 119.30
CA THR W 684 85.38 35.31 119.72
C THR W 684 86.30 34.15 119.33
N THR W 685 85.91 32.93 119.69
CA THR W 685 86.72 31.76 119.38
C THR W 685 86.66 31.31 117.93
N GLY W 686 85.66 31.81 117.19
CA GLY W 686 85.49 31.39 115.82
C GLY W 686 84.76 30.04 115.78
N LYS W 687 84.35 29.55 116.94
CA LYS W 687 83.66 28.26 117.03
C LYS W 687 82.24 28.42 117.58
N VAL W 688 81.48 27.33 117.57
CA VAL W 688 80.13 27.34 118.12
C VAL W 688 80.40 27.33 119.61
N GLU W 689 79.89 28.33 120.33
CA GLU W 689 80.13 28.43 121.76
C GLU W 689 78.95 28.02 122.62
N PHE W 690 78.99 26.78 123.12
CA PHE W 690 77.94 26.26 123.99
C PHE W 690 77.90 27.07 125.28
N ILE W 691 79.01 27.74 125.55
CA ILE W 691 79.14 28.63 126.70
C ILE W 691 79.57 29.91 126.01
N ALA W 692 78.60 30.78 125.72
CA ALA W 692 78.84 32.03 125.02
C ALA W 692 79.77 32.99 125.73
N THR W 693 80.92 33.27 125.11
CA THR W 693 81.89 34.18 125.71
C THR W 693 81.31 35.59 125.82
N SER W 694 80.46 35.98 124.87
CA SER W 694 79.86 37.32 124.94
C SER W 694 78.96 37.43 126.17
N LEU W 695 78.10 36.44 126.37
CA LEU W 695 77.20 36.45 127.51
C LEU W 695 77.97 36.27 128.82
N LYS W 696 79.05 35.51 128.80
CA LYS W 696 79.84 35.35 130.02
C LYS W 696 80.41 36.70 130.44
N ASN W 697 80.89 37.48 129.47
CA ASN W 697 81.44 38.80 129.76
C ASN W 697 80.31 39.63 130.36
N PHE W 698 79.14 39.53 129.75
CA PHE W 698 77.97 40.28 130.19
C PHE W 698 77.62 39.97 131.65
N GLU W 699 77.57 38.69 132.01
CA GLU W 699 77.24 38.35 133.39
C GLU W 699 78.35 38.74 134.35
N GLU W 700 79.60 38.69 133.89
CA GLU W 700 80.71 39.05 134.76
C GLU W 700 80.70 40.57 135.00
N GLN W 701 80.06 41.30 134.09
CA GLN W 701 79.95 42.74 134.22
C GLN W 701 78.81 43.10 135.16
N GLY W 702 78.16 42.07 135.70
CA GLY W 702 77.08 42.31 136.64
C GLY W 702 75.66 42.16 136.09
N TYR W 703 75.52 41.90 134.80
CA TYR W 703 74.20 41.75 134.22
C TYR W 703 73.69 40.32 134.35
N ILE W 704 73.31 39.94 135.56
CA ILE W 704 72.80 38.60 135.82
C ILE W 704 71.39 38.44 135.26
N ASP W 705 71.22 37.43 134.41
CA ASP W 705 69.94 37.17 133.76
C ASP W 705 69.63 35.68 133.79
N GLU W 706 68.86 35.27 134.78
CA GLU W 706 68.47 33.87 134.95
C GLU W 706 67.91 33.21 133.69
N HIS W 707 67.10 33.94 132.93
CA HIS W 707 66.52 33.35 131.73
C HIS W 707 67.36 33.43 130.48
N ARG W 708 68.62 33.81 130.63
CA ARG W 708 69.54 33.87 129.49
C ARG W 708 70.94 33.61 130.00
N PRO W 709 71.20 32.38 130.48
CA PRO W 709 72.52 31.97 130.99
C PRO W 709 73.53 31.86 129.86
N SER W 710 74.80 32.11 130.16
CA SER W 710 75.84 32.02 129.15
C SER W 710 75.93 30.62 128.55
N MET W 711 75.65 29.60 129.37
CA MET W 711 75.68 28.23 128.87
C MET W 711 74.29 27.80 128.44
N HIS W 712 74.20 27.15 127.29
CA HIS W 712 72.93 26.66 126.78
C HIS W 712 72.49 25.53 127.72
N THR W 713 71.42 25.80 128.47
CA THR W 713 70.89 24.83 129.43
C THR W 713 69.38 24.72 129.30
N TYR W 714 68.77 23.88 130.14
CA TYR W 714 67.33 23.74 130.11
C TYR W 714 66.69 24.73 131.07
N VAL W 715 66.49 25.96 130.62
CA VAL W 715 65.84 26.97 131.43
C VAL W 715 64.36 26.72 131.23
N PRO W 716 63.61 26.47 132.32
CA PRO W 716 62.18 26.24 132.17
C PRO W 716 61.52 27.48 131.57
N ALA W 717 60.66 27.29 130.57
CA ALA W 717 59.98 28.42 129.93
C ALA W 717 59.12 29.11 130.97
N TRP W 718 59.31 30.42 131.18
CA TRP W 718 58.52 31.10 132.21
C TRP W 718 57.02 31.10 131.96
N GLU W 719 56.57 30.73 130.77
CA GLU W 719 55.14 30.64 130.50
C GLU W 719 54.84 29.27 129.90
N SER W 720 54.96 28.24 130.74
CA SER W 720 54.70 26.86 130.33
C SER W 720 53.71 26.23 131.29
N GLN W 721 53.15 25.08 130.91
CA GLN W 721 52.16 24.43 131.76
C GLN W 721 52.67 23.81 133.06
N LYS W 722 53.90 23.31 133.07
CA LYS W 722 54.40 22.70 134.30
C LYS W 722 55.35 23.52 135.14
N HIS W 723 55.73 24.71 134.66
CA HIS W 723 56.67 25.53 135.42
C HIS W 723 56.13 26.91 135.80
N SER W 724 55.11 27.38 135.08
CA SER W 724 54.54 28.69 135.35
C SER W 724 53.45 28.69 136.43
N PRO W 725 53.57 29.59 137.41
CA PRO W 725 52.58 29.69 138.50
C PRO W 725 51.19 29.96 137.95
N LEU W 726 51.16 30.56 136.76
CA LEU W 726 49.92 30.93 136.09
C LEU W 726 49.12 29.72 135.58
N ALA W 727 49.82 28.62 135.33
CA ALA W 727 49.20 27.40 134.81
C ALA W 727 48.09 26.77 135.65
N VAL W 728 48.05 27.06 136.95
CA VAL W 728 47.01 26.49 137.81
C VAL W 728 45.64 27.07 137.50
N LYS W 729 45.61 28.31 137.03
CA LYS W 729 44.38 28.98 136.67
C LYS W 729 44.11 28.82 135.18
N TYR W 730 45.17 28.85 134.40
CA TYR W 730 45.08 28.74 132.94
C TYR W 730 45.92 27.55 132.50
N PRO W 731 45.32 26.35 132.54
CA PRO W 731 45.91 25.06 132.18
C PRO W 731 46.21 24.77 130.71
N LEU W 732 45.52 25.46 129.80
CA LEU W 732 45.74 25.22 128.38
C LEU W 732 46.90 26.03 127.83
N GLY W 733 47.75 25.36 127.06
CA GLY W 733 48.90 26.01 126.45
C GLY W 733 48.56 26.44 125.04
N MET W 734 48.61 27.74 124.80
CA MET W 734 48.28 28.25 123.48
C MET W 734 49.51 28.73 122.69
N LEU W 735 49.52 28.42 121.40
CA LEU W 735 50.59 28.87 120.51
C LEU W 735 49.81 29.57 119.39
N SER W 736 50.32 30.68 118.90
CA SER W 736 49.62 31.45 117.87
C SER W 736 50.50 31.90 116.72
N PRO W 737 50.83 30.98 115.80
CA PRO W 737 51.68 31.20 114.63
C PRO W 737 51.11 32.22 113.63
N HIS W 738 51.80 32.39 112.51
CA HIS W 738 51.37 33.34 111.49
C HIS W 738 50.18 32.80 110.73
N PRO W 739 49.21 33.67 110.40
CA PRO W 739 48.00 33.29 109.68
C PRO W 739 48.26 32.59 108.35
N ARG W 740 47.59 31.47 108.17
CA ARG W 740 47.68 30.65 106.97
C ARG W 740 47.13 31.36 105.73
N PHE W 741 46.00 32.06 105.89
CA PHE W 741 45.38 32.73 104.75
C PHE W 741 45.50 34.25 104.72
N SER W 742 46.60 34.78 105.24
CA SER W 742 46.80 36.21 105.23
C SER W 742 48.25 36.54 105.56
N MET W 743 48.77 37.65 105.04
CA MET W 743 50.15 38.06 105.34
C MET W 743 49.95 38.97 106.53
N HIS W 744 49.93 38.35 107.71
CA HIS W 744 49.67 39.09 108.95
C HIS W 744 48.31 39.77 108.79
N THR W 745 48.20 41.06 109.11
CA THR W 745 46.89 41.71 108.98
C THR W 745 46.47 41.94 107.53
N MET W 746 47.42 41.85 106.62
CA MET W 746 47.15 42.10 105.21
C MET W 746 46.50 40.93 104.49
N GLY W 747 45.20 40.78 104.72
CA GLY W 747 44.44 39.71 104.10
C GLY W 747 43.16 39.45 104.86
N ASP W 748 43.26 39.41 106.18
CA ASP W 748 42.11 39.17 107.03
C ASP W 748 41.20 40.40 107.06
N GLY W 749 39.93 40.19 107.38
CA GLY W 749 38.99 41.29 107.44
C GLY W 749 38.85 42.09 106.15
N LYS W 750 38.54 43.38 106.29
CA LYS W 750 38.38 44.28 105.16
C LYS W 750 37.31 43.74 104.20
N ASN W 751 36.44 42.87 104.73
CA ASN W 751 35.38 42.28 103.93
C ASN W 751 35.97 41.66 102.66
N SER W 752 37.18 41.11 102.79
CA SER W 752 37.88 40.48 101.67
C SER W 752 37.29 39.09 101.42
N TYR W 753 37.78 38.43 100.36
CA TYR W 753 37.29 37.10 100.02
C TYR W 753 37.88 36.03 100.93
N MET W 754 39.06 36.29 101.48
CA MET W 754 39.71 35.33 102.36
C MET W 754 38.84 35.00 103.57
N ASN W 755 37.90 35.89 103.88
CA ASN W 755 37.02 35.71 105.02
C ASN W 755 35.97 34.61 104.81
N TYR W 756 35.92 34.07 103.59
CA TYR W 756 34.96 33.01 103.29
C TYR W 756 35.67 31.65 103.27
N ILE W 757 36.96 31.66 103.61
CA ILE W 757 37.73 30.42 103.64
C ILE W 757 37.37 29.66 104.91
N LYS W 758 36.90 28.42 104.74
CA LYS W 758 36.47 27.58 105.86
C LYS W 758 37.41 27.58 107.07
N ASP W 759 38.69 27.39 106.82
CA ASP W 759 39.66 27.34 107.90
C ASP W 759 40.29 28.69 108.25
N HIS W 760 39.59 29.77 107.93
CA HIS W 760 40.09 31.10 108.27
C HIS W 760 39.16 31.76 109.28
N ARG W 761 37.89 31.87 108.93
CA ARG W 761 36.88 32.45 109.83
C ARG W 761 35.58 31.68 109.66
N VAL W 762 34.87 31.47 110.77
CA VAL W 762 33.61 30.76 110.75
C VAL W 762 32.49 31.72 111.06
N GLU W 763 31.46 31.74 110.23
CA GLU W 763 30.32 32.63 110.44
C GLU W 763 29.28 32.08 111.39
N VAL W 764 28.87 32.91 112.34
CA VAL W 764 27.86 32.55 113.33
C VAL W 764 26.96 33.76 113.58
N ASP W 765 25.65 33.58 113.43
CA ASP W 765 24.70 34.67 113.62
C ASP W 765 25.04 35.87 112.75
N GLY W 766 25.59 35.62 111.57
CA GLY W 766 25.92 36.71 110.68
C GLY W 766 27.26 37.39 110.91
N TYR W 767 28.05 36.88 111.86
CA TYR W 767 29.36 37.44 112.14
C TYR W 767 30.42 36.38 111.87
N LYS W 768 31.47 36.76 111.17
CA LYS W 768 32.55 35.82 110.84
C LYS W 768 33.63 35.88 111.92
N TYR W 769 33.68 34.84 112.75
CA TYR W 769 34.62 34.74 113.85
C TYR W 769 35.94 34.05 113.57
N TRP W 770 36.99 34.55 114.23
CA TRP W 770 38.33 34.00 114.14
C TRP W 770 38.28 32.59 114.72
N ILE W 771 39.18 31.73 114.28
CA ILE W 771 39.21 30.33 114.72
C ILE W 771 40.25 29.93 115.77
N MET W 772 39.84 29.03 116.67
CA MET W 772 40.74 28.45 117.66
C MET W 772 40.55 26.95 117.57
N ARG W 773 41.66 26.25 117.40
CA ARG W 773 41.65 24.80 117.28
C ARG W 773 41.80 24.19 118.65
N VAL W 774 40.92 23.23 118.95
CA VAL W 774 40.92 22.57 120.26
C VAL W 774 40.85 21.06 120.14
N ASN W 775 41.66 20.37 120.93
CA ASN W 775 41.67 18.91 120.90
C ASN W 775 40.35 18.37 121.45
N SER W 776 39.79 17.40 120.74
CA SER W 776 38.52 16.77 121.11
C SER W 776 38.37 16.51 122.61
N ILE W 777 39.40 15.95 123.22
CA ILE W 777 39.38 15.64 124.65
C ILE W 777 39.16 16.86 125.53
N ASP W 778 39.81 17.97 125.19
CA ASP W 778 39.67 19.20 125.96
C ASP W 778 38.32 19.85 125.69
N ALA W 779 37.87 19.77 124.44
CA ALA W 779 36.58 20.34 124.06
C ALA W 779 35.44 19.65 124.78
N GLU W 780 35.49 18.32 124.80
CA GLU W 780 34.46 17.50 125.45
C GLU W 780 34.39 17.86 126.93
N ALA W 781 35.54 17.88 127.59
CA ALA W 781 35.61 18.20 129.01
C ALA W 781 34.96 19.55 129.32
N ARG W 782 34.87 20.43 128.33
CA ARG W 782 34.27 21.74 128.53
C ARG W 782 32.92 21.89 127.84
N GLY W 783 32.36 20.77 127.40
CA GLY W 783 31.07 20.80 126.73
C GLY W 783 31.11 21.62 125.45
N ILE W 784 32.29 21.69 124.84
CA ILE W 784 32.45 22.44 123.60
C ILE W 784 32.29 21.59 122.35
N LYS W 785 31.47 22.07 121.43
CA LYS W 785 31.22 21.35 120.18
C LYS W 785 31.79 22.16 119.03
N ASN W 786 32.07 21.49 117.92
CA ASN W 786 32.63 22.16 116.76
C ASN W 786 31.68 23.25 116.27
N GLY W 787 32.19 24.48 116.16
CA GLY W 787 31.36 25.57 115.69
C GLY W 787 30.89 26.51 116.78
N ASP W 788 30.95 26.06 118.03
CA ASP W 788 30.52 26.90 119.15
C ASP W 788 31.38 28.14 119.33
N LEU W 789 30.75 29.22 119.81
CA LEU W 789 31.49 30.44 120.07
C LEU W 789 32.08 30.22 121.47
N ILE W 790 33.39 30.40 121.58
CA ILE W 790 34.06 30.21 122.85
C ILE W 790 34.81 31.45 123.28
N ARG W 791 35.09 31.49 124.57
CA ARG W 791 35.81 32.61 125.15
C ARG W 791 37.13 32.09 125.68
N ALA W 792 38.23 32.60 125.12
CA ALA W 792 39.57 32.23 125.56
C ALA W 792 40.01 33.42 126.41
N TYR W 793 40.59 33.15 127.57
CA TYR W 793 40.99 34.25 128.45
C TYR W 793 42.10 33.92 129.43
N ASN W 794 42.60 34.97 130.07
CA ASN W 794 43.62 34.89 131.09
C ASN W 794 43.61 36.28 131.72
N ASP W 795 44.64 36.63 132.50
CA ASP W 795 44.64 37.94 133.13
C ASP W 795 44.67 39.12 132.16
N ARG W 796 45.25 38.92 130.99
CA ARG W 796 45.37 39.99 130.01
C ARG W 796 44.11 40.41 129.28
N GLY W 797 43.13 39.51 129.17
CA GLY W 797 41.89 39.85 128.49
C GLY W 797 41.07 38.66 128.05
N SER W 798 40.07 38.91 127.22
CA SER W 798 39.20 37.85 126.70
C SER W 798 39.02 38.01 125.19
N VAL W 799 38.93 36.88 124.50
CA VAL W 799 38.74 36.89 123.05
C VAL W 799 37.65 35.88 122.67
N ILE W 800 36.69 36.31 121.86
CA ILE W 800 35.60 35.44 121.43
C ILE W 800 35.97 34.82 120.09
N LEU W 801 36.00 33.48 120.04
CA LEU W 801 36.37 32.76 118.82
C LEU W 801 35.44 31.60 118.50
N ALA W 802 35.57 31.07 117.28
CA ALA W 802 34.78 29.92 116.84
C ALA W 802 35.66 28.70 117.09
N ALA W 803 35.13 27.71 117.78
CA ALA W 803 35.90 26.52 118.08
C ALA W 803 35.95 25.53 116.92
N GLN W 804 37.13 24.99 116.68
CA GLN W 804 37.31 23.97 115.64
C GLN W 804 37.93 22.79 116.36
N VAL W 805 37.12 21.77 116.63
CA VAL W 805 37.62 20.59 117.31
C VAL W 805 38.46 19.81 116.32
N THR W 806 39.63 19.36 116.76
CA THR W 806 40.54 18.63 115.87
C THR W 806 41.39 17.60 116.63
N GLU W 807 42.16 16.81 115.88
CA GLU W 807 43.03 15.82 116.47
C GLU W 807 44.47 16.29 116.23
N CYS W 808 44.59 17.46 115.60
CA CYS W 808 45.90 18.03 115.25
C CYS W 808 46.65 18.79 116.34
N LEU W 809 46.30 18.53 117.59
CA LEU W 809 46.95 19.17 118.73
C LEU W 809 46.99 18.18 119.86
N GLN W 810 48.04 18.21 120.67
CA GLN W 810 48.10 17.29 121.81
C GLN W 810 47.12 17.79 122.87
N PRO W 811 46.35 16.86 123.48
CA PRO W 811 45.41 17.29 124.51
C PRO W 811 46.10 18.27 125.48
N GLY W 812 45.44 19.37 125.77
CA GLY W 812 46.01 20.37 126.67
C GLY W 812 46.58 21.56 125.90
N THR W 813 46.62 21.44 124.57
CA THR W 813 47.15 22.50 123.72
C THR W 813 46.11 23.08 122.76
N VAL W 814 46.05 24.41 122.70
CA VAL W 814 45.12 25.07 121.78
C VAL W 814 45.93 25.88 120.78
N HIS W 815 45.34 26.13 119.61
CA HIS W 815 46.01 26.87 118.56
C HIS W 815 45.11 27.89 117.88
N SER W 816 45.64 29.10 117.73
CA SER W 816 44.91 30.17 117.07
C SER W 816 45.91 31.14 116.45
N TYR W 817 45.87 31.29 115.13
CA TYR W 817 46.78 32.19 114.43
C TYR W 817 46.67 33.64 114.91
N GLU W 818 47.80 34.36 114.85
CA GLU W 818 47.84 35.76 115.25
C GLU W 818 47.61 36.65 114.05
N SER W 819 47.87 37.94 114.21
CA SER W 819 47.74 38.93 113.15
C SER W 819 46.33 39.32 112.72
N CYS W 820 45.33 38.97 113.51
CA CYS W 820 43.95 39.34 113.18
C CYS W 820 43.94 40.84 112.86
N ALA W 821 43.31 41.22 111.75
CA ALA W 821 43.24 42.61 111.32
C ALA W 821 42.09 43.37 111.96
N VAL W 822 41.11 42.62 112.45
CA VAL W 822 39.91 43.22 113.04
C VAL W 822 39.92 43.37 114.56
N TYR W 823 39.77 44.61 115.03
CA TYR W 823 39.69 44.84 116.47
C TYR W 823 38.26 45.30 116.70
N ASP W 824 37.49 44.48 117.40
CA ASP W 824 36.09 44.77 117.66
C ASP W 824 35.67 44.40 119.07
N PRO W 825 35.94 45.29 120.04
CA PRO W 825 35.61 45.09 121.46
C PRO W 825 34.11 45.16 121.68
N LEU W 826 33.60 44.29 122.55
CA LEU W 826 32.18 44.26 122.86
C LEU W 826 31.80 45.36 123.83
N GLY W 827 32.81 45.88 124.52
CA GLY W 827 32.58 46.95 125.48
C GLY W 827 33.58 48.06 125.23
N THR W 828 34.09 48.66 126.30
CA THR W 828 35.04 49.74 126.18
C THR W 828 36.36 49.25 125.57
N ALA W 829 36.88 50.01 124.61
CA ALA W 829 38.14 49.66 123.95
C ALA W 829 39.24 49.44 124.98
N GLY W 830 40.04 48.39 124.77
CA GLY W 830 41.12 48.06 125.67
C GLY W 830 40.69 47.66 127.08
N LYS W 831 39.39 47.51 127.31
CA LYS W 831 38.88 47.14 128.63
C LYS W 831 37.87 45.98 128.63
N SER W 832 37.56 45.47 127.45
CA SER W 832 36.58 44.38 127.35
C SER W 832 36.98 43.34 126.31
N ALA W 833 36.19 42.27 126.25
CA ALA W 833 36.43 41.20 125.30
C ALA W 833 36.33 41.69 123.86
N ASP W 834 37.13 41.07 123.00
CA ASP W 834 37.16 41.39 121.58
C ASP W 834 36.58 40.21 120.81
N ARG W 835 35.83 40.50 119.75
CA ARG W 835 35.29 39.41 118.94
C ARG W 835 35.93 39.42 117.56
N GLY W 836 36.82 40.38 117.33
CA GLY W 836 37.50 40.45 116.05
C GLY W 836 38.42 39.25 115.89
N GLY W 837 39.02 38.82 116.98
CA GLY W 837 39.91 37.67 116.97
C GLY W 837 41.35 37.99 117.30
N CYS W 838 41.58 39.09 118.00
CA CYS W 838 42.94 39.49 118.36
C CYS W 838 43.52 38.64 119.49
N ILE W 839 44.03 37.48 119.09
CA ILE W 839 44.62 36.53 120.03
C ILE W 839 45.76 37.14 120.84
N ASN W 840 46.52 38.05 120.25
CA ASN W 840 47.64 38.67 120.95
C ASN W 840 47.24 39.51 122.15
N ILE W 841 45.94 39.54 122.43
CA ILE W 841 45.43 40.24 123.60
C ILE W 841 45.83 39.36 124.79
N LEU W 842 45.93 38.05 124.54
CA LEU W 842 46.25 37.05 125.56
C LEU W 842 47.72 36.69 125.73
N THR W 843 48.56 37.02 124.75
CA THR W 843 49.97 36.67 124.82
C THR W 843 50.77 37.55 125.80
N PRO W 844 51.76 36.95 126.47
CA PRO W 844 52.61 37.64 127.45
C PRO W 844 53.43 38.78 126.84
N ASP W 845 53.38 39.94 127.49
CA ASP W 845 54.14 41.10 127.01
C ASP W 845 55.49 41.18 127.72
N ARG W 846 55.74 40.23 128.61
CA ARG W 846 56.98 40.18 129.35
C ARG W 846 58.09 39.76 128.40
N TYR W 847 59.23 40.45 128.49
CA TYR W 847 60.39 40.17 127.65
C TYR W 847 60.89 38.73 127.83
N ILE W 848 61.39 38.14 126.74
CA ILE W 848 61.89 36.76 126.79
C ILE W 848 62.83 36.54 127.98
N SER W 849 63.61 37.56 128.32
CA SER W 849 64.51 37.48 129.47
C SER W 849 64.67 38.90 130.00
N LYS W 850 65.37 39.05 131.12
CA LYS W 850 65.55 40.39 131.66
C LYS W 850 66.16 41.34 130.64
N TYR W 851 67.18 40.87 129.91
CA TYR W 851 67.86 41.71 128.92
C TYR W 851 67.57 41.31 127.48
N ALA W 852 66.97 40.13 127.29
CA ALA W 852 66.61 39.70 125.94
C ALA W 852 65.26 40.35 125.70
N CYS W 853 65.28 41.60 125.24
CA CYS W 853 64.07 42.38 125.02
C CYS W 853 63.31 42.04 123.76
N GLY W 854 62.86 40.80 123.67
CA GLY W 854 62.11 40.35 122.52
C GLY W 854 60.76 39.81 122.97
N MET W 855 59.89 39.53 122.01
CA MET W 855 58.55 39.03 122.32
C MET W 855 58.51 37.52 122.52
N ALA W 856 57.76 37.08 123.52
CA ALA W 856 57.63 35.65 123.85
C ALA W 856 56.22 35.13 123.58
N ASN W 857 55.61 35.65 122.52
CA ASN W 857 54.24 35.33 122.15
C ASN W 857 53.75 33.89 122.08
N ASN W 858 54.51 33.01 121.44
CA ASN W 858 54.04 31.65 121.27
C ASN W 858 53.96 30.68 122.44
N THR W 859 54.08 31.22 123.65
CA THR W 859 53.90 30.44 124.88
C THR W 859 52.94 31.30 125.69
N ALA W 860 51.65 30.95 125.65
CA ALA W 860 50.65 31.69 126.39
C ALA W 860 49.69 30.72 127.05
N LEU W 861 49.53 30.88 128.36
CA LEU W 861 48.63 30.03 129.14
C LEU W 861 47.26 30.70 129.20
N VAL W 862 46.23 29.95 128.84
CA VAL W 862 44.87 30.48 128.85
C VAL W 862 43.88 29.41 129.30
N GLU W 863 42.60 29.78 129.27
CA GLU W 863 41.51 28.87 129.63
C GLU W 863 40.41 29.22 128.64
N ILE W 864 39.62 28.23 128.26
CA ILE W 864 38.53 28.48 127.31
C ILE W 864 37.24 27.86 127.82
N GLU W 865 36.12 28.45 127.40
CA GLU W 865 34.80 28.00 127.80
C GLU W 865 33.80 28.50 126.78
N LYS W 866 32.65 27.84 126.68
CA LYS W 866 31.63 28.29 125.75
C LYS W 866 31.30 29.71 126.20
N TRP W 867 31.12 30.61 125.24
CA TRP W 867 30.80 31.99 125.56
C TRP W 867 29.35 32.18 126.01
N ASP W 868 29.18 32.80 127.17
CA ASP W 868 27.85 33.04 127.74
C ASP W 868 27.23 34.30 127.17
N GLY W 869 28.02 35.05 126.40
CA GLY W 869 27.49 36.27 125.81
C GLY W 869 27.83 37.56 126.52
N ASP W 870 28.55 37.47 127.64
CA ASP W 870 28.90 38.68 128.38
C ASP W 870 30.00 39.46 127.65
N LYS W 871 30.10 40.76 127.91
CA LYS W 871 31.11 41.60 127.27
C LYS W 871 32.42 41.59 128.04
N TYR W 872 32.39 41.07 129.27
CA TYR W 872 33.55 40.98 130.14
C TYR W 872 34.40 42.25 130.20
N GLU W 873 33.79 43.34 130.68
CA GLU W 873 34.52 44.59 130.80
C GLU W 873 35.20 44.56 132.16
N ILE W 874 36.30 43.83 132.24
CA ILE W 874 37.04 43.71 133.49
C ILE W 874 38.54 43.83 133.29
N TYR W 875 38.94 44.57 132.26
CA TYR W 875 40.36 44.75 131.99
C TYR W 875 40.77 46.21 131.92
N MET X 1 34.26 15.45 68.62
CA MET X 1 33.81 16.20 69.82
C MET X 1 34.77 15.98 70.98
N GLU X 2 35.93 16.61 70.93
CA GLU X 2 36.91 16.48 72.00
C GLU X 2 36.33 17.14 73.25
N GLN X 3 36.36 16.43 74.37
CA GLN X 3 35.80 16.93 75.62
C GLN X 3 36.82 17.36 76.67
N TYR X 4 36.36 18.19 77.60
CA TYR X 4 37.19 18.68 78.69
C TYR X 4 37.09 17.73 79.88
N TYR X 5 38.22 17.55 80.57
CA TYR X 5 38.27 16.71 81.75
C TYR X 5 39.19 17.35 82.77
N MET X 6 39.01 16.99 84.03
CA MET X 6 39.82 17.51 85.10
C MET X 6 40.11 16.40 86.10
N VAL X 7 41.38 16.23 86.45
CA VAL X 7 41.78 15.21 87.41
C VAL X 7 42.37 15.88 88.64
N ILE X 8 41.78 15.60 89.80
CA ILE X 8 42.22 16.18 91.06
C ILE X 8 42.90 15.13 91.95
N ASP X 9 44.15 15.39 92.32
CA ASP X 9 44.90 14.46 93.18
C ASP X 9 44.76 14.85 94.65
N VAL X 10 43.88 14.14 95.34
CA VAL X 10 43.62 14.37 96.76
C VAL X 10 44.90 14.36 97.61
N ALA X 11 45.80 13.43 97.29
CA ALA X 11 47.06 13.29 98.03
C ALA X 11 47.89 14.56 97.98
N LYS X 12 47.55 15.47 97.07
CA LYS X 12 48.30 16.71 96.95
C LYS X 12 47.59 17.97 97.42
N CYS X 13 46.33 17.87 97.88
CA CYS X 13 45.65 19.08 98.36
C CYS X 13 46.19 19.46 99.72
N GLN X 14 46.39 20.76 99.94
CA GLN X 14 46.86 21.27 101.22
C GLN X 14 45.87 22.31 101.78
N ASP X 15 44.77 22.51 101.05
CA ASP X 15 43.72 23.43 101.47
C ASP X 15 44.16 24.90 101.64
N CYS X 16 45.06 25.38 100.77
CA CYS X 16 45.53 26.78 100.86
C CYS X 16 44.44 27.67 100.31
N ASN X 17 43.54 27.09 99.53
CA ASN X 17 42.41 27.80 98.92
C ASN X 17 42.71 28.74 97.75
N ASN X 18 43.75 28.45 96.97
CA ASN X 18 44.07 29.28 95.82
C ASN X 18 42.95 29.17 94.76
N CYS X 19 42.26 28.02 94.70
CA CYS X 19 41.15 27.78 93.75
C CYS X 19 40.04 28.75 93.99
N PHE X 20 39.43 28.51 95.16
CA PHE X 20 38.30 29.26 95.67
C PHE X 20 38.53 30.73 95.46
N MET X 21 39.67 31.23 95.91
CA MET X 21 39.98 32.64 95.75
C MET X 21 40.04 32.92 94.24
N GLY X 22 40.29 31.87 93.48
CA GLY X 22 40.34 31.99 92.03
C GLY X 22 38.98 32.35 91.44
N CYS X 23 37.92 31.59 91.74
CA CYS X 23 36.60 31.93 91.19
C CYS X 23 36.20 33.31 91.60
N MET X 24 36.26 33.54 92.91
CA MET X 24 35.87 34.82 93.45
C MET X 24 36.53 35.95 92.70
N ASP X 25 37.82 35.82 92.44
CA ASP X 25 38.55 36.84 91.71
C ASP X 25 37.97 36.96 90.30
N GLU X 26 37.59 35.82 89.74
CA GLU X 26 37.05 35.76 88.40
C GLU X 26 35.56 36.10 88.29
N HIS X 27 34.79 35.70 89.29
CA HIS X 27 33.34 35.90 89.27
C HIS X 27 32.67 36.91 90.21
N GLU X 28 33.17 37.03 91.44
CA GLU X 28 32.57 37.93 92.41
C GLU X 28 32.27 39.35 91.89
N LEU X 29 33.26 39.99 91.26
CA LEU X 29 33.09 41.35 90.74
C LEU X 29 32.90 41.42 89.23
N ASN X 30 32.81 40.27 88.58
CA ASN X 30 32.64 40.26 87.12
C ASN X 30 31.40 39.53 86.66
N GLU X 31 30.88 39.97 85.51
CA GLU X 31 29.71 39.37 84.90
C GLU X 31 30.16 38.90 83.54
N TRP X 32 29.84 37.66 83.19
CA TRP X 32 30.22 37.11 81.91
C TRP X 32 28.98 36.74 81.11
N PRO X 33 28.43 37.71 80.36
CA PRO X 33 27.24 37.59 79.53
C PRO X 33 27.14 36.27 78.78
N GLY X 34 26.03 35.57 78.98
CA GLY X 34 25.84 34.28 78.33
C GLY X 34 26.26 33.11 79.18
N TYR X 35 27.05 33.38 80.22
CA TYR X 35 27.51 32.31 81.11
C TYR X 35 26.97 32.46 82.53
N THR X 36 27.20 33.63 83.13
CA THR X 36 26.73 33.87 84.49
C THR X 36 26.85 35.33 84.93
N ALA X 37 25.97 35.72 85.85
CA ALA X 37 26.02 37.06 86.40
C ALA X 37 27.09 37.00 87.49
N SER X 38 27.34 38.10 88.19
CA SER X 38 28.36 38.09 89.23
C SER X 38 28.02 37.08 90.31
N MET X 39 29.06 36.45 90.85
CA MET X 39 28.91 35.45 91.90
C MET X 39 28.52 36.08 93.23
N GLN X 40 27.77 35.35 94.04
CA GLN X 40 27.35 35.84 95.34
C GLN X 40 28.34 35.41 96.42
N ARG X 41 28.73 36.37 97.26
CA ARG X 41 29.66 36.09 98.35
C ARG X 41 29.09 35.04 99.28
N GLY X 42 29.91 34.05 99.63
CA GLY X 42 29.46 33.01 100.52
C GLY X 42 29.20 31.71 99.77
N HIS X 43 29.03 31.81 98.46
CA HIS X 43 28.78 30.63 97.64
C HIS X 43 30.09 29.91 97.39
N ARG X 44 30.00 28.61 97.17
CA ARG X 44 31.20 27.80 96.94
C ARG X 44 31.11 26.96 95.68
N TRP X 45 31.18 27.61 94.52
CA TRP X 45 31.14 26.88 93.25
C TRP X 45 32.25 25.85 93.37
N MET X 46 33.35 26.27 94.00
CA MET X 46 34.49 25.41 94.26
C MET X 46 34.40 25.20 95.77
N ASN X 47 34.00 23.98 96.15
CA ASN X 47 33.84 23.64 97.55
C ASN X 47 34.93 22.63 97.94
N ILE X 48 35.80 23.04 98.85
CA ILE X 48 36.89 22.17 99.29
C ILE X 48 36.48 21.46 100.57
N GLU X 49 36.13 20.18 100.45
CA GLU X 49 35.73 19.40 101.62
C GLU X 49 36.94 19.02 102.46
N ARG X 50 36.79 19.08 103.76
CA ARG X 50 37.87 18.75 104.69
C ARG X 50 37.46 17.57 105.56
N ARG X 51 38.33 16.57 105.68
CA ARG X 51 38.01 15.42 106.50
C ARG X 51 39.21 14.88 107.28
N GLU X 52 39.09 14.89 108.60
CA GLU X 52 40.14 14.38 109.48
C GLU X 52 39.88 12.90 109.73
N ARG X 53 40.94 12.12 109.93
CA ARG X 53 40.80 10.69 110.19
C ARG X 53 41.61 10.26 111.40
N GLY X 54 41.20 9.16 112.03
CA GLY X 54 41.92 8.66 113.19
C GLY X 54 41.87 9.57 114.40
N THR X 55 42.69 9.26 115.39
CA THR X 55 42.75 10.04 116.63
C THR X 55 44.20 10.36 117.00
N TYR X 56 44.39 11.44 117.76
CA TYR X 56 45.73 11.84 118.19
C TYR X 56 46.35 10.64 118.91
N PRO X 57 47.64 10.38 118.69
CA PRO X 57 48.61 11.08 117.83
C PRO X 57 48.84 10.51 116.43
N ARG X 58 48.07 9.49 116.03
CA ARG X 58 48.25 8.90 114.71
C ARG X 58 47.11 9.25 113.76
N ASN X 59 46.69 10.50 113.82
CA ASN X 59 45.61 11.03 112.98
C ASN X 59 46.17 11.66 111.72
N ASP X 60 45.28 11.97 110.77
CA ASP X 60 45.69 12.63 109.54
C ASP X 60 44.50 13.39 108.96
N ILE X 61 44.72 14.07 107.84
CA ILE X 61 43.66 14.83 107.21
C ILE X 61 43.89 15.00 105.72
N ASN X 62 42.80 14.98 104.96
CA ASN X 62 42.87 15.13 103.52
C ASN X 62 41.76 16.05 103.03
N TYR X 63 41.91 16.59 101.83
CA TYR X 63 40.93 17.51 101.29
C TYR X 63 40.47 17.13 99.89
N ARG X 64 39.24 17.48 99.56
CA ARG X 64 38.69 17.16 98.25
C ARG X 64 38.10 18.37 97.54
N PRO X 65 38.87 19.00 96.64
CA PRO X 65 38.33 20.16 95.94
C PRO X 65 37.14 19.66 95.14
N THR X 66 35.97 20.23 95.39
CA THR X 66 34.77 19.78 94.72
C THR X 66 34.10 20.85 93.88
N PRO X 67 34.40 20.89 92.58
CA PRO X 67 33.78 21.88 91.71
C PRO X 67 32.52 21.23 91.15
N CYS X 68 32.07 21.68 89.99
CA CYS X 68 30.91 21.07 89.39
C CYS X 68 31.41 19.81 88.68
N MET X 69 30.68 18.71 88.83
CA MET X 69 31.07 17.45 88.21
C MET X 69 30.89 17.44 86.70
N HIS X 70 30.04 18.32 86.18
CA HIS X 70 29.77 18.37 84.74
C HIS X 70 29.58 16.95 84.23
N CYS X 71 29.01 16.08 85.07
CA CYS X 71 28.80 14.68 84.73
C CYS X 71 28.06 14.48 83.39
N GLU X 72 28.53 13.49 82.63
CA GLU X 72 27.98 13.16 81.32
C GLU X 72 26.45 12.98 81.34
N ASN X 73 25.94 12.43 82.43
CA ASN X 73 24.50 12.22 82.60
C ASN X 73 24.01 13.19 83.67
N ALA X 74 24.02 14.47 83.33
CA ALA X 74 23.62 15.54 84.24
C ALA X 74 22.13 15.55 84.58
N PRO X 75 21.77 15.20 85.83
CA PRO X 75 20.39 15.16 86.33
C PRO X 75 19.67 16.51 86.23
N CYS X 76 20.41 17.60 86.37
CA CYS X 76 19.78 18.92 86.28
C CYS X 76 19.69 19.44 84.85
N VAL X 77 20.17 18.65 83.90
CA VAL X 77 20.08 19.01 82.49
C VAL X 77 18.82 18.29 82.02
N ALA X 78 18.43 17.26 82.78
CA ALA X 78 17.23 16.47 82.51
C ALA X 78 16.05 17.13 83.21
N LYS X 79 16.13 17.21 84.53
CA LYS X 79 15.07 17.84 85.31
C LYS X 79 15.09 19.35 85.08
N GLY X 80 16.21 19.84 84.55
CA GLY X 80 16.36 21.26 84.30
C GLY X 80 15.28 21.86 83.43
N ASN X 81 14.73 21.05 82.54
CA ASN X 81 13.67 21.50 81.63
C ASN X 81 14.14 22.53 80.61
N GLY X 82 15.38 22.97 80.71
CA GLY X 82 15.87 23.94 79.75
C GLY X 82 16.76 25.02 80.33
N ALA X 83 16.68 25.23 81.63
CA ALA X 83 17.49 26.25 82.29
C ALA X 83 18.95 25.76 82.34
N VAL X 84 19.13 24.46 82.15
CA VAL X 84 20.46 23.86 82.18
C VAL X 84 20.72 23.06 80.91
N TYR X 85 21.77 23.40 80.18
CA TYR X 85 22.10 22.69 78.96
C TYR X 85 23.51 22.13 79.00
N GLN X 86 23.80 21.21 78.10
CA GLN X 86 25.13 20.60 78.02
C GLN X 86 25.77 20.91 76.68
N ARG X 87 27.03 21.35 76.71
CA ARG X 87 27.74 21.67 75.49
C ARG X 87 28.37 20.38 74.97
N GLU X 88 28.92 20.43 73.76
CA GLU X 88 29.53 19.26 73.17
C GLU X 88 30.84 18.88 73.85
N ASP X 89 31.65 19.88 74.18
CA ASP X 89 32.92 19.62 74.85
C ASP X 89 32.70 18.98 76.21
N GLY X 90 31.44 18.94 76.66
CA GLY X 90 31.12 18.32 77.94
C GLY X 90 30.73 19.28 79.06
N ILE X 91 31.03 20.56 78.89
CA ILE X 91 30.70 21.55 79.90
C ILE X 91 29.20 21.77 80.07
N VAL X 92 28.71 21.63 81.31
CA VAL X 92 27.30 21.83 81.61
C VAL X 92 27.10 23.25 82.14
N LEU X 93 26.24 24.01 81.48
CA LEU X 93 25.99 25.38 81.89
C LEU X 93 24.54 25.70 82.16
N ILE X 94 24.30 26.57 83.14
CA ILE X 94 22.96 27.01 83.47
C ILE X 94 22.73 28.22 82.59
N ASP X 95 21.48 28.43 82.17
CA ASP X 95 21.19 29.60 81.35
C ASP X 95 20.90 30.75 82.31
N PRO X 96 21.84 31.70 82.42
CA PRO X 96 21.79 32.88 83.29
C PRO X 96 20.41 33.52 83.48
N GLU X 97 19.60 33.51 82.43
CA GLU X 97 18.28 34.12 82.51
C GLU X 97 17.13 33.11 82.50
N LYS X 98 17.30 32.00 81.80
CA LYS X 98 16.25 30.99 81.73
C LYS X 98 15.99 30.28 83.05
N ALA X 99 16.58 30.78 84.14
CA ALA X 99 16.40 30.16 85.44
C ALA X 99 15.91 31.13 86.51
N LYS X 100 16.23 32.42 86.35
CA LYS X 100 15.82 33.43 87.34
C LYS X 100 14.48 33.13 87.99
N GLY X 101 14.46 33.13 89.32
CA GLY X 101 13.24 32.85 90.06
C GLY X 101 12.90 31.37 90.01
N LYS X 102 13.85 30.53 90.41
CA LYS X 102 13.66 29.07 90.41
C LYS X 102 14.52 28.36 91.44
N LYS X 103 14.28 28.64 92.72
CA LYS X 103 15.04 28.01 93.79
C LYS X 103 15.00 26.49 93.63
N GLU X 104 13.98 26.00 92.92
CA GLU X 104 13.80 24.56 92.70
C GLU X 104 15.01 23.88 92.07
N LEU X 105 15.67 24.58 91.15
CA LEU X 105 16.84 24.04 90.45
C LEU X 105 17.90 23.41 91.37
N LEU X 106 18.16 24.05 92.51
CA LEU X 106 19.16 23.57 93.45
C LEU X 106 18.96 22.12 93.86
N ASP X 107 17.70 21.76 94.12
CA ASP X 107 17.36 20.41 94.56
C ASP X 107 17.41 19.35 93.48
N THR X 108 17.76 19.75 92.25
CA THR X 108 17.85 18.80 91.15
C THR X 108 19.27 18.27 91.02
N CYS X 109 20.16 18.75 91.90
CA CYS X 109 21.56 18.34 91.88
C CYS X 109 21.92 17.38 93.00
N PRO X 110 22.49 16.22 92.65
CA PRO X 110 22.88 15.20 93.63
C PRO X 110 24.12 15.61 94.41
N TYR X 111 24.88 16.57 93.89
CA TYR X 111 26.09 17.03 94.55
C TYR X 111 25.94 18.36 95.25
N GLY X 112 24.81 19.04 95.01
CA GLY X 112 24.58 20.32 95.64
C GLY X 112 25.64 21.35 95.32
N VAL X 113 26.14 21.31 94.08
CA VAL X 113 27.16 22.26 93.66
C VAL X 113 26.61 23.61 93.25
N MET X 114 25.30 23.69 93.02
CA MET X 114 24.73 24.98 92.64
C MET X 114 24.15 25.71 93.84
N TYR X 115 24.23 27.04 93.79
CA TYR X 115 23.75 27.88 94.87
C TYR X 115 22.77 28.92 94.37
N TRP X 116 21.91 29.38 95.26
CA TRP X 116 20.91 30.38 94.90
C TRP X 116 21.42 31.79 95.16
N ASN X 117 21.41 32.62 94.12
CA ASN X 117 21.86 34.00 94.22
C ASN X 117 20.66 34.91 94.49
N GLU X 118 20.44 35.23 95.76
CA GLU X 118 19.35 36.09 96.19
C GLU X 118 19.13 37.31 95.30
N GLU X 119 20.09 38.22 95.32
CA GLU X 119 20.01 39.45 94.55
C GLU X 119 19.71 39.25 93.07
N GLU X 120 20.37 38.26 92.48
CA GLU X 120 20.17 37.96 91.06
C GLU X 120 18.98 37.03 90.87
N ASN X 121 18.36 36.61 91.98
CA ASN X 121 17.22 35.70 91.95
C ASN X 121 17.35 34.68 90.84
N VAL X 122 18.41 33.89 90.91
CA VAL X 122 18.70 32.87 89.91
C VAL X 122 19.71 31.87 90.48
N ALA X 123 19.76 30.68 89.91
CA ALA X 123 20.69 29.67 90.37
C ALA X 123 22.03 29.87 89.70
N GLN X 124 23.11 29.68 90.46
CA GLN X 124 24.45 29.83 89.92
C GLN X 124 25.30 28.66 90.36
N LYS X 125 26.39 28.47 89.64
CA LYS X 125 27.31 27.39 89.97
C LYS X 125 28.48 27.35 89.03
N CYS X 126 29.30 26.34 89.24
CA CYS X 126 30.49 26.11 88.47
C CYS X 126 30.29 26.08 86.95
N THR X 127 31.02 26.92 86.24
CA THR X 127 30.92 26.96 84.78
C THR X 127 32.19 26.48 84.11
N MET X 128 33.20 26.15 84.91
CA MET X 128 34.50 25.70 84.40
C MET X 128 35.09 26.83 83.54
N CYS X 129 34.78 28.08 83.92
CA CYS X 129 35.17 29.32 83.21
C CYS X 129 35.20 29.10 81.72
N ALA X 130 34.08 28.62 81.20
CA ALA X 130 33.92 28.36 79.79
C ALA X 130 34.21 29.67 79.06
N HIS X 131 33.97 30.79 79.74
CA HIS X 131 34.23 32.09 79.14
C HIS X 131 35.71 32.27 78.88
N LEU X 132 36.54 31.67 79.73
CA LEU X 132 37.99 31.74 79.58
C LEU X 132 38.44 30.71 78.55
N LEU X 133 37.89 29.51 78.65
CA LEU X 133 38.21 28.44 77.72
C LEU X 133 37.75 28.79 76.31
N ASP X 134 36.65 29.57 76.21
CA ASP X 134 36.14 29.97 74.91
C ASP X 134 36.89 31.18 74.35
N ASP X 135 37.80 31.74 75.13
CA ASP X 135 38.57 32.90 74.69
C ASP X 135 40.06 32.56 74.54
N GLU X 136 40.54 32.57 73.30
CA GLU X 136 41.94 32.26 73.02
C GLU X 136 42.93 33.18 73.72
N SER X 137 42.56 34.44 73.90
CA SER X 137 43.43 35.41 74.56
C SER X 137 43.94 34.84 75.88
N TRP X 138 43.12 34.02 76.53
CA TRP X 138 43.50 33.39 77.79
C TRP X 138 44.53 32.31 77.50
N ALA X 139 45.80 32.71 77.53
CA ALA X 139 46.90 31.80 77.25
C ALA X 139 46.91 30.50 78.03
N PRO X 140 46.70 30.55 79.36
CA PRO X 140 46.69 29.33 80.18
C PRO X 140 45.80 28.22 79.62
N LYS X 141 44.65 28.62 79.05
CA LYS X 141 43.71 27.67 78.48
C LYS X 141 43.25 26.60 79.47
N MET X 142 43.07 27.01 80.73
CA MET X 142 42.64 26.10 81.77
C MET X 142 41.87 26.94 82.79
N PRO X 143 41.01 26.30 83.59
CA PRO X 143 40.21 27.01 84.60
C PRO X 143 41.08 27.78 85.61
N ARG X 144 40.43 28.65 86.38
CA ARG X 144 41.14 29.45 87.36
C ARG X 144 41.75 28.67 88.53
N CYS X 145 41.04 27.68 89.08
CA CYS X 145 41.63 26.95 90.20
C CYS X 145 42.84 26.14 89.76
N ALA X 146 42.74 25.50 88.61
CA ALA X 146 43.83 24.70 88.10
C ALA X 146 45.05 25.58 87.84
N HIS X 147 44.81 26.82 87.44
CA HIS X 147 45.88 27.76 87.14
C HIS X 147 46.45 28.42 88.40
N ASN X 148 45.62 28.61 89.42
CA ASN X 148 46.07 29.21 90.67
C ASN X 148 46.82 28.21 91.56
N CYS X 149 46.70 26.91 91.29
CA CYS X 149 47.39 25.89 92.09
C CYS X 149 48.90 26.03 92.11
N GLY X 150 49.47 25.73 93.27
CA GLY X 150 50.90 25.76 93.44
C GLY X 150 51.32 24.40 93.97
N SER X 151 50.32 23.56 94.20
CA SER X 151 50.56 22.22 94.75
C SER X 151 50.43 21.09 93.75
N PHE X 152 50.34 21.44 92.46
CA PHE X 152 50.24 20.45 91.38
C PHE X 152 49.15 19.41 91.59
N VAL X 153 47.96 19.87 91.99
CA VAL X 153 46.83 18.98 92.22
C VAL X 153 46.06 18.72 90.92
N TYR X 154 45.84 19.79 90.17
CA TYR X 154 45.07 19.71 88.93
C TYR X 154 45.79 19.25 87.68
N GLU X 155 45.04 18.53 86.87
CA GLU X 155 45.50 18.01 85.60
C GLU X 155 44.33 18.24 84.66
N PHE X 156 44.29 19.42 84.06
CA PHE X 156 43.21 19.78 83.14
C PHE X 156 43.54 19.33 81.73
N LEU X 157 42.59 18.68 81.08
CA LEU X 157 42.80 18.19 79.74
C LEU X 157 41.56 18.22 78.85
N LYS X 158 41.80 18.35 77.55
CA LYS X 158 40.74 18.34 76.56
C LYS X 158 41.13 17.25 75.59
N THR X 159 40.48 16.10 75.68
CA THR X 159 40.80 14.98 74.82
C THR X 159 39.59 14.13 74.50
N THR X 160 39.84 12.92 74.01
CA THR X 160 38.77 11.99 73.66
C THR X 160 38.48 11.06 74.83
N PRO X 161 37.24 10.54 74.91
CA PRO X 161 36.83 9.64 75.98
C PRO X 161 37.69 8.38 76.05
N GLU X 162 38.36 8.06 74.95
CA GLU X 162 39.23 6.88 74.90
C GLU X 162 40.49 7.10 75.73
N ALA X 163 41.22 8.16 75.41
CA ALA X 163 42.44 8.48 76.14
C ALA X 163 42.09 8.66 77.61
N MET X 164 40.99 9.35 77.87
CA MET X 164 40.54 9.60 79.23
C MET X 164 40.24 8.27 79.92
N ALA X 165 39.48 7.41 79.26
CA ALA X 165 39.13 6.11 79.80
C ALA X 165 40.39 5.30 80.11
N LYS X 166 41.40 5.42 79.25
CA LYS X 166 42.66 4.71 79.44
C LYS X 166 43.43 5.29 80.63
N LYS X 167 43.41 6.62 80.74
CA LYS X 167 44.09 7.30 81.83
C LYS X 167 43.43 6.82 83.13
N VAL X 168 42.11 6.87 83.14
CA VAL X 168 41.33 6.45 84.30
C VAL X 168 41.77 5.08 84.81
N GLU X 169 41.96 4.14 83.89
CA GLU X 169 42.36 2.79 84.25
C GLU X 169 43.78 2.69 84.84
N GLU X 170 44.72 3.39 84.24
CA GLU X 170 46.11 3.36 84.70
C GLU X 170 46.32 4.01 86.07
N GLU X 171 45.85 5.24 86.22
CA GLU X 171 46.00 5.95 87.48
C GLU X 171 44.91 5.56 88.47
N GLY X 172 44.03 4.67 88.06
CA GLY X 172 42.94 4.24 88.94
C GLY X 172 42.09 5.42 89.38
N LEU X 173 41.80 6.32 88.45
CA LEU X 173 41.00 7.48 88.75
C LEU X 173 39.58 7.06 89.14
N GLU X 174 38.93 7.86 89.98
CA GLU X 174 37.58 7.57 90.43
C GLU X 174 36.74 8.84 90.52
N VAL X 175 35.44 8.68 90.67
CA VAL X 175 34.55 9.84 90.78
C VAL X 175 33.77 9.75 92.09
N ILE X 176 33.07 10.82 92.43
CA ILE X 176 32.27 10.88 93.66
C ILE X 176 30.90 10.27 93.44
N LYS X 177 30.45 9.46 94.40
CA LYS X 177 29.14 8.80 94.33
C LYS X 177 28.88 8.18 92.96
N PRO X 178 29.70 7.18 92.58
CA PRO X 178 29.61 6.46 91.30
C PRO X 178 28.24 5.82 91.10
N GLU X 179 27.67 5.31 92.18
CA GLU X 179 26.36 4.66 92.16
C GLU X 179 25.29 5.45 91.42
N LEU X 180 25.38 6.79 91.50
CA LEU X 180 24.40 7.64 90.84
C LEU X 180 24.41 7.47 89.33
N GLY X 181 25.56 7.10 88.77
CA GLY X 181 25.66 6.89 87.34
C GLY X 181 25.64 8.13 86.46
N THR X 182 25.87 9.31 87.04
CA THR X 182 25.88 10.54 86.25
C THR X 182 27.16 10.64 85.45
N LYS X 183 28.19 9.92 85.91
CA LYS X 183 29.49 9.90 85.25
C LYS X 183 30.17 11.27 85.21
N PRO X 184 30.60 11.78 86.37
CA PRO X 184 31.27 13.08 86.46
C PRO X 184 32.52 13.10 85.58
N ARG X 185 32.77 14.23 84.91
CA ARG X 185 33.96 14.33 84.06
C ARG X 185 35.14 14.87 84.85
N VAL X 186 34.96 14.95 86.17
CA VAL X 186 36.02 15.42 87.08
C VAL X 186 36.43 14.19 87.87
N TYR X 187 37.63 13.67 87.60
CA TYR X 187 38.12 12.49 88.27
C TYR X 187 39.03 12.79 89.45
N TYR X 188 39.19 11.80 90.32
CA TYR X 188 40.02 11.95 91.50
C TYR X 188 41.04 10.84 91.60
N LYS X 189 42.26 11.24 91.95
CA LYS X 189 43.38 10.33 92.12
C LYS X 189 43.58 10.23 93.62
N ASN X 190 43.91 9.03 94.11
CA ASN X 190 44.12 8.82 95.54
C ASN X 190 42.89 9.24 96.34
N LEU X 191 41.71 8.97 95.78
CA LEU X 191 40.46 9.33 96.45
C LEU X 191 40.29 8.55 97.76
N TYR X 192 41.00 7.43 97.87
CA TYR X 192 40.93 6.59 99.07
C TYR X 192 41.27 7.41 100.32
N ARG X 193 42.15 8.39 100.15
CA ARG X 193 42.57 9.27 101.25
C ARG X 193 41.38 9.94 101.90
N PHE X 194 40.42 10.33 101.08
CA PHE X 194 39.24 11.04 101.53
C PHE X 194 38.03 10.17 101.86
N GLU X 195 37.81 9.12 101.08
CA GLU X 195 36.65 8.25 101.28
C GLU X 195 36.89 6.99 102.12
N LYS X 196 38.12 6.48 102.12
CA LYS X 196 38.41 5.27 102.87
C LYS X 196 38.96 5.53 104.28
N ASN X 197 39.42 4.45 104.91
CA ASN X 197 39.97 4.53 106.26
C ASN X 197 41.18 3.63 106.42
N TYR X 198 41.87 3.79 107.55
CA TYR X 198 43.07 3.00 107.81
C TYR X 198 43.18 2.53 109.24
N VAL X 199 44.16 1.66 109.46
CA VAL X 199 44.47 1.13 110.78
C VAL X 199 45.98 1.32 110.92
N THR X 200 46.42 1.75 112.08
CA THR X 200 47.84 2.00 112.31
C THR X 200 48.19 1.76 113.76
N ALA X 201 49.50 1.70 114.05
CA ALA X 201 49.97 1.47 115.40
C ALA X 201 51.49 1.57 115.47
N GLY X 202 52.03 1.50 116.68
CA GLY X 202 53.46 1.56 116.88
C GLY X 202 53.91 0.35 117.67
N ILE X 203 54.76 -0.48 117.08
CA ILE X 203 55.25 -1.68 117.75
C ILE X 203 56.50 -1.39 118.56
N LEU X 204 56.50 -1.86 119.80
CA LEU X 204 57.63 -1.68 120.70
C LEU X 204 58.16 -3.02 121.17
N VAL X 205 59.46 -3.09 121.38
CA VAL X 205 60.10 -4.29 121.87
C VAL X 205 60.94 -3.85 123.05
N GLN X 206 60.49 -4.19 124.25
CA GLN X 206 61.17 -3.81 125.47
C GLN X 206 61.30 -2.30 125.60
N GLY X 207 60.21 -1.58 125.30
CA GLY X 207 60.20 -0.14 125.45
C GLY X 207 60.65 0.74 124.29
N ASP X 208 61.25 0.16 123.25
CA ASP X 208 61.72 0.97 122.11
C ASP X 208 61.02 0.60 120.80
N CYS X 209 60.83 1.61 119.96
CA CYS X 209 60.20 1.40 118.66
C CYS X 209 60.98 0.34 117.92
N PHE X 210 60.31 -0.72 117.51
CA PHE X 210 60.96 -1.81 116.80
C PHE X 210 60.80 -1.68 115.29
N GLU X 211 61.93 -1.75 114.58
CA GLU X 211 61.94 -1.63 113.13
C GLU X 211 62.04 -3.00 112.46
N GLY X 212 61.27 -3.19 111.39
CA GLY X 212 61.32 -4.45 110.66
C GLY X 212 60.32 -5.52 111.06
N ALA X 213 59.45 -5.24 112.03
CA ALA X 213 58.47 -6.24 112.42
C ALA X 213 57.49 -6.44 111.27
N LYS X 214 57.19 -7.71 110.96
CA LYS X 214 56.28 -8.04 109.88
C LYS X 214 54.83 -7.91 110.33
N VAL X 215 54.05 -7.13 109.60
CA VAL X 215 52.65 -6.92 109.94
C VAL X 215 51.76 -7.34 108.77
N VAL X 216 50.71 -8.11 109.08
CA VAL X 216 49.80 -8.59 108.05
C VAL X 216 48.36 -8.30 108.42
N LEU X 217 47.63 -7.70 107.48
CA LEU X 217 46.24 -7.39 107.70
C LEU X 217 45.38 -8.50 107.10
N LYS X 218 44.66 -9.21 107.96
CA LYS X 218 43.81 -10.31 107.50
C LYS X 218 42.34 -9.98 107.72
N SER X 219 41.54 -10.13 106.67
CA SER X 219 40.10 -9.86 106.76
C SER X 219 39.37 -11.08 107.30
N GLY X 220 39.17 -11.12 108.61
CA GLY X 220 38.48 -12.23 109.23
C GLY X 220 39.31 -13.50 109.32
N GLY X 221 40.23 -13.67 108.37
CA GLY X 221 41.08 -14.86 108.37
C GLY X 221 42.08 -14.95 107.23
N LYS X 222 41.98 -14.06 106.25
CA LYS X 222 42.90 -14.07 105.10
C LYS X 222 43.60 -12.72 104.91
N GLU X 223 44.83 -12.76 104.42
CA GLU X 223 45.63 -11.55 104.21
C GLU X 223 45.09 -10.56 103.18
N VAL X 224 45.05 -9.29 103.59
CA VAL X 224 44.57 -8.20 102.75
C VAL X 224 45.76 -7.34 102.32
N ALA X 225 46.69 -7.11 103.24
CA ALA X 225 47.87 -6.31 102.98
C ALA X 225 48.93 -6.58 104.02
N SER X 226 50.15 -6.11 103.77
CA SER X 226 51.24 -6.32 104.71
C SER X 226 52.32 -5.26 104.55
N ALA X 227 53.25 -5.25 105.50
CA ALA X 227 54.36 -4.31 105.48
C ALA X 227 55.19 -4.52 106.73
N GLU X 228 56.37 -3.90 106.76
CA GLU X 228 57.26 -3.98 107.90
C GLU X 228 57.24 -2.59 108.54
N THR X 229 57.46 -2.55 109.84
CA THR X 229 57.45 -1.29 110.57
C THR X 229 58.68 -0.43 110.29
N ASN X 230 58.49 0.89 110.30
CA ASN X 230 59.60 1.82 110.06
C ASN X 230 60.37 2.01 111.37
N PHE X 231 61.27 2.99 111.42
CA PHE X 231 62.05 3.19 112.64
C PHE X 231 61.26 3.69 113.83
N PHE X 232 60.00 4.04 113.62
CA PHE X 232 59.15 4.48 114.72
C PHE X 232 58.24 3.30 115.08
N GLY X 233 58.58 2.14 114.51
CA GLY X 233 57.82 0.92 114.75
C GLY X 233 56.40 0.97 114.23
N GLU X 234 56.13 1.92 113.34
CA GLU X 234 54.79 2.09 112.80
C GLU X 234 54.51 1.42 111.46
N PHE X 235 53.22 1.20 111.21
CA PHE X 235 52.74 0.63 109.97
C PHE X 235 51.40 1.31 109.77
N LYS X 236 50.94 1.40 108.53
CA LYS X 236 49.67 2.03 108.26
C LYS X 236 49.01 1.45 107.02
N PHE X 237 47.86 0.80 107.23
CA PHE X 237 47.09 0.18 106.16
C PHE X 237 45.91 1.10 105.81
N ASP X 238 46.01 1.81 104.69
CA ASP X 238 44.98 2.74 104.27
C ASP X 238 44.09 2.15 103.17
N ALA X 239 43.16 2.96 102.66
CA ALA X 239 42.24 2.55 101.62
C ALA X 239 41.42 1.33 102.03
N LEU X 240 41.04 1.27 103.29
CA LEU X 240 40.26 0.15 103.80
C LEU X 240 38.77 0.39 103.72
N ASP X 241 38.06 -0.58 103.14
CA ASP X 241 36.60 -0.50 103.06
C ASP X 241 36.12 -0.90 104.45
N ASN X 242 34.87 -0.58 104.77
CA ASN X 242 34.36 -0.95 106.08
C ASN X 242 34.36 -2.46 106.23
N GLY X 243 34.51 -2.93 107.46
CA GLY X 243 34.52 -4.35 107.72
C GLY X 243 35.35 -4.67 108.94
N GLU X 244 35.53 -5.95 109.24
CA GLU X 244 36.32 -6.36 110.38
C GLU X 244 37.55 -7.13 109.91
N TYR X 245 38.73 -6.70 110.37
CA TYR X 245 39.98 -7.35 109.99
C TYR X 245 40.68 -7.90 111.21
N THR X 246 41.84 -8.51 110.97
CA THR X 246 42.65 -9.10 112.01
C THR X 246 44.11 -8.76 111.69
N VAL X 247 44.78 -8.09 112.63
CA VAL X 247 46.17 -7.73 112.42
C VAL X 247 47.08 -8.74 113.11
N GLU X 248 48.09 -9.21 112.39
CA GLU X 248 49.03 -10.16 112.94
C GLU X 248 50.43 -9.57 112.87
N ILE X 249 51.12 -9.56 114.01
CA ILE X 249 52.45 -9.01 114.10
C ILE X 249 53.45 -10.02 114.64
N ASP X 250 54.71 -9.84 114.28
CA ASP X 250 55.78 -10.73 114.74
C ASP X 250 57.12 -10.02 114.69
N ALA X 251 57.76 -9.93 115.86
CA ALA X 251 59.07 -9.30 116.01
C ALA X 251 59.74 -9.99 117.18
N ASP X 252 61.06 -10.17 117.11
CA ASP X 252 61.78 -10.85 118.20
C ASP X 252 61.16 -12.22 118.41
N GLY X 253 60.59 -12.78 117.35
CA GLY X 253 59.95 -14.07 117.45
C GLY X 253 58.60 -13.94 118.12
N LYS X 254 58.48 -12.93 118.97
CA LYS X 254 57.25 -12.66 119.69
C LYS X 254 56.16 -12.32 118.67
N SER X 255 54.92 -12.71 118.95
CA SER X 255 53.81 -12.43 118.05
C SER X 255 52.66 -11.72 118.74
N TYR X 256 51.79 -11.09 117.95
CA TYR X 256 50.65 -10.35 118.48
C TYR X 256 49.48 -10.45 117.51
N SER X 257 48.27 -10.52 118.06
CA SER X 257 47.07 -10.62 117.23
C SER X 257 45.91 -9.89 117.91
N ASP X 258 45.04 -9.32 117.09
CA ASP X 258 43.88 -8.60 117.60
C ASP X 258 42.98 -8.27 116.42
N THR X 259 41.68 -8.08 116.69
CA THR X 259 40.74 -7.76 115.61
C THR X 259 40.47 -6.28 115.60
N VAL X 260 40.28 -5.73 114.41
CA VAL X 260 40.00 -4.31 114.25
C VAL X 260 38.78 -4.12 113.36
N VAL X 261 37.87 -3.26 113.80
CA VAL X 261 36.66 -2.98 113.05
C VAL X 261 36.73 -1.58 112.42
N ILE X 262 36.58 -1.53 111.11
CA ILE X 262 36.61 -0.27 110.37
C ILE X 262 35.17 0.12 110.07
N ASP X 263 34.68 1.14 110.76
CA ASP X 263 33.32 1.61 110.58
C ASP X 263 33.30 3.13 110.39
N ASP X 264 33.51 3.56 109.15
CA ASP X 264 33.54 4.98 108.80
C ASP X 264 34.60 5.75 109.58
N LYS X 265 35.52 5.02 110.21
CA LYS X 265 36.57 5.63 111.01
C LYS X 265 37.92 4.93 110.87
N SER X 266 38.99 5.68 111.10
CA SER X 266 40.35 5.15 111.04
C SER X 266 40.75 4.85 112.47
N VAL X 267 41.43 3.73 112.68
CA VAL X 267 41.80 3.33 114.02
C VAL X 267 43.29 3.34 114.37
N ASP X 268 43.59 3.85 115.55
CA ASP X 268 44.96 3.88 116.05
C ASP X 268 44.99 2.89 117.20
N LEU X 269 45.58 1.73 116.96
CA LEU X 269 45.67 0.70 117.98
C LEU X 269 46.59 1.13 119.13
N GLY X 270 47.30 2.24 118.92
CA GLY X 270 48.21 2.74 119.93
C GLY X 270 49.52 1.97 119.95
N PHE X 271 50.20 1.99 121.10
CA PHE X 271 51.47 1.28 121.26
C PHE X 271 51.22 -0.20 121.55
N ILE X 272 51.86 -1.07 120.77
CA ILE X 272 51.72 -2.51 120.95
C ILE X 272 53.02 -3.01 121.60
N LYS X 273 53.08 -2.96 122.93
CA LYS X 273 54.25 -3.39 123.68
C LYS X 273 54.54 -4.87 123.51
N LEU X 274 55.82 -5.19 123.30
CA LEU X 274 56.26 -6.57 123.11
C LEU X 274 57.67 -6.77 123.65
#